data_9D93
#
_entry.id   9D93
#
loop_
_entity.id
_entity.type
_entity.pdbx_description
1 polymer 'Tail tube, gp19'
2 polymer 'Tail collar spacer, gp6'
3 polymer 'Tail collar fibers, gp4'
4 polymer 'Tail tip cage, gp23'
5 polymer 'Tapemeasure protein'
6 polymer 'Baseplate hub, gp25'
7 polymer 'Tail spike, gp29'
8 polymer 'Tail wing brush, gp33'
9 polymer 'Tail wing arm, gp31'
10 polymer 'Tail wing base, gp30'
#
loop_
_entity_poly.entity_id
_entity_poly.type
_entity_poly.pdbx_seq_one_letter_code
_entity_poly.pdbx_strand_id
1 'polypeptide(L)'
;MALKDDAVLIAARGYVYTAAVGTAAPTPSQLKLIDLEHPEAWDRTGWDLVGHTSEDDLPEFGFDGGDSEVRGSWQKKKLR
EVETEEIADYVVINLTQFDETALELYFGPNQSATPGIFGVKSGSVVNERALLIVIVDNDVRLGFHARKASLKREDAISLA
TDEFGALPVRATFLDYQSYNLYEWIEEDWFNAVDAPVVYLLDLGGATGGDYTLLVGGKSTGDIAYNANASAIKTAIGAVD
DGVAESAWTVTADGSDFEISGPLAVALGVDSTTGGSGVTVDVV
;
Ja,Jb,Jc,Jd,Je,Jf
2 'polypeptide(L)'
;MTTVTATVHDISGRPDDSHWTFSSDLREQDGVIITPRVVRVKPFNGELALTLPPGPVRVTHHQDRWLIDVPEEDSDLWDL
IEAATD
;
Ka,Kb,Kc
3 'polypeptide(L)'
;MTVTITADVRDVTGQPDNQQWVFSTVLRQQDGSILTQKQVRVNPVDGALSVELEPGFAIVVYGEYRWFIEVPETDAGLWG
LIATSVAVPPDTSAELLADAVNGYLDANPPSADWDALSNVPSEFPPSAHDHVAADVTDLDSAIAAYLASNPPEAGSVAWD
DIDDKPSTFTPSSHTHSIANVTGLQDALDEKLDEAAVDARVSLGTAALVDSAPSTLDTLNELAAALGDDPNFATTVASQI
GAKADKATTITAGTGLTGGGDLSANRTLNVSFGTSSTTACVGNDSRLSNTRTPTDGSVTNAKVASGAGIALSKLATGYVA
GSDNSGARTLTIWVGTEAQYTAIGTKDSNTIYLRTA
;
La,Lb,Lc,Ld,Le,Lf,Lg,Lh,Li
4 'polypeptide(L)'
;MASRLLDPDTLVELEGVNGEWFDLTNGTEGIYLATEVTGLLDPPVKATYEEPGNFPGARYLNHRVLRRDLVFGVEILNDE
NDETWLRRDSAWRKAWSFKRDAKLHITTGESGHRYLKVRLFESPTTDMVTDPRGREVNITKMVVVAGDPFWYEDDVVYPI
EVQEDTTFDPNPLPWPWPQPELPVEDIEITVPNANPTDNIIWPKWTLPGSSEKPAEPYIPGLPWLGAPKSPATLWTVPDY
KLDLDEDEDPSLGTRRIRMPGQIGGLRVEEVQQIYIDGRPTGGTFKIGYGDEWTEPIAYNASPNDVRAALIALEGISAND
VEVSLGGATNEVQTVRLKGGALGGTFTLSLGSETTVGIPFNASDADLQGALVGLDSIGSADVRVKSTKINEVQVVELVGE
PTSGSFTLTLDGQTTAPIAYNATPATVAARIADLPNIDGNYVKVEGLNEWFHSPYRITFGEAQSQGVITDIISGIIDFIG
GLFGGNASGKGVGGIDIDEMTGDVGTLSGGAGLDVQVTTEQDGDRLYVVSFQRAAGGLNLPQLVGNASGLEGDDLSIETA
TNVDGGRPYVVRFTDDLQGVDVPTMTVDTDDLTGGYEVGSRVVVLREGYTYPAENVVVDSDPREEQVSSESGSPIWERMN
SVRFLHYIPPYTGEVTFKLSVSGAVPGQIATLRLPRAWSRPWGLE
;
Ma,Mb,Mc,Md,Me,Mf
5 'polypeptide(L)'
;MAAGKEVGRLSIKVTPDLDGFYRELKAAVEAAEKMKVHIPVEPDMGNFRQEVAASTAGMSTRVKVQADVDRGLLDRLSNS
LSGMKAPSFGSGINPTGYMLILGAAAALTPLIAGSLGAISAALLTLPGLIAAVAVPIGALALGIDGFKRAAERLKPAFDG
LKESMSAAVENQFGPVFDQLGKAIPTLAANLPKVTQGMADVAKSIVDSVTSGEGLGRIESLISNIGAAISRSAPGLTSFV
DGLLNLAEKFSGKLPAIADWINRTGESFSKWVTDFTTAGPDGVSKFDNAMSGLGDTLQMLGGGLVDILNKSLEFFSDPQK
IQSFKAELDGLIASISTLVDLINSLAAAFSKVPGLSDGEANGVMDFAPIQIQGAIELIKQIPTAWEGVKLKAAEVWNSIP
TMAATAIASIRATLATLPGLLSGIWTTVTASASSAFATIGAAVSAGARSVVNTAGNIFRSMGSVIANAFSAAVSAVQTAF
SQMVSAAASGAQQVVAEVQALGGKIAAAAGNFGSILVAAGKALMDGLLSGIKAGLSAVLDFASGIAAKIAAVKGPLPKDR
KELIPAGEALMEGLGTGIENGLDPVLDRAREIAKQIFSAFKETFGTAPTSLAFNLGSMQGDLSGLQTSLESTATASRDLT
SSLTAPTAELASGSSLLGDDVKDQLDELKLAYDQLELQRKQLKVQKNEAGSKEDKAAIQDKIDALQAEKDKLAYQKDQLK
IQQKQTGEMGEQKTLAQFLGEQIASTWQQGTDAVAGFARSNLDQAMSDLGIGGGAITNGLNAGLDWGVQALGNAVNIQVN
SVDDAIAVKNNEVNKQALTYTRR
;
Na,Nb,Nc
6 'polypeptide(L)'
;MPAPAADMTTLAGHQQLWDTVMKRRQKREDERIAPPLIRLWDGDYKLRGQLVGERSHKFEFIENETGTASITISLDHYLA
KWIASHKGRARRNVHVSFDKQGARWTGRMDHYDIVRTKEGDVYMEVVFKHDYEELKHIYVWANPFLRPEFQFPKLWVMFG
PAKWALLLTLFVNILRLETSLWTLPDNPLDISEWFPFSLNPGNWRNIVKPFPFLADNSPLTIVFSRFKSFHDTAKNVLAD
SQLTIVCRRYFHGEDPHPFAELSGELGLPLIEGIASLIPLRHGCLVWDIVDNSGWGSETAFGGSLLTGLVRAVMNIASDG
MTEGIDIYTGLPTYPGEYYTPGFLGTYPKAPHVVFMESPYTGIESSKFTYTEATDTSFVLGGQSMPGVNEVISAGINMGG
DFLTSLINSQLATLGAFGGAIDLPPLGGIMDAVARPLYENVVLAFMEIPTLRAAGLSLPIAGLEDIVTGLGDFHYNEGWV
DGADKAFTISAIMAARAKQWATRAKHSHEIQVSDAAPYIIGERGHGHFWLGDRVGTTVLGYPDPYTIFVERVTKLTYEWT
SDGPKGWTITIGYKEPEDPILKAFELIQYINSNLGQLGIL
;
Oa,Ob,Oc
7 'polypeptide(L)'
;MADDQWVPDVPDGAFVIGGGDYRYGQDMTEDIARSLFQVPDFNPANALLVLPQLLLRLPLEALQKFKDFIPNVLEGAFNT
VAGAVDAIMGAIRETPRVLEQILSYLPQELRDELEHAAARIGAVIDAIVQALTGTLNIGHTIEDLIFSLTNIRPGAVGGV
LGGGSIEETIKRIVDAIVSGIVGVTGIGAGISDLQSLIEQISSAAARGGFAWDILGIQNNKKPKSGLYKSERGNFDLDTL
NSTVSVAPGTSIIAFDVIEQSMPIGLITWIGWGTSGITEFYINVYRCVDDRSDPELGELIHQSENIAGLLAGSASPGANM
AYELTTPIEAVAGDLLAYEFIAVGGTHTMRGRDFNLPDNDGAPIGNVGATRSLSTPSLPPATLDKADVTWTDNVPRVGIA
VDTGTGSDHHDPQVEFFEKPVAIPVPAWCDRIDAIVTGKGGEGADGFLGFYGNPGQPGSVNTVTWTRGEHFSGTTTILEW
DGAELSIPGFEVSAANGSNGSGQRPVALGKPVGKGIEEVEYNGLKLAAGGDQHAYGGAGTKPGGGGNGGHWLGIYTQGGP
GGPACAAVQFRKGALPGEVVGDGEGDVTPPNVSALHVDVSATSTSITITPSGAVDDA
;
Pa,Pb,Pc
8 'polypeptide(L)'
;MSLKVGGLDVVGVFVGDAAATIYVGAMRIWPPVPDFTPFTISSEDPGYEDLIDEQVPEGASGCWVTLGGAGGGGGSGRRA
NSGYRYGGGGGGGGGYIDRVWIPRASLGSTFTLIRGLGGAGGARAAGSSNGNNGAPGGSTVFSSGSVSLTASGGAAGVKG
TSSSASGSGGAGGTTSISGVSATGYTGGKGGNGGSSPSSGQSRTDGSGAGGGGGGGVRSNDNSFSGGSNGTSSGPAGNGG
RGTDGSINTGGSNAGSGGDGYVLIEWE
;
Qa,Qb,Qc
9 'polypeptide(L)'
;MIDADDYTVNLTSHTTLANIPSGAIIAVSESLTGKSVTSAGWVKADPTVFPEVTGDTGEAVIVYKHTGTASTSTLLSYHD
SPTYQFVIPNGSDIRVIWPTDGFIRF
;
Ra,Rb,Rc,Rd,Re,Rf
10 'polypeptide(L)'
;MPSGLRGYNVYRNGVRQNTSPVTELGSVTITGLTPGTDYSSQITVTAIDMAGNESEPKTLAELEAEAATDELSPADPLAP
AVRAQIDALVAAKMKPTSGKEADGAMVGIETPTGSYYKAYGGDRTKNQPLFLEQNFRYGSCSKMACNTLLLREIDRGHVD
WDDTLDQFIDGIPNGDKITVRYLLLFQDGLKDWLQGDPAVQQTYFLNPTLNYDPLAYIRASTPVFEPGTDSHYSNAATLL
MGKILEWCDAEFYTGRSARELIVEEWKNTVGMESLHWPTTNYMNQPYVRGWTPNMALPQIQAILGPFAFLAGLLGYPTSK
DLEWTAVSTTWSDAAGSLAGNMEDFVKFGKALYEGEFLSEEMNQLRKEIFTRYVEYEPAGPHQGPGWMGFGLNSICWGHW
LGWVGNLGGYIAVLFYNQDDGSVIATMLNNFAGHADAVDLFYQIAYLLNPESTGHRDWIFRPDPAEDADEVRDPTLYLTV
ESTGDNQIPADVPFEI
;
Sa,Sb,Sc
#
# COMPACT_ATOMS: atom_id res chain seq x y z
N ALA A 2 70.41 -13.03 103.53
CA ALA A 2 69.15 -13.46 102.91
C ALA A 2 68.69 -14.82 103.45
N LEU A 3 67.43 -15.18 103.22
CA LEU A 3 66.80 -16.37 103.80
C LEU A 3 67.39 -17.68 103.28
N LYS A 4 67.68 -18.65 104.15
CA LYS A 4 68.10 -20.03 103.81
C LYS A 4 69.34 -20.17 102.92
N ASP A 5 70.50 -20.00 103.52
CA ASP A 5 71.78 -20.50 102.98
C ASP A 5 71.74 -22.02 102.70
N ASP A 6 70.95 -22.75 103.48
CA ASP A 6 70.65 -24.17 103.30
C ASP A 6 70.07 -24.55 101.91
N ALA A 7 69.36 -23.63 101.25
CA ALA A 7 68.76 -23.86 99.94
C ALA A 7 69.70 -23.60 98.75
N VAL A 8 70.93 -23.16 98.99
CA VAL A 8 71.96 -22.99 97.96
C VAL A 8 72.52 -24.35 97.51
N LEU A 9 72.68 -24.57 96.20
CA LEU A 9 72.96 -25.88 95.60
C LEU A 9 74.27 -25.94 94.78
N ILE A 10 75.17 -26.88 95.09
CA ILE A 10 76.25 -27.32 94.21
C ILE A 10 75.86 -28.69 93.65
N ALA A 11 75.78 -28.87 92.34
CA ALA A 11 75.41 -30.15 91.71
C ALA A 11 76.60 -31.13 91.67
N ALA A 12 77.28 -31.31 92.79
CA ALA A 12 78.56 -32.00 92.93
C ALA A 12 78.55 -33.44 92.41
N ARG A 13 77.43 -34.14 92.56
CA ARG A 13 77.13 -35.47 92.01
C ARG A 13 75.66 -35.55 91.61
N GLY A 14 75.29 -36.47 90.74
CA GLY A 14 73.90 -36.67 90.40
C GLY A 14 73.64 -37.90 89.56
N TYR A 15 72.37 -38.26 89.44
CA TYR A 15 71.91 -39.51 88.85
C TYR A 15 70.73 -39.29 87.93
N VAL A 16 70.81 -39.81 86.70
CA VAL A 16 69.75 -39.77 85.70
C VAL A 16 69.14 -41.15 85.56
N TYR A 17 67.83 -41.23 85.64
CA TYR A 17 67.04 -42.45 85.48
C TYR A 17 65.98 -42.29 84.40
N THR A 18 65.62 -43.39 83.77
CA THR A 18 64.51 -43.47 82.83
C THR A 18 63.58 -44.61 83.20
N ALA A 19 62.30 -44.39 82.97
CA ALA A 19 61.26 -45.40 83.13
C ALA A 19 60.28 -45.32 81.95
N ALA A 20 59.39 -46.29 81.85
CA ALA A 20 58.23 -46.23 80.97
C ALA A 20 57.34 -45.00 81.26
N VAL A 21 56.67 -44.49 80.23
CA VAL A 21 55.88 -43.25 80.29
C VAL A 21 54.79 -43.30 81.35
N GLY A 22 54.64 -42.21 82.08
CA GLY A 22 53.62 -42.04 83.10
C GLY A 22 53.99 -42.53 84.49
N THR A 23 55.11 -43.20 84.68
CA THR A 23 55.51 -43.76 85.99
C THR A 23 55.77 -42.68 87.04
N ALA A 24 55.38 -42.97 88.29
CA ALA A 24 55.56 -42.10 89.43
C ALA A 24 56.99 -42.16 89.97
N ALA A 25 57.55 -41.01 90.32
CA ALA A 25 58.82 -40.90 91.01
C ALA A 25 58.69 -41.33 92.49
N PRO A 26 59.80 -41.67 93.15
CA PRO A 26 59.90 -41.67 94.61
C PRO A 26 59.24 -40.45 95.26
N THR A 27 58.49 -40.64 96.34
CA THR A 27 57.90 -39.53 97.10
C THR A 27 58.97 -38.64 97.74
N PRO A 28 58.68 -37.38 98.12
CA PRO A 28 59.66 -36.49 98.74
C PRO A 28 60.39 -37.07 99.95
N SER A 29 59.70 -37.79 100.83
CA SER A 29 60.33 -38.47 101.97
C SER A 29 61.08 -39.75 101.60
N GLN A 30 60.70 -40.48 100.55
CA GLN A 30 61.49 -41.61 100.06
C GLN A 30 62.81 -41.14 99.47
N LEU A 31 62.83 -40.06 98.72
CA LEU A 31 64.03 -39.52 98.08
C LEU A 31 65.13 -39.18 99.10
N LYS A 32 64.77 -38.91 100.35
CA LYS A 32 65.69 -38.69 101.47
C LYS A 32 66.60 -39.90 101.77
N LEU A 33 66.15 -41.12 101.48
CA LEU A 33 66.75 -42.37 101.98
C LEU A 33 66.87 -43.54 100.99
N ILE A 34 66.26 -43.49 99.78
CA ILE A 34 66.46 -44.52 98.74
C ILE A 34 67.93 -44.70 98.36
N ASP A 35 68.31 -45.92 97.98
CA ASP A 35 69.65 -46.29 97.51
C ASP A 35 69.84 -45.93 96.03
N LEU A 36 70.56 -44.83 95.74
CA LEU A 36 70.57 -44.27 94.39
C LEU A 36 71.23 -45.17 93.33
N GLU A 37 72.15 -46.06 93.71
CA GLU A 37 72.81 -46.97 92.77
C GLU A 37 71.96 -48.18 92.38
N HIS A 38 70.87 -48.46 93.09
CA HIS A 38 70.07 -49.67 92.91
C HIS A 38 68.57 -49.36 92.77
N PRO A 39 68.13 -48.74 91.67
CA PRO A 39 66.74 -48.40 91.48
C PRO A 39 65.80 -49.59 91.37
N GLU A 40 66.34 -50.80 91.18
CA GLU A 40 65.59 -52.06 91.24
C GLU A 40 65.08 -52.42 92.64
N ALA A 41 65.59 -51.79 93.70
CA ALA A 41 65.22 -52.04 95.08
C ALA A 41 64.08 -51.16 95.60
N TRP A 42 63.84 -50.00 94.99
CA TRP A 42 62.97 -48.95 95.51
C TRP A 42 61.49 -49.37 95.55
N ASP A 43 60.69 -48.70 96.37
CA ASP A 43 59.23 -48.88 96.45
C ASP A 43 58.49 -48.39 95.20
N ARG A 44 58.90 -47.24 94.64
CA ARG A 44 58.45 -46.75 93.33
C ARG A 44 59.23 -47.48 92.23
N THR A 45 58.76 -48.66 91.86
CA THR A 45 59.39 -49.59 90.92
C THR A 45 59.38 -49.07 89.48
N GLY A 46 60.40 -49.44 88.70
CA GLY A 46 60.43 -49.31 87.24
C GLY A 46 61.47 -48.34 86.69
N TRP A 47 62.27 -47.73 87.55
CA TRP A 47 63.39 -46.87 87.15
C TRP A 47 64.66 -47.66 86.85
N ASP A 48 65.35 -47.32 85.76
CA ASP A 48 66.69 -47.79 85.42
C ASP A 48 67.64 -46.60 85.31
N LEU A 49 68.87 -46.77 85.79
CA LEU A 49 69.94 -45.81 85.56
C LEU A 49 70.27 -45.79 84.07
N VAL A 50 70.53 -44.61 83.53
CA VAL A 50 70.89 -44.42 82.12
C VAL A 50 72.30 -44.91 81.79
N GLY A 51 73.15 -45.07 82.81
CA GLY A 51 74.58 -45.21 82.66
C GLY A 51 75.33 -44.02 83.23
N HIS A 52 76.66 -44.04 83.13
CA HIS A 52 77.49 -42.90 83.44
C HIS A 52 77.16 -41.70 82.56
N THR A 53 77.29 -40.50 83.12
CA THR A 53 77.04 -39.22 82.46
C THR A 53 78.18 -38.26 82.79
N SER A 54 78.42 -37.28 81.93
CA SER A 54 79.58 -36.38 82.00
C SER A 54 79.67 -35.58 83.30
N GLU A 55 80.89 -35.21 83.69
CA GLU A 55 81.23 -34.65 85.01
C GLU A 55 81.52 -33.16 85.02
N ASP A 56 81.41 -32.48 83.88
CA ASP A 56 81.47 -31.02 83.74
C ASP A 56 80.38 -30.51 82.77
N ASP A 57 80.13 -31.21 81.67
CA ASP A 57 78.89 -31.12 80.89
C ASP A 57 77.72 -31.78 81.64
N LEU A 58 77.38 -31.22 82.79
CA LEU A 58 76.22 -31.58 83.59
C LEU A 58 74.92 -31.41 82.82
N PRO A 59 73.82 -32.03 83.27
CA PRO A 59 72.51 -31.84 82.69
C PRO A 59 72.21 -30.37 82.50
N GLU A 60 72.04 -29.95 81.25
CA GLU A 60 71.83 -28.55 80.91
C GLU A 60 70.35 -28.37 80.60
N PHE A 61 69.64 -27.68 81.47
CA PHE A 61 68.27 -27.29 81.18
C PHE A 61 68.27 -26.23 80.08
N GLY A 62 67.18 -26.14 79.35
CA GLY A 62 66.98 -25.12 78.34
C GLY A 62 65.53 -24.94 77.97
N PHE A 63 65.25 -23.96 77.13
CA PHE A 63 64.01 -23.87 76.38
C PHE A 63 64.23 -23.18 75.05
N ASP A 64 63.47 -23.64 74.05
CA ASP A 64 63.17 -22.86 72.85
C ASP A 64 61.90 -22.05 73.09
N GLY A 65 61.63 -21.05 72.25
CA GLY A 65 60.53 -20.11 72.46
C GLY A 65 60.80 -19.14 73.62
N GLY A 66 59.76 -18.73 74.34
CA GLY A 66 59.88 -17.78 75.45
C GLY A 66 60.15 -16.35 75.02
N ASP A 67 59.94 -16.04 73.74
CA ASP A 67 59.94 -14.68 73.20
C ASP A 67 58.86 -13.84 73.89
N SER A 68 59.13 -12.57 74.15
CA SER A 68 58.17 -11.71 74.83
C SER A 68 58.27 -10.26 74.41
N GLU A 69 57.12 -9.62 74.33
CA GLU A 69 56.95 -8.21 74.01
C GLU A 69 56.36 -7.51 75.23
N VAL A 70 56.87 -6.35 75.62
CA VAL A 70 56.03 -5.44 76.42
C VAL A 70 54.97 -4.86 75.50
N ARG A 71 53.70 -5.12 75.79
CA ARG A 71 52.57 -4.54 75.08
C ARG A 71 52.44 -3.06 75.46
N GLY A 72 52.68 -2.18 74.49
CA GLY A 72 52.59 -0.74 74.67
C GLY A 72 51.19 -0.22 74.38
N SER A 73 50.73 0.72 75.17
CA SER A 73 49.63 1.60 74.82
C SER A 73 50.04 2.57 73.73
N TRP A 74 49.08 3.07 72.96
CA TRP A 74 49.20 4.38 72.35
C TRP A 74 49.44 5.39 73.48
N GLN A 75 50.13 6.49 73.23
CA GLN A 75 50.61 7.39 74.29
C GLN A 75 51.45 6.72 75.39
N LYS A 76 52.13 5.63 75.03
CA LYS A 76 53.36 5.09 75.60
C LYS A 76 53.30 4.50 77.01
N LYS A 77 52.12 4.21 77.56
CA LYS A 77 52.01 3.45 78.82
C LYS A 77 52.40 1.97 78.62
N LYS A 78 53.22 1.39 79.48
CA LYS A 78 53.71 0.00 79.43
C LYS A 78 52.77 -0.94 80.17
N LEU A 79 51.94 -1.68 79.45
CA LEU A 79 50.77 -2.40 79.99
C LEU A 79 51.08 -3.76 80.61
N ARG A 80 51.51 -4.75 79.81
CA ARG A 80 51.88 -6.08 80.27
C ARG A 80 52.92 -6.72 79.34
N GLU A 81 53.76 -7.61 79.84
CA GLU A 81 54.53 -8.51 78.99
C GLU A 81 53.61 -9.57 78.40
N VAL A 82 53.87 -10.00 77.17
CA VAL A 82 53.09 -11.04 76.49
C VAL A 82 54.03 -12.04 75.83
N GLU A 83 53.82 -13.33 76.03
CA GLU A 83 54.52 -14.39 75.28
C GLU A 83 54.17 -14.34 73.78
N THR A 84 55.19 -14.40 72.93
CA THR A 84 55.04 -14.38 71.46
C THR A 84 55.59 -15.64 70.76
N GLU A 85 56.18 -16.58 71.50
CA GLU A 85 56.34 -17.97 71.10
C GLU A 85 56.32 -18.87 72.34
N GLU A 86 55.73 -20.06 72.25
CA GLU A 86 55.51 -20.94 73.40
C GLU A 86 56.82 -21.56 73.93
N ILE A 87 57.06 -21.53 75.25
CA ILE A 87 58.20 -22.21 75.87
C ILE A 87 58.12 -23.72 75.64
N ALA A 88 59.14 -24.30 75.06
CA ALA A 88 59.37 -25.73 74.96
C ALA A 88 60.58 -26.10 75.83
N ASP A 89 60.33 -26.41 77.10
CA ASP A 89 61.36 -26.83 78.04
C ASP A 89 62.00 -28.17 77.67
N TYR A 90 63.31 -28.23 77.83
CA TYR A 90 64.11 -29.43 77.66
C TYR A 90 65.24 -29.53 78.67
N VAL A 91 65.83 -30.71 78.76
CA VAL A 91 67.14 -30.91 79.37
C VAL A 91 68.03 -31.68 78.39
N VAL A 92 69.29 -31.31 78.29
CA VAL A 92 70.34 -32.02 77.55
C VAL A 92 71.17 -32.79 78.55
N ILE A 93 71.43 -34.05 78.28
CA ILE A 93 72.18 -34.99 79.13
C ILE A 93 73.30 -35.60 78.28
N ASN A 94 74.54 -35.63 78.76
CA ASN A 94 75.70 -36.11 78.00
C ASN A 94 76.13 -37.49 78.48
N LEU A 95 75.66 -38.56 77.84
CA LEU A 95 75.90 -39.94 78.25
C LEU A 95 77.31 -40.39 77.91
N THR A 96 77.98 -41.19 78.74
CA THR A 96 79.39 -41.57 78.52
C THR A 96 79.68 -43.07 78.55
N GLN A 97 78.69 -43.93 78.70
CA GLN A 97 78.80 -45.35 78.32
C GLN A 97 78.44 -45.53 76.84
N PHE A 98 79.04 -46.51 76.16
CA PHE A 98 78.69 -46.88 74.78
C PHE A 98 77.99 -48.23 74.66
N ASP A 99 77.51 -48.85 75.74
CA ASP A 99 76.69 -50.05 75.62
C ASP A 99 75.25 -49.77 75.17
N GLU A 100 74.47 -50.84 74.97
CA GLU A 100 73.08 -50.79 74.54
C GLU A 100 72.20 -49.85 75.36
N THR A 101 72.46 -49.71 76.67
CA THR A 101 71.68 -48.82 77.55
C THR A 101 71.71 -47.38 77.08
N ALA A 102 72.89 -46.84 76.73
CA ALA A 102 73.00 -45.47 76.26
C ALA A 102 72.63 -45.33 74.78
N LEU A 103 72.94 -46.32 73.94
CA LEU A 103 72.58 -46.25 72.54
C LEU A 103 71.07 -46.30 72.31
N GLU A 104 70.30 -46.98 73.15
CA GLU A 104 68.85 -46.97 72.97
C GLU A 104 68.23 -45.59 73.32
N LEU A 105 68.86 -44.81 74.20
CA LEU A 105 68.50 -43.42 74.40
C LEU A 105 68.95 -42.54 73.23
N TYR A 106 70.14 -42.74 72.68
CA TYR A 106 70.68 -41.93 71.59
C TYR A 106 70.07 -42.26 70.22
N PHE A 107 70.12 -43.50 69.75
CA PHE A 107 69.67 -43.90 68.41
C PHE A 107 68.22 -44.38 68.34
N GLY A 108 67.58 -44.72 69.45
CA GLY A 108 66.31 -45.43 69.44
C GLY A 108 66.48 -46.94 69.49
N PRO A 109 65.43 -47.74 69.25
CA PRO A 109 65.48 -49.18 69.39
C PRO A 109 66.57 -49.84 68.54
N ASN A 110 67.17 -50.93 69.02
CA ASN A 110 68.12 -51.71 68.25
C ASN A 110 67.40 -52.44 67.10
N GLN A 111 67.79 -52.19 65.85
CA GLN A 111 67.17 -52.81 64.68
C GLN A 111 67.78 -54.16 64.26
N SER A 112 68.80 -54.64 64.97
CA SER A 112 69.40 -55.98 64.78
C SER A 112 69.01 -56.92 65.91
N ALA A 113 68.63 -58.15 65.59
CA ALA A 113 68.41 -59.22 66.55
C ALA A 113 69.69 -60.00 66.92
N THR A 114 70.74 -59.91 66.11
CA THR A 114 71.93 -60.77 66.28
C THR A 114 72.80 -60.35 67.45
N PRO A 115 73.38 -61.30 68.20
CA PRO A 115 74.20 -61.01 69.37
C PRO A 115 75.46 -60.24 68.97
N GLY A 116 75.73 -59.15 69.64
CA GLY A 116 76.92 -58.32 69.45
C GLY A 116 76.77 -57.13 68.52
N ILE A 117 75.57 -56.80 68.04
CA ILE A 117 75.35 -55.73 67.06
C ILE A 117 74.24 -54.78 67.47
N PHE A 118 74.48 -53.48 67.32
CA PHE A 118 73.46 -52.44 67.41
C PHE A 118 73.25 -51.81 66.04
N GLY A 119 72.10 -52.07 65.42
CA GLY A 119 71.76 -51.63 64.08
C GLY A 119 70.88 -50.39 64.07
N VAL A 120 71.17 -49.45 63.16
CA VAL A 120 70.40 -48.23 62.94
C VAL A 120 69.84 -48.21 61.50
N LYS A 121 68.55 -47.90 61.31
CA LYS A 121 67.93 -47.72 59.98
C LYS A 121 67.65 -46.26 59.64
N SER A 122 67.36 -45.97 58.38
CA SER A 122 66.72 -44.72 57.97
C SER A 122 65.23 -44.70 58.34
N GLY A 123 64.74 -43.59 58.89
CA GLY A 123 63.37 -43.45 59.43
C GLY A 123 63.29 -42.58 60.68
N SER A 124 62.07 -42.19 61.08
CA SER A 124 61.85 -41.45 62.34
C SER A 124 61.54 -42.39 63.49
N VAL A 125 62.15 -42.11 64.62
CA VAL A 125 61.98 -42.84 65.87
C VAL A 125 61.15 -41.99 66.82
N VAL A 126 60.12 -42.59 67.40
CA VAL A 126 59.41 -42.02 68.55
C VAL A 126 59.98 -42.68 69.79
N ASN A 127 60.47 -41.88 70.74
CA ASN A 127 61.32 -42.34 71.83
C ASN A 127 60.91 -41.66 73.16
N GLU A 128 59.69 -41.91 73.58
CA GLU A 128 59.11 -41.31 74.79
C GLU A 128 59.55 -42.09 76.04
N ARG A 129 59.78 -41.38 77.14
CA ARG A 129 60.28 -41.88 78.43
C ARG A 129 59.68 -41.09 79.58
N ALA A 130 59.60 -41.65 80.77
CA ALA A 130 59.64 -40.87 81.99
C ALA A 130 61.09 -40.63 82.37
N LEU A 131 61.38 -39.50 83.00
CA LEU A 131 62.71 -39.09 83.37
C LEU A 131 62.74 -38.65 84.82
N LEU A 132 63.78 -39.04 85.54
CA LEU A 132 64.06 -38.60 86.90
C LEU A 132 65.54 -38.20 87.00
N ILE A 133 65.83 -37.06 87.57
CA ILE A 133 67.19 -36.63 87.89
C ILE A 133 67.23 -36.39 89.40
N VAL A 134 68.17 -37.02 90.09
CA VAL A 134 68.47 -36.70 91.49
C VAL A 134 69.82 -36.00 91.53
N ILE A 135 69.86 -34.79 92.08
CA ILE A 135 71.06 -34.01 92.28
C ILE A 135 71.46 -34.14 93.74
N VAL A 136 72.70 -34.49 94.03
CA VAL A 136 73.18 -34.78 95.39
C VAL A 136 74.27 -33.81 95.81
N ASP A 137 74.04 -33.13 96.94
CA ASP A 137 74.95 -32.13 97.49
C ASP A 137 75.15 -32.37 98.99
N ASN A 138 76.13 -33.20 99.35
CA ASN A 138 76.58 -33.39 100.74
C ASN A 138 75.41 -33.62 101.73
N ASP A 139 74.53 -34.57 101.40
CA ASP A 139 73.33 -34.94 102.17
C ASP A 139 72.13 -33.97 102.11
N VAL A 140 71.95 -33.27 100.99
CA VAL A 140 70.64 -32.80 100.50
C VAL A 140 70.45 -33.29 99.07
N ARG A 141 69.25 -33.74 98.71
CA ARG A 141 68.98 -34.46 97.47
C ARG A 141 67.78 -33.89 96.71
N LEU A 142 68.00 -32.85 95.93
CA LEU A 142 66.99 -32.26 95.05
C LEU A 142 66.66 -33.23 93.92
N GLY A 143 65.39 -33.59 93.78
CA GLY A 143 64.87 -34.40 92.69
C GLY A 143 64.13 -33.58 91.65
N PHE A 144 64.20 -33.99 90.39
CA PHE A 144 63.44 -33.48 89.26
C PHE A 144 62.80 -34.63 88.52
N HIS A 145 61.52 -34.57 88.20
CA HIS A 145 60.79 -35.64 87.53
C HIS A 145 59.92 -35.11 86.40
N ALA A 146 59.86 -35.86 85.30
CA ALA A 146 58.89 -35.68 84.24
C ALA A 146 58.22 -37.01 83.89
N ARG A 147 56.89 -37.03 83.80
CA ARG A 147 56.11 -38.20 83.42
C ARG A 147 56.36 -38.62 81.98
N LYS A 148 56.63 -37.64 81.12
CA LYS A 148 56.79 -37.80 79.67
C LYS A 148 57.79 -36.82 79.09
N ALA A 149 58.89 -37.35 78.56
CA ALA A 149 59.87 -36.63 77.77
C ALA A 149 60.19 -37.39 76.48
N SER A 150 60.43 -36.70 75.37
CA SER A 150 60.89 -37.30 74.11
C SER A 150 62.40 -37.17 74.01
N LEU A 151 63.09 -38.27 73.76
CA LEU A 151 64.54 -38.31 73.70
C LEU A 151 65.00 -38.19 72.25
N LYS A 152 65.97 -37.32 71.97
CA LYS A 152 66.51 -37.11 70.62
C LYS A 152 67.99 -36.77 70.66
N ARG A 153 68.70 -37.10 69.59
CA ARG A 153 70.12 -36.79 69.38
C ARG A 153 70.30 -35.28 69.36
N GLU A 154 71.06 -34.73 70.29
CA GLU A 154 71.29 -33.28 70.31
C GLU A 154 72.44 -32.83 69.40
N ASP A 155 73.49 -33.65 69.26
CA ASP A 155 74.74 -33.33 68.55
C ASP A 155 75.47 -34.63 68.17
N ALA A 156 76.57 -34.50 67.42
CA ALA A 156 77.44 -35.59 67.00
C ALA A 156 77.99 -36.43 68.18
N ILE A 157 78.30 -37.70 67.96
CA ILE A 157 79.10 -38.48 68.90
C ILE A 157 80.51 -37.90 68.91
N SER A 158 81.02 -37.52 70.07
CA SER A 158 82.38 -37.01 70.22
C SER A 158 83.29 -38.11 70.78
N LEU A 159 84.49 -38.21 70.23
CA LEU A 159 85.56 -39.14 70.63
C LEU A 159 86.85 -38.34 70.80
N ALA A 160 87.67 -38.70 71.77
CA ALA A 160 88.99 -38.11 71.99
C ALA A 160 90.00 -39.16 72.46
N THR A 161 91.29 -38.90 72.25
CA THR A 161 92.36 -39.81 72.66
C THR A 161 92.62 -39.84 74.16
N ASP A 162 92.13 -38.85 74.92
CA ASP A 162 92.43 -38.66 76.35
C ASP A 162 91.23 -38.16 77.19
N GLU A 163 90.01 -38.19 76.66
CA GLU A 163 88.77 -37.87 77.37
C GLU A 163 87.69 -38.89 77.02
N PHE A 164 86.69 -39.06 77.89
CA PHE A 164 85.57 -39.97 77.61
C PHE A 164 84.81 -39.53 76.35
N GLY A 165 84.45 -40.49 75.51
CA GLY A 165 83.51 -40.24 74.42
C GLY A 165 82.12 -39.89 74.97
N ALA A 166 81.31 -39.19 74.19
CA ALA A 166 80.00 -38.74 74.63
C ALA A 166 78.90 -38.93 73.59
N LEU A 167 77.69 -39.19 74.09
CA LEU A 167 76.45 -39.29 73.34
C LEU A 167 75.47 -38.23 73.86
N PRO A 168 75.44 -37.02 73.30
CA PRO A 168 74.58 -35.94 73.79
C PRO A 168 73.11 -36.15 73.42
N VAL A 169 72.21 -36.20 74.40
CA VAL A 169 70.78 -36.48 74.20
C VAL A 169 69.93 -35.36 74.80
N ARG A 170 68.90 -34.90 74.09
CA ARG A 170 67.93 -33.91 74.57
C ARG A 170 66.66 -34.64 74.93
N ALA A 171 66.20 -34.46 76.17
CA ALA A 171 64.89 -34.86 76.61
C ALA A 171 63.99 -33.61 76.63
N THR A 172 62.96 -33.58 75.81
CA THR A 172 62.00 -32.47 75.74
C THR A 172 60.70 -32.86 76.42
N PHE A 173 60.17 -32.06 77.33
CA PHE A 173 59.04 -32.47 78.16
C PHE A 173 57.70 -32.28 77.48
N LEU A 174 56.80 -33.25 77.62
CA LEU A 174 55.51 -33.32 76.97
C LEU A 174 54.37 -33.49 77.98
N ASP A 175 53.17 -33.07 77.63
CA ASP A 175 51.98 -33.27 78.47
C ASP A 175 51.52 -34.73 78.46
N TYR A 176 51.18 -35.27 79.64
CA TYR A 176 50.58 -36.59 79.80
C TYR A 176 49.36 -36.51 80.72
N GLN A 177 48.23 -37.06 80.28
CA GLN A 177 46.96 -37.05 81.00
C GLN A 177 46.68 -35.67 81.64
N SER A 178 46.44 -35.61 82.95
CA SER A 178 46.18 -34.36 83.68
C SER A 178 47.36 -33.87 84.52
N TYR A 179 48.53 -34.50 84.43
CA TYR A 179 49.65 -34.27 85.34
C TYR A 179 50.40 -32.94 85.12
N ASN A 180 51.21 -32.53 86.09
CA ASN A 180 52.19 -31.46 85.89
C ASN A 180 53.17 -31.84 84.76
N LEU A 181 53.67 -30.87 84.01
CA LEU A 181 54.62 -31.10 82.93
C LEU A 181 55.91 -31.71 83.48
N TYR A 182 56.39 -31.17 84.58
CA TYR A 182 57.48 -31.69 85.38
C TYR A 182 57.33 -31.12 86.79
N GLU A 183 58.05 -31.70 87.74
CA GLU A 183 58.04 -31.22 89.11
C GLU A 183 59.39 -31.40 89.79
N TRP A 184 59.67 -30.53 90.75
CA TRP A 184 60.81 -30.58 91.64
C TRP A 184 60.41 -31.19 92.98
N ILE A 185 61.30 -31.94 93.57
CA ILE A 185 61.07 -32.75 94.74
C ILE A 185 62.14 -32.46 95.78
N GLU A 186 61.74 -31.95 96.93
CA GLU A 186 62.56 -31.81 98.14
C GLU A 186 61.63 -31.51 99.32
N GLU A 187 61.65 -32.36 100.34
CA GLU A 187 60.69 -32.28 101.44
C GLU A 187 60.80 -31.00 102.27
N ASP A 188 62.00 -30.47 102.47
CA ASP A 188 62.21 -29.28 103.27
C ASP A 188 61.98 -27.95 102.52
N TRP A 189 61.99 -27.94 101.19
CA TRP A 189 62.06 -26.69 100.40
C TRP A 189 60.73 -26.23 99.79
N PHE A 190 59.74 -27.11 99.61
CA PHE A 190 58.52 -26.84 98.86
C PHE A 190 57.27 -27.26 99.62
N ASN A 191 56.23 -26.43 99.66
CA ASN A 191 54.99 -26.68 100.45
C ASN A 191 55.30 -27.06 101.92
N ALA A 192 56.31 -26.43 102.50
CA ALA A 192 56.80 -26.69 103.84
C ALA A 192 56.00 -25.95 104.92
N VAL A 193 56.17 -26.35 106.19
CA VAL A 193 55.59 -25.65 107.35
C VAL A 193 56.31 -24.32 107.60
N ASP A 194 55.56 -23.22 107.64
CA ASP A 194 56.09 -21.85 107.78
C ASP A 194 56.46 -21.52 109.24
N ALA A 195 57.42 -22.26 109.80
CA ALA A 195 57.79 -22.18 111.21
C ALA A 195 58.56 -20.87 111.54
N PRO A 196 58.22 -20.17 112.64
CA PRO A 196 58.88 -18.94 113.05
C PRO A 196 60.26 -19.22 113.64
N VAL A 197 61.17 -18.25 113.54
CA VAL A 197 62.44 -18.32 114.26
C VAL A 197 62.22 -18.10 115.76
N VAL A 198 62.88 -18.91 116.59
CA VAL A 198 62.86 -18.83 118.05
C VAL A 198 64.29 -18.89 118.56
N TYR A 199 64.59 -18.14 119.61
CA TYR A 199 65.87 -18.18 120.31
C TYR A 199 65.66 -18.74 121.71
N LEU A 200 66.46 -19.73 122.10
CA LEU A 200 66.55 -20.24 123.46
C LEU A 200 67.46 -19.30 124.26
N LEU A 201 66.92 -18.58 125.24
CA LEU A 201 67.72 -17.90 126.25
C LEU A 201 67.92 -18.85 127.43
N ASP A 202 69.12 -19.40 127.52
CA ASP A 202 69.52 -20.30 128.61
C ASP A 202 70.46 -19.55 129.56
N LEU A 203 70.01 -19.36 130.81
CA LEU A 203 70.79 -18.67 131.85
C LEU A 203 71.93 -19.54 132.41
N GLY A 204 72.07 -20.78 131.96
CA GLY A 204 73.22 -21.65 132.23
C GLY A 204 73.35 -22.14 133.67
N GLY A 205 72.31 -21.98 134.49
CA GLY A 205 72.38 -22.25 135.93
C GLY A 205 73.01 -21.12 136.74
N ALA A 206 73.03 -19.88 136.24
CA ALA A 206 73.51 -18.71 136.95
C ALA A 206 72.82 -18.52 138.32
N THR A 207 73.53 -17.87 139.25
CA THR A 207 73.12 -17.75 140.66
C THR A 207 73.22 -16.32 141.21
N GLY A 208 73.75 -15.40 140.41
CA GLY A 208 73.90 -13.99 140.75
C GLY A 208 74.29 -13.18 139.53
N GLY A 209 74.40 -11.86 139.69
CA GLY A 209 74.85 -10.94 138.65
C GLY A 209 73.80 -10.64 137.58
N ASP A 210 74.27 -10.35 136.36
CA ASP A 210 73.46 -9.78 135.27
C ASP A 210 74.09 -10.06 133.89
N TYR A 211 73.34 -9.81 132.83
CA TYR A 211 73.75 -10.04 131.44
C TYR A 211 73.06 -9.06 130.49
N THR A 212 73.55 -8.96 129.25
CA THR A 212 72.94 -8.14 128.21
C THR A 212 72.79 -8.92 126.92
N LEU A 213 71.78 -8.58 126.13
CA LEU A 213 71.51 -9.14 124.81
C LEU A 213 71.87 -8.13 123.73
N LEU A 214 72.52 -8.59 122.66
CA LEU A 214 72.48 -7.91 121.37
C LEU A 214 71.12 -8.19 120.71
N VAL A 215 70.30 -7.16 120.56
CA VAL A 215 69.04 -7.22 119.84
C VAL A 215 69.24 -6.47 118.54
N GLY A 216 69.05 -7.14 117.41
CA GLY A 216 69.27 -6.54 116.08
C GLY A 216 70.66 -5.95 115.88
N GLY A 217 71.66 -6.42 116.62
CA GLY A 217 73.03 -5.90 116.59
C GLY A 217 73.32 -4.71 117.53
N LYS A 218 72.42 -4.37 118.46
CA LYS A 218 72.63 -3.32 119.47
C LYS A 218 72.43 -3.87 120.88
N SER A 219 73.26 -3.46 121.83
CA SER A 219 73.20 -3.96 123.21
C SER A 219 72.02 -3.35 123.97
N THR A 220 71.23 -4.17 124.66
CA THR A 220 70.31 -3.66 125.69
C THR A 220 71.06 -3.31 126.99
N GLY A 221 70.38 -2.70 127.95
CA GLY A 221 70.87 -2.45 129.31
C GLY A 221 71.00 -3.73 130.15
N ASP A 222 71.45 -3.60 131.40
CA ASP A 222 71.69 -4.73 132.29
C ASP A 222 70.39 -5.49 132.63
N ILE A 223 70.38 -6.81 132.46
CA ILE A 223 69.30 -7.70 132.89
C ILE A 223 69.79 -8.55 134.06
N ALA A 224 69.14 -8.45 135.23
CA ALA A 224 69.49 -9.25 136.40
C ALA A 224 69.26 -10.75 136.16
N TYR A 225 70.12 -11.61 136.71
CA TYR A 225 70.11 -13.05 136.43
C TYR A 225 68.78 -13.74 136.80
N ASN A 226 68.01 -13.16 137.72
CA ASN A 226 66.62 -13.49 137.97
C ASN A 226 65.71 -12.41 137.34
N ALA A 227 64.83 -12.82 136.43
CA ALA A 227 63.88 -11.96 135.73
C ALA A 227 62.69 -12.78 135.23
N ASN A 228 61.53 -12.17 135.05
CA ASN A 228 60.39 -12.80 134.37
C ASN A 228 60.35 -12.42 132.89
N ALA A 229 59.49 -13.09 132.11
CA ALA A 229 59.36 -12.84 130.68
C ALA A 229 59.00 -11.38 130.38
N SER A 230 58.27 -10.69 131.27
CA SER A 230 57.94 -9.27 131.13
C SER A 230 59.16 -8.36 131.25
N ALA A 231 60.09 -8.67 132.15
CA ALA A 231 61.36 -7.95 132.27
C ALA A 231 62.29 -8.20 131.07
N ILE A 232 62.33 -9.42 130.54
CA ILE A 232 63.05 -9.71 129.28
C ILE A 232 62.41 -8.95 128.10
N LYS A 233 61.09 -9.04 127.94
CA LYS A 233 60.36 -8.35 126.86
C LYS A 233 60.55 -6.83 126.94
N THR A 234 60.60 -6.29 128.15
CA THR A 234 60.96 -4.89 128.41
C THR A 234 62.39 -4.58 127.96
N ALA A 235 63.39 -5.34 128.40
CA ALA A 235 64.78 -5.06 128.05
C ALA A 235 65.04 -5.20 126.56
N ILE A 236 64.43 -6.16 125.87
CA ILE A 236 64.56 -6.32 124.43
C ILE A 236 63.83 -5.18 123.69
N GLY A 237 62.61 -4.84 124.10
CA GLY A 237 61.84 -3.76 123.49
C GLY A 237 62.41 -2.36 123.74
N ALA A 238 63.19 -2.17 124.79
CA ALA A 238 63.75 -0.87 125.16
C ALA A 238 64.90 -0.37 124.25
N VAL A 239 65.40 -1.20 123.34
CA VAL A 239 66.53 -0.88 122.44
C VAL A 239 66.13 0.15 121.37
N ASP A 240 67.09 0.94 120.89
CA ASP A 240 66.87 2.19 120.13
C ASP A 240 66.37 2.05 118.67
N ASP A 241 66.18 0.85 118.13
CA ASP A 241 65.59 0.66 116.80
C ASP A 241 64.05 0.65 116.82
N GLY A 242 63.44 0.73 115.65
CA GLY A 242 62.05 1.15 115.49
C GLY A 242 60.97 0.18 115.96
N VAL A 243 61.32 -1.05 116.32
CA VAL A 243 60.32 -2.07 116.70
C VAL A 243 59.73 -1.82 118.08
N ALA A 244 58.41 -1.95 118.20
CA ALA A 244 57.69 -1.75 119.44
C ALA A 244 57.88 -2.91 120.41
N GLU A 245 57.84 -2.64 121.72
CA GLU A 245 57.86 -3.66 122.77
C GLU A 245 56.66 -4.63 122.68
N SER A 246 55.59 -4.24 122.01
CA SER A 246 54.43 -5.09 121.69
C SER A 246 54.69 -6.10 120.56
N ALA A 247 55.72 -5.90 119.73
CA ALA A 247 56.04 -6.81 118.62
C ALA A 247 56.84 -8.04 119.08
N TRP A 248 57.71 -7.88 120.07
CA TRP A 248 58.47 -8.98 120.69
C TRP A 248 57.57 -9.95 121.46
N THR A 249 57.99 -11.22 121.55
CA THR A 249 57.33 -12.29 122.32
C THR A 249 58.35 -13.01 123.17
N VAL A 250 58.06 -13.24 124.45
CA VAL A 250 58.89 -14.04 125.35
C VAL A 250 58.00 -14.98 126.15
N THR A 251 58.40 -16.25 126.27
CA THR A 251 57.59 -17.30 126.92
C THR A 251 58.49 -18.27 127.69
N ALA A 252 57.91 -18.89 128.72
CA ALA A 252 58.69 -19.48 129.82
C ALA A 252 59.49 -20.73 129.44
N ASP A 253 58.87 -21.70 128.77
CA ASP A 253 59.42 -23.02 128.42
C ASP A 253 60.22 -23.71 129.55
N GLY A 254 59.69 -23.69 130.77
CA GLY A 254 60.39 -24.18 131.96
C GLY A 254 61.37 -23.16 132.53
N SER A 255 62.64 -23.54 132.67
CA SER A 255 63.67 -22.69 133.30
C SER A 255 64.32 -21.69 132.35
N ASP A 256 64.27 -21.95 131.04
CA ASP A 256 65.00 -21.23 129.99
C ASP A 256 64.00 -20.64 129.00
N PHE A 257 63.99 -19.32 128.77
CA PHE A 257 62.97 -18.67 127.97
C PHE A 257 63.11 -18.94 126.46
N GLU A 258 61.98 -18.98 125.77
CA GLU A 258 61.93 -18.85 124.32
C GLU A 258 61.63 -17.39 123.97
N ILE A 259 62.48 -16.79 123.15
CA ILE A 259 62.32 -15.44 122.61
C ILE A 259 61.98 -15.55 121.13
N SER A 260 61.00 -14.78 120.66
CA SER A 260 60.74 -14.63 119.22
C SER A 260 60.30 -13.21 118.89
N GLY A 261 60.61 -12.73 117.68
CA GLY A 261 60.32 -11.37 117.27
C GLY A 261 61.00 -10.96 115.97
N PRO A 262 60.81 -9.72 115.53
CA PRO A 262 61.16 -9.29 114.19
C PRO A 262 62.66 -9.18 113.86
N LEU A 263 63.58 -9.40 114.80
CA LEU A 263 65.03 -9.28 114.60
C LEU A 263 65.82 -10.45 115.20
N ALA A 264 67.10 -10.55 114.83
CA ALA A 264 68.06 -11.41 115.49
C ALA A 264 68.23 -11.05 116.98
N VAL A 265 68.43 -12.06 117.82
CA VAL A 265 68.81 -11.89 119.23
C VAL A 265 70.04 -12.74 119.50
N ALA A 266 71.04 -12.19 120.20
CA ALA A 266 72.27 -12.87 120.58
C ALA A 266 72.81 -12.38 121.94
N LEU A 267 73.72 -13.11 122.57
CA LEU A 267 74.36 -12.68 123.81
C LEU A 267 75.30 -11.48 123.57
N GLY A 268 75.17 -10.43 124.37
CA GLY A 268 76.00 -9.23 124.31
C GLY A 268 77.14 -9.24 125.32
N VAL A 269 76.80 -9.30 126.61
CA VAL A 269 77.76 -9.40 127.72
C VAL A 269 77.25 -10.38 128.77
N ASP A 270 78.13 -11.21 129.31
CA ASP A 270 77.83 -12.02 130.49
C ASP A 270 78.61 -11.51 131.70
N SER A 271 77.87 -11.13 132.75
CA SER A 271 78.38 -10.75 134.07
C SER A 271 77.54 -11.43 135.17
N THR A 272 77.05 -12.64 134.86
CA THR A 272 76.43 -13.54 135.84
C THR A 272 77.50 -14.29 136.64
N THR A 273 77.13 -14.76 137.82
CA THR A 273 78.03 -15.49 138.74
C THR A 273 77.43 -16.83 139.16
N GLY A 274 78.29 -17.84 139.29
CA GLY A 274 77.89 -19.24 139.32
C GLY A 274 77.37 -19.71 137.96
N GLY A 275 77.10 -21.01 137.84
CA GLY A 275 76.61 -21.62 136.60
C GLY A 275 77.63 -21.70 135.46
N SER A 276 77.20 -22.30 134.36
CA SER A 276 77.99 -22.49 133.12
C SER A 276 78.10 -21.22 132.23
N GLY A 277 77.46 -20.12 132.63
CA GLY A 277 77.35 -18.88 131.83
C GLY A 277 76.14 -18.86 130.89
N VAL A 278 75.63 -17.67 130.57
CA VAL A 278 74.43 -17.47 129.75
C VAL A 278 74.69 -17.80 128.29
N THR A 279 73.72 -18.36 127.55
CA THR A 279 73.77 -18.46 126.08
C THR A 279 72.42 -18.12 125.45
N VAL A 280 72.48 -17.59 124.21
CA VAL A 280 71.33 -17.48 123.32
C VAL A 280 71.57 -18.38 122.12
N ASP A 281 70.64 -19.27 121.78
CA ASP A 281 70.80 -20.24 120.68
C ASP A 281 69.57 -20.33 119.78
N VAL A 282 69.76 -20.34 118.46
CA VAL A 282 68.67 -20.46 117.48
C VAL A 282 68.07 -21.87 117.53
N VAL A 283 66.76 -21.98 117.72
CA VAL A 283 66.03 -23.26 117.89
C VAL A 283 65.75 -23.93 116.55
N ALA B 2 87.59 16.45 88.92
CA ALA B 2 86.72 15.81 89.93
C ALA B 2 85.42 16.61 90.10
N LEU B 3 84.43 16.07 90.80
CA LEU B 3 83.32 16.87 91.36
C LEU B 3 82.87 16.36 92.74
N LYS B 4 82.25 15.17 92.87
CA LYS B 4 81.94 14.60 94.19
C LYS B 4 82.15 13.10 94.32
N ASP B 5 83.29 12.73 94.89
CA ASP B 5 83.70 11.35 95.16
C ASP B 5 82.73 10.58 96.06
N ASP B 6 82.02 11.27 96.94
CA ASP B 6 80.97 10.70 97.78
C ASP B 6 79.78 10.10 96.99
N ALA B 7 79.63 10.44 95.70
CA ALA B 7 78.61 9.86 94.82
C ALA B 7 79.13 8.74 93.92
N VAL B 8 80.40 8.35 94.00
CA VAL B 8 80.97 7.25 93.23
C VAL B 8 80.69 5.91 93.91
N LEU B 9 80.19 4.92 93.18
CA LEU B 9 79.59 3.71 93.74
C LEU B 9 80.37 2.42 93.38
N ILE B 10 80.76 1.62 94.36
CA ILE B 10 81.50 0.34 94.21
C ILE B 10 80.63 -0.90 94.48
N ALA B 11 79.40 -0.77 94.99
CA ALA B 11 78.38 -1.82 94.98
C ALA B 11 78.82 -3.21 95.54
N ALA B 12 79.60 -3.24 96.61
CA ALA B 12 80.20 -4.46 97.14
C ALA B 12 79.20 -5.48 97.73
N ARG B 13 78.03 -5.01 98.15
CA ARG B 13 76.94 -5.78 98.78
C ARG B 13 75.58 -5.19 98.40
N GLY B 14 74.53 -5.98 98.53
CA GLY B 14 73.19 -5.52 98.22
C GLY B 14 72.11 -6.57 98.43
N TYR B 15 70.86 -6.10 98.43
CA TYR B 15 69.66 -6.84 98.80
C TYR B 15 68.54 -6.58 97.82
N VAL B 16 67.75 -7.61 97.54
CA VAL B 16 66.62 -7.60 96.61
C VAL B 16 65.36 -8.10 97.32
N TYR B 17 64.26 -7.38 97.17
CA TYR B 17 62.97 -7.66 97.81
C TYR B 17 61.84 -7.64 96.81
N THR B 18 60.79 -8.39 97.08
CA THR B 18 59.53 -8.34 96.34
C THR B 18 58.36 -8.06 97.26
N ALA B 19 57.28 -7.51 96.71
CA ALA B 19 56.04 -7.28 97.42
C ALA B 19 54.84 -7.28 96.46
N ALA B 20 53.62 -7.23 96.97
CA ALA B 20 52.43 -7.08 96.15
C ALA B 20 52.49 -5.78 95.33
N VAL B 21 51.94 -5.81 94.10
CA VAL B 21 52.00 -4.66 93.20
C VAL B 21 51.45 -3.39 93.85
N GLY B 22 52.11 -2.27 93.58
CA GLY B 22 51.74 -0.96 94.08
C GLY B 22 52.25 -0.62 95.47
N THR B 23 52.80 -1.55 96.26
CA THR B 23 53.32 -1.26 97.60
C THR B 23 54.53 -0.31 97.63
N ALA B 24 54.57 0.56 98.64
CA ALA B 24 55.58 1.60 98.80
C ALA B 24 56.87 1.05 99.39
N ALA B 25 58.00 1.60 98.95
CA ALA B 25 59.29 1.39 99.57
C ALA B 25 59.44 2.20 100.87
N PRO B 26 60.44 1.90 101.70
CA PRO B 26 60.97 2.82 102.71
C PRO B 26 61.22 4.24 102.17
N THR B 27 61.01 5.27 102.98
CA THR B 27 61.35 6.65 102.61
C THR B 27 62.87 6.85 102.55
N PRO B 28 63.37 7.93 101.94
CA PRO B 28 64.79 8.22 101.90
C PRO B 28 65.45 8.28 103.29
N SER B 29 64.74 8.82 104.30
CA SER B 29 65.21 8.83 105.70
C SER B 29 65.22 7.43 106.33
N GLN B 30 64.19 6.64 106.11
CA GLN B 30 64.12 5.27 106.62
C GLN B 30 65.21 4.36 106.05
N LEU B 31 65.54 4.49 104.77
CA LEU B 31 66.55 3.65 104.12
C LEU B 31 67.94 3.77 104.77
N LYS B 32 68.26 4.90 105.41
CA LYS B 32 69.53 5.08 106.14
C LYS B 32 69.63 4.28 107.46
N LEU B 33 68.56 3.65 107.93
CA LEU B 33 68.50 3.06 109.28
C LEU B 33 67.71 1.75 109.44
N ILE B 34 66.97 1.28 108.43
CA ILE B 34 66.33 -0.05 108.45
C ILE B 34 67.33 -1.21 108.48
N ASP B 35 66.93 -2.37 109.00
CA ASP B 35 67.74 -3.59 109.02
C ASP B 35 67.48 -4.47 107.79
N LEU B 36 68.47 -4.63 106.92
CA LEU B 36 68.26 -5.16 105.58
C LEU B 36 67.93 -6.67 105.55
N GLU B 37 68.30 -7.42 106.58
CA GLU B 37 68.02 -8.86 106.70
C GLU B 37 66.62 -9.17 107.23
N HIS B 38 65.88 -8.18 107.73
CA HIS B 38 64.65 -8.39 108.46
C HIS B 38 63.52 -7.42 108.04
N PRO B 39 62.97 -7.52 106.82
CA PRO B 39 61.85 -6.69 106.38
C PRO B 39 60.64 -6.68 107.31
N GLU B 40 60.41 -7.73 108.08
CA GLU B 40 59.35 -7.80 109.11
C GLU B 40 59.51 -6.74 110.21
N ALA B 41 60.68 -6.13 110.35
CA ALA B 41 60.96 -5.05 111.30
C ALA B 41 60.66 -3.65 110.75
N TRP B 42 60.52 -3.49 109.44
CA TRP B 42 60.38 -2.17 108.81
C TRP B 42 59.01 -1.52 109.04
N ASP B 43 58.96 -0.20 108.96
CA ASP B 43 57.70 0.57 108.97
C ASP B 43 56.83 0.34 107.73
N ARG B 44 57.43 0.06 106.57
CA ARG B 44 56.77 -0.40 105.34
C ARG B 44 56.69 -1.92 105.34
N THR B 45 55.52 -2.48 105.61
CA THR B 45 55.39 -3.84 106.14
C THR B 45 55.38 -4.96 105.10
N GLY B 46 55.21 -4.66 103.81
CA GLY B 46 54.89 -5.66 102.79
C GLY B 46 56.06 -6.45 102.17
N TRP B 47 57.30 -6.13 102.52
CA TRP B 47 58.49 -6.60 101.81
C TRP B 47 58.98 -7.97 102.24
N ASP B 48 59.43 -8.77 101.28
CA ASP B 48 60.05 -10.07 101.52
C ASP B 48 61.34 -10.21 100.71
N LEU B 49 62.38 -10.79 101.33
CA LEU B 49 63.67 -11.02 100.68
C LEU B 49 63.52 -12.08 99.61
N VAL B 50 64.17 -11.90 98.46
CA VAL B 50 64.07 -12.85 97.34
C VAL B 50 64.92 -14.12 97.53
N GLY B 51 65.72 -14.19 98.59
CA GLY B 51 66.78 -15.20 98.77
C GLY B 51 68.15 -14.68 98.40
N HIS B 52 69.18 -15.53 98.48
CA HIS B 52 70.52 -15.25 97.98
C HIS B 52 70.54 -15.00 96.46
N THR B 53 71.45 -14.13 96.05
CA THR B 53 71.67 -13.65 94.67
C THR B 53 73.14 -13.82 94.31
N SER B 54 73.47 -14.04 93.04
CA SER B 54 74.84 -14.28 92.59
C SER B 54 75.80 -13.16 92.99
N GLU B 55 77.00 -13.52 93.47
CA GLU B 55 77.97 -12.55 93.98
C GLU B 55 78.74 -11.80 92.88
N ASP B 56 79.02 -12.40 91.73
CA ASP B 56 79.72 -11.72 90.64
C ASP B 56 78.76 -11.22 89.55
N ASP B 57 77.75 -12.02 89.18
CA ASP B 57 76.66 -11.60 88.28
C ASP B 57 75.59 -10.77 89.00
N LEU B 58 75.99 -9.60 89.53
CA LEU B 58 75.13 -8.64 90.22
C LEU B 58 73.88 -8.22 89.40
N PRO B 59 72.81 -7.70 90.04
CA PRO B 59 71.62 -7.22 89.35
C PRO B 59 71.96 -6.31 88.17
N GLU B 60 71.62 -6.74 86.97
CA GLU B 60 72.03 -6.12 85.72
C GLU B 60 70.86 -5.36 85.10
N PHE B 61 70.94 -4.05 85.07
CA PHE B 61 69.96 -3.24 84.37
C PHE B 61 70.08 -3.42 82.86
N GLY B 62 69.01 -3.12 82.13
CA GLY B 62 69.02 -3.19 80.68
C GLY B 62 67.84 -2.49 80.05
N PHE B 63 67.87 -2.33 78.74
CA PHE B 63 66.70 -1.96 77.96
C PHE B 63 66.73 -2.61 76.59
N ASP B 64 65.55 -3.01 76.13
CA ASP B 64 65.32 -3.31 74.72
C ASP B 64 64.76 -2.07 74.02
N GLY B 65 64.85 -2.01 72.70
CA GLY B 65 64.50 -0.83 71.92
C GLY B 65 65.47 0.33 72.17
N GLY B 66 64.97 1.56 72.13
CA GLY B 66 65.77 2.76 72.31
C GLY B 66 66.61 3.16 71.09
N ASP B 67 66.43 2.47 69.96
CA ASP B 67 67.01 2.85 68.67
C ASP B 67 66.52 4.25 68.27
N SER B 68 67.40 5.06 67.72
CA SER B 68 67.15 6.46 67.44
C SER B 68 67.99 6.94 66.28
N GLU B 69 67.59 8.06 65.68
CA GLU B 69 68.30 8.64 64.55
C GLU B 69 68.24 10.18 64.57
N VAL B 70 69.28 10.84 64.06
CA VAL B 70 69.23 12.28 63.77
C VAL B 70 68.34 12.50 62.56
N ARG B 71 67.29 13.28 62.70
CA ARG B 71 66.46 13.74 61.58
C ARG B 71 67.17 14.85 60.85
N GLY B 72 67.27 14.70 59.53
CA GLY B 72 68.04 15.58 58.67
C GLY B 72 67.15 16.41 57.76
N SER B 73 67.56 17.65 57.51
CA SER B 73 67.00 18.49 56.44
C SER B 73 67.42 18.02 55.04
N TRP B 74 66.68 18.39 53.98
CA TRP B 74 67.13 18.23 52.58
C TRP B 74 68.43 18.95 52.25
N GLN B 75 68.87 19.87 53.11
CA GLN B 75 70.15 20.55 53.02
C GLN B 75 71.16 20.09 54.08
N LYS B 76 71.18 18.79 54.42
CA LYS B 76 72.17 18.18 55.31
C LYS B 76 72.31 18.92 56.66
N LYS B 77 71.21 19.35 57.24
CA LYS B 77 71.17 20.02 58.55
C LYS B 77 70.66 19.05 59.60
N LYS B 78 71.40 18.85 60.68
CA LYS B 78 71.11 17.93 61.78
C LYS B 78 70.14 18.56 62.78
N LEU B 79 68.85 18.26 62.66
CA LEU B 79 67.79 19.01 63.36
C LEU B 79 67.64 18.59 64.82
N ARG B 80 67.32 17.32 65.06
CA ARG B 80 67.01 16.72 66.36
C ARG B 80 67.19 15.22 66.31
N GLU B 81 67.39 14.55 67.45
CA GLU B 81 67.45 13.10 67.50
C GLU B 81 66.13 12.51 67.99
N VAL B 82 65.56 11.58 67.22
CA VAL B 82 64.24 10.98 67.49
C VAL B 82 64.36 9.49 67.84
N GLU B 83 63.73 9.08 68.92
CA GLU B 83 63.53 7.68 69.30
C GLU B 83 62.58 6.98 68.32
N THR B 84 63.05 5.92 67.67
CA THR B 84 62.27 5.12 66.71
C THR B 84 61.47 4.00 67.37
N GLU B 85 61.86 3.52 68.55
CA GLU B 85 61.20 2.42 69.25
C GLU B 85 61.17 2.63 70.77
N GLU B 86 60.10 2.21 71.44
CA GLU B 86 59.93 2.32 72.89
C GLU B 86 61.02 1.60 73.66
N ILE B 87 61.57 2.24 74.70
CA ILE B 87 62.41 1.58 75.70
C ILE B 87 61.56 0.66 76.59
N ALA B 88 61.87 -0.62 76.61
CA ALA B 88 61.41 -1.54 77.62
C ALA B 88 62.53 -1.71 78.65
N ASP B 89 62.51 -0.92 79.73
CA ASP B 89 63.48 -1.03 80.82
C ASP B 89 63.27 -2.31 81.63
N TYR B 90 64.37 -2.96 82.00
CA TYR B 90 64.36 -4.09 82.89
C TYR B 90 65.58 -4.15 83.81
N VAL B 91 65.51 -5.03 84.80
CA VAL B 91 66.68 -5.57 85.51
C VAL B 91 66.69 -7.10 85.42
N VAL B 92 67.86 -7.71 85.28
CA VAL B 92 68.07 -9.15 85.40
C VAL B 92 68.68 -9.44 86.76
N ILE B 93 68.10 -10.39 87.47
CA ILE B 93 68.53 -10.84 88.79
C ILE B 93 68.88 -12.33 88.72
N ASN B 94 70.04 -12.74 89.23
CA ASN B 94 70.48 -14.14 89.27
C ASN B 94 70.24 -14.72 90.67
N LEU B 95 69.12 -15.39 90.88
CA LEU B 95 68.77 -16.02 92.16
C LEU B 95 69.59 -17.29 92.36
N THR B 96 70.07 -17.60 93.56
CA THR B 96 71.03 -18.72 93.75
C THR B 96 70.67 -19.71 94.84
N GLN B 97 69.40 -19.81 95.18
CA GLN B 97 68.88 -20.83 96.08
C GLN B 97 67.61 -21.46 95.53
N PHE B 98 67.36 -22.73 95.81
CA PHE B 98 66.29 -23.51 95.19
C PHE B 98 65.10 -23.75 96.13
N ASP B 99 64.91 -22.85 97.10
CA ASP B 99 63.70 -22.74 97.90
C ASP B 99 62.47 -22.36 97.03
N GLU B 100 61.26 -22.60 97.54
CA GLU B 100 60.03 -22.12 96.91
C GLU B 100 60.01 -20.60 96.67
N THR B 101 60.70 -19.81 97.50
CA THR B 101 60.90 -18.36 97.31
C THR B 101 61.50 -18.02 95.95
N ALA B 102 62.54 -18.72 95.50
CA ALA B 102 63.12 -18.44 94.20
C ALA B 102 62.33 -19.08 93.05
N LEU B 103 61.84 -20.31 93.23
CA LEU B 103 61.07 -21.00 92.20
C LEU B 103 59.75 -20.29 91.88
N GLU B 104 59.11 -19.64 92.85
CA GLU B 104 57.94 -18.80 92.58
C GLU B 104 58.27 -17.65 91.60
N LEU B 105 59.45 -17.04 91.70
CA LEU B 105 59.87 -16.00 90.77
C LEU B 105 60.20 -16.59 89.40
N TYR B 106 60.92 -17.71 89.35
CA TYR B 106 61.35 -18.29 88.09
C TYR B 106 60.21 -18.96 87.30
N PHE B 107 59.29 -19.68 87.95
CA PHE B 107 58.23 -20.46 87.30
C PHE B 107 56.81 -19.93 87.49
N GLY B 108 56.57 -19.00 88.41
CA GLY B 108 55.23 -18.63 88.84
C GLY B 108 54.73 -19.50 89.99
N PRO B 109 53.43 -19.49 90.30
CA PRO B 109 52.93 -20.18 91.48
C PRO B 109 53.05 -21.69 91.37
N ASN B 110 53.30 -22.35 92.49
CA ASN B 110 53.43 -23.79 92.57
C ASN B 110 52.14 -24.51 92.14
N GLN B 111 52.22 -25.40 91.16
CA GLN B 111 51.04 -26.14 90.67
C GLN B 111 50.74 -27.43 91.42
N SER B 112 51.54 -27.82 92.42
CA SER B 112 51.25 -28.93 93.32
C SER B 112 50.82 -28.44 94.69
N ALA B 113 49.77 -29.05 95.25
CA ALA B 113 49.38 -28.88 96.65
C ALA B 113 50.10 -29.85 97.61
N THR B 114 50.77 -30.89 97.11
CA THR B 114 51.40 -31.91 97.97
C THR B 114 52.67 -31.37 98.64
N PRO B 115 52.90 -31.64 99.94
CA PRO B 115 54.10 -31.22 100.64
C PRO B 115 55.36 -31.85 100.03
N GLY B 116 56.40 -31.05 99.79
CA GLY B 116 57.65 -31.50 99.20
C GLY B 116 57.75 -31.46 97.67
N ILE B 117 56.73 -31.00 96.96
CA ILE B 117 56.74 -30.91 95.50
C ILE B 117 56.50 -29.48 95.01
N PHE B 118 57.29 -29.04 94.04
CA PHE B 118 56.99 -27.86 93.24
C PHE B 118 56.63 -28.29 91.82
N GLY B 119 55.39 -28.09 91.40
CA GLY B 119 54.87 -28.47 90.09
C GLY B 119 54.85 -27.31 89.11
N VAL B 120 55.02 -27.60 87.81
CA VAL B 120 54.94 -26.64 86.70
C VAL B 120 54.01 -27.18 85.59
N LYS B 121 53.15 -26.35 85.00
CA LYS B 121 52.21 -26.71 83.89
C LYS B 121 52.55 -25.98 82.59
N SER B 122 51.81 -26.22 81.51
CA SER B 122 52.18 -25.77 80.17
C SER B 122 51.79 -24.33 79.80
N GLY B 123 50.72 -23.78 80.38
CA GLY B 123 50.11 -22.51 79.98
C GLY B 123 50.90 -21.24 80.31
N SER B 124 50.33 -20.08 79.93
CA SER B 124 50.88 -18.78 80.26
C SER B 124 50.69 -18.40 81.74
N VAL B 125 51.72 -17.80 82.32
CA VAL B 125 51.75 -17.30 83.69
C VAL B 125 51.87 -15.79 83.65
N VAL B 126 51.03 -15.10 84.42
CA VAL B 126 51.22 -13.70 84.77
C VAL B 126 51.89 -13.65 86.14
N ASN B 127 52.97 -12.89 86.30
CA ASN B 127 53.77 -12.87 87.52
C ASN B 127 54.23 -11.44 87.86
N GLU B 128 53.33 -10.62 88.37
CA GLU B 128 53.62 -9.21 88.65
C GLU B 128 53.86 -8.99 90.14
N ARG B 129 54.94 -8.31 90.49
CA ARG B 129 55.30 -7.90 91.85
C ARG B 129 55.88 -6.49 91.87
N ALA B 130 55.90 -5.83 93.03
CA ALA B 130 56.77 -4.68 93.27
C ALA B 130 58.20 -5.17 93.54
N LEU B 131 59.19 -4.33 93.27
CA LEU B 131 60.60 -4.66 93.37
C LEU B 131 61.35 -3.55 94.11
N LEU B 132 62.20 -3.92 95.05
CA LEU B 132 63.13 -3.03 95.74
C LEU B 132 64.53 -3.65 95.69
N ILE B 133 65.54 -2.86 95.33
CA ILE B 133 66.95 -3.25 95.39
C ILE B 133 67.66 -2.22 96.25
N VAL B 134 68.38 -2.64 97.27
CA VAL B 134 69.29 -1.74 98.01
C VAL B 134 70.71 -2.13 97.71
N ILE B 135 71.48 -1.21 97.16
CA ILE B 135 72.91 -1.34 96.95
C ILE B 135 73.60 -0.64 98.11
N VAL B 136 74.33 -1.39 98.92
CA VAL B 136 75.05 -0.85 100.08
C VAL B 136 76.56 -0.80 99.80
N ASP B 137 77.17 0.36 100.02
CA ASP B 137 78.58 0.62 99.77
C ASP B 137 79.17 1.46 100.92
N ASN B 138 79.82 0.80 101.88
CA ASN B 138 80.18 1.37 103.17
C ASN B 138 78.96 1.97 103.88
N ASP B 139 78.93 3.29 104.09
CA ASP B 139 77.81 4.02 104.69
C ASP B 139 76.71 4.43 103.67
N VAL B 140 77.01 4.44 102.38
CA VAL B 140 76.05 4.77 101.30
C VAL B 140 75.07 3.63 101.10
N ARG B 141 73.77 3.92 100.99
CA ARG B 141 72.73 2.92 100.66
C ARG B 141 71.78 3.44 99.58
N LEU B 142 72.15 3.27 98.31
CA LEU B 142 71.32 3.61 97.17
C LEU B 142 70.18 2.59 97.02
N GLY B 143 68.95 3.06 97.05
CA GLY B 143 67.76 2.25 96.75
C GLY B 143 67.29 2.38 95.31
N PHE B 144 66.69 1.34 94.77
CA PHE B 144 65.93 1.36 93.52
C PHE B 144 64.59 0.72 93.77
N HIS B 145 63.50 1.39 93.40
CA HIS B 145 62.14 0.90 93.58
C HIS B 145 61.36 0.95 92.28
N ALA B 146 60.62 -0.12 92.00
CA ALA B 146 59.61 -0.17 90.97
C ALA B 146 58.30 -0.72 91.56
N ARG B 147 57.20 0.00 91.40
CA ARG B 147 55.88 -0.36 91.93
C ARG B 147 55.28 -1.60 91.29
N LYS B 148 55.66 -1.90 90.04
CA LYS B 148 55.19 -3.04 89.24
C LYS B 148 56.28 -3.46 88.25
N ALA B 149 56.78 -4.68 88.41
CA ALA B 149 57.59 -5.40 87.46
C ALA B 149 56.98 -6.78 87.14
N SER B 150 56.92 -7.14 85.87
CA SER B 150 56.63 -8.51 85.45
C SER B 150 57.91 -9.33 85.45
N LEU B 151 57.80 -10.57 85.92
CA LEU B 151 58.91 -11.49 86.08
C LEU B 151 58.88 -12.59 85.03
N LYS B 152 60.02 -12.91 84.44
CA LYS B 152 60.17 -14.06 83.55
C LYS B 152 61.54 -14.69 83.69
N ARG B 153 61.69 -15.94 83.25
CA ARG B 153 63.00 -16.56 83.04
C ARG B 153 63.79 -15.73 82.04
N GLU B 154 64.99 -15.30 82.39
CA GLU B 154 65.88 -14.61 81.43
C GLU B 154 66.63 -15.61 80.56
N ASP B 155 67.00 -16.74 81.16
CA ASP B 155 67.85 -17.77 80.59
C ASP B 155 67.53 -19.08 81.33
N ALA B 156 68.17 -20.19 80.97
CA ALA B 156 67.97 -21.48 81.62
C ALA B 156 68.65 -21.61 82.99
N ILE B 157 68.23 -22.58 83.80
CA ILE B 157 68.89 -22.92 85.07
C ILE B 157 70.34 -23.37 84.83
N SER B 158 71.28 -22.79 85.56
CA SER B 158 72.69 -23.18 85.48
C SER B 158 73.03 -24.11 86.64
N LEU B 159 73.74 -25.19 86.35
CA LEU B 159 74.24 -26.15 87.34
C LEU B 159 75.71 -26.44 87.06
N ALA B 160 76.50 -26.62 88.12
CA ALA B 160 77.93 -26.93 88.05
C ALA B 160 78.36 -27.83 89.20
N THR B 161 79.47 -28.55 89.04
CA THR B 161 80.08 -29.34 90.10
C THR B 161 80.87 -28.51 91.12
N ASP B 162 81.18 -27.24 90.81
CA ASP B 162 82.11 -26.39 91.56
C ASP B 162 81.63 -24.94 91.77
N GLU B 163 80.39 -24.60 91.43
CA GLU B 163 79.78 -23.28 91.64
C GLU B 163 78.30 -23.39 92.00
N PHE B 164 77.77 -22.40 92.70
CA PHE B 164 76.33 -22.35 93.01
C PHE B 164 75.50 -22.22 91.75
N GLY B 165 74.43 -23.01 91.64
CA GLY B 165 73.51 -22.92 90.52
C GLY B 165 72.69 -21.64 90.55
N ALA B 166 72.23 -21.19 89.39
CA ALA B 166 71.44 -19.97 89.28
C ALA B 166 70.11 -20.18 88.55
N LEU B 167 69.11 -19.41 89.00
CA LEU B 167 67.79 -19.22 88.42
C LEU B 167 67.70 -17.78 87.90
N PRO B 168 68.14 -17.48 86.67
CA PRO B 168 68.18 -16.12 86.15
C PRO B 168 66.80 -15.56 85.77
N VAL B 169 66.38 -14.45 86.37
CA VAL B 169 65.05 -13.85 86.21
C VAL B 169 65.14 -12.42 85.68
N ARG B 170 64.29 -12.02 84.73
CA ARG B 170 64.16 -10.64 84.26
C ARG B 170 62.92 -9.99 84.88
N ALA B 171 63.09 -8.82 85.46
CA ALA B 171 62.04 -7.98 85.98
C ALA B 171 61.87 -6.74 85.10
N THR B 172 60.75 -6.63 84.40
CA THR B 172 60.48 -5.61 83.38
C THR B 172 59.49 -4.61 83.94
N PHE B 173 59.84 -3.32 83.96
CA PHE B 173 59.06 -2.32 84.68
C PHE B 173 57.83 -1.89 83.90
N LEU B 174 56.70 -1.74 84.56
CA LEU B 174 55.40 -1.49 83.94
C LEU B 174 54.68 -0.31 84.60
N ASP B 175 53.81 0.35 83.87
CA ASP B 175 53.01 1.46 84.40
C ASP B 175 51.96 0.96 85.39
N TYR B 176 51.71 1.76 86.43
CA TYR B 176 50.72 1.51 87.46
C TYR B 176 50.22 2.85 88.04
N GLN B 177 48.90 3.08 87.96
CA GLN B 177 48.16 4.14 88.67
C GLN B 177 48.83 5.52 88.79
N SER B 178 49.39 6.05 87.69
CA SER B 178 50.02 7.38 87.64
C SER B 178 51.30 7.57 88.47
N TYR B 179 51.84 6.54 89.13
CA TYR B 179 53.16 6.60 89.77
C TYR B 179 54.31 6.68 88.75
N ASN B 180 55.52 6.98 89.21
CA ASN B 180 56.73 6.81 88.41
C ASN B 180 56.97 5.34 88.01
N LEU B 181 57.54 5.10 86.83
CA LEU B 181 57.91 3.78 86.36
C LEU B 181 58.93 3.11 87.31
N TYR B 182 59.90 3.89 87.78
CA TYR B 182 60.82 3.53 88.86
C TYR B 182 61.44 4.79 89.48
N GLU B 183 62.02 4.60 90.66
CA GLU B 183 62.59 5.63 91.50
C GLU B 183 63.94 5.17 92.04
N TRP B 184 64.91 6.07 92.10
CA TRP B 184 66.14 5.88 92.84
C TRP B 184 66.05 6.65 94.14
N ILE B 185 66.46 6.03 95.23
CA ILE B 185 66.32 6.52 96.59
C ILE B 185 67.71 6.73 97.21
N GLU B 186 68.07 7.96 97.55
CA GLU B 186 69.21 8.30 98.39
C GLU B 186 69.03 9.75 98.86
N GLU B 187 68.74 9.92 100.15
CA GLU B 187 68.41 11.22 100.75
C GLU B 187 69.44 12.33 100.48
N ASP B 188 70.72 12.00 100.42
CA ASP B 188 71.78 12.99 100.23
C ASP B 188 72.07 13.35 98.76
N TRP B 189 71.55 12.61 97.78
CA TRP B 189 71.95 12.73 96.37
C TRP B 189 70.92 13.34 95.42
N PHE B 190 69.63 13.38 95.76
CA PHE B 190 68.56 13.78 94.85
C PHE B 190 67.59 14.72 95.53
N ASN B 191 67.17 15.81 94.88
CA ASN B 191 66.36 16.86 95.50
C ASN B 191 66.94 17.31 96.86
N ALA B 192 68.27 17.39 96.96
CA ALA B 192 69.01 17.66 98.17
C ALA B 192 68.71 19.07 98.72
N VAL B 193 68.65 19.20 100.05
CA VAL B 193 68.55 20.50 100.72
C VAL B 193 69.84 21.31 100.52
N ASP B 194 69.75 22.64 100.58
CA ASP B 194 70.93 23.52 100.47
C ASP B 194 71.84 23.45 101.70
N ALA B 195 71.24 23.26 102.89
CA ALA B 195 71.87 23.23 104.18
C ALA B 195 71.02 22.41 105.16
N PRO B 196 71.58 21.88 106.26
CA PRO B 196 70.83 21.04 107.18
C PRO B 196 69.73 21.86 107.87
N VAL B 197 68.51 21.33 107.88
CA VAL B 197 67.34 22.06 108.40
C VAL B 197 67.43 22.25 109.91
N VAL B 198 67.32 23.51 110.36
CA VAL B 198 67.15 23.88 111.77
C VAL B 198 65.71 24.29 111.99
N TYR B 199 65.08 23.76 113.02
CA TYR B 199 63.74 24.11 113.46
C TYR B 199 63.78 25.13 114.60
N LEU B 200 62.92 26.14 114.52
CA LEU B 200 62.51 26.99 115.64
C LEU B 200 61.71 26.17 116.65
N LEU B 201 61.92 26.40 117.94
CA LEU B 201 60.99 25.99 118.99
C LEU B 201 60.86 27.13 119.99
N ASP B 202 60.06 28.13 119.60
CA ASP B 202 59.65 29.23 120.47
C ASP B 202 58.50 28.76 121.36
N LEU B 203 58.76 28.71 122.67
CA LEU B 203 57.81 28.28 123.69
C LEU B 203 56.64 29.26 123.88
N GLY B 204 56.68 30.44 123.26
CA GLY B 204 55.56 31.40 123.21
C GLY B 204 55.27 32.14 124.52
N GLY B 205 56.22 32.17 125.46
CA GLY B 205 56.06 32.88 126.74
C GLY B 205 55.12 32.20 127.75
N ALA B 206 54.81 30.91 127.56
CA ALA B 206 54.05 30.13 128.54
C ALA B 206 54.83 29.94 129.86
N THR B 207 54.13 29.74 130.97
CA THR B 207 54.72 29.77 132.34
C THR B 207 54.45 28.51 133.17
N GLY B 208 53.99 27.43 132.54
CA GLY B 208 53.68 26.17 133.21
C GLY B 208 53.11 25.11 132.26
N GLY B 209 52.81 23.93 132.80
CA GLY B 209 52.27 22.80 132.02
C GLY B 209 53.31 22.10 131.15
N ASP B 210 52.88 21.50 130.04
CA ASP B 210 53.69 20.57 129.26
C ASP B 210 53.26 20.50 127.78
N TYR B 211 54.11 19.92 126.94
CA TYR B 211 53.89 19.72 125.50
C TYR B 211 54.56 18.42 125.04
N THR B 212 54.18 17.92 123.87
CA THR B 212 54.80 16.75 123.26
C THR B 212 55.13 17.06 121.80
N LEU B 213 56.33 16.71 121.35
CA LEU B 213 56.68 16.74 119.94
C LEU B 213 56.25 15.44 119.24
N LEU B 214 56.02 15.48 117.94
CA LEU B 214 56.06 14.30 117.07
C LEU B 214 57.39 14.34 116.31
N VAL B 215 58.21 13.29 116.44
CA VAL B 215 59.53 13.19 115.81
C VAL B 215 59.51 12.00 114.85
N GLY B 216 59.75 12.25 113.56
CA GLY B 216 59.53 11.26 112.52
C GLY B 216 58.09 10.75 112.43
N GLY B 217 57.13 11.46 113.02
CA GLY B 217 55.73 11.05 113.14
C GLY B 217 55.41 10.15 114.33
N LYS B 218 56.42 9.61 115.04
CA LYS B 218 56.21 8.94 116.33
C LYS B 218 56.08 9.99 117.44
N SER B 219 55.18 9.78 118.40
CA SER B 219 55.04 10.70 119.54
C SER B 219 56.24 10.62 120.46
N THR B 220 56.85 11.76 120.81
CA THR B 220 57.73 11.83 121.99
C THR B 220 56.91 11.69 123.28
N GLY B 221 57.56 11.69 124.45
CA GLY B 221 56.89 11.69 125.75
C GLY B 221 56.26 13.04 126.13
N ASP B 222 55.82 13.16 127.38
CA ASP B 222 55.46 14.45 127.96
C ASP B 222 56.74 15.27 128.23
N ILE B 223 56.81 16.50 127.72
CA ILE B 223 57.94 17.43 127.95
C ILE B 223 57.41 18.64 128.73
N ALA B 224 58.00 18.95 129.88
CA ALA B 224 57.61 20.14 130.64
C ALA B 224 57.84 21.44 129.84
N TYR B 225 57.06 22.48 130.13
CA TYR B 225 57.20 23.81 129.54
C TYR B 225 58.64 24.38 129.66
N ASN B 226 59.35 24.01 130.72
CA ASN B 226 60.75 24.33 130.94
C ASN B 226 61.59 23.06 130.73
N ALA B 227 62.61 23.14 129.87
CA ALA B 227 63.67 22.15 129.79
C ALA B 227 65.00 22.79 129.37
N ASN B 228 66.12 22.27 129.87
CA ASN B 228 67.44 22.63 129.35
C ASN B 228 67.61 22.11 127.92
N ALA B 229 68.46 22.73 127.10
CA ALA B 229 68.73 22.24 125.75
C ALA B 229 69.19 20.76 125.74
N SER B 230 69.98 20.35 126.73
CA SER B 230 70.37 18.95 126.90
C SER B 230 69.17 18.05 127.23
N ALA B 231 68.26 18.51 128.09
CA ALA B 231 67.03 17.77 128.41
C ALA B 231 66.07 17.66 127.21
N ILE B 232 66.00 18.66 126.34
CA ILE B 232 65.28 18.57 125.07
C ILE B 232 65.96 17.55 124.14
N LYS B 233 67.31 17.58 124.03
CA LYS B 233 68.08 16.59 123.25
C LYS B 233 67.78 15.17 123.72
N THR B 234 67.67 14.93 125.02
CA THR B 234 67.23 13.64 125.57
C THR B 234 65.76 13.33 125.28
N ALA B 235 64.85 14.30 125.40
CA ALA B 235 63.42 14.06 125.16
C ALA B 235 63.12 13.67 123.72
N ILE B 236 63.92 14.19 122.78
CA ILE B 236 63.91 13.79 121.37
C ILE B 236 64.64 12.44 121.19
N GLY B 237 65.87 12.31 121.70
CA GLY B 237 66.68 11.10 121.71
C GLY B 237 66.24 10.07 122.75
N ALA B 238 64.97 9.68 122.71
CA ALA B 238 64.37 8.67 123.59
C ALA B 238 63.37 7.81 122.82
N VAL B 239 62.49 8.43 122.03
CA VAL B 239 61.72 7.74 120.99
C VAL B 239 62.56 7.73 119.72
N ASP B 240 63.64 6.94 119.77
CA ASP B 240 64.74 7.02 118.80
C ASP B 240 64.33 6.60 117.38
N ASP B 241 63.47 5.58 117.22
CA ASP B 241 63.06 5.05 115.91
C ASP B 241 64.24 4.67 114.99
N GLY B 242 65.40 4.36 115.59
CA GLY B 242 66.66 4.05 114.91
C GLY B 242 67.79 5.05 115.20
N VAL B 243 67.49 6.29 115.60
CA VAL B 243 68.50 7.35 115.79
C VAL B 243 68.57 7.81 117.25
N ALA B 244 69.74 7.63 117.85
CA ALA B 244 70.01 7.91 119.25
C ALA B 244 70.16 9.42 119.54
N GLU B 245 70.27 9.78 120.82
CA GLU B 245 70.53 11.14 121.29
C GLU B 245 71.74 11.78 120.60
N SER B 246 72.78 10.99 120.33
CA SER B 246 74.02 11.45 119.68
C SER B 246 73.84 11.96 118.26
N ALA B 247 72.74 11.67 117.59
CA ALA B 247 72.50 12.11 116.21
C ALA B 247 72.01 13.56 116.11
N TRP B 248 71.48 14.12 117.20
CA TRP B 248 70.81 15.42 117.20
C TRP B 248 71.71 16.57 117.68
N THR B 249 71.29 17.81 117.42
CA THR B 249 71.85 19.02 118.01
C THR B 249 70.73 19.93 118.53
N VAL B 250 70.91 20.49 119.74
CA VAL B 250 70.00 21.49 120.31
C VAL B 250 70.80 22.68 120.84
N THR B 251 70.41 23.89 120.44
CA THR B 251 70.99 25.19 120.85
C THR B 251 69.85 26.20 121.06
N ALA B 252 70.09 27.39 121.60
CA ALA B 252 68.99 28.29 121.98
C ALA B 252 69.33 29.79 121.88
N ASP B 253 68.28 30.61 121.79
CA ASP B 253 68.33 32.06 121.97
C ASP B 253 67.00 32.55 122.58
N GLY B 254 67.02 33.04 123.82
CA GLY B 254 65.81 33.45 124.54
C GLY B 254 64.84 32.29 124.76
N SER B 255 63.55 32.51 124.46
CA SER B 255 62.49 31.50 124.60
C SER B 255 62.42 30.50 123.41
N ASP B 256 63.35 30.61 122.45
CA ASP B 256 63.43 29.78 121.25
C ASP B 256 64.61 28.81 121.32
N PHE B 257 64.33 27.50 121.13
CA PHE B 257 65.33 26.44 121.02
C PHE B 257 65.45 25.98 119.56
N GLU B 258 66.67 26.08 119.03
CA GLU B 258 67.09 25.58 117.73
C GLU B 258 67.30 24.06 117.76
N ILE B 259 66.51 23.30 117.00
CA ILE B 259 66.60 21.84 116.91
C ILE B 259 67.02 21.40 115.51
N SER B 260 68.02 20.53 115.37
CA SER B 260 68.34 19.92 114.08
C SER B 260 68.77 18.45 114.25
N GLY B 261 68.50 17.64 113.23
CA GLY B 261 68.75 16.20 113.26
C GLY B 261 68.25 15.45 112.03
N PRO B 262 68.27 14.11 112.05
CA PRO B 262 67.99 13.25 110.90
C PRO B 262 66.51 13.06 110.53
N LEU B 263 65.57 13.68 111.24
CA LEU B 263 64.13 13.47 111.09
C LEU B 263 63.33 14.77 111.14
N ALA B 264 62.07 14.73 110.69
CA ALA B 264 61.11 15.81 110.84
C ALA B 264 60.67 16.02 112.30
N VAL B 265 60.35 17.25 112.67
CA VAL B 265 59.85 17.65 114.00
C VAL B 265 58.56 18.44 113.85
N ALA B 266 57.57 18.13 114.67
CA ALA B 266 56.30 18.87 114.74
C ALA B 266 55.80 18.95 116.20
N LEU B 267 54.99 19.95 116.51
CA LEU B 267 54.26 19.99 117.78
C LEU B 267 53.06 19.02 117.73
N GLY B 268 52.99 18.10 118.69
CA GLY B 268 51.87 17.18 118.89
C GLY B 268 50.87 17.75 119.91
N VAL B 269 50.67 17.03 121.02
CA VAL B 269 49.80 17.49 122.13
C VAL B 269 50.38 18.74 122.80
N ASP B 270 49.56 19.79 122.90
CA ASP B 270 49.84 21.03 123.64
C ASP B 270 49.02 21.11 124.94
N SER B 271 49.69 21.42 126.04
CA SER B 271 49.13 21.38 127.40
C SER B 271 49.80 22.44 128.32
N THR B 272 50.52 23.41 127.75
CA THR B 272 51.16 24.51 128.50
C THR B 272 50.15 25.58 128.93
N THR B 273 50.43 26.25 130.05
CA THR B 273 49.59 27.31 130.62
C THR B 273 50.20 28.70 130.39
N GLY B 274 49.38 29.63 129.90
CA GLY B 274 49.78 31.01 129.63
C GLY B 274 50.46 31.22 128.27
N GLY B 275 50.79 32.47 127.96
CA GLY B 275 51.45 32.87 126.70
C GLY B 275 50.64 32.56 125.44
N SER B 276 51.34 32.43 124.31
CA SER B 276 50.76 31.97 123.03
C SER B 276 50.65 30.43 122.92
N GLY B 277 51.24 29.71 123.86
CA GLY B 277 51.55 28.28 123.75
C GLY B 277 52.82 28.02 122.94
N VAL B 278 53.39 26.83 123.09
CA VAL B 278 54.60 26.42 122.37
C VAL B 278 54.38 26.43 120.85
N THR B 279 55.42 26.71 120.08
CA THR B 279 55.40 26.74 118.62
C THR B 279 56.64 26.05 118.05
N VAL B 280 56.51 25.48 116.86
CA VAL B 280 57.57 24.86 116.07
C VAL B 280 57.48 25.37 114.63
N ASP B 281 58.60 25.70 113.99
CA ASP B 281 58.63 26.11 112.58
C ASP B 281 59.94 25.73 111.89
N VAL B 282 59.93 25.55 110.57
CA VAL B 282 61.06 25.02 109.78
C VAL B 282 62.30 25.92 109.86
N ALA C 2 98.34 -48.04 60.90
CA ALA C 2 99.50 -47.74 60.02
C ALA C 2 99.29 -48.32 58.63
N LEU C 3 100.09 -47.90 57.64
CA LEU C 3 100.29 -48.63 56.39
C LEU C 3 101.60 -48.24 55.66
N LYS C 4 101.74 -46.97 55.26
CA LYS C 4 102.97 -46.43 54.64
C LYS C 4 103.40 -45.15 55.34
N ASP C 5 104.26 -45.26 56.33
CA ASP C 5 104.85 -44.13 57.04
C ASP C 5 105.79 -43.29 56.15
N ASP C 6 106.39 -43.89 55.12
CA ASP C 6 107.16 -43.16 54.10
C ASP C 6 106.32 -42.16 53.30
N ALA C 7 105.00 -42.34 53.23
CA ALA C 7 104.08 -41.47 52.51
C ALA C 7 103.46 -40.35 53.38
N VAL C 8 103.82 -40.26 54.65
CA VAL C 8 103.43 -39.17 55.55
C VAL C 8 104.28 -37.91 55.30
N LEU C 9 103.66 -36.73 55.25
CA LEU C 9 104.23 -35.50 54.68
C LEU C 9 104.34 -34.35 55.69
N ILE C 10 105.53 -33.76 55.87
CA ILE C 10 105.74 -32.45 56.51
C ILE C 10 106.18 -31.48 55.41
N ALA C 11 105.48 -30.36 55.18
CA ALA C 11 105.84 -29.41 54.13
C ALA C 11 107.00 -28.49 54.55
N ALA C 12 108.12 -29.06 54.99
CA ALA C 12 109.19 -28.38 55.71
C ALA C 12 109.88 -27.27 54.91
N ARG C 13 110.02 -27.45 53.59
CA ARG C 13 110.48 -26.48 52.60
C ARG C 13 109.71 -26.68 51.30
N GLY C 14 109.75 -25.71 50.39
CA GLY C 14 109.18 -25.88 49.06
C GLY C 14 109.42 -24.70 48.14
N TYR C 15 109.10 -24.90 46.88
CA TYR C 15 109.42 -24.02 45.77
C TYR C 15 108.20 -23.86 44.87
N VAL C 16 107.96 -22.66 44.37
CA VAL C 16 106.90 -22.32 43.43
C VAL C 16 107.51 -21.74 42.16
N TYR C 17 107.04 -22.21 41.02
CA TYR C 17 107.46 -21.77 39.70
C TYR C 17 106.23 -21.39 38.89
N THR C 18 106.39 -20.44 37.97
CA THR C 18 105.42 -20.21 36.91
C THR C 18 106.07 -20.28 35.56
N ALA C 19 105.30 -20.65 34.56
CA ALA C 19 105.70 -20.70 33.15
C ALA C 19 104.54 -20.22 32.26
N ALA C 20 104.81 -20.08 30.96
CA ALA C 20 103.77 -19.84 29.98
C ALA C 20 102.71 -20.95 29.99
N VAL C 21 101.46 -20.63 29.66
CA VAL C 21 100.33 -21.58 29.73
C VAL C 21 100.60 -22.82 28.91
N GLY C 22 100.25 -23.98 29.46
CA GLY C 22 100.39 -25.28 28.83
C GLY C 22 101.76 -25.93 28.97
N THR C 23 102.76 -25.26 29.52
CA THR C 23 104.11 -25.79 29.74
C THR C 23 104.12 -27.11 30.52
N ALA C 24 104.88 -28.11 30.06
CA ALA C 24 105.05 -29.37 30.74
C ALA C 24 105.98 -29.25 31.97
N ALA C 25 105.58 -29.86 33.08
CA ALA C 25 106.43 -30.03 34.25
C ALA C 25 107.48 -31.14 34.06
N PRO C 26 108.58 -31.14 34.82
CA PRO C 26 109.48 -32.28 34.98
C PRO C 26 108.76 -33.62 35.20
N THR C 27 109.27 -34.70 34.61
CA THR C 27 108.73 -36.05 34.83
C THR C 27 108.97 -36.52 36.27
N PRO C 28 108.27 -37.58 36.75
CA PRO C 28 108.52 -38.14 38.07
C PRO C 28 109.98 -38.54 38.33
N SER C 29 110.67 -39.10 37.35
CA SER C 29 112.09 -39.49 37.48
C SER C 29 113.04 -38.29 37.53
N GLN C 30 112.71 -37.22 36.80
CA GLN C 30 113.48 -35.98 36.82
C GLN C 30 113.33 -35.23 38.13
N LEU C 31 112.12 -35.16 38.69
CA LEU C 31 111.85 -34.44 39.93
C LEU C 31 112.71 -34.92 41.12
N LYS C 32 113.10 -36.20 41.16
CA LYS C 32 114.01 -36.75 42.18
C LYS C 32 115.44 -36.19 42.11
N LEU C 33 115.82 -35.50 41.02
CA LEU C 33 117.20 -35.10 40.74
C LEU C 33 117.39 -33.59 40.46
N ILE C 34 116.41 -32.89 39.86
CA ILE C 34 116.56 -31.47 39.43
C ILE C 34 117.08 -30.54 40.53
N ASP C 35 117.85 -29.51 40.15
CA ASP C 35 118.32 -28.45 41.05
C ASP C 35 117.23 -27.38 41.26
N LEU C 36 116.57 -27.38 42.41
CA LEU C 36 115.38 -26.56 42.64
C LEU C 36 115.64 -25.05 42.62
N GLU C 37 116.88 -24.62 42.85
CA GLU C 37 117.25 -23.20 42.86
C GLU C 37 117.48 -22.60 41.47
N HIS C 38 117.66 -23.42 40.42
CA HIS C 38 118.05 -22.95 39.09
C HIS C 38 117.22 -23.60 37.98
N PRO C 39 115.94 -23.26 37.83
CA PRO C 39 115.07 -23.88 36.85
C PRO C 39 115.44 -23.55 35.40
N GLU C 40 116.32 -22.58 35.18
CA GLU C 40 116.95 -22.29 33.88
C GLU C 40 117.85 -23.43 33.38
N ALA C 41 118.31 -24.31 34.26
CA ALA C 41 119.27 -25.35 33.94
C ALA C 41 118.66 -26.62 33.37
N TRP C 42 117.43 -26.96 33.73
CA TRP C 42 116.91 -28.31 33.57
C TRP C 42 116.19 -28.58 32.25
N ASP C 43 115.89 -29.86 31.99
CA ASP C 43 115.48 -30.41 30.69
C ASP C 43 114.16 -29.86 30.16
N ARG C 44 113.15 -29.72 31.02
CA ARG C 44 111.88 -29.06 30.69
C ARG C 44 111.93 -27.57 31.03
N THR C 45 112.35 -26.78 30.05
CA THR C 45 112.67 -25.36 30.14
C THR C 45 111.47 -24.44 30.31
N GLY C 46 111.72 -23.19 30.71
CA GLY C 46 110.70 -22.13 30.76
C GLY C 46 110.00 -21.94 32.10
N TRP C 47 110.43 -22.63 33.14
CA TRP C 47 110.04 -22.34 34.51
C TRP C 47 110.93 -21.26 35.13
N ASP C 48 110.31 -20.27 35.76
CA ASP C 48 110.98 -19.25 36.55
C ASP C 48 110.52 -19.39 37.99
N LEU C 49 111.41 -19.21 38.95
CA LEU C 49 111.02 -19.14 40.36
C LEU C 49 110.14 -17.91 40.58
N VAL C 50 109.13 -18.06 41.43
CA VAL C 50 108.22 -16.98 41.81
C VAL C 50 108.89 -15.93 42.72
N GLY C 51 110.02 -16.29 43.34
CA GLY C 51 110.59 -15.55 44.46
C GLY C 51 110.29 -16.22 45.80
N HIS C 52 110.72 -15.59 46.89
CA HIS C 52 110.45 -16.03 48.25
C HIS C 52 108.97 -15.96 48.59
N THR C 53 108.52 -16.90 49.41
CA THR C 53 107.13 -17.06 49.86
C THR C 53 107.08 -17.25 51.36
N SER C 54 105.95 -16.95 52.00
CA SER C 54 105.85 -16.96 53.46
C SER C 54 106.25 -18.30 54.06
N GLU C 55 107.09 -18.26 55.09
CA GLU C 55 107.72 -19.44 55.68
C GLU C 55 106.84 -20.10 56.74
N ASP C 56 105.66 -19.55 57.04
CA ASP C 56 104.65 -20.15 57.92
C ASP C 56 103.21 -20.10 57.35
N ASP C 57 102.78 -19.03 56.67
CA ASP C 57 101.59 -19.05 55.81
C ASP C 57 101.89 -19.74 54.47
N LEU C 58 102.17 -21.05 54.52
CA LEU C 58 102.46 -21.90 53.38
C LEU C 58 101.37 -21.88 52.29
N PRO C 59 101.68 -22.29 51.05
CA PRO C 59 100.70 -22.51 49.99
C PRO C 59 99.46 -23.21 50.49
N GLU C 60 98.32 -22.52 50.41
CA GLU C 60 97.07 -22.99 50.98
C GLU C 60 96.12 -23.38 49.85
N PHE C 61 95.83 -24.66 49.72
CA PHE C 61 94.82 -25.15 48.79
C PHE C 61 93.44 -24.73 49.28
N GLY C 62 92.48 -24.64 48.37
CA GLY C 62 91.10 -24.32 48.70
C GLY C 62 90.15 -24.78 47.62
N PHE C 63 88.84 -24.71 47.90
CA PHE C 63 87.82 -24.71 46.86
C PHE C 63 86.62 -23.88 47.27
N ASP C 64 85.97 -23.31 46.26
CA ASP C 64 84.64 -22.76 46.30
C ASP C 64 83.67 -23.79 45.71
N GLY C 65 82.37 -23.60 45.91
CA GLY C 65 81.38 -24.61 45.55
C GLY C 65 81.53 -25.85 46.43
N GLY C 66 81.25 -27.03 45.89
CA GLY C 66 81.19 -28.27 46.68
C GLY C 66 79.99 -28.34 47.62
N ASP C 67 79.02 -27.44 47.48
CA ASP C 67 77.74 -27.56 48.15
C ASP C 67 77.07 -28.84 47.65
N SER C 68 76.69 -29.73 48.55
CA SER C 68 76.39 -31.12 48.26
C SER C 68 75.28 -31.63 49.17
N GLU C 69 74.41 -32.46 48.61
CA GLU C 69 73.13 -32.87 49.19
C GLU C 69 72.96 -34.38 49.08
N VAL C 70 72.65 -35.09 50.16
CA VAL C 70 72.06 -36.43 50.06
C VAL C 70 70.59 -36.25 49.79
N ARG C 71 70.11 -36.74 48.65
CA ARG C 71 68.69 -36.70 48.33
C ARG C 71 68.07 -38.06 48.49
N GLY C 72 66.94 -38.07 49.19
CA GLY C 72 66.23 -39.27 49.59
C GLY C 72 64.93 -39.43 48.85
N SER C 73 64.38 -40.63 48.91
CA SER C 73 63.05 -40.90 48.37
C SER C 73 61.95 -40.33 49.25
N TRP C 74 60.70 -40.36 48.76
CA TRP C 74 59.51 -40.02 49.52
C TRP C 74 59.33 -40.88 50.78
N GLN C 75 59.97 -42.04 50.82
CA GLN C 75 59.97 -42.98 51.92
C GLN C 75 61.25 -42.99 52.73
N LYS C 76 62.05 -41.93 52.63
CA LYS C 76 63.20 -41.65 53.49
C LYS C 76 64.40 -42.58 53.32
N LYS C 77 64.49 -43.30 52.20
CA LYS C 77 65.72 -44.00 51.80
C LYS C 77 66.76 -42.99 51.34
N LYS C 78 68.03 -43.18 51.70
CA LYS C 78 69.16 -42.32 51.29
C LYS C 78 69.83 -42.85 50.03
N LEU C 79 69.52 -42.28 48.88
CA LEU C 79 69.85 -42.85 47.57
C LEU C 79 71.31 -42.61 47.16
N ARG C 80 71.68 -41.35 46.93
CA ARG C 80 73.00 -40.92 46.49
C ARG C 80 73.28 -39.48 46.90
N GLU C 81 74.54 -39.09 46.85
CA GLU C 81 74.99 -37.76 47.25
C GLU C 81 75.33 -36.93 46.01
N VAL C 82 74.74 -35.74 45.89
CA VAL C 82 74.74 -34.94 44.65
C VAL C 82 75.42 -33.59 44.83
N GLU C 83 76.40 -33.27 43.98
CA GLU C 83 76.98 -31.92 43.84
C GLU C 83 75.92 -30.90 43.36
N THR C 84 75.73 -29.82 44.10
CA THR C 84 74.76 -28.75 43.78
C THR C 84 75.43 -27.50 43.22
N GLU C 85 76.50 -27.01 43.84
CA GLU C 85 77.33 -25.91 43.33
C GLU C 85 78.68 -26.47 42.84
N GLU C 86 79.08 -26.20 41.61
CA GLU C 86 80.25 -26.83 40.99
C GLU C 86 81.59 -26.48 41.67
N ILE C 87 82.46 -27.48 41.85
CA ILE C 87 83.74 -27.30 42.55
C ILE C 87 84.67 -26.40 41.73
N ALA C 88 85.07 -25.25 42.27
CA ALA C 88 86.11 -24.39 41.71
C ALA C 88 87.32 -24.44 42.64
N ASP C 89 88.50 -24.70 42.10
CA ASP C 89 89.63 -25.23 42.86
C ASP C 89 90.86 -24.34 42.72
N TYR C 90 91.56 -24.07 43.82
CA TYR C 90 92.62 -23.08 43.84
C TYR C 90 93.72 -23.33 44.86
N VAL C 91 94.82 -22.58 44.71
CA VAL C 91 95.85 -22.37 45.73
C VAL C 91 96.02 -20.88 46.03
N VAL C 92 96.27 -20.53 47.29
CA VAL C 92 96.76 -19.21 47.70
C VAL C 92 98.24 -19.30 48.00
N ILE C 93 99.04 -18.43 47.40
CA ILE C 93 100.49 -18.29 47.63
C ILE C 93 100.76 -16.91 48.25
N ASN C 94 101.45 -16.84 49.38
CA ASN C 94 101.85 -15.59 50.03
C ASN C 94 103.28 -15.21 49.59
N LEU C 95 103.44 -14.22 48.73
CA LEU C 95 104.72 -13.81 48.16
C LEU C 95 105.42 -12.81 49.08
N THR C 96 106.74 -12.85 49.23
CA THR C 96 107.47 -11.94 50.15
C THR C 96 108.60 -11.12 49.54
N GLN C 97 108.90 -11.26 48.25
CA GLN C 97 109.72 -10.27 47.52
C GLN C 97 108.84 -9.14 46.96
N PHE C 98 109.34 -7.91 46.88
CA PHE C 98 108.68 -6.78 46.19
C PHE C 98 109.36 -6.38 44.87
N ASP C 99 110.16 -7.27 44.31
CA ASP C 99 110.67 -7.18 42.93
C ASP C 99 109.54 -7.23 41.88
N GLU C 100 109.78 -6.80 40.64
CA GLU C 100 108.79 -6.91 39.57
C GLU C 100 108.31 -8.34 39.31
N THR C 101 109.11 -9.35 39.61
CA THR C 101 108.71 -10.76 39.51
C THR C 101 107.59 -11.16 40.47
N ALA C 102 107.44 -10.53 41.63
CA ALA C 102 106.28 -10.75 42.48
C ALA C 102 105.12 -9.83 42.06
N LEU C 103 105.40 -8.56 41.77
CA LEU C 103 104.38 -7.60 41.40
C LEU C 103 103.65 -7.96 40.10
N GLU C 104 104.31 -8.59 39.14
CA GLU C 104 103.62 -9.07 37.94
C GLU C 104 102.55 -10.14 38.24
N LEU C 105 102.71 -10.92 39.31
CA LEU C 105 101.70 -11.89 39.73
C LEU C 105 100.56 -11.19 40.46
N TYR C 106 100.88 -10.25 41.34
CA TYR C 106 99.90 -9.54 42.14
C TYR C 106 99.10 -8.50 41.36
N PHE C 107 99.72 -7.66 40.51
CA PHE C 107 99.06 -6.58 39.77
C PHE C 107 98.83 -6.84 38.28
N GLY C 108 99.45 -7.86 37.70
CA GLY C 108 99.47 -8.02 36.25
C GLY C 108 100.65 -7.29 35.61
N PRO C 109 100.64 -7.07 34.29
CA PRO C 109 101.81 -6.54 33.61
C PRO C 109 102.10 -5.10 34.02
N ASN C 110 103.38 -4.74 34.09
CA ASN C 110 103.81 -3.39 34.41
C ASN C 110 103.33 -2.40 33.33
N GLN C 111 102.52 -1.41 33.70
CA GLN C 111 101.99 -0.42 32.76
C GLN C 111 102.93 0.77 32.49
N SER C 112 104.13 0.81 33.07
CA SER C 112 105.16 1.81 32.78
C SER C 112 106.33 1.20 32.02
N ALA C 113 106.87 1.93 31.05
CA ALA C 113 108.14 1.64 30.40
C ALA C 113 109.35 2.29 31.12
N THR C 114 109.14 3.13 32.12
CA THR C 114 110.21 3.90 32.77
C THR C 114 111.05 3.00 33.69
N PRO C 115 112.39 3.03 33.61
CA PRO C 115 113.25 2.30 34.54
C PRO C 115 113.03 2.77 35.98
N GLY C 116 112.84 1.84 36.91
CA GLY C 116 112.55 2.11 38.30
C GLY C 116 111.08 2.30 38.69
N ILE C 117 110.13 2.15 37.75
CA ILE C 117 108.70 2.33 38.00
C ILE C 117 107.89 1.06 37.71
N PHE C 118 106.99 0.69 38.60
CA PHE C 118 105.94 -0.28 38.32
C PHE C 118 104.59 0.44 38.32
N GLY C 119 103.96 0.55 37.17
CA GLY C 119 102.69 1.23 37.00
C GLY C 119 101.50 0.28 37.03
N VAL C 120 100.40 0.71 37.62
CA VAL C 120 99.11 -0.01 37.66
C VAL C 120 98.00 0.91 37.12
N LYS C 121 97.03 0.36 36.39
CA LYS C 121 95.90 1.09 35.77
C LYS C 121 94.54 0.53 36.22
N SER C 122 93.48 1.31 36.04
CA SER C 122 92.10 0.81 36.11
C SER C 122 91.77 -0.08 34.91
N GLY C 123 91.03 -1.16 35.13
CA GLY C 123 90.72 -2.20 34.13
C GLY C 123 90.93 -3.61 34.65
N SER C 124 90.30 -4.61 34.00
CA SER C 124 90.54 -6.01 34.33
C SER C 124 91.79 -6.57 33.64
N VAL C 125 92.50 -7.44 34.34
CA VAL C 125 93.71 -8.11 33.86
C VAL C 125 93.42 -9.58 33.64
N VAL C 126 93.82 -10.11 32.50
CA VAL C 126 93.92 -11.55 32.28
C VAL C 126 95.34 -11.94 32.65
N ASN C 127 95.53 -12.91 33.54
CA ASN C 127 96.84 -13.27 34.07
C ASN C 127 96.98 -14.79 34.21
N GLU C 128 97.02 -15.48 33.08
CA GLU C 128 97.14 -16.94 33.04
C GLU C 128 98.63 -17.37 33.05
N ARG C 129 98.96 -18.40 33.81
CA ARG C 129 100.28 -19.07 33.86
C ARG C 129 100.09 -20.58 33.95
N ALA C 130 101.12 -21.36 33.64
CA ALA C 130 101.27 -22.67 34.25
C ALA C 130 101.88 -22.52 35.65
N LEU C 131 101.57 -23.42 36.56
CA LEU C 131 102.03 -23.39 37.94
C LEU C 131 102.65 -24.74 38.32
N LEU C 132 103.79 -24.71 39.00
CA LEU C 132 104.46 -25.88 39.54
C LEU C 132 104.84 -25.58 41.00
N ILE C 133 104.49 -26.48 41.92
CA ILE C 133 104.87 -26.39 43.34
C ILE C 133 105.63 -27.67 43.67
N VAL C 134 106.85 -27.56 44.16
CA VAL C 134 107.59 -28.71 44.71
C VAL C 134 107.67 -28.57 46.21
N ILE C 135 107.19 -29.57 46.92
CA ILE C 135 107.22 -29.65 48.38
C ILE C 135 108.33 -30.63 48.76
N VAL C 136 109.21 -30.24 49.69
CA VAL C 136 110.41 -31.02 50.04
C VAL C 136 110.46 -31.34 51.53
N ASP C 137 110.64 -32.61 51.88
CA ASP C 137 111.06 -33.06 53.21
C ASP C 137 112.02 -34.25 53.11
N ASN C 138 113.24 -34.05 53.61
CA ASN C 138 114.35 -34.99 53.47
C ASN C 138 114.55 -35.37 51.99
N ASP C 139 114.53 -36.65 51.62
CA ASP C 139 114.68 -37.09 50.24
C ASP C 139 113.37 -37.14 49.44
N VAL C 140 112.22 -36.94 50.07
CA VAL C 140 110.91 -36.89 49.40
C VAL C 140 110.70 -35.52 48.75
N ARG C 141 110.26 -35.52 47.50
CA ARG C 141 109.88 -34.33 46.73
C ARG C 141 108.52 -34.54 46.07
N LEU C 142 107.43 -34.22 46.75
CA LEU C 142 106.11 -34.21 46.14
C LEU C 142 105.97 -33.01 45.22
N GLY C 143 105.68 -33.24 43.96
CA GLY C 143 105.37 -32.20 42.97
C GLY C 143 103.87 -32.00 42.80
N PHE C 144 103.47 -30.80 42.45
CA PHE C 144 102.13 -30.44 42.00
C PHE C 144 102.21 -29.56 40.79
N HIS C 145 101.43 -29.83 39.75
CA HIS C 145 101.46 -29.09 38.49
C HIS C 145 100.06 -28.75 38.00
N ALA C 146 99.85 -27.53 37.56
CA ALA C 146 98.68 -27.12 36.81
C ALA C 146 99.11 -26.47 35.49
N ARG C 147 98.59 -26.98 34.36
CA ARG C 147 98.88 -26.44 33.02
C ARG C 147 98.39 -25.01 32.83
N LYS C 148 97.30 -24.64 33.48
CA LYS C 148 96.65 -23.34 33.37
C LYS C 148 96.02 -22.93 34.70
N ALA C 149 96.58 -21.91 35.34
CA ALA C 149 96.01 -21.24 36.49
C ALA C 149 95.84 -19.74 36.21
N SER C 150 94.76 -19.17 36.68
CA SER C 150 94.48 -17.73 36.61
C SER C 150 94.87 -17.09 37.94
N LEU C 151 95.65 -16.02 37.91
CA LEU C 151 96.20 -15.37 39.09
C LEU C 151 95.44 -14.10 39.42
N LYS C 152 95.08 -13.91 40.69
CA LYS C 152 94.45 -12.68 41.18
C LYS C 152 94.90 -12.31 42.60
N ARG C 153 94.71 -11.04 42.97
CA ARG C 153 94.85 -10.56 44.33
C ARG C 153 93.88 -11.30 45.24
N GLU C 154 94.37 -11.96 46.27
CA GLU C 154 93.49 -12.61 47.25
C GLU C 154 93.06 -11.65 48.36
N ASP C 155 93.97 -10.78 48.79
CA ASP C 155 93.81 -9.89 49.94
C ASP C 155 94.78 -8.69 49.81
N ALA C 156 94.65 -7.71 50.69
CA ALA C 156 95.51 -6.55 50.78
C ALA C 156 97.00 -6.91 50.91
N ILE C 157 97.91 -6.08 50.37
CA ILE C 157 99.31 -6.10 50.76
C ILE C 157 99.40 -5.78 52.26
N SER C 158 100.22 -6.50 52.99
CA SER C 158 100.44 -6.31 54.41
C SER C 158 101.90 -5.93 54.68
N LEU C 159 102.10 -5.06 55.66
CA LEU C 159 103.40 -4.52 56.09
C LEU C 159 103.46 -4.52 57.61
N ALA C 160 104.60 -4.88 58.18
CA ALA C 160 104.89 -4.73 59.59
C ALA C 160 106.30 -4.20 59.82
N THR C 161 106.53 -3.63 61.00
CA THR C 161 107.85 -3.16 61.43
C THR C 161 108.85 -4.28 61.76
N ASP C 162 108.40 -5.54 61.89
CA ASP C 162 109.22 -6.67 62.35
C ASP C 162 108.90 -8.01 61.68
N GLU C 163 108.14 -8.02 60.59
CA GLU C 163 107.90 -9.21 59.75
C GLU C 163 108.01 -8.84 58.28
N PHE C 164 108.35 -9.82 57.42
CA PHE C 164 108.36 -9.61 55.97
C PHE C 164 106.96 -9.22 55.48
N GLY C 165 106.85 -8.13 54.73
CA GLY C 165 105.59 -7.77 54.09
C GLY C 165 105.19 -8.78 53.04
N ALA C 166 103.90 -8.87 52.71
CA ALA C 166 103.39 -9.94 51.86
C ALA C 166 102.41 -9.47 50.80
N LEU C 167 102.52 -10.06 49.60
CA LEU C 167 101.57 -9.96 48.49
C LEU C 167 100.80 -11.28 48.30
N PRO C 168 99.62 -11.48 48.89
CA PRO C 168 98.85 -12.73 48.74
C PRO C 168 98.14 -12.87 47.40
N VAL C 169 98.44 -13.94 46.65
CA VAL C 169 97.82 -14.23 45.34
C VAL C 169 97.07 -15.55 45.35
N ARG C 170 95.93 -15.62 44.66
CA ARG C 170 95.19 -16.86 44.41
C ARG C 170 95.41 -17.32 42.98
N ALA C 171 95.75 -18.59 42.81
CA ALA C 171 95.85 -19.28 41.54
C ALA C 171 94.71 -20.29 41.41
N THR C 172 93.79 -20.05 40.49
CA THR C 172 92.59 -20.85 40.29
C THR C 172 92.74 -21.68 39.04
N PHE C 173 92.53 -22.98 39.12
CA PHE C 173 92.89 -23.91 38.06
C PHE C 173 91.83 -23.99 36.96
N LEU C 174 92.25 -23.99 35.71
CA LEU C 174 91.38 -23.89 34.54
C LEU C 174 91.62 -25.03 33.54
N ASP C 175 90.60 -25.41 32.79
CA ASP C 175 90.69 -26.43 31.76
C ASP C 175 91.46 -25.94 30.53
N TYR C 176 92.20 -26.86 29.90
CA TYR C 176 93.05 -26.58 28.75
C TYR C 176 93.32 -27.85 27.93
N GLN C 177 93.07 -27.81 26.62
CA GLN C 177 93.46 -28.81 25.60
C GLN C 177 93.39 -30.30 26.03
N SER C 178 92.28 -30.70 26.64
CA SER C 178 91.99 -32.04 27.15
C SER C 178 93.00 -32.65 28.15
N TYR C 179 93.92 -31.87 28.68
CA TYR C 179 94.81 -32.26 29.77
C TYR C 179 94.07 -32.40 31.11
N ASN C 180 94.70 -33.03 32.10
CA ASN C 180 94.23 -32.98 33.48
C ASN C 180 94.25 -31.55 34.02
N LEU C 181 93.29 -31.20 34.87
CA LEU C 181 93.17 -29.88 35.50
C LEU C 181 94.41 -29.54 36.33
N TYR C 182 94.88 -30.53 37.08
CA TYR C 182 96.18 -30.53 37.75
C TYR C 182 96.63 -31.97 37.98
N GLU C 183 97.91 -32.14 38.30
CA GLU C 183 98.56 -33.41 38.57
C GLU C 183 99.40 -33.33 39.84
N TRP C 184 99.46 -34.42 40.61
CA TRP C 184 100.45 -34.65 41.64
C TRP C 184 101.51 -35.60 41.13
N ILE C 185 102.77 -35.29 41.43
CA ILE C 185 103.94 -35.97 40.89
C ILE C 185 104.76 -36.53 42.03
N GLU C 186 104.90 -37.85 42.11
CA GLU C 186 105.92 -38.52 42.92
C GLU C 186 106.10 -39.95 42.40
N GLU C 187 107.34 -40.35 42.07
CA GLU C 187 107.60 -41.61 41.38
C GLU C 187 107.24 -42.83 42.23
N ASP C 188 107.46 -42.77 43.53
CA ASP C 188 107.24 -43.87 44.45
C ASP C 188 105.76 -44.11 44.80
N TRP C 189 104.88 -43.11 44.67
CA TRP C 189 103.57 -43.09 45.35
C TRP C 189 102.34 -43.34 44.47
N PHE C 190 102.44 -43.25 43.15
CA PHE C 190 101.30 -43.23 42.24
C PHE C 190 101.55 -44.10 41.03
N ASN C 191 100.58 -44.90 40.57
CA ASN C 191 100.75 -45.87 39.49
C ASN C 191 102.00 -46.76 39.69
N ALA C 192 102.31 -47.06 40.95
CA ALA C 192 103.49 -47.81 41.37
C ALA C 192 103.34 -49.33 41.17
N VAL C 193 104.43 -50.07 41.31
CA VAL C 193 104.45 -51.53 41.28
C VAL C 193 103.85 -52.12 42.57
N ASP C 194 102.91 -53.05 42.43
CA ASP C 194 102.26 -53.78 43.54
C ASP C 194 103.20 -54.85 44.14
N ALA C 195 104.41 -54.48 44.52
CA ALA C 195 105.44 -55.40 45.00
C ALA C 195 105.03 -56.02 46.36
N PRO C 196 105.04 -57.35 46.50
CA PRO C 196 104.65 -58.02 47.74
C PRO C 196 105.72 -57.86 48.80
N VAL C 197 105.32 -57.84 50.08
CA VAL C 197 106.26 -57.83 51.20
C VAL C 197 106.91 -59.22 51.35
N VAL C 198 108.22 -59.24 51.58
CA VAL C 198 109.03 -60.45 51.80
C VAL C 198 109.92 -60.25 53.03
N TYR C 199 110.08 -61.30 53.82
CA TYR C 199 111.01 -61.33 54.94
C TYR C 199 112.15 -62.30 54.61
N LEU C 200 113.39 -61.83 54.70
CA LEU C 200 114.57 -62.63 54.40
C LEU C 200 115.10 -63.23 55.68
N LEU C 201 114.89 -64.53 55.88
CA LEU C 201 115.44 -65.29 56.98
C LEU C 201 116.85 -65.73 56.65
N ASP C 202 117.82 -65.22 57.39
CA ASP C 202 119.23 -65.59 57.33
C ASP C 202 119.63 -66.29 58.63
N LEU C 203 120.05 -67.55 58.53
CA LEU C 203 120.44 -68.37 59.68
C LEU C 203 121.87 -68.07 60.18
N GLY C 204 122.53 -67.07 59.60
CA GLY C 204 123.78 -66.50 60.13
C GLY C 204 125.00 -67.39 60.00
N GLY C 205 124.92 -68.48 59.24
CA GLY C 205 125.99 -69.49 59.18
C GLY C 205 126.07 -70.38 60.44
N ALA C 206 124.99 -70.49 61.22
CA ALA C 206 124.92 -71.41 62.35
C ALA C 206 125.11 -72.87 61.93
N THR C 207 125.62 -73.69 62.84
CA THR C 207 125.95 -75.12 62.59
C THR C 207 125.41 -76.04 63.67
N GLY C 208 124.56 -75.55 64.56
CA GLY C 208 123.88 -76.34 65.58
C GLY C 208 122.72 -75.58 66.21
N GLY C 209 121.91 -76.27 67.01
CA GLY C 209 120.81 -75.69 67.78
C GLY C 209 119.56 -75.39 66.96
N ASP C 210 118.78 -74.40 67.38
CA ASP C 210 117.43 -74.12 66.87
C ASP C 210 117.00 -72.67 67.11
N TYR C 211 115.92 -72.24 66.45
CA TYR C 211 115.36 -70.90 66.52
C TYR C 211 113.84 -70.92 66.45
N THR C 212 113.22 -69.82 66.86
CA THR C 212 111.77 -69.68 67.03
C THR C 212 111.35 -68.31 66.53
N LEU C 213 110.65 -68.26 65.40
CA LEU C 213 110.05 -67.04 64.87
C LEU C 213 108.84 -66.57 65.68
N LEU C 214 108.53 -65.28 65.62
CA LEU C 214 107.21 -64.74 65.89
C LEU C 214 106.49 -64.55 64.55
N VAL C 215 105.28 -65.06 64.43
CA VAL C 215 104.39 -64.82 63.28
C VAL C 215 103.15 -64.14 63.78
N GLY C 216 102.81 -62.97 63.25
CA GLY C 216 101.70 -62.17 63.75
C GLY C 216 101.86 -61.75 65.22
N GLY C 217 103.09 -61.65 65.71
CA GLY C 217 103.39 -61.25 67.08
C GLY C 217 103.25 -62.36 68.12
N LYS C 218 103.20 -63.63 67.72
CA LYS C 218 103.16 -64.79 68.62
C LYS C 218 104.08 -65.93 68.18
N SER C 219 104.55 -66.71 69.14
CA SER C 219 105.65 -67.68 68.98
C SER C 219 105.27 -68.91 68.17
N THR C 220 106.15 -69.37 67.29
CA THR C 220 106.14 -70.76 66.82
C THR C 220 106.78 -71.71 67.85
N GLY C 221 106.95 -72.99 67.50
CA GLY C 221 107.72 -73.97 68.27
C GLY C 221 109.23 -73.82 68.06
N ASP C 222 109.95 -74.94 68.02
CA ASP C 222 111.40 -74.96 67.76
C ASP C 222 111.68 -75.36 66.30
N ILE C 223 112.53 -74.61 65.60
CA ILE C 223 113.00 -74.94 64.26
C ILE C 223 114.50 -75.24 64.32
N ALA C 224 114.92 -76.45 63.94
CA ALA C 224 116.33 -76.83 63.92
C ALA C 224 117.15 -75.99 62.93
N TYR C 225 118.43 -75.73 63.24
CA TYR C 225 119.33 -74.90 62.44
C TYR C 225 119.41 -75.31 60.96
N ASN C 226 119.22 -76.60 60.67
CA ASN C 226 118.98 -77.14 59.34
C ASN C 226 117.51 -77.54 59.18
N ALA C 227 116.83 -76.95 58.20
CA ALA C 227 115.42 -77.20 57.89
C ALA C 227 115.12 -76.75 56.46
N ASN C 228 114.32 -77.50 55.71
CA ASN C 228 113.91 -77.09 54.36
C ASN C 228 112.71 -76.13 54.41
N ALA C 229 112.38 -75.52 53.27
CA ALA C 229 111.26 -74.58 53.17
C ALA C 229 109.93 -75.19 53.65
N SER C 230 109.72 -76.49 53.47
CA SER C 230 108.52 -77.18 53.96
C SER C 230 108.45 -77.23 55.50
N ALA C 231 109.59 -77.39 56.18
CA ALA C 231 109.66 -77.33 57.63
C ALA C 231 109.47 -75.90 58.16
N ILE C 232 110.01 -74.89 57.48
CA ILE C 232 109.72 -73.49 57.82
C ILE C 232 108.23 -73.19 57.63
N LYS C 233 107.65 -73.54 56.47
CA LYS C 233 106.24 -73.29 56.16
C LYS C 233 105.30 -74.02 57.12
N THR C 234 105.70 -75.20 57.59
CA THR C 234 105.03 -75.91 58.67
C THR C 234 105.09 -75.14 59.98
N ALA C 235 106.27 -74.75 60.45
CA ALA C 235 106.41 -74.07 61.74
C ALA C 235 105.71 -72.71 61.76
N ILE C 236 105.79 -71.96 60.67
CA ILE C 236 105.07 -70.69 60.50
C ILE C 236 103.55 -70.92 60.47
N GLY C 237 103.06 -71.90 59.70
CA GLY C 237 101.63 -72.17 59.59
C GLY C 237 101.01 -72.80 60.82
N ALA C 238 101.79 -73.49 61.65
CA ALA C 238 101.30 -74.23 62.82
C ALA C 238 100.84 -73.33 63.98
N VAL C 239 101.06 -72.02 63.91
CA VAL C 239 100.75 -71.08 64.99
C VAL C 239 99.24 -70.77 65.09
N ASP C 240 98.77 -70.41 66.28
CA ASP C 240 97.36 -70.37 66.71
C ASP C 240 96.40 -69.47 65.89
N ASP C 241 96.89 -68.54 65.08
CA ASP C 241 96.06 -67.65 64.26
C ASP C 241 95.25 -68.38 63.18
N GLY C 242 94.26 -67.69 62.62
CA GLY C 242 93.35 -68.23 61.61
C GLY C 242 93.98 -68.53 60.24
N VAL C 243 95.24 -68.17 60.05
CA VAL C 243 95.97 -68.36 58.80
C VAL C 243 96.33 -69.83 58.59
N ALA C 244 96.01 -70.37 57.41
CA ALA C 244 96.32 -71.75 57.04
C ALA C 244 97.77 -71.92 56.54
N GLU C 245 98.33 -73.12 56.66
CA GLU C 245 99.66 -73.45 56.14
C GLU C 245 99.74 -73.32 54.60
N SER C 246 98.60 -73.25 53.91
CA SER C 246 98.47 -73.03 52.47
C SER C 246 98.55 -71.56 52.05
N ALA C 247 98.33 -70.63 52.98
CA ALA C 247 98.38 -69.19 52.69
C ALA C 247 99.81 -68.65 52.68
N TRP C 248 100.67 -69.17 53.55
CA TRP C 248 102.10 -68.84 53.60
C TRP C 248 102.88 -69.36 52.39
N THR C 249 103.99 -68.71 52.08
CA THR C 249 104.96 -69.07 51.03
C THR C 249 106.37 -69.00 51.60
N VAL C 250 107.18 -70.02 51.36
CA VAL C 250 108.62 -70.00 51.69
C VAL C 250 109.43 -70.53 50.52
N THR C 251 110.52 -69.85 50.16
CA THR C 251 111.36 -70.20 49.00
C THR C 251 112.82 -69.94 49.30
N ALA C 252 113.71 -70.71 48.69
CA ALA C 252 115.14 -70.67 48.97
C ALA C 252 115.89 -69.63 48.13
N ASP C 253 116.93 -69.03 48.71
CA ASP C 253 117.98 -68.28 48.02
C ASP C 253 119.35 -68.59 48.65
N GLY C 254 119.85 -69.81 48.37
CA GLY C 254 121.11 -70.28 48.93
C GLY C 254 121.03 -70.47 50.45
N SER C 255 121.84 -69.71 51.20
CA SER C 255 121.89 -69.77 52.66
C SER C 255 120.63 -69.22 53.35
N ASP C 256 119.80 -68.47 52.63
CA ASP C 256 118.70 -67.68 53.19
C ASP C 256 117.36 -68.12 52.59
N PHE C 257 116.28 -68.02 53.36
CA PHE C 257 114.92 -68.24 52.87
C PHE C 257 114.17 -66.91 52.76
N GLU C 258 113.41 -66.74 51.68
CA GLU C 258 112.42 -65.69 51.54
C GLU C 258 111.07 -66.22 52.01
N ILE C 259 110.52 -65.57 53.04
CA ILE C 259 109.21 -65.87 53.62
C ILE C 259 108.24 -64.79 53.14
N SER C 260 107.03 -65.18 52.74
CA SER C 260 105.95 -64.24 52.45
C SER C 260 104.59 -64.80 52.85
N GLY C 261 103.66 -63.95 53.26
CA GLY C 261 102.35 -64.36 53.74
C GLY C 261 101.59 -63.22 54.41
N PRO C 262 100.37 -63.47 54.88
CA PRO C 262 99.44 -62.43 55.28
C PRO C 262 99.70 -61.79 56.65
N LEU C 263 100.80 -62.10 57.34
CA LEU C 263 101.14 -61.53 58.66
C LEU C 263 102.61 -61.08 58.73
N ALA C 264 102.93 -60.23 59.70
CA ALA C 264 104.31 -59.86 60.01
C ALA C 264 105.11 -61.07 60.52
N VAL C 265 106.41 -61.11 60.23
CA VAL C 265 107.33 -62.12 60.75
C VAL C 265 108.52 -61.45 61.42
N ALA C 266 108.95 -61.95 62.57
CA ALA C 266 110.12 -61.49 63.32
C ALA C 266 110.84 -62.67 64.02
N LEU C 267 112.08 -62.52 64.49
CA LEU C 267 112.74 -63.56 65.28
C LEU C 267 112.35 -63.43 66.76
N GLY C 268 111.83 -64.50 67.36
CA GLY C 268 111.40 -64.53 68.76
C GLY C 268 112.47 -65.01 69.72
N VAL C 269 113.08 -66.17 69.44
CA VAL C 269 114.16 -66.74 70.24
C VAL C 269 115.25 -67.31 69.33
N ASP C 270 116.51 -67.04 69.67
CA ASP C 270 117.68 -67.71 69.08
C ASP C 270 118.33 -68.64 70.10
N SER C 271 118.46 -69.91 69.74
CA SER C 271 119.18 -70.95 70.46
C SER C 271 120.01 -71.81 69.49
N THR C 272 120.50 -71.17 68.43
CA THR C 272 121.48 -71.73 67.50
C THR C 272 122.91 -71.56 68.02
N THR C 273 123.85 -72.34 67.48
CA THR C 273 125.27 -72.33 67.86
C THR C 273 126.17 -72.25 66.62
N GLY C 274 127.26 -71.49 66.73
CA GLY C 274 128.05 -71.05 65.57
C GLY C 274 127.37 -69.88 64.83
N GLY C 275 128.08 -69.30 63.87
CA GLY C 275 127.57 -68.20 63.05
C GLY C 275 127.36 -66.88 63.79
N SER C 276 126.72 -65.91 63.14
CA SER C 276 126.35 -64.61 63.72
C SER C 276 125.16 -64.66 64.67
N GLY C 277 124.48 -65.81 64.79
CA GLY C 277 123.09 -65.89 65.22
C GLY C 277 122.10 -65.54 64.10
N VAL C 278 120.86 -65.98 64.24
CA VAL C 278 119.80 -65.86 63.23
C VAL C 278 119.31 -64.42 63.12
N THR C 279 118.91 -64.00 61.92
CA THR C 279 118.26 -62.71 61.65
C THR C 279 117.18 -62.86 60.60
N VAL C 280 116.02 -62.23 60.79
CA VAL C 280 115.01 -62.06 59.73
C VAL C 280 114.76 -60.58 59.47
N ASP C 281 114.88 -60.15 58.21
CA ASP C 281 114.85 -58.74 57.80
C ASP C 281 113.74 -58.48 56.76
N VAL C 282 113.11 -57.31 56.81
CA VAL C 282 112.16 -56.88 55.76
C VAL C 282 112.92 -56.52 54.49
N VAL C 283 112.54 -57.11 53.35
CA VAL C 283 113.18 -56.87 52.04
C VAL C 283 112.75 -55.53 51.43
N ALA D 2 76.79 -44.10 88.76
CA ALA D 2 77.54 -45.22 88.16
C ALA D 2 76.61 -46.37 87.75
N LEU D 3 76.96 -47.14 86.72
CA LEU D 3 76.28 -48.39 86.33
C LEU D 3 77.25 -49.42 85.73
N LYS D 4 77.83 -49.13 84.55
CA LYS D 4 78.76 -50.04 83.84
C LYS D 4 80.03 -49.35 83.39
N ASP D 5 81.04 -49.33 84.25
CA ASP D 5 82.35 -48.76 83.99
C ASP D 5 83.07 -49.41 82.80
N ASP D 6 82.85 -50.71 82.55
CA ASP D 6 83.42 -51.43 81.41
C ASP D 6 82.99 -50.86 80.04
N ALA D 7 81.84 -50.20 79.96
CA ALA D 7 81.31 -49.58 78.75
C ALA D 7 81.75 -48.13 78.52
N VAL D 8 82.49 -47.53 79.44
CA VAL D 8 83.03 -46.17 79.30
C VAL D 8 84.27 -46.18 78.40
N LEU D 9 84.33 -45.27 77.42
CA LEU D 9 85.24 -45.35 76.27
C LEU D 9 86.24 -44.18 76.17
N ILE D 10 87.54 -44.47 76.09
CA ILE D 10 88.58 -43.55 75.62
C ILE D 10 89.08 -44.06 74.27
N ALA D 11 88.95 -43.29 73.20
CA ALA D 11 89.35 -43.69 71.84
C ALA D 11 90.85 -43.52 71.61
N ALA D 12 91.68 -44.25 72.35
CA ALA D 12 93.13 -44.07 72.40
C ALA D 12 93.83 -44.39 71.07
N ARG D 13 93.40 -45.44 70.37
CA ARG D 13 93.87 -45.81 69.02
C ARG D 13 92.74 -46.40 68.19
N GLY D 14 92.90 -46.42 66.88
CA GLY D 14 91.91 -47.03 66.00
C GLY D 14 92.35 -47.17 64.56
N TYR D 15 91.54 -47.87 63.79
CA TYR D 15 91.84 -48.25 62.40
C TYR D 15 90.64 -47.94 61.52
N VAL D 16 90.89 -47.57 60.27
CA VAL D 16 89.87 -47.24 59.27
C VAL D 16 90.12 -48.09 58.04
N TYR D 17 89.10 -48.75 57.53
CA TYR D 17 89.15 -49.64 56.38
C TYR D 17 88.06 -49.33 55.38
N THR D 18 88.30 -49.68 54.11
CA THR D 18 87.29 -49.67 53.06
C THR D 18 87.26 -50.97 52.29
N ALA D 19 86.17 -51.19 51.58
CA ALA D 19 85.91 -52.37 50.77
C ALA D 19 84.88 -52.03 49.69
N ALA D 20 84.62 -52.96 48.78
CA ALA D 20 83.54 -52.80 47.81
C ALA D 20 82.19 -52.64 48.51
N VAL D 21 81.31 -51.87 47.89
CA VAL D 21 79.97 -51.61 48.42
C VAL D 21 79.24 -52.92 48.73
N GLY D 22 78.63 -53.00 49.90
CA GLY D 22 77.85 -54.14 50.33
C GLY D 22 78.62 -55.25 51.03
N THR D 23 79.95 -55.19 51.13
CA THR D 23 80.75 -56.26 51.78
C THR D 23 80.56 -56.30 53.30
N ALA D 24 80.59 -57.50 53.87
CA ALA D 24 80.40 -57.78 55.28
C ALA D 24 81.62 -57.46 56.13
N ALA D 25 81.38 -56.97 57.33
CA ALA D 25 82.40 -56.80 58.35
C ALA D 25 82.70 -58.12 59.08
N PRO D 26 83.84 -58.24 59.78
CA PRO D 26 84.08 -59.22 60.83
C PRO D 26 82.89 -59.40 61.76
N THR D 27 82.56 -60.63 62.14
CA THR D 27 81.52 -60.87 63.15
C THR D 27 81.96 -60.35 64.52
N PRO D 28 81.05 -60.12 65.47
CA PRO D 28 81.39 -59.65 66.81
C PRO D 28 82.41 -60.54 67.53
N SER D 29 82.31 -61.87 67.38
CA SER D 29 83.28 -62.82 67.94
C SER D 29 84.63 -62.82 67.22
N GLN D 30 84.70 -62.43 65.95
CA GLN D 30 85.96 -62.28 65.21
C GLN D 30 86.68 -60.98 65.56
N LEU D 31 85.96 -59.88 65.69
CA LEU D 31 86.55 -58.56 65.95
C LEU D 31 87.41 -58.54 67.21
N LYS D 32 87.05 -59.36 68.19
CA LYS D 32 87.73 -59.53 69.47
C LYS D 32 89.13 -60.17 69.35
N LEU D 33 89.51 -60.69 68.19
CA LEU D 33 90.78 -61.41 67.99
C LEU D 33 91.52 -61.23 66.63
N ILE D 34 90.96 -60.59 65.61
CA ILE D 34 91.64 -60.31 64.33
C ILE D 34 92.88 -59.40 64.47
N ASP D 35 93.88 -59.57 63.60
CA ASP D 35 95.08 -58.72 63.56
C ASP D 35 94.85 -57.43 62.77
N LEU D 36 94.60 -56.32 63.47
CA LEU D 36 94.06 -55.09 62.88
C LEU D 36 94.96 -54.45 61.82
N GLU D 37 96.26 -54.76 61.80
CA GLU D 37 97.20 -54.14 60.86
C GLU D 37 97.38 -54.95 59.56
N HIS D 38 96.70 -56.08 59.42
CA HIS D 38 96.83 -57.02 58.29
C HIS D 38 95.46 -57.54 57.85
N PRO D 39 94.60 -56.71 57.23
CA PRO D 39 93.25 -57.12 56.89
C PRO D 39 93.19 -58.24 55.83
N GLU D 40 94.28 -58.53 55.12
CA GLU D 40 94.39 -59.72 54.27
C GLU D 40 94.46 -61.05 55.05
N ALA D 41 94.69 -61.02 56.36
CA ALA D 41 94.82 -62.24 57.16
C ALA D 41 93.50 -62.87 57.57
N TRP D 42 92.40 -62.12 57.66
CA TRP D 42 91.16 -62.61 58.25
C TRP D 42 90.12 -63.09 57.24
N ASP D 43 89.10 -63.82 57.72
CA ASP D 43 88.20 -64.61 56.88
C ASP D 43 87.14 -63.79 56.12
N ARG D 44 86.70 -62.66 56.68
CA ARG D 44 85.91 -61.65 55.98
C ARG D 44 86.83 -60.84 55.07
N THR D 45 87.21 -61.42 53.95
CA THR D 45 88.12 -60.82 52.97
C THR D 45 87.54 -59.57 52.31
N GLY D 46 88.41 -58.75 51.72
CA GLY D 46 88.04 -57.58 50.92
C GLY D 46 88.36 -56.23 51.57
N TRP D 47 88.66 -56.20 52.86
CA TRP D 47 89.00 -54.98 53.58
C TRP D 47 90.44 -54.55 53.34
N ASP D 48 90.64 -53.27 53.09
CA ASP D 48 91.94 -52.63 53.00
C ASP D 48 92.02 -51.44 53.95
N LEU D 49 93.18 -51.20 54.53
CA LEU D 49 93.42 -50.06 55.42
C LEU D 49 93.50 -48.79 54.58
N VAL D 50 92.92 -47.73 55.12
CA VAL D 50 92.86 -46.38 54.53
C VAL D 50 94.19 -45.63 54.62
N GLY D 51 95.22 -46.21 55.23
CA GLY D 51 96.48 -45.56 55.53
C GLY D 51 96.49 -44.86 56.88
N HIS D 52 97.57 -44.14 57.19
CA HIS D 52 97.63 -43.31 58.38
C HIS D 52 96.53 -42.25 58.41
N THR D 53 95.98 -42.04 59.60
CA THR D 53 94.96 -41.03 59.89
C THR D 53 95.43 -40.13 61.02
N SER D 54 94.87 -38.94 61.10
CA SER D 54 95.35 -37.91 62.03
C SER D 54 95.31 -38.36 63.48
N GLU D 55 96.37 -38.07 64.23
CA GLU D 55 96.56 -38.53 65.62
C GLU D 55 95.75 -37.67 66.59
N ASP D 56 95.79 -36.35 66.48
CA ASP D 56 94.67 -35.48 66.87
C ASP D 56 93.64 -35.45 65.73
N ASP D 57 92.44 -34.90 65.94
CA ASP D 57 91.35 -34.92 64.96
C ASP D 57 90.89 -36.33 64.55
N LEU D 58 90.57 -37.17 65.54
CA LEU D 58 89.88 -38.45 65.41
C LEU D 58 88.60 -38.38 64.55
N PRO D 59 88.06 -39.51 64.05
CA PRO D 59 86.83 -39.51 63.28
C PRO D 59 85.65 -38.86 64.00
N GLU D 60 85.04 -37.86 63.36
CA GLU D 60 83.87 -37.16 63.89
C GLU D 60 82.58 -37.72 63.27
N PHE D 61 81.79 -38.45 64.05
CA PHE D 61 80.49 -39.02 63.64
C PHE D 61 79.36 -37.97 63.71
N GLY D 62 79.33 -37.08 62.72
CA GLY D 62 78.37 -35.98 62.62
C GLY D 62 77.03 -36.32 61.95
N PHE D 63 76.14 -35.34 61.87
CA PHE D 63 74.95 -35.40 61.02
C PHE D 63 74.47 -34.02 60.55
N ASP D 64 73.86 -33.97 59.38
CA ASP D 64 73.08 -32.83 58.88
C ASP D 64 71.58 -33.06 59.10
N GLY D 65 70.80 -31.99 59.17
CA GLY D 65 69.37 -32.06 59.43
C GLY D 65 69.02 -32.25 60.90
N GLY D 66 67.88 -32.84 61.20
CA GLY D 66 67.45 -33.16 62.57
C GLY D 66 66.74 -32.03 63.33
N ASP D 67 66.57 -30.85 62.72
CA ASP D 67 65.78 -29.76 63.30
C ASP D 67 64.36 -30.24 63.61
N SER D 68 63.85 -29.90 64.78
CA SER D 68 62.63 -30.46 65.34
C SER D 68 61.75 -29.39 65.97
N GLU D 69 60.45 -29.62 65.95
CA GLU D 69 59.44 -28.80 66.62
C GLU D 69 58.73 -29.64 67.68
N VAL D 70 58.37 -29.08 68.84
CA VAL D 70 57.21 -29.62 69.57
C VAL D 70 55.94 -29.13 68.89
N ARG D 71 55.05 -30.05 68.53
CA ARG D 71 53.71 -29.71 68.06
C ARG D 71 52.83 -29.40 69.27
N GLY D 72 52.25 -28.22 69.27
CA GLY D 72 51.37 -27.75 70.34
C GLY D 72 49.93 -27.76 69.90
N SER D 73 49.01 -28.05 70.82
CA SER D 73 47.60 -27.82 70.56
C SER D 73 47.25 -26.34 70.65
N TRP D 74 46.03 -25.98 70.24
CA TRP D 74 45.49 -24.63 70.37
C TRP D 74 45.33 -24.16 71.83
N GLN D 75 45.33 -25.08 72.79
CA GLN D 75 45.24 -24.81 74.22
C GLN D 75 46.57 -25.05 74.94
N LYS D 76 47.69 -24.86 74.24
CA LYS D 76 49.05 -24.88 74.78
C LYS D 76 49.49 -26.26 75.31
N LYS D 77 48.85 -27.36 74.90
CA LYS D 77 49.28 -28.71 75.27
C LYS D 77 50.45 -29.14 74.39
N LYS D 78 51.60 -29.51 74.95
CA LYS D 78 52.80 -30.00 74.22
C LYS D 78 52.62 -31.47 73.88
N LEU D 79 52.26 -31.76 72.63
CA LEU D 79 51.72 -33.06 72.24
C LEU D 79 52.82 -34.09 71.97
N ARG D 80 53.72 -33.76 71.05
CA ARG D 80 54.79 -34.63 70.55
C ARG D 80 55.84 -33.80 69.84
N GLU D 81 57.03 -34.36 69.68
CA GLU D 81 58.16 -33.72 69.01
C GLU D 81 58.30 -34.31 67.61
N VAL D 82 58.48 -33.49 66.58
CA VAL D 82 58.50 -33.92 65.17
C VAL D 82 59.73 -33.39 64.45
N GLU D 83 60.36 -34.22 63.61
CA GLU D 83 61.49 -33.82 62.74
C GLU D 83 61.00 -33.06 61.50
N THR D 84 61.63 -31.92 61.20
CA THR D 84 61.32 -31.10 60.02
C THR D 84 62.20 -31.43 58.82
N GLU D 85 63.43 -31.89 59.04
CA GLU D 85 64.40 -32.24 57.99
C GLU D 85 65.05 -33.60 58.30
N GLU D 86 65.23 -34.41 57.28
CA GLU D 86 65.72 -35.78 57.39
C GLU D 86 67.19 -35.83 57.82
N ILE D 87 67.50 -36.59 58.86
CA ILE D 87 68.86 -36.70 59.39
C ILE D 87 69.75 -37.44 58.38
N ALA D 88 70.79 -36.78 57.87
CA ALA D 88 71.84 -37.38 57.06
C ALA D 88 73.11 -37.57 57.89
N ASP D 89 73.32 -38.76 58.42
CA ASP D 89 74.51 -39.14 59.17
C ASP D 89 75.77 -39.19 58.30
N TYR D 90 76.92 -38.84 58.88
CA TYR D 90 78.22 -38.95 58.26
C TYR D 90 79.34 -39.21 59.26
N VAL D 91 80.52 -39.58 58.78
CA VAL D 91 81.77 -39.48 59.54
C VAL D 91 82.80 -38.69 58.76
N VAL D 92 83.53 -37.79 59.42
CA VAL D 92 84.68 -37.10 58.82
C VAL D 92 85.97 -37.81 59.23
N ILE D 93 86.80 -38.17 58.26
CA ILE D 93 88.08 -38.86 58.45
C ILE D 93 89.23 -38.02 57.92
N ASN D 94 90.24 -37.75 58.74
CA ASN D 94 91.44 -37.01 58.37
C ASN D 94 92.57 -37.95 57.94
N LEU D 95 92.78 -38.09 56.63
CA LEU D 95 93.87 -38.89 56.08
C LEU D 95 95.19 -38.11 56.18
N THR D 96 96.32 -38.76 56.45
CA THR D 96 97.60 -38.07 56.66
C THR D 96 98.79 -38.68 55.93
N GLN D 97 98.55 -39.57 54.98
CA GLN D 97 99.56 -40.00 54.02
C GLN D 97 99.13 -39.64 52.59
N PHE D 98 100.07 -39.37 51.69
CA PHE D 98 99.79 -38.85 50.34
C PHE D 98 99.99 -39.90 49.23
N ASP D 99 100.07 -41.18 49.57
CA ASP D 99 99.98 -42.32 48.66
C ASP D 99 98.66 -42.36 47.85
N GLU D 100 98.62 -43.07 46.72
CA GLU D 100 97.41 -43.28 45.93
C GLU D 100 96.22 -43.80 46.74
N THR D 101 96.46 -44.62 47.77
CA THR D 101 95.46 -45.08 48.75
C THR D 101 94.63 -43.97 49.35
N ALA D 102 95.26 -42.85 49.74
CA ALA D 102 94.55 -41.72 50.31
C ALA D 102 94.02 -40.76 49.25
N LEU D 103 94.76 -40.50 48.17
CA LEU D 103 94.29 -39.60 47.13
C LEU D 103 93.05 -40.16 46.43
N GLU D 104 92.94 -41.47 46.26
CA GLU D 104 91.77 -42.06 45.62
C GLU D 104 90.50 -41.92 46.46
N LEU D 105 90.62 -41.79 47.78
CA LEU D 105 89.50 -41.46 48.66
C LEU D 105 89.15 -39.97 48.56
N TYR D 106 90.15 -39.10 48.51
CA TYR D 106 89.97 -37.65 48.49
C TYR D 106 89.52 -37.10 47.13
N PHE D 107 90.23 -37.39 46.04
CA PHE D 107 89.93 -36.89 44.69
C PHE D 107 89.07 -37.84 43.83
N GLY D 108 88.91 -39.10 44.22
CA GLY D 108 88.37 -40.14 43.33
C GLY D 108 89.46 -40.83 42.50
N PRO D 109 89.12 -41.65 41.51
CA PRO D 109 90.09 -42.47 40.80
C PRO D 109 91.13 -41.65 40.03
N ASN D 110 92.36 -42.16 39.97
CA ASN D 110 93.45 -41.51 39.28
C ASN D 110 93.12 -41.34 37.79
N GLN D 111 93.14 -40.13 37.27
CA GLN D 111 92.84 -39.86 35.86
C GLN D 111 94.05 -39.97 34.93
N SER D 112 95.24 -40.29 35.44
CA SER D 112 96.47 -40.49 34.67
C SER D 112 96.89 -41.95 34.60
N ALA D 113 97.28 -42.44 33.43
CA ALA D 113 97.79 -43.80 33.24
C ALA D 113 99.30 -43.93 33.49
N THR D 114 100.08 -42.85 33.48
CA THR D 114 101.55 -42.91 33.54
C THR D 114 102.08 -43.13 34.95
N PRO D 115 103.18 -43.88 35.13
CA PRO D 115 103.75 -44.16 36.44
C PRO D 115 104.26 -42.86 37.10
N GLY D 116 103.99 -42.64 38.38
CA GLY D 116 104.42 -41.45 39.12
C GLY D 116 103.54 -40.21 39.01
N ILE D 117 102.39 -40.27 38.36
CA ILE D 117 101.44 -39.14 38.29
C ILE D 117 100.05 -39.53 38.79
N PHE D 118 99.47 -38.69 39.63
CA PHE D 118 98.05 -38.72 39.95
C PHE D 118 97.37 -37.50 39.30
N GLY D 119 96.46 -37.71 38.34
CA GLY D 119 95.74 -36.66 37.64
C GLY D 119 94.33 -36.42 38.16
N VAL D 120 93.82 -35.19 38.04
CA VAL D 120 92.44 -34.82 38.39
C VAL D 120 91.78 -34.04 37.23
N LYS D 121 90.49 -34.25 36.94
CA LYS D 121 89.70 -33.57 35.88
C LYS D 121 88.47 -32.84 36.45
N SER D 122 87.73 -32.13 35.59
CA SER D 122 86.58 -31.26 35.98
C SER D 122 85.20 -31.94 36.08
N GLY D 123 85.05 -33.23 35.81
CA GLY D 123 83.76 -33.93 35.92
C GLY D 123 83.21 -34.08 37.35
N SER D 124 82.01 -34.65 37.47
CA SER D 124 81.51 -35.14 38.76
C SER D 124 81.97 -36.57 39.03
N VAL D 125 82.28 -36.88 40.28
CA VAL D 125 82.80 -38.19 40.71
C VAL D 125 81.80 -38.88 41.62
N VAL D 126 81.52 -40.15 41.35
CA VAL D 126 80.81 -41.04 42.28
C VAL D 126 81.86 -41.90 42.96
N ASN D 127 81.92 -41.90 44.29
CA ASN D 127 82.96 -42.57 45.06
C ASN D 127 82.34 -43.32 46.26
N GLU D 128 81.62 -44.41 45.98
CA GLU D 128 80.96 -45.21 47.02
C GLU D 128 81.86 -46.38 47.46
N ARG D 129 81.91 -46.63 48.76
CA ARG D 129 82.70 -47.64 49.47
C ARG D 129 81.88 -48.26 50.61
N ALA D 130 82.22 -49.45 51.06
CA ALA D 130 81.92 -49.86 52.42
C ALA D 130 82.99 -49.34 53.35
N LEU D 131 82.63 -49.09 54.61
CA LEU D 131 83.50 -48.48 55.60
C LEU D 131 83.45 -49.26 56.91
N LEU D 132 84.60 -49.54 57.50
CA LEU D 132 84.74 -50.10 58.84
C LEU D 132 85.70 -49.23 59.66
N ILE D 133 85.33 -48.85 60.88
CA ILE D 133 86.21 -48.19 61.84
C ILE D 133 86.28 -49.06 63.08
N VAL D 134 87.47 -49.49 63.47
CA VAL D 134 87.68 -50.20 64.73
C VAL D 134 88.34 -49.26 65.72
N ILE D 135 87.69 -48.99 66.86
CA ILE D 135 88.28 -48.19 67.93
C ILE D 135 88.71 -49.13 69.05
N VAL D 136 89.98 -49.04 69.43
CA VAL D 136 90.65 -49.92 70.38
C VAL D 136 90.85 -49.15 71.69
N ASP D 137 90.35 -49.68 72.80
CA ASP D 137 90.47 -49.09 74.13
C ASP D 137 90.95 -50.16 75.12
N ASN D 138 92.28 -50.26 75.30
CA ASN D 138 92.93 -51.39 75.96
C ASN D 138 92.55 -52.74 75.34
N ASP D 139 91.78 -53.59 76.02
CA ASP D 139 91.30 -54.88 75.49
C ASP D 139 89.84 -54.82 74.95
N VAL D 140 89.16 -53.68 75.04
CA VAL D 140 87.88 -53.41 74.36
C VAL D 140 88.12 -53.04 72.90
N ARG D 141 87.23 -53.47 71.99
CA ARG D 141 87.24 -53.09 70.57
C ARG D 141 85.83 -52.77 70.05
N LEU D 142 85.51 -51.49 69.84
CA LEU D 142 84.37 -51.08 69.02
C LEU D 142 84.59 -51.40 67.56
N GLY D 143 83.57 -51.90 66.88
CA GLY D 143 83.43 -51.70 65.45
C GLY D 143 82.31 -50.72 65.13
N PHE D 144 82.52 -49.89 64.12
CA PHE D 144 81.47 -49.21 63.39
C PHE D 144 81.53 -49.68 61.95
N HIS D 145 80.43 -50.14 61.39
CA HIS D 145 80.37 -50.57 60.00
C HIS D 145 79.23 -49.89 59.25
N ALA D 146 79.49 -49.45 58.02
CA ALA D 146 78.49 -49.05 57.05
C ALA D 146 78.72 -49.79 55.72
N ARG D 147 77.68 -50.40 55.16
CA ARG D 147 77.75 -51.14 53.89
C ARG D 147 77.99 -50.26 52.68
N LYS D 148 77.50 -49.02 52.72
CA LYS D 148 77.64 -48.02 51.66
C LYS D 148 77.80 -46.64 52.28
N ALA D 149 78.95 -46.03 52.06
CA ALA D 149 79.22 -44.65 52.33
C ALA D 149 79.76 -43.97 51.07
N SER D 150 79.21 -42.81 50.73
CA SER D 150 79.73 -41.93 49.70
C SER D 150 80.87 -41.09 50.26
N LEU D 151 81.98 -41.00 49.55
CA LEU D 151 83.17 -40.25 49.95
C LEU D 151 83.30 -38.93 49.21
N LYS D 152 83.64 -37.85 49.90
CA LYS D 152 83.98 -36.57 49.26
C LYS D 152 85.00 -35.76 50.05
N ARG D 153 85.58 -34.76 49.40
CA ARG D 153 86.42 -33.73 50.05
C ARG D 153 85.61 -32.97 51.09
N GLU D 154 85.99 -33.03 52.35
CA GLU D 154 85.30 -32.30 53.43
C GLU D 154 85.77 -30.84 53.51
N ASP D 155 87.06 -30.62 53.32
CA ASP D 155 87.75 -29.34 53.44
C ASP D 155 89.02 -29.44 52.57
N ALA D 156 89.79 -28.36 52.45
CA ALA D 156 90.99 -28.32 51.63
C ALA D 156 92.19 -29.08 52.23
N ILE D 157 93.23 -29.32 51.44
CA ILE D 157 94.47 -29.98 51.89
C ILE D 157 95.21 -29.07 52.86
N SER D 158 95.49 -29.57 54.06
CA SER D 158 96.31 -28.87 55.04
C SER D 158 97.78 -29.18 54.84
N LEU D 159 98.64 -28.16 54.84
CA LEU D 159 100.09 -28.26 54.82
C LEU D 159 100.69 -27.31 55.85
N ALA D 160 101.77 -27.73 56.53
CA ALA D 160 102.46 -26.96 57.55
C ALA D 160 103.95 -27.25 57.60
N THR D 161 104.73 -26.35 58.16
CA THR D 161 106.19 -26.48 58.30
C THR D 161 106.59 -27.52 59.36
N ASP D 162 105.72 -27.79 60.34
CA ASP D 162 106.03 -28.55 61.56
C ASP D 162 104.88 -29.46 62.05
N GLU D 163 103.91 -29.78 61.21
CA GLU D 163 102.86 -30.79 61.47
C GLU D 163 102.59 -31.61 60.22
N PHE D 164 102.03 -32.80 60.38
CA PHE D 164 101.65 -33.64 59.23
C PHE D 164 100.58 -32.95 58.37
N GLY D 165 100.75 -33.05 57.06
CA GLY D 165 99.71 -32.64 56.11
C GLY D 165 98.46 -33.50 56.24
N ALA D 166 97.32 -33.00 55.79
CA ALA D 166 96.05 -33.73 55.88
C ALA D 166 95.15 -33.60 54.65
N LEU D 167 94.37 -34.64 54.45
CA LEU D 167 93.44 -34.87 53.35
C LEU D 167 92.07 -35.23 53.96
N PRO D 168 91.27 -34.25 54.40
CA PRO D 168 90.01 -34.50 55.12
C PRO D 168 88.87 -34.98 54.22
N VAL D 169 88.34 -36.18 54.47
CA VAL D 169 87.22 -36.80 53.72
C VAL D 169 85.95 -36.94 54.55
N ARG D 170 84.78 -36.71 53.97
CA ARG D 170 83.47 -36.99 54.60
C ARG D 170 82.89 -38.25 53.99
N ALA D 171 82.61 -39.24 54.82
CA ALA D 171 81.94 -40.47 54.44
C ALA D 171 80.47 -40.41 54.87
N THR D 172 79.54 -40.44 53.92
CA THR D 172 78.11 -40.19 54.16
C THR D 172 77.33 -41.46 53.93
N PHE D 173 76.63 -41.95 54.94
CA PHE D 173 76.02 -43.27 54.91
C PHE D 173 74.78 -43.30 54.02
N LEU D 174 74.64 -44.32 53.19
CA LEU D 174 73.60 -44.46 52.19
C LEU D 174 72.91 -45.82 52.29
N ASP D 175 71.64 -45.90 51.93
CA ASP D 175 70.88 -47.14 51.96
C ASP D 175 71.33 -48.12 50.89
N TYR D 176 71.27 -49.40 51.21
CA TYR D 176 71.68 -50.50 50.34
C TYR D 176 70.89 -51.76 50.69
N GLN D 177 70.17 -52.32 49.71
CA GLN D 177 69.58 -53.67 49.72
C GLN D 177 68.98 -54.13 51.06
N SER D 178 68.12 -53.31 51.67
CA SER D 178 67.40 -53.57 52.94
C SER D 178 68.24 -53.91 54.18
N TYR D 179 69.56 -53.74 54.16
CA TYR D 179 70.41 -53.76 55.36
C TYR D 179 70.17 -52.55 56.27
N ASN D 180 70.73 -52.57 57.48
CA ASN D 180 70.89 -51.40 58.32
C ASN D 180 71.79 -50.34 57.68
N LEU D 181 71.50 -49.06 57.90
CA LEU D 181 72.33 -47.96 57.44
C LEU D 181 73.75 -48.05 58.00
N TYR D 182 73.89 -48.33 59.29
CA TYR D 182 75.15 -48.70 59.93
C TYR D 182 74.92 -49.53 61.19
N GLU D 183 75.97 -50.21 61.62
CA GLU D 183 75.98 -51.12 62.76
C GLU D 183 77.17 -50.87 63.66
N TRP D 184 76.95 -50.80 64.97
CA TRP D 184 78.00 -50.85 65.98
C TRP D 184 78.21 -52.30 66.43
N ILE D 185 79.45 -52.66 66.76
CA ILE D 185 79.90 -54.04 66.99
C ILE D 185 80.66 -54.22 68.33
N GLU D 186 80.09 -54.97 69.26
CA GLU D 186 80.68 -55.64 70.44
C GLU D 186 79.82 -56.78 70.93
N GLU D 187 80.38 -57.98 70.99
CA GLU D 187 79.71 -59.15 71.57
C GLU D 187 79.30 -58.93 73.05
N ASP D 188 80.05 -58.11 73.78
CA ASP D 188 79.80 -57.89 75.21
C ASP D 188 78.78 -56.80 75.53
N TRP D 189 78.47 -55.90 74.60
CA TRP D 189 77.69 -54.69 74.89
C TRP D 189 76.34 -54.59 74.20
N PHE D 190 76.13 -55.27 73.08
CA PHE D 190 74.87 -55.20 72.33
C PHE D 190 74.27 -56.58 72.16
N ASN D 191 72.96 -56.74 72.38
CA ASN D 191 72.28 -58.03 72.42
C ASN D 191 73.07 -59.07 73.26
N ALA D 192 73.52 -58.64 74.44
CA ALA D 192 74.32 -59.45 75.35
C ALA D 192 73.54 -60.67 75.87
N VAL D 193 74.19 -61.82 76.02
CA VAL D 193 73.59 -63.03 76.61
C VAL D 193 73.45 -62.86 78.13
N ASP D 194 72.41 -63.43 78.73
CA ASP D 194 72.14 -63.31 80.18
C ASP D 194 73.23 -63.96 81.07
N ALA D 195 73.88 -65.02 80.57
CA ALA D 195 74.98 -65.73 81.21
C ALA D 195 75.89 -66.40 80.16
N PRO D 196 77.15 -66.75 80.49
CA PRO D 196 78.02 -67.50 79.59
C PRO D 196 77.37 -68.79 79.08
N VAL D 197 77.42 -69.05 77.78
CA VAL D 197 76.79 -70.23 77.18
C VAL D 197 77.57 -71.50 77.50
N VAL D 198 76.88 -72.53 78.00
CA VAL D 198 77.41 -73.89 78.17
C VAL D 198 76.69 -74.83 77.21
N TYR D 199 77.44 -75.47 76.33
CA TYR D 199 76.96 -76.56 75.47
C TYR D 199 77.00 -77.89 76.22
N LEU D 200 76.10 -78.80 75.83
CA LEU D 200 76.01 -80.17 76.33
C LEU D 200 76.41 -81.13 75.20
N LEU D 201 77.42 -81.96 75.42
CA LEU D 201 77.78 -83.06 74.54
C LEU D 201 77.43 -84.38 75.20
N ASP D 202 76.64 -85.20 74.51
CA ASP D 202 76.18 -86.52 74.94
C ASP D 202 76.66 -87.59 73.95
N LEU D 203 77.39 -88.59 74.46
CA LEU D 203 77.89 -89.71 73.65
C LEU D 203 76.78 -90.65 73.13
N GLY D 204 75.55 -90.56 73.65
CA GLY D 204 74.37 -91.22 73.09
C GLY D 204 74.33 -92.74 73.22
N GLY D 205 75.20 -93.33 74.05
CA GLY D 205 75.33 -94.79 74.23
C GLY D 205 76.22 -95.49 73.20
N ALA D 206 76.91 -94.76 72.33
CA ALA D 206 77.89 -95.32 71.40
C ALA D 206 79.10 -95.94 72.12
N THR D 207 79.77 -96.91 71.48
CA THR D 207 81.01 -97.54 71.97
C THR D 207 81.98 -97.80 70.82
N GLY D 208 83.25 -97.45 70.97
CA GLY D 208 84.24 -97.54 69.88
C GLY D 208 84.12 -96.41 68.86
N GLY D 209 85.17 -96.22 68.06
CA GLY D 209 85.23 -95.20 67.00
C GLY D 209 85.50 -93.78 67.50
N ASP D 210 85.25 -92.80 66.63
CA ASP D 210 85.56 -91.39 66.84
C ASP D 210 84.53 -90.44 66.20
N TYR D 211 84.54 -89.18 66.62
CA TYR D 211 83.65 -88.10 66.20
C TYR D 211 84.37 -86.75 66.07
N THR D 212 83.77 -85.80 65.35
CA THR D 212 84.46 -84.61 64.84
C THR D 212 83.56 -83.37 64.93
N LEU D 213 83.81 -82.52 65.92
CA LEU D 213 83.14 -81.21 66.10
C LEU D 213 83.53 -80.18 65.02
N LEU D 214 82.70 -79.16 64.83
CA LEU D 214 82.91 -78.02 63.90
C LEU D 214 83.13 -76.69 64.65
N VAL D 215 83.92 -76.72 65.73
CA VAL D 215 84.10 -75.60 66.68
C VAL D 215 84.56 -74.32 65.99
N GLY D 216 83.79 -73.24 66.13
CA GLY D 216 84.05 -71.98 65.45
C GLY D 216 83.87 -72.00 63.93
N GLY D 217 83.15 -72.98 63.38
CA GLY D 217 82.81 -73.04 61.95
C GLY D 217 83.87 -73.73 61.06
N LYS D 218 84.78 -74.50 61.66
CA LYS D 218 85.78 -75.32 60.95
C LYS D 218 86.07 -76.61 61.73
N SER D 219 86.46 -77.66 61.02
CA SER D 219 86.53 -79.02 61.55
C SER D 219 87.65 -79.22 62.57
N THR D 220 87.35 -79.86 63.71
CA THR D 220 88.34 -80.26 64.73
C THR D 220 89.23 -81.43 64.27
N GLY D 221 90.22 -81.83 65.08
CA GLY D 221 90.91 -83.13 64.95
C GLY D 221 90.11 -84.26 65.62
N ASP D 222 89.93 -85.40 64.96
CA ASP D 222 88.95 -86.43 65.37
C ASP D 222 89.14 -86.95 66.80
N ILE D 223 88.05 -87.04 67.55
CA ILE D 223 88.03 -87.33 68.99
C ILE D 223 87.51 -88.76 69.22
N ALA D 224 88.27 -89.60 69.92
CA ALA D 224 87.85 -90.96 70.24
C ALA D 224 86.67 -90.99 71.22
N TYR D 225 85.79 -91.99 71.08
CA TYR D 225 84.58 -92.15 71.90
C TYR D 225 84.85 -92.14 73.42
N ASN D 226 86.03 -92.58 73.85
CA ASN D 226 86.41 -92.68 75.25
C ASN D 226 87.13 -91.43 75.80
N ALA D 227 87.28 -90.37 75.00
CA ALA D 227 88.03 -89.18 75.38
C ALA D 227 87.49 -88.52 76.66
N ASN D 228 88.38 -88.23 77.61
CA ASN D 228 88.03 -87.51 78.84
C ASN D 228 87.90 -85.99 78.60
N ALA D 229 87.46 -85.24 79.61
CA ALA D 229 87.25 -83.80 79.49
C ALA D 229 88.52 -83.03 79.06
N SER D 230 89.69 -83.36 79.61
CA SER D 230 90.96 -82.73 79.23
C SER D 230 91.38 -83.09 77.80
N ALA D 231 91.06 -84.30 77.33
CA ALA D 231 91.27 -84.68 75.93
C ALA D 231 90.38 -83.88 74.96
N ILE D 232 89.14 -83.60 75.34
CA ILE D 232 88.25 -82.74 74.56
C ILE D 232 88.75 -81.28 74.60
N LYS D 233 89.15 -80.78 75.78
CA LYS D 233 89.73 -79.44 75.99
C LYS D 233 90.89 -79.18 75.02
N THR D 234 91.83 -80.12 74.87
CA THR D 234 92.92 -79.96 73.90
C THR D 234 92.43 -80.14 72.47
N ALA D 235 91.51 -81.05 72.18
CA ALA D 235 91.03 -81.27 70.81
C ALA D 235 90.28 -80.06 70.24
N ILE D 236 89.53 -79.36 71.08
CA ILE D 236 88.91 -78.07 70.75
C ILE D 236 89.99 -76.98 70.68
N GLY D 237 90.84 -76.88 71.71
CA GLY D 237 91.97 -75.95 71.78
C GLY D 237 93.18 -76.32 70.91
N ALA D 238 92.97 -76.73 69.66
CA ALA D 238 94.04 -77.08 68.72
C ALA D 238 93.81 -76.51 67.33
N VAL D 239 92.67 -76.78 66.71
CA VAL D 239 92.28 -76.14 65.45
C VAL D 239 91.62 -74.81 65.80
N ASP D 240 92.43 -73.83 66.20
CA ASP D 240 91.96 -72.68 66.99
C ASP D 240 91.12 -71.65 66.22
N ASP D 241 91.67 -71.07 65.14
CA ASP D 241 91.28 -69.73 64.67
C ASP D 241 91.39 -68.68 65.79
N GLY D 242 92.56 -68.58 66.39
CA GLY D 242 92.96 -67.50 67.30
C GLY D 242 92.70 -67.76 68.78
N VAL D 243 91.69 -68.56 69.12
CA VAL D 243 91.35 -68.90 70.50
C VAL D 243 92.18 -70.06 71.02
N ALA D 244 93.13 -69.77 71.89
CA ALA D 244 94.01 -70.75 72.52
C ALA D 244 93.25 -71.73 73.44
N GLU D 245 93.88 -72.88 73.76
CA GLU D 245 93.31 -73.89 74.66
C GLU D 245 92.84 -73.30 75.99
N SER D 246 93.63 -72.39 76.56
CA SER D 246 93.35 -71.74 77.85
C SER D 246 92.08 -70.89 77.88
N ALA D 247 91.48 -70.57 76.72
CA ALA D 247 90.24 -69.81 76.66
C ALA D 247 88.99 -70.67 76.93
N TRP D 248 89.07 -71.99 76.74
CA TRP D 248 87.93 -72.91 76.83
C TRP D 248 87.78 -73.48 78.25
N THR D 249 86.69 -74.20 78.50
CA THR D 249 86.47 -75.01 79.72
C THR D 249 85.56 -76.20 79.43
N VAL D 250 86.04 -77.40 79.75
CA VAL D 250 85.27 -78.64 79.64
C VAL D 250 85.15 -79.30 81.01
N THR D 251 83.94 -79.65 81.42
CA THR D 251 83.60 -80.36 82.66
C THR D 251 82.53 -81.42 82.37
N ALA D 252 82.27 -82.37 83.27
CA ALA D 252 81.43 -83.52 82.94
C ALA D 252 80.78 -84.19 84.15
N ASP D 253 79.75 -85.00 83.89
CA ASP D 253 79.18 -85.97 84.84
C ASP D 253 78.65 -87.19 84.07
N GLY D 254 79.32 -88.35 84.23
CA GLY D 254 79.03 -89.55 83.44
C GLY D 254 79.32 -89.35 81.93
N SER D 255 78.39 -89.77 81.08
CA SER D 255 78.49 -89.65 79.61
C SER D 255 78.14 -88.25 79.05
N ASP D 256 77.93 -87.27 79.93
CA ASP D 256 77.48 -85.91 79.60
C ASP D 256 78.60 -84.90 79.89
N PHE D 257 79.02 -84.17 78.86
CA PHE D 257 80.11 -83.17 78.90
C PHE D 257 79.60 -81.75 78.69
N GLU D 258 79.90 -80.87 79.64
CA GLU D 258 79.69 -79.43 79.61
C GLU D 258 80.86 -78.77 78.85
N ILE D 259 80.61 -78.23 77.67
CA ILE D 259 81.62 -77.55 76.84
C ILE D 259 81.33 -76.05 76.81
N SER D 260 82.32 -75.21 77.10
CA SER D 260 82.14 -73.75 77.12
C SER D 260 83.39 -73.03 76.63
N GLY D 261 83.23 -71.86 76.02
CA GLY D 261 84.34 -71.07 75.47
C GLY D 261 83.90 -69.94 74.55
N PRO D 262 84.85 -69.26 73.88
CA PRO D 262 84.58 -68.03 73.15
C PRO D 262 83.70 -68.17 71.91
N LEU D 263 83.79 -69.30 71.19
CA LEU D 263 83.14 -69.52 69.90
C LEU D 263 82.00 -70.54 69.98
N ALA D 264 81.30 -70.75 68.86
CA ALA D 264 80.23 -71.74 68.74
C ALA D 264 80.73 -73.20 68.71
N VAL D 265 79.86 -74.15 69.05
CA VAL D 265 80.12 -75.60 68.97
C VAL D 265 79.00 -76.31 68.20
N ALA D 266 79.37 -77.30 67.38
CA ALA D 266 78.47 -78.18 66.63
C ALA D 266 79.18 -79.50 66.30
N LEU D 267 78.45 -80.54 65.89
CA LEU D 267 79.00 -81.84 65.50
C LEU D 267 78.93 -82.05 63.97
N GLY D 268 80.03 -82.43 63.34
CA GLY D 268 80.11 -82.63 61.88
C GLY D 268 80.06 -84.08 61.43
N VAL D 269 80.88 -84.96 62.02
CA VAL D 269 81.01 -86.37 61.63
C VAL D 269 81.07 -87.28 62.86
N ASP D 270 80.45 -88.46 62.80
CA ASP D 270 80.52 -89.50 63.83
C ASP D 270 80.62 -90.90 63.17
N SER D 271 81.51 -91.74 63.67
CA SER D 271 81.64 -93.15 63.29
C SER D 271 80.34 -93.97 63.42
N THR D 272 79.39 -93.53 64.25
CA THR D 272 78.03 -94.09 64.40
C THR D 272 78.06 -95.58 64.82
N THR D 273 78.85 -95.89 65.85
CA THR D 273 79.15 -97.25 66.33
C THR D 273 78.12 -97.85 67.28
N GLY D 274 77.18 -97.07 67.82
CA GLY D 274 76.10 -97.59 68.68
C GLY D 274 75.15 -96.51 69.18
N GLY D 275 74.05 -96.93 69.82
CA GLY D 275 73.05 -96.05 70.41
C GLY D 275 72.46 -95.05 69.40
N SER D 276 72.29 -93.79 69.80
CA SER D 276 71.89 -92.69 68.90
C SER D 276 73.03 -92.13 68.06
N GLY D 277 74.29 -92.51 68.34
CA GLY D 277 75.46 -91.70 68.02
C GLY D 277 75.59 -90.47 68.93
N VAL D 278 76.75 -89.82 68.88
CA VAL D 278 77.07 -88.62 69.66
C VAL D 278 76.16 -87.46 69.24
N THR D 279 75.83 -86.53 70.15
CA THR D 279 75.06 -85.31 69.85
C THR D 279 75.48 -84.13 70.74
N VAL D 280 75.23 -82.91 70.27
CA VAL D 280 75.53 -81.66 70.96
C VAL D 280 74.31 -80.73 70.97
N ASP D 281 74.05 -80.07 72.09
CA ASP D 281 72.95 -79.10 72.27
C ASP D 281 73.43 -77.86 73.05
N VAL D 282 72.73 -76.74 72.96
CA VAL D 282 73.14 -75.46 73.59
C VAL D 282 73.05 -75.54 75.12
N ALA E 2 109.31 13.57 61.45
CA ALA E 2 108.11 14.29 60.96
C ALA E 2 107.88 15.59 61.75
N LEU E 3 106.87 16.37 61.37
CA LEU E 3 106.79 17.80 61.70
C LEU E 3 106.74 18.18 63.19
N LYS E 4 105.75 17.74 63.97
CA LYS E 4 105.48 18.31 65.30
C LYS E 4 105.26 17.25 66.37
N ASP E 5 106.34 16.88 67.04
CA ASP E 5 106.29 16.04 68.24
C ASP E 5 105.46 16.69 69.36
N ASP E 6 105.45 18.03 69.46
CA ASP E 6 104.63 18.76 70.43
C ASP E 6 103.12 18.56 70.23
N ALA E 7 102.69 18.17 69.03
CA ALA E 7 101.29 17.95 68.68
C ALA E 7 100.84 16.49 68.83
N VAL E 8 101.68 15.60 69.33
CA VAL E 8 101.30 14.22 69.72
C VAL E 8 100.62 14.21 71.08
N LEU E 9 99.52 13.46 71.25
CA LEU E 9 98.59 13.53 72.39
C LEU E 9 98.44 12.19 73.13
N ILE E 10 98.70 12.12 74.45
CA ILE E 10 98.51 10.93 75.30
C ILE E 10 97.37 11.03 76.33
N ALA E 11 96.53 12.06 76.25
CA ALA E 11 95.20 12.16 76.89
C ALA E 11 95.11 11.61 78.33
N ALA E 12 96.06 11.96 79.18
CA ALA E 12 96.25 11.39 80.50
C ALA E 12 95.17 11.79 81.50
N ARG E 13 94.56 12.97 81.34
CA ARG E 13 93.43 13.47 82.12
C ARG E 13 92.46 14.26 81.24
N GLY E 14 91.26 14.49 81.72
CA GLY E 14 90.32 15.37 81.04
C GLY E 14 89.12 15.74 81.87
N TYR E 15 88.36 16.70 81.37
CA TYR E 15 87.21 17.29 82.04
C TYR E 15 86.06 17.38 81.06
N VAL E 16 84.86 17.08 81.52
CA VAL E 16 83.61 17.18 80.75
C VAL E 16 82.74 18.21 81.43
N TYR E 17 82.29 19.19 80.67
CA TYR E 17 81.40 20.25 81.12
C TYR E 17 80.16 20.29 80.27
N THR E 18 79.10 20.82 80.84
CA THR E 18 77.85 21.05 80.15
C THR E 18 77.26 22.39 80.55
N ALA E 19 76.39 22.94 79.71
CA ALA E 19 75.78 24.24 79.85
C ALA E 19 74.48 24.28 79.04
N ALA E 20 73.69 25.34 79.20
CA ALA E 20 72.55 25.61 78.34
C ALA E 20 72.97 25.70 76.86
N VAL E 21 72.06 25.39 75.94
CA VAL E 21 72.35 25.34 74.50
C VAL E 21 72.84 26.68 73.98
N GLY E 22 73.88 26.65 73.15
CA GLY E 22 74.41 27.82 72.48
C GLY E 22 75.43 28.62 73.27
N THR E 23 75.72 28.27 74.51
CA THR E 23 76.74 28.94 75.33
C THR E 23 78.12 28.87 74.70
N ALA E 24 78.85 29.97 74.75
CA ALA E 24 80.21 30.10 74.27
C ALA E 24 81.19 29.39 75.21
N ALA E 25 82.17 28.72 74.64
CA ALA E 25 83.30 28.16 75.37
C ALA E 25 84.35 29.24 75.69
N PRO E 26 85.24 29.01 76.65
CA PRO E 26 86.48 29.77 76.84
C PRO E 26 87.26 29.96 75.55
N THR E 27 87.84 31.13 75.32
CA THR E 27 88.67 31.36 74.14
C THR E 27 89.96 30.54 74.18
N PRO E 28 90.65 30.33 73.04
CA PRO E 28 91.94 29.64 73.02
C PRO E 28 93.00 30.21 73.98
N SER E 29 93.06 31.52 74.16
CA SER E 29 93.98 32.17 75.12
C SER E 29 93.58 31.95 76.59
N GLN E 30 92.29 31.80 76.88
CA GLN E 30 91.79 31.52 78.23
C GLN E 30 91.99 30.06 78.61
N LEU E 31 91.84 29.14 77.66
CA LEU E 31 91.85 27.70 77.91
C LEU E 31 93.15 27.21 78.54
N LYS E 32 94.30 27.80 78.17
CA LYS E 32 95.60 27.51 78.79
C LYS E 32 95.81 28.11 80.20
N LEU E 33 94.80 28.75 80.80
CA LEU E 33 94.87 29.38 82.13
C LEU E 33 93.70 29.05 83.09
N ILE E 34 92.48 28.81 82.60
CA ILE E 34 91.29 28.55 83.45
C ILE E 34 91.52 27.44 84.49
N ASP E 35 90.91 27.57 85.68
CA ASP E 35 90.92 26.56 86.73
C ASP E 35 89.90 25.44 86.42
N LEU E 36 90.37 24.30 85.94
CA LEU E 36 89.48 23.27 85.39
C LEU E 36 88.56 22.63 86.42
N GLU E 37 88.90 22.68 87.71
CA GLU E 37 88.07 22.13 88.79
C GLU E 37 86.93 23.07 89.21
N HIS E 38 86.91 24.33 88.75
CA HIS E 38 85.98 25.37 89.23
C HIS E 38 85.40 26.21 88.09
N PRO E 39 84.52 25.67 87.23
CA PRO E 39 83.96 26.42 86.13
C PRO E 39 83.00 27.53 86.55
N GLU E 40 82.59 27.53 87.81
CA GLU E 40 81.94 28.65 88.50
C GLU E 40 82.78 29.93 88.50
N ALA E 41 84.11 29.85 88.41
CA ALA E 41 85.00 30.99 88.56
C ALA E 41 85.30 31.72 87.25
N TRP E 42 85.19 31.04 86.11
CA TRP E 42 85.73 31.53 84.84
C TRP E 42 84.96 32.74 84.31
N ASP E 43 85.63 33.59 83.53
CA ASP E 43 84.94 34.36 82.49
C ASP E 43 84.48 33.35 81.42
N ARG E 44 83.40 33.63 80.69
CA ARG E 44 82.56 32.62 80.01
C ARG E 44 81.85 31.72 81.02
N THR E 45 80.97 32.34 81.79
CA THR E 45 80.12 31.70 82.79
C THR E 45 79.11 30.74 82.17
N GLY E 46 78.62 29.77 82.95
CA GLY E 46 77.51 28.89 82.59
C GLY E 46 77.88 27.42 82.47
N TRP E 47 79.15 27.06 82.51
CA TRP E 47 79.64 25.69 82.50
C TRP E 47 79.60 25.05 83.89
N ASP E 48 79.09 23.85 83.97
CA ASP E 48 79.13 22.97 85.13
C ASP E 48 79.88 21.67 84.78
N LEU E 49 80.62 21.11 85.72
CA LEU E 49 81.25 19.81 85.56
C LEU E 49 80.19 18.71 85.56
N VAL E 50 80.36 17.72 84.69
CA VAL E 50 79.46 16.58 84.52
C VAL E 50 79.59 15.53 85.64
N GLY E 51 80.61 15.65 86.49
CA GLY E 51 80.98 14.66 87.50
C GLY E 51 82.18 13.83 87.11
N HIS E 52 82.55 12.86 87.93
CA HIS E 52 83.56 11.87 87.56
C HIS E 52 83.12 11.02 86.37
N THR E 53 84.10 10.65 85.55
CA THR E 53 83.94 9.83 84.35
C THR E 53 84.96 8.71 84.34
N SER E 54 84.72 7.63 83.60
CA SER E 54 85.56 6.43 83.67
C SER E 54 87.00 6.70 83.29
N GLU E 55 87.92 6.19 84.10
CA GLU E 55 89.35 6.51 84.04
C GLU E 55 90.09 5.67 82.98
N ASP E 56 89.45 4.68 82.37
CA ASP E 56 90.01 3.78 81.35
C ASP E 56 89.19 3.79 80.03
N ASP E 57 87.89 3.51 80.07
CA ASP E 57 86.93 3.77 78.99
C ASP E 57 86.61 5.28 78.87
N LEU E 58 87.65 6.10 78.73
CA LEU E 58 87.55 7.55 78.52
C LEU E 58 86.84 7.86 77.18
N PRO E 59 86.36 9.10 76.93
CA PRO E 59 85.27 9.32 75.98
C PRO E 59 85.62 8.92 74.55
N GLU E 60 84.70 8.19 73.92
CA GLU E 60 84.87 7.67 72.58
C GLU E 60 84.13 8.55 71.59
N PHE E 61 84.84 9.13 70.63
CA PHE E 61 84.18 9.75 69.49
C PHE E 61 83.61 8.68 68.57
N GLY E 62 82.80 9.08 67.61
CA GLY E 62 82.24 8.17 66.64
C GLY E 62 81.29 8.86 65.70
N PHE E 63 80.83 8.12 64.71
CA PHE E 63 79.75 8.53 63.84
C PHE E 63 78.94 7.36 63.33
N ASP E 64 77.66 7.60 63.13
CA ASP E 64 76.78 6.81 62.28
C ASP E 64 76.90 7.30 60.84
N GLY E 65 76.49 6.51 59.86
CA GLY E 65 76.57 6.87 58.45
C GLY E 65 78.01 6.85 57.92
N GLY E 66 78.35 7.77 57.03
CA GLY E 66 79.67 7.83 56.40
C GLY E 66 79.90 6.74 55.35
N ASP E 67 78.85 6.02 54.97
CA ASP E 67 78.86 5.07 53.87
C ASP E 67 79.28 5.77 52.57
N SER E 68 80.18 5.18 51.80
CA SER E 68 80.74 5.83 50.63
C SER E 68 81.07 4.84 49.51
N GLU E 69 80.93 5.30 48.27
CA GLU E 69 81.17 4.57 47.04
C GLU E 69 82.13 5.35 46.15
N VAL E 70 83.09 4.70 45.51
CA VAL E 70 83.75 5.30 44.34
C VAL E 70 82.79 5.21 43.16
N ARG E 71 82.36 6.35 42.61
CA ARG E 71 81.61 6.37 41.36
C ARG E 71 82.55 6.14 40.18
N GLY E 72 82.28 5.11 39.40
CA GLY E 72 83.06 4.72 38.24
C GLY E 72 82.33 5.01 36.94
N SER E 73 83.06 5.33 35.89
CA SER E 73 82.48 5.41 34.55
C SER E 73 82.19 4.03 33.96
N TRP E 74 81.48 3.99 32.85
CA TRP E 74 81.20 2.78 32.08
C TRP E 74 82.46 2.09 31.54
N GLN E 75 83.54 2.82 31.34
CA GLN E 75 84.82 2.34 30.87
C GLN E 75 85.83 2.15 32.01
N LYS E 76 85.33 1.91 33.22
CA LYS E 76 86.09 1.60 34.43
C LYS E 76 86.98 2.72 34.97
N LYS E 77 86.82 3.98 34.57
CA LYS E 77 87.55 5.09 35.17
C LYS E 77 86.98 5.44 36.54
N LYS E 78 87.82 5.61 37.55
CA LYS E 78 87.41 5.99 38.92
C LYS E 78 87.30 7.50 39.08
N LEU E 79 86.09 8.04 39.23
CA LEU E 79 85.81 9.47 39.11
C LEU E 79 86.02 10.24 40.42
N ARG E 80 85.15 10.07 41.42
CA ARG E 80 85.41 10.43 42.82
C ARG E 80 84.50 9.68 43.78
N GLU E 81 84.82 9.70 45.06
CA GLU E 81 83.99 9.13 46.11
C GLU E 81 82.75 9.98 46.37
N VAL E 82 81.64 9.36 46.76
CA VAL E 82 80.38 10.05 47.11
C VAL E 82 79.85 9.52 48.45
N GLU E 83 79.26 10.36 49.30
CA GLU E 83 78.50 9.93 50.49
C GLU E 83 77.16 9.27 50.09
N THR E 84 76.86 8.11 50.66
CA THR E 84 75.57 7.41 50.47
C THR E 84 74.71 7.35 51.74
N GLU E 85 75.26 7.74 52.90
CA GLU E 85 74.50 8.11 54.10
C GLU E 85 75.23 9.23 54.84
N GLU E 86 74.51 10.19 55.44
CA GLU E 86 75.14 11.35 56.06
C GLU E 86 75.83 11.04 57.40
N ILE E 87 77.02 11.60 57.63
CA ILE E 87 77.76 11.41 58.87
C ILE E 87 77.04 12.13 60.01
N ALA E 88 76.59 11.38 61.03
CA ALA E 88 76.10 11.91 62.29
C ALA E 88 77.14 11.65 63.38
N ASP E 89 77.96 12.65 63.68
CA ASP E 89 78.97 12.62 64.74
C ASP E 89 78.38 12.57 66.15
N TYR E 90 79.03 11.83 67.01
CA TYR E 90 78.75 11.77 68.44
C TYR E 90 80.01 11.60 69.29
N VAL E 91 79.85 11.78 70.59
CA VAL E 91 80.78 11.30 71.60
C VAL E 91 80.04 10.47 72.63
N VAL E 92 80.64 9.38 73.09
CA VAL E 92 80.16 8.58 74.22
C VAL E 92 80.99 8.90 75.44
N ILE E 93 80.33 9.25 76.55
CA ILE E 93 80.93 9.63 77.83
C ILE E 93 80.43 8.66 78.91
N ASN E 94 81.32 7.91 79.55
CA ASN E 94 80.99 7.01 80.65
C ASN E 94 81.03 7.73 82.01
N LEU E 95 79.87 7.99 82.62
CA LEU E 95 79.74 8.70 83.91
C LEU E 95 79.92 7.73 85.08
N THR E 96 80.48 8.17 86.21
CA THR E 96 80.70 7.27 87.37
C THR E 96 80.25 7.82 88.71
N GLN E 97 79.70 9.03 88.81
CA GLN E 97 78.87 9.40 89.95
C GLN E 97 77.42 8.91 89.77
N PHE E 98 76.68 8.67 90.86
CA PHE E 98 75.25 8.37 90.84
C PHE E 98 74.40 9.45 91.54
N ASP E 99 74.91 10.67 91.68
CA ASP E 99 74.09 11.80 92.10
C ASP E 99 73.21 12.38 90.98
N GLU E 100 72.37 13.36 91.31
CA GLU E 100 71.49 14.04 90.37
C GLU E 100 72.22 14.66 89.17
N THR E 101 73.47 15.09 89.31
CA THR E 101 74.28 15.63 88.21
C THR E 101 74.48 14.63 87.09
N ALA E 102 74.76 13.37 87.41
CA ALA E 102 74.90 12.33 86.41
C ALA E 102 73.54 11.81 85.93
N LEU E 103 72.58 11.61 86.84
CA LEU E 103 71.31 11.00 86.47
C LEU E 103 70.46 11.91 85.60
N GLU E 104 70.56 13.24 85.71
CA GLU E 104 69.84 14.11 84.78
C GLU E 104 70.38 14.04 83.34
N LEU E 105 71.65 13.68 83.15
CA LEU E 105 72.22 13.46 81.82
C LEU E 105 71.81 12.11 81.26
N TYR E 106 71.73 11.07 82.11
CA TYR E 106 71.37 9.73 81.70
C TYR E 106 69.85 9.54 81.52
N PHE E 107 69.01 9.87 82.50
CA PHE E 107 67.55 9.68 82.44
C PHE E 107 66.76 10.90 81.95
N GLY E 108 67.36 12.09 81.87
CA GLY E 108 66.61 13.33 81.69
C GLY E 108 66.10 13.91 83.00
N PRO E 109 65.16 14.86 83.00
CA PRO E 109 64.78 15.57 84.22
C PRO E 109 64.18 14.66 85.30
N ASN E 110 64.45 14.94 86.58
CA ASN E 110 63.86 14.22 87.70
C ASN E 110 62.33 14.40 87.69
N GLN E 111 61.57 13.32 87.63
CA GLN E 111 60.11 13.36 87.56
C GLN E 111 59.44 13.31 88.95
N SER E 112 60.11 13.78 90.01
CA SER E 112 59.56 13.84 91.36
C SER E 112 60.08 15.06 92.13
N ALA E 113 59.27 15.60 93.04
CA ALA E 113 59.61 16.78 93.84
C ALA E 113 60.14 16.46 95.23
N THR E 114 59.93 15.23 95.72
CA THR E 114 60.27 14.84 97.10
C THR E 114 61.77 14.75 97.33
N PRO E 115 62.30 15.23 98.46
CA PRO E 115 63.73 15.13 98.76
C PRO E 115 64.16 13.67 98.91
N GLY E 116 65.28 13.29 98.32
CA GLY E 116 65.82 11.94 98.35
C GLY E 116 65.35 10.99 97.28
N ILE E 117 64.59 11.43 96.27
CA ILE E 117 64.09 10.57 95.19
C ILE E 117 64.39 11.15 93.81
N PHE E 118 64.82 10.27 92.90
CA PHE E 118 64.87 10.55 91.47
C PHE E 118 63.89 9.63 90.76
N GLY E 119 62.83 10.19 90.17
CA GLY E 119 61.79 9.45 89.49
C GLY E 119 61.93 9.43 87.98
N VAL E 120 61.55 8.33 87.33
CA VAL E 120 61.56 8.16 85.88
C VAL E 120 60.15 7.77 85.39
N LYS E 121 59.73 8.19 84.20
CA LYS E 121 58.41 7.90 83.59
C LYS E 121 58.55 7.34 82.16
N SER E 122 57.48 6.78 81.61
CA SER E 122 57.47 6.05 80.33
C SER E 122 57.55 6.89 79.05
N GLY E 123 57.44 8.22 79.11
CA GLY E 123 57.45 9.10 77.93
C GLY E 123 58.80 9.26 77.20
N SER E 124 58.80 10.04 76.12
CA SER E 124 60.02 10.49 75.43
C SER E 124 60.61 11.74 76.08
N VAL E 125 61.92 11.94 76.00
CA VAL E 125 62.64 13.06 76.61
C VAL E 125 63.55 13.75 75.62
N VAL E 126 63.49 15.07 75.59
CA VAL E 126 64.40 15.92 74.83
C VAL E 126 65.43 16.45 75.82
N ASN E 127 66.70 16.34 75.50
CA ASN E 127 67.80 16.57 76.44
C ASN E 127 68.99 17.25 75.75
N GLU E 128 68.76 18.42 75.17
CA GLU E 128 69.76 19.18 74.42
C GLU E 128 70.55 20.10 75.36
N ARG E 129 71.88 20.02 75.32
CA ARG E 129 72.84 20.84 76.07
C ARG E 129 74.01 21.26 75.22
N ALA E 130 74.76 22.27 75.63
CA ALA E 130 76.11 22.50 75.15
C ALA E 130 77.07 21.58 75.89
N LEU E 131 78.17 21.24 75.23
CA LEU E 131 79.16 20.30 75.73
C LEU E 131 80.56 20.85 75.50
N LEU E 132 81.44 20.75 76.50
CA LEU E 132 82.86 21.07 76.38
C LEU E 132 83.69 19.94 76.98
N ILE E 133 84.68 19.45 76.26
CA ILE E 133 85.70 18.50 76.75
C ILE E 133 87.04 19.22 76.75
N VAL E 134 87.70 19.30 77.89
CA VAL E 134 89.10 19.71 77.94
C VAL E 134 89.95 18.48 78.19
N ILE E 135 90.85 18.16 77.27
CA ILE E 135 91.79 17.06 77.36
C ILE E 135 93.15 17.64 77.76
N VAL E 136 93.76 17.09 78.80
CA VAL E 136 94.95 17.63 79.45
C VAL E 136 96.11 16.65 79.35
N ASP E 137 97.23 17.12 78.82
CA ASP E 137 98.47 16.36 78.62
C ASP E 137 99.64 17.25 79.04
N ASN E 138 100.04 17.15 80.31
CA ASN E 138 100.97 18.07 80.97
C ASN E 138 100.53 19.54 80.84
N ASP E 139 101.29 20.37 80.13
CA ASP E 139 100.99 21.79 79.91
C ASP E 139 100.18 22.05 78.63
N VAL E 140 99.73 21.00 77.93
CA VAL E 140 98.87 21.11 76.75
C VAL E 140 97.42 20.81 77.12
N ARG E 141 96.51 21.70 76.72
CA ARG E 141 95.07 21.58 76.91
C ARG E 141 94.36 21.72 75.56
N LEU E 142 94.06 20.60 74.92
CA LEU E 142 93.18 20.55 73.77
C LEU E 142 91.73 20.69 74.25
N GLY E 143 90.98 21.61 73.69
CA GLY E 143 89.54 21.73 73.93
C GLY E 143 88.72 21.20 72.76
N PHE E 144 87.54 20.67 73.05
CA PHE E 144 86.49 20.35 72.11
C PHE E 144 85.18 20.96 72.60
N HIS E 145 84.45 21.65 71.73
CA HIS E 145 83.19 22.31 72.09
C HIS E 145 82.10 22.05 71.06
N ALA E 146 80.89 21.77 71.50
CA ALA E 146 79.70 21.74 70.68
C ALA E 146 78.62 22.63 71.29
N ARG E 147 78.03 23.52 70.49
CA ARG E 147 76.97 24.46 70.93
C ARG E 147 75.67 23.74 71.27
N LYS E 148 75.29 22.74 70.49
CA LYS E 148 74.14 21.86 70.74
C LYS E 148 74.57 20.41 70.57
N ALA E 149 74.37 19.61 71.60
CA ALA E 149 74.44 18.17 71.54
C ALA E 149 73.23 17.57 72.28
N SER E 150 72.63 16.53 71.74
CA SER E 150 71.51 15.81 72.37
C SER E 150 72.01 14.59 73.11
N LEU E 151 71.61 14.42 74.37
CA LEU E 151 72.10 13.38 75.26
C LEU E 151 71.12 12.23 75.36
N LYS E 152 71.61 10.99 75.26
CA LYS E 152 70.79 9.78 75.40
C LYS E 152 71.55 8.68 76.14
N ARG E 153 70.83 7.72 76.69
CA ARG E 153 71.36 6.45 77.19
C ARG E 153 72.01 5.70 76.03
N GLU E 154 73.31 5.47 76.07
CA GLU E 154 73.99 4.63 75.06
C GLU E 154 73.77 3.14 75.34
N ASP E 155 73.81 2.76 76.60
CA ASP E 155 73.81 1.38 77.07
C ASP E 155 73.32 1.33 78.52
N ALA E 156 73.15 0.14 79.05
CA ALA E 156 72.70 -0.13 80.40
C ALA E 156 73.63 0.39 81.51
N ILE E 157 73.09 0.65 82.69
CA ILE E 157 73.88 0.88 83.90
C ILE E 157 74.65 -0.40 84.22
N SER E 158 75.95 -0.30 84.44
CA SER E 158 76.79 -1.41 84.88
C SER E 158 77.13 -1.27 86.37
N LEU E 159 77.09 -2.39 87.09
CA LEU E 159 77.47 -2.55 88.49
C LEU E 159 78.42 -3.75 88.59
N ALA E 160 79.47 -3.63 89.39
CA ALA E 160 80.37 -4.72 89.72
C ALA E 160 80.81 -4.57 91.17
N THR E 161 81.21 -5.67 91.81
CA THR E 161 81.63 -5.71 93.21
C THR E 161 82.92 -4.96 93.55
N ASP E 162 83.73 -4.61 92.55
CA ASP E 162 85.11 -4.13 92.75
C ASP E 162 85.59 -3.17 91.64
N GLU E 163 84.69 -2.69 90.78
CA GLU E 163 84.94 -1.59 89.84
C GLU E 163 83.82 -0.56 89.97
N PHE E 164 84.09 0.71 89.67
CA PHE E 164 83.05 1.75 89.75
C PHE E 164 81.85 1.42 88.86
N GLY E 165 80.64 1.59 89.38
CA GLY E 165 79.43 1.55 88.56
C GLY E 165 79.43 2.69 87.54
N ALA E 166 78.71 2.55 86.44
CA ALA E 166 78.73 3.54 85.38
C ALA E 166 77.40 3.78 84.67
N LEU E 167 77.23 4.98 84.12
CA LEU E 167 76.11 5.39 83.29
C LEU E 167 76.61 5.88 81.92
N PRO E 168 76.59 5.04 80.87
CA PRO E 168 77.10 5.43 79.56
C PRO E 168 76.16 6.35 78.77
N VAL E 169 76.59 7.56 78.44
CA VAL E 169 75.79 8.60 77.76
C VAL E 169 76.37 8.93 76.39
N ARG E 170 75.55 8.96 75.34
CA ARG E 170 75.95 9.43 74.00
C ARG E 170 75.44 10.83 73.75
N ALA E 171 76.33 11.74 73.38
CA ALA E 171 76.04 13.09 72.97
C ALA E 171 76.21 13.21 71.45
N THR E 172 75.13 13.46 70.74
CA THR E 172 75.12 13.56 69.28
C THR E 172 75.04 15.03 68.90
N PHE E 173 75.94 15.51 68.05
CA PHE E 173 76.06 16.92 67.77
C PHE E 173 75.00 17.37 66.77
N LEU E 174 74.39 18.54 67.00
CA LEU E 174 73.26 19.06 66.25
C LEU E 174 73.53 20.47 65.73
N ASP E 175 72.97 20.81 64.59
CA ASP E 175 73.11 22.14 64.01
C ASP E 175 72.30 23.16 64.81
N TYR E 176 72.89 24.34 65.06
CA TYR E 176 72.27 25.42 65.80
C TYR E 176 72.67 26.79 65.24
N GLN E 177 71.70 27.69 65.07
CA GLN E 177 71.89 29.01 64.47
C GLN E 177 72.72 28.89 63.17
N SER E 178 73.78 29.70 63.00
CA SER E 178 74.70 29.63 61.86
C SER E 178 76.06 29.02 62.19
N TYR E 179 76.27 28.55 63.41
CA TYR E 179 77.56 28.16 63.96
C TYR E 179 78.17 26.88 63.35
N ASN E 180 79.43 26.62 63.66
CA ASN E 180 80.07 25.33 63.45
C ASN E 180 79.37 24.24 64.28
N LEU E 181 79.28 23.03 63.75
CA LEU E 181 78.71 21.87 64.44
C LEU E 181 79.49 21.61 65.73
N TYR E 182 80.81 21.61 65.64
CA TYR E 182 81.71 21.61 66.78
C TYR E 182 83.04 22.25 66.41
N GLU E 183 83.82 22.59 67.43
CA GLU E 183 85.12 23.23 67.30
C GLU E 183 86.17 22.56 68.18
N TRP E 184 87.38 22.39 67.66
CA TRP E 184 88.57 22.09 68.43
C TRP E 184 89.33 23.39 68.76
N ILE E 185 89.85 23.47 69.97
CA ILE E 185 90.41 24.66 70.59
C ILE E 185 91.82 24.38 71.06
N GLU E 186 92.82 25.06 70.51
CA GLU E 186 94.22 24.96 70.93
C GLU E 186 94.96 26.15 70.32
N GLU E 187 95.50 27.06 71.13
CA GLU E 187 96.04 28.33 70.64
C GLU E 187 97.22 28.17 69.67
N ASP E 188 98.04 27.15 69.82
CA ASP E 188 99.27 26.98 69.05
C ASP E 188 99.17 25.96 67.92
N TRP E 189 98.07 25.20 67.80
CA TRP E 189 97.91 24.16 66.78
C TRP E 189 96.99 24.54 65.61
N PHE E 190 96.13 25.55 65.72
CA PHE E 190 95.09 25.84 64.73
C PHE E 190 95.06 27.32 64.34
N ASN E 191 94.96 27.64 63.05
CA ASN E 191 95.06 29.02 62.52
C ASN E 191 96.28 29.77 63.08
N ALA E 192 97.33 29.05 63.44
CA ALA E 192 98.46 29.58 64.17
C ALA E 192 99.48 30.15 63.18
N VAL E 193 99.68 31.47 63.23
CA VAL E 193 100.70 32.13 62.42
C VAL E 193 102.08 31.63 62.83
N ASP E 194 102.88 31.25 61.85
CA ASP E 194 104.09 30.45 62.01
C ASP E 194 105.29 31.05 61.26
N ALA E 195 106.48 30.55 61.56
CA ALA E 195 107.76 31.09 61.09
C ALA E 195 108.75 29.93 60.85
N PRO E 196 109.73 30.09 59.95
CA PRO E 196 110.66 29.01 59.62
C PRO E 196 111.59 28.72 60.78
N VAL E 197 112.10 27.49 60.88
CA VAL E 197 113.15 27.18 61.85
C VAL E 197 114.41 28.01 61.53
N VAL E 198 114.79 28.88 62.45
CA VAL E 198 116.04 29.64 62.41
C VAL E 198 116.99 29.03 63.43
N TYR E 199 118.23 28.84 63.05
CA TYR E 199 119.29 28.35 63.94
C TYR E 199 120.24 29.49 64.29
N LEU E 200 120.52 29.70 65.57
CA LEU E 200 121.47 30.68 66.05
C LEU E 200 122.86 30.06 66.08
N LEU E 201 123.73 30.45 65.15
CA LEU E 201 125.15 30.14 65.22
C LEU E 201 125.79 31.13 66.20
N ASP E 202 126.07 30.61 67.39
CA ASP E 202 126.71 31.33 68.49
C ASP E 202 128.18 30.92 68.57
N LEU E 203 129.09 31.86 68.29
CA LEU E 203 130.53 31.61 68.27
C LEU E 203 131.14 31.44 69.68
N GLY E 204 130.35 31.55 70.75
CA GLY E 204 130.80 31.36 72.12
C GLY E 204 131.80 32.40 72.63
N GLY E 205 131.99 33.49 71.89
CA GLY E 205 133.09 34.43 72.13
C GLY E 205 134.47 33.83 71.82
N ALA E 206 134.57 32.89 70.88
CA ALA E 206 135.82 32.23 70.52
C ALA E 206 136.92 33.22 70.13
N THR E 207 138.11 33.05 70.70
CA THR E 207 139.21 34.03 70.56
C THR E 207 139.88 33.95 69.19
N GLY E 208 140.01 32.76 68.63
CA GLY E 208 140.65 32.51 67.34
C GLY E 208 140.60 31.04 66.96
N GLY E 209 140.72 30.73 65.67
CA GLY E 209 140.75 29.36 65.14
C GLY E 209 139.72 29.11 64.03
N ASP E 210 139.22 27.88 63.93
CA ASP E 210 138.28 27.46 62.88
C ASP E 210 137.35 26.34 63.36
N TYR E 211 136.27 26.07 62.63
CA TYR E 211 135.21 25.12 62.99
C TYR E 211 134.43 24.67 61.74
N THR E 212 133.58 23.66 61.90
CA THR E 212 132.84 23.01 60.81
C THR E 212 131.40 22.74 61.24
N LEU E 213 130.42 23.11 60.42
CA LEU E 213 129.01 22.73 60.58
C LEU E 213 128.71 21.36 59.99
N LEU E 214 127.65 20.72 60.49
CA LEU E 214 126.87 19.69 59.80
C LEU E 214 125.63 20.35 59.20
N VAL E 215 125.42 20.15 57.91
CA VAL E 215 124.24 20.60 57.17
C VAL E 215 123.56 19.39 56.55
N GLY E 216 122.28 19.19 56.82
CA GLY E 216 121.58 17.99 56.36
C GLY E 216 122.17 16.68 56.87
N GLY E 217 122.96 16.73 57.95
CA GLY E 217 123.65 15.56 58.48
C GLY E 217 124.96 15.20 57.79
N LYS E 218 125.52 16.07 56.93
CA LYS E 218 126.86 15.93 56.37
C LYS E 218 127.72 17.17 56.57
N SER E 219 129.03 17.01 56.70
CA SER E 219 129.95 18.06 57.13
C SER E 219 130.29 19.05 56.04
N THR E 220 130.47 20.33 56.40
CA THR E 220 131.19 21.28 55.54
C THR E 220 132.72 21.19 55.75
N GLY E 221 133.48 22.07 55.12
CA GLY E 221 134.93 22.21 55.31
C GLY E 221 135.31 23.14 56.47
N ASP E 222 136.40 23.88 56.28
CA ASP E 222 136.95 24.89 57.18
C ASP E 222 136.08 26.17 57.19
N ILE E 223 135.60 26.59 58.36
CA ILE E 223 135.11 27.95 58.62
C ILE E 223 136.03 28.64 59.64
N ALA E 224 136.68 29.74 59.26
CA ALA E 224 137.48 30.54 60.18
C ALA E 224 136.59 31.30 61.19
N TYR E 225 137.05 31.46 62.43
CA TYR E 225 136.26 32.05 63.51
C TYR E 225 135.75 33.47 63.22
N ASN E 226 136.45 34.23 62.38
CA ASN E 226 136.15 35.62 62.02
C ASN E 226 135.30 35.75 60.73
N ALA E 227 134.77 34.64 60.18
CA ALA E 227 133.97 34.64 58.96
C ALA E 227 132.72 35.56 59.05
N ASN E 228 132.43 36.31 57.99
CA ASN E 228 131.19 37.07 57.88
C ASN E 228 130.02 36.20 57.38
N ALA E 229 128.80 36.75 57.38
CA ALA E 229 127.60 36.03 56.94
C ALA E 229 127.72 35.47 55.51
N SER E 230 128.42 36.17 54.62
CA SER E 230 128.68 35.70 53.26
C SER E 230 129.56 34.44 53.26
N ALA E 231 130.63 34.42 54.04
CA ALA E 231 131.48 33.25 54.18
C ALA E 231 130.77 32.06 54.85
N ILE E 232 129.86 32.31 55.81
CA ILE E 232 128.98 31.25 56.32
C ILE E 232 128.03 30.74 55.24
N LYS E 233 127.39 31.63 54.45
CA LYS E 233 126.46 31.20 53.39
C LYS E 233 127.17 30.40 52.31
N THR E 234 128.40 30.76 51.96
CA THR E 234 129.29 29.94 51.12
C THR E 234 129.58 28.60 51.78
N ALA E 235 130.03 28.56 53.03
CA ALA E 235 130.43 27.29 53.65
C ALA E 235 129.28 26.31 53.81
N ILE E 236 128.06 26.78 54.14
CA ILE E 236 126.88 25.92 54.22
C ILE E 236 126.43 25.51 52.81
N GLY E 237 126.34 26.43 51.87
CA GLY E 237 125.84 26.14 50.52
C GLY E 237 126.79 25.29 49.66
N ALA E 238 128.09 25.30 49.95
CA ALA E 238 129.09 24.54 49.22
C ALA E 238 129.03 23.02 49.46
N VAL E 239 128.19 22.54 50.38
CA VAL E 239 128.09 21.11 50.71
C VAL E 239 127.32 20.30 49.65
N ASP E 240 127.72 19.05 49.48
CA ASP E 240 127.37 18.13 48.40
C ASP E 240 126.00 17.42 48.62
N ASP E 241 124.87 18.13 48.48
CA ASP E 241 123.56 17.69 49.00
C ASP E 241 122.35 18.10 48.14
N GLY E 242 122.57 18.75 47.01
CA GLY E 242 121.53 19.12 46.05
C GLY E 242 120.83 20.45 46.30
N VAL E 243 121.21 21.24 47.32
CA VAL E 243 120.70 22.60 47.50
C VAL E 243 121.76 23.66 47.21
N ALA E 244 121.33 24.75 46.57
CA ALA E 244 122.20 25.85 46.13
C ALA E 244 122.52 26.87 47.22
N GLU E 245 123.61 27.63 47.05
CA GLU E 245 123.97 28.79 47.87
C GLU E 245 122.89 29.89 47.88
N SER E 246 121.95 29.87 46.93
CA SER E 246 120.80 30.78 46.87
C SER E 246 119.62 30.36 47.74
N ALA E 247 119.54 29.10 48.17
CA ALA E 247 118.43 28.62 48.99
C ALA E 247 118.58 28.98 50.48
N TRP E 248 119.81 28.98 50.97
CA TRP E 248 120.19 29.40 52.32
C TRP E 248 120.09 30.91 52.54
N THR E 249 119.93 31.32 53.80
CA THR E 249 119.89 32.70 54.27
C THR E 249 120.76 32.80 55.51
N VAL E 250 121.65 33.80 55.58
CA VAL E 250 122.43 34.08 56.78
C VAL E 250 122.43 35.56 57.09
N THR E 251 122.19 35.94 58.35
CA THR E 251 122.11 37.34 58.79
C THR E 251 122.67 37.52 60.18
N ALA E 252 123.28 38.68 60.44
CA ALA E 252 123.93 38.98 61.71
C ALA E 252 122.93 39.45 62.78
N ASP E 253 123.16 39.04 64.02
CA ASP E 253 122.56 39.58 65.25
C ASP E 253 123.67 39.88 66.26
N GLY E 254 124.52 40.87 65.92
CA GLY E 254 125.68 41.24 66.72
C GLY E 254 126.76 40.14 66.73
N SER E 255 126.97 39.51 67.88
CA SER E 255 127.94 38.42 68.06
C SER E 255 127.64 37.18 67.21
N ASP E 256 126.36 36.92 66.97
CA ASP E 256 125.85 35.61 66.54
C ASP E 256 125.07 35.75 65.22
N PHE E 257 125.01 34.67 64.43
CA PHE E 257 124.33 34.65 63.13
C PHE E 257 123.04 33.84 63.18
N GLU E 258 121.99 34.37 62.57
CA GLU E 258 120.79 33.64 62.20
C GLU E 258 121.06 32.85 60.92
N ILE E 259 120.96 31.52 60.97
CA ILE E 259 121.03 30.64 59.79
C ILE E 259 119.61 30.14 59.52
N SER E 260 119.16 30.25 58.28
CA SER E 260 117.87 29.71 57.81
C SER E 260 118.01 29.05 56.44
N GLY E 261 117.30 27.96 56.19
CA GLY E 261 117.35 27.27 54.90
C GLY E 261 116.63 25.91 54.90
N PRO E 262 116.64 25.20 53.77
CA PRO E 262 115.80 24.03 53.54
C PRO E 262 116.19 22.74 54.29
N LEU E 263 117.24 22.72 55.10
CA LEU E 263 117.68 21.56 55.88
C LEU E 263 118.04 21.95 57.31
N ALA E 264 118.12 20.97 58.22
CA ALA E 264 118.66 21.19 59.55
C ALA E 264 120.16 21.52 59.52
N VAL E 265 120.61 22.36 60.44
CA VAL E 265 122.04 22.59 60.69
C VAL E 265 122.40 22.34 62.16
N ALA E 266 123.62 21.88 62.41
CA ALA E 266 124.20 21.68 63.74
C ALA E 266 125.72 21.89 63.71
N LEU E 267 126.38 22.14 64.85
CA LEU E 267 127.84 22.17 64.89
C LEU E 267 128.41 20.75 64.68
N GLY E 268 129.38 20.61 63.79
CA GLY E 268 129.99 19.32 63.44
C GLY E 268 131.33 19.08 64.13
N VAL E 269 132.27 20.02 63.98
CA VAL E 269 133.61 19.97 64.59
C VAL E 269 134.02 21.35 65.09
N ASP E 270 134.63 21.40 66.27
CA ASP E 270 135.23 22.60 66.84
C ASP E 270 136.77 22.51 66.79
N SER E 271 137.42 23.52 66.22
CA SER E 271 138.88 23.68 66.21
C SER E 271 139.27 25.12 66.60
N THR E 272 138.47 25.76 67.43
CA THR E 272 138.79 27.04 68.08
C THR E 272 139.85 26.85 69.18
N THR E 273 140.64 27.89 69.42
CA THR E 273 141.82 27.88 70.32
C THR E 273 141.56 28.43 71.72
N GLY E 274 140.41 29.06 71.95
CA GLY E 274 140.07 29.69 73.23
C GLY E 274 138.72 30.39 73.19
N GLY E 275 138.25 30.88 74.33
CA GLY E 275 136.87 31.32 74.54
C GLY E 275 135.92 30.14 74.82
N SER E 276 134.66 30.44 75.17
CA SER E 276 133.66 29.39 75.41
C SER E 276 133.28 28.68 74.10
N GLY E 277 132.76 27.45 74.18
CA GLY E 277 132.50 26.62 73.01
C GLY E 277 131.49 27.22 72.03
N VAL E 278 131.75 27.06 70.73
CA VAL E 278 130.80 27.38 69.65
C VAL E 278 129.55 26.50 69.80
N THR E 279 128.37 27.01 69.46
CA THR E 279 127.15 26.20 69.40
C THR E 279 126.18 26.67 68.32
N VAL E 280 125.33 25.75 67.85
CA VAL E 280 124.20 26.04 66.96
C VAL E 280 122.95 25.55 67.66
N ASP E 281 121.93 26.40 67.80
CA ASP E 281 120.70 26.06 68.51
C ASP E 281 119.46 26.72 67.89
N VAL E 282 118.29 26.12 68.06
CA VAL E 282 117.02 26.61 67.49
C VAL E 282 116.54 27.90 68.18
N VAL E 283 116.15 28.91 67.40
CA VAL E 283 115.59 30.20 67.88
C VAL E 283 114.12 30.05 68.29
N ALA F 2 116.10 -18.24 46.72
CA ALA F 2 115.24 -18.38 45.53
C ALA F 2 114.93 -17.02 44.92
N LEU F 3 115.67 -16.62 43.89
CA LEU F 3 115.74 -15.23 43.40
C LEU F 3 116.08 -14.25 44.56
N LYS F 4 115.67 -12.98 44.47
CA LYS F 4 116.28 -11.86 45.20
C LYS F 4 115.93 -11.79 46.69
N ASP F 5 116.86 -12.19 47.54
CA ASP F 5 116.85 -11.89 48.98
C ASP F 5 116.83 -10.38 49.26
N ASP F 6 117.54 -9.59 48.46
CA ASP F 6 117.59 -8.13 48.53
C ASP F 6 116.23 -7.43 48.31
N ALA F 7 115.26 -8.12 47.71
CA ALA F 7 113.91 -7.60 47.45
C ALA F 7 112.89 -7.89 48.57
N VAL F 8 113.28 -8.60 49.63
CA VAL F 8 112.41 -8.86 50.79
C VAL F 8 112.36 -7.63 51.70
N LEU F 9 111.17 -7.19 52.08
CA LEU F 9 110.94 -5.88 52.70
C LEU F 9 110.41 -5.98 54.15
N ILE F 10 111.08 -5.32 55.10
CA ILE F 10 110.55 -5.05 56.45
C ILE F 10 110.38 -3.53 56.60
N ALA F 11 109.16 -3.05 56.77
CA ALA F 11 108.82 -1.63 56.80
C ALA F 11 109.09 -0.93 58.15
N ALA F 12 110.31 -1.05 58.67
CA ALA F 12 110.71 -0.57 60.00
C ALA F 12 110.56 0.94 60.22
N ARG F 13 110.65 1.74 59.16
CA ARG F 13 110.44 3.20 59.14
C ARG F 13 109.74 3.59 57.85
N GLY F 14 109.07 4.73 57.85
CA GLY F 14 108.50 5.26 56.62
C GLY F 14 107.86 6.61 56.77
N TYR F 15 107.60 7.24 55.63
CA TYR F 15 107.16 8.64 55.53
C TYR F 15 106.02 8.81 54.56
N VAL F 16 105.01 9.57 54.96
CA VAL F 16 103.78 9.84 54.21
C VAL F 16 103.71 11.33 53.90
N TYR F 17 103.52 11.69 52.64
CA TYR F 17 103.46 13.07 52.12
C TYR F 17 102.20 13.32 51.31
N THR F 18 101.72 14.56 51.27
CA THR F 18 100.65 14.98 50.37
C THR F 18 101.04 16.21 49.56
N ALA F 19 100.49 16.32 48.36
CA ALA F 19 100.66 17.45 47.47
C ALA F 19 99.33 17.78 46.77
N ALA F 20 99.26 18.91 46.10
CA ALA F 20 98.17 19.22 45.19
C ALA F 20 98.04 18.19 44.07
N VAL F 21 96.82 17.90 43.66
CA VAL F 21 96.49 16.87 42.66
C VAL F 21 97.30 17.03 41.38
N GLY F 22 97.83 15.92 40.88
CA GLY F 22 98.62 15.86 39.66
C GLY F 22 100.12 16.01 39.85
N THR F 23 100.61 16.39 41.03
CA THR F 23 102.05 16.62 41.29
C THR F 23 102.91 15.37 41.07
N ALA F 24 104.04 15.50 40.38
CA ALA F 24 104.98 14.42 40.14
C ALA F 24 105.80 14.07 41.38
N ALA F 25 106.03 12.78 41.62
CA ALA F 25 106.94 12.31 42.66
C ALA F 25 108.41 12.49 42.26
N PRO F 26 109.35 12.48 43.22
CA PRO F 26 110.77 12.22 42.98
C PRO F 26 111.00 11.06 42.01
N THR F 27 111.94 11.21 41.08
CA THR F 27 112.32 10.12 40.17
C THR F 27 112.96 8.95 40.92
N PRO F 28 113.01 7.72 40.37
CA PRO F 28 113.63 6.58 41.03
C PRO F 28 115.08 6.86 41.48
N SER F 29 115.86 7.55 40.67
CA SER F 29 117.19 8.01 41.05
C SER F 29 117.19 9.04 42.19
N GLN F 30 116.30 10.04 42.17
CA GLN F 30 116.20 11.04 43.25
C GLN F 30 115.82 10.40 44.60
N LEU F 31 114.94 9.39 44.61
CA LEU F 31 114.45 8.77 45.83
C LEU F 31 115.56 8.08 46.64
N LYS F 32 116.66 7.69 46.01
CA LYS F 32 117.86 7.15 46.67
C LYS F 32 118.69 8.22 47.42
N LEU F 33 118.41 9.50 47.22
CA LEU F 33 119.30 10.61 47.61
C LEU F 33 118.63 11.69 48.48
N ILE F 34 117.36 12.02 48.23
CA ILE F 34 116.62 13.08 48.93
C ILE F 34 116.54 12.93 50.46
N ASP F 35 116.53 14.04 51.19
CA ASP F 35 116.33 14.05 52.65
C ASP F 35 114.85 13.92 53.02
N LEU F 36 114.45 12.80 53.61
CA LEU F 36 113.04 12.48 53.80
C LEU F 36 112.33 13.37 54.83
N GLU F 37 113.06 14.03 55.74
CA GLU F 37 112.48 14.91 56.75
C GLU F 37 112.22 16.33 56.25
N HIS F 38 112.77 16.70 55.08
CA HIS F 38 112.75 18.07 54.56
C HIS F 38 112.39 18.12 53.06
N PRO F 39 111.12 17.90 52.68
CA PRO F 39 110.64 18.05 51.31
C PRO F 39 110.92 19.38 50.64
N GLU F 40 111.21 20.44 51.38
CA GLU F 40 111.68 21.73 50.85
C GLU F 40 113.02 21.64 50.12
N ALA F 41 113.86 20.65 50.43
CA ALA F 41 115.15 20.47 49.79
C ALA F 41 115.06 19.75 48.43
N TRP F 42 113.94 19.11 48.12
CA TRP F 42 113.81 18.24 46.95
C TRP F 42 113.68 19.00 45.62
N ASP F 43 114.19 18.44 44.52
CA ASP F 43 114.00 18.99 43.17
C ASP F 43 112.53 18.95 42.72
N ARG F 44 111.80 17.86 42.98
CA ARG F 44 110.35 17.76 42.80
C ARG F 44 109.64 18.48 43.94
N THR F 45 109.38 19.77 43.77
CA THR F 45 108.76 20.64 44.77
C THR F 45 107.27 20.35 44.95
N GLY F 46 106.72 20.81 46.07
CA GLY F 46 105.28 20.81 46.36
C GLY F 46 104.83 19.75 47.37
N TRP F 47 105.71 18.83 47.74
CA TRP F 47 105.44 17.79 48.73
C TRP F 47 105.53 18.31 50.17
N ASP F 48 104.61 17.92 51.03
CA ASP F 48 104.63 18.24 52.45
C ASP F 48 104.26 17.03 53.30
N LEU F 49 105.00 16.83 54.39
CA LEU F 49 104.81 15.73 55.33
C LEU F 49 103.44 15.81 55.99
N VAL F 50 102.84 14.67 56.28
CA VAL F 50 101.51 14.57 56.90
C VAL F 50 101.53 14.73 58.42
N GLY F 51 102.70 14.94 59.01
CA GLY F 51 102.92 14.78 60.45
C GLY F 51 103.33 13.36 60.84
N HIS F 52 103.48 13.10 62.13
CA HIS F 52 103.70 11.75 62.66
C HIS F 52 102.54 10.80 62.35
N THR F 53 102.84 9.51 62.20
CA THR F 53 101.88 8.43 61.94
C THR F 53 102.14 7.23 62.83
N SER F 54 101.14 6.40 63.11
CA SER F 54 101.27 5.28 64.06
C SER F 54 102.39 4.33 63.65
N GLU F 55 103.18 3.87 64.62
CA GLU F 55 104.20 2.83 64.44
C GLU F 55 103.66 1.43 64.77
N ASP F 56 102.48 1.31 65.39
CA ASP F 56 101.79 0.03 65.51
C ASP F 56 100.87 -0.25 64.30
N ASP F 57 100.16 0.78 63.85
CA ASP F 57 99.13 0.70 62.81
C ASP F 57 99.65 1.25 61.47
N LEU F 58 100.69 0.62 60.94
CA LEU F 58 101.32 0.96 59.65
C LEU F 58 100.31 1.09 58.49
N PRO F 59 100.63 1.85 57.42
CA PRO F 59 99.77 2.03 56.26
C PRO F 59 99.22 0.72 55.70
N GLU F 60 97.90 0.57 55.64
CA GLU F 60 97.25 -0.66 55.18
C GLU F 60 96.69 -0.50 53.76
N PHE F 61 97.22 -1.24 52.80
CA PHE F 61 96.91 -1.13 51.37
C PHE F 61 95.71 -2.00 50.97
N GLY F 62 94.51 -1.61 51.39
CA GLY F 62 93.28 -2.34 51.13
C GLY F 62 92.76 -2.26 49.68
N PHE F 63 91.68 -3.00 49.43
CA PHE F 63 90.77 -2.74 48.33
C PHE F 63 89.36 -3.25 48.65
N ASP F 64 88.32 -2.57 48.17
CA ASP F 64 86.96 -3.08 48.19
C ASP F 64 86.59 -3.58 46.80
N GLY F 65 85.54 -4.37 46.69
CA GLY F 65 85.18 -5.10 45.48
C GLY F 65 86.09 -6.31 45.24
N GLY F 66 86.29 -6.67 43.98
CA GLY F 66 87.17 -7.77 43.59
C GLY F 66 86.57 -9.16 43.70
N ASP F 67 85.32 -9.29 44.17
CA ASP F 67 84.56 -10.53 44.09
C ASP F 67 84.55 -11.03 42.65
N SER F 68 84.81 -12.32 42.48
CA SER F 68 85.14 -12.92 41.20
C SER F 68 84.64 -14.34 41.14
N GLU F 69 84.38 -14.85 39.94
CA GLU F 69 83.83 -16.18 39.71
C GLU F 69 84.50 -16.87 38.53
N VAL F 70 84.66 -18.19 38.59
CA VAL F 70 85.00 -18.99 37.41
C VAL F 70 83.76 -19.12 36.53
N ARG F 71 83.85 -18.72 35.27
CA ARG F 71 82.86 -19.04 34.23
C ARG F 71 83.05 -20.48 33.76
N GLY F 72 81.98 -21.24 33.62
CA GLY F 72 82.05 -22.67 33.38
C GLY F 72 81.04 -23.14 32.34
N SER F 73 81.48 -24.01 31.45
CA SER F 73 80.65 -24.60 30.40
C SER F 73 79.48 -25.42 30.96
N TRP F 74 78.44 -25.66 30.15
CA TRP F 74 77.38 -26.62 30.43
C TRP F 74 77.89 -28.04 30.65
N GLN F 75 79.06 -28.39 30.11
CA GLN F 75 79.78 -29.64 30.33
C GLN F 75 80.92 -29.52 31.33
N LYS F 76 80.80 -28.61 32.29
CA LYS F 76 81.66 -28.42 33.48
C LYS F 76 83.11 -28.00 33.22
N LYS F 77 83.53 -27.70 32.00
CA LYS F 77 84.85 -27.12 31.70
C LYS F 77 85.01 -25.73 32.35
N LYS F 78 86.04 -25.50 33.14
CA LYS F 78 86.39 -24.24 33.81
C LYS F 78 87.12 -23.32 32.85
N LEU F 79 86.45 -22.29 32.35
CA LEU F 79 86.90 -21.51 31.19
C LEU F 79 87.85 -20.37 31.56
N ARG F 80 87.40 -19.43 32.40
CA ARG F 80 88.15 -18.23 32.79
C ARG F 80 87.59 -17.64 34.09
N GLU F 81 88.38 -16.89 34.85
CA GLU F 81 87.84 -16.07 35.95
C GLU F 81 87.33 -14.71 35.44
N VAL F 82 86.23 -14.25 36.00
CA VAL F 82 85.62 -12.95 35.73
C VAL F 82 85.52 -12.15 37.04
N GLU F 83 85.94 -10.89 37.05
CA GLU F 83 85.64 -9.96 38.12
C GLU F 83 84.18 -9.51 38.05
N THR F 84 83.40 -9.73 39.11
CA THR F 84 82.00 -9.28 39.18
C THR F 84 81.89 -7.78 39.48
N GLU F 85 82.73 -7.25 40.36
CA GLU F 85 82.71 -5.85 40.79
C GLU F 85 84.05 -5.15 40.57
N GLU F 86 84.02 -3.84 40.34
CA GLU F 86 85.22 -3.01 40.16
C GLU F 86 86.05 -2.95 41.44
N ILE F 87 87.37 -3.20 41.36
CA ILE F 87 88.26 -3.08 42.51
C ILE F 87 88.53 -1.62 42.85
N ALA F 88 87.95 -1.11 43.94
CA ALA F 88 88.20 0.21 44.49
C ALA F 88 89.38 0.13 45.48
N ASP F 89 90.49 0.77 45.16
CA ASP F 89 91.78 0.52 45.79
C ASP F 89 92.16 1.68 46.72
N TYR F 90 92.61 1.39 47.95
CA TYR F 90 92.89 2.40 48.96
C TYR F 90 94.07 2.11 49.86
N VAL F 91 94.59 3.15 50.50
CA VAL F 91 95.47 3.06 51.67
C VAL F 91 94.78 3.65 52.90
N VAL F 92 94.88 3.01 54.05
CA VAL F 92 94.51 3.61 55.34
C VAL F 92 95.77 4.08 56.06
N ILE F 93 95.80 5.36 56.43
CA ILE F 93 96.86 6.02 57.19
C ILE F 93 96.35 6.37 58.60
N ASN F 94 97.07 6.00 59.65
CA ASN F 94 96.76 6.43 61.03
C ASN F 94 97.61 7.64 61.44
N LEU F 95 97.05 8.85 61.34
CA LEU F 95 97.71 10.08 61.77
C LEU F 95 97.76 10.16 63.29
N THR F 96 98.85 10.64 63.91
CA THR F 96 98.98 10.66 65.38
C THR F 96 99.45 11.98 65.97
N GLN F 97 99.35 13.08 65.24
CA GLN F 97 99.50 14.42 65.77
C GLN F 97 98.22 15.23 65.50
N PHE F 98 97.86 16.16 66.37
CA PHE F 98 96.60 16.90 66.33
C PHE F 98 96.80 18.36 65.87
N ASP F 99 97.87 18.66 65.15
CA ASP F 99 98.04 19.92 64.43
C ASP F 99 96.96 20.10 63.34
N GLU F 100 96.73 21.33 62.87
CA GLU F 100 95.91 21.61 61.70
C GLU F 100 96.29 20.77 60.48
N THR F 101 97.59 20.50 60.28
CA THR F 101 98.13 19.59 59.27
C THR F 101 97.48 18.21 59.27
N ALA F 102 97.11 17.64 60.42
CA ALA F 102 96.45 16.35 60.45
C ALA F 102 94.92 16.47 60.40
N LEU F 103 94.35 17.46 61.08
CA LEU F 103 92.91 17.67 61.05
C LEU F 103 92.43 18.06 59.65
N GLU F 104 93.23 18.75 58.84
CA GLU F 104 92.83 19.09 57.48
C GLU F 104 92.75 17.87 56.56
N LEU F 105 93.47 16.79 56.87
CA LEU F 105 93.27 15.50 56.21
C LEU F 105 92.01 14.81 56.74
N TYR F 106 91.81 14.78 58.05
CA TYR F 106 90.71 14.04 58.67
C TYR F 106 89.33 14.69 58.43
N PHE F 107 89.16 15.98 58.67
CA PHE F 107 87.88 16.67 58.61
C PHE F 107 87.65 17.47 57.32
N GLY F 108 88.70 17.79 56.57
CA GLY F 108 88.64 18.76 55.46
C GLY F 108 89.12 20.14 55.88
N PRO F 109 88.87 21.19 55.09
CA PRO F 109 89.34 22.53 55.38
C PRO F 109 88.89 23.04 56.76
N ASN F 110 89.68 23.89 57.39
CA ASN F 110 89.27 24.54 58.62
C ASN F 110 88.14 25.54 58.33
N GLN F 111 87.01 25.37 58.99
CA GLN F 111 85.81 26.17 58.75
C GLN F 111 85.70 27.39 59.67
N SER F 112 86.68 27.62 60.54
CA SER F 112 86.84 28.84 61.35
C SER F 112 88.03 29.68 60.87
N ALA F 113 87.88 31.00 60.83
CA ALA F 113 88.97 31.94 60.58
C ALA F 113 89.70 32.40 61.86
N THR F 114 89.13 32.21 63.05
CA THR F 114 89.70 32.76 64.29
C THR F 114 90.94 31.99 64.74
N PRO F 115 92.00 32.67 65.23
CA PRO F 115 93.24 32.01 65.64
C PRO F 115 93.01 31.11 66.85
N GLY F 116 93.52 29.88 66.82
CA GLY F 116 93.36 28.89 67.88
C GLY F 116 92.11 28.01 67.80
N ILE F 117 91.32 28.09 66.72
CA ILE F 117 90.13 27.27 66.51
C ILE F 117 90.22 26.48 65.22
N PHE F 118 89.83 25.20 65.26
CA PHE F 118 89.51 24.40 64.09
C PHE F 118 88.02 24.05 64.09
N GLY F 119 87.27 24.49 63.08
CA GLY F 119 85.83 24.33 62.98
C GLY F 119 85.40 23.27 61.99
N VAL F 120 84.31 22.56 62.27
CA VAL F 120 83.67 21.56 61.40
C VAL F 120 82.18 21.91 61.20
N LYS F 121 81.65 21.77 59.98
CA LYS F 121 80.25 22.03 59.61
C LYS F 121 79.59 20.79 59.01
N SER F 122 78.27 20.73 59.00
CA SER F 122 77.52 19.72 58.23
C SER F 122 77.64 19.96 56.73
N GLY F 123 77.77 18.90 55.93
CA GLY F 123 77.92 18.95 54.47
C GLY F 123 78.97 18.01 53.90
N SER F 124 78.94 17.79 52.58
CA SER F 124 79.98 17.04 51.86
C SER F 124 81.27 17.84 51.72
N VAL F 125 82.40 17.14 51.76
CA VAL F 125 83.74 17.68 51.55
C VAL F 125 84.44 16.84 50.50
N VAL F 126 85.07 17.46 49.50
CA VAL F 126 85.70 16.72 48.38
C VAL F 126 87.09 16.14 48.71
N ASN F 127 88.00 16.93 49.26
CA ASN F 127 89.32 16.56 49.80
C ASN F 127 90.22 15.65 48.93
N GLU F 128 90.60 16.06 47.73
CA GLU F 128 91.50 15.29 46.85
C GLU F 128 92.95 15.80 46.94
N ARG F 129 93.93 14.89 47.03
CA ARG F 129 95.38 15.19 47.06
C ARG F 129 96.20 14.16 46.29
N ALA F 130 97.41 14.50 45.87
CA ALA F 130 98.43 13.54 45.51
C ALA F 130 99.03 12.95 46.80
N LEU F 131 99.45 11.70 46.75
CA LEU F 131 99.98 10.96 47.88
C LEU F 131 101.32 10.35 47.50
N LEU F 132 102.28 10.39 48.42
CA LEU F 132 103.55 9.67 48.33
C LEU F 132 103.82 8.97 49.66
N ILE F 133 104.26 7.73 49.61
CA ILE F 133 104.76 6.99 50.76
C ILE F 133 106.15 6.49 50.39
N VAL F 134 107.12 6.69 51.28
CA VAL F 134 108.44 6.08 51.18
C VAL F 134 108.61 5.13 52.35
N ILE F 135 108.82 3.86 52.06
CA ILE F 135 109.10 2.84 53.04
C ILE F 135 110.62 2.70 53.08
N VAL F 136 111.22 2.83 54.26
CA VAL F 136 112.67 2.76 54.45
C VAL F 136 113.02 1.46 55.16
N ASP F 137 113.90 0.66 54.56
CA ASP F 137 114.39 -0.60 55.11
C ASP F 137 115.90 -0.74 54.87
N ASN F 138 116.71 -0.27 55.82
CA ASN F 138 118.18 -0.39 55.80
C ASN F 138 118.82 -0.10 54.43
N ASP F 139 118.65 1.14 53.95
CA ASP F 139 119.10 1.63 52.65
C ASP F 139 118.39 1.08 51.39
N VAL F 140 117.38 0.22 51.51
CA VAL F 140 116.30 0.09 50.52
C VAL F 140 115.26 1.18 50.79
N ARG F 141 114.80 1.90 49.77
CA ARG F 141 113.76 2.94 49.89
C ARG F 141 112.65 2.79 48.86
N LEU F 142 111.68 1.93 49.13
CA LEU F 142 110.55 1.66 48.23
C LEU F 142 109.56 2.82 48.28
N GLY F 143 109.31 3.44 47.13
CA GLY F 143 108.28 4.45 46.98
C GLY F 143 106.95 3.92 46.49
N PHE F 144 105.87 4.56 46.92
CA PHE F 144 104.53 4.40 46.39
C PHE F 144 103.94 5.78 46.13
N HIS F 145 103.43 6.04 44.94
CA HIS F 145 102.89 7.34 44.56
C HIS F 145 101.53 7.20 43.88
N ALA F 146 100.63 8.10 44.19
CA ALA F 146 99.39 8.31 43.47
C ALA F 146 99.19 9.79 43.16
N ARG F 147 98.77 10.11 41.93
CA ARG F 147 98.55 11.48 41.48
C ARG F 147 97.30 12.09 42.09
N LYS F 148 96.33 11.26 42.47
CA LYS F 148 94.99 11.65 42.92
C LYS F 148 94.40 10.62 43.85
N ALA F 149 94.28 10.95 45.13
CA ALA F 149 93.57 10.19 46.14
C ALA F 149 92.56 11.05 46.88
N SER F 150 91.36 10.52 47.08
CA SER F 150 90.30 11.11 47.91
C SER F 150 90.55 10.74 49.35
N LEU F 151 90.56 11.72 50.25
CA LEU F 151 90.86 11.54 51.66
C LEU F 151 89.58 11.65 52.48
N LYS F 152 89.24 10.62 53.27
CA LYS F 152 88.09 10.63 54.19
C LYS F 152 88.42 9.91 55.49
N ARG F 153 87.63 10.13 56.53
CA ARG F 153 87.74 9.42 57.83
C ARG F 153 87.53 7.93 57.62
N GLU F 154 88.34 7.09 58.21
CA GLU F 154 88.10 5.64 58.17
C GLU F 154 87.34 5.12 59.40
N ASP F 155 87.53 5.74 60.55
CA ASP F 155 86.97 5.34 61.84
C ASP F 155 87.00 6.56 62.79
N ALA F 156 86.55 6.40 64.04
CA ALA F 156 86.54 7.44 65.06
C ALA F 156 87.93 7.93 65.49
N ILE F 157 88.00 9.14 66.05
CA ILE F 157 89.19 9.63 66.78
C ILE F 157 89.40 8.75 68.01
N SER F 158 90.52 8.05 68.08
CA SER F 158 90.83 7.22 69.24
C SER F 158 91.68 8.02 70.22
N LEU F 159 91.33 7.94 71.49
CA LEU F 159 92.07 8.48 72.62
C LEU F 159 92.28 7.36 73.63
N ALA F 160 93.38 7.37 74.35
CA ALA F 160 93.72 6.35 75.35
C ALA F 160 94.50 6.99 76.50
N THR F 161 94.42 6.40 77.69
CA THR F 161 95.10 6.97 78.88
C THR F 161 96.62 6.73 78.88
N ASP F 162 97.10 5.76 78.09
CA ASP F 162 98.48 5.26 78.09
C ASP F 162 99.08 5.07 76.68
N GLU F 163 98.49 5.66 75.64
CA GLU F 163 98.94 5.56 74.26
C GLU F 163 98.69 6.83 73.46
N PHE F 164 99.38 7.00 72.32
CA PHE F 164 99.09 8.11 71.40
C PHE F 164 97.67 8.01 70.84
N GLY F 165 96.94 9.13 70.78
CA GLY F 165 95.68 9.20 70.06
C GLY F 165 95.88 9.07 68.56
N ALA F 166 94.86 8.63 67.83
CA ALA F 166 94.92 8.46 66.38
C ALA F 166 93.73 9.06 65.63
N LEU F 167 94.00 9.55 64.43
CA LEU F 167 93.08 10.08 63.43
C LEU F 167 93.16 9.18 62.17
N PRO F 168 92.36 8.13 62.07
CA PRO F 168 92.42 7.18 60.96
C PRO F 168 91.84 7.75 59.64
N VAL F 169 92.60 7.73 58.55
CA VAL F 169 92.24 8.32 57.25
C VAL F 169 92.35 7.30 56.11
N ARG F 170 91.37 7.21 55.21
CA ARG F 170 91.41 6.38 54.00
C ARG F 170 91.68 7.28 52.81
N ALA F 171 92.75 6.98 52.09
CA ALA F 171 93.09 7.58 50.83
C ALA F 171 92.69 6.62 49.70
N THR F 172 91.69 6.97 48.92
CA THR F 172 91.16 6.11 47.84
C THR F 172 91.61 6.62 46.48
N PHE F 173 92.25 5.80 45.66
CA PHE F 173 92.88 6.24 44.42
C PHE F 173 91.89 6.46 43.28
N LEU F 174 92.09 7.55 42.54
CA LEU F 174 91.22 8.00 41.48
C LEU F 174 92.00 8.24 40.18
N ASP F 175 91.33 8.12 39.04
CA ASP F 175 91.93 8.38 37.73
C ASP F 175 92.17 9.87 37.49
N TYR F 176 93.24 10.20 36.79
CA TYR F 176 93.64 11.56 36.45
C TYR F 176 94.41 11.58 35.13
N GLN F 177 93.88 12.26 34.12
CA GLN F 177 94.59 12.72 32.90
C GLN F 177 95.52 11.70 32.22
N SER F 178 95.07 10.46 32.04
CA SER F 178 95.82 9.39 31.37
C SER F 178 97.11 8.92 32.07
N TYR F 179 97.36 9.34 33.31
CA TYR F 179 98.40 8.72 34.15
C TYR F 179 98.00 7.32 34.66
N ASN F 180 98.98 6.57 35.19
CA ASN F 180 98.72 5.38 35.99
C ASN F 180 97.93 5.69 37.27
N LEU F 181 97.07 4.79 37.73
CA LEU F 181 96.31 4.95 38.96
C LEU F 181 97.23 5.11 40.19
N TYR F 182 98.31 4.34 40.25
CA TYR F 182 99.41 4.48 41.19
C TYR F 182 100.65 3.76 40.67
N GLU F 183 101.80 4.13 41.22
CA GLU F 183 103.11 3.63 40.80
C GLU F 183 103.94 3.24 42.01
N TRP F 184 104.66 2.14 41.91
CA TRP F 184 105.72 1.79 42.83
C TRP F 184 107.06 2.24 42.26
N ILE F 185 107.95 2.70 43.11
CA ILE F 185 109.21 3.33 42.76
C ILE F 185 110.37 2.63 43.47
N GLU F 186 111.30 2.03 42.72
CA GLU F 186 112.57 1.50 43.20
C GLU F 186 113.43 1.12 41.99
N GLU F 187 114.56 1.79 41.81
CA GLU F 187 115.41 1.70 40.62
C GLU F 187 115.98 0.30 40.35
N ASP F 188 116.30 -0.51 41.37
CA ASP F 188 116.77 -1.88 41.16
C ASP F 188 115.66 -2.89 40.88
N TRP F 189 114.44 -2.66 41.35
CA TRP F 189 113.40 -3.70 41.40
C TRP F 189 112.49 -3.73 40.18
N PHE F 190 112.32 -2.62 39.47
CA PHE F 190 111.33 -2.49 38.41
C PHE F 190 111.94 -1.92 37.15
N ASN F 191 111.68 -2.54 35.99
CA ASN F 191 112.29 -2.16 34.71
C ASN F 191 113.82 -2.03 34.82
N ALA F 192 114.47 -2.97 35.52
CA ALA F 192 115.89 -2.94 35.82
C ALA F 192 116.76 -3.06 34.56
N VAL F 193 117.94 -2.43 34.58
CA VAL F 193 118.96 -2.59 33.53
C VAL F 193 119.51 -4.01 33.50
N ASP F 194 120.07 -4.46 32.38
CA ASP F 194 120.76 -5.76 32.28
C ASP F 194 122.16 -5.71 32.92
N ALA F 195 122.85 -4.58 32.82
CA ALA F 195 124.14 -4.31 33.46
C ALA F 195 124.30 -2.79 33.70
N PRO F 196 125.20 -2.35 34.61
CA PRO F 196 125.44 -0.93 34.86
C PRO F 196 125.78 -0.17 33.58
N VAL F 197 125.19 1.00 33.39
CA VAL F 197 125.44 1.84 32.21
C VAL F 197 126.88 2.37 32.18
N VAL F 198 127.49 2.36 31.00
CA VAL F 198 128.78 3.00 30.72
C VAL F 198 128.58 3.95 29.54
N TYR F 199 129.13 5.15 29.62
CA TYR F 199 129.16 6.13 28.55
C TYR F 199 130.57 6.21 27.97
N LEU F 200 130.69 6.13 26.65
CA LEU F 200 131.89 6.56 25.95
C LEU F 200 132.13 8.04 26.24
N LEU F 201 133.39 8.44 26.39
CA LEU F 201 133.82 9.83 26.34
C LEU F 201 135.07 9.89 25.48
N ASP F 202 134.89 10.15 24.18
CA ASP F 202 135.98 10.24 23.21
C ASP F 202 136.10 11.68 22.68
N LEU F 203 137.28 12.28 22.81
CA LEU F 203 137.60 13.64 22.39
C LEU F 203 137.38 13.88 20.88
N GLY F 204 137.26 12.83 20.06
CA GLY F 204 136.77 12.95 18.68
C GLY F 204 137.66 13.73 17.72
N GLY F 205 138.97 13.81 18.00
CA GLY F 205 139.94 14.58 17.21
C GLY F 205 140.01 16.07 17.53
N ALA F 206 139.41 16.53 18.63
CA ALA F 206 139.60 17.88 19.15
C ALA F 206 141.07 18.16 19.51
N THR F 207 141.50 19.42 19.36
CA THR F 207 142.86 19.89 19.70
C THR F 207 142.77 21.19 20.51
N GLY F 208 143.52 21.30 21.61
CA GLY F 208 143.32 22.39 22.56
C GLY F 208 141.88 22.46 23.10
N GLY F 209 141.52 23.61 23.67
CA GLY F 209 140.14 23.92 24.04
C GLY F 209 139.59 23.13 25.23
N ASP F 210 138.28 23.23 25.44
CA ASP F 210 137.55 22.75 26.61
C ASP F 210 136.09 22.41 26.30
N TYR F 211 135.43 21.72 27.23
CA TYR F 211 134.03 21.31 27.15
C TYR F 211 133.41 21.22 28.55
N THR F 212 132.09 21.30 28.67
CA THR F 212 131.36 21.11 29.93
C THR F 212 130.16 20.22 29.72
N LEU F 213 129.90 19.31 30.66
CA LEU F 213 128.84 18.30 30.57
C LEU F 213 127.61 18.71 31.38
N LEU F 214 126.48 18.05 31.11
CA LEU F 214 125.31 18.05 31.99
C LEU F 214 125.23 16.68 32.67
N VAL F 215 125.25 16.66 34.01
CA VAL F 215 125.18 15.46 34.83
C VAL F 215 123.93 15.54 35.69
N GLY F 216 123.01 14.58 35.55
CA GLY F 216 121.70 14.65 36.21
C GLY F 216 120.91 15.92 35.87
N GLY F 217 121.16 16.53 34.71
CA GLY F 217 120.55 17.79 34.27
C GLY F 217 121.17 19.07 34.84
N LYS F 218 122.28 18.98 35.59
CA LYS F 218 123.00 20.14 36.14
C LYS F 218 124.43 20.21 35.59
N SER F 219 124.98 21.40 35.42
CA SER F 219 126.27 21.61 34.75
C SER F 219 127.45 21.10 35.55
N THR F 220 128.43 20.45 34.92
CA THR F 220 129.78 20.35 35.48
C THR F 220 130.46 21.72 35.46
N GLY F 221 131.67 21.83 36.02
CA GLY F 221 132.60 22.89 35.61
C GLY F 221 133.05 22.75 34.16
N ASP F 222 133.92 23.66 33.69
CA ASP F 222 134.61 23.52 32.40
C ASP F 222 135.80 22.55 32.53
N ILE F 223 135.89 21.62 31.58
CA ILE F 223 136.91 20.56 31.53
C ILE F 223 137.83 20.83 30.33
N ALA F 224 139.13 20.99 30.57
CA ALA F 224 140.10 21.15 29.50
C ALA F 224 140.36 19.84 28.74
N TYR F 225 140.77 19.93 27.47
CA TYR F 225 141.38 18.82 26.77
C TYR F 225 142.59 18.26 27.54
N ASN F 226 142.92 16.99 27.30
CA ASN F 226 144.04 16.29 27.95
C ASN F 226 143.90 16.21 29.49
N ALA F 227 142.70 16.41 30.05
CA ALA F 227 142.43 16.17 31.46
C ALA F 227 142.58 14.67 31.81
N ASN F 228 143.23 14.38 32.95
CA ASN F 228 143.39 13.01 33.43
C ASN F 228 142.04 12.37 33.77
N ALA F 229 141.93 11.03 33.74
CA ALA F 229 140.70 10.36 34.13
C ALA F 229 140.24 10.75 35.55
N SER F 230 141.17 10.95 36.50
CA SER F 230 140.85 11.45 37.84
C SER F 230 140.34 12.89 37.82
N ALA F 231 140.84 13.74 36.92
CA ALA F 231 140.34 15.10 36.73
C ALA F 231 138.92 15.11 36.16
N ILE F 232 138.59 14.20 35.24
CA ILE F 232 137.21 13.99 34.79
C ILE F 232 136.33 13.54 35.98
N LYS F 233 136.79 12.54 36.76
CA LYS F 233 136.06 12.01 37.91
C LYS F 233 135.73 13.10 38.93
N THR F 234 136.67 13.99 39.25
CA THR F 234 136.41 15.10 40.17
C THR F 234 135.55 16.19 39.54
N ALA F 235 135.69 16.47 38.24
CA ALA F 235 134.86 17.47 37.57
C ALA F 235 133.39 17.07 37.49
N ILE F 236 133.10 15.77 37.47
CA ILE F 236 131.76 15.20 37.61
C ILE F 236 131.34 15.17 39.09
N GLY F 237 132.20 14.68 39.98
CA GLY F 237 131.93 14.59 41.42
C GLY F 237 131.68 15.94 42.10
N ALA F 238 132.16 17.05 41.52
CA ALA F 238 131.93 18.40 42.01
C ALA F 238 130.50 18.92 41.83
N VAL F 239 129.66 18.26 41.04
CA VAL F 239 128.25 18.67 40.84
C VAL F 239 127.46 18.53 42.14
N ASP F 240 126.56 19.49 42.39
CA ASP F 240 125.91 19.70 43.68
C ASP F 240 124.97 18.57 44.11
N ASP F 241 124.40 17.81 43.18
CA ASP F 241 123.24 16.92 43.41
C ASP F 241 123.56 15.59 44.11
N GLY F 242 124.08 15.67 45.34
CA GLY F 242 123.97 14.63 46.35
C GLY F 242 124.89 13.42 46.23
N VAL F 243 125.42 13.12 45.05
CA VAL F 243 126.36 12.01 44.82
C VAL F 243 127.80 12.49 44.74
N ALA F 244 128.64 11.88 45.58
CA ALA F 244 130.04 12.25 45.75
C ALA F 244 130.92 11.76 44.60
N GLU F 245 132.16 12.26 44.54
CA GLU F 245 133.18 11.76 43.61
C GLU F 245 133.36 10.24 43.73
N SER F 246 133.30 9.69 44.94
CA SER F 246 133.47 8.26 45.19
C SER F 246 132.38 7.36 44.60
N ALA F 247 131.26 7.91 44.13
CA ALA F 247 130.20 7.13 43.50
C ALA F 247 130.49 6.76 42.04
N TRP F 248 131.44 7.45 41.40
CA TRP F 248 131.71 7.33 39.97
C TRP F 248 132.91 6.46 39.64
N THR F 249 132.97 5.98 38.39
CA THR F 249 134.16 5.37 37.79
C THR F 249 134.40 5.95 36.40
N VAL F 250 135.64 6.31 36.11
CA VAL F 250 136.12 6.80 34.80
C VAL F 250 137.39 6.03 34.45
N THR F 251 137.51 5.51 33.23
CA THR F 251 138.62 4.61 32.83
C THR F 251 139.04 4.86 31.38
N ALA F 252 140.29 5.25 31.19
CA ALA F 252 140.85 5.56 29.89
C ALA F 252 141.04 4.31 29.01
N ASP F 253 140.74 4.45 27.72
CA ASP F 253 141.12 3.50 26.66
C ASP F 253 141.43 4.27 25.37
N GLY F 254 142.70 4.57 25.13
CA GLY F 254 143.12 5.43 24.03
C GLY F 254 142.55 6.85 24.15
N SER F 255 141.69 7.24 23.21
CA SER F 255 140.98 8.52 23.25
C SER F 255 139.69 8.49 24.09
N ASP F 256 139.20 7.31 24.49
CA ASP F 256 138.00 7.12 25.31
C ASP F 256 138.31 7.20 26.82
N PHE F 257 137.30 7.51 27.64
CA PHE F 257 137.37 7.62 29.09
C PHE F 257 136.23 6.91 29.85
N GLU F 258 135.25 6.28 29.19
CA GLU F 258 134.32 5.31 29.84
C GLU F 258 133.64 5.79 31.15
N ILE F 259 132.95 6.93 31.16
CA ILE F 259 132.24 7.42 32.35
C ILE F 259 131.13 6.44 32.78
N SER F 260 131.05 6.10 34.06
CA SER F 260 129.96 5.30 34.62
C SER F 260 129.65 5.74 36.05
N GLY F 261 128.37 5.68 36.46
CA GLY F 261 127.94 6.19 37.76
C GLY F 261 126.42 6.28 37.94
N PRO F 262 125.95 6.92 39.02
CA PRO F 262 124.55 6.90 39.46
C PRO F 262 123.58 7.82 38.70
N LEU F 263 124.03 8.60 37.70
CA LEU F 263 123.22 9.61 37.01
C LEU F 263 123.44 9.59 35.49
N ALA F 264 122.52 10.21 34.75
CA ALA F 264 122.66 10.44 33.32
C ALA F 264 123.76 11.47 33.00
N VAL F 265 124.43 11.31 31.86
CA VAL F 265 125.51 12.20 31.37
C VAL F 265 125.23 12.65 29.93
N ALA F 266 125.44 13.92 29.63
CA ALA F 266 125.26 14.52 28.31
C ALA F 266 126.23 15.69 28.07
N LEU F 267 126.42 16.09 26.81
CA LEU F 267 127.19 17.29 26.48
C LEU F 267 126.41 18.56 26.86
N GLY F 268 127.10 19.58 27.38
CA GLY F 268 126.53 20.90 27.67
C GLY F 268 126.98 21.96 26.67
N VAL F 269 128.25 22.37 26.73
CA VAL F 269 128.87 23.33 25.79
C VAL F 269 130.29 22.90 25.43
N ASP F 270 130.67 23.06 24.15
CA ASP F 270 131.95 22.60 23.58
C ASP F 270 132.73 23.76 22.90
N SER F 271 134.07 23.73 22.95
CA SER F 271 134.93 24.65 22.19
C SER F 271 135.03 24.29 20.69
N THR F 272 134.91 23.00 20.34
CA THR F 272 134.88 22.46 18.96
C THR F 272 136.15 22.66 18.10
N THR F 273 137.31 22.88 18.72
CA THR F 273 138.61 23.12 18.06
C THR F 273 139.28 21.85 17.50
N GLY F 274 138.58 21.08 16.68
CA GLY F 274 139.12 19.96 15.89
C GLY F 274 138.16 18.78 15.74
N GLY F 275 138.30 18.04 14.63
CA GLY F 275 137.56 16.79 14.37
C GLY F 275 136.04 16.96 14.45
N SER F 276 135.36 16.02 15.11
CA SER F 276 133.92 16.11 15.41
C SER F 276 133.59 17.04 16.60
N GLY F 277 134.61 17.56 17.30
CA GLY F 277 134.47 17.92 18.71
C GLY F 277 134.32 16.68 19.61
N VAL F 278 134.32 16.89 20.92
CA VAL F 278 134.20 15.84 21.93
C VAL F 278 132.87 15.11 21.81
N THR F 279 132.87 13.80 22.06
CA THR F 279 131.70 12.92 21.90
C THR F 279 131.43 12.11 23.18
N VAL F 280 130.14 11.94 23.49
CA VAL F 280 129.62 11.08 24.57
C VAL F 280 128.33 10.38 24.11
N ASP F 281 128.23 9.07 24.31
CA ASP F 281 126.99 8.26 24.23
C ASP F 281 127.14 6.92 24.97
N VAL F 282 126.03 6.21 25.24
CA VAL F 282 126.07 4.92 25.98
C VAL F 282 126.72 3.81 25.16
N VAL F 283 127.64 3.05 25.77
CA VAL F 283 128.39 1.92 25.16
C VAL F 283 127.50 0.72 24.88
N THR G 2 58.50 -76.11 34.40
CA THR G 2 57.50 -76.79 35.24
C THR G 2 56.40 -75.85 35.69
N THR G 3 55.18 -76.34 35.85
CA THR G 3 54.10 -75.55 36.44
C THR G 3 54.27 -75.47 37.94
N VAL G 4 54.25 -74.27 38.49
CA VAL G 4 54.07 -74.04 39.92
C VAL G 4 52.67 -73.50 40.13
N THR G 5 51.95 -74.01 41.11
CA THR G 5 50.57 -73.56 41.42
C THR G 5 50.38 -73.24 42.90
N ALA G 6 49.37 -72.44 43.21
CA ALA G 6 48.91 -72.20 44.58
C ALA G 6 47.43 -71.81 44.59
N THR G 7 46.75 -72.04 45.70
CA THR G 7 45.50 -71.34 46.04
C THR G 7 45.85 -70.32 47.10
N VAL G 8 45.42 -69.07 46.95
CA VAL G 8 45.80 -67.95 47.82
C VAL G 8 44.57 -67.27 48.40
N HIS G 9 44.45 -67.25 49.73
CA HIS G 9 43.28 -66.78 50.49
C HIS G 9 43.65 -65.76 51.58
N ASP G 10 42.65 -65.05 52.10
CA ASP G 10 42.76 -64.29 53.35
C ASP G 10 42.35 -65.16 54.56
N ILE G 11 42.45 -64.63 55.78
CA ILE G 11 42.09 -65.39 56.99
C ILE G 11 40.61 -65.81 57.03
N SER G 12 39.72 -65.13 56.30
CA SER G 12 38.31 -65.55 56.19
C SER G 12 38.06 -66.48 54.99
N GLY G 13 39.10 -66.98 54.32
CA GLY G 13 38.99 -67.99 53.29
C GLY G 13 38.39 -67.49 51.98
N ARG G 14 38.38 -66.18 51.75
CA ARG G 14 38.04 -65.57 50.46
C ARG G 14 39.33 -65.52 49.61
N PRO G 15 39.25 -65.37 48.29
CA PRO G 15 40.42 -65.08 47.47
C PRO G 15 41.21 -63.84 47.92
N ASP G 16 42.54 -63.88 47.93
CA ASP G 16 43.35 -62.66 48.08
C ASP G 16 43.46 -61.86 46.76
N ASP G 17 43.92 -62.50 45.68
CA ASP G 17 44.11 -61.92 44.35
C ASP G 17 45.05 -60.70 44.23
N SER G 18 45.84 -60.36 45.25
CA SER G 18 46.95 -59.41 45.15
C SER G 18 48.13 -60.00 44.38
N HIS G 19 48.88 -59.21 43.61
CA HIS G 19 49.87 -59.74 42.68
C HIS G 19 51.17 -60.20 43.35
N TRP G 20 51.81 -61.20 42.76
CA TRP G 20 53.07 -61.82 43.16
C TRP G 20 54.13 -61.51 42.11
N THR G 21 55.36 -61.21 42.50
CA THR G 21 56.45 -60.98 41.55
C THR G 21 57.30 -62.22 41.37
N PHE G 22 57.74 -62.46 40.13
CA PHE G 22 58.67 -63.51 39.76
C PHE G 22 59.79 -62.95 38.89
N SER G 23 61.05 -63.31 39.16
CA SER G 23 62.21 -62.79 38.44
C SER G 23 63.44 -63.69 38.58
N SER G 24 64.50 -63.46 37.81
CA SER G 24 65.75 -64.22 37.85
C SER G 24 66.97 -63.33 37.66
N ASP G 25 68.15 -63.81 38.00
CA ASP G 25 69.37 -63.30 37.38
C ASP G 25 69.40 -63.74 35.90
N LEU G 26 70.11 -63.03 35.03
CA LEU G 26 70.16 -63.35 33.60
C LEU G 26 70.83 -64.70 33.37
N ARG G 27 70.14 -65.67 32.79
CA ARG G 27 70.65 -67.05 32.64
C ARG G 27 70.09 -67.78 31.45
N GLU G 28 70.73 -68.86 31.04
CA GLU G 28 70.27 -69.74 29.98
C GLU G 28 69.71 -71.02 30.58
N GLN G 29 68.53 -71.43 30.12
CA GLN G 29 67.91 -72.70 30.47
C GLN G 29 67.21 -73.27 29.24
N ASP G 30 67.43 -74.54 28.92
CA ASP G 30 66.85 -75.21 27.74
C ASP G 30 67.16 -74.48 26.41
N GLY G 31 68.27 -73.77 26.32
CA GLY G 31 68.64 -72.97 25.15
C GLY G 31 67.90 -71.64 25.01
N VAL G 32 67.06 -71.27 25.98
CA VAL G 32 66.37 -69.98 26.06
C VAL G 32 67.11 -69.07 27.03
N ILE G 33 67.33 -67.81 26.66
CA ILE G 33 67.82 -66.79 27.58
C ILE G 33 66.65 -66.29 28.42
N ILE G 34 66.78 -66.30 29.74
CA ILE G 34 65.82 -65.81 30.70
C ILE G 34 66.30 -64.43 31.17
N THR G 35 65.51 -63.38 30.97
CA THR G 35 65.93 -62.01 31.30
C THR G 35 65.59 -61.60 32.73
N PRO G 36 66.26 -60.59 33.30
CA PRO G 36 65.99 -60.09 34.64
C PRO G 36 64.76 -59.17 34.72
N ARG G 37 63.70 -59.47 33.97
CA ARG G 37 62.36 -58.88 34.12
C ARG G 37 61.76 -59.24 35.46
N VAL G 38 60.95 -58.35 36.03
CA VAL G 38 60.17 -58.64 37.23
C VAL G 38 58.71 -58.76 36.84
N VAL G 39 58.25 -59.99 36.60
CA VAL G 39 56.89 -60.25 36.14
C VAL G 39 55.93 -60.23 37.32
N ARG G 40 54.82 -59.51 37.22
CA ARG G 40 53.76 -59.49 38.23
C ARG G 40 52.62 -60.38 37.77
N VAL G 41 52.32 -61.39 38.56
CA VAL G 41 51.33 -62.43 38.27
C VAL G 41 50.21 -62.33 39.29
N LYS G 42 48.97 -62.26 38.84
CA LYS G 42 47.79 -62.03 39.69
C LYS G 42 46.97 -63.32 39.80
N PRO G 43 46.74 -63.89 40.99
CA PRO G 43 45.84 -65.03 41.14
C PRO G 43 44.44 -64.74 40.57
N PHE G 44 43.76 -65.77 40.07
CA PHE G 44 42.39 -65.68 39.57
C PHE G 44 41.46 -66.52 40.44
N ASN G 45 40.45 -65.91 41.07
CA ASN G 45 39.63 -66.57 42.08
C ASN G 45 40.46 -67.32 43.14
N GLY G 46 41.60 -66.76 43.52
CA GLY G 46 42.55 -67.35 44.45
C GLY G 46 43.52 -68.32 43.79
N GLU G 47 43.28 -68.83 42.60
CA GLU G 47 44.18 -69.79 41.96
C GLU G 47 45.27 -69.09 41.18
N LEU G 48 46.51 -69.40 41.52
CA LEU G 48 47.73 -68.95 40.87
C LEU G 48 48.32 -70.15 40.12
N ALA G 49 48.57 -70.02 38.84
CA ALA G 49 49.15 -71.09 38.02
C ALA G 49 50.07 -70.50 36.97
N LEU G 50 51.36 -70.81 37.02
CA LEU G 50 52.37 -70.26 36.12
C LEU G 50 53.50 -71.25 35.84
N THR G 51 54.15 -71.15 34.70
CA THR G 51 55.33 -71.96 34.35
C THR G 51 56.61 -71.21 34.65
N LEU G 52 57.59 -71.88 35.24
CA LEU G 52 58.89 -71.32 35.61
C LEU G 52 60.05 -72.20 35.10
N PRO G 53 61.19 -71.65 34.67
CA PRO G 53 62.36 -72.41 34.24
C PRO G 53 63.16 -72.95 35.44
N PRO G 54 63.49 -74.25 35.50
CA PRO G 54 64.20 -74.84 36.63
C PRO G 54 65.47 -74.10 37.04
N GLY G 55 65.87 -74.20 38.31
CA GLY G 55 66.93 -73.37 38.89
C GLY G 55 66.38 -72.17 39.65
N PRO G 56 67.20 -71.16 39.97
CA PRO G 56 66.83 -70.11 40.90
C PRO G 56 65.79 -69.16 40.33
N VAL G 57 64.81 -68.80 41.15
CA VAL G 57 63.80 -67.77 40.88
C VAL G 57 63.62 -66.92 42.13
N ARG G 58 63.63 -65.59 42.01
CA ARG G 58 63.23 -64.69 43.08
C ARG G 58 61.72 -64.49 43.05
N VAL G 59 61.11 -64.43 44.23
CA VAL G 59 59.65 -64.35 44.42
C VAL G 59 59.33 -63.31 45.48
N THR G 60 58.32 -62.47 45.27
CA THR G 60 57.77 -61.59 46.32
C THR G 60 56.25 -61.55 46.29
N HIS G 61 55.59 -61.27 47.42
CA HIS G 61 54.14 -61.05 47.47
C HIS G 61 53.77 -59.60 47.79
N HIS G 62 54.43 -58.97 48.76
CA HIS G 62 54.26 -57.52 49.01
C HIS G 62 55.50 -56.94 49.65
N GLN G 63 55.82 -57.37 50.86
CA GLN G 63 57.09 -57.07 51.52
C GLN G 63 57.92 -58.34 51.77
N ASP G 64 57.29 -59.50 51.83
CA ASP G 64 57.95 -60.80 51.87
C ASP G 64 58.73 -61.10 50.58
N ARG G 65 59.94 -61.62 50.72
CA ARG G 65 60.88 -61.92 49.64
C ARG G 65 61.48 -63.29 49.83
N TRP G 66 61.58 -64.08 48.76
CA TRP G 66 62.22 -65.40 48.77
C TRP G 66 63.04 -65.65 47.51
N LEU G 67 63.97 -66.61 47.60
CA LEU G 67 64.73 -67.14 46.48
C LEU G 67 64.49 -68.65 46.43
N ILE G 68 63.58 -69.08 45.56
CA ILE G 68 63.23 -70.49 45.43
C ILE G 68 64.15 -71.19 44.41
N ASP G 69 64.24 -72.50 44.50
CA ASP G 69 64.99 -73.32 43.55
C ASP G 69 64.02 -74.28 42.83
N VAL G 70 63.55 -73.90 41.64
CA VAL G 70 62.45 -74.58 40.95
C VAL G 70 62.93 -75.93 40.39
N PRO G 71 62.28 -77.07 40.70
CA PRO G 71 62.67 -78.38 40.22
C PRO G 71 62.07 -78.74 38.85
N GLU G 72 62.52 -79.85 38.27
CA GLU G 72 62.08 -80.38 36.95
C GLU G 72 60.74 -81.15 36.99
N GLU G 73 60.05 -81.14 38.12
CA GLU G 73 58.70 -81.69 38.33
C GLU G 73 57.69 -80.62 38.76
N ASP G 74 56.42 -80.79 38.39
CA ASP G 74 55.37 -79.82 38.72
C ASP G 74 55.12 -79.75 40.24
N SER G 75 54.87 -78.54 40.76
CA SER G 75 55.13 -78.23 42.18
C SER G 75 54.15 -77.22 42.77
N ASP G 76 54.06 -77.17 44.10
CA ASP G 76 53.24 -76.23 44.85
C ASP G 76 54.11 -75.09 45.36
N LEU G 77 53.69 -73.84 45.17
CA LEU G 77 54.51 -72.70 45.56
C LEU G 77 54.81 -72.68 47.05
N TRP G 78 53.93 -73.21 47.91
CA TRP G 78 54.23 -73.22 49.34
C TRP G 78 55.39 -74.15 49.70
N ASP G 79 55.42 -75.36 49.16
CA ASP G 79 56.53 -76.29 49.37
C ASP G 79 57.88 -75.69 48.91
N LEU G 80 57.88 -74.90 47.83
CA LEU G 80 59.09 -74.23 47.34
C LEU G 80 59.47 -73.01 48.19
N ILE G 81 58.49 -72.22 48.64
CA ILE G 81 58.72 -71.08 49.54
C ILE G 81 59.21 -71.54 50.90
N GLU G 82 58.61 -72.56 51.51
CA GLU G 82 59.05 -73.08 52.80
C GLU G 82 60.47 -73.66 52.76
N ALA G 83 60.90 -74.21 51.63
CA ALA G 83 62.28 -74.66 51.43
C ALA G 83 63.32 -73.53 51.30
N ALA G 84 62.92 -72.29 51.01
CA ALA G 84 63.85 -71.15 50.96
C ALA G 84 64.22 -70.66 52.36
N THR H 2 96.40 31.48 10.29
CA THR H 2 97.22 30.48 9.57
C THR H 2 96.34 29.40 8.96
N THR H 3 96.45 29.16 7.66
CA THR H 3 95.76 28.01 7.04
C THR H 3 96.56 26.75 7.33
N VAL H 4 95.91 25.69 7.79
CA VAL H 4 96.53 24.38 7.99
C VAL H 4 95.73 23.35 7.21
N THR H 5 96.41 22.46 6.47
CA THR H 5 95.75 21.47 5.61
C THR H 5 96.41 20.09 5.68
N ALA H 6 95.69 19.02 5.34
CA ALA H 6 96.27 17.71 5.08
C ALA H 6 95.30 16.82 4.30
N THR H 7 95.83 15.96 3.43
CA THR H 7 95.09 14.78 2.97
C THR H 7 95.19 13.68 4.02
N VAL H 8 94.12 12.90 4.25
CA VAL H 8 94.02 11.82 5.23
C VAL H 8 93.41 10.56 4.62
N HIS H 9 94.04 9.40 4.76
CA HIS H 9 93.73 8.16 4.03
C HIS H 9 93.77 6.87 4.87
N ASP H 10 93.10 5.82 4.40
CA ASP H 10 93.31 4.42 4.81
C ASP H 10 94.69 3.88 4.35
N ILE H 11 95.14 2.73 4.86
CA ILE H 11 96.28 1.99 4.27
C ILE H 11 96.03 1.56 2.83
N SER H 12 94.77 1.46 2.40
CA SER H 12 94.42 1.23 1.00
C SER H 12 94.26 2.50 0.15
N GLY H 13 94.63 3.68 0.66
CA GLY H 13 94.62 4.91 -0.13
C GLY H 13 93.24 5.49 -0.44
N ARG H 14 92.20 5.04 0.25
CA ARG H 14 90.85 5.64 0.22
C ARG H 14 90.81 6.83 1.19
N PRO H 15 89.87 7.79 1.06
CA PRO H 15 89.62 8.78 2.09
C PRO H 15 89.37 8.17 3.48
N ASP H 16 90.00 8.71 4.53
CA ASP H 16 89.55 8.51 5.91
C ASP H 16 88.91 9.80 6.43
N ASP H 17 87.59 9.88 6.31
CA ASP H 17 86.81 11.04 6.75
C ASP H 17 86.45 11.00 8.25
N SER H 18 87.07 10.18 9.09
CA SER H 18 86.82 10.22 10.54
C SER H 18 87.25 11.56 11.15
N HIS H 19 86.51 12.09 12.11
CA HIS H 19 86.73 13.45 12.59
C HIS H 19 88.01 13.61 13.41
N TRP H 20 88.68 14.73 13.19
CA TRP H 20 89.77 15.27 13.99
C TRP H 20 89.17 16.27 14.98
N THR H 21 89.90 16.60 16.02
CA THR H 21 89.45 17.51 17.07
C THR H 21 90.52 18.54 17.37
N PHE H 22 90.13 19.82 17.42
CA PHE H 22 91.02 20.96 17.65
C PHE H 22 90.52 21.83 18.81
N SER H 23 91.39 22.25 19.71
CA SER H 23 91.06 23.06 20.88
C SER H 23 92.26 23.88 21.37
N SER H 24 92.06 24.75 22.36
CA SER H 24 93.10 25.63 22.91
C SER H 24 92.89 25.88 24.40
N ASP H 25 93.90 26.40 25.09
CA ASP H 25 93.63 27.16 26.31
C ASP H 25 92.91 28.47 25.96
N LEU H 26 92.16 29.04 26.91
CA LEU H 26 91.65 30.40 26.79
C LEU H 26 92.80 31.39 26.60
N ARG H 27 92.84 32.14 25.50
CA ARG H 27 93.90 33.11 25.20
C ARG H 27 93.44 34.21 24.26
N GLU H 28 94.20 35.28 24.14
CA GLU H 28 93.93 36.37 23.20
C GLU H 28 94.92 36.33 22.04
N GLN H 29 94.41 36.42 20.80
CA GLN H 29 95.22 36.53 19.60
C GLN H 29 94.65 37.60 18.68
N ASP H 30 95.47 38.55 18.24
CA ASP H 30 95.06 39.65 17.36
C ASP H 30 93.85 40.46 17.91
N GLY H 31 93.68 40.51 19.24
CA GLY H 31 92.55 41.14 19.91
C GLY H 31 91.28 40.29 20.01
N VAL H 32 91.31 39.03 19.56
CA VAL H 32 90.20 38.08 19.63
C VAL H 32 90.41 37.10 20.78
N ILE H 33 89.39 36.84 21.60
CA ILE H 33 89.41 35.78 22.60
C ILE H 33 89.24 34.46 21.89
N ILE H 34 90.18 33.55 22.05
CA ILE H 34 90.12 32.18 21.59
C ILE H 34 89.64 31.31 22.75
N THR H 35 88.44 30.78 22.69
CA THR H 35 87.81 30.01 23.78
C THR H 35 88.29 28.56 23.87
N PRO H 36 88.10 27.87 25.01
CA PRO H 36 88.54 26.50 25.19
C PRO H 36 87.59 25.44 24.59
N ARG H 37 86.73 25.78 23.65
CA ARG H 37 85.76 24.88 23.01
C ARG H 37 86.46 23.81 22.17
N VAL H 38 85.99 22.57 22.23
CA VAL H 38 86.65 21.41 21.60
C VAL H 38 85.99 21.09 20.26
N VAL H 39 86.51 21.67 19.18
CA VAL H 39 85.86 21.67 17.86
C VAL H 39 86.16 20.40 17.07
N ARG H 40 85.14 19.67 16.62
CA ARG H 40 85.27 18.51 15.73
C ARG H 40 85.29 18.97 14.27
N VAL H 41 86.24 18.48 13.49
CA VAL H 41 86.40 18.75 12.05
C VAL H 41 86.43 17.44 11.27
N LYS H 42 85.59 17.28 10.25
CA LYS H 42 85.59 16.13 9.34
C LYS H 42 86.39 16.48 8.08
N PRO H 43 87.42 15.73 7.68
CA PRO H 43 87.96 15.81 6.33
C PRO H 43 86.85 15.60 5.27
N PHE H 44 86.93 16.30 4.15
CA PHE H 44 86.00 16.16 3.02
C PHE H 44 86.70 15.49 1.86
N ASN H 45 86.20 14.35 1.38
CA ASN H 45 86.90 13.47 0.44
C ASN H 45 88.38 13.29 0.82
N GLY H 46 88.65 13.09 2.10
CA GLY H 46 89.99 12.91 2.63
C GLY H 46 90.79 14.20 2.81
N GLU H 47 90.28 15.39 2.49
CA GLU H 47 91.02 16.64 2.68
C GLU H 47 90.49 17.38 3.91
N LEU H 48 91.34 17.70 4.88
CA LEU H 48 91.04 18.72 5.88
C LEU H 48 91.75 20.01 5.49
N ALA H 49 91.01 21.10 5.52
CA ALA H 49 91.52 22.46 5.43
C ALA H 49 90.86 23.30 6.52
N LEU H 50 91.64 23.96 7.37
CA LEU H 50 91.11 24.71 8.51
C LEU H 50 91.98 25.94 8.82
N THR H 51 91.40 26.94 9.47
CA THR H 51 92.11 28.15 9.87
C THR H 51 92.40 28.10 11.36
N LEU H 52 93.65 28.22 11.78
CA LEU H 52 94.07 28.16 13.17
C LEU H 52 94.81 29.45 13.59
N PRO H 53 94.63 29.94 14.83
CA PRO H 53 95.34 31.09 15.36
C PRO H 53 96.75 30.71 15.86
N PRO H 54 97.82 31.43 15.49
CA PRO H 54 99.18 31.15 15.91
C PRO H 54 99.34 30.92 17.40
N GLY H 55 100.34 30.14 17.80
CA GLY H 55 100.56 29.72 19.18
C GLY H 55 100.03 28.31 19.46
N PRO H 56 99.89 27.93 20.74
CA PRO H 56 99.55 26.57 21.12
C PRO H 56 98.11 26.20 20.69
N VAL H 57 97.95 24.98 20.19
CA VAL H 57 96.68 24.33 19.85
C VAL H 57 96.77 22.86 20.25
N ARG H 58 95.70 22.28 20.78
CA ARG H 58 95.62 20.84 21.07
C ARG H 58 94.88 20.15 19.96
N VAL H 59 95.42 19.04 19.48
CA VAL H 59 94.89 18.24 18.39
C VAL H 59 94.66 16.82 18.87
N THR H 60 93.55 16.21 18.49
CA THR H 60 93.21 14.81 18.77
C THR H 60 92.65 14.18 17.52
N HIS H 61 93.01 12.95 17.17
CA HIS H 61 92.31 12.22 16.10
C HIS H 61 91.26 11.30 16.71
N HIS H 62 91.68 10.18 17.29
CA HIS H 62 90.79 9.28 18.02
C HIS H 62 91.35 9.04 19.41
N GLN H 63 92.43 8.29 19.51
CA GLN H 63 93.11 8.00 20.77
C GLN H 63 94.36 8.86 20.94
N ASP H 64 95.04 9.16 19.84
CA ASP H 64 96.21 10.02 19.75
C ASP H 64 95.87 11.49 19.96
N ARG H 65 96.75 12.21 20.65
CA ARG H 65 96.69 13.66 20.81
C ARG H 65 98.06 14.32 20.89
N TRP H 66 98.11 15.58 20.47
CA TRP H 66 99.30 16.40 20.34
C TRP H 66 99.04 17.84 20.77
N LEU H 67 100.09 18.58 21.09
CA LEU H 67 100.04 20.00 21.42
C LEU H 67 100.94 20.74 20.43
N ILE H 68 100.38 21.16 19.31
CA ILE H 68 101.10 21.80 18.22
C ILE H 68 101.30 23.29 18.51
N ASP H 69 102.29 23.89 17.86
CA ASP H 69 102.57 25.32 17.96
C ASP H 69 102.42 25.95 16.57
N VAL H 70 101.24 26.50 16.27
CA VAL H 70 100.88 26.94 14.93
C VAL H 70 101.72 28.14 14.53
N PRO H 71 102.50 28.08 13.44
CA PRO H 71 103.33 29.20 12.98
C PRO H 71 102.50 30.27 12.27
N GLU H 72 103.07 31.44 12.02
CA GLU H 72 102.40 32.57 11.35
C GLU H 72 102.18 32.38 9.83
N GLU H 73 102.65 31.28 9.24
CA GLU H 73 102.57 30.99 7.80
C GLU H 73 101.90 29.63 7.51
N ASP H 74 101.22 29.53 6.37
CA ASP H 74 100.44 28.33 6.01
C ASP H 74 101.30 27.06 5.96
N SER H 75 100.79 25.94 6.47
CA SER H 75 101.61 24.73 6.69
C SER H 75 100.81 23.44 6.70
N ASP H 76 101.46 22.31 6.42
CA ASP H 76 100.83 21.00 6.41
C ASP H 76 100.66 20.49 7.83
N LEU H 77 99.52 19.87 8.16
CA LEU H 77 99.29 19.42 9.52
C LEU H 77 100.30 18.37 9.97
N TRP H 78 100.82 17.54 9.06
CA TRP H 78 101.79 16.52 9.45
C TRP H 78 103.11 17.11 9.93
N ASP H 79 103.58 18.19 9.32
CA ASP H 79 104.80 18.86 9.77
C ASP H 79 104.63 19.44 11.17
N LEU H 80 103.44 19.93 11.50
CA LEU H 80 103.13 20.45 12.83
C LEU H 80 102.97 19.32 13.85
N ILE H 81 102.32 18.21 13.48
CA ILE H 81 102.21 17.02 14.33
C ILE H 81 103.58 16.41 14.60
N GLU H 82 104.42 16.17 13.59
CA GLU H 82 105.72 15.54 13.77
C GLU H 82 106.68 16.39 14.63
N ALA H 83 106.52 17.72 14.64
CA ALA H 83 107.27 18.60 15.52
C ALA H 83 106.90 18.49 17.02
N ALA H 84 105.75 17.92 17.37
CA ALA H 84 105.35 17.79 18.77
C ALA H 84 106.25 16.81 19.55
N THR I 2 23.17 16.43 99.98
CA THR I 2 23.36 15.46 98.88
C THR I 2 23.32 16.09 97.50
N THR I 3 22.45 17.08 97.23
CA THR I 3 22.52 17.85 95.97
C THR I 3 23.83 18.63 95.94
N VAL I 4 24.53 18.60 94.82
CA VAL I 4 25.74 19.36 94.60
C VAL I 4 25.54 20.23 93.37
N THR I 5 26.05 21.46 93.39
CA THR I 5 25.98 22.39 92.26
C THR I 5 27.30 23.11 92.00
N ALA I 6 27.47 23.63 90.80
CA ALA I 6 28.51 24.61 90.48
C ALA I 6 28.12 25.39 89.23
N THR I 7 28.71 26.57 89.07
CA THR I 7 28.76 27.30 87.79
C THR I 7 30.18 27.21 87.29
N VAL I 8 30.39 26.89 86.02
CA VAL I 8 31.70 26.59 85.45
C VAL I 8 31.95 27.45 84.20
N HIS I 9 33.07 28.15 84.16
CA HIS I 9 33.41 29.15 83.14
C HIS I 9 34.84 29.00 82.66
N ASP I 10 35.17 29.62 81.53
CA ASP I 10 36.55 29.88 81.14
C ASP I 10 37.07 31.24 81.68
N ILE I 11 38.34 31.56 81.44
CA ILE I 11 38.93 32.83 81.90
C ILE I 11 38.27 34.07 81.28
N SER I 12 37.48 33.93 80.19
CA SER I 12 36.68 35.03 79.64
C SER I 12 35.23 35.00 80.07
N GLY I 13 34.89 34.22 81.09
CA GLY I 13 33.59 34.21 81.74
C GLY I 13 32.47 33.56 80.93
N ARG I 14 32.77 32.87 79.83
CA ARG I 14 31.79 32.10 79.05
C ARG I 14 31.59 30.71 79.66
N PRO I 15 30.50 29.99 79.39
CA PRO I 15 30.35 28.60 79.81
C PRO I 15 31.49 27.68 79.39
N ASP I 16 31.92 26.77 80.27
CA ASP I 16 32.71 25.59 79.89
C ASP I 16 31.92 24.31 80.13
N ASP I 17 31.27 23.82 79.08
CA ASP I 17 30.43 22.62 79.10
C ASP I 17 31.19 21.30 78.83
N SER I 18 32.51 21.25 79.00
CA SER I 18 33.24 19.98 78.91
C SER I 18 32.91 19.05 80.08
N HIS I 19 32.80 17.73 79.84
CA HIS I 19 32.27 16.82 80.85
C HIS I 19 33.21 16.61 82.03
N TRP I 20 32.63 16.72 83.22
CA TRP I 20 33.17 16.23 84.47
C TRP I 20 32.84 14.75 84.60
N THR I 21 33.48 14.07 85.53
CA THR I 21 33.35 12.63 85.73
C THR I 21 33.16 12.30 87.21
N PHE I 22 32.21 11.42 87.51
CA PHE I 22 31.86 10.99 88.88
C PHE I 22 31.80 9.47 89.03
N SER I 23 32.35 8.91 90.10
CA SER I 23 32.38 7.47 90.37
C SER I 23 32.64 7.20 91.84
N SER I 24 32.53 5.94 92.28
CA SER I 24 32.89 5.53 93.65
C SER I 24 33.41 4.10 93.70
N ASP I 25 33.95 3.68 94.83
CA ASP I 25 34.02 2.26 95.16
C ASP I 25 32.60 1.67 95.32
N LEU I 26 32.45 0.35 95.19
CA LEU I 26 31.17 -0.34 95.40
C LEU I 26 30.77 -0.28 96.86
N ARG I 27 29.58 0.23 97.19
CA ARG I 27 29.14 0.42 98.58
C ARG I 27 27.64 0.56 98.71
N GLU I 28 27.11 0.40 99.91
CA GLU I 28 25.69 0.61 100.21
C GLU I 28 25.51 1.91 100.98
N GLN I 29 24.58 2.74 100.52
CA GLN I 29 24.17 3.95 101.21
C GLN I 29 22.64 3.99 101.21
N ASP I 30 22.00 4.25 102.35
CA ASP I 30 20.55 4.36 102.44
C ASP I 30 19.78 3.20 101.77
N GLY I 31 20.28 1.98 101.90
CA GLY I 31 19.66 0.76 101.36
C GLY I 31 19.81 0.52 99.85
N VAL I 32 20.51 1.37 99.10
CA VAL I 32 20.83 1.19 97.67
C VAL I 32 22.29 0.86 97.46
N ILE I 33 22.60 -0.06 96.56
CA ILE I 33 23.97 -0.38 96.15
C ILE I 33 24.41 0.66 95.12
N ILE I 34 25.54 1.32 95.38
CA ILE I 34 26.16 2.33 94.52
C ILE I 34 27.30 1.66 93.74
N THR I 35 27.24 1.63 92.41
CA THR I 35 28.19 0.85 91.60
C THR I 35 29.45 1.62 91.21
N PRO I 36 30.52 0.95 90.74
CA PRO I 36 31.74 1.62 90.28
C PRO I 36 31.64 2.37 88.95
N ARG I 37 30.46 2.45 88.32
CA ARG I 37 30.25 3.07 87.01
C ARG I 37 30.70 4.53 87.01
N VAL I 38 31.46 4.89 85.99
CA VAL I 38 32.08 6.21 85.86
C VAL I 38 31.18 7.12 85.04
N VAL I 39 30.30 7.89 85.69
CA VAL I 39 29.31 8.72 85.02
C VAL I 39 29.92 10.03 84.50
N ARG I 40 29.82 10.30 83.20
CA ARG I 40 30.16 11.61 82.62
C ARG I 40 28.99 12.56 82.81
N VAL I 41 29.22 13.71 83.41
CA VAL I 41 28.22 14.76 83.62
C VAL I 41 28.65 16.04 82.96
N LYS I 42 27.80 16.57 82.09
CA LYS I 42 28.10 17.71 81.23
C LYS I 42 27.39 18.95 81.77
N PRO I 43 28.09 20.04 82.10
CA PRO I 43 27.43 21.29 82.43
C PRO I 43 26.49 21.75 81.32
N PHE I 44 25.37 22.38 81.68
CA PHE I 44 24.42 22.99 80.76
C PHE I 44 24.42 24.50 80.94
N ASN I 45 24.69 25.26 79.88
CA ASN I 45 24.94 26.71 79.98
C ASN I 45 25.91 27.07 81.12
N GLY I 46 26.92 26.24 81.34
CA GLY I 46 27.90 26.42 82.41
C GLY I 46 27.41 26.04 83.79
N GLU I 47 26.13 25.79 84.01
CA GLU I 47 25.66 25.26 85.30
C GLU I 47 25.83 23.75 85.34
N LEU I 48 26.18 23.17 86.48
CA LEU I 48 25.95 21.75 86.72
C LEU I 48 25.23 21.57 88.05
N ALA I 49 24.26 20.66 88.06
CA ALA I 49 23.58 20.21 89.26
C ALA I 49 23.42 18.70 89.19
N LEU I 50 23.70 18.00 90.29
CA LEU I 50 23.61 16.55 90.38
C LEU I 50 23.38 16.10 91.82
N THR I 51 22.85 14.89 91.98
CA THR I 51 22.69 14.24 93.29
C THR I 51 23.80 13.24 93.51
N LEU I 52 24.42 13.23 94.69
CA LEU I 52 25.46 12.28 95.07
C LEU I 52 25.13 11.64 96.43
N PRO I 53 25.39 10.34 96.65
CA PRO I 53 25.22 9.68 97.94
C PRO I 53 26.33 10.12 98.93
N PRO I 54 26.02 10.42 100.19
CA PRO I 54 27.01 10.81 101.18
C PRO I 54 28.20 9.86 101.30
N GLY I 55 29.32 10.35 101.81
CA GLY I 55 30.57 9.60 101.86
C GLY I 55 31.43 9.79 100.61
N PRO I 56 32.40 8.90 100.36
CA PRO I 56 33.40 9.13 99.34
C PRO I 56 32.86 9.05 97.91
N VAL I 57 33.34 9.96 97.06
CA VAL I 57 33.10 9.99 95.62
C VAL I 57 34.39 10.43 94.94
N ARG I 58 34.73 9.87 93.79
CA ARG I 58 35.85 10.31 92.97
C ARG I 58 35.32 11.29 91.93
N VAL I 59 35.97 12.43 91.80
CA VAL I 59 35.69 13.45 90.78
C VAL I 59 36.86 13.54 89.83
N THR I 60 36.60 13.73 88.56
CA THR I 60 37.63 13.91 87.54
C THR I 60 37.22 14.97 86.56
N HIS I 61 38.17 15.78 86.12
CA HIS I 61 37.98 16.76 85.07
C HIS I 61 39.22 16.85 84.21
N HIS I 62 39.14 16.30 83.01
CA HIS I 62 40.28 16.07 82.12
C HIS I 62 41.39 15.27 82.82
N GLN I 63 42.51 15.87 83.21
CA GLN I 63 43.55 15.17 83.98
C GLN I 63 43.46 15.36 85.49
N ASP I 64 42.69 16.34 85.98
CA ASP I 64 42.52 16.54 87.41
C ASP I 64 41.68 15.43 88.03
N ARG I 65 42.15 14.89 89.15
CA ARG I 65 41.46 13.86 89.93
C ARG I 65 41.38 14.26 91.38
N TRP I 66 40.23 14.04 91.99
CA TRP I 66 39.98 14.28 93.41
C TRP I 66 39.15 13.16 94.03
N LEU I 67 39.24 13.04 95.34
CA LEU I 67 38.40 12.14 96.14
C LEU I 67 37.65 13.00 97.15
N ILE I 68 36.47 13.45 96.79
CA ILE I 68 35.62 14.27 97.67
C ILE I 68 34.90 13.41 98.69
N ASP I 69 34.50 14.02 99.80
CA ASP I 69 33.64 13.41 100.82
C ASP I 69 32.34 14.21 100.90
N VAL I 70 31.20 13.59 100.61
CA VAL I 70 29.96 14.31 100.35
C VAL I 70 29.10 14.35 101.63
N PRO I 71 28.67 15.52 102.09
CA PRO I 71 27.87 15.67 103.31
C PRO I 71 26.38 15.33 103.11
N GLU I 72 25.65 15.24 104.22
CA GLU I 72 24.19 15.10 104.23
C GLU I 72 23.50 16.32 103.61
N GLU I 73 23.88 17.54 104.01
CA GLU I 73 23.38 18.80 103.48
C GLU I 73 23.76 19.04 102.00
N ASP I 74 23.07 19.96 101.34
CA ASP I 74 23.39 20.35 99.95
C ASP I 74 24.53 21.38 99.92
N SER I 75 25.36 21.36 98.88
CA SER I 75 26.67 22.03 98.91
C SER I 75 27.26 22.35 97.53
N ASP I 76 28.23 23.27 97.50
CA ASP I 76 28.93 23.69 96.29
C ASP I 76 30.10 22.75 95.95
N LEU I 77 30.26 22.36 94.69
CA LEU I 77 31.31 21.45 94.30
C LEU I 77 32.71 22.01 94.55
N TRP I 78 32.94 23.32 94.45
CA TRP I 78 34.28 23.84 94.73
C TRP I 78 34.66 23.68 96.19
N ASP I 79 33.74 23.99 97.10
CA ASP I 79 33.93 23.80 98.53
C ASP I 79 34.25 22.34 98.87
N LEU I 80 33.64 21.37 98.17
CA LEU I 80 33.98 19.96 98.34
C LEU I 80 35.33 19.61 97.72
N ILE I 81 35.64 20.13 96.54
CA ILE I 81 36.92 19.87 95.85
C ILE I 81 38.10 20.41 96.65
N GLU I 82 38.07 21.64 97.15
CA GLU I 82 39.21 22.20 97.87
C GLU I 82 39.42 21.59 99.26
N ALA I 83 38.43 20.87 99.80
CA ALA I 83 38.57 20.13 101.06
C ALA I 83 39.45 18.87 100.93
N ALA I 84 39.73 18.40 99.72
CA ALA I 84 40.61 17.27 99.49
C ALA I 84 42.08 17.61 99.80
N THR J 2 77.42 54.18 33.67
CA THR J 2 77.94 52.92 33.08
C THR J 2 78.96 53.17 31.98
N VAL J 3 79.71 52.13 31.63
CA VAL J 3 80.79 52.10 30.65
C VAL J 3 80.60 50.85 29.81
N THR J 4 80.78 50.88 28.48
CA THR J 4 80.62 49.67 27.68
C THR J 4 81.93 48.90 27.56
N ILE J 5 81.93 47.65 27.98
CA ILE J 5 83.05 46.72 27.97
C ILE J 5 82.83 45.69 26.87
N THR J 6 83.84 45.41 26.05
CA THR J 6 83.68 44.58 24.84
C THR J 6 84.79 43.58 24.57
N ALA J 7 84.48 42.50 23.85
CA ALA J 7 85.44 41.55 23.30
C ALA J 7 84.91 40.90 22.01
N ASP J 8 85.79 40.37 21.18
CA ASP J 8 85.45 39.51 20.05
C ASP J 8 85.81 38.07 20.44
N VAL J 9 84.86 37.15 20.36
CA VAL J 9 84.97 35.81 20.94
C VAL J 9 84.79 34.73 19.89
N ARG J 10 85.81 33.90 19.67
CA ARG J 10 85.82 32.86 18.63
C ARG J 10 86.43 31.55 19.13
N ASP J 11 86.14 30.43 18.46
CA ASP J 11 86.80 29.14 18.73
C ASP J 11 88.07 28.98 17.89
N VAL J 12 88.86 27.92 18.11
CA VAL J 12 90.14 27.75 17.40
C VAL J 12 89.99 27.64 15.88
N THR J 13 88.82 27.31 15.35
CA THR J 13 88.59 27.23 13.91
C THR J 13 88.10 28.56 13.31
N GLY J 14 87.99 29.63 14.09
CA GLY J 14 87.58 30.96 13.65
C GLY J 14 86.06 31.22 13.64
N GLN J 15 85.24 30.25 14.01
CA GLN J 15 83.79 30.43 14.14
C GLN J 15 83.42 31.09 15.48
N PRO J 16 82.34 31.89 15.57
CA PRO J 16 82.00 32.61 16.79
C PRO J 16 81.53 31.68 17.91
N ASP J 17 81.87 31.99 19.16
CA ASP J 17 81.54 31.13 20.30
C ASP J 17 80.60 31.79 21.33
N ASN J 18 79.31 31.49 21.25
CA ASN J 18 78.26 32.21 21.96
C ASN J 18 77.97 31.76 23.41
N GLN J 19 78.85 31.00 24.06
CA GLN J 19 78.71 30.63 25.48
C GLN J 19 78.73 31.86 26.39
N GLN J 20 77.94 31.85 27.46
CA GLN J 20 77.71 33.01 28.31
C GLN J 20 78.90 33.39 29.21
N TRP J 21 79.07 34.69 29.42
CA TRP J 21 79.98 35.31 30.39
C TRP J 21 79.17 35.81 31.57
N VAL J 22 79.69 35.65 32.77
CA VAL J 22 78.99 36.00 34.01
C VAL J 22 79.63 37.20 34.66
N PHE J 23 78.83 38.19 35.06
CA PHE J 23 79.24 39.43 35.71
C PHE J 23 78.52 39.63 37.03
N SER J 24 79.24 40.05 38.06
CA SER J 24 78.74 40.29 39.42
C SER J 24 79.62 41.29 40.17
N THR J 25 79.32 41.59 41.43
CA THR J 25 80.10 42.50 42.29
C THR J 25 79.86 42.15 43.76
N VAL J 26 80.57 42.79 44.69
CA VAL J 26 80.20 42.77 46.11
C VAL J 26 79.19 43.88 46.39
N LEU J 27 78.34 43.70 47.39
CA LEU J 27 77.34 44.69 47.77
C LEU J 27 78.00 46.05 48.09
N ARG J 28 77.64 47.14 47.40
CA ARG J 28 78.19 48.49 47.64
C ARG J 28 77.26 49.61 47.16
N GLN J 29 77.44 50.85 47.61
CA GLN J 29 76.75 52.01 47.03
C GLN J 29 77.66 52.73 46.05
N GLN J 30 77.12 53.13 44.91
CA GLN J 30 77.79 53.98 43.93
C GLN J 30 76.78 54.91 43.27
N ASP J 31 77.16 56.18 43.11
CA ASP J 31 76.21 57.26 42.87
C ASP J 31 75.03 57.17 43.88
N GLY J 32 73.77 57.24 43.45
CA GLY J 32 72.61 57.15 44.34
C GLY J 32 72.15 55.72 44.66
N SER J 33 72.86 54.70 44.18
CA SER J 33 72.32 53.35 44.02
C SER J 33 73.12 52.28 44.73
N ILE J 34 72.45 51.24 45.20
CA ILE J 34 73.06 50.04 45.73
C ILE J 34 73.28 49.06 44.57
N LEU J 35 74.47 48.49 44.47
CA LEU J 35 74.81 47.44 43.53
C LEU J 35 74.83 46.10 44.25
N THR J 36 74.12 45.13 43.70
CA THR J 36 73.85 43.83 44.32
C THR J 36 74.74 42.70 43.80
N GLN J 37 74.74 41.56 44.48
CA GLN J 37 75.52 40.37 44.11
C GLN J 37 74.88 39.49 43.03
N LYS J 38 73.86 39.97 42.31
CA LYS J 38 73.22 39.25 41.21
C LYS J 38 74.25 38.90 40.12
N GLN J 39 74.34 37.62 39.78
CA GLN J 39 75.11 37.09 38.68
C GLN J 39 74.35 37.29 37.37
N VAL J 40 74.83 38.18 36.51
CA VAL J 40 74.22 38.57 35.23
C VAL J 40 74.92 37.84 34.11
N ARG J 41 74.17 37.10 33.29
CA ARG J 41 74.72 36.22 32.26
C ARG J 41 74.51 36.84 30.89
N VAL J 42 75.59 37.05 30.16
CA VAL J 42 75.62 37.75 28.88
C VAL J 42 76.03 36.76 27.78
N ASN J 43 75.19 36.59 26.76
CA ASN J 43 75.61 35.92 25.53
C ASN J 43 76.39 36.88 24.61
N PRO J 44 77.55 36.49 24.08
CA PRO J 44 78.05 37.08 22.84
C PRO J 44 77.04 36.90 21.70
N VAL J 45 76.88 37.90 20.85
CA VAL J 45 75.99 37.86 19.69
C VAL J 45 76.84 37.83 18.42
N ASP J 46 76.70 36.79 17.61
CA ASP J 46 77.62 36.47 16.49
C ASP J 46 79.11 36.54 16.89
N GLY J 47 79.42 36.24 18.14
CA GLY J 47 80.77 36.30 18.70
C GLY J 47 81.18 37.67 19.26
N ALA J 48 80.39 38.73 19.12
CA ALA J 48 80.66 40.00 19.76
C ALA J 48 80.07 40.03 21.17
N LEU J 49 80.91 40.13 22.20
CA LEU J 49 80.48 40.32 23.58
C LEU J 49 80.47 41.81 23.86
N SER J 50 79.33 42.37 24.22
CA SER J 50 79.24 43.75 24.66
C SER J 50 78.34 43.87 25.89
N VAL J 51 78.83 44.49 26.96
CA VAL J 51 78.09 44.66 28.20
C VAL J 51 78.38 46.02 28.83
N GLU J 52 77.35 46.73 29.25
CA GLU J 52 77.49 47.98 29.98
C GLU J 52 77.61 47.68 31.47
N LEU J 53 78.69 48.11 32.11
CA LEU J 53 78.96 47.88 33.52
C LEU J 53 79.10 49.18 34.30
N GLU J 54 78.78 49.17 35.59
CA GLU J 54 79.15 50.27 36.48
C GLU J 54 80.64 50.21 36.84
N PRO J 55 81.35 51.34 36.86
CA PRO J 55 82.74 51.44 37.30
C PRO J 55 83.05 50.82 38.65
N GLY J 56 84.33 50.55 38.88
CA GLY J 56 84.86 49.99 40.11
C GLY J 56 84.90 48.47 40.07
N PHE J 57 84.92 47.83 41.23
CA PHE J 57 85.07 46.40 41.34
C PHE J 57 83.92 45.60 40.70
N ALA J 58 84.27 44.59 39.93
CA ALA J 58 83.36 43.58 39.40
C ALA J 58 84.03 42.19 39.41
N ILE J 59 83.25 41.15 39.28
CA ILE J 59 83.70 39.76 39.21
C ILE J 59 83.35 39.25 37.83
N VAL J 60 84.32 38.69 37.12
CA VAL J 60 84.08 38.00 35.85
C VAL J 60 84.29 36.51 36.00
N VAL J 61 83.35 35.71 35.50
CA VAL J 61 83.43 34.25 35.49
C VAL J 61 83.20 33.74 34.07
N TYR J 62 84.01 32.78 33.64
CA TYR J 62 83.81 32.11 32.36
C TYR J 62 84.34 30.68 32.41
N GLY J 63 83.46 29.69 32.26
CA GLY J 63 83.81 28.29 32.44
C GLY J 63 84.42 28.00 33.82
N GLU J 64 85.62 27.43 33.84
CA GLU J 64 86.36 27.19 35.08
C GLU J 64 86.96 28.47 35.69
N TYR J 65 87.17 29.54 34.94
CA TYR J 65 87.93 30.70 35.39
C TYR J 65 87.08 31.72 36.15
N ARG J 66 87.72 32.42 37.08
CA ARG J 66 87.16 33.55 37.83
C ARG J 66 88.21 34.63 37.99
N TRP J 67 87.82 35.88 37.77
CA TRP J 67 88.70 37.04 37.84
C TRP J 67 88.04 38.22 38.56
N PHE J 68 88.82 38.98 39.31
CA PHE J 68 88.39 40.21 39.95
C PHE J 68 88.85 41.41 39.13
N ILE J 69 88.00 41.96 38.27
CA ILE J 69 88.34 43.12 37.46
C ILE J 69 88.03 44.42 38.19
N GLU J 70 88.76 45.47 37.87
CA GLU J 70 88.36 46.85 38.16
C GLU J 70 87.92 47.49 36.86
N VAL J 71 86.64 47.84 36.71
CA VAL J 71 86.12 48.49 35.51
C VAL J 71 86.56 49.94 35.50
N PRO J 72 87.23 50.44 34.45
CA PRO J 72 87.70 51.82 34.36
C PRO J 72 86.56 52.79 34.02
N GLU J 73 86.83 54.10 34.08
CA GLU J 73 85.82 55.16 33.92
C GLU J 73 85.34 55.40 32.47
N THR J 74 85.91 54.71 31.49
CA THR J 74 85.61 54.87 30.06
C THR J 74 85.83 53.56 29.30
N ASP J 75 85.24 53.43 28.11
CA ASP J 75 85.07 52.15 27.41
C ASP J 75 86.39 51.40 27.21
N ALA J 76 86.38 50.08 27.41
CA ALA J 76 87.58 49.26 27.42
C ALA J 76 87.35 47.84 26.90
N GLY J 77 88.40 47.22 26.36
CA GLY J 77 88.37 45.82 25.99
C GLY J 77 88.44 44.91 27.21
N LEU J 78 87.64 43.84 27.24
CA LEU J 78 87.55 42.93 28.38
C LEU J 78 88.86 42.19 28.66
N TRP J 79 89.66 41.87 27.65
CA TRP J 79 90.89 41.14 27.87
C TRP J 79 91.95 41.96 28.61
N GLY J 80 92.03 43.26 28.36
CA GLY J 80 92.92 44.13 29.12
C GLY J 80 92.58 44.16 30.60
N LEU J 81 91.29 44.06 30.94
CA LEU J 81 90.85 44.01 32.33
C LEU J 81 91.10 42.64 32.95
N ILE J 82 90.95 41.55 32.19
CA ILE J 82 91.27 40.22 32.68
C ILE J 82 92.78 40.07 32.94
N ALA J 83 93.63 40.50 32.01
CA ALA J 83 95.08 40.45 32.16
C ALA J 83 95.60 41.27 33.36
N THR J 84 94.90 42.33 33.74
CA THR J 84 95.24 43.19 34.88
C THR J 84 94.44 42.87 36.15
N SER J 85 93.61 41.83 36.15
CA SER J 85 92.76 41.47 37.30
C SER J 85 93.51 41.26 38.61
N VAL J 86 92.94 41.72 39.72
CA VAL J 86 93.54 41.69 41.06
C VAL J 86 93.37 40.33 41.74
N ALA J 87 94.24 39.98 42.68
CA ALA J 87 94.22 38.66 43.32
C ALA J 87 93.00 38.42 44.22
N VAL J 88 92.61 39.40 45.04
CA VAL J 88 91.51 39.30 46.02
C VAL J 88 90.75 40.62 46.13
N PRO J 89 89.46 40.64 46.50
CA PRO J 89 88.66 41.85 46.51
C PRO J 89 89.20 42.95 47.43
N PRO J 90 89.14 44.23 47.04
CA PRO J 90 89.45 45.34 47.93
C PRO J 90 88.35 45.49 48.99
N ASP J 91 88.70 45.98 50.17
CA ASP J 91 87.74 46.18 51.26
C ASP J 91 86.92 47.47 51.08
N THR J 92 85.80 47.56 51.79
CA THR J 92 84.90 48.73 51.77
C THR J 92 84.95 49.52 53.08
N SER J 93 85.94 49.33 53.95
CA SER J 93 85.92 49.86 55.32
C SER J 93 85.82 51.38 55.36
N ALA J 94 86.62 52.07 54.55
CA ALA J 94 86.57 53.53 54.45
C ALA J 94 85.27 54.01 53.81
N GLU J 95 84.79 53.29 52.79
CA GLU J 95 83.57 53.64 52.08
C GLU J 95 82.34 53.53 52.99
N LEU J 96 82.28 52.52 53.86
CA LEU J 96 81.19 52.37 54.81
C LEU J 96 81.15 53.51 55.83
N LEU J 97 82.31 54.01 56.28
CA LEU J 97 82.33 55.19 57.16
C LEU J 97 81.86 56.43 56.40
N ALA J 98 82.37 56.66 55.19
CA ALA J 98 81.96 57.77 54.35
C ALA J 98 80.44 57.75 54.09
N ASP J 99 79.90 56.58 53.79
CA ASP J 99 78.47 56.38 53.59
C ASP J 99 77.67 56.64 54.87
N ALA J 100 78.13 56.16 56.02
CA ALA J 100 77.42 56.39 57.29
C ALA J 100 77.34 57.88 57.61
N VAL J 101 78.45 58.61 57.48
CA VAL J 101 78.49 60.07 57.66
C VAL J 101 77.60 60.77 56.63
N ASN J 102 77.73 60.42 55.34
CA ASN J 102 76.93 61.05 54.29
C ASN J 102 75.43 60.78 54.46
N GLY J 103 75.06 59.61 54.98
CA GLY J 103 73.69 59.29 55.32
C GLY J 103 73.17 60.15 56.46
N TYR J 104 73.89 60.21 57.58
CA TYR J 104 73.44 61.02 58.72
C TYR J 104 73.35 62.50 58.37
N LEU J 105 74.20 63.00 57.48
CA LEU J 105 74.12 64.37 56.98
C LEU J 105 72.90 64.58 56.08
N ASP J 106 72.60 63.65 55.17
CA ASP J 106 71.39 63.73 54.36
C ASP J 106 70.11 63.60 55.18
N ALA J 107 70.17 62.97 56.35
CA ALA J 107 69.02 62.86 57.27
C ALA J 107 68.69 64.17 58.01
N ASN J 108 69.61 65.13 58.08
CA ASN J 108 69.37 66.43 58.71
C ASN J 108 70.33 67.52 58.17
N PRO J 109 70.05 68.09 56.99
CA PRO J 109 70.83 69.18 56.40
C PRO J 109 70.93 70.45 57.27
N PRO J 110 71.90 71.36 57.01
CA PRO J 110 72.01 72.66 57.66
C PRO J 110 70.71 73.48 57.65
N THR K 2 97.28 1.90 -5.23
CA THR K 2 98.69 1.89 -5.65
C THR K 2 99.22 0.46 -5.81
N VAL K 3 99.89 -0.14 -4.83
CA VAL K 3 100.49 -1.49 -4.96
C VAL K 3 99.44 -2.58 -4.81
N THR K 4 99.24 -3.46 -5.79
CA THR K 4 98.32 -4.59 -5.62
C THR K 4 99.01 -5.72 -4.87
N ILE K 5 98.27 -6.32 -3.93
CA ILE K 5 98.71 -7.44 -3.13
C ILE K 5 97.63 -8.49 -3.25
N THR K 6 98.00 -9.74 -3.52
CA THR K 6 97.03 -10.78 -3.89
C THR K 6 97.38 -12.15 -3.33
N ALA K 7 96.38 -13.00 -3.13
CA ALA K 7 96.54 -14.40 -2.75
C ALA K 7 95.33 -15.23 -3.19
N ASP K 8 95.49 -16.55 -3.22
CA ASP K 8 94.39 -17.49 -3.41
C ASP K 8 94.22 -18.26 -2.09
N VAL K 9 93.06 -18.19 -1.45
CA VAL K 9 92.86 -18.66 -0.08
C VAL K 9 91.81 -19.75 -0.01
N ARG K 10 92.15 -20.93 0.50
CA ARG K 10 91.32 -22.14 0.36
C ARG K 10 91.32 -23.01 1.62
N ASP K 11 90.27 -23.81 1.78
CA ASP K 11 90.19 -24.88 2.79
C ASP K 11 91.16 -26.03 2.49
N VAL K 12 91.36 -26.96 3.43
CA VAL K 12 92.12 -28.22 3.19
C VAL K 12 91.64 -28.97 1.95
N THR K 13 90.35 -28.85 1.66
CA THR K 13 89.68 -29.50 0.53
C THR K 13 89.79 -28.76 -0.80
N GLY K 14 90.52 -27.65 -0.85
CA GLY K 14 90.63 -26.82 -2.04
C GLY K 14 89.39 -25.97 -2.35
N GLN K 15 88.36 -25.99 -1.51
CA GLN K 15 87.20 -25.11 -1.65
C GLN K 15 87.55 -23.67 -1.23
N PRO K 16 86.98 -22.63 -1.85
CA PRO K 16 87.23 -21.24 -1.48
C PRO K 16 87.04 -20.93 0.00
N ASP K 17 88.03 -20.31 0.64
CA ASP K 17 87.90 -19.84 2.03
C ASP K 17 87.78 -18.31 2.10
N ASN K 18 86.67 -17.84 2.65
CA ASN K 18 86.20 -16.47 2.48
C ASN K 18 86.16 -15.65 3.79
N GLN K 19 86.84 -16.10 4.85
CA GLN K 19 87.08 -15.28 6.05
C GLN K 19 87.91 -14.03 5.74
N GLN K 20 87.58 -12.91 6.39
CA GLN K 20 88.19 -11.61 6.15
C GLN K 20 89.64 -11.48 6.63
N TRP K 21 90.44 -10.79 5.82
CA TRP K 21 91.82 -10.41 6.08
C TRP K 21 91.87 -8.92 6.40
N VAL K 22 92.60 -8.53 7.45
CA VAL K 22 92.52 -7.18 8.00
C VAL K 22 93.84 -6.45 7.86
N PHE K 23 93.84 -5.27 7.25
CA PHE K 23 95.04 -4.48 6.95
C PHE K 23 95.03 -3.13 7.66
N SER K 24 96.14 -2.72 8.27
CA SER K 24 96.30 -1.38 8.87
C SER K 24 97.75 -0.91 8.89
N THR K 25 98.02 0.25 9.49
CA THR K 25 99.36 0.84 9.65
C THR K 25 99.43 1.64 10.95
N VAL K 26 100.62 1.93 11.47
CA VAL K 26 100.78 3.04 12.41
C VAL K 26 100.59 4.35 11.65
N LEU K 27 100.32 5.44 12.37
CA LEU K 27 100.09 6.75 11.78
C LEU K 27 101.37 7.26 11.09
N ARG K 28 101.34 7.52 9.78
CA ARG K 28 102.54 7.89 9.01
C ARG K 28 102.21 8.68 7.74
N GLN K 29 103.20 9.32 7.13
CA GLN K 29 103.01 10.09 5.90
C GLN K 29 103.53 9.34 4.66
N GLN K 30 102.75 9.32 3.58
CA GLN K 30 103.16 8.88 2.24
C GLN K 30 102.81 9.93 1.19
N ASP K 31 103.75 10.33 0.35
CA ASP K 31 103.53 11.27 -0.77
C ASP K 31 102.75 12.54 -0.37
N GLY K 32 102.99 13.06 0.84
CA GLY K 32 102.30 14.24 1.38
C GLY K 32 100.87 13.99 1.91
N SER K 33 100.44 12.75 2.07
CA SER K 33 99.16 12.34 2.67
C SER K 33 99.36 11.65 4.01
N ILE K 34 98.50 11.87 5.00
CA ILE K 34 98.53 11.16 6.27
C ILE K 34 97.78 9.83 6.14
N LEU K 35 98.40 8.73 6.53
CA LEU K 35 97.76 7.42 6.62
C LEU K 35 97.40 7.13 8.06
N THR K 36 96.14 6.83 8.33
CA THR K 36 95.63 6.59 9.69
C THR K 36 95.70 5.12 10.09
N GLN K 37 95.44 4.80 11.36
CA GLN K 37 95.35 3.42 11.84
C GLN K 37 94.06 2.68 11.43
N LYS K 38 93.21 3.23 10.55
CA LYS K 38 91.93 2.60 10.19
C LYS K 38 92.14 1.21 9.59
N GLN K 39 91.35 0.25 10.06
CA GLN K 39 91.46 -1.16 9.69
C GLN K 39 90.60 -1.51 8.48
N VAL K 40 91.26 -1.77 7.34
CA VAL K 40 90.61 -2.17 6.10
C VAL K 40 90.30 -3.66 6.16
N ARG K 41 89.03 -4.04 6.20
CA ARG K 41 88.60 -5.44 6.21
C ARG K 41 88.27 -5.92 4.80
N VAL K 42 89.07 -6.83 4.28
CA VAL K 42 88.99 -7.31 2.91
C VAL K 42 88.42 -8.72 2.90
N ASN K 43 87.48 -8.97 2.00
CA ASN K 43 86.87 -10.26 1.83
C ASN K 43 87.38 -10.92 0.54
N PRO K 44 87.95 -12.14 0.59
CA PRO K 44 88.17 -12.94 -0.61
C PRO K 44 86.87 -13.11 -1.39
N VAL K 45 86.96 -13.16 -2.72
CA VAL K 45 85.83 -13.44 -3.63
C VAL K 45 86.14 -14.71 -4.39
N ASP K 46 85.33 -15.76 -4.23
CA ASP K 46 85.65 -17.11 -4.69
C ASP K 46 87.10 -17.51 -4.32
N GLY K 47 87.52 -17.16 -3.10
CA GLY K 47 88.84 -17.45 -2.57
C GLY K 47 89.96 -16.52 -3.07
N ALA K 48 89.72 -15.67 -4.07
CA ALA K 48 90.72 -14.71 -4.51
C ALA K 48 90.73 -13.48 -3.59
N LEU K 49 91.82 -13.28 -2.87
CA LEU K 49 92.04 -12.12 -2.01
C LEU K 49 92.83 -11.12 -2.83
N SER K 50 92.32 -9.92 -2.98
CA SER K 50 93.04 -8.83 -3.62
C SER K 50 92.83 -7.53 -2.86
N VAL K 51 93.90 -6.79 -2.63
CA VAL K 51 93.85 -5.50 -1.97
C VAL K 51 94.89 -4.57 -2.57
N GLU K 52 94.60 -3.28 -2.59
CA GLU K 52 95.60 -2.26 -2.87
C GLU K 52 96.08 -1.65 -1.57
N LEU K 53 97.39 -1.59 -1.34
CA LEU K 53 97.99 -1.00 -0.16
C LEU K 53 99.01 0.06 -0.56
N GLU K 54 99.14 1.13 0.21
CA GLU K 54 100.27 2.05 0.05
C GLU K 54 101.58 1.39 0.51
N PRO K 55 102.72 1.65 -0.15
CA PRO K 55 103.97 0.98 0.18
C PRO K 55 104.53 1.32 1.56
N GLY K 56 105.51 0.54 2.01
CA GLY K 56 106.09 0.63 3.35
C GLY K 56 105.40 -0.22 4.40
N PHE K 57 105.55 0.13 5.68
CA PHE K 57 105.04 -0.66 6.81
C PHE K 57 103.52 -0.82 6.81
N ALA K 58 103.05 -2.03 7.07
CA ALA K 58 101.64 -2.36 7.28
C ALA K 58 101.50 -3.54 8.23
N ILE K 59 100.31 -3.71 8.79
CA ILE K 59 99.94 -4.78 9.69
C ILE K 59 98.88 -5.64 9.03
N VAL K 60 99.10 -6.95 8.99
CA VAL K 60 98.13 -7.95 8.54
C VAL K 60 97.65 -8.71 9.77
N VAL K 61 96.34 -8.77 9.98
CA VAL K 61 95.69 -9.60 11.00
C VAL K 61 94.80 -10.62 10.33
N TYR K 62 94.86 -11.86 10.81
CA TYR K 62 94.01 -12.94 10.33
C TYR K 62 93.77 -13.95 11.45
N GLY K 63 92.54 -14.03 11.96
CA GLY K 63 92.19 -14.83 13.13
C GLY K 63 93.05 -14.51 14.35
N GLU K 64 93.70 -15.52 14.92
CA GLU K 64 94.66 -15.35 16.02
C GLU K 64 95.97 -14.64 15.62
N TYR K 65 96.34 -14.60 14.34
CA TYR K 65 97.64 -14.12 13.87
C TYR K 65 97.72 -12.62 13.61
N ARG K 66 98.92 -12.07 13.78
CA ARG K 66 99.26 -10.67 13.55
C ARG K 66 100.66 -10.60 12.97
N TRP K 67 100.79 -10.22 11.71
CA TRP K 67 102.06 -10.13 11.03
C TRP K 67 102.35 -8.71 10.59
N PHE K 68 103.49 -8.17 10.99
CA PHE K 68 104.01 -6.94 10.45
C PHE K 68 104.65 -7.21 9.10
N ILE K 69 104.34 -6.42 8.08
CA ILE K 69 104.83 -6.58 6.73
C ILE K 69 105.38 -5.27 6.19
N GLU K 70 106.19 -5.32 5.14
CA GLU K 70 106.63 -4.14 4.41
C GLU K 70 106.27 -4.28 2.93
N VAL K 71 105.24 -3.54 2.52
CA VAL K 71 104.65 -3.61 1.18
C VAL K 71 105.65 -3.10 0.14
N PRO K 72 106.04 -3.89 -0.88
CA PRO K 72 107.05 -3.50 -1.85
C PRO K 72 106.64 -2.27 -2.66
N GLU K 73 107.57 -1.68 -3.39
CA GLU K 73 107.28 -0.57 -4.31
C GLU K 73 106.47 -0.95 -5.57
N THR K 74 106.28 -2.25 -5.87
CA THR K 74 105.74 -2.74 -7.16
C THR K 74 104.39 -3.45 -7.04
N ASP K 75 104.33 -4.77 -7.09
CA ASP K 75 103.15 -5.62 -6.85
C ASP K 75 103.64 -6.98 -6.32
N ALA K 76 102.87 -7.67 -5.47
CA ALA K 76 103.38 -8.88 -4.82
C ALA K 76 102.30 -9.87 -4.38
N GLY K 77 102.68 -11.15 -4.29
CA GLY K 77 101.86 -12.18 -3.67
C GLY K 77 101.97 -12.10 -2.15
N LEU K 78 100.85 -12.17 -1.44
CA LEU K 78 100.82 -11.95 0.00
C LEU K 78 101.54 -13.06 0.78
N TRP K 79 101.58 -14.30 0.29
CA TRP K 79 102.29 -15.34 1.04
C TRP K 79 103.77 -15.03 1.21
N GLY K 80 104.43 -14.44 0.22
CA GLY K 80 105.86 -14.11 0.34
C GLY K 80 106.16 -13.16 1.51
N LEU K 81 105.30 -12.17 1.73
CA LEU K 81 105.46 -11.19 2.81
C LEU K 81 105.16 -11.81 4.18
N ILE K 82 104.34 -12.85 4.23
CA ILE K 82 103.91 -13.50 5.46
C ILE K 82 104.79 -14.72 5.83
N ALA K 83 105.41 -15.38 4.86
CA ALA K 83 105.97 -16.73 5.03
C ALA K 83 107.00 -16.86 6.14
N THR K 84 107.84 -15.85 6.36
CA THR K 84 108.89 -15.90 7.40
C THR K 84 108.33 -15.84 8.81
N SER K 85 107.08 -15.43 8.99
CA SER K 85 106.42 -15.29 10.29
C SER K 85 105.39 -16.40 10.59
N VAL K 86 105.23 -17.39 9.72
CA VAL K 86 104.28 -18.50 9.89
C VAL K 86 105.02 -19.78 10.23
N ALA K 87 104.64 -20.43 11.32
CA ALA K 87 105.30 -21.66 11.77
C ALA K 87 105.10 -22.80 10.77
N VAL K 88 106.18 -23.52 10.49
CA VAL K 88 106.21 -24.71 9.62
C VAL K 88 105.28 -25.81 10.17
N PRO K 89 104.63 -26.63 9.33
CA PRO K 89 103.80 -27.72 9.81
C PRO K 89 104.63 -28.77 10.56
N PRO K 90 104.01 -29.57 11.45
CA PRO K 90 104.65 -30.74 12.04
C PRO K 90 105.28 -31.67 11.01
N ASP K 91 106.32 -32.39 11.41
CA ASP K 91 106.88 -33.49 10.64
C ASP K 91 106.02 -34.75 10.77
N THR K 92 106.05 -35.60 9.74
CA THR K 92 105.14 -36.73 9.55
C THR K 92 105.86 -37.94 8.95
N SER K 93 105.32 -39.12 9.20
CA SER K 93 106.04 -40.38 8.98
C SER K 93 106.06 -40.87 7.54
N ALA K 94 105.20 -40.37 6.65
CA ALA K 94 104.83 -41.11 5.44
C ALA K 94 106.01 -41.43 4.52
N GLU K 95 106.97 -40.51 4.39
CA GLU K 95 108.17 -40.73 3.59
C GLU K 95 109.05 -41.87 4.15
N LEU K 96 109.06 -42.05 5.47
CA LEU K 96 109.87 -43.06 6.14
C LEU K 96 109.32 -44.45 5.79
N LEU K 97 108.03 -44.65 5.97
CA LEU K 97 107.35 -45.89 5.62
C LEU K 97 107.46 -46.16 4.11
N ALA K 98 107.33 -45.12 3.29
CA ALA K 98 107.52 -45.22 1.84
C ALA K 98 108.94 -45.69 1.48
N ASP K 99 109.97 -45.13 2.10
CA ASP K 99 111.35 -45.55 1.89
C ASP K 99 111.58 -46.99 2.38
N ALA K 100 111.00 -47.40 3.51
CA ALA K 100 111.15 -48.76 4.00
C ALA K 100 110.49 -49.76 3.04
N VAL K 101 109.27 -49.49 2.58
CA VAL K 101 108.59 -50.39 1.63
C VAL K 101 109.29 -50.37 0.28
N ASN K 102 109.67 -49.21 -0.25
CA ASN K 102 110.40 -49.14 -1.52
C ASN K 102 111.74 -49.87 -1.41
N GLY K 103 112.44 -49.74 -0.28
CA GLY K 103 113.71 -50.40 -0.05
C GLY K 103 113.56 -51.92 -0.12
N TYR K 104 112.66 -52.49 0.66
CA TYR K 104 112.46 -53.95 0.64
C TYR K 104 111.75 -54.46 -0.62
N LEU K 105 111.05 -53.63 -1.39
CA LEU K 105 110.56 -54.02 -2.71
C LEU K 105 111.70 -54.25 -3.72
N ASP K 106 112.89 -53.68 -3.48
CA ASP K 106 114.11 -54.08 -4.17
C ASP K 106 114.87 -55.19 -3.41
N ALA K 107 115.11 -55.02 -2.11
CA ALA K 107 115.99 -55.91 -1.33
C ALA K 107 115.43 -57.33 -1.16
N ASN K 108 114.11 -57.48 -1.21
CA ASN K 108 113.43 -58.72 -1.59
C ASN K 108 112.84 -58.49 -3.01
N PRO K 109 113.58 -58.79 -4.09
CA PRO K 109 113.23 -58.40 -5.45
C PRO K 109 111.80 -58.76 -5.88
N PRO K 110 111.22 -58.02 -6.85
CA PRO K 110 109.85 -58.20 -7.26
C PRO K 110 109.67 -59.44 -8.13
N SER K 111 108.42 -59.89 -8.26
CA SER K 111 108.00 -60.97 -9.14
C SER K 111 106.50 -60.88 -9.47
N THR L 2 54.25 56.38 59.16
CA THR L 2 55.15 56.82 60.24
C THR L 2 56.48 57.29 59.68
N VAL L 3 57.40 56.41 59.28
CA VAL L 3 58.70 56.79 58.69
C VAL L 3 59.00 55.95 57.46
N THR L 4 59.45 56.57 56.38
CA THR L 4 59.73 55.86 55.12
C THR L 4 61.23 55.75 54.87
N ILE L 5 61.70 54.53 54.65
CA ILE L 5 63.07 54.19 54.28
C ILE L 5 63.11 53.70 52.82
N THR L 6 64.06 54.18 52.02
CA THR L 6 64.12 53.91 50.56
C THR L 6 65.51 53.58 50.04
N ALA L 7 65.60 52.93 48.89
CA ALA L 7 66.84 52.73 48.15
C ALA L 7 66.58 52.55 46.65
N ASP L 8 67.59 52.77 45.82
CA ASP L 8 67.58 52.35 44.42
C ASP L 8 68.55 51.17 44.25
N VAL L 9 68.05 50.01 43.81
CA VAL L 9 68.77 48.74 43.91
C VAL L 9 68.97 48.12 42.53
N ARG L 10 70.22 47.88 42.15
CA ARG L 10 70.62 47.53 40.78
C ARG L 10 71.65 46.41 40.75
N ASP L 11 71.87 45.80 39.59
CA ASP L 11 72.95 44.84 39.39
C ASP L 11 74.20 45.52 38.83
N VAL L 12 75.30 44.78 38.66
CA VAL L 12 76.56 45.38 38.18
C VAL L 12 76.46 45.93 36.76
N THR L 13 75.46 45.49 35.98
CA THR L 13 75.14 46.06 34.66
C THR L 13 74.22 47.27 34.70
N GLY L 14 73.86 47.75 35.89
CA GLY L 14 72.99 48.91 36.07
C GLY L 14 71.52 48.64 35.80
N GLN L 15 71.11 47.40 35.51
CA GLN L 15 69.70 47.04 35.44
C GLN L 15 69.13 46.76 36.85
N PRO L 16 67.83 46.96 37.11
CA PRO L 16 67.22 46.69 38.42
C PRO L 16 67.45 45.27 38.97
N ASP L 17 67.66 45.14 40.28
CA ASP L 17 67.59 43.86 40.98
C ASP L 17 66.43 43.85 41.96
N ASN L 18 65.44 42.97 41.75
CA ASN L 18 64.18 43.01 42.49
C ASN L 18 64.01 41.83 43.47
N GLN L 19 65.10 41.15 43.85
CA GLN L 19 65.07 40.18 44.94
C GLN L 19 64.58 40.80 46.24
N GLN L 20 63.97 39.98 47.09
CA GLN L 20 63.37 40.44 48.33
C GLN L 20 64.39 40.90 49.36
N TRP L 21 64.11 42.02 50.00
CA TRP L 21 64.63 42.41 51.30
C TRP L 21 63.70 41.87 52.37
N VAL L 22 64.20 41.62 53.57
CA VAL L 22 63.41 41.09 54.69
C VAL L 22 63.61 41.93 55.93
N PHE L 23 62.52 42.34 56.57
CA PHE L 23 62.49 43.25 57.71
C PHE L 23 61.75 42.64 58.89
N SER L 24 62.31 42.74 60.10
CA SER L 24 61.70 42.26 61.35
C SER L 24 62.21 43.04 62.55
N THR L 25 61.64 42.78 63.73
CA THR L 25 62.06 43.38 65.00
C THR L 25 61.84 42.38 66.14
N VAL L 26 62.33 42.68 67.34
CA VAL L 26 62.02 41.89 68.54
C VAL L 26 60.72 42.40 69.17
N LEU L 27 60.06 41.61 70.02
CA LEU L 27 58.79 42.04 70.61
C LEU L 27 59.01 43.28 71.48
N ARG L 28 58.36 44.40 71.16
CA ARG L 28 58.56 45.69 71.85
C ARG L 28 57.39 46.65 71.62
N GLN L 29 57.31 47.72 72.41
CA GLN L 29 56.28 48.74 72.28
C GLN L 29 56.81 49.98 71.56
N GLN L 30 56.06 50.53 70.62
CA GLN L 30 56.39 51.80 69.96
C GLN L 30 55.38 52.89 70.35
N ASP L 31 54.63 53.45 69.42
CA ASP L 31 53.67 54.52 69.70
C ASP L 31 52.37 53.91 70.25
N GLY L 32 52.43 53.42 71.48
CA GLY L 32 51.38 52.65 72.13
C GLY L 32 51.35 51.18 71.73
N SER L 33 51.47 50.87 70.45
CA SER L 33 51.24 49.54 69.87
C SER L 33 52.30 48.48 70.23
N ILE L 34 51.96 47.21 70.13
CA ILE L 34 52.92 46.10 70.27
C ILE L 34 53.45 45.75 68.88
N LEU L 35 54.76 45.66 68.74
CA LEU L 35 55.43 45.26 67.52
C LEU L 35 55.93 43.83 67.70
N THR L 36 55.55 42.94 66.80
CA THR L 36 55.84 41.50 66.85
C THR L 36 57.05 41.09 66.00
N GLN L 37 57.47 39.83 66.12
CA GLN L 37 58.61 39.26 65.41
C GLN L 37 58.36 38.84 63.94
N LYS L 38 57.24 39.19 63.30
CA LYS L 38 56.89 38.78 61.93
C LYS L 38 57.96 39.23 60.91
N GLN L 39 58.49 38.32 60.09
CA GLN L 39 59.39 38.63 58.99
C GLN L 39 58.60 39.12 57.78
N VAL L 40 58.74 40.40 57.45
CA VAL L 40 58.03 41.05 56.34
C VAL L 40 58.95 41.12 55.12
N ARG L 41 58.47 40.62 53.99
CA ARG L 41 59.24 40.51 52.74
C ARG L 41 58.84 41.62 51.78
N VAL L 42 59.83 42.33 51.27
CA VAL L 42 59.66 43.51 50.41
C VAL L 42 60.44 43.32 49.12
N ASN L 43 59.76 43.38 47.98
CA ASN L 43 60.39 43.40 46.67
C ASN L 43 60.54 44.86 46.21
N PRO L 44 61.73 45.31 45.78
CA PRO L 44 61.84 46.51 44.98
C PRO L 44 60.94 46.47 43.73
N VAL L 45 60.41 47.60 43.29
CA VAL L 45 59.54 47.71 42.11
C VAL L 45 60.23 48.56 41.05
N ASP L 46 60.53 47.96 39.89
CA ASP L 46 61.36 48.54 38.82
C ASP L 46 62.71 49.11 39.32
N GLY L 47 63.24 48.55 40.41
CA GLY L 47 64.47 48.98 41.06
C GLY L 47 64.30 49.88 42.28
N ALA L 48 63.11 50.39 42.57
CA ALA L 48 62.86 51.22 43.74
C ALA L 48 62.43 50.38 44.95
N LEU L 49 63.19 50.42 46.04
CA LEU L 49 62.80 49.84 47.31
C LEU L 49 62.21 50.95 48.18
N SER L 50 61.04 50.71 48.75
CA SER L 50 60.30 51.67 49.55
C SER L 50 59.56 50.91 50.63
N VAL L 51 59.89 51.17 51.89
CA VAL L 51 59.25 50.51 53.02
C VAL L 51 58.94 51.51 54.14
N GLU L 52 57.70 51.50 54.60
CA GLU L 52 57.28 52.06 55.88
C GLU L 52 57.89 51.22 56.99
N LEU L 53 58.70 51.79 57.88
CA LEU L 53 59.22 51.09 59.06
C LEU L 53 58.96 51.90 60.32
N GLU L 54 58.58 51.22 61.39
CA GLU L 54 58.41 51.83 62.70
C GLU L 54 59.76 52.22 63.33
N PRO L 55 59.89 53.40 63.96
CA PRO L 55 61.14 53.86 64.57
C PRO L 55 61.75 52.90 65.58
N GLY L 56 63.06 53.00 65.76
CA GLY L 56 63.82 52.16 66.69
C GLY L 56 64.41 50.91 66.05
N PHE L 57 64.73 49.90 66.86
CA PHE L 57 65.41 48.69 66.44
C PHE L 57 64.67 47.91 65.35
N ALA L 58 65.39 47.46 64.34
CA ALA L 58 64.94 46.57 63.28
C ALA L 58 66.07 45.67 62.77
N ILE L 59 65.72 44.52 62.21
CA ILE L 59 66.65 43.59 61.56
C ILE L 59 66.40 43.61 60.05
N VAL L 60 67.45 43.75 59.25
CA VAL L 60 67.44 43.70 57.79
C VAL L 60 68.22 42.50 57.28
N VAL L 61 67.56 41.56 56.60
CA VAL L 61 68.20 40.41 55.96
C VAL L 61 68.15 40.56 54.44
N TYR L 62 69.27 40.35 53.75
CA TYR L 62 69.35 40.38 52.30
C TYR L 62 70.35 39.34 51.79
N GLY L 63 69.84 38.15 51.45
CA GLY L 63 70.65 37.01 51.05
C GLY L 63 71.42 36.43 52.24
N GLU L 64 72.75 36.40 52.15
CA GLU L 64 73.64 36.03 53.26
C GLU L 64 73.67 37.07 54.39
N TYR L 65 73.47 38.35 54.09
CA TYR L 65 73.66 39.44 55.04
C TYR L 65 72.49 39.60 56.01
N ARG L 66 72.80 40.03 57.24
CA ARG L 66 71.87 40.32 58.33
C ARG L 66 72.39 41.51 59.13
N TRP L 67 71.79 42.67 58.95
CA TRP L 67 72.17 43.93 59.57
C TRP L 67 71.17 44.28 60.70
N PHE L 68 71.65 44.68 61.87
CA PHE L 68 70.78 45.22 62.93
C PHE L 68 70.82 46.74 62.88
N ILE L 69 69.68 47.41 62.71
CA ILE L 69 69.60 48.84 62.39
C ILE L 69 68.67 49.60 63.32
N GLU L 70 68.83 50.92 63.39
CA GLU L 70 67.96 51.82 64.15
C GLU L 70 67.24 52.79 63.20
N VAL L 71 65.94 52.63 63.04
CA VAL L 71 65.13 53.44 62.15
C VAL L 71 64.97 54.84 62.75
N PRO L 72 65.33 55.91 62.03
CA PRO L 72 65.28 57.27 62.55
C PRO L 72 63.84 57.79 62.65
N GLU L 73 63.67 58.95 63.28
CA GLU L 73 62.34 59.57 63.51
C GLU L 73 61.77 60.31 62.29
N THR L 74 62.49 60.32 61.16
CA THR L 74 62.16 61.02 59.90
C THR L 74 62.69 60.23 58.70
N ASP L 75 62.20 60.49 57.48
CA ASP L 75 62.49 59.66 56.30
C ASP L 75 63.98 59.62 55.91
N ALA L 76 64.46 58.49 55.35
CA ALA L 76 65.89 58.23 55.16
C ALA L 76 66.21 57.25 54.03
N GLY L 77 67.45 57.22 53.56
CA GLY L 77 67.96 56.19 52.66
C GLY L 77 68.42 54.95 53.43
N LEU L 78 68.09 53.74 52.97
CA LEU L 78 68.40 52.49 53.69
C LEU L 78 69.90 52.26 53.85
N TRP L 79 70.71 52.59 52.82
CA TRP L 79 72.13 52.28 52.88
C TRP L 79 72.86 53.09 53.94
N GLY L 80 72.39 54.28 54.31
CA GLY L 80 72.93 55.01 55.45
C GLY L 80 72.74 54.27 56.77
N LEU L 81 71.61 53.60 56.95
CA LEU L 81 71.31 52.82 58.15
C LEU L 81 72.12 51.52 58.20
N ILE L 82 72.32 50.87 57.05
CA ILE L 82 73.19 49.70 56.93
C ILE L 82 74.63 50.09 57.21
N ALA L 83 75.14 51.14 56.55
CA ALA L 83 76.48 51.64 56.74
C ALA L 83 76.73 52.01 58.21
N THR L 84 75.81 52.74 58.84
CA THR L 84 75.88 53.02 60.28
C THR L 84 76.03 51.74 61.10
N SER L 85 75.25 50.70 60.81
CA SER L 85 75.27 49.47 61.59
C SER L 85 76.59 48.70 61.52
N VAL L 86 77.26 48.68 60.37
CA VAL L 86 78.54 47.98 60.19
C VAL L 86 79.75 48.87 60.54
N ALA L 87 79.71 50.16 60.23
CA ALA L 87 80.84 51.06 60.49
C ALA L 87 80.98 51.45 61.96
N VAL L 88 79.87 51.45 62.71
CA VAL L 88 79.84 51.83 64.12
C VAL L 88 79.16 50.73 64.92
N PRO L 89 79.85 49.64 65.27
CA PRO L 89 79.46 48.76 66.36
C PRO L 89 79.16 49.55 67.66
N PRO L 90 78.38 49.01 68.61
CA PRO L 90 78.05 49.72 69.85
C PRO L 90 79.27 49.95 70.76
N ASP L 91 80.32 49.14 70.60
CA ASP L 91 81.59 49.24 71.35
C ASP L 91 82.59 50.25 70.75
N THR L 92 82.16 51.19 69.90
CA THR L 92 83.09 52.08 69.15
C THR L 92 83.90 53.05 70.02
N SER L 93 83.60 53.16 71.32
CA SER L 93 84.38 53.94 72.30
C SER L 93 84.50 55.44 72.00
N ALA L 94 83.47 56.00 71.35
CA ALA L 94 83.34 57.43 71.05
C ALA L 94 84.56 58.02 70.32
N GLU L 95 85.11 57.25 69.39
CA GLU L 95 86.38 57.58 68.72
C GLU L 95 86.31 58.87 67.89
N LEU L 96 85.11 59.38 67.61
CA LEU L 96 84.87 60.71 67.04
C LEU L 96 85.41 60.90 65.62
N LEU L 97 85.69 59.80 64.93
CA LEU L 97 85.66 59.65 63.48
C LEU L 97 86.65 60.55 62.71
N ALA L 98 87.72 61.02 63.36
CA ALA L 98 88.63 62.04 62.85
C ALA L 98 87.90 63.31 62.42
N ASP L 99 87.03 63.83 63.29
CA ASP L 99 86.05 64.87 62.96
C ASP L 99 85.24 64.47 61.71
N ALA L 100 84.74 63.24 61.68
CA ALA L 100 84.11 62.65 60.51
C ALA L 100 84.96 62.80 59.22
N VAL L 101 86.25 62.48 59.32
CA VAL L 101 87.29 62.63 58.28
C VAL L 101 87.29 64.07 57.76
N ASN L 102 87.57 65.02 58.65
CA ASN L 102 87.48 66.47 58.40
C ASN L 102 86.13 66.91 57.81
N GLY L 103 85.05 66.18 58.12
CA GLY L 103 83.72 66.34 57.56
C GLY L 103 83.66 66.23 56.03
N TYR L 104 84.69 65.69 55.39
CA TYR L 104 84.97 65.84 53.94
C TYR L 104 84.99 67.30 53.45
N LEU L 105 85.20 68.26 54.36
CA LEU L 105 85.27 69.69 54.13
C LEU L 105 84.09 70.26 53.31
N ASP L 106 82.85 69.89 53.62
CA ASP L 106 81.67 70.23 52.81
C ASP L 106 80.37 70.43 53.61
N ALA L 107 79.47 71.27 53.10
CA ALA L 107 78.09 71.52 53.52
C ALA L 107 77.38 72.48 52.54
N ASN L 108 76.06 72.38 52.38
CA ASN L 108 75.25 73.31 51.58
C ASN L 108 73.86 73.55 52.21
N PRO L 109 73.42 74.81 52.39
CA PRO L 109 72.02 75.17 52.65
C PRO L 109 71.03 74.65 51.57
N PRO L 110 69.70 74.66 51.84
CA PRO L 110 68.68 74.23 50.88
C PRO L 110 68.56 75.20 49.69
N THR M 2 19.22 -52.00 80.25
CA THR M 2 19.11 -52.86 81.44
C THR M 2 18.72 -52.09 82.68
N VAL M 3 19.60 -51.31 83.33
CA VAL M 3 19.28 -50.57 84.56
C VAL M 3 19.14 -49.08 84.29
N THR M 4 18.10 -48.41 84.78
CA THR M 4 17.92 -46.97 84.55
C THR M 4 18.40 -46.14 85.73
N ILE M 5 19.39 -45.27 85.50
CA ILE M 5 19.96 -44.35 86.48
C ILE M 5 19.48 -42.93 86.16
N THR M 6 18.97 -42.19 87.16
CA THR M 6 18.31 -40.89 86.95
C THR M 6 18.80 -39.80 87.89
N ALA M 7 18.65 -38.54 87.50
CA ALA M 7 18.82 -37.39 88.40
C ALA M 7 17.91 -36.23 87.97
N ASP M 8 17.61 -35.33 88.90
CA ASP M 8 17.04 -34.02 88.59
C ASP M 8 18.15 -32.98 88.73
N VAL M 9 18.50 -32.29 87.65
CA VAL M 9 19.72 -31.49 87.56
C VAL M 9 19.36 -30.03 87.30
N ARG M 10 19.76 -29.15 88.20
CA ARG M 10 19.34 -27.75 88.21
C ARG M 10 20.52 -26.82 88.49
N ASP M 11 20.36 -25.54 88.19
CA ASP M 11 21.33 -24.51 88.59
C ASP M 11 20.94 -23.90 89.96
N VAL M 12 21.75 -22.98 90.48
CA VAL M 12 21.54 -22.35 91.79
C VAL M 12 20.22 -21.57 91.92
N THR M 13 19.52 -21.29 90.82
CA THR M 13 18.21 -20.64 90.83
C THR M 13 17.06 -21.63 90.82
N GLY M 14 17.33 -22.93 90.80
CA GLY M 14 16.31 -23.97 90.69
C GLY M 14 15.76 -24.16 89.27
N GLN M 15 16.29 -23.47 88.28
CA GLN M 15 15.98 -23.71 86.88
C GLN M 15 16.78 -24.93 86.35
N PRO M 16 16.30 -25.66 85.33
CA PRO M 16 17.01 -26.80 84.74
C PRO M 16 18.42 -26.47 84.24
N ASP M 17 19.39 -27.36 84.43
CA ASP M 17 20.69 -27.26 83.76
C ASP M 17 20.98 -28.46 82.88
N ASN M 18 21.13 -28.23 81.58
CA ASN M 18 21.10 -29.28 80.56
C ASN M 18 22.45 -29.51 79.87
N GLN M 19 23.57 -29.11 80.46
CA GLN M 19 24.89 -29.48 79.95
C GLN M 19 25.09 -31.00 79.95
N GLN M 20 25.90 -31.52 79.03
CA GLN M 20 26.06 -32.96 78.86
C GLN M 20 26.77 -33.63 80.04
N TRP M 21 26.36 -34.86 80.34
CA TRP M 21 27.03 -35.83 81.20
C TRP M 21 27.60 -36.95 80.32
N VAL M 22 28.80 -37.42 80.61
CA VAL M 22 29.50 -38.41 79.78
C VAL M 22 29.69 -39.73 80.53
N PHE M 23 29.25 -40.83 79.95
CA PHE M 23 29.32 -42.17 80.50
C PHE M 23 30.18 -43.08 79.64
N SER M 24 31.03 -43.88 80.26
CA SER M 24 31.88 -44.87 79.58
C SER M 24 32.32 -46.00 80.51
N THR M 25 32.96 -47.04 79.98
CA THR M 25 33.55 -48.11 80.79
C THR M 25 34.86 -48.60 80.18
N VAL M 26 35.64 -49.36 80.93
CA VAL M 26 36.79 -50.08 80.36
C VAL M 26 36.31 -51.36 79.67
N LEU M 27 37.07 -51.89 78.71
CA LEU M 27 36.67 -53.06 77.92
C LEU M 27 36.40 -54.28 78.80
N ARG M 28 35.20 -54.85 78.78
CA ARG M 28 34.83 -56.00 79.62
C ARG M 28 33.59 -56.73 79.10
N GLN M 29 33.35 -57.96 79.53
CA GLN M 29 32.14 -58.72 79.21
C GLN M 29 31.04 -58.51 80.25
N GLN M 30 29.79 -58.51 79.83
CA GLN M 30 28.63 -58.39 80.73
C GLN M 30 27.44 -59.10 80.12
N ASP M 31 26.97 -60.18 80.75
CA ASP M 31 25.78 -60.92 80.32
C ASP M 31 25.78 -61.29 78.83
N GLY M 32 26.92 -61.75 78.33
CA GLY M 32 27.09 -62.22 76.94
C GLY M 32 27.41 -61.14 75.92
N SER M 33 27.43 -59.86 76.29
CA SER M 33 27.90 -58.75 75.45
C SER M 33 29.34 -58.34 75.79
N ILE M 34 30.15 -57.98 74.79
CA ILE M 34 31.35 -57.17 75.00
C ILE M 34 30.93 -55.72 75.19
N LEU M 35 31.36 -55.08 76.27
CA LEU M 35 31.15 -53.65 76.53
C LEU M 35 32.42 -52.87 76.21
N THR M 36 32.34 -51.92 75.31
CA THR M 36 33.49 -51.19 74.77
C THR M 36 33.77 -49.87 75.48
N GLN M 37 34.90 -49.24 75.16
CA GLN M 37 35.37 -47.97 75.70
C GLN M 37 34.73 -46.69 75.11
N LYS M 38 33.65 -46.78 74.31
CA LYS M 38 32.97 -45.60 73.75
C LYS M 38 32.45 -44.65 74.82
N GLN M 39 32.61 -43.35 74.58
CA GLN M 39 32.09 -42.29 75.45
C GLN M 39 30.73 -41.82 74.96
N VAL M 40 29.70 -42.03 75.77
CA VAL M 40 28.31 -41.73 75.44
C VAL M 40 27.89 -40.45 76.15
N ARG M 41 27.39 -39.50 75.36
CA ARG M 41 27.01 -38.17 75.82
C ARG M 41 25.51 -38.11 75.99
N VAL M 42 25.09 -37.68 77.16
CA VAL M 42 23.71 -37.62 77.61
C VAL M 42 23.39 -36.18 77.99
N ASN M 43 22.27 -35.67 77.52
CA ASN M 43 21.71 -34.39 77.97
C ASN M 43 20.50 -34.65 78.87
N PRO M 44 20.39 -34.04 80.07
CA PRO M 44 19.13 -33.95 80.78
C PRO M 44 18.02 -33.35 79.89
N VAL M 45 16.79 -33.86 79.97
CA VAL M 45 15.63 -33.38 79.20
C VAL M 45 14.72 -32.59 80.13
N ASP M 46 14.58 -31.28 79.88
CA ASP M 46 13.91 -30.34 80.78
C ASP M 46 14.39 -30.44 82.24
N GLY M 47 15.65 -30.79 82.43
CA GLY M 47 16.29 -30.96 83.74
C GLY M 47 16.29 -32.38 84.29
N ALA M 48 15.63 -33.34 83.65
CA ALA M 48 15.67 -34.74 84.07
C ALA M 48 16.76 -35.52 83.30
N LEU M 49 17.80 -35.97 84.01
CA LEU M 49 18.75 -36.94 83.46
C LEU M 49 18.17 -38.34 83.61
N SER M 50 18.21 -39.12 82.55
CA SER M 50 17.79 -40.51 82.54
C SER M 50 18.66 -41.29 81.56
N VAL M 51 19.42 -42.26 82.07
CA VAL M 51 20.28 -43.10 81.24
C VAL M 51 20.16 -44.56 81.62
N GLU M 52 19.99 -45.42 80.62
CA GLU M 52 20.18 -46.85 80.81
C GLU M 52 21.68 -47.15 80.82
N LEU M 53 22.18 -47.80 81.87
CA LEU M 53 23.56 -48.25 81.99
C LEU M 53 23.59 -49.75 82.27
N GLU M 54 24.49 -50.48 81.61
CA GLU M 54 24.78 -51.86 81.96
C GLU M 54 25.43 -51.95 83.35
N PRO M 55 25.07 -52.93 84.19
CA PRO M 55 25.66 -53.11 85.51
C PRO M 55 27.18 -53.20 85.55
N GLY M 56 27.76 -52.95 86.72
CA GLY M 56 29.18 -53.03 86.99
C GLY M 56 29.91 -51.70 86.78
N PHE M 57 31.23 -51.75 86.60
CA PHE M 57 32.10 -50.58 86.49
C PHE M 57 31.69 -49.60 85.39
N ALA M 58 31.67 -48.31 85.70
CA ALA M 58 31.47 -47.21 84.77
C ALA M 58 32.23 -45.96 85.20
N ILE M 59 32.54 -45.11 84.24
CA ILE M 59 33.15 -43.81 84.42
C ILE M 59 32.09 -42.75 84.11
N VAL M 60 31.94 -41.77 84.99
CA VAL M 60 31.09 -40.60 84.83
C VAL M 60 31.96 -39.35 84.74
N VAL M 61 31.89 -38.59 83.66
CA VAL M 61 32.55 -37.28 83.52
C VAL M 61 31.52 -36.18 83.43
N TYR M 62 31.67 -35.13 84.24
CA TYR M 62 30.80 -33.95 84.20
C TYR M 62 31.60 -32.67 84.47
N GLY M 63 31.97 -31.96 83.41
CA GLY M 63 32.74 -30.72 83.49
C GLY M 63 34.19 -30.97 83.87
N GLU M 64 34.65 -30.37 84.97
CA GLU M 64 35.97 -30.64 85.54
C GLU M 64 36.06 -32.00 86.25
N TYR M 65 34.93 -32.62 86.60
CA TYR M 65 34.90 -33.84 87.41
C TYR M 65 34.93 -35.13 86.58
N ARG M 66 35.52 -36.16 87.15
CA ARG M 66 35.46 -37.56 86.73
C ARG M 66 35.24 -38.44 87.96
N TRP M 67 34.35 -39.41 87.89
CA TRP M 67 34.14 -40.40 88.93
C TRP M 67 34.15 -41.81 88.36
N PHE M 68 34.66 -42.77 89.13
CA PHE M 68 34.56 -44.19 88.86
C PHE M 68 33.48 -44.77 89.75
N ILE M 69 32.49 -45.45 89.19
CA ILE M 69 31.30 -45.91 89.90
C ILE M 69 31.00 -47.37 89.55
N GLU M 70 30.27 -48.07 90.42
CA GLU M 70 29.71 -49.38 90.13
C GLU M 70 28.20 -49.21 89.96
N VAL M 71 27.64 -49.54 88.80
CA VAL M 71 26.21 -49.40 88.48
C VAL M 71 25.48 -50.62 89.01
N PRO M 72 24.70 -50.51 90.10
CA PRO M 72 24.06 -51.66 90.71
C PRO M 72 22.66 -51.83 90.15
N GLU M 73 22.10 -53.02 90.25
CA GLU M 73 20.79 -53.35 89.71
C GLU M 73 19.61 -52.65 90.42
N THR M 74 18.43 -52.70 89.79
CA THR M 74 17.16 -52.08 90.24
C THR M 74 17.24 -50.55 90.46
N ASP M 75 17.58 -49.84 89.38
CA ASP M 75 17.28 -48.43 89.14
C ASP M 75 17.69 -47.43 90.24
N ALA M 76 19.00 -47.33 90.51
CA ALA M 76 19.56 -46.67 91.67
C ALA M 76 19.33 -45.14 91.84
N GLY M 77 19.28 -44.36 90.76
CA GLY M 77 19.44 -42.90 90.84
C GLY M 77 20.92 -42.46 91.00
N LEU M 78 21.34 -41.40 90.31
CA LEU M 78 22.75 -41.15 90.00
C LEU M 78 23.55 -40.60 91.17
N TRP M 79 23.03 -39.62 91.90
CA TRP M 79 23.86 -38.94 92.90
C TRP M 79 24.23 -39.85 94.05
N GLY M 80 23.43 -40.87 94.35
CA GLY M 80 23.81 -41.92 95.30
C GLY M 80 25.08 -42.66 94.87
N LEU M 81 25.26 -42.93 93.58
CA LEU M 81 26.44 -43.62 93.05
C LEU M 81 27.67 -42.72 93.06
N ILE M 82 27.53 -41.44 92.71
CA ILE M 82 28.62 -40.46 92.77
C ILE M 82 29.03 -40.24 94.22
N ALA M 83 28.06 -40.05 95.12
CA ALA M 83 28.32 -39.93 96.54
C ALA M 83 29.00 -41.19 97.05
N THR M 84 28.52 -42.38 96.70
CA THR M 84 29.18 -43.64 97.10
C THR M 84 30.62 -43.66 96.66
N SER M 85 30.92 -43.25 95.43
CA SER M 85 32.28 -43.21 94.91
C SER M 85 33.19 -42.25 95.65
N VAL M 86 32.71 -41.03 95.94
CA VAL M 86 33.53 -40.00 96.62
C VAL M 86 33.62 -40.23 98.13
N ALA M 87 32.50 -40.55 98.79
CA ALA M 87 32.40 -40.68 100.24
C ALA M 87 32.95 -41.99 100.79
N VAL M 88 32.98 -43.04 99.96
CA VAL M 88 33.58 -44.32 100.31
C VAL M 88 34.71 -44.63 99.34
N PRO M 89 35.90 -44.02 99.47
CA PRO M 89 37.08 -44.51 98.79
C PRO M 89 37.34 -45.98 99.12
N PRO M 90 38.00 -46.74 98.25
CA PRO M 90 38.24 -48.17 98.46
C PRO M 90 39.40 -48.40 99.45
N ASP M 91 39.10 -48.57 100.75
CA ASP M 91 40.11 -48.90 101.77
C ASP M 91 39.65 -49.96 102.79
N THR M 92 38.87 -49.61 103.81
CA THR M 92 38.55 -50.50 104.96
C THR M 92 37.09 -50.45 105.39
N SER M 93 36.52 -51.61 105.73
CA SER M 93 35.11 -51.71 106.15
C SER M 93 34.88 -51.21 107.58
N ALA M 94 35.78 -51.45 108.53
CA ALA M 94 35.53 -51.19 109.95
C ALA M 94 35.28 -49.70 110.25
N GLU M 95 36.15 -48.82 109.77
CA GLU M 95 35.99 -47.38 109.92
C GLU M 95 34.69 -46.91 109.27
N LEU M 96 34.38 -47.46 108.09
CA LEU M 96 33.15 -47.12 107.38
C LEU M 96 31.91 -47.58 108.16
N LEU M 97 31.86 -48.83 108.60
CA LEU M 97 30.71 -49.40 109.31
C LEU M 97 30.43 -48.61 110.58
N ALA M 98 31.49 -48.21 111.28
CA ALA M 98 31.40 -47.36 112.46
C ALA M 98 30.77 -46.01 112.11
N ASP M 99 31.27 -45.33 111.07
CA ASP M 99 30.65 -44.10 110.58
C ASP M 99 29.22 -44.33 110.09
N ALA M 100 28.91 -45.47 109.46
CA ALA M 100 27.59 -45.77 108.95
C ALA M 100 26.57 -45.90 110.07
N VAL M 101 26.87 -46.57 111.17
CA VAL M 101 25.94 -46.63 112.31
C VAL M 101 25.88 -45.31 113.06
N ASN M 102 26.99 -44.60 113.19
CA ASN M 102 26.97 -43.24 113.74
C ASN M 102 26.19 -42.26 112.83
N GLY M 103 26.08 -42.58 111.54
CA GLY M 103 25.43 -41.78 110.51
C GLY M 103 23.91 -41.69 110.65
N TYR M 104 23.28 -42.42 111.58
CA TYR M 104 21.84 -42.34 111.81
C TYR M 104 21.42 -42.72 113.23
N LEU M 105 20.18 -42.36 113.56
CA LEU M 105 19.35 -43.01 114.60
C LEU M 105 17.94 -43.35 114.06
N ASP M 106 17.71 -43.13 112.77
CA ASP M 106 16.39 -42.80 112.20
C ASP M 106 16.07 -43.51 110.87
N ALA M 107 16.81 -44.56 110.51
CA ALA M 107 16.65 -45.30 109.27
C ALA M 107 15.57 -46.39 109.38
N ASN M 108 14.32 -46.05 109.08
CA ASN M 108 13.22 -47.02 109.03
C ASN M 108 12.15 -46.66 107.98
N PRO M 109 11.45 -47.65 107.38
CA PRO M 109 10.42 -47.43 106.38
C PRO M 109 9.07 -47.07 107.00
N PRO M 110 8.31 -46.10 106.46
CA PRO M 110 6.93 -45.85 106.89
C PRO M 110 5.90 -46.75 106.19
N SER M 111 6.20 -47.25 104.99
CA SER M 111 5.31 -48.02 104.12
C SER M 111 6.07 -48.84 103.06
N THR N 2 12.61 -20.82 95.11
CA THR N 2 12.56 -21.05 96.57
C THR N 2 12.73 -19.76 97.37
N VAL N 3 13.93 -19.20 97.53
CA VAL N 3 14.13 -17.96 98.31
C VAL N 3 14.45 -16.81 97.39
N THR N 4 13.77 -15.67 97.53
CA THR N 4 13.97 -14.50 96.68
C THR N 4 14.99 -13.56 97.30
N ILE N 5 16.10 -13.33 96.61
CA ILE N 5 17.16 -12.42 97.06
C ILE N 5 17.09 -11.14 96.25
N THR N 6 17.14 -9.96 96.90
CA THR N 6 16.75 -8.68 96.30
C THR N 6 17.72 -7.53 96.61
N ALA N 7 17.90 -6.58 95.69
CA ALA N 7 18.61 -5.32 95.92
C ALA N 7 18.12 -4.19 95.01
N ASP N 8 18.40 -2.95 95.40
CA ASP N 8 18.24 -1.74 94.58
C ASP N 8 19.65 -1.26 94.23
N VAL N 9 19.97 -1.10 92.94
CA VAL N 9 21.32 -0.79 92.47
C VAL N 9 21.32 0.38 91.49
N ARG N 10 22.19 1.37 91.72
CA ARG N 10 22.22 2.64 90.99
C ARG N 10 23.64 3.14 90.83
N ASP N 11 23.90 3.97 89.83
CA ASP N 11 25.19 4.64 89.70
C ASP N 11 25.31 5.83 90.67
N VAL N 12 26.47 6.45 90.74
CA VAL N 12 26.76 7.53 91.68
C VAL N 12 25.84 8.75 91.50
N THR N 13 25.28 8.96 90.31
CA THR N 13 24.36 10.06 90.04
C THR N 13 22.90 9.69 90.26
N GLY N 14 22.60 8.46 90.65
CA GLY N 14 21.26 7.99 91.00
C GLY N 14 20.46 7.37 89.85
N GLN N 15 20.98 7.33 88.64
CA GLN N 15 20.37 6.57 87.55
C GLN N 15 20.56 5.06 87.80
N PRO N 16 19.63 4.20 87.37
CA PRO N 16 19.72 2.77 87.64
C PRO N 16 20.86 2.13 86.85
N ASP N 17 21.63 1.23 87.45
CA ASP N 17 22.75 0.59 86.76
C ASP N 17 22.46 -0.87 86.45
N ASN N 18 22.10 -1.18 85.21
CA ASN N 18 21.57 -2.49 84.81
C ASN N 18 22.63 -3.51 84.34
N GLN N 19 23.90 -3.34 84.74
CA GLN N 19 24.95 -4.34 84.52
C GLN N 19 24.68 -5.67 85.26
N GLN N 20 25.07 -6.80 84.66
CA GLN N 20 24.71 -8.14 85.14
C GLN N 20 25.45 -8.59 86.41
N TRP N 21 24.69 -9.04 87.41
CA TRP N 21 25.19 -9.80 88.56
C TRP N 21 25.22 -11.29 88.24
N VAL N 22 26.16 -12.03 88.80
CA VAL N 22 26.40 -13.42 88.43
C VAL N 22 26.32 -14.31 89.65
N PHE N 23 25.62 -15.45 89.54
CA PHE N 23 25.36 -16.39 90.62
C PHE N 23 25.74 -17.81 90.21
N SER N 24 26.32 -18.59 91.10
CA SER N 24 26.80 -19.96 90.86
C SER N 24 26.92 -20.73 92.18
N THR N 25 27.15 -22.03 92.15
CA THR N 25 27.39 -22.84 93.35
C THR N 25 28.39 -23.96 93.10
N VAL N 26 28.91 -24.59 94.14
CA VAL N 26 29.67 -25.84 94.02
C VAL N 26 28.71 -27.01 93.80
N LEU N 27 29.12 -28.03 93.04
CA LEU N 27 28.30 -29.19 92.74
C LEU N 27 27.86 -29.92 94.02
N ARG N 28 26.56 -30.03 94.30
CA ARG N 28 26.00 -30.62 95.54
C ARG N 28 24.54 -31.02 95.39
N GLN N 29 23.96 -31.80 96.29
CA GLN N 29 22.54 -32.20 96.25
C GLN N 29 21.69 -31.43 97.25
N GLN N 30 20.50 -30.99 96.84
CA GLN N 30 19.52 -30.33 97.70
C GLN N 30 18.09 -30.61 97.22
N ASP N 31 17.17 -30.90 98.14
CA ASP N 31 15.79 -31.33 97.82
C ASP N 31 15.76 -32.41 96.73
N GLY N 32 16.69 -33.36 96.80
CA GLY N 32 16.89 -34.44 95.83
C GLY N 32 17.57 -34.02 94.53
N SER N 33 17.43 -32.77 94.09
CA SER N 33 18.08 -32.27 92.88
C SER N 33 19.59 -32.09 93.05
N ILE N 34 20.36 -32.33 91.98
CA ILE N 34 21.77 -31.94 91.89
C ILE N 34 21.83 -30.46 91.48
N LEU N 35 22.49 -29.63 92.26
CA LEU N 35 22.75 -28.23 91.97
C LEU N 35 24.12 -28.10 91.31
N THR N 36 24.18 -27.44 90.16
CA THR N 36 25.34 -27.43 89.26
C THR N 36 26.15 -26.12 89.28
N GLN N 37 27.39 -26.17 88.80
CA GLN N 37 28.32 -25.04 88.70
C GLN N 37 28.02 -24.01 87.57
N LYS N 38 26.83 -24.03 86.97
CA LYS N 38 26.49 -23.09 85.91
C LYS N 38 26.40 -21.65 86.44
N GLN N 39 27.13 -20.74 85.83
CA GLN N 39 27.05 -19.31 86.12
C GLN N 39 25.79 -18.71 85.49
N VAL N 40 24.85 -18.28 86.33
CA VAL N 40 23.60 -17.66 85.93
C VAL N 40 23.76 -16.15 85.97
N ARG N 41 23.44 -15.47 84.88
CA ARG N 41 23.60 -14.01 84.77
C ARG N 41 22.24 -13.33 84.91
N VAL N 42 22.14 -12.36 85.82
CA VAL N 42 20.90 -11.65 86.14
C VAL N 42 21.07 -10.17 85.85
N ASN N 43 20.25 -9.60 84.96
CA ASN N 43 20.15 -8.15 84.80
C ASN N 43 19.25 -7.55 85.89
N PRO N 44 19.64 -6.49 86.61
CA PRO N 44 18.68 -5.63 87.25
C PRO N 44 17.71 -5.05 86.22
N VAL N 45 16.47 -4.82 86.62
CA VAL N 45 15.46 -4.16 85.78
C VAL N 45 15.18 -2.80 86.39
N ASP N 46 15.48 -1.71 85.68
CA ASP N 46 15.46 -0.36 86.24
C ASP N 46 16.11 -0.28 87.63
N GLY N 47 17.26 -0.95 87.79
CA GLY N 47 18.00 -0.97 89.04
C GLY N 47 17.38 -1.85 90.12
N ALA N 48 16.30 -2.58 89.86
CA ALA N 48 15.80 -3.57 90.79
C ALA N 48 16.35 -4.95 90.41
N LEU N 49 17.19 -5.52 91.26
CA LEU N 49 17.75 -6.85 91.08
C LEU N 49 16.97 -7.81 91.95
N SER N 50 16.35 -8.82 91.36
CA SER N 50 15.76 -9.94 92.09
C SER N 50 16.13 -11.25 91.42
N VAL N 51 16.52 -12.24 92.22
CA VAL N 51 16.83 -13.58 91.74
C VAL N 51 16.33 -14.61 92.72
N GLU N 52 15.65 -15.63 92.22
CA GLU N 52 15.31 -16.79 93.04
C GLU N 52 16.55 -17.65 93.24
N LEU N 53 16.90 -18.03 94.47
CA LEU N 53 18.07 -18.83 94.76
C LEU N 53 17.75 -19.95 95.73
N GLU N 54 18.36 -21.11 95.53
CA GLU N 54 18.28 -22.21 96.48
C GLU N 54 19.06 -21.92 97.76
N PRO N 55 18.53 -22.19 98.96
CA PRO N 55 19.24 -22.02 100.22
C PRO N 55 20.62 -22.66 100.31
N GLY N 56 21.47 -22.17 101.20
CA GLY N 56 22.85 -22.64 101.36
C GLY N 56 23.87 -21.96 100.44
N PHE N 57 25.04 -22.56 100.28
CA PHE N 57 26.19 -21.93 99.65
C PHE N 57 25.96 -21.52 98.20
N ALA N 58 26.28 -20.27 97.88
CA ALA N 58 26.34 -19.71 96.53
C ALA N 58 27.56 -18.80 96.39
N ILE N 59 27.94 -18.54 95.14
CA ILE N 59 29.03 -17.66 94.76
C ILE N 59 28.40 -16.49 94.04
N VAL N 60 28.72 -15.26 94.44
CA VAL N 60 28.30 -14.04 93.74
C VAL N 60 29.51 -13.37 93.09
N VAL N 61 29.37 -12.95 91.85
CA VAL N 61 30.39 -12.19 91.12
C VAL N 61 29.82 -10.89 90.60
N TYR N 62 30.59 -9.81 90.68
CA TYR N 62 30.23 -8.53 90.07
C TYR N 62 31.46 -7.72 89.70
N GLY N 63 31.75 -7.55 88.41
CA GLY N 63 32.97 -6.91 87.94
C GLY N 63 34.23 -7.62 88.45
N GLU N 64 35.02 -6.94 89.27
CA GLU N 64 36.24 -7.50 89.84
C GLU N 64 36.00 -8.40 91.05
N TYR N 65 34.90 -8.23 91.79
CA TYR N 65 34.69 -8.89 93.07
C TYR N 65 34.11 -10.29 92.93
N ARG N 66 34.55 -11.21 93.79
CA ARG N 66 33.90 -12.50 94.06
C ARG N 66 33.58 -12.59 95.55
N TRP N 67 32.37 -12.99 95.89
CA TRP N 67 31.97 -13.28 97.25
C TRP N 67 31.36 -14.66 97.37
N PHE N 68 31.50 -15.25 98.54
CA PHE N 68 30.80 -16.47 98.92
C PHE N 68 29.69 -16.11 99.89
N ILE N 69 28.46 -16.53 99.63
CA ILE N 69 27.31 -16.25 100.48
C ILE N 69 26.61 -17.54 100.91
N GLU N 70 26.04 -17.56 102.10
CA GLU N 70 25.09 -18.61 102.51
C GLU N 70 23.67 -18.07 102.39
N VAL N 71 22.95 -18.46 101.35
CA VAL N 71 21.59 -17.99 101.08
C VAL N 71 20.68 -18.47 102.20
N PRO N 72 19.93 -17.61 102.89
CA PRO N 72 19.07 -18.01 104.00
C PRO N 72 17.89 -18.89 103.60
N GLU N 73 17.12 -19.34 104.59
CA GLU N 73 15.87 -20.08 104.41
C GLU N 73 14.64 -19.18 104.16
N THR N 74 14.82 -17.86 104.10
CA THR N 74 13.76 -16.86 103.92
C THR N 74 14.29 -15.65 103.14
N ASP N 75 13.42 -14.86 102.51
CA ASP N 75 13.84 -13.76 101.64
C ASP N 75 14.77 -12.75 102.36
N ALA N 76 15.77 -12.21 101.65
CA ALA N 76 16.77 -11.33 102.24
C ALA N 76 17.33 -10.32 101.22
N GLY N 77 17.89 -9.20 101.72
CA GLY N 77 18.61 -8.24 100.88
C GLY N 77 20.00 -8.74 100.50
N LEU N 78 20.40 -8.60 99.23
CA LEU N 78 21.68 -9.09 98.73
C LEU N 78 22.88 -8.38 99.37
N TRP N 79 22.78 -7.09 99.67
CA TRP N 79 23.89 -6.40 100.31
C TRP N 79 24.15 -6.91 101.72
N GLY N 80 23.11 -7.32 102.44
CA GLY N 80 23.28 -7.99 103.73
C GLY N 80 24.07 -9.27 103.58
N LEU N 81 23.75 -10.10 102.59
CA LEU N 81 24.48 -11.36 102.37
C LEU N 81 25.93 -11.14 101.96
N ILE N 82 26.21 -10.19 101.06
CA ILE N 82 27.58 -9.87 100.66
C ILE N 82 28.36 -9.24 101.82
N ALA N 83 27.79 -8.33 102.60
CA ALA N 83 28.50 -7.71 103.71
C ALA N 83 28.78 -8.70 104.86
N THR N 84 27.86 -9.63 105.12
CA THR N 84 28.00 -10.58 106.24
C THR N 84 28.83 -11.82 105.89
N SER N 85 29.01 -12.14 104.61
CA SER N 85 29.60 -13.42 104.21
C SER N 85 30.98 -13.29 103.59
N VAL N 86 31.94 -13.98 104.19
CA VAL N 86 33.31 -14.20 103.68
C VAL N 86 33.69 -15.69 103.75
N ALA N 87 32.68 -16.54 103.86
CA ALA N 87 32.79 -17.97 104.08
C ALA N 87 33.34 -18.70 102.84
N VAL N 88 34.67 -18.76 102.71
CA VAL N 88 35.36 -19.56 101.70
C VAL N 88 34.90 -21.03 101.74
N PRO N 89 34.90 -21.75 100.60
CA PRO N 89 33.96 -22.86 100.38
C PRO N 89 33.88 -23.91 101.50
N PRO N 90 32.68 -24.24 102.00
CA PRO N 90 32.47 -25.19 103.07
C PRO N 90 32.74 -26.64 102.66
N ASP N 91 33.09 -27.46 103.64
CA ASP N 91 33.33 -28.90 103.49
C ASP N 91 32.02 -29.66 103.23
N THR N 92 31.97 -30.47 102.17
CA THR N 92 30.81 -31.29 101.80
C THR N 92 30.96 -32.76 102.18
N SER N 93 32.07 -33.18 102.80
CA SER N 93 32.36 -34.60 103.09
C SER N 93 31.29 -35.28 103.95
N ALA N 94 30.75 -34.57 104.95
CA ALA N 94 29.66 -35.07 105.76
C ALA N 94 28.38 -35.28 104.94
N GLU N 95 28.04 -34.30 104.09
CA GLU N 95 26.87 -34.39 103.22
C GLU N 95 26.99 -35.55 102.24
N LEU N 96 28.17 -35.76 101.67
CA LEU N 96 28.42 -36.87 100.76
C LEU N 96 28.24 -38.22 101.47
N LEU N 97 28.69 -38.36 102.72
CA LEU N 97 28.49 -39.59 103.49
C LEU N 97 26.99 -39.88 103.70
N ALA N 98 26.23 -38.86 104.09
CA ALA N 98 24.80 -39.00 104.26
C ALA N 98 24.11 -39.35 102.93
N ASP N 99 24.48 -38.67 101.85
CA ASP N 99 23.96 -38.95 100.51
C ASP N 99 24.26 -40.38 100.06
N ALA N 100 25.45 -40.92 100.36
CA ALA N 100 25.79 -42.29 100.01
C ALA N 100 24.88 -43.29 100.75
N VAL N 101 24.72 -43.13 102.06
CA VAL N 101 23.92 -44.04 102.89
C VAL N 101 22.43 -43.92 102.53
N ASN N 102 21.91 -42.71 102.44
CA ASN N 102 20.54 -42.48 102.01
C ASN N 102 20.31 -42.94 100.58
N GLY N 103 21.32 -42.89 99.72
CA GLY N 103 21.23 -43.36 98.34
C GLY N 103 21.10 -44.87 98.28
N TYR N 104 21.93 -45.60 99.03
CA TYR N 104 21.81 -47.05 99.17
C TYR N 104 20.44 -47.43 99.73
N LEU N 105 19.94 -46.73 100.75
CA LEU N 105 18.62 -46.98 101.32
C LEU N 105 17.49 -46.71 100.32
N ASP N 106 17.56 -45.67 99.52
CA ASP N 106 16.60 -45.45 98.43
C ASP N 106 16.67 -46.52 97.34
N ALA N 107 17.81 -47.21 97.21
CA ALA N 107 18.06 -48.23 96.19
C ALA N 107 17.66 -49.67 96.60
N ASN N 108 17.30 -49.92 97.86
CA ASN N 108 16.68 -51.19 98.29
C ASN N 108 15.82 -51.04 99.56
N PRO N 109 14.79 -50.18 99.56
CA PRO N 109 14.10 -49.75 100.79
C PRO N 109 13.34 -50.91 101.46
N PRO N 110 13.63 -51.25 102.74
CA PRO N 110 13.00 -52.36 103.46
C PRO N 110 11.46 -52.31 103.45
N THR O 2 92.47 -31.26 -4.89
CA THR O 2 93.32 -31.98 -5.87
C THR O 2 93.21 -33.49 -5.71
N VAL O 3 93.80 -34.10 -4.67
CA VAL O 3 93.87 -35.57 -4.52
C VAL O 3 92.61 -36.14 -3.88
N THR O 4 92.14 -37.29 -4.32
CA THR O 4 90.89 -37.88 -3.80
C THR O 4 91.19 -38.97 -2.80
N ILE O 5 90.67 -38.81 -1.58
CA ILE O 5 90.84 -39.77 -0.48
C ILE O 5 89.50 -40.41 -0.16
N THR O 6 89.43 -41.74 -0.03
CA THR O 6 88.14 -42.47 0.04
C THR O 6 88.10 -43.61 1.05
N ALA O 7 86.91 -43.95 1.54
CA ALA O 7 86.67 -45.13 2.37
C ALA O 7 85.21 -45.63 2.25
N ASP O 8 84.96 -46.83 2.72
CA ASP O 8 83.63 -47.39 2.97
C ASP O 8 83.45 -47.57 4.50
N VAL O 9 82.44 -46.96 5.12
CA VAL O 9 82.29 -46.89 6.58
C VAL O 9 80.99 -47.50 7.06
N ARG O 10 81.06 -48.43 8.00
CA ARG O 10 79.95 -49.29 8.41
C ARG O 10 79.92 -49.52 9.91
N ASP O 11 78.75 -49.81 10.47
CA ASP O 11 78.65 -50.25 11.85
C ASP O 11 78.93 -51.75 11.98
N VAL O 12 78.93 -52.30 13.19
CA VAL O 12 79.29 -53.70 13.44
C VAL O 12 78.38 -54.72 12.75
N THR O 13 77.22 -54.29 12.25
CA THR O 13 76.30 -55.13 11.49
C THR O 13 76.55 -55.11 9.98
N GLY O 14 77.50 -54.32 9.50
CA GLY O 14 77.74 -54.14 8.06
C GLY O 14 76.79 -53.14 7.39
N GLN O 15 75.89 -52.51 8.13
CA GLN O 15 75.09 -51.40 7.64
C GLN O 15 75.91 -50.09 7.65
N PRO O 16 75.67 -49.12 6.75
CA PRO O 16 76.38 -47.84 6.70
C PRO O 16 76.44 -47.07 8.03
N ASP O 17 77.56 -46.41 8.31
CA ASP O 17 77.64 -45.36 9.35
C ASP O 17 78.02 -44.02 8.72
N ASN O 18 77.11 -43.05 8.83
CA ASN O 18 77.22 -41.77 8.15
C ASN O 18 77.58 -40.61 9.08
N GLN O 19 78.05 -40.87 10.30
CA GLN O 19 78.57 -39.80 11.17
C GLN O 19 79.70 -39.01 10.50
N GLN O 20 79.81 -37.73 10.85
CA GLN O 20 80.74 -36.81 10.21
C GLN O 20 82.20 -37.13 10.52
N TRP O 21 83.06 -36.97 9.51
CA TRP O 21 84.50 -36.91 9.61
C TRP O 21 84.92 -35.45 9.44
N VAL O 22 85.90 -34.98 10.22
CA VAL O 22 86.30 -33.57 10.23
C VAL O 22 87.74 -33.39 9.74
N PHE O 23 87.95 -32.55 8.73
CA PHE O 23 89.25 -32.32 8.12
C PHE O 23 89.77 -30.90 8.34
N SER O 24 91.03 -30.75 8.75
CA SER O 24 91.67 -29.46 9.06
C SER O 24 93.14 -29.45 8.65
N THR O 25 93.80 -28.30 8.61
CA THR O 25 95.25 -28.19 8.39
C THR O 25 95.79 -26.95 9.06
N VAL O 26 97.07 -26.91 9.41
CA VAL O 26 97.70 -25.68 9.89
C VAL O 26 97.89 -24.70 8.74
N LEU O 27 98.04 -23.40 8.99
CA LEU O 27 98.18 -22.43 7.91
C LEU O 27 99.47 -22.68 7.12
N ARG O 28 99.39 -22.92 5.82
CA ARG O 28 100.52 -23.32 4.97
C ARG O 28 100.29 -23.05 3.49
N GLN O 29 101.32 -23.19 2.65
CA GLN O 29 101.25 -22.95 1.21
C GLN O 29 101.33 -24.25 0.40
N GLN O 30 100.48 -24.40 -0.61
CA GLN O 30 100.60 -25.43 -1.66
C GLN O 30 101.00 -24.79 -2.99
N ASP O 31 100.31 -25.07 -4.09
CA ASP O 31 100.55 -24.46 -5.39
C ASP O 31 100.02 -23.01 -5.41
N GLY O 32 100.77 -22.09 -4.81
CA GLY O 32 100.44 -20.67 -4.69
C GLY O 32 99.31 -20.37 -3.70
N SER O 33 98.41 -21.30 -3.46
CA SER O 33 97.30 -21.13 -2.51
C SER O 33 97.81 -21.02 -1.08
N ILE O 34 97.21 -20.14 -0.29
CA ILE O 34 97.25 -20.20 1.16
C ILE O 34 96.14 -21.16 1.59
N LEU O 35 96.48 -22.21 2.32
CA LEU O 35 95.54 -23.12 2.95
C LEU O 35 95.43 -22.81 4.43
N THR O 36 94.22 -22.78 4.95
CA THR O 36 93.92 -22.18 6.25
C THR O 36 93.47 -23.18 7.33
N GLN O 37 93.40 -22.71 8.58
CA GLN O 37 93.02 -23.44 9.79
C GLN O 37 91.57 -23.97 9.85
N LYS O 38 90.81 -23.91 8.75
CA LYS O 38 89.39 -24.30 8.69
C LYS O 38 89.19 -25.74 9.18
N GLN O 39 88.00 -26.01 9.72
CA GLN O 39 87.52 -27.38 9.91
C GLN O 39 86.38 -27.63 8.92
N VAL O 40 86.54 -28.63 8.05
CA VAL O 40 85.56 -29.04 7.04
C VAL O 40 84.90 -30.34 7.48
N ARG O 41 83.57 -30.38 7.53
CA ARG O 41 82.80 -31.55 7.96
C ARG O 41 82.27 -32.31 6.76
N VAL O 42 82.56 -33.59 6.70
CA VAL O 42 82.23 -34.49 5.61
C VAL O 42 81.34 -35.58 6.14
N ASN O 43 80.22 -35.84 5.49
CA ASN O 43 79.37 -36.99 5.78
C ASN O 43 79.57 -38.06 4.71
N PRO O 44 79.83 -39.32 5.07
CA PRO O 44 79.65 -40.44 4.17
C PRO O 44 78.22 -40.49 3.59
N VAL O 45 78.08 -40.80 2.30
CA VAL O 45 76.79 -40.89 1.60
C VAL O 45 76.52 -42.36 1.30
N ASP O 46 75.44 -42.91 1.85
CA ASP O 46 75.13 -44.35 1.80
C ASP O 46 76.31 -45.23 2.25
N GLY O 47 77.08 -44.75 3.23
CA GLY O 47 78.27 -45.43 3.75
C GLY O 47 79.53 -45.26 2.91
N ALA O 48 79.49 -44.55 1.79
CA ALA O 48 80.66 -44.26 0.97
C ALA O 48 81.20 -42.86 1.30
N LEU O 49 82.47 -42.75 1.66
CA LEU O 49 83.14 -41.50 2.01
C LEU O 49 84.14 -41.14 0.94
N SER O 50 84.05 -39.93 0.37
CA SER O 50 85.11 -39.35 -0.44
C SER O 50 85.22 -37.86 -0.21
N VAL O 51 86.45 -37.38 -0.10
CA VAL O 51 86.76 -35.95 0.05
C VAL O 51 88.00 -35.65 -0.76
N GLU O 52 87.97 -34.57 -1.52
CA GLU O 52 89.16 -34.02 -2.14
C GLU O 52 90.00 -33.33 -1.09
N LEU O 53 91.30 -33.59 -1.03
CA LEU O 53 92.24 -32.93 -0.14
C LEU O 53 93.47 -32.42 -0.89
N GLU O 54 93.98 -31.26 -0.49
CA GLU O 54 95.27 -30.76 -0.95
C GLU O 54 96.40 -31.56 -0.26
N PRO O 55 97.45 -31.98 -0.98
CA PRO O 55 98.47 -32.86 -0.43
C PRO O 55 99.32 -32.19 0.66
N GLY O 56 100.04 -33.01 1.42
CA GLY O 56 100.74 -32.58 2.62
C GLY O 56 99.90 -32.73 3.89
N PHE O 57 100.29 -32.04 4.97
CA PHE O 57 99.72 -32.19 6.30
C PHE O 57 98.22 -31.91 6.39
N ALA O 58 97.49 -32.79 7.06
CA ALA O 58 96.10 -32.62 7.45
C ALA O 58 95.83 -33.20 8.84
N ILE O 59 94.78 -32.73 9.48
CA ILE O 59 94.26 -33.24 10.74
C ILE O 59 92.91 -33.88 10.46
N VAL O 60 92.71 -35.11 10.91
CA VAL O 60 91.44 -35.84 10.83
C VAL O 60 90.93 -36.09 12.25
N VAL O 61 89.73 -35.62 12.58
CA VAL O 61 89.11 -35.96 13.86
C VAL O 61 87.79 -36.69 13.63
N TYR O 62 87.55 -37.74 14.40
CA TYR O 62 86.39 -38.62 14.25
C TYR O 62 85.97 -39.19 15.60
N GLY O 63 84.95 -38.59 16.21
CA GLY O 63 84.57 -38.88 17.59
C GLY O 63 85.65 -38.42 18.57
N GLU O 64 86.07 -39.30 19.47
CA GLU O 64 87.19 -39.08 20.39
C GLU O 64 88.56 -39.10 19.71
N TYR O 65 88.68 -39.71 18.53
CA TYR O 65 89.97 -39.86 17.85
C TYR O 65 90.40 -38.59 17.11
N ARG O 66 91.72 -38.34 17.09
CA ARG O 66 92.39 -37.31 16.30
C ARG O 66 93.67 -37.89 15.71
N TRP O 67 93.90 -37.69 14.42
CA TRP O 67 95.06 -38.20 13.69
C TRP O 67 95.70 -37.10 12.85
N PHE O 68 97.04 -37.06 12.81
CA PHE O 68 97.80 -36.18 11.93
C PHE O 68 98.30 -36.99 10.73
N ILE O 69 97.83 -36.69 9.53
CA ILE O 69 98.15 -37.46 8.32
C ILE O 69 98.86 -36.62 7.27
N GLU O 70 99.72 -37.25 6.49
CA GLU O 70 100.37 -36.66 5.32
C GLU O 70 99.66 -37.12 4.05
N VAL O 71 98.85 -36.28 3.44
CA VAL O 71 98.07 -36.64 2.25
C VAL O 71 99.02 -36.76 1.04
N PRO O 72 99.08 -37.92 0.35
CA PRO O 72 100.03 -38.17 -0.74
C PRO O 72 99.61 -37.47 -2.03
N GLU O 73 100.47 -37.46 -3.05
CA GLU O 73 100.24 -36.73 -4.30
C GLU O 73 99.33 -37.44 -5.32
N THR O 74 98.86 -38.65 -5.02
CA THR O 74 97.94 -39.45 -5.87
C THR O 74 96.84 -40.10 -5.03
N ASP O 75 95.71 -40.44 -5.66
CA ASP O 75 94.50 -40.90 -4.95
C ASP O 75 94.74 -42.16 -4.11
N ALA O 76 94.14 -42.21 -2.91
CA ALA O 76 94.44 -43.24 -1.91
C ALA O 76 93.26 -43.55 -0.99
N GLY O 77 93.25 -44.75 -0.42
CA GLY O 77 92.29 -45.11 0.63
C GLY O 77 92.61 -44.38 1.93
N LEU O 78 91.59 -43.90 2.64
CA LEU O 78 91.76 -43.08 3.84
C LEU O 78 92.40 -43.83 4.99
N TRP O 79 92.02 -45.10 5.21
CA TRP O 79 92.48 -45.84 6.37
C TRP O 79 93.98 -46.13 6.33
N GLY O 80 94.58 -46.28 5.15
CA GLY O 80 96.02 -46.46 5.00
C GLY O 80 96.82 -45.26 5.51
N LEU O 81 96.31 -44.04 5.33
CA LEU O 81 96.93 -42.82 5.83
C LEU O 81 96.86 -42.72 7.36
N ILE O 82 95.70 -43.07 7.95
CA ILE O 82 95.53 -43.16 9.40
C ILE O 82 96.42 -44.25 9.98
N ALA O 83 96.42 -45.44 9.39
CA ALA O 83 97.26 -46.54 9.81
C ALA O 83 98.74 -46.15 9.78
N THR O 84 99.20 -45.45 8.74
CA THR O 84 100.55 -44.90 8.69
C THR O 84 100.83 -43.96 9.86
N SER O 85 99.87 -43.12 10.26
CA SER O 85 100.09 -42.17 11.36
C SER O 85 100.20 -42.83 12.73
N VAL O 86 99.47 -43.93 12.95
CA VAL O 86 99.40 -44.59 14.26
C VAL O 86 100.42 -45.72 14.39
N ALA O 87 100.59 -46.53 13.36
CA ALA O 87 101.46 -47.71 13.39
C ALA O 87 102.96 -47.35 13.38
N VAL O 88 103.30 -46.23 12.75
CA VAL O 88 104.69 -45.80 12.56
C VAL O 88 104.82 -44.31 12.84
N PRO O 89 104.88 -43.88 14.11
CA PRO O 89 105.09 -42.48 14.48
C PRO O 89 106.33 -41.83 13.84
N PRO O 90 106.39 -40.49 13.74
CA PRO O 90 107.45 -39.78 13.01
C PRO O 90 108.88 -40.02 13.55
N ASP O 91 109.01 -40.27 14.85
CA ASP O 91 110.28 -40.43 15.56
C ASP O 91 110.72 -41.90 15.73
N THR O 92 110.10 -42.83 14.99
CA THR O 92 110.46 -44.26 15.01
C THR O 92 111.85 -44.55 14.44
N SER O 93 112.46 -45.67 14.86
CA SER O 93 113.68 -46.21 14.26
C SER O 93 113.41 -46.72 12.84
N ALA O 94 114.06 -46.11 11.86
CA ALA O 94 114.03 -46.58 10.48
C ALA O 94 114.50 -48.04 10.36
N GLU O 95 115.40 -48.47 11.24
CA GLU O 95 115.96 -49.83 11.26
C GLU O 95 114.88 -50.85 11.62
N LEU O 96 114.30 -50.80 12.83
CA LEU O 96 113.38 -51.87 13.23
C LEU O 96 112.07 -51.84 12.44
N LEU O 97 111.60 -50.67 11.98
CA LEU O 97 110.40 -50.63 11.16
C LEU O 97 110.67 -51.21 9.77
N ALA O 98 111.86 -51.01 9.20
CA ALA O 98 112.17 -51.61 7.91
C ALA O 98 112.21 -53.14 7.99
N ASP O 99 112.75 -53.70 9.09
CA ASP O 99 112.70 -55.14 9.30
C ASP O 99 111.28 -55.66 9.59
N ALA O 100 110.42 -54.87 10.23
CA ALA O 100 109.02 -55.24 10.40
C ALA O 100 108.29 -55.30 9.05
N VAL O 101 108.50 -54.29 8.21
CA VAL O 101 107.99 -54.24 6.83
C VAL O 101 108.48 -55.46 6.05
N ASN O 102 109.79 -55.72 6.08
CA ASN O 102 110.41 -56.92 5.52
C ASN O 102 109.70 -58.20 5.99
N GLY O 103 109.43 -58.32 7.29
CA GLY O 103 108.79 -59.51 7.84
C GLY O 103 107.38 -59.74 7.28
N TYR O 104 106.57 -58.69 7.17
CA TYR O 104 105.25 -58.81 6.56
C TYR O 104 105.36 -59.07 5.05
N LEU O 105 106.31 -58.45 4.35
CA LEU O 105 106.52 -58.73 2.93
C LEU O 105 106.93 -60.19 2.70
N ASP O 106 107.77 -60.75 3.56
CA ASP O 106 108.17 -62.16 3.48
C ASP O 106 106.97 -63.10 3.70
N ALA O 107 106.04 -62.73 4.58
CA ALA O 107 104.80 -63.46 4.79
C ALA O 107 103.81 -63.32 3.62
N ASN O 108 103.85 -62.20 2.90
CA ASN O 108 102.91 -61.88 1.81
C ASN O 108 103.57 -60.98 0.74
N PRO O 109 104.38 -61.55 -0.17
CA PRO O 109 105.00 -60.82 -1.27
C PRO O 109 103.98 -60.14 -2.21
N PRO O 110 104.40 -59.14 -3.02
CA PRO O 110 103.55 -58.42 -3.98
C PRO O 110 102.70 -59.34 -4.87
N THR P 2 79.29 -60.81 6.63
CA THR P 2 78.43 -60.82 7.84
C THR P 2 77.91 -62.21 8.15
N VAL P 3 77.67 -62.50 9.43
CA VAL P 3 77.34 -63.81 10.02
C VAL P 3 76.12 -63.64 10.90
N THR P 4 75.15 -64.57 10.88
CA THR P 4 73.91 -64.41 11.65
C THR P 4 74.07 -64.97 13.05
N ILE P 5 73.85 -64.13 14.07
CA ILE P 5 73.93 -64.49 15.48
C ILE P 5 72.54 -64.39 16.10
N THR P 6 72.12 -65.41 16.85
CA THR P 6 70.73 -65.55 17.33
C THR P 6 70.61 -66.05 18.76
N ALA P 7 69.48 -65.75 19.38
CA ALA P 7 69.04 -66.34 20.64
C ALA P 7 67.52 -66.23 20.76
N ASP P 8 66.91 -67.04 21.62
CA ASP P 8 65.51 -66.85 22.00
C ASP P 8 65.42 -66.30 23.42
N VAL P 9 64.60 -65.28 23.62
CA VAL P 9 64.63 -64.43 24.80
C VAL P 9 63.27 -64.43 25.46
N ARG P 10 63.21 -64.77 26.75
CA ARG P 10 61.96 -64.85 27.52
C ARG P 10 62.11 -64.23 28.90
N ASP P 11 61.01 -63.85 29.52
CA ASP P 11 60.97 -63.58 30.97
C ASP P 11 60.79 -64.89 31.77
N VAL P 12 60.82 -64.79 33.10
CA VAL P 12 60.71 -65.96 33.99
C VAL P 12 59.41 -66.72 33.86
N THR P 13 58.33 -66.12 33.35
CA THR P 13 57.05 -66.79 33.13
C THR P 13 56.91 -67.39 31.73
N GLY P 14 57.97 -67.41 30.94
CA GLY P 14 57.97 -67.93 29.57
C GLY P 14 57.33 -67.02 28.52
N GLN P 15 56.92 -65.81 28.87
CA GLN P 15 56.43 -64.82 27.91
C GLN P 15 57.61 -64.10 27.23
N PRO P 16 57.52 -63.70 25.95
CA PRO P 16 58.57 -62.98 25.25
C PRO P 16 59.09 -61.75 25.98
N ASP P 17 60.40 -61.47 25.91
CA ASP P 17 60.95 -60.22 26.40
C ASP P 17 61.69 -59.47 25.29
N ASN P 18 61.15 -58.33 24.87
CA ASN P 18 61.58 -57.61 23.68
C ASN P 18 62.42 -56.35 23.97
N GLN P 19 62.97 -56.21 25.18
CA GLN P 19 63.96 -55.17 25.50
C GLN P 19 65.19 -55.28 24.60
N GLN P 20 65.81 -54.14 24.26
CA GLN P 20 66.87 -54.09 23.26
C GLN P 20 68.22 -54.62 23.74
N TRP P 21 68.93 -55.26 22.83
CA TRP P 21 70.34 -55.65 22.92
C TRP P 21 71.19 -54.66 22.12
N VAL P 22 72.38 -54.35 22.60
CA VAL P 22 73.23 -53.33 21.99
C VAL P 22 74.53 -53.96 21.49
N PHE P 23 74.86 -53.74 20.23
CA PHE P 23 76.09 -54.23 19.61
C PHE P 23 76.99 -53.08 19.17
N SER P 24 78.29 -53.19 19.42
CA SER P 24 79.31 -52.22 19.01
C SER P 24 80.66 -52.89 18.81
N THR P 25 81.71 -52.14 18.52
CA THR P 25 83.07 -52.64 18.33
C THR P 25 84.10 -51.53 18.55
N VAL P 26 85.39 -51.85 18.61
CA VAL P 26 86.44 -50.83 18.49
C VAL P 26 86.68 -50.53 17.02
N LEU P 27 87.04 -49.29 16.71
CA LEU P 27 87.30 -48.82 15.36
C LEU P 27 88.38 -49.67 14.69
N ARG P 28 88.08 -50.30 13.56
CA ARG P 28 89.05 -51.16 12.84
C ARG P 28 88.71 -51.32 11.37
N GLN P 29 89.67 -51.70 10.55
CA GLN P 29 89.43 -52.07 9.16
C GLN P 29 89.12 -53.56 9.05
N GLN P 30 88.17 -53.93 8.20
CA GLN P 30 87.84 -55.30 7.86
C GLN P 30 87.31 -55.38 6.44
N ASP P 31 87.94 -56.19 5.58
CA ASP P 31 87.65 -56.24 4.15
C ASP P 31 87.63 -54.85 3.49
N GLY P 32 88.63 -54.03 3.82
CA GLY P 32 88.80 -52.66 3.30
C GLY P 32 87.78 -51.63 3.82
N SER P 33 86.63 -52.05 4.33
CA SER P 33 85.70 -51.16 5.03
C SER P 33 86.24 -50.81 6.41
N ILE P 34 85.84 -49.66 6.95
CA ILE P 34 86.10 -49.28 8.33
C ILE P 34 84.84 -49.61 9.15
N LEU P 35 84.97 -50.33 10.26
CA LEU P 35 83.90 -50.58 11.22
C LEU P 35 84.00 -49.54 12.35
N THR P 36 82.92 -48.81 12.65
CA THR P 36 82.99 -47.45 13.21
C THR P 36 82.55 -47.17 14.65
N GLN P 37 82.37 -48.16 15.51
CA GLN P 37 81.93 -47.95 16.93
C GLN P 37 80.52 -47.38 17.13
N LYS P 38 79.67 -47.30 16.11
CA LYS P 38 78.25 -46.98 16.31
C LYS P 38 77.64 -48.08 17.19
N GLN P 39 76.94 -47.70 18.24
CA GLN P 39 76.10 -48.61 19.02
C GLN P 39 74.80 -48.90 18.25
N VAL P 40 74.53 -50.17 17.96
CA VAL P 40 73.36 -50.61 17.20
C VAL P 40 72.37 -51.26 18.16
N ARG P 41 71.16 -50.71 18.27
CA ARG P 41 70.07 -51.23 19.10
C ARG P 41 69.29 -52.28 18.32
N VAL P 42 69.10 -53.48 18.87
CA VAL P 42 68.35 -54.57 18.26
C VAL P 42 67.21 -55.01 19.18
N ASN P 43 65.96 -54.91 18.75
CA ASN P 43 64.84 -55.55 19.44
C ASN P 43 64.74 -57.02 19.06
N PRO P 44 64.59 -57.95 20.01
CA PRO P 44 64.01 -59.25 19.77
C PRO P 44 62.61 -59.10 19.16
N VAL P 45 62.24 -59.98 18.25
CA VAL P 45 60.91 -59.99 17.62
C VAL P 45 60.06 -61.09 18.23
N ASP P 46 59.43 -60.79 19.38
CA ASP P 46 58.71 -61.75 20.22
C ASP P 46 59.57 -62.94 20.63
N GLY P 47 60.59 -62.66 21.44
CA GLY P 47 61.75 -63.54 21.55
C GLY P 47 62.55 -63.42 20.27
N ALA P 48 63.26 -64.44 19.83
CA ALA P 48 63.97 -64.44 18.55
C ALA P 48 64.78 -63.14 18.30
N LEU P 49 65.83 -62.93 19.09
CA LEU P 49 66.87 -61.98 18.75
C LEU P 49 67.64 -62.53 17.55
N SER P 50 67.81 -61.70 16.52
CA SER P 50 68.58 -62.06 15.32
C SER P 50 69.28 -60.84 14.77
N VAL P 51 70.60 -60.88 14.67
CA VAL P 51 71.42 -59.80 14.13
C VAL P 51 72.54 -60.38 13.26
N GLU P 52 72.75 -59.78 12.10
CA GLU P 52 73.94 -60.05 11.29
C GLU P 52 75.11 -59.23 11.79
N LEU P 53 76.25 -59.86 12.10
CA LEU P 53 77.45 -59.19 12.59
C LEU P 53 78.67 -59.49 11.72
N GLU P 54 79.58 -58.54 11.61
CA GLU P 54 80.90 -58.77 11.02
C GLU P 54 81.80 -59.61 11.95
N PRO P 55 82.51 -60.63 11.45
CA PRO P 55 83.39 -61.47 12.26
C PRO P 55 84.46 -60.73 13.03
N GLY P 56 84.99 -61.37 14.07
CA GLY P 56 85.99 -60.78 14.97
C GLY P 56 85.39 -60.07 16.16
N PHE P 57 86.10 -59.08 16.71
CA PHE P 57 85.73 -58.44 17.96
C PHE P 57 84.42 -57.65 17.90
N ALA P 58 83.55 -57.83 18.89
CA ALA P 58 82.37 -57.03 19.13
C ALA P 58 82.14 -56.85 20.64
N ILE P 59 81.39 -55.81 21.01
CA ILE P 59 80.95 -55.52 22.37
C ILE P 59 79.45 -55.78 22.43
N VAL P 60 78.98 -56.51 23.45
CA VAL P 60 77.56 -56.72 23.71
C VAL P 60 77.14 -56.07 25.02
N VAL P 61 76.05 -55.30 25.02
CA VAL P 61 75.48 -54.68 26.21
C VAL P 61 74.03 -55.07 26.37
N TYR P 62 73.62 -55.43 27.59
CA TYR P 62 72.22 -55.71 27.93
C TYR P 62 71.93 -55.36 29.38
N GLY P 63 71.05 -54.38 29.63
CA GLY P 63 70.81 -53.89 30.98
C GLY P 63 72.10 -53.40 31.66
N GLU P 64 72.44 -53.98 32.80
CA GLU P 64 73.66 -53.65 33.55
C GLU P 64 74.95 -54.23 32.93
N TYR P 65 74.87 -55.29 32.13
CA TYR P 65 76.02 -56.08 31.71
C TYR P 65 76.72 -55.54 30.46
N ARG P 66 78.03 -55.73 30.40
CA ARG P 66 78.86 -55.54 29.21
C ARG P 66 79.72 -56.76 29.01
N TRP P 67 79.74 -57.33 27.81
CA TRP P 67 80.58 -58.45 27.41
C TRP P 67 81.41 -58.13 26.18
N PHE P 68 82.61 -58.69 26.10
CA PHE P 68 83.44 -58.66 24.90
C PHE P 68 83.40 -60.04 24.25
N ILE P 69 83.09 -60.10 22.96
CA ILE P 69 82.92 -61.35 22.23
C ILE P 69 83.78 -61.38 20.97
N GLU P 70 84.19 -62.58 20.57
CA GLU P 70 84.75 -62.84 19.25
C GLU P 70 83.66 -63.50 18.40
N VAL P 71 83.13 -62.81 17.40
CA VAL P 71 82.13 -63.31 16.46
C VAL P 71 82.81 -64.32 15.53
N PRO P 72 82.32 -65.55 15.40
CA PRO P 72 82.89 -66.55 14.51
C PRO P 72 82.74 -66.23 13.02
N GLU P 73 83.35 -67.04 12.17
CA GLU P 73 83.22 -66.95 10.71
C GLU P 73 82.03 -67.76 10.16
N THR P 74 81.16 -68.27 11.03
CA THR P 74 79.95 -69.07 10.70
C THR P 74 78.85 -68.81 11.73
N ASP P 75 77.58 -69.09 11.43
CA ASP P 75 76.46 -68.76 12.31
C ASP P 75 76.59 -69.39 13.71
N ALA P 76 76.11 -68.70 14.75
CA ALA P 76 76.31 -69.10 16.14
C ALA P 76 75.21 -68.62 17.08
N GLY P 77 75.07 -69.27 18.23
CA GLY P 77 74.16 -68.84 19.28
C GLY P 77 74.78 -67.79 20.19
N LEU P 78 74.07 -66.70 20.47
CA LEU P 78 74.61 -65.56 21.22
C LEU P 78 75.04 -65.94 22.64
N TRP P 79 74.32 -66.85 23.30
CA TRP P 79 74.69 -67.22 24.67
C TRP P 79 76.03 -67.97 24.72
N GLY P 80 76.36 -68.78 23.72
CA GLY P 80 77.67 -69.42 23.64
C GLY P 80 78.81 -68.41 23.60
N LEU P 81 78.61 -67.30 22.89
CA LEU P 81 79.60 -66.23 22.79
C LEU P 81 79.70 -65.43 24.08
N ILE P 82 78.58 -65.21 24.77
CA ILE P 82 78.54 -64.54 26.08
C ILE P 82 79.19 -65.41 27.16
N ALA P 83 78.92 -66.71 27.21
CA ALA P 83 79.52 -67.63 28.17
C ALA P 83 81.06 -67.69 28.01
N THR P 84 81.54 -67.66 26.76
CA THR P 84 82.96 -67.64 26.42
C THR P 84 83.56 -66.21 26.33
N SER P 85 82.90 -65.19 26.89
CA SER P 85 83.35 -63.80 26.78
C SER P 85 84.75 -63.59 27.34
N VAL P 86 85.60 -62.85 26.61
CA VAL P 86 86.97 -62.52 27.00
C VAL P 86 87.03 -61.29 27.91
N ALA P 87 88.04 -61.18 28.76
CA ALA P 87 88.36 -59.92 29.42
C ALA P 87 88.75 -58.83 28.40
N VAL P 88 88.81 -57.57 28.83
CA VAL P 88 88.78 -56.37 27.97
C VAL P 88 89.54 -56.41 26.62
N PRO P 89 90.82 -56.81 26.52
CA PRO P 89 91.65 -56.34 25.41
C PRO P 89 91.58 -57.19 24.12
N PRO P 90 91.21 -56.62 22.96
CA PRO P 90 91.67 -57.08 21.65
C PRO P 90 93.07 -56.53 21.35
N ASP P 91 93.98 -57.37 20.85
CA ASP P 91 95.39 -57.00 20.64
C ASP P 91 95.63 -56.27 19.31
N THR P 92 95.02 -55.09 19.13
CA THR P 92 94.92 -54.43 17.81
C THR P 92 96.21 -53.83 17.26
N SER P 93 97.30 -53.79 18.03
CA SER P 93 98.52 -53.04 17.67
C SER P 93 99.20 -53.51 16.38
N ALA P 94 99.23 -54.82 16.13
CA ALA P 94 99.91 -55.40 14.98
C ALA P 94 99.18 -55.16 13.66
N GLU P 95 97.85 -55.06 13.68
CA GLU P 95 97.02 -54.96 12.47
C GLU P 95 97.26 -53.65 11.71
N LEU P 96 97.56 -52.57 12.44
CA LEU P 96 97.77 -51.25 11.87
C LEU P 96 99.02 -51.19 10.97
N LEU P 97 100.09 -51.95 11.26
CA LEU P 97 101.26 -51.98 10.38
C LEU P 97 100.92 -52.67 9.05
N ALA P 98 100.19 -53.78 9.12
CA ALA P 98 99.76 -54.46 7.91
C ALA P 98 98.86 -53.54 7.09
N ASP P 99 97.89 -52.89 7.72
CA ASP P 99 97.02 -51.91 7.07
C ASP P 99 97.82 -50.80 6.38
N ALA P 100 98.87 -50.27 7.02
CA ALA P 100 99.70 -49.24 6.42
C ALA P 100 100.41 -49.76 5.16
N VAL P 101 101.08 -50.91 5.24
CA VAL P 101 101.83 -51.46 4.10
C VAL P 101 100.88 -51.89 2.97
N ASN P 102 99.73 -52.47 3.30
CA ASN P 102 98.71 -52.78 2.30
C ASN P 102 98.18 -51.51 1.62
N GLY P 103 97.83 -50.48 2.39
CA GLY P 103 97.30 -49.23 1.86
C GLY P 103 98.32 -48.52 0.97
N TYR P 104 99.60 -48.56 1.36
CA TYR P 104 100.70 -48.05 0.53
C TYR P 104 100.80 -48.81 -0.80
N LEU P 105 100.88 -50.14 -0.77
CA LEU P 105 100.99 -50.94 -1.99
C LEU P 105 99.75 -50.82 -2.88
N ASP P 106 98.56 -50.61 -2.33
CA ASP P 106 97.36 -50.28 -3.11
C ASP P 106 97.44 -48.89 -3.75
N ALA P 107 98.20 -47.95 -3.17
CA ALA P 107 98.35 -46.59 -3.69
C ALA P 107 99.46 -46.45 -4.75
N ASN P 108 100.58 -47.16 -4.61
CA ASN P 108 101.68 -47.13 -5.59
C ASN P 108 102.30 -48.52 -5.85
N PRO P 109 101.55 -49.44 -6.51
CA PRO P 109 102.01 -50.81 -6.79
C PRO P 109 103.16 -50.86 -7.82
N PRO P 110 103.89 -51.99 -7.91
CA PRO P 110 104.96 -52.18 -8.88
C PRO P 110 104.46 -52.24 -10.32
N THR Q 2 34.54 40.03 83.84
CA THR Q 2 34.38 41.03 82.77
C THR Q 2 35.19 42.29 83.06
N VAL Q 3 36.48 42.23 82.70
CA VAL Q 3 37.40 43.36 82.54
C VAL Q 3 37.91 43.32 81.11
N THR Q 4 37.80 44.38 80.33
CA THR Q 4 38.35 44.37 78.97
C THR Q 4 39.85 44.65 78.99
N ILE Q 5 40.67 43.73 78.50
CA ILE Q 5 42.10 43.89 78.31
C ILE Q 5 42.36 44.06 76.81
N THR Q 6 43.12 45.08 76.40
CA THR Q 6 43.19 45.51 74.99
C THR Q 6 44.59 45.90 74.52
N ALA Q 7 44.89 45.78 73.23
CA ALA Q 7 46.13 46.26 72.61
C ALA Q 7 45.98 46.46 71.10
N ASP Q 8 46.87 47.23 70.50
CA ASP Q 8 47.02 47.38 69.05
C ASP Q 8 48.31 46.69 68.62
N VAL Q 9 48.26 45.74 67.69
CA VAL Q 9 49.35 44.82 67.41
C VAL Q 9 49.77 44.88 65.94
N ARG Q 10 51.04 45.15 65.67
CA ARG Q 10 51.60 45.36 64.33
C ARG Q 10 52.90 44.56 64.13
N ASP Q 11 53.35 44.44 62.89
CA ASP Q 11 54.75 44.10 62.59
C ASP Q 11 55.62 45.37 62.46
N VAL Q 12 56.92 45.21 62.18
CA VAL Q 12 57.88 46.33 62.06
C VAL Q 12 57.51 47.36 60.99
N THR Q 13 56.65 47.02 60.03
CA THR Q 13 56.21 47.92 58.98
C THR Q 13 54.91 48.65 59.32
N GLY Q 14 54.39 48.54 60.55
CA GLY Q 14 53.15 49.19 60.97
C GLY Q 14 51.88 48.52 60.45
N GLN Q 15 52.01 47.46 59.65
CA GLN Q 15 50.91 46.62 59.20
C GLN Q 15 50.40 45.71 60.33
N PRO Q 16 49.10 45.46 60.45
CA PRO Q 16 48.54 44.54 61.45
C PRO Q 16 49.17 43.16 61.51
N ASP Q 17 49.21 42.57 62.71
CA ASP Q 17 49.53 41.15 62.92
C ASP Q 17 48.40 40.45 63.67
N ASN Q 18 47.81 39.46 63.02
CA ASN Q 18 46.60 38.76 63.46
C ASN Q 18 46.86 37.32 63.92
N GLN Q 19 48.11 36.98 64.25
CA GLN Q 19 48.44 35.76 65.00
C GLN Q 19 47.70 35.72 66.34
N GLN Q 20 47.17 34.57 66.73
CA GLN Q 20 46.33 34.44 67.90
C GLN Q 20 47.10 34.60 69.23
N TRP Q 21 46.43 35.21 70.20
CA TRP Q 21 46.88 35.34 71.59
C TRP Q 21 46.07 34.40 72.47
N VAL Q 22 46.73 33.68 73.37
CA VAL Q 22 46.11 32.61 74.15
C VAL Q 22 46.04 32.93 75.62
N PHE Q 23 44.84 32.87 76.19
CA PHE Q 23 44.58 33.18 77.58
C PHE Q 23 44.06 31.97 78.34
N SER Q 24 44.55 31.71 79.55
CA SER Q 24 44.12 30.61 80.42
C SER Q 24 44.40 30.88 81.90
N THR Q 25 44.09 29.95 82.78
CA THR Q 25 44.30 30.09 84.24
C THR Q 25 44.51 28.73 84.88
N VAL Q 26 45.04 28.67 86.10
CA VAL Q 26 44.84 27.51 86.98
C VAL Q 26 43.37 27.42 87.40
N LEU Q 27 42.88 26.26 87.86
CA LEU Q 27 41.53 26.19 88.45
C LEU Q 27 41.46 27.10 89.67
N ARG Q 28 40.43 27.92 89.75
CA ARG Q 28 40.16 28.82 90.88
C ARG Q 28 38.71 29.28 90.87
N GLN Q 29 38.25 29.89 91.94
CA GLN Q 29 36.87 30.36 92.06
C GLN Q 29 36.81 31.90 92.02
N GLN Q 30 35.95 32.47 91.18
CA GLN Q 30 35.68 33.92 91.10
C GLN Q 30 34.18 34.18 91.27
N ASP Q 31 33.79 35.02 92.23
CA ASP Q 31 32.38 35.36 92.46
C ASP Q 31 31.45 34.13 92.55
N GLY Q 32 32.00 33.02 93.04
CA GLY Q 32 31.31 31.74 93.20
C GLY Q 32 31.47 30.74 92.04
N SER Q 33 31.72 31.16 90.79
CA SER Q 33 31.91 30.21 89.68
C SER Q 33 33.33 29.65 89.62
N ILE Q 34 33.47 28.43 89.11
CA ILE Q 34 34.74 27.77 88.84
C ILE Q 34 35.29 28.28 87.52
N LEU Q 35 36.53 28.73 87.49
CA LEU Q 35 37.24 29.05 86.26
C LEU Q 35 38.11 27.85 85.89
N THR Q 36 37.96 27.29 84.69
CA THR Q 36 38.71 26.12 84.23
C THR Q 36 40.00 26.50 83.49
N GLN Q 37 40.84 25.51 83.19
CA GLN Q 37 42.09 25.72 82.43
C GLN Q 37 41.91 25.89 80.91
N LYS Q 38 40.69 25.95 80.38
CA LYS Q 38 40.39 26.04 78.94
C LYS Q 38 41.15 27.20 78.27
N GLN Q 39 41.93 26.89 77.24
CA GLN Q 39 42.71 27.88 76.49
C GLN Q 39 41.82 28.70 75.54
N VAL Q 40 41.58 29.97 75.86
CA VAL Q 40 40.82 30.91 75.04
C VAL Q 40 41.74 31.51 74.00
N ARG Q 41 41.49 31.26 72.71
CA ARG Q 41 42.33 31.75 71.60
C ARG Q 41 41.63 32.91 70.91
N VAL Q 42 42.27 34.07 70.90
CA VAL Q 42 41.72 35.34 70.41
C VAL Q 42 42.47 35.81 69.16
N ASN Q 43 41.78 36.12 68.08
CA ASN Q 43 42.35 36.83 66.94
C ASN Q 43 42.36 38.33 67.19
N PRO Q 44 43.48 39.04 67.01
CA PRO Q 44 43.43 40.46 66.71
C PRO Q 44 42.59 40.70 65.45
N VAL Q 45 41.68 41.66 65.50
CA VAL Q 45 40.80 42.04 64.38
C VAL Q 45 41.31 43.35 63.83
N ASP Q 46 41.74 43.37 62.57
CA ASP Q 46 42.44 44.50 61.95
C ASP Q 46 43.58 45.06 62.84
N GLY Q 47 44.30 44.18 63.53
CA GLY Q 47 45.36 44.53 64.47
C GLY Q 47 44.91 44.89 65.88
N ALA Q 48 43.62 45.10 66.14
CA ALA Q 48 43.14 45.37 67.49
C ALA Q 48 42.81 44.09 68.25
N LEU Q 49 43.47 43.86 69.37
CA LEU Q 49 43.24 42.75 70.29
C LEU Q 49 42.39 43.28 71.44
N SER Q 50 41.29 42.61 71.74
CA SER Q 50 40.39 42.98 72.82
C SER Q 50 39.76 41.73 73.40
N VAL Q 51 39.90 41.50 74.71
CA VAL Q 51 39.38 40.31 75.37
C VAL Q 51 38.79 40.67 76.74
N GLU Q 52 37.62 40.13 77.05
CA GLU Q 52 37.09 40.10 78.41
C GLU Q 52 37.84 39.04 79.22
N LEU Q 53 38.43 39.39 80.36
CA LEU Q 53 39.03 38.43 81.29
C LEU Q 53 38.43 38.60 82.69
N GLU Q 54 38.41 37.52 83.45
CA GLU Q 54 38.07 37.56 84.87
C GLU Q 54 39.29 37.96 85.73
N PRO Q 55 39.14 38.84 86.74
CA PRO Q 55 40.23 39.29 87.59
C PRO Q 55 41.08 38.19 88.24
N GLY Q 56 42.28 38.56 88.64
CA GLY Q 56 43.24 37.68 89.30
C GLY Q 56 44.19 37.00 88.31
N PHE Q 57 44.76 35.86 88.70
CA PHE Q 57 45.77 35.16 87.93
C PHE Q 57 45.27 34.75 86.54
N ALA Q 58 46.07 35.01 85.52
CA ALA Q 58 45.91 34.45 84.18
C ALA Q 58 47.27 34.16 83.56
N ILE Q 59 47.26 33.30 82.56
CA ILE Q 59 48.42 33.00 81.73
C ILE Q 59 48.17 33.60 80.36
N VAL Q 60 49.17 34.29 79.82
CA VAL Q 60 49.22 34.75 78.44
C VAL Q 60 50.28 33.98 77.66
N VAL Q 61 49.93 33.41 76.52
CA VAL Q 61 50.85 32.72 75.63
C VAL Q 61 50.82 33.36 74.25
N TYR Q 62 51.99 33.53 73.64
CA TYR Q 62 52.14 34.13 72.33
C TYR Q 62 53.45 33.68 71.68
N GLY Q 63 53.38 32.91 70.59
CA GLY Q 63 54.54 32.28 70.00
C GLY Q 63 55.29 31.38 70.98
N GLU Q 64 56.60 31.55 71.07
CA GLU Q 64 57.46 30.92 72.04
C GLU Q 64 57.23 31.34 73.50
N TYR Q 65 56.54 32.46 73.75
CA TYR Q 65 56.48 33.12 75.05
C TYR Q 65 55.30 32.69 75.90
N ARG Q 66 55.54 32.60 77.21
CA ARG Q 66 54.52 32.44 78.23
C ARG Q 66 54.78 33.48 79.31
N TRP Q 67 53.78 34.29 79.63
CA TRP Q 67 53.82 35.28 80.70
C TRP Q 67 52.67 35.06 81.67
N PHE Q 68 52.88 35.34 82.94
CA PHE Q 68 51.86 35.30 83.98
C PHE Q 68 51.42 36.71 84.34
N ILE Q 69 50.12 36.97 84.38
CA ILE Q 69 49.55 38.29 84.68
C ILE Q 69 48.57 38.20 85.84
N GLU Q 70 48.48 39.26 86.63
CA GLU Q 70 47.30 39.50 87.47
C GLU Q 70 46.38 40.44 86.70
N VAL Q 71 45.27 39.96 86.19
CA VAL Q 71 44.27 40.82 85.54
C VAL Q 71 43.71 41.77 86.60
N PRO Q 72 43.88 43.09 86.45
CA PRO Q 72 43.50 44.04 87.47
C PRO Q 72 41.99 44.26 87.43
N GLU Q 73 41.38 44.73 88.50
CA GLU Q 73 39.91 44.80 88.64
C GLU Q 73 39.22 45.94 87.83
N THR Q 74 39.87 46.50 86.80
CA THR Q 74 39.44 47.73 86.10
C THR Q 74 39.29 47.54 84.59
N ASP Q 75 40.24 47.97 83.75
CA ASP Q 75 40.08 47.97 82.28
C ASP Q 75 41.40 48.15 81.51
N ALA Q 76 42.48 47.52 81.99
CA ALA Q 76 43.87 47.82 81.60
C ALA Q 76 44.30 47.48 80.15
N GLY Q 77 45.39 48.09 79.69
CA GLY Q 77 46.01 47.79 78.38
C GLY Q 77 47.07 46.71 78.47
N LEU Q 78 47.09 45.76 77.54
CA LEU Q 78 47.80 44.49 77.70
C LEU Q 78 49.33 44.62 77.78
N TRP Q 79 49.94 45.57 77.07
CA TRP Q 79 51.38 45.74 77.16
C TRP Q 79 51.83 46.08 78.57
N GLY Q 80 51.07 46.86 79.32
CA GLY Q 80 51.38 47.17 80.72
C GLY Q 80 51.49 45.94 81.63
N LEU Q 81 50.74 44.87 81.36
CA LEU Q 81 50.80 43.64 82.15
C LEU Q 81 51.95 42.73 81.72
N ILE Q 82 52.36 42.80 80.46
CA ILE Q 82 53.45 41.97 79.90
C ILE Q 82 54.83 42.61 80.08
N ALA Q 83 54.93 43.94 80.07
CA ALA Q 83 56.18 44.66 79.84
C ALA Q 83 57.35 44.27 80.73
N THR Q 84 57.10 43.99 82.01
CA THR Q 84 58.15 43.61 82.96
C THR Q 84 58.81 42.28 82.60
N SER Q 85 58.16 41.44 81.81
CA SER Q 85 58.64 40.11 81.44
C SER Q 85 59.23 40.02 80.01
N VAL Q 86 59.32 41.13 79.27
CA VAL Q 86 59.85 41.19 77.91
C VAL Q 86 61.24 41.83 77.89
N ALA Q 87 62.20 41.18 77.23
CA ALA Q 87 63.57 41.68 77.14
C ALA Q 87 63.68 42.92 76.24
N VAL Q 88 64.39 43.94 76.72
CA VAL Q 88 64.63 45.23 76.04
C VAL Q 88 65.31 45.02 74.68
N PRO Q 89 64.99 45.79 73.62
CA PRO Q 89 65.59 45.61 72.31
C PRO Q 89 67.09 45.86 72.33
N PRO Q 90 67.90 45.01 71.69
CA PRO Q 90 69.34 44.99 71.92
C PRO Q 90 70.01 46.28 71.44
N ASP Q 91 70.74 46.93 72.33
CA ASP Q 91 71.29 48.26 72.12
C ASP Q 91 72.15 48.33 70.86
N THR Q 92 71.87 49.33 70.03
CA THR Q 92 72.48 49.55 68.72
C THR Q 92 72.88 51.03 68.57
N SER Q 93 73.85 51.30 67.72
CA SER Q 93 74.76 52.46 67.89
C SER Q 93 74.32 53.84 67.39
N ALA Q 94 73.12 54.04 66.87
CA ALA Q 94 72.81 55.26 66.14
C ALA Q 94 73.03 56.55 66.94
N GLU Q 95 72.72 56.54 68.24
CA GLU Q 95 72.90 57.71 69.12
C GLU Q 95 74.36 58.17 69.22
N LEU Q 96 75.30 57.22 69.18
CA LEU Q 96 76.74 57.51 69.24
C LEU Q 96 77.20 58.21 67.96
N LEU Q 97 76.80 57.68 66.80
CA LEU Q 97 77.12 58.25 65.50
C LEU Q 97 76.46 59.62 65.35
N ALA Q 98 75.22 59.77 65.80
CA ALA Q 98 74.52 61.04 65.78
C ALA Q 98 75.29 62.12 66.55
N ASP Q 99 75.69 61.83 67.79
CA ASP Q 99 76.53 62.76 68.56
C ASP Q 99 77.84 63.06 67.84
N ALA Q 100 78.55 62.04 67.37
CA ALA Q 100 79.86 62.23 66.75
C ALA Q 100 79.80 63.07 65.46
N VAL Q 101 78.68 63.03 64.71
CA VAL Q 101 78.52 63.81 63.49
C VAL Q 101 77.94 65.20 63.78
N ASN Q 102 77.33 65.41 64.94
CA ASN Q 102 77.08 66.74 65.46
C ASN Q 102 78.39 67.38 65.98
N GLY Q 103 78.31 68.53 66.65
CA GLY Q 103 79.49 69.28 67.09
C GLY Q 103 80.14 70.09 65.96
N TYR Q 104 79.34 70.60 65.04
CA TYR Q 104 79.76 71.39 63.89
C TYR Q 104 80.58 72.64 64.24
N LEU Q 105 81.34 73.11 63.26
CA LEU Q 105 81.88 74.45 63.14
C LEU Q 105 81.29 75.07 61.87
N ASP Q 106 80.22 75.85 62.03
CA ASP Q 106 79.19 76.00 60.99
C ASP Q 106 79.65 76.67 59.69
N ALA Q 107 78.99 76.34 58.59
CA ALA Q 107 79.43 76.67 57.23
C ALA Q 107 79.12 78.11 56.78
N ASN Q 108 77.87 78.55 56.95
CA ASN Q 108 77.38 79.91 56.68
C ASN Q 108 77.92 80.58 55.38
N PRO Q 109 77.69 80.01 54.18
CA PRO Q 109 78.11 80.61 52.92
C PRO Q 109 77.27 81.86 52.58
N PRO Q 110 77.85 82.89 51.93
CA PRO Q 110 77.13 84.09 51.51
C PRO Q 110 76.35 83.91 50.19
N SER Q 111 76.63 82.85 49.41
CA SER Q 111 76.21 82.65 48.02
C SER Q 111 76.55 83.82 47.11
N THR R 2 33.78 -72.01 56.68
CA THR R 2 34.85 -72.36 57.66
C THR R 2 34.32 -72.14 59.08
N VAL R 3 35.13 -71.96 60.13
CA VAL R 3 34.57 -71.78 61.49
C VAL R 3 34.04 -70.36 61.70
N THR R 4 32.79 -70.22 62.13
CA THR R 4 32.21 -68.91 62.47
C THR R 4 32.66 -68.50 63.87
N ILE R 5 32.90 -67.22 64.07
CA ILE R 5 33.27 -66.62 65.36
C ILE R 5 32.35 -65.43 65.58
N THR R 6 31.79 -65.27 66.78
CA THR R 6 30.68 -64.32 67.00
C THR R 6 30.75 -63.58 68.34
N ALA R 7 30.13 -62.39 68.40
CA ALA R 7 29.94 -61.63 69.62
C ALA R 7 28.77 -60.67 69.50
N ASP R 8 28.21 -60.23 70.63
CA ASP R 8 27.36 -59.05 70.71
C ASP R 8 28.17 -57.91 71.34
N VAL R 9 28.17 -56.71 70.76
CA VAL R 9 29.11 -55.64 71.10
C VAL R 9 28.37 -54.33 71.35
N ARG R 10 28.59 -53.70 72.50
CA ARG R 10 27.77 -52.58 72.98
C ARG R 10 28.57 -51.51 73.72
N ASP R 11 28.00 -50.31 73.76
CA ASP R 11 28.40 -49.23 74.67
C ASP R 11 28.07 -49.58 76.13
N VAL R 12 28.57 -48.80 77.09
CA VAL R 12 28.16 -48.87 78.51
C VAL R 12 26.65 -48.69 78.71
N THR R 13 25.95 -48.05 77.78
CA THR R 13 24.49 -47.87 77.83
C THR R 13 23.69 -49.03 77.21
N GLY R 14 24.35 -50.08 76.71
CA GLY R 14 23.69 -51.19 76.01
C GLY R 14 23.35 -50.88 74.55
N GLN R 15 23.61 -49.67 74.07
CA GLN R 15 23.44 -49.30 72.68
C GLN R 15 24.52 -49.97 71.80
N PRO R 16 24.20 -50.56 70.65
CA PRO R 16 25.14 -51.22 69.75
C PRO R 16 26.39 -50.41 69.38
N ASP R 17 27.58 -50.99 69.47
CA ASP R 17 28.82 -50.35 69.04
C ASP R 17 29.34 -50.99 67.75
N ASN R 18 29.43 -50.21 66.69
CA ASN R 18 29.71 -50.70 65.35
C ASN R 18 31.11 -50.30 64.82
N GLN R 19 32.05 -49.88 65.66
CA GLN R 19 33.46 -49.78 65.27
C GLN R 19 34.01 -51.14 64.77
N GLN R 20 34.81 -51.12 63.70
CA GLN R 20 35.32 -52.32 63.04
C GLN R 20 36.32 -53.12 63.85
N TRP R 21 36.28 -54.44 63.68
CA TRP R 21 37.22 -55.41 64.20
C TRP R 21 38.11 -55.92 63.06
N VAL R 22 39.41 -56.04 63.30
CA VAL R 22 40.37 -56.38 62.26
C VAL R 22 41.00 -57.75 62.51
N PHE R 23 40.88 -58.63 61.53
CA PHE R 23 41.38 -60.00 61.57
C PHE R 23 42.49 -60.21 60.53
N SER R 24 43.59 -60.82 60.92
CA SER R 24 44.71 -61.17 60.02
C SER R 24 45.48 -62.39 60.51
N THR R 25 46.56 -62.79 59.83
CA THR R 25 47.37 -63.95 60.20
C THR R 25 48.79 -63.82 59.65
N VAL R 26 49.73 -64.63 60.11
CA VAL R 26 51.05 -64.74 59.47
C VAL R 26 50.91 -65.54 58.17
N LEU R 27 51.82 -65.38 57.19
CA LEU R 27 51.78 -66.20 55.98
C LEU R 27 51.90 -67.67 56.35
N ARG R 28 50.89 -68.49 56.08
CA ARG R 28 50.86 -69.91 56.47
C ARG R 28 49.99 -70.74 55.54
N GLN R 29 50.13 -72.05 55.56
CA GLN R 29 49.35 -72.94 54.71
C GLN R 29 48.29 -73.67 55.54
N GLN R 30 47.04 -73.67 55.08
CA GLN R 30 45.92 -74.38 55.68
C GLN R 30 45.21 -75.23 54.64
N ASP R 31 45.10 -76.53 54.86
CA ASP R 31 44.38 -77.47 53.98
C ASP R 31 44.75 -77.34 52.48
N GLY R 32 46.04 -77.10 52.19
CA GLY R 32 46.52 -76.93 50.83
C GLY R 32 46.23 -75.57 50.18
N SER R 33 45.91 -74.54 50.97
CA SER R 33 45.79 -73.15 50.52
C SER R 33 46.76 -72.25 51.27
N ILE R 34 47.34 -71.23 50.65
CA ILE R 34 48.15 -70.20 51.31
C ILE R 34 47.23 -69.15 51.92
N LEU R 35 47.37 -68.88 53.22
CA LEU R 35 46.71 -67.77 53.91
C LEU R 35 47.69 -66.61 54.00
N THR R 36 47.27 -65.46 53.51
CA THR R 36 48.06 -64.23 53.44
C THR R 36 47.81 -63.29 54.63
N GLN R 37 48.64 -62.26 54.83
CA GLN R 37 48.51 -61.33 55.96
C GLN R 37 47.40 -60.27 55.84
N LYS R 38 46.49 -60.40 54.87
CA LYS R 38 45.44 -59.42 54.57
C LYS R 38 44.63 -59.07 55.82
N GLN R 39 44.47 -57.78 56.11
CA GLN R 39 43.66 -57.29 57.21
C GLN R 39 42.19 -57.25 56.79
N VAL R 40 41.40 -58.20 57.26
CA VAL R 40 39.96 -58.32 57.03
C VAL R 40 39.20 -57.50 58.06
N ARG R 41 38.44 -56.51 57.61
CA ARG R 41 37.75 -55.55 58.48
C ARG R 41 36.26 -55.85 58.52
N VAL R 42 35.75 -56.10 59.72
CA VAL R 42 34.36 -56.53 59.94
C VAL R 42 33.60 -55.46 60.72
N ASN R 43 32.47 -55.01 60.19
CA ASN R 43 31.52 -54.22 60.95
C ASN R 43 30.62 -55.12 61.79
N PRO R 44 30.45 -54.88 63.10
CA PRO R 44 29.25 -55.30 63.81
C PRO R 44 28.00 -54.72 63.14
N VAL R 45 26.96 -55.54 62.94
CA VAL R 45 25.68 -55.16 62.35
C VAL R 45 24.60 -55.20 63.43
N ASP R 46 24.00 -54.06 63.73
CA ASP R 46 23.20 -53.86 64.94
C ASP R 46 23.90 -54.40 66.21
N GLY R 47 25.23 -54.24 66.28
CA GLY R 47 26.04 -54.70 67.41
C GLY R 47 26.39 -56.19 67.38
N ALA R 48 25.81 -56.99 66.50
CA ALA R 48 26.23 -58.38 66.31
C ALA R 48 27.41 -58.46 65.35
N LEU R 49 28.53 -59.01 65.82
CA LEU R 49 29.72 -59.26 65.05
C LEU R 49 29.75 -60.75 64.74
N SER R 50 29.85 -61.10 63.47
CA SER R 50 30.02 -62.49 63.04
C SER R 50 31.03 -62.54 61.90
N VAL R 51 32.01 -63.44 61.97
CA VAL R 51 33.08 -63.57 60.99
C VAL R 51 33.45 -65.03 60.77
N GLU R 52 33.65 -65.42 59.53
CA GLU R 52 34.24 -66.71 59.17
C GLU R 52 35.77 -66.61 59.30
N LEU R 53 36.44 -67.49 60.03
CA LEU R 53 37.90 -67.51 60.09
C LEU R 53 38.42 -68.93 59.87
N GLU R 54 39.51 -69.10 59.14
CA GLU R 54 40.18 -70.40 59.03
C GLU R 54 40.85 -70.79 60.36
N PRO R 55 40.79 -72.04 60.83
CA PRO R 55 41.35 -72.46 62.10
C PRO R 55 42.83 -72.17 62.31
N GLY R 56 43.29 -72.29 63.55
CA GLY R 56 44.69 -72.01 63.94
C GLY R 56 44.95 -70.56 64.31
N PHE R 57 46.18 -70.10 64.13
CA PHE R 57 46.62 -68.76 64.54
C PHE R 57 45.95 -67.62 63.76
N ALA R 58 45.51 -66.58 64.46
CA ALA R 58 45.02 -65.34 63.90
C ALA R 58 45.39 -64.16 64.80
N ILE R 59 45.31 -62.94 64.26
CA ILE R 59 45.53 -61.70 64.99
C ILE R 59 44.22 -60.91 65.00
N VAL R 60 43.78 -60.48 66.18
CA VAL R 60 42.64 -59.60 66.37
C VAL R 60 43.16 -58.24 66.79
N VAL R 61 42.76 -57.18 66.08
CA VAL R 61 43.05 -55.79 66.43
C VAL R 61 41.75 -55.03 66.65
N TYR R 62 41.68 -54.24 67.71
CA TYR R 62 40.54 -53.40 68.02
C TYR R 62 40.97 -52.15 68.79
N GLY R 63 40.85 -50.98 68.18
CA GLY R 63 41.36 -49.73 68.75
C GLY R 63 42.87 -49.79 68.99
N GLU R 64 43.29 -49.45 70.20
CA GLU R 64 44.69 -49.59 70.64
C GLU R 64 45.13 -51.04 70.86
N TYR R 65 44.23 -52.01 70.97
CA TYR R 65 44.55 -53.38 71.35
C TYR R 65 44.95 -54.27 70.18
N ARG R 66 45.81 -55.24 70.48
CA ARG R 66 46.17 -56.37 69.63
C ARG R 66 46.20 -57.64 70.46
N TRP R 67 45.54 -58.68 70.01
CA TRP R 67 45.49 -59.98 70.67
C TRP R 67 45.77 -61.09 69.66
N PHE R 68 46.55 -62.08 70.05
CA PHE R 68 46.80 -63.26 69.24
C PHE R 68 45.89 -64.39 69.71
N ILE R 69 45.10 -64.96 68.81
CA ILE R 69 44.11 -65.98 69.11
C ILE R 69 44.38 -67.25 68.33
N GLU R 70 43.96 -68.38 68.87
CA GLU R 70 43.95 -69.64 68.14
C GLU R 70 42.49 -70.06 67.96
N VAL R 71 41.92 -69.79 66.79
CA VAL R 71 40.52 -70.14 66.53
C VAL R 71 40.38 -71.66 66.48
N PRO R 72 39.46 -72.26 67.26
CA PRO R 72 39.35 -73.69 67.43
C PRO R 72 38.67 -74.33 66.22
N GLU R 73 38.77 -75.64 66.03
CA GLU R 73 38.30 -76.32 64.83
C GLU R 73 36.76 -76.43 64.64
N THR R 74 35.95 -75.94 65.57
CA THR R 74 34.48 -76.07 65.56
C THR R 74 33.76 -74.74 65.33
N ASP R 75 33.48 -73.98 66.37
CA ASP R 75 32.69 -72.73 66.40
C ASP R 75 32.79 -72.13 67.82
N ALA R 76 33.02 -70.82 67.98
CA ALA R 76 33.32 -70.23 69.28
C ALA R 76 32.93 -68.76 69.41
N GLY R 77 32.71 -68.29 70.64
CA GLY R 77 32.47 -66.88 70.92
C GLY R 77 33.77 -66.08 70.98
N LEU R 78 33.80 -64.88 70.39
CA LEU R 78 35.03 -64.08 70.30
C LEU R 78 35.55 -63.64 71.66
N TRP R 79 34.68 -63.32 72.63
CA TRP R 79 35.17 -62.94 73.95
C TRP R 79 35.92 -64.08 74.62
N GLY R 80 35.48 -65.34 74.48
CA GLY R 80 36.19 -66.48 75.05
C GLY R 80 37.66 -66.55 74.62
N LEU R 81 37.97 -66.27 73.35
CA LEU R 81 39.32 -66.30 72.83
C LEU R 81 40.14 -65.07 73.25
N ILE R 82 39.50 -63.92 73.42
CA ILE R 82 40.15 -62.68 73.84
C ILE R 82 40.37 -62.62 75.37
N ALA R 83 39.52 -63.25 76.16
CA ALA R 83 39.34 -62.94 77.58
C ALA R 83 40.61 -62.96 78.43
N THR R 84 41.55 -63.86 78.16
CA THR R 84 42.82 -63.98 78.92
C THR R 84 43.67 -62.70 78.82
N SER R 85 43.53 -61.94 77.74
CA SER R 85 44.39 -60.81 77.41
C SER R 85 43.81 -59.43 77.72
N VAL R 86 42.62 -59.35 78.31
CA VAL R 86 41.94 -58.07 78.62
C VAL R 86 41.93 -57.84 80.12
N ALA R 87 42.50 -56.72 80.56
CA ALA R 87 42.65 -56.42 81.98
C ALA R 87 41.28 -56.34 82.68
N VAL R 88 41.23 -56.84 83.91
CA VAL R 88 40.03 -56.79 84.77
C VAL R 88 39.71 -55.33 85.08
N PRO R 89 38.44 -54.91 85.16
CA PRO R 89 38.09 -53.53 85.47
C PRO R 89 38.57 -53.11 86.86
N PRO R 90 39.01 -51.86 87.07
CA PRO R 90 39.56 -51.43 88.35
C PRO R 90 38.49 -51.49 89.43
N ASP R 91 38.82 -52.04 90.59
CA ASP R 91 37.86 -52.28 91.66
C ASP R 91 37.37 -50.97 92.29
N THR R 92 36.10 -50.93 92.68
CA THR R 92 35.49 -49.79 93.38
C THR R 92 34.64 -50.26 94.55
N SER R 93 34.36 -49.36 95.47
CA SER R 93 33.98 -49.65 96.86
C SER R 93 32.57 -50.20 97.11
N ALA R 94 31.81 -50.62 96.10
CA ALA R 94 30.37 -50.85 96.24
C ALA R 94 30.00 -51.89 97.31
N GLU R 95 30.78 -52.96 97.45
CA GLU R 95 30.59 -53.95 98.52
C GLU R 95 30.87 -53.40 99.93
N LEU R 96 31.84 -52.49 100.11
CA LEU R 96 32.17 -51.98 101.43
C LEU R 96 30.96 -51.27 102.04
N LEU R 97 30.26 -50.45 101.25
CA LEU R 97 29.07 -49.76 101.75
C LEU R 97 27.95 -50.75 102.08
N ALA R 98 27.75 -51.81 101.29
CA ALA R 98 26.76 -52.83 101.60
C ALA R 98 27.05 -53.53 102.94
N ASP R 99 28.29 -53.95 103.15
CA ASP R 99 28.76 -54.52 104.42
C ASP R 99 28.51 -53.52 105.56
N ALA R 100 28.93 -52.27 105.38
CA ALA R 100 28.72 -51.21 106.35
C ALA R 100 27.25 -50.91 106.65
N VAL R 101 26.29 -51.28 105.81
CA VAL R 101 24.85 -51.09 106.07
C VAL R 101 24.10 -52.40 106.39
N ASN R 102 24.81 -53.47 106.72
CA ASN R 102 24.20 -54.71 107.22
C ASN R 102 23.76 -54.60 108.70
N GLY R 103 23.06 -53.53 109.07
CA GLY R 103 22.63 -53.27 110.46
C GLY R 103 21.59 -54.26 110.98
N TYR R 104 20.69 -54.71 110.10
CA TYR R 104 19.77 -55.84 110.33
C TYR R 104 18.79 -55.66 111.50
N LEU R 105 18.54 -54.42 111.94
CA LEU R 105 17.67 -54.11 113.08
C LEU R 105 16.18 -53.98 112.67
N ASP R 106 15.32 -53.84 113.65
CA ASP R 106 13.86 -53.81 113.50
C ASP R 106 13.30 -52.45 113.02
N ALA R 107 11.97 -52.33 113.00
CA ALA R 107 11.18 -51.13 112.65
C ALA R 107 9.81 -51.15 113.37
N ASN R 108 9.04 -50.04 113.32
CA ASN R 108 7.80 -49.84 114.08
C ASN R 108 6.51 -49.87 113.19
N PRO R 109 5.47 -50.68 113.53
CA PRO R 109 4.22 -50.79 112.77
C PRO R 109 3.14 -49.75 113.18
N PRO R 110 2.05 -49.57 112.39
CA PRO R 110 0.91 -48.71 112.72
C PRO R 110 -0.15 -49.36 113.64
N SER R 111 -0.16 -50.69 113.78
CA SER R 111 -1.05 -51.44 114.66
C SER R 111 -0.41 -52.73 115.18
N ALA S 2 67.58 22.84 76.31
CA ALA S 2 66.66 22.57 77.43
C ALA S 2 66.39 21.07 77.55
N SER S 3 66.04 20.62 78.76
CA SER S 3 65.70 19.24 79.07
C SER S 3 64.22 19.11 79.49
N ARG S 4 63.45 18.19 78.92
CA ARG S 4 61.99 18.10 79.05
C ARG S 4 61.46 16.70 78.76
N LEU S 5 60.65 16.13 79.65
CA LEU S 5 59.83 14.96 79.31
C LEU S 5 58.59 15.40 78.51
N LEU S 6 58.34 14.78 77.35
CA LEU S 6 57.13 14.98 76.56
C LEU S 6 56.06 13.99 77.04
N ASP S 7 55.13 14.48 77.86
CA ASP S 7 53.99 13.73 78.38
C ASP S 7 52.69 14.49 78.06
N PRO S 8 52.10 14.30 76.87
CA PRO S 8 50.94 15.03 76.42
C PRO S 8 49.70 14.85 77.29
N ASP S 9 48.85 15.84 77.23
CA ASP S 9 47.59 15.95 77.96
C ASP S 9 46.44 15.11 77.34
N THR S 10 46.70 14.32 76.30
CA THR S 10 45.70 13.77 75.37
C THR S 10 44.82 12.72 76.04
N LEU S 11 43.51 12.93 76.07
CA LEU S 11 42.53 11.97 76.61
C LEU S 11 41.61 11.45 75.49
N VAL S 12 41.53 10.14 75.30
CA VAL S 12 40.72 9.46 74.29
C VAL S 12 39.66 8.58 74.95
N GLU S 13 38.39 8.85 74.68
CA GLU S 13 37.26 8.13 75.25
C GLU S 13 36.29 7.68 74.16
N LEU S 14 35.70 6.51 74.28
CA LEU S 14 34.62 6.07 73.42
C LEU S 14 33.30 6.07 74.19
N GLU S 15 32.25 6.66 73.62
CA GLU S 15 30.88 6.44 74.07
C GLU S 15 30.20 5.49 73.10
N GLY S 16 29.74 4.35 73.60
CA GLY S 16 29.12 3.29 72.80
C GLY S 16 27.64 3.52 72.51
N VAL S 17 27.08 2.70 71.64
CA VAL S 17 25.70 2.83 71.16
C VAL S 17 24.62 2.62 72.24
N ASN S 18 24.96 2.03 73.38
CA ASN S 18 24.12 1.92 74.58
C ASN S 18 24.44 2.97 75.66
N GLY S 19 25.33 3.92 75.38
CA GLY S 19 25.73 4.96 76.34
C GLY S 19 26.74 4.51 77.39
N GLU S 20 27.29 3.31 77.28
CA GLU S 20 28.44 2.87 78.07
C GLU S 20 29.73 3.54 77.56
N TRP S 21 30.68 3.76 78.47
CA TRP S 21 31.89 4.54 78.22
C TRP S 21 33.17 3.74 78.41
N PHE S 22 34.17 4.05 77.60
CA PHE S 22 35.53 3.52 77.70
C PHE S 22 36.55 4.64 77.69
N ASP S 23 37.43 4.69 78.67
CA ASP S 23 38.65 5.50 78.65
C ASP S 23 39.79 4.70 78.05
N LEU S 24 40.17 5.00 76.81
CA LEU S 24 41.20 4.31 76.07
C LEU S 24 42.62 4.80 76.41
N THR S 25 42.75 5.87 77.19
CA THR S 25 44.01 6.45 77.67
C THR S 25 44.42 5.84 79.00
N ASN S 26 43.52 5.79 79.96
CA ASN S 26 43.80 5.31 81.32
C ASN S 26 43.38 3.85 81.54
N GLY S 27 42.45 3.33 80.74
CA GLY S 27 42.09 1.93 80.72
C GLY S 27 41.38 1.40 81.95
N THR S 28 40.55 2.23 82.60
CA THR S 28 39.74 1.86 83.77
C THR S 28 38.69 0.78 83.48
N GLU S 29 38.37 0.48 82.22
CA GLU S 29 37.53 -0.66 81.81
C GLU S 29 38.38 -1.83 81.29
N GLY S 30 39.71 -1.76 81.45
CA GLY S 30 40.66 -2.81 81.07
C GLY S 30 41.03 -2.83 79.59
N ILE S 31 40.79 -1.71 78.92
CA ILE S 31 40.85 -1.53 77.48
C ILE S 31 41.71 -0.29 77.21
N TYR S 32 42.66 -0.39 76.30
CA TYR S 32 43.57 0.69 75.93
C TYR S 32 43.70 0.77 74.42
N LEU S 33 43.84 1.96 73.86
CA LEU S 33 44.20 2.15 72.46
C LEU S 33 45.64 1.67 72.20
N ALA S 34 45.89 0.84 71.20
CA ALA S 34 47.20 0.27 70.88
C ALA S 34 48.06 1.13 69.95
N THR S 35 49.34 0.81 69.81
CA THR S 35 50.32 1.52 68.96
C THR S 35 50.18 1.26 67.45
N GLU S 36 49.02 1.55 66.86
CA GLU S 36 48.80 1.64 65.41
C GLU S 36 47.50 2.41 65.14
N VAL S 37 47.55 3.63 64.62
CA VAL S 37 46.36 4.42 64.27
C VAL S 37 46.51 5.05 62.90
N THR S 38 45.55 4.82 62.01
CA THR S 38 45.44 5.48 60.70
C THR S 38 44.06 6.13 60.61
N GLY S 39 43.93 7.34 60.09
CA GLY S 39 42.64 7.99 59.88
C GLY S 39 42.15 8.97 60.96
N LEU S 40 42.88 9.20 62.06
CA LEU S 40 42.80 10.50 62.76
C LEU S 40 43.41 11.60 61.87
N LEU S 41 43.47 12.85 62.33
CA LEU S 41 43.90 14.03 61.55
C LEU S 41 43.00 14.26 60.33
N ASP S 42 43.49 14.64 59.15
CA ASP S 42 42.60 15.00 58.03
C ASP S 42 41.87 13.80 57.42
N PRO S 43 40.61 13.94 56.98
CA PRO S 43 39.91 12.90 56.25
C PRO S 43 40.47 12.78 54.83
N PRO S 44 40.33 11.64 54.15
CA PRO S 44 40.78 11.51 52.77
C PRO S 44 40.03 12.45 51.82
N VAL S 45 40.70 12.97 50.80
CA VAL S 45 40.10 13.79 49.75
C VAL S 45 40.42 13.19 48.38
N LYS S 46 39.44 13.16 47.48
CA LYS S 46 39.66 12.93 46.05
C LYS S 46 39.73 14.27 45.33
N ALA S 47 40.84 14.57 44.68
CA ALA S 47 41.04 15.72 43.81
C ALA S 47 40.98 15.30 42.34
N THR S 48 40.15 15.98 41.55
CA THR S 48 39.96 15.70 40.12
C THR S 48 40.54 16.80 39.24
N TYR S 49 41.30 16.40 38.22
CA TYR S 49 41.90 17.25 37.20
C TYR S 49 41.51 16.81 35.79
N GLU S 50 41.54 17.73 34.82
CA GLU S 50 41.36 17.41 33.39
C GLU S 50 42.55 17.87 32.53
N GLU S 51 42.83 17.16 31.45
CA GLU S 51 43.79 17.57 30.42
C GLU S 51 43.26 18.76 29.59
N PRO S 52 44.05 19.81 29.35
CA PRO S 52 43.60 21.05 28.70
C PRO S 52 43.65 20.97 27.16
N GLY S 53 43.37 19.81 26.58
CA GLY S 53 43.78 19.51 25.20
C GLY S 53 45.28 19.22 25.09
N ASN S 54 45.83 19.30 23.88
CA ASN S 54 47.23 19.03 23.58
C ASN S 54 48.19 20.17 24.00
N PHE S 55 48.17 20.55 25.28
CA PHE S 55 48.90 21.65 25.89
C PHE S 55 49.51 21.25 27.25
N PRO S 56 50.48 22.02 27.81
CA PRO S 56 51.10 21.71 29.09
C PRO S 56 50.13 21.61 30.28
N GLY S 57 50.36 20.63 31.15
CA GLY S 57 49.75 20.58 32.46
C GLY S 57 48.35 19.96 32.54
N ALA S 58 47.56 20.42 33.49
CA ALA S 58 46.18 20.02 33.73
C ALA S 58 45.41 21.11 34.45
N ARG S 59 44.09 21.08 34.40
CA ARG S 59 43.18 22.03 35.07
C ARG S 59 42.45 21.36 36.22
N TYR S 60 42.35 22.03 37.37
CA TYR S 60 41.54 21.60 38.49
C TYR S 60 40.04 21.62 38.17
N LEU S 61 39.32 20.53 38.44
CA LEU S 61 37.87 20.50 38.34
C LEU S 61 37.21 20.74 39.69
N ASN S 62 37.40 19.82 40.62
CA ASN S 62 36.71 19.71 41.89
C ASN S 62 37.54 18.88 42.87
N HIS S 63 37.19 18.96 44.14
CA HIS S 63 37.65 18.02 45.17
C HIS S 63 36.51 17.69 46.11
N ARG S 64 36.55 16.50 46.70
CA ARG S 64 35.52 15.93 47.56
C ARG S 64 36.18 15.25 48.76
N VAL S 65 35.69 15.51 49.96
CA VAL S 65 36.05 14.75 51.17
C VAL S 65 35.37 13.39 51.12
N LEU S 66 36.13 12.31 51.22
CA LEU S 66 35.62 10.94 51.26
C LEU S 66 35.23 10.55 52.68
N ARG S 67 34.60 9.39 52.87
CA ARG S 67 34.37 8.83 54.22
C ARG S 67 35.70 8.65 54.97
N ARG S 68 35.69 8.79 56.28
CA ARG S 68 36.87 8.54 57.11
C ARG S 68 36.93 7.06 57.49
N ASP S 69 37.80 6.31 56.84
CA ASP S 69 38.20 4.96 57.23
C ASP S 69 39.30 5.03 58.29
N LEU S 70 38.95 4.68 59.52
CA LEU S 70 39.80 4.75 60.70
C LEU S 70 40.17 3.33 61.15
N VAL S 71 41.45 3.01 61.19
CA VAL S 71 41.96 1.67 61.52
C VAL S 71 42.82 1.77 62.75
N PHE S 72 42.49 1.01 63.79
CA PHE S 72 43.19 1.03 65.07
C PHE S 72 43.03 -0.30 65.78
N GLY S 73 43.83 -0.54 66.81
CA GLY S 73 43.70 -1.67 67.70
C GLY S 73 43.42 -1.26 69.13
N VAL S 74 42.79 -2.15 69.87
CA VAL S 74 42.62 -2.07 71.32
C VAL S 74 43.31 -3.24 71.98
N GLU S 75 44.17 -2.97 72.96
CA GLU S 75 44.77 -3.94 73.89
C GLU S 75 43.82 -4.23 75.06
N ILE S 76 43.40 -5.49 75.24
CA ILE S 76 42.47 -5.91 76.29
C ILE S 76 43.21 -6.80 77.29
N LEU S 77 43.28 -6.36 78.54
CA LEU S 77 43.96 -7.09 79.61
C LEU S 77 43.10 -8.22 80.18
N ASN S 78 43.64 -9.42 80.27
CA ASN S 78 42.98 -10.59 80.83
C ASN S 78 43.10 -10.70 82.37
N ASP S 79 42.16 -10.15 83.14
CA ASP S 79 42.16 -10.24 84.61
C ASP S 79 41.12 -11.27 85.13
N GLU S 80 40.83 -11.31 86.42
CA GLU S 80 39.96 -12.32 87.04
C GLU S 80 38.45 -12.00 86.99
N ASN S 81 37.58 -12.94 87.34
CA ASN S 81 36.12 -12.75 87.46
C ASN S 81 35.48 -12.10 86.21
N ASP S 82 34.57 -11.14 86.34
CA ASP S 82 34.05 -10.40 85.18
C ASP S 82 35.03 -9.35 84.60
N GLU S 83 36.29 -9.37 84.99
CA GLU S 83 37.38 -8.63 84.38
C GLU S 83 38.25 -9.53 83.48
N THR S 84 37.85 -10.77 83.20
CA THR S 84 38.47 -11.60 82.15
C THR S 84 38.49 -10.89 80.81
N TRP S 85 39.48 -11.23 79.99
CA TRP S 85 39.56 -10.76 78.61
C TRP S 85 38.24 -11.01 77.90
N LEU S 86 37.70 -12.21 78.04
CA LEU S 86 36.45 -12.58 77.41
C LEU S 86 35.30 -11.64 77.77
N ARG S 87 35.11 -11.35 79.05
CA ARG S 87 34.05 -10.47 79.48
C ARG S 87 34.26 -9.04 78.98
N ARG S 88 35.48 -8.52 79.04
CA ARG S 88 35.80 -7.19 78.54
C ARG S 88 35.68 -7.09 77.03
N ASP S 89 36.05 -8.11 76.28
CA ASP S 89 35.92 -8.15 74.83
C ASP S 89 34.46 -8.28 74.41
N SER S 90 33.65 -8.99 75.18
CA SER S 90 32.20 -8.95 75.06
C SER S 90 31.66 -7.55 75.34
N ALA S 91 32.02 -6.91 76.46
CA ALA S 91 31.59 -5.56 76.79
C ALA S 91 32.00 -4.54 75.72
N TRP S 92 33.22 -4.63 75.20
CA TRP S 92 33.69 -3.82 74.09
C TRP S 92 32.86 -4.06 72.82
N ARG S 93 32.60 -5.29 72.42
CA ARG S 93 31.81 -5.57 71.22
C ARG S 93 30.41 -4.98 71.33
N LYS S 94 29.79 -5.03 72.50
CA LYS S 94 28.45 -4.48 72.76
C LYS S 94 28.36 -2.96 72.58
N ALA S 95 29.47 -2.22 72.61
CA ALA S 95 29.48 -0.77 72.42
C ALA S 95 29.31 -0.30 70.96
N TRP S 96 29.44 -1.18 69.98
CA TRP S 96 29.57 -0.88 68.55
C TRP S 96 28.46 -1.51 67.71
N SER S 97 28.18 -0.91 66.55
CA SER S 97 27.13 -1.29 65.61
C SER S 97 27.56 -1.02 64.16
N PHE S 98 26.91 -1.64 63.18
CA PHE S 98 26.96 -1.20 61.78
C PHE S 98 25.88 -0.14 61.46
N LYS S 99 24.77 -0.08 62.22
CA LYS S 99 23.63 0.80 61.96
C LYS S 99 23.61 2.05 62.83
N ARG S 100 24.03 1.96 64.09
CA ARG S 100 24.00 3.06 65.09
C ARG S 100 25.39 3.66 65.30
N ASP S 101 25.48 4.98 65.43
CA ASP S 101 26.75 5.68 65.70
C ASP S 101 27.19 5.49 67.15
N ALA S 102 28.37 4.94 67.38
CA ALA S 102 29.14 5.27 68.57
C ALA S 102 29.81 6.65 68.37
N LYS S 103 30.37 7.27 69.40
CA LYS S 103 31.18 8.49 69.25
C LYS S 103 32.48 8.47 70.03
N LEU S 104 33.55 8.76 69.30
CA LEU S 104 34.92 8.79 69.78
C LEU S 104 35.24 10.23 70.17
N HIS S 105 35.53 10.46 71.44
CA HIS S 105 35.85 11.74 72.03
C HIS S 105 37.35 11.89 72.21
N ILE S 106 37.90 13.00 71.75
CA ILE S 106 39.29 13.36 71.99
C ILE S 106 39.34 14.73 72.68
N THR S 107 40.09 14.83 73.76
CA THR S 107 40.26 16.06 74.55
C THR S 107 41.74 16.44 74.63
N THR S 108 42.04 17.72 74.44
CA THR S 108 43.37 18.30 74.66
C THR S 108 43.28 19.62 75.41
N GLY S 109 44.34 20.05 76.08
CA GLY S 109 44.40 21.39 76.65
C GLY S 109 44.47 22.47 75.57
N GLU S 110 45.13 22.17 74.45
CA GLU S 110 45.41 23.12 73.36
C GLU S 110 44.19 23.45 72.48
N SER S 111 43.21 22.54 72.38
CA SER S 111 42.01 22.70 71.55
C SER S 111 40.69 22.33 72.22
N GLY S 112 40.69 21.90 73.47
CA GLY S 112 39.47 21.42 74.13
C GLY S 112 39.01 20.06 73.61
N HIS S 113 37.71 19.89 73.53
CA HIS S 113 37.06 18.63 73.27
C HIS S 113 36.38 18.62 71.91
N ARG S 114 36.58 17.58 71.11
CA ARG S 114 35.80 17.30 69.90
C ARG S 114 35.41 15.83 69.87
N TYR S 115 34.38 15.47 69.13
CA TYR S 115 34.01 14.08 68.91
C TYR S 115 33.77 13.72 67.44
N LEU S 116 33.99 12.46 67.09
CA LEU S 116 33.74 11.86 65.78
C LEU S 116 32.67 10.76 65.89
N LYS S 117 31.61 10.79 65.06
CA LYS S 117 30.58 9.75 65.02
C LYS S 117 31.03 8.56 64.17
N VAL S 118 31.14 7.37 64.75
CA VAL S 118 31.82 6.20 64.16
C VAL S 118 30.98 4.93 64.23
N ARG S 119 31.14 4.04 63.24
CA ARG S 119 30.51 2.71 63.15
C ARG S 119 31.51 1.66 62.72
N LEU S 120 31.19 0.39 62.91
CA LEU S 120 31.91 -0.71 62.30
C LEU S 120 31.83 -0.66 60.77
N PHE S 121 32.96 -0.84 60.10
CA PHE S 121 32.99 -1.11 58.67
C PHE S 121 33.29 -2.59 58.39
N GLU S 122 34.13 -3.21 59.21
CA GLU S 122 34.34 -4.65 59.24
C GLU S 122 34.12 -5.18 60.66
N SER S 123 33.74 -6.44 60.82
CA SER S 123 33.63 -7.07 62.13
C SER S 123 34.96 -7.01 62.89
N PRO S 124 34.99 -6.69 64.20
CA PRO S 124 36.20 -6.80 65.01
C PRO S 124 36.87 -8.17 64.90
N THR S 125 38.19 -8.19 64.86
CA THR S 125 39.02 -9.39 64.73
C THR S 125 39.92 -9.52 65.93
N THR S 126 40.25 -10.74 66.32
CA THR S 126 41.32 -11.06 67.27
C THR S 126 42.15 -12.21 66.68
N ASP S 127 43.47 -12.15 66.74
CA ASP S 127 44.30 -13.27 66.30
C ASP S 127 44.24 -14.42 67.32
N MET S 128 44.14 -15.65 66.82
CA MET S 128 43.86 -16.84 67.63
C MET S 128 44.84 -17.98 67.30
N VAL S 129 46.12 -17.65 67.35
CA VAL S 129 47.24 -18.59 67.29
C VAL S 129 47.07 -19.68 68.36
N THR S 130 46.68 -19.28 69.57
CA THR S 130 46.25 -20.16 70.66
C THR S 130 45.00 -19.56 71.31
N ASP S 131 44.28 -20.32 72.12
CA ASP S 131 43.08 -19.87 72.83
C ASP S 131 43.28 -18.52 73.55
N PRO S 132 42.61 -17.44 73.11
CA PRO S 132 42.79 -16.09 73.65
C PRO S 132 42.40 -15.96 75.12
N ARG S 133 41.61 -16.87 75.69
CA ARG S 133 41.34 -16.91 77.13
C ARG S 133 42.56 -17.27 77.95
N GLY S 134 43.54 -17.94 77.34
CA GLY S 134 44.78 -18.36 77.96
C GLY S 134 45.92 -17.38 77.73
N ARG S 135 45.74 -16.32 76.95
CA ARG S 135 46.72 -15.27 76.72
C ARG S 135 46.52 -14.12 77.69
N GLU S 136 47.60 -13.53 78.15
CA GLU S 136 47.62 -12.48 79.17
C GLU S 136 47.19 -11.10 78.66
N VAL S 137 47.30 -10.82 77.35
CA VAL S 137 46.72 -9.65 76.68
C VAL S 137 46.33 -10.08 75.27
N ASN S 138 45.23 -9.57 74.73
CA ASN S 138 44.83 -9.78 73.35
C ASN S 138 44.57 -8.42 72.70
N ILE S 139 45.04 -8.22 71.47
CA ILE S 139 44.76 -7.04 70.66
C ILE S 139 43.60 -7.33 69.69
N THR S 140 42.56 -6.53 69.76
CA THR S 140 41.44 -6.60 68.83
C THR S 140 41.56 -5.49 67.80
N LYS S 141 41.40 -5.83 66.53
CA LYS S 141 41.57 -4.91 65.40
C LYS S 141 40.23 -4.34 65.01
N MET S 142 40.18 -3.03 64.91
CA MET S 142 39.01 -2.23 64.59
C MET S 142 39.17 -1.61 63.22
N VAL S 143 38.26 -1.88 62.30
CA VAL S 143 38.11 -1.09 61.06
C VAL S 143 36.77 -0.39 61.14
N VAL S 144 36.78 0.93 61.31
CA VAL S 144 35.60 1.75 61.60
C VAL S 144 35.44 2.87 60.57
N VAL S 145 34.23 3.32 60.34
CA VAL S 145 33.93 4.38 59.36
C VAL S 145 33.21 5.53 60.04
N ALA S 146 33.56 6.77 59.69
CA ALA S 146 32.73 7.95 59.91
C ALA S 146 32.24 8.51 58.58
N GLY S 147 30.99 8.19 58.24
CA GLY S 147 30.34 8.63 57.01
C GLY S 147 29.99 10.11 57.02
N ASP S 148 29.87 10.70 58.21
CA ASP S 148 29.95 12.14 58.45
C ASP S 148 31.35 12.47 58.99
N PRO S 149 32.30 12.93 58.15
CA PRO S 149 33.73 12.70 58.37
C PRO S 149 34.42 13.71 59.30
N PHE S 150 33.72 14.68 59.86
CA PHE S 150 34.30 15.77 60.65
C PHE S 150 34.27 15.55 62.17
N TRP S 151 34.93 16.42 62.90
CA TRP S 151 35.00 16.45 64.36
C TRP S 151 34.17 17.59 64.91
N TYR S 152 33.26 17.28 65.80
CA TYR S 152 32.20 18.17 66.23
C TYR S 152 32.42 18.71 67.62
N GLU S 153 32.14 20.00 67.78
CA GLU S 153 31.72 20.59 69.05
C GLU S 153 30.19 20.70 69.06
N ASP S 154 29.62 21.20 70.15
CA ASP S 154 28.20 21.54 70.20
C ASP S 154 27.89 22.75 69.30
N ASP S 155 26.75 22.71 68.63
CA ASP S 155 26.24 23.75 67.73
C ASP S 155 25.76 24.98 68.51
N VAL S 156 26.29 26.15 68.19
CA VAL S 156 26.02 27.39 68.92
C VAL S 156 24.65 27.95 68.55
N VAL S 157 23.84 28.32 69.54
CA VAL S 157 22.50 28.92 69.33
C VAL S 157 22.42 30.35 69.88
N TYR S 158 22.02 31.30 69.05
CA TYR S 158 21.80 32.70 69.41
C TYR S 158 20.30 33.05 69.35
N PRO S 159 19.67 33.57 70.42
CA PRO S 159 18.27 34.00 70.40
C PRO S 159 18.06 35.36 69.73
N ILE S 160 16.99 35.48 68.95
CA ILE S 160 16.58 36.70 68.23
C ILE S 160 15.16 37.08 68.69
N GLU S 161 14.94 38.22 69.33
CA GLU S 161 13.67 38.54 70.00
C GLU S 161 12.83 39.57 69.24
N VAL S 162 11.56 39.26 68.96
CA VAL S 162 10.57 40.22 68.42
C VAL S 162 10.15 41.22 69.50
N GLN S 163 10.03 42.51 69.17
CA GLN S 163 9.76 43.56 70.16
C GLN S 163 8.61 44.50 69.78
N GLU S 164 8.19 44.56 68.53
CA GLU S 164 7.04 45.34 68.08
C GLU S 164 5.90 44.42 67.64
N ASP S 165 4.66 44.72 68.01
CA ASP S 165 3.51 44.05 67.40
C ASP S 165 3.37 44.48 65.94
N THR S 166 3.47 43.53 65.02
CA THR S 166 3.34 43.73 63.58
C THR S 166 2.16 42.94 63.01
N THR S 167 1.23 42.53 63.84
CA THR S 167 -0.05 41.94 63.43
C THR S 167 -0.86 42.91 62.57
N PHE S 168 -1.55 42.41 61.55
CA PHE S 168 -2.39 43.16 60.63
C PHE S 168 -3.65 42.35 60.30
N ASP S 169 -4.72 43.02 59.86
CA ASP S 169 -5.94 42.37 59.39
C ASP S 169 -5.76 41.83 57.96
N PRO S 170 -5.85 40.53 57.69
CA PRO S 170 -5.72 39.99 56.34
C PRO S 170 -6.82 40.40 55.36
N ASN S 171 -8.02 40.75 55.86
CA ASN S 171 -9.23 40.83 55.05
C ASN S 171 -9.27 41.96 54.01
N PRO S 172 -8.80 43.20 54.28
CA PRO S 172 -8.71 44.25 53.27
C PRO S 172 -7.73 43.99 52.12
N LEU S 173 -6.84 43.01 52.23
CA LEU S 173 -5.70 42.86 51.33
C LEU S 173 -6.06 42.09 50.04
N PRO S 174 -5.44 42.41 48.89
CA PRO S 174 -5.48 41.55 47.71
C PRO S 174 -4.59 40.32 47.89
N TRP S 175 -4.77 39.28 47.07
CA TRP S 175 -4.01 38.05 47.16
C TRP S 175 -3.03 37.86 45.98
N PRO S 176 -1.76 37.52 46.22
CA PRO S 176 -1.09 37.48 47.52
C PRO S 176 -0.83 38.87 48.07
N TRP S 177 -0.61 38.98 49.39
CA TRP S 177 -0.56 40.27 50.07
C TRP S 177 0.53 41.20 49.52
N PRO S 178 0.27 42.51 49.39
CA PRO S 178 1.19 43.47 48.82
C PRO S 178 2.27 43.83 49.84
N GLN S 179 3.31 43.02 49.94
CA GLN S 179 4.31 43.10 51.00
C GLN S 179 5.00 44.47 51.16
N PRO S 180 5.20 45.29 50.10
CA PRO S 180 5.60 46.70 50.23
C PRO S 180 4.74 47.59 51.12
N GLU S 181 3.49 47.24 51.48
CA GLU S 181 2.62 48.05 52.32
C GLU S 181 2.07 47.34 53.57
N LEU S 182 2.73 46.25 54.02
CA LEU S 182 2.51 45.63 55.33
C LEU S 182 3.35 46.28 56.44
N PRO S 183 2.98 46.19 57.73
CA PRO S 183 3.82 46.61 58.84
C PRO S 183 5.01 45.66 59.07
N VAL S 184 6.22 46.18 59.31
CA VAL S 184 7.48 45.39 59.38
C VAL S 184 8.34 45.80 60.59
N GLU S 185 8.91 44.84 61.32
CA GLU S 185 9.98 45.06 62.30
C GLU S 185 11.31 44.51 61.78
N ASP S 186 12.42 45.23 61.91
CA ASP S 186 13.75 44.76 61.53
C ASP S 186 14.59 44.38 62.77
N ILE S 187 15.11 43.16 62.80
CA ILE S 187 15.87 42.63 63.94
C ILE S 187 17.31 42.45 63.50
N GLU S 188 18.26 43.04 64.22
CA GLU S 188 19.69 42.84 63.96
C GLU S 188 20.29 41.96 65.06
N ILE S 189 21.09 40.96 64.69
CA ILE S 189 21.94 40.23 65.62
C ILE S 189 23.38 40.21 65.13
N THR S 190 24.31 40.50 66.03
CA THR S 190 25.76 40.45 65.75
C THR S 190 26.33 39.20 66.41
N VAL S 191 26.99 38.37 65.61
CA VAL S 191 27.69 37.18 66.08
C VAL S 191 29.18 37.49 66.08
N PRO S 192 29.90 37.41 67.21
CA PRO S 192 31.33 37.74 67.28
C PRO S 192 32.26 36.82 66.47
N ASN S 193 31.95 35.52 66.34
CA ASN S 193 32.76 34.54 65.62
C ASN S 193 31.86 33.57 64.85
N ALA S 194 31.38 33.95 63.66
CA ALA S 194 30.37 33.18 62.96
C ALA S 194 30.86 31.76 62.60
N ASN S 195 32.12 31.61 62.22
CA ASN S 195 32.73 30.32 61.93
C ASN S 195 34.23 30.27 62.28
N PRO S 196 34.60 29.77 63.46
CA PRO S 196 36.00 29.55 63.86
C PRO S 196 36.73 28.47 63.05
N THR S 197 35.99 27.57 62.43
CA THR S 197 36.47 26.28 61.93
C THR S 197 37.12 26.39 60.55
N ASP S 198 37.80 25.33 60.14
CA ASP S 198 38.37 25.18 58.81
C ASP S 198 37.35 24.85 57.70
N ASN S 199 36.08 24.57 58.01
CA ASN S 199 35.06 24.11 57.06
C ASN S 199 33.94 25.12 56.86
N ILE S 200 33.29 25.08 55.71
CA ILE S 200 32.10 25.89 55.46
C ILE S 200 30.99 25.52 56.46
N ILE S 201 30.21 26.50 56.88
CA ILE S 201 29.11 26.31 57.82
C ILE S 201 27.80 26.73 57.17
N TRP S 202 26.81 25.85 57.10
CA TRP S 202 25.47 26.19 56.63
C TRP S 202 24.59 26.60 57.81
N PRO S 203 24.18 27.87 57.95
CA PRO S 203 23.37 28.29 59.08
C PRO S 203 21.99 27.65 59.10
N LYS S 204 21.42 27.52 60.29
CA LYS S 204 20.03 27.11 60.47
C LYS S 204 19.27 28.15 61.26
N TRP S 205 17.99 28.28 60.98
CA TRP S 205 17.10 29.25 61.62
C TRP S 205 15.85 28.55 62.12
N THR S 206 15.41 28.88 63.31
CA THR S 206 14.12 28.43 63.83
C THR S 206 13.21 29.64 63.95
N LEU S 207 12.08 29.63 63.24
CA LEU S 207 11.24 30.81 63.03
C LEU S 207 9.80 30.57 63.54
N PRO S 208 9.25 31.47 64.37
CA PRO S 208 7.92 31.32 64.91
C PRO S 208 6.84 31.65 63.88
N GLY S 209 5.89 30.74 63.72
CA GLY S 209 4.68 30.94 62.92
C GLY S 209 3.66 31.82 63.64
N SER S 210 2.51 32.05 63.01
CA SER S 210 1.49 32.94 63.56
C SER S 210 0.87 32.41 64.85
N SER S 211 0.69 33.30 65.83
CA SER S 211 0.01 33.02 67.09
C SER S 211 -1.52 33.11 67.00
N GLU S 212 -2.08 33.55 65.86
CA GLU S 212 -3.51 33.76 65.64
C GLU S 212 -4.15 32.66 64.80
N LYS S 213 -5.34 32.19 65.21
CA LYS S 213 -6.02 31.03 64.60
C LYS S 213 -6.37 31.27 63.12
N PRO S 214 -6.22 30.28 62.23
CA PRO S 214 -6.55 30.42 60.81
C PRO S 214 -8.03 30.74 60.56
N ALA S 215 -8.35 31.25 59.38
CA ALA S 215 -9.67 31.77 59.04
C ALA S 215 -10.72 30.69 58.76
N GLU S 216 -10.31 29.48 58.37
CA GLU S 216 -11.18 28.37 58.00
C GLU S 216 -10.69 27.05 58.60
N PRO S 217 -11.56 26.11 59.00
CA PRO S 217 -11.15 24.78 59.45
C PRO S 217 -10.60 23.92 58.30
N TYR S 218 -9.85 22.87 58.63
CA TYR S 218 -9.24 21.98 57.65
C TYR S 218 -10.03 20.66 57.54
N ILE S 219 -10.36 20.28 56.32
CA ILE S 219 -11.02 19.01 55.99
C ILE S 219 -10.03 18.13 55.24
N PRO S 220 -9.51 17.06 55.87
CA PRO S 220 -8.71 16.06 55.16
C PRO S 220 -9.41 15.54 53.91
N GLY S 221 -8.67 15.45 52.81
CA GLY S 221 -9.15 15.03 51.50
C GLY S 221 -9.56 16.16 50.57
N LEU S 222 -9.59 17.40 51.04
CA LEU S 222 -9.90 18.61 50.25
C LEU S 222 -8.77 19.65 50.33
N PRO S 223 -8.53 20.45 49.27
CA PRO S 223 -7.65 21.60 49.38
C PRO S 223 -8.22 22.64 50.34
N TRP S 224 -7.38 23.16 51.23
CA TRP S 224 -7.77 24.20 52.17
C TRP S 224 -7.72 25.56 51.50
N LEU S 225 -8.86 26.11 51.12
CA LEU S 225 -8.96 27.39 50.42
C LEU S 225 -8.75 28.61 51.35
N GLY S 226 -8.59 28.40 52.65
CA GLY S 226 -8.60 29.44 53.67
C GLY S 226 -7.35 30.32 53.78
N ALA S 227 -6.30 30.08 52.99
CA ALA S 227 -5.03 30.79 53.10
C ALA S 227 -5.12 32.32 52.95
N PRO S 228 -5.87 32.90 52.00
CA PRO S 228 -5.87 34.35 51.76
C PRO S 228 -6.28 35.22 52.94
N LYS S 229 -7.21 34.73 53.77
CA LYS S 229 -7.81 35.45 54.90
C LYS S 229 -7.20 35.07 56.25
N SER S 230 -6.27 34.13 56.29
CA SER S 230 -5.68 33.65 57.55
C SER S 230 -4.43 34.44 57.92
N PRO S 231 -4.28 34.91 59.17
CA PRO S 231 -3.09 35.66 59.57
C PRO S 231 -1.85 34.76 59.63
N ALA S 232 -0.72 35.31 59.19
CA ALA S 232 0.52 34.59 59.00
C ALA S 232 1.72 35.46 59.41
N THR S 233 2.81 34.85 59.86
CA THR S 233 4.09 35.57 60.00
C THR S 233 4.83 35.54 58.68
N LEU S 234 5.35 36.67 58.20
CA LEU S 234 6.25 36.74 57.05
C LEU S 234 7.64 37.10 57.56
N TRP S 235 8.61 36.22 57.39
CA TRP S 235 9.99 36.38 57.78
C TRP S 235 10.87 36.67 56.57
N THR S 236 11.79 37.61 56.68
CA THR S 236 12.85 37.79 55.68
C THR S 236 14.18 37.42 56.32
N VAL S 237 14.86 36.44 55.76
CA VAL S 237 16.02 35.77 56.35
C VAL S 237 17.27 36.02 55.51
N PRO S 238 18.41 36.45 56.09
CA PRO S 238 19.63 36.65 55.33
C PRO S 238 20.20 35.35 54.74
N ASP S 239 20.65 35.41 53.48
CA ASP S 239 21.40 34.38 52.77
C ASP S 239 22.67 35.00 52.15
N TYR S 240 23.47 35.69 52.94
CA TYR S 240 24.58 36.51 52.45
C TYR S 240 25.73 35.68 51.86
N LYS S 241 26.27 36.11 50.72
CA LYS S 241 27.56 35.64 50.21
C LYS S 241 28.72 36.43 50.81
N LEU S 242 29.39 35.86 51.80
CA LEU S 242 30.43 36.54 52.57
C LEU S 242 31.83 36.42 51.93
N ASP S 243 32.01 35.55 50.94
CA ASP S 243 33.24 35.35 50.17
C ASP S 243 33.04 35.68 48.68
N LEU S 244 32.67 36.93 48.37
CA LEU S 244 32.54 37.40 46.99
C LEU S 244 33.88 37.32 46.24
N ASP S 245 33.89 36.70 45.07
CA ASP S 245 34.99 36.79 44.12
C ASP S 245 35.13 38.23 43.61
N GLU S 246 36.30 38.58 43.09
CA GLU S 246 36.67 39.98 42.82
C GLU S 246 35.83 40.68 41.75
N ASP S 247 35.00 39.96 41.00
CA ASP S 247 34.12 40.48 39.96
C ASP S 247 32.67 39.93 39.97
N GLU S 248 32.24 39.14 40.96
CA GLU S 248 30.83 38.69 41.05
C GLU S 248 29.92 39.80 41.59
N ASP S 249 28.61 39.73 41.30
CA ASP S 249 27.61 40.75 41.65
C ASP S 249 27.61 41.12 43.15
N PRO S 250 27.81 42.41 43.51
CA PRO S 250 27.75 42.88 44.89
C PRO S 250 26.44 42.58 45.63
N SER S 251 25.32 42.47 44.91
CA SER S 251 23.99 42.24 45.49
C SER S 251 23.86 40.89 46.21
N LEU S 252 24.69 39.89 45.89
CA LEU S 252 24.73 38.62 46.60
C LEU S 252 25.29 38.76 48.02
N GLY S 253 26.15 39.75 48.26
CA GLY S 253 26.69 40.01 49.59
C GLY S 253 25.65 40.49 50.60
N THR S 254 24.48 40.91 50.12
CA THR S 254 23.36 41.40 50.92
C THR S 254 22.03 40.70 50.59
N ARG S 255 22.07 39.51 49.98
CA ARG S 255 20.88 38.73 49.64
C ARG S 255 20.05 38.33 50.87
N ARG S 256 18.75 38.57 50.85
CA ARG S 256 17.79 38.04 51.83
C ARG S 256 16.61 37.36 51.14
N ILE S 257 16.15 36.25 51.69
CA ILE S 257 15.04 35.45 51.15
C ILE S 257 13.77 35.76 51.95
N ARG S 258 12.69 36.09 51.26
CA ARG S 258 11.35 36.24 51.81
C ARG S 258 10.70 34.87 51.95
N MET S 259 10.46 34.44 53.17
CA MET S 259 9.80 33.17 53.44
C MET S 259 8.33 33.19 53.01
N PRO S 260 7.74 32.03 52.67
CA PRO S 260 6.30 31.87 52.62
C PRO S 260 5.64 32.33 53.93
N GLY S 261 4.41 32.80 53.89
CA GLY S 261 3.68 33.15 55.11
C GLY S 261 3.38 31.92 55.96
N GLN S 262 3.71 31.97 57.23
CA GLN S 262 3.55 30.86 58.17
C GLN S 262 2.27 31.00 58.99
N ILE S 263 1.31 30.12 58.72
CA ILE S 263 -0.06 30.09 59.25
C ILE S 263 -0.09 29.62 60.72
N GLY S 264 -1.16 29.94 61.45
CA GLY S 264 -1.43 29.39 62.79
C GLY S 264 -1.84 27.91 62.77
N GLY S 265 -2.15 27.32 63.92
CA GLY S 265 -2.52 25.90 64.01
C GLY S 265 -3.88 25.59 63.36
N LEU S 266 -3.91 24.71 62.35
CA LEU S 266 -5.13 24.30 61.67
C LEU S 266 -5.97 23.41 62.58
N ARG S 267 -7.28 23.65 62.63
CA ARG S 267 -8.25 22.88 63.41
C ARG S 267 -9.12 22.05 62.48
N VAL S 268 -9.32 20.79 62.81
CA VAL S 268 -10.26 19.89 62.14
C VAL S 268 -11.50 19.77 63.01
N GLU S 269 -12.65 20.05 62.45
CA GLU S 269 -13.94 19.86 63.12
C GLU S 269 -14.38 18.40 63.06
N GLU S 270 -14.69 17.81 64.22
CA GLU S 270 -15.26 16.46 64.28
C GLU S 270 -16.64 16.46 63.63
N VAL S 271 -16.87 15.50 62.74
CA VAL S 271 -18.19 15.26 62.16
C VAL S 271 -18.59 13.82 62.40
N GLN S 272 -19.83 13.62 62.86
CA GLN S 272 -20.47 12.33 63.07
C GLN S 272 -21.81 12.28 62.32
N GLN S 273 -22.16 11.13 61.75
CA GLN S 273 -23.43 10.92 61.05
C GLN S 273 -24.32 9.97 61.84
N ILE S 274 -25.49 10.43 62.30
CA ILE S 274 -26.49 9.60 62.96
C ILE S 274 -27.47 9.09 61.91
N TYR S 275 -27.53 7.78 61.70
CA TYR S 275 -28.56 7.13 60.88
C TYR S 275 -29.58 6.46 61.79
N ILE S 276 -30.86 6.63 61.50
CA ILE S 276 -31.96 5.90 62.15
C ILE S 276 -32.62 5.00 61.10
N ASP S 277 -32.61 3.70 61.35
CA ASP S 277 -32.93 2.64 60.38
C ASP S 277 -34.35 2.07 60.58
N GLY S 278 -34.82 1.28 59.61
CA GLY S 278 -36.02 0.45 59.75
C GLY S 278 -37.35 1.19 59.72
N ARG S 279 -37.35 2.50 59.49
CA ARG S 279 -38.52 3.36 59.30
C ARG S 279 -39.48 3.34 60.50
N PRO S 280 -39.14 4.03 61.60
CA PRO S 280 -40.05 4.17 62.72
C PRO S 280 -41.27 4.98 62.32
N THR S 281 -42.37 4.80 63.03
CA THR S 281 -43.59 5.60 62.91
C THR S 281 -44.07 5.93 64.31
N GLY S 282 -43.68 7.11 64.83
CA GLY S 282 -43.99 7.52 66.19
C GLY S 282 -42.90 7.17 67.21
N GLY S 283 -43.04 7.75 68.41
CA GLY S 283 -42.05 7.61 69.47
C GLY S 283 -40.86 8.56 69.34
N THR S 284 -39.79 8.24 70.05
CA THR S 284 -38.63 9.11 70.28
C THR S 284 -37.31 8.35 70.36
N PHE S 285 -36.18 9.06 70.35
CA PHE S 285 -34.85 8.50 70.58
C PHE S 285 -34.04 9.45 71.46
N LYS S 286 -33.00 8.94 72.13
CA LYS S 286 -32.12 9.72 73.01
C LYS S 286 -30.68 9.63 72.51
N ILE S 287 -30.07 10.76 72.15
CA ILE S 287 -28.63 10.85 71.86
C ILE S 287 -27.86 10.89 73.18
N GLY S 288 -26.90 10.00 73.35
CA GLY S 288 -25.95 9.96 74.46
C GLY S 288 -24.61 10.57 74.06
N TYR S 289 -24.04 11.40 74.92
CA TYR S 289 -22.80 12.14 74.69
C TYR S 289 -21.94 12.09 75.96
N GLY S 290 -20.91 11.24 75.95
CA GLY S 290 -20.20 10.88 77.18
C GLY S 290 -21.15 10.18 78.16
N ASP S 291 -21.28 10.71 79.37
CA ASP S 291 -22.23 10.24 80.38
C ASP S 291 -23.62 10.89 80.28
N GLU S 292 -23.78 11.99 79.56
CA GLU S 292 -25.07 12.67 79.40
C GLU S 292 -26.00 11.97 78.41
N TRP S 293 -27.31 12.21 78.58
CA TRP S 293 -28.36 11.89 77.61
C TRP S 293 -29.28 13.09 77.42
N THR S 294 -29.64 13.37 76.17
CA THR S 294 -30.64 14.40 75.83
C THR S 294 -32.05 13.98 76.23
N GLU S 295 -32.96 14.93 76.47
CA GLU S 295 -34.39 14.62 76.59
C GLU S 295 -34.98 14.17 75.23
N PRO S 296 -35.89 13.18 75.19
CA PRO S 296 -36.17 12.44 73.97
C PRO S 296 -36.54 13.28 72.74
N ILE S 297 -35.98 12.93 71.59
CA ILE S 297 -36.13 13.60 70.30
C ILE S 297 -37.15 12.84 69.48
N ALA S 298 -38.07 13.53 68.81
CA ALA S 298 -39.12 12.90 68.01
C ALA S 298 -38.57 12.14 66.80
N TYR S 299 -39.21 11.04 66.38
CA TYR S 299 -38.84 10.31 65.15
C TYR S 299 -38.85 11.18 63.88
N ASN S 300 -39.64 12.26 63.87
CA ASN S 300 -39.81 13.18 62.75
C ASN S 300 -38.90 14.43 62.85
N ALA S 301 -37.97 14.47 63.81
CA ALA S 301 -37.24 15.67 64.17
C ALA S 301 -36.46 16.28 63.01
N SER S 302 -36.48 17.60 62.91
CA SER S 302 -35.58 18.35 62.03
C SER S 302 -34.16 18.42 62.60
N PRO S 303 -33.18 18.81 61.80
CA PRO S 303 -31.87 19.19 62.30
C PRO S 303 -31.90 20.25 63.40
N ASN S 304 -32.77 21.26 63.31
CA ASN S 304 -32.92 22.25 64.38
C ASN S 304 -33.44 21.65 65.69
N ASP S 305 -34.32 20.65 65.64
CA ASP S 305 -34.78 19.94 66.83
C ASP S 305 -33.66 19.12 67.46
N VAL S 306 -32.86 18.41 66.66
CA VAL S 306 -31.66 17.72 67.13
C VAL S 306 -30.63 18.71 67.70
N ARG S 307 -30.39 19.85 67.04
CA ARG S 307 -29.46 20.87 67.51
C ARG S 307 -29.88 21.44 68.86
N ALA S 308 -31.13 21.85 69.02
CA ALA S 308 -31.63 22.33 70.31
C ALA S 308 -31.49 21.26 71.41
N ALA S 309 -31.78 20.01 71.08
CA ALA S 309 -31.67 18.90 71.99
C ALA S 309 -30.23 18.59 72.40
N LEU S 310 -29.24 18.82 71.53
CA LEU S 310 -27.81 18.71 71.87
C LEU S 310 -27.32 19.91 72.69
N ILE S 311 -27.64 21.15 72.31
CA ILE S 311 -27.21 22.35 73.03
C ILE S 311 -27.75 22.40 74.46
N ALA S 312 -28.83 21.69 74.76
CA ALA S 312 -29.37 21.56 76.12
C ALA S 312 -28.48 20.74 77.09
N LEU S 313 -27.50 19.98 76.62
CA LEU S 313 -26.53 19.28 77.46
C LEU S 313 -25.52 20.26 78.12
N GLU S 314 -24.85 19.83 79.19
CA GLU S 314 -23.83 20.64 79.86
C GLU S 314 -22.50 20.67 79.07
N GLY S 315 -22.20 19.61 78.32
CA GLY S 315 -21.00 19.50 77.49
C GLY S 315 -20.99 20.30 76.18
N ILE S 316 -22.02 21.10 75.87
CA ILE S 316 -22.14 21.85 74.61
C ILE S 316 -22.64 23.28 74.89
N SER S 317 -22.02 24.30 74.34
CA SER S 317 -22.45 25.72 74.47
C SER S 317 -23.31 26.21 73.29
N ALA S 318 -23.63 27.50 73.23
CA ALA S 318 -24.33 28.08 72.09
C ALA S 318 -23.46 28.12 70.83
N ASN S 319 -24.03 27.83 69.66
CA ASN S 319 -23.34 27.71 68.36
C ASN S 319 -22.19 26.69 68.31
N ASP S 320 -21.99 25.92 69.36
CA ASP S 320 -20.91 24.95 69.54
C ASP S 320 -21.12 23.64 68.76
N VAL S 321 -22.34 23.39 68.30
CA VAL S 321 -22.68 22.29 67.41
C VAL S 321 -23.58 22.80 66.31
N GLU S 322 -23.31 22.34 65.10
CA GLU S 322 -24.14 22.56 63.94
C GLU S 322 -24.73 21.20 63.54
N VAL S 323 -26.00 21.17 63.15
CA VAL S 323 -26.66 19.95 62.69
C VAL S 323 -27.41 20.22 61.39
N SER S 324 -27.29 19.32 60.44
CA SER S 324 -27.96 19.36 59.14
C SER S 324 -28.32 17.95 58.68
N LEU S 325 -29.14 17.81 57.65
CA LEU S 325 -29.14 16.53 56.92
C LEU S 325 -27.95 16.50 55.96
N GLY S 326 -27.66 15.35 55.39
CA GLY S 326 -26.60 15.21 54.39
C GLY S 326 -26.73 13.92 53.61
N GLY S 327 -26.08 13.86 52.47
CA GLY S 327 -26.16 12.72 51.56
C GLY S 327 -27.56 12.48 51.02
N ALA S 328 -27.76 11.28 50.50
CA ALA S 328 -29.05 10.63 50.25
C ALA S 328 -28.77 9.20 49.83
N THR S 329 -29.39 8.22 50.48
CA THR S 329 -29.63 6.93 49.84
C THR S 329 -30.99 6.98 49.18
N ASN S 330 -31.04 6.70 47.89
CA ASN S 330 -32.27 6.54 47.13
C ASN S 330 -32.86 5.15 47.36
N GLU S 331 -34.17 5.06 47.57
CA GLU S 331 -34.85 3.78 47.73
C GLU S 331 -34.91 3.04 46.38
N VAL S 332 -34.61 1.75 46.39
CA VAL S 332 -34.74 0.88 45.23
C VAL S 332 -35.51 -0.36 45.61
N GLN S 333 -36.56 -0.66 44.85
CA GLN S 333 -37.48 -1.76 45.09
C GLN S 333 -37.72 -2.55 43.82
N THR S 334 -38.30 -3.73 43.98
CA THR S 334 -38.52 -4.70 42.92
C THR S 334 -39.97 -5.16 42.91
N VAL S 335 -40.50 -5.44 41.73
CA VAL S 335 -41.86 -5.98 41.52
C VAL S 335 -41.77 -7.16 40.57
N ARG S 336 -42.43 -8.27 40.88
CA ARG S 336 -42.64 -9.40 39.95
C ARG S 336 -44.02 -10.03 40.11
N LEU S 337 -44.63 -10.42 38.99
CA LEU S 337 -45.84 -11.23 38.92
C LEU S 337 -45.48 -12.72 38.92
N LYS S 338 -46.30 -13.53 39.59
CA LYS S 338 -46.17 -15.00 39.68
C LYS S 338 -47.43 -15.69 39.19
N GLY S 339 -47.27 -16.89 38.62
CA GLY S 339 -48.32 -17.64 37.93
C GLY S 339 -48.43 -17.28 36.44
N GLY S 340 -49.10 -18.12 35.66
CA GLY S 340 -49.41 -17.86 34.25
C GLY S 340 -50.46 -16.76 34.06
N ALA S 341 -50.08 -15.51 34.28
CA ALA S 341 -50.92 -14.33 34.13
C ALA S 341 -51.05 -13.90 32.65
N LEU S 342 -51.66 -14.74 31.81
CA LEU S 342 -51.75 -14.49 30.37
C LEU S 342 -52.73 -13.35 30.00
N GLY S 343 -53.44 -12.77 30.98
CA GLY S 343 -54.35 -11.65 30.75
C GLY S 343 -54.71 -10.87 32.01
N GLY S 344 -55.34 -9.71 31.84
CA GLY S 344 -55.89 -8.89 32.92
C GLY S 344 -55.00 -7.72 33.34
N THR S 345 -55.12 -7.31 34.60
CA THR S 345 -54.49 -6.09 35.13
C THR S 345 -54.19 -6.21 36.62
N PHE S 346 -53.26 -5.44 37.17
CA PHE S 346 -52.94 -5.46 38.61
C PHE S 346 -52.72 -4.05 39.15
N THR S 347 -52.75 -3.86 40.46
CA THR S 347 -52.46 -2.55 41.06
C THR S 347 -51.35 -2.65 42.08
N LEU S 348 -50.58 -1.57 42.18
CA LEU S 348 -49.58 -1.35 43.20
C LEU S 348 -50.08 -0.26 44.15
N SER S 349 -49.67 -0.31 45.41
CA SER S 349 -50.01 0.68 46.42
C SER S 349 -48.80 1.06 47.27
N LEU S 350 -48.68 2.34 47.58
CA LEU S 350 -47.53 2.93 48.27
C LEU S 350 -48.05 3.68 49.49
N GLY S 351 -48.09 3.00 50.64
CA GLY S 351 -48.79 3.51 51.80
C GLY S 351 -50.30 3.58 51.52
N SER S 352 -50.87 4.79 51.50
CA SER S 352 -52.30 5.01 51.29
C SER S 352 -52.74 4.97 49.82
N GLU S 353 -51.91 5.44 48.90
CA GLU S 353 -52.31 5.62 47.48
C GLU S 353 -52.17 4.33 46.67
N THR S 354 -53.07 4.13 45.70
CA THR S 354 -53.15 2.93 44.85
C THR S 354 -53.22 3.30 43.38
N THR S 355 -52.50 2.61 42.51
CA THR S 355 -52.38 2.93 41.09
C THR S 355 -53.68 2.66 40.32
N VAL S 356 -53.80 3.21 39.11
CA VAL S 356 -54.64 2.60 38.07
C VAL S 356 -54.17 1.17 37.78
N GLY S 357 -54.99 0.37 37.10
CA GLY S 357 -54.59 -0.98 36.69
C GLY S 357 -53.43 -0.97 35.70
N ILE S 358 -52.42 -1.79 35.95
CA ILE S 358 -51.23 -1.98 35.12
C ILE S 358 -51.39 -3.30 34.36
N PRO S 359 -51.26 -3.35 33.03
CA PRO S 359 -51.42 -4.57 32.25
C PRO S 359 -50.52 -5.72 32.70
N PHE S 360 -50.96 -6.97 32.51
CA PHE S 360 -50.17 -8.17 32.79
C PHE S 360 -48.81 -8.23 32.07
N ASN S 361 -48.70 -7.62 30.89
CA ASN S 361 -47.51 -7.56 30.05
C ASN S 361 -46.93 -6.13 29.95
N ALA S 362 -47.21 -5.29 30.93
CA ALA S 362 -46.81 -3.88 30.95
C ALA S 362 -45.33 -3.64 30.63
N SER S 363 -45.03 -2.61 29.86
CA SER S 363 -43.67 -2.14 29.68
C SER S 363 -43.13 -1.47 30.97
N ASP S 364 -41.85 -1.12 30.97
CA ASP S 364 -41.29 -0.27 32.02
C ASP S 364 -41.94 1.14 32.01
N ALA S 365 -42.21 1.70 30.84
CA ALA S 365 -42.90 2.97 30.72
C ALA S 365 -44.33 2.91 31.27
N ASP S 366 -45.05 1.81 31.03
CA ASP S 366 -46.41 1.64 31.56
C ASP S 366 -46.41 1.63 33.08
N LEU S 367 -45.51 0.88 33.71
CA LEU S 367 -45.43 0.83 35.17
C LEU S 367 -44.95 2.16 35.76
N GLN S 368 -44.03 2.85 35.10
CA GLN S 368 -43.62 4.19 35.49
C GLN S 368 -44.78 5.18 35.45
N GLY S 369 -45.64 5.16 34.44
CA GLY S 369 -46.80 6.04 34.37
C GLY S 369 -47.80 5.80 35.49
N ALA S 370 -48.08 4.54 35.80
CA ALA S 370 -48.92 4.19 36.93
C ALA S 370 -48.35 4.70 38.27
N LEU S 371 -47.03 4.60 38.47
CA LEU S 371 -46.37 5.09 39.68
C LEU S 371 -46.34 6.63 39.73
N VAL S 372 -46.12 7.31 38.61
CA VAL S 372 -46.15 8.78 38.55
C VAL S 372 -47.56 9.32 38.83
N GLY S 373 -48.60 8.54 38.63
CA GLY S 373 -49.98 8.93 38.94
C GLY S 373 -50.39 8.81 40.41
N LEU S 374 -49.58 8.21 41.27
CA LEU S 374 -49.79 8.28 42.72
C LEU S 374 -49.64 9.73 43.21
N ASP S 375 -50.49 10.19 44.13
CA ASP S 375 -50.53 11.60 44.52
C ASP S 375 -49.26 12.08 45.26
N SER S 376 -48.51 11.16 45.87
CA SER S 376 -47.25 11.46 46.56
C SER S 376 -46.01 11.47 45.64
N ILE S 377 -46.09 10.96 44.41
CA ILE S 377 -44.95 10.78 43.50
C ILE S 377 -45.04 11.75 42.32
N GLY S 378 -43.99 12.49 42.03
CA GLY S 378 -43.94 13.39 40.88
C GLY S 378 -43.41 12.74 39.60
N SER S 379 -43.51 13.45 38.48
CA SER S 379 -42.98 13.01 37.18
C SER S 379 -41.48 12.68 37.21
N ALA S 380 -40.68 13.45 37.94
CA ALA S 380 -39.23 13.26 38.03
C ALA S 380 -38.79 12.27 39.12
N ASP S 381 -39.70 11.74 39.94
CA ASP S 381 -39.34 11.12 41.23
C ASP S 381 -39.15 9.60 41.18
N VAL S 382 -39.38 8.96 40.05
CA VAL S 382 -39.30 7.50 39.91
C VAL S 382 -38.75 7.13 38.55
N ARG S 383 -37.95 6.06 38.50
CA ARG S 383 -37.44 5.46 37.27
C ARG S 383 -37.66 3.96 37.33
N VAL S 384 -38.12 3.36 36.24
CA VAL S 384 -38.41 1.92 36.18
C VAL S 384 -37.67 1.26 35.04
N LYS S 385 -37.16 0.06 35.28
CA LYS S 385 -36.32 -0.69 34.34
C LYS S 385 -36.54 -2.17 34.57
N SER S 386 -36.44 -3.00 33.54
CA SER S 386 -36.50 -4.46 33.70
C SER S 386 -35.65 -5.19 32.67
N THR S 387 -35.29 -6.43 33.00
CA THR S 387 -34.73 -7.41 32.08
C THR S 387 -35.78 -8.48 31.80
N LYS S 388 -36.08 -8.74 30.53
CA LYS S 388 -37.10 -9.71 30.10
C LYS S 388 -36.44 -11.04 29.74
N ILE S 389 -36.85 -12.13 30.40
CA ILE S 389 -36.43 -13.50 30.06
C ILE S 389 -37.64 -14.24 29.46
N ASN S 390 -37.52 -14.76 28.25
CA ASN S 390 -38.61 -15.48 27.57
C ASN S 390 -38.77 -16.90 28.10
N GLU S 391 -40.01 -17.40 28.21
CA GLU S 391 -40.28 -18.82 28.50
C GLU S 391 -39.98 -19.67 27.26
N VAL S 392 -39.30 -20.81 27.45
CA VAL S 392 -39.06 -21.80 26.41
C VAL S 392 -39.49 -23.19 26.87
N GLN S 393 -40.35 -23.81 26.07
CA GLN S 393 -40.95 -25.13 26.32
C GLN S 393 -40.83 -25.99 25.07
N VAL S 394 -40.71 -27.30 25.21
CA VAL S 394 -40.53 -28.23 24.09
C VAL S 394 -41.59 -29.32 24.16
N VAL S 395 -42.23 -29.57 23.02
CA VAL S 395 -43.28 -30.57 22.86
C VAL S 395 -42.74 -31.73 22.05
N GLU S 396 -42.93 -32.92 22.58
CA GLU S 396 -42.32 -34.17 22.16
C GLU S 396 -43.43 -35.20 21.93
N LEU S 397 -43.67 -35.58 20.68
CA LEU S 397 -44.56 -36.69 20.35
C LEU S 397 -43.86 -37.99 20.80
N VAL S 398 -44.21 -38.55 21.95
CA VAL S 398 -43.62 -39.79 22.46
C VAL S 398 -44.36 -40.99 21.92
N GLY S 399 -43.66 -42.12 21.81
CA GLY S 399 -44.05 -43.08 20.76
C GLY S 399 -43.72 -42.45 19.39
N GLU S 400 -44.14 -43.04 18.28
CA GLU S 400 -43.72 -42.58 16.96
C GLU S 400 -44.92 -42.50 16.02
N PRO S 401 -45.74 -41.44 16.12
CA PRO S 401 -46.93 -41.32 15.31
C PRO S 401 -46.55 -41.15 13.84
N THR S 402 -47.00 -42.08 13.01
CA THR S 402 -46.87 -42.01 11.55
C THR S 402 -48.08 -41.38 10.89
N SER S 403 -49.19 -41.16 11.60
CA SER S 403 -50.42 -40.59 11.05
C SER S 403 -51.29 -39.93 12.09
N GLY S 404 -52.21 -39.07 11.65
CA GLY S 404 -53.17 -38.40 12.52
C GLY S 404 -52.75 -37.01 13.00
N SER S 405 -53.38 -36.52 14.07
CA SER S 405 -53.26 -35.13 14.51
C SER S 405 -53.51 -34.94 16.02
N PHE S 406 -53.06 -33.83 16.62
CA PHE S 406 -53.07 -33.63 18.07
C PHE S 406 -53.35 -32.17 18.46
N THR S 407 -53.71 -31.90 19.72
CA THR S 407 -53.97 -30.54 20.23
C THR S 407 -53.22 -30.25 21.53
N LEU S 408 -52.76 -29.01 21.66
CA LEU S 408 -52.06 -28.46 22.81
C LEU S 408 -52.99 -27.49 23.56
N THR S 409 -53.08 -27.64 24.88
CA THR S 409 -53.91 -26.80 25.75
C THR S 409 -53.03 -25.86 26.58
N LEU S 410 -53.28 -24.56 26.50
CA LEU S 410 -52.60 -23.51 27.24
C LEU S 410 -53.64 -22.69 28.01
N ASP S 411 -53.51 -22.59 29.34
CA ASP S 411 -54.53 -21.97 30.20
C ASP S 411 -55.95 -22.48 29.92
N GLY S 412 -56.10 -23.79 29.73
CA GLY S 412 -57.39 -24.43 29.47
C GLY S 412 -57.97 -24.24 28.07
N GLN S 413 -57.40 -23.37 27.22
CA GLN S 413 -57.84 -23.23 25.82
C GLN S 413 -57.13 -24.24 24.92
N THR S 414 -57.88 -25.11 24.24
CA THR S 414 -57.37 -26.02 23.21
C THR S 414 -57.06 -25.29 21.91
N THR S 415 -55.99 -25.68 21.24
CA THR S 415 -55.69 -25.24 19.85
C THR S 415 -56.41 -26.08 18.78
N ALA S 416 -56.48 -25.57 17.55
CA ALA S 416 -56.90 -26.35 16.40
C ALA S 416 -55.93 -27.53 16.15
N PRO S 417 -56.40 -28.70 15.69
CA PRO S 417 -55.53 -29.85 15.46
C PRO S 417 -54.28 -29.57 14.64
N ILE S 418 -53.15 -30.11 15.10
CA ILE S 418 -51.81 -30.03 14.51
C ILE S 418 -51.51 -31.39 13.87
N ALA S 419 -51.17 -31.45 12.59
CA ALA S 419 -50.84 -32.71 11.92
C ALA S 419 -49.54 -33.31 12.48
N TYR S 420 -49.39 -34.65 12.49
CA TYR S 420 -48.14 -35.30 12.91
C TYR S 420 -46.89 -34.79 12.16
N ASN S 421 -47.08 -34.33 10.93
CA ASN S 421 -46.06 -33.85 10.01
C ASN S 421 -45.99 -32.31 9.91
N ALA S 422 -46.59 -31.57 10.85
CA ALA S 422 -46.75 -30.13 10.74
C ALA S 422 -45.41 -29.37 10.69
N THR S 423 -45.34 -28.33 9.86
CA THR S 423 -44.20 -27.41 9.88
C THR S 423 -44.14 -26.62 11.19
N PRO S 424 -42.96 -26.15 11.63
CA PRO S 424 -42.85 -25.22 12.74
C PRO S 424 -43.75 -23.99 12.59
N ALA S 425 -43.86 -23.43 11.38
CA ALA S 425 -44.74 -22.29 11.11
C ALA S 425 -46.23 -22.61 11.34
N THR S 426 -46.63 -23.88 11.22
CA THR S 426 -47.99 -24.32 11.52
C THR S 426 -48.20 -24.43 13.02
N VAL S 427 -47.24 -24.97 13.77
CA VAL S 427 -47.33 -25.00 15.24
C VAL S 427 -47.35 -23.57 15.81
N ALA S 428 -46.58 -22.65 15.24
CA ALA S 428 -46.57 -21.21 15.55
C ALA S 428 -47.81 -20.44 15.06
N ALA S 429 -48.76 -21.10 14.40
CA ALA S 429 -50.05 -20.56 14.01
C ALA S 429 -51.19 -21.22 14.80
N ARG S 430 -51.01 -22.45 15.26
CA ARG S 430 -51.90 -23.15 16.20
C ARG S 430 -51.75 -22.62 17.63
N ILE S 431 -50.53 -22.59 18.15
CA ILE S 431 -50.19 -21.61 19.20
C ILE S 431 -50.22 -20.23 18.54
N ALA S 432 -50.49 -19.15 19.28
CA ALA S 432 -50.63 -17.80 18.73
C ALA S 432 -51.86 -17.55 17.82
N ASP S 433 -52.90 -18.38 17.91
CA ASP S 433 -54.28 -17.95 17.61
C ASP S 433 -55.26 -18.36 18.73
N LEU S 434 -54.74 -18.69 19.90
CA LEU S 434 -55.49 -19.04 21.10
C LEU S 434 -56.22 -17.81 21.71
N PRO S 435 -57.30 -18.00 22.47
CA PRO S 435 -58.00 -16.89 23.12
C PRO S 435 -57.15 -16.11 24.12
N ASN S 436 -56.09 -16.70 24.67
CA ASN S 436 -55.12 -16.01 25.51
C ASN S 436 -54.13 -15.14 24.73
N ILE S 437 -53.57 -15.65 23.62
CA ILE S 437 -52.42 -15.05 22.96
C ILE S 437 -52.59 -14.96 21.44
N ASP S 438 -52.32 -13.78 20.91
CA ASP S 438 -52.56 -13.43 19.50
C ASP S 438 -51.31 -13.61 18.62
N GLY S 439 -51.44 -13.27 17.34
CA GLY S 439 -50.44 -13.58 16.31
C GLY S 439 -49.05 -13.02 16.57
N ASN S 440 -48.02 -13.78 16.21
CA ASN S 440 -46.60 -13.41 16.28
C ASN S 440 -46.07 -13.08 17.68
N TYR S 441 -46.78 -13.45 18.74
CA TYR S 441 -46.29 -13.38 20.11
C TYR S 441 -45.47 -14.64 20.50
N VAL S 442 -45.34 -15.62 19.60
CA VAL S 442 -44.67 -16.91 19.82
C VAL S 442 -43.86 -17.32 18.59
N LYS S 443 -42.77 -18.06 18.81
CA LYS S 443 -41.93 -18.68 17.79
C LYS S 443 -41.83 -20.17 18.03
N VAL S 444 -41.72 -20.95 16.96
CA VAL S 444 -41.47 -22.38 17.05
C VAL S 444 -40.29 -22.77 16.17
N GLU S 445 -39.45 -23.70 16.63
CA GLU S 445 -38.31 -24.24 15.88
C GLU S 445 -38.32 -25.77 15.95
N GLY S 446 -38.14 -26.43 14.80
CA GLY S 446 -38.16 -27.89 14.72
C GLY S 446 -36.79 -28.48 15.04
N LEU S 447 -36.75 -29.51 15.87
CA LEU S 447 -35.52 -30.24 16.17
C LEU S 447 -35.23 -31.38 15.18
N ASN S 448 -36.19 -31.70 14.31
CA ASN S 448 -36.05 -32.60 13.16
C ASN S 448 -35.69 -34.06 13.49
N GLU S 449 -35.95 -34.52 14.71
CA GLU S 449 -35.60 -35.86 15.19
C GLU S 449 -36.63 -36.94 14.84
N TRP S 450 -37.87 -36.53 14.56
CA TRP S 450 -38.95 -37.32 13.96
C TRP S 450 -39.84 -36.36 13.16
N PHE S 451 -39.83 -36.43 11.83
CA PHE S 451 -40.32 -35.35 10.98
C PHE S 451 -39.69 -34.01 11.38
N HIS S 452 -40.47 -32.98 11.71
CA HIS S 452 -39.96 -31.74 12.31
C HIS S 452 -39.85 -31.77 13.83
N SER S 453 -40.55 -32.70 14.51
CA SER S 453 -40.62 -32.84 15.97
C SER S 453 -39.30 -33.33 16.61
N PRO S 454 -39.06 -33.12 17.93
CA PRO S 454 -39.74 -32.20 18.84
C PRO S 454 -39.77 -30.77 18.35
N TYR S 455 -40.75 -30.01 18.82
CA TYR S 455 -40.86 -28.59 18.51
C TYR S 455 -40.47 -27.78 19.75
N ARG S 456 -39.55 -26.82 19.58
CA ARG S 456 -39.14 -25.89 20.63
C ARG S 456 -39.95 -24.62 20.49
N ILE S 457 -40.73 -24.27 21.50
CA ILE S 457 -41.68 -23.16 21.49
C ILE S 457 -41.14 -22.07 22.42
N THR S 458 -40.89 -20.88 21.88
CA THR S 458 -40.38 -19.71 22.60
C THR S 458 -41.46 -18.65 22.65
N PHE S 459 -41.95 -18.36 23.86
CA PHE S 459 -42.94 -17.30 24.08
C PHE S 459 -42.22 -15.96 24.24
N GLY S 460 -42.35 -15.06 23.25
CA GLY S 460 -41.81 -13.71 23.28
C GLY S 460 -41.24 -13.25 21.94
N GLU S 461 -40.54 -14.13 21.23
CA GLU S 461 -40.02 -13.86 19.88
C GLU S 461 -41.11 -14.09 18.82
N ALA S 462 -41.05 -13.37 17.70
CA ALA S 462 -41.99 -13.50 16.59
C ALA S 462 -41.68 -14.67 15.64
N GLN S 463 -42.61 -14.94 14.72
CA GLN S 463 -42.45 -15.84 13.56
C GLN S 463 -42.11 -17.28 13.95
N PHE S 478 -44.59 6.61 25.31
CA PHE S 478 -44.73 7.69 26.27
C PHE S 478 -45.22 7.18 27.62
N ILE S 479 -44.73 7.76 28.71
CA ILE S 479 -44.99 7.29 30.09
C ILE S 479 -46.47 7.41 30.47
N GLY S 480 -47.15 8.50 30.11
CA GLY S 480 -48.55 8.73 30.44
C GLY S 480 -49.57 7.95 29.60
N GLY S 481 -49.15 7.20 28.57
CA GLY S 481 -50.05 6.62 27.58
C GLY S 481 -51.07 5.63 28.12
N LEU S 482 -50.74 4.96 29.23
CA LEU S 482 -51.59 3.98 29.93
C LEU S 482 -52.96 4.54 30.30
N PHE S 483 -53.03 5.79 30.72
CA PHE S 483 -54.28 6.44 31.13
C PHE S 483 -55.24 6.70 29.97
N GLY S 484 -54.77 6.71 28.73
CA GLY S 484 -55.58 6.85 27.52
C GLY S 484 -55.96 5.52 26.87
N GLY S 485 -55.69 4.38 27.53
CA GLY S 485 -55.85 3.04 26.95
C GLY S 485 -54.79 2.68 25.89
N ASN S 486 -54.02 3.66 25.40
CA ASN S 486 -52.86 3.47 24.53
C ASN S 486 -51.62 2.99 25.32
N ALA S 487 -51.77 1.93 26.12
CA ALA S 487 -50.67 1.31 26.86
C ALA S 487 -49.65 0.68 25.90
N SER S 488 -48.36 0.72 26.27
CA SER S 488 -47.26 0.43 25.36
C SER S 488 -46.80 -1.03 25.34
N GLY S 489 -47.12 -1.83 26.37
CA GLY S 489 -46.77 -3.25 26.44
C GLY S 489 -47.45 -4.08 25.36
N LYS S 490 -46.72 -5.02 24.76
CA LYS S 490 -47.18 -5.95 23.71
C LYS S 490 -46.54 -7.33 23.90
N GLY S 491 -47.25 -8.38 23.48
CA GLY S 491 -46.73 -9.75 23.42
C GLY S 491 -46.64 -10.47 24.77
N VAL S 492 -46.28 -11.76 24.70
CA VAL S 492 -46.27 -12.71 25.83
C VAL S 492 -44.90 -12.79 26.52
N GLY S 493 -43.86 -12.24 25.91
CA GLY S 493 -42.47 -12.40 26.35
C GLY S 493 -42.21 -11.83 27.74
N GLY S 494 -41.64 -12.64 28.63
CA GLY S 494 -41.38 -12.28 30.03
C GLY S 494 -42.36 -12.83 31.06
N ILE S 495 -43.42 -13.54 30.66
CA ILE S 495 -44.39 -14.12 31.59
C ILE S 495 -43.91 -15.49 32.07
N ASP S 496 -44.17 -15.85 33.33
CA ASP S 496 -43.94 -17.20 33.87
C ASP S 496 -45.09 -18.16 33.44
N ILE S 497 -45.16 -18.46 32.15
CA ILE S 497 -46.28 -19.17 31.50
C ILE S 497 -46.54 -20.54 32.13
N ASP S 498 -47.80 -20.80 32.51
CA ASP S 498 -48.21 -22.12 33.00
C ASP S 498 -47.99 -23.20 31.94
N GLU S 499 -47.50 -24.37 32.35
CA GLU S 499 -47.08 -25.42 31.42
C GLU S 499 -48.26 -26.00 30.65
N MET S 500 -48.07 -26.20 29.34
CA MET S 500 -49.08 -26.81 28.48
C MET S 500 -49.42 -28.24 28.91
N THR S 501 -50.53 -28.75 28.39
CA THR S 501 -50.75 -30.19 28.27
C THR S 501 -51.14 -30.51 26.85
N GLY S 502 -50.50 -31.48 26.20
CA GLY S 502 -51.02 -32.03 24.96
C GLY S 502 -52.12 -33.05 25.24
N ASP S 503 -53.12 -33.17 24.36
CA ASP S 503 -54.10 -34.24 24.46
C ASP S 503 -53.47 -35.60 24.11
N VAL S 504 -54.20 -36.71 24.26
CA VAL S 504 -53.73 -38.02 23.74
C VAL S 504 -53.58 -37.98 22.21
N GLY S 505 -54.34 -37.11 21.54
CA GLY S 505 -54.35 -36.87 20.11
C GLY S 505 -55.23 -37.84 19.34
N THR S 506 -55.75 -37.41 18.19
CA THR S 506 -56.28 -38.29 17.14
C THR S 506 -55.13 -38.80 16.27
N LEU S 507 -54.11 -39.32 16.93
CA LEU S 507 -52.88 -39.87 16.37
C LEU S 507 -53.00 -41.38 16.17
N SER S 508 -52.14 -41.93 15.33
CA SER S 508 -51.99 -43.38 15.16
C SER S 508 -50.59 -43.75 14.65
N GLY S 509 -50.21 -45.00 14.86
CA GLY S 509 -48.91 -45.56 14.49
C GLY S 509 -47.92 -45.51 15.65
N GLY S 510 -46.94 -46.42 15.66
CA GLY S 510 -46.08 -46.63 16.82
C GLY S 510 -46.85 -47.14 18.03
N ALA S 511 -46.30 -47.00 19.22
CA ALA S 511 -46.88 -47.48 20.47
C ALA S 511 -46.47 -46.60 21.66
N GLY S 512 -47.26 -46.65 22.74
CA GLY S 512 -47.05 -45.77 23.89
C GLY S 512 -47.23 -44.29 23.56
N LEU S 513 -48.10 -43.97 22.61
CA LEU S 513 -48.36 -42.60 22.16
C LEU S 513 -48.81 -41.69 23.31
N ASP S 514 -48.15 -40.55 23.43
CA ASP S 514 -48.56 -39.41 24.27
C ASP S 514 -47.93 -38.13 23.72
N VAL S 515 -48.45 -36.96 24.09
CA VAL S 515 -47.87 -35.67 23.68
C VAL S 515 -47.23 -35.03 24.90
N GLN S 516 -45.98 -35.41 25.17
CA GLN S 516 -45.24 -34.95 26.34
C GLN S 516 -44.69 -33.55 26.11
N VAL S 517 -44.67 -32.71 27.14
CA VAL S 517 -44.11 -31.36 27.10
C VAL S 517 -43.18 -31.17 28.28
N THR S 518 -42.08 -30.46 28.08
CA THR S 518 -41.12 -30.14 29.13
C THR S 518 -40.66 -28.70 28.99
N THR S 519 -40.28 -28.08 30.09
CA THR S 519 -39.87 -26.66 30.15
C THR S 519 -38.37 -26.57 30.33
N GLU S 520 -37.69 -25.74 29.54
CA GLU S 520 -36.23 -25.60 29.59
C GLU S 520 -35.74 -24.19 29.91
N GLN S 521 -36.62 -23.20 29.94
CA GLN S 521 -36.38 -21.90 30.57
C GLN S 521 -37.71 -21.30 31.01
N ASP S 522 -37.88 -21.05 32.31
CA ASP S 522 -39.02 -20.31 32.84
C ASP S 522 -38.94 -18.84 32.43
N GLY S 523 -40.04 -18.25 31.97
CA GLY S 523 -40.12 -16.83 31.67
C GLY S 523 -40.19 -16.00 32.95
N ASP S 524 -39.57 -14.83 32.93
CA ASP S 524 -39.32 -14.04 34.13
C ASP S 524 -39.05 -12.58 33.74
N ARG S 525 -39.91 -11.67 34.20
CA ARG S 525 -39.62 -10.23 34.21
C ARG S 525 -39.69 -9.77 35.65
N LEU S 526 -38.59 -9.20 36.14
CA LEU S 526 -38.54 -8.46 37.39
C LEU S 526 -38.37 -6.99 37.05
N TYR S 527 -39.27 -6.13 37.53
CA TYR S 527 -39.16 -4.68 37.35
C TYR S 527 -38.43 -4.08 38.55
N VAL S 528 -37.41 -3.29 38.29
CA VAL S 528 -36.69 -2.50 39.29
C VAL S 528 -37.27 -1.09 39.28
N VAL S 529 -37.65 -0.60 40.45
CA VAL S 529 -38.22 0.71 40.71
C VAL S 529 -37.22 1.49 41.55
N SER S 530 -36.72 2.59 41.04
CA SER S 530 -35.74 3.45 41.69
C SER S 530 -36.37 4.79 41.98
N PHE S 531 -36.48 5.16 43.25
CA PHE S 531 -37.01 6.45 43.67
C PHE S 531 -35.90 7.51 43.69
N GLN S 532 -36.24 8.75 43.37
CA GLN S 532 -35.29 9.75 42.89
C GLN S 532 -35.78 11.17 43.20
N ARG S 533 -34.93 12.18 43.09
CA ARG S 533 -35.29 13.61 43.17
C ARG S 533 -36.06 13.96 44.45
N ALA S 534 -37.38 14.17 44.43
CA ALA S 534 -38.13 14.47 45.64
C ALA S 534 -38.60 13.22 46.41
N ALA S 535 -38.72 12.06 45.77
CA ALA S 535 -38.82 10.79 46.51
C ALA S 535 -37.45 10.28 46.95
N GLY S 536 -36.37 10.78 46.35
CA GLY S 536 -35.00 10.47 46.74
C GLY S 536 -34.72 10.92 48.16
N GLY S 537 -34.04 10.08 48.94
CA GLY S 537 -33.69 10.38 50.32
C GLY S 537 -34.78 10.06 51.35
N LEU S 538 -36.01 9.78 50.94
CA LEU S 538 -37.03 9.23 51.83
C LEU S 538 -36.76 7.76 52.09
N ASN S 539 -37.11 7.25 53.27
CA ASN S 539 -37.29 5.82 53.48
C ASN S 539 -38.77 5.50 53.20
N LEU S 540 -39.08 5.01 52.01
CA LEU S 540 -40.46 4.77 51.58
C LEU S 540 -41.01 3.44 52.13
N PRO S 541 -42.33 3.28 52.31
CA PRO S 541 -42.92 1.98 52.60
C PRO S 541 -42.75 1.03 51.41
N GLN S 542 -42.81 -0.28 51.64
CA GLN S 542 -42.69 -1.25 50.54
C GLN S 542 -43.94 -1.25 49.66
N LEU S 543 -43.77 -1.23 48.34
CA LEU S 543 -44.89 -1.38 47.41
C LEU S 543 -45.65 -2.68 47.71
N VAL S 544 -46.96 -2.58 47.92
CA VAL S 544 -47.85 -3.74 48.08
C VAL S 544 -48.64 -3.89 46.79
N GLY S 545 -48.53 -5.04 46.15
CA GLY S 545 -49.29 -5.38 44.95
C GLY S 545 -50.57 -6.14 45.26
N ASN S 546 -51.65 -5.82 44.53
CA ASN S 546 -52.92 -6.54 44.54
C ASN S 546 -53.07 -7.26 43.20
N ALA S 547 -53.12 -8.59 43.22
CA ALA S 547 -53.13 -9.44 42.04
C ALA S 547 -54.53 -9.71 41.46
N SER S 548 -55.60 -9.23 42.10
CA SER S 548 -56.97 -9.70 41.85
C SER S 548 -57.53 -9.43 40.45
N GLY S 549 -57.01 -8.45 39.72
CA GLY S 549 -57.45 -8.14 38.36
C GLY S 549 -56.81 -8.99 37.26
N LEU S 550 -55.84 -9.84 37.59
CA LEU S 550 -55.18 -10.77 36.66
C LEU S 550 -56.06 -12.01 36.45
N GLU S 551 -55.96 -12.67 35.30
CA GLU S 551 -56.60 -13.97 35.05
C GLU S 551 -55.57 -15.09 34.79
N GLY S 552 -55.67 -16.19 35.54
CA GLY S 552 -54.71 -17.30 35.51
C GLY S 552 -54.80 -18.23 36.72
N ASP S 553 -54.10 -19.37 36.66
CA ASP S 553 -53.99 -20.35 37.74
C ASP S 553 -53.02 -19.87 38.84
N ASP S 554 -53.45 -19.86 40.10
CA ASP S 554 -52.65 -19.56 41.31
C ASP S 554 -51.72 -18.34 41.21
N LEU S 555 -52.29 -17.21 40.80
CA LEU S 555 -51.62 -15.92 40.70
C LEU S 555 -51.12 -15.39 42.06
N SER S 556 -50.02 -14.66 42.06
CA SER S 556 -49.60 -13.80 43.18
C SER S 556 -48.64 -12.71 42.68
N ILE S 557 -48.36 -11.71 43.52
CA ILE S 557 -47.41 -10.63 43.22
C ILE S 557 -46.43 -10.50 44.38
N GLU S 558 -45.16 -10.36 44.07
CA GLU S 558 -44.07 -10.28 45.03
C GLU S 558 -43.25 -9.00 44.83
N THR S 559 -42.78 -8.43 45.93
CA THR S 559 -41.98 -7.21 45.96
C THR S 559 -40.90 -7.32 47.04
N ALA S 560 -39.78 -6.63 46.85
CA ALA S 560 -38.73 -6.51 47.86
C ALA S 560 -38.01 -5.18 47.73
N THR S 561 -37.64 -4.56 48.85
CA THR S 561 -36.69 -3.46 48.87
C THR S 561 -35.27 -4.00 48.76
N ASN S 562 -34.55 -3.60 47.71
CA ASN S 562 -33.13 -3.89 47.56
C ASN S 562 -32.26 -2.88 48.30
N VAL S 563 -32.70 -1.62 48.36
CA VAL S 563 -31.96 -0.50 48.93
C VAL S 563 -32.94 0.37 49.70
N ASP S 564 -32.85 0.34 51.03
CA ASP S 564 -33.69 1.12 51.96
C ASP S 564 -33.22 2.59 52.00
N GLY S 565 -34.07 3.54 51.66
CA GLY S 565 -33.69 4.95 51.52
C GLY S 565 -33.43 5.70 52.83
N GLY S 566 -32.87 6.92 52.75
CA GLY S 566 -32.69 7.76 53.94
C GLY S 566 -31.73 8.93 53.79
N ARG S 567 -31.63 9.76 54.83
CA ARG S 567 -30.59 10.77 55.05
C ARG S 567 -30.16 10.76 56.52
N PRO S 568 -28.87 10.67 56.85
CA PRO S 568 -28.41 10.82 58.22
C PRO S 568 -28.51 12.26 58.71
N TYR S 569 -28.56 12.45 60.02
CA TYR S 569 -28.22 13.73 60.63
C TYR S 569 -26.70 13.87 60.66
N VAL S 570 -26.18 15.00 60.19
CA VAL S 570 -24.75 15.30 60.22
C VAL S 570 -24.52 16.25 61.38
N VAL S 571 -23.70 15.85 62.34
CA VAL S 571 -23.41 16.62 63.54
C VAL S 571 -21.95 17.08 63.54
N ARG S 572 -21.74 18.39 63.60
CA ARG S 572 -20.47 19.06 63.35
C ARG S 572 -20.09 19.95 64.55
N PHE S 573 -19.02 19.62 65.23
CA PHE S 573 -18.59 20.35 66.43
C PHE S 573 -17.83 21.63 66.02
N THR S 574 -18.24 22.79 66.53
CA THR S 574 -18.09 24.08 65.82
C THR S 574 -17.51 25.28 66.56
N ASP S 575 -17.59 25.44 67.89
CA ASP S 575 -17.14 26.69 68.54
C ASP S 575 -16.06 26.45 69.62
N ASP S 576 -16.41 26.32 70.89
CA ASP S 576 -15.43 25.91 71.90
C ASP S 576 -14.93 24.49 71.63
N LEU S 577 -15.73 23.68 70.94
CA LEU S 577 -15.38 22.34 70.47
C LEU S 577 -14.72 22.31 69.07
N GLN S 578 -14.44 23.45 68.43
CA GLN S 578 -13.69 23.47 67.17
C GLN S 578 -12.26 22.97 67.37
N GLY S 579 -11.91 21.84 66.76
CA GLY S 579 -10.61 21.21 66.92
C GLY S 579 -10.50 20.24 68.11
N VAL S 580 -11.60 19.96 68.80
CA VAL S 580 -11.62 19.08 69.98
C VAL S 580 -12.01 17.66 69.60
N ASP S 581 -11.25 16.68 70.06
CA ASP S 581 -11.56 15.25 69.93
C ASP S 581 -12.68 14.84 70.91
N VAL S 582 -13.94 15.00 70.51
CA VAL S 582 -15.13 14.68 71.31
C VAL S 582 -15.38 13.16 71.44
N PRO S 583 -16.22 12.68 72.39
CA PRO S 583 -16.62 11.28 72.42
C PRO S 583 -17.54 10.91 71.26
N THR S 584 -17.48 9.67 70.78
CA THR S 584 -18.41 9.18 69.75
C THR S 584 -19.81 9.03 70.34
N MET S 585 -20.81 9.67 69.74
CA MET S 585 -22.19 9.60 70.25
C MET S 585 -22.76 8.18 70.11
N THR S 586 -23.71 7.82 70.98
CA THR S 586 -24.51 6.59 70.88
C THR S 586 -25.98 6.96 70.94
N VAL S 587 -26.83 6.39 70.09
CA VAL S 587 -28.25 6.81 70.01
C VAL S 587 -29.16 5.67 70.43
N ASP S 588 -29.91 5.85 71.52
CA ASP S 588 -30.70 4.80 72.16
C ASP S 588 -32.17 4.91 71.72
N THR S 589 -32.66 3.85 71.07
CA THR S 589 -33.91 3.83 70.32
C THR S 589 -35.03 3.03 70.99
N ASP S 590 -34.96 2.80 72.31
CA ASP S 590 -35.94 2.01 73.05
C ASP S 590 -37.36 2.60 73.13
N ASP S 591 -37.55 3.89 72.83
CA ASP S 591 -38.86 4.53 72.79
C ASP S 591 -39.29 5.01 71.39
N LEU S 592 -38.67 4.51 70.31
CA LEU S 592 -39.25 4.54 68.95
C LEU S 592 -40.28 3.41 68.82
N THR S 593 -41.25 3.55 67.91
CA THR S 593 -42.25 2.49 67.62
C THR S 593 -42.48 2.32 66.12
N GLY S 594 -42.98 1.15 65.71
CA GLY S 594 -43.18 0.78 64.29
C GLY S 594 -41.89 0.34 63.59
N GLY S 595 -42.04 -0.24 62.40
CA GLY S 595 -40.91 -0.71 61.59
C GLY S 595 -40.45 -2.12 61.95
N TYR S 596 -39.90 -2.84 60.97
CA TYR S 596 -39.40 -4.21 61.15
C TYR S 596 -38.07 -4.26 61.93
N GLU S 597 -37.35 -3.16 61.96
CA GLU S 597 -36.11 -2.97 62.73
C GLU S 597 -36.14 -1.58 63.39
N VAL S 598 -35.38 -1.40 64.46
CA VAL S 598 -35.36 -0.16 65.26
C VAL S 598 -33.91 0.24 65.56
N GLY S 599 -33.00 -0.16 64.68
CA GLY S 599 -31.57 0.14 64.80
C GLY S 599 -31.24 1.61 64.60
N SER S 600 -30.04 1.95 65.05
CA SER S 600 -29.37 3.24 64.87
C SER S 600 -27.89 2.98 64.68
N ARG S 601 -27.18 3.91 64.05
CA ARG S 601 -25.72 3.85 63.93
C ARG S 601 -25.12 5.24 63.83
N VAL S 602 -23.95 5.41 64.43
CA VAL S 602 -23.14 6.62 64.33
C VAL S 602 -21.84 6.28 63.61
N VAL S 603 -21.59 6.95 62.50
CA VAL S 603 -20.35 6.82 61.73
C VAL S 603 -19.56 8.11 61.88
N VAL S 604 -18.34 8.05 62.40
CA VAL S 604 -17.46 9.22 62.51
C VAL S 604 -16.83 9.50 61.15
N LEU S 605 -17.12 10.68 60.58
CA LEU S 605 -16.62 11.13 59.30
C LEU S 605 -15.24 11.78 59.44
N ARG S 606 -15.03 12.56 60.51
CA ARG S 606 -13.74 13.16 60.87
C ARG S 606 -13.53 13.12 62.37
N GLU S 607 -12.30 12.83 62.79
CA GLU S 607 -11.87 13.08 64.17
C GLU S 607 -11.65 14.57 64.39
N GLY S 608 -12.02 15.13 65.54
CA GLY S 608 -11.61 16.47 65.90
C GLY S 608 -10.12 16.55 66.24
N TYR S 609 -9.42 17.58 65.77
CA TYR S 609 -7.96 17.68 65.91
C TYR S 609 -7.45 19.13 65.83
N THR S 610 -6.28 19.43 66.40
CA THR S 610 -5.57 20.69 66.18
C THR S 610 -4.08 20.49 65.93
N TYR S 611 -3.56 21.00 64.82
CA TYR S 611 -2.17 20.88 64.42
C TYR S 611 -1.29 21.98 65.07
N PRO S 612 0.00 21.75 65.29
CA PRO S 612 0.93 22.84 65.58
C PRO S 612 0.85 23.92 64.50
N ALA S 613 1.11 25.18 64.84
CA ALA S 613 1.31 26.24 63.87
C ALA S 613 2.49 25.95 62.91
N GLU S 614 2.58 26.63 61.76
CA GLU S 614 3.73 26.54 60.86
C GLU S 614 4.98 27.23 61.45
N ASN S 615 5.39 26.85 62.67
CA ASN S 615 6.74 27.09 63.15
C ASN S 615 7.71 26.32 62.27
N VAL S 616 8.82 26.91 61.85
CA VAL S 616 9.72 26.27 60.88
C VAL S 616 11.17 26.22 61.30
N VAL S 617 11.83 25.17 60.88
CA VAL S 617 13.28 25.10 60.76
C VAL S 617 13.63 25.41 59.31
N VAL S 618 14.45 26.43 59.10
CA VAL S 618 15.16 26.67 57.84
C VAL S 618 16.55 26.09 57.99
N ASP S 619 16.97 25.26 57.06
CA ASP S 619 18.34 24.77 56.96
C ASP S 619 18.93 25.17 55.61
N SER S 620 20.03 25.91 55.60
CA SER S 620 20.69 26.39 54.40
C SER S 620 21.42 25.29 53.60
N ASP S 621 21.74 24.16 54.21
CA ASP S 621 22.49 23.06 53.60
C ASP S 621 21.78 22.50 52.35
N PRO S 622 22.46 22.38 51.19
CA PRO S 622 21.84 21.94 49.95
C PRO S 622 21.46 20.45 49.91
N ARG S 623 21.92 19.65 50.87
CA ARG S 623 21.68 18.19 50.94
C ARG S 623 20.30 17.82 51.52
N GLU S 624 19.64 18.72 52.23
CA GLU S 624 18.42 18.47 53.01
C GLU S 624 17.25 19.37 52.57
N GLU S 625 16.03 19.04 52.98
CA GLU S 625 14.85 19.90 52.79
C GLU S 625 15.05 21.24 53.53
N GLN S 626 15.12 22.35 52.79
CA GLN S 626 15.60 23.61 53.35
C GLN S 626 14.60 24.32 54.26
N VAL S 627 13.31 24.00 54.20
CA VAL S 627 12.32 24.55 55.12
C VAL S 627 11.39 23.43 55.59
N SER S 628 11.21 23.26 56.90
CA SER S 628 10.36 22.21 57.45
C SER S 628 9.48 22.77 58.56
N SER S 629 8.19 22.46 58.55
CA SER S 629 7.25 22.96 59.55
C SER S 629 6.94 21.95 60.63
N GLU S 630 6.67 22.42 61.85
CA GLU S 630 6.22 21.57 62.96
C GLU S 630 4.94 20.80 62.59
N SER S 631 4.02 21.42 61.85
CA SER S 631 2.77 20.82 61.38
C SER S 631 2.95 19.67 60.39
N GLY S 632 4.10 19.55 59.73
CA GLY S 632 4.26 18.68 58.56
C GLY S 632 3.62 19.25 57.29
N SER S 633 3.25 20.52 57.30
CA SER S 633 2.78 21.26 56.12
C SER S 633 3.92 21.45 55.11
N PRO S 634 3.65 21.33 53.79
CA PRO S 634 4.63 21.42 52.72
C PRO S 634 5.10 22.85 52.42
N ILE S 635 5.52 23.60 53.42
CA ILE S 635 5.96 24.99 53.27
C ILE S 635 7.15 25.16 52.28
N TRP S 636 8.02 24.16 52.13
CA TRP S 636 9.10 24.22 51.14
C TRP S 636 8.62 24.22 49.70
N GLU S 637 7.41 23.71 49.41
CA GLU S 637 6.81 23.77 48.08
C GLU S 637 6.32 25.17 47.72
N ARG S 638 6.08 26.04 48.71
CA ARG S 638 5.63 27.43 48.53
C ARG S 638 6.78 28.43 48.31
N MET S 639 8.02 27.97 48.16
CA MET S 639 9.21 28.79 47.89
C MET S 639 9.44 29.11 46.39
N ASN S 640 8.66 28.57 45.44
CA ASN S 640 8.82 28.81 44.00
C ASN S 640 10.25 28.51 43.48
N SER S 641 10.91 27.48 44.02
CA SER S 641 12.29 27.09 43.71
C SER S 641 13.39 28.10 44.07
N VAL S 642 13.10 29.12 44.87
CA VAL S 642 14.15 29.89 45.56
C VAL S 642 14.86 28.96 46.53
N ARG S 643 16.18 28.99 46.56
CA ARG S 643 17.01 28.21 47.48
C ARG S 643 17.91 29.13 48.28
N PHE S 644 18.21 28.76 49.52
CA PHE S 644 19.36 29.28 50.24
C PHE S 644 20.62 28.70 49.59
N LEU S 645 21.60 29.53 49.30
CA LEU S 645 22.76 29.15 48.49
C LEU S 645 24.10 29.37 49.19
N HIS S 646 24.16 30.18 50.24
CA HIS S 646 25.42 30.71 50.73
C HIS S 646 25.74 30.22 52.15
N TYR S 647 26.92 29.66 52.32
CA TYR S 647 27.50 29.24 53.59
C TYR S 647 28.22 30.39 54.31
N ILE S 648 28.52 30.22 55.59
CA ILE S 648 29.47 31.07 56.32
C ILE S 648 30.89 30.51 56.11
N PRO S 649 31.82 31.23 55.46
CA PRO S 649 33.16 30.74 55.11
C PRO S 649 34.03 30.38 56.32
N PRO S 650 35.08 29.56 56.15
CA PRO S 650 36.06 29.28 57.18
C PRO S 650 36.65 30.55 57.77
N TYR S 651 36.94 30.56 59.06
CA TYR S 651 37.57 31.68 59.76
C TYR S 651 36.83 33.00 59.64
N THR S 652 35.50 32.97 59.60
CA THR S 652 34.66 34.17 59.61
C THR S 652 34.48 34.68 61.04
N GLY S 653 34.89 35.91 61.29
CA GLY S 653 34.79 36.59 62.58
C GLY S 653 33.43 37.21 62.80
N GLU S 654 33.39 38.50 63.09
CA GLU S 654 32.14 39.23 63.33
C GLU S 654 31.25 39.30 62.09
N VAL S 655 29.97 38.97 62.24
CA VAL S 655 28.94 39.08 61.19
C VAL S 655 27.70 39.69 61.80
N THR S 656 27.03 40.59 61.07
CA THR S 656 25.73 41.14 61.45
C THR S 656 24.63 40.59 60.54
N PHE S 657 23.63 39.95 61.12
CA PHE S 657 22.51 39.36 60.42
C PHE S 657 21.28 40.23 60.65
N LYS S 658 20.69 40.78 59.58
CA LYS S 658 19.47 41.59 59.66
C LYS S 658 18.27 40.83 59.10
N LEU S 659 17.35 40.50 59.99
CA LEU S 659 16.06 39.90 59.68
C LEU S 659 15.00 40.99 59.60
N SER S 660 13.86 40.64 59.02
CA SER S 660 12.65 41.45 59.09
C SER S 660 11.46 40.54 59.32
N VAL S 661 10.46 40.99 60.06
CA VAL S 661 9.24 40.23 60.30
C VAL S 661 8.00 41.08 60.17
N SER S 662 6.94 40.53 59.59
CA SER S 662 5.57 41.07 59.62
C SER S 662 4.65 40.01 60.22
N GLY S 663 3.60 40.41 60.93
CA GLY S 663 2.63 39.48 61.49
C GLY S 663 3.04 38.83 62.81
N ALA S 664 4.07 39.32 63.50
CA ALA S 664 4.56 38.77 64.76
C ALA S 664 4.11 39.61 65.97
N VAL S 665 4.18 39.03 67.16
CA VAL S 665 3.85 39.67 68.43
C VAL S 665 5.05 39.65 69.38
N PRO S 666 5.22 40.66 70.25
CA PRO S 666 6.35 40.68 71.17
C PRO S 666 6.31 39.49 72.12
N GLY S 667 7.48 38.91 72.38
CA GLY S 667 7.65 37.70 73.17
C GLY S 667 7.94 36.46 72.34
N GLN S 668 7.52 36.39 71.08
CA GLN S 668 8.01 35.38 70.15
C GLN S 668 9.51 35.56 69.91
N ILE S 669 10.29 34.48 69.85
CA ILE S 669 11.70 34.52 69.47
C ILE S 669 11.95 33.67 68.22
N ALA S 670 12.93 34.03 67.41
CA ALA S 670 13.60 33.12 66.50
C ALA S 670 14.95 32.68 67.09
N THR S 671 15.64 31.73 66.48
CA THR S 671 17.07 31.48 66.77
C THR S 671 17.90 31.34 65.51
N LEU S 672 19.18 31.68 65.61
CA LEU S 672 20.23 31.34 64.65
C LEU S 672 21.08 30.23 65.24
N ARG S 673 21.35 29.20 64.46
CA ARG S 673 22.07 28.01 64.87
C ARG S 673 23.25 27.76 63.93
N LEU S 674 24.44 27.67 64.51
CA LEU S 674 25.71 27.62 63.79
C LEU S 674 26.51 26.37 64.21
N PRO S 675 26.58 25.33 63.35
CA PRO S 675 27.41 24.16 63.56
C PRO S 675 28.90 24.45 63.73
N ARG S 676 29.64 23.46 64.24
CA ARG S 676 31.10 23.51 64.44
C ARG S 676 31.67 22.16 64.03
N ALA S 677 32.18 22.06 62.82
CA ALA S 677 32.74 20.85 62.24
C ALA S 677 34.20 21.07 61.83
N TRP S 678 35.13 20.35 62.41
CA TRP S 678 36.56 20.50 62.19
C TRP S 678 37.12 19.32 61.40
N SER S 679 38.07 19.56 60.50
CA SER S 679 38.73 18.47 59.77
C SER S 679 39.50 17.52 60.69
N ARG S 680 39.89 17.96 61.88
CA ARG S 680 40.80 17.24 62.79
C ARG S 680 40.33 17.20 64.24
N PRO S 681 40.82 16.23 65.04
CA PRO S 681 40.48 16.12 66.46
C PRO S 681 41.02 17.29 67.30
N TRP S 682 42.05 17.97 66.83
CA TRP S 682 42.64 19.12 67.50
C TRP S 682 43.40 20.00 66.50
N GLY S 683 43.78 21.18 66.95
CA GLY S 683 44.37 22.21 66.11
C GLY S 683 43.35 22.94 65.25
N LEU S 684 43.89 23.62 64.24
CA LEU S 684 43.22 24.38 63.19
C LEU S 684 42.48 25.66 63.59
N GLU S 685 42.55 26.12 64.83
CA GLU S 685 42.04 27.44 65.22
C GLU S 685 42.74 28.60 64.48
N ALA T 2 48.10 -10.80 91.30
CA ALA T 2 49.58 -10.71 91.31
C ALA T 2 50.21 -11.82 90.48
N SER T 3 50.30 -13.05 91.00
CA SER T 3 50.83 -14.22 90.29
C SER T 3 49.72 -15.26 90.05
N ARG T 4 49.55 -15.70 88.80
CA ARG T 4 48.46 -16.60 88.37
C ARG T 4 48.87 -17.41 87.13
N LEU T 5 48.35 -18.63 87.01
CA LEU T 5 48.38 -19.41 85.75
C LEU T 5 47.07 -19.18 84.99
N LEU T 6 47.15 -18.88 83.70
CA LEU T 6 46.01 -18.79 82.82
C LEU T 6 45.74 -20.17 82.20
N ASP T 7 44.77 -20.90 82.75
CA ASP T 7 44.45 -22.27 82.37
C ASP T 7 42.93 -22.42 82.14
N PRO T 8 42.41 -22.01 80.96
CA PRO T 8 40.97 -21.95 80.70
C PRO T 8 40.27 -23.31 80.72
N ASP T 9 38.98 -23.34 81.03
CA ASP T 9 38.13 -24.55 80.95
C ASP T 9 37.52 -24.79 79.56
N THR T 10 38.12 -24.26 78.49
CA THR T 10 37.56 -24.26 77.13
C THR T 10 37.52 -25.67 76.52
N LEU T 11 36.35 -26.24 76.26
CA LEU T 11 36.19 -27.56 75.62
C LEU T 11 35.73 -27.42 74.16
N VAL T 12 36.47 -27.99 73.21
CA VAL T 12 36.12 -28.03 71.79
C VAL T 12 35.84 -29.46 71.35
N GLU T 13 34.66 -29.71 70.81
CA GLU T 13 34.23 -31.02 70.33
C GLU T 13 33.68 -30.91 68.91
N LEU T 14 33.94 -31.91 68.09
CA LEU T 14 33.24 -32.09 66.82
C LEU T 14 32.28 -33.27 66.91
N GLU T 15 31.01 -33.08 66.60
CA GLU T 15 30.08 -34.16 66.30
C GLU T 15 29.94 -34.27 64.78
N GLY T 16 30.34 -35.41 64.25
CA GLY T 16 30.36 -35.71 62.83
C GLY T 16 29.01 -36.11 62.27
N VAL T 17 28.96 -36.22 60.96
CA VAL T 17 27.75 -36.53 60.21
C VAL T 17 27.21 -37.96 60.44
N ASN T 18 28.00 -38.84 61.06
CA ASN T 18 27.62 -40.19 61.51
C ASN T 18 27.31 -40.27 63.02
N GLY T 19 27.24 -39.14 63.72
CA GLY T 19 27.12 -39.11 65.19
C GLY T 19 28.39 -39.50 65.95
N GLU T 20 29.52 -39.63 65.25
CA GLU T 20 30.83 -39.87 65.85
C GLU T 20 31.39 -38.59 66.47
N TRP T 21 31.96 -38.70 67.65
CA TRP T 21 32.46 -37.55 68.41
C TRP T 21 33.97 -37.52 68.52
N PHE T 22 34.53 -36.33 68.42
CA PHE T 22 35.93 -36.04 68.68
C PHE T 22 36.05 -34.93 69.74
N ASP T 23 36.83 -35.16 70.79
CA ASP T 23 37.28 -34.13 71.73
C ASP T 23 38.62 -33.56 71.26
N LEU T 24 38.59 -32.35 70.71
CA LEU T 24 39.75 -31.67 70.15
C LEU T 24 40.59 -30.93 71.21
N THR T 25 40.14 -30.87 72.47
CA THR T 25 40.88 -30.33 73.61
C THR T 25 41.75 -31.40 74.27
N ASN T 26 41.19 -32.58 74.51
CA ASN T 26 41.86 -33.67 75.23
C ASN T 26 42.44 -34.73 74.30
N GLY T 27 42.00 -34.77 73.05
CA GLY T 27 42.53 -35.66 72.03
C GLY T 27 42.40 -37.13 72.39
N THR T 28 41.35 -37.54 73.09
CA THR T 28 41.14 -38.95 73.46
C THR T 28 40.93 -39.87 72.26
N GLU T 29 40.65 -39.30 71.09
CA GLU T 29 40.60 -39.98 69.78
C GLU T 29 41.88 -39.79 68.95
N GLY T 30 42.93 -39.19 69.51
CA GLY T 30 44.23 -38.99 68.89
C GLY T 30 44.40 -37.71 68.08
N ILE T 31 43.42 -36.81 68.14
CA ILE T 31 43.30 -35.62 67.29
C ILE T 31 43.16 -34.40 68.18
N TYR T 32 43.93 -33.36 67.91
CA TYR T 32 43.88 -32.10 68.64
C TYR T 32 43.70 -30.95 67.69
N LEU T 33 43.03 -29.91 68.10
CA LEU T 33 43.03 -28.65 67.37
C LEU T 33 44.44 -28.06 67.36
N ALA T 34 45.00 -27.83 66.18
CA ALA T 34 46.30 -27.20 66.00
C ALA T 34 46.25 -25.70 66.32
N THR T 35 47.42 -25.07 66.45
CA THR T 35 47.51 -23.61 66.51
C THR T 35 46.96 -22.93 65.24
N GLU T 36 46.68 -21.63 65.33
CA GLU T 36 46.20 -20.75 64.24
C GLU T 36 44.83 -21.13 63.66
N VAL T 37 43.77 -20.69 64.36
CA VAL T 37 42.38 -20.78 63.91
C VAL T 37 41.93 -19.42 63.40
N THR T 38 41.32 -19.37 62.21
CA THR T 38 40.70 -18.15 61.67
C THR T 38 39.24 -18.40 61.42
N GLY T 39 38.35 -17.61 62.01
CA GLY T 39 36.91 -17.65 61.75
C GLY T 39 36.00 -17.91 62.97
N LEU T 40 36.54 -18.27 64.13
CA LEU T 40 35.80 -18.16 65.40
C LEU T 40 35.58 -16.68 65.74
N LEU T 41 34.90 -16.38 66.85
CA LEU T 41 34.42 -15.03 67.18
C LEU T 41 33.49 -14.50 66.09
N ASP T 42 33.51 -13.21 65.76
CA ASP T 42 32.50 -12.58 64.89
C ASP T 42 32.50 -13.08 63.43
N PRO T 43 31.32 -13.21 62.78
CA PRO T 43 31.21 -13.55 61.37
C PRO T 43 31.55 -12.35 60.48
N PRO T 44 32.00 -12.56 59.24
CA PRO T 44 32.27 -11.47 58.30
C PRO T 44 31.00 -10.69 57.92
N VAL T 45 31.11 -9.38 57.71
CA VAL T 45 30.00 -8.51 57.32
C VAL T 45 30.40 -7.64 56.13
N LYS T 46 29.56 -7.54 55.11
CA LYS T 46 29.70 -6.55 54.03
C LYS T 46 28.89 -5.30 54.36
N ALA T 47 29.55 -4.26 54.86
CA ALA T 47 28.98 -2.92 54.97
C ALA T 47 29.00 -2.22 53.61
N THR T 48 27.88 -1.62 53.21
CA THR T 48 27.73 -0.94 51.93
C THR T 48 27.49 0.54 52.18
N TYR T 49 28.32 1.36 51.55
CA TYR T 49 28.24 2.82 51.57
C TYR T 49 28.30 3.36 50.14
N GLU T 50 27.65 4.50 49.87
CA GLU T 50 27.77 5.25 48.62
C GLU T 50 28.46 6.60 48.81
N GLU T 51 29.31 7.02 47.86
CA GLU T 51 29.95 8.34 47.84
C GLU T 51 29.58 9.14 46.57
N PRO T 52 28.30 9.42 46.30
CA PRO T 52 27.87 10.12 45.10
C PRO T 52 28.08 11.64 45.21
N GLY T 53 28.08 12.33 44.09
CA GLY T 53 28.14 13.78 44.04
C GLY T 53 29.38 14.33 44.73
N ASN T 54 29.26 15.48 45.38
CA ASN T 54 30.36 16.22 45.96
C ASN T 54 30.16 16.61 47.44
N PHE T 55 29.19 16.02 48.15
CA PHE T 55 29.01 16.30 49.58
C PHE T 55 30.07 15.54 50.38
N PRO T 56 30.53 16.04 51.54
CA PRO T 56 31.60 15.38 52.28
C PRO T 56 31.13 14.07 52.90
N GLY T 57 31.93 13.01 52.79
CA GLY T 57 31.63 11.71 53.37
C GLY T 57 30.70 10.84 52.53
N ALA T 58 29.99 9.93 53.19
CA ALA T 58 29.26 8.83 52.57
C ALA T 58 27.94 8.52 53.26
N ARG T 59 27.02 7.89 52.54
CA ARG T 59 25.78 7.33 53.08
C ARG T 59 25.90 5.83 53.31
N TYR T 60 25.43 5.34 54.44
CA TYR T 60 25.18 3.94 54.70
C TYR T 60 23.97 3.46 53.90
N LEU T 61 24.08 2.33 53.22
CA LEU T 61 22.95 1.69 52.54
C LEU T 61 22.53 0.38 53.18
N ASN T 62 23.47 -0.49 53.51
CA ASN T 62 23.16 -1.83 53.98
C ASN T 62 24.33 -2.44 54.77
N HIS T 63 24.07 -3.42 55.61
CA HIS T 63 25.07 -4.39 56.02
C HIS T 63 24.50 -5.81 56.05
N ARG T 64 25.29 -6.78 55.60
CA ARG T 64 24.88 -8.18 55.50
C ARG T 64 25.94 -9.07 56.14
N VAL T 65 25.52 -9.98 57.02
CA VAL T 65 26.39 -11.02 57.57
C VAL T 65 26.65 -12.06 56.48
N LEU T 66 27.90 -12.29 56.12
CA LEU T 66 28.27 -13.22 55.06
C LEU T 66 28.40 -14.66 55.58
N ARG T 67 28.53 -15.63 54.67
CA ARG T 67 29.07 -16.97 54.93
C ARG T 67 30.36 -16.91 55.73
N ARG T 68 30.39 -17.58 56.88
CA ARG T 68 31.56 -17.75 57.74
C ARG T 68 32.49 -18.84 57.20
N ASP T 69 33.73 -18.49 56.91
CA ASP T 69 34.78 -19.46 56.59
C ASP T 69 35.62 -19.72 57.83
N LEU T 70 35.77 -20.98 58.21
CA LEU T 70 36.67 -21.42 59.26
C LEU T 70 37.86 -22.09 58.63
N VAL T 71 39.05 -21.60 58.92
CA VAL T 71 40.30 -22.28 58.56
C VAL T 71 40.96 -22.72 59.84
N PHE T 72 41.24 -24.01 59.94
CA PHE T 72 41.95 -24.56 61.07
C PHE T 72 42.78 -25.76 60.65
N GLY T 73 43.47 -26.37 61.58
CA GLY T 73 44.15 -27.63 61.36
C GLY T 73 43.98 -28.52 62.57
N VAL T 74 44.19 -29.82 62.38
CA VAL T 74 44.20 -30.78 63.47
C VAL T 74 45.49 -31.60 63.43
N GLU T 75 46.09 -31.80 64.59
CA GLU T 75 47.31 -32.57 64.81
C GLU T 75 46.92 -34.01 65.08
N ILE T 76 47.25 -34.94 64.18
CA ILE T 76 46.90 -36.35 64.31
C ILE T 76 48.18 -37.11 64.69
N LEU T 77 48.20 -37.70 65.88
CA LEU T 77 49.34 -38.45 66.40
C LEU T 77 49.41 -39.82 65.71
N ASN T 78 50.59 -40.25 65.28
CA ASN T 78 50.79 -41.57 64.68
C ASN T 78 51.15 -42.65 65.72
N ASP T 79 50.17 -43.26 66.39
CA ASP T 79 50.40 -44.34 67.37
C ASP T 79 50.36 -45.74 66.74
N GLU T 80 49.74 -46.76 67.37
CA GLU T 80 49.81 -48.17 66.94
C GLU T 80 48.45 -48.86 66.79
N ASN T 81 48.40 -49.95 66.02
CA ASN T 81 47.17 -50.69 65.69
C ASN T 81 46.15 -49.79 64.98
N ASP T 82 44.88 -49.76 65.39
CA ASP T 82 43.91 -48.80 64.84
C ASP T 82 44.10 -47.36 65.35
N GLU T 83 45.15 -47.08 66.10
CA GLU T 83 45.55 -45.74 66.49
C GLU T 83 46.71 -45.18 65.66
N THR T 84 47.07 -45.79 64.54
CA THR T 84 48.02 -45.18 63.58
C THR T 84 47.44 -43.92 62.94
N TRP T 85 48.28 -43.06 62.38
CA TRP T 85 47.85 -41.83 61.70
C TRP T 85 46.86 -42.09 60.58
N LEU T 86 47.09 -43.13 59.79
CA LEU T 86 46.25 -43.52 58.66
C LEU T 86 44.82 -43.80 59.11
N ARG T 87 44.67 -44.61 60.15
CA ARG T 87 43.36 -44.94 60.68
C ARG T 87 42.68 -43.72 61.27
N ARG T 88 43.39 -42.88 62.01
CA ARG T 88 42.84 -41.65 62.60
C ARG T 88 42.45 -40.60 61.58
N ASP T 89 43.23 -40.36 60.54
CA ASP T 89 42.84 -39.41 59.49
C ASP T 89 41.71 -39.97 58.65
N SER T 90 41.61 -41.28 58.46
CA SER T 90 40.44 -41.88 57.84
C SER T 90 39.17 -41.70 58.69
N ALA T 91 39.22 -41.92 60.00
CA ALA T 91 38.11 -41.67 60.91
C ALA T 91 37.73 -40.18 60.92
N TRP T 92 38.71 -39.29 60.99
CA TRP T 92 38.49 -37.86 60.88
C TRP T 92 37.77 -37.50 59.60
N ARG T 93 38.26 -37.97 58.44
CA ARG T 93 37.63 -37.69 57.16
C ARG T 93 36.22 -38.23 57.08
N LYS T 94 35.93 -39.42 57.61
CA LYS T 94 34.58 -39.99 57.64
C LYS T 94 33.57 -39.13 58.40
N ALA T 95 33.99 -38.26 59.32
CA ALA T 95 33.09 -37.38 60.07
C ALA T 95 32.60 -36.14 59.29
N TRP T 96 33.20 -35.83 58.14
CA TRP T 96 32.97 -34.60 57.37
C TRP T 96 32.32 -34.87 56.01
N SER T 97 31.56 -33.89 55.52
CA SER T 97 30.81 -33.96 54.27
C SER T 97 30.69 -32.57 53.64
N PHE T 98 30.44 -32.51 52.33
CA PHE T 98 30.00 -31.30 51.64
C PHE T 98 28.48 -31.14 51.67
N LYS T 99 27.72 -32.24 51.75
CA LYS T 99 26.25 -32.26 51.64
C LYS T 99 25.53 -32.15 52.99
N ARG T 100 26.16 -32.56 54.08
CA ARG T 100 25.59 -32.69 55.43
C ARG T 100 26.37 -31.84 56.43
N ASP T 101 25.71 -31.33 57.47
CA ASP T 101 26.34 -30.52 58.52
C ASP T 101 26.88 -31.36 59.68
N ALA T 102 28.17 -31.26 59.96
CA ALA T 102 28.73 -31.56 61.25
C ALA T 102 28.43 -30.42 62.23
N LYS T 103 28.51 -30.67 63.53
CA LYS T 103 28.40 -29.64 64.56
C LYS T 103 29.71 -29.49 65.30
N LEU T 104 30.23 -28.27 65.36
CA LEU T 104 31.39 -27.90 66.16
C LEU T 104 30.88 -27.30 67.47
N HIS T 105 31.15 -27.93 68.60
CA HIS T 105 30.63 -27.60 69.89
C HIS T 105 31.71 -26.91 70.70
N ILE T 106 31.40 -25.74 71.26
CA ILE T 106 32.30 -25.03 72.17
C ILE T 106 31.61 -24.82 73.51
N THR T 107 32.25 -25.24 74.59
CA THR T 107 31.76 -25.02 75.96
C THR T 107 32.77 -24.21 76.74
N THR T 108 32.29 -23.22 77.48
CA THR T 108 33.09 -22.49 78.48
C THR T 108 32.34 -22.38 79.79
N GLY T 109 33.02 -22.18 80.91
CA GLY T 109 32.37 -22.03 82.21
C GLY T 109 31.52 -20.76 82.31
N GLU T 110 32.03 -19.63 81.81
CA GLU T 110 31.34 -18.35 81.98
C GLU T 110 30.24 -18.06 80.95
N SER T 111 30.12 -18.85 79.89
CA SER T 111 29.08 -18.69 78.87
C SER T 111 28.41 -19.99 78.41
N GLY T 112 28.71 -21.12 79.01
CA GLY T 112 28.04 -22.37 78.71
C GLY T 112 28.36 -22.91 77.32
N HIS T 113 27.40 -23.61 76.74
CA HIS T 113 27.56 -24.44 75.56
C HIS T 113 26.85 -23.82 74.35
N ARG T 114 27.54 -23.73 73.22
CA ARG T 114 27.02 -23.30 71.92
C ARG T 114 27.67 -24.14 70.82
N TYR T 115 27.03 -24.25 69.66
CA TYR T 115 27.55 -25.02 68.56
C TYR T 115 27.37 -24.35 67.20
N LEU T 116 28.28 -24.59 66.27
CA LEU T 116 28.28 -24.09 64.88
C LEU T 116 28.05 -25.23 63.88
N LYS T 117 27.11 -25.07 62.95
CA LYS T 117 26.86 -26.05 61.89
C LYS T 117 27.87 -25.84 60.77
N VAL T 118 28.69 -26.83 60.47
CA VAL T 118 29.87 -26.73 59.62
C VAL T 118 29.92 -27.84 58.61
N ARG T 119 30.44 -27.54 57.42
CA ARG T 119 30.66 -28.50 56.34
C ARG T 119 31.93 -28.15 55.57
N LEU T 120 32.48 -29.09 54.83
CA LEU T 120 33.66 -28.85 54.00
C LEU T 120 33.41 -27.80 52.92
N PHE T 121 34.36 -26.89 52.71
CA PHE T 121 34.40 -26.01 51.55
C PHE T 121 35.43 -26.46 50.51
N GLU T 122 36.59 -26.93 50.97
CA GLU T 122 37.63 -27.57 50.16
C GLU T 122 37.96 -28.95 50.73
N SER T 123 38.43 -29.91 49.93
CA SER T 123 38.81 -31.24 50.45
C SER T 123 39.93 -31.17 51.48
N PRO T 124 39.88 -31.90 52.61
CA PRO T 124 40.96 -31.89 53.58
C PRO T 124 42.29 -32.30 52.96
N THR T 125 43.38 -31.69 53.43
CA THR T 125 44.72 -31.96 52.89
C THR T 125 45.71 -32.18 54.01
N THR T 126 46.56 -33.19 53.84
CA THR T 126 47.82 -33.39 54.57
C THR T 126 48.99 -33.07 53.62
N ASP T 127 50.03 -32.41 54.09
CA ASP T 127 51.26 -32.20 53.33
C ASP T 127 52.07 -33.52 53.26
N MET T 128 52.71 -33.79 52.13
CA MET T 128 53.39 -35.07 51.88
C MET T 128 54.79 -34.86 51.27
N VAL T 129 55.63 -34.13 51.98
CA VAL T 129 57.08 -34.05 51.73
C VAL T 129 57.70 -35.45 51.75
N THR T 130 57.29 -36.25 52.72
CA THR T 130 57.57 -37.69 52.80
C THR T 130 56.28 -38.44 53.17
N ASP T 131 56.23 -39.75 52.97
CA ASP T 131 55.10 -40.63 53.34
C ASP T 131 54.55 -40.28 54.74
N PRO T 132 53.29 -39.84 54.89
CA PRO T 132 52.75 -39.38 56.16
C PRO T 132 52.66 -40.50 57.18
N ARG T 133 52.57 -41.76 56.74
CA ARG T 133 52.58 -42.89 57.67
C ARG T 133 53.93 -43.04 58.37
N GLY T 134 55.00 -42.47 57.80
CA GLY T 134 56.33 -42.47 58.38
C GLY T 134 56.62 -41.27 59.28
N ARG T 135 55.72 -40.29 59.33
CA ARG T 135 55.85 -39.12 60.19
C ARG T 135 55.21 -39.36 61.56
N GLU T 136 55.80 -38.74 62.56
CA GLU T 136 55.50 -38.92 63.98
C GLU T 136 54.19 -38.22 64.41
N VAL T 137 53.83 -37.14 63.73
CA VAL T 137 52.58 -36.37 63.80
C VAL T 137 52.30 -35.84 62.39
N ASN T 138 51.05 -35.62 62.01
CA ASN T 138 50.68 -34.97 60.76
C ASN T 138 49.56 -33.94 61.00
N ILE T 139 49.62 -32.79 60.33
CA ILE T 139 48.57 -31.79 60.36
C ILE T 139 47.66 -31.93 59.14
N THR T 140 46.38 -32.13 59.37
CA THR T 140 45.37 -32.05 58.33
C THR T 140 44.77 -30.67 58.34
N LYS T 141 44.87 -29.95 57.23
CA LYS T 141 44.30 -28.62 57.04
C LYS T 141 42.82 -28.70 56.70
N MET T 142 42.03 -27.86 57.36
CA MET T 142 40.59 -27.80 57.26
C MET T 142 40.17 -26.42 56.77
N VAL T 143 39.36 -26.38 55.72
CA VAL T 143 38.72 -25.17 55.22
C VAL T 143 37.24 -25.48 55.17
N VAL T 144 36.49 -25.01 56.15
CA VAL T 144 35.10 -25.40 56.37
C VAL T 144 34.21 -24.15 56.33
N VAL T 145 32.96 -24.29 55.94
CA VAL T 145 32.01 -23.17 55.86
C VAL T 145 30.83 -23.44 56.76
N ALA T 146 30.33 -22.40 57.41
CA ALA T 146 29.13 -22.53 58.23
C ALA T 146 27.83 -22.44 57.42
N GLY T 147 27.74 -21.48 56.51
CA GLY T 147 26.54 -21.26 55.68
C GLY T 147 25.41 -20.56 56.43
N ASP T 148 24.96 -21.13 57.54
CA ASP T 148 24.16 -20.48 58.58
C ASP T 148 25.11 -19.98 59.68
N PRO T 149 25.44 -18.68 59.75
CA PRO T 149 26.70 -18.22 60.33
C PRO T 149 26.70 -18.09 61.86
N PHE T 150 25.59 -18.29 62.55
CA PHE T 150 25.47 -18.07 64.00
C PHE T 150 25.72 -19.32 64.82
N TRP T 151 26.07 -19.13 66.09
CA TRP T 151 26.23 -20.18 67.08
C TRP T 151 24.93 -20.40 67.82
N TYR T 152 24.51 -21.66 67.94
CA TYR T 152 23.20 -22.03 68.47
C TYR T 152 23.32 -22.69 69.83
N GLU T 153 22.35 -22.44 70.70
CA GLU T 153 22.11 -23.25 71.89
C GLU T 153 21.31 -24.50 71.55
N ASP T 154 21.32 -25.49 72.43
CA ASP T 154 20.46 -26.65 72.33
C ASP T 154 18.98 -26.22 72.37
N ASP T 155 18.14 -26.81 71.53
CA ASP T 155 16.79 -26.29 71.33
C ASP T 155 15.88 -26.48 72.56
N VAL T 156 15.22 -25.40 72.99
CA VAL T 156 14.22 -25.44 74.06
C VAL T 156 12.84 -25.19 73.47
N VAL T 157 11.97 -26.18 73.63
CA VAL T 157 10.56 -26.13 73.26
C VAL T 157 9.78 -25.79 74.52
N TYR T 158 8.90 -24.80 74.47
CA TYR T 158 7.99 -24.43 75.55
C TYR T 158 6.64 -25.12 75.32
N PRO T 159 6.18 -26.02 76.19
CA PRO T 159 4.87 -26.64 76.05
C PRO T 159 3.75 -25.69 76.47
N ILE T 160 2.65 -25.68 75.73
CA ILE T 160 1.46 -24.87 76.01
C ILE T 160 0.23 -25.80 75.98
N GLU T 161 -0.25 -26.25 77.14
CA GLU T 161 -1.22 -27.35 77.23
C GLU T 161 -2.65 -26.86 77.46
N VAL T 162 -3.60 -27.32 76.63
CA VAL T 162 -5.03 -27.03 76.74
C VAL T 162 -5.60 -27.77 77.94
N GLN T 163 -6.33 -27.09 78.82
CA GLN T 163 -6.74 -27.64 80.11
C GLN T 163 -8.25 -27.66 80.36
N GLU T 164 -9.10 -26.97 79.60
CA GLU T 164 -10.55 -27.11 79.74
C GLU T 164 -11.25 -27.31 78.39
N ASP T 165 -12.35 -28.08 78.36
CA ASP T 165 -13.01 -28.43 77.11
C ASP T 165 -13.73 -27.22 76.51
N THR T 166 -13.34 -26.84 75.30
CA THR T 166 -13.90 -25.73 74.52
C THR T 166 -14.60 -26.21 73.25
N THR T 167 -14.95 -27.50 73.16
CA THR T 167 -15.67 -28.09 72.03
C THR T 167 -17.07 -27.52 71.89
N PHE T 168 -17.56 -27.38 70.66
CA PHE T 168 -18.93 -26.94 70.35
C PHE T 168 -19.48 -27.69 69.13
N ASP T 169 -20.80 -27.87 69.07
CA ASP T 169 -21.49 -28.36 67.87
C ASP T 169 -21.53 -27.25 66.81
N PRO T 170 -20.91 -27.40 65.63
CA PRO T 170 -20.93 -26.37 64.61
C PRO T 170 -22.28 -26.18 63.93
N ASN T 171 -23.19 -27.16 63.99
CA ASN T 171 -24.41 -27.17 63.19
C ASN T 171 -25.34 -25.94 63.37
N PRO T 172 -25.64 -25.46 64.59
CA PRO T 172 -26.49 -24.29 64.77
C PRO T 172 -25.86 -22.94 64.39
N LEU T 173 -24.55 -22.85 64.11
CA LEU T 173 -23.88 -21.57 63.87
C LEU T 173 -24.09 -21.05 62.43
N PRO T 174 -24.14 -19.72 62.20
CA PRO T 174 -23.99 -19.13 60.87
C PRO T 174 -22.53 -19.18 60.41
N TRP T 175 -22.25 -18.83 59.16
CA TRP T 175 -20.90 -18.84 58.59
C TRP T 175 -20.49 -17.47 58.03
N PRO T 176 -19.31 -16.93 58.37
CA PRO T 176 -18.36 -17.42 59.37
C PRO T 176 -18.96 -17.53 60.77
N TRP T 177 -18.43 -18.45 61.58
CA TRP T 177 -18.87 -18.69 62.96
C TRP T 177 -18.72 -17.43 63.84
N PRO T 178 -19.72 -17.03 64.66
CA PRO T 178 -19.64 -15.87 65.56
C PRO T 178 -18.59 -16.04 66.67
N GLN T 179 -17.57 -15.17 66.69
CA GLN T 179 -16.35 -15.36 67.49
C GLN T 179 -16.46 -15.00 68.99
N PRO T 180 -17.17 -13.92 69.40
CA PRO T 180 -17.46 -13.67 70.81
C PRO T 180 -18.36 -14.71 71.49
N GLU T 181 -19.07 -15.55 70.75
CA GLU T 181 -20.13 -16.41 71.28
C GLU T 181 -19.66 -17.85 71.59
N LEU T 182 -18.81 -18.43 70.74
CA LEU T 182 -18.26 -19.77 70.96
C LEU T 182 -17.25 -19.79 72.14
N PRO T 183 -17.12 -20.91 72.87
CA PRO T 183 -16.36 -20.96 74.13
C PRO T 183 -14.85 -20.87 73.94
N VAL T 184 -14.14 -20.27 74.90
CA VAL T 184 -12.72 -19.94 74.79
C VAL T 184 -11.95 -20.31 76.07
N GLU T 185 -10.73 -20.83 75.94
CA GLU T 185 -9.74 -20.94 77.01
C GLU T 185 -8.58 -19.98 76.76
N ASP T 186 -8.22 -19.14 77.71
CA ASP T 186 -6.92 -18.43 77.70
C ASP T 186 -5.80 -19.33 78.24
N ILE T 187 -4.63 -19.30 77.64
CA ILE T 187 -3.44 -20.05 78.06
C ILE T 187 -2.21 -19.14 77.97
N GLU T 188 -1.71 -18.66 79.09
CA GLU T 188 -0.50 -17.83 79.15
C GLU T 188 0.74 -18.69 79.36
N ILE T 189 1.78 -18.48 78.56
CA ILE T 189 3.13 -18.97 78.83
C ILE T 189 4.02 -17.76 79.16
N THR T 190 4.78 -17.80 80.25
CA THR T 190 5.78 -16.77 80.57
C THR T 190 7.17 -17.32 80.30
N VAL T 191 7.96 -16.63 79.49
CA VAL T 191 9.33 -17.01 79.14
C VAL T 191 10.28 -16.05 79.87
N PRO T 192 11.16 -16.54 80.76
CA PRO T 192 11.95 -15.69 81.64
C PRO T 192 13.01 -14.84 80.93
N ASN T 193 13.58 -15.34 79.83
CA ASN T 193 14.48 -14.59 78.95
C ASN T 193 14.10 -14.90 77.51
N ALA T 194 13.26 -14.07 76.89
CA ALA T 194 12.73 -14.35 75.57
C ALA T 194 13.76 -14.20 74.45
N ASN T 195 14.70 -13.25 74.56
CA ASN T 195 15.82 -13.16 73.64
C ASN T 195 17.06 -12.62 74.34
N PRO T 196 17.93 -13.48 74.89
CA PRO T 196 19.17 -13.03 75.51
C PRO T 196 20.28 -12.64 74.51
N THR T 197 20.10 -12.84 73.21
CA THR T 197 21.13 -12.70 72.18
C THR T 197 21.23 -11.29 71.59
N ASP T 198 22.28 -11.06 70.81
CA ASP T 198 22.51 -9.85 70.02
C ASP T 198 21.70 -9.78 68.71
N ASN T 199 20.99 -10.85 68.34
CA ASN T 199 20.22 -10.98 67.11
C ASN T 199 18.71 -11.07 67.38
N ILE T 200 17.90 -10.74 66.38
CA ILE T 200 16.46 -10.96 66.40
C ILE T 200 16.12 -12.46 66.50
N ILE T 201 14.99 -12.78 67.13
CA ILE T 201 14.36 -14.09 67.09
C ILE T 201 13.00 -13.94 66.40
N TRP T 202 12.72 -14.75 65.41
CA TRP T 202 11.37 -14.93 64.88
C TRP T 202 10.67 -16.11 65.57
N PRO T 203 9.56 -15.93 66.32
CA PRO T 203 8.87 -17.02 66.98
C PRO T 203 8.41 -18.13 66.05
N LYS T 204 8.51 -19.39 66.48
CA LYS T 204 7.89 -20.53 65.82
C LYS T 204 6.86 -21.18 66.73
N TRP T 205 5.74 -21.60 66.16
CA TRP T 205 4.63 -22.23 66.88
C TRP T 205 4.23 -23.54 66.23
N THR T 206 3.84 -24.50 67.03
CA THR T 206 3.07 -25.66 66.59
C THR T 206 1.71 -25.56 67.21
N LEU T 207 0.65 -25.64 66.42
CA LEU T 207 -0.74 -25.57 66.86
C LEU T 207 -1.52 -26.83 66.46
N PRO T 208 -2.10 -27.59 67.39
CA PRO T 208 -2.85 -28.81 67.07
C PRO T 208 -4.26 -28.55 66.57
N GLY T 209 -4.70 -29.35 65.60
CA GLY T 209 -6.03 -29.32 65.03
C GLY T 209 -7.06 -30.09 65.86
N SER T 210 -8.27 -30.17 65.34
CA SER T 210 -9.41 -30.81 66.02
C SER T 210 -9.21 -32.31 66.26
N SER T 211 -9.81 -32.86 67.31
CA SER T 211 -9.87 -34.32 67.53
C SER T 211 -11.02 -35.01 66.77
N GLU T 212 -12.13 -34.33 66.48
CA GLU T 212 -13.33 -34.90 65.86
C GLU T 212 -13.23 -35.06 64.33
N LYS T 213 -14.01 -36.00 63.77
CA LYS T 213 -14.13 -36.26 62.32
C LYS T 213 -14.75 -35.04 61.60
N PRO T 214 -14.28 -34.66 60.41
CA PRO T 214 -14.98 -33.68 59.57
C PRO T 214 -16.41 -34.14 59.21
N ALA T 215 -17.26 -33.20 58.82
CA ALA T 215 -18.68 -33.48 58.56
C ALA T 215 -18.94 -34.13 57.18
N GLU T 216 -17.99 -34.05 56.26
CA GLU T 216 -18.19 -34.39 54.85
C GLU T 216 -17.01 -35.21 54.31
N PRO T 217 -17.23 -36.32 53.58
CA PRO T 217 -16.16 -37.07 52.94
C PRO T 217 -15.36 -36.23 51.96
N TYR T 218 -14.10 -36.56 51.76
CA TYR T 218 -13.21 -35.84 50.84
C TYR T 218 -12.95 -36.60 49.55
N ILE T 219 -12.89 -35.89 48.42
CA ILE T 219 -12.49 -36.41 47.12
C ILE T 219 -11.33 -35.56 46.55
N PRO T 220 -10.11 -36.09 46.39
CA PRO T 220 -9.01 -35.38 45.76
C PRO T 220 -9.34 -34.87 44.35
N GLY T 221 -8.91 -33.66 44.03
CA GLY T 221 -9.10 -33.04 42.70
C GLY T 221 -10.48 -32.40 42.47
N LEU T 222 -11.39 -32.45 43.46
CA LEU T 222 -12.65 -31.70 43.46
C LEU T 222 -12.71 -30.76 44.69
N PRO T 223 -13.39 -29.61 44.62
CA PRO T 223 -13.58 -28.75 45.78
C PRO T 223 -14.49 -29.40 46.81
N TRP T 224 -14.35 -28.99 48.06
CA TRP T 224 -14.99 -29.58 49.24
C TRP T 224 -15.66 -28.51 50.09
N LEU T 225 -16.80 -28.81 50.71
CA LEU T 225 -17.62 -27.82 51.41
C LEU T 225 -18.11 -28.30 52.78
N GLY T 226 -17.39 -29.22 53.41
CA GLY T 226 -17.62 -29.62 54.79
C GLY T 226 -17.26 -28.56 55.82
N ALA T 227 -16.47 -27.54 55.47
CA ALA T 227 -15.90 -26.59 56.41
C ALA T 227 -16.91 -25.98 57.40
N PRO T 228 -18.07 -25.42 56.99
CA PRO T 228 -18.97 -24.72 57.90
C PRO T 228 -19.60 -25.59 58.99
N LYS T 229 -19.79 -26.88 58.71
CA LYS T 229 -20.35 -27.88 59.64
C LYS T 229 -19.28 -28.74 60.32
N SER T 230 -18.04 -28.76 59.82
CA SER T 230 -16.96 -29.57 60.39
C SER T 230 -16.43 -29.01 61.71
N PRO T 231 -16.18 -29.82 62.75
CA PRO T 231 -15.49 -29.39 63.95
C PRO T 231 -14.07 -28.92 63.66
N ALA T 232 -13.64 -27.82 64.27
CA ALA T 232 -12.31 -27.26 64.10
C ALA T 232 -11.76 -26.69 65.40
N THR T 233 -10.45 -26.76 65.61
CA THR T 233 -9.79 -25.94 66.64
C THR T 233 -9.54 -24.55 66.10
N LEU T 234 -9.73 -23.52 66.91
CA LEU T 234 -9.46 -22.13 66.61
C LEU T 234 -8.42 -21.64 67.59
N TRP T 235 -7.31 -21.10 67.10
CA TRP T 235 -6.19 -20.65 67.90
C TRP T 235 -6.00 -19.15 67.68
N THR T 236 -5.74 -18.40 68.74
CA THR T 236 -5.33 -17.00 68.67
C THR T 236 -3.92 -16.84 69.23
N VAL T 237 -3.02 -16.31 68.42
CA VAL T 237 -1.57 -16.42 68.61
C VAL T 237 -0.94 -15.03 68.67
N PRO T 238 -0.14 -14.69 69.69
CA PRO T 238 0.49 -13.39 69.78
C PRO T 238 1.54 -13.15 68.68
N ASP T 239 1.52 -11.94 68.14
CA ASP T 239 2.48 -11.39 67.19
C ASP T 239 2.93 -10.00 67.66
N TYR T 240 3.37 -9.88 68.92
CA TYR T 240 3.66 -8.62 69.58
C TYR T 240 4.85 -7.88 69.00
N LYS T 241 4.78 -6.54 68.89
CA LYS T 241 5.96 -5.69 68.71
C LYS T 241 6.44 -5.17 70.07
N LEU T 242 7.68 -5.46 70.41
CA LEU T 242 8.23 -5.27 71.76
C LEU T 242 9.29 -4.17 71.84
N ASP T 243 9.49 -3.43 70.76
CA ASP T 243 10.34 -2.22 70.69
C ASP T 243 9.60 -1.12 69.92
N LEU T 244 8.48 -0.65 70.47
CA LEU T 244 7.65 0.42 69.89
C LEU T 244 8.32 1.79 70.02
N ASP T 245 8.25 2.59 68.95
CA ASP T 245 8.52 4.03 69.02
C ASP T 245 7.37 4.81 69.69
N GLU T 246 7.61 6.05 70.09
CA GLU T 246 6.61 6.90 70.77
C GLU T 246 5.48 7.40 69.86
N ASP T 247 5.69 7.44 68.54
CA ASP T 247 4.68 7.80 67.53
C ASP T 247 4.12 6.57 66.79
N GLU T 248 4.21 5.39 67.41
CA GLU T 248 3.80 4.10 66.86
C GLU T 248 2.61 3.55 67.65
N ASP T 249 1.65 2.91 66.98
CA ASP T 249 0.37 2.52 67.60
C ASP T 249 0.56 1.50 68.74
N PRO T 250 0.06 1.76 69.96
CA PRO T 250 0.36 0.92 71.12
C PRO T 250 -0.29 -0.47 71.03
N SER T 251 -1.36 -0.61 70.23
CA SER T 251 -2.03 -1.89 69.96
C SER T 251 -1.16 -2.90 69.19
N LEU T 252 -0.12 -2.45 68.49
CA LEU T 252 0.88 -3.34 67.88
C LEU T 252 1.65 -4.13 68.95
N GLY T 253 1.74 -3.62 70.17
CA GLY T 253 2.38 -4.30 71.28
C GLY T 253 1.57 -5.43 71.90
N THR T 254 0.29 -5.55 71.55
CA THR T 254 -0.61 -6.61 72.03
C THR T 254 -1.26 -7.37 70.87
N ARG T 255 -0.76 -7.19 69.64
CA ARG T 255 -1.28 -7.83 68.43
C ARG T 255 -1.38 -9.34 68.59
N ARG T 256 -2.54 -9.88 68.26
CA ARG T 256 -2.87 -11.30 68.29
C ARG T 256 -3.57 -11.64 66.98
N ILE T 257 -3.20 -12.76 66.38
CA ILE T 257 -3.69 -13.21 65.08
C ILE T 257 -4.66 -14.36 65.31
N ARG T 258 -5.87 -14.25 64.77
CA ARG T 258 -6.84 -15.33 64.73
C ARG T 258 -6.49 -16.26 63.58
N MET T 259 -5.95 -17.43 63.89
CA MET T 259 -5.71 -18.46 62.89
C MET T 259 -7.05 -18.97 62.36
N PRO T 260 -7.14 -19.38 61.10
CA PRO T 260 -8.34 -20.06 60.60
C PRO T 260 -8.53 -21.39 61.31
N GLY T 261 -9.77 -21.88 61.32
CA GLY T 261 -10.10 -23.13 62.00
C GLY T 261 -9.37 -24.34 61.43
N GLN T 262 -8.84 -25.19 62.29
CA GLN T 262 -8.07 -26.36 61.91
C GLN T 262 -8.88 -27.64 62.09
N ILE T 263 -9.24 -28.29 60.99
CA ILE T 263 -10.11 -29.48 61.00
C ILE T 263 -9.33 -30.76 61.34
N GLY T 264 -10.05 -31.81 61.72
CA GLY T 264 -9.50 -33.15 61.89
C GLY T 264 -9.13 -33.80 60.55
N GLY T 265 -8.67 -35.04 60.59
CA GLY T 265 -8.26 -35.77 59.40
C GLY T 265 -9.39 -36.00 58.39
N LEU T 266 -9.21 -35.50 57.17
CA LEU T 266 -10.10 -35.79 56.05
C LEU T 266 -10.09 -37.28 55.73
N ARG T 267 -11.26 -37.83 55.45
CA ARG T 267 -11.43 -39.25 55.12
C ARG T 267 -11.92 -39.38 53.69
N VAL T 268 -11.17 -40.12 52.87
CA VAL T 268 -11.54 -40.50 51.52
C VAL T 268 -12.32 -41.82 51.58
N GLU T 269 -13.57 -41.82 51.15
CA GLU T 269 -14.37 -43.04 51.01
C GLU T 269 -13.84 -43.85 49.82
N GLU T 270 -13.53 -45.13 50.04
CA GLU T 270 -13.19 -46.03 48.94
C GLU T 270 -14.38 -46.19 47.98
N VAL T 271 -14.09 -46.19 46.68
CA VAL T 271 -15.07 -46.55 45.65
C VAL T 271 -14.50 -47.65 44.77
N GLN T 272 -15.25 -48.73 44.61
CA GLN T 272 -14.98 -49.80 43.67
C GLN T 272 -16.16 -49.94 42.72
N GLN T 273 -15.89 -50.20 41.45
CA GLN T 273 -16.91 -50.33 40.41
C GLN T 273 -17.00 -51.79 39.95
N ILE T 274 -18.19 -52.40 40.00
CA ILE T 274 -18.41 -53.76 39.54
C ILE T 274 -19.08 -53.72 38.16
N TYR T 275 -18.43 -54.29 37.16
CA TYR T 275 -18.95 -54.51 35.81
C TYR T 275 -19.27 -55.99 35.62
N ILE T 276 -20.42 -56.32 35.03
CA ILE T 276 -20.73 -57.68 34.54
C ILE T 276 -20.88 -57.67 33.02
N ASP T 277 -20.13 -58.52 32.34
CA ASP T 277 -19.96 -58.56 30.88
C ASP T 277 -20.76 -59.68 30.21
N GLY T 278 -20.92 -59.61 28.88
CA GLY T 278 -21.46 -60.71 28.08
C GLY T 278 -22.99 -60.87 28.13
N ARG T 279 -23.68 -59.91 28.73
CA ARG T 279 -25.15 -59.81 28.82
C ARG T 279 -25.81 -61.09 29.35
N PRO T 280 -25.62 -61.44 30.62
CA PRO T 280 -26.27 -62.60 31.21
C PRO T 280 -27.78 -62.38 31.26
N THR T 281 -28.56 -63.42 31.04
CA THR T 281 -30.04 -63.35 30.94
C THR T 281 -30.74 -64.19 32.00
N GLY T 282 -29.99 -64.84 32.87
CA GLY T 282 -30.51 -65.61 33.99
C GLY T 282 -29.43 -66.08 34.93
N GLY T 283 -29.84 -66.72 36.01
CA GLY T 283 -28.93 -67.19 37.05
C GLY T 283 -28.46 -66.05 37.95
N THR T 284 -27.25 -66.19 38.49
CA THR T 284 -26.82 -65.45 39.68
C THR T 284 -25.30 -65.39 39.82
N PHE T 285 -24.78 -64.47 40.62
CA PHE T 285 -23.35 -64.26 40.83
C PHE T 285 -23.05 -63.99 42.31
N LYS T 286 -21.83 -64.25 42.76
CA LYS T 286 -21.40 -63.95 44.15
C LYS T 286 -20.27 -62.92 44.12
N ILE T 287 -20.15 -62.13 45.19
CA ILE T 287 -19.05 -61.18 45.38
C ILE T 287 -18.39 -61.33 46.74
N GLY T 288 -17.07 -61.20 46.74
CA GLY T 288 -16.17 -61.61 47.81
C GLY T 288 -16.11 -60.63 48.99
N TYR T 289 -15.08 -59.77 49.02
CA TYR T 289 -14.66 -58.95 50.16
C TYR T 289 -14.05 -59.82 51.28
N GLY T 290 -12.72 -59.92 51.28
CA GLY T 290 -11.99 -60.74 52.25
C GLY T 290 -12.17 -62.24 52.02
N ASP T 291 -12.31 -63.01 53.10
CA ASP T 291 -12.56 -64.46 53.06
C ASP T 291 -14.05 -64.80 52.82
N GLU T 292 -14.97 -63.85 53.01
CA GLU T 292 -16.40 -64.06 52.89
C GLU T 292 -16.87 -64.08 51.42
N TRP T 293 -18.05 -64.66 51.18
CA TRP T 293 -18.81 -64.54 49.94
C TRP T 293 -20.28 -64.36 50.29
N THR T 294 -20.96 -63.38 49.68
CA THR T 294 -22.38 -63.11 49.95
C THR T 294 -23.29 -64.22 49.41
N GLU T 295 -24.55 -64.26 49.84
CA GLU T 295 -25.55 -65.11 49.22
C GLU T 295 -25.78 -64.69 47.74
N PRO T 296 -25.97 -65.62 46.80
CA PRO T 296 -25.97 -65.29 45.38
C PRO T 296 -26.95 -64.17 44.97
N ILE T 297 -26.48 -63.25 44.14
CA ILE T 297 -27.18 -62.04 43.70
C ILE T 297 -27.76 -62.27 42.30
N ALA T 298 -29.01 -61.86 42.07
CA ALA T 298 -29.66 -62.05 40.78
C ALA T 298 -28.95 -61.28 39.65
N TYR T 299 -28.94 -61.82 38.43
CA TYR T 299 -28.29 -61.18 37.27
C TYR T 299 -28.81 -59.76 36.95
N ASN T 300 -30.03 -59.44 37.37
CA ASN T 300 -30.69 -58.14 37.19
C ASN T 300 -30.89 -57.35 38.49
N ALA T 301 -30.18 -57.70 39.57
CA ALA T 301 -30.35 -57.08 40.88
C ALA T 301 -30.21 -55.55 40.84
N SER T 302 -31.09 -54.84 41.55
CA SER T 302 -30.94 -53.39 41.70
C SER T 302 -29.74 -53.05 42.58
N PRO T 303 -29.22 -51.81 42.54
CA PRO T 303 -28.27 -51.33 43.53
C PRO T 303 -28.71 -51.61 44.97
N ASN T 304 -30.00 -51.47 45.27
CA ASN T 304 -30.54 -51.70 46.61
C ASN T 304 -30.46 -53.18 47.03
N ASP T 305 -30.66 -54.10 46.09
CA ASP T 305 -30.47 -55.54 46.34
C ASP T 305 -29.00 -55.92 46.49
N VAL T 306 -28.10 -55.31 45.71
CA VAL T 306 -26.65 -55.47 45.88
C VAL T 306 -26.19 -54.92 47.23
N ARG T 307 -26.76 -53.80 47.70
CA ARG T 307 -26.49 -53.28 49.04
C ARG T 307 -26.89 -54.28 50.13
N ALA T 308 -28.09 -54.87 50.04
CA ALA T 308 -28.55 -55.87 50.99
C ALA T 308 -27.64 -57.11 51.00
N ALA T 309 -27.14 -57.53 49.84
CA ALA T 309 -26.19 -58.62 49.75
C ALA T 309 -24.85 -58.29 50.44
N LEU T 310 -24.32 -57.08 50.27
CA LEU T 310 -23.06 -56.69 50.93
C LEU T 310 -23.24 -56.54 52.45
N ILE T 311 -24.29 -55.87 52.91
CA ILE T 311 -24.50 -55.67 54.36
C ILE T 311 -24.71 -57.00 55.10
N ALA T 312 -25.16 -58.06 54.40
CA ALA T 312 -25.38 -59.38 54.98
C ALA T 312 -24.08 -60.13 55.36
N LEU T 313 -22.90 -59.68 54.93
CA LEU T 313 -21.62 -60.18 55.43
C LEU T 313 -21.46 -59.86 56.91
N GLU T 314 -20.55 -60.55 57.60
CA GLU T 314 -20.13 -60.11 58.94
C GLU T 314 -19.26 -58.85 58.86
N GLY T 315 -18.39 -58.76 57.85
CA GLY T 315 -17.37 -57.72 57.72
C GLY T 315 -17.82 -56.33 57.24
N ILE T 316 -19.13 -56.08 57.11
CA ILE T 316 -19.73 -54.78 56.74
C ILE T 316 -20.89 -54.52 57.70
N SER T 317 -20.94 -53.38 58.40
CA SER T 317 -22.02 -53.07 59.34
C SER T 317 -23.16 -52.28 58.69
N ALA T 318 -24.22 -52.01 59.45
CA ALA T 318 -25.55 -51.63 58.96
C ALA T 318 -25.66 -50.41 58.04
N ASN T 319 -24.66 -49.52 57.97
CA ASN T 319 -24.61 -48.42 57.01
C ASN T 319 -23.23 -48.23 56.35
N ASP T 320 -22.35 -49.23 56.41
CA ASP T 320 -20.97 -49.11 55.94
C ASP T 320 -20.79 -49.12 54.42
N VAL T 321 -21.85 -49.33 53.65
CA VAL T 321 -21.83 -49.30 52.18
C VAL T 321 -23.05 -48.59 51.61
N GLU T 322 -22.85 -47.89 50.50
CA GLU T 322 -23.86 -47.38 49.59
C GLU T 322 -23.55 -47.82 48.16
N VAL T 323 -24.57 -48.17 47.39
CA VAL T 323 -24.43 -48.67 46.01
C VAL T 323 -25.33 -47.85 45.11
N SER T 324 -24.84 -47.44 43.95
CA SER T 324 -25.60 -46.74 42.93
C SER T 324 -25.18 -47.22 41.55
N LEU T 325 -26.04 -47.08 40.56
CA LEU T 325 -25.73 -47.47 39.19
C LEU T 325 -24.91 -46.36 38.54
N GLY T 326 -23.73 -46.70 38.03
CA GLY T 326 -22.69 -45.76 37.63
C GLY T 326 -22.90 -45.07 36.28
N GLY T 327 -21.83 -44.44 35.82
CA GLY T 327 -21.78 -43.74 34.53
C GLY T 327 -21.97 -44.65 33.33
N ALA T 328 -22.71 -44.18 32.34
CA ALA T 328 -23.09 -44.96 31.18
C ALA T 328 -21.94 -45.16 30.17
N THR T 329 -21.81 -46.38 29.69
CA THR T 329 -21.19 -46.71 28.40
C THR T 329 -22.32 -47.02 27.42
N ASN T 330 -22.27 -46.44 26.23
CA ASN T 330 -23.33 -46.58 25.23
C ASN T 330 -22.97 -47.63 24.16
N GLU T 331 -23.95 -48.45 23.80
CA GLU T 331 -23.83 -49.49 22.79
C GLU T 331 -23.56 -48.88 21.40
N VAL T 332 -22.60 -49.43 20.65
CA VAL T 332 -22.36 -49.11 19.25
C VAL T 332 -22.35 -50.41 18.44
N GLN T 333 -23.23 -50.52 17.46
CA GLN T 333 -23.38 -51.71 16.61
C GLN T 333 -23.26 -51.33 15.15
N THR T 334 -22.92 -52.27 14.29
CA THR T 334 -22.74 -52.02 12.86
C THR T 334 -23.55 -52.96 11.98
N VAL T 335 -23.99 -52.44 10.84
CA VAL T 335 -24.70 -53.18 9.80
C VAL T 335 -23.95 -53.02 8.49
N ARG T 336 -23.74 -54.12 7.78
CA ARG T 336 -23.14 -54.19 6.45
C ARG T 336 -23.99 -55.10 5.59
N LEU T 337 -24.16 -54.77 4.33
CA LEU T 337 -24.84 -55.60 3.34
C LEU T 337 -23.79 -56.23 2.44
N LYS T 338 -23.80 -57.56 2.30
CA LYS T 338 -22.90 -58.28 1.39
C LYS T 338 -23.65 -58.75 0.14
N GLY T 339 -22.96 -58.79 -0.99
CA GLY T 339 -23.53 -59.05 -2.30
C GLY T 339 -24.29 -57.85 -2.85
N GLY T 340 -24.50 -57.83 -4.16
CA GLY T 340 -25.11 -56.70 -4.86
C GLY T 340 -26.63 -56.71 -4.71
N ALA T 341 -27.13 -56.13 -3.64
CA ALA T 341 -28.56 -55.85 -3.51
C ALA T 341 -28.92 -54.62 -4.35
N LEU T 342 -29.52 -54.80 -5.53
CA LEU T 342 -29.93 -53.70 -6.40
C LEU T 342 -31.46 -53.47 -6.38
N GLY T 343 -32.18 -54.06 -5.42
CA GLY T 343 -33.61 -53.86 -5.24
C GLY T 343 -34.14 -54.53 -3.96
N GLY T 344 -35.39 -54.21 -3.61
CA GLY T 344 -36.06 -54.78 -2.44
C GLY T 344 -35.64 -54.16 -1.11
N THR T 345 -35.91 -54.88 -0.02
CA THR T 345 -35.71 -54.38 1.36
C THR T 345 -35.24 -55.46 2.35
N PHE T 346 -34.46 -55.09 3.35
CA PHE T 346 -34.13 -55.96 4.49
C PHE T 346 -34.86 -55.53 5.76
N THR T 347 -34.92 -56.38 6.77
CA THR T 347 -35.40 -55.99 8.12
C THR T 347 -34.37 -56.33 9.17
N LEU T 348 -34.24 -55.47 10.18
CA LEU T 348 -33.38 -55.68 11.35
C LEU T 348 -34.24 -55.96 12.56
N SER T 349 -33.85 -56.93 13.37
CA SER T 349 -34.53 -57.28 14.60
C SER T 349 -33.68 -56.93 15.81
N LEU T 350 -34.25 -56.19 16.75
CA LEU T 350 -33.66 -55.91 18.06
C LEU T 350 -34.39 -56.81 19.04
N GLY T 351 -33.70 -57.84 19.54
CA GLY T 351 -34.31 -58.84 20.41
C GLY T 351 -35.57 -59.45 19.76
N SER T 352 -36.70 -59.32 20.43
CA SER T 352 -37.99 -59.89 20.03
C SER T 352 -38.70 -59.16 18.87
N GLU T 353 -38.24 -58.00 18.41
CA GLU T 353 -39.02 -57.08 17.57
C GLU T 353 -38.26 -56.63 16.32
N THR T 354 -38.95 -56.45 15.18
CA THR T 354 -38.31 -56.21 13.87
C THR T 354 -38.83 -54.99 13.12
N THR T 355 -37.97 -54.32 12.36
CA THR T 355 -38.30 -53.07 11.67
C THR T 355 -39.18 -53.31 10.45
N VAL T 356 -39.89 -52.27 10.01
CA VAL T 356 -40.34 -52.13 8.62
C VAL T 356 -39.15 -52.34 7.67
N GLY T 357 -39.42 -52.76 6.44
CA GLY T 357 -38.37 -53.02 5.44
C GLY T 357 -37.56 -51.78 5.09
N ILE T 358 -36.25 -51.91 5.10
CA ILE T 358 -35.28 -50.85 4.84
C ILE T 358 -34.74 -51.04 3.41
N PRO T 359 -34.77 -50.03 2.53
CA PRO T 359 -34.31 -50.13 1.15
C PRO T 359 -32.86 -50.59 0.96
N PHE T 360 -32.61 -51.27 -0.15
CA PHE T 360 -31.28 -51.73 -0.59
C PHE T 360 -30.22 -50.62 -0.66
N ASN T 361 -30.63 -49.39 -0.91
CA ASN T 361 -29.79 -48.20 -0.98
C ASN T 361 -30.09 -47.18 0.16
N ALA T 362 -30.62 -47.66 1.29
CA ALA T 362 -31.06 -46.82 2.40
C ALA T 362 -30.02 -45.80 2.85
N SER T 363 -30.46 -44.56 3.01
CA SER T 363 -29.68 -43.51 3.64
C SER T 363 -29.52 -43.78 5.14
N ASP T 364 -28.57 -43.12 5.79
CA ASP T 364 -28.40 -43.17 7.25
C ASP T 364 -29.72 -42.81 7.96
N ALA T 365 -30.43 -41.79 7.46
CA ALA T 365 -31.72 -41.34 7.94
C ALA T 365 -32.83 -42.38 7.77
N ASP T 366 -32.84 -43.17 6.69
CA ASP T 366 -33.84 -44.23 6.51
C ASP T 366 -33.64 -45.33 7.54
N LEU T 367 -32.40 -45.74 7.76
CA LEU T 367 -32.10 -46.78 8.72
C LEU T 367 -32.43 -46.29 10.13
N GLN T 368 -32.11 -45.03 10.45
CA GLN T 368 -32.51 -44.45 11.73
C GLN T 368 -34.04 -44.40 11.86
N GLY T 369 -34.77 -44.02 10.81
CA GLY T 369 -36.23 -44.04 10.81
C GLY T 369 -36.82 -45.43 11.06
N ALA T 370 -36.24 -46.48 10.48
CA ALA T 370 -36.64 -47.85 10.72
C ALA T 370 -36.36 -48.31 12.16
N LEU T 371 -35.16 -48.05 12.68
CA LEU T 371 -34.76 -48.37 14.06
C LEU T 371 -35.58 -47.62 15.10
N VAL T 372 -35.99 -46.39 14.82
CA VAL T 372 -36.86 -45.59 15.70
C VAL T 372 -38.30 -46.08 15.68
N GLY T 373 -38.71 -46.87 14.69
CA GLY T 373 -40.09 -47.36 14.57
C GLY T 373 -40.48 -48.47 15.55
N LEU T 374 -39.52 -49.06 16.26
CA LEU T 374 -39.77 -50.12 17.23
C LEU T 374 -40.47 -49.59 18.50
N ASP T 375 -41.05 -50.45 19.33
CA ASP T 375 -41.67 -50.03 20.60
C ASP T 375 -40.63 -49.73 21.69
N SER T 376 -39.48 -50.40 21.68
CA SER T 376 -38.48 -50.31 22.74
C SER T 376 -37.43 -49.21 22.57
N ILE T 377 -37.23 -48.69 21.36
CA ILE T 377 -36.34 -47.56 21.03
C ILE T 377 -37.22 -46.36 20.66
N GLY T 378 -36.96 -45.19 21.26
CA GLY T 378 -37.65 -43.94 20.97
C GLY T 378 -36.84 -43.01 20.08
N SER T 379 -37.48 -41.97 19.55
CA SER T 379 -36.90 -41.04 18.59
C SER T 379 -35.63 -40.35 19.05
N ALA T 380 -35.45 -40.14 20.36
CA ALA T 380 -34.25 -39.55 20.95
C ALA T 380 -33.09 -40.55 21.16
N ASP T 381 -33.32 -41.85 20.99
CA ASP T 381 -32.47 -42.90 21.56
C ASP T 381 -31.47 -43.56 20.60
N VAL T 382 -31.43 -43.24 19.31
CA VAL T 382 -30.47 -43.87 18.38
C VAL T 382 -30.09 -42.92 17.26
N ARG T 383 -28.82 -42.94 16.84
CA ARG T 383 -28.31 -42.14 15.73
C ARG T 383 -27.48 -43.00 14.81
N VAL T 384 -27.60 -42.79 13.50
CA VAL T 384 -26.94 -43.61 12.48
C VAL T 384 -26.02 -42.76 11.63
N LYS T 385 -24.84 -43.29 11.32
CA LYS T 385 -23.86 -42.70 10.41
C LYS T 385 -23.35 -43.78 9.48
N SER T 386 -23.14 -43.49 8.20
CA SER T 386 -22.36 -44.37 7.35
C SER T 386 -21.42 -43.60 6.44
N THR T 387 -20.22 -44.12 6.28
CA THR T 387 -19.33 -43.77 5.16
C THR T 387 -19.73 -44.55 3.92
N LYS T 388 -19.32 -44.08 2.74
CA LYS T 388 -19.53 -44.74 1.45
C LYS T 388 -18.19 -44.99 0.78
N ILE T 389 -18.06 -46.14 0.13
CA ILE T 389 -17.02 -46.44 -0.85
C ILE T 389 -17.73 -46.92 -2.11
N ASN T 390 -17.33 -46.44 -3.28
CA ASN T 390 -18.07 -46.64 -4.52
C ASN T 390 -17.45 -47.74 -5.36
N GLU T 391 -18.28 -48.62 -5.91
CA GLU T 391 -17.81 -49.63 -6.85
C GLU T 391 -17.13 -48.95 -8.04
N VAL T 392 -15.89 -49.35 -8.34
CA VAL T 392 -15.23 -48.99 -9.59
C VAL T 392 -14.84 -50.25 -10.35
N GLN T 393 -15.34 -50.40 -11.58
CA GLN T 393 -15.03 -51.51 -12.47
C GLN T 393 -14.46 -50.99 -13.78
N VAL T 394 -13.52 -51.71 -14.38
CA VAL T 394 -12.87 -51.38 -15.64
C VAL T 394 -13.24 -52.42 -16.69
N VAL T 395 -13.60 -51.97 -17.90
CA VAL T 395 -13.91 -52.84 -19.04
C VAL T 395 -12.90 -52.60 -20.16
N GLU T 396 -12.20 -53.64 -20.58
CA GLU T 396 -11.13 -53.59 -21.56
C GLU T 396 -11.43 -54.48 -22.77
N LEU T 397 -11.46 -53.88 -23.95
CA LEU T 397 -11.66 -54.57 -25.22
C LEU T 397 -10.36 -55.25 -25.66
N VAL T 398 -9.99 -56.34 -25.00
CA VAL T 398 -8.60 -56.77 -24.82
C VAL T 398 -7.87 -57.21 -26.09
N GLY T 399 -8.60 -57.64 -27.12
CA GLY T 399 -8.01 -58.11 -28.38
C GLY T 399 -7.82 -57.03 -29.45
N GLU T 400 -7.88 -55.74 -29.11
CA GLU T 400 -7.60 -54.63 -30.02
C GLU T 400 -8.59 -54.59 -31.22
N PRO T 401 -9.93 -54.54 -31.01
CA PRO T 401 -10.92 -54.65 -32.06
C PRO T 401 -11.06 -53.38 -32.90
N THR T 402 -11.17 -53.52 -34.21
CA THR T 402 -11.18 -52.42 -35.19
C THR T 402 -12.54 -52.13 -35.82
N SER T 403 -13.56 -52.96 -35.57
CA SER T 403 -14.94 -52.76 -36.03
C SER T 403 -15.96 -53.57 -35.22
N GLY T 404 -17.25 -53.23 -35.32
CA GLY T 404 -18.35 -54.00 -34.72
C GLY T 404 -18.89 -53.44 -33.40
N SER T 405 -19.50 -54.29 -32.58
CA SER T 405 -20.15 -53.88 -31.33
C SER T 405 -20.20 -55.01 -30.28
N PHE T 406 -20.30 -54.68 -29.00
CA PHE T 406 -20.24 -55.58 -27.83
C PHE T 406 -21.34 -55.28 -26.82
N THR T 407 -21.51 -56.10 -25.79
CA THR T 407 -22.49 -55.80 -24.73
C THR T 407 -21.97 -56.15 -23.33
N LEU T 408 -22.50 -55.48 -22.31
CA LEU T 408 -22.18 -55.67 -20.90
C LEU T 408 -23.39 -56.23 -20.16
N THR T 409 -23.15 -57.17 -19.26
CA THR T 409 -24.16 -57.84 -18.46
C THR T 409 -23.92 -57.63 -16.98
N LEU T 410 -24.98 -57.32 -16.23
CA LEU T 410 -24.96 -57.03 -14.79
C LEU T 410 -26.24 -57.57 -14.16
N ASP T 411 -26.12 -58.49 -13.19
CA ASP T 411 -27.26 -59.24 -12.63
C ASP T 411 -28.09 -60.05 -13.65
N GLY T 412 -27.58 -60.26 -14.86
CA GLY T 412 -28.34 -60.86 -15.97
C GLY T 412 -29.19 -59.86 -16.77
N GLN T 413 -29.27 -58.59 -16.36
CA GLN T 413 -29.68 -57.51 -17.26
C GLN T 413 -28.51 -57.21 -18.21
N THR T 414 -28.81 -56.88 -19.48
CA THR T 414 -27.80 -56.71 -20.54
C THR T 414 -28.03 -55.45 -21.36
N THR T 415 -26.97 -54.70 -21.67
CA THR T 415 -27.03 -53.40 -22.36
C THR T 415 -27.42 -53.51 -23.84
N ALA T 416 -28.02 -52.46 -24.41
CA ALA T 416 -28.20 -52.36 -25.86
C ALA T 416 -26.83 -52.21 -26.56
N PRO T 417 -26.53 -52.94 -27.63
CA PRO T 417 -25.17 -53.13 -28.14
C PRO T 417 -24.34 -51.84 -28.35
N ILE T 418 -23.11 -51.86 -27.85
CA ILE T 418 -22.20 -50.72 -27.66
C ILE T 418 -21.11 -50.73 -28.73
N ALA T 419 -20.79 -49.60 -29.36
CA ALA T 419 -19.78 -49.55 -30.42
C ALA T 419 -18.34 -49.67 -29.89
N TYR T 420 -17.42 -50.23 -30.69
CA TYR T 420 -15.99 -50.25 -30.40
C TYR T 420 -15.39 -48.85 -30.20
N ASN T 421 -15.97 -47.84 -30.86
CA ASN T 421 -15.59 -46.43 -30.80
C ASN T 421 -16.61 -45.60 -30.01
N ALA T 422 -17.38 -46.22 -29.12
CA ALA T 422 -18.36 -45.52 -28.30
C ALA T 422 -17.67 -44.50 -27.40
N THR T 423 -18.24 -43.30 -27.27
CA THR T 423 -17.78 -42.32 -26.29
C THR T 423 -18.11 -42.79 -24.88
N PRO T 424 -17.37 -42.36 -23.84
CA PRO T 424 -17.71 -42.71 -22.46
C PRO T 424 -19.10 -42.20 -22.07
N ALA T 425 -19.56 -41.07 -22.59
CA ALA T 425 -20.94 -40.61 -22.38
C ALA T 425 -21.98 -41.57 -23.01
N THR T 426 -21.70 -42.14 -24.18
CA THR T 426 -22.56 -43.17 -24.79
C THR T 426 -22.61 -44.41 -23.91
N VAL T 427 -21.46 -44.93 -23.49
CA VAL T 427 -21.38 -46.06 -22.55
C VAL T 427 -22.16 -45.75 -21.27
N ALA T 428 -22.05 -44.55 -20.71
CA ALA T 428 -22.79 -44.14 -19.53
C ALA T 428 -24.31 -44.18 -19.75
N ALA T 429 -24.82 -43.68 -20.88
CA ALA T 429 -26.23 -43.79 -21.22
C ALA T 429 -26.71 -45.25 -21.42
N ARG T 430 -25.84 -46.14 -21.92
CA ARG T 430 -26.17 -47.57 -22.06
C ARG T 430 -26.19 -48.33 -20.74
N ILE T 431 -25.38 -47.98 -19.74
CA ILE T 431 -25.48 -48.60 -18.41
C ILE T 431 -26.56 -47.96 -17.53
N ALA T 432 -26.88 -46.68 -17.71
CA ALA T 432 -28.00 -46.02 -17.05
C ALA T 432 -29.37 -46.62 -17.41
N ASP T 433 -29.52 -47.15 -18.62
CA ASP T 433 -30.76 -47.71 -19.15
C ASP T 433 -31.15 -49.04 -18.50
N LEU T 434 -30.22 -49.75 -17.84
CA LEU T 434 -30.50 -51.07 -17.29
C LEU T 434 -31.56 -51.02 -16.19
N PRO T 435 -32.56 -51.92 -16.18
CA PRO T 435 -33.57 -51.99 -15.13
C PRO T 435 -33.06 -52.01 -13.69
N ASN T 436 -31.84 -52.51 -13.45
CA ASN T 436 -31.24 -52.60 -12.11
C ASN T 436 -30.52 -51.31 -11.67
N ILE T 437 -30.23 -50.38 -12.60
CA ILE T 437 -29.61 -49.08 -12.28
C ILE T 437 -30.64 -47.96 -12.43
N ASP T 438 -31.33 -47.88 -13.57
CA ASP T 438 -32.54 -47.07 -13.76
C ASP T 438 -32.38 -45.56 -13.46
N GLY T 439 -31.30 -44.95 -13.95
CA GLY T 439 -31.06 -43.51 -13.81
C GLY T 439 -29.61 -43.09 -13.99
N ASN T 440 -29.37 -41.78 -13.90
CA ASN T 440 -28.05 -41.14 -14.02
C ASN T 440 -27.21 -41.34 -12.74
N TYR T 441 -27.01 -42.60 -12.37
CA TYR T 441 -26.33 -43.04 -11.15
C TYR T 441 -24.98 -43.71 -11.42
N VAL T 442 -24.44 -43.55 -12.63
CA VAL T 442 -23.15 -44.13 -13.03
C VAL T 442 -22.34 -43.11 -13.82
N LYS T 443 -21.04 -43.03 -13.51
CA LYS T 443 -20.04 -42.20 -14.18
C LYS T 443 -19.10 -43.09 -14.97
N VAL T 444 -18.73 -42.68 -16.18
CA VAL T 444 -17.73 -43.37 -17.00
C VAL T 444 -16.62 -42.43 -17.39
N GLU T 445 -15.37 -42.88 -17.28
CA GLU T 445 -14.22 -42.19 -17.87
C GLU T 445 -13.50 -43.14 -18.82
N GLY T 446 -13.23 -42.68 -20.04
CA GLY T 446 -12.43 -43.39 -21.01
C GLY T 446 -10.96 -43.12 -20.73
N LEU T 447 -10.15 -44.16 -20.64
CA LEU T 447 -8.71 -44.08 -20.36
C LEU T 447 -7.87 -43.98 -21.64
N ASN T 448 -8.51 -44.07 -22.81
CA ASN T 448 -8.00 -43.64 -24.11
C ASN T 448 -6.73 -44.35 -24.61
N GLU T 449 -6.50 -45.61 -24.26
CA GLU T 449 -5.38 -46.41 -24.79
C GLU T 449 -5.70 -47.18 -26.08
N TRP T 450 -6.97 -47.35 -26.43
CA TRP T 450 -7.43 -47.83 -27.75
C TRP T 450 -8.81 -47.26 -28.07
N PHE T 451 -8.92 -46.37 -29.05
CA PHE T 451 -10.04 -45.44 -29.15
C PHE T 451 -10.29 -44.81 -27.77
N HIS T 452 -11.46 -45.00 -27.17
CA HIS T 452 -11.74 -44.57 -25.79
C HIS T 452 -11.43 -45.62 -24.71
N SER T 453 -11.24 -46.89 -25.06
CA SER T 453 -11.00 -48.02 -24.16
C SER T 453 -9.62 -47.96 -23.47
N PRO T 454 -9.43 -48.55 -22.28
CA PRO T 454 -10.46 -49.08 -21.39
C PRO T 454 -11.41 -48.00 -20.89
N TYR T 455 -12.59 -48.41 -20.43
CA TYR T 455 -13.51 -47.52 -19.73
C TYR T 455 -13.50 -47.88 -18.25
N ARG T 456 -13.40 -46.87 -17.38
CA ARG T 456 -13.46 -47.04 -15.92
C ARG T 456 -14.78 -46.49 -15.43
N ILE T 457 -15.61 -47.36 -14.88
CA ILE T 457 -16.99 -47.11 -14.52
C ILE T 457 -17.08 -46.98 -13.02
N THR T 458 -17.54 -45.83 -12.54
CA THR T 458 -17.75 -45.55 -11.11
C THR T 458 -19.24 -45.47 -10.86
N PHE T 459 -19.76 -46.34 -10.01
CA PHE T 459 -21.16 -46.36 -9.65
C PHE T 459 -21.45 -45.36 -8.52
N GLY T 460 -22.68 -44.84 -8.45
CA GLY T 460 -23.12 -43.94 -7.38
C GLY T 460 -22.71 -42.48 -7.53
N GLU T 461 -22.18 -42.08 -8.67
CA GLU T 461 -21.88 -40.70 -9.03
C GLU T 461 -22.37 -40.42 -10.46
N ALA T 462 -22.97 -39.25 -10.71
CA ALA T 462 -23.51 -38.90 -12.03
C ALA T 462 -22.43 -38.45 -13.03
N GLN T 463 -22.75 -38.45 -14.32
CA GLN T 463 -21.88 -37.88 -15.36
C GLN T 463 -21.56 -36.39 -15.10
N PHE T 478 -35.95 -36.13 6.06
CA PHE T 478 -36.58 -36.26 7.37
C PHE T 478 -36.45 -37.67 7.93
N ILE T 479 -36.20 -37.80 9.23
CA ILE T 479 -36.40 -39.06 9.94
C ILE T 479 -37.89 -39.38 9.92
N GLY T 480 -38.26 -40.59 9.49
CA GLY T 480 -39.65 -41.06 9.42
C GLY T 480 -40.25 -41.08 8.02
N GLY T 481 -39.56 -40.56 6.99
CA GLY T 481 -40.07 -40.56 5.61
C GLY T 481 -40.32 -41.95 5.03
N LEU T 482 -39.64 -42.97 5.55
CA LEU T 482 -39.77 -44.37 5.16
C LEU T 482 -41.20 -44.90 5.32
N PHE T 483 -41.89 -44.57 6.42
CA PHE T 483 -43.27 -45.01 6.67
C PHE T 483 -44.28 -44.38 5.72
N GLY T 484 -43.92 -43.29 5.04
CA GLY T 484 -44.78 -42.58 4.08
C GLY T 484 -44.40 -42.82 2.61
N GLY T 485 -43.47 -43.73 2.32
CA GLY T 485 -42.97 -43.97 0.97
C GLY T 485 -42.08 -42.86 0.40
N ASN T 486 -41.61 -41.93 1.24
CA ASN T 486 -40.63 -40.91 0.89
C ASN T 486 -39.23 -41.27 1.42
N ALA T 487 -38.79 -42.52 1.22
CA ALA T 487 -37.46 -42.95 1.64
C ALA T 487 -36.36 -42.11 0.98
N SER T 488 -35.36 -41.68 1.74
CA SER T 488 -34.39 -40.66 1.34
C SER T 488 -33.23 -41.21 0.50
N GLY T 489 -32.93 -42.50 0.65
CA GLY T 489 -31.92 -43.20 -0.13
C GLY T 489 -32.21 -43.12 -1.64
N LYS T 490 -31.16 -42.90 -2.42
CA LYS T 490 -31.23 -42.67 -3.87
C LYS T 490 -29.97 -43.20 -4.55
N GLY T 491 -30.09 -43.57 -5.82
CA GLY T 491 -28.98 -44.05 -6.63
C GLY T 491 -28.44 -45.41 -6.17
N VAL T 492 -27.22 -45.73 -6.55
CA VAL T 492 -26.62 -47.06 -6.37
C VAL T 492 -25.23 -47.03 -5.72
N GLY T 493 -24.88 -45.91 -5.10
CA GLY T 493 -23.60 -45.71 -4.41
C GLY T 493 -23.52 -46.43 -3.07
N GLY T 494 -22.35 -46.96 -2.74
CA GLY T 494 -22.09 -47.71 -1.50
C GLY T 494 -22.52 -49.18 -1.53
N ILE T 495 -23.17 -49.64 -2.60
CA ILE T 495 -23.54 -51.05 -2.75
C ILE T 495 -22.33 -51.84 -3.26
N ASP T 496 -22.15 -53.05 -2.75
CA ASP T 496 -21.14 -54.01 -3.21
C ASP T 496 -21.60 -54.69 -4.51
N ILE T 497 -21.60 -53.95 -5.60
CA ILE T 497 -22.18 -54.39 -6.88
C ILE T 497 -21.39 -55.56 -7.45
N ASP T 498 -22.06 -56.62 -7.93
CA ASP T 498 -21.39 -57.78 -8.51
C ASP T 498 -20.64 -57.43 -9.80
N GLU T 499 -19.57 -58.17 -10.11
CA GLU T 499 -18.72 -57.84 -11.24
C GLU T 499 -19.45 -58.03 -12.57
N MET T 500 -19.50 -56.99 -13.40
CA MET T 500 -20.07 -57.09 -14.74
C MET T 500 -19.33 -58.12 -15.60
N THR T 501 -20.02 -58.67 -16.59
CA THR T 501 -19.44 -59.62 -17.54
C THR T 501 -19.67 -59.13 -18.96
N GLY T 502 -18.65 -59.26 -19.81
CA GLY T 502 -18.70 -58.82 -21.19
C GLY T 502 -19.08 -59.94 -22.14
N ASP T 503 -19.69 -59.59 -23.26
CA ASP T 503 -19.87 -60.47 -24.41
C ASP T 503 -19.32 -59.77 -25.66
N VAL T 504 -18.44 -60.46 -26.37
CA VAL T 504 -17.78 -59.99 -27.59
C VAL T 504 -18.78 -59.60 -28.68
N GLY T 505 -19.99 -60.17 -28.66
CA GLY T 505 -21.10 -59.71 -29.50
C GLY T 505 -20.80 -59.87 -30.98
N THR T 506 -20.48 -58.78 -31.64
CA THR T 506 -20.19 -58.73 -33.08
C THR T 506 -18.92 -57.94 -33.40
N LEU T 507 -18.02 -57.76 -32.42
CA LEU T 507 -16.71 -57.16 -32.65
C LEU T 507 -15.89 -57.96 -33.67
N SER T 508 -15.03 -57.27 -34.41
CA SER T 508 -14.04 -57.88 -35.30
C SER T 508 -12.74 -57.09 -35.30
N GLY T 509 -11.62 -57.79 -35.48
CA GLY T 509 -10.27 -57.27 -35.25
C GLY T 509 -9.20 -58.35 -35.39
N GLY T 510 -7.98 -58.05 -35.00
CA GLY T 510 -6.80 -58.90 -35.25
C GLY T 510 -6.68 -60.09 -34.30
N ALA T 511 -6.45 -59.82 -33.02
CA ALA T 511 -6.13 -60.83 -32.03
C ALA T 511 -7.37 -61.61 -31.56
N GLY T 512 -7.19 -62.53 -30.62
CA GLY T 512 -8.30 -63.21 -29.94
C GLY T 512 -9.07 -62.23 -29.06
N LEU T 513 -10.23 -61.79 -29.53
CA LEU T 513 -11.06 -60.82 -28.83
C LEU T 513 -11.67 -61.40 -27.57
N ASP T 514 -11.80 -60.55 -26.56
CA ASP T 514 -12.61 -60.75 -25.36
C ASP T 514 -13.00 -59.37 -24.85
N VAL T 515 -14.11 -59.27 -24.12
CA VAL T 515 -14.43 -58.08 -23.33
C VAL T 515 -14.10 -58.42 -21.89
N GLN T 516 -12.89 -58.07 -21.45
CA GLN T 516 -12.40 -58.34 -20.11
C GLN T 516 -12.95 -57.31 -19.13
N VAL T 517 -13.30 -57.74 -17.91
CA VAL T 517 -13.83 -56.88 -16.85
C VAL T 517 -13.08 -57.14 -15.55
N THR T 518 -12.77 -56.08 -14.81
CA THR T 518 -11.98 -56.15 -13.59
C THR T 518 -12.43 -55.09 -12.59
N THR T 519 -12.21 -55.30 -11.30
CA THR T 519 -12.62 -54.37 -10.24
C THR T 519 -11.44 -53.59 -9.68
N GLU T 520 -11.46 -52.27 -9.78
CA GLU T 520 -10.42 -51.39 -9.20
C GLU T 520 -10.62 -51.18 -7.70
N GLN T 521 -11.88 -51.14 -7.27
CA GLN T 521 -12.29 -50.90 -5.90
C GLN T 521 -13.66 -51.51 -5.64
N ASP T 522 -13.74 -52.39 -4.63
CA ASP T 522 -15.00 -52.92 -4.11
C ASP T 522 -15.80 -51.82 -3.41
N GLY T 523 -17.10 -51.70 -3.71
CA GLY T 523 -18.00 -50.79 -3.01
C GLY T 523 -18.34 -51.24 -1.58
N ASP T 524 -18.64 -50.30 -0.69
CA ASP T 524 -19.14 -50.60 0.66
C ASP T 524 -19.94 -49.43 1.25
N ARG T 525 -20.79 -49.74 2.23
CA ARG T 525 -21.48 -48.78 3.09
C ARG T 525 -21.71 -49.42 4.45
N LEU T 526 -20.83 -49.09 5.40
CA LEU T 526 -20.86 -49.59 6.76
C LEU T 526 -21.67 -48.62 7.63
N TYR T 527 -22.85 -49.03 8.06
CA TYR T 527 -23.68 -48.26 8.96
C TYR T 527 -23.21 -48.48 10.39
N VAL T 528 -22.89 -47.40 11.09
CA VAL T 528 -22.63 -47.36 12.52
C VAL T 528 -23.90 -46.87 13.20
N VAL T 529 -24.48 -47.72 14.04
CA VAL T 529 -25.66 -47.45 14.85
C VAL T 529 -25.20 -47.17 16.28
N SER T 530 -25.31 -45.92 16.70
CA SER T 530 -24.91 -45.48 18.04
C SER T 530 -26.14 -45.21 18.90
N PHE T 531 -26.27 -45.90 20.02
CA PHE T 531 -27.41 -45.72 20.93
C PHE T 531 -27.19 -44.57 21.91
N GLN T 532 -28.28 -43.93 22.35
CA GLN T 532 -28.31 -42.69 23.13
C GLN T 532 -29.50 -42.69 24.10
N ARG T 533 -29.54 -41.73 25.04
CA ARG T 533 -30.68 -41.46 25.94
C ARG T 533 -31.19 -42.74 26.58
N ALA T 534 -32.44 -43.15 26.38
CA ALA T 534 -33.01 -44.29 27.10
C ALA T 534 -32.40 -45.65 26.71
N ALA T 535 -31.68 -45.74 25.58
CA ALA T 535 -30.94 -46.93 25.16
C ALA T 535 -29.47 -46.92 25.62
N GLY T 536 -28.96 -45.79 26.10
CA GLY T 536 -27.60 -45.66 26.64
C GLY T 536 -27.48 -46.21 28.06
N GLY T 537 -26.35 -46.83 28.40
CA GLY T 537 -26.11 -47.38 29.73
C GLY T 537 -26.78 -48.73 30.01
N LEU T 538 -27.12 -49.50 28.98
CA LEU T 538 -27.52 -50.92 29.09
C LEU T 538 -26.99 -51.73 27.91
N ASN T 539 -26.80 -53.02 28.09
CA ASN T 539 -26.28 -53.89 27.04
C ASN T 539 -27.43 -54.44 26.21
N LEU T 540 -27.48 -54.08 24.93
CA LEU T 540 -28.57 -54.50 24.06
C LEU T 540 -28.30 -55.89 23.47
N PRO T 541 -29.32 -56.69 23.15
CA PRO T 541 -29.15 -57.84 22.27
C PRO T 541 -28.69 -57.35 20.89
N GLN T 542 -27.92 -58.16 20.18
CA GLN T 542 -27.31 -57.73 18.91
C GLN T 542 -28.36 -57.66 17.79
N LEU T 543 -28.30 -56.64 16.92
CA LEU T 543 -29.21 -56.51 15.79
C LEU T 543 -28.99 -57.63 14.77
N VAL T 544 -29.99 -58.47 14.53
CA VAL T 544 -29.93 -59.55 13.52
C VAL T 544 -30.75 -59.21 12.30
N GLY T 545 -30.22 -59.47 11.10
CA GLY T 545 -30.87 -59.12 9.83
C GLY T 545 -31.62 -60.27 9.18
N ASN T 546 -32.70 -59.98 8.44
CA ASN T 546 -33.36 -60.89 7.51
C ASN T 546 -33.36 -60.28 6.10
N ALA T 547 -32.75 -60.98 5.14
CA ALA T 547 -32.47 -60.50 3.79
C ALA T 547 -33.45 -60.99 2.72
N SER T 548 -34.47 -61.80 3.05
CA SER T 548 -35.33 -62.45 2.05
C SER T 548 -36.14 -61.48 1.17
N GLY T 549 -36.22 -60.20 1.52
CA GLY T 549 -36.80 -59.16 0.68
C GLY T 549 -35.86 -58.51 -0.35
N LEU T 550 -34.55 -58.79 -0.34
CA LEU T 550 -33.58 -58.27 -1.32
C LEU T 550 -33.62 -59.00 -2.66
N GLU T 551 -33.17 -58.32 -3.72
CA GLU T 551 -32.95 -58.88 -5.05
C GLU T 551 -31.45 -58.90 -5.42
N GLY T 552 -30.89 -60.06 -5.75
CA GLY T 552 -29.48 -60.20 -6.16
C GLY T 552 -28.90 -61.61 -6.01
N ASP T 553 -27.57 -61.72 -6.03
CA ASP T 553 -26.81 -62.97 -5.85
C ASP T 553 -26.16 -63.02 -4.46
N ASP T 554 -26.28 -64.15 -3.75
CA ASP T 554 -25.62 -64.41 -2.46
C ASP T 554 -25.83 -63.33 -1.37
N LEU T 555 -27.04 -62.82 -1.20
CA LEU T 555 -27.33 -61.74 -0.25
C LEU T 555 -27.17 -62.18 1.20
N SER T 556 -26.54 -61.35 2.04
CA SER T 556 -26.57 -61.48 3.50
C SER T 556 -26.33 -60.14 4.21
N ILE T 557 -26.74 -60.04 5.48
CA ILE T 557 -26.56 -58.86 6.31
C ILE T 557 -25.59 -59.24 7.43
N GLU T 558 -24.42 -58.62 7.49
CA GLU T 558 -23.28 -59.13 8.28
C GLU T 558 -23.05 -58.30 9.55
N THR T 559 -24.09 -58.16 10.36
CA THR T 559 -24.08 -57.24 11.51
C THR T 559 -23.06 -57.63 12.57
N ALA T 560 -22.49 -56.64 13.25
CA ALA T 560 -21.45 -56.80 14.26
C ALA T 560 -21.65 -55.79 15.41
N THR T 561 -20.89 -55.95 16.48
CA THR T 561 -20.93 -55.04 17.63
C THR T 561 -19.54 -54.52 17.95
N ASN T 562 -19.45 -53.23 18.25
CA ASN T 562 -18.21 -52.47 18.24
C ASN T 562 -17.91 -51.84 19.59
N VAL T 563 -18.93 -51.53 20.37
CA VAL T 563 -18.82 -51.14 21.78
C VAL T 563 -20.02 -51.71 22.54
N ASP T 564 -19.76 -52.57 23.53
CA ASP T 564 -20.78 -53.04 24.47
C ASP T 564 -21.27 -51.92 25.39
N GLY T 565 -22.59 -51.76 25.53
CA GLY T 565 -23.18 -50.85 26.49
C GLY T 565 -23.19 -51.39 27.93
N GLY T 566 -23.38 -50.51 28.92
CA GLY T 566 -23.52 -50.90 30.33
C GLY T 566 -23.35 -49.75 31.33
N ARG T 567 -23.59 -50.04 32.61
CA ARG T 567 -23.28 -49.20 33.77
C ARG T 567 -22.74 -50.11 34.88
N PRO T 568 -21.63 -49.77 35.56
CA PRO T 568 -21.19 -50.55 36.70
C PRO T 568 -22.10 -50.33 37.91
N TYR T 569 -22.09 -51.24 38.87
CA TYR T 569 -22.47 -50.91 40.23
C TYR T 569 -21.32 -50.14 40.87
N VAL T 570 -21.55 -48.91 41.28
CA VAL T 570 -20.57 -48.10 42.02
C VAL T 570 -20.75 -48.39 43.50
N VAL T 571 -19.85 -49.17 44.08
CA VAL T 571 -19.88 -49.54 45.49
C VAL T 571 -18.98 -48.60 46.27
N ARG T 572 -19.56 -47.81 47.17
CA ARG T 572 -18.87 -46.84 48.02
C ARG T 572 -18.89 -47.28 49.47
N PHE T 573 -17.74 -47.20 50.14
CA PHE T 573 -17.59 -47.62 51.53
C PHE T 573 -17.66 -46.41 52.44
N THR T 574 -18.68 -46.38 53.29
CA THR T 574 -19.20 -45.24 54.05
C THR T 574 -19.17 -45.53 55.56
N ASP T 575 -19.81 -44.68 56.36
CA ASP T 575 -20.01 -44.81 57.81
C ASP T 575 -18.74 -45.17 58.60
N ASP T 576 -18.55 -46.42 59.03
CA ASP T 576 -17.38 -46.84 59.83
C ASP T 576 -16.25 -47.44 58.98
N LEU T 577 -16.52 -47.86 57.75
CA LEU T 577 -15.47 -48.25 56.80
C LEU T 577 -14.87 -47.03 56.08
N GLN T 578 -15.50 -45.87 56.22
CA GLN T 578 -15.04 -44.57 55.72
C GLN T 578 -13.58 -44.28 56.12
N GLY T 579 -12.73 -44.03 55.13
CA GLY T 579 -11.31 -43.75 55.34
C GLY T 579 -10.43 -44.97 55.59
N VAL T 580 -10.94 -46.20 55.43
CA VAL T 580 -10.19 -47.46 55.62
C VAL T 580 -9.77 -48.08 54.28
N ASP T 581 -8.55 -48.59 54.20
CA ASP T 581 -7.99 -49.35 53.08
C ASP T 581 -8.60 -50.77 53.00
N VAL T 582 -9.90 -50.85 52.71
CA VAL T 582 -10.70 -52.09 52.58
C VAL T 582 -10.20 -52.99 51.43
N PRO T 583 -10.47 -54.31 51.43
CA PRO T 583 -9.94 -55.21 50.41
C PRO T 583 -10.56 -54.99 49.03
N THR T 584 -9.76 -55.17 47.97
CA THR T 584 -10.27 -55.17 46.59
C THR T 584 -11.17 -56.39 46.40
N MET T 585 -12.40 -56.17 45.98
CA MET T 585 -13.37 -57.25 45.83
C MET T 585 -13.06 -58.21 44.68
N THR T 586 -13.72 -59.37 44.71
CA THR T 586 -13.66 -60.43 43.71
C THR T 586 -15.07 -60.89 43.39
N VAL T 587 -15.27 -61.52 42.22
CA VAL T 587 -16.58 -61.88 41.69
C VAL T 587 -16.57 -63.32 41.18
N ASP T 588 -17.63 -64.08 41.42
CA ASP T 588 -17.83 -65.42 40.86
C ASP T 588 -19.07 -65.42 39.96
N THR T 589 -18.85 -65.65 38.67
CA THR T 589 -19.86 -65.58 37.61
C THR T 589 -20.20 -66.95 37.01
N ASP T 590 -19.75 -68.07 37.62
CA ASP T 590 -20.01 -69.40 37.07
C ASP T 590 -21.52 -69.74 37.03
N ASP T 591 -22.30 -69.14 37.93
CA ASP T 591 -23.75 -69.32 38.04
C ASP T 591 -24.58 -68.32 37.20
N LEU T 592 -23.96 -67.43 36.41
CA LEU T 592 -24.68 -66.64 35.40
C LEU T 592 -24.87 -67.45 34.12
N THR T 593 -26.01 -67.26 33.44
CA THR T 593 -26.43 -68.11 32.31
C THR T 593 -27.05 -67.29 31.18
N GLY T 594 -26.97 -67.81 29.95
CA GLY T 594 -27.74 -67.35 28.81
C GLY T 594 -27.18 -66.13 28.08
N GLY T 595 -26.08 -65.56 28.60
CA GLY T 595 -25.26 -64.61 27.85
C GLY T 595 -24.26 -65.31 26.93
N TYR T 596 -23.30 -64.56 26.41
CA TYR T 596 -22.14 -65.09 25.68
C TYR T 596 -20.84 -64.47 26.19
N GLU T 597 -19.82 -65.29 26.43
CA GLU T 597 -18.54 -64.89 27.01
C GLU T 597 -18.71 -64.06 28.30
N VAL T 598 -19.62 -64.50 29.17
CA VAL T 598 -19.98 -63.82 30.42
C VAL T 598 -18.78 -63.74 31.35
N GLY T 599 -18.59 -62.58 31.97
CA GLY T 599 -17.47 -62.30 32.88
C GLY T 599 -17.72 -61.08 33.75
N SER T 600 -16.68 -60.55 34.36
CA SER T 600 -16.75 -59.32 35.16
C SER T 600 -15.42 -58.59 35.26
N ARG T 601 -15.47 -57.31 35.66
CA ARG T 601 -14.32 -56.53 36.14
C ARG T 601 -14.68 -55.83 37.43
N VAL T 602 -13.71 -55.76 38.35
CA VAL T 602 -13.72 -54.80 39.46
C VAL T 602 -12.66 -53.75 39.19
N VAL T 603 -13.04 -52.48 39.15
CA VAL T 603 -12.14 -51.34 38.97
C VAL T 603 -12.17 -50.48 40.23
N VAL T 604 -11.04 -50.31 40.88
CA VAL T 604 -10.94 -49.42 42.05
C VAL T 604 -10.82 -47.98 41.56
N LEU T 605 -11.85 -47.16 41.78
CA LEU T 605 -11.87 -45.76 41.33
C LEU T 605 -11.01 -44.86 42.23
N ARG T 606 -11.14 -45.01 43.55
CA ARG T 606 -10.38 -44.32 44.58
C ARG T 606 -10.06 -45.29 45.69
N GLU T 607 -8.81 -45.31 46.13
CA GLU T 607 -8.40 -46.01 47.34
C GLU T 607 -8.97 -45.30 48.57
N GLY T 608 -9.45 -46.04 49.56
CA GLY T 608 -9.80 -45.49 50.86
C GLY T 608 -8.57 -45.02 51.64
N TYR T 609 -8.64 -43.85 52.27
CA TYR T 609 -7.52 -43.24 52.96
C TYR T 609 -7.99 -42.28 54.06
N THR T 610 -7.16 -42.05 55.07
CA THR T 610 -7.38 -41.02 56.09
C THR T 610 -6.15 -40.11 56.23
N TYR T 611 -6.35 -38.81 56.05
CA TYR T 611 -5.32 -37.76 56.19
C TYR T 611 -5.02 -37.47 57.66
N PRO T 612 -3.82 -36.96 58.01
CA PRO T 612 -3.58 -36.45 59.34
C PRO T 612 -4.38 -35.16 59.57
N ALA T 613 -4.57 -34.78 60.83
CA ALA T 613 -5.27 -33.54 61.18
C ALA T 613 -4.57 -32.30 60.63
N GLU T 614 -5.29 -31.19 60.53
CA GLU T 614 -4.76 -29.89 60.12
C GLU T 614 -3.92 -29.23 61.22
N ASN T 615 -2.96 -29.97 61.77
CA ASN T 615 -1.95 -29.46 62.68
C ASN T 615 -1.06 -28.49 61.92
N VAL T 616 -0.89 -27.26 62.41
CA VAL T 616 -0.12 -26.24 61.69
C VAL T 616 1.16 -25.87 62.40
N VAL T 617 2.18 -25.69 61.60
CA VAL T 617 3.43 -25.07 62.01
C VAL T 617 3.38 -23.64 61.50
N VAL T 618 3.59 -22.70 62.41
CA VAL T 618 3.74 -21.28 62.08
C VAL T 618 5.18 -20.89 62.27
N ASP T 619 5.82 -20.39 61.22
CA ASP T 619 7.11 -19.74 61.31
C ASP T 619 6.93 -18.27 60.94
N SER T 620 7.26 -17.35 61.84
CA SER T 620 7.10 -15.92 61.59
C SER T 620 8.21 -15.29 60.75
N ASP T 621 9.28 -16.02 60.39
CA ASP T 621 10.31 -15.55 59.46
C ASP T 621 9.69 -15.06 58.14
N PRO T 622 10.04 -13.88 57.62
CA PRO T 622 9.37 -13.32 56.45
C PRO T 622 9.63 -14.09 55.15
N ARG T 623 10.70 -14.90 55.07
CA ARG T 623 11.14 -15.57 53.84
C ARG T 623 10.37 -16.84 53.51
N GLU T 624 10.04 -17.62 54.53
CA GLU T 624 9.42 -18.95 54.38
C GLU T 624 7.90 -18.85 54.18
N GLU T 625 7.24 -19.95 53.81
CA GLU T 625 5.79 -20.03 53.88
C GLU T 625 5.39 -20.01 55.36
N GLN T 626 4.63 -19.01 55.81
CA GLN T 626 4.52 -18.75 57.25
C GLN T 626 3.66 -19.76 57.96
N VAL T 627 2.54 -20.18 57.37
CA VAL T 627 1.58 -21.13 57.95
C VAL T 627 1.53 -22.39 57.09
N SER T 628 1.84 -23.56 57.66
CA SER T 628 1.90 -24.84 56.96
C SER T 628 1.17 -25.93 57.73
N SER T 629 0.29 -26.70 57.09
CA SER T 629 -0.43 -27.82 57.70
C SER T 629 0.20 -29.16 57.32
N GLU T 630 0.32 -30.12 58.24
CA GLU T 630 0.86 -31.44 57.88
C GLU T 630 -0.08 -32.28 57.01
N SER T 631 -1.37 -31.94 56.96
CA SER T 631 -2.34 -32.54 56.03
C SER T 631 -2.13 -32.14 54.57
N GLY T 632 -1.34 -31.11 54.30
CA GLY T 632 -1.08 -30.59 52.96
C GLY T 632 -2.18 -29.68 52.43
N SER T 633 -3.13 -29.24 53.26
CA SER T 633 -4.15 -28.26 52.86
C SER T 633 -3.50 -26.94 52.48
N PRO T 634 -4.03 -26.18 51.50
CA PRO T 634 -3.57 -24.84 51.17
C PRO T 634 -4.07 -23.83 52.22
N ILE T 635 -3.67 -24.02 53.47
CA ILE T 635 -4.06 -23.23 54.65
C ILE T 635 -3.81 -21.74 54.46
N TRP T 636 -2.78 -21.40 53.71
CA TRP T 636 -2.41 -20.04 53.31
C TRP T 636 -3.51 -19.28 52.58
N GLU T 637 -4.47 -19.95 51.94
CA GLU T 637 -5.65 -19.28 51.34
C GLU T 637 -6.58 -18.69 52.40
N ARG T 638 -6.72 -19.37 53.54
CA ARG T 638 -7.66 -19.04 54.61
C ARG T 638 -7.15 -17.94 55.54
N MET T 639 -5.88 -17.54 55.42
CA MET T 639 -5.27 -16.46 56.20
C MET T 639 -5.62 -15.05 55.71
N ASN T 640 -6.22 -14.87 54.53
CA ASN T 640 -6.72 -13.58 54.02
C ASN T 640 -5.73 -12.40 54.17
N SER T 641 -4.50 -12.60 53.70
CA SER T 641 -3.39 -11.64 53.71
C SER T 641 -2.79 -11.27 55.08
N VAL T 642 -3.25 -11.87 56.17
CA VAL T 642 -2.65 -11.67 57.48
C VAL T 642 -1.31 -12.38 57.53
N ARG T 643 -0.23 -11.65 57.86
CA ARG T 643 1.11 -12.19 58.08
C ARG T 643 1.54 -11.91 59.50
N PHE T 644 2.33 -12.80 60.07
CA PHE T 644 3.11 -12.52 61.28
C PHE T 644 4.22 -11.52 60.92
N LEU T 645 4.27 -10.37 61.60
CA LEU T 645 5.13 -9.24 61.21
C LEU T 645 6.32 -9.02 62.13
N HIS T 646 6.26 -9.41 63.39
CA HIS T 646 7.16 -8.92 64.42
C HIS T 646 8.13 -9.98 64.97
N TYR T 647 9.38 -9.58 65.23
CA TYR T 647 10.39 -10.40 65.90
C TYR T 647 10.51 -10.05 67.40
N ILE T 648 11.19 -10.87 68.18
CA ILE T 648 11.60 -10.56 69.56
C ILE T 648 12.91 -9.77 69.53
N PRO T 649 12.98 -8.50 69.96
CA PRO T 649 14.19 -7.69 69.89
C PRO T 649 15.40 -8.28 70.63
N PRO T 650 16.63 -8.00 70.18
CA PRO T 650 17.83 -8.28 70.95
C PRO T 650 17.72 -7.82 72.40
N TYR T 651 18.17 -8.65 73.33
CA TYR T 651 18.14 -8.39 74.78
C TYR T 651 16.75 -8.22 75.42
N THR T 652 15.71 -8.84 74.87
CA THR T 652 14.38 -8.87 75.49
C THR T 652 14.35 -9.81 76.69
N GLY T 653 13.95 -9.30 77.84
CA GLY T 653 13.87 -10.03 79.11
C GLY T 653 12.64 -10.93 79.18
N GLU T 654 11.88 -10.84 80.27
CA GLU T 654 10.68 -11.64 80.47
C GLU T 654 9.53 -11.20 79.57
N VAL T 655 8.82 -12.16 78.96
CA VAL T 655 7.63 -11.91 78.14
C VAL T 655 6.54 -12.91 78.54
N THR T 656 5.31 -12.46 78.69
CA THR T 656 4.15 -13.36 78.79
C THR T 656 3.41 -13.36 77.46
N PHE T 657 3.32 -14.52 76.83
CA PHE T 657 2.57 -14.75 75.61
C PHE T 657 1.18 -15.26 75.98
N LYS T 658 0.14 -14.47 75.75
CA LYS T 658 -1.25 -14.89 75.94
C LYS T 658 -1.78 -15.58 74.68
N LEU T 659 -1.97 -16.88 74.70
CA LEU T 659 -2.72 -17.60 73.67
C LEU T 659 -4.18 -17.74 74.10
N SER T 660 -5.08 -18.00 73.16
CA SER T 660 -6.40 -18.53 73.48
C SER T 660 -6.90 -19.49 72.42
N VAL T 661 -7.70 -20.47 72.82
CA VAL T 661 -8.16 -21.58 71.98
C VAL T 661 -9.66 -21.82 72.13
N SER T 662 -10.29 -22.26 71.05
CA SER T 662 -11.66 -22.81 71.03
C SER T 662 -11.68 -24.09 70.24
N GLY T 663 -12.60 -25.01 70.51
CA GLY T 663 -12.66 -26.26 69.78
C GLY T 663 -11.49 -27.20 70.08
N ALA T 664 -11.03 -27.22 71.32
CA ALA T 664 -9.95 -28.08 71.78
C ALA T 664 -10.34 -28.78 73.09
N VAL T 665 -10.01 -30.07 73.16
CA VAL T 665 -10.19 -30.91 74.34
C VAL T 665 -8.97 -30.85 75.25
N PRO T 666 -9.11 -31.10 76.56
CA PRO T 666 -7.98 -31.19 77.48
C PRO T 666 -6.88 -32.12 76.97
N GLY T 667 -5.62 -31.74 77.17
CA GLY T 667 -4.45 -32.55 76.81
C GLY T 667 -3.90 -32.35 75.41
N GLN T 668 -4.49 -31.52 74.56
CA GLN T 668 -3.81 -31.04 73.35
C GLN T 668 -2.71 -30.04 73.71
N ILE T 669 -1.52 -30.12 73.11
CA ILE T 669 -0.43 -29.16 73.35
C ILE T 669 -0.10 -28.37 72.08
N ALA T 670 -0.15 -27.05 72.19
CA ALA T 670 0.62 -26.17 71.32
C ALA T 670 2.05 -26.10 71.86
N THR T 671 3.01 -25.68 71.05
CA THR T 671 4.38 -25.43 71.53
C THR T 671 4.96 -24.17 70.90
N LEU T 672 5.92 -23.57 71.60
CA LEU T 672 6.64 -22.38 71.18
C LEU T 672 8.14 -22.68 71.16
N ARG T 673 8.84 -22.16 70.17
CA ARG T 673 10.31 -22.15 70.12
C ARG T 673 10.80 -20.76 69.80
N LEU T 674 11.80 -20.33 70.54
CA LEU T 674 12.50 -19.07 70.39
C LEU T 674 13.99 -19.38 70.20
N PRO T 675 14.43 -19.85 69.01
CA PRO T 675 15.78 -20.35 68.81
C PRO T 675 16.82 -19.26 68.90
N ARG T 676 17.89 -19.51 69.67
CA ARG T 676 18.90 -18.51 70.03
C ARG T 676 20.10 -18.61 69.11
N ALA T 677 20.38 -17.54 68.39
CA ALA T 677 21.47 -17.44 67.44
C ALA T 677 22.42 -16.34 67.87
N TRP T 678 23.65 -16.71 68.21
CA TRP T 678 24.68 -15.84 68.77
C TRP T 678 25.77 -15.58 67.75
N SER T 679 26.28 -14.36 67.65
CA SER T 679 27.35 -14.07 66.70
C SER T 679 28.66 -14.79 67.01
N ARG T 680 28.85 -15.26 68.25
CA ARG T 680 30.10 -15.77 68.83
C ARG T 680 29.90 -16.98 69.73
N PRO T 681 30.93 -17.81 69.96
CA PRO T 681 30.85 -18.95 70.87
C PRO T 681 30.89 -18.61 72.38
N TRP T 682 31.20 -17.38 72.80
CA TRP T 682 31.71 -17.13 74.16
C TRP T 682 31.11 -15.96 74.95
N GLY T 683 30.28 -15.09 74.39
CA GLY T 683 29.79 -13.96 75.17
C GLY T 683 28.59 -13.26 74.58
N LEU T 684 28.62 -11.93 74.62
CA LEU T 684 27.62 -10.99 74.13
C LEU T 684 26.30 -10.91 74.92
N GLU T 685 26.19 -11.49 76.10
CA GLU T 685 25.06 -11.33 77.01
C GLU T 685 25.31 -10.21 78.03
N ALA U 2 56.13 -46.80 73.90
CA ALA U 2 57.27 -46.00 74.39
C ALA U 2 58.28 -45.71 73.27
N SER U 3 59.09 -46.70 72.86
CA SER U 3 60.14 -46.52 71.86
C SER U 3 59.91 -47.37 70.59
N ARG U 4 59.89 -46.75 69.41
CA ARG U 4 59.59 -47.41 68.12
C ARG U 4 60.23 -46.69 66.95
N LEU U 5 60.62 -47.41 65.91
CA LEU U 5 60.99 -46.84 64.61
C LEU U 5 59.80 -46.96 63.63
N LEU U 6 59.38 -45.85 63.03
CA LEU U 6 58.28 -45.80 62.07
C LEU U 6 58.73 -46.32 60.69
N ASP U 7 58.30 -47.51 60.28
CA ASP U 7 58.69 -48.15 59.02
C ASP U 7 57.45 -48.70 58.29
N PRO U 8 56.76 -47.88 57.46
CA PRO U 8 55.37 -48.11 57.08
C PRO U 8 55.04 -49.33 56.22
N ASP U 9 55.95 -49.86 55.41
CA ASP U 9 55.63 -50.92 54.42
C ASP U 9 54.65 -50.50 53.30
N THR U 10 54.57 -49.21 53.00
CA THR U 10 53.90 -48.66 51.82
C THR U 10 54.66 -49.03 50.55
N LEU U 11 54.01 -49.59 49.55
CA LEU U 11 54.60 -49.96 48.26
C LEU U 11 53.96 -49.18 47.11
N VAL U 12 54.75 -48.45 46.34
CA VAL U 12 54.31 -47.62 45.19
C VAL U 12 54.88 -48.17 43.89
N GLU U 13 54.03 -48.52 42.94
CA GLU U 13 54.46 -49.04 41.64
C GLU U 13 53.74 -48.37 40.47
N LEU U 14 54.43 -48.14 39.36
CA LEU U 14 53.82 -47.66 38.13
C LEU U 14 53.77 -48.78 37.10
N GLU U 15 52.60 -49.08 36.58
CA GLU U 15 52.42 -49.89 35.38
C GLU U 15 52.21 -48.95 34.20
N GLY U 16 53.11 -49.01 33.24
CA GLY U 16 53.16 -48.12 32.08
C GLY U 16 52.22 -48.50 30.95
N VAL U 17 52.09 -47.62 29.96
CA VAL U 17 51.18 -47.79 28.83
C VAL U 17 51.51 -48.99 27.92
N ASN U 18 52.76 -49.42 27.83
CA ASN U 18 53.14 -50.66 27.14
C ASN U 18 53.27 -51.86 28.09
N GLY U 19 52.79 -51.74 29.34
CA GLY U 19 52.87 -52.80 30.33
C GLY U 19 54.27 -53.00 30.92
N GLU U 20 55.14 -52.00 30.84
CA GLU U 20 56.34 -51.92 31.67
C GLU U 20 55.94 -51.76 33.14
N TRP U 21 56.82 -52.12 34.07
CA TRP U 21 56.62 -51.87 35.49
C TRP U 21 57.83 -51.18 36.11
N PHE U 22 57.55 -50.25 37.00
CA PHE U 22 58.53 -49.56 37.81
C PHE U 22 58.14 -49.67 39.29
N ASP U 23 59.03 -50.15 40.14
CA ASP U 23 58.90 -50.07 41.60
C ASP U 23 59.54 -48.77 42.07
N LEU U 24 58.73 -47.82 42.50
CA LEU U 24 59.18 -46.49 42.90
C LEU U 24 59.61 -46.46 44.38
N THR U 25 59.38 -47.53 45.14
CA THR U 25 59.77 -47.67 46.55
C THR U 25 61.16 -48.28 46.68
N ASN U 26 61.46 -49.31 45.90
CA ASN U 26 62.70 -50.07 46.00
C ASN U 26 63.68 -49.78 44.84
N GLY U 27 63.20 -49.20 43.74
CA GLY U 27 64.05 -48.64 42.69
C GLY U 27 64.88 -49.67 41.94
N THR U 28 64.38 -50.89 41.76
CA THR U 28 65.05 -51.96 41.00
C THR U 28 65.18 -51.65 39.50
N GLU U 29 64.47 -50.65 39.00
CA GLU U 29 64.63 -50.08 37.66
C GLU U 29 65.40 -48.74 37.70
N GLY U 30 66.01 -48.39 38.84
CA GLY U 30 66.84 -47.20 39.03
C GLY U 30 66.10 -45.88 39.22
N ILE U 31 64.80 -45.95 39.47
CA ILE U 31 63.89 -44.82 39.59
C ILE U 31 63.20 -44.90 40.96
N TYR U 32 63.13 -43.82 41.71
CA TYR U 32 62.45 -43.77 43.00
C TYR U 32 61.52 -42.58 43.04
N LEU U 33 60.43 -42.63 43.81
CA LEU U 33 59.61 -41.44 44.05
C LEU U 33 60.41 -40.41 44.88
N ALA U 34 60.51 -39.15 44.45
CA ALA U 34 61.24 -38.08 45.14
C ALA U 34 60.46 -37.47 46.31
N THR U 35 61.16 -36.72 47.17
CA THR U 35 60.68 -36.15 48.43
C THR U 35 59.77 -34.90 48.33
N GLU U 36 58.77 -34.87 47.45
CA GLU U 36 57.64 -33.91 47.53
C GLU U 36 56.50 -34.35 46.61
N VAL U 37 55.28 -34.54 47.11
CA VAL U 37 54.10 -34.94 46.31
C VAL U 37 52.85 -34.15 46.66
N THR U 38 52.06 -33.79 45.65
CA THR U 38 50.75 -33.16 45.81
C THR U 38 49.73 -33.92 44.97
N GLY U 39 48.52 -34.17 45.49
CA GLY U 39 47.42 -34.79 44.76
C GLY U 39 47.13 -36.26 45.05
N LEU U 40 47.95 -36.96 45.85
CA LEU U 40 47.47 -38.12 46.60
C LEU U 40 46.45 -37.64 47.67
N LEU U 41 45.96 -38.50 48.55
CA LEU U 41 44.87 -38.19 49.49
C LEU U 41 43.57 -37.81 48.74
N ASP U 42 42.70 -36.94 49.26
CA ASP U 42 41.43 -36.57 48.60
C ASP U 42 41.61 -35.89 47.21
N PRO U 43 40.68 -36.08 46.28
CA PRO U 43 40.62 -35.29 45.05
C PRO U 43 40.09 -33.87 45.34
N PRO U 44 40.47 -32.85 44.56
CA PRO U 44 39.99 -31.49 44.76
C PRO U 44 38.50 -31.35 44.42
N VAL U 45 37.76 -30.58 45.22
CA VAL U 45 36.31 -30.36 45.06
C VAL U 45 36.00 -28.86 44.92
N LYS U 46 35.05 -28.54 44.05
CA LYS U 46 34.41 -27.24 43.95
C LYS U 46 33.05 -27.29 44.64
N ALA U 47 32.88 -26.58 45.75
CA ALA U 47 31.60 -26.40 46.43
C ALA U 47 30.98 -25.04 46.06
N THR U 48 29.71 -25.01 45.69
CA THR U 48 29.00 -23.79 45.27
C THR U 48 27.92 -23.39 46.28
N TYR U 49 27.87 -22.10 46.61
CA TYR U 49 26.88 -21.47 47.48
C TYR U 49 26.20 -20.28 46.78
N GLU U 50 24.99 -19.94 47.21
CA GLU U 50 24.26 -18.74 46.78
C GLU U 50 23.91 -17.80 47.94
N GLU U 51 23.94 -16.50 47.70
CA GLU U 51 23.40 -15.52 48.64
C GLU U 51 21.87 -15.64 48.75
N PRO U 52 21.26 -15.59 49.95
CA PRO U 52 19.84 -15.82 50.18
C PRO U 52 18.95 -14.58 49.98
N GLY U 53 19.36 -13.62 49.18
CA GLY U 53 18.88 -12.24 49.28
C GLY U 53 19.54 -11.49 50.43
N ASN U 54 18.95 -10.37 50.86
CA ASN U 54 19.53 -9.49 51.87
C ASN U 54 19.38 -10.04 53.31
N PHE U 55 19.92 -11.22 53.56
CA PHE U 55 19.81 -11.99 54.80
C PHE U 55 21.16 -12.65 55.17
N PRO U 56 21.37 -13.07 56.42
CA PRO U 56 22.62 -13.70 56.87
C PRO U 56 23.03 -14.95 56.07
N GLY U 57 24.33 -15.09 55.83
CA GLY U 57 24.92 -16.35 55.38
C GLY U 57 24.81 -16.62 53.88
N ALA U 58 24.77 -17.89 53.53
CA ALA U 58 24.65 -18.40 52.17
C ALA U 58 24.01 -19.79 52.19
N ARG U 59 23.40 -20.21 51.10
CA ARG U 59 22.79 -21.54 50.95
C ARG U 59 23.69 -22.42 50.09
N TYR U 60 23.90 -23.67 50.48
CA TYR U 60 24.58 -24.65 49.65
C TYR U 60 23.76 -24.99 48.40
N LEU U 61 24.37 -24.88 47.21
CA LEU U 61 23.77 -25.37 45.97
C LEU U 61 24.18 -26.80 45.68
N ASN U 62 25.48 -27.01 45.46
CA ASN U 62 26.01 -28.25 44.91
C ASN U 62 27.52 -28.37 45.18
N HIS U 63 28.09 -29.56 45.03
CA HIS U 63 29.55 -29.72 44.92
C HIS U 63 29.93 -30.72 43.84
N ARG U 64 31.10 -30.53 43.23
CA ARG U 64 31.65 -31.35 42.15
C ARG U 64 33.09 -31.74 42.45
N VAL U 65 33.41 -33.02 42.33
CA VAL U 65 34.79 -33.54 42.35
C VAL U 65 35.45 -33.17 41.04
N LEU U 66 36.60 -32.50 41.09
CA LEU U 66 37.37 -32.10 39.92
C LEU U 66 38.37 -33.18 39.51
N ARG U 67 39.00 -33.03 38.34
CA ARG U 67 40.13 -33.89 37.94
C ARG U 67 41.25 -33.85 38.99
N ARG U 68 41.91 -34.97 39.22
CA ARG U 68 43.02 -35.04 40.17
C ARG U 68 44.32 -34.69 39.44
N ASP U 69 44.84 -33.50 39.70
CA ASP U 69 46.20 -33.12 39.29
C ASP U 69 47.23 -33.63 40.32
N LEU U 70 48.19 -34.44 39.87
CA LEU U 70 49.27 -34.99 40.68
C LEU U 70 50.58 -34.32 40.25
N VAL U 71 51.31 -33.78 41.20
CA VAL U 71 52.67 -33.24 41.00
C VAL U 71 53.60 -34.05 41.88
N PHE U 72 54.62 -34.64 41.27
CA PHE U 72 55.65 -35.40 41.96
C PHE U 72 56.92 -35.37 41.13
N GLY U 73 58.02 -35.84 41.68
CA GLY U 73 59.27 -36.05 40.96
C GLY U 73 59.72 -37.48 41.12
N VAL U 74 60.59 -37.94 40.24
CA VAL U 74 61.28 -39.22 40.39
C VAL U 74 62.78 -39.03 40.32
N GLU U 75 63.51 -39.64 41.26
CA GLU U 75 64.96 -39.63 41.38
C GLU U 75 65.56 -40.72 40.50
N ILE U 76 66.34 -40.36 39.50
CA ILE U 76 66.88 -41.33 38.54
C ILE U 76 68.40 -41.39 38.69
N LEU U 77 68.93 -42.55 39.07
CA LEU U 77 70.35 -42.74 39.34
C LEU U 77 71.14 -42.94 38.06
N ASN U 78 72.22 -42.20 37.87
CA ASN U 78 73.10 -42.34 36.71
C ASN U 78 74.18 -43.43 36.87
N ASP U 79 73.84 -44.69 36.64
CA ASP U 79 74.77 -45.83 36.67
C ASP U 79 75.39 -46.12 35.27
N GLU U 80 75.96 -47.31 35.02
CA GLU U 80 76.71 -47.66 33.79
C GLU U 80 75.87 -48.37 32.70
N ASN U 81 76.43 -48.53 31.50
CA ASN U 81 75.83 -49.27 30.37
C ASN U 81 74.37 -48.85 30.06
N ASP U 82 73.45 -49.77 29.78
CA ASP U 82 72.03 -49.45 29.60
C ASP U 82 71.32 -49.10 30.93
N GLU U 83 72.03 -49.04 32.06
CA GLU U 83 71.56 -48.50 33.33
C GLU U 83 72.01 -47.03 33.55
N THR U 84 72.56 -46.35 32.54
CA THR U 84 72.80 -44.89 32.60
C THR U 84 71.50 -44.10 32.77
N TRP U 85 71.61 -42.89 33.32
CA TRP U 85 70.48 -41.96 33.47
C TRP U 85 69.74 -41.72 32.16
N LEU U 86 70.46 -41.54 31.06
CA LEU U 86 69.84 -41.31 29.77
C LEU U 86 68.87 -42.43 29.39
N ARG U 87 69.32 -43.66 29.57
CA ARG U 87 68.57 -44.85 29.23
C ARG U 87 67.38 -45.08 30.15
N ARG U 88 67.50 -44.82 31.45
CA ARG U 88 66.41 -44.89 32.44
C ARG U 88 65.40 -43.77 32.29
N ASP U 89 65.82 -42.54 32.05
CA ASP U 89 64.90 -41.42 31.78
C ASP U 89 64.13 -41.65 30.47
N SER U 90 64.78 -42.29 29.51
CA SER U 90 64.13 -42.75 28.28
C SER U 90 63.11 -43.86 28.52
N ALA U 91 63.48 -44.91 29.25
CA ALA U 91 62.55 -45.99 29.62
C ALA U 91 61.37 -45.47 30.44
N TRP U 92 61.62 -44.61 31.41
CA TRP U 92 60.60 -43.89 32.15
C TRP U 92 59.66 -43.11 31.24
N ARG U 93 60.18 -42.29 30.31
CA ARG U 93 59.34 -41.53 29.40
C ARG U 93 58.46 -42.43 28.54
N LYS U 94 58.94 -43.59 28.10
CA LYS U 94 58.18 -44.53 27.29
C LYS U 94 56.97 -45.12 28.02
N ALA U 95 56.95 -45.14 29.35
CA ALA U 95 55.85 -45.67 30.14
C ALA U 95 54.59 -44.79 30.16
N TRP U 96 54.68 -43.55 29.70
CA TRP U 96 53.66 -42.50 29.86
C TRP U 96 53.15 -41.97 28.52
N SER U 97 51.93 -41.43 28.51
CA SER U 97 51.38 -40.73 27.36
C SER U 97 50.29 -39.72 27.75
N PHE U 98 49.88 -38.88 26.79
CA PHE U 98 48.74 -37.99 26.94
C PHE U 98 47.39 -38.67 26.64
N LYS U 99 47.35 -39.67 25.76
CA LYS U 99 46.13 -40.33 25.29
C LYS U 99 45.74 -41.61 26.06
N ARG U 100 46.72 -42.42 26.47
CA ARG U 100 46.55 -43.75 27.10
C ARG U 100 46.98 -43.72 28.57
N ASP U 101 46.24 -44.42 29.40
CA ASP U 101 46.47 -44.47 30.86
C ASP U 101 47.65 -45.36 31.25
N ALA U 102 48.52 -44.84 32.09
CA ALA U 102 49.30 -45.65 33.01
C ALA U 102 48.47 -45.93 34.29
N LYS U 103 48.79 -46.98 35.05
CA LYS U 103 48.19 -47.26 36.35
C LYS U 103 49.22 -47.08 37.46
N LEU U 104 48.94 -46.19 38.39
CA LEU U 104 49.72 -46.00 39.59
C LEU U 104 49.12 -46.89 40.68
N HIS U 105 49.83 -47.92 41.09
CA HIS U 105 49.41 -48.91 42.05
C HIS U 105 50.01 -48.60 43.42
N ILE U 106 49.19 -48.49 44.46
CA ILE U 106 49.63 -48.36 45.85
C ILE U 106 49.13 -49.55 46.67
N THR U 107 50.03 -50.23 47.38
CA THR U 107 49.70 -51.29 48.34
C THR U 107 50.09 -50.87 49.76
N THR U 108 49.22 -51.14 50.72
CA THR U 108 49.51 -51.05 52.16
C THR U 108 49.04 -52.30 52.90
N GLY U 109 49.56 -52.57 54.09
CA GLY U 109 49.04 -53.64 54.94
C GLY U 109 47.61 -53.38 55.39
N GLU U 110 47.30 -52.11 55.64
CA GLU U 110 46.08 -51.65 56.31
C GLU U 110 44.86 -51.50 55.39
N SER U 111 45.06 -51.31 54.09
CA SER U 111 43.98 -51.28 53.10
C SER U 111 44.18 -52.17 51.89
N GLY U 112 45.31 -52.86 51.79
CA GLY U 112 45.61 -53.66 50.62
C GLY U 112 45.94 -52.79 49.41
N HIS U 113 45.53 -53.23 48.24
CA HIS U 113 45.95 -52.70 46.95
C HIS U 113 44.85 -51.85 46.33
N ARG U 114 45.19 -50.66 45.82
CA ARG U 114 44.35 -49.84 44.95
C ARG U 114 45.20 -49.28 43.81
N TYR U 115 44.57 -48.90 42.71
CA TYR U 115 45.27 -48.22 41.62
C TYR U 115 44.53 -46.97 41.11
N LEU U 116 45.27 -46.02 40.56
CA LEU U 116 44.78 -44.77 39.96
C LEU U 116 45.16 -44.72 38.47
N LYS U 117 44.21 -44.45 37.57
CA LYS U 117 44.44 -44.28 36.12
C LYS U 117 44.95 -42.88 35.82
N VAL U 118 46.20 -42.74 35.40
CA VAL U 118 46.93 -41.46 35.27
C VAL U 118 47.51 -41.24 33.89
N ARG U 119 47.54 -39.99 33.41
CA ARG U 119 48.12 -39.56 32.13
C ARG U 119 48.97 -38.34 32.32
N LEU U 120 49.88 -38.05 31.41
CA LEU U 120 50.57 -36.77 31.40
C LEU U 120 49.60 -35.60 31.31
N PHE U 121 49.91 -34.48 31.96
CA PHE U 121 49.24 -33.21 31.74
C PHE U 121 50.22 -32.16 31.19
N GLU U 122 51.47 -32.18 31.65
CA GLU U 122 52.60 -31.49 31.00
C GLU U 122 53.70 -32.48 30.63
N SER U 123 54.51 -32.17 29.63
CA SER U 123 55.69 -32.97 29.27
C SER U 123 56.65 -33.12 30.46
N PRO U 124 57.18 -34.32 30.77
CA PRO U 124 58.23 -34.49 31.78
C PRO U 124 59.42 -33.56 31.53
N THR U 125 59.94 -32.90 32.56
CA THR U 125 61.09 -31.98 32.48
C THR U 125 62.19 -32.32 33.47
N THR U 126 63.43 -32.05 33.08
CA THR U 126 64.63 -32.21 33.90
C THR U 126 65.37 -30.87 33.94
N ASP U 127 65.91 -30.46 35.08
CA ASP U 127 66.82 -29.32 35.15
C ASP U 127 68.12 -29.60 34.38
N MET U 128 68.58 -28.64 33.58
CA MET U 128 69.79 -28.77 32.78
C MET U 128 70.71 -27.58 33.00
N VAL U 129 70.97 -27.29 34.28
CA VAL U 129 72.00 -26.36 34.74
C VAL U 129 73.36 -26.72 34.15
N THR U 130 73.63 -28.00 34.07
CA THR U 130 74.78 -28.66 33.44
C THR U 130 74.25 -29.92 32.76
N ASP U 131 74.96 -30.49 31.78
CA ASP U 131 74.61 -31.74 31.09
C ASP U 131 74.17 -32.87 32.07
N PRO U 132 72.90 -33.30 32.08
CA PRO U 132 72.37 -34.34 32.96
C PRO U 132 73.12 -35.65 32.93
N ARG U 133 73.77 -35.99 31.82
CA ARG U 133 74.64 -37.17 31.73
C ARG U 133 75.86 -37.10 32.62
N GLY U 134 76.32 -35.91 32.98
CA GLY U 134 77.44 -35.68 33.88
C GLY U 134 77.03 -35.54 35.33
N ARG U 135 75.75 -35.67 35.64
CA ARG U 135 75.18 -35.58 37.00
C ARG U 135 74.93 -36.97 37.53
N GLU U 136 75.24 -37.19 38.80
CA GLU U 136 75.16 -38.49 39.47
C GLU U 136 73.72 -38.95 39.79
N VAL U 137 72.76 -38.03 39.91
CA VAL U 137 71.31 -38.25 40.01
C VAL U 137 70.61 -37.07 39.33
N ASN U 138 69.49 -37.30 38.66
CA ASN U 138 68.63 -36.24 38.14
C ASN U 138 67.18 -36.43 38.61
N ILE U 139 66.48 -35.34 38.92
CA ILE U 139 65.04 -35.33 39.17
C ILE U 139 64.32 -35.06 37.85
N THR U 140 63.38 -35.90 37.51
CA THR U 140 62.42 -35.61 36.45
C THR U 140 61.10 -35.22 37.08
N LYS U 141 60.57 -34.05 36.74
CA LYS U 141 59.33 -33.51 37.31
C LYS U 141 58.15 -34.01 36.50
N MET U 142 57.18 -34.58 37.19
CA MET U 142 55.97 -35.14 36.62
C MET U 142 54.77 -34.29 37.00
N VAL U 143 54.03 -33.81 36.01
CA VAL U 143 52.70 -33.24 36.21
C VAL U 143 51.71 -34.12 35.47
N VAL U 144 50.88 -34.86 36.20
CA VAL U 144 50.01 -35.88 35.65
C VAL U 144 48.56 -35.64 36.08
N VAL U 145 47.61 -36.18 35.34
CA VAL U 145 46.18 -35.99 35.58
C VAL U 145 45.50 -37.34 35.63
N ALA U 146 44.56 -37.51 36.56
CA ALA U 146 43.54 -38.54 36.50
C ALA U 146 42.16 -37.90 36.31
N GLY U 147 41.65 -37.96 35.08
CA GLY U 147 40.32 -37.46 34.72
C GLY U 147 39.18 -38.34 35.24
N ASP U 148 39.48 -39.59 35.58
CA ASP U 148 38.67 -40.48 36.41
C ASP U 148 39.32 -40.56 37.81
N PRO U 149 38.85 -39.80 38.81
CA PRO U 149 39.71 -39.38 39.92
C PRO U 149 39.85 -40.40 41.06
N PHE U 150 39.24 -41.58 40.99
CA PHE U 150 39.18 -42.52 42.09
C PHE U 150 40.30 -43.58 42.09
N TRP U 151 40.57 -44.14 43.26
CA TRP U 151 41.47 -45.26 43.43
C TRP U 151 40.60 -46.50 43.39
N TYR U 152 40.90 -47.42 42.50
CA TYR U 152 40.05 -48.56 42.18
C TYR U 152 40.59 -49.85 42.78
N GLU U 153 39.68 -50.68 43.27
CA GLU U 153 39.85 -52.13 43.32
C GLU U 153 39.12 -52.78 42.13
N ASP U 154 39.20 -54.09 41.98
CA ASP U 154 38.47 -54.85 40.97
C ASP U 154 36.94 -54.84 41.22
N ASP U 155 36.13 -54.90 40.15
CA ASP U 155 34.67 -55.01 40.27
C ASP U 155 34.29 -56.35 40.90
N VAL U 156 33.37 -56.35 41.86
CA VAL U 156 32.84 -57.61 42.40
C VAL U 156 31.73 -58.08 41.48
N VAL U 157 31.70 -59.38 41.16
CA VAL U 157 30.65 -59.96 40.32
C VAL U 157 29.96 -61.11 41.04
N TYR U 158 28.64 -61.08 41.06
CA TYR U 158 27.80 -62.12 41.61
C TYR U 158 26.97 -62.82 40.51
N PRO U 159 27.01 -64.15 40.37
CA PRO U 159 26.13 -64.87 39.45
C PRO U 159 24.70 -64.96 39.99
N ILE U 160 23.72 -64.93 39.11
CA ILE U 160 22.29 -65.07 39.39
C ILE U 160 21.70 -66.11 38.43
N GLU U 161 21.40 -67.32 38.89
CA GLU U 161 21.07 -68.46 38.02
C GLU U 161 19.56 -68.66 37.87
N VAL U 162 19.08 -68.81 36.64
CA VAL U 162 17.70 -69.19 36.28
C VAL U 162 17.48 -70.68 36.58
N GLN U 163 16.39 -71.02 37.26
CA GLN U 163 16.09 -72.39 37.73
C GLN U 163 14.86 -73.01 37.07
N GLU U 164 13.96 -72.23 36.48
CA GLU U 164 12.71 -72.72 35.91
C GLU U 164 12.60 -72.42 34.41
N ASP U 165 11.98 -73.31 33.65
CA ASP U 165 11.58 -72.97 32.28
C ASP U 165 10.35 -72.06 32.33
N THR U 166 10.53 -70.82 31.88
CA THR U 166 9.48 -69.81 31.78
C THR U 166 9.14 -69.47 30.33
N THR U 167 9.51 -70.33 29.39
CA THR U 167 9.18 -70.16 27.97
C THR U 167 7.67 -70.23 27.73
N PHE U 168 7.17 -69.42 26.81
CA PHE U 168 5.77 -69.37 26.38
C PHE U 168 5.69 -69.23 24.85
N ASP U 169 4.53 -69.48 24.27
CA ASP U 169 4.28 -69.24 22.85
C ASP U 169 3.72 -67.84 22.62
N PRO U 170 4.38 -66.94 21.89
CA PRO U 170 3.87 -65.60 21.64
C PRO U 170 2.61 -65.53 20.77
N ASN U 171 2.35 -66.54 19.95
CA ASN U 171 1.34 -66.45 18.89
C ASN U 171 -0.10 -66.20 19.38
N PRO U 172 -0.61 -66.80 20.46
CA PRO U 172 -1.89 -66.44 21.07
C PRO U 172 -2.00 -65.03 21.67
N LEU U 173 -0.90 -64.33 21.94
CA LEU U 173 -0.91 -63.12 22.75
C LEU U 173 -1.30 -61.87 21.93
N PRO U 174 -2.01 -60.89 22.51
CA PRO U 174 -2.16 -59.57 21.93
C PRO U 174 -0.85 -58.77 22.04
N TRP U 175 -0.71 -57.70 21.28
CA TRP U 175 0.51 -56.89 21.26
C TRP U 175 0.32 -55.48 21.84
N PRO U 176 1.20 -55.01 22.75
CA PRO U 176 2.28 -55.76 23.39
C PRO U 176 1.74 -56.73 24.44
N TRP U 177 2.54 -57.76 24.76
CA TRP U 177 2.09 -58.92 25.52
C TRP U 177 1.53 -58.56 26.91
N PRO U 178 0.43 -59.19 27.35
CA PRO U 178 -0.25 -58.88 28.60
C PRO U 178 0.54 -59.44 29.79
N GLN U 179 1.53 -58.69 30.26
CA GLN U 179 2.55 -59.17 31.19
C GLN U 179 2.04 -59.72 32.54
N PRO U 180 0.92 -59.24 33.11
CA PRO U 180 0.24 -59.89 34.23
C PRO U 180 -0.18 -61.34 34.03
N GLU U 181 -0.27 -61.87 32.81
CA GLU U 181 -0.65 -63.25 32.52
C GLU U 181 0.40 -64.06 31.74
N LEU U 182 1.68 -63.66 31.79
CA LEU U 182 2.83 -64.50 31.41
C LEU U 182 3.31 -65.37 32.59
N PRO U 183 4.00 -66.50 32.35
CA PRO U 183 4.72 -67.23 33.40
C PRO U 183 5.96 -66.45 33.88
N VAL U 184 6.27 -66.46 35.18
CA VAL U 184 7.36 -65.65 35.79
C VAL U 184 8.16 -66.42 36.83
N GLU U 185 9.49 -66.29 36.82
CA GLU U 185 10.40 -66.76 37.86
C GLU U 185 10.94 -65.57 38.65
N ASP U 186 10.92 -65.66 39.98
CA ASP U 186 11.52 -64.65 40.87
C ASP U 186 12.83 -65.16 41.48
N ILE U 187 13.90 -64.38 41.34
CA ILE U 187 15.25 -64.76 41.75
C ILE U 187 15.77 -63.70 42.70
N GLU U 188 16.14 -64.05 43.92
CA GLU U 188 16.70 -63.12 44.87
C GLU U 188 18.15 -63.45 45.17
N ILE U 189 18.99 -62.42 45.25
CA ILE U 189 20.38 -62.52 45.64
C ILE U 189 20.68 -61.57 46.78
N THR U 190 21.45 -62.04 47.75
CA THR U 190 21.89 -61.26 48.89
C THR U 190 23.37 -60.97 48.73
N VAL U 191 23.73 -59.71 48.73
CA VAL U 191 25.11 -59.25 48.68
C VAL U 191 25.47 -58.83 50.10
N PRO U 192 26.42 -59.48 50.79
CA PRO U 192 26.78 -59.15 52.17
C PRO U 192 27.31 -57.74 52.41
N ASN U 193 28.04 -57.15 51.44
CA ASN U 193 28.65 -55.84 51.54
C ASN U 193 28.49 -55.09 50.22
N ALA U 194 27.32 -54.51 49.97
CA ALA U 194 27.00 -53.97 48.65
C ALA U 194 27.93 -52.81 48.25
N ASN U 195 28.22 -51.89 49.16
CA ASN U 195 29.18 -50.82 48.94
C ASN U 195 29.96 -50.50 50.21
N PRO U 196 31.21 -50.97 50.34
CA PRO U 196 32.06 -50.65 51.48
C PRO U 196 32.76 -49.29 51.35
N THR U 197 32.69 -48.64 50.19
CA THR U 197 33.49 -47.48 49.85
C THR U 197 32.89 -46.19 50.37
N ASP U 198 33.68 -45.12 50.35
CA ASP U 198 33.19 -43.77 50.65
C ASP U 198 32.36 -43.13 49.53
N ASN U 199 32.35 -43.65 48.29
CA ASN U 199 31.64 -43.07 47.16
C ASN U 199 30.37 -43.84 46.78
N ILE U 200 29.50 -43.24 45.99
CA ILE U 200 28.32 -43.91 45.44
C ILE U 200 28.70 -44.93 44.36
N ILE U 201 27.99 -46.05 44.31
CA ILE U 201 28.17 -47.11 43.32
C ILE U 201 26.96 -47.14 42.39
N TRP U 202 27.15 -47.11 41.08
CA TRP U 202 26.10 -47.38 40.09
C TRP U 202 26.17 -48.86 39.69
N PRO U 203 25.22 -49.71 40.08
CA PRO U 203 25.26 -51.13 39.74
C PRO U 203 25.16 -51.36 38.24
N LYS U 204 25.82 -52.41 37.75
CA LYS U 204 25.68 -52.91 36.39
C LYS U 204 25.14 -54.34 36.41
N TRP U 205 24.36 -54.71 35.42
CA TRP U 205 23.72 -56.01 35.28
C TRP U 205 23.95 -56.60 33.90
N THR U 206 24.18 -57.89 33.80
CA THR U 206 24.19 -58.57 32.50
C THR U 206 23.05 -59.57 32.41
N LEU U 207 22.17 -59.39 31.43
CA LEU U 207 20.91 -60.10 31.32
C LEU U 207 20.83 -60.85 29.98
N PRO U 208 20.68 -62.18 29.98
CA PRO U 208 20.61 -62.98 28.77
C PRO U 208 19.31 -62.82 27.99
N GLY U 209 19.41 -62.78 26.67
CA GLY U 209 18.27 -62.80 25.77
C GLY U 209 17.68 -64.19 25.57
N SER U 210 16.74 -64.32 24.65
CA SER U 210 16.08 -65.61 24.39
C SER U 210 17.03 -66.57 23.67
N SER U 211 17.05 -67.83 24.09
CA SER U 211 17.73 -68.91 23.38
C SER U 211 17.03 -69.30 22.07
N GLU U 212 15.77 -68.90 21.86
CA GLU U 212 14.92 -69.35 20.75
C GLU U 212 14.94 -68.43 19.54
N LYS U 213 14.94 -69.01 18.34
CA LYS U 213 15.10 -68.33 17.05
C LYS U 213 13.92 -67.37 16.76
N PRO U 214 14.17 -66.13 16.30
CA PRO U 214 13.12 -65.19 15.92
C PRO U 214 12.20 -65.70 14.80
N ALA U 215 11.02 -65.09 14.68
CA ALA U 215 9.94 -65.55 13.81
C ALA U 215 10.09 -65.18 12.34
N GLU U 216 10.75 -64.06 12.03
CA GLU U 216 10.97 -63.56 10.67
C GLU U 216 12.46 -63.25 10.45
N PRO U 217 13.02 -63.47 9.25
CA PRO U 217 14.40 -63.07 8.97
C PRO U 217 14.53 -61.56 8.85
N TYR U 218 15.72 -61.03 9.14
CA TYR U 218 16.01 -59.61 9.03
C TYR U 218 16.46 -59.25 7.61
N ILE U 219 15.93 -58.18 7.05
CA ILE U 219 16.32 -57.61 5.76
C ILE U 219 16.92 -56.22 6.03
N PRO U 220 18.24 -56.05 5.93
CA PRO U 220 18.88 -54.74 6.01
C PRO U 220 18.24 -53.73 5.05
N GLY U 221 17.95 -52.54 5.54
CA GLY U 221 17.27 -51.48 4.81
C GLY U 221 15.76 -51.41 5.04
N LEU U 222 15.15 -52.42 5.67
CA LEU U 222 13.72 -52.46 5.99
C LEU U 222 13.50 -52.56 7.51
N PRO U 223 12.40 -52.02 8.05
CA PRO U 223 12.00 -52.26 9.42
C PRO U 223 11.54 -53.71 9.61
N TRP U 224 12.11 -54.40 10.60
CA TRP U 224 11.73 -55.77 10.94
C TRP U 224 10.44 -55.82 11.77
N LEU U 225 9.49 -56.65 11.37
CA LEU U 225 8.13 -56.67 11.92
C LEU U 225 7.80 -57.93 12.74
N GLY U 226 8.78 -58.81 12.97
CA GLY U 226 8.59 -60.09 13.66
C GLY U 226 8.47 -60.03 15.17
N ALA U 227 8.51 -58.83 15.77
CA ALA U 227 8.55 -58.66 17.21
C ALA U 227 7.34 -59.21 17.98
N PRO U 228 6.08 -59.13 17.50
CA PRO U 228 4.94 -59.74 18.17
C PRO U 228 5.02 -61.27 18.33
N LYS U 229 5.66 -61.97 17.40
CA LYS U 229 5.64 -63.43 17.29
C LYS U 229 6.95 -64.11 17.69
N SER U 230 8.04 -63.38 17.79
CA SER U 230 9.35 -63.88 18.20
C SER U 230 9.44 -64.08 19.72
N PRO U 231 9.89 -65.23 20.25
CA PRO U 231 10.10 -65.40 21.68
C PRO U 231 11.14 -64.43 22.25
N ALA U 232 10.96 -63.95 23.47
CA ALA U 232 11.86 -62.97 24.08
C ALA U 232 12.03 -63.20 25.57
N THR U 233 13.19 -62.90 26.14
CA THR U 233 13.34 -62.83 27.60
C THR U 233 12.85 -61.48 28.10
N LEU U 234 11.97 -61.45 29.09
CA LEU U 234 11.55 -60.23 29.77
C LEU U 234 12.09 -60.25 31.20
N TRP U 235 12.93 -59.28 31.55
CA TRP U 235 13.57 -59.13 32.85
C TRP U 235 12.99 -57.94 33.62
N THR U 236 12.75 -58.10 34.91
CA THR U 236 12.43 -57.00 35.82
C THR U 236 13.58 -56.83 36.79
N VAL U 237 14.15 -55.64 36.85
CA VAL U 237 15.47 -55.39 37.46
C VAL U 237 15.37 -54.28 38.51
N PRO U 238 15.92 -54.45 39.72
CA PRO U 238 15.79 -53.45 40.77
C PRO U 238 16.56 -52.15 40.53
N ASP U 239 15.88 -51.03 40.79
CA ASP U 239 16.41 -49.66 40.82
C ASP U 239 16.05 -49.03 42.18
N TYR U 240 16.43 -49.68 43.28
CA TYR U 240 16.01 -49.28 44.62
C TYR U 240 16.67 -47.99 45.11
N LYS U 241 15.90 -47.09 45.75
CA LYS U 241 16.44 -45.96 46.52
C LYS U 241 16.73 -46.37 47.95
N LEU U 242 17.97 -46.79 48.22
CA LEU U 242 18.39 -47.26 49.54
C LEU U 242 18.65 -46.12 50.56
N ASP U 243 18.69 -44.86 50.14
CA ASP U 243 18.79 -43.68 51.00
C ASP U 243 17.58 -42.73 50.82
N LEU U 244 16.42 -43.12 51.36
CA LEU U 244 15.23 -42.25 51.38
C LEU U 244 15.41 -41.06 52.33
N ASP U 245 15.08 -39.86 51.88
CA ASP U 245 14.90 -38.73 52.80
C ASP U 245 13.65 -38.93 53.66
N GLU U 246 13.56 -38.24 54.81
CA GLU U 246 12.62 -38.59 55.89
C GLU U 246 11.13 -38.48 55.54
N ASP U 247 10.77 -37.78 54.46
CA ASP U 247 9.41 -37.64 53.92
C ASP U 247 9.30 -38.02 52.43
N GLU U 248 10.30 -38.68 51.87
CA GLU U 248 10.32 -39.11 50.46
C GLU U 248 9.42 -40.32 50.18
N ASP U 249 8.93 -40.49 48.95
CA ASP U 249 8.00 -41.59 48.62
C ASP U 249 8.60 -42.98 48.90
N PRO U 250 7.98 -43.83 49.75
CA PRO U 250 8.52 -45.14 50.09
C PRO U 250 8.52 -46.11 48.90
N SER U 251 7.72 -45.84 47.87
CA SER U 251 7.66 -46.62 46.64
C SER U 251 8.99 -46.65 45.88
N LEU U 252 9.87 -45.66 46.07
CA LEU U 252 11.18 -45.63 45.44
C LEU U 252 12.13 -46.68 46.05
N GLY U 253 11.94 -47.08 47.31
CA GLY U 253 12.79 -48.06 47.97
C GLY U 253 12.63 -49.48 47.45
N THR U 254 11.56 -49.77 46.73
CA THR U 254 11.24 -51.06 46.12
C THR U 254 10.99 -50.97 44.61
N ARG U 255 11.41 -49.88 43.97
CA ARG U 255 11.29 -49.67 42.52
C ARG U 255 12.02 -50.74 41.71
N ARG U 256 11.34 -51.33 40.75
CA ARG U 256 11.96 -52.20 39.73
C ARG U 256 11.52 -51.78 38.34
N ILE U 257 12.43 -51.85 37.40
CA ILE U 257 12.23 -51.46 36.01
C ILE U 257 12.03 -52.71 35.16
N ARG U 258 10.94 -52.75 34.39
CA ARG U 258 10.66 -53.80 33.42
C ARG U 258 11.40 -53.53 32.12
N MET U 259 12.39 -54.34 31.79
CA MET U 259 13.17 -54.20 30.57
C MET U 259 12.33 -54.54 29.34
N PRO U 260 12.62 -53.94 28.17
CA PRO U 260 12.09 -54.42 26.90
C PRO U 260 12.51 -55.86 26.62
N GLY U 261 11.65 -56.64 25.99
CA GLY U 261 11.90 -58.04 25.69
C GLY U 261 13.12 -58.26 24.80
N GLN U 262 13.95 -59.22 25.15
CA GLN U 262 15.21 -59.48 24.48
C GLN U 262 15.08 -60.67 23.53
N ILE U 263 15.18 -60.41 22.24
CA ILE U 263 14.91 -61.33 21.12
C ILE U 263 16.08 -62.30 20.89
N GLY U 264 15.88 -63.40 20.17
CA GLY U 264 16.97 -64.30 19.77
C GLY U 264 17.87 -63.71 18.67
N GLY U 265 18.86 -64.48 18.22
CA GLY U 265 19.76 -64.04 17.15
C GLY U 265 19.05 -63.86 15.80
N LEU U 266 18.93 -62.61 15.34
CA LEU U 266 18.41 -62.30 14.01
C LEU U 266 19.32 -62.88 12.93
N ARG U 267 18.71 -63.35 11.85
CA ARG U 267 19.43 -63.92 10.73
C ARG U 267 18.95 -63.36 9.40
N VAL U 268 19.91 -63.09 8.53
CA VAL U 268 19.72 -62.53 7.19
C VAL U 268 19.85 -63.66 6.19
N GLU U 269 18.85 -63.87 5.35
CA GLU U 269 18.95 -64.83 4.24
C GLU U 269 19.82 -64.27 3.13
N GLU U 270 20.80 -65.03 2.65
CA GLU U 270 21.50 -64.64 1.43
C GLU U 270 20.55 -64.67 0.24
N VAL U 271 20.67 -63.67 -0.62
CA VAL U 271 19.93 -63.53 -1.85
C VAL U 271 20.88 -63.19 -2.99
N GLN U 272 20.80 -63.91 -4.09
CA GLN U 272 21.54 -63.64 -5.33
C GLN U 272 20.58 -63.50 -6.51
N GLN U 273 20.80 -62.53 -7.39
CA GLN U 273 20.02 -62.37 -8.62
C GLN U 273 20.84 -62.89 -9.79
N ILE U 274 20.35 -63.92 -10.49
CA ILE U 274 20.94 -64.46 -11.71
C ILE U 274 20.26 -63.83 -12.92
N TYR U 275 21.03 -63.10 -13.72
CA TYR U 275 20.62 -62.59 -15.02
C TYR U 275 21.24 -63.43 -16.12
N ILE U 276 20.45 -63.82 -17.12
CA ILE U 276 20.98 -64.39 -18.38
C ILE U 276 20.79 -63.35 -19.48
N ASP U 277 21.88 -62.93 -20.09
CA ASP U 277 21.98 -61.79 -21.01
C ASP U 277 21.99 -62.22 -22.48
N GLY U 278 21.83 -61.26 -23.39
CA GLY U 278 21.47 -61.57 -24.77
C GLY U 278 20.06 -62.15 -24.82
N ARG U 279 19.78 -62.95 -25.84
CA ARG U 279 18.45 -63.55 -26.02
C ARG U 279 18.60 -64.96 -26.57
N PRO U 280 18.94 -65.95 -25.72
CA PRO U 280 19.07 -67.33 -26.12
C PRO U 280 17.83 -67.82 -26.84
N THR U 281 18.02 -68.51 -27.96
CA THR U 281 16.97 -69.16 -28.74
C THR U 281 16.77 -70.62 -28.33
N GLY U 282 17.75 -71.22 -27.65
CA GLY U 282 17.75 -72.63 -27.29
C GLY U 282 18.90 -73.02 -26.37
N GLY U 283 19.00 -74.31 -26.09
CA GLY U 283 20.12 -74.87 -25.35
C GLY U 283 19.99 -74.76 -23.83
N THR U 284 21.10 -74.92 -23.11
CA THR U 284 21.11 -75.03 -21.64
C THR U 284 22.28 -74.31 -20.97
N PHE U 285 22.16 -74.08 -19.66
CA PHE U 285 23.20 -73.50 -18.81
C PHE U 285 23.32 -74.30 -17.50
N LYS U 286 24.46 -74.22 -16.81
CA LYS U 286 24.66 -74.89 -15.52
C LYS U 286 25.01 -73.87 -14.45
N ILE U 287 24.44 -73.99 -13.26
CA ILE U 287 24.78 -73.13 -12.12
C ILE U 287 25.84 -73.88 -11.30
N GLY U 288 26.94 -73.20 -10.97
CA GLY U 288 28.01 -73.70 -10.13
C GLY U 288 27.88 -73.14 -8.71
N TYR U 289 27.94 -74.00 -7.71
CA TYR U 289 27.75 -73.66 -6.29
C TYR U 289 28.91 -74.25 -5.47
N GLY U 290 29.94 -73.45 -5.22
CA GLY U 290 31.21 -73.98 -4.76
C GLY U 290 31.84 -74.86 -5.84
N ASP U 291 32.15 -76.13 -5.52
CA ASP U 291 32.77 -77.06 -6.46
C ASP U 291 31.77 -77.71 -7.42
N GLU U 292 30.58 -78.07 -6.96
CA GLU U 292 29.57 -78.75 -7.76
C GLU U 292 28.91 -77.86 -8.82
N TRP U 293 28.43 -78.48 -9.91
CA TRP U 293 27.57 -77.90 -10.93
C TRP U 293 26.23 -78.62 -11.00
N THR U 294 25.15 -77.90 -11.27
CA THR U 294 23.83 -78.51 -11.50
C THR U 294 23.83 -79.43 -12.72
N GLU U 295 22.82 -80.28 -12.85
CA GLU U 295 22.44 -80.78 -14.18
C GLU U 295 22.02 -79.60 -15.09
N PRO U 296 22.19 -79.68 -16.42
CA PRO U 296 21.94 -78.55 -17.29
C PRO U 296 20.48 -78.09 -17.28
N ILE U 297 20.28 -76.78 -17.23
CA ILE U 297 19.00 -76.11 -17.07
C ILE U 297 18.59 -75.51 -18.41
N ALA U 298 17.35 -75.73 -18.85
CA ALA U 298 16.84 -75.19 -20.10
C ALA U 298 16.81 -73.66 -20.10
N TYR U 299 17.10 -73.02 -21.23
CA TYR U 299 17.09 -71.56 -21.34
C TYR U 299 15.74 -70.89 -20.99
N ASN U 300 14.65 -71.62 -21.18
CA ASN U 300 13.26 -71.19 -20.91
C ASN U 300 12.79 -71.55 -19.50
N ALA U 301 13.67 -71.98 -18.60
CA ALA U 301 13.32 -72.58 -17.33
C ALA U 301 12.46 -71.67 -16.43
N SER U 302 11.47 -72.25 -15.77
CA SER U 302 10.74 -71.59 -14.69
C SER U 302 11.59 -71.52 -13.42
N PRO U 303 11.24 -70.68 -12.44
CA PRO U 303 11.82 -70.73 -11.12
C PRO U 303 11.75 -72.10 -10.46
N ASN U 304 10.69 -72.88 -10.67
CA ASN U 304 10.62 -74.24 -10.15
C ASN U 304 11.61 -75.20 -10.82
N ASP U 305 11.92 -75.02 -12.11
CA ASP U 305 12.95 -75.80 -12.76
C ASP U 305 14.34 -75.47 -12.22
N VAL U 306 14.63 -74.19 -11.97
CA VAL U 306 15.85 -73.77 -11.27
C VAL U 306 15.88 -74.33 -9.83
N ARG U 307 14.78 -74.24 -9.08
CA ARG U 307 14.66 -74.79 -7.72
C ARG U 307 14.98 -76.28 -7.68
N ALA U 308 14.38 -77.06 -8.56
CA ALA U 308 14.64 -78.49 -8.66
C ALA U 308 16.09 -78.79 -9.01
N ALA U 309 16.68 -78.04 -9.95
CA ALA U 309 18.06 -78.23 -10.35
C ALA U 309 19.06 -77.91 -9.23
N LEU U 310 18.73 -76.95 -8.35
CA LEU U 310 19.54 -76.60 -7.18
C LEU U 310 19.38 -77.57 -6.01
N ILE U 311 18.16 -78.02 -5.70
CA ILE U 311 17.96 -79.04 -4.66
C ILE U 311 18.60 -80.38 -5.03
N ALA U 312 18.67 -80.73 -6.32
CA ALA U 312 19.33 -81.92 -6.84
C ALA U 312 20.89 -81.81 -6.84
N LEU U 313 21.46 -81.33 -5.75
CA LEU U 313 22.88 -81.02 -5.59
C LEU U 313 23.31 -81.26 -4.12
N GLU U 314 24.59 -81.55 -3.89
CA GLU U 314 25.17 -81.60 -2.55
C GLU U 314 25.42 -80.18 -2.01
N GLY U 315 25.37 -80.01 -0.68
CA GLY U 315 25.51 -78.69 -0.05
C GLY U 315 24.27 -77.80 -0.12
N ILE U 316 23.15 -78.31 -0.64
CA ILE U 316 21.80 -77.78 -0.57
C ILE U 316 20.88 -78.91 -0.09
N SER U 317 19.77 -78.58 0.59
CA SER U 317 18.90 -79.56 1.26
C SER U 317 17.42 -79.42 0.85
N ALA U 318 16.58 -80.36 1.25
CA ALA U 318 15.28 -80.64 0.65
C ALA U 318 14.21 -79.52 0.68
N ASN U 319 14.43 -78.44 1.43
CA ASN U 319 13.48 -77.32 1.54
C ASN U 319 14.20 -75.95 1.55
N ASP U 320 15.43 -75.89 1.06
CA ASP U 320 16.41 -74.91 1.52
C ASP U 320 16.60 -73.71 0.59
N VAL U 321 16.79 -73.92 -0.72
CA VAL U 321 16.66 -72.83 -1.69
C VAL U 321 15.20 -72.47 -1.90
N GLU U 322 14.94 -71.21 -2.17
CA GLU U 322 13.68 -70.76 -2.75
C GLU U 322 13.98 -69.85 -3.94
N VAL U 323 13.25 -70.01 -5.04
CA VAL U 323 13.55 -69.34 -6.31
C VAL U 323 12.32 -68.71 -6.91
N SER U 324 12.44 -67.50 -7.45
CA SER U 324 11.35 -66.75 -8.10
C SER U 324 11.87 -65.82 -9.18
N LEU U 325 11.05 -65.43 -10.15
CA LEU U 325 11.37 -64.30 -11.02
C LEU U 325 11.06 -63.01 -10.26
N GLY U 326 11.92 -62.00 -10.34
CA GLY U 326 11.68 -60.73 -9.67
C GLY U 326 12.33 -59.54 -10.36
N GLY U 327 11.61 -58.42 -10.42
CA GLY U 327 12.14 -57.10 -10.78
C GLY U 327 12.30 -56.88 -12.29
N ALA U 328 11.31 -56.29 -12.92
CA ALA U 328 11.33 -56.07 -14.37
C ALA U 328 12.29 -54.95 -14.78
N THR U 329 13.03 -55.17 -15.87
CA THR U 329 13.50 -54.10 -16.74
C THR U 329 12.62 -54.09 -17.98
N ASN U 330 12.06 -52.95 -18.33
CA ASN U 330 11.26 -52.74 -19.52
C ASN U 330 12.15 -52.56 -20.75
N GLU U 331 11.83 -53.20 -21.87
CA GLU U 331 12.57 -53.01 -23.12
C GLU U 331 12.25 -51.63 -23.72
N VAL U 332 13.27 -50.91 -24.16
CA VAL U 332 13.13 -49.65 -24.89
C VAL U 332 13.92 -49.71 -26.19
N GLN U 333 13.24 -49.48 -27.30
CA GLN U 333 13.79 -49.49 -28.65
C GLN U 333 13.45 -48.19 -29.36
N THR U 334 14.20 -47.83 -30.38
CA THR U 334 13.99 -46.61 -31.14
C THR U 334 14.00 -46.91 -32.63
N VAL U 335 13.17 -46.20 -33.40
CA VAL U 335 13.06 -46.33 -34.85
C VAL U 335 13.11 -44.97 -35.51
N ARG U 336 13.80 -44.85 -36.65
CA ARG U 336 13.87 -43.63 -37.46
C ARG U 336 13.87 -43.91 -38.96
N LEU U 337 13.12 -43.11 -39.72
CA LEU U 337 13.19 -43.06 -41.17
C LEU U 337 14.41 -42.27 -41.62
N LYS U 338 15.11 -42.76 -42.65
CA LYS U 338 16.23 -42.09 -43.30
C LYS U 338 15.96 -41.96 -44.80
N GLY U 339 16.46 -40.90 -45.41
CA GLY U 339 16.35 -40.61 -46.83
C GLY U 339 15.34 -39.52 -47.19
N GLY U 340 14.44 -39.13 -46.30
CA GLY U 340 13.44 -38.11 -46.58
C GLY U 340 12.32 -38.58 -47.50
N ALA U 341 11.57 -39.60 -47.12
CA ALA U 341 10.35 -39.97 -47.82
C ALA U 341 9.26 -38.92 -47.58
N LEU U 342 8.70 -38.35 -48.64
CA LEU U 342 7.63 -37.34 -48.58
C LEU U 342 6.29 -37.95 -48.99
N GLY U 343 6.22 -39.27 -49.07
CA GLY U 343 4.98 -39.98 -49.36
C GLY U 343 5.11 -41.47 -49.09
N GLY U 344 3.99 -42.16 -49.16
CA GLY U 344 3.93 -43.60 -48.95
C GLY U 344 3.97 -43.98 -47.48
N THR U 345 4.41 -45.20 -47.23
CA THR U 345 4.09 -45.94 -46.00
C THR U 345 5.21 -46.94 -45.69
N PHE U 346 5.45 -47.30 -44.44
CA PHE U 346 6.45 -48.31 -44.06
C PHE U 346 5.85 -49.32 -43.07
N THR U 347 6.49 -50.48 -42.90
CA THR U 347 6.04 -51.47 -41.90
C THR U 347 7.15 -51.79 -40.91
N LEU U 348 6.73 -52.12 -39.69
CA LEU U 348 7.57 -52.65 -38.63
C LEU U 348 7.24 -54.13 -38.43
N SER U 349 8.23 -54.95 -38.10
CA SER U 349 8.05 -56.35 -37.71
C SER U 349 8.72 -56.65 -36.39
N LEU U 350 8.02 -57.38 -35.53
CA LEU U 350 8.46 -57.75 -34.19
C LEU U 350 8.50 -59.28 -34.11
N GLY U 351 9.65 -59.87 -34.41
CA GLY U 351 9.73 -61.33 -34.61
C GLY U 351 8.94 -61.74 -35.86
N SER U 352 7.90 -62.55 -35.70
CA SER U 352 7.05 -63.02 -36.80
C SER U 352 6.03 -61.99 -37.29
N GLU U 353 5.37 -61.25 -36.40
CA GLU U 353 4.25 -60.37 -36.75
C GLU U 353 4.72 -59.07 -37.44
N THR U 354 3.89 -58.53 -38.34
CA THR U 354 4.19 -57.32 -39.12
C THR U 354 3.02 -56.33 -39.10
N THR U 355 3.29 -55.04 -38.95
CA THR U 355 2.24 -54.04 -38.76
C THR U 355 1.45 -53.77 -40.04
N VAL U 356 0.23 -53.25 -39.90
CA VAL U 356 -0.37 -52.43 -40.97
C VAL U 356 0.58 -51.28 -41.29
N GLY U 357 0.58 -50.82 -42.53
CA GLY U 357 1.48 -49.76 -42.97
C GLY U 357 1.30 -48.45 -42.23
N ILE U 358 2.42 -47.83 -41.82
CA ILE U 358 2.50 -46.59 -41.04
C ILE U 358 2.90 -45.43 -41.95
N PRO U 359 2.18 -44.29 -41.96
CA PRO U 359 2.51 -43.15 -42.81
C PRO U 359 3.92 -42.58 -42.60
N PHE U 360 4.50 -41.97 -43.63
CA PHE U 360 5.74 -41.20 -43.55
C PHE U 360 5.70 -40.00 -42.56
N ASN U 361 4.55 -39.35 -42.44
CA ASN U 361 4.25 -38.24 -41.53
C ASN U 361 3.82 -38.70 -40.12
N ALA U 362 3.81 -40.00 -39.82
CA ALA U 362 3.10 -40.57 -38.68
C ALA U 362 3.31 -39.85 -37.35
N SER U 363 2.24 -39.63 -36.60
CA SER U 363 2.36 -39.20 -35.21
C SER U 363 2.87 -40.35 -34.32
N ASP U 364 3.17 -40.04 -33.06
CA ASP U 364 3.42 -41.04 -32.03
C ASP U 364 2.19 -41.95 -31.83
N ALA U 365 1.00 -41.38 -31.87
CA ALA U 365 -0.26 -42.11 -31.79
C ALA U 365 -0.46 -43.09 -32.96
N ASP U 366 -0.09 -42.69 -34.18
CA ASP U 366 -0.17 -43.56 -35.35
C ASP U 366 0.75 -44.77 -35.21
N LEU U 367 2.02 -44.56 -34.84
CA LEU U 367 2.99 -45.65 -34.70
C LEU U 367 2.62 -46.58 -33.53
N GLN U 368 2.10 -46.03 -32.45
CA GLN U 368 1.57 -46.82 -31.34
C GLN U 368 0.39 -47.68 -31.75
N GLY U 369 -0.58 -47.13 -32.49
CA GLY U 369 -1.74 -47.90 -32.96
C GLY U 369 -1.35 -49.07 -33.85
N ALA U 370 -0.36 -48.88 -34.73
CA ALA U 370 0.17 -49.95 -35.55
C ALA U 370 0.90 -51.03 -34.74
N LEU U 371 1.70 -50.69 -33.73
CA LEU U 371 2.33 -51.68 -32.85
C LEU U 371 1.30 -52.42 -31.99
N VAL U 372 0.26 -51.72 -31.52
CA VAL U 372 -0.95 -52.29 -30.92
C VAL U 372 -1.80 -53.06 -31.94
N GLY U 373 -1.37 -53.17 -33.20
CA GLY U 373 -1.97 -54.06 -34.19
C GLY U 373 -1.39 -55.47 -34.19
N LEU U 374 -0.15 -55.64 -33.70
CA LEU U 374 0.56 -56.92 -33.69
C LEU U 374 -0.11 -57.91 -32.72
N ASP U 375 -0.25 -59.17 -33.13
CA ASP U 375 -1.00 -60.17 -32.35
C ASP U 375 -0.39 -60.51 -30.98
N SER U 376 0.90 -60.23 -30.76
CA SER U 376 1.58 -60.44 -29.47
C SER U 376 1.55 -59.23 -28.52
N ILE U 377 1.14 -58.05 -28.97
CA ILE U 377 1.09 -56.82 -28.17
C ILE U 377 -0.32 -56.62 -27.57
N GLY U 378 -0.49 -55.67 -26.66
CA GLY U 378 -1.77 -55.26 -26.09
C GLY U 378 -1.90 -53.75 -26.07
N SER U 379 -3.12 -53.23 -25.94
CA SER U 379 -3.38 -51.78 -25.88
C SER U 379 -2.58 -51.06 -24.77
N ALA U 380 -2.33 -51.72 -23.64
CA ALA U 380 -1.56 -51.17 -22.53
C ALA U 380 -0.05 -51.43 -22.60
N ASP U 381 0.42 -52.30 -23.49
CA ASP U 381 1.76 -52.91 -23.39
C ASP U 381 2.87 -52.14 -24.09
N VAL U 382 2.54 -51.08 -24.82
CA VAL U 382 3.51 -50.24 -25.50
C VAL U 382 3.12 -48.77 -25.37
N ARG U 383 4.09 -47.88 -25.20
CA ARG U 383 3.92 -46.43 -25.36
C ARG U 383 4.99 -45.86 -26.27
N VAL U 384 4.61 -44.87 -27.07
CA VAL U 384 5.48 -44.22 -28.06
C VAL U 384 5.52 -42.72 -27.86
N LYS U 385 6.70 -42.14 -28.04
CA LYS U 385 7.02 -40.73 -27.80
C LYS U 385 8.15 -40.32 -28.74
N SER U 386 8.28 -39.04 -29.07
CA SER U 386 9.33 -38.57 -29.97
C SER U 386 9.64 -37.09 -29.77
N THR U 387 10.82 -36.68 -30.25
CA THR U 387 11.21 -35.28 -30.46
C THR U 387 11.23 -35.02 -31.96
N LYS U 388 10.59 -33.94 -32.42
CA LYS U 388 10.51 -33.53 -33.81
C LYS U 388 11.42 -32.34 -34.07
N ILE U 389 12.38 -32.47 -34.99
CA ILE U 389 13.25 -31.37 -35.45
C ILE U 389 12.98 -31.09 -36.93
N ASN U 390 12.62 -29.85 -37.27
CA ASN U 390 12.31 -29.43 -38.64
C ASN U 390 13.56 -29.13 -39.47
N GLU U 391 13.59 -29.41 -40.79
CA GLU U 391 14.63 -28.79 -41.62
C GLU U 391 14.49 -27.28 -41.77
N VAL U 392 15.66 -26.64 -41.86
CA VAL U 392 15.82 -25.30 -42.39
C VAL U 392 16.82 -25.32 -43.54
N GLN U 393 16.38 -24.89 -44.72
CA GLN U 393 17.20 -24.68 -45.92
C GLN U 393 17.19 -23.21 -46.28
N VAL U 394 18.25 -22.70 -46.89
CA VAL U 394 18.36 -21.31 -47.34
C VAL U 394 18.78 -21.28 -48.80
N VAL U 395 18.10 -20.43 -49.56
CA VAL U 395 18.24 -20.30 -51.01
C VAL U 395 18.76 -18.90 -51.31
N GLU U 396 19.85 -18.83 -52.05
CA GLU U 396 20.59 -17.60 -52.34
C GLU U 396 20.59 -17.32 -53.84
N LEU U 397 20.11 -16.14 -54.24
CA LEU U 397 20.21 -15.68 -55.60
C LEU U 397 21.62 -15.13 -55.85
N VAL U 398 22.57 -15.97 -56.23
CA VAL U 398 23.94 -15.57 -56.51
C VAL U 398 23.99 -14.69 -57.76
N GLY U 399 24.98 -13.79 -57.87
CA GLY U 399 25.07 -12.87 -59.01
C GLY U 399 24.03 -11.73 -59.01
N GLU U 400 23.25 -11.58 -57.93
CA GLU U 400 22.44 -10.39 -57.65
C GLU U 400 21.47 -10.03 -58.80
N PRO U 401 20.53 -10.91 -59.17
CA PRO U 401 19.63 -10.69 -60.29
C PRO U 401 18.77 -9.44 -60.11
N THR U 402 18.74 -8.60 -61.13
CA THR U 402 17.92 -7.39 -61.21
C THR U 402 16.59 -7.60 -61.91
N SER U 403 16.36 -8.74 -62.60
CA SER U 403 15.11 -9.01 -63.32
C SER U 403 14.81 -10.50 -63.47
N GLY U 404 13.56 -10.85 -63.79
CA GLY U 404 13.18 -12.21 -64.19
C GLY U 404 12.68 -13.12 -63.05
N SER U 405 12.69 -14.43 -63.29
CA SER U 405 12.12 -15.42 -62.35
C SER U 405 12.88 -16.75 -62.33
N PHE U 406 12.71 -17.54 -61.27
CA PHE U 406 13.45 -18.79 -61.04
C PHE U 406 12.57 -19.92 -60.49
N THR U 407 13.05 -21.17 -60.53
CA THR U 407 12.26 -22.34 -60.11
C THR U 407 13.06 -23.29 -59.21
N LEU U 408 12.42 -23.77 -58.14
CA LEU U 408 13.00 -24.69 -57.16
C LEU U 408 12.46 -26.11 -57.40
N THR U 409 13.33 -27.10 -57.43
CA THR U 409 12.99 -28.51 -57.64
C THR U 409 13.21 -29.31 -56.35
N LEU U 410 12.15 -29.96 -55.87
CA LEU U 410 12.11 -30.80 -54.66
C LEU U 410 11.68 -32.22 -55.06
N ASP U 411 12.53 -33.23 -54.83
CA ASP U 411 12.26 -34.61 -55.25
C ASP U 411 11.81 -34.76 -56.71
N GLY U 412 12.34 -33.92 -57.60
CA GLY U 412 11.98 -33.89 -59.02
C GLY U 412 10.69 -33.16 -59.38
N GLN U 413 9.81 -32.83 -58.43
CA GLN U 413 8.73 -31.86 -58.66
C GLN U 413 9.30 -30.45 -58.67
N THR U 414 8.71 -29.52 -59.43
CA THR U 414 9.26 -28.15 -59.61
C THR U 414 8.22 -27.07 -59.38
N THR U 415 8.59 -25.96 -58.74
CA THR U 415 7.66 -24.87 -58.44
C THR U 415 7.15 -24.16 -59.69
N ALA U 416 5.99 -23.49 -59.60
CA ALA U 416 5.75 -22.35 -60.46
C ALA U 416 6.86 -21.31 -60.27
N PRO U 417 7.19 -20.48 -61.27
CA PRO U 417 8.23 -19.48 -61.14
C PRO U 417 8.05 -18.52 -59.95
N ILE U 418 9.18 -18.14 -59.37
CA ILE U 418 9.33 -17.14 -58.32
C ILE U 418 9.94 -15.90 -58.98
N ALA U 419 9.27 -14.75 -58.96
CA ALA U 419 9.87 -13.51 -59.45
C ALA U 419 10.99 -13.04 -58.52
N TYR U 420 12.05 -12.40 -59.03
CA TYR U 420 13.19 -11.97 -58.18
C TYR U 420 12.79 -11.06 -57.01
N ASN U 421 11.70 -10.30 -57.12
CA ASN U 421 11.16 -9.45 -56.05
C ASN U 421 10.43 -10.20 -54.93
N ALA U 422 10.19 -11.51 -55.08
CA ALA U 422 9.11 -12.22 -54.40
C ALA U 422 9.11 -12.06 -52.89
N THR U 423 7.94 -11.77 -52.31
CA THR U 423 7.76 -11.75 -50.87
C THR U 423 7.83 -13.17 -50.31
N PRO U 424 8.23 -13.37 -49.05
CA PRO U 424 8.22 -14.67 -48.40
C PRO U 424 6.91 -15.44 -48.54
N ALA U 425 5.76 -14.77 -48.45
CA ALA U 425 4.45 -15.41 -48.59
C ALA U 425 4.29 -16.10 -49.96
N THR U 426 4.84 -15.52 -51.03
CA THR U 426 4.72 -16.10 -52.38
C THR U 426 5.68 -17.26 -52.58
N VAL U 427 6.89 -17.22 -52.04
CA VAL U 427 7.79 -18.39 -52.11
C VAL U 427 7.27 -19.53 -51.23
N ALA U 428 6.69 -19.24 -50.08
CA ALA U 428 5.95 -20.22 -49.29
C ALA U 428 4.77 -20.82 -50.08
N ALA U 429 3.94 -20.00 -50.74
CA ALA U 429 2.82 -20.46 -51.54
C ALA U 429 3.27 -21.33 -52.73
N ARG U 430 4.38 -21.00 -53.39
CA ARG U 430 4.98 -21.86 -54.43
C ARG U 430 5.43 -23.21 -53.88
N ILE U 431 6.13 -23.23 -52.74
CA ILE U 431 6.56 -24.48 -52.11
C ILE U 431 5.33 -25.29 -51.65
N ALA U 432 4.29 -24.63 -51.13
CA ALA U 432 3.06 -25.28 -50.71
C ALA U 432 2.27 -25.92 -51.86
N ASP U 433 2.52 -25.54 -53.11
CA ASP U 433 1.91 -26.13 -54.31
C ASP U 433 2.74 -27.28 -54.92
N LEU U 434 3.96 -27.57 -54.45
CA LEU U 434 4.71 -28.74 -54.91
C LEU U 434 3.98 -30.03 -54.52
N PRO U 435 3.69 -30.99 -55.42
CA PRO U 435 2.87 -32.17 -55.09
C PRO U 435 3.34 -33.08 -53.94
N ASN U 436 4.60 -32.96 -53.49
CA ASN U 436 5.07 -33.59 -52.25
C ASN U 436 4.55 -32.91 -50.96
N ILE U 437 3.91 -31.76 -51.07
CA ILE U 437 3.33 -30.92 -50.02
C ILE U 437 1.87 -30.61 -50.44
N ASP U 438 0.93 -30.32 -49.54
CA ASP U 438 -0.44 -29.98 -49.95
C ASP U 438 -1.16 -28.96 -49.04
N GLY U 439 -0.40 -28.13 -48.32
CA GLY U 439 -0.93 -27.10 -47.44
C GLY U 439 0.13 -26.16 -46.88
N ASN U 440 -0.22 -25.37 -45.87
CA ASN U 440 0.71 -24.51 -45.13
C ASN U 440 1.64 -25.34 -44.22
N TYR U 441 2.47 -26.19 -44.81
CA TYR U 441 3.44 -27.04 -44.11
C TYR U 441 4.86 -26.45 -44.13
N VAL U 442 5.03 -25.28 -44.73
CA VAL U 442 6.29 -24.56 -44.87
C VAL U 442 6.12 -23.11 -44.48
N LYS U 443 7.14 -22.55 -43.84
CA LYS U 443 7.26 -21.12 -43.49
C LYS U 443 8.51 -20.58 -44.14
N VAL U 444 8.46 -19.33 -44.61
CA VAL U 444 9.62 -18.64 -45.18
C VAL U 444 9.82 -17.28 -44.52
N GLU U 445 11.07 -16.88 -44.30
CA GLU U 445 11.43 -15.51 -43.93
C GLU U 445 12.57 -15.00 -44.81
N GLY U 446 12.53 -13.73 -45.19
CA GLY U 446 13.59 -13.10 -45.99
C GLY U 446 14.71 -12.58 -45.09
N LEU U 447 15.95 -12.72 -45.52
CA LEU U 447 17.09 -12.08 -44.86
C LEU U 447 17.32 -10.64 -45.35
N ASN U 448 16.64 -10.22 -46.40
CA ASN U 448 16.59 -8.86 -46.93
C ASN U 448 17.93 -8.28 -47.43
N GLU U 449 18.89 -9.12 -47.81
CA GLU U 449 20.23 -8.71 -48.26
C GLU U 449 20.31 -8.39 -49.76
N TRP U 450 19.34 -8.87 -50.54
CA TRP U 450 19.03 -8.43 -51.90
C TRP U 450 17.52 -8.58 -52.11
N PHE U 451 16.78 -7.48 -52.23
CA PHE U 451 15.33 -7.46 -52.08
C PHE U 451 14.90 -8.19 -50.80
N HIS U 452 14.16 -9.29 -50.89
CA HIS U 452 13.86 -10.18 -49.74
C HIS U 452 14.85 -11.34 -49.57
N SER U 453 15.58 -11.72 -50.61
CA SER U 453 16.58 -12.80 -50.62
C SER U 453 17.80 -12.49 -49.74
N PRO U 454 18.57 -13.49 -49.27
CA PRO U 454 18.27 -14.92 -49.25
C PRO U 454 16.97 -15.26 -48.52
N TYR U 455 16.32 -16.34 -48.91
CA TYR U 455 15.11 -16.80 -48.24
C TYR U 455 15.46 -18.00 -47.34
N ARG U 456 15.00 -17.97 -46.09
CA ARG U 456 15.14 -19.08 -45.14
C ARG U 456 13.84 -19.87 -45.11
N ILE U 457 13.88 -21.12 -45.54
CA ILE U 457 12.71 -21.98 -45.76
C ILE U 457 12.70 -23.05 -44.68
N THR U 458 11.64 -23.05 -43.86
CA THR U 458 11.48 -23.95 -42.71
C THR U 458 10.40 -24.95 -43.01
N PHE U 459 10.76 -26.22 -43.05
CA PHE U 459 9.86 -27.32 -43.37
C PHE U 459 9.25 -27.89 -42.09
N GLY U 460 8.05 -27.45 -41.74
CA GLY U 460 7.27 -28.01 -40.63
C GLY U 460 6.30 -27.02 -40.00
N GLU U 461 6.67 -25.75 -39.93
CA GLU U 461 5.81 -24.66 -39.43
C GLU U 461 4.93 -24.10 -40.55
N ALA U 462 3.74 -23.62 -40.20
CA ALA U 462 2.87 -22.86 -41.11
C ALA U 462 3.33 -21.40 -41.25
N GLN U 463 2.96 -20.73 -42.34
CA GLN U 463 3.20 -19.29 -42.56
C GLN U 463 2.62 -18.44 -41.43
N ASP U 477 -5.67 -36.95 -30.41
CA ASP U 477 -5.50 -38.02 -31.38
C ASP U 477 -5.79 -39.39 -30.76
N PHE U 478 -6.49 -40.28 -31.47
CA PHE U 478 -6.95 -41.57 -30.94
C PHE U 478 -6.06 -42.70 -31.44
N ILE U 479 -5.58 -43.53 -30.51
CA ILE U 479 -4.83 -44.76 -30.83
C ILE U 479 -5.77 -45.73 -31.54
N GLY U 480 -5.46 -46.11 -32.78
CA GLY U 480 -6.30 -47.00 -33.60
C GLY U 480 -7.01 -46.31 -34.78
N GLY U 481 -6.96 -44.99 -34.91
CA GLY U 481 -7.56 -44.28 -36.05
C GLY U 481 -6.94 -44.64 -37.40
N LEU U 482 -5.68 -45.08 -37.39
CA LEU U 482 -4.91 -45.52 -38.54
C LEU U 482 -5.60 -46.66 -39.32
N PHE U 483 -6.24 -47.59 -38.63
CA PHE U 483 -6.92 -48.72 -39.26
C PHE U 483 -8.17 -48.31 -40.05
N GLY U 484 -8.74 -47.14 -39.76
CA GLY U 484 -9.88 -46.57 -40.48
C GLY U 484 -9.51 -45.57 -41.56
N GLY U 485 -8.22 -45.40 -41.88
CA GLY U 485 -7.73 -44.35 -42.78
C GLY U 485 -7.76 -42.93 -42.20
N ASN U 486 -8.41 -42.73 -41.05
CA ASN U 486 -8.39 -41.51 -40.26
C ASN U 486 -7.08 -41.34 -39.46
N ALA U 487 -5.93 -41.61 -40.09
CA ALA U 487 -4.61 -41.47 -39.49
C ALA U 487 -4.27 -40.00 -39.18
N SER U 488 -3.54 -39.76 -38.11
CA SER U 488 -3.45 -38.41 -37.50
C SER U 488 -2.30 -37.55 -38.02
N GLY U 489 -1.19 -38.14 -38.45
CA GLY U 489 0.03 -37.41 -38.83
C GLY U 489 -0.19 -36.47 -40.01
N LYS U 490 0.12 -35.19 -39.82
CA LYS U 490 -0.09 -34.11 -40.81
C LYS U 490 1.11 -33.17 -40.89
N GLY U 491 1.46 -32.79 -42.12
CA GLY U 491 2.51 -31.81 -42.42
C GLY U 491 3.91 -32.39 -42.38
N VAL U 492 4.84 -31.77 -43.12
CA VAL U 492 6.18 -32.30 -43.43
C VAL U 492 7.22 -32.13 -42.32
N GLY U 493 6.84 -31.67 -41.13
CA GLY U 493 7.77 -31.41 -40.03
C GLY U 493 8.39 -32.68 -39.44
N GLY U 494 9.71 -32.69 -39.25
CA GLY U 494 10.44 -33.84 -38.70
C GLY U 494 11.07 -34.78 -39.73
N ILE U 495 11.27 -34.37 -40.98
CA ILE U 495 11.70 -35.25 -42.06
C ILE U 495 13.10 -34.88 -42.58
N ASP U 496 13.89 -35.88 -42.95
CA ASP U 496 15.25 -35.83 -43.54
C ASP U 496 15.24 -35.36 -45.02
N ILE U 497 14.54 -34.27 -45.34
CA ILE U 497 14.25 -33.86 -46.73
C ILE U 497 15.53 -33.65 -47.55
N ASP U 498 15.57 -34.06 -48.81
CA ASP U 498 16.68 -33.77 -49.71
C ASP U 498 16.78 -32.27 -50.05
N GLU U 499 17.97 -31.77 -50.37
CA GLU U 499 18.15 -30.38 -50.75
C GLU U 499 17.29 -30.03 -51.95
N MET U 500 16.62 -28.88 -51.90
CA MET U 500 16.04 -28.31 -53.10
C MET U 500 17.16 -27.98 -54.07
N THR U 501 16.93 -28.15 -55.36
CA THR U 501 17.84 -27.65 -56.41
C THR U 501 17.18 -26.47 -57.10
N GLY U 502 17.85 -25.34 -57.20
CA GLY U 502 17.33 -24.17 -57.92
C GLY U 502 17.88 -24.09 -59.34
N ASP U 503 17.00 -23.79 -60.30
CA ASP U 503 17.39 -23.49 -61.68
C ASP U 503 17.32 -21.97 -61.92
N VAL U 504 18.40 -21.42 -62.47
CA VAL U 504 18.45 -20.04 -62.98
C VAL U 504 17.50 -19.93 -64.17
N GLY U 505 16.32 -19.37 -63.92
CA GLY U 505 15.23 -19.29 -64.91
C GLY U 505 15.40 -18.09 -65.83
N THR U 506 14.34 -17.30 -66.01
CA THR U 506 14.34 -16.09 -66.85
C THR U 506 15.14 -14.92 -66.26
N LEU U 507 16.02 -15.16 -65.28
CA LEU U 507 16.78 -14.14 -64.56
C LEU U 507 17.75 -13.34 -65.44
N SER U 508 18.06 -12.11 -65.06
CA SER U 508 19.23 -11.36 -65.54
C SER U 508 19.78 -10.42 -64.47
N GLY U 509 21.07 -10.07 -64.56
CA GLY U 509 21.78 -9.30 -63.53
C GLY U 509 23.30 -9.32 -63.72
N GLY U 510 24.05 -9.40 -62.63
CA GLY U 510 25.51 -9.52 -62.64
C GLY U 510 25.99 -10.92 -63.03
N ALA U 511 27.31 -11.14 -63.06
CA ALA U 511 27.88 -12.44 -63.41
C ALA U 511 27.54 -13.56 -62.40
N GLY U 512 27.46 -14.81 -62.87
CA GLY U 512 27.32 -15.99 -62.02
C GLY U 512 25.97 -16.14 -61.34
N LEU U 513 24.89 -16.13 -62.12
CA LEU U 513 23.49 -16.08 -61.67
C LEU U 513 22.92 -17.35 -61.02
N ASP U 514 23.75 -18.20 -60.41
CA ASP U 514 23.30 -19.47 -59.82
C ASP U 514 22.23 -19.29 -58.73
N VAL U 515 21.32 -20.26 -58.60
CA VAL U 515 20.37 -20.30 -57.47
C VAL U 515 20.89 -21.32 -56.46
N GLN U 516 21.84 -20.89 -55.64
CA GLN U 516 22.55 -21.77 -54.70
C GLN U 516 21.66 -22.13 -53.51
N VAL U 517 21.71 -23.38 -53.06
CA VAL U 517 20.92 -23.87 -51.92
C VAL U 517 21.83 -24.51 -50.89
N THR U 518 21.57 -24.30 -49.60
CA THR U 518 22.31 -24.96 -48.51
C THR U 518 21.42 -25.18 -47.29
N THR U 519 21.76 -26.17 -46.46
CA THR U 519 20.99 -26.58 -45.29
C THR U 519 21.67 -26.11 -44.02
N GLU U 520 20.91 -25.53 -43.10
CA GLU U 520 21.45 -25.02 -41.83
C GLU U 520 20.82 -25.67 -40.60
N GLN U 521 19.73 -26.45 -40.78
CA GLN U 521 19.32 -27.47 -39.83
C GLN U 521 18.77 -28.67 -40.59
N ASP U 522 19.25 -29.86 -40.25
CA ASP U 522 18.81 -31.14 -40.78
C ASP U 522 17.56 -31.63 -40.04
N GLY U 523 16.63 -32.31 -40.71
CA GLY U 523 15.32 -32.67 -40.17
C GLY U 523 15.29 -34.11 -39.66
N ASP U 524 14.69 -34.32 -38.49
CA ASP U 524 14.91 -35.54 -37.71
C ASP U 524 13.76 -35.77 -36.73
N ARG U 525 13.07 -36.90 -36.86
CA ARG U 525 12.24 -37.44 -35.79
C ARG U 525 12.75 -38.83 -35.44
N LEU U 526 13.12 -39.03 -34.17
CA LEU U 526 13.40 -40.35 -33.61
C LEU U 526 12.21 -40.77 -32.76
N TYR U 527 11.54 -41.86 -33.12
CA TYR U 527 10.46 -42.42 -32.30
C TYR U 527 11.07 -43.35 -31.25
N VAL U 528 10.71 -43.15 -29.98
CA VAL U 528 11.09 -43.99 -28.85
C VAL U 528 9.90 -44.87 -28.50
N VAL U 529 10.13 -46.17 -28.45
CA VAL U 529 9.15 -47.22 -28.21
C VAL U 529 9.49 -47.93 -26.89
N SER U 530 8.59 -47.85 -25.93
CA SER U 530 8.76 -48.38 -24.59
C SER U 530 7.78 -49.52 -24.37
N PHE U 531 8.28 -50.73 -24.16
CA PHE U 531 7.46 -51.91 -23.91
C PHE U 531 7.27 -52.08 -22.41
N GLN U 532 6.03 -52.18 -21.95
CA GLN U 532 5.62 -52.11 -20.57
C GLN U 532 4.51 -53.12 -20.27
N ARG U 533 4.06 -53.21 -19.02
CA ARG U 533 2.92 -54.02 -18.59
C ARG U 533 3.11 -55.48 -18.96
N ALA U 534 2.33 -56.08 -19.85
CA ALA U 534 2.52 -57.49 -20.20
C ALA U 534 3.67 -57.74 -21.18
N ALA U 535 4.12 -56.72 -21.91
CA ALA U 535 5.40 -56.74 -22.62
C ALA U 535 6.58 -56.29 -21.73
N GLY U 536 6.32 -55.83 -20.51
CA GLY U 536 7.37 -55.55 -19.53
C GLY U 536 8.07 -56.82 -19.06
N GLY U 537 9.38 -56.75 -18.85
CA GLY U 537 10.17 -57.86 -18.34
C GLY U 537 10.57 -58.91 -19.39
N LEU U 538 10.06 -58.82 -20.62
CA LEU U 538 10.52 -59.61 -21.74
C LEU U 538 11.83 -59.02 -22.27
N ASN U 539 12.72 -59.85 -22.77
CA ASN U 539 13.78 -59.43 -23.66
C ASN U 539 13.25 -59.62 -25.09
N LEU U 540 12.67 -58.57 -25.67
CA LEU U 540 12.00 -58.66 -26.96
C LEU U 540 13.01 -58.73 -28.11
N PRO U 541 12.65 -59.29 -29.28
CA PRO U 541 13.47 -59.15 -30.49
C PRO U 541 13.51 -57.69 -30.95
N GLN U 542 14.55 -57.29 -31.68
CA GLN U 542 14.65 -55.93 -32.21
C GLN U 542 13.67 -55.70 -33.37
N LEU U 543 12.93 -54.60 -33.34
CA LEU U 543 12.07 -54.19 -34.45
C LEU U 543 12.87 -54.09 -35.76
N VAL U 544 12.36 -54.71 -36.81
CA VAL U 544 12.87 -54.58 -38.18
C VAL U 544 11.91 -53.67 -38.92
N GLY U 545 12.42 -52.62 -39.55
CA GLY U 545 11.64 -51.79 -40.46
C GLY U 545 11.82 -52.20 -41.92
N ASN U 546 10.74 -52.27 -42.68
CA ASN U 546 10.78 -52.44 -44.12
C ASN U 546 10.36 -51.13 -44.81
N ALA U 547 11.29 -50.54 -45.56
CA ALA U 547 11.13 -49.23 -46.20
C ALA U 547 10.35 -49.27 -47.53
N SER U 548 9.97 -50.43 -48.05
CA SER U 548 9.62 -50.59 -49.47
C SER U 548 8.42 -49.77 -49.95
N GLY U 549 7.49 -49.43 -49.07
CA GLY U 549 6.30 -48.66 -49.42
C GLY U 549 6.48 -47.14 -49.38
N LEU U 550 7.67 -46.64 -49.04
CA LEU U 550 7.98 -45.21 -48.99
C LEU U 550 8.32 -44.66 -50.39
N GLU U 551 7.99 -43.40 -50.64
CA GLU U 551 8.30 -42.70 -51.87
C GLU U 551 9.44 -41.69 -51.66
N GLY U 552 10.58 -41.86 -52.34
CA GLY U 552 11.76 -41.00 -52.20
C GLY U 552 13.07 -41.59 -52.76
N ASP U 553 14.19 -40.93 -52.48
CA ASP U 553 15.53 -41.29 -52.96
C ASP U 553 16.37 -41.94 -51.85
N ASP U 554 16.85 -43.16 -52.07
CA ASP U 554 17.66 -43.96 -51.13
C ASP U 554 17.16 -43.98 -49.68
N LEU U 555 15.92 -44.45 -49.49
CA LEU U 555 15.34 -44.62 -48.17
C LEU U 555 15.99 -45.75 -47.36
N SER U 556 15.90 -45.68 -46.04
CA SER U 556 16.07 -46.82 -45.13
C SER U 556 15.33 -46.58 -43.81
N ILE U 557 15.11 -47.64 -43.02
CA ILE U 557 14.65 -47.53 -41.62
C ILE U 557 15.77 -48.02 -40.72
N GLU U 558 16.17 -47.21 -39.75
CA GLU U 558 17.18 -47.59 -38.76
C GLU U 558 16.51 -47.83 -37.41
N THR U 559 16.90 -48.90 -36.72
CA THR U 559 16.39 -49.23 -35.39
C THR U 559 17.53 -49.59 -34.43
N ALA U 560 17.33 -49.37 -33.14
CA ALA U 560 18.29 -49.70 -32.11
C ALA U 560 17.59 -50.04 -30.79
N THR U 561 18.25 -50.84 -29.95
CA THR U 561 17.79 -51.12 -28.59
C THR U 561 18.54 -50.21 -27.63
N ASN U 562 17.83 -49.33 -26.92
CA ASN U 562 18.40 -48.53 -25.85
C ASN U 562 18.50 -49.31 -24.54
N VAL U 563 17.50 -50.13 -24.24
CA VAL U 563 17.38 -50.90 -23.01
C VAL U 563 16.84 -52.28 -23.35
N ASP U 564 17.66 -53.32 -23.21
CA ASP U 564 17.23 -54.70 -23.31
C ASP U 564 16.50 -55.14 -22.03
N GLY U 565 15.25 -55.59 -22.16
CA GLY U 565 14.41 -55.97 -21.04
C GLY U 565 14.80 -57.30 -20.41
N GLY U 566 14.17 -57.64 -19.29
CA GLY U 566 14.44 -58.89 -18.58
C GLY U 566 13.85 -58.93 -17.18
N ARG U 567 14.01 -60.06 -16.51
CA ARG U 567 13.53 -60.33 -15.15
C ARG U 567 14.38 -61.46 -14.56
N PRO U 568 15.33 -61.19 -13.66
CA PRO U 568 16.28 -62.20 -13.18
C PRO U 568 15.65 -63.27 -12.29
N TYR U 569 16.34 -64.41 -12.15
CA TYR U 569 16.02 -65.38 -11.11
C TYR U 569 16.56 -64.89 -9.77
N VAL U 570 15.72 -64.87 -8.74
CA VAL U 570 16.13 -64.54 -7.37
C VAL U 570 16.30 -65.83 -6.60
N VAL U 571 17.51 -66.17 -6.17
CA VAL U 571 17.76 -67.35 -5.33
C VAL U 571 17.97 -66.91 -3.88
N ARG U 572 17.08 -67.34 -2.99
CA ARG U 572 17.15 -67.19 -1.53
C ARG U 572 17.61 -68.49 -0.90
N PHE U 573 18.36 -68.40 0.20
CA PHE U 573 18.73 -69.54 1.03
C PHE U 573 17.99 -69.48 2.37
N THR U 574 17.20 -70.49 2.74
CA THR U 574 16.01 -70.30 3.61
C THR U 574 15.69 -71.34 4.68
N ASP U 575 16.36 -72.49 4.76
CA ASP U 575 16.08 -73.48 5.81
C ASP U 575 17.36 -73.84 6.57
N ASP U 576 18.01 -74.96 6.29
CA ASP U 576 19.32 -75.26 6.88
C ASP U 576 20.40 -74.21 6.50
N LEU U 577 20.20 -73.44 5.43
CA LEU U 577 21.06 -72.32 5.03
C LEU U 577 20.54 -70.92 5.42
N GLN U 578 19.44 -70.79 6.18
CA GLN U 578 18.99 -69.50 6.69
C GLN U 578 20.04 -68.91 7.64
N GLY U 579 20.54 -67.72 7.33
CA GLY U 579 21.59 -67.07 8.11
C GLY U 579 23.02 -67.52 7.80
N VAL U 580 23.22 -68.33 6.75
CA VAL U 580 24.53 -68.88 6.37
C VAL U 580 25.14 -68.07 5.24
N ASP U 581 26.42 -67.78 5.34
CA ASP U 581 27.22 -67.07 4.34
C ASP U 581 27.66 -68.04 3.21
N VAL U 582 26.79 -68.32 2.24
CA VAL U 582 27.02 -69.31 1.18
C VAL U 582 27.99 -68.82 0.08
N PRO U 583 28.52 -69.67 -0.82
CA PRO U 583 29.33 -69.23 -1.95
C PRO U 583 28.52 -68.43 -2.98
N THR U 584 29.16 -67.45 -3.63
CA THR U 584 28.55 -66.77 -4.78
C THR U 584 28.47 -67.72 -5.97
N MET U 585 27.29 -67.92 -6.54
CA MET U 585 27.10 -68.79 -7.69
C MET U 585 27.75 -68.21 -8.94
N THR U 586 28.17 -69.09 -9.86
CA THR U 586 28.64 -68.74 -11.21
C THR U 586 27.82 -69.53 -12.23
N VAL U 587 27.53 -68.96 -13.40
CA VAL U 587 26.77 -69.66 -14.47
C VAL U 587 27.66 -70.00 -15.66
N ASP U 588 27.61 -71.25 -16.10
CA ASP U 588 28.27 -71.76 -17.30
C ASP U 588 27.27 -71.77 -18.46
N THR U 589 27.51 -70.91 -19.44
CA THR U 589 26.60 -70.62 -20.56
C THR U 589 27.02 -71.28 -21.88
N ASP U 590 27.97 -72.22 -21.87
CA ASP U 590 28.55 -72.78 -23.12
C ASP U 590 27.55 -73.53 -24.01
N ASP U 591 26.49 -74.11 -23.45
CA ASP U 591 25.44 -74.83 -24.19
C ASP U 591 24.21 -73.97 -24.55
N LEU U 592 24.19 -72.66 -24.29
CA LEU U 592 23.13 -71.76 -24.79
C LEU U 592 23.37 -71.45 -26.28
N THR U 593 22.32 -71.27 -27.07
CA THR U 593 22.44 -71.02 -28.53
C THR U 593 21.59 -69.84 -29.03
N GLY U 594 22.15 -69.04 -29.93
CA GLY U 594 21.50 -67.86 -30.52
C GLY U 594 21.56 -66.62 -29.65
N GLY U 595 21.41 -65.45 -30.26
CA GLY U 595 21.58 -64.15 -29.60
C GLY U 595 23.01 -63.64 -29.73
N TYR U 596 23.16 -62.32 -29.80
CA TYR U 596 24.39 -61.68 -30.25
C TYR U 596 25.56 -61.77 -29.25
N GLU U 597 25.27 -61.57 -27.97
CA GLU U 597 26.26 -61.48 -26.88
C GLU U 597 25.76 -62.26 -25.66
N VAL U 598 25.59 -63.57 -25.80
CA VAL U 598 25.17 -64.45 -24.70
C VAL U 598 26.19 -64.43 -23.57
N GLY U 599 25.71 -64.20 -22.35
CA GLY U 599 26.48 -64.11 -21.12
C GLY U 599 25.56 -64.16 -19.92
N SER U 600 26.08 -63.87 -18.73
CA SER U 600 25.30 -63.85 -17.50
C SER U 600 25.90 -62.92 -16.46
N ARG U 601 25.10 -62.53 -15.46
CA ARG U 601 25.55 -61.81 -14.27
C ARG U 601 24.93 -62.44 -13.04
N VAL U 602 25.71 -62.65 -12.00
CA VAL U 602 25.20 -62.93 -10.66
C VAL U 602 25.55 -61.74 -9.79
N VAL U 603 24.54 -61.07 -9.24
CA VAL U 603 24.72 -59.93 -8.33
C VAL U 603 24.17 -60.29 -6.96
N VAL U 604 25.01 -60.22 -5.95
CA VAL U 604 24.67 -60.60 -4.58
C VAL U 604 23.90 -59.45 -3.94
N LEU U 605 22.63 -59.69 -3.61
CA LEU U 605 21.72 -58.67 -3.10
C LEU U 605 21.78 -58.52 -1.58
N ARG U 606 21.97 -59.61 -0.83
CA ARG U 606 22.27 -59.64 0.61
C ARG U 606 23.28 -60.72 0.89
N GLU U 607 24.29 -60.47 1.72
CA GLU U 607 25.08 -61.54 2.34
C GLU U 607 24.23 -62.27 3.39
N GLY U 608 24.44 -63.56 3.60
CA GLY U 608 23.82 -64.30 4.69
C GLY U 608 24.57 -64.11 6.01
N TYR U 609 23.87 -63.86 7.11
CA TYR U 609 24.49 -63.53 8.40
C TYR U 609 23.63 -63.92 9.59
N THR U 610 24.24 -64.17 10.76
CA THR U 610 23.54 -64.36 12.03
C THR U 610 24.12 -63.44 13.10
N TYR U 611 23.28 -62.66 13.77
CA TYR U 611 23.63 -61.78 14.87
C TYR U 611 23.55 -62.51 16.22
N PRO U 612 24.28 -62.10 17.26
CA PRO U 612 24.13 -62.64 18.60
C PRO U 612 22.76 -62.28 19.21
N ALA U 613 22.31 -63.09 20.16
CA ALA U 613 20.95 -63.14 20.68
C ALA U 613 20.57 -62.06 21.71
N GLU U 614 20.81 -60.78 21.42
CA GLU U 614 20.30 -59.62 22.17
C GLU U 614 20.50 -59.72 23.69
N ASN U 615 21.62 -60.30 24.11
CA ASN U 615 22.10 -60.22 25.47
C ASN U 615 22.45 -58.78 25.82
N VAL U 616 22.17 -58.32 27.04
CA VAL U 616 22.36 -56.90 27.39
C VAL U 616 23.23 -56.67 28.60
N VAL U 617 23.96 -55.56 28.55
CA VAL U 617 24.50 -54.89 29.72
C VAL U 617 23.56 -53.76 30.06
N VAL U 618 23.07 -53.74 31.29
CA VAL U 618 22.41 -52.60 31.90
C VAL U 618 23.41 -51.89 32.78
N ASP U 619 23.61 -50.60 32.58
CA ASP U 619 24.46 -49.75 33.39
C ASP U 619 23.64 -48.58 33.91
N SER U 620 23.47 -48.46 35.22
CA SER U 620 22.64 -47.43 35.83
C SER U 620 23.28 -46.03 35.92
N ASP U 621 24.55 -45.89 35.58
CA ASP U 621 25.28 -44.62 35.58
C ASP U 621 24.64 -43.57 34.63
N PRO U 622 24.34 -42.35 35.07
CA PRO U 622 23.77 -41.31 34.23
C PRO U 622 24.61 -40.89 33.04
N ARG U 623 25.94 -41.10 33.04
CA ARG U 623 26.80 -40.68 31.92
C ARG U 623 26.72 -41.58 30.69
N GLU U 624 26.20 -42.78 30.84
CA GLU U 624 26.37 -43.87 29.87
C GLU U 624 25.04 -44.27 29.23
N GLU U 625 25.09 -44.84 28.03
CA GLU U 625 23.95 -45.52 27.43
C GLU U 625 23.53 -46.70 28.34
N GLN U 626 22.37 -46.60 28.97
CA GLN U 626 22.03 -47.43 30.12
C GLN U 626 21.66 -48.87 29.78
N VAL U 627 21.33 -49.18 28.52
CA VAL U 627 21.19 -50.56 28.06
C VAL U 627 21.90 -50.72 26.74
N SER U 628 22.77 -51.71 26.63
CA SER U 628 23.51 -52.01 25.41
C SER U 628 23.35 -53.46 25.05
N SER U 629 23.13 -53.76 23.78
CA SER U 629 22.89 -55.11 23.27
C SER U 629 24.13 -55.65 22.56
N GLU U 630 24.47 -56.92 22.77
CA GLU U 630 25.53 -57.63 22.03
C GLU U 630 25.32 -57.56 20.52
N SER U 631 24.07 -57.56 20.06
CA SER U 631 23.69 -57.44 18.65
C SER U 631 23.98 -56.07 18.04
N GLY U 632 24.20 -55.04 18.86
CA GLY U 632 24.18 -53.64 18.40
C GLY U 632 22.78 -53.10 18.11
N SER U 633 21.76 -53.80 18.58
CA SER U 633 20.36 -53.42 18.47
C SER U 633 20.04 -52.23 19.39
N PRO U 634 19.23 -51.25 18.97
CA PRO U 634 18.91 -50.04 19.72
C PRO U 634 17.92 -50.24 20.88
N ILE U 635 18.17 -51.24 21.73
CA ILE U 635 17.29 -51.61 22.84
C ILE U 635 17.07 -50.48 23.85
N TRP U 636 18.01 -49.55 24.01
CA TRP U 636 17.80 -48.38 24.85
C TRP U 636 16.72 -47.41 24.34
N GLU U 637 16.40 -47.44 23.04
CA GLU U 637 15.33 -46.64 22.46
C GLU U 637 13.94 -47.22 22.80
N ARG U 638 13.84 -48.52 23.05
CA ARG U 638 12.63 -49.24 23.46
C ARG U 638 12.21 -49.08 24.93
N MET U 639 12.82 -48.18 25.68
CA MET U 639 12.51 -47.95 27.10
C MET U 639 11.57 -46.77 27.41
N ASN U 640 11.08 -46.01 26.42
CA ASN U 640 10.12 -44.91 26.62
C ASN U 640 10.59 -43.84 27.65
N SER U 641 11.88 -43.54 27.68
CA SER U 641 12.50 -42.57 28.60
C SER U 641 12.46 -42.93 30.10
N VAL U 642 12.11 -44.15 30.48
CA VAL U 642 12.43 -44.66 31.81
C VAL U 642 13.93 -44.73 31.97
N ARG U 643 14.46 -44.30 33.11
CA ARG U 643 15.87 -44.37 33.49
C ARG U 643 16.02 -45.08 34.82
N PHE U 644 17.14 -45.76 35.00
CA PHE U 644 17.65 -46.13 36.30
C PHE U 644 18.15 -44.86 37.00
N LEU U 645 17.73 -44.61 38.23
CA LEU U 645 17.97 -43.35 38.92
C LEU U 645 18.81 -43.48 40.18
N HIS U 646 18.93 -44.66 40.76
CA HIS U 646 19.43 -44.82 42.11
C HIS U 646 20.79 -45.54 42.15
N TYR U 647 21.67 -45.05 43.01
CA TYR U 647 22.95 -45.65 43.33
C TYR U 647 22.86 -46.52 44.59
N ILE U 648 23.87 -47.33 44.86
CA ILE U 648 24.07 -47.94 46.18
C ILE U 648 24.87 -46.96 47.05
N PRO U 649 24.33 -46.45 48.17
CA PRO U 649 24.97 -45.44 49.02
C PRO U 649 26.32 -45.85 49.61
N PRO U 650 27.19 -44.90 49.99
CA PRO U 650 28.40 -45.20 50.73
C PRO U 650 28.12 -46.03 51.96
N TYR U 651 29.01 -46.97 52.29
CA TYR U 651 28.89 -47.82 53.48
C TYR U 651 27.59 -48.61 53.60
N THR U 652 27.05 -49.07 52.48
CA THR U 652 25.89 -49.97 52.45
C THR U 652 26.33 -51.40 52.73
N GLY U 653 25.76 -52.02 53.75
CA GLY U 653 26.03 -53.40 54.15
C GLY U 653 25.27 -54.42 53.32
N GLU U 654 24.57 -55.34 53.97
CA GLU U 654 23.79 -56.37 53.30
C GLU U 654 22.60 -55.79 52.53
N VAL U 655 22.50 -56.08 51.23
CA VAL U 655 21.33 -55.73 50.39
C VAL U 655 20.76 -57.01 49.79
N THR U 656 19.44 -57.09 49.67
CA THR U 656 18.76 -58.15 48.90
C THR U 656 18.15 -57.58 47.63
N PHE U 657 18.50 -58.16 46.49
CA PHE U 657 18.04 -57.78 45.17
C PHE U 657 17.13 -58.86 44.62
N LYS U 658 15.88 -58.54 44.30
CA LYS U 658 14.93 -59.48 43.67
C LYS U 658 14.71 -59.14 42.20
N LEU U 659 15.15 -60.02 41.32
CA LEU U 659 14.89 -59.99 39.89
C LEU U 659 13.66 -60.84 39.59
N SER U 660 13.06 -60.61 38.44
CA SER U 660 12.05 -61.51 37.88
C SER U 660 12.33 -61.73 36.41
N VAL U 661 12.07 -62.92 35.88
CA VAL U 661 12.24 -63.23 34.46
C VAL U 661 11.10 -64.05 33.88
N SER U 662 10.73 -63.76 32.64
CA SER U 662 9.84 -64.57 31.79
C SER U 662 10.57 -64.90 30.49
N GLY U 663 10.30 -66.06 29.89
CA GLY U 663 10.90 -66.43 28.61
C GLY U 663 12.31 -67.02 28.68
N ALA U 664 12.83 -67.30 29.88
CA ALA U 664 14.13 -67.90 30.09
C ALA U 664 14.04 -69.42 30.33
N VAL U 665 15.17 -70.10 30.18
CA VAL U 665 15.34 -71.55 30.35
C VAL U 665 16.39 -71.83 31.41
N PRO U 666 16.34 -72.95 32.14
CA PRO U 666 17.32 -73.24 33.18
C PRO U 666 18.73 -73.37 32.60
N GLY U 667 19.70 -72.85 33.33
CA GLY U 667 21.10 -72.80 32.91
C GLY U 667 21.55 -71.45 32.34
N GLN U 668 20.66 -70.57 31.91
CA GLN U 668 21.02 -69.18 31.66
C GLN U 668 21.33 -68.48 33.01
N ILE U 669 22.34 -67.63 33.07
CA ILE U 669 22.62 -66.82 34.26
C ILE U 669 22.55 -65.34 33.91
N ALA U 670 22.10 -64.52 34.85
CA ALA U 670 22.41 -63.10 34.89
C ALA U 670 23.62 -62.86 35.81
N THR U 671 24.20 -61.68 35.74
CA THR U 671 25.23 -61.23 36.70
C THR U 671 24.90 -59.86 37.25
N LEU U 672 25.21 -59.64 38.52
CA LEU U 672 25.29 -58.32 39.13
C LEU U 672 26.76 -57.95 39.27
N ARG U 673 27.14 -56.76 38.80
CA ARG U 673 28.51 -56.24 38.82
C ARG U 673 28.56 -54.93 39.60
N LEU U 674 29.35 -54.90 40.66
CA LEU U 674 29.47 -53.77 41.56
C LEU U 674 30.89 -53.21 41.55
N PRO U 675 31.09 -51.95 41.09
CA PRO U 675 32.40 -51.32 41.11
C PRO U 675 32.89 -50.97 42.52
N ARG U 676 34.17 -50.67 42.63
CA ARG U 676 34.87 -50.33 43.88
C ARG U 676 35.81 -49.17 43.64
N ALA U 677 35.35 -47.97 43.94
CA ALA U 677 36.05 -46.72 43.76
C ALA U 677 36.20 -45.98 45.10
N TRP U 678 37.39 -45.49 45.41
CA TRP U 678 37.69 -44.82 46.68
C TRP U 678 38.28 -43.45 46.45
N SER U 679 37.98 -42.48 47.30
CA SER U 679 38.58 -41.15 47.19
C SER U 679 40.07 -41.12 47.52
N ARG U 680 40.64 -42.20 48.06
CA ARG U 680 42.02 -42.26 48.57
C ARG U 680 42.72 -43.59 48.30
N PRO U 681 44.06 -43.63 48.31
CA PRO U 681 44.83 -44.87 48.24
C PRO U 681 44.83 -45.72 49.53
N TRP U 682 44.59 -45.11 50.70
CA TRP U 682 45.07 -45.62 51.99
C TRP U 682 44.02 -46.17 52.94
N GLY U 683 42.78 -45.71 52.89
CA GLY U 683 41.87 -45.90 54.02
C GLY U 683 40.41 -45.73 53.67
N LEU U 684 39.68 -45.08 54.56
CA LEU U 684 38.24 -44.78 54.51
C LEU U 684 37.31 -45.99 54.68
N GLU U 685 37.84 -47.17 54.93
CA GLU U 685 37.07 -48.39 55.25
C GLU U 685 36.48 -48.37 56.68
N ALA V 2 83.41 -49.57 41.65
CA ALA V 2 83.23 -48.78 42.88
C ALA V 2 83.24 -47.27 42.58
N SER V 3 84.40 -46.63 42.43
CA SER V 3 84.53 -45.21 42.11
C SER V 3 84.58 -44.94 40.59
N ARG V 4 84.05 -43.80 40.13
CA ARG V 4 83.96 -43.46 38.70
C ARG V 4 83.96 -41.94 38.47
N LEU V 5 84.48 -41.49 37.34
CA LEU V 5 84.30 -40.12 36.83
C LEU V 5 83.22 -40.10 35.75
N LEU V 6 82.23 -39.24 35.91
CA LEU V 6 81.21 -39.00 34.89
C LEU V 6 81.73 -37.99 33.88
N ASP V 7 82.10 -38.46 32.70
CA ASP V 7 82.66 -37.64 31.63
C ASP V 7 81.99 -38.00 30.29
N PRO V 8 80.78 -37.50 30.04
CA PRO V 8 80.01 -37.86 28.86
C PRO V 8 80.66 -37.41 27.55
N ASP V 9 80.42 -38.15 26.48
CA ASP V 9 80.89 -37.88 25.11
C ASP V 9 80.04 -36.84 24.33
N THR V 10 79.22 -36.06 25.02
CA THR V 10 78.20 -35.19 24.42
C THR V 10 78.84 -34.10 23.55
N LEU V 11 78.52 -34.04 22.27
CA LEU V 11 78.98 -32.98 21.37
C LEU V 11 77.82 -32.04 20.97
N VAL V 12 78.00 -30.74 21.18
CA VAL V 12 77.04 -29.68 20.82
C VAL V 12 77.63 -28.77 19.77
N GLU V 13 77.00 -28.71 18.61
CA GLU V 13 77.47 -27.89 17.48
C GLU V 13 76.33 -27.08 16.89
N LEU V 14 76.60 -25.85 16.50
CA LEU V 14 75.65 -25.05 15.76
C LEU V 14 76.16 -24.84 14.33
N GLU V 15 75.32 -25.15 13.33
CA GLU V 15 75.55 -24.72 11.96
C GLU V 15 74.68 -23.50 11.68
N GLY V 16 75.32 -22.39 11.36
CA GLY V 16 74.70 -21.11 11.12
C GLY V 16 74.11 -21.00 9.72
N VAL V 17 73.33 -19.95 9.51
CA VAL V 17 72.56 -19.74 8.30
C VAL V 17 73.42 -19.49 7.05
N ASN V 18 74.71 -19.20 7.20
CA ASN V 18 75.69 -19.10 6.12
C ASN V 18 76.67 -20.30 6.11
N GLY V 19 76.32 -21.40 6.76
CA GLY V 19 77.15 -22.60 6.85
C GLY V 19 78.35 -22.47 7.79
N GLU V 20 78.43 -21.42 8.59
CA GLU V 20 79.48 -21.26 9.60
C GLU V 20 79.23 -22.17 10.80
N TRP V 21 80.27 -22.86 11.28
CA TRP V 21 80.14 -23.85 12.34
C TRP V 21 80.76 -23.40 13.66
N PHE V 22 80.06 -23.70 14.74
CA PHE V 22 80.54 -23.51 16.11
C PHE V 22 80.50 -24.83 16.87
N ASP V 23 81.61 -25.26 17.44
CA ASP V 23 81.65 -26.32 18.46
C ASP V 23 81.49 -25.70 19.84
N LEU V 24 80.31 -25.82 20.41
CA LEU V 24 79.94 -25.25 21.70
C LEU V 24 80.37 -26.13 22.89
N THR V 25 80.93 -27.31 22.65
CA THR V 25 81.54 -28.19 23.67
C THR V 25 83.02 -27.85 23.85
N ASN V 26 83.78 -27.78 22.76
CA ASN V 26 85.23 -27.58 22.80
C ASN V 26 85.63 -26.12 22.63
N GLY V 27 84.76 -25.27 22.09
CA GLY V 27 84.96 -23.84 21.97
C GLY V 27 86.16 -23.44 21.13
N THR V 28 86.44 -24.17 20.05
CA THR V 28 87.54 -23.87 19.13
C THR V 28 87.36 -22.55 18.38
N GLU V 29 86.15 -22.00 18.32
CA GLU V 29 85.83 -20.67 17.80
C GLU V 29 85.71 -19.64 18.93
N GLY V 30 86.07 -20.02 20.16
CA GLY V 30 86.12 -19.15 21.33
C GLY V 30 84.82 -18.98 22.09
N ILE V 31 83.82 -19.81 21.79
CA ILE V 31 82.44 -19.73 22.26
C ILE V 31 82.05 -21.06 22.87
N TYR V 32 81.39 -21.06 24.02
CA TYR V 32 80.96 -22.25 24.74
C TYR V 32 79.52 -22.10 25.19
N LEU V 33 78.78 -23.20 25.25
CA LEU V 33 77.46 -23.24 25.86
C LEU V 33 77.55 -23.02 27.37
N ALA V 34 76.81 -22.06 27.92
CA ALA V 34 77.06 -21.47 29.23
C ALA V 34 76.03 -21.82 30.31
N THR V 35 76.18 -22.97 30.98
CA THR V 35 75.25 -23.43 32.03
C THR V 35 73.78 -23.40 31.59
N GLU V 36 72.84 -22.88 32.39
CA GLU V 36 71.44 -23.35 32.35
C GLU V 36 70.74 -23.24 30.98
N VAL V 37 70.31 -24.39 30.47
CA VAL V 37 69.55 -24.54 29.21
C VAL V 37 68.13 -24.94 29.53
N THR V 38 67.14 -24.21 29.02
CA THR V 38 65.73 -24.62 29.07
C THR V 38 65.29 -25.06 27.68
N GLY V 39 64.59 -26.19 27.58
CA GLY V 39 63.90 -26.59 26.35
C GLY V 39 64.60 -27.57 25.42
N LEU V 40 65.73 -28.16 25.78
CA LEU V 40 66.09 -29.48 25.28
C LEU V 40 65.13 -30.54 25.86
N LEU V 41 65.35 -31.82 25.57
CA LEU V 41 64.46 -32.92 25.99
C LEU V 41 63.03 -32.72 25.42
N ASP V 42 61.96 -33.09 26.14
CA ASP V 42 60.61 -33.09 25.57
C ASP V 42 60.10 -31.71 25.14
N PRO V 43 59.33 -31.59 24.05
CA PRO V 43 58.75 -30.34 23.63
C PRO V 43 57.53 -30.00 24.50
N PRO V 44 57.15 -28.73 24.65
CA PRO V 44 55.95 -28.36 25.38
C PRO V 44 54.68 -28.89 24.69
N VAL V 45 53.72 -29.35 25.48
CA VAL V 45 52.42 -29.86 25.01
C VAL V 45 51.31 -29.11 25.72
N LYS V 46 50.26 -28.72 25.00
CA LYS V 46 48.99 -28.28 25.58
C LYS V 46 47.98 -29.43 25.56
N ALA V 47 47.63 -29.96 26.74
CA ALA V 47 46.57 -30.93 26.94
C ALA V 47 45.27 -30.23 27.35
N THR V 48 44.20 -30.47 26.62
CA THR V 48 42.89 -29.91 26.88
C THR V 48 41.99 -30.95 27.51
N TYR V 49 41.40 -30.58 28.63
CA TYR V 49 40.35 -31.32 29.32
C TYR V 49 39.13 -30.41 29.48
N GLU V 50 37.95 -30.99 29.40
CA GLU V 50 36.69 -30.34 29.76
C GLU V 50 36.18 -30.86 31.09
N GLU V 51 35.70 -29.95 31.92
CA GLU V 51 35.16 -30.24 33.25
C GLU V 51 33.67 -29.85 33.39
N PRO V 52 32.77 -30.23 32.47
CA PRO V 52 31.39 -29.76 32.43
C PRO V 52 30.46 -30.47 33.42
N GLY V 53 29.29 -29.90 33.65
CA GLY V 53 28.25 -30.56 34.45
C GLY V 53 28.67 -30.86 35.89
N ASN V 54 28.14 -31.93 36.47
CA ASN V 54 28.30 -32.24 37.91
C ASN V 54 28.99 -33.58 38.17
N PHE V 55 29.32 -34.36 37.14
CA PHE V 55 29.96 -35.66 37.31
C PHE V 55 31.40 -35.53 37.82
N PRO V 56 31.98 -36.54 38.49
CA PRO V 56 33.29 -36.42 39.08
C PRO V 56 34.40 -36.48 38.00
N GLY V 57 35.41 -35.63 38.12
CA GLY V 57 36.54 -35.60 37.21
C GLY V 57 36.29 -34.86 35.89
N ALA V 58 37.04 -35.19 34.85
CA ALA V 58 37.09 -34.47 33.59
C ALA V 58 37.25 -35.40 32.39
N ARG V 59 36.89 -34.92 31.20
CA ARG V 59 37.09 -35.61 29.93
C ARG V 59 38.27 -35.01 29.18
N TYR V 60 39.11 -35.84 28.60
CA TYR V 60 40.13 -35.46 27.65
C TYR V 60 39.53 -35.04 26.31
N LEU V 61 39.99 -33.91 25.76
CA LEU V 61 39.62 -33.46 24.41
C LEU V 61 40.78 -33.61 23.41
N ASN V 62 41.95 -33.09 23.71
CA ASN V 62 43.03 -33.01 22.73
C ASN V 62 44.38 -32.90 23.43
N HIS V 63 45.47 -33.20 22.74
CA HIS V 63 46.77 -32.67 23.10
C HIS V 63 47.55 -32.28 21.85
N ARG V 64 48.29 -31.16 21.91
CA ARG V 64 49.03 -30.59 20.78
C ARG V 64 50.46 -30.25 21.21
N VAL V 65 51.48 -30.62 20.44
CA VAL V 65 52.86 -30.16 20.67
C VAL V 65 52.96 -28.70 20.26
N LEU V 66 53.42 -27.81 21.13
CA LEU V 66 53.63 -26.38 20.85
C LEU V 66 55.03 -26.13 20.26
N ARG V 67 55.35 -24.90 19.84
CA ARG V 67 56.74 -24.54 19.49
C ARG V 67 57.70 -24.74 20.66
N ARG V 68 58.96 -25.12 20.40
CA ARG V 68 60.00 -25.05 21.42
C ARG V 68 60.51 -23.64 21.59
N ASP V 69 60.46 -23.14 22.81
CA ASP V 69 61.25 -22.01 23.24
C ASP V 69 62.51 -22.52 23.93
N LEU V 70 63.61 -22.65 23.21
CA LEU V 70 64.93 -22.83 23.80
C LEU V 70 65.43 -21.51 24.38
N VAL V 71 65.83 -21.50 25.64
CA VAL V 71 66.56 -20.40 26.26
C VAL V 71 67.90 -20.89 26.74
N PHE V 72 68.97 -20.26 26.30
CA PHE V 72 70.34 -20.63 26.67
C PHE V 72 71.25 -19.42 26.58
N GLY V 73 72.46 -19.53 27.09
CA GLY V 73 73.51 -18.55 26.89
C GLY V 73 74.78 -19.17 26.34
N VAL V 74 75.65 -18.33 25.80
CA VAL V 74 76.99 -18.69 25.40
C VAL V 74 77.99 -17.73 26.02
N GLU V 75 79.09 -18.26 26.51
CA GLU V 75 80.23 -17.53 27.06
C GLU V 75 81.29 -17.32 26.00
N ILE V 76 81.59 -16.07 25.70
CA ILE V 76 82.51 -15.68 24.63
C ILE V 76 83.78 -15.12 25.28
N LEU V 77 84.91 -15.80 25.08
CA LEU V 77 86.20 -15.40 25.64
C LEU V 77 86.77 -14.19 24.90
N ASN V 78 87.27 -13.18 25.61
CA ASN V 78 87.88 -11.98 25.03
C ASN V 78 89.40 -12.15 24.81
N ASP V 79 89.84 -12.76 23.72
CA ASP V 79 91.28 -12.93 23.40
C ASP V 79 91.82 -11.82 22.48
N GLU V 80 92.95 -12.00 21.81
CA GLU V 80 93.63 -10.94 21.01
C GLU V 80 93.29 -11.02 19.50
N ASN V 81 93.59 -9.95 18.74
CA ASN V 81 93.39 -9.86 17.29
C ASN V 81 91.93 -10.14 16.86
N ASP V 82 91.69 -10.94 15.84
CA ASP V 82 90.31 -11.34 15.47
C ASP V 82 89.69 -12.37 16.41
N GLU V 83 90.31 -12.66 17.55
CA GLU V 83 89.78 -13.50 18.62
C GLU V 83 89.32 -12.66 19.83
N THR V 84 89.23 -11.34 19.70
CA THR V 84 88.56 -10.46 20.67
C THR V 84 87.10 -10.84 20.84
N TRP V 85 86.53 -10.49 21.98
CA TRP V 85 85.10 -10.72 22.23
C TRP V 85 84.24 -10.11 21.14
N LEU V 86 84.55 -8.88 20.74
CA LEU V 86 83.81 -8.16 19.72
C LEU V 86 83.76 -8.89 18.38
N ARG V 87 84.90 -9.41 17.90
CA ARG V 87 84.91 -10.16 16.65
C ARG V 87 84.14 -11.48 16.76
N ARG V 88 84.26 -12.19 17.87
CA ARG V 88 83.55 -13.45 18.12
C ARG V 88 82.06 -13.27 18.32
N ASP V 89 81.60 -12.25 19.03
CA ASP V 89 80.17 -12.02 19.26
C ASP V 89 79.49 -11.56 17.97
N SER V 90 80.19 -10.83 17.12
CA SER V 90 79.70 -10.53 15.78
C SER V 90 79.72 -11.75 14.85
N ALA V 91 80.74 -12.61 14.87
CA ALA V 91 80.71 -13.89 14.15
C ALA V 91 79.55 -14.78 14.63
N TRP V 92 79.33 -14.87 15.95
CA TRP V 92 78.16 -15.52 16.52
C TRP V 92 76.87 -14.91 16.00
N ARG V 93 76.71 -13.59 16.03
CA ARG V 93 75.49 -12.95 15.56
C ARG V 93 75.20 -13.23 14.10
N LYS V 94 76.20 -13.29 13.24
CA LYS V 94 76.04 -13.58 11.80
C LYS V 94 75.48 -14.97 11.51
N ALA V 95 75.65 -15.94 12.39
CA ALA V 95 75.14 -17.30 12.23
C ALA V 95 73.62 -17.44 12.37
N TRP V 96 72.92 -16.44 12.89
CA TRP V 96 71.53 -16.51 13.32
C TRP V 96 70.62 -15.53 12.54
N SER V 97 69.36 -15.88 12.36
CA SER V 97 68.36 -15.11 11.61
C SER V 97 66.96 -15.25 12.24
N PHE V 98 66.05 -14.32 11.99
CA PHE V 98 64.62 -14.52 12.24
C PHE V 98 63.93 -15.23 11.07
N LYS V 99 64.46 -15.12 9.85
CA LYS V 99 63.83 -15.57 8.62
C LYS V 99 64.33 -16.94 8.13
N ARG V 100 65.59 -17.27 8.40
CA ARG V 100 66.27 -18.52 8.01
C ARG V 100 66.58 -19.36 9.24
N ASP V 101 66.50 -20.68 9.12
CA ASP V 101 66.86 -21.65 10.17
C ASP V 101 68.36 -21.94 10.24
N ALA V 102 68.97 -21.73 11.40
CA ALA V 102 70.19 -22.42 11.79
C ALA V 102 69.84 -23.85 12.26
N LYS V 103 70.82 -24.74 12.35
CA LYS V 103 70.64 -26.07 12.94
C LYS V 103 71.51 -26.21 14.18
N LEU V 104 70.93 -26.68 15.27
CA LEU V 104 71.64 -27.09 16.47
C LEU V 104 71.79 -28.61 16.46
N HIS V 105 73.01 -29.12 16.40
CA HIS V 105 73.35 -30.53 16.33
C HIS V 105 73.76 -31.04 17.69
N ILE V 106 73.16 -32.15 18.12
CA ILE V 106 73.53 -32.86 19.33
C ILE V 106 73.94 -34.30 18.96
N THR V 107 75.08 -34.75 19.44
CA THR V 107 75.60 -36.10 19.18
C THR V 107 75.95 -36.78 20.50
N THR V 108 75.56 -38.05 20.66
CA THR V 108 75.97 -38.89 21.79
C THR V 108 76.48 -40.24 21.28
N GLY V 109 77.30 -40.93 22.07
CA GLY V 109 77.83 -42.23 21.68
C GLY V 109 76.75 -43.30 21.56
N GLU V 110 75.79 -43.32 22.47
CA GLU V 110 74.81 -44.39 22.57
C GLU V 110 73.47 -44.12 21.84
N SER V 111 73.22 -42.89 21.40
CA SER V 111 72.03 -42.53 20.62
C SER V 111 72.34 -41.86 19.27
N GLY V 112 73.60 -41.56 18.96
CA GLY V 112 74.01 -41.03 17.67
C GLY V 112 73.71 -39.54 17.49
N HIS V 113 73.46 -39.13 16.26
CA HIS V 113 73.36 -37.73 15.87
C HIS V 113 71.91 -37.35 15.53
N ARG V 114 71.43 -36.25 16.12
CA ARG V 114 70.16 -35.61 15.77
C ARG V 114 70.38 -34.10 15.73
N TYR V 115 69.55 -33.36 15.00
CA TYR V 115 69.61 -31.91 14.96
C TYR V 115 68.24 -31.24 15.07
N LEU V 116 68.20 -30.01 15.56
CA LEU V 116 67.01 -29.15 15.71
C LEU V 116 67.13 -27.90 14.82
N LYS V 117 66.13 -27.58 13.99
CA LYS V 117 66.07 -26.33 13.20
C LYS V 117 65.59 -25.17 14.07
N VAL V 118 66.41 -24.14 14.25
CA VAL V 118 66.23 -23.06 15.23
C VAL V 118 66.39 -21.67 14.61
N ARG V 119 65.63 -20.70 15.09
CA ARG V 119 65.69 -19.28 14.70
C ARG V 119 65.74 -18.38 15.91
N LEU V 120 66.15 -17.14 15.76
CA LEU V 120 65.96 -16.12 16.77
C LEU V 120 64.48 -15.88 17.03
N PHE V 121 64.08 -15.83 18.31
CA PHE V 121 62.77 -15.34 18.72
C PHE V 121 62.84 -13.92 19.31
N GLU V 122 63.94 -13.56 19.96
CA GLU V 122 64.27 -12.21 20.43
C GLU V 122 65.72 -11.89 20.06
N SER V 123 66.08 -10.61 19.99
CA SER V 123 67.45 -10.21 19.68
C SER V 123 68.45 -10.70 20.74
N PRO V 124 69.56 -11.35 20.38
CA PRO V 124 70.61 -11.73 21.32
C PRO V 124 71.05 -10.55 22.19
N THR V 125 71.28 -10.79 23.47
CA THR V 125 71.50 -9.73 24.45
C THR V 125 72.74 -10.00 25.30
N THR V 126 73.59 -9.00 25.47
CA THR V 126 74.69 -8.99 26.43
C THR V 126 74.43 -7.92 27.48
N ASP V 127 74.60 -8.23 28.77
CA ASP V 127 74.54 -7.22 29.83
C ASP V 127 75.74 -6.27 29.73
N MET V 128 75.54 -4.96 29.95
CA MET V 128 76.57 -3.94 29.79
C MET V 128 76.65 -3.02 31.01
N VAL V 129 76.95 -3.60 32.16
CA VAL V 129 77.31 -2.90 33.41
C VAL V 129 78.51 -1.98 33.16
N THR V 130 79.51 -2.47 32.46
CA THR V 130 80.66 -1.72 31.96
C THR V 130 80.92 -2.11 30.50
N ASP V 131 81.71 -1.36 29.76
CA ASP V 131 82.09 -1.69 28.38
C ASP V 131 82.50 -3.17 28.21
N PRO V 132 81.75 -3.99 27.45
CA PRO V 132 81.99 -5.41 27.31
C PRO V 132 83.33 -5.72 26.66
N ARG V 133 83.90 -4.81 25.87
CA ARG V 133 85.24 -5.01 25.31
C ARG V 133 86.32 -5.00 26.40
N GLY V 134 86.03 -4.43 27.56
CA GLY V 134 86.90 -4.40 28.73
C GLY V 134 86.73 -5.59 29.67
N ARG V 135 85.69 -6.40 29.50
CA ARG V 135 85.45 -7.62 30.27
C ARG V 135 86.21 -8.81 29.72
N GLU V 136 86.56 -9.73 30.59
CA GLU V 136 87.37 -10.93 30.34
C GLU V 136 86.59 -12.02 29.59
N VAL V 137 85.30 -12.15 29.89
CA VAL V 137 84.32 -13.05 29.28
C VAL V 137 83.01 -12.29 29.25
N ASN V 138 82.16 -12.49 28.25
CA ASN V 138 80.78 -12.01 28.29
C ASN V 138 79.82 -13.15 27.94
N ILE V 139 78.65 -13.17 28.56
CA ILE V 139 77.59 -14.12 28.24
C ILE V 139 76.56 -13.44 27.35
N THR V 140 76.30 -14.01 26.19
CA THR V 140 75.24 -13.57 25.30
C THR V 140 74.07 -14.51 25.49
N LYS V 141 72.90 -13.92 25.75
CA LYS V 141 71.68 -14.63 26.11
C LYS V 141 70.82 -14.78 24.87
N MET V 142 70.43 -16.02 24.62
CA MET V 142 69.74 -16.47 23.41
C MET V 142 68.33 -16.90 23.76
N VAL V 143 67.33 -16.29 23.13
CA VAL V 143 65.97 -16.85 23.12
C VAL V 143 65.68 -17.27 21.69
N VAL V 144 65.54 -18.58 21.45
CA VAL V 144 65.44 -19.15 20.10
C VAL V 144 64.24 -20.08 19.98
N VAL V 145 63.63 -20.14 18.80
CA VAL V 145 62.43 -20.94 18.53
C VAL V 145 62.71 -22.06 17.55
N ALA V 146 62.22 -23.27 17.81
CA ALA V 146 61.98 -24.28 16.80
C ALA V 146 60.47 -24.41 16.54
N GLY V 147 60.03 -23.92 15.39
CA GLY V 147 58.62 -23.97 14.97
C GLY V 147 58.22 -25.34 14.44
N ASP V 148 59.18 -26.09 13.91
CA ASP V 148 59.08 -27.54 13.73
C ASP V 148 59.77 -28.21 14.92
N PRO V 149 59.04 -28.73 15.92
CA PRO V 149 59.57 -28.87 17.28
C PRO V 149 60.39 -30.15 17.52
N PHE V 150 60.51 -31.05 16.55
CA PHE V 150 61.21 -32.32 16.71
C PHE V 150 62.70 -32.29 16.31
N TRP V 151 63.44 -33.31 16.70
CA TRP V 151 64.83 -33.52 16.40
C TRP V 151 64.99 -34.53 15.26
N TYR V 152 65.70 -34.16 14.21
CA TYR V 152 65.78 -34.93 12.97
C TYR V 152 67.10 -35.68 12.86
N GLU V 153 67.04 -36.89 12.30
CA GLU V 153 68.21 -37.55 11.75
C GLU V 153 68.55 -36.98 10.37
N ASP V 154 69.76 -37.24 9.89
CA ASP V 154 70.17 -36.93 8.53
C ASP V 154 69.32 -37.73 7.53
N ASP V 155 68.91 -37.10 6.43
CA ASP V 155 67.93 -37.68 5.52
C ASP V 155 68.47 -38.90 4.76
N VAL V 156 67.67 -39.97 4.70
CA VAL V 156 67.99 -41.19 3.94
C VAL V 156 66.93 -41.37 2.86
N VAL V 157 67.38 -41.39 1.61
CA VAL V 157 66.56 -41.67 0.45
C VAL V 157 66.75 -43.14 0.08
N TYR V 158 65.68 -43.90 -0.07
CA TYR V 158 65.72 -45.27 -0.56
C TYR V 158 65.54 -45.29 -2.08
N PRO V 159 66.57 -45.60 -2.89
CA PRO V 159 66.42 -45.73 -4.33
C PRO V 159 65.60 -46.97 -4.71
N ILE V 160 64.65 -46.80 -5.63
CA ILE V 160 63.77 -47.84 -6.16
C ILE V 160 63.95 -47.90 -7.67
N GLU V 161 64.69 -48.88 -8.18
CA GLU V 161 65.14 -48.86 -9.59
C GLU V 161 64.29 -49.76 -10.50
N VAL V 162 63.72 -49.17 -11.54
CA VAL V 162 63.06 -49.87 -12.65
C VAL V 162 64.12 -50.60 -13.47
N GLN V 163 63.95 -51.90 -13.72
CA GLN V 163 64.99 -52.70 -14.37
C GLN V 163 64.52 -53.82 -15.31
N GLU V 164 63.25 -53.87 -15.69
CA GLU V 164 62.84 -54.51 -16.95
C GLU V 164 61.89 -53.60 -17.74
N ASP V 165 61.99 -53.58 -19.07
CA ASP V 165 61.21 -52.69 -19.91
C ASP V 165 59.72 -53.05 -19.88
N THR V 166 58.88 -52.05 -19.63
CA THR V 166 57.42 -52.16 -19.57
C THR V 166 56.72 -51.18 -20.51
N THR V 167 57.45 -50.59 -21.45
CA THR V 167 56.91 -49.73 -22.50
C THR V 167 55.93 -50.48 -23.40
N PHE V 168 54.90 -49.78 -23.90
CA PHE V 168 53.88 -50.31 -24.80
C PHE V 168 53.43 -49.25 -25.80
N ASP V 169 52.93 -49.66 -26.95
CA ASP V 169 52.28 -48.75 -27.91
C ASP V 169 50.88 -48.37 -27.38
N PRO V 170 50.58 -47.10 -27.08
CA PRO V 170 49.27 -46.70 -26.59
C PRO V 170 48.17 -46.77 -27.65
N ASN V 171 48.50 -46.75 -28.94
CA ASN V 171 47.53 -46.52 -30.02
C ASN V 171 46.39 -47.55 -30.11
N PRO V 172 46.62 -48.88 -30.02
CA PRO V 172 45.54 -49.86 -30.11
C PRO V 172 44.63 -49.97 -28.87
N LEU V 173 44.95 -49.31 -27.76
CA LEU V 173 44.20 -49.46 -26.50
C LEU V 173 42.88 -48.65 -26.50
N PRO V 174 41.81 -49.13 -25.82
CA PRO V 174 40.66 -48.31 -25.48
C PRO V 174 40.97 -47.39 -24.31
N TRP V 175 40.22 -46.30 -24.13
CA TRP V 175 40.40 -45.37 -23.01
C TRP V 175 39.23 -45.45 -22.02
N PRO V 176 39.48 -45.55 -20.69
CA PRO V 176 40.79 -45.70 -20.07
C PRO V 176 41.41 -47.07 -20.34
N TRP V 177 42.74 -47.14 -20.32
CA TRP V 177 43.50 -48.34 -20.67
C TRP V 177 43.20 -49.53 -19.72
N PRO V 178 43.08 -50.78 -20.21
CA PRO V 178 42.77 -51.95 -19.39
C PRO V 178 43.95 -52.40 -18.53
N GLN V 179 43.87 -52.18 -17.21
CA GLN V 179 45.00 -52.33 -16.29
C GLN V 179 45.63 -53.74 -16.23
N PRO V 180 44.89 -54.86 -16.30
CA PRO V 180 45.48 -56.20 -16.34
C PRO V 180 46.29 -56.55 -17.59
N GLU V 181 46.14 -55.82 -18.70
CA GLU V 181 46.74 -56.18 -19.99
C GLU V 181 48.10 -55.49 -20.25
N LEU V 182 48.35 -54.35 -19.62
CA LEU V 182 49.63 -53.64 -19.74
C LEU V 182 50.76 -54.46 -19.08
N PRO V 183 51.97 -54.49 -19.63
CA PRO V 183 53.10 -55.15 -18.99
C PRO V 183 53.52 -54.44 -17.71
N VAL V 184 53.74 -55.16 -16.62
CA VAL V 184 54.07 -54.61 -15.29
C VAL V 184 55.37 -55.17 -14.74
N GLU V 185 56.19 -54.33 -14.11
CA GLU V 185 57.32 -54.73 -13.26
C GLU V 185 56.94 -54.53 -11.80
N ASP V 186 57.01 -55.58 -10.99
CA ASP V 186 56.97 -55.46 -9.54
C ASP V 186 58.36 -55.10 -9.00
N ILE V 187 58.42 -54.14 -8.08
CA ILE V 187 59.65 -53.76 -7.38
C ILE V 187 59.43 -53.84 -5.87
N GLU V 188 60.22 -54.64 -5.18
CA GLU V 188 60.13 -54.82 -3.72
C GLU V 188 61.24 -54.00 -3.07
N ILE V 189 60.90 -53.17 -2.09
CA ILE V 189 61.87 -52.44 -1.27
C ILE V 189 61.67 -52.81 0.20
N THR V 190 62.70 -53.34 0.86
CA THR V 190 62.62 -53.71 2.27
C THR V 190 63.34 -52.65 3.10
N VAL V 191 62.68 -52.08 4.09
CA VAL V 191 63.28 -51.12 5.00
C VAL V 191 63.39 -51.77 6.38
N PRO V 192 64.59 -51.92 6.96
CA PRO V 192 64.77 -52.71 8.17
C PRO V 192 64.20 -52.08 9.45
N ASN V 193 64.12 -50.75 9.53
CA ASN V 193 63.47 -50.02 10.61
C ASN V 193 62.66 -48.87 10.04
N ALA V 194 61.39 -49.08 9.74
CA ALA V 194 60.56 -48.10 9.06
C ALA V 194 60.27 -46.86 9.90
N ASN V 195 60.01 -47.03 11.20
CA ASN V 195 59.81 -45.92 12.13
C ASN V 195 60.27 -46.31 13.53
N PRO V 196 61.56 -46.14 13.87
CA PRO V 196 62.07 -46.37 15.22
C PRO V 196 61.73 -45.25 16.22
N THR V 197 61.07 -44.19 15.79
CA THR V 197 60.78 -43.00 16.59
C THR V 197 59.46 -43.13 17.36
N ASP V 198 59.22 -42.23 18.30
CA ASP V 198 58.00 -42.15 19.10
C ASP V 198 56.84 -41.40 18.41
N ASN V 199 57.10 -40.73 17.29
CA ASN V 199 56.12 -40.01 16.47
C ASN V 199 55.77 -40.78 15.19
N ILE V 200 54.67 -40.41 14.53
CA ILE V 200 54.27 -40.99 13.24
C ILE V 200 55.19 -40.53 12.10
N ILE V 201 55.30 -41.32 11.04
CA ILE V 201 55.94 -40.93 9.79
C ILE V 201 54.92 -40.99 8.66
N TRP V 202 54.77 -39.91 7.92
CA TRP V 202 54.05 -39.87 6.65
C TRP V 202 55.04 -40.08 5.50
N PRO V 203 54.96 -41.18 4.72
CA PRO V 203 55.85 -41.43 3.60
C PRO V 203 55.87 -40.32 2.56
N LYS V 204 57.03 -40.10 1.96
CA LYS V 204 57.17 -39.30 0.74
C LYS V 204 57.77 -40.13 -0.39
N TRP V 205 57.20 -40.03 -1.58
CA TRP V 205 57.62 -40.76 -2.77
C TRP V 205 57.99 -39.77 -3.88
N THR V 206 59.02 -40.08 -4.64
CA THR V 206 59.29 -39.46 -5.94
C THR V 206 59.06 -40.50 -7.01
N LEU V 207 58.25 -40.20 -8.01
CA LEU V 207 57.88 -41.12 -9.07
C LEU V 207 58.17 -40.50 -10.45
N PRO V 208 59.04 -41.07 -11.27
CA PRO V 208 59.36 -40.51 -12.59
C PRO V 208 58.27 -40.78 -13.63
N GLY V 209 58.04 -39.81 -14.50
CA GLY V 209 57.15 -39.92 -15.66
C GLY V 209 57.82 -40.58 -16.87
N SER V 210 57.08 -40.65 -17.98
CA SER V 210 57.55 -41.27 -19.23
C SER V 210 58.83 -40.63 -19.80
N SER V 211 59.67 -41.42 -20.47
CA SER V 211 60.79 -40.90 -21.27
C SER V 211 60.34 -40.48 -22.68
N GLU V 212 59.37 -41.17 -23.25
CA GLU V 212 58.82 -40.93 -24.59
C GLU V 212 58.00 -39.63 -24.67
N LYS V 213 57.99 -38.95 -25.82
CA LYS V 213 57.28 -37.68 -26.01
C LYS V 213 55.76 -37.86 -26.17
N PRO V 214 54.94 -36.89 -25.76
CA PRO V 214 53.50 -36.96 -25.95
C PRO V 214 53.09 -37.01 -27.44
N ALA V 215 51.89 -37.50 -27.71
CA ALA V 215 51.41 -37.70 -29.06
C ALA V 215 50.96 -36.40 -29.77
N GLU V 216 50.70 -35.34 -29.02
CA GLU V 216 49.97 -34.16 -29.48
C GLU V 216 50.63 -32.89 -28.92
N PRO V 217 50.84 -31.83 -29.72
CA PRO V 217 51.45 -30.60 -29.23
C PRO V 217 50.53 -29.88 -28.24
N TYR V 218 51.10 -29.08 -27.36
CA TYR V 218 50.39 -28.34 -26.32
C TYR V 218 50.28 -26.86 -26.66
N ILE V 219 49.09 -26.30 -26.46
CA ILE V 219 48.84 -24.86 -26.51
C ILE V 219 48.36 -24.40 -25.12
N PRO V 220 49.11 -23.56 -24.39
CA PRO V 220 48.64 -23.01 -23.13
C PRO V 220 47.30 -22.26 -23.26
N GLY V 221 46.43 -22.40 -22.27
CA GLY V 221 45.14 -21.69 -22.21
C GLY V 221 43.96 -22.35 -22.92
N LEU V 222 44.10 -23.56 -23.48
CA LEU V 222 42.97 -24.37 -23.95
C LEU V 222 43.16 -25.88 -23.67
N PRO V 223 42.09 -26.67 -23.57
CA PRO V 223 42.16 -28.10 -23.24
C PRO V 223 43.02 -28.90 -24.22
N TRP V 224 43.63 -29.98 -23.73
CA TRP V 224 44.52 -30.84 -24.51
C TRP V 224 43.95 -32.25 -24.66
N LEU V 225 43.77 -32.70 -25.90
CA LEU V 225 43.19 -34.00 -26.24
C LEU V 225 44.22 -35.14 -26.37
N GLY V 226 45.50 -34.89 -26.09
CA GLY V 226 46.59 -35.83 -26.35
C GLY V 226 46.72 -36.98 -25.37
N ALA V 227 46.01 -36.99 -24.26
CA ALA V 227 46.19 -37.96 -23.18
C ALA V 227 45.99 -39.44 -23.58
N PRO V 228 44.93 -39.86 -24.28
CA PRO V 228 44.64 -41.28 -24.44
C PRO V 228 45.58 -42.04 -25.38
N LYS V 229 46.29 -41.33 -26.28
CA LYS V 229 47.31 -41.89 -27.17
C LYS V 229 48.74 -41.56 -26.76
N SER V 230 48.98 -40.69 -25.77
CA SER V 230 50.33 -40.36 -25.31
C SER V 230 50.91 -41.46 -24.42
N PRO V 231 52.19 -41.85 -24.60
CA PRO V 231 52.88 -42.71 -23.66
C PRO V 231 52.90 -42.13 -22.24
N ALA V 232 52.81 -42.99 -21.24
CA ALA V 232 52.83 -42.62 -19.84
C ALA V 232 53.47 -43.72 -18.99
N THR V 233 54.11 -43.35 -17.88
CA THR V 233 54.40 -44.31 -16.82
C THR V 233 53.20 -44.42 -15.90
N LEU V 234 52.87 -45.62 -15.44
CA LEU V 234 51.86 -45.90 -14.44
C LEU V 234 52.53 -46.54 -13.24
N TRP V 235 52.13 -46.15 -12.05
CA TRP V 235 52.73 -46.56 -10.79
C TRP V 235 51.65 -47.02 -9.81
N THR V 236 51.92 -48.10 -9.09
CA THR V 236 51.10 -48.57 -7.98
C THR V 236 51.91 -48.47 -6.70
N VAL V 237 51.45 -47.66 -5.76
CA VAL V 237 52.23 -47.19 -4.60
C VAL V 237 51.58 -47.64 -3.30
N PRO V 238 52.30 -48.25 -2.35
CA PRO V 238 51.80 -48.57 -1.03
C PRO V 238 51.14 -47.41 -0.29
N ASP V 239 50.02 -47.70 0.35
CA ASP V 239 49.39 -46.85 1.37
C ASP V 239 48.91 -47.70 2.54
N TYR V 240 49.80 -48.53 3.08
CA TYR V 240 49.49 -49.57 4.07
C TYR V 240 49.09 -49.04 5.44
N LYS V 241 47.98 -49.53 6.01
CA LYS V 241 47.67 -49.35 7.44
C LYS V 241 48.36 -50.43 8.25
N LEU V 242 49.34 -50.08 9.08
CA LEU V 242 50.23 -51.05 9.74
C LEU V 242 49.91 -51.30 11.22
N ASP V 243 49.09 -50.46 11.85
CA ASP V 243 48.34 -50.81 13.06
C ASP V 243 46.87 -51.03 12.67
N LEU V 244 46.38 -52.26 12.86
CA LEU V 244 45.01 -52.67 12.56
C LEU V 244 44.31 -53.17 13.83
N ASP V 245 43.12 -52.64 14.12
CA ASP V 245 42.22 -53.25 15.11
C ASP V 245 41.54 -54.50 14.54
N GLU V 246 40.99 -55.36 15.42
CA GLU V 246 40.45 -56.66 15.01
C GLU V 246 39.16 -56.58 14.16
N ASP V 247 38.46 -55.46 14.16
CA ASP V 247 37.26 -55.22 13.37
C ASP V 247 37.48 -54.29 12.16
N GLU V 248 38.74 -53.94 11.85
CA GLU V 248 39.10 -53.24 10.61
C GLU V 248 39.36 -54.21 9.46
N ASP V 249 39.06 -53.79 8.23
CA ASP V 249 39.22 -54.64 7.03
C ASP V 249 40.70 -54.97 6.75
N PRO V 250 41.11 -56.24 6.70
CA PRO V 250 42.50 -56.62 6.47
C PRO V 250 43.10 -56.10 5.16
N SER V 251 42.26 -55.77 4.17
CA SER V 251 42.65 -55.14 2.92
C SER V 251 43.22 -53.72 3.09
N LEU V 252 42.97 -53.01 4.20
CA LEU V 252 43.67 -51.77 4.53
C LEU V 252 45.17 -52.01 4.79
N GLY V 253 45.52 -53.22 5.22
CA GLY V 253 46.89 -53.61 5.52
C GLY V 253 47.78 -53.82 4.30
N THR V 254 47.18 -53.94 3.12
CA THR V 254 47.89 -54.14 1.85
C THR V 254 47.48 -53.13 0.78
N ARG V 255 46.74 -52.08 1.15
CA ARG V 255 46.28 -51.01 0.25
C ARG V 255 47.40 -50.44 -0.61
N ARG V 256 47.10 -50.31 -1.90
CA ARG V 256 47.96 -49.75 -2.93
C ARG V 256 47.15 -48.81 -3.79
N ILE V 257 47.72 -47.68 -4.18
CA ILE V 257 47.05 -46.65 -4.97
C ILE V 257 47.56 -46.69 -6.41
N ARG V 258 46.67 -46.80 -7.38
CA ARG V 258 46.97 -46.65 -8.81
C ARG V 258 47.07 -45.16 -9.10
N MET V 259 48.29 -44.65 -9.20
CA MET V 259 48.54 -43.27 -9.59
C MET V 259 48.12 -43.10 -11.04
N PRO V 260 47.59 -41.94 -11.43
CA PRO V 260 47.28 -41.66 -12.83
C PRO V 260 48.57 -41.63 -13.66
N GLY V 261 48.45 -41.97 -14.94
CA GLY V 261 49.61 -42.13 -15.82
C GLY V 261 50.35 -40.81 -16.06
N GLN V 262 51.68 -40.85 -16.04
CA GLN V 262 52.51 -39.66 -16.12
C GLN V 262 53.23 -39.56 -17.46
N ILE V 263 52.88 -38.52 -18.23
CA ILE V 263 53.38 -38.31 -19.58
C ILE V 263 54.79 -37.72 -19.61
N GLY V 264 55.44 -37.78 -20.79
CA GLY V 264 56.69 -37.08 -21.04
C GLY V 264 56.50 -35.56 -21.16
N GLY V 265 57.56 -34.84 -21.44
CA GLY V 265 57.51 -33.38 -21.54
C GLY V 265 56.60 -32.86 -22.67
N LEU V 266 55.66 -31.98 -22.34
CA LEU V 266 54.78 -31.34 -23.32
C LEU V 266 55.58 -30.35 -24.15
N ARG V 267 55.37 -30.37 -25.47
CA ARG V 267 56.03 -29.47 -26.42
C ARG V 267 55.05 -28.44 -26.94
N VAL V 268 55.38 -27.17 -26.80
CA VAL V 268 54.67 -26.06 -27.40
C VAL V 268 55.33 -25.74 -28.73
N GLU V 269 54.56 -25.74 -29.81
CA GLU V 269 55.06 -25.39 -31.13
C GLU V 269 55.18 -23.89 -31.28
N GLU V 270 56.33 -23.39 -31.69
CA GLU V 270 56.45 -21.99 -32.07
C GLU V 270 55.47 -21.69 -33.21
N VAL V 271 54.76 -20.56 -33.09
CA VAL V 271 53.96 -20.00 -34.18
C VAL V 271 54.38 -18.56 -34.41
N GLN V 272 54.71 -18.21 -35.64
CA GLN V 272 54.99 -16.85 -36.07
C GLN V 272 54.03 -16.46 -37.19
N GLN V 273 53.61 -15.21 -37.21
CA GLN V 273 52.67 -14.68 -38.20
C GLN V 273 53.40 -13.69 -39.11
N ILE V 274 53.40 -13.92 -40.41
CA ILE V 274 53.94 -12.97 -41.39
C ILE V 274 52.78 -12.13 -41.93
N TYR V 275 52.81 -10.83 -41.67
CA TYR V 275 51.91 -9.87 -42.28
C TYR V 275 52.67 -9.09 -43.35
N ILE V 276 52.09 -8.98 -44.54
CA ILE V 276 52.60 -8.13 -45.62
C ILE V 276 51.61 -6.99 -45.89
N ASP V 277 52.11 -5.76 -45.87
CA ASP V 277 51.36 -4.51 -45.75
C ASP V 277 51.57 -3.62 -46.99
N GLY V 278 50.61 -2.72 -47.25
CA GLY V 278 50.70 -1.73 -48.33
C GLY V 278 50.20 -2.21 -49.70
N ARG V 279 49.51 -3.35 -49.74
CA ARG V 279 48.91 -3.98 -50.93
C ARG V 279 49.87 -4.16 -52.11
N PRO V 280 50.96 -4.91 -51.95
CA PRO V 280 51.92 -5.11 -53.03
C PRO V 280 51.26 -5.83 -54.20
N THR V 281 51.72 -5.53 -55.40
CA THR V 281 51.33 -6.24 -56.62
C THR V 281 52.51 -6.34 -57.57
N GLY V 282 52.82 -7.55 -58.01
CA GLY V 282 54.03 -7.86 -58.73
C GLY V 282 55.27 -7.94 -57.84
N GLY V 283 56.28 -8.65 -58.32
CA GLY V 283 57.53 -8.80 -57.61
C GLY V 283 57.48 -9.83 -56.48
N THR V 284 58.43 -9.71 -55.56
CA THR V 284 58.82 -10.82 -54.69
C THR V 284 59.46 -10.36 -53.38
N PHE V 285 59.40 -11.19 -52.33
CA PHE V 285 59.90 -10.88 -50.99
C PHE V 285 60.73 -12.03 -50.42
N LYS V 286 61.55 -11.74 -49.42
CA LYS V 286 62.55 -12.65 -48.85
C LYS V 286 62.20 -12.99 -47.40
N ILE V 287 62.30 -14.25 -46.97
CA ILE V 287 62.16 -14.65 -45.56
C ILE V 287 63.51 -15.11 -45.01
N GLY V 288 63.93 -14.50 -43.92
CA GLY V 288 65.20 -14.75 -43.24
C GLY V 288 64.99 -15.47 -41.91
N TYR V 289 65.84 -16.44 -41.63
CA TYR V 289 65.74 -17.35 -40.50
C TYR V 289 67.15 -17.70 -40.04
N GLY V 290 67.61 -17.09 -38.96
CA GLY V 290 69.04 -17.07 -38.63
C GLY V 290 69.83 -16.20 -39.63
N ASP V 291 71.02 -16.65 -40.03
CA ASP V 291 71.88 -15.98 -41.02
C ASP V 291 71.63 -16.43 -42.47
N GLU V 292 70.43 -16.94 -42.77
CA GLU V 292 70.06 -17.55 -44.05
C GLU V 292 68.74 -17.00 -44.61
N TRP V 293 68.70 -16.79 -45.93
CA TRP V 293 67.56 -16.25 -46.69
C TRP V 293 67.20 -17.20 -47.82
N THR V 294 65.92 -17.54 -47.98
CA THR V 294 65.49 -18.45 -49.05
C THR V 294 65.34 -17.76 -50.40
N GLU V 295 65.13 -18.53 -51.47
CA GLU V 295 64.89 -18.01 -52.81
C GLU V 295 63.63 -17.10 -52.83
N PRO V 296 63.62 -15.99 -53.57
CA PRO V 296 62.55 -15.00 -53.48
C PRO V 296 61.13 -15.57 -53.72
N ILE V 297 60.18 -15.18 -52.89
CA ILE V 297 58.81 -15.71 -52.86
C ILE V 297 57.87 -14.70 -53.52
N ALA V 298 56.97 -15.15 -54.40
CA ALA V 298 56.09 -14.25 -55.14
C ALA V 298 55.11 -13.50 -54.21
N TYR V 299 54.70 -12.28 -54.57
CA TYR V 299 53.69 -11.51 -53.83
C TYR V 299 52.35 -12.26 -53.69
N ASN V 300 52.01 -13.11 -54.65
CA ASN V 300 50.78 -13.87 -54.73
C ASN V 300 50.87 -15.29 -54.12
N ALA V 301 51.99 -15.63 -53.47
CA ALA V 301 52.31 -17.00 -53.05
C ALA V 301 51.21 -17.62 -52.16
N SER V 302 50.82 -18.86 -52.45
CA SER V 302 49.96 -19.64 -51.56
C SER V 302 50.74 -20.04 -50.30
N PRO V 303 50.07 -20.43 -49.20
CA PRO V 303 50.75 -21.00 -48.06
C PRO V 303 51.60 -22.23 -48.44
N ASN V 304 51.19 -23.00 -49.45
CA ASN V 304 51.96 -24.16 -49.91
C ASN V 304 53.27 -23.74 -50.61
N ASP V 305 53.29 -22.61 -51.31
CA ASP V 305 54.51 -22.06 -51.93
C ASP V 305 55.50 -21.53 -50.89
N VAL V 306 55.03 -20.79 -49.87
CA VAL V 306 55.92 -20.35 -48.79
C VAL V 306 56.38 -21.51 -47.92
N ARG V 307 55.61 -22.59 -47.75
CA ARG V 307 56.11 -23.82 -47.14
C ARG V 307 57.30 -24.39 -47.92
N ALA V 308 57.19 -24.52 -49.24
CA ALA V 308 58.27 -25.03 -50.07
C ALA V 308 59.51 -24.14 -50.00
N ALA V 309 59.33 -22.83 -49.99
CA ALA V 309 60.44 -21.90 -49.83
C ALA V 309 61.15 -22.05 -48.48
N LEU V 310 60.43 -22.27 -47.38
CA LEU V 310 61.06 -22.45 -46.07
C LEU V 310 61.74 -23.81 -45.94
N ILE V 311 61.15 -24.90 -46.42
CA ILE V 311 61.82 -26.22 -46.41
C ILE V 311 63.13 -26.20 -47.21
N ALA V 312 63.26 -25.30 -48.19
CA ALA V 312 64.46 -25.14 -49.00
C ALA V 312 65.65 -24.48 -48.27
N LEU V 313 65.48 -23.89 -47.07
CA LEU V 313 66.63 -23.56 -46.23
C LEU V 313 67.32 -24.87 -45.80
N GLU V 314 68.64 -24.90 -45.65
CA GLU V 314 69.28 -26.10 -45.09
C GLU V 314 68.97 -26.28 -43.60
N GLY V 315 68.58 -25.20 -42.92
CA GLY V 315 68.26 -25.16 -41.48
C GLY V 315 66.86 -25.65 -41.09
N ILE V 316 66.08 -26.23 -42.01
CA ILE V 316 64.72 -26.74 -41.76
C ILE V 316 64.57 -28.14 -42.36
N SER V 317 64.03 -29.11 -41.61
CA SER V 317 63.89 -30.52 -42.02
C SER V 317 62.69 -30.72 -42.94
N ALA V 318 62.55 -31.92 -43.51
CA ALA V 318 61.61 -32.22 -44.58
C ALA V 318 60.12 -31.98 -44.24
N ASN V 319 59.75 -31.97 -42.96
CA ASN V 319 58.36 -31.80 -42.52
C ASN V 319 58.18 -30.81 -41.35
N ASP V 320 59.17 -30.02 -41.00
CA ASP V 320 59.10 -29.16 -39.81
C ASP V 320 58.03 -28.07 -39.91
N VAL V 321 58.11 -27.19 -40.91
CA VAL V 321 57.16 -26.08 -41.02
C VAL V 321 55.82 -26.53 -41.59
N GLU V 322 54.76 -25.91 -41.10
CA GLU V 322 53.40 -25.95 -41.60
C GLU V 322 52.92 -24.51 -41.76
N VAL V 323 52.24 -24.19 -42.86
CA VAL V 323 51.81 -22.81 -43.16
C VAL V 323 50.35 -22.80 -43.54
N SER V 324 49.58 -21.83 -43.05
CA SER V 324 48.19 -21.58 -43.45
C SER V 324 47.88 -20.09 -43.38
N LEU V 325 46.82 -19.63 -44.04
CA LEU V 325 46.40 -18.24 -43.93
C LEU V 325 45.58 -18.06 -42.66
N GLY V 326 45.98 -17.10 -41.82
CA GLY V 326 45.41 -16.85 -40.50
C GLY V 326 44.05 -16.16 -40.51
N GLY V 327 43.67 -15.65 -39.34
CA GLY V 327 42.38 -14.99 -39.12
C GLY V 327 42.26 -13.69 -39.90
N ALA V 328 41.13 -13.47 -40.56
CA ALA V 328 40.90 -12.28 -41.35
C ALA V 328 40.75 -11.03 -40.48
N THR V 329 41.42 -9.96 -40.87
CA THR V 329 41.09 -8.58 -40.48
C THR V 329 40.48 -7.90 -41.69
N ASN V 330 39.28 -7.33 -41.57
CA ASN V 330 38.51 -6.85 -42.71
C ASN V 330 38.83 -5.42 -43.13
N GLU V 331 38.69 -5.14 -44.44
CA GLU V 331 38.80 -3.79 -44.99
C GLU V 331 37.61 -2.92 -44.55
N VAL V 332 37.90 -1.70 -44.10
CA VAL V 332 36.90 -0.66 -43.87
C VAL V 332 37.32 0.59 -44.63
N GLN V 333 36.47 1.09 -45.52
CA GLN V 333 36.73 2.29 -46.33
C GLN V 333 35.65 3.32 -46.08
N THR V 334 35.95 4.58 -46.35
CA THR V 334 34.98 5.67 -46.25
C THR V 334 34.83 6.43 -47.55
N VAL V 335 33.62 6.95 -47.76
CA VAL V 335 33.25 7.80 -48.89
C VAL V 335 32.56 9.04 -48.32
N ARG V 336 32.86 10.22 -48.86
CA ARG V 336 32.15 11.45 -48.53
C ARG V 336 32.03 12.37 -49.73
N LEU V 337 31.03 13.22 -49.72
CA LEU V 337 30.78 14.23 -50.74
C LEU V 337 31.22 15.60 -50.23
N LYS V 338 31.94 16.37 -51.04
CA LYS V 338 32.29 17.76 -50.74
C LYS V 338 31.64 18.71 -51.74
N GLY V 339 31.25 19.89 -51.26
CA GLY V 339 30.37 20.81 -51.96
C GLY V 339 28.93 20.31 -52.00
N GLY V 340 27.96 21.21 -51.95
CA GLY V 340 26.55 20.83 -51.93
C GLY V 340 26.04 20.42 -53.30
N ALA V 341 26.15 19.14 -53.65
CA ALA V 341 25.40 18.61 -54.77
C ALA V 341 23.91 18.45 -54.38
N LEU V 342 23.03 19.32 -54.87
CA LEU V 342 21.59 19.23 -54.58
C LEU V 342 20.81 18.44 -55.66
N GLY V 343 21.50 17.76 -56.57
CA GLY V 343 20.89 16.90 -57.59
C GLY V 343 21.90 16.04 -58.34
N GLY V 344 21.38 15.11 -59.13
CA GLY V 344 22.17 14.22 -59.97
C GLY V 344 22.72 13.00 -59.25
N THR V 345 23.81 12.43 -59.75
CA THR V 345 24.40 11.17 -59.27
C THR V 345 25.92 11.18 -59.31
N PHE V 346 26.55 10.27 -58.58
CA PHE V 346 27.97 9.97 -58.66
C PHE V 346 28.18 8.47 -58.80
N THR V 347 29.37 8.05 -59.21
CA THR V 347 29.72 6.63 -59.26
C THR V 347 31.02 6.37 -58.50
N LEU V 348 31.13 5.15 -57.96
CA LEU V 348 32.30 4.63 -57.29
C LEU V 348 32.84 3.44 -58.08
N SER V 349 34.15 3.33 -58.09
CA SER V 349 34.88 2.30 -58.83
C SER V 349 35.77 1.53 -57.88
N LEU V 350 35.80 0.22 -58.02
CA LEU V 350 36.65 -0.70 -57.27
C LEU V 350 37.51 -1.47 -58.26
N GLY V 351 38.82 -1.28 -58.23
CA GLY V 351 39.72 -1.83 -59.25
C GLY V 351 39.28 -1.39 -60.65
N SER V 352 39.04 -2.35 -61.54
CA SER V 352 38.55 -2.12 -62.90
C SER V 352 37.03 -1.91 -63.02
N GLU V 353 36.23 -2.20 -62.00
CA GLU V 353 34.76 -2.09 -62.05
C GLU V 353 34.24 -0.72 -61.61
N THR V 354 33.06 -0.32 -62.11
CA THR V 354 32.39 0.95 -61.80
C THR V 354 30.88 0.72 -61.62
N THR V 355 30.27 1.32 -60.59
CA THR V 355 28.86 1.07 -60.25
C THR V 355 27.86 2.01 -60.93
N VAL V 356 26.58 1.64 -60.92
CA VAL V 356 25.46 2.48 -61.35
C VAL V 356 25.47 3.82 -60.61
N GLY V 357 24.91 4.88 -61.19
CA GLY V 357 24.86 6.18 -60.54
C GLY V 357 24.12 6.14 -59.20
N ILE V 358 24.84 6.43 -58.12
CA ILE V 358 24.33 6.59 -56.76
C ILE V 358 23.74 8.00 -56.63
N PRO V 359 22.50 8.18 -56.15
CA PRO V 359 21.88 9.49 -55.97
C PRO V 359 22.71 10.44 -55.09
N PHE V 360 22.64 11.75 -55.39
CA PHE V 360 23.21 12.80 -54.54
C PHE V 360 22.78 12.70 -53.07
N ASN V 361 21.58 12.20 -52.84
CA ASN V 361 20.94 12.07 -51.54
C ASN V 361 21.03 10.65 -50.94
N ALA V 362 21.84 9.76 -51.50
CA ALA V 362 21.77 8.31 -51.27
C ALA V 362 21.75 7.92 -49.80
N SER V 363 20.78 7.08 -49.43
CA SER V 363 20.84 6.37 -48.16
C SER V 363 22.01 5.39 -48.15
N ASP V 364 22.48 4.98 -46.98
CA ASP V 364 23.49 3.92 -46.91
C ASP V 364 23.00 2.57 -47.47
N ALA V 365 21.69 2.31 -47.43
CA ALA V 365 21.08 1.21 -48.17
C ALA V 365 21.21 1.37 -49.69
N ASP V 366 21.09 2.58 -50.25
CA ASP V 366 21.30 2.79 -51.69
C ASP V 366 22.74 2.56 -52.08
N LEU V 367 23.67 3.06 -51.28
CA LEU V 367 25.09 2.89 -51.55
C LEU V 367 25.48 1.41 -51.43
N GLN V 368 24.94 0.68 -50.46
CA GLN V 368 25.14 -0.76 -50.39
C GLN V 368 24.55 -1.45 -51.62
N GLY V 369 23.35 -1.07 -52.06
CA GLY V 369 22.77 -1.55 -53.30
C GLY V 369 23.68 -1.35 -54.51
N ALA V 370 24.29 -0.18 -54.66
CA ALA V 370 25.25 0.10 -55.72
C ALA V 370 26.53 -0.74 -55.62
N LEU V 371 27.13 -0.84 -54.43
CA LEU V 371 28.37 -1.62 -54.23
C LEU V 371 28.17 -3.11 -54.45
N VAL V 372 27.01 -3.65 -54.10
CA VAL V 372 26.65 -5.06 -54.31
C VAL V 372 26.38 -5.38 -55.78
N GLY V 373 26.09 -4.37 -56.61
CA GLY V 373 25.77 -4.57 -58.02
C GLY V 373 26.93 -4.96 -58.92
N LEU V 374 28.17 -4.90 -58.43
CA LEU V 374 29.37 -5.27 -59.17
C LEU V 374 29.50 -6.80 -59.35
N ASP V 375 30.45 -7.27 -60.16
CA ASP V 375 30.75 -8.70 -60.31
C ASP V 375 31.68 -9.22 -59.19
N SER V 376 32.57 -8.38 -58.67
CA SER V 376 33.58 -8.75 -57.67
C SER V 376 33.06 -8.79 -56.22
N ILE V 377 31.84 -8.33 -55.95
CA ILE V 377 31.22 -8.24 -54.62
C ILE V 377 29.82 -8.87 -54.68
N GLY V 378 29.50 -9.76 -53.74
CA GLY V 378 28.21 -10.44 -53.64
C GLY V 378 27.28 -9.86 -52.57
N SER V 379 26.04 -10.36 -52.53
CA SER V 379 24.96 -9.87 -51.67
C SER V 379 25.35 -9.72 -50.20
N ALA V 380 26.16 -10.64 -49.68
CA ALA V 380 26.56 -10.67 -48.28
C ALA V 380 27.98 -10.12 -48.02
N ASP V 381 28.68 -9.62 -49.03
CA ASP V 381 30.11 -9.29 -48.93
C ASP V 381 30.42 -7.86 -48.47
N VAL V 382 29.44 -6.96 -48.36
CA VAL V 382 29.66 -5.58 -47.92
C VAL V 382 28.44 -5.03 -47.20
N ARG V 383 28.65 -4.15 -46.21
CA ARG V 383 27.60 -3.40 -45.51
C ARG V 383 28.02 -1.96 -45.31
N VAL V 384 27.05 -1.06 -45.28
CA VAL V 384 27.32 0.39 -45.26
C VAL V 384 26.55 1.05 -44.13
N LYS V 385 27.19 1.99 -43.42
CA LYS V 385 26.61 2.79 -42.34
C LYS V 385 26.93 4.26 -42.57
N SER V 386 26.06 5.16 -42.12
CA SER V 386 26.28 6.58 -42.23
C SER V 386 25.63 7.34 -41.08
N THR V 387 26.22 8.46 -40.68
CA THR V 387 25.62 9.41 -39.72
C THR V 387 25.26 10.71 -40.43
N LYS V 388 24.00 11.15 -40.31
CA LYS V 388 23.52 12.44 -40.83
C LYS V 388 23.92 13.57 -39.87
N ILE V 389 24.63 14.58 -40.34
CA ILE V 389 24.80 15.88 -39.67
C ILE V 389 24.21 16.99 -40.56
N ASN V 390 23.21 17.73 -40.07
CA ASN V 390 22.46 18.69 -40.88
C ASN V 390 23.18 20.01 -41.09
N GLU V 391 22.97 20.67 -42.23
CA GLU V 391 23.31 22.09 -42.36
C GLU V 391 22.38 22.93 -41.49
N VAL V 392 22.94 23.85 -40.71
CA VAL V 392 22.18 24.93 -40.05
C VAL V 392 22.71 26.28 -40.50
N GLN V 393 21.85 27.15 -41.03
CA GLN V 393 22.21 28.51 -41.47
C GLN V 393 21.30 29.54 -40.82
N VAL V 394 21.84 30.69 -40.46
CA VAL V 394 21.10 31.81 -39.84
C VAL V 394 20.98 32.95 -40.84
N VAL V 395 19.79 33.53 -40.96
CA VAL V 395 19.50 34.70 -41.82
C VAL V 395 19.13 35.88 -40.94
N GLU V 396 19.92 36.95 -40.99
CA GLU V 396 19.80 38.15 -40.17
C GLU V 396 19.46 39.38 -41.03
N LEU V 397 18.34 40.02 -40.73
CA LEU V 397 17.90 41.26 -41.37
C LEU V 397 18.57 42.47 -40.72
N VAL V 398 19.89 42.54 -40.87
CA VAL V 398 20.74 43.59 -40.30
C VAL V 398 20.35 44.97 -40.81
N GLY V 399 20.50 45.97 -39.95
CA GLY V 399 20.04 47.33 -40.19
C GLY V 399 18.57 47.57 -39.83
N GLU V 400 17.85 46.55 -39.37
CA GLU V 400 16.52 46.66 -38.78
C GLU V 400 15.46 47.28 -39.71
N PRO V 401 15.03 46.55 -40.74
CA PRO V 401 14.03 47.00 -41.69
C PRO V 401 12.63 47.10 -41.06
N THR V 402 11.86 48.08 -41.50
CA THR V 402 10.53 48.44 -40.97
C THR V 402 9.41 48.23 -42.00
N SER V 403 9.72 48.09 -43.29
CA SER V 403 8.77 47.72 -44.34
C SER V 403 9.49 47.05 -45.53
N GLY V 404 8.73 46.46 -46.45
CA GLY V 404 9.23 45.89 -47.71
C GLY V 404 9.45 44.39 -47.66
N SER V 405 10.16 43.84 -48.65
CA SER V 405 10.40 42.39 -48.75
C SER V 405 11.75 42.02 -49.40
N PHE V 406 12.38 40.93 -48.96
CA PHE V 406 13.71 40.47 -49.36
C PHE V 406 13.68 39.12 -50.08
N THR V 407 14.81 38.62 -50.59
CA THR V 407 14.89 37.29 -51.20
C THR V 407 16.17 36.54 -50.81
N LEU V 408 16.17 35.22 -50.93
CA LEU V 408 17.30 34.35 -50.64
C LEU V 408 17.66 33.52 -51.88
N THR V 409 18.95 33.35 -52.14
CA THR V 409 19.49 32.62 -53.28
C THR V 409 20.29 31.41 -52.80
N LEU V 410 20.13 30.28 -53.48
CA LEU V 410 20.81 29.02 -53.19
C LEU V 410 21.06 28.27 -54.50
N ASP V 411 22.33 28.09 -54.90
CA ASP V 411 22.72 27.59 -56.23
C ASP V 411 22.24 28.45 -57.43
N GLY V 412 21.78 29.68 -57.17
CA GLY V 412 21.15 30.56 -58.16
C GLY V 412 19.63 30.50 -58.15
N GLN V 413 19.03 29.37 -57.80
CA GLN V 413 17.60 29.28 -57.49
C GLN V 413 17.27 30.24 -56.35
N THR V 414 16.22 31.05 -56.51
CA THR V 414 15.97 32.23 -55.69
C THR V 414 14.49 32.36 -55.28
N THR V 415 14.22 32.74 -54.03
CA THR V 415 12.90 32.63 -53.40
C THR V 415 11.92 33.76 -53.77
N ALA V 416 10.62 33.44 -53.84
CA ALA V 416 9.56 34.43 -54.01
C ALA V 416 9.54 35.40 -52.81
N PRO V 417 9.54 36.74 -53.01
CA PRO V 417 9.95 37.71 -52.00
C PRO V 417 9.25 37.60 -50.63
N ILE V 418 10.04 37.65 -49.56
CA ILE V 418 9.68 37.34 -48.17
C ILE V 418 9.48 38.65 -47.39
N ALA V 419 8.41 38.80 -46.62
CA ALA V 419 8.15 40.02 -45.85
C ALA V 419 9.17 40.23 -44.71
N TYR V 420 9.42 41.49 -44.33
CA TYR V 420 10.26 41.85 -43.16
C TYR V 420 9.77 41.21 -41.84
N ASN V 421 8.48 40.89 -41.74
CA ASN V 421 7.82 40.28 -40.60
C ASN V 421 7.19 38.92 -40.97
N ALA V 422 7.69 38.25 -42.00
CA ALA V 422 7.23 36.92 -42.37
C ALA V 422 7.36 35.92 -41.21
N THR V 423 6.32 35.12 -40.98
CA THR V 423 6.33 34.03 -40.01
C THR V 423 7.27 32.92 -40.47
N PRO V 424 8.00 32.22 -39.58
CA PRO V 424 8.88 31.12 -39.97
C PRO V 424 8.22 30.08 -40.89
N ALA V 425 6.95 29.71 -40.68
CA ALA V 425 6.25 28.80 -41.60
C ALA V 425 6.11 29.35 -43.04
N THR V 426 5.99 30.67 -43.20
CA THR V 426 6.04 31.31 -44.53
C THR V 426 7.44 31.19 -45.12
N VAL V 427 8.48 31.51 -44.35
CA VAL V 427 9.88 31.35 -44.78
C VAL V 427 10.16 29.90 -45.18
N ALA V 428 9.62 28.92 -44.46
CA ALA V 428 9.71 27.49 -44.79
C ALA V 428 9.09 27.17 -46.15
N ALA V 429 7.87 27.65 -46.42
CA ALA V 429 7.24 27.48 -47.74
C ALA V 429 8.05 28.17 -48.86
N ARG V 430 8.60 29.36 -48.60
CA ARG V 430 9.44 30.05 -49.59
C ARG V 430 10.75 29.34 -49.89
N ILE V 431 11.37 28.61 -48.96
CA ILE V 431 12.57 27.82 -49.27
C ILE V 431 12.22 26.42 -49.81
N ALA V 432 11.12 25.81 -49.39
CA ALA V 432 10.65 24.53 -49.91
C ALA V 432 10.30 24.58 -51.41
N ASP V 433 9.79 25.70 -51.89
CA ASP V 433 9.42 25.89 -53.31
C ASP V 433 10.60 25.93 -54.28
N LEU V 434 11.85 26.07 -53.81
CA LEU V 434 13.00 26.14 -54.70
C LEU V 434 13.18 24.83 -55.46
N PRO V 435 13.44 24.84 -56.79
CA PRO V 435 13.72 23.63 -57.55
C PRO V 435 14.85 22.74 -57.02
N ASN V 436 15.81 23.28 -56.27
CA ASN V 436 16.92 22.52 -55.70
C ASN V 436 16.59 21.91 -54.31
N ILE V 437 15.51 22.36 -53.67
CA ILE V 437 15.00 21.76 -52.44
C ILE V 437 13.81 20.85 -52.75
N ASP V 438 12.81 21.37 -53.47
CA ASP V 438 11.70 20.63 -54.09
C ASP V 438 10.88 19.77 -53.12
N GLY V 439 10.55 20.31 -51.95
CA GLY V 439 9.76 19.62 -50.94
C GLY V 439 9.88 20.20 -49.54
N ASN V 440 9.02 19.72 -48.64
CA ASN V 440 8.91 20.17 -47.25
C ASN V 440 10.05 19.66 -46.36
N TYR V 441 11.28 19.63 -46.88
CA TYR V 441 12.45 19.05 -46.22
C TYR V 441 13.16 19.98 -45.23
N VAL V 442 13.09 21.30 -45.43
CA VAL V 442 13.71 22.30 -44.54
C VAL V 442 12.78 22.67 -43.38
N LYS V 443 13.33 23.04 -42.21
CA LYS V 443 12.60 23.75 -41.16
C LYS V 443 13.31 25.02 -40.73
N VAL V 444 12.56 25.95 -40.18
CA VAL V 444 13.10 27.24 -39.72
C VAL V 444 12.43 27.66 -38.42
N GLU V 445 13.18 28.34 -37.56
CA GLU V 445 12.69 28.89 -36.32
C GLU V 445 13.13 30.34 -36.19
N GLY V 446 12.21 31.20 -35.74
CA GLY V 446 12.47 32.60 -35.51
C GLY V 446 13.04 32.79 -34.12
N LEU V 447 14.13 33.54 -33.99
CA LEU V 447 14.80 33.82 -32.72
C LEU V 447 14.28 35.09 -32.04
N ASN V 448 13.44 35.85 -32.74
CA ASN V 448 12.58 36.90 -32.19
C ASN V 448 13.28 38.12 -31.59
N GLU V 449 14.44 38.50 -32.12
CA GLU V 449 15.15 39.73 -31.79
C GLU V 449 14.67 40.95 -32.60
N TRP V 450 14.12 40.77 -33.80
CA TRP V 450 13.48 41.83 -34.59
C TRP V 450 12.36 41.26 -35.47
N PHE V 451 11.11 41.48 -35.09
CA PHE V 451 9.98 40.65 -35.49
C PHE V 451 10.33 39.18 -35.26
N HIS V 452 10.36 38.33 -36.27
CA HIS V 452 10.82 36.94 -36.12
C HIS V 452 12.32 36.72 -36.30
N SER V 453 13.09 37.74 -36.66
CA SER V 453 14.51 37.66 -37.01
C SER V 453 15.45 37.49 -35.81
N PRO V 454 16.67 36.97 -35.98
CA PRO V 454 17.11 36.15 -37.09
C PRO V 454 16.26 34.91 -37.26
N TYR V 455 16.32 34.31 -38.44
CA TYR V 455 15.72 33.02 -38.73
C TYR V 455 16.83 31.97 -38.72
N ARG V 456 16.68 30.86 -38.00
CA ARG V 456 17.65 29.76 -37.96
C ARG V 456 17.07 28.58 -38.73
N ILE V 457 17.72 28.21 -39.81
CA ILE V 457 17.22 27.31 -40.87
C ILE V 457 17.99 26.00 -40.78
N THR V 458 17.29 24.89 -40.62
CA THR V 458 17.87 23.54 -40.54
C THR V 458 17.38 22.71 -41.72
N PHE V 459 18.29 22.19 -42.51
CA PHE V 459 17.97 21.38 -43.69
C PHE V 459 17.80 19.90 -43.31
N GLY V 460 16.64 19.31 -43.62
CA GLY V 460 16.36 17.88 -43.48
C GLY V 460 15.41 17.46 -42.35
N GLU V 461 15.08 18.35 -41.41
CA GLU V 461 14.19 18.05 -40.28
C GLU V 461 12.70 18.28 -40.58
N ALA V 462 12.37 18.79 -41.76
CA ALA V 462 11.08 18.62 -42.43
C ALA V 462 9.80 19.01 -41.67
N GLN V 463 9.80 20.13 -40.95
CA GLN V 463 8.65 20.59 -40.13
C GLN V 463 8.63 22.12 -39.97
N SER V 464 8.16 22.82 -41.00
CA SER V 464 7.78 24.24 -41.01
C SER V 464 8.65 25.15 -40.15
N PHE V 478 14.78 -1.55 -49.09
CA PHE V 478 15.36 -2.77 -49.65
C PHE V 478 16.71 -2.52 -50.31
N ILE V 479 17.67 -3.44 -50.14
CA ILE V 479 18.88 -3.46 -50.95
C ILE V 479 18.51 -3.86 -52.39
N GLY V 480 18.98 -3.09 -53.37
CA GLY V 480 18.73 -3.30 -54.79
C GLY V 480 17.68 -2.36 -55.40
N GLY V 481 16.97 -1.56 -54.59
CA GLY V 481 15.92 -0.66 -55.08
C GLY V 481 16.39 0.43 -56.04
N LEU V 482 17.68 0.76 -56.01
CA LEU V 482 18.31 1.71 -56.92
C LEU V 482 18.20 1.28 -58.40
N PHE V 483 18.37 0.00 -58.69
CA PHE V 483 18.21 -0.54 -60.04
C PHE V 483 16.74 -0.53 -60.52
N GLY V 484 15.79 -0.59 -59.59
CA GLY V 484 14.36 -0.53 -59.86
C GLY V 484 13.80 0.89 -60.00
N GLY V 485 14.63 1.92 -59.85
CA GLY V 485 14.20 3.31 -59.86
C GLY V 485 13.44 3.76 -58.60
N ASN V 486 13.56 3.01 -57.50
CA ASN V 486 12.92 3.33 -56.22
C ASN V 486 13.96 3.51 -55.09
N ALA V 487 15.03 4.26 -55.35
CA ALA V 487 16.07 4.56 -54.38
C ALA V 487 15.52 5.21 -53.11
N SER V 488 16.07 4.86 -51.95
CA SER V 488 15.45 5.09 -50.64
C SER V 488 15.74 6.48 -50.06
N GLY V 489 16.87 7.10 -50.39
CA GLY V 489 17.23 8.44 -49.92
C GLY V 489 16.24 9.52 -50.41
N LYS V 490 15.54 10.16 -49.49
CA LYS V 490 14.53 11.21 -49.76
C LYS V 490 14.74 12.42 -48.86
N GLY V 491 14.59 13.62 -49.44
CA GLY V 491 14.76 14.91 -48.77
C GLY V 491 16.21 15.28 -48.47
N VAL V 492 16.61 16.53 -48.76
CA VAL V 492 17.98 16.99 -48.59
C VAL V 492 18.35 17.12 -47.11
N GLY V 493 19.42 16.45 -46.68
CA GLY V 493 19.82 16.41 -45.28
C GLY V 493 21.03 15.50 -45.09
N GLY V 494 22.01 15.95 -44.31
CA GLY V 494 23.34 15.32 -44.33
C GLY V 494 24.16 15.69 -45.56
N ILE V 495 23.85 16.81 -46.21
CA ILE V 495 24.59 17.36 -47.35
C ILE V 495 25.16 18.71 -46.95
N ASP V 496 26.36 18.99 -47.40
CA ASP V 496 27.06 20.24 -47.15
C ASP V 496 26.50 21.37 -48.03
N ILE V 497 25.32 21.88 -47.70
CA ILE V 497 24.64 22.92 -48.49
C ILE V 497 25.54 24.15 -48.59
N ASP V 498 25.82 24.62 -49.81
CA ASP V 498 26.58 25.85 -50.02
C ASP V 498 25.80 27.05 -49.46
N GLU V 499 26.48 28.04 -48.89
CA GLU V 499 25.80 29.08 -48.11
C GLU V 499 24.79 29.89 -48.93
N MET V 500 23.55 30.02 -48.43
CA MET V 500 22.57 30.89 -49.09
C MET V 500 23.04 32.34 -49.07
N THR V 501 22.80 33.07 -50.14
CA THR V 501 23.10 34.51 -50.21
C THR V 501 21.82 35.34 -50.20
N GLY V 502 21.78 36.36 -49.37
CA GLY V 502 20.62 37.24 -49.25
C GLY V 502 20.70 38.43 -50.20
N ASP V 503 19.56 38.95 -50.62
CA ASP V 503 19.44 40.21 -51.35
C ASP V 503 18.32 41.05 -50.73
N VAL V 504 18.58 42.33 -50.48
CA VAL V 504 17.69 43.20 -49.69
C VAL V 504 16.32 43.40 -50.31
N GLY V 505 16.18 43.19 -51.62
CA GLY V 505 14.93 43.43 -52.32
C GLY V 505 14.43 44.86 -52.08
N THR V 506 13.22 44.99 -51.59
CA THR V 506 12.52 46.26 -51.38
C THR V 506 12.50 46.72 -49.93
N LEU V 507 13.27 46.10 -49.02
CA LEU V 507 13.36 46.52 -47.62
C LEU V 507 13.66 48.01 -47.46
N SER V 508 13.03 48.65 -46.48
CA SER V 508 13.43 49.98 -46.00
C SER V 508 13.20 50.08 -44.49
N GLY V 509 13.95 50.94 -43.79
CA GLY V 509 13.90 51.04 -42.33
C GLY V 509 15.08 51.81 -41.73
N GLY V 510 15.82 51.17 -40.83
CA GLY V 510 16.98 51.78 -40.17
C GLY V 510 18.18 52.01 -41.09
N ALA V 511 19.38 52.13 -40.52
CA ALA V 511 20.60 52.36 -41.28
C ALA V 511 21.20 51.06 -41.82
N GLY V 512 21.85 51.13 -42.98
CA GLY V 512 22.81 50.12 -43.41
C GLY V 512 22.21 48.74 -43.64
N LEU V 513 21.04 48.67 -44.25
CA LEU V 513 20.34 47.43 -44.52
C LEU V 513 21.18 46.46 -45.35
N ASP V 514 21.12 45.19 -44.98
CA ASP V 514 21.64 44.06 -45.73
C ASP V 514 20.86 42.79 -45.29
N VAL V 515 20.94 41.71 -46.03
CA VAL V 515 20.52 40.40 -45.53
C VAL V 515 21.77 39.57 -45.35
N GLN V 516 22.11 39.26 -44.11
CA GLN V 516 23.36 38.60 -43.74
C GLN V 516 23.10 37.13 -43.41
N VAL V 517 23.98 36.24 -43.89
CA VAL V 517 23.81 34.78 -43.75
C VAL V 517 25.07 34.13 -43.24
N THR V 518 24.96 33.21 -42.28
CA THR V 518 26.08 32.47 -41.69
C THR V 518 25.71 31.00 -41.50
N THR V 519 26.71 30.10 -41.47
CA THR V 519 26.50 28.69 -41.14
C THR V 519 26.86 28.45 -39.69
N GLU V 520 25.92 27.92 -38.92
CA GLU V 520 26.12 27.60 -37.49
C GLU V 520 26.57 26.15 -37.28
N GLN V 521 26.36 25.29 -38.28
CA GLN V 521 26.84 23.92 -38.33
C GLN V 521 26.93 23.43 -39.78
N ASP V 522 28.13 23.02 -40.22
CA ASP V 522 28.37 22.48 -41.56
C ASP V 522 27.74 21.09 -41.72
N GLY V 523 27.00 20.85 -42.80
CA GLY V 523 26.44 19.54 -43.09
C GLY V 523 27.48 18.48 -43.45
N ASP V 524 27.26 17.23 -43.06
CA ASP V 524 28.11 16.08 -43.37
C ASP V 524 27.26 14.79 -43.44
N ARG V 525 27.64 13.86 -44.31
CA ARG V 525 27.29 12.44 -44.20
C ARG V 525 28.46 11.61 -44.68
N LEU V 526 29.38 11.32 -43.78
CA LEU V 526 30.42 10.31 -43.97
C LEU V 526 29.77 8.93 -44.08
N TYR V 527 30.10 8.18 -45.13
CA TYR V 527 29.68 6.79 -45.31
C TYR V 527 30.83 5.87 -44.94
N VAL V 528 30.58 4.88 -44.09
CA VAL V 528 31.52 3.82 -43.71
C VAL V 528 31.11 2.56 -44.44
N VAL V 529 31.99 2.04 -45.28
CA VAL V 529 31.84 0.82 -46.06
C VAL V 529 32.68 -0.26 -45.40
N SER V 530 32.03 -1.30 -44.87
CA SER V 530 32.69 -2.41 -44.19
C SER V 530 32.54 -3.68 -45.00
N PHE V 531 33.66 -4.30 -45.39
CA PHE V 531 33.63 -5.55 -46.14
C PHE V 531 33.48 -6.79 -45.24
N GLN V 532 32.94 -7.87 -45.79
CA GLN V 532 32.50 -9.09 -45.11
C GLN V 532 32.64 -10.32 -46.03
N ARG V 533 32.53 -11.53 -45.46
CA ARG V 533 32.42 -12.82 -46.17
C ARG V 533 33.50 -12.96 -47.26
N ALA V 534 33.16 -13.07 -48.55
CA ALA V 534 34.18 -13.32 -49.57
C ALA V 534 35.17 -12.15 -49.76
N ALA V 535 34.78 -10.93 -49.36
CA ALA V 535 35.65 -9.75 -49.31
C ALA V 535 36.32 -9.56 -47.94
N GLY V 536 36.21 -10.52 -47.03
CA GLY V 536 36.67 -10.41 -45.65
C GLY V 536 38.20 -10.37 -45.53
N GLY V 537 38.88 -11.44 -45.92
CA GLY V 537 40.33 -11.55 -45.75
C GLY V 537 41.18 -10.87 -46.83
N LEU V 538 40.57 -10.41 -47.93
CA LEU V 538 41.26 -9.71 -49.01
C LEU V 538 41.71 -8.31 -48.56
N ASN V 539 42.86 -7.83 -49.00
CA ASN V 539 43.16 -6.39 -48.99
C ASN V 539 42.65 -5.76 -50.28
N LEU V 540 41.61 -4.95 -50.19
CA LEU V 540 40.98 -4.34 -51.36
C LEU V 540 41.70 -3.04 -51.75
N PRO V 541 41.73 -2.68 -53.04
CA PRO V 541 42.15 -1.34 -53.48
C PRO V 541 41.15 -0.28 -53.03
N GLN V 542 41.55 0.99 -52.99
CA GLN V 542 40.63 2.05 -52.58
C GLN V 542 39.50 2.25 -53.59
N LEU V 543 38.29 2.50 -53.09
CA LEU V 543 37.21 3.05 -53.90
C LEU V 543 37.61 4.44 -54.40
N VAL V 544 37.36 4.73 -55.67
CA VAL V 544 37.57 6.05 -56.27
C VAL V 544 36.29 6.54 -56.90
N GLY V 545 36.01 7.83 -56.79
CA GLY V 545 34.74 8.43 -57.20
C GLY V 545 34.82 9.24 -58.49
N ASN V 546 33.74 9.27 -59.26
CA ASN V 546 33.55 10.20 -60.38
C ASN V 546 32.30 11.04 -60.17
N ALA V 547 32.46 12.36 -60.09
CA ALA V 547 31.43 13.32 -59.70
C ALA V 547 30.72 14.00 -60.89
N SER V 548 31.05 13.67 -62.13
CA SER V 548 30.57 14.38 -63.32
C SER V 548 29.04 14.40 -63.48
N GLY V 549 28.32 13.49 -62.83
CA GLY V 549 26.85 13.45 -62.81
C GLY V 549 26.19 14.32 -61.72
N LEU V 550 26.94 14.91 -60.78
CA LEU V 550 26.40 15.75 -59.72
C LEU V 550 26.16 17.20 -60.20
N GLU V 551 25.18 17.89 -59.63
CA GLU V 551 24.85 19.29 -59.93
C GLU V 551 25.19 20.22 -58.75
N GLY V 552 26.07 21.21 -58.94
CA GLY V 552 26.45 22.18 -57.90
C GLY V 552 27.77 22.92 -58.19
N ASP V 553 28.35 23.55 -57.17
CA ASP V 553 29.63 24.29 -57.26
C ASP V 553 30.78 23.48 -56.64
N ASP V 554 31.90 23.34 -57.36
CA ASP V 554 33.12 22.67 -56.87
C ASP V 554 32.92 21.25 -56.30
N LEU V 555 32.14 20.39 -56.96
CA LEU V 555 31.85 19.04 -56.48
C LEU V 555 33.10 18.16 -56.48
N SER V 556 33.31 17.37 -55.42
CA SER V 556 34.27 16.27 -55.41
C SER V 556 33.86 15.14 -54.45
N ILE V 557 34.38 13.95 -54.69
CA ILE V 557 34.19 12.78 -53.83
C ILE V 557 35.48 12.56 -53.03
N GLU V 558 35.42 12.61 -51.70
CA GLU V 558 36.52 12.17 -50.84
C GLU V 558 36.41 10.66 -50.61
N THR V 559 37.52 9.94 -50.66
CA THR V 559 37.58 8.54 -50.21
C THR V 559 38.85 8.29 -49.41
N ALA V 560 38.78 7.38 -48.46
CA ALA V 560 39.92 6.95 -47.66
C ALA V 560 39.73 5.49 -47.22
N THR V 561 40.83 4.79 -46.90
CA THR V 561 40.75 3.49 -46.23
C THR V 561 41.08 3.68 -44.76
N ASN V 562 40.16 3.25 -43.90
CA ASN V 562 40.23 3.45 -42.46
C ASN V 562 40.84 2.24 -41.75
N VAL V 563 40.60 1.04 -42.28
CA VAL V 563 41.27 -0.20 -41.85
C VAL V 563 41.66 -1.01 -43.08
N ASP V 564 42.94 -1.37 -43.21
CA ASP V 564 43.41 -2.29 -44.26
C ASP V 564 42.96 -3.73 -43.99
N GLY V 565 42.42 -4.38 -45.02
CA GLY V 565 42.11 -5.80 -44.98
C GLY V 565 43.37 -6.70 -45.04
N GLY V 566 43.24 -7.97 -44.69
CA GLY V 566 44.33 -8.95 -44.84
C GLY V 566 44.17 -10.23 -44.02
N ARG V 567 45.05 -11.19 -44.28
CA ARG V 567 45.34 -12.38 -43.47
C ARG V 567 46.84 -12.58 -43.42
N PRO V 568 47.45 -12.89 -42.26
CA PRO V 568 48.85 -13.26 -42.21
C PRO V 568 49.07 -14.68 -42.75
N TYR V 569 50.28 -14.98 -43.20
CA TYR V 569 50.74 -16.36 -43.25
C TYR V 569 51.09 -16.79 -41.82
N VAL V 570 50.38 -17.76 -41.27
CA VAL V 570 50.71 -18.35 -39.96
C VAL V 570 51.67 -19.49 -40.19
N VAL V 571 52.93 -19.36 -39.80
CA VAL V 571 53.92 -20.43 -39.90
C VAL V 571 54.16 -21.05 -38.53
N ARG V 572 54.01 -22.36 -38.45
CA ARG V 572 54.12 -23.18 -37.24
C ARG V 572 55.26 -24.17 -37.39
N PHE V 573 55.97 -24.44 -36.30
CA PHE V 573 57.13 -25.33 -36.31
C PHE V 573 56.82 -26.66 -35.62
N THR V 574 56.93 -27.75 -36.38
CA THR V 574 56.48 -29.12 -36.12
C THR V 574 57.66 -30.09 -36.20
N ASP V 575 57.41 -31.40 -36.12
CA ASP V 575 58.36 -32.49 -36.37
C ASP V 575 59.69 -32.37 -35.61
N ASP V 576 60.83 -32.12 -36.27
CA ASP V 576 62.11 -32.03 -35.56
C ASP V 576 62.24 -30.75 -34.74
N LEU V 577 61.56 -29.68 -35.14
CA LEU V 577 61.55 -28.39 -34.43
C LEU V 577 60.39 -28.25 -33.45
N GLN V 578 59.53 -29.27 -33.28
CA GLN V 578 58.48 -29.27 -32.26
C GLN V 578 59.10 -29.12 -30.86
N GLY V 579 58.89 -27.95 -30.25
CA GLY V 579 59.29 -27.69 -28.86
C GLY V 579 60.60 -26.92 -28.67
N VAL V 580 61.19 -26.34 -29.71
CA VAL V 580 62.46 -25.59 -29.60
C VAL V 580 62.34 -24.09 -29.89
N ASP V 581 63.15 -23.29 -29.23
CA ASP V 581 63.24 -21.82 -29.35
C ASP V 581 63.92 -21.37 -30.66
N VAL V 582 63.22 -21.55 -31.80
CA VAL V 582 63.64 -21.09 -33.13
C VAL V 582 63.77 -19.56 -33.21
N PRO V 583 64.57 -19.00 -34.13
CA PRO V 583 64.78 -17.55 -34.20
C PRO V 583 63.54 -16.77 -34.62
N THR V 584 63.37 -15.54 -34.10
CA THR V 584 62.37 -14.61 -34.64
C THR V 584 62.77 -14.27 -36.08
N MET V 585 61.89 -14.54 -37.04
CA MET V 585 62.23 -14.32 -38.44
C MET V 585 62.42 -12.85 -38.81
N THR V 586 63.05 -12.61 -39.96
CA THR V 586 63.17 -11.31 -40.61
C THR V 586 62.56 -11.40 -42.00
N VAL V 587 62.05 -10.30 -42.53
CA VAL V 587 61.45 -10.27 -43.87
C VAL V 587 62.04 -9.10 -44.66
N ASP V 588 62.27 -9.27 -45.96
CA ASP V 588 62.79 -8.18 -46.80
C ASP V 588 61.93 -7.99 -48.05
N THR V 589 61.61 -6.74 -48.36
CA THR V 589 60.57 -6.32 -49.31
C THR V 589 61.11 -5.28 -50.30
N ASP V 590 62.39 -5.33 -50.60
CA ASP V 590 63.01 -4.54 -51.66
C ASP V 590 62.37 -4.82 -53.04
N ASP V 591 62.09 -6.08 -53.34
CA ASP V 591 61.60 -6.54 -54.64
C ASP V 591 60.06 -6.67 -54.75
N LEU V 592 59.28 -6.30 -53.75
CA LEU V 592 57.82 -6.15 -53.93
C LEU V 592 57.54 -4.83 -54.66
N THR V 593 56.75 -4.88 -55.74
CA THR V 593 56.36 -3.69 -56.51
C THR V 593 54.94 -3.25 -56.21
N GLY V 594 54.49 -2.14 -56.79
CA GLY V 594 53.12 -1.70 -56.73
C GLY V 594 52.68 -1.26 -55.34
N GLY V 595 51.37 -1.25 -55.10
CA GLY V 595 50.78 -0.83 -53.84
C GLY V 595 51.09 0.64 -53.51
N TYR V 596 51.25 0.93 -52.23
CA TYR V 596 51.71 2.24 -51.74
C TYR V 596 52.95 2.06 -50.86
N GLU V 597 52.87 2.35 -49.56
CA GLU V 597 53.94 2.08 -48.60
C GLU V 597 54.03 0.58 -48.29
N VAL V 598 54.58 -0.18 -49.23
CA VAL V 598 54.82 -1.62 -49.10
C VAL V 598 55.75 -1.92 -47.93
N GLY V 599 55.43 -2.96 -47.17
CA GLY V 599 56.22 -3.38 -46.02
C GLY V 599 55.77 -4.71 -45.44
N SER V 600 56.29 -5.06 -44.28
CA SER V 600 55.95 -6.30 -43.57
C SER V 600 56.23 -6.20 -42.09
N ARG V 601 55.61 -7.09 -41.31
CA ARG V 601 55.93 -7.31 -39.90
C ARG V 601 55.71 -8.76 -39.52
N VAL V 602 56.48 -9.24 -38.55
CA VAL V 602 56.30 -10.55 -37.95
C VAL V 602 55.81 -10.43 -36.50
N VAL V 603 54.83 -11.23 -36.12
CA VAL V 603 54.34 -11.37 -34.75
C VAL V 603 54.60 -12.79 -34.26
N VAL V 604 55.33 -12.97 -33.17
CA VAL V 604 55.45 -14.28 -32.51
C VAL V 604 54.18 -14.51 -31.70
N LEU V 605 53.30 -15.41 -32.15
CA LEU V 605 52.03 -15.69 -31.49
C LEU V 605 52.25 -16.46 -30.17
N ARG V 606 53.12 -17.47 -30.21
CA ARG V 606 53.66 -18.16 -29.04
C ARG V 606 55.06 -18.67 -29.32
N GLU V 607 55.92 -18.62 -28.32
CA GLU V 607 57.27 -19.15 -28.37
C GLU V 607 57.27 -20.68 -28.27
N GLY V 608 58.18 -21.34 -28.96
CA GLY V 608 58.42 -22.76 -28.82
C GLY V 608 59.06 -23.09 -27.47
N TYR V 609 58.59 -24.16 -26.83
CA TYR V 609 59.03 -24.53 -25.48
C TYR V 609 58.85 -26.03 -25.23
N THR V 610 59.65 -26.61 -24.35
CA THR V 610 59.43 -27.97 -23.85
C THR V 610 59.29 -27.94 -22.32
N TYR V 611 58.14 -28.34 -21.80
CA TYR V 611 57.89 -28.54 -20.36
C TYR V 611 58.64 -29.77 -19.85
N PRO V 612 59.03 -29.83 -18.57
CA PRO V 612 59.62 -31.03 -18.01
C PRO V 612 58.60 -32.16 -17.90
N ALA V 613 59.08 -33.40 -17.86
CA ALA V 613 58.24 -34.59 -17.75
C ALA V 613 57.36 -34.55 -16.50
N GLU V 614 56.25 -35.29 -16.52
CA GLU V 614 55.30 -35.36 -15.42
C GLU V 614 55.81 -36.20 -14.24
N ASN V 615 57.01 -35.88 -13.74
CA ASN V 615 57.56 -36.43 -12.52
C ASN V 615 56.74 -35.93 -11.35
N VAL V 616 56.28 -36.81 -10.47
CA VAL V 616 55.44 -36.42 -9.33
C VAL V 616 56.14 -36.66 -8.04
N VAL V 617 55.88 -35.76 -7.10
CA VAL V 617 56.19 -35.94 -5.70
C VAL V 617 54.87 -36.27 -5.01
N VAL V 618 54.83 -37.38 -4.30
CA VAL V 618 53.72 -37.71 -3.41
C VAL V 618 54.17 -37.43 -1.99
N ASP V 619 53.49 -36.54 -1.30
CA ASP V 619 53.60 -36.44 0.15
C ASP V 619 52.29 -36.91 0.77
N SER V 620 52.34 -37.99 1.54
CA SER V 620 51.14 -38.53 2.18
C SER V 620 50.65 -37.72 3.39
N ASP V 621 51.38 -36.71 3.84
CA ASP V 621 50.91 -35.82 4.92
C ASP V 621 49.56 -35.19 4.54
N PRO V 622 48.52 -35.25 5.41
CA PRO V 622 47.18 -34.82 5.06
C PRO V 622 47.01 -33.30 4.88
N ARG V 623 47.95 -32.45 5.29
CA ARG V 623 47.82 -30.99 5.27
C ARG V 623 48.03 -30.34 3.91
N GLU V 624 48.99 -30.80 3.12
CA GLU V 624 49.39 -30.18 1.85
C GLU V 624 48.87 -30.91 0.61
N GLU V 625 49.13 -30.40 -0.61
CA GLU V 625 48.77 -31.12 -1.84
C GLU V 625 49.50 -32.45 -1.87
N GLN V 626 48.77 -33.57 -1.85
CA GLN V 626 49.43 -34.86 -1.72
C GLN V 626 50.20 -35.23 -2.98
N VAL V 627 49.63 -35.01 -4.17
CA VAL V 627 50.25 -35.31 -5.46
C VAL V 627 50.52 -34.03 -6.22
N SER V 628 51.76 -33.77 -6.63
CA SER V 628 52.13 -32.59 -7.42
C SER V 628 53.21 -32.95 -8.44
N SER V 629 53.23 -32.26 -9.57
CA SER V 629 54.10 -32.59 -10.70
C SER V 629 55.09 -31.48 -11.02
N GLU V 630 56.28 -31.87 -11.47
CA GLU V 630 57.32 -30.94 -11.92
C GLU V 630 56.86 -30.08 -13.10
N SER V 631 55.94 -30.58 -13.93
CA SER V 631 55.38 -29.88 -15.08
C SER V 631 54.45 -28.72 -14.73
N GLY V 632 53.92 -28.68 -13.50
CA GLY V 632 52.87 -27.75 -13.11
C GLY V 632 51.48 -28.18 -13.59
N SER V 633 51.31 -29.42 -14.04
CA SER V 633 50.02 -29.97 -14.44
C SER V 633 49.10 -30.10 -13.23
N PRO V 634 47.77 -29.92 -13.38
CA PRO V 634 46.79 -30.15 -12.33
C PRO V 634 46.56 -31.65 -12.13
N ILE V 635 47.61 -32.38 -11.77
CA ILE V 635 47.61 -33.84 -11.61
C ILE V 635 46.56 -34.32 -10.60
N TRP V 636 46.27 -33.51 -9.59
CA TRP V 636 45.22 -33.73 -8.60
C TRP V 636 43.83 -33.94 -9.21
N GLU V 637 43.54 -33.39 -10.38
CA GLU V 637 42.25 -33.58 -11.05
C GLU V 637 42.05 -35.03 -11.54
N ARG V 638 43.13 -35.75 -11.82
CA ARG V 638 43.12 -37.14 -12.31
C ARG V 638 43.15 -38.19 -11.21
N MET V 639 43.31 -37.80 -9.94
CA MET V 639 43.28 -38.70 -8.79
C MET V 639 41.86 -39.14 -8.39
N ASN V 640 40.80 -38.47 -8.85
CA ASN V 640 39.40 -38.85 -8.60
C ASN V 640 39.10 -39.16 -7.12
N SER V 641 39.36 -38.18 -6.26
CA SER V 641 39.17 -38.19 -4.80
C SER V 641 39.98 -39.24 -4.01
N VAL V 642 40.89 -39.99 -4.64
CA VAL V 642 41.82 -40.86 -3.93
C VAL V 642 42.84 -40.02 -3.18
N ARG V 643 43.05 -40.33 -1.89
CA ARG V 643 44.08 -39.77 -1.02
C ARG V 643 44.89 -40.89 -0.41
N PHE V 644 46.16 -40.61 -0.12
CA PHE V 644 46.94 -41.46 0.78
C PHE V 644 46.47 -41.22 2.22
N LEU V 645 46.16 -42.28 2.94
CA LEU V 645 45.46 -42.22 4.22
C LEU V 645 46.33 -42.60 5.42
N HIS V 646 47.35 -43.43 5.24
CA HIS V 646 47.97 -44.15 6.34
C HIS V 646 49.41 -43.74 6.64
N TYR V 647 49.72 -43.48 7.92
CA TYR V 647 51.08 -43.24 8.40
C TYR V 647 51.79 -44.53 8.82
N ILE V 648 53.12 -44.52 8.91
CA ILE V 648 53.91 -45.60 9.55
C ILE V 648 53.89 -45.40 11.08
N PRO V 649 53.31 -46.30 11.88
CA PRO V 649 53.17 -46.12 13.32
C PRO V 649 54.51 -45.95 14.05
N PRO V 650 54.53 -45.29 15.23
CA PRO V 650 55.66 -45.36 16.14
C PRO V 650 56.14 -46.79 16.37
N TYR V 651 57.44 -46.99 16.48
CA TYR V 651 58.09 -48.28 16.71
C TYR V 651 57.82 -49.39 15.69
N THR V 652 57.54 -49.03 14.45
CA THR V 652 57.43 -49.97 13.34
C THR V 652 58.80 -50.46 12.89
N GLY V 653 59.01 -51.77 12.91
CA GLY V 653 60.25 -52.42 12.53
C GLY V 653 60.39 -52.59 11.02
N GLU V 654 60.72 -53.79 10.57
CA GLU V 654 60.88 -54.07 9.16
C GLU V 654 59.55 -53.99 8.39
N VAL V 655 59.56 -53.38 7.21
CA VAL V 655 58.44 -53.37 6.27
C VAL V 655 58.93 -53.64 4.85
N THR V 656 58.19 -54.42 4.06
CA THR V 656 58.44 -54.57 2.62
C THR V 656 57.41 -53.78 1.85
N PHE V 657 57.84 -52.76 1.13
CA PHE V 657 57.02 -51.96 0.24
C PHE V 657 57.03 -52.57 -1.16
N LYS V 658 55.89 -53.11 -1.60
CA LYS V 658 55.71 -53.64 -2.94
C LYS V 658 55.17 -52.55 -3.86
N LEU V 659 56.02 -51.99 -4.70
CA LEU V 659 55.59 -51.14 -5.80
C LEU V 659 55.34 -51.97 -7.06
N SER V 660 54.59 -51.43 -8.01
CA SER V 660 54.69 -51.91 -9.38
C SER V 660 54.55 -50.77 -10.38
N VAL V 661 55.12 -50.96 -11.57
CA VAL V 661 55.24 -49.95 -12.61
C VAL V 661 54.89 -50.52 -13.96
N SER V 662 54.38 -49.67 -14.85
CA SER V 662 54.14 -49.98 -16.25
C SER V 662 54.48 -48.76 -17.10
N GLY V 663 54.92 -48.93 -18.34
CA GLY V 663 55.33 -47.81 -19.17
C GLY V 663 56.63 -47.16 -18.71
N ALA V 664 57.59 -47.95 -18.25
CA ALA V 664 58.89 -47.47 -17.80
C ALA V 664 60.01 -48.33 -18.37
N VAL V 665 61.09 -47.67 -18.79
CA VAL V 665 62.32 -48.27 -19.29
C VAL V 665 63.32 -48.51 -18.15
N PRO V 666 64.26 -49.46 -18.28
CA PRO V 666 65.31 -49.67 -17.30
C PRO V 666 66.08 -48.40 -16.97
N GLY V 667 66.45 -48.23 -15.70
CA GLY V 667 67.22 -47.09 -15.21
C GLY V 667 66.42 -45.90 -14.69
N GLN V 668 65.10 -45.89 -14.82
CA GLN V 668 64.26 -44.92 -14.12
C GLN V 668 64.26 -45.20 -12.61
N ILE V 669 64.45 -44.18 -11.76
CA ILE V 669 64.50 -44.33 -10.30
C ILE V 669 63.29 -43.65 -9.67
N ALA V 670 62.45 -44.40 -8.98
CA ALA V 670 61.57 -43.87 -7.95
C ALA V 670 62.34 -43.80 -6.60
N THR V 671 61.90 -42.99 -5.64
CA THR V 671 62.50 -42.99 -4.30
C THR V 671 61.47 -42.93 -3.19
N LEU V 672 61.84 -43.44 -2.03
CA LEU V 672 61.10 -43.33 -0.78
C LEU V 672 61.93 -42.58 0.25
N ARG V 673 61.29 -41.70 1.01
CA ARG V 673 61.82 -41.13 2.26
C ARG V 673 60.84 -41.39 3.39
N LEU V 674 61.37 -41.69 4.56
CA LEU V 674 60.65 -41.87 5.82
C LEU V 674 61.29 -40.99 6.90
N PRO V 675 61.05 -39.68 6.91
CA PRO V 675 61.80 -38.75 7.76
C PRO V 675 61.60 -38.99 9.25
N ARG V 676 62.69 -39.28 9.96
CA ARG V 676 62.68 -39.66 11.39
C ARG V 676 62.78 -38.43 12.28
N ALA V 677 61.68 -38.12 12.94
CA ALA V 677 61.49 -36.94 13.79
C ALA V 677 61.27 -37.34 15.24
N TRP V 678 62.26 -37.15 16.09
CA TRP V 678 62.27 -37.58 17.49
C TRP V 678 61.86 -36.48 18.44
N SER V 679 61.17 -36.82 19.52
CA SER V 679 60.78 -35.82 20.51
C SER V 679 61.93 -35.27 21.36
N ARG V 680 63.14 -35.84 21.27
CA ARG V 680 64.32 -35.53 22.10
C ARG V 680 65.64 -35.71 21.35
N PRO V 681 66.74 -35.12 21.81
CA PRO V 681 68.06 -35.32 21.22
C PRO V 681 68.75 -36.66 21.57
N TRP V 682 68.24 -37.49 22.49
CA TRP V 682 69.08 -38.44 23.26
C TRP V 682 68.55 -39.86 23.45
N GLY V 683 67.30 -40.18 23.14
CA GLY V 683 66.82 -41.52 23.45
C GLY V 683 65.54 -41.88 22.73
N LEU V 684 64.61 -42.48 23.47
CA LEU V 684 63.27 -42.88 23.07
C LEU V 684 63.19 -44.01 22.02
N GLU V 685 64.30 -44.67 21.68
CA GLU V 685 64.35 -45.79 20.73
C GLU V 685 63.37 -46.92 21.07
N ALA W 2 98.97 -14.71 27.38
CA ALA W 2 99.15 -15.12 28.79
C ALA W 2 98.74 -14.01 29.76
N SER W 3 99.51 -12.92 29.88
CA SER W 3 99.24 -11.80 30.79
C SER W 3 98.99 -10.49 30.03
N ARG W 4 97.87 -9.80 30.29
CA ARG W 4 97.37 -8.66 29.50
C ARG W 4 96.37 -7.83 30.29
N LEU W 5 96.52 -6.52 30.34
CA LEU W 5 95.47 -5.60 30.82
C LEU W 5 94.49 -5.26 29.69
N LEU W 6 93.18 -5.35 29.94
CA LEU W 6 92.14 -5.03 28.97
C LEU W 6 91.75 -3.54 29.04
N ASP W 7 92.23 -2.73 28.10
CA ASP W 7 91.88 -1.29 27.99
C ASP W 7 91.44 -0.95 26.56
N PRO W 8 90.14 -1.06 26.25
CA PRO W 8 89.60 -0.81 24.93
C PRO W 8 89.77 0.62 24.47
N ASP W 9 89.88 0.84 23.16
CA ASP W 9 89.89 2.17 22.53
C ASP W 9 88.49 2.72 22.23
N THR W 10 87.48 2.35 23.02
CA THR W 10 86.10 2.80 22.80
C THR W 10 85.94 4.27 23.17
N LEU W 11 85.52 5.13 22.25
CA LEU W 11 85.25 6.54 22.47
C LEU W 11 83.76 6.83 22.22
N VAL W 12 83.06 7.38 23.20
CA VAL W 12 81.64 7.73 23.16
C VAL W 12 81.46 9.24 23.22
N GLU W 13 80.74 9.82 22.26
CA GLU W 13 80.46 11.25 22.20
C GLU W 13 78.98 11.52 21.96
N LEU W 14 78.44 12.57 22.56
CA LEU W 14 77.15 13.12 22.19
C LEU W 14 77.33 14.42 21.38
N GLU W 15 76.74 14.52 20.21
CA GLU W 15 76.49 15.79 19.54
C GLU W 15 75.04 16.19 19.79
N GLY W 16 74.84 17.32 20.47
CA GLY W 16 73.55 17.84 20.87
C GLY W 16 72.76 18.53 19.77
N VAL W 17 71.53 18.90 20.07
CA VAL W 17 70.60 19.51 19.12
C VAL W 17 70.98 20.93 18.68
N ASN W 18 71.92 21.60 19.35
CA ASN W 18 72.51 22.88 18.94
C ASN W 18 73.93 22.72 18.37
N GLY W 19 74.43 21.50 18.21
CA GLY W 19 75.78 21.20 17.75
C GLY W 19 76.85 21.37 18.83
N GLU W 20 76.46 21.44 20.10
CA GLU W 20 77.36 21.29 21.23
C GLU W 20 77.83 19.83 21.35
N TRP W 21 79.05 19.62 21.82
CA TRP W 21 79.65 18.29 21.91
C TRP W 21 80.00 17.92 23.35
N PHE W 22 79.84 16.65 23.67
CA PHE W 22 80.29 16.07 24.93
C PHE W 22 81.08 14.78 24.68
N ASP W 23 82.24 14.64 25.29
CA ASP W 23 82.99 13.41 25.37
C ASP W 23 82.63 12.68 26.67
N LEU W 24 81.88 11.59 26.57
CA LEU W 24 81.41 10.81 27.69
C LEU W 24 82.44 9.78 28.17
N THR W 25 83.56 9.61 27.45
CA THR W 25 84.67 8.71 27.80
C THR W 25 85.76 9.42 28.59
N ASN W 26 86.03 10.69 28.29
CA ASN W 26 87.09 11.47 28.90
C ASN W 26 86.58 12.63 29.77
N GLY W 27 85.31 13.00 29.66
CA GLY W 27 84.66 13.91 30.58
C GLY W 27 85.25 15.32 30.61
N THR W 28 85.80 15.82 29.51
CA THR W 28 86.29 17.20 29.40
C THR W 28 85.20 18.26 29.59
N GLU W 29 83.92 17.88 29.51
CA GLU W 29 82.77 18.72 29.84
C GLU W 29 82.21 18.45 31.25
N GLY W 30 82.85 17.59 32.05
CA GLY W 30 82.47 17.22 33.40
C GLY W 30 81.43 16.10 33.51
N ILE W 31 81.20 15.37 32.42
CA ILE W 31 80.14 14.38 32.26
C ILE W 31 80.75 13.07 31.76
N TYR W 32 80.39 11.96 32.37
CA TYR W 32 80.85 10.63 31.98
C TYR W 32 79.66 9.72 31.85
N LEU W 33 79.71 8.75 30.95
CA LEU W 33 78.73 7.69 30.92
C LEU W 33 78.86 6.82 32.18
N ALA W 34 77.81 6.67 32.98
CA ALA W 34 77.79 5.83 34.17
C ALA W 34 77.77 4.34 33.82
N THR W 35 78.08 3.49 34.80
CA THR W 35 77.80 2.05 34.68
C THR W 35 76.31 1.77 34.40
N GLU W 36 75.98 0.60 33.85
CA GLU W 36 74.63 0.13 33.49
C GLU W 36 73.97 0.83 32.28
N VAL W 37 74.30 0.35 31.07
CA VAL W 37 73.69 0.75 29.80
C VAL W 37 72.82 -0.37 29.24
N THR W 38 71.59 -0.08 28.82
CA THR W 38 70.70 -0.99 28.11
C THR W 38 70.31 -0.39 26.76
N GLY W 39 70.30 -1.16 25.68
CA GLY W 39 69.87 -0.71 24.35
C GLY W 39 70.99 -0.50 23.31
N LEU W 40 72.27 -0.45 23.67
CA LEU W 40 73.35 -0.67 22.69
C LEU W 40 73.32 -2.13 22.20
N LEU W 41 74.20 -2.50 21.28
CA LEU W 41 74.14 -3.78 20.54
C LEU W 41 72.83 -3.89 19.76
N ASP W 42 72.11 -5.01 19.73
CA ASP W 42 70.94 -5.18 18.83
C ASP W 42 69.68 -4.41 19.27
N PRO W 43 68.87 -3.90 18.32
CA PRO W 43 67.56 -3.32 18.61
C PRO W 43 66.52 -4.42 18.89
N PRO W 44 65.45 -4.14 19.64
CA PRO W 44 64.40 -5.14 19.88
C PRO W 44 63.71 -5.58 18.59
N VAL W 45 63.34 -6.85 18.51
CA VAL W 45 62.54 -7.39 17.41
C VAL W 45 61.30 -8.08 17.99
N LYS W 46 60.14 -7.79 17.40
CA LYS W 46 58.92 -8.56 17.57
C LYS W 46 58.86 -9.62 16.46
N ALA W 47 59.04 -10.88 16.82
CA ALA W 47 58.77 -12.02 15.94
C ALA W 47 57.31 -12.46 16.08
N THR W 48 56.70 -12.94 14.99
CA THR W 48 55.30 -13.40 14.99
C THR W 48 55.19 -14.79 14.40
N TYR W 49 54.48 -15.68 15.10
CA TYR W 49 54.17 -17.04 14.69
C TYR W 49 52.66 -17.31 14.73
N GLU W 50 52.17 -18.25 13.92
CA GLU W 50 50.79 -18.74 13.93
C GLU W 50 50.68 -20.24 14.25
N GLU W 51 49.60 -20.67 14.92
CA GLU W 51 49.24 -22.08 15.09
C GLU W 51 48.75 -22.70 13.77
N PRO W 52 49.23 -23.89 13.36
CA PRO W 52 48.90 -24.53 12.08
C PRO W 52 47.57 -25.31 12.08
N GLY W 53 46.60 -24.90 12.91
CA GLY W 53 45.55 -25.80 13.36
C GLY W 53 46.07 -26.88 14.31
N ASN W 54 45.34 -27.98 14.44
CA ASN W 54 45.60 -29.03 15.43
C ASN W 54 46.77 -29.96 15.07
N PHE W 55 47.96 -29.40 14.87
CA PHE W 55 49.20 -30.07 14.48
C PHE W 55 50.41 -29.55 15.28
N PRO W 56 51.53 -30.27 15.34
CA PRO W 56 52.72 -29.86 16.07
C PRO W 56 53.29 -28.50 15.70
N GLY W 57 53.79 -27.76 16.68
CA GLY W 57 54.62 -26.59 16.47
C GLY W 57 53.84 -25.33 16.11
N ALA W 58 54.49 -24.47 15.33
CA ALA W 58 53.97 -23.17 14.91
C ALA W 58 54.67 -22.75 13.61
N ARG W 59 54.07 -21.86 12.84
CA ARG W 59 54.64 -21.36 11.58
C ARG W 59 55.07 -19.91 11.73
N TYR W 60 56.23 -19.54 11.20
CA TYR W 60 56.71 -18.17 11.16
C TYR W 60 55.86 -17.34 10.21
N LEU W 61 55.32 -16.21 10.68
CA LEU W 61 54.67 -15.21 9.84
C LEU W 61 55.67 -14.13 9.41
N ASN W 62 56.19 -13.38 10.37
CA ASN W 62 56.87 -12.13 10.11
C ASN W 62 57.74 -11.70 11.31
N HIS W 63 58.62 -10.74 11.12
CA HIS W 63 59.31 -10.06 12.21
C HIS W 63 59.53 -8.58 11.90
N ARG W 64 59.50 -7.75 12.94
CA ARG W 64 59.64 -6.30 12.87
C ARG W 64 60.66 -5.83 13.88
N VAL W 65 61.61 -5.01 13.46
CA VAL W 65 62.50 -4.25 14.33
C VAL W 65 61.71 -3.11 14.97
N LEU W 66 61.65 -3.07 16.29
CA LEU W 66 60.95 -2.03 17.04
C LEU W 66 61.80 -0.76 17.18
N ARG W 67 61.26 0.32 17.73
CA ARG W 67 62.07 1.45 18.21
C ARG W 67 63.14 0.97 19.20
N ARG W 68 64.22 1.71 19.30
CA ARG W 68 65.32 1.40 20.21
C ARG W 68 65.17 2.29 21.42
N ASP W 69 64.96 1.70 22.59
CA ASP W 69 64.98 2.42 23.84
C ASP W 69 66.36 2.26 24.49
N LEU W 70 67.05 3.36 24.72
CA LEU W 70 68.34 3.41 25.38
C LEU W 70 68.12 3.92 26.79
N VAL W 71 68.50 3.13 27.77
CA VAL W 71 68.50 3.54 29.17
C VAL W 71 69.94 3.58 29.63
N PHE W 72 70.37 4.74 30.10
CA PHE W 72 71.71 4.95 30.60
C PHE W 72 71.68 6.03 31.69
N GLY W 73 72.84 6.35 32.22
CA GLY W 73 73.01 7.45 33.14
C GLY W 73 74.29 8.19 32.85
N VAL W 74 74.38 9.43 33.27
CA VAL W 74 75.62 10.19 33.23
C VAL W 74 75.97 10.70 34.61
N GLU W 75 77.26 10.61 34.94
CA GLU W 75 77.90 11.03 36.18
C GLU W 75 78.39 12.47 36.01
N ILE W 76 77.81 13.42 36.73
CA ILE W 76 78.13 14.84 36.57
C ILE W 76 78.87 15.30 37.82
N LEU W 77 80.13 15.71 37.67
CA LEU W 77 80.97 16.14 38.79
C LEU W 77 80.65 17.57 39.20
N ASN W 78 80.47 17.81 40.49
CA ASN W 78 80.18 19.12 41.05
C ASN W 78 81.45 19.94 41.39
N ASP W 79 82.00 20.69 40.43
CA ASP W 79 83.18 21.56 40.63
C ASP W 79 82.81 23.05 40.79
N GLU W 80 83.70 24.02 40.58
CA GLU W 80 83.50 25.46 40.88
C GLU W 80 83.05 26.32 39.68
N ASN W 81 82.67 27.58 39.91
CA ASN W 81 82.36 28.57 38.86
C ASN W 81 81.27 28.09 37.89
N ASP W 82 81.46 28.14 36.57
CA ASP W 82 80.53 27.56 35.59
C ASP W 82 80.76 26.06 35.38
N GLU W 83 81.60 25.41 36.19
CA GLU W 83 81.79 23.98 36.27
C GLU W 83 81.06 23.32 37.46
N THR W 84 80.18 24.05 38.17
CA THR W 84 79.28 23.45 39.15
C THR W 84 78.37 22.42 38.51
N TRP W 85 77.85 21.50 39.31
CA TRP W 85 76.89 20.51 38.84
C TRP W 85 75.66 21.16 38.21
N LEU W 86 75.15 22.23 38.81
CA LEU W 86 73.97 22.96 38.33
C LEU W 86 74.17 23.42 36.90
N ARG W 87 75.33 23.98 36.61
CA ARG W 87 75.67 24.49 35.31
C ARG W 87 75.88 23.38 34.30
N ARG W 88 76.58 22.31 34.66
CA ARG W 88 76.78 21.13 33.82
C ARG W 88 75.49 20.39 33.52
N ASP W 89 74.62 20.14 34.48
CA ASP W 89 73.35 19.47 34.20
C ASP W 89 72.43 20.37 33.38
N SER W 90 72.51 21.68 33.57
CA SER W 90 71.86 22.63 32.68
C SER W 90 72.40 22.57 31.26
N ALA W 91 73.72 22.61 31.04
CA ALA W 91 74.34 22.45 29.74
C ALA W 91 73.99 21.11 29.08
N TRP W 92 73.97 20.03 29.87
CA TRP W 92 73.55 18.71 29.43
C TRP W 92 72.09 18.67 29.00
N ARG W 93 71.15 19.16 29.82
CA ARG W 93 69.74 19.20 29.45
C ARG W 93 69.52 20.02 28.18
N LYS W 94 70.23 21.13 28.01
CA LYS W 94 70.11 21.98 26.82
C LYS W 94 70.50 21.27 25.53
N ALA W 95 71.27 20.19 25.58
CA ALA W 95 71.70 19.44 24.40
C ALA W 95 70.64 18.47 23.85
N TRP W 96 69.55 18.22 24.57
CA TRP W 96 68.54 17.22 24.22
C TRP W 96 67.19 17.86 23.92
N SER W 97 66.31 17.11 23.24
CA SER W 97 64.97 17.52 22.85
C SER W 97 64.08 16.28 22.69
N PHE W 98 62.76 16.48 22.69
CA PHE W 98 61.78 15.48 22.28
C PHE W 98 61.48 15.52 20.77
N LYS W 99 61.71 16.64 20.08
CA LYS W 99 61.37 16.78 18.66
C LYS W 99 62.57 16.72 17.71
N ARG W 100 63.77 17.11 18.14
CA ARG W 100 64.99 17.13 17.31
C ARG W 100 65.98 16.05 17.71
N ASP W 101 66.65 15.45 16.74
CA ASP W 101 67.63 14.39 16.95
C ASP W 101 68.94 14.94 17.52
N ALA W 102 69.39 14.44 18.65
CA ALA W 102 70.81 14.42 18.98
C ALA W 102 71.48 13.22 18.31
N LYS W 103 72.80 13.24 18.14
CA LYS W 103 73.57 12.09 17.64
C LYS W 103 74.49 11.53 18.72
N LEU W 104 74.34 10.24 19.00
CA LEU W 104 75.27 9.49 19.82
C LEU W 104 76.31 8.87 18.88
N HIS W 105 77.57 9.25 19.00
CA HIS W 105 78.68 8.83 18.16
C HIS W 105 79.52 7.81 18.92
N ILE W 106 79.84 6.68 18.30
CA ILE W 106 80.73 5.67 18.87
C ILE W 106 81.88 5.40 17.90
N THR W 107 83.11 5.44 18.40
CA THR W 107 84.32 5.08 17.66
C THR W 107 85.03 3.93 18.32
N THR W 108 85.46 2.94 17.55
CA THR W 108 86.42 1.91 17.97
C THR W 108 87.51 1.72 16.92
N GLY W 109 88.65 1.14 17.26
CA GLY W 109 89.66 0.79 16.26
C GLY W 109 89.20 -0.30 15.30
N GLU W 110 88.39 -1.24 15.77
CA GLU W 110 87.97 -2.42 15.01
C GLU W 110 86.95 -2.16 13.91
N SER W 111 86.05 -1.18 14.09
CA SER W 111 84.97 -0.90 13.15
C SER W 111 84.81 0.58 12.85
N GLY W 112 85.72 1.41 13.33
CA GLY W 112 85.67 2.83 13.08
C GLY W 112 84.50 3.49 13.77
N HIS W 113 83.89 4.42 13.08
CA HIS W 113 82.92 5.34 13.61
C HIS W 113 81.52 5.09 13.05
N ARG W 114 80.53 5.05 13.93
CA ARG W 114 79.10 5.03 13.59
C ARG W 114 78.37 5.99 14.51
N TYR W 115 77.17 6.41 14.14
CA TYR W 115 76.31 7.21 15.01
C TYR W 115 74.85 6.77 15.01
N LEU W 116 74.13 7.08 16.08
CA LEU W 116 72.71 6.80 16.28
C LEU W 116 71.93 8.12 16.50
N LYS W 117 70.74 8.27 15.91
CA LYS W 117 69.87 9.45 16.10
C LYS W 117 68.92 9.24 17.28
N VAL W 118 69.06 10.03 18.34
CA VAL W 118 68.39 9.82 19.62
C VAL W 118 67.64 11.06 20.09
N ARG W 119 66.50 10.86 20.75
CA ARG W 119 65.68 11.90 21.39
C ARG W 119 65.31 11.47 22.79
N LEU W 120 64.91 12.40 23.64
CA LEU W 120 64.29 12.08 24.91
C LEU W 120 63.00 11.28 24.72
N PHE W 121 62.80 10.25 25.53
CA PHE W 121 61.51 9.57 25.65
C PHE W 121 60.83 9.92 26.98
N GLU W 122 61.59 10.03 28.05
CA GLU W 122 61.15 10.58 29.34
C GLU W 122 62.04 11.75 29.74
N SER W 123 61.52 12.69 30.51
CA SER W 123 62.31 13.82 31.02
C SER W 123 63.48 13.35 31.90
N PRO W 124 64.71 13.89 31.75
CA PRO W 124 65.84 13.51 32.59
C PRO W 124 65.57 13.74 34.07
N THR W 125 66.04 12.83 34.91
CA THR W 125 65.84 12.88 36.36
C THR W 125 67.13 12.80 37.15
N THR W 126 67.14 13.41 38.33
CA THR W 126 68.18 13.33 39.36
C THR W 126 67.53 12.98 40.71
N ASP W 127 68.21 12.22 41.58
CA ASP W 127 67.59 11.53 42.71
C ASP W 127 67.07 12.42 43.86
N MET W 128 67.78 13.50 44.23
CA MET W 128 67.29 14.52 45.18
C MET W 128 66.90 14.03 46.59
N VAL W 129 67.62 13.05 47.13
CA VAL W 129 67.59 12.68 48.55
C VAL W 129 68.02 13.87 49.43
N THR W 130 69.03 14.61 49.00
CA THR W 130 69.44 15.92 49.52
C THR W 130 69.69 16.86 48.34
N ASP W 131 69.79 18.17 48.57
CA ASP W 131 70.11 19.19 47.56
C ASP W 131 71.28 18.78 46.64
N PRO W 132 71.07 18.54 45.34
CA PRO W 132 72.10 18.11 44.39
C PRO W 132 73.31 19.01 44.36
N ARG W 133 73.17 20.30 44.64
CA ARG W 133 74.30 21.22 44.70
C ARG W 133 75.26 20.95 45.84
N GLY W 134 74.82 20.23 46.87
CA GLY W 134 75.62 19.85 48.02
C GLY W 134 76.21 18.46 47.91
N ARG W 135 75.88 17.68 46.88
CA ARG W 135 76.53 16.38 46.60
C ARG W 135 77.72 16.56 45.68
N GLU W 136 78.77 15.78 45.88
CA GLU W 136 80.01 15.91 45.11
C GLU W 136 79.94 15.33 43.68
N VAL W 137 79.01 14.44 43.38
CA VAL W 137 78.67 13.91 42.05
C VAL W 137 77.18 13.60 42.01
N ASN W 138 76.53 13.76 40.88
CA ASN W 138 75.13 13.41 40.70
C ASN W 138 74.92 12.57 39.44
N ILE W 139 74.16 11.48 39.54
CA ILE W 139 73.65 10.71 38.40
C ILE W 139 72.39 11.39 37.85
N THR W 140 72.42 11.72 36.58
CA THR W 140 71.24 12.06 35.79
C THR W 140 70.87 10.84 34.94
N LYS W 141 69.64 10.34 35.06
CA LYS W 141 69.15 9.16 34.34
C LYS W 141 68.52 9.56 33.02
N MET W 142 68.84 8.82 31.99
CA MET W 142 68.46 9.08 30.61
C MET W 142 67.63 7.92 30.08
N VAL W 143 66.42 8.21 29.62
CA VAL W 143 65.56 7.25 28.89
C VAL W 143 65.30 7.88 27.54
N VAL W 144 66.01 7.42 26.51
CA VAL W 144 66.04 8.04 25.19
C VAL W 144 65.58 7.05 24.13
N VAL W 145 65.05 7.51 23.03
CA VAL W 145 64.54 6.67 21.96
C VAL W 145 65.25 6.97 20.65
N ALA W 146 65.56 5.95 19.87
CA ALA W 146 65.86 6.09 18.46
C ALA W 146 64.70 5.53 17.65
N GLY W 147 63.93 6.41 17.02
CA GLY W 147 62.80 6.05 16.17
C GLY W 147 63.26 5.43 14.85
N ASP W 148 64.46 5.79 14.41
CA ASP W 148 65.18 5.17 13.29
C ASP W 148 66.33 4.30 13.85
N PRO W 149 66.15 2.98 14.02
CA PRO W 149 66.89 2.21 15.02
C PRO W 149 68.34 1.84 14.67
N PHE W 150 68.87 2.24 13.52
CA PHE W 150 70.18 1.78 13.05
C PHE W 150 71.34 2.72 13.37
N TRP W 151 72.55 2.21 13.32
CA TRP W 151 73.78 2.96 13.47
C TRP W 151 74.31 3.30 12.09
N TYR W 152 74.61 4.55 11.83
CA TYR W 152 74.91 5.04 10.49
C TYR W 152 76.38 5.39 10.30
N GLU W 153 76.90 5.04 9.13
CA GLU W 153 78.00 5.77 8.49
C GLU W 153 77.43 6.76 7.46
N ASP W 154 78.28 7.61 6.87
CA ASP W 154 77.89 8.50 5.78
C ASP W 154 77.52 7.72 4.50
N ASP W 155 76.54 8.20 3.73
CA ASP W 155 76.13 7.57 2.45
C ASP W 155 77.28 7.54 1.45
N VAL W 156 77.35 6.51 0.62
CA VAL W 156 78.37 6.44 -0.44
C VAL W 156 77.73 6.86 -1.75
N VAL W 157 78.33 7.84 -2.43
CA VAL W 157 77.84 8.36 -3.71
C VAL W 157 78.80 8.03 -4.83
N TYR W 158 78.29 7.38 -5.88
CA TYR W 158 79.03 7.03 -7.09
C TYR W 158 78.57 7.85 -8.30
N PRO W 159 79.45 8.57 -9.00
CA PRO W 159 79.06 9.34 -10.19
C PRO W 159 78.85 8.48 -11.44
N ILE W 160 77.88 8.83 -12.26
CA ILE W 160 77.57 8.19 -13.54
C ILE W 160 77.59 9.26 -14.64
N GLU W 161 78.45 9.16 -15.65
CA GLU W 161 78.69 10.24 -16.63
C GLU W 161 78.13 9.94 -18.02
N VAL W 162 77.33 10.85 -18.58
CA VAL W 162 76.86 10.85 -19.99
C VAL W 162 78.02 11.19 -20.92
N GLN W 163 78.20 10.47 -22.03
CA GLN W 163 79.34 10.65 -22.95
C GLN W 163 78.89 10.92 -24.40
N GLU W 164 77.73 10.42 -24.80
CA GLU W 164 77.13 10.62 -26.12
C GLU W 164 75.95 11.62 -26.07
N ASP W 165 75.89 12.53 -27.03
CA ASP W 165 74.67 13.29 -27.29
C ASP W 165 73.59 12.36 -27.85
N THR W 166 72.45 12.29 -27.16
CA THR W 166 71.29 11.48 -27.49
C THR W 166 70.04 12.33 -27.66
N THR W 167 70.18 13.64 -27.85
CA THR W 167 69.06 14.53 -28.18
C THR W 167 68.45 14.19 -29.55
N PHE W 168 67.15 14.41 -29.66
CA PHE W 168 66.32 14.14 -30.83
C PHE W 168 65.26 15.24 -30.97
N ASP W 169 64.74 15.44 -32.18
CA ASP W 169 63.62 16.35 -32.42
C ASP W 169 62.30 15.68 -32.00
N PRO W 170 61.56 16.20 -31.01
CA PRO W 170 60.29 15.60 -30.60
C PRO W 170 59.17 15.70 -31.63
N ASN W 171 59.24 16.66 -32.56
CA ASN W 171 58.11 17.04 -33.41
C ASN W 171 57.63 15.96 -34.40
N PRO W 172 58.49 15.19 -35.09
CA PRO W 172 58.04 14.08 -35.96
C PRO W 172 57.37 12.89 -35.27
N LEU W 173 57.52 12.74 -33.96
CA LEU W 173 57.16 11.50 -33.26
C LEU W 173 55.65 11.40 -32.96
N PRO W 174 55.06 10.19 -32.94
CA PRO W 174 53.73 9.97 -32.41
C PRO W 174 53.72 10.00 -30.87
N TRP W 175 52.58 10.27 -30.25
CA TRP W 175 52.47 10.37 -28.78
C TRP W 175 51.72 9.18 -28.17
N PRO W 176 52.28 8.50 -27.13
CA PRO W 176 53.60 8.72 -26.55
C PRO W 176 54.72 8.16 -27.42
N TRP W 177 55.94 8.66 -27.24
CA TRP W 177 57.05 8.37 -28.14
C TRP W 177 57.46 6.90 -28.12
N PRO W 178 57.74 6.29 -29.27
CA PRO W 178 58.16 4.90 -29.37
C PRO W 178 59.64 4.74 -29.03
N GLN W 179 59.96 4.46 -27.76
CA GLN W 179 61.33 4.21 -27.30
C GLN W 179 62.14 3.18 -28.12
N PRO W 180 61.57 2.12 -28.74
CA PRO W 180 62.35 1.25 -29.62
C PRO W 180 62.93 1.90 -30.88
N GLU W 181 62.58 3.16 -31.20
CA GLU W 181 63.17 3.90 -32.32
C GLU W 181 63.70 5.30 -31.95
N LEU W 182 64.07 5.52 -30.68
CA LEU W 182 64.82 6.70 -30.22
C LEU W 182 66.34 6.44 -30.16
N PRO W 183 67.20 7.45 -30.19
CA PRO W 183 68.64 7.28 -29.94
C PRO W 183 68.92 7.04 -28.44
N VAL W 184 69.80 6.09 -28.10
CA VAL W 184 70.03 5.63 -26.70
C VAL W 184 71.51 5.48 -26.35
N GLU W 185 71.91 5.90 -25.16
CA GLU W 185 73.23 5.62 -24.58
C GLU W 185 73.10 4.64 -23.41
N ASP W 186 73.97 3.65 -23.32
CA ASP W 186 74.06 2.72 -22.19
C ASP W 186 75.29 3.01 -21.33
N ILE W 187 75.09 3.26 -20.05
CA ILE W 187 76.13 3.64 -19.09
C ILE W 187 76.22 2.56 -18.02
N GLU W 188 77.40 2.00 -17.82
CA GLU W 188 77.63 0.96 -16.81
C GLU W 188 78.47 1.48 -15.66
N ILE W 189 78.09 1.17 -14.43
CA ILE W 189 78.92 1.39 -13.25
C ILE W 189 79.04 0.09 -12.44
N THR W 190 80.25 -0.27 -12.05
CA THR W 190 80.49 -1.40 -11.14
C THR W 190 80.86 -0.85 -9.78
N VAL W 191 80.10 -1.22 -8.77
CA VAL W 191 80.27 -0.81 -7.39
C VAL W 191 80.95 -1.97 -6.68
N PRO W 192 82.16 -1.82 -6.12
CA PRO W 192 82.96 -2.95 -5.63
C PRO W 192 82.42 -3.58 -4.33
N ASN W 193 81.67 -2.85 -3.52
CA ASN W 193 81.09 -3.34 -2.26
C ASN W 193 79.70 -2.71 -2.07
N ALA W 194 78.70 -3.21 -2.79
CA ALA W 194 77.38 -2.60 -2.82
C ALA W 194 76.73 -2.48 -1.44
N ASN W 195 76.77 -3.54 -0.62
CA ASN W 195 76.23 -3.53 0.74
C ASN W 195 77.03 -4.42 1.69
N PRO W 196 77.99 -3.88 2.44
CA PRO W 196 78.75 -4.63 3.44
C PRO W 196 78.01 -4.78 4.78
N THR W 197 76.85 -4.15 4.95
CA THR W 197 76.14 -4.14 6.23
C THR W 197 75.33 -5.41 6.45
N ASP W 198 74.87 -5.62 7.66
CA ASP W 198 73.92 -6.67 8.02
C ASP W 198 72.47 -6.39 7.57
N ASN W 199 72.14 -5.21 7.05
CA ASN W 199 70.77 -4.78 6.74
C ASN W 199 70.53 -4.63 5.23
N ILE W 200 69.29 -4.76 4.80
CA ILE W 200 68.92 -4.38 3.44
C ILE W 200 69.17 -2.88 3.19
N ILE W 201 69.43 -2.54 1.93
CA ILE W 201 69.68 -1.18 1.46
C ILE W 201 68.76 -0.88 0.31
N TRP W 202 68.12 0.28 0.32
CA TRP W 202 67.30 0.78 -0.78
C TRP W 202 68.13 1.84 -1.54
N PRO W 203 68.60 1.58 -2.76
CA PRO W 203 69.41 2.54 -3.50
C PRO W 203 68.62 3.79 -3.86
N LYS W 204 69.32 4.92 -3.93
CA LYS W 204 68.77 6.17 -4.45
C LYS W 204 69.55 6.63 -5.67
N TRP W 205 68.88 7.26 -6.61
CA TRP W 205 69.45 7.77 -7.85
C TRP W 205 69.13 9.24 -8.01
N THR W 206 70.07 10.03 -8.47
CA THR W 206 69.81 11.40 -8.92
C THR W 206 69.97 11.43 -10.43
N LEU W 207 68.91 11.81 -11.16
CA LEU W 207 68.83 11.73 -12.61
C LEU W 207 68.56 13.12 -13.21
N PRO W 208 69.42 13.65 -14.08
CA PRO W 208 69.24 14.96 -14.67
C PRO W 208 68.07 15.00 -15.67
N GLY W 209 67.38 16.12 -15.75
CA GLY W 209 66.34 16.40 -16.73
C GLY W 209 66.91 17.00 -18.02
N SER W 210 66.04 17.35 -18.97
CA SER W 210 66.47 17.96 -20.23
C SER W 210 67.13 19.31 -20.03
N SER W 211 68.25 19.54 -20.70
CA SER W 211 68.90 20.85 -20.80
C SER W 211 68.14 21.82 -21.71
N GLU W 212 67.19 21.35 -22.53
CA GLU W 212 66.54 22.11 -23.60
C GLU W 212 65.13 22.58 -23.19
N LYS W 213 64.80 23.84 -23.50
CA LYS W 213 63.58 24.51 -23.03
C LYS W 213 62.29 23.88 -23.57
N PRO W 214 61.22 23.76 -22.77
CA PRO W 214 59.94 23.19 -23.18
C PRO W 214 59.26 23.92 -24.34
N ALA W 215 58.31 23.25 -24.99
CA ALA W 215 57.67 23.75 -26.21
C ALA W 215 56.63 24.84 -25.99
N GLU W 216 55.91 24.79 -24.87
CA GLU W 216 54.85 25.75 -24.51
C GLU W 216 55.08 26.32 -23.11
N PRO W 217 54.76 27.60 -22.85
CA PRO W 217 54.83 28.16 -21.50
C PRO W 217 53.73 27.58 -20.61
N TYR W 218 53.92 27.69 -19.30
CA TYR W 218 52.98 27.21 -18.30
C TYR W 218 52.10 28.35 -17.78
N ILE W 219 50.80 28.09 -17.72
CA ILE W 219 49.80 29.00 -17.14
C ILE W 219 49.20 28.33 -15.90
N PRO W 220 49.47 28.83 -14.69
CA PRO W 220 48.80 28.37 -13.46
C PRO W 220 47.28 28.38 -13.56
N GLY W 221 46.64 27.27 -13.20
CA GLY W 221 45.20 27.08 -13.25
C GLY W 221 44.70 26.34 -14.49
N LEU W 222 45.57 26.08 -15.48
CA LEU W 222 45.25 25.31 -16.68
C LEU W 222 46.13 24.04 -16.76
N PRO W 223 45.63 22.93 -17.33
CA PRO W 223 46.44 21.80 -17.70
C PRO W 223 47.41 22.16 -18.84
N TRP W 224 48.70 21.90 -18.66
CA TRP W 224 49.74 22.19 -19.64
C TRP W 224 49.77 21.15 -20.76
N LEU W 225 49.43 21.56 -21.99
CA LEU W 225 49.30 20.67 -23.15
C LEU W 225 50.63 20.38 -23.88
N GLY W 226 51.73 21.00 -23.46
CA GLY W 226 52.98 21.04 -24.20
C GLY W 226 53.86 19.79 -24.14
N ALA W 227 53.50 18.78 -23.34
CA ALA W 227 54.31 17.60 -23.11
C ALA W 227 54.65 16.80 -24.38
N PRO W 228 53.75 16.62 -25.38
CA PRO W 228 54.06 15.84 -26.56
C PRO W 228 55.23 16.32 -27.41
N LYS W 229 55.53 17.62 -27.40
CA LYS W 229 56.51 18.26 -28.29
C LYS W 229 57.70 18.88 -27.55
N SER W 230 57.70 18.89 -26.23
CA SER W 230 58.82 19.33 -25.41
C SER W 230 59.92 18.26 -25.34
N PRO W 231 61.22 18.59 -25.52
CA PRO W 231 62.29 17.61 -25.40
C PRO W 231 62.52 17.21 -23.94
N ALA W 232 62.74 15.92 -23.69
CA ALA W 232 62.79 15.34 -22.37
C ALA W 232 63.92 14.32 -22.27
N THR W 233 64.53 14.16 -21.10
CA THR W 233 65.46 13.05 -20.85
C THR W 233 64.66 11.82 -20.42
N LEU W 234 64.88 10.68 -21.06
CA LEU W 234 64.29 9.39 -20.72
C LEU W 234 65.38 8.50 -20.13
N TRP W 235 65.25 8.14 -18.86
CA TRP W 235 66.16 7.27 -18.12
C TRP W 235 65.57 5.88 -17.92
N THR W 236 66.36 4.86 -18.14
CA THR W 236 66.02 3.48 -17.76
C THR W 236 66.97 3.05 -16.67
N VAL W 237 66.43 2.67 -15.51
CA VAL W 237 67.16 2.55 -14.25
C VAL W 237 66.97 1.18 -13.64
N PRO W 238 68.03 0.47 -13.21
CA PRO W 238 67.89 -0.88 -12.70
C PRO W 238 67.15 -1.00 -11.36
N ASP W 239 66.29 -2.01 -11.26
CA ASP W 239 65.61 -2.45 -10.03
C ASP W 239 65.84 -3.95 -9.84
N TYR W 240 67.10 -4.37 -9.84
CA TYR W 240 67.46 -5.78 -9.82
C TYR W 240 67.12 -6.49 -8.50
N LYS W 241 66.56 -7.71 -8.56
CA LYS W 241 66.51 -8.63 -7.42
C LYS W 241 67.79 -9.46 -7.37
N LEU W 242 68.64 -9.21 -6.38
CA LEU W 242 69.94 -9.88 -6.24
C LEU W 242 69.91 -11.13 -5.33
N ASP W 243 68.81 -11.40 -4.64
CA ASP W 243 68.61 -12.56 -3.76
C ASP W 243 67.41 -13.42 -4.18
N LEU W 244 67.36 -13.82 -5.45
CA LEU W 244 66.30 -14.68 -6.01
C LEU W 244 66.18 -16.01 -5.25
N ASP W 245 64.95 -16.36 -4.85
CA ASP W 245 64.65 -17.71 -4.37
C ASP W 245 64.85 -18.74 -5.49
N GLU W 246 65.07 -20.00 -5.14
CA GLU W 246 65.58 -21.03 -6.06
C GLU W 246 64.65 -21.38 -7.23
N ASP W 247 63.38 -20.96 -7.20
CA ASP W 247 62.41 -21.09 -8.30
C ASP W 247 61.67 -19.79 -8.66
N GLU W 248 62.14 -18.63 -8.21
CA GLU W 248 61.55 -17.32 -8.59
C GLU W 248 61.93 -16.92 -10.04
N ASP W 249 61.12 -16.09 -10.69
CA ASP W 249 61.30 -15.63 -12.07
C ASP W 249 62.69 -14.98 -12.31
N PRO W 250 63.55 -15.57 -13.15
CA PRO W 250 64.86 -15.00 -13.52
C PRO W 250 64.78 -13.57 -14.06
N SER W 251 63.64 -13.17 -14.64
CA SER W 251 63.45 -11.85 -15.23
C SER W 251 63.59 -10.72 -14.22
N LEU W 252 63.38 -10.99 -12.93
CA LEU W 252 63.52 -10.00 -11.88
C LEU W 252 64.98 -9.68 -11.54
N GLY W 253 65.92 -10.56 -11.84
CA GLY W 253 67.35 -10.30 -11.62
C GLY W 253 67.89 -9.22 -12.54
N THR W 254 67.29 -9.07 -13.72
CA THR W 254 67.66 -8.08 -14.74
C THR W 254 66.59 -7.02 -14.97
N ARG W 255 65.68 -6.80 -14.01
CA ARG W 255 64.61 -5.81 -14.11
C ARG W 255 65.16 -4.39 -14.20
N ARG W 256 64.73 -3.61 -15.20
CA ARG W 256 64.98 -2.16 -15.27
C ARG W 256 63.68 -1.41 -15.51
N ILE W 257 63.55 -0.24 -14.90
CA ILE W 257 62.33 0.56 -14.94
C ILE W 257 62.53 1.72 -15.90
N ARG W 258 61.60 1.86 -16.85
CA ARG W 258 61.47 3.03 -17.73
C ARG W 258 60.93 4.23 -16.95
N MET W 259 61.72 5.27 -16.73
CA MET W 259 61.28 6.48 -16.05
C MET W 259 60.36 7.34 -16.94
N PRO W 260 59.49 8.19 -16.36
CA PRO W 260 58.45 8.91 -17.10
C PRO W 260 58.86 9.90 -18.20
N GLY W 261 60.06 10.46 -18.19
CA GLY W 261 60.50 11.49 -19.15
C GLY W 261 60.51 12.89 -18.56
N GLN W 262 61.70 13.46 -18.43
CA GLN W 262 61.95 14.64 -17.61
C GLN W 262 62.14 15.88 -18.47
N ILE W 263 61.21 16.81 -18.32
CA ILE W 263 61.08 18.05 -19.09
C ILE W 263 62.08 19.11 -18.61
N GLY W 264 62.41 20.09 -19.46
CA GLY W 264 63.20 21.26 -19.06
C GLY W 264 62.46 22.21 -18.13
N GLY W 265 63.08 23.33 -17.76
CA GLY W 265 62.44 24.30 -16.86
C GLY W 265 61.22 24.99 -17.47
N LEU W 266 60.04 24.87 -16.86
CA LEU W 266 58.84 25.55 -17.33
C LEU W 266 58.94 27.06 -17.08
N ARG W 267 58.60 27.88 -18.08
CA ARG W 267 58.50 29.33 -17.96
C ARG W 267 57.05 29.74 -17.84
N VAL W 268 56.76 30.70 -16.97
CA VAL W 268 55.49 31.42 -16.91
C VAL W 268 55.69 32.79 -17.55
N GLU W 269 54.88 33.13 -18.55
CA GLU W 269 54.87 34.47 -19.15
C GLU W 269 54.05 35.43 -18.30
N GLU W 270 54.66 36.56 -17.91
CA GLU W 270 53.97 37.64 -17.20
C GLU W 270 52.85 38.22 -18.06
N VAL W 271 51.68 38.41 -17.47
CA VAL W 271 50.57 39.14 -18.05
C VAL W 271 50.10 40.26 -17.14
N GLN W 272 49.90 41.44 -17.71
CA GLN W 272 49.30 42.60 -17.06
C GLN W 272 48.13 43.13 -17.91
N GLN W 273 47.00 43.45 -17.29
CA GLN W 273 45.86 44.09 -17.92
C GLN W 273 45.89 45.59 -17.64
N ILE W 274 45.99 46.44 -18.68
CA ILE W 274 45.86 47.89 -18.55
C ILE W 274 44.42 48.28 -18.86
N TYR W 275 43.74 48.85 -17.87
CA TYR W 275 42.41 49.45 -18.02
C TYR W 275 42.52 50.97 -18.05
N ILE W 276 41.81 51.61 -18.98
CA ILE W 276 41.61 53.08 -18.97
C ILE W 276 40.12 53.37 -18.78
N ASP W 277 39.81 54.12 -17.73
CA ASP W 277 38.46 54.36 -17.21
C ASP W 277 37.95 55.77 -17.56
N GLY W 278 36.64 56.00 -17.38
CA GLY W 278 36.03 57.33 -17.47
C GLY W 278 35.79 57.88 -18.88
N ARG W 279 35.95 57.06 -19.93
CA ARG W 279 35.66 57.38 -21.34
C ARG W 279 36.34 58.67 -21.81
N PRO W 280 37.68 58.72 -21.92
CA PRO W 280 38.35 59.86 -22.50
C PRO W 280 37.93 60.01 -23.97
N THR W 281 37.75 61.25 -24.45
CA THR W 281 37.38 61.51 -25.84
C THR W 281 38.54 62.06 -26.67
N GLY W 282 39.66 62.43 -26.05
CA GLY W 282 40.83 62.93 -26.75
C GLY W 282 42.14 62.77 -25.99
N GLY W 283 43.21 63.22 -26.62
CA GLY W 283 44.53 63.33 -25.97
C GLY W 283 45.30 62.02 -25.93
N THR W 284 46.24 61.91 -25.00
CA THR W 284 47.18 60.78 -24.91
C THR W 284 47.49 60.34 -23.49
N PHE W 285 48.06 59.15 -23.36
CA PHE W 285 48.59 58.59 -22.11
C PHE W 285 49.99 58.05 -22.34
N LYS W 286 50.78 57.87 -21.28
CA LYS W 286 52.12 57.26 -21.35
C LYS W 286 52.25 56.10 -20.38
N ILE W 287 52.91 55.02 -20.79
CA ILE W 287 53.11 53.82 -19.96
C ILE W 287 54.54 53.87 -19.42
N GLY W 288 54.70 53.70 -18.12
CA GLY W 288 55.99 53.60 -17.46
C GLY W 288 56.42 52.15 -17.29
N TYR W 289 57.62 51.81 -17.74
CA TYR W 289 58.24 50.49 -17.61
C TYR W 289 59.52 50.60 -16.80
N GLY W 290 59.42 50.37 -15.49
CA GLY W 290 60.50 50.69 -14.57
C GLY W 290 60.71 52.20 -14.49
N ASP W 291 61.91 52.68 -14.80
CA ASP W 291 62.24 54.10 -14.80
C ASP W 291 61.88 54.84 -16.10
N GLU W 292 61.81 54.16 -17.23
CA GLU W 292 61.49 54.76 -18.53
C GLU W 292 59.99 54.92 -18.80
N TRP W 293 59.65 55.80 -19.73
CA TRP W 293 58.29 56.07 -20.22
C TRP W 293 58.18 55.95 -21.74
N THR W 294 57.05 55.46 -22.24
CA THR W 294 56.77 55.46 -23.68
C THR W 294 56.67 56.88 -24.23
N GLU W 295 56.77 57.02 -25.55
CA GLU W 295 56.18 58.16 -26.23
C GLU W 295 54.65 58.19 -26.04
N PRO W 296 53.98 59.35 -26.19
CA PRO W 296 52.53 59.48 -26.05
C PRO W 296 51.72 58.49 -26.90
N ILE W 297 50.72 57.86 -26.28
CA ILE W 297 49.81 56.89 -26.91
C ILE W 297 48.40 57.48 -26.97
N ALA W 298 47.74 57.43 -28.12
CA ALA W 298 46.43 58.02 -28.31
C ALA W 298 45.32 57.33 -27.49
N TYR W 299 44.29 58.07 -27.05
CA TYR W 299 43.13 57.50 -26.36
C TYR W 299 42.43 56.38 -27.13
N ASN W 300 42.49 56.42 -28.46
CA ASN W 300 41.84 55.49 -29.38
C ASN W 300 42.75 54.31 -29.81
N ALA W 301 43.93 54.16 -29.21
CA ALA W 301 45.00 53.33 -29.75
C ALA W 301 44.61 51.84 -29.87
N SER W 302 45.07 51.19 -30.94
CA SER W 302 44.95 49.74 -31.09
C SER W 302 46.00 49.00 -30.25
N PRO W 303 45.84 47.70 -30.01
CA PRO W 303 46.90 46.86 -29.49
C PRO W 303 48.23 46.97 -30.24
N ASN W 304 48.22 47.08 -31.57
CA ASN W 304 49.45 47.27 -32.35
C ASN W 304 50.12 48.63 -32.08
N ASP W 305 49.35 49.69 -31.80
CA ASP W 305 49.90 50.99 -31.43
C ASP W 305 50.52 50.96 -30.02
N VAL W 306 49.89 50.28 -29.07
CA VAL W 306 50.49 50.04 -27.74
C VAL W 306 51.74 49.17 -27.87
N ARG W 307 51.73 48.11 -28.69
CA ARG W 307 52.90 47.26 -28.93
C ARG W 307 54.06 48.04 -29.53
N ALA W 308 53.83 48.85 -30.56
CA ALA W 308 54.86 49.70 -31.13
C ALA W 308 55.42 50.69 -30.09
N ALA W 309 54.56 51.24 -29.24
CA ALA W 309 54.98 52.19 -28.21
C ALA W 309 55.85 51.51 -27.13
N LEU W 310 55.52 50.28 -26.74
CA LEU W 310 56.31 49.50 -25.78
C LEU W 310 57.63 48.99 -26.38
N ILE W 311 57.65 48.44 -27.59
CA ILE W 311 58.88 47.90 -28.22
C ILE W 311 59.93 48.99 -28.46
N ALA W 312 59.55 50.25 -28.61
CA ALA W 312 60.47 51.38 -28.71
C ALA W 312 61.20 51.73 -27.39
N LEU W 313 60.71 51.29 -26.24
CA LEU W 313 61.28 51.53 -24.92
C LEU W 313 62.46 50.57 -24.66
N GLU W 314 63.63 51.07 -24.25
CA GLU W 314 64.90 50.31 -24.29
C GLU W 314 64.97 49.07 -23.37
N GLY W 315 64.05 48.92 -22.42
CA GLY W 315 63.88 47.70 -21.62
C GLY W 315 63.22 46.53 -22.37
N ILE W 316 62.77 46.72 -23.60
CA ILE W 316 61.98 45.75 -24.39
C ILE W 316 62.59 45.65 -25.79
N SER W 317 62.72 44.45 -26.35
CA SER W 317 63.30 44.21 -27.68
C SER W 317 62.29 43.63 -28.68
N ALA W 318 62.75 43.31 -29.89
CA ALA W 318 61.97 43.25 -31.13
C ALA W 318 60.76 42.29 -31.16
N ASN W 319 60.70 41.28 -30.29
CA ASN W 319 59.53 40.39 -30.17
C ASN W 319 59.07 40.19 -28.72
N ASP W 320 59.55 40.98 -27.77
CA ASP W 320 59.45 40.65 -26.34
C ASP W 320 58.07 40.94 -25.72
N VAL W 321 57.20 41.66 -26.40
CA VAL W 321 55.86 42.00 -25.93
C VAL W 321 54.83 41.71 -27.00
N GLU W 322 53.80 40.99 -26.61
CA GLU W 322 52.56 40.83 -27.34
C GLU W 322 51.47 41.66 -26.64
N VAL W 323 50.66 42.41 -27.38
CA VAL W 323 49.51 43.16 -26.85
C VAL W 323 48.24 42.80 -27.60
N SER W 324 47.12 42.70 -26.90
CA SER W 324 45.81 42.37 -27.47
C SER W 324 44.70 42.94 -26.59
N LEU W 325 43.44 42.88 -27.04
CA LEU W 325 42.29 43.17 -26.18
C LEU W 325 41.65 41.85 -25.74
N GLY W 326 41.22 41.77 -24.49
CA GLY W 326 40.48 40.61 -23.99
C GLY W 326 39.56 40.94 -22.83
N GLY W 327 38.45 40.22 -22.72
CA GLY W 327 37.56 40.25 -21.56
C GLY W 327 36.68 41.49 -21.50
N ALA W 328 35.56 41.43 -22.20
CA ALA W 328 34.58 42.50 -22.17
C ALA W 328 33.89 42.62 -20.80
N THR W 329 33.67 43.84 -20.34
CA THR W 329 32.56 44.19 -19.45
C THR W 329 31.52 44.93 -20.25
N ASN W 330 30.28 44.47 -20.21
CA ASN W 330 29.13 45.06 -20.87
C ASN W 330 28.64 46.35 -20.16
N GLU W 331 28.21 47.38 -20.87
CA GLU W 331 27.47 48.47 -20.23
C GLU W 331 26.11 47.96 -19.71
N VAL W 332 25.77 48.33 -18.49
CA VAL W 332 24.42 48.20 -17.96
C VAL W 332 23.96 49.57 -17.46
N GLN W 333 22.88 50.08 -18.02
CA GLN W 333 22.30 51.38 -17.72
C GLN W 333 20.83 51.22 -17.34
N THR W 334 20.29 52.14 -16.56
CA THR W 334 18.91 52.07 -16.06
C THR W 334 18.15 53.36 -16.30
N VAL W 335 16.85 53.26 -16.58
CA VAL W 335 15.97 54.38 -16.96
C VAL W 335 14.68 54.33 -16.13
N ARG W 336 14.28 55.47 -15.54
CA ARG W 336 13.04 55.65 -14.78
C ARG W 336 12.33 56.95 -15.20
N LEU W 337 11.02 56.90 -15.42
CA LEU W 337 10.17 58.09 -15.57
C LEU W 337 9.71 58.61 -14.21
N LYS W 338 9.61 59.93 -14.03
CA LYS W 338 9.16 60.58 -12.80
C LYS W 338 7.96 61.51 -13.05
N GLY W 339 7.11 61.70 -12.04
CA GLY W 339 5.85 62.43 -12.11
C GLY W 339 4.67 61.56 -12.57
N GLY W 340 3.44 62.03 -12.36
CA GLY W 340 2.23 61.40 -12.88
C GLY W 340 2.08 61.55 -14.40
N ALA W 341 2.96 60.89 -15.17
CA ALA W 341 3.00 60.94 -16.62
C ALA W 341 1.95 60.00 -17.24
N LEU W 342 0.66 60.23 -17.00
CA LEU W 342 -0.42 59.31 -17.37
C LEU W 342 -0.70 59.25 -18.88
N GLY W 343 0.04 59.98 -19.71
CA GLY W 343 -0.09 59.88 -21.16
C GLY W 343 1.10 60.45 -21.92
N GLY W 344 1.11 60.23 -23.24
CA GLY W 344 2.10 60.78 -24.14
C GLY W 344 3.25 59.83 -24.46
N THR W 345 4.43 60.40 -24.72
CA THR W 345 5.59 59.69 -25.27
C THR W 345 6.90 60.34 -24.83
N PHE W 346 8.03 59.65 -24.86
CA PHE W 346 9.34 60.24 -24.51
C PHE W 346 10.43 59.77 -25.47
N THR W 347 11.57 60.45 -25.52
CA THR W 347 12.70 60.00 -26.35
C THR W 347 13.96 59.83 -25.52
N LEU W 348 14.76 58.84 -25.90
CA LEU W 348 16.08 58.57 -25.38
C LEU W 348 17.11 58.87 -26.46
N SER W 349 18.30 59.30 -26.06
CA SER W 349 19.40 59.58 -26.97
C SER W 349 20.71 59.01 -26.45
N LEU W 350 21.52 58.51 -27.38
CA LEU W 350 22.76 57.80 -27.13
C LEU W 350 23.85 58.42 -28.01
N GLY W 351 24.67 59.30 -27.43
CA GLY W 351 25.54 60.15 -28.24
C GLY W 351 24.71 61.11 -29.09
N SER W 352 24.85 61.06 -30.42
CA SER W 352 24.11 61.93 -31.34
C SER W 352 22.75 61.38 -31.78
N GLU W 353 22.51 60.07 -31.70
CA GLU W 353 21.28 59.46 -32.20
C GLU W 353 20.13 59.56 -31.19
N THR W 354 18.90 59.59 -31.67
CA THR W 354 17.68 59.79 -30.85
C THR W 354 16.59 58.80 -31.25
N THR W 355 15.89 58.20 -30.30
CA THR W 355 14.85 57.20 -30.57
C THR W 355 13.62 57.81 -31.25
N VAL W 356 12.78 56.99 -31.86
CA VAL W 356 11.35 57.31 -31.98
C VAL W 356 10.73 57.52 -30.60
N GLY W 357 9.54 58.11 -30.52
CA GLY W 357 8.85 58.29 -29.26
C GLY W 357 8.45 56.94 -28.63
N ILE W 358 8.80 56.73 -27.37
CA ILE W 358 8.49 55.54 -26.58
C ILE W 358 7.27 55.85 -25.71
N PRO W 359 6.20 55.03 -25.71
CA PRO W 359 5.01 55.29 -24.92
C PRO W 359 5.28 55.49 -23.43
N PHE W 360 4.49 56.32 -22.76
CA PHE W 360 4.56 56.57 -21.31
C PHE W 360 4.47 55.31 -20.43
N ASN W 361 3.90 54.24 -20.98
CA ASN W 361 3.61 52.97 -20.36
C ASN W 361 4.29 51.80 -21.08
N ALA W 362 5.37 52.06 -21.82
CA ALA W 362 6.07 51.10 -22.65
C ALA W 362 6.40 49.78 -21.94
N SER W 363 6.24 48.66 -22.62
CA SER W 363 6.80 47.38 -22.18
C SER W 363 8.33 47.38 -22.32
N ASP W 364 8.99 46.33 -21.84
CA ASP W 364 10.40 46.08 -22.09
C ASP W 364 10.67 45.90 -23.59
N ALA W 365 9.77 45.23 -24.30
CA ALA W 365 9.86 45.03 -25.74
C ALA W 365 9.77 46.35 -26.52
N ASP W 366 8.85 47.26 -26.13
CA ASP W 366 8.72 48.56 -26.75
C ASP W 366 9.99 49.39 -26.61
N LEU W 367 10.59 49.42 -25.42
CA LEU W 367 11.81 50.17 -25.20
C LEU W 367 13.01 49.52 -25.91
N GLN W 368 13.10 48.20 -25.95
CA GLN W 368 14.12 47.52 -26.74
C GLN W 368 14.00 47.85 -28.22
N GLY W 369 12.80 47.86 -28.79
CA GLY W 369 12.58 48.20 -30.19
C GLY W 369 12.99 49.62 -30.53
N ALA W 370 12.70 50.58 -29.67
CA ALA W 370 13.18 51.94 -29.83
C ALA W 370 14.71 52.04 -29.81
N LEU W 371 15.37 51.40 -28.83
CA LEU W 371 16.83 51.39 -28.71
C LEU W 371 17.50 50.68 -29.89
N VAL W 372 16.89 49.62 -30.39
CA VAL W 372 17.40 48.85 -31.54
C VAL W 372 17.23 49.58 -32.87
N GLY W 373 16.30 50.54 -32.96
CA GLY W 373 16.10 51.37 -34.15
C GLY W 373 17.10 52.52 -34.32
N LEU W 374 18.00 52.75 -33.38
CA LEU W 374 19.17 53.62 -33.55
C LEU W 374 20.12 53.10 -34.65
N ASP W 375 21.10 53.90 -35.05
CA ASP W 375 22.00 53.57 -36.15
C ASP W 375 23.25 52.82 -35.68
N SER W 376 23.75 53.14 -34.48
CA SER W 376 24.87 52.45 -33.85
C SER W 376 24.49 51.09 -33.25
N ILE W 377 23.30 50.99 -32.65
CA ILE W 377 22.82 49.75 -32.02
C ILE W 377 22.23 48.80 -33.07
N GLY W 378 22.39 47.49 -32.89
CA GLY W 378 21.72 46.46 -33.70
C GLY W 378 20.78 45.58 -32.89
N SER W 379 19.93 44.81 -33.56
CA SER W 379 18.94 43.96 -32.86
C SER W 379 19.53 42.88 -31.95
N ALA W 380 20.76 42.42 -32.18
CA ALA W 380 21.45 41.48 -31.31
C ALA W 380 22.09 42.14 -30.06
N ASP W 381 22.19 43.46 -30.02
CA ASP W 381 23.15 44.17 -29.17
C ASP W 381 22.60 44.79 -27.89
N VAL W 382 21.28 44.77 -27.68
CA VAL W 382 20.64 45.29 -26.47
C VAL W 382 19.61 44.30 -25.98
N ARG W 383 19.54 44.10 -24.67
CA ARG W 383 18.40 43.46 -24.01
C ARG W 383 17.88 44.35 -22.90
N VAL W 384 16.57 44.46 -22.79
CA VAL W 384 15.87 45.29 -21.81
C VAL W 384 14.95 44.45 -20.94
N LYS W 385 14.92 44.73 -19.66
CA LYS W 385 14.17 44.01 -18.64
C LYS W 385 13.79 44.97 -17.54
N SER W 386 12.67 44.80 -16.87
CA SER W 386 12.21 45.73 -15.84
C SER W 386 11.40 45.05 -14.75
N THR W 387 11.37 45.67 -13.57
CA THR W 387 10.52 45.27 -12.45
C THR W 387 9.42 46.32 -12.26
N LYS W 388 8.17 45.89 -12.29
CA LYS W 388 6.96 46.73 -12.18
C LYS W 388 6.43 46.72 -10.75
N ILE W 389 6.27 47.88 -10.13
CA ILE W 389 5.60 48.05 -8.84
C ILE W 389 4.35 48.90 -9.05
N ASN W 390 3.16 48.36 -8.76
CA ASN W 390 1.90 49.09 -8.92
C ASN W 390 1.68 50.12 -7.81
N GLU W 391 1.17 51.31 -8.13
CA GLU W 391 0.74 52.25 -7.09
C GLU W 391 -0.54 51.76 -6.40
N VAL W 392 -0.65 52.03 -5.10
CA VAL W 392 -1.89 51.87 -4.36
C VAL W 392 -2.19 53.06 -3.45
N GLN W 393 -3.40 53.60 -3.59
CA GLN W 393 -3.93 54.74 -2.83
C GLN W 393 -5.16 54.29 -2.05
N VAL W 394 -5.46 54.95 -0.94
CA VAL W 394 -6.62 54.68 -0.10
C VAL W 394 -7.36 55.97 0.18
N VAL W 395 -8.70 55.93 0.12
CA VAL W 395 -9.56 57.11 0.27
C VAL W 395 -10.52 56.90 1.44
N GLU W 396 -10.61 57.89 2.32
CA GLU W 396 -11.36 57.84 3.57
C GLU W 396 -12.48 58.88 3.54
N LEU W 397 -13.72 58.44 3.77
CA LEU W 397 -14.87 59.32 3.95
C LEU W 397 -14.88 59.88 5.38
N VAL W 398 -13.90 60.70 5.75
CA VAL W 398 -13.77 61.20 7.12
C VAL W 398 -14.95 62.08 7.52
N GLY W 399 -15.39 61.96 8.77
CA GLY W 399 -16.67 62.51 9.22
C GLY W 399 -17.88 61.58 9.02
N GLU W 400 -17.67 60.37 8.47
CA GLU W 400 -18.64 59.26 8.47
C GLU W 400 -20.01 59.59 7.86
N PRO W 401 -20.09 59.92 6.56
CA PRO W 401 -21.32 60.34 5.91
C PRO W 401 -22.37 59.25 5.83
N THR W 402 -23.63 59.63 6.05
CA THR W 402 -24.80 58.77 5.88
C THR W 402 -25.58 59.04 4.58
N SER W 403 -25.23 60.05 3.79
CA SER W 403 -26.06 60.53 2.68
C SER W 403 -25.25 61.12 1.53
N GLY W 404 -25.77 61.03 0.30
CA GLY W 404 -25.23 61.73 -0.85
C GLY W 404 -24.08 61.02 -1.59
N SER W 405 -23.33 61.78 -2.38
CA SER W 405 -22.41 61.25 -3.39
C SER W 405 -21.23 62.20 -3.65
N PHE W 406 -20.04 61.69 -3.98
CA PHE W 406 -18.78 62.46 -4.01
C PHE W 406 -17.94 62.18 -5.28
N THR W 407 -16.93 63.01 -5.57
CA THR W 407 -16.12 62.87 -6.79
C THR W 407 -14.62 62.94 -6.53
N LEU W 408 -13.86 62.01 -7.12
CA LEU W 408 -12.40 61.95 -7.12
C LEU W 408 -11.83 62.55 -8.40
N THR W 409 -10.79 63.39 -8.27
CA THR W 409 -10.04 64.01 -9.35
C THR W 409 -8.63 63.42 -9.41
N LEU W 410 -8.26 62.86 -10.55
CA LEU W 410 -7.00 62.12 -10.71
C LEU W 410 -5.86 63.01 -11.21
N ASP W 411 -6.08 63.71 -12.32
CA ASP W 411 -5.11 64.61 -12.94
C ASP W 411 -5.87 65.77 -13.60
N GLY W 412 -6.56 66.57 -12.78
CA GLY W 412 -7.51 67.59 -13.24
C GLY W 412 -8.83 67.03 -13.80
N GLN W 413 -8.80 65.87 -14.45
CA GLN W 413 -10.02 65.13 -14.82
C GLN W 413 -10.71 64.58 -13.56
N THR W 414 -12.04 64.70 -13.52
CA THR W 414 -12.86 64.30 -12.37
C THR W 414 -13.91 63.27 -12.76
N THR W 415 -14.21 62.36 -11.83
CA THR W 415 -15.04 61.19 -12.08
C THR W 415 -16.55 61.45 -11.92
N ALA W 416 -17.40 60.60 -12.50
CA ALA W 416 -18.83 60.62 -12.22
C ALA W 416 -19.10 60.35 -10.73
N PRO W 417 -20.07 61.00 -10.08
CA PRO W 417 -20.32 60.86 -8.65
C PRO W 417 -20.42 59.41 -8.14
N ILE W 418 -19.85 59.17 -6.96
CA ILE W 418 -19.84 57.90 -6.22
C ILE W 418 -20.74 58.06 -4.98
N ALA W 419 -21.83 57.29 -4.89
CA ALA W 419 -22.72 57.32 -3.74
C ALA W 419 -22.02 56.77 -2.48
N TYR W 420 -22.37 57.25 -1.28
CA TYR W 420 -21.72 56.81 -0.04
C TYR W 420 -21.78 55.28 0.19
N ASN W 421 -22.80 54.59 -0.31
CA ASN W 421 -22.95 53.14 -0.21
C ASN W 421 -21.98 52.34 -1.10
N ALA W 422 -21.37 52.99 -2.11
CA ALA W 422 -20.94 52.34 -3.35
C ALA W 422 -20.09 51.07 -3.17
N THR W 423 -20.36 50.08 -4.00
CA THR W 423 -19.54 48.88 -4.05
C THR W 423 -18.13 49.22 -4.56
N PRO W 424 -17.11 48.41 -4.23
CA PRO W 424 -15.79 48.55 -4.83
C PRO W 424 -15.83 48.58 -6.36
N ALA W 425 -16.68 47.76 -6.99
CA ALA W 425 -16.84 47.74 -8.43
C ALA W 425 -17.32 49.07 -9.01
N THR W 426 -18.16 49.82 -8.29
CA THR W 426 -18.60 51.15 -8.71
C THR W 426 -17.46 52.15 -8.63
N VAL W 427 -16.65 52.14 -7.57
CA VAL W 427 -15.46 53.01 -7.49
C VAL W 427 -14.48 52.68 -8.61
N ALA W 428 -14.26 51.39 -8.88
CA ALA W 428 -13.43 50.94 -9.99
C ALA W 428 -13.97 51.42 -11.34
N ALA W 429 -15.27 51.25 -11.63
CA ALA W 429 -15.88 51.69 -12.88
C ALA W 429 -15.82 53.22 -13.06
N ARG W 430 -15.97 53.98 -11.98
CA ARG W 430 -15.79 55.43 -11.97
C ARG W 430 -14.36 55.83 -12.34
N ILE W 431 -13.35 55.20 -11.76
CA ILE W 431 -11.95 55.53 -12.06
C ILE W 431 -11.58 55.03 -13.46
N ALA W 432 -12.10 53.87 -13.87
CA ALA W 432 -11.92 53.28 -15.19
C ALA W 432 -12.62 54.03 -16.33
N ASP W 433 -13.46 55.02 -16.04
CA ASP W 433 -14.06 55.93 -17.01
C ASP W 433 -13.27 57.24 -17.19
N LEU W 434 -12.20 57.48 -16.44
CA LEU W 434 -11.43 58.72 -16.56
C LEU W 434 -10.69 58.79 -17.91
N PRO W 435 -10.56 59.98 -18.53
CA PRO W 435 -9.82 60.13 -19.78
C PRO W 435 -8.32 59.77 -19.70
N ASN W 436 -7.76 59.74 -18.50
CA ASN W 436 -6.40 59.25 -18.24
C ASN W 436 -6.29 57.72 -18.12
N ILE W 437 -7.39 56.98 -18.03
CA ILE W 437 -7.44 55.54 -17.68
C ILE W 437 -8.49 54.85 -18.56
N ASP W 438 -8.17 54.52 -19.82
CA ASP W 438 -9.14 54.09 -20.83
C ASP W 438 -9.81 52.71 -20.64
N GLY W 439 -9.75 52.07 -19.47
CA GLY W 439 -10.25 50.70 -19.28
C GLY W 439 -10.09 50.13 -17.87
N ASN W 440 -10.25 48.81 -17.74
CA ASN W 440 -10.05 48.03 -16.49
C ASN W 440 -8.58 47.94 -16.04
N TYR W 441 -7.91 49.08 -15.98
CA TYR W 441 -6.51 49.24 -15.59
C TYR W 441 -6.38 49.49 -14.08
N VAL W 442 -7.48 49.44 -13.33
CA VAL W 442 -7.57 49.77 -11.91
C VAL W 442 -8.48 48.78 -11.19
N LYS W 443 -8.18 48.53 -9.92
CA LYS W 443 -8.90 47.63 -9.02
C LYS W 443 -9.21 48.33 -7.71
N VAL W 444 -10.35 48.00 -7.10
CA VAL W 444 -10.71 48.53 -5.78
C VAL W 444 -11.08 47.40 -4.82
N GLU W 445 -10.70 47.54 -3.56
CA GLU W 445 -11.02 46.63 -2.46
C GLU W 445 -11.62 47.43 -1.29
N GLY W 446 -12.71 46.95 -0.70
CA GLY W 446 -13.37 47.62 0.41
C GLY W 446 -12.83 47.17 1.76
N LEU W 447 -12.50 48.10 2.64
CA LEU W 447 -12.09 47.80 4.01
C LEU W 447 -13.30 47.52 4.93
N ASN W 448 -14.51 47.86 4.49
CA ASN W 448 -15.77 47.60 5.18
C ASN W 448 -15.91 48.23 6.58
N GLU W 449 -15.13 49.27 6.90
CA GLU W 449 -15.18 49.96 8.20
C GLU W 449 -16.24 51.06 8.26
N TRP W 450 -16.69 51.58 7.12
CA TRP W 450 -17.89 52.41 6.99
C TRP W 450 -18.57 52.13 5.65
N PHE W 451 -19.68 51.40 5.69
CA PHE W 451 -20.27 50.75 4.51
C PHE W 451 -19.23 49.86 3.84
N HIS W 452 -18.89 50.05 2.56
CA HIS W 452 -17.74 49.38 1.94
C HIS W 452 -16.40 50.11 2.15
N SER W 453 -16.43 51.42 2.45
CA SER W 453 -15.24 52.26 2.59
C SER W 453 -14.45 51.99 3.89
N PRO W 454 -13.22 52.50 4.06
CA PRO W 454 -12.32 53.07 3.06
C PRO W 454 -12.10 52.19 1.84
N TYR W 455 -11.81 52.79 0.71
CA TYR W 455 -11.54 52.06 -0.54
C TYR W 455 -10.04 52.06 -0.80
N ARG W 456 -9.48 50.89 -1.08
CA ARG W 456 -8.07 50.71 -1.45
C ARG W 456 -8.00 50.51 -2.96
N ILE W 457 -7.39 51.44 -3.67
CA ILE W 457 -7.36 51.54 -5.14
C ILE W 457 -5.97 51.14 -5.63
N THR W 458 -5.87 50.09 -6.43
CA THR W 458 -4.61 49.63 -7.03
C THR W 458 -4.59 49.96 -8.52
N PHE W 459 -3.62 50.76 -8.95
CA PHE W 459 -3.41 51.08 -10.35
C PHE W 459 -2.49 50.03 -10.97
N GLY W 460 -3.06 49.09 -11.72
CA GLY W 460 -2.27 48.11 -12.47
C GLY W 460 -2.97 46.79 -12.79
N GLU W 461 -4.06 46.43 -12.12
CA GLU W 461 -4.75 45.15 -12.33
C GLU W 461 -6.27 45.29 -12.42
N ALA W 462 -6.93 44.29 -12.98
CA ALA W 462 -8.35 44.34 -13.37
C ALA W 462 -9.35 44.31 -12.18
N GLN W 463 -10.63 44.51 -12.50
CA GLN W 463 -11.77 44.44 -11.58
C GLN W 463 -11.70 45.45 -10.44
N PHE W 478 6.19 41.52 -29.98
CA PHE W 478 7.33 41.57 -30.88
C PHE W 478 8.09 42.89 -30.74
N ILE W 479 9.41 42.84 -30.87
CA ILE W 479 10.31 43.98 -30.59
C ILE W 479 10.08 45.17 -31.54
N GLY W 480 9.83 44.93 -32.83
CA GLY W 480 9.63 46.01 -33.82
C GLY W 480 8.23 46.62 -33.85
N GLY W 481 7.27 46.15 -33.03
CA GLY W 481 5.86 46.54 -33.16
C GLY W 481 5.58 48.03 -32.99
N LEU W 482 6.41 48.73 -32.22
CA LEU W 482 6.29 50.15 -31.90
C LEU W 482 6.24 51.04 -33.15
N PHE W 483 7.07 50.74 -34.15
CA PHE W 483 7.14 51.52 -35.39
C PHE W 483 5.86 51.44 -36.23
N GLY W 484 5.07 50.37 -36.08
CA GLY W 484 3.79 50.17 -36.76
C GLY W 484 2.56 50.55 -35.92
N GLY W 485 2.72 51.25 -34.80
CA GLY W 485 1.62 51.61 -33.89
C GLY W 485 1.06 50.46 -33.05
N ASN W 486 1.42 49.21 -33.34
CA ASN W 486 1.13 48.04 -32.51
C ASN W 486 2.06 47.94 -31.28
N ALA W 487 2.18 49.01 -30.50
CA ALA W 487 2.96 49.03 -29.26
C ALA W 487 2.32 48.15 -28.17
N SER W 488 3.14 47.42 -27.41
CA SER W 488 2.68 46.36 -26.51
C SER W 488 2.24 46.86 -25.11
N GLY W 489 2.68 48.04 -24.69
CA GLY W 489 2.50 48.59 -23.34
C GLY W 489 1.07 49.02 -22.99
N LYS W 490 0.11 48.09 -22.92
CA LYS W 490 -1.27 48.36 -22.50
C LYS W 490 -1.42 48.44 -20.98
N GLY W 491 -2.33 49.29 -20.51
CA GLY W 491 -2.81 49.35 -19.12
C GLY W 491 -1.89 50.07 -18.14
N VAL W 492 -2.40 51.10 -17.47
CA VAL W 492 -1.65 52.01 -16.58
C VAL W 492 -1.29 51.34 -15.27
N GLY W 493 -0.01 51.06 -15.04
CA GLY W 493 0.47 50.28 -13.90
C GLY W 493 1.98 50.07 -13.93
N GLY W 494 2.67 50.43 -12.85
CA GLY W 494 4.12 50.70 -12.85
C GLY W 494 4.48 52.17 -12.98
N ILE W 495 3.51 53.08 -12.90
CA ILE W 495 3.67 54.53 -13.03
C ILE W 495 3.52 55.18 -11.66
N ASP W 496 4.33 56.18 -11.37
CA ASP W 496 4.28 56.98 -10.13
C ASP W 496 3.14 58.00 -10.18
N ILE W 497 1.89 57.51 -10.21
CA ILE W 497 0.66 58.29 -10.37
C ILE W 497 0.59 59.46 -9.37
N ASP W 498 0.10 60.63 -9.79
CA ASP W 498 -0.10 61.76 -8.88
C ASP W 498 -1.29 61.50 -7.92
N GLU W 499 -1.17 61.96 -6.68
CA GLU W 499 -2.15 61.64 -5.63
C GLU W 499 -3.51 62.27 -5.92
N MET W 500 -4.58 61.50 -5.79
CA MET W 500 -5.93 61.98 -6.10
C MET W 500 -6.36 63.10 -5.13
N THR W 501 -7.38 63.86 -5.50
CA THR W 501 -8.12 64.71 -4.55
C THR W 501 -9.59 64.34 -4.60
N GLY W 502 -10.31 64.53 -3.50
CA GLY W 502 -11.73 64.21 -3.39
C GLY W 502 -12.55 65.42 -2.94
N ASP W 503 -13.66 65.68 -3.62
CA ASP W 503 -14.55 66.81 -3.33
C ASP W 503 -15.78 66.35 -2.57
N VAL W 504 -16.05 66.98 -1.42
CA VAL W 504 -17.12 66.62 -0.49
C VAL W 504 -18.45 67.35 -0.79
N GLY W 505 -18.58 67.94 -1.98
CA GLY W 505 -19.88 68.44 -2.45
C GLY W 505 -20.89 67.31 -2.66
N THR W 506 -22.19 67.62 -2.62
CA THR W 506 -23.30 66.66 -2.84
C THR W 506 -23.30 65.47 -1.86
N LEU W 507 -22.57 65.57 -0.75
CA LEU W 507 -22.29 64.52 0.23
C LEU W 507 -22.63 65.09 1.61
N SER W 508 -23.39 64.38 2.43
CA SER W 508 -23.95 64.95 3.67
C SER W 508 -24.16 63.93 4.79
N GLY W 509 -24.32 64.45 6.02
CA GLY W 509 -24.75 63.67 7.18
C GLY W 509 -23.61 63.19 8.07
N GLY W 510 -23.00 64.11 8.82
CA GLY W 510 -21.89 63.82 9.73
C GLY W 510 -21.34 65.12 10.32
N ALA W 511 -20.08 65.12 10.71
CA ALA W 511 -19.37 66.32 11.17
C ALA W 511 -17.92 66.31 10.69
N GLY W 512 -17.37 67.50 10.38
CA GLY W 512 -16.05 67.67 9.78
C GLY W 512 -15.84 66.79 8.52
N LEU W 513 -16.87 66.66 7.68
CA LEU W 513 -16.83 65.84 6.46
C LEU W 513 -15.75 66.29 5.49
N ASP W 514 -14.96 65.33 4.98
CA ASP W 514 -13.95 65.53 3.93
C ASP W 514 -13.66 64.19 3.23
N VAL W 515 -13.04 64.22 2.05
CA VAL W 515 -12.69 63.00 1.29
C VAL W 515 -11.17 62.97 1.14
N GLN W 516 -10.47 62.70 2.24
CA GLN W 516 -9.02 62.67 2.25
C GLN W 516 -8.48 61.36 1.67
N VAL W 517 -7.29 61.42 1.06
CA VAL W 517 -6.62 60.26 0.47
C VAL W 517 -5.17 60.16 0.92
N THR W 518 -4.62 58.96 0.92
CA THR W 518 -3.20 58.71 1.23
C THR W 518 -2.65 57.56 0.39
N THR W 519 -1.35 57.52 0.15
CA THR W 519 -0.69 56.47 -0.64
C THR W 519 -0.03 55.46 0.30
N GLU W 520 -0.24 54.17 0.09
CA GLU W 520 0.40 53.11 0.89
C GLU W 520 1.55 52.39 0.17
N GLN W 521 1.68 52.54 -1.15
CA GLN W 521 2.88 52.16 -1.92
C GLN W 521 2.90 52.92 -3.24
N ASP W 522 3.94 53.70 -3.48
CA ASP W 522 4.16 54.45 -4.72
C ASP W 522 4.41 53.51 -5.90
N GLY W 523 3.90 53.87 -7.08
CA GLY W 523 4.16 53.11 -8.31
C GLY W 523 5.55 53.39 -8.88
N ASP W 524 6.19 52.38 -9.46
CA ASP W 524 7.53 52.50 -10.04
C ASP W 524 7.78 51.47 -11.13
N ARG W 525 8.65 51.80 -12.08
CA ARG W 525 9.24 50.85 -13.03
C ARG W 525 10.61 51.37 -13.41
N LEU W 526 11.65 50.62 -13.05
CA LEU W 526 13.01 50.86 -13.50
C LEU W 526 13.30 49.91 -14.65
N TYR W 527 13.50 50.45 -15.85
CA TYR W 527 13.96 49.66 -16.99
C TYR W 527 15.47 49.50 -16.89
N VAL W 528 15.97 48.27 -16.98
CA VAL W 528 17.39 47.93 -17.04
C VAL W 528 17.74 47.61 -18.49
N VAL W 529 18.77 48.26 -19.00
CA VAL W 529 19.27 48.18 -20.37
C VAL W 529 20.68 47.61 -20.34
N SER W 530 20.88 46.48 -21.01
CA SER W 530 22.16 45.78 -21.01
C SER W 530 22.69 45.68 -22.44
N PHE W 531 23.88 46.22 -22.67
CA PHE W 531 24.47 46.31 -24.00
C PHE W 531 25.46 45.17 -24.20
N GLN W 532 25.30 44.40 -25.25
CA GLN W 532 25.92 43.10 -25.44
C GLN W 532 26.38 42.87 -26.88
N ARG W 533 27.06 41.76 -27.15
CA ARG W 533 27.54 41.37 -28.48
C ARG W 533 28.35 42.47 -29.17
N ALA W 534 27.86 43.11 -30.23
CA ALA W 534 28.63 44.17 -30.89
C ALA W 534 28.68 45.48 -30.09
N ALA W 535 27.71 45.73 -29.22
CA ALA W 535 27.78 46.82 -28.25
C ALA W 535 28.52 46.42 -26.95
N GLY W 536 28.90 45.16 -26.77
CA GLY W 536 29.34 44.62 -25.49
C GLY W 536 30.69 45.13 -24.97
N GLY W 537 31.67 45.38 -25.84
CA GLY W 537 32.97 45.85 -25.37
C GLY W 537 33.03 47.32 -25.00
N LEU W 538 32.07 48.12 -25.46
CA LEU W 538 32.17 49.56 -25.47
C LEU W 538 31.88 50.18 -24.10
N ASN W 539 32.64 51.20 -23.72
CA ASN W 539 32.25 52.15 -22.69
C ASN W 539 31.33 53.22 -23.34
N LEU W 540 30.07 52.89 -23.51
CA LEU W 540 29.07 53.76 -24.15
C LEU W 540 28.79 55.05 -23.35
N PRO W 541 28.34 56.14 -23.99
CA PRO W 541 27.86 57.33 -23.28
C PRO W 541 26.56 57.03 -22.52
N GLN W 542 26.25 57.80 -21.48
CA GLN W 542 25.01 57.60 -20.72
C GLN W 542 23.79 58.03 -21.52
N LEU W 543 22.75 57.21 -21.58
CA LEU W 543 21.47 57.57 -22.19
C LEU W 543 20.93 58.86 -21.57
N VAL W 544 20.59 59.84 -22.41
CA VAL W 544 19.90 61.06 -21.97
C VAL W 544 18.45 60.99 -22.40
N GLY W 545 17.53 61.28 -21.48
CA GLY W 545 16.09 61.27 -21.75
C GLY W 545 15.53 62.67 -21.95
N ASN W 546 14.63 62.82 -22.91
CA ASN W 546 13.84 64.03 -23.11
C ASN W 546 12.37 63.76 -22.75
N ALA W 547 11.86 64.47 -21.74
CA ALA W 547 10.52 64.30 -21.20
C ALA W 547 9.42 65.05 -21.97
N SER W 548 9.74 65.82 -23.01
CA SER W 548 8.83 66.83 -23.58
C SER W 548 7.50 66.29 -24.14
N GLY W 549 7.47 65.05 -24.62
CA GLY W 549 6.26 64.45 -25.19
C GLY W 549 5.30 63.84 -24.18
N LEU W 550 5.64 63.83 -22.89
CA LEU W 550 4.79 63.33 -21.80
C LEU W 550 3.76 64.38 -21.39
N GLU W 551 2.58 63.96 -20.98
CA GLU W 551 1.59 64.84 -20.33
C GLU W 551 1.39 64.48 -18.85
N GLY W 552 1.54 65.49 -17.99
CA GLY W 552 1.51 65.33 -16.53
C GLY W 552 2.01 66.59 -15.79
N ASP W 553 1.94 66.60 -14.46
CA ASP W 553 2.17 67.79 -13.65
C ASP W 553 3.64 68.24 -13.58
N ASP W 554 4.60 67.35 -13.32
CA ASP W 554 6.02 67.71 -13.19
C ASP W 554 6.94 66.56 -13.58
N LEU W 555 7.21 66.41 -14.87
CA LEU W 555 7.91 65.26 -15.42
C LEU W 555 9.44 65.41 -15.41
N SER W 556 10.14 64.30 -15.25
CA SER W 556 11.57 64.18 -15.57
C SER W 556 11.93 62.73 -15.88
N ILE W 557 13.10 62.48 -16.45
CA ILE W 557 13.61 61.14 -16.74
C ILE W 557 14.97 60.97 -16.06
N GLU W 558 15.08 59.94 -15.23
CA GLU W 558 16.27 59.61 -14.48
C GLU W 558 17.01 58.48 -15.19
N THR W 559 18.30 58.66 -15.45
CA THR W 559 19.17 57.63 -16.01
C THR W 559 20.46 57.48 -15.22
N ALA W 560 20.94 56.26 -15.07
CA ALA W 560 22.18 55.95 -14.37
C ALA W 560 22.95 54.83 -15.08
N THR W 561 24.27 54.91 -15.08
CA THR W 561 25.15 53.77 -15.34
C THR W 561 25.25 52.92 -14.08
N ASN W 562 24.90 51.65 -14.17
CA ASN W 562 25.08 50.66 -13.10
C ASN W 562 26.37 49.85 -13.27
N VAL W 563 26.81 49.66 -14.51
CA VAL W 563 28.07 48.99 -14.87
C VAL W 563 28.65 49.71 -16.09
N ASP W 564 29.78 50.41 -15.94
CA ASP W 564 30.50 50.95 -17.10
C ASP W 564 31.19 49.84 -17.89
N GLY W 565 31.14 49.89 -19.21
CA GLY W 565 31.73 48.89 -20.08
C GLY W 565 33.21 49.10 -20.36
N GLY W 566 33.83 48.15 -21.03
CA GLY W 566 35.23 48.25 -21.45
C GLY W 566 35.86 46.93 -21.85
N ARG W 567 37.11 47.00 -22.33
CA ARG W 567 37.93 45.85 -22.71
C ARG W 567 39.41 46.24 -22.55
N PRO W 568 40.15 45.72 -21.56
CA PRO W 568 41.52 46.15 -21.26
C PRO W 568 42.54 45.73 -22.33
N TYR W 569 43.68 46.42 -22.37
CA TYR W 569 44.84 45.94 -23.10
C TYR W 569 45.54 44.84 -22.29
N VAL W 570 45.71 43.67 -22.86
CA VAL W 570 46.45 42.56 -22.27
C VAL W 570 47.88 42.60 -22.77
N VAL W 571 48.84 42.90 -21.92
CA VAL W 571 50.27 42.94 -22.25
C VAL W 571 50.94 41.68 -21.73
N ARG W 572 51.53 40.90 -22.63
CA ARG W 572 52.10 39.59 -22.36
C ARG W 572 53.57 39.56 -22.72
N PHE W 573 54.41 39.27 -21.73
CA PHE W 573 55.85 39.32 -21.88
C PHE W 573 56.39 37.98 -22.39
N THR W 574 57.15 38.04 -23.47
CA THR W 574 57.29 36.99 -24.49
C THR W 574 58.75 36.91 -24.96
N ASP W 575 59.13 35.85 -25.66
CA ASP W 575 60.46 35.66 -26.25
C ASP W 575 61.62 35.93 -25.25
N ASP W 576 62.39 36.99 -25.39
CA ASP W 576 63.49 37.29 -24.46
C ASP W 576 63.04 37.73 -23.06
N LEU W 577 61.75 38.03 -22.86
CA LEU W 577 61.14 38.25 -21.54
C LEU W 577 60.22 37.09 -21.11
N GLN W 578 60.21 35.97 -21.81
CA GLN W 578 59.51 34.76 -21.37
C GLN W 578 60.15 34.24 -20.08
N GLY W 579 59.34 34.05 -19.05
CA GLY W 579 59.81 33.56 -17.74
C GLY W 579 60.53 34.60 -16.88
N VAL W 580 60.51 35.88 -17.26
CA VAL W 580 61.19 36.96 -16.54
C VAL W 580 60.20 37.74 -15.68
N ASP W 581 60.57 38.02 -14.44
CA ASP W 581 59.77 38.80 -13.49
C ASP W 581 59.91 40.31 -13.74
N VAL W 582 59.16 40.83 -14.73
CA VAL W 582 59.24 42.23 -15.17
C VAL W 582 58.65 43.22 -14.15
N PRO W 583 58.93 44.54 -14.23
CA PRO W 583 58.29 45.55 -13.39
C PRO W 583 56.76 45.63 -13.63
N THR W 584 55.99 45.93 -12.58
CA THR W 584 54.58 46.30 -12.76
C THR W 584 54.47 47.66 -13.44
N MET W 585 53.78 47.76 -14.57
CA MET W 585 53.63 49.02 -15.30
C MET W 585 52.77 50.03 -14.55
N THR W 586 52.96 51.32 -14.83
CA THR W 586 52.10 52.42 -14.35
C THR W 586 51.68 53.29 -15.54
N VAL W 587 50.45 53.81 -15.58
CA VAL W 587 49.96 54.62 -16.71
C VAL W 587 49.67 56.05 -16.30
N ASP W 588 50.39 56.99 -16.93
CA ASP W 588 50.25 58.44 -16.79
C ASP W 588 49.15 58.94 -17.71
N THR W 589 48.05 59.40 -17.10
CA THR W 589 46.83 59.85 -17.79
C THR W 589 46.67 61.37 -17.85
N ASP W 590 47.70 62.17 -17.56
CA ASP W 590 47.57 63.64 -17.47
C ASP W 590 47.20 64.33 -18.79
N ASP W 591 47.57 63.75 -19.94
CA ASP W 591 47.26 64.30 -21.26
C ASP W 591 45.99 63.71 -21.91
N LEU W 592 45.19 62.89 -21.20
CA LEU W 592 43.87 62.49 -21.69
C LEU W 592 42.88 63.63 -21.49
N THR W 593 41.93 63.79 -22.40
CA THR W 593 40.94 64.89 -22.37
C THR W 593 39.53 64.40 -22.62
N GLY W 594 38.55 65.22 -22.23
CA GLY W 594 37.15 64.82 -22.20
C GLY W 594 36.90 63.77 -21.12
N GLY W 595 35.85 62.97 -21.28
CA GLY W 595 35.46 61.99 -20.27
C GLY W 595 35.02 62.63 -18.96
N TYR W 596 35.00 61.83 -17.90
CA TYR W 596 34.55 62.24 -16.56
C TYR W 596 35.67 62.01 -15.52
N GLU W 597 35.53 61.08 -14.58
CA GLU W 597 36.60 60.68 -13.65
C GLU W 597 37.64 59.79 -14.35
N VAL W 598 38.32 60.32 -15.36
CA VAL W 598 39.32 59.61 -16.17
C VAL W 598 40.48 59.15 -15.30
N GLY W 599 40.83 57.87 -15.41
CA GLY W 599 41.88 57.23 -14.63
C GLY W 599 42.34 55.93 -15.29
N SER W 600 43.21 55.20 -14.61
CA SER W 600 43.76 53.93 -15.08
C SER W 600 44.00 52.98 -13.93
N ARG W 601 44.07 51.68 -14.24
CA ARG W 601 44.45 50.62 -13.29
C ARG W 601 45.16 49.51 -14.03
N VAL W 602 46.18 48.92 -13.41
CA VAL W 602 46.94 47.80 -13.94
C VAL W 602 46.80 46.61 -13.01
N VAL W 603 46.29 45.49 -13.52
CA VAL W 603 46.09 44.25 -12.77
C VAL W 603 46.99 43.16 -13.34
N VAL W 604 47.88 42.60 -12.52
CA VAL W 604 48.79 41.52 -12.91
C VAL W 604 48.03 40.19 -12.90
N LEU W 605 47.82 39.54 -14.04
CA LEU W 605 47.23 38.18 -14.07
C LEU W 605 48.24 37.08 -13.76
N ARG W 606 49.51 37.24 -14.14
CA ARG W 606 50.59 36.30 -13.87
C ARG W 606 51.86 37.03 -13.52
N GLU W 607 52.51 36.63 -12.45
CA GLU W 607 53.92 36.92 -12.24
C GLU W 607 54.74 36.10 -13.25
N GLY W 608 55.66 36.71 -13.97
CA GLY W 608 56.63 35.99 -14.79
C GLY W 608 57.63 35.22 -13.93
N TYR W 609 57.88 33.95 -14.23
CA TYR W 609 58.70 33.06 -13.40
C TYR W 609 59.34 31.95 -14.22
N THR W 610 60.40 31.33 -13.71
CA THR W 610 61.05 30.16 -14.33
C THR W 610 61.35 29.06 -13.31
N TYR W 611 60.80 27.87 -13.51
CA TYR W 611 61.03 26.70 -12.67
C TYR W 611 62.35 25.98 -13.06
N PRO W 612 63.02 25.25 -12.15
CA PRO W 612 64.12 24.38 -12.52
C PRO W 612 63.62 23.24 -13.42
N ALA W 613 64.51 22.62 -14.19
CA ALA W 613 64.20 21.39 -14.91
C ALA W 613 63.71 20.26 -13.97
N GLU W 614 63.04 19.24 -14.52
CA GLU W 614 62.65 18.05 -13.78
C GLU W 614 63.85 17.16 -13.44
N ASN W 615 64.88 17.68 -12.80
CA ASN W 615 65.91 16.86 -12.19
C ASN W 615 65.24 16.04 -11.08
N VAL W 616 65.49 14.74 -10.96
CA VAL W 616 64.79 13.90 -9.98
C VAL W 616 65.70 13.16 -9.03
N VAL W 617 65.20 13.00 -7.80
CA VAL W 617 65.62 11.92 -6.93
C VAL W 617 64.67 10.75 -7.14
N VAL W 618 65.22 9.58 -7.38
CA VAL W 618 64.54 8.29 -7.25
C VAL W 618 64.98 7.68 -5.93
N ASP W 619 64.03 7.30 -5.09
CA ASP W 619 64.25 6.61 -3.83
C ASP W 619 63.45 5.32 -3.84
N SER W 620 64.10 4.17 -3.83
CA SER W 620 63.44 2.87 -3.91
C SER W 620 62.77 2.38 -2.61
N ASP W 621 62.96 3.05 -1.48
CA ASP W 621 62.37 2.69 -0.19
C ASP W 621 60.82 2.69 -0.23
N PRO W 622 60.13 1.59 0.14
CA PRO W 622 58.67 1.54 0.17
C PRO W 622 57.98 2.57 1.07
N ARG W 623 58.69 3.15 2.05
CA ARG W 623 58.18 4.21 2.93
C ARG W 623 57.91 5.53 2.19
N GLU W 624 58.65 5.83 1.14
CA GLU W 624 58.80 7.20 0.63
C GLU W 624 58.13 7.42 -0.73
N GLU W 625 57.88 8.67 -1.11
CA GLU W 625 57.54 9.01 -2.49
C GLU W 625 58.71 8.66 -3.41
N GLN W 626 58.56 7.67 -4.27
CA GLN W 626 59.70 7.02 -4.90
C GLN W 626 60.39 7.82 -6.00
N VAL W 627 59.74 8.82 -6.58
CA VAL W 627 60.34 9.73 -7.54
C VAL W 627 59.90 11.13 -7.17
N SER W 628 60.79 12.10 -7.09
CA SER W 628 60.41 13.49 -6.90
C SER W 628 61.36 14.45 -7.58
N SER W 629 60.84 15.59 -8.04
CA SER W 629 61.52 16.50 -8.95
C SER W 629 61.90 17.82 -8.30
N GLU W 630 62.98 18.45 -8.74
CA GLU W 630 63.42 19.77 -8.24
C GLU W 630 62.35 20.85 -8.43
N SER W 631 61.55 20.76 -9.49
CA SER W 631 60.46 21.68 -9.79
C SER W 631 59.21 21.46 -8.96
N GLY W 632 59.07 20.33 -8.27
CA GLY W 632 57.84 19.96 -7.57
C GLY W 632 56.71 19.50 -8.48
N SER W 633 56.98 19.11 -9.71
CA SER W 633 56.01 18.43 -10.57
C SER W 633 55.67 17.02 -10.07
N PRO W 634 54.44 16.53 -10.28
CA PRO W 634 54.00 15.22 -9.85
C PRO W 634 54.51 14.08 -10.74
N ILE W 635 55.81 14.03 -11.03
CA ILE W 635 56.41 12.98 -11.85
C ILE W 635 56.14 11.55 -11.33
N TRP W 636 55.95 11.35 -10.03
CA TRP W 636 55.58 10.05 -9.49
C TRP W 636 54.19 9.58 -9.92
N GLU W 637 53.27 10.49 -10.25
CA GLU W 637 51.96 10.16 -10.77
C GLU W 637 52.02 9.65 -12.22
N ARG W 638 53.03 10.03 -12.98
CA ARG W 638 53.30 9.61 -14.36
C ARG W 638 53.96 8.22 -14.49
N MET W 639 54.09 7.47 -13.40
CA MET W 639 54.65 6.11 -13.36
C MET W 639 53.62 4.98 -13.60
N ASN W 640 52.31 5.24 -13.65
CA ASN W 640 51.26 4.20 -13.84
C ASN W 640 51.31 3.08 -12.79
N SER W 641 51.58 3.42 -11.53
CA SER W 641 51.66 2.51 -10.38
C SER W 641 52.76 1.44 -10.41
N VAL W 642 53.71 1.52 -11.33
CA VAL W 642 54.99 0.80 -11.23
C VAL W 642 55.73 1.29 -10.00
N ARG W 643 56.40 0.38 -9.31
CA ARG W 643 57.21 0.65 -8.12
C ARG W 643 58.59 0.02 -8.28
N PHE W 644 59.60 0.66 -7.73
CA PHE W 644 60.86 0.02 -7.39
C PHE W 644 60.59 -0.91 -6.21
N LEU W 645 61.00 -2.17 -6.31
CA LEU W 645 60.65 -3.23 -5.36
C LEU W 645 61.85 -3.90 -4.69
N HIS W 646 63.05 -3.69 -5.19
CA HIS W 646 64.18 -4.53 -4.79
C HIS W 646 65.27 -3.75 -4.06
N TYR W 647 65.69 -4.28 -2.93
CA TYR W 647 66.82 -3.82 -2.14
C TYR W 647 68.12 -4.52 -2.56
N ILE W 648 69.25 -3.94 -2.20
CA ILE W 648 70.56 -4.61 -2.23
C ILE W 648 70.69 -5.47 -0.96
N PRO W 649 70.82 -6.80 -1.05
CA PRO W 649 70.90 -7.68 0.11
C PRO W 649 72.12 -7.45 1.00
N PRO W 650 72.07 -7.81 2.29
CA PRO W 650 73.22 -7.81 3.19
C PRO W 650 74.41 -8.54 2.58
N TYR W 651 75.62 -8.08 2.86
CA TYR W 651 76.86 -8.72 2.41
C TYR W 651 76.99 -8.90 0.89
N THR W 652 76.48 -7.95 0.12
CA THR W 652 76.63 -7.93 -1.34
C THR W 652 77.92 -7.22 -1.76
N GLY W 653 78.75 -7.91 -2.54
CA GLY W 653 80.05 -7.45 -3.04
C GLY W 653 79.95 -6.61 -4.31
N GLU W 654 80.69 -6.98 -5.35
CA GLU W 654 80.59 -6.32 -6.66
C GLU W 654 79.17 -6.41 -7.24
N VAL W 655 78.60 -5.29 -7.66
CA VAL W 655 77.37 -5.22 -8.44
C VAL W 655 77.61 -4.33 -9.63
N THR W 656 77.19 -4.74 -10.82
CA THR W 656 77.23 -3.90 -12.02
C THR W 656 75.83 -3.41 -12.42
N PHE W 657 75.68 -2.10 -12.53
CA PHE W 657 74.43 -1.43 -12.87
C PHE W 657 74.53 -0.86 -14.28
N LYS W 658 73.61 -1.26 -15.15
CA LYS W 658 73.47 -0.72 -16.51
C LYS W 658 72.29 0.24 -16.55
N LEU W 659 72.54 1.54 -16.67
CA LEU W 659 71.55 2.56 -16.98
C LEU W 659 71.49 2.79 -18.48
N SER W 660 70.38 3.35 -18.96
CA SER W 660 70.26 3.83 -20.32
C SER W 660 69.62 5.19 -20.33
N VAL W 661 70.03 6.06 -21.24
CA VAL W 661 69.48 7.40 -21.39
C VAL W 661 69.24 7.78 -22.84
N SER W 662 68.15 8.49 -23.09
CA SER W 662 67.84 9.19 -24.34
C SER W 662 67.52 10.65 -24.02
N GLY W 663 67.83 11.59 -24.91
CA GLY W 663 67.59 13.01 -24.66
C GLY W 663 68.54 13.61 -23.63
N ALA W 664 69.81 13.23 -23.65
CA ALA W 664 70.85 13.76 -22.77
C ALA W 664 72.06 14.22 -23.57
N VAL W 665 72.85 15.11 -22.97
CA VAL W 665 74.04 15.73 -23.57
C VAL W 665 75.25 15.48 -22.69
N PRO W 666 76.46 15.36 -23.27
CA PRO W 666 77.65 15.09 -22.50
C PRO W 666 77.95 16.23 -21.53
N GLY W 667 78.46 15.87 -20.36
CA GLY W 667 78.66 16.79 -19.23
C GLY W 667 77.58 16.67 -18.16
N GLN W 668 76.34 16.30 -18.51
CA GLN W 668 75.35 15.89 -17.52
C GLN W 668 75.83 14.63 -16.77
N ILE W 669 75.64 14.55 -15.46
CA ILE W 669 75.92 13.35 -14.66
C ILE W 669 74.66 12.90 -13.93
N ALA W 670 74.51 11.60 -13.72
CA ALA W 670 73.65 11.02 -12.70
C ALA W 670 74.49 10.58 -11.49
N THR W 671 73.89 10.25 -10.36
CA THR W 671 74.60 9.62 -9.25
C THR W 671 73.80 8.48 -8.65
N LEU W 672 74.50 7.47 -8.16
CA LEU W 672 73.97 6.39 -7.34
C LEU W 672 74.36 6.66 -5.89
N ARG W 673 73.42 6.58 -4.97
CA ARG W 673 73.60 6.84 -3.55
C ARG W 673 73.19 5.63 -2.73
N LEU W 674 74.13 5.07 -1.99
CA LEU W 674 73.97 3.86 -1.19
C LEU W 674 74.16 4.11 0.31
N PRO W 675 73.10 4.05 1.14
CA PRO W 675 73.22 4.17 2.58
C PRO W 675 74.04 3.08 3.26
N ARG W 676 74.33 3.27 4.54
CA ARG W 676 75.12 2.37 5.39
C ARG W 676 74.51 2.37 6.79
N ALA W 677 73.62 1.43 7.04
CA ALA W 677 72.88 1.25 8.28
C ALA W 677 73.20 -0.08 8.96
N TRP W 678 73.69 -0.05 10.18
CA TRP W 678 74.16 -1.22 10.91
C TRP W 678 73.28 -1.47 12.11
N SER W 679 73.00 -2.72 12.43
CA SER W 679 72.21 -3.00 13.63
C SER W 679 72.91 -2.66 14.94
N ARG W 680 74.23 -2.46 14.92
CA ARG W 680 75.10 -2.31 16.09
C ARG W 680 76.18 -1.24 15.88
N PRO W 681 76.76 -0.69 16.95
CA PRO W 681 77.86 0.27 16.85
C PRO W 681 79.24 -0.32 16.49
N TRP W 682 79.47 -1.64 16.55
CA TRP W 682 80.85 -2.16 16.69
C TRP W 682 81.33 -3.25 15.73
N GLY W 683 80.47 -3.97 15.05
CA GLY W 683 80.93 -5.15 14.30
C GLY W 683 80.05 -5.47 13.12
N LEU W 684 79.74 -6.76 12.97
CA LEU W 684 78.94 -7.35 11.89
C LEU W 684 79.57 -7.23 10.51
N GLU W 685 80.90 -7.22 10.45
CA GLU W 685 81.79 -6.84 9.35
C GLU W 685 81.92 -5.33 9.19
N ALA X 2 91.09 21.41 44.80
CA ALA X 2 91.76 20.54 45.78
C ALA X 2 90.82 20.15 46.92
N SER X 3 90.57 21.02 47.91
CA SER X 3 89.71 20.71 49.06
C SER X 3 88.72 21.82 49.37
N ARG X 4 87.42 21.47 49.49
CA ARG X 4 86.28 22.37 49.74
C ARG X 4 85.19 21.68 50.55
N LEU X 5 84.45 22.45 51.34
CA LEU X 5 83.08 22.12 51.76
C LEU X 5 82.09 22.52 50.65
N LEU X 6 81.13 21.65 50.33
CA LEU X 6 79.99 21.97 49.48
C LEU X 6 78.84 22.51 50.33
N ASP X 7 78.66 23.83 50.32
CA ASP X 7 77.62 24.51 51.12
C ASP X 7 76.85 25.52 50.26
N PRO X 8 75.86 25.08 49.48
CA PRO X 8 75.17 25.91 48.53
C PRO X 8 74.23 26.92 49.20
N ASP X 9 74.02 28.08 48.58
CA ASP X 9 73.16 29.16 49.09
C ASP X 9 71.65 28.96 48.85
N THR X 10 71.21 27.73 48.61
CA THR X 10 69.84 27.41 48.20
C THR X 10 68.82 27.81 49.27
N LEU X 11 67.85 28.64 48.92
CA LEU X 11 66.75 29.03 49.80
C LEU X 11 65.41 28.48 49.28
N VAL X 12 64.70 27.70 50.11
CA VAL X 12 63.36 27.20 49.81
C VAL X 12 62.34 27.86 50.75
N GLU X 13 61.39 28.59 50.20
CA GLU X 13 60.30 29.20 50.97
C GLU X 13 58.93 28.80 50.44
N LEU X 14 57.97 28.59 51.32
CA LEU X 14 56.57 28.43 50.94
C LEU X 14 55.76 29.65 51.36
N GLU X 15 54.99 30.19 50.43
CA GLU X 15 54.02 31.25 50.67
C GLU X 15 52.63 30.64 50.58
N GLY X 16 51.90 30.70 51.68
CA GLY X 16 50.66 30.00 51.86
C GLY X 16 49.48 30.72 51.22
N VAL X 17 48.36 30.02 51.14
CA VAL X 17 47.12 30.54 50.58
C VAL X 17 46.52 31.72 51.37
N ASN X 18 46.93 31.95 52.62
CA ASN X 18 46.59 33.13 53.41
C ASN X 18 47.75 34.13 53.53
N GLY X 19 48.79 33.99 52.70
CA GLY X 19 49.96 34.87 52.72
C GLY X 19 50.92 34.65 53.89
N GLU X 20 50.77 33.59 54.67
CA GLU X 20 51.75 33.20 55.67
C GLU X 20 52.99 32.59 55.00
N TRP X 21 54.18 32.84 55.53
CA TRP X 21 55.43 32.35 54.94
C TRP X 21 56.14 31.35 55.84
N PHE X 22 56.72 30.33 55.22
CA PHE X 22 57.61 29.36 55.86
C PHE X 22 58.96 29.35 55.16
N ASP X 23 60.05 29.57 55.89
CA ASP X 23 61.41 29.28 55.43
C ASP X 23 61.75 27.82 55.70
N LEU X 24 61.74 26.99 54.67
CA LEU X 24 61.97 25.55 54.78
C LEU X 24 63.47 25.18 54.76
N THR X 25 64.38 26.15 54.59
CA THR X 25 65.82 25.97 54.72
C THR X 25 66.30 26.24 56.14
N ASN X 26 65.81 27.30 56.77
CA ASN X 26 66.27 27.75 58.09
C ASN X 26 65.30 27.40 59.22
N GLY X 27 64.06 27.10 58.90
CA GLY X 27 63.09 26.61 59.86
C GLY X 27 62.79 27.56 61.02
N THR X 28 62.77 28.86 60.78
CA THR X 28 62.45 29.86 61.81
C THR X 28 61.01 29.78 62.31
N GLU X 29 60.15 29.11 61.55
CA GLU X 29 58.79 28.73 61.93
C GLU X 29 58.72 27.27 62.44
N GLY X 30 59.86 26.60 62.61
CA GLY X 30 59.98 25.27 63.19
C GLY X 30 59.82 24.10 62.23
N ILE X 31 59.82 24.40 60.94
CA ILE X 31 59.50 23.46 59.85
C ILE X 31 60.65 23.46 58.86
N TYR X 32 61.10 22.30 58.43
CA TYR X 32 62.20 22.15 57.47
C TYR X 32 61.79 21.19 56.37
N LEU X 33 62.32 21.33 55.16
CA LEU X 33 62.15 20.31 54.12
C LEU X 33 62.85 19.01 54.52
N ALA X 34 62.19 17.85 54.42
CA ALA X 34 62.56 16.58 55.05
C ALA X 34 63.22 15.54 54.14
N THR X 35 64.49 15.71 53.77
CA THR X 35 65.21 14.74 52.92
C THR X 35 64.41 14.45 51.63
N GLU X 36 63.97 13.24 51.30
CA GLU X 36 63.70 12.86 49.91
C GLU X 36 62.59 13.66 49.20
N VAL X 37 62.91 14.31 48.07
CA VAL X 37 61.95 15.08 47.26
C VAL X 37 61.87 14.49 45.85
N THR X 38 60.65 14.18 45.38
CA THR X 38 60.42 13.79 43.98
C THR X 38 59.69 14.91 43.26
N GLY X 39 60.22 15.39 42.14
CA GLY X 39 59.49 16.25 41.21
C GLY X 39 59.93 17.71 41.06
N LEU X 40 60.94 18.20 41.78
CA LEU X 40 61.35 19.61 41.66
C LEU X 40 61.96 19.98 40.31
N LEU X 41 62.69 19.07 39.67
CA LEU X 41 63.70 19.41 38.67
C LEU X 41 63.30 19.20 37.20
N ASP X 42 62.11 18.71 36.91
CA ASP X 42 61.65 18.40 35.55
C ASP X 42 60.16 18.06 35.58
N PRO X 43 59.33 18.54 34.65
CA PRO X 43 57.95 18.13 34.55
C PRO X 43 57.86 16.79 33.78
N PRO X 44 57.00 15.85 34.18
CA PRO X 44 56.77 14.64 33.40
C PRO X 44 56.31 14.93 31.96
N VAL X 45 56.75 14.15 30.98
CA VAL X 45 56.35 14.28 29.56
C VAL X 45 55.83 12.95 29.03
N LYS X 46 54.75 12.97 28.26
CA LYS X 46 54.27 11.83 27.47
C LYS X 46 54.68 12.03 26.02
N ALA X 47 55.71 11.32 25.57
CA ALA X 47 56.13 11.24 24.17
C ALA X 47 55.39 10.11 23.46
N THR X 48 54.65 10.41 22.41
CA THR X 48 53.86 9.43 21.67
C THR X 48 54.57 9.06 20.38
N TYR X 49 54.72 7.75 20.19
CA TYR X 49 55.25 7.10 19.01
C TYR X 49 54.26 6.02 18.55
N GLU X 50 54.23 5.74 17.25
CA GLU X 50 53.50 4.59 16.68
C GLU X 50 54.44 3.60 15.97
N GLU X 51 54.09 2.31 16.03
CA GLU X 51 54.79 1.20 15.36
C GLU X 51 53.88 0.40 14.41
N PRO X 52 53.28 1.03 13.38
CA PRO X 52 52.29 0.39 12.51
C PRO X 52 52.94 -0.45 11.40
N GLY X 53 52.31 -1.54 10.97
CA GLY X 53 52.80 -2.30 9.82
C GLY X 53 54.14 -2.98 10.10
N ASN X 54 55.11 -2.85 9.20
CA ASN X 54 56.34 -3.64 9.21
C ASN X 54 57.65 -2.87 8.99
N PHE X 55 57.64 -1.53 8.94
CA PHE X 55 58.87 -0.74 8.89
C PHE X 55 59.77 -1.03 10.09
N PRO X 56 61.09 -0.91 10.00
CA PRO X 56 61.91 -0.88 11.19
C PRO X 56 61.71 0.44 11.96
N GLY X 57 61.60 0.39 13.29
CA GLY X 57 61.53 1.57 14.13
C GLY X 57 60.13 2.08 14.44
N ALA X 58 60.00 3.36 14.77
CA ALA X 58 58.76 4.03 15.14
C ALA X 58 58.72 5.47 14.63
N ARG X 59 57.51 6.00 14.49
CA ARG X 59 57.28 7.40 14.10
C ARG X 59 56.81 8.21 15.30
N TYR X 60 57.46 9.33 15.55
CA TYR X 60 57.02 10.33 16.52
C TYR X 60 55.72 10.99 16.07
N LEU X 61 54.77 11.16 16.98
CA LEU X 61 53.54 11.89 16.72
C LEU X 61 53.44 13.19 17.53
N ASN X 62 53.83 13.18 18.79
CA ASN X 62 53.59 14.28 19.70
C ASN X 62 54.44 14.16 20.98
N HIS X 63 54.66 15.25 21.70
CA HIS X 63 54.96 15.17 23.13
C HIS X 63 54.21 16.24 23.91
N ARG X 64 53.78 15.92 25.13
CA ARG X 64 53.03 16.83 25.99
C ARG X 64 53.61 16.85 27.39
N VAL X 65 53.84 18.04 27.95
CA VAL X 65 54.21 18.23 29.35
C VAL X 65 52.98 17.96 30.23
N LEU X 66 53.04 17.00 31.14
CA LEU X 66 51.94 16.66 32.03
C LEU X 66 51.90 17.55 33.28
N ARG X 67 50.82 17.50 34.07
CA ARG X 67 50.86 18.04 35.44
C ARG X 67 51.98 17.37 36.22
N ARG X 68 52.65 18.10 37.09
CA ARG X 68 53.77 17.54 37.86
C ARG X 68 53.33 17.19 39.27
N ASP X 69 53.45 15.92 39.61
CA ASP X 69 53.37 15.45 40.97
C ASP X 69 54.65 15.85 41.70
N LEU X 70 54.52 16.38 42.89
CA LEU X 70 55.61 16.79 43.75
C LEU X 70 55.40 16.14 45.11
N VAL X 71 56.22 15.15 45.44
CA VAL X 71 56.14 14.41 46.71
C VAL X 71 57.29 14.87 47.58
N PHE X 72 57.00 15.32 48.79
CA PHE X 72 58.00 15.68 49.78
C PHE X 72 57.45 15.49 51.19
N GLY X 73 58.27 15.76 52.19
CA GLY X 73 57.83 15.83 53.57
C GLY X 73 58.47 17.01 54.26
N VAL X 74 57.97 17.38 55.42
CA VAL X 74 58.53 18.47 56.23
C VAL X 74 58.70 18.04 57.68
N GLU X 75 59.86 18.30 58.25
CA GLU X 75 60.20 17.97 59.63
C GLU X 75 59.70 19.07 60.55
N ILE X 76 58.72 18.76 61.40
CA ILE X 76 58.16 19.72 62.33
C ILE X 76 58.66 19.39 63.73
N LEU X 77 59.39 20.32 64.34
CA LEU X 77 59.95 20.13 65.69
C LEU X 77 58.88 20.34 66.76
N ASN X 78 58.87 19.51 67.80
CA ASN X 78 57.95 19.65 68.92
C ASN X 78 58.53 20.47 70.10
N ASP X 79 58.42 21.80 70.08
CA ASP X 79 58.90 22.68 71.15
C ASP X 79 57.76 23.13 72.09
N GLU X 80 57.93 24.16 72.93
CA GLU X 80 56.93 24.56 73.95
C GLU X 80 55.97 25.68 73.51
N ASN X 81 54.90 25.93 74.28
CA ASN X 81 53.92 27.01 74.10
C ASN X 81 53.22 27.00 72.75
N ASP X 82 53.10 28.10 72.03
CA ASP X 82 52.43 28.11 70.72
C ASP X 82 53.40 27.59 69.62
N GLU X 83 54.54 27.03 70.00
CA GLU X 83 55.58 26.42 69.17
C GLU X 83 55.65 24.89 69.37
N THR X 84 54.59 24.27 69.92
CA THR X 84 54.40 22.82 69.89
C THR X 84 54.25 22.30 68.47
N TRP X 85 54.50 21.00 68.29
CA TRP X 85 54.23 20.33 67.01
C TRP X 85 52.79 20.52 66.55
N LEU X 86 51.83 20.45 67.45
CA LEU X 86 50.43 20.64 67.14
C LEU X 86 50.15 22.05 66.60
N ARG X 87 50.67 23.12 67.21
CA ARG X 87 50.54 24.45 66.61
C ARG X 87 51.24 24.63 65.28
N ARG X 88 52.40 24.04 65.09
CA ARG X 88 53.14 24.13 63.84
C ARG X 88 52.51 23.31 62.73
N ASP X 89 52.05 22.09 62.98
CA ASP X 89 51.39 21.25 61.98
C ASP X 89 50.00 21.78 61.61
N SER X 90 49.33 22.48 62.51
CA SER X 90 48.11 23.20 62.15
C SER X 90 48.39 24.46 61.36
N ALA X 91 49.34 25.30 61.75
CA ALA X 91 49.78 26.46 60.96
C ALA X 91 50.25 26.06 59.55
N TRP X 92 51.08 25.02 59.45
CA TRP X 92 51.43 24.40 58.18
C TRP X 92 50.23 23.98 57.37
N ARG X 93 49.27 23.24 57.95
CA ARG X 93 48.05 22.86 57.24
C ARG X 93 47.25 24.06 56.74
N LYS X 94 47.19 25.17 57.48
CA LYS X 94 46.45 26.38 57.10
C LYS X 94 47.01 27.04 55.84
N ALA X 95 48.29 26.85 55.52
CA ALA X 95 48.93 27.42 54.33
C ALA X 95 48.51 26.75 53.00
N TRP X 96 47.81 25.62 53.03
CA TRP X 96 47.56 24.75 51.90
C TRP X 96 46.07 24.59 51.57
N SER X 97 45.75 24.37 50.30
CA SER X 97 44.38 24.20 49.81
C SER X 97 44.33 23.28 48.59
N PHE X 98 43.18 22.67 48.34
CA PHE X 98 42.88 21.99 47.08
C PHE X 98 42.40 22.98 46.01
N LYS X 99 41.71 24.05 46.41
CA LYS X 99 41.06 25.02 45.53
C LYS X 99 41.94 26.24 45.22
N ARG X 100 42.62 26.82 46.21
CA ARG X 100 43.55 27.95 46.07
C ARG X 100 44.99 27.46 45.89
N ASP X 101 45.85 28.28 45.31
CA ASP X 101 47.26 27.96 45.06
C ASP X 101 48.21 28.59 46.07
N ALA X 102 49.05 27.78 46.70
CA ALA X 102 50.24 28.25 47.40
C ALA X 102 51.39 28.46 46.40
N LYS X 103 52.41 29.24 46.76
CA LYS X 103 53.61 29.42 45.94
C LYS X 103 54.82 28.84 46.63
N LEU X 104 55.57 27.98 45.96
CA LEU X 104 56.82 27.42 46.44
C LEU X 104 57.97 28.15 45.74
N HIS X 105 58.74 28.90 46.50
CA HIS X 105 59.77 29.82 46.05
C HIS X 105 61.13 29.18 46.21
N ILE X 106 61.93 29.10 45.15
CA ILE X 106 63.33 28.67 45.20
C ILE X 106 64.24 29.80 44.73
N THR X 107 65.20 30.22 45.56
CA THR X 107 66.25 31.17 45.20
C THR X 107 67.61 30.50 45.23
N THR X 108 68.41 30.66 44.18
CA THR X 108 69.82 30.25 44.14
C THR X 108 70.68 31.31 43.50
N GLY X 109 71.86 31.60 44.04
CA GLY X 109 72.71 32.68 43.53
C GLY X 109 73.12 32.55 42.07
N GLU X 110 73.26 31.32 41.59
CA GLU X 110 73.61 31.00 40.20
C GLU X 110 72.53 31.36 39.17
N SER X 111 71.28 31.57 39.57
CA SER X 111 70.15 31.71 38.64
C SER X 111 68.96 32.49 39.17
N GLY X 112 69.05 33.06 40.36
CA GLY X 112 68.05 33.94 40.95
C GLY X 112 66.84 33.22 41.51
N HIS X 113 65.72 33.92 41.52
CA HIS X 113 64.49 33.51 42.18
C HIS X 113 63.44 33.05 41.16
N ARG X 114 62.81 31.91 41.42
CA ARG X 114 61.68 31.38 40.67
C ARG X 114 60.68 30.78 41.64
N TYR X 115 59.43 30.71 41.27
CA TYR X 115 58.39 30.11 42.10
C TYR X 115 57.46 29.18 41.32
N LEU X 116 56.90 28.19 42.00
CA LEU X 116 55.96 27.20 41.47
C LEU X 116 54.58 27.35 42.14
N LYS X 117 53.49 27.44 41.38
CA LYS X 117 52.11 27.46 41.91
C LYS X 117 51.62 26.04 42.23
N VAL X 118 51.44 25.74 43.50
CA VAL X 118 51.23 24.40 44.06
C VAL X 118 49.93 24.25 44.85
N ARG X 119 49.27 23.11 44.71
CA ARG X 119 47.99 22.75 45.33
C ARG X 119 48.19 21.45 46.12
N LEU X 120 47.40 21.19 47.14
CA LEU X 120 47.28 19.80 47.59
C LEU X 120 46.77 18.88 46.48
N PHE X 121 47.15 17.61 46.52
CA PHE X 121 46.54 16.54 45.72
C PHE X 121 45.91 15.46 46.60
N GLU X 122 46.54 15.14 47.74
CA GLU X 122 46.02 14.29 48.83
C GLU X 122 46.07 15.06 50.16
N SER X 123 45.24 14.72 51.14
CA SER X 123 45.32 15.32 52.48
C SER X 123 46.70 15.09 53.11
N PRO X 124 47.37 16.10 53.71
CA PRO X 124 48.62 15.88 54.45
C PRO X 124 48.45 14.84 55.55
N THR X 125 49.41 13.93 55.71
CA THR X 125 49.35 12.87 56.73
C THR X 125 50.66 12.73 57.51
N THR X 126 50.57 12.62 58.83
CA THR X 126 51.64 12.08 59.70
C THR X 126 51.27 10.67 60.13
N ASP X 127 52.23 9.74 60.11
CA ASP X 127 52.07 8.44 60.77
C ASP X 127 51.84 8.60 62.28
N MET X 128 50.99 7.75 62.86
CA MET X 128 50.63 7.76 64.27
C MET X 128 50.83 6.37 64.89
N VAL X 129 52.08 5.95 64.97
CA VAL X 129 52.50 4.76 65.71
C VAL X 129 52.26 4.97 67.21
N THR X 130 52.58 6.15 67.72
CA THR X 130 52.24 6.66 69.05
C THR X 130 51.71 8.08 68.88
N ASP X 131 51.01 8.66 69.86
CA ASP X 131 50.52 10.05 69.86
C ASP X 131 51.58 11.05 69.33
N PRO X 132 51.33 11.78 68.22
CA PRO X 132 52.29 12.71 67.65
C PRO X 132 52.81 13.74 68.63
N ARG X 133 51.96 14.17 69.56
CA ARG X 133 52.31 15.18 70.55
C ARG X 133 53.38 14.68 71.53
N GLY X 134 53.53 13.37 71.67
CA GLY X 134 54.53 12.75 72.52
C GLY X 134 55.85 12.49 71.81
N ARG X 135 55.91 12.63 70.49
CA ARG X 135 57.13 12.48 69.69
C ARG X 135 57.83 13.82 69.59
N GLU X 136 59.15 13.81 69.65
CA GLU X 136 60.00 14.98 69.67
C GLU X 136 60.16 15.70 68.34
N VAL X 137 59.87 15.02 67.23
CA VAL X 137 59.70 15.53 65.86
C VAL X 137 58.72 14.64 65.10
N ASN X 138 58.02 15.18 64.11
CA ASN X 138 57.18 14.41 63.21
C ASN X 138 57.31 14.88 61.76
N ILE X 139 57.24 13.94 60.82
CA ILE X 139 57.25 14.21 59.38
C ILE X 139 55.83 14.19 58.84
N THR X 140 55.38 15.33 58.32
CA THR X 140 54.13 15.41 57.56
C THR X 140 54.44 15.11 56.11
N LYS X 141 53.81 14.10 55.52
CA LYS X 141 54.00 13.77 54.09
C LYS X 141 53.09 14.64 53.24
N MET X 142 53.65 15.23 52.20
CA MET X 142 52.98 16.13 51.27
C MET X 142 52.94 15.51 49.88
N VAL X 143 51.74 15.31 49.32
CA VAL X 143 51.59 15.01 47.89
C VAL X 143 50.91 16.21 47.27
N VAL X 144 51.64 16.90 46.41
CA VAL X 144 51.33 18.23 45.90
C VAL X 144 51.29 18.20 44.38
N VAL X 145 50.44 19.01 43.77
CA VAL X 145 50.33 19.10 42.31
C VAL X 145 50.50 20.53 41.86
N ALA X 146 51.21 20.72 40.76
CA ALA X 146 51.15 21.95 39.98
C ALA X 146 50.57 21.64 38.59
N GLY X 147 49.33 22.06 38.37
CA GLY X 147 48.63 21.93 37.10
C GLY X 147 49.15 22.87 36.02
N ASP X 148 49.69 24.03 36.39
CA ASP X 148 50.55 24.86 35.54
C ASP X 148 52.01 24.49 35.87
N PRO X 149 52.71 23.73 35.03
CA PRO X 149 53.85 22.94 35.49
C PRO X 149 55.19 23.68 35.46
N PHE X 150 55.25 24.95 35.09
CA PHE X 150 56.50 25.72 34.96
C PHE X 150 56.84 26.57 36.17
N TRP X 151 58.10 26.93 36.33
CA TRP X 151 58.64 27.79 37.36
C TRP X 151 58.72 29.22 36.83
N TYR X 152 58.03 30.14 37.48
CA TYR X 152 57.84 31.51 37.02
C TYR X 152 58.79 32.46 37.72
N GLU X 153 59.27 33.46 36.99
CA GLU X 153 59.84 34.66 37.60
C GLU X 153 58.74 35.62 38.06
N ASP X 154 59.07 36.56 38.96
CA ASP X 154 58.18 37.65 39.31
C ASP X 154 57.84 38.50 38.07
N ASP X 155 56.58 38.91 37.93
CA ASP X 155 56.09 39.53 36.70
C ASP X 155 56.71 40.92 36.43
N VAL X 156 57.21 41.10 35.21
CA VAL X 156 57.69 42.37 34.70
C VAL X 156 56.71 42.90 33.67
N VAL X 157 56.26 44.13 33.85
CA VAL X 157 55.41 44.88 32.94
C VAL X 157 56.26 45.92 32.25
N TYR X 158 56.25 45.97 30.92
CA TYR X 158 56.95 47.00 30.15
C TYR X 158 55.95 48.10 29.79
N PRO X 159 56.03 49.31 30.37
CA PRO X 159 55.15 50.41 30.03
C PRO X 159 55.48 51.03 28.66
N ILE X 160 54.45 51.28 27.86
CA ILE X 160 54.51 52.01 26.60
C ILE X 160 53.68 53.29 26.76
N GLU X 161 54.29 54.46 26.74
CA GLU X 161 53.59 55.74 27.03
C GLU X 161 53.32 56.58 25.80
N VAL X 162 52.08 57.02 25.61
CA VAL X 162 51.66 57.99 24.58
C VAL X 162 52.16 59.37 24.96
N GLN X 163 52.92 60.03 24.09
CA GLN X 163 53.63 61.27 24.43
C GLN X 163 53.31 62.46 23.52
N GLU X 164 52.54 62.30 22.45
CA GLU X 164 51.99 63.45 21.71
C GLU X 164 50.49 63.30 21.42
N ASP X 165 49.76 64.41 21.32
CA ASP X 165 48.33 64.37 21.05
C ASP X 165 48.06 63.92 19.61
N THR X 166 47.29 62.86 19.45
CA THR X 166 46.88 62.31 18.15
C THR X 166 45.36 62.37 17.97
N THR X 167 44.65 63.14 18.77
CA THR X 167 43.19 63.34 18.68
C THR X 167 42.79 64.02 17.37
N PHE X 168 41.64 63.63 16.83
CA PHE X 168 41.05 64.20 15.63
C PHE X 168 39.52 64.27 15.75
N ASP X 169 38.88 65.16 15.00
CA ASP X 169 37.43 65.20 14.85
C ASP X 169 36.97 64.12 13.85
N PRO X 170 36.17 63.12 14.25
CA PRO X 170 35.71 62.06 13.36
C PRO X 170 34.55 62.49 12.47
N ASN X 171 33.87 63.60 12.74
CA ASN X 171 32.68 64.02 12.01
C ASN X 171 32.87 64.18 10.49
N PRO X 172 33.93 64.83 9.97
CA PRO X 172 34.12 64.98 8.52
C PRO X 172 34.62 63.73 7.79
N LEU X 173 34.97 62.64 8.48
CA LEU X 173 35.55 61.45 7.85
C LEU X 173 34.47 60.55 7.20
N PRO X 174 34.79 59.81 6.12
CA PRO X 174 33.98 58.68 5.65
C PRO X 174 34.14 57.47 6.56
N TRP X 175 33.32 56.43 6.38
CA TRP X 175 33.43 55.19 7.16
C TRP X 175 33.63 53.95 6.27
N PRO X 176 34.59 53.06 6.57
CA PRO X 176 35.61 53.18 7.62
C PRO X 176 36.53 54.38 7.44
N TRP X 177 37.08 54.91 8.54
CA TRP X 177 37.96 56.07 8.51
C TRP X 177 39.24 55.82 7.67
N PRO X 178 39.71 56.77 6.86
CA PRO X 178 40.85 56.59 5.95
C PRO X 178 42.19 56.58 6.70
N GLN X 179 42.79 55.41 6.85
CA GLN X 179 43.85 55.13 7.82
C GLN X 179 45.14 55.95 7.69
N PRO X 180 45.74 56.19 6.51
CA PRO X 180 46.94 57.01 6.39
C PRO X 180 46.70 58.51 6.55
N GLU X 181 45.46 59.00 6.63
CA GLU X 181 45.15 60.43 6.82
C GLU X 181 45.07 60.83 8.30
N LEU X 182 44.87 59.85 9.19
CA LEU X 182 44.80 60.12 10.62
C LEU X 182 46.16 60.56 11.18
N PRO X 183 46.23 61.46 12.16
CA PRO X 183 47.45 61.76 12.89
C PRO X 183 47.90 60.55 13.71
N VAL X 184 49.17 60.18 13.65
CA VAL X 184 49.69 58.94 14.26
C VAL X 184 51.00 59.17 15.00
N GLU X 185 51.15 58.59 16.19
CA GLU X 185 52.38 58.55 16.99
C GLU X 185 52.99 57.14 16.89
N ASP X 186 54.30 57.05 16.66
CA ASP X 186 55.05 55.79 16.79
C ASP X 186 55.70 55.70 18.16
N ILE X 187 55.48 54.62 18.90
CA ILE X 187 56.17 54.32 20.15
C ILE X 187 56.97 53.02 20.02
N GLU X 188 58.28 53.08 20.21
CA GLU X 188 59.13 51.90 20.25
C GLU X 188 59.48 51.58 21.69
N ILE X 189 59.31 50.32 22.10
CA ILE X 189 59.96 49.78 23.29
C ILE X 189 60.96 48.70 22.90
N THR X 190 62.16 48.74 23.48
CA THR X 190 63.16 47.67 23.31
C THR X 190 63.22 46.84 24.58
N VAL X 191 63.06 45.52 24.46
CA VAL X 191 63.16 44.57 25.56
C VAL X 191 64.50 43.86 25.45
N PRO X 192 65.38 43.93 26.46
CA PRO X 192 66.76 43.48 26.31
C PRO X 192 66.90 41.96 26.23
N ASN X 193 66.03 41.20 26.89
CA ASN X 193 65.92 39.75 26.75
C ASN X 193 64.44 39.36 26.66
N ALA X 194 63.93 39.18 25.44
CA ALA X 194 62.51 38.95 25.21
C ALA X 194 62.04 37.56 25.65
N ASN X 195 62.84 36.53 25.45
CA ASN X 195 62.59 35.20 25.98
C ASN X 195 63.91 34.48 26.27
N PRO X 196 64.50 34.64 27.46
CA PRO X 196 65.70 33.90 27.84
C PRO X 196 65.45 32.44 28.23
N THR X 197 64.19 31.98 28.22
CA THR X 197 63.76 30.69 28.73
C THR X 197 63.79 29.58 27.68
N ASP X 198 63.61 28.34 28.11
CA ASP X 198 63.53 27.16 27.26
C ASP X 198 62.17 26.94 26.58
N ASN X 199 61.14 27.72 26.90
CA ASN X 199 59.75 27.56 26.45
C ASN X 199 59.27 28.78 25.66
N ILE X 200 58.32 28.61 24.75
CA ILE X 200 57.69 29.73 24.04
C ILE X 200 57.04 30.74 24.99
N ILE X 201 57.00 32.02 24.59
CA ILE X 201 56.24 33.08 25.27
C ILE X 201 55.17 33.61 24.31
N TRP X 202 53.93 33.69 24.75
CA TRP X 202 52.86 34.39 24.05
C TRP X 202 52.72 35.82 24.60
N PRO X 203 53.02 36.88 23.82
CA PRO X 203 52.88 38.27 24.26
C PRO X 203 51.49 38.61 24.78
N LYS X 204 51.40 39.35 25.89
CA LYS X 204 50.16 39.97 26.37
C LYS X 204 50.24 41.49 26.34
N TRP X 205 49.21 42.15 25.85
CA TRP X 205 49.15 43.61 25.75
C TRP X 205 47.93 44.16 26.48
N THR X 206 48.07 45.33 27.08
CA THR X 206 46.95 46.15 27.53
C THR X 206 46.95 47.44 26.72
N LEU X 207 45.86 47.77 26.05
CA LEU X 207 45.75 48.94 25.19
C LEU X 207 44.60 49.85 25.64
N PRO X 208 44.82 51.13 26.01
CA PRO X 208 43.75 52.02 26.44
C PRO X 208 42.88 52.58 25.31
N GLY X 209 41.60 52.83 25.61
CA GLY X 209 40.61 53.49 24.74
C GLY X 209 40.58 55.01 24.91
N SER X 210 39.72 55.70 24.15
CA SER X 210 39.68 57.18 24.16
C SER X 210 39.25 57.78 25.50
N SER X 211 39.64 59.01 25.76
CA SER X 211 39.19 59.79 26.92
C SER X 211 37.85 60.51 26.67
N GLU X 212 37.55 60.80 25.42
CA GLU X 212 36.37 61.53 24.96
C GLU X 212 35.07 60.71 25.04
N LYS X 213 33.94 61.39 25.27
CA LYS X 213 32.61 60.77 25.34
C LYS X 213 32.13 60.31 23.96
N PRO X 214 31.46 59.15 23.82
CA PRO X 214 30.90 58.74 22.53
C PRO X 214 29.84 59.70 21.99
N ALA X 215 29.61 59.66 20.68
CA ALA X 215 28.69 60.57 19.99
C ALA X 215 27.21 60.28 20.21
N GLU X 216 26.85 59.06 20.63
CA GLU X 216 25.46 58.60 20.70
C GLU X 216 25.20 57.84 22.02
N PRO X 217 24.09 58.09 22.74
CA PRO X 217 23.77 57.35 23.96
C PRO X 217 23.43 55.90 23.65
N TYR X 218 23.70 55.02 24.61
CA TYR X 218 23.49 53.58 24.48
C TYR X 218 22.22 53.15 25.18
N ILE X 219 21.45 52.27 24.54
CA ILE X 219 20.33 51.56 25.16
C ILE X 219 20.66 50.06 25.14
N PRO X 220 20.86 49.41 26.30
CA PRO X 220 21.11 47.98 26.36
C PRO X 220 20.01 47.17 25.67
N GLY X 221 20.40 46.19 24.85
CA GLY X 221 19.47 45.27 24.19
C GLY X 221 18.87 45.77 22.87
N LEU X 222 19.39 46.83 22.27
CA LEU X 222 19.15 47.17 20.86
C LEU X 222 20.43 47.63 20.15
N PRO X 223 20.53 47.54 18.81
CA PRO X 223 21.72 47.95 18.06
C PRO X 223 22.05 49.43 18.25
N TRP X 224 23.33 49.77 18.24
CA TRP X 224 23.84 51.13 18.43
C TRP X 224 24.68 51.56 17.23
N LEU X 225 24.63 52.83 16.85
CA LEU X 225 25.28 53.34 15.65
C LEU X 225 25.99 54.69 15.88
N GLY X 226 26.52 54.89 17.09
CA GLY X 226 27.46 55.98 17.36
C GLY X 226 28.84 55.76 16.76
N ALA X 227 29.21 54.52 16.42
CA ALA X 227 30.56 54.13 16.02
C ALA X 227 31.24 55.03 14.97
N PRO X 228 30.62 55.44 13.86
CA PRO X 228 31.33 56.17 12.81
C PRO X 228 31.62 57.63 13.15
N LYS X 229 30.83 58.26 14.03
CA LYS X 229 31.05 59.64 14.50
C LYS X 229 31.61 59.71 15.92
N SER X 230 31.75 58.59 16.61
CA SER X 230 32.31 58.55 17.96
C SER X 230 33.83 58.60 17.96
N PRO X 231 34.48 59.40 18.82
CA PRO X 231 35.93 59.39 18.95
C PRO X 231 36.45 58.06 19.54
N ALA X 232 37.59 57.59 19.03
CA ALA X 232 38.21 56.33 19.41
C ALA X 232 39.73 56.42 19.39
N THR X 233 40.41 55.61 20.18
CA THR X 233 41.84 55.32 19.98
C THR X 233 41.99 54.16 19.00
N LEU X 234 42.97 54.21 18.11
CA LEU X 234 43.34 53.16 17.16
C LEU X 234 44.79 52.78 17.42
N TRP X 235 45.06 51.50 17.63
CA TRP X 235 46.39 50.97 17.91
C TRP X 235 46.82 50.00 16.83
N THR X 236 48.10 50.04 16.50
CA THR X 236 48.76 49.04 15.67
C THR X 236 49.81 48.33 16.48
N VAL X 237 49.70 46.99 16.55
CA VAL X 237 50.37 46.17 17.56
C VAL X 237 51.17 45.05 16.88
N PRO X 238 52.46 44.86 17.22
CA PRO X 238 53.28 43.76 16.72
C PRO X 238 52.69 42.36 16.88
N ASP X 239 52.90 41.52 15.88
CA ASP X 239 52.72 40.06 15.90
C ASP X 239 53.84 39.38 15.10
N TYR X 240 55.08 39.69 15.42
CA TYR X 240 56.26 39.31 14.65
C TYR X 240 56.54 37.80 14.67
N LYS X 241 56.71 37.17 13.51
CA LYS X 241 57.31 35.84 13.38
C LYS X 241 58.83 35.97 13.52
N LEU X 242 59.34 35.85 14.73
CA LEU X 242 60.80 35.86 14.99
C LEU X 242 61.47 34.51 14.67
N ASP X 243 60.67 33.46 14.47
CA ASP X 243 61.07 32.06 14.24
C ASP X 243 61.19 31.71 12.73
N LEU X 244 61.58 32.65 11.87
CA LEU X 244 61.66 32.47 10.42
C LEU X 244 62.83 31.58 9.99
N ASP X 245 62.54 30.47 9.33
CA ASP X 245 63.46 29.80 8.41
C ASP X 245 63.48 30.51 7.04
N GLU X 246 64.52 30.28 6.24
CA GLU X 246 64.50 30.66 4.81
C GLU X 246 63.35 29.97 4.06
N ASP X 247 62.90 30.56 2.96
CA ASP X 247 61.74 30.10 2.18
C ASP X 247 60.37 30.20 2.90
N GLU X 248 60.25 31.07 3.90
CA GLU X 248 58.96 31.55 4.45
C GLU X 248 58.88 33.08 4.35
N ASP X 249 57.67 33.62 4.20
CA ASP X 249 57.41 35.01 3.80
C ASP X 249 58.03 36.04 4.78
N PRO X 250 59.02 36.85 4.37
CA PRO X 250 59.72 37.77 5.26
C PRO X 250 58.84 38.84 5.90
N SER X 251 57.70 39.17 5.30
CA SER X 251 56.77 40.16 5.86
C SER X 251 56.10 39.66 7.16
N LEU X 252 56.06 38.35 7.42
CA LEU X 252 55.60 37.82 8.70
C LEU X 252 56.51 38.26 9.86
N GLY X 253 57.78 38.53 9.59
CA GLY X 253 58.75 38.96 10.59
C GLY X 253 58.59 40.41 11.03
N THR X 254 57.79 41.20 10.33
CA THR X 254 57.46 42.59 10.68
C THR X 254 55.95 42.80 10.87
N ARG X 255 55.16 41.71 10.85
CA ARG X 255 53.70 41.74 10.93
C ARG X 255 53.20 42.59 12.09
N ARG X 256 52.30 43.51 11.78
CA ARG X 256 51.60 44.38 12.72
C ARG X 256 50.10 44.27 12.45
N ILE X 257 49.30 44.25 13.49
CA ILE X 257 47.84 44.17 13.43
C ILE X 257 47.22 45.54 13.72
N ARG X 258 46.40 46.04 12.80
CA ARG X 258 45.52 47.21 13.02
C ARG X 258 44.33 46.76 13.86
N MET X 259 44.31 47.15 15.12
CA MET X 259 43.18 46.86 16.02
C MET X 259 41.98 47.73 15.66
N PRO X 260 40.74 47.28 15.90
CA PRO X 260 39.56 48.13 15.72
C PRO X 260 39.58 49.30 16.72
N GLY X 261 38.89 50.39 16.39
CA GLY X 261 38.87 51.57 17.24
C GLY X 261 38.25 51.32 18.61
N GLN X 262 38.84 51.85 19.67
CA GLN X 262 38.37 51.73 21.03
C GLN X 262 37.74 53.03 21.51
N ILE X 263 36.43 53.06 21.66
CA ILE X 263 35.64 54.22 22.13
C ILE X 263 35.76 54.44 23.64
N GLY X 264 35.30 55.58 24.12
CA GLY X 264 35.21 55.91 25.55
C GLY X 264 34.04 55.22 26.23
N GLY X 265 33.73 55.62 27.46
CA GLY X 265 32.64 55.02 28.21
C GLY X 265 31.26 55.28 27.58
N LEU X 266 30.55 54.23 27.18
CA LEU X 266 29.17 54.34 26.73
C LEU X 266 28.29 54.83 27.88
N ARG X 267 27.37 55.74 27.58
CA ARG X 267 26.43 56.30 28.55
C ARG X 267 25.02 55.87 28.26
N VAL X 268 24.31 55.41 29.29
CA VAL X 268 22.89 55.08 29.26
C VAL X 268 22.12 56.23 29.92
N GLU X 269 21.15 56.80 29.21
CA GLU X 269 20.32 57.89 29.75
C GLU X 269 19.25 57.35 30.69
N GLU X 270 19.10 57.92 31.88
CA GLU X 270 17.95 57.60 32.73
C GLU X 270 16.64 57.99 32.03
N VAL X 271 15.67 57.09 32.05
CA VAL X 271 14.32 57.34 31.54
C VAL X 271 13.32 56.95 32.61
N GLN X 272 12.43 57.85 32.95
CA GLN X 272 11.35 57.66 33.94
C GLN X 272 10.03 58.07 33.33
N GLN X 273 8.99 57.27 33.50
CA GLN X 273 7.67 57.49 32.90
C GLN X 273 6.71 58.03 33.95
N ILE X 274 6.15 59.21 33.74
CA ILE X 274 5.14 59.81 34.61
C ILE X 274 3.76 59.45 34.07
N TYR X 275 3.03 58.61 34.80
CA TYR X 275 1.63 58.31 34.56
C TYR X 275 0.76 59.11 35.52
N ILE X 276 -0.31 59.75 35.02
CA ILE X 276 -1.34 60.37 35.84
C ILE X 276 -2.68 59.65 35.59
N ASP X 277 -3.33 59.22 36.66
CA ASP X 277 -4.39 58.22 36.67
C ASP X 277 -5.70 58.81 37.22
N GLY X 278 -6.85 58.24 36.83
CA GLY X 278 -8.16 58.63 37.38
C GLY X 278 -8.86 59.79 36.70
N ARG X 279 -8.40 60.18 35.50
CA ARG X 279 -8.92 61.22 34.62
C ARG X 279 -9.09 62.61 35.26
N PRO X 280 -8.05 63.19 35.88
CA PRO X 280 -8.15 64.51 36.45
C PRO X 280 -8.48 65.55 35.38
N THR X 281 -9.37 66.48 35.72
CA THR X 281 -9.66 67.67 34.91
C THR X 281 -9.73 68.90 35.81
N GLY X 282 -9.07 69.97 35.38
CA GLY X 282 -8.82 71.15 36.21
C GLY X 282 -7.76 70.91 37.29
N GLY X 283 -7.29 72.01 37.88
CA GLY X 283 -6.26 71.97 38.91
C GLY X 283 -4.87 71.70 38.35
N THR X 284 -3.96 71.32 39.24
CA THR X 284 -2.52 71.29 38.98
C THR X 284 -1.79 70.22 39.81
N PHE X 285 -0.64 69.75 39.35
CA PHE X 285 0.21 68.75 40.02
C PHE X 285 1.66 69.24 40.05
N LYS X 286 2.55 68.56 40.76
CA LYS X 286 3.98 68.93 40.82
C LYS X 286 4.90 67.72 40.86
N ILE X 287 6.10 67.89 40.30
CA ILE X 287 7.14 66.87 40.18
C ILE X 287 8.23 67.17 41.22
N GLY X 288 8.51 66.20 42.08
CA GLY X 288 9.54 66.23 43.10
C GLY X 288 10.80 65.52 42.61
N TYR X 289 11.94 66.19 42.69
CA TYR X 289 13.21 65.74 42.15
C TYR X 289 14.34 66.14 43.10
N GLY X 290 14.83 65.19 43.91
CA GLY X 290 15.99 65.43 44.77
C GLY X 290 15.73 66.47 45.85
N ASP X 291 14.67 66.28 46.64
CA ASP X 291 14.26 67.19 47.73
C ASP X 291 13.93 68.63 47.28
N GLU X 292 13.43 68.78 46.05
CA GLU X 292 12.99 70.05 45.48
C GLU X 292 11.77 69.84 44.56
N TRP X 293 10.93 70.86 44.42
CA TRP X 293 9.66 70.82 43.68
C TRP X 293 9.54 72.02 42.74
N THR X 294 9.17 71.79 41.49
CA THR X 294 8.98 72.89 40.53
C THR X 294 7.63 73.61 40.75
N GLU X 295 7.39 74.72 40.07
CA GLU X 295 6.11 75.42 40.13
C GLU X 295 4.96 74.51 39.65
N PRO X 296 3.77 74.59 40.25
CA PRO X 296 2.65 73.71 39.88
C PRO X 296 2.33 73.76 38.38
N ILE X 297 2.08 72.60 37.78
CA ILE X 297 1.86 72.41 36.34
C ILE X 297 0.44 71.88 36.06
N ALA X 298 -0.18 72.34 34.97
CA ALA X 298 -1.59 72.08 34.69
C ALA X 298 -1.89 70.62 34.34
N TYR X 299 -3.11 70.15 34.60
CA TYR X 299 -3.55 68.80 34.20
C TYR X 299 -3.46 68.54 32.68
N ASN X 300 -3.57 69.58 31.86
CA ASN X 300 -3.56 69.51 30.41
C ASN X 300 -2.16 69.70 29.79
N ALA X 301 -1.12 69.82 30.61
CA ALA X 301 0.21 70.26 30.17
C ALA X 301 0.79 69.39 29.04
N SER X 302 1.36 70.05 28.02
CA SER X 302 2.10 69.37 26.96
C SER X 302 3.46 68.87 27.46
N PRO X 303 4.13 67.92 26.77
CA PRO X 303 5.50 67.56 27.08
C PRO X 303 6.43 68.77 27.15
N ASN X 304 6.23 69.77 26.30
CA ASN X 304 7.03 70.99 26.28
C ASN X 304 6.82 71.84 27.53
N ASP X 305 5.61 71.89 28.09
CA ASP X 305 5.34 72.53 29.37
C ASP X 305 5.97 71.76 30.54
N VAL X 306 5.89 70.43 30.53
CA VAL X 306 6.56 69.58 31.53
C VAL X 306 8.08 69.78 31.45
N ARG X 307 8.65 69.86 30.24
CA ARG X 307 10.07 70.17 30.06
C ARG X 307 10.43 71.53 30.63
N ALA X 308 9.66 72.58 30.34
CA ALA X 308 9.90 73.90 30.89
C ALA X 308 9.82 73.91 32.43
N ALA X 309 8.85 73.23 33.02
CA ALA X 309 8.76 73.10 34.47
C ALA X 309 9.96 72.37 35.07
N LEU X 310 10.43 71.26 34.48
CA LEU X 310 11.59 70.54 35.00
C LEU X 310 12.87 71.36 34.83
N ILE X 311 13.14 71.95 33.68
CA ILE X 311 14.35 72.76 33.48
C ILE X 311 14.38 73.99 34.41
N ALA X 312 13.23 74.57 34.74
CA ALA X 312 13.15 75.70 35.67
C ALA X 312 13.59 75.35 37.10
N LEU X 313 13.66 74.06 37.46
CA LEU X 313 14.21 73.59 38.72
C LEU X 313 15.75 73.65 38.64
N GLU X 314 16.40 74.39 39.54
CA GLU X 314 17.84 74.69 39.46
C GLU X 314 18.77 73.46 39.47
N GLY X 315 18.29 72.28 39.89
CA GLY X 315 19.03 71.02 39.80
C GLY X 315 19.16 70.41 38.40
N ILE X 316 18.49 70.95 37.38
CA ILE X 316 18.55 70.51 35.98
C ILE X 316 19.04 71.68 35.11
N SER X 317 20.14 71.54 34.36
CA SER X 317 20.64 72.65 33.51
C SER X 317 19.89 72.72 32.17
N ALA X 318 20.21 73.73 31.37
CA ALA X 318 19.38 74.22 30.26
C ALA X 318 18.97 73.21 29.19
N ASN X 319 19.64 72.05 29.08
CA ASN X 319 19.28 71.00 28.12
C ASN X 319 19.31 69.58 28.72
N ASP X 320 19.30 69.45 30.05
CA ASP X 320 19.53 68.15 30.70
C ASP X 320 18.30 67.24 30.80
N VAL X 321 17.14 67.67 30.32
CA VAL X 321 15.93 66.85 30.22
C VAL X 321 15.28 67.00 28.84
N GLU X 322 14.74 65.91 28.32
CA GLU X 322 13.82 65.84 27.20
C GLU X 322 12.55 65.10 27.63
N VAL X 323 11.38 65.52 27.12
CA VAL X 323 10.08 64.95 27.48
C VAL X 323 9.24 64.70 26.23
N SER X 324 8.55 63.58 26.18
CA SER X 324 7.61 63.24 25.10
C SER X 324 6.48 62.36 25.61
N LEU X 325 5.37 62.24 24.88
CA LEU X 325 4.31 61.29 25.23
C LEU X 325 4.72 59.86 24.84
N GLY X 326 4.59 58.94 25.79
CA GLY X 326 4.96 57.53 25.63
C GLY X 326 3.93 56.69 24.87
N GLY X 327 4.13 55.37 24.94
CA GLY X 327 3.30 54.39 24.24
C GLY X 327 1.88 54.35 24.78
N ALA X 328 0.92 54.28 23.87
CA ALA X 328 -0.50 54.26 24.18
C ALA X 328 -0.93 52.99 24.94
N THR X 329 -1.74 53.18 25.98
CA THR X 329 -2.67 52.17 26.51
C THR X 329 -4.06 52.54 26.02
N ASN X 330 -4.79 51.61 25.42
CA ASN X 330 -6.11 51.87 24.84
C ASN X 330 -7.24 51.58 25.83
N GLU X 331 -8.21 52.49 25.89
CA GLU X 331 -9.42 52.33 26.69
C GLU X 331 -10.23 51.12 26.21
N VAL X 332 -10.65 50.27 27.14
CA VAL X 332 -11.62 49.20 26.90
C VAL X 332 -12.78 49.38 27.87
N GLN X 333 -14.00 49.54 27.36
CA GLN X 333 -15.21 49.70 28.17
C GLN X 333 -16.22 48.63 27.82
N THR X 334 -17.14 48.35 28.73
CA THR X 334 -18.21 47.37 28.50
C THR X 334 -19.59 47.99 28.68
N VAL X 335 -20.54 47.46 27.93
CA VAL X 335 -21.96 47.83 28.00
C VAL X 335 -22.77 46.54 28.13
N ARG X 336 -23.78 46.55 28.99
CA ARG X 336 -24.71 45.43 29.17
C ARG X 336 -26.11 45.94 29.49
N LEU X 337 -27.12 45.20 29.08
CA LEU X 337 -28.52 45.46 29.39
C LEU X 337 -29.00 44.52 30.48
N LYS X 338 -29.73 45.03 31.47
CA LYS X 338 -30.37 44.23 32.52
C LYS X 338 -31.90 44.34 32.44
N GLY X 339 -32.56 43.24 32.79
CA GLY X 339 -33.99 43.02 32.52
C GLY X 339 -34.26 42.76 31.03
N GLY X 340 -35.25 41.93 30.73
CA GLY X 340 -35.54 41.54 29.35
C GLY X 340 -36.18 42.67 28.55
N ALA X 341 -35.37 43.43 27.83
CA ALA X 341 -35.87 44.33 26.81
C ALA X 341 -36.18 43.55 25.53
N LEU X 342 -37.45 43.24 25.26
CA LEU X 342 -37.87 42.50 24.07
C LEU X 342 -38.35 43.43 22.94
N GLY X 343 -38.07 44.73 23.03
CA GLY X 343 -38.39 45.72 22.01
C GLY X 343 -37.79 47.09 22.31
N GLY X 344 -37.85 47.99 21.32
CA GLY X 344 -37.40 49.37 21.45
C GLY X 344 -35.88 49.57 21.27
N THR X 345 -35.36 50.66 21.80
CA THR X 345 -33.95 51.07 21.64
C THR X 345 -33.38 51.71 22.90
N PHE X 346 -32.06 51.63 23.08
CA PHE X 346 -31.31 52.39 24.07
C PHE X 346 -30.39 53.40 23.40
N THR X 347 -29.79 54.28 24.18
CA THR X 347 -28.80 55.25 23.72
C THR X 347 -27.66 55.35 24.72
N LEU X 348 -26.51 55.83 24.25
CA LEU X 348 -25.25 55.95 24.97
C LEU X 348 -24.69 57.35 24.75
N SER X 349 -23.80 57.78 25.62
CA SER X 349 -23.18 59.10 25.51
C SER X 349 -21.74 59.09 26.00
N LEU X 350 -20.91 59.91 25.36
CA LEU X 350 -19.57 60.28 25.80
C LEU X 350 -19.58 61.78 26.05
N GLY X 351 -19.26 62.23 27.26
CA GLY X 351 -19.19 63.66 27.58
C GLY X 351 -20.48 64.38 27.20
N SER X 352 -20.37 65.41 26.36
CA SER X 352 -21.49 66.22 25.87
C SER X 352 -22.24 65.63 24.66
N GLU X 353 -21.93 64.42 24.22
CA GLU X 353 -22.30 63.89 22.90
C GLU X 353 -22.97 62.50 23.00
N THR X 354 -23.96 62.23 22.14
CA THR X 354 -24.96 61.16 22.36
C THR X 354 -25.42 60.46 21.08
N THR X 355 -25.78 59.19 21.20
CA THR X 355 -25.86 58.28 20.06
C THR X 355 -27.28 58.04 19.57
N VAL X 356 -27.47 57.96 18.24
CA VAL X 356 -28.71 57.45 17.64
C VAL X 356 -29.11 56.13 18.29
N GLY X 357 -30.41 55.90 18.47
CA GLY X 357 -30.93 54.77 19.22
C GLY X 357 -30.48 53.42 18.67
N ILE X 358 -29.96 52.58 19.56
CA ILE X 358 -29.40 51.27 19.30
C ILE X 358 -30.46 50.21 19.66
N PRO X 359 -30.83 49.30 18.75
CA PRO X 359 -31.83 48.27 19.03
C PRO X 359 -31.55 47.43 20.27
N PHE X 360 -32.62 47.01 20.94
CA PHE X 360 -32.58 46.00 22.00
C PHE X 360 -31.88 44.70 21.58
N ASN X 361 -31.81 44.45 20.28
CA ASN X 361 -31.32 43.25 19.64
C ASN X 361 -29.88 43.38 19.10
N ALA X 362 -29.19 44.49 19.38
CA ALA X 362 -28.07 44.97 18.59
C ALA X 362 -26.95 43.96 18.35
N SER X 363 -26.53 43.87 17.11
CA SER X 363 -25.29 43.20 16.71
C SER X 363 -24.08 43.92 17.28
N ASP X 364 -22.94 43.25 17.37
CA ASP X 364 -21.66 43.90 17.66
C ASP X 364 -21.41 45.06 16.67
N ALA X 365 -21.68 44.81 15.39
CA ALA X 365 -21.59 45.80 14.32
C ALA X 365 -22.60 46.95 14.44
N ASP X 366 -23.79 46.74 15.01
CA ASP X 366 -24.78 47.80 15.14
C ASP X 366 -24.34 48.82 16.18
N LEU X 367 -23.86 48.34 17.33
CA LEU X 367 -23.36 49.21 18.37
C LEU X 367 -22.10 49.95 17.90
N GLN X 368 -21.25 49.31 17.10
CA GLN X 368 -20.11 50.00 16.51
C GLN X 368 -20.56 51.12 15.56
N GLY X 369 -21.54 50.87 14.71
CA GLY X 369 -22.10 51.89 13.82
C GLY X 369 -22.65 53.09 14.56
N ALA X 370 -23.34 52.83 15.66
CA ALA X 370 -23.83 53.84 16.56
C ALA X 370 -22.69 54.66 17.16
N LEU X 371 -21.72 54.02 17.83
CA LEU X 371 -20.55 54.69 18.44
C LEU X 371 -19.70 55.48 17.44
N VAL X 372 -19.62 55.02 16.20
CA VAL X 372 -18.91 55.70 15.11
C VAL X 372 -19.65 56.94 14.61
N GLY X 373 -20.94 57.12 14.94
CA GLY X 373 -21.71 58.29 14.51
C GLY X 373 -21.40 59.58 15.24
N LEU X 374 -20.73 59.53 16.38
CA LEU X 374 -20.46 60.67 17.23
C LEU X 374 -19.38 61.60 16.66
N ASP X 375 -19.42 62.89 16.96
CA ASP X 375 -18.47 63.88 16.44
C ASP X 375 -17.00 63.61 16.84
N SER X 376 -16.75 62.95 17.98
CA SER X 376 -15.42 62.71 18.52
C SER X 376 -14.76 61.38 18.11
N ILE X 377 -15.50 60.43 17.54
CA ILE X 377 -15.02 59.07 17.22
C ILE X 377 -15.19 58.82 15.71
N GLY X 378 -14.11 58.48 15.02
CA GLY X 378 -14.09 58.21 13.58
C GLY X 378 -14.31 56.73 13.23
N SER X 379 -14.46 56.43 11.95
CA SER X 379 -14.76 55.08 11.46
C SER X 379 -13.76 54.01 11.90
N ALA X 380 -12.50 54.38 12.09
CA ALA X 380 -11.43 53.48 12.51
C ALA X 380 -11.08 53.58 14.02
N ASP X 381 -11.74 54.45 14.78
CA ASP X 381 -11.31 54.76 16.15
C ASP X 381 -11.92 53.85 17.23
N VAL X 382 -12.83 52.95 16.90
CA VAL X 382 -13.45 52.04 17.87
C VAL X 382 -13.85 50.73 17.22
N ARG X 383 -13.81 49.63 17.97
CA ARG X 383 -14.30 48.31 17.56
C ARG X 383 -15.04 47.62 18.68
N VAL X 384 -15.99 46.76 18.34
CA VAL X 384 -16.91 46.13 19.30
C VAL X 384 -16.96 44.64 19.08
N LYS X 385 -16.99 43.87 20.17
CA LYS X 385 -17.23 42.43 20.17
C LYS X 385 -18.16 42.04 21.30
N SER X 386 -18.93 40.98 21.17
CA SER X 386 -19.71 40.44 22.28
C SER X 386 -19.87 38.93 22.19
N THR X 387 -20.06 38.28 23.33
CA THR X 387 -20.39 36.85 23.42
C THR X 387 -21.85 36.69 23.79
N LYS X 388 -22.63 36.03 22.93
CA LYS X 388 -24.01 35.63 23.20
C LYS X 388 -24.04 34.47 24.21
N ILE X 389 -24.79 34.58 25.29
CA ILE X 389 -25.20 33.46 26.16
C ILE X 389 -26.73 33.37 26.08
N ASN X 390 -27.27 32.23 25.64
CA ASN X 390 -28.70 32.07 25.41
C ASN X 390 -29.49 31.80 26.69
N GLU X 391 -30.65 32.41 26.82
CA GLU X 391 -31.61 32.10 27.88
C GLU X 391 -32.16 30.68 27.70
N VAL X 392 -32.10 29.86 28.75
CA VAL X 392 -32.73 28.53 28.79
C VAL X 392 -33.68 28.43 29.97
N GLN X 393 -34.93 28.06 29.73
CA GLN X 393 -35.97 27.88 30.74
C GLN X 393 -36.63 26.52 30.61
N VAL X 394 -37.23 25.99 31.67
CA VAL X 394 -37.86 24.67 31.69
C VAL X 394 -39.27 24.79 32.25
N VAL X 395 -40.22 24.16 31.58
CA VAL X 395 -41.65 24.20 31.90
C VAL X 395 -42.09 22.79 32.29
N GLU X 396 -42.50 22.63 33.54
CA GLU X 396 -42.90 21.35 34.10
C GLU X 396 -44.40 21.36 34.39
N LEU X 397 -45.10 20.40 33.79
CA LEU X 397 -46.49 20.10 34.09
C LEU X 397 -46.52 19.29 35.39
N VAL X 398 -46.69 19.98 36.51
CA VAL X 398 -46.73 19.40 37.85
C VAL X 398 -48.02 18.61 38.05
N GLY X 399 -47.95 17.46 38.72
CA GLY X 399 -49.03 16.47 38.73
C GLY X 399 -49.16 15.73 37.40
N GLU X 400 -50.24 14.98 37.20
CA GLU X 400 -50.54 14.35 35.91
C GLU X 400 -51.73 15.04 35.25
N PRO X 401 -51.56 16.10 34.46
CA PRO X 401 -52.67 16.74 33.79
C PRO X 401 -53.12 15.92 32.59
N THR X 402 -53.73 14.78 32.90
CA THR X 402 -54.14 13.68 32.03
C THR X 402 -55.07 14.08 30.88
N SER X 403 -55.72 15.24 30.93
CA SER X 403 -56.47 15.84 29.83
C SER X 403 -56.42 17.37 29.87
N GLY X 404 -56.72 18.03 28.76
CA GLY X 404 -56.94 19.47 28.69
C GLY X 404 -55.81 20.25 28.03
N SER X 405 -55.66 21.52 28.40
CA SER X 405 -54.78 22.47 27.71
C SER X 405 -54.34 23.61 28.66
N PHE X 406 -53.18 24.22 28.45
CA PHE X 406 -52.58 25.22 29.34
C PHE X 406 -52.03 26.44 28.57
N THR X 407 -51.63 27.51 29.24
CA THR X 407 -50.98 28.65 28.58
C THR X 407 -49.73 29.15 29.28
N LEU X 408 -48.72 29.53 28.50
CA LEU X 408 -47.53 30.23 28.95
C LEU X 408 -47.65 31.73 28.67
N THR X 409 -47.24 32.53 29.63
CA THR X 409 -47.29 34.00 29.59
C THR X 409 -45.91 34.61 29.79
N LEU X 410 -45.63 35.74 29.16
CA LEU X 410 -44.30 36.37 29.08
C LEU X 410 -44.43 37.86 28.81
N ASP X 411 -43.88 38.73 29.64
CA ASP X 411 -44.11 40.18 29.60
C ASP X 411 -45.60 40.60 29.67
N GLY X 412 -46.49 39.72 30.13
CA GLY X 412 -47.93 39.92 30.08
C GLY X 412 -48.59 39.56 28.74
N GLN X 413 -47.81 39.25 27.70
CA GLN X 413 -48.31 38.51 26.54
C GLN X 413 -48.66 37.06 26.95
N THR X 414 -49.46 36.38 26.14
CA THR X 414 -50.03 35.07 26.44
C THR X 414 -50.17 34.21 25.18
N THR X 415 -50.14 32.89 25.32
CA THR X 415 -50.13 31.92 24.22
C THR X 415 -51.47 31.24 24.02
N ALA X 416 -51.83 30.98 22.75
CA ALA X 416 -53.02 30.21 22.39
C ALA X 416 -52.94 28.82 23.05
N PRO X 417 -53.98 28.34 23.75
CA PRO X 417 -53.86 27.19 24.63
C PRO X 417 -53.21 25.97 23.97
N ILE X 418 -52.40 25.23 24.72
CA ILE X 418 -51.61 24.09 24.22
C ILE X 418 -51.80 22.83 25.06
N ALA X 419 -51.97 21.68 24.41
CA ALA X 419 -52.38 20.45 25.05
C ALA X 419 -51.32 19.84 25.97
N TYR X 420 -51.77 19.05 26.94
CA TYR X 420 -50.91 18.32 27.88
C TYR X 420 -49.89 17.40 27.22
N ASN X 421 -50.17 16.91 26.02
CA ASN X 421 -49.37 15.97 25.24
C ASN X 421 -48.81 16.58 23.96
N ALA X 422 -48.94 17.90 23.78
CA ALA X 422 -48.47 18.61 22.60
C ALA X 422 -46.96 18.45 22.35
N THR X 423 -46.58 18.37 21.09
CA THR X 423 -45.17 18.17 20.69
C THR X 423 -44.33 19.42 20.90
N PRO X 424 -43.00 19.31 21.09
CA PRO X 424 -42.11 20.45 21.15
C PRO X 424 -42.22 21.43 19.98
N ALA X 425 -42.44 20.96 18.75
CA ALA X 425 -42.66 21.82 17.60
C ALA X 425 -43.94 22.67 17.74
N THR X 426 -44.97 22.14 18.38
CA THR X 426 -46.19 22.87 18.70
C THR X 426 -45.92 23.95 19.75
N VAL X 427 -45.18 23.65 20.81
CA VAL X 427 -44.77 24.65 21.81
C VAL X 427 -43.93 25.75 21.15
N ALA X 428 -43.00 25.39 20.27
CA ALA X 428 -42.20 26.37 19.53
C ALA X 428 -43.10 27.30 18.69
N ALA X 429 -44.07 26.77 17.95
CA ALA X 429 -45.03 27.57 17.19
C ALA X 429 -45.91 28.46 18.08
N ARG X 430 -46.27 28.03 19.30
CA ARG X 430 -46.94 28.88 20.30
C ARG X 430 -46.06 30.03 20.77
N ILE X 431 -44.83 29.79 21.20
CA ILE X 431 -43.97 30.89 21.70
C ILE X 431 -43.55 31.82 20.55
N ALA X 432 -43.34 31.29 19.34
CA ALA X 432 -43.04 32.09 18.16
C ALA X 432 -44.18 33.04 17.76
N ASP X 433 -45.44 32.70 18.04
CA ASP X 433 -46.60 33.53 17.69
C ASP X 433 -46.68 34.82 18.52
N LEU X 434 -46.02 34.88 19.67
CA LEU X 434 -46.06 36.05 20.56
C LEU X 434 -45.44 37.27 19.88
N PRO X 435 -46.03 38.48 19.98
CA PRO X 435 -45.47 39.68 19.37
C PRO X 435 -44.13 40.13 19.99
N ASN X 436 -43.77 39.60 21.16
CA ASN X 436 -42.51 39.86 21.83
C ASN X 436 -41.36 38.95 21.33
N ILE X 437 -41.65 37.94 20.52
CA ILE X 437 -40.62 37.15 19.82
C ILE X 437 -40.80 37.22 18.30
N ASP X 438 -42.01 37.01 17.79
CA ASP X 438 -42.41 37.31 16.41
C ASP X 438 -41.53 36.64 15.34
N GLY X 439 -41.23 35.36 15.52
CA GLY X 439 -40.43 34.58 14.58
C GLY X 439 -39.91 33.27 15.15
N ASN X 440 -39.27 32.48 14.29
CA ASN X 440 -38.62 31.20 14.62
C ASN X 440 -37.31 31.41 15.40
N TYR X 441 -37.38 32.19 16.47
CA TYR X 441 -36.25 32.62 17.28
C TYR X 441 -36.19 31.93 18.65
N VAL X 442 -36.82 30.78 18.78
CA VAL X 442 -36.83 29.95 19.99
C VAL X 442 -36.90 28.48 19.57
N LYS X 443 -36.30 27.59 20.35
CA LYS X 443 -36.38 26.14 20.14
C LYS X 443 -36.76 25.41 21.40
N VAL X 444 -37.41 24.27 21.24
CA VAL X 444 -37.94 23.47 22.35
C VAL X 444 -37.48 22.03 22.21
N GLU X 445 -37.08 21.42 23.32
CA GLU X 445 -36.87 19.98 23.40
C GLU X 445 -37.71 19.43 24.54
N GLY X 446 -38.46 18.38 24.26
CA GLY X 446 -39.22 17.66 25.27
C GLY X 446 -38.31 16.66 25.95
N LEU X 447 -38.32 16.63 27.28
CA LEU X 447 -37.47 15.75 28.08
C LEU X 447 -38.16 14.44 28.49
N ASN X 448 -39.41 14.26 28.05
CA ASN X 448 -40.09 12.96 27.97
C ASN X 448 -40.30 12.21 29.29
N GLU X 449 -40.37 12.89 30.42
CA GLU X 449 -40.65 12.28 31.72
C GLU X 449 -42.15 12.04 31.94
N TRP X 450 -43.02 12.89 31.40
CA TRP X 450 -44.47 12.67 31.37
C TRP X 450 -45.11 13.28 30.12
N PHE X 451 -45.64 12.44 29.25
CA PHE X 451 -45.80 12.74 27.82
C PHE X 451 -44.52 13.39 27.27
N HIS X 452 -44.58 14.54 26.61
CA HIS X 452 -43.39 15.25 26.16
C HIS X 452 -42.73 16.12 27.23
N SER X 453 -43.42 16.37 28.35
CA SER X 453 -42.95 17.25 29.42
C SER X 453 -41.90 16.58 30.32
N PRO X 454 -41.07 17.34 31.05
CA PRO X 454 -40.96 18.80 30.97
C PRO X 454 -40.34 19.24 29.65
N TYR X 455 -40.61 20.46 29.23
CA TYR X 455 -40.08 21.05 28.01
C TYR X 455 -38.93 22.00 28.35
N ARG X 456 -37.79 21.91 27.67
CA ARG X 456 -36.67 22.83 27.82
C ARG X 456 -36.65 23.77 26.64
N ILE X 457 -36.66 25.07 26.91
CA ILE X 457 -36.93 26.13 25.94
C ILE X 457 -35.70 27.01 25.88
N THR X 458 -35.06 27.07 24.72
CA THR X 458 -33.86 27.89 24.48
C THR X 458 -34.22 29.02 23.54
N PHE X 459 -34.05 30.25 23.98
CA PHE X 459 -34.28 31.43 23.17
C PHE X 459 -33.05 31.75 22.32
N GLY X 460 -33.24 32.36 21.15
CA GLY X 460 -32.16 32.85 20.30
C GLY X 460 -31.58 31.84 19.30
N GLU X 461 -32.06 30.60 19.31
CA GLU X 461 -31.69 29.55 18.37
C GLU X 461 -32.96 28.96 17.75
N ALA X 462 -32.98 28.74 16.43
CA ALA X 462 -34.18 28.35 15.70
C ALA X 462 -34.56 26.87 15.90
N GLN X 463 -35.84 26.55 15.76
CA GLN X 463 -36.36 25.18 15.90
C GLN X 463 -35.87 24.30 14.75
N ASP X 477 -21.75 41.86 7.75
CA ASP X 477 -22.33 43.10 8.30
C ASP X 477 -21.71 44.37 7.69
N PHE X 478 -22.50 45.43 7.58
CA PHE X 478 -22.04 46.79 7.28
C PHE X 478 -22.14 47.66 8.53
N ILE X 479 -21.06 48.37 8.89
CA ILE X 479 -21.03 49.14 10.13
C ILE X 479 -22.07 50.27 10.14
N GLY X 480 -22.33 50.92 9.01
CA GLY X 480 -23.26 52.06 8.92
C GLY X 480 -24.75 51.72 8.85
N GLY X 481 -25.15 50.43 8.89
CA GLY X 481 -26.54 50.02 8.58
C GLY X 481 -27.62 50.53 9.53
N LEU X 482 -27.23 50.95 10.74
CA LEU X 482 -28.10 51.49 11.78
C LEU X 482 -28.91 52.70 11.29
N PHE X 483 -28.25 53.62 10.59
CA PHE X 483 -28.83 54.87 10.09
C PHE X 483 -29.72 54.68 8.86
N GLY X 484 -29.59 53.54 8.17
CA GLY X 484 -30.35 53.22 6.96
C GLY X 484 -31.61 52.39 7.19
N GLY X 485 -31.93 52.06 8.44
CA GLY X 485 -33.03 51.14 8.76
C GLY X 485 -32.75 49.68 8.37
N ASN X 486 -31.48 49.28 8.29
CA ASN X 486 -31.07 47.92 8.01
C ASN X 486 -30.08 47.40 9.08
N ALA X 487 -30.32 47.75 10.34
CA ALA X 487 -29.57 47.23 11.49
C ALA X 487 -29.59 45.69 11.51
N SER X 488 -28.44 45.06 11.75
CA SER X 488 -28.27 43.63 11.50
C SER X 488 -28.84 42.73 12.62
N GLY X 489 -29.14 43.31 13.78
CA GLY X 489 -29.63 42.57 14.95
C GLY X 489 -30.91 41.80 14.67
N LYS X 490 -30.94 40.52 15.08
CA LYS X 490 -32.04 39.59 14.80
C LYS X 490 -32.23 38.59 15.93
N GLY X 491 -33.44 38.07 16.11
CA GLY X 491 -33.76 37.03 17.07
C GLY X 491 -33.99 37.57 18.48
N VAL X 492 -33.74 36.75 19.49
CA VAL X 492 -33.85 37.11 20.93
C VAL X 492 -32.70 36.50 21.75
N GLY X 493 -31.60 36.13 21.11
CA GLY X 493 -30.43 35.54 21.76
C GLY X 493 -29.61 36.57 22.53
N GLY X 494 -29.12 36.19 23.71
CA GLY X 494 -28.34 37.06 24.58
C GLY X 494 -29.15 38.04 25.43
N ILE X 495 -30.45 38.20 25.19
CA ILE X 495 -31.34 38.96 26.07
C ILE X 495 -31.60 38.11 27.30
N ASP X 496 -31.52 38.71 28.48
CA ASP X 496 -31.93 38.12 29.75
C ASP X 496 -33.45 38.11 29.86
N ILE X 497 -34.13 37.15 29.23
CA ILE X 497 -35.58 37.13 29.15
C ILE X 497 -36.19 36.96 30.55
N ASP X 498 -37.13 37.82 30.94
CA ASP X 498 -37.82 37.68 32.23
C ASP X 498 -38.62 36.37 32.27
N GLU X 499 -38.63 35.64 33.39
CA GLU X 499 -39.20 34.29 33.41
C GLU X 499 -40.67 34.24 33.00
N MET X 500 -41.00 33.27 32.15
CA MET X 500 -42.38 32.99 31.79
C MET X 500 -43.18 32.49 32.99
N THR X 501 -44.45 32.85 33.05
CA THR X 501 -45.39 32.37 34.07
C THR X 501 -46.39 31.46 33.42
N GLY X 502 -46.56 30.25 33.94
CA GLY X 502 -47.56 29.30 33.46
C GLY X 502 -48.91 29.50 34.14
N ASP X 503 -49.99 29.41 33.39
CA ASP X 503 -51.36 29.29 33.90
C ASP X 503 -51.91 27.90 33.53
N VAL X 504 -52.37 27.17 34.54
CA VAL X 504 -52.91 25.82 34.42
C VAL X 504 -54.06 25.74 33.44
N GLY X 505 -54.85 26.79 33.31
CA GLY X 505 -55.95 26.84 32.36
C GLY X 505 -56.89 25.65 32.51
N THR X 506 -57.02 24.86 31.46
CA THR X 506 -58.04 23.80 31.31
C THR X 506 -57.56 22.44 31.84
N LEU X 507 -56.28 22.27 32.16
CA LEU X 507 -55.71 20.97 32.54
C LEU X 507 -56.49 20.28 33.67
N SER X 508 -56.69 18.97 33.54
CA SER X 508 -57.38 18.13 34.52
C SER X 508 -56.69 16.77 34.65
N GLY X 509 -56.73 16.15 35.82
CA GLY X 509 -56.12 14.84 36.07
C GLY X 509 -55.77 14.59 37.53
N GLY X 510 -54.52 14.23 37.80
CA GLY X 510 -54.03 13.90 39.14
C GLY X 510 -53.90 15.10 40.07
N ALA X 511 -53.27 14.90 41.22
CA ALA X 511 -53.21 15.90 42.29
C ALA X 511 -52.44 17.17 41.92
N GLY X 512 -52.87 18.28 42.53
CA GLY X 512 -52.09 19.51 42.69
C GLY X 512 -51.47 20.05 41.39
N LEU X 513 -52.26 20.12 40.32
CA LEU X 513 -51.77 20.55 39.02
C LEU X 513 -51.21 21.97 39.06
N ASP X 514 -50.09 22.18 38.39
CA ASP X 514 -49.47 23.48 38.19
C ASP X 514 -48.67 23.46 36.88
N VAL X 515 -48.41 24.63 36.32
CA VAL X 515 -47.41 24.81 35.27
C VAL X 515 -46.26 25.57 35.88
N GLN X 516 -45.32 24.84 36.47
CA GLN X 516 -44.14 25.40 37.10
C GLN X 516 -43.09 25.77 36.05
N VAL X 517 -42.36 26.87 36.26
CA VAL X 517 -41.34 27.36 35.33
C VAL X 517 -40.08 27.81 36.08
N THR X 518 -38.91 27.40 35.62
CA THR X 518 -37.60 27.78 36.19
C THR X 518 -36.56 28.02 35.10
N THR X 519 -35.50 28.75 35.44
CA THR X 519 -34.41 29.10 34.52
C THR X 519 -33.23 28.19 34.75
N GLU X 520 -32.74 27.54 33.69
CA GLU X 520 -31.57 26.65 33.75
C GLU X 520 -30.29 27.41 33.43
N GLN X 521 -30.37 28.45 32.60
CA GLN X 521 -29.26 29.33 32.28
C GLN X 521 -29.79 30.73 31.96
N ASP X 522 -29.28 31.73 32.68
CA ASP X 522 -29.59 33.15 32.47
C ASP X 522 -28.90 33.67 31.21
N GLY X 523 -29.63 34.33 30.33
CA GLY X 523 -29.06 34.93 29.13
C GLY X 523 -28.16 36.14 29.41
N ASP X 524 -27.16 36.38 28.57
CA ASP X 524 -26.36 37.61 28.59
C ASP X 524 -25.76 37.92 27.21
N ARG X 525 -25.39 39.18 26.99
CA ARG X 525 -24.57 39.63 25.88
C ARG X 525 -23.76 40.84 26.32
N LEU X 526 -22.60 40.61 26.92
CA LEU X 526 -21.67 41.67 27.30
C LEU X 526 -20.98 42.23 26.07
N TYR X 527 -21.24 43.48 25.72
CA TYR X 527 -20.51 44.17 24.67
C TYR X 527 -19.21 44.70 25.23
N VAL X 528 -18.09 44.38 24.58
CA VAL X 528 -16.77 44.93 24.86
C VAL X 528 -16.44 45.92 23.75
N VAL X 529 -16.19 47.16 24.14
CA VAL X 529 -15.90 48.29 23.27
C VAL X 529 -14.43 48.66 23.44
N SER X 530 -13.63 48.51 22.39
CA SER X 530 -12.19 48.77 22.39
C SER X 530 -11.88 49.99 21.54
N PHE X 531 -11.23 50.99 22.09
CA PHE X 531 -10.84 52.17 21.32
C PHE X 531 -9.49 51.97 20.59
N GLN X 532 -9.32 52.64 19.46
CA GLN X 532 -8.23 52.45 18.49
C GLN X 532 -7.83 53.79 17.84
N ARG X 533 -6.71 53.80 17.11
CA ARG X 533 -6.28 54.91 16.24
C ARG X 533 -6.36 56.27 16.94
N ALA X 534 -7.25 57.18 16.57
CA ALA X 534 -7.25 58.52 17.16
C ALA X 534 -7.80 58.57 18.60
N ALA X 535 -8.53 57.55 19.05
CA ALA X 535 -9.02 57.40 20.42
C ALA X 535 -8.10 56.52 21.30
N GLY X 536 -7.12 55.83 20.71
CA GLY X 536 -6.12 55.07 21.44
C GLY X 536 -5.18 55.99 22.23
N GLY X 537 -4.78 55.60 23.45
CA GLY X 537 -3.93 56.43 24.30
C GLY X 537 -4.60 57.65 24.92
N LEU X 538 -5.88 57.91 24.63
CA LEU X 538 -6.70 58.87 25.38
C LEU X 538 -7.31 58.19 26.60
N ASN X 539 -7.51 58.93 27.68
CA ASN X 539 -8.38 58.50 28.77
C ASN X 539 -9.79 59.06 28.54
N LEU X 540 -10.75 58.20 28.25
CA LEU X 540 -12.12 58.61 27.96
C LEU X 540 -12.97 58.61 29.23
N PRO X 541 -14.03 59.45 29.31
CA PRO X 541 -15.07 59.28 30.31
C PRO X 541 -15.81 57.96 30.08
N GLN X 542 -16.45 57.42 31.11
CA GLN X 542 -17.28 56.23 30.90
C GLN X 542 -18.45 56.52 29.97
N LEU X 543 -18.77 55.58 29.11
CA LEU X 543 -20.06 55.55 28.43
C LEU X 543 -21.17 55.49 29.49
N VAL X 544 -22.20 56.30 29.33
CA VAL X 544 -23.40 56.28 30.17
C VAL X 544 -24.62 56.14 29.29
N GLY X 545 -25.59 55.36 29.73
CA GLY X 545 -26.74 54.98 28.91
C GLY X 545 -28.08 55.53 29.41
N ASN X 546 -29.03 55.68 28.51
CA ASN X 546 -30.44 55.95 28.83
C ASN X 546 -31.33 54.84 28.26
N ALA X 547 -31.97 54.08 29.14
CA ALA X 547 -32.79 52.92 28.78
C ALA X 547 -34.24 53.29 28.42
N SER X 548 -34.68 54.52 28.69
CA SER X 548 -35.99 54.98 28.26
C SER X 548 -36.04 54.98 26.73
N GLY X 549 -36.93 54.16 26.18
CA GLY X 549 -36.92 53.76 24.78
C GLY X 549 -36.94 52.24 24.59
N LEU X 550 -36.45 51.47 25.56
CA LEU X 550 -36.62 50.01 25.63
C LEU X 550 -38.02 49.64 26.18
N GLU X 551 -38.50 48.44 25.89
CA GLU X 551 -39.80 47.92 26.35
C GLU X 551 -39.63 46.72 27.30
N GLY X 552 -40.12 46.80 28.54
CA GLY X 552 -40.00 45.71 29.52
C GLY X 552 -40.09 46.15 30.99
N ASP X 553 -39.98 45.19 31.91
CA ASP X 553 -39.97 45.39 33.37
C ASP X 553 -38.57 45.74 33.89
N ASP X 554 -38.44 46.68 34.83
CA ASP X 554 -37.20 47.11 35.49
C ASP X 554 -35.95 47.20 34.59
N LEU X 555 -36.11 47.83 33.42
CA LEU X 555 -35.05 48.04 32.44
C LEU X 555 -33.92 48.91 32.98
N SER X 556 -32.66 48.48 32.81
CA SER X 556 -31.48 49.32 33.07
C SER X 556 -30.29 48.93 32.20
N ILE X 557 -29.33 49.83 32.07
CA ILE X 557 -28.12 49.65 31.28
C ILE X 557 -26.88 49.79 32.16
N GLU X 558 -26.11 48.72 32.29
CA GLU X 558 -24.83 48.70 32.99
C GLU X 558 -23.71 49.16 32.06
N THR X 559 -22.80 49.96 32.57
CA THR X 559 -21.55 50.29 31.88
C THR X 559 -20.38 50.26 32.85
N ALA X 560 -19.22 49.87 32.37
CA ALA X 560 -17.99 49.82 33.15
C ALA X 560 -16.77 50.08 32.26
N THR X 561 -15.66 50.49 32.86
CA THR X 561 -14.35 50.55 32.19
C THR X 561 -13.48 49.40 32.69
N ASN X 562 -12.94 48.66 31.75
CA ASN X 562 -12.24 47.39 31.97
C ASN X 562 -10.73 47.55 31.82
N VAL X 563 -10.28 48.41 30.90
CA VAL X 563 -8.91 48.90 30.82
C VAL X 563 -8.95 50.42 30.70
N ASP X 564 -8.26 51.10 31.62
CA ASP X 564 -8.13 52.56 31.68
C ASP X 564 -7.13 53.07 30.63
N GLY X 565 -7.51 54.01 29.76
CA GLY X 565 -6.63 54.51 28.69
C GLY X 565 -5.60 55.55 29.14
N GLY X 566 -4.56 55.80 28.34
CA GLY X 566 -3.58 56.88 28.60
C GLY X 566 -2.23 56.76 27.88
N ARG X 567 -1.38 57.77 28.05
CA ARG X 567 0.05 57.80 27.67
C ARG X 567 0.84 58.48 28.79
N PRO X 568 1.98 57.94 29.25
CA PRO X 568 2.80 58.63 30.22
C PRO X 568 3.58 59.78 29.57
N TYR X 569 4.04 60.74 30.36
CA TYR X 569 5.16 61.58 29.96
C TYR X 569 6.44 60.77 30.14
N VAL X 570 7.13 60.45 29.05
CA VAL X 570 8.46 59.84 29.08
C VAL X 570 9.47 60.94 29.34
N VAL X 571 10.05 60.99 30.54
CA VAL X 571 11.06 61.98 30.93
C VAL X 571 12.43 61.33 30.84
N ARG X 572 13.30 61.90 30.02
CA ARG X 572 14.64 61.37 29.71
C ARG X 572 15.70 62.38 30.09
N PHE X 573 16.81 61.91 30.66
CA PHE X 573 17.86 62.77 31.18
C PHE X 573 19.05 62.78 30.25
N THR X 574 19.42 63.97 29.79
CA THR X 574 20.30 64.27 28.65
C THR X 574 21.45 65.19 29.07
N ASP X 575 22.33 65.54 28.13
CA ASP X 575 23.43 66.49 28.28
C ASP X 575 24.23 66.35 29.58
N ASP X 576 24.20 67.28 30.53
CA ASP X 576 25.03 67.19 31.72
C ASP X 576 24.56 66.09 32.69
N LEU X 577 23.35 65.57 32.50
CA LEU X 577 22.81 64.42 33.24
C LEU X 577 22.83 63.12 32.42
N GLN X 578 23.43 63.13 31.22
CA GLN X 578 23.63 61.91 30.43
C GLN X 578 24.61 60.97 31.15
N GLY X 579 24.12 59.81 31.58
CA GLY X 579 24.94 58.74 32.16
C GLY X 579 25.10 58.76 33.68
N VAL X 580 24.21 59.42 34.43
CA VAL X 580 24.26 59.48 35.91
C VAL X 580 22.99 58.96 36.60
N ASP X 581 23.17 58.38 37.79
CA ASP X 581 22.13 57.90 38.71
C ASP X 581 21.34 59.06 39.37
N VAL X 582 20.54 59.78 38.58
CA VAL X 582 19.59 60.80 39.06
C VAL X 582 18.53 60.21 40.00
N PRO X 583 17.91 60.99 40.90
CA PRO X 583 16.94 60.47 41.86
C PRO X 583 15.66 59.98 41.17
N THR X 584 15.05 58.92 41.71
CA THR X 584 13.70 58.49 41.28
C THR X 584 12.71 59.59 41.64
N MET X 585 11.98 60.10 40.66
CA MET X 585 11.06 61.21 40.90
C MET X 585 9.87 60.83 41.80
N THR X 586 9.28 61.85 42.43
CA THR X 586 8.02 61.79 43.19
C THR X 586 7.02 62.71 42.52
N VAL X 587 5.73 62.45 42.62
CA VAL X 587 4.68 63.32 42.08
C VAL X 587 3.68 63.63 43.17
N ASP X 588 3.23 64.88 43.28
CA ASP X 588 2.20 65.28 44.24
C ASP X 588 1.03 65.93 43.50
N THR X 589 -0.18 65.63 43.95
CA THR X 589 -1.37 65.60 43.10
C THR X 589 -2.66 65.97 43.84
N ASP X 590 -2.59 66.40 45.10
CA ASP X 590 -3.77 66.85 45.85
C ASP X 590 -4.43 68.11 45.23
N ASP X 591 -3.72 68.88 44.41
CA ASP X 591 -4.23 70.04 43.69
C ASP X 591 -4.84 69.70 42.32
N LEU X 592 -4.86 68.45 41.86
CA LEU X 592 -5.69 68.05 40.72
C LEU X 592 -7.16 67.90 41.14
N THR X 593 -8.08 68.29 40.27
CA THR X 593 -9.53 68.18 40.51
C THR X 593 -10.20 67.23 39.50
N GLY X 594 -11.51 67.05 39.64
CA GLY X 594 -12.29 66.25 38.70
C GLY X 594 -11.95 64.77 38.76
N GLY X 595 -12.27 64.04 37.69
CA GLY X 595 -12.01 62.61 37.59
C GLY X 595 -12.74 61.81 38.67
N TYR X 596 -12.09 60.74 39.13
CA TYR X 596 -12.53 59.93 40.27
C TYR X 596 -11.39 59.76 41.26
N GLU X 597 -10.88 58.55 41.45
CA GLU X 597 -9.69 58.27 42.27
C GLU X 597 -8.42 58.72 41.55
N VAL X 598 -8.16 60.03 41.54
CA VAL X 598 -6.99 60.63 40.91
C VAL X 598 -5.71 60.18 41.61
N GLY X 599 -4.69 59.83 40.84
CA GLY X 599 -3.40 59.39 41.34
C GLY X 599 -2.28 59.51 40.31
N SER X 600 -1.13 58.92 40.60
CA SER X 600 0.01 58.86 39.68
C SER X 600 0.90 57.65 39.94
N ARG X 601 1.70 57.29 38.93
CA ARG X 601 2.83 56.36 39.05
C ARG X 601 4.05 56.96 38.37
N VAL X 602 5.21 56.83 38.99
CA VAL X 602 6.50 57.02 38.32
C VAL X 602 7.11 55.65 38.11
N VAL X 603 7.41 55.29 36.87
CA VAL X 603 8.03 54.00 36.52
C VAL X 603 9.38 54.24 35.88
N VAL X 604 10.47 53.80 36.51
CA VAL X 604 11.82 53.90 35.92
C VAL X 604 11.97 52.86 34.82
N LEU X 605 12.08 53.29 33.57
CA LEU X 605 12.21 52.39 32.42
C LEU X 605 13.61 51.80 32.34
N ARG X 606 14.65 52.63 32.49
CA ARG X 606 16.05 52.21 32.66
C ARG X 606 16.78 53.17 33.58
N GLU X 607 17.67 52.64 34.40
CA GLU X 607 18.56 53.44 35.25
C GLU X 607 19.62 54.12 34.38
N GLY X 608 20.04 55.33 34.73
CA GLY X 608 21.18 55.99 34.11
C GLY X 608 22.50 55.37 34.58
N TYR X 609 23.45 55.20 33.66
CA TYR X 609 24.71 54.52 33.92
C TYR X 609 25.81 54.97 32.94
N THR X 610 27.08 54.82 33.33
CA THR X 610 28.23 55.00 32.45
C THR X 610 29.13 53.76 32.52
N TYR X 611 29.35 53.11 31.38
CA TYR X 611 30.29 52.00 31.21
C TYR X 611 31.74 52.49 31.28
N PRO X 612 32.71 51.63 31.65
CA PRO X 612 34.11 51.96 31.50
C PRO X 612 34.50 52.05 30.03
N ALA X 613 35.63 52.70 29.74
CA ALA X 613 36.13 52.81 28.37
C ALA X 613 36.39 51.44 27.72
N GLU X 614 36.43 51.39 26.40
CA GLU X 614 36.76 50.21 25.60
C GLU X 614 38.26 49.83 25.70
N ASN X 615 38.83 49.83 26.90
CA ASN X 615 40.20 49.38 27.16
C ASN X 615 40.29 47.88 26.87
N VAL X 616 41.29 47.42 26.11
CA VAL X 616 41.39 46.01 25.72
C VAL X 616 42.61 45.33 26.31
N VAL X 617 42.42 44.06 26.63
CA VAL X 617 43.48 43.11 26.91
C VAL X 617 43.57 42.20 25.71
N VAL X 618 44.77 42.11 25.14
CA VAL X 618 45.11 41.15 24.11
C VAL X 618 45.97 40.09 24.75
N ASP X 619 45.53 38.84 24.71
CA ASP X 619 46.39 37.69 24.97
C ASP X 619 46.56 36.92 23.68
N SER X 620 47.78 36.76 23.20
CA SER X 620 48.05 36.06 21.96
C SER X 620 48.02 34.54 22.09
N ASP X 621 47.90 33.97 23.29
CA ASP X 621 47.74 32.52 23.49
C ASP X 621 46.57 32.00 22.64
N PRO X 622 46.76 30.96 21.80
CA PRO X 622 45.73 30.54 20.86
C PRO X 622 44.49 29.92 21.49
N ARG X 623 44.53 29.53 22.78
CA ARG X 623 43.42 28.85 23.47
C ARG X 623 42.30 29.75 23.94
N GLU X 624 42.62 30.95 24.42
CA GLU X 624 41.63 31.85 25.02
C GLU X 624 41.09 32.89 24.03
N GLU X 625 40.05 33.63 24.43
CA GLU X 625 39.53 34.74 23.64
C GLU X 625 40.64 35.78 23.52
N GLN X 626 41.20 36.01 22.33
CA GLN X 626 42.44 36.76 22.25
C GLN X 626 42.26 38.23 22.61
N VAL X 627 41.21 38.86 22.11
CA VAL X 627 40.92 40.29 22.30
C VAL X 627 39.67 40.43 23.16
N SER X 628 39.77 41.13 24.28
CA SER X 628 38.65 41.33 25.21
C SER X 628 38.69 42.74 25.79
N SER X 629 37.52 43.30 26.15
CA SER X 629 37.38 44.67 26.62
C SER X 629 36.72 44.74 28.00
N GLU X 630 37.11 45.69 28.84
CA GLU X 630 36.53 45.80 30.18
C GLU X 630 35.09 46.35 30.19
N SER X 631 34.65 46.95 29.08
CA SER X 631 33.27 47.42 28.87
C SER X 631 32.27 46.28 28.67
N GLY X 632 32.73 45.09 28.32
CA GLY X 632 31.89 43.94 27.95
C GLY X 632 31.46 43.97 26.48
N SER X 633 31.92 44.94 25.70
CA SER X 633 31.69 45.02 24.26
C SER X 633 32.25 43.79 23.54
N PRO X 634 31.52 43.20 22.58
CA PRO X 634 31.95 42.05 21.80
C PRO X 634 32.98 42.44 20.73
N ILE X 635 34.17 42.82 21.17
CA ILE X 635 35.31 43.29 20.34
C ILE X 635 36.04 42.15 19.61
N TRP X 636 35.53 40.92 19.72
CA TRP X 636 35.89 39.80 18.85
C TRP X 636 35.20 39.92 17.48
N GLU X 637 34.00 40.51 17.43
CA GLU X 637 33.48 41.13 16.21
C GLU X 637 34.28 42.41 16.00
N ARG X 638 34.23 43.01 14.81
CA ARG X 638 35.09 44.14 14.40
C ARG X 638 36.58 43.77 14.21
N MET X 639 37.08 42.66 14.77
CA MET X 639 38.39 42.09 14.43
C MET X 639 38.41 41.34 13.07
N ASN X 640 37.27 41.07 12.44
CA ASN X 640 37.17 40.56 11.06
C ASN X 640 38.10 39.39 10.72
N SER X 641 38.06 38.33 11.53
CA SER X 641 38.84 37.09 11.44
C SER X 641 40.35 37.18 11.72
N VAL X 642 40.88 38.37 12.01
CA VAL X 642 42.29 38.56 12.33
C VAL X 642 42.59 37.99 13.72
N ARG X 643 43.71 37.29 13.83
CA ARG X 643 44.24 36.70 15.06
C ARG X 643 45.71 37.03 15.20
N PHE X 644 46.21 37.05 16.42
CA PHE X 644 47.63 37.00 16.73
C PHE X 644 48.12 35.56 16.58
N LEU X 645 49.19 35.33 15.83
CA LEU X 645 49.61 34.01 15.38
C LEU X 645 50.97 33.56 15.93
N HIS X 646 51.81 34.48 16.37
CA HIS X 646 53.23 34.19 16.60
C HIS X 646 53.63 34.35 18.08
N TYR X 647 54.50 33.45 18.54
CA TYR X 647 55.12 33.49 19.88
C TYR X 647 56.56 34.05 19.81
N ILE X 648 57.12 34.51 20.93
CA ILE X 648 58.55 34.78 21.04
C ILE X 648 59.30 33.45 21.28
N PRO X 649 60.16 32.98 20.38
CA PRO X 649 60.78 31.66 20.49
C PRO X 649 61.75 31.56 21.67
N PRO X 650 62.04 30.35 22.16
CA PRO X 650 63.05 30.13 23.19
C PRO X 650 64.39 30.78 22.85
N TYR X 651 65.05 31.35 23.84
CA TYR X 651 66.36 31.99 23.72
C TYR X 651 66.41 33.20 22.76
N THR X 652 65.31 33.93 22.61
CA THR X 652 65.28 35.22 21.90
C THR X 652 65.86 36.32 22.77
N GLY X 653 66.85 37.03 22.24
CA GLY X 653 67.52 38.13 22.90
C GLY X 653 66.77 39.44 22.78
N GLU X 654 67.45 40.50 22.34
CA GLU X 654 66.88 41.83 22.24
C GLU X 654 65.88 41.95 21.10
N VAL X 655 64.70 42.51 21.37
CA VAL X 655 63.65 42.77 20.39
C VAL X 655 63.13 44.21 20.56
N THR X 656 62.94 44.94 19.48
CA THR X 656 62.25 46.23 19.49
C THR X 656 60.83 46.05 18.98
N PHE X 657 59.84 46.35 19.81
CA PHE X 657 58.44 46.36 19.45
C PHE X 657 58.04 47.78 19.05
N LYS X 658 57.70 47.98 17.78
CA LYS X 658 57.23 49.26 17.25
C LYS X 658 55.70 49.26 17.30
N LEU X 659 55.13 49.96 18.25
CA LEU X 659 53.69 50.26 18.29
C LEU X 659 53.42 51.58 17.55
N SER X 660 52.18 51.79 17.13
CA SER X 660 51.73 53.11 16.74
C SER X 660 50.28 53.33 17.10
N VAL X 661 49.90 54.58 17.36
CA VAL X 661 48.60 54.94 17.91
C VAL X 661 48.05 56.18 17.25
N SER X 662 46.74 56.27 17.13
CA SER X 662 46.00 57.44 16.69
C SER X 662 44.78 57.64 17.60
N GLY X 663 44.34 58.87 17.84
CA GLY X 663 43.22 59.14 18.72
C GLY X 663 43.51 58.92 20.20
N ALA X 664 44.74 59.14 20.62
CA ALA X 664 45.19 59.06 22.01
C ALA X 664 45.79 60.39 22.46
N VAL X 665 45.72 60.66 23.76
CA VAL X 665 46.24 61.89 24.38
C VAL X 665 47.48 61.59 25.24
N PRO X 666 48.36 62.58 25.47
CA PRO X 666 49.54 62.42 26.30
C PRO X 666 49.23 61.82 27.67
N GLY X 667 50.07 60.90 28.13
CA GLY X 667 49.92 60.24 29.43
C GLY X 667 49.09 58.96 29.42
N GLN X 668 48.48 58.57 28.31
CA GLN X 668 47.88 57.24 28.18
C GLN X 668 48.96 56.14 28.07
N ILE X 669 48.80 55.01 28.77
CA ILE X 669 49.81 53.94 28.85
C ILE X 669 49.23 52.63 28.35
N ALA X 670 49.84 52.07 27.32
CA ALA X 670 49.73 50.67 26.97
C ALA X 670 50.82 49.86 27.71
N THR X 671 50.68 48.55 27.86
CA THR X 671 51.73 47.72 28.48
C THR X 671 51.94 46.42 27.73
N LEU X 672 53.11 45.81 27.92
CA LEU X 672 53.49 44.50 27.42
C LEU X 672 53.91 43.62 28.59
N ARG X 673 53.55 42.34 28.56
CA ARG X 673 54.10 41.30 29.43
C ARG X 673 54.58 40.15 28.56
N LEU X 674 55.75 39.63 28.90
CA LEU X 674 56.36 38.46 28.30
C LEU X 674 56.67 37.44 29.42
N PRO X 675 55.66 36.75 29.99
CA PRO X 675 55.80 35.98 31.23
C PRO X 675 56.78 34.81 31.11
N ARG X 676 57.82 34.78 31.95
CA ARG X 676 58.96 33.87 31.84
C ARG X 676 58.69 32.60 32.63
N ALA X 677 58.48 31.52 31.90
CA ALA X 677 58.11 30.21 32.43
C ALA X 677 59.19 29.17 32.12
N TRP X 678 59.85 28.67 33.15
CA TRP X 678 61.03 27.80 33.05
C TRP X 678 60.69 26.37 33.42
N SER X 679 61.30 25.40 32.77
CA SER X 679 61.05 24.00 33.11
C SER X 679 61.64 23.57 34.46
N ARG X 680 62.43 24.43 35.12
CA ARG X 680 63.25 24.13 36.30
C ARG X 680 63.41 25.31 37.26
N PRO X 681 63.72 25.08 38.55
CA PRO X 681 64.04 26.16 39.49
C PRO X 681 65.46 26.75 39.38
N TRP X 682 66.38 26.15 38.61
CA TRP X 682 67.82 26.32 38.82
C TRP X 682 68.65 26.73 37.63
N GLY X 683 68.25 26.45 36.39
CA GLY X 683 69.12 26.71 35.25
C GLY X 683 68.38 26.87 33.94
N LEU X 684 68.94 26.29 32.88
CA LEU X 684 68.48 26.29 31.49
C LEU X 684 68.65 27.61 30.71
N GLU X 685 69.30 28.63 31.26
CA GLU X 685 69.60 29.87 30.55
C GLU X 685 70.86 29.80 29.70
N VAL Y 802 35.20 -10.55 31.20
CA VAL Y 802 34.72 -9.68 30.08
C VAL Y 802 33.47 -10.25 29.39
N ASP Y 803 33.51 -11.46 28.84
CA ASP Y 803 32.37 -12.08 28.13
C ASP Y 803 31.11 -12.24 28.99
N ASP Y 804 31.28 -12.43 30.31
CA ASP Y 804 30.24 -12.38 31.32
C ASP Y 804 29.56 -11.00 31.41
N ALA Y 805 30.30 -9.90 31.35
CA ALA Y 805 29.72 -8.56 31.37
C ALA Y 805 28.92 -8.27 30.10
N ILE Y 806 29.40 -8.74 28.95
CA ILE Y 806 28.69 -8.66 27.69
C ILE Y 806 27.40 -9.51 27.75
N ALA Y 807 27.44 -10.70 28.34
CA ALA Y 807 26.25 -11.50 28.59
C ALA Y 807 25.24 -10.82 29.52
N VAL Y 808 25.68 -10.12 30.57
CA VAL Y 808 24.78 -9.34 31.44
C VAL Y 808 24.16 -8.17 30.69
N LYS Y 809 24.93 -7.38 29.94
CA LYS Y 809 24.44 -6.29 29.09
C LYS Y 809 23.41 -6.78 28.07
N ASN Y 810 23.63 -7.95 27.47
CA ASN Y 810 22.67 -8.52 26.54
C ASN Y 810 21.34 -8.87 27.20
N ASN Y 811 21.35 -9.47 28.39
CA ASN Y 811 20.13 -9.81 29.11
C ASN Y 811 19.32 -8.57 29.52
N GLU Y 812 19.97 -7.46 29.86
CA GLU Y 812 19.29 -6.20 30.13
C GLU Y 812 18.63 -5.60 28.89
N VAL Y 813 19.29 -5.61 27.74
CA VAL Y 813 18.69 -5.14 26.49
C VAL Y 813 17.53 -6.04 26.05
N ASN Y 814 17.65 -7.37 26.19
CA ASN Y 814 16.55 -8.29 25.86
C ASN Y 814 15.28 -7.99 26.68
N LYS Y 815 15.43 -7.55 27.91
CA LYS Y 815 14.33 -7.15 28.77
C LYS Y 815 13.74 -5.81 28.36
N GLN Y 816 14.54 -4.77 28.19
CA GLN Y 816 14.08 -3.46 27.71
C GLN Y 816 13.42 -3.53 26.34
N ALA Y 817 13.81 -4.44 25.45
CA ALA Y 817 13.18 -4.63 24.15
C ALA Y 817 11.73 -5.14 24.21
N LEU Y 818 11.23 -5.58 25.38
CA LEU Y 818 9.82 -5.91 25.58
C LEU Y 818 8.91 -4.68 25.62
N THR Y 819 9.44 -3.49 25.86
CA THR Y 819 8.68 -2.23 25.72
C THR Y 819 8.21 -2.04 24.27
N TYR Y 820 9.08 -2.37 23.32
CA TYR Y 820 8.95 -2.12 21.89
C TYR Y 820 8.53 -3.34 21.05
N THR Y 821 8.33 -4.52 21.63
CA THR Y 821 8.02 -5.75 20.87
C THR Y 821 6.97 -6.62 21.54
N ARG Y 822 6.24 -7.41 20.75
CA ARG Y 822 5.27 -8.42 21.17
C ARG Y 822 5.12 -9.48 20.08
N ARG Y 823 4.76 -10.70 20.46
CA ARG Y 823 4.76 -11.86 19.55
C ARG Y 823 3.76 -11.74 18.39
N VAL Z 802 40.34 -5.68 26.17
CA VAL Z 802 38.86 -5.53 26.17
C VAL Z 802 38.29 -5.30 24.76
N ASP Z 803 38.72 -4.29 24.01
CA ASP Z 803 38.20 -3.96 22.67
C ASP Z 803 38.19 -5.15 21.68
N ASP Z 804 39.21 -6.02 21.73
CA ASP Z 804 39.29 -7.25 20.94
C ASP Z 804 38.15 -8.25 21.23
N ALA Z 805 37.65 -8.34 22.47
CA ALA Z 805 36.52 -9.20 22.81
C ALA Z 805 35.21 -8.68 22.20
N ILE Z 806 34.99 -7.37 22.23
CA ILE Z 806 33.88 -6.72 21.54
C ILE Z 806 34.01 -6.92 20.03
N ALA Z 807 35.21 -6.81 19.47
CA ALA Z 807 35.45 -7.09 18.06
C ALA Z 807 35.17 -8.55 17.66
N VAL Z 808 35.54 -9.54 18.47
CA VAL Z 808 35.22 -10.95 18.20
C VAL Z 808 33.71 -11.16 18.20
N LYS Z 809 32.99 -10.67 19.21
CA LYS Z 809 31.53 -10.78 19.27
C LYS Z 809 30.85 -10.05 18.11
N ASN Z 810 31.36 -8.90 17.68
CA ASN Z 810 30.88 -8.23 16.48
C ASN Z 810 31.03 -9.10 15.23
N ASN Z 811 32.16 -9.81 15.05
CA ASN Z 811 32.34 -10.65 13.87
C ASN Z 811 31.36 -11.83 13.88
N GLU Z 812 31.13 -12.44 15.03
CA GLU Z 812 30.18 -13.56 15.14
C GLU Z 812 28.74 -13.11 14.85
N VAL Z 813 28.32 -11.94 15.33
CA VAL Z 813 27.00 -11.40 15.01
C VAL Z 813 26.85 -11.11 13.52
N ASN Z 814 27.87 -10.56 12.88
CA ASN Z 814 27.84 -10.36 11.44
C ASN Z 814 27.63 -11.67 10.67
N LYS Z 815 28.27 -12.77 11.07
CA LYS Z 815 28.11 -14.10 10.46
C LYS Z 815 26.71 -14.69 10.70
N GLN Z 816 26.08 -14.39 11.82
CA GLN Z 816 24.72 -14.82 12.16
C GLN Z 816 23.63 -13.94 11.52
N ALA Z 817 23.89 -12.67 11.25
CA ALA Z 817 22.95 -11.79 10.55
C ALA Z 817 22.62 -12.29 9.14
N LEU Z 818 23.51 -13.04 8.48
CA LEU Z 818 23.28 -13.60 7.15
C LEU Z 818 22.13 -14.61 7.08
N THR Z 819 21.63 -15.12 8.21
CA THR Z 819 20.37 -15.88 8.24
C THR Z 819 19.19 -15.00 7.81
N TYR Z 820 19.23 -13.72 8.16
CA TYR Z 820 18.15 -12.76 8.05
C TYR Z 820 18.31 -11.76 6.91
N THR Z 821 19.41 -11.76 6.17
CA THR Z 821 19.69 -10.75 5.14
C THR Z 821 20.29 -11.32 3.86
N ARG Z 822 20.06 -10.63 2.75
CA ARG Z 822 20.71 -10.79 1.43
C ARG Z 822 21.04 -9.41 0.91
N ARG Z 823 22.26 -9.17 0.46
CA ARG Z 823 22.71 -7.81 0.07
C ARG Z 823 22.19 -7.40 -1.31
N VAL AA 802 35.11 -3.84 31.45
CA VAL AA 802 34.51 -2.84 32.38
C VAL AA 802 33.35 -2.13 31.69
N ASP AA 803 32.34 -1.69 32.45
CA ASP AA 803 31.16 -0.96 31.94
C ASP AA 803 31.52 0.25 31.05
N ASP AA 804 32.54 1.01 31.41
CA ASP AA 804 33.05 2.16 30.66
C ASP AA 804 33.43 1.84 29.20
N ALA AA 805 34.01 0.68 28.91
CA ALA AA 805 34.40 0.33 27.54
C ALA AA 805 33.17 0.04 26.65
N ILE AA 806 32.17 -0.64 27.19
CA ILE AA 806 30.88 -0.83 26.53
C ILE AA 806 30.17 0.52 26.34
N ALA AA 807 30.20 1.40 27.35
CA ALA AA 807 29.64 2.73 27.27
C ALA AA 807 30.32 3.62 26.20
N VAL AA 808 31.63 3.60 26.08
CA VAL AA 808 32.36 4.33 25.04
C VAL AA 808 31.96 3.86 23.64
N LYS AA 809 31.94 2.55 23.40
CA LYS AA 809 31.55 2.03 22.08
C LYS AA 809 30.08 2.27 21.77
N ASN AA 810 29.21 2.22 22.78
CA ASN AA 810 27.81 2.63 22.63
C ASN AA 810 27.71 4.07 22.14
N ASN AA 811 28.49 4.99 22.72
CA ASN AA 811 28.46 6.39 22.33
C ASN AA 811 28.95 6.59 20.90
N GLU AA 812 29.94 5.85 20.43
CA GLU AA 812 30.37 5.94 19.03
C GLU AA 812 29.28 5.46 18.07
N VAL AA 813 28.64 4.31 18.33
CA VAL AA 813 27.53 3.80 17.51
C VAL AA 813 26.38 4.80 17.48
N ASN AA 814 26.05 5.44 18.60
CA ASN AA 814 25.03 6.50 18.61
C ASN AA 814 25.36 7.68 17.66
N LYS AA 815 26.62 8.03 17.44
CA LYS AA 815 27.03 9.16 16.59
C LYS AA 815 27.08 8.76 15.11
N GLN AA 816 27.30 7.49 14.83
CA GLN AA 816 27.28 6.93 13.48
C GLN AA 816 25.87 6.52 13.02
N ALA AA 817 24.95 6.20 13.92
CA ALA AA 817 23.54 5.98 13.59
C ALA AA 817 22.85 7.20 12.97
N LEU AA 818 23.34 8.42 13.26
CA LEU AA 818 22.89 9.68 12.67
C LEU AA 818 23.11 9.79 11.16
N THR AA 819 23.97 8.96 10.56
CA THR AA 819 24.01 8.81 9.10
C THR AA 819 22.66 8.31 8.56
N TYR AA 820 21.95 7.48 9.32
CA TYR AA 820 20.82 6.68 8.87
C TYR AA 820 19.46 7.10 9.44
N THR AA 821 19.39 7.99 10.42
CA THR AA 821 18.12 8.41 11.04
C THR AA 821 18.06 9.92 11.26
N ARG AA 822 16.86 10.49 11.30
CA ARG AA 822 16.62 11.86 11.75
C ARG AA 822 15.26 12.00 12.43
N ARG AA 823 15.14 12.96 13.34
CA ARG AA 823 13.86 13.46 13.86
C ARG AA 823 12.98 14.01 12.73
N ALA BA 5 29.79 -65.68 19.42
CA ALA BA 5 28.85 -65.06 20.38
C ALA BA 5 29.19 -65.48 21.79
N ALA BA 6 28.94 -64.62 22.79
CA ALA BA 6 29.22 -64.92 24.19
C ALA BA 6 28.34 -66.06 24.75
N ASP BA 7 28.89 -66.89 25.63
CA ASP BA 7 28.15 -67.91 26.36
C ASP BA 7 27.42 -67.32 27.58
N MET BA 8 26.09 -67.31 27.58
CA MET BA 8 25.32 -66.85 28.72
C MET BA 8 25.16 -67.87 29.86
N THR BA 9 25.74 -69.07 29.74
CA THR BA 9 25.69 -70.14 30.75
C THR BA 9 26.75 -69.96 31.85
N THR BA 10 27.82 -69.22 31.59
CA THR BA 10 29.02 -69.17 32.45
C THR BA 10 29.53 -67.75 32.65
N LEU BA 11 30.20 -67.49 33.77
CA LEU BA 11 30.71 -66.15 34.07
C LEU BA 11 31.72 -65.63 33.03
N ALA BA 12 32.46 -66.52 32.40
CA ALA BA 12 33.45 -66.17 31.39
C ALA BA 12 32.81 -65.53 30.14
N GLY BA 13 31.63 -65.97 29.74
CA GLY BA 13 30.90 -65.35 28.64
C GLY BA 13 30.18 -64.07 29.06
N HIS BA 14 29.77 -63.94 30.33
CA HIS BA 14 29.35 -62.65 30.86
C HIS BA 14 30.48 -61.62 30.84
N GLN BA 15 31.71 -62.03 31.09
CA GLN BA 15 32.88 -61.19 30.93
C GLN BA 15 33.17 -60.86 29.46
N GLN BA 16 32.98 -61.79 28.53
CA GLN BA 16 33.10 -61.48 27.11
C GLN BA 16 32.06 -60.44 26.64
N LEU BA 17 30.82 -60.51 27.12
CA LEU BA 17 29.80 -59.51 26.84
C LEU BA 17 30.15 -58.14 27.44
N TRP BA 18 30.55 -58.08 28.70
CA TRP BA 18 31.02 -56.83 29.30
C TRP BA 18 32.19 -56.22 28.54
N ASP BA 19 33.23 -56.99 28.23
CA ASP BA 19 34.38 -56.54 27.45
C ASP BA 19 33.98 -56.03 26.05
N THR BA 20 33.04 -56.69 25.38
CA THR BA 20 32.51 -56.27 24.09
C THR BA 20 31.80 -54.92 24.18
N VAL BA 21 30.99 -54.68 25.20
CA VAL BA 21 30.32 -53.39 25.40
C VAL BA 21 31.30 -52.28 25.76
N MET BA 22 32.29 -52.53 26.62
CA MET BA 22 33.33 -51.53 26.92
C MET BA 22 34.18 -51.17 25.70
N LYS BA 23 34.31 -52.06 24.73
CA LYS BA 23 35.04 -51.81 23.48
C LYS BA 23 34.32 -50.81 22.57
N ARG BA 24 33.01 -50.95 22.45
CA ARG BA 24 32.12 -50.06 21.73
C ARG BA 24 32.02 -48.68 22.36
N ARG BA 25 32.14 -48.55 23.69
CA ARG BA 25 32.27 -47.24 24.36
C ARG BA 25 33.52 -46.51 23.91
N GLN BA 26 34.68 -47.17 23.86
CA GLN BA 26 35.92 -46.56 23.39
C GLN BA 26 35.85 -46.10 21.93
N LYS BA 27 35.28 -46.87 20.99
CA LYS BA 27 35.08 -46.41 19.62
C LYS BA 27 34.24 -45.13 19.53
N ARG BA 28 33.18 -45.01 20.33
CA ARG BA 28 32.37 -43.78 20.39
C ARG BA 28 33.10 -42.60 21.03
N GLU BA 29 33.92 -42.84 22.04
CA GLU BA 29 34.78 -41.83 22.66
C GLU BA 29 35.84 -41.30 21.68
N ASP BA 30 36.31 -42.10 20.72
CA ASP BA 30 37.21 -41.61 19.66
C ASP BA 30 36.47 -40.82 18.58
N GLU BA 31 35.29 -41.27 18.16
CA GLU BA 31 34.43 -40.54 17.23
C GLU BA 31 33.91 -39.20 17.81
N ARG BA 32 33.82 -39.06 19.14
CA ARG BA 32 33.56 -37.80 19.85
C ARG BA 32 34.64 -36.75 19.61
N ILE BA 33 35.88 -37.19 19.42
CA ILE BA 33 37.06 -36.35 19.26
C ILE BA 33 37.45 -36.15 17.79
N ALA BA 34 37.03 -37.02 16.88
CA ALA BA 34 37.27 -36.88 15.46
C ALA BA 34 36.63 -35.61 14.87
N PRO BA 35 37.37 -34.78 14.10
CA PRO BA 35 36.77 -33.64 13.41
C PRO BA 35 35.93 -34.10 12.22
N PRO BA 36 34.91 -33.34 11.82
CA PRO BA 36 34.23 -33.52 10.54
C PRO BA 36 35.20 -33.63 9.37
N LEU BA 37 34.80 -34.38 8.35
CA LEU BA 37 35.48 -34.35 7.06
C LEU BA 37 35.03 -33.11 6.29
N ILE BA 38 35.93 -32.17 5.98
CA ILE BA 38 35.64 -30.93 5.23
C ILE BA 38 36.11 -31.09 3.79
N ARG BA 39 35.27 -30.78 2.80
CA ARG BA 39 35.65 -30.75 1.38
C ARG BA 39 35.20 -29.47 0.71
N LEU BA 40 36.04 -28.96 -0.19
CA LEU BA 40 35.81 -27.79 -1.01
C LEU BA 40 35.61 -28.20 -2.47
N TRP BA 41 34.60 -27.64 -3.10
CA TRP BA 41 34.14 -27.94 -4.45
C TRP BA 41 33.93 -26.65 -5.22
N ASP BA 42 34.07 -26.65 -6.54
CA ASP BA 42 33.92 -25.45 -7.37
C ASP BA 42 32.48 -25.15 -7.81
N GLY BA 43 32.28 -24.19 -8.72
CA GLY BA 43 30.98 -23.75 -9.16
C GLY BA 43 30.18 -24.78 -9.96
N ASP BA 44 30.83 -25.78 -10.55
CA ASP BA 44 30.17 -26.95 -11.14
C ASP BA 44 30.18 -28.18 -10.21
N TYR BA 45 30.53 -27.99 -8.94
CA TYR BA 45 30.61 -29.02 -7.92
C TYR BA 45 31.73 -30.05 -8.14
N LYS BA 46 32.76 -29.77 -8.94
CA LYS BA 46 33.95 -30.62 -9.00
C LYS BA 46 34.73 -30.49 -7.69
N LEU BA 47 35.14 -31.61 -7.11
CA LEU BA 47 35.95 -31.62 -5.91
C LEU BA 47 37.29 -30.93 -6.16
N ARG BA 48 37.67 -29.99 -5.31
CA ARG BA 48 39.03 -29.44 -5.29
C ARG BA 48 39.92 -30.19 -4.32
N GLY BA 49 39.45 -30.45 -3.11
CA GLY BA 49 40.25 -31.12 -2.11
C GLY BA 49 39.56 -31.25 -0.77
N GLN BA 50 40.17 -32.05 0.09
CA GLN BA 50 39.84 -32.14 1.49
C GLN BA 50 40.64 -31.11 2.28
N LEU BA 51 40.03 -30.42 3.23
CA LEU BA 51 40.72 -29.43 4.05
C LEU BA 51 41.05 -30.01 5.42
N VAL BA 52 42.31 -29.91 5.86
CA VAL BA 52 42.77 -30.46 7.16
C VAL BA 52 43.54 -29.47 8.04
N GLY BA 53 44.20 -28.45 7.48
CA GLY BA 53 45.03 -27.52 8.26
C GLY BA 53 44.35 -26.25 8.79
N GLU BA 54 43.03 -26.18 8.95
CA GLU BA 54 42.37 -24.94 9.35
C GLU BA 54 42.56 -24.61 10.83
N ARG BA 55 42.54 -23.33 11.21
CA ARG BA 55 42.63 -22.90 12.61
C ARG BA 55 41.37 -23.26 13.38
N SER BA 56 40.22 -23.08 12.78
CA SER BA 56 38.92 -23.38 13.34
C SER BA 56 37.87 -23.51 12.26
N HIS BA 57 36.76 -24.14 12.58
CA HIS BA 57 35.55 -24.09 11.77
C HIS BA 57 34.31 -24.12 12.66
N LYS BA 58 33.21 -23.55 12.17
CA LYS BA 58 31.91 -23.51 12.82
C LYS BA 58 30.81 -23.72 11.82
N PHE BA 59 29.77 -24.49 12.10
CA PHE BA 59 28.60 -24.63 11.24
C PHE BA 59 27.33 -24.86 12.05
N GLU BA 60 26.24 -24.25 11.61
CA GLU BA 60 24.96 -24.24 12.29
C GLU BA 60 23.82 -24.73 11.38
N PHE BA 61 22.97 -25.61 11.86
CA PHE BA 61 21.74 -26.04 11.22
C PHE BA 61 20.55 -25.43 11.95
N ILE BA 62 19.61 -24.87 11.21
CA ILE BA 62 18.39 -24.27 11.73
C ILE BA 62 17.19 -24.96 11.05
N GLU BA 63 16.11 -25.26 11.77
CA GLU BA 63 14.90 -25.81 11.15
C GLU BA 63 14.21 -24.73 10.29
N ASN BA 64 14.00 -24.99 9.00
CA ASN BA 64 13.29 -24.08 8.09
C ASN BA 64 13.88 -22.65 8.03
N GLU BA 65 15.20 -22.51 8.14
CA GLU BA 65 15.93 -21.25 8.04
C GLU BA 65 17.36 -21.47 7.59
N THR BA 66 18.02 -20.43 7.10
CA THR BA 66 19.39 -20.48 6.58
C THR BA 66 20.42 -20.50 7.70
N GLY BA 67 21.02 -21.65 7.92
CA GLY BA 67 22.21 -21.76 8.74
C GLY BA 67 23.42 -21.13 8.08
N THR BA 68 24.47 -20.92 8.84
CA THR BA 68 25.72 -20.37 8.33
C THR BA 68 26.90 -21.17 8.85
N ALA BA 69 28.01 -21.06 8.17
CA ALA BA 69 29.24 -21.74 8.48
C ALA BA 69 30.43 -20.87 8.17
N SER BA 70 31.55 -21.13 8.82
CA SER BA 70 32.77 -20.40 8.58
C SER BA 70 33.99 -21.24 8.85
N ILE BA 71 35.07 -20.90 8.17
CA ILE BA 71 36.38 -21.51 8.31
C ILE BA 71 37.39 -20.38 8.53
N THR BA 72 38.24 -20.51 9.53
CA THR BA 72 39.41 -19.64 9.67
C THR BA 72 40.65 -20.41 9.25
N ILE BA 73 41.47 -19.85 8.36
CA ILE BA 73 42.58 -20.55 7.72
C ILE BA 73 43.82 -19.68 7.52
N SER BA 74 45.00 -20.30 7.56
CA SER BA 74 46.30 -19.70 7.22
C SER BA 74 46.36 -19.34 5.74
N LEU BA 75 46.88 -18.16 5.39
CA LEU BA 75 47.06 -17.73 3.99
C LEU BA 75 48.11 -18.54 3.22
N ASP BA 76 48.99 -19.25 3.91
CA ASP BA 76 49.94 -20.15 3.28
C ASP BA 76 49.39 -21.57 3.05
N HIS BA 77 48.12 -21.83 3.35
CA HIS BA 77 47.46 -23.08 2.96
C HIS BA 77 47.13 -23.08 1.47
N TYR BA 78 47.38 -24.17 0.75
CA TYR BA 78 47.14 -24.24 -0.70
C TYR BA 78 45.67 -24.09 -1.09
N LEU BA 79 44.74 -24.47 -0.22
CA LEU BA 79 43.32 -24.22 -0.42
C LEU BA 79 42.92 -22.78 -0.13
N ALA BA 80 43.55 -22.09 0.81
CA ALA BA 80 43.33 -20.66 0.98
C ALA BA 80 43.83 -19.89 -0.24
N LYS BA 81 44.95 -20.31 -0.84
CA LYS BA 81 45.42 -19.79 -2.11
C LYS BA 81 44.44 -20.04 -3.25
N TRP BA 82 43.84 -21.23 -3.31
CA TRP BA 82 42.78 -21.54 -4.28
C TRP BA 82 41.50 -20.70 -4.10
N ILE BA 83 41.06 -20.46 -2.87
CA ILE BA 83 39.94 -19.56 -2.58
C ILE BA 83 40.27 -18.10 -2.98
N ALA BA 84 41.46 -17.61 -2.68
CA ALA BA 84 41.86 -16.25 -3.03
C ALA BA 84 42.03 -16.04 -4.54
N SER BA 85 42.59 -16.99 -5.27
CA SER BA 85 42.85 -16.84 -6.71
C SER BA 85 41.60 -17.07 -7.56
N HIS BA 86 40.75 -16.05 -7.70
CA HIS BA 86 39.58 -16.09 -8.57
C HIS BA 86 39.93 -16.11 -10.07
N LYS BA 87 41.16 -15.74 -10.47
CA LYS BA 87 41.71 -16.08 -11.80
C LYS BA 87 41.72 -17.59 -12.04
N GLY BA 88 42.06 -18.38 -11.03
CA GLY BA 88 42.29 -19.81 -11.15
C GLY BA 88 41.04 -20.67 -11.30
N ARG BA 89 39.85 -20.10 -11.12
CA ARG BA 89 38.56 -20.81 -11.23
C ARG BA 89 37.76 -20.26 -12.40
N ALA BA 90 37.54 -21.07 -13.44
CA ALA BA 90 36.63 -20.70 -14.51
C ALA BA 90 35.17 -20.68 -14.03
N ARG BA 91 34.83 -21.59 -13.12
CA ARG BA 91 33.49 -21.75 -12.53
C ARG BA 91 33.56 -21.24 -11.10
N ARG BA 92 33.33 -19.94 -10.93
CA ARG BA 92 33.86 -19.11 -9.85
C ARG BA 92 33.32 -19.42 -8.44
N ASN BA 93 32.10 -19.94 -8.29
CA ASN BA 93 31.49 -20.24 -6.99
C ASN BA 93 32.29 -21.29 -6.20
N VAL BA 94 32.25 -21.21 -4.88
CA VAL BA 94 32.92 -22.13 -3.97
C VAL BA 94 31.89 -22.74 -3.03
N HIS BA 95 31.90 -24.06 -2.93
CA HIS BA 95 31.02 -24.83 -2.08
C HIS BA 95 31.81 -25.60 -1.04
N VAL BA 96 31.23 -25.79 0.15
CA VAL BA 96 31.74 -26.69 1.19
C VAL BA 96 30.76 -27.79 1.50
N SER BA 97 31.31 -28.91 1.93
CA SER BA 97 30.61 -29.91 2.70
C SER BA 97 31.36 -30.18 4.01
N PHE BA 98 30.65 -30.24 5.13
CA PHE BA 98 31.12 -30.84 6.37
C PHE BA 98 30.36 -32.15 6.58
N ASP BA 99 31.06 -33.27 6.64
CA ASP BA 99 30.47 -34.60 6.86
C ASP BA 99 30.84 -35.14 8.24
N LYS BA 100 29.87 -35.51 9.08
CA LYS BA 100 30.09 -36.20 10.37
C LYS BA 100 28.89 -37.04 10.79
N GLN BA 101 29.08 -38.30 11.16
CA GLN BA 101 28.01 -39.22 11.60
C GLN BA 101 26.78 -39.22 10.69
N GLY BA 102 26.98 -39.38 9.38
CA GLY BA 102 25.94 -39.43 8.38
C GLY BA 102 25.26 -38.09 8.05
N ALA BA 103 25.39 -37.08 8.92
CA ALA BA 103 24.97 -35.71 8.63
C ALA BA 103 25.94 -35.00 7.69
N ARG BA 104 25.41 -34.12 6.83
CA ARG BA 104 26.17 -33.36 5.85
C ARG BA 104 25.69 -31.93 5.84
N TRP BA 105 26.50 -30.97 6.28
CA TRP BA 105 26.24 -29.55 6.08
C TRP BA 105 26.82 -29.16 4.74
N THR BA 106 26.02 -28.68 3.80
CA THR BA 106 26.52 -28.13 2.53
C THR BA 106 26.01 -26.73 2.29
N GLY BA 107 26.86 -25.93 1.66
CA GLY BA 107 26.57 -24.52 1.45
C GLY BA 107 27.55 -23.85 0.51
N ARG BA 108 27.25 -22.60 0.20
CA ARG BA 108 27.96 -21.76 -0.77
C ARG BA 108 28.57 -20.55 -0.09
N MET BA 109 29.76 -20.19 -0.51
CA MET BA 109 30.50 -19.07 0.03
C MET BA 109 29.82 -17.74 -0.30
N ASP BA 110 29.56 -16.91 0.70
CA ASP BA 110 29.01 -15.57 0.53
C ASP BA 110 30.13 -14.54 0.32
N HIS BA 111 31.14 -14.57 1.18
CA HIS BA 111 32.31 -13.70 1.13
C HIS BA 111 33.49 -14.31 1.87
N TYR BA 112 34.67 -13.74 1.64
CA TYR BA 112 35.84 -14.02 2.45
C TYR BA 112 36.57 -12.74 2.84
N ASP BA 113 37.15 -12.72 4.04
CA ASP BA 113 38.02 -11.66 4.54
C ASP BA 113 39.46 -12.16 4.62
N ILE BA 114 40.42 -11.39 4.12
CA ILE BA 114 41.84 -11.49 4.45
C ILE BA 114 42.15 -10.35 5.42
N VAL BA 115 42.54 -10.67 6.63
CA VAL BA 115 42.67 -9.74 7.76
C VAL BA 115 44.11 -9.67 8.21
N ARG BA 116 44.67 -8.48 8.32
CA ARG BA 116 45.92 -8.21 9.03
C ARG BA 116 45.64 -7.34 10.24
N THR BA 117 45.85 -7.89 11.41
CA THR BA 117 45.62 -7.23 12.70
C THR BA 117 46.79 -6.32 13.10
N LYS BA 118 46.54 -5.36 14.00
CA LYS BA 118 47.56 -4.46 14.57
C LYS BA 118 48.69 -5.23 15.27
N GLU BA 119 48.37 -6.34 15.93
CA GLU BA 119 49.28 -7.21 16.65
C GLU BA 119 50.18 -8.09 15.76
N GLY BA 120 49.94 -8.12 14.45
CA GLY BA 120 50.76 -8.83 13.47
C GLY BA 120 50.16 -10.13 12.92
N ASP BA 121 49.03 -10.62 13.43
CA ASP BA 121 48.40 -11.84 12.94
C ASP BA 121 47.70 -11.59 11.59
N VAL BA 122 48.01 -12.42 10.60
CA VAL BA 122 47.42 -12.43 9.28
C VAL BA 122 46.64 -13.72 9.10
N TYR BA 123 45.38 -13.66 8.68
CA TYR BA 123 44.55 -14.83 8.45
C TYR BA 123 43.44 -14.57 7.44
N MET BA 124 42.80 -15.63 6.99
CA MET BA 124 41.61 -15.61 6.18
C MET BA 124 40.39 -16.18 6.92
N GLU BA 125 39.25 -15.50 6.84
CA GLU BA 125 37.93 -16.01 7.22
C GLU BA 125 37.08 -16.20 5.99
N VAL BA 126 36.54 -17.40 5.79
CA VAL BA 126 35.60 -17.70 4.73
C VAL BA 126 34.23 -17.92 5.34
N VAL BA 127 33.18 -17.31 4.79
CA VAL BA 127 31.82 -17.43 5.32
C VAL BA 127 30.88 -18.05 4.29
N PHE BA 128 30.13 -19.06 4.69
CA PHE BA 128 29.22 -19.82 3.84
C PHE BA 128 27.79 -19.74 4.38
N LYS BA 129 26.82 -19.75 3.47
CA LYS BA 129 25.40 -19.91 3.77
C LYS BA 129 24.90 -21.30 3.36
N HIS BA 130 24.10 -21.91 4.20
CA HIS BA 130 23.52 -23.24 4.00
C HIS BA 130 22.70 -23.31 2.72
N ASP BA 131 22.62 -24.48 2.09
CA ASP BA 131 21.85 -24.73 0.89
C ASP BA 131 20.35 -24.36 0.96
N TYR BA 132 19.75 -24.28 2.14
CA TYR BA 132 18.39 -23.77 2.32
C TYR BA 132 18.20 -22.40 1.64
N GLU BA 133 19.24 -21.58 1.54
CA GLU BA 133 19.19 -20.26 0.92
C GLU BA 133 18.69 -20.25 -0.52
N GLU BA 134 18.77 -21.36 -1.26
CA GLU BA 134 18.15 -21.52 -2.58
C GLU BA 134 16.65 -21.13 -2.55
N LEU BA 135 15.90 -21.51 -1.51
CA LEU BA 135 14.47 -21.25 -1.40
C LEU BA 135 14.13 -19.76 -1.23
N LYS BA 136 15.09 -18.95 -0.77
CA LYS BA 136 14.95 -17.49 -0.68
C LYS BA 136 15.29 -16.81 -2.01
N HIS BA 137 15.87 -17.53 -2.97
CA HIS BA 137 16.17 -17.08 -4.32
C HIS BA 137 15.39 -17.86 -5.38
N ILE BA 138 14.22 -18.38 -5.02
CA ILE BA 138 13.23 -19.01 -5.90
C ILE BA 138 11.90 -18.36 -5.55
N TYR BA 139 11.20 -17.82 -6.55
CA TYR BA 139 9.91 -17.16 -6.38
C TYR BA 139 8.78 -18.02 -6.94
N VAL BA 140 7.68 -18.12 -6.21
CA VAL BA 140 6.49 -18.87 -6.65
C VAL BA 140 5.62 -17.95 -7.52
N TRP BA 141 5.75 -18.06 -8.83
CA TRP BA 141 4.98 -17.25 -9.78
C TRP BA 141 3.49 -17.59 -9.69
N ALA BA 142 2.63 -16.64 -10.04
CA ALA BA 142 1.20 -16.84 -10.08
C ALA BA 142 0.77 -17.95 -11.07
N ASN BA 143 1.44 -18.06 -12.22
CA ASN BA 143 1.36 -19.21 -13.11
C ASN BA 143 2.75 -19.56 -13.64
N PRO BA 144 3.41 -20.64 -13.18
CA PRO BA 144 4.74 -21.03 -13.64
C PRO BA 144 4.82 -21.34 -15.13
N PHE BA 145 3.72 -21.71 -15.77
CA PHE BA 145 3.70 -22.20 -17.15
C PHE BA 145 3.49 -21.10 -18.20
N LEU BA 146 3.46 -19.83 -17.80
CA LEU BA 146 3.25 -18.65 -18.64
C LEU BA 146 4.35 -17.62 -18.47
N ARG BA 147 4.51 -16.75 -19.46
CA ARG BA 147 5.47 -15.64 -19.46
C ARG BA 147 5.16 -14.61 -18.37
N PRO BA 148 6.15 -13.85 -17.86
CA PRO BA 148 5.90 -12.72 -16.97
C PRO BA 148 4.85 -11.74 -17.51
N GLU BA 149 4.81 -11.55 -18.83
CA GLU BA 149 3.91 -10.62 -19.51
C GLU BA 149 2.42 -10.95 -19.34
N PHE BA 150 2.06 -12.16 -18.94
CA PHE BA 150 0.68 -12.58 -18.77
C PHE BA 150 0.55 -13.60 -17.64
N GLN BA 151 -0.03 -13.21 -16.51
CA GLN BA 151 -0.07 -14.03 -15.30
C GLN BA 151 -1.50 -14.24 -14.83
N PHE BA 152 -2.17 -15.26 -15.37
CA PHE BA 152 -3.50 -15.72 -14.96
C PHE BA 152 -3.47 -17.23 -14.68
N PRO BA 153 -4.19 -17.74 -13.68
CA PRO BA 153 -4.89 -16.99 -12.64
C PRO BA 153 -3.91 -16.17 -11.79
N LYS BA 154 -4.40 -15.11 -11.14
CA LYS BA 154 -3.56 -14.09 -10.45
C LYS BA 154 -2.85 -14.57 -9.18
N LEU BA 155 -3.31 -15.67 -8.60
CA LEU BA 155 -2.76 -16.32 -7.41
C LEU BA 155 -2.46 -17.78 -7.76
N TRP BA 156 -1.28 -18.27 -7.41
CA TRP BA 156 -1.07 -19.70 -7.31
C TRP BA 156 -1.79 -20.20 -6.08
N VAL BA 157 -2.73 -21.14 -6.20
CA VAL BA 157 -3.44 -21.71 -5.06
C VAL BA 157 -3.54 -23.21 -5.23
N MET BA 158 -3.19 -23.96 -4.18
CA MET BA 158 -3.25 -25.41 -4.17
C MET BA 158 -3.81 -25.93 -2.85
N PHE BA 159 -4.72 -26.90 -2.91
CA PHE BA 159 -5.27 -27.60 -1.77
C PHE BA 159 -4.86 -29.07 -1.81
N GLY BA 160 -4.35 -29.62 -0.71
CA GLY BA 160 -3.98 -31.04 -0.62
C GLY BA 160 -3.29 -31.37 0.69
N PRO BA 161 -2.78 -32.59 0.89
CA PRO BA 161 -1.87 -32.88 1.99
C PRO BA 161 -0.68 -31.91 1.96
N ALA BA 162 -0.25 -31.41 3.11
CA ALA BA 162 0.78 -30.38 3.20
C ALA BA 162 2.11 -30.74 2.51
N LYS BA 163 2.60 -31.97 2.62
CA LYS BA 163 3.85 -32.40 1.97
C LYS BA 163 3.72 -32.38 0.46
N TRP BA 164 2.65 -32.92 -0.09
CA TRP BA 164 2.34 -32.82 -1.52
C TRP BA 164 2.13 -31.37 -1.98
N ALA BA 165 1.35 -30.56 -1.27
CA ALA BA 165 1.06 -29.20 -1.73
C ALA BA 165 2.30 -28.29 -1.73
N LEU BA 166 3.19 -28.39 -0.74
CA LEU BA 166 4.45 -27.68 -0.77
C LEU BA 166 5.41 -28.24 -1.81
N LEU BA 167 5.68 -29.55 -1.83
CA LEU BA 167 6.62 -30.11 -2.78
C LEU BA 167 6.19 -29.94 -4.24
N LEU BA 168 4.91 -30.00 -4.59
CA LEU BA 168 4.48 -29.73 -5.96
C LEU BA 168 4.68 -28.24 -6.32
N THR BA 169 4.36 -27.30 -5.43
CA THR BA 169 4.64 -25.86 -5.61
C THR BA 169 6.13 -25.56 -5.85
N LEU BA 170 7.02 -26.32 -5.23
CA LEU BA 170 8.45 -26.25 -5.50
C LEU BA 170 8.79 -26.90 -6.86
N PHE BA 171 8.25 -28.08 -7.15
CA PHE BA 171 8.53 -28.83 -8.37
C PHE BA 171 8.12 -28.06 -9.63
N VAL BA 172 6.98 -27.36 -9.62
CA VAL BA 172 6.57 -26.56 -10.78
C VAL BA 172 7.47 -25.34 -11.00
N ASN BA 173 8.05 -24.74 -9.95
CA ASN BA 173 9.01 -23.67 -10.10
C ASN BA 173 10.42 -24.19 -10.45
N ILE BA 174 10.82 -25.37 -10.01
CA ILE BA 174 12.03 -26.07 -10.50
C ILE BA 174 11.89 -26.42 -11.99
N LEU BA 175 10.74 -26.88 -12.46
CA LEU BA 175 10.47 -27.12 -13.89
C LEU BA 175 10.63 -25.83 -14.72
N ARG BA 176 10.14 -24.70 -14.23
CA ARG BA 176 10.30 -23.38 -14.83
C ARG BA 176 11.76 -22.97 -14.92
N LEU BA 177 12.52 -23.11 -13.83
CA LEU BA 177 13.93 -22.71 -13.75
C LEU BA 177 14.85 -23.59 -14.59
N GLU BA 178 14.57 -24.89 -14.67
CA GLU BA 178 15.25 -25.81 -15.59
C GLU BA 178 14.70 -25.76 -17.02
N THR BA 179 13.84 -24.80 -17.36
CA THR BA 179 13.34 -24.49 -18.70
C THR BA 179 12.56 -25.64 -19.37
N SER BA 180 11.96 -26.51 -18.56
CA SER BA 180 11.37 -27.77 -19.01
C SER BA 180 10.06 -27.61 -19.79
N LEU BA 181 9.87 -28.46 -20.80
CA LEU BA 181 8.67 -28.56 -21.65
C LEU BA 181 7.81 -29.80 -21.34
N TRP BA 182 7.99 -30.44 -20.20
CA TRP BA 182 7.28 -31.65 -19.80
C TRP BA 182 5.79 -31.44 -19.51
N THR BA 183 4.93 -32.28 -20.09
CA THR BA 183 3.49 -32.27 -19.81
C THR BA 183 3.19 -32.87 -18.44
N LEU BA 184 2.46 -32.16 -17.59
CA LEU BA 184 2.20 -32.65 -16.24
C LEU BA 184 1.27 -33.86 -16.26
N PRO BA 185 1.58 -34.96 -15.55
CA PRO BA 185 0.65 -36.03 -15.24
C PRO BA 185 -0.52 -35.54 -14.38
N ASP BA 186 -1.47 -36.43 -14.09
CA ASP BA 186 -2.51 -36.16 -13.10
C ASP BA 186 -1.92 -35.95 -11.69
N ASN BA 187 -0.96 -36.77 -11.26
CA ASN BA 187 -0.11 -36.53 -10.10
C ASN BA 187 1.35 -36.38 -10.55
N PRO BA 188 1.90 -35.17 -10.64
CA PRO BA 188 3.28 -34.95 -11.07
C PRO BA 188 4.37 -35.48 -10.14
N LEU BA 189 4.09 -35.76 -8.86
CA LEU BA 189 5.08 -36.30 -7.93
C LEU BA 189 5.05 -37.83 -7.80
N ASP BA 190 4.35 -38.53 -8.69
CA ASP BA 190 4.45 -39.98 -8.79
C ASP BA 190 5.67 -40.37 -9.62
N ILE BA 191 6.61 -41.09 -9.04
CA ILE BA 191 7.86 -41.48 -9.69
C ILE BA 191 7.65 -42.29 -10.96
N SER BA 192 6.57 -43.07 -11.04
CA SER BA 192 6.28 -43.91 -12.20
C SER BA 192 6.06 -43.10 -13.48
N GLU BA 193 5.78 -41.80 -13.37
CA GLU BA 193 5.59 -40.89 -14.49
C GLU BA 193 6.89 -40.25 -15.00
N TRP BA 194 7.99 -40.35 -14.25
CA TRP BA 194 9.23 -39.64 -14.53
C TRP BA 194 10.16 -40.35 -15.52
N PHE BA 195 9.87 -41.60 -15.87
CA PHE BA 195 10.69 -42.46 -16.74
C PHE BA 195 9.82 -43.44 -17.55
N PRO BA 196 10.32 -44.07 -18.61
CA PRO BA 196 11.59 -43.83 -19.28
C PRO BA 196 11.52 -42.63 -20.22
N PHE BA 197 12.63 -41.89 -20.35
CA PHE BA 197 12.80 -40.76 -21.27
C PHE BA 197 11.66 -39.73 -21.23
N SER BA 198 11.07 -39.53 -20.05
CA SER BA 198 9.91 -38.67 -19.81
C SER BA 198 10.38 -37.32 -19.28
N LEU BA 199 10.82 -37.24 -18.02
CA LEU BA 199 11.17 -35.98 -17.38
C LEU BA 199 12.56 -35.47 -17.80
N ASN BA 200 13.47 -36.38 -18.18
CA ASN BA 200 14.87 -36.12 -18.48
C ASN BA 200 15.61 -35.24 -17.44
N PRO BA 201 15.66 -35.63 -16.16
CA PRO BA 201 16.22 -34.80 -15.10
C PRO BA 201 17.75 -34.74 -15.03
N GLY BA 202 18.47 -35.35 -15.96
CA GLY BA 202 19.91 -35.62 -15.87
C GLY BA 202 20.83 -34.42 -15.67
N ASN BA 203 20.43 -33.23 -16.11
CA ASN BA 203 21.24 -32.03 -16.04
C ASN BA 203 20.86 -31.07 -14.91
N TRP BA 204 19.80 -31.35 -14.15
CA TRP BA 204 19.20 -30.42 -13.20
C TRP BA 204 20.01 -30.20 -11.92
N ARG BA 205 20.00 -28.96 -11.45
CA ARG BA 205 20.62 -28.53 -10.19
C ARG BA 205 19.80 -28.89 -8.96
N ASN BA 206 18.48 -28.87 -9.06
CA ASN BA 206 17.52 -29.06 -7.98
C ASN BA 206 16.46 -30.09 -8.38
N ILE BA 207 15.98 -30.93 -7.46
CA ILE BA 207 14.83 -31.83 -7.72
C ILE BA 207 14.06 -32.13 -6.43
N VAL BA 208 12.80 -32.55 -6.54
CA VAL BA 208 11.96 -32.97 -5.41
C VAL BA 208 12.03 -34.49 -5.26
N LYS BA 209 12.05 -35.04 -4.05
CA LYS BA 209 11.91 -36.50 -3.87
C LYS BA 209 10.46 -36.91 -4.12
N PRO BA 210 10.15 -37.76 -5.10
CA PRO BA 210 8.80 -38.22 -5.35
C PRO BA 210 8.33 -39.20 -4.29
N PHE BA 211 7.03 -39.39 -4.17
CA PHE BA 211 6.43 -40.31 -3.19
C PHE BA 211 4.99 -40.65 -3.58
N PRO BA 212 4.41 -41.74 -3.04
CA PRO BA 212 3.04 -42.14 -3.34
C PRO BA 212 1.99 -41.30 -2.58
N PHE BA 213 1.03 -40.70 -3.29
CA PHE BA 213 0.03 -39.78 -2.72
C PHE BA 213 -0.87 -40.42 -1.66
N LEU BA 214 -1.28 -41.68 -1.85
CA LEU BA 214 -2.18 -42.36 -0.92
C LEU BA 214 -1.57 -42.63 0.47
N ALA BA 215 -0.25 -42.54 0.62
CA ALA BA 215 0.46 -42.66 1.89
C ALA BA 215 0.72 -41.33 2.60
N ASP BA 216 0.49 -40.17 1.96
CA ASP BA 216 0.76 -38.86 2.57
C ASP BA 216 -0.29 -38.50 3.62
N ASN BA 217 0.06 -38.66 4.90
CA ASN BA 217 -0.79 -38.38 6.04
C ASN BA 217 -0.75 -36.91 6.50
N SER BA 218 0.07 -36.06 5.90
CA SER BA 218 0.26 -34.68 6.36
C SER BA 218 -1.03 -33.86 6.19
N PRO BA 219 -1.34 -32.91 7.10
CA PRO BA 219 -2.70 -32.39 7.24
C PRO BA 219 -3.14 -31.58 6.02
N LEU BA 220 -4.41 -31.68 5.62
CA LEU BA 220 -4.94 -30.97 4.46
C LEU BA 220 -4.78 -29.46 4.65
N THR BA 221 -4.35 -28.74 3.62
CA THR BA 221 -3.96 -27.34 3.77
C THR BA 221 -3.97 -26.56 2.45
N ILE BA 222 -3.90 -25.24 2.51
CA ILE BA 222 -3.82 -24.35 1.36
C ILE BA 222 -2.45 -23.71 1.27
N VAL BA 223 -1.77 -23.90 0.14
CA VAL BA 223 -0.56 -23.15 -0.20
C VAL BA 223 -0.93 -22.11 -1.25
N PHE BA 224 -0.58 -20.86 -1.02
CA PHE BA 224 -0.83 -19.76 -1.95
C PHE BA 224 0.33 -18.79 -2.09
N SER BA 225 0.51 -18.24 -3.29
CA SER BA 225 1.48 -17.20 -3.58
C SER BA 225 1.06 -16.32 -4.77
N ARG BA 226 1.38 -15.02 -4.70
CA ARG BA 226 1.53 -14.17 -5.89
C ARG BA 226 2.92 -13.58 -5.87
N PHE BA 227 3.88 -14.27 -6.48
CA PHE BA 227 5.30 -13.88 -6.50
C PHE BA 227 5.91 -13.63 -5.11
N LYS BA 228 5.54 -14.42 -4.09
CA LYS BA 228 6.33 -14.60 -2.86
C LYS BA 228 7.59 -15.40 -3.15
N SER BA 229 8.62 -15.32 -2.31
CA SER BA 229 9.67 -16.34 -2.30
C SER BA 229 9.08 -17.67 -1.83
N PHE BA 230 9.75 -18.80 -2.10
CA PHE BA 230 9.25 -20.07 -1.60
C PHE BA 230 9.35 -20.13 -0.07
N HIS BA 231 10.40 -19.56 0.52
CA HIS BA 231 10.51 -19.43 1.97
C HIS BA 231 9.31 -18.72 2.59
N ASP BA 232 8.94 -17.54 2.08
CA ASP BA 232 7.78 -16.78 2.56
C ASP BA 232 6.45 -17.50 2.33
N THR BA 233 6.34 -18.26 1.25
CA THR BA 233 5.19 -19.11 0.93
C THR BA 233 5.04 -20.25 1.93
N ALA BA 234 6.11 -20.98 2.20
CA ALA BA 234 6.09 -22.16 3.07
C ALA BA 234 6.12 -21.84 4.57
N LYS BA 235 6.58 -20.66 4.99
CA LYS BA 235 6.80 -20.29 6.40
C LYS BA 235 5.65 -20.70 7.33
N ASN BA 236 4.44 -20.21 7.07
CA ASN BA 236 3.28 -20.48 7.92
C ASN BA 236 2.76 -21.90 7.76
N VAL BA 237 2.79 -22.45 6.55
CA VAL BA 237 2.33 -23.82 6.29
C VAL BA 237 3.17 -24.84 7.07
N LEU BA 238 4.50 -24.70 7.06
CA LEU BA 238 5.40 -25.57 7.79
C LEU BA 238 5.24 -25.41 9.29
N ALA BA 239 5.07 -24.19 9.78
CA ALA BA 239 4.89 -23.93 11.20
C ALA BA 239 3.57 -24.50 11.72
N ASP BA 240 2.45 -24.25 11.06
CA ASP BA 240 1.13 -24.76 11.47
C ASP BA 240 1.00 -26.27 11.29
N SER BA 241 1.58 -26.85 10.24
CA SER BA 241 1.59 -28.31 10.05
C SER BA 241 2.64 -29.03 10.89
N GLN BA 242 3.58 -28.31 11.50
CA GLN BA 242 4.76 -28.82 12.21
C GLN BA 242 5.65 -29.72 11.35
N LEU BA 243 6.09 -29.21 10.21
CA LEU BA 243 6.89 -29.93 9.21
C LEU BA 243 8.25 -29.31 9.00
N THR BA 244 9.19 -30.16 8.62
CA THR BA 244 10.57 -29.78 8.34
C THR BA 244 10.81 -29.99 6.84
N ILE BA 245 11.29 -28.98 6.12
CA ILE BA 245 11.90 -29.26 4.81
C ILE BA 245 13.36 -29.69 4.99
N VAL BA 246 13.82 -30.64 4.20
CA VAL BA 246 15.19 -31.13 4.23
C VAL BA 246 15.75 -31.20 2.82
N CYS BA 247 17.03 -30.92 2.68
CA CYS BA 247 17.74 -31.05 1.42
C CYS BA 247 19.06 -31.79 1.63
N ARG BA 248 19.39 -32.71 0.73
CA ARG BA 248 20.70 -33.37 0.70
C ARG BA 248 21.24 -33.35 -0.73
N ARG BA 249 22.49 -32.96 -0.90
CA ARG BA 249 23.20 -33.03 -2.18
C ARG BA 249 23.68 -34.43 -2.41
N TYR BA 250 23.34 -34.95 -3.58
CA TYR BA 250 23.79 -36.24 -4.05
C TYR BA 250 25.25 -36.19 -4.51
N PHE BA 251 26.14 -36.92 -3.86
CA PHE BA 251 27.53 -37.06 -4.28
C PHE BA 251 27.78 -38.44 -4.90
N HIS BA 252 28.18 -38.46 -6.18
CA HIS BA 252 28.52 -39.71 -6.87
C HIS BA 252 29.66 -40.45 -6.18
N GLY BA 253 29.57 -41.77 -6.14
CA GLY BA 253 30.62 -42.66 -5.66
C GLY BA 253 30.71 -42.80 -4.14
N GLU BA 254 29.82 -42.18 -3.39
CA GLU BA 254 29.74 -42.35 -1.94
C GLU BA 254 28.30 -42.48 -1.43
N ASP BA 255 27.34 -41.73 -1.97
CA ASP BA 255 25.92 -41.92 -1.65
C ASP BA 255 25.28 -43.03 -2.51
N PRO BA 256 24.23 -43.72 -2.02
CA PRO BA 256 23.29 -44.44 -2.86
C PRO BA 256 22.41 -43.47 -3.68
N HIS BA 257 21.79 -43.93 -4.77
CA HIS BA 257 20.86 -43.07 -5.54
C HIS BA 257 19.75 -42.54 -4.64
N PRO BA 258 19.36 -41.24 -4.72
CA PRO BA 258 18.41 -40.66 -3.81
C PRO BA 258 17.03 -41.31 -3.79
N PHE BA 259 16.58 -41.90 -4.88
CA PHE BA 259 15.22 -42.44 -5.03
C PHE BA 259 15.15 -43.95 -4.86
N ALA BA 260 16.26 -44.64 -4.58
CA ALA BA 260 16.28 -46.06 -4.33
C ALA BA 260 15.59 -46.43 -2.99
N GLU BA 261 14.72 -47.44 -3.01
CA GLU BA 261 14.13 -48.06 -1.83
C GLU BA 261 13.82 -49.55 -2.09
N LEU BA 262 13.87 -50.35 -1.03
CA LEU BA 262 13.90 -51.81 -1.10
C LEU BA 262 12.57 -52.48 -0.75
N SER BA 263 11.45 -51.79 -0.92
CA SER BA 263 10.15 -52.31 -0.49
C SER BA 263 9.76 -53.62 -1.17
N GLY BA 264 9.38 -54.63 -0.38
CA GLY BA 264 8.86 -55.91 -0.85
C GLY BA 264 8.87 -56.99 0.22
N GLU BA 265 8.35 -58.17 -0.09
CA GLU BA 265 8.43 -59.34 0.79
C GLU BA 265 9.88 -59.86 0.91
N LEU BA 266 10.55 -60.01 -0.23
CA LEU BA 266 11.94 -60.43 -0.34
C LEU BA 266 12.91 -59.24 -0.19
N GLY BA 267 12.41 -58.00 -0.14
CA GLY BA 267 13.23 -56.80 -0.10
C GLY BA 267 13.97 -56.48 -1.40
N LEU BA 268 13.40 -56.81 -2.55
CA LEU BA 268 13.91 -56.40 -3.86
C LEU BA 268 13.77 -54.88 -4.05
N PRO BA 269 14.67 -54.22 -4.81
CA PRO BA 269 14.50 -52.85 -5.24
C PRO BA 269 13.14 -52.60 -5.89
N LEU BA 270 12.48 -51.49 -5.57
CA LEU BA 270 11.13 -51.23 -6.04
C LEU BA 270 11.08 -50.89 -7.54
N ILE BA 271 12.07 -50.15 -8.04
CA ILE BA 271 12.34 -49.95 -9.47
C ILE BA 271 13.77 -50.43 -9.74
N GLU BA 272 13.96 -51.42 -10.60
CA GLU BA 272 15.31 -51.90 -10.94
C GLU BA 272 15.98 -50.97 -11.96
N GLY BA 273 17.29 -50.77 -11.84
CA GLY BA 273 18.04 -49.85 -12.70
C GLY BA 273 17.71 -48.36 -12.51
N ILE BA 274 17.23 -47.95 -11.33
CA ILE BA 274 16.76 -46.58 -11.09
C ILE BA 274 17.79 -45.49 -11.39
N ALA BA 275 19.08 -45.76 -11.18
CA ALA BA 275 20.16 -44.84 -11.53
C ALA BA 275 20.32 -44.61 -13.04
N SER BA 276 20.01 -45.62 -13.87
CA SER BA 276 19.98 -45.51 -15.32
C SER BA 276 18.70 -44.85 -15.83
N LEU BA 277 17.56 -45.07 -15.17
CA LEU BA 277 16.27 -44.54 -15.57
C LEU BA 277 16.07 -43.08 -15.17
N ILE BA 278 16.57 -42.68 -14.01
CA ILE BA 278 16.42 -41.34 -13.44
C ILE BA 278 17.82 -40.83 -13.11
N PRO BA 279 18.67 -40.54 -14.11
CA PRO BA 279 20.02 -40.08 -13.85
C PRO BA 279 19.97 -38.71 -13.18
N LEU BA 280 20.83 -38.49 -12.21
CA LEU BA 280 21.02 -37.21 -11.54
C LEU BA 280 22.50 -36.85 -11.55
N ARG BA 281 22.83 -35.61 -11.87
CA ARG BA 281 24.20 -35.11 -11.85
C ARG BA 281 24.79 -35.10 -10.45
N HIS BA 282 26.11 -35.07 -10.39
CA HIS BA 282 26.86 -34.87 -9.16
C HIS BA 282 26.56 -33.49 -8.57
N GLY BA 283 26.14 -33.44 -7.32
CA GLY BA 283 25.79 -32.21 -6.61
C GLY BA 283 24.32 -31.83 -6.69
N CYS BA 284 23.46 -32.60 -7.36
CA CYS BA 284 22.03 -32.33 -7.44
C CYS BA 284 21.40 -32.23 -6.04
N LEU BA 285 20.70 -31.14 -5.76
CA LEU BA 285 20.11 -30.87 -4.46
C LEU BA 285 18.69 -31.44 -4.38
N VAL BA 286 18.52 -32.56 -3.67
CA VAL BA 286 17.24 -33.24 -3.57
C VAL BA 286 16.45 -32.72 -2.37
N TRP BA 287 15.32 -32.08 -2.64
CA TRP BA 287 14.38 -31.55 -1.65
C TRP BA 287 13.39 -32.61 -1.20
N ASP BA 288 13.03 -32.58 0.07
CA ASP BA 288 12.05 -33.45 0.68
C ASP BA 288 11.37 -32.72 1.84
N ILE BA 289 10.23 -33.22 2.31
CA ILE BA 289 9.58 -32.73 3.52
C ILE BA 289 9.37 -33.92 4.42
N VAL BA 290 9.77 -33.79 5.68
CA VAL BA 290 9.70 -34.87 6.66
C VAL BA 290 8.79 -34.49 7.82
N ASP BA 291 8.04 -35.47 8.28
CA ASP BA 291 7.06 -35.34 9.35
C ASP BA 291 7.71 -35.79 10.67
N ASN BA 292 8.45 -34.89 11.31
CA ASN BA 292 9.17 -35.18 12.55
C ASN BA 292 8.36 -34.84 13.82
N SER BA 293 7.15 -34.31 13.69
CA SER BA 293 6.20 -34.12 14.78
C SER BA 293 4.92 -34.91 14.48
N GLY BA 294 4.77 -36.07 15.10
CA GLY BA 294 3.57 -36.90 14.97
C GLY BA 294 2.34 -36.36 15.69
N TRP BA 295 2.21 -35.04 15.85
CA TRP BA 295 1.15 -34.42 16.66
C TRP BA 295 -0.24 -34.87 16.23
N GLY BA 296 -0.49 -35.06 14.92
CA GLY BA 296 -1.76 -35.52 14.39
C GLY BA 296 -1.96 -37.04 14.32
N SER BA 297 -1.04 -37.88 14.79
CA SER BA 297 -1.13 -39.34 14.69
C SER BA 297 -0.74 -40.09 15.96
N GLU BA 298 0.49 -40.01 16.41
CA GLU BA 298 0.97 -40.50 17.71
C GLU BA 298 2.32 -39.88 18.01
N THR BA 299 2.47 -39.28 19.19
CA THR BA 299 3.74 -38.80 19.71
C THR BA 299 3.68 -38.60 21.23
N ALA BA 300 4.63 -37.92 21.85
CA ALA BA 300 4.57 -37.51 23.25
C ALA BA 300 4.99 -36.05 23.47
N PHE BA 301 4.27 -35.33 24.32
CA PHE BA 301 4.55 -33.92 24.66
C PHE BA 301 5.22 -33.72 26.02
N GLY BA 302 5.35 -34.80 26.80
CA GLY BA 302 5.86 -34.77 28.16
C GLY BA 302 5.83 -36.15 28.79
N GLY BA 303 6.27 -36.24 30.03
CA GLY BA 303 6.37 -37.51 30.73
C GLY BA 303 7.15 -37.45 32.03
N SER BA 304 7.66 -38.59 32.45
CA SER BA 304 8.43 -38.74 33.68
C SER BA 304 9.56 -39.76 33.55
N LEU BA 305 10.69 -39.52 34.19
CA LEU BA 305 11.80 -40.46 34.31
C LEU BA 305 11.42 -41.73 35.09
N LEU BA 306 10.43 -41.63 35.99
CA LEU BA 306 9.95 -42.77 36.77
C LEU BA 306 9.10 -43.72 35.92
N THR BA 307 8.07 -43.23 35.24
CA THR BA 307 7.06 -44.06 34.54
C THR BA 307 7.12 -44.01 33.02
N GLY BA 308 7.89 -43.11 32.41
CA GLY BA 308 8.06 -43.01 30.97
C GLY BA 308 7.31 -41.84 30.32
N LEU BA 309 7.42 -41.69 29.01
CA LEU BA 309 6.66 -40.68 28.26
C LEU BA 309 5.19 -41.05 28.10
N VAL BA 310 4.31 -40.06 28.09
CA VAL BA 310 2.87 -40.23 27.90
C VAL BA 310 2.53 -40.01 26.43
N ARG BA 311 2.05 -41.06 25.75
CA ARG BA 311 1.65 -41.03 24.33
C ARG BA 311 0.33 -40.31 24.13
N ALA BA 312 0.21 -39.54 23.07
CA ALA BA 312 -0.91 -38.65 22.83
C ALA BA 312 -1.16 -38.37 21.33
N VAL BA 313 -2.33 -37.85 21.02
CA VAL BA 313 -2.71 -37.33 19.70
C VAL BA 313 -3.38 -35.99 19.86
N MET BA 314 -3.15 -35.07 18.94
CA MET BA 314 -3.85 -33.80 18.83
C MET BA 314 -4.79 -33.78 17.63
N ASN BA 315 -5.97 -33.21 17.81
CA ASN BA 315 -6.95 -33.00 16.74
C ASN BA 315 -7.51 -31.58 16.82
N ILE BA 316 -7.61 -30.88 15.69
CA ILE BA 316 -8.26 -29.58 15.62
C ILE BA 316 -9.78 -29.78 15.67
N ALA BA 317 -10.47 -29.19 16.64
CA ALA BA 317 -11.94 -29.21 16.72
C ALA BA 317 -12.59 -28.33 15.65
N SER BA 318 -13.90 -28.47 15.44
CA SER BA 318 -14.59 -27.88 14.28
C SER BA 318 -14.57 -26.36 14.18
N ASP BA 319 -14.26 -25.62 15.25
CA ASP BA 319 -14.03 -24.17 15.16
C ASP BA 319 -12.68 -23.79 14.53
N GLY BA 320 -11.80 -24.76 14.28
CA GLY BA 320 -10.48 -24.59 13.72
C GLY BA 320 -9.42 -24.08 14.70
N MET BA 321 -9.80 -23.56 15.86
CA MET BA 321 -8.89 -22.95 16.83
C MET BA 321 -8.49 -23.90 17.94
N THR BA 322 -9.41 -24.61 18.57
CA THR BA 322 -9.09 -25.43 19.73
C THR BA 322 -8.58 -26.81 19.31
N GLU BA 323 -7.51 -27.28 19.94
CA GLU BA 323 -6.98 -28.62 19.74
C GLU BA 323 -7.30 -29.51 20.94
N GLY BA 324 -7.97 -30.63 20.71
CA GLY BA 324 -8.11 -31.66 21.73
C GLY BA 324 -6.81 -32.45 21.84
N ILE BA 325 -6.48 -32.94 23.04
CA ILE BA 325 -5.40 -33.91 23.25
C ILE BA 325 -6.00 -35.21 23.77
N ASP BA 326 -5.84 -36.30 23.04
CA ASP BA 326 -6.30 -37.63 23.43
C ASP BA 326 -5.11 -38.48 23.89
N ILE BA 327 -5.06 -38.88 25.16
CA ILE BA 327 -4.02 -39.74 25.72
C ILE BA 327 -4.28 -41.21 25.38
N TYR BA 328 -3.28 -41.92 24.87
CA TYR BA 328 -3.37 -43.38 24.69
C TYR BA 328 -3.28 -44.11 26.03
N THR BA 329 -4.23 -44.99 26.29
CA THR BA 329 -4.28 -45.80 27.52
C THR BA 329 -3.48 -47.11 27.41
N GLY BA 330 -3.18 -47.57 26.20
CA GLY BA 330 -2.47 -48.83 25.97
C GLY BA 330 -0.98 -48.78 26.30
N LEU BA 331 -0.37 -49.96 26.44
CA LEU BA 331 1.07 -50.09 26.60
C LEU BA 331 1.79 -49.71 25.30
N PRO BA 332 2.89 -48.94 25.36
CA PRO BA 332 3.48 -48.33 24.19
C PRO BA 332 4.19 -49.32 23.26
N THR BA 333 3.97 -49.15 21.96
CA THR BA 333 4.63 -49.89 20.88
C THR BA 333 5.74 -49.08 20.21
N TYR BA 334 6.58 -49.74 19.41
CA TYR BA 334 7.77 -49.17 18.78
C TYR BA 334 7.81 -49.42 17.26
N PRO BA 335 8.40 -48.51 16.47
CA PRO BA 335 8.63 -48.73 15.05
C PRO BA 335 9.67 -49.82 14.80
N GLY BA 336 9.57 -50.54 13.68
CA GLY BA 336 10.41 -51.73 13.44
C GLY BA 336 11.90 -51.46 13.36
N GLU BA 337 12.34 -50.25 13.03
CA GLU BA 337 13.73 -49.86 13.11
C GLU BA 337 14.32 -49.97 14.52
N TYR BA 338 13.51 -49.91 15.58
CA TYR BA 338 14.01 -50.00 16.95
C TYR BA 338 14.40 -51.44 17.34
N TYR BA 339 14.24 -52.42 16.45
CA TYR BA 339 14.74 -53.78 16.63
C TYR BA 339 15.95 -54.09 15.73
N THR BA 340 16.29 -53.21 14.80
CA THR BA 340 17.29 -53.44 13.76
C THR BA 340 18.74 -53.30 14.27
N PRO BA 341 19.60 -54.31 14.10
CA PRO BA 341 21.03 -54.20 14.38
C PRO BA 341 21.68 -52.97 13.74
N GLY BA 342 22.39 -52.16 14.53
CA GLY BA 342 23.11 -50.98 14.07
C GLY BA 342 22.28 -49.71 13.84
N PHE BA 343 20.95 -49.75 13.90
CA PHE BA 343 20.14 -48.53 13.83
C PHE BA 343 20.32 -47.67 15.09
N LEU BA 344 20.28 -46.36 14.91
CA LEU BA 344 20.11 -45.35 15.95
C LEU BA 344 19.20 -44.27 15.36
N GLY BA 345 18.29 -43.68 16.12
CA GLY BA 345 17.52 -42.55 15.63
C GLY BA 345 16.13 -42.44 16.20
N THR BA 346 15.53 -41.26 16.09
CA THR BA 346 14.20 -41.00 16.64
C THR BA 346 13.16 -41.07 15.55
N TYR BA 347 12.08 -41.80 15.77
CA TYR BA 347 10.81 -41.60 15.07
C TYR BA 347 9.82 -40.87 15.97
N PRO BA 348 8.97 -39.99 15.44
CA PRO BA 348 8.08 -39.18 16.26
C PRO BA 348 7.10 -39.97 17.11
N LYS BA 349 6.74 -41.16 16.65
CA LYS BA 349 5.93 -42.16 17.37
C LYS BA 349 6.51 -42.50 18.73
N ALA BA 350 7.83 -42.59 18.83
CA ALA BA 350 8.51 -43.16 19.98
C ALA BA 350 9.82 -42.44 20.32
N PRO BA 351 9.80 -41.19 20.80
CA PRO BA 351 11.01 -40.53 21.26
C PRO BA 351 11.56 -41.17 22.53
N HIS BA 352 12.87 -41.09 22.74
CA HIS BA 352 13.57 -41.80 23.83
C HIS BA 352 14.66 -41.00 24.52
N VAL BA 353 15.15 -39.93 23.91
CA VAL BA 353 16.24 -39.11 24.39
C VAL BA 353 15.80 -38.28 25.59
N VAL BA 354 16.47 -38.41 26.73
CA VAL BA 354 16.35 -37.49 27.86
C VAL BA 354 17.70 -36.93 28.21
N PHE BA 355 17.83 -35.62 28.18
CA PHE BA 355 18.91 -34.89 28.82
C PHE BA 355 18.55 -34.61 30.27
N MET BA 356 19.10 -35.39 31.19
CA MET BA 356 18.90 -35.21 32.63
C MET BA 356 19.81 -34.13 33.18
N GLU BA 357 19.28 -33.24 34.01
CA GLU BA 357 20.05 -32.23 34.75
C GLU BA 357 20.20 -32.56 36.23
N SER BA 358 19.75 -33.74 36.66
CA SER BA 358 20.02 -34.33 37.98
C SER BA 358 21.53 -34.64 38.18
N PRO BA 359 21.97 -35.01 39.40
CA PRO BA 359 23.37 -35.32 39.69
C PRO BA 359 24.04 -36.28 38.70
N TYR BA 360 25.34 -36.07 38.47
CA TYR BA 360 26.15 -36.68 37.40
C TYR BA 360 25.73 -36.27 35.96
N THR BA 361 25.04 -35.14 35.78
CA THR BA 361 24.83 -34.54 34.44
C THR BA 361 26.15 -34.15 33.78
N GLY BA 362 26.25 -34.33 32.46
CA GLY BA 362 27.39 -33.96 31.64
C GLY BA 362 27.25 -32.63 30.90
N ILE BA 363 26.13 -31.92 31.05
CA ILE BA 363 25.80 -30.72 30.27
C ILE BA 363 26.58 -29.50 30.79
N GLU BA 364 27.21 -28.74 29.92
CA GLU BA 364 28.14 -27.67 30.30
C GLU BA 364 27.42 -26.44 30.87
N SER BA 365 26.35 -26.01 30.22
CA SER BA 365 25.47 -24.94 30.68
C SER BA 365 24.10 -25.11 30.04
N SER BA 366 23.08 -24.50 30.63
CA SER BA 366 21.75 -24.46 30.04
C SER BA 366 20.94 -23.22 30.41
N LYS BA 367 20.00 -22.86 29.54
CA LYS BA 367 18.91 -21.94 29.81
C LYS BA 367 17.59 -22.61 29.44
N PHE BA 368 16.68 -22.77 30.40
CA PHE BA 368 15.33 -23.23 30.18
C PHE BA 368 14.39 -22.05 30.27
N THR BA 369 13.52 -21.87 29.29
CA THR BA 369 12.63 -20.70 29.20
C THR BA 369 11.20 -21.16 29.00
N TYR BA 370 10.29 -20.57 29.75
CA TYR BA 370 8.86 -20.75 29.59
C TYR BA 370 8.19 -19.42 29.26
N THR BA 371 7.41 -19.38 28.19
CA THR BA 371 6.65 -18.19 27.77
C THR BA 371 5.16 -18.47 27.86
N GLU BA 372 4.39 -17.62 28.52
CA GLU BA 372 2.92 -17.75 28.59
C GLU BA 372 2.21 -17.26 27.33
N ALA BA 373 1.03 -17.82 27.03
CA ALA BA 373 0.20 -17.33 25.95
C ALA BA 373 -0.27 -15.89 26.23
N THR BA 374 -0.36 -15.08 25.19
CA THR BA 374 -0.77 -13.67 25.31
C THR BA 374 -2.22 -13.47 24.89
N ASP BA 375 -2.47 -13.33 23.59
CA ASP BA 375 -3.76 -12.95 23.03
C ASP BA 375 -4.85 -14.02 23.21
N THR BA 376 -6.10 -13.59 23.30
CA THR BA 376 -7.29 -14.44 23.40
C THR BA 376 -8.32 -14.27 22.28
N SER BA 377 -8.25 -13.23 21.45
CA SER BA 377 -9.15 -13.01 20.31
C SER BA 377 -8.40 -12.41 19.13
N PHE BA 378 -8.20 -13.19 18.08
CA PHE BA 378 -7.54 -12.70 16.88
C PHE BA 378 -8.51 -11.83 16.09
N VAL BA 379 -8.10 -10.66 15.67
CA VAL BA 379 -8.88 -9.76 14.80
C VAL BA 379 -8.14 -9.59 13.48
N LEU BA 380 -8.86 -9.65 12.37
CA LEU BA 380 -8.35 -9.79 11.02
C LEU BA 380 -9.01 -8.80 10.06
N GLY BA 381 -8.36 -8.55 8.92
CA GLY BA 381 -9.02 -8.02 7.74
C GLY BA 381 -8.39 -6.76 7.20
N GLY BA 382 -9.23 -5.83 6.77
CA GLY BA 382 -8.85 -4.52 6.24
C GLY BA 382 -9.51 -4.18 4.91
N GLN BA 383 -9.84 -5.20 4.11
CA GLN BA 383 -10.54 -5.06 2.83
C GLN BA 383 -11.56 -6.17 2.66
N SER BA 384 -12.62 -5.92 1.89
CA SER BA 384 -13.70 -6.91 1.74
C SER BA 384 -13.22 -8.22 1.16
N MET BA 385 -13.86 -9.30 1.60
CA MET BA 385 -13.79 -10.61 0.93
C MET BA 385 -14.03 -10.49 -0.58
N PRO BA 386 -13.39 -11.31 -1.40
CA PRO BA 386 -13.35 -11.11 -2.84
C PRO BA 386 -14.75 -11.18 -3.48
N GLY BA 387 -15.08 -10.18 -4.28
CA GLY BA 387 -16.36 -10.05 -4.98
C GLY BA 387 -17.45 -9.26 -4.25
N VAL BA 388 -17.34 -9.03 -2.95
CA VAL BA 388 -18.37 -8.30 -2.17
C VAL BA 388 -18.48 -6.83 -2.55
N ASN BA 389 -17.37 -6.10 -2.68
CA ASN BA 389 -17.35 -4.71 -3.17
C ASN BA 389 -17.97 -4.65 -4.57
N GLU BA 390 -17.79 -5.71 -5.33
CA GLU BA 390 -18.22 -5.77 -6.69
C GLU BA 390 -19.73 -5.99 -6.83
N VAL BA 391 -20.35 -6.93 -6.12
CA VAL BA 391 -21.81 -7.11 -6.11
C VAL BA 391 -22.56 -5.80 -5.82
N ILE BA 392 -22.02 -4.95 -4.95
CA ILE BA 392 -22.55 -3.62 -4.68
C ILE BA 392 -22.37 -2.68 -5.87
N SER BA 393 -21.18 -2.63 -6.45
CA SER BA 393 -20.89 -1.85 -7.67
C SER BA 393 -21.83 -2.23 -8.81
N ALA BA 394 -22.02 -3.53 -9.04
CA ALA BA 394 -22.93 -4.05 -10.04
C ALA BA 394 -24.36 -3.57 -9.80
N GLY BA 395 -24.88 -3.72 -8.59
CA GLY BA 395 -26.23 -3.28 -8.24
C GLY BA 395 -26.47 -1.80 -8.42
N ILE BA 396 -25.50 -0.95 -8.12
CA ILE BA 396 -25.62 0.51 -8.29
C ILE BA 396 -25.60 0.87 -9.76
N ASN BA 397 -24.68 0.31 -10.55
CA ASN BA 397 -24.66 0.46 -12.00
C ASN BA 397 -25.99 0.02 -12.61
N MET BA 398 -26.49 -1.18 -12.29
CA MET BA 398 -27.78 -1.69 -12.74
C MET BA 398 -28.92 -0.76 -12.38
N GLY BA 399 -29.03 -0.35 -11.12
CA GLY BA 399 -30.16 0.44 -10.66
C GLY BA 399 -30.24 1.80 -11.35
N GLY BA 400 -29.14 2.53 -11.47
CA GLY BA 400 -29.16 3.86 -12.07
C GLY BA 400 -29.36 3.84 -13.59
N ASP BA 401 -28.75 2.88 -14.28
CA ASP BA 401 -28.91 2.73 -15.72
C ASP BA 401 -30.29 2.18 -16.09
N PHE BA 402 -30.82 1.22 -15.34
CA PHE BA 402 -32.14 0.66 -15.61
C PHE BA 402 -33.27 1.57 -15.16
N LEU BA 403 -33.12 2.36 -14.10
CA LEU BA 403 -34.14 3.34 -13.74
C LEU BA 403 -34.32 4.36 -14.86
N THR BA 404 -33.24 4.84 -15.46
CA THR BA 404 -33.33 5.79 -16.56
C THR BA 404 -33.80 5.15 -17.86
N SER BA 405 -33.50 3.89 -18.13
CA SER BA 405 -34.12 3.19 -19.27
C SER BA 405 -35.61 2.94 -19.05
N LEU BA 406 -36.06 2.68 -17.82
CA LEU BA 406 -37.49 2.69 -17.47
C LEU BA 406 -38.13 4.06 -17.69
N ILE BA 407 -37.54 5.13 -17.15
CA ILE BA 407 -38.16 6.46 -17.21
C ILE BA 407 -38.23 6.95 -18.65
N ASN BA 408 -37.14 6.86 -19.41
CA ASN BA 408 -37.14 7.23 -20.82
C ASN BA 408 -38.07 6.33 -21.68
N SER BA 409 -38.22 5.04 -21.37
CA SER BA 409 -39.02 4.15 -22.21
C SER BA 409 -40.53 4.30 -22.03
N GLN BA 410 -41.01 4.54 -20.82
CA GLN BA 410 -42.44 4.50 -20.51
C GLN BA 410 -43.01 5.73 -19.82
N LEU BA 411 -42.21 6.53 -19.10
CA LEU BA 411 -42.76 7.43 -18.09
C LEU BA 411 -42.54 8.93 -18.38
N ALA BA 412 -41.38 9.37 -18.84
CA ALA BA 412 -41.07 10.80 -18.87
C ALA BA 412 -39.95 11.20 -19.83
N THR BA 413 -39.68 12.50 -19.91
CA THR BA 413 -38.66 13.13 -20.75
C THR BA 413 -38.22 14.47 -20.14
N LEU BA 414 -37.10 15.05 -20.55
CA LEU BA 414 -36.68 16.37 -20.08
C LEU BA 414 -36.93 17.42 -21.16
N GLY BA 415 -37.72 18.44 -20.84
CA GLY BA 415 -38.05 19.53 -21.73
C GLY BA 415 -36.94 20.57 -21.77
N ALA BA 416 -36.03 20.45 -22.73
CA ALA BA 416 -34.94 21.40 -22.93
C ALA BA 416 -35.36 22.63 -23.74
N PHE BA 417 -34.49 23.64 -23.88
CA PHE BA 417 -34.81 24.87 -24.63
C PHE BA 417 -35.26 24.60 -26.07
N GLY BA 418 -34.69 23.59 -26.73
CA GLY BA 418 -35.17 23.02 -27.98
C GLY BA 418 -35.59 21.58 -27.76
N GLY BA 419 -36.62 21.10 -28.45
CA GLY BA 419 -37.09 19.72 -28.40
C GLY BA 419 -37.27 19.14 -26.98
N ALA BA 420 -36.84 17.90 -26.81
CA ALA BA 420 -36.74 17.21 -25.54
C ALA BA 420 -35.49 16.30 -25.51
N ILE BA 421 -35.11 15.84 -24.32
CA ILE BA 421 -33.86 15.13 -24.07
C ILE BA 421 -34.14 13.89 -23.22
N ASP BA 422 -33.59 12.75 -23.60
CA ASP BA 422 -33.56 11.58 -22.71
C ASP BA 422 -32.71 11.87 -21.47
N LEU BA 423 -33.18 11.50 -20.27
CA LEU BA 423 -32.34 11.58 -19.08
C LEU BA 423 -31.10 10.71 -19.26
N PRO BA 424 -29.89 11.20 -18.92
CA PRO BA 424 -28.67 10.43 -19.14
C PRO BA 424 -28.66 9.18 -18.26
N PRO BA 425 -28.03 8.07 -18.69
CA PRO BA 425 -27.72 6.94 -17.79
C PRO BA 425 -27.06 7.40 -16.49
N LEU BA 426 -27.57 6.96 -15.34
CA LEU BA 426 -27.12 7.43 -14.03
C LEU BA 426 -26.17 6.48 -13.31
N GLY BA 427 -26.02 5.23 -13.71
CA GLY BA 427 -25.33 4.21 -12.92
C GLY BA 427 -23.88 4.58 -12.61
N GLY BA 428 -23.11 4.97 -13.62
CA GLY BA 428 -21.70 5.32 -13.45
C GLY BA 428 -21.47 6.49 -12.51
N ILE BA 429 -22.32 7.52 -12.55
CA ILE BA 429 -22.23 8.65 -11.63
C ILE BA 429 -22.74 8.32 -10.23
N MET BA 430 -23.73 7.45 -10.05
CA MET BA 430 -24.06 6.97 -8.70
C MET BA 430 -22.85 6.26 -8.10
N ASP BA 431 -22.24 5.35 -8.84
CA ASP BA 431 -21.13 4.54 -8.39
C ASP BA 431 -19.86 5.37 -8.10
N ALA BA 432 -19.54 6.32 -8.97
CA ALA BA 432 -18.42 7.25 -8.81
C ALA BA 432 -18.52 8.12 -7.55
N VAL BA 433 -19.70 8.19 -6.92
CA VAL BA 433 -20.00 9.03 -5.76
C VAL BA 433 -20.32 8.20 -4.53
N ALA BA 434 -20.96 7.04 -4.67
CA ALA BA 434 -21.22 6.09 -3.60
C ALA BA 434 -19.98 5.32 -3.14
N ARG BA 435 -18.99 5.09 -4.01
CA ARG BA 435 -17.82 4.24 -3.75
C ARG BA 435 -17.08 4.48 -2.41
N PRO BA 436 -16.77 5.71 -1.99
CA PRO BA 436 -16.22 5.97 -0.65
C PRO BA 436 -17.04 5.41 0.51
N LEU BA 437 -18.37 5.38 0.38
CA LEU BA 437 -19.30 4.98 1.43
C LEU BA 437 -19.52 3.48 1.56
N TYR BA 438 -19.23 2.67 0.54
CA TYR BA 438 -19.50 1.23 0.58
C TYR BA 438 -18.26 0.34 0.45
N GLU BA 439 -17.19 0.79 -0.20
CA GLU BA 439 -16.02 -0.08 -0.35
C GLU BA 439 -15.37 -0.39 1.00
N ASN BA 440 -15.08 -1.67 1.23
CA ASN BA 440 -14.47 -2.18 2.45
C ASN BA 440 -15.31 -1.93 3.72
N VAL BA 441 -16.64 -1.92 3.60
CA VAL BA 441 -17.61 -1.90 4.72
C VAL BA 441 -18.11 -3.30 5.03
N VAL BA 442 -18.42 -4.08 3.99
CA VAL BA 442 -19.12 -5.36 4.09
C VAL BA 442 -18.10 -6.48 4.02
N LEU BA 443 -18.12 -7.42 4.96
CA LEU BA 443 -17.20 -8.55 5.04
C LEU BA 443 -15.72 -8.15 4.95
N ALA BA 444 -15.34 -7.03 5.55
CA ALA BA 444 -13.98 -6.50 5.54
C ALA BA 444 -13.13 -6.90 6.75
N PHE BA 445 -13.74 -7.32 7.85
CA PHE BA 445 -13.07 -7.68 9.09
C PHE BA 445 -13.68 -8.94 9.70
N MET BA 446 -12.89 -9.66 10.48
CA MET BA 446 -13.30 -10.85 11.21
C MET BA 446 -12.70 -10.82 12.62
N GLU BA 447 -13.44 -11.25 13.64
CA GLU BA 447 -12.89 -11.60 14.94
C GLU BA 447 -13.05 -13.10 15.15
N ILE BA 448 -11.97 -13.80 15.48
CA ILE BA 448 -11.98 -15.22 15.82
C ILE BA 448 -11.70 -15.38 17.33
N PRO BA 449 -12.62 -15.95 18.12
CA PRO BA 449 -12.44 -16.14 19.56
C PRO BA 449 -11.57 -17.37 19.88
N THR BA 450 -11.20 -17.57 21.14
CA THR BA 450 -10.50 -18.77 21.64
C THR BA 450 -10.95 -19.20 23.04
N LEU BA 451 -10.66 -20.44 23.42
CA LEU BA 451 -10.93 -20.97 24.77
C LEU BA 451 -9.81 -20.68 25.80
N ARG BA 452 -8.78 -19.90 25.44
CA ARG BA 452 -7.59 -19.66 26.27
C ARG BA 452 -7.89 -19.11 27.66
N ALA BA 453 -8.83 -18.19 27.78
CA ALA BA 453 -9.21 -17.60 29.06
C ALA BA 453 -9.86 -18.62 30.01
N ALA BA 454 -10.79 -19.41 29.49
CA ALA BA 454 -11.57 -20.36 30.27
C ALA BA 454 -10.74 -21.57 30.66
N GLY BA 455 -10.29 -22.35 29.68
CA GLY BA 455 -9.35 -23.46 29.89
C GLY BA 455 -9.29 -24.47 28.75
N LEU BA 456 -8.13 -25.13 28.63
CA LEU BA 456 -7.80 -26.17 27.65
C LEU BA 456 -6.73 -27.11 28.20
N SER BA 457 -6.61 -28.29 27.61
CA SER BA 457 -5.40 -29.12 27.64
C SER BA 457 -4.34 -28.50 26.73
N LEU BA 458 -3.07 -28.52 27.09
CA LEU BA 458 -1.97 -28.03 26.26
C LEU BA 458 -0.86 -29.09 26.07
N PRO BA 459 -0.14 -29.09 24.93
CA PRO BA 459 0.97 -29.99 24.66
C PRO BA 459 2.24 -29.57 25.43
N ILE BA 460 2.15 -29.55 26.75
CA ILE BA 460 3.21 -29.19 27.70
C ILE BA 460 3.14 -30.19 28.85
N ALA BA 461 4.29 -30.69 29.31
CA ALA BA 461 4.38 -31.65 30.41
C ALA BA 461 3.60 -31.18 31.64
N GLY BA 462 2.56 -31.94 32.02
CA GLY BA 462 1.69 -31.67 33.15
C GLY BA 462 0.36 -31.02 32.78
N LEU BA 463 0.22 -30.46 31.58
CA LEU BA 463 -1.00 -29.83 31.09
C LEU BA 463 -1.73 -30.64 30.02
N GLU BA 464 -1.32 -31.89 29.73
CA GLU BA 464 -1.92 -32.67 28.64
C GLU BA 464 -3.29 -33.25 28.99
N ASP BA 465 -3.60 -33.40 30.29
CA ASP BA 465 -4.86 -33.95 30.78
C ASP BA 465 -5.53 -33.11 31.89
N ILE BA 466 -4.93 -31.98 32.28
CA ILE BA 466 -5.54 -31.00 33.20
C ILE BA 466 -6.01 -29.80 32.37
N VAL BA 467 -7.30 -29.46 32.44
CA VAL BA 467 -7.85 -28.22 31.87
C VAL BA 467 -7.37 -27.03 32.71
N THR BA 468 -6.59 -26.14 32.12
CA THR BA 468 -6.15 -24.87 32.74
C THR BA 468 -6.34 -23.73 31.76
N GLY BA 469 -6.71 -22.54 32.23
CA GLY BA 469 -6.88 -21.36 31.39
C GLY BA 469 -6.04 -20.22 31.89
N LEU BA 470 -5.97 -19.11 31.16
CA LEU BA 470 -5.13 -17.98 31.55
C LEU BA 470 -5.59 -17.28 32.84
N GLY BA 471 -6.88 -17.26 33.11
CA GLY BA 471 -7.47 -16.44 34.16
C GLY BA 471 -8.38 -15.36 33.60
N ASP BA 472 -9.16 -14.72 34.46
CA ASP BA 472 -10.05 -13.63 34.10
C ASP BA 472 -9.31 -12.37 33.62
N PHE BA 473 -8.09 -12.14 34.11
CA PHE BA 473 -7.25 -11.03 33.69
C PHE BA 473 -6.24 -11.48 32.65
N HIS BA 474 -6.36 -10.96 31.43
CA HIS BA 474 -5.62 -11.37 30.25
C HIS BA 474 -5.60 -10.31 29.15
N TYR BA 475 -4.67 -10.41 28.20
CA TYR BA 475 -4.66 -9.57 27.01
C TYR BA 475 -5.80 -9.92 26.06
N ASN BA 476 -6.46 -8.91 25.50
CA ASN BA 476 -7.75 -9.07 24.86
C ASN BA 476 -7.71 -9.45 23.38
N GLU BA 477 -6.90 -8.77 22.57
CA GLU BA 477 -6.94 -8.84 21.12
C GLU BA 477 -5.54 -8.77 20.49
N GLY BA 478 -5.37 -9.38 19.32
CA GLY BA 478 -4.16 -9.27 18.53
C GLY BA 478 -4.47 -9.25 17.04
N TRP BA 479 -3.83 -8.34 16.33
CA TRP BA 479 -4.07 -8.14 14.92
C TRP BA 479 -3.28 -9.14 14.08
N VAL BA 480 -3.96 -9.96 13.30
CA VAL BA 480 -3.33 -10.85 12.31
C VAL BA 480 -2.82 -9.99 11.16
N ASP BA 481 -1.54 -10.11 10.82
CA ASP BA 481 -0.92 -9.35 9.74
C ASP BA 481 -1.52 -9.66 8.37
N GLY BA 482 -1.79 -8.62 7.57
CA GLY BA 482 -2.60 -8.70 6.35
C GLY BA 482 -1.89 -8.40 5.04
N ALA BA 483 -0.57 -8.16 5.04
CA ALA BA 483 0.17 -7.68 3.86
C ALA BA 483 0.13 -8.61 2.64
N ASP BA 484 0.05 -9.92 2.83
CA ASP BA 484 -0.15 -10.89 1.73
C ASP BA 484 -1.62 -11.29 1.48
N LYS BA 485 -2.59 -10.68 2.19
CA LYS BA 485 -4.04 -10.92 2.06
C LYS BA 485 -4.53 -12.32 2.45
N ALA BA 486 -3.81 -13.09 3.26
CA ALA BA 486 -4.17 -14.46 3.64
C ALA BA 486 -5.63 -14.63 4.10
N PHE BA 487 -6.18 -13.65 4.81
CA PHE BA 487 -7.56 -13.66 5.29
C PHE BA 487 -8.62 -13.76 4.19
N THR BA 488 -8.28 -13.43 2.94
CA THR BA 488 -9.15 -13.58 1.76
C THR BA 488 -9.09 -14.97 1.12
N ILE BA 489 -8.08 -15.78 1.43
CA ILE BA 489 -7.97 -17.20 1.03
C ILE BA 489 -8.58 -18.09 2.11
N SER BA 490 -8.21 -17.86 3.38
CA SER BA 490 -8.83 -18.49 4.54
C SER BA 490 -8.49 -17.70 5.82
N ALA BA 491 -9.49 -17.11 6.48
CA ALA BA 491 -9.31 -16.35 7.71
C ALA BA 491 -8.89 -17.24 8.89
N ILE BA 492 -9.47 -18.43 9.02
CA ILE BA 492 -9.12 -19.41 10.03
C ILE BA 492 -7.64 -19.77 9.92
N MET BA 493 -7.13 -20.10 8.74
CA MET BA 493 -5.70 -20.35 8.57
C MET BA 493 -4.79 -19.18 8.98
N ALA BA 494 -5.14 -17.94 8.65
CA ALA BA 494 -4.34 -16.79 9.05
C ALA BA 494 -4.33 -16.61 10.59
N ALA BA 495 -5.47 -16.80 11.24
CA ALA BA 495 -5.59 -16.79 12.68
C ALA BA 495 -4.87 -17.97 13.34
N ARG BA 496 -4.79 -19.14 12.72
CA ARG BA 496 -3.95 -20.25 13.23
C ARG BA 496 -2.49 -19.83 13.30
N ALA BA 497 -1.99 -19.11 12.31
CA ALA BA 497 -0.61 -18.65 12.31
C ALA BA 497 -0.35 -17.61 13.41
N LYS BA 498 -1.31 -16.74 13.71
CA LYS BA 498 -1.22 -15.83 14.86
C LYS BA 498 -1.43 -16.54 16.19
N GLN BA 499 -2.22 -17.60 16.24
CA GLN BA 499 -2.36 -18.46 17.41
C GLN BA 499 -1.06 -19.19 17.72
N TRP BA 500 -0.38 -19.74 16.71
CA TRP BA 500 0.94 -20.35 16.84
C TRP BA 500 2.01 -19.34 17.26
N ALA BA 501 1.96 -18.10 16.77
CA ALA BA 501 2.88 -17.05 17.22
C ALA BA 501 2.68 -16.69 18.69
N THR BA 502 1.46 -16.80 19.21
CA THR BA 502 1.09 -16.35 20.56
C THR BA 502 0.85 -17.48 21.56
N ARG BA 503 1.11 -18.75 21.24
CA ARG BA 503 0.99 -19.93 22.15
C ARG BA 503 1.83 -19.89 23.43
N ALA BA 504 1.43 -20.60 24.47
CA ALA BA 504 2.31 -20.96 25.58
C ALA BA 504 3.38 -21.94 25.08
N LYS BA 505 4.64 -21.75 25.44
CA LYS BA 505 5.75 -22.58 24.97
C LYS BA 505 6.88 -22.70 25.97
N HIS BA 506 7.68 -23.73 25.82
CA HIS BA 506 8.94 -23.93 26.53
C HIS BA 506 10.08 -24.15 25.54
N SER BA 507 11.27 -23.75 25.93
CA SER BA 507 12.49 -24.00 25.18
C SER BA 507 13.65 -24.22 26.13
N HIS BA 508 14.68 -24.91 25.66
CA HIS BA 508 15.83 -25.29 26.47
C HIS BA 508 17.04 -25.27 25.58
N GLU BA 509 17.99 -24.38 25.83
CA GLU BA 509 19.24 -24.34 25.08
C GLU BA 509 20.35 -24.90 25.94
N ILE BA 510 21.07 -25.88 25.41
CA ILE BA 510 22.05 -26.66 26.15
C ILE BA 510 23.35 -26.74 25.36
N GLN BA 511 24.47 -26.66 26.07
CA GLN BA 511 25.80 -26.89 25.52
C GLN BA 511 26.29 -28.27 25.98
N VAL BA 512 26.58 -29.19 25.05
CA VAL BA 512 26.96 -30.56 25.42
C VAL BA 512 27.96 -31.16 24.43
N SER BA 513 28.82 -32.06 24.89
CA SER BA 513 29.72 -32.83 24.01
C SER BA 513 29.00 -33.95 23.27
N ASP BA 514 29.51 -34.33 22.10
CA ASP BA 514 28.99 -35.46 21.33
C ASP BA 514 29.16 -36.79 22.11
N ALA BA 515 28.35 -37.81 21.83
CA ALA BA 515 28.46 -39.15 22.41
C ALA BA 515 28.55 -39.21 23.94
N ALA BA 516 27.78 -38.38 24.65
CA ALA BA 516 27.81 -38.31 26.12
C ALA BA 516 26.43 -38.05 26.77
N PRO BA 517 25.51 -39.03 26.82
CA PRO BA 517 25.55 -40.37 26.21
C PRO BA 517 25.25 -40.44 24.71
N TYR BA 518 24.71 -39.40 24.09
CA TYR BA 518 24.03 -39.50 22.80
C TYR BA 518 24.90 -39.06 21.61
N ILE BA 519 24.98 -39.89 20.57
CA ILE BA 519 25.57 -39.52 19.27
C ILE BA 519 24.64 -38.61 18.50
N ILE BA 520 25.09 -37.43 18.11
CA ILE BA 520 24.32 -36.49 17.29
C ILE BA 520 24.64 -36.75 15.82
N GLY BA 521 23.66 -37.13 15.03
CA GLY BA 521 23.89 -37.47 13.62
C GLY BA 521 22.63 -37.92 12.91
N GLU BA 522 22.70 -38.15 11.62
CA GLU BA 522 21.54 -38.50 10.78
C GLU BA 522 20.84 -39.80 11.24
N ARG BA 523 19.53 -39.92 11.02
CA ARG BA 523 18.73 -41.15 11.21
C ARG BA 523 19.45 -42.37 10.63
N GLY BA 524 19.76 -43.35 11.47
CA GLY BA 524 20.57 -44.52 11.16
C GLY BA 524 22.00 -44.45 11.70
N HIS BA 525 22.49 -43.28 12.10
CA HIS BA 525 23.86 -43.03 12.55
C HIS BA 525 23.94 -42.31 13.89
N GLY BA 526 22.98 -41.46 14.23
CA GLY BA 526 22.88 -40.80 15.54
C GLY BA 526 21.57 -41.09 16.24
N HIS BA 527 21.50 -40.86 17.55
CA HIS BA 527 20.28 -41.05 18.34
C HIS BA 527 19.20 -40.00 18.04
N PHE BA 528 19.57 -38.78 17.68
CA PHE BA 528 18.66 -37.74 17.21
C PHE BA 528 19.37 -36.77 16.26
N TRP BA 529 18.58 -36.05 15.48
CA TRP BA 529 18.98 -35.02 14.54
C TRP BA 529 18.07 -33.79 14.61
N LEU BA 530 18.38 -32.73 13.87
CA LEU BA 530 17.56 -31.53 13.73
C LEU BA 530 16.10 -31.90 13.41
N GLY BA 531 15.16 -31.26 14.11
CA GLY BA 531 13.74 -31.48 13.98
C GLY BA 531 13.17 -32.62 14.82
N ASP BA 532 13.99 -33.52 15.37
CA ASP BA 532 13.51 -34.65 16.15
C ASP BA 532 13.01 -34.24 17.54
N ARG BA 533 12.04 -34.99 18.08
CA ARG BA 533 11.56 -34.83 19.46
C ARG BA 533 12.51 -35.39 20.50
N VAL BA 534 13.01 -34.53 21.37
CA VAL BA 534 13.86 -34.90 22.49
C VAL BA 534 13.29 -34.40 23.81
N GLY BA 535 13.50 -35.17 24.86
CA GLY BA 535 13.15 -34.85 26.23
C GLY BA 535 14.28 -34.18 27.00
N THR BA 536 13.92 -33.43 28.01
CA THR BA 536 14.84 -32.77 28.93
C THR BA 536 14.22 -32.66 30.32
N THR BA 537 15.04 -32.61 31.35
CA THR BA 537 14.66 -32.37 32.76
C THR BA 537 15.30 -31.07 33.21
N VAL BA 538 14.66 -30.32 34.09
CA VAL BA 538 15.12 -28.99 34.51
C VAL BA 538 15.62 -29.02 35.96
N LEU BA 539 16.85 -28.60 36.23
CA LEU BA 539 17.39 -28.61 37.58
C LEU BA 539 16.64 -27.62 38.48
N GLY BA 540 16.32 -28.04 39.70
CA GLY BA 540 15.55 -27.25 40.65
C GLY BA 540 14.06 -27.11 40.30
N TYR BA 541 13.58 -27.73 39.23
CA TYR BA 541 12.15 -27.78 38.94
C TYR BA 541 11.38 -28.51 40.06
N PRO BA 542 10.18 -28.05 40.46
CA PRO BA 542 9.45 -28.57 41.63
C PRO BA 542 9.14 -30.06 41.64
N ASP BA 543 9.04 -30.68 40.47
CA ASP BA 543 8.72 -32.10 40.29
C ASP BA 543 9.86 -32.77 39.51
N PRO BA 544 10.93 -33.21 40.20
CA PRO BA 544 12.27 -33.36 39.63
C PRO BA 544 12.43 -34.51 38.64
N TYR BA 545 11.43 -35.37 38.52
CA TYR BA 545 11.39 -36.47 37.56
C TYR BA 545 10.72 -36.09 36.23
N THR BA 546 10.12 -34.91 36.10
CA THR BA 546 9.36 -34.47 34.90
C THR BA 546 10.23 -34.38 33.65
N ILE BA 547 9.72 -34.84 32.51
CA ILE BA 547 10.37 -34.69 31.21
C ILE BA 547 9.57 -33.73 30.34
N PHE BA 548 10.20 -32.67 29.85
CA PHE BA 548 9.64 -31.76 28.85
C PHE BA 548 10.09 -32.23 27.48
N VAL BA 549 9.16 -32.53 26.57
CA VAL BA 549 9.50 -32.99 25.22
C VAL BA 549 9.25 -31.88 24.23
N GLU BA 550 10.23 -31.57 23.38
CA GLU BA 550 10.06 -30.63 22.28
C GLU BA 550 11.05 -30.94 21.16
N ARG BA 551 10.97 -30.25 20.04
CA ARG BA 551 11.77 -30.56 18.85
C ARG BA 551 13.08 -29.80 18.80
N VAL BA 552 14.15 -30.41 18.28
CA VAL BA 552 15.42 -29.71 18.09
C VAL BA 552 15.29 -28.71 16.95
N THR BA 553 15.30 -27.42 17.25
CA THR BA 553 15.10 -26.36 16.25
C THR BA 553 16.40 -25.81 15.70
N LYS BA 554 17.52 -25.95 16.41
CA LYS BA 554 18.85 -25.51 15.99
C LYS BA 554 19.92 -26.43 16.56
N LEU BA 555 20.92 -26.74 15.77
CA LEU BA 555 22.17 -27.38 16.14
C LEU BA 555 23.32 -26.50 15.71
N THR BA 556 24.37 -26.43 16.50
CA THR BA 556 25.62 -25.75 16.12
C THR BA 556 26.81 -26.54 16.59
N TYR BA 557 27.80 -26.73 15.72
CA TYR BA 557 29.07 -27.37 16.03
C TYR BA 557 30.24 -26.42 15.81
N GLU BA 558 31.21 -26.40 16.73
CA GLU BA 558 32.40 -25.57 16.63
C GLU BA 558 33.65 -26.39 16.97
N TRP BA 559 34.66 -26.26 16.14
CA TRP BA 559 35.96 -26.87 16.30
C TRP BA 559 37.03 -25.79 16.30
N THR BA 560 38.06 -26.00 17.10
CA THR BA 560 39.23 -25.13 17.18
C THR BA 560 40.52 -25.95 17.17
N SER BA 561 41.66 -25.27 17.05
CA SER BA 561 43.00 -25.79 17.30
C SER BA 561 43.18 -26.49 18.68
N ASP BA 562 42.33 -26.22 19.67
CA ASP BA 562 42.25 -26.96 20.94
C ASP BA 562 41.38 -28.24 20.89
N GLY BA 563 40.76 -28.60 19.76
CA GLY BA 563 39.83 -29.71 19.61
C GLY BA 563 38.35 -29.27 19.48
N PRO BA 564 37.38 -30.17 19.68
CA PRO BA 564 35.96 -29.85 19.58
C PRO BA 564 35.47 -29.05 20.78
N LYS BA 565 34.56 -28.10 20.56
CA LYS BA 565 33.81 -27.40 21.62
C LYS BA 565 32.44 -28.04 21.88
N GLY BA 566 32.08 -29.07 21.15
CA GLY BA 566 30.80 -29.76 21.24
C GLY BA 566 29.65 -29.02 20.57
N TRP BA 567 28.44 -29.42 20.90
CA TRP BA 567 27.21 -29.01 20.25
C TRP BA 567 26.42 -28.05 21.12
N THR BA 568 25.96 -26.96 20.53
CA THR BA 568 24.85 -26.20 21.10
C THR BA 568 23.56 -26.73 20.52
N ILE BA 569 22.67 -27.22 21.36
CA ILE BA 569 21.36 -27.74 20.97
C ILE BA 569 20.30 -26.77 21.48
N THR BA 570 19.40 -26.33 20.61
CA THR BA 570 18.21 -25.59 21.03
C THR BA 570 17.01 -26.50 20.89
N ILE BA 571 16.31 -26.77 22.00
CA ILE BA 571 15.17 -27.67 22.07
C ILE BA 571 13.93 -26.82 22.28
N GLY BA 572 12.97 -26.87 21.36
CA GLY BA 572 11.91 -25.87 21.25
C GLY BA 572 12.35 -24.60 20.54
N TYR BA 573 11.40 -23.74 20.22
CA TYR BA 573 11.62 -22.52 19.45
C TYR BA 573 12.01 -21.39 20.39
N LYS BA 574 13.29 -21.06 20.43
CA LYS BA 574 13.83 -19.96 21.22
C LYS BA 574 14.13 -18.75 20.34
N GLU BA 575 13.81 -17.56 20.82
CA GLU BA 575 14.27 -16.30 20.25
C GLU BA 575 15.81 -16.21 20.27
N PRO BA 576 16.43 -15.49 19.31
CA PRO BA 576 17.86 -15.25 19.32
C PRO BA 576 18.35 -14.69 20.65
N GLU BA 577 19.51 -15.12 21.15
CA GLU BA 577 20.02 -14.61 22.42
C GLU BA 577 20.49 -13.16 22.33
N ASP BA 578 21.15 -12.77 21.24
CA ASP BA 578 21.63 -11.42 21.05
C ASP BA 578 20.48 -10.53 20.55
N PRO BA 579 20.13 -9.43 21.24
CA PRO BA 579 19.01 -8.62 20.81
C PRO BA 579 19.20 -8.04 19.41
N ILE BA 580 20.42 -7.93 18.90
CA ILE BA 580 20.66 -7.47 17.53
C ILE BA 580 20.11 -8.46 16.52
N LEU BA 581 20.21 -9.75 16.80
CA LEU BA 581 19.66 -10.77 15.94
C LEU BA 581 18.15 -10.80 16.04
N LYS BA 582 17.57 -10.54 17.21
CA LYS BA 582 16.13 -10.28 17.34
C LYS BA 582 15.72 -9.11 16.44
N ALA BA 583 16.49 -8.03 16.38
CA ALA BA 583 16.23 -6.92 15.47
C ALA BA 583 16.36 -7.34 13.99
N PHE BA 584 17.42 -8.02 13.57
CA PHE BA 584 17.52 -8.52 12.19
C PHE BA 584 16.39 -9.49 11.81
N GLU BA 585 15.89 -10.31 12.73
CA GLU BA 585 14.71 -11.13 12.49
C GLU BA 585 13.44 -10.30 12.22
N LEU BA 586 13.16 -9.24 13.00
CA LEU BA 586 12.01 -8.36 12.74
C LEU BA 586 12.14 -7.57 11.43
N ILE BA 587 13.35 -7.20 11.04
CA ILE BA 587 13.64 -6.55 9.76
C ILE BA 587 13.43 -7.50 8.56
N GLN BA 588 13.72 -8.79 8.67
CA GLN BA 588 13.39 -9.76 7.62
C GLN BA 588 11.87 -9.83 7.41
N TYR BA 589 11.11 -9.83 8.50
CA TYR BA 589 9.66 -9.86 8.46
C TYR BA 589 9.07 -8.64 7.75
N ILE BA 590 9.54 -7.43 8.08
CA ILE BA 590 9.11 -6.19 7.42
C ILE BA 590 9.42 -6.20 5.93
N ASN BA 591 10.60 -6.62 5.49
CA ASN BA 591 10.96 -6.67 4.07
C ASN BA 591 10.11 -7.64 3.25
N SER BA 592 9.72 -8.76 3.84
CA SER BA 592 8.74 -9.68 3.23
C SER BA 592 7.35 -9.03 3.08
N ASN BA 593 6.89 -8.26 4.05
CA ASN BA 593 5.63 -7.53 3.97
C ASN BA 593 5.69 -6.37 2.97
N LEU BA 594 6.73 -5.54 2.99
CA LEU BA 594 6.90 -4.45 2.01
C LEU BA 594 6.86 -4.94 0.58
N GLY BA 595 7.42 -6.11 0.30
CA GLY BA 595 7.39 -6.71 -1.03
C GLY BA 595 6.00 -7.11 -1.50
N GLN BA 596 5.09 -7.50 -0.61
CA GLN BA 596 3.70 -7.81 -0.93
C GLN BA 596 2.80 -6.58 -0.99
N LEU BA 597 3.04 -5.57 -0.16
CA LEU BA 597 2.36 -4.27 -0.25
C LEU BA 597 2.68 -3.54 -1.55
N GLY BA 598 3.87 -3.71 -2.12
CA GLY BA 598 4.22 -3.20 -3.44
C GLY BA 598 3.50 -3.88 -4.61
N ILE BA 599 2.94 -5.08 -4.40
CA ILE BA 599 2.21 -5.87 -5.38
C ILE BA 599 0.71 -5.68 -5.17
N ALA CA 5 68.94 27.17 -9.06
CA ALA CA 5 68.76 25.79 -9.57
C ALA CA 5 70.06 25.01 -9.42
N ALA CA 6 69.98 23.72 -9.08
CA ALA CA 6 71.15 22.88 -8.88
C ALA CA 6 71.92 22.62 -10.19
N ASP CA 7 73.24 22.53 -10.13
CA ASP CA 7 74.10 22.18 -11.27
C ASP CA 7 74.19 20.67 -11.50
N MET CA 8 73.55 20.13 -12.53
CA MET CA 8 73.64 18.70 -12.82
C MET CA 8 74.98 18.22 -13.42
N THR CA 9 75.95 19.11 -13.61
CA THR CA 9 77.27 18.81 -14.17
C THR CA 9 78.24 18.25 -13.12
N THR CA 10 78.00 18.49 -11.83
CA THR CA 10 78.96 18.22 -10.76
C THR CA 10 78.29 17.64 -9.52
N LEU CA 11 79.03 16.84 -8.74
CA LEU CA 11 78.50 16.20 -7.53
C LEU CA 11 77.95 17.19 -6.51
N ALA CA 12 78.50 18.40 -6.45
CA ALA CA 12 78.02 19.46 -5.57
C ALA CA 12 76.56 19.82 -5.86
N GLY CA 13 76.14 19.81 -7.12
CA GLY CA 13 74.75 20.07 -7.47
C GLY CA 13 73.83 18.89 -7.26
N HIS CA 14 74.32 17.66 -7.40
CA HIS CA 14 73.54 16.48 -7.01
C HIS CA 14 73.28 16.43 -5.52
N GLN CA 15 74.22 16.89 -4.68
CA GLN CA 15 73.99 16.99 -3.25
C GLN CA 15 72.98 18.08 -2.90
N GLN CA 16 72.97 19.21 -3.64
CA GLN CA 16 71.95 20.24 -3.48
C GLN CA 16 70.55 19.75 -3.85
N LEU CA 17 70.40 18.96 -4.91
CA LEU CA 17 69.15 18.35 -5.29
C LEU CA 17 68.63 17.39 -4.21
N TRP CA 18 69.50 16.51 -3.71
CA TRP CA 18 69.18 15.62 -2.61
C TRP CA 18 68.70 16.39 -1.37
N ASP CA 19 69.46 17.39 -0.94
CA ASP CA 19 69.11 18.23 0.22
C ASP CA 19 67.82 19.05 0.03
N THR CA 20 67.53 19.51 -1.18
CA THR CA 20 66.24 20.14 -1.50
C THR CA 20 65.08 19.16 -1.32
N VAL CA 21 65.22 17.92 -1.79
CA VAL CA 21 64.18 16.89 -1.61
C VAL CA 21 64.04 16.49 -0.15
N MET CA 22 65.11 16.42 0.64
CA MET CA 22 65.00 16.14 2.08
C MET CA 22 64.29 17.27 2.83
N LYS CA 23 64.46 18.53 2.42
CA LYS CA 23 63.75 19.67 2.99
C LYS CA 23 62.25 19.58 2.75
N ARG CA 24 61.85 19.25 1.52
CA ARG CA 24 60.44 19.02 1.16
C ARG CA 24 59.86 17.85 1.95
N ARG CA 25 60.61 16.77 2.10
CA ARG CA 25 60.24 15.60 2.89
C ARG CA 25 59.98 15.97 4.36
N GLN CA 26 60.85 16.76 4.99
CA GLN CA 26 60.65 17.25 6.35
C GLN CA 26 59.44 18.19 6.49
N LYS CA 27 59.19 19.10 5.55
CA LYS CA 27 58.01 19.96 5.60
C LYS CA 27 56.70 19.16 5.55
N ARG CA 28 56.64 18.05 4.78
CA ARG CA 28 55.48 17.13 4.81
C ARG CA 28 55.31 16.43 6.14
N GLU CA 29 56.40 15.96 6.75
CA GLU CA 29 56.35 15.39 8.10
C GLU CA 29 55.71 16.32 9.13
N ASP CA 30 56.05 17.60 9.17
CA ASP CA 30 55.41 18.57 10.06
C ASP CA 30 53.91 18.75 9.79
N GLU CA 31 53.47 18.66 8.54
CA GLU CA 31 52.05 18.68 8.17
C GLU CA 31 51.31 17.36 8.46
N ARG CA 32 52.00 16.25 8.76
CA ARG CA 32 51.34 15.01 9.24
C ARG CA 32 50.71 15.22 10.60
N ILE CA 33 51.48 15.81 11.52
CA ILE CA 33 51.16 15.91 12.93
C ILE CA 33 50.43 17.21 13.29
N ALA CA 34 50.27 18.12 12.33
CA ALA CA 34 49.50 19.34 12.50
C ALA CA 34 47.98 19.05 12.56
N PRO CA 35 47.24 19.62 13.52
CA PRO CA 35 45.79 19.46 13.56
C PRO CA 35 45.12 20.31 12.48
N PRO CA 36 43.89 19.95 12.05
CA PRO CA 36 43.03 20.84 11.28
C PRO CA 36 42.85 22.23 11.91
N LEU CA 37 42.60 23.25 11.10
CA LEU CA 37 41.98 24.48 11.55
C LEU CA 37 40.49 24.20 11.81
N ILE CA 38 40.00 24.41 13.02
CA ILE CA 38 38.58 24.30 13.41
C ILE CA 38 37.99 25.69 13.60
N ARG CA 39 36.85 25.98 12.99
CA ARG CA 39 36.13 27.25 13.19
C ARG CA 39 34.64 27.02 13.44
N LEU CA 40 34.08 27.81 14.36
CA LEU CA 40 32.68 27.82 14.73
C LEU CA 40 32.02 29.08 14.17
N TRP CA 41 30.84 28.89 13.59
CA TRP CA 41 30.02 29.93 12.96
C TRP CA 41 28.58 29.82 13.45
N ASP CA 42 27.82 30.90 13.51
CA ASP CA 42 26.39 30.88 13.92
C ASP CA 42 25.42 30.68 12.76
N GLY CA 43 24.10 30.67 13.02
CA GLY CA 43 23.11 30.84 11.97
C GLY CA 43 23.32 32.20 11.31
N ASP CA 44 23.30 32.26 9.99
CA ASP CA 44 23.81 33.36 9.18
C ASP CA 44 25.32 33.31 8.93
N TYR CA 45 26.01 32.29 9.45
CA TYR CA 45 27.39 31.98 9.12
C TYR CA 45 28.41 33.07 9.53
N LYS CA 46 28.14 33.93 10.51
CA LYS CA 46 29.19 34.79 11.07
C LYS CA 46 30.20 33.94 11.81
N LEU CA 47 31.49 34.23 11.65
CA LEU CA 47 32.56 33.60 12.39
C LEU CA 47 32.45 33.98 13.87
N ARG CA 48 32.34 33.01 14.78
CA ARG CA 48 32.55 33.27 16.20
C ARG CA 48 33.99 33.18 16.62
N GLY CA 49 34.72 32.17 16.16
CA GLY CA 49 36.12 31.98 16.53
C GLY CA 49 36.72 30.69 16.02
N GLN CA 50 38.05 30.69 15.95
CA GLN CA 50 38.83 29.47 15.80
C GLN CA 50 38.86 28.71 17.13
N LEU CA 51 38.58 27.41 17.08
CA LEU CA 51 38.67 26.54 18.25
C LEU CA 51 40.03 25.84 18.32
N VAL CA 52 40.74 26.09 19.40
CA VAL CA 52 41.97 25.40 19.84
C VAL CA 52 41.82 25.08 21.32
N GLY CA 53 42.32 23.94 21.78
CA GLY CA 53 42.25 23.52 23.18
C GLY CA 53 41.10 22.55 23.49
N GLU CA 54 40.57 21.86 22.50
CA GLU CA 54 39.61 20.77 22.68
C GLU CA 54 40.29 19.45 23.10
N ARG CA 55 39.56 18.55 23.79
CA ARG CA 55 40.14 17.32 24.35
C ARG CA 55 40.29 16.23 23.29
N SER CA 56 39.35 16.14 22.37
CA SER CA 56 39.44 15.34 21.16
C SER CA 56 38.46 15.81 20.10
N HIS CA 57 38.67 15.43 18.84
CA HIS CA 57 37.69 15.55 17.79
C HIS CA 57 37.79 14.44 16.74
N LYS CA 58 36.72 14.22 15.99
CA LYS CA 58 36.62 13.26 14.89
C LYS CA 58 35.71 13.80 13.80
N PHE CA 59 36.02 13.54 12.53
CA PHE CA 59 35.10 13.76 11.42
C PHE CA 59 35.23 12.69 10.35
N GLU CA 60 34.14 12.40 9.67
CA GLU CA 60 34.00 11.35 8.68
C GLU CA 60 33.33 11.90 7.42
N PHE CA 61 33.92 11.68 6.25
CA PHE CA 61 33.35 11.97 4.94
C PHE CA 61 32.88 10.66 4.34
N ILE CA 62 31.67 10.62 3.83
CA ILE CA 62 31.11 9.45 3.15
C ILE CA 62 30.67 9.86 1.74
N GLU CA 63 30.93 9.06 0.72
CA GLU CA 63 30.46 9.34 -0.64
C GLU CA 63 28.94 9.23 -0.73
N ASN CA 64 28.25 10.28 -1.16
CA ASN CA 64 26.80 10.28 -1.41
C ASN CA 64 25.96 9.86 -0.18
N GLU CA 65 26.41 10.18 1.03
CA GLU CA 65 25.75 9.81 2.28
C GLU CA 65 26.19 10.75 3.42
N THR CA 66 25.41 10.88 4.50
CA THR CA 66 25.68 11.85 5.58
C THR CA 66 26.77 11.37 6.55
N GLY CA 67 27.97 11.94 6.45
CA GLY CA 67 28.98 11.81 7.48
C GLY CA 67 28.65 12.59 8.76
N THR CA 68 29.31 12.26 9.86
CA THR CA 68 29.19 12.96 11.14
C THR CA 68 30.53 13.34 11.71
N ALA CA 69 30.49 14.24 12.67
CA ALA CA 69 31.65 14.75 13.37
C ALA CA 69 31.31 14.97 14.84
N SER CA 70 32.30 14.95 15.71
CA SER CA 70 32.10 15.34 17.08
C SER CA 70 33.32 16.02 17.66
N ILE CA 71 33.09 16.84 18.67
CA ILE CA 71 34.13 17.55 19.42
C ILE CA 71 33.87 17.31 20.89
N THR CA 72 34.89 16.88 21.64
CA THR CA 72 34.86 16.84 23.09
C THR CA 72 35.64 18.02 23.65
N ILE CA 73 35.05 18.79 24.54
CA ILE CA 73 35.61 20.06 25.01
C ILE CA 73 35.36 20.25 26.51
N SER CA 74 36.28 20.96 27.17
CA SER CA 74 36.16 21.44 28.55
C SER CA 74 35.05 22.49 28.69
N LEU CA 75 34.30 22.49 29.79
CA LEU CA 75 33.29 23.53 30.06
C LEU CA 75 33.87 24.90 30.41
N ASP CA 76 35.15 25.01 30.79
CA ASP CA 76 35.76 26.31 31.05
C ASP CA 76 36.26 27.03 29.77
N HIS CA 77 36.10 26.41 28.60
CA HIS CA 77 36.48 26.99 27.32
C HIS CA 77 35.49 28.06 26.87
N TYR CA 78 35.95 29.23 26.45
CA TYR CA 78 35.08 30.36 26.08
C TYR CA 78 34.14 30.05 24.91
N LEU CA 79 34.50 29.13 24.03
CA LEU CA 79 33.62 28.65 22.97
C LEU CA 79 32.60 27.61 23.47
N ALA CA 80 32.95 26.74 24.41
CA ALA CA 80 31.97 25.83 25.00
C ALA CA 80 30.89 26.58 25.78
N LYS CA 81 31.24 27.68 26.43
CA LYS CA 81 30.27 28.57 27.08
C LYS CA 81 29.36 29.25 26.06
N TRP CA 82 29.87 29.60 24.89
CA TRP CA 82 29.08 30.14 23.79
C TRP CA 82 28.15 29.11 23.13
N ILE CA 83 28.55 27.85 22.99
CA ILE CA 83 27.66 26.76 22.54
C ILE CA 83 26.57 26.49 23.58
N ALA CA 84 26.89 26.49 24.87
CA ALA CA 84 25.91 26.30 25.92
C ALA CA 84 24.86 27.42 26.00
N SER CA 85 25.24 28.70 25.94
CA SER CA 85 24.31 29.83 26.08
C SER CA 85 23.46 30.09 24.83
N HIS CA 86 22.30 29.42 24.72
CA HIS CA 86 21.31 29.72 23.69
C HIS CA 86 20.64 31.10 23.86
N LYS CA 87 20.69 31.69 25.05
CA LYS CA 87 20.35 33.10 25.29
C LYS CA 87 21.19 34.07 24.45
N GLY CA 88 22.45 33.72 24.22
CA GLY CA 88 23.42 34.61 23.56
C GLY CA 88 23.34 34.60 22.04
N ARG CA 89 22.98 33.45 21.45
CA ARG CA 89 22.82 33.28 19.98
C ARG CA 89 21.43 33.68 19.51
N ALA CA 90 21.28 34.91 19.01
CA ALA CA 90 20.02 35.34 18.38
C ALA CA 90 19.68 34.51 17.14
N ARG CA 91 20.70 34.01 16.45
CA ARG CA 91 20.61 33.16 15.27
C ARG CA 91 21.14 31.77 15.66
N ARG CA 92 20.24 30.89 16.08
CA ARG CA 92 20.53 29.80 17.03
C ARG CA 92 21.40 28.64 16.53
N ASN CA 93 21.39 28.30 15.24
CA ASN CA 93 22.19 27.20 14.68
C ASN CA 93 23.69 27.39 14.87
N VAL CA 94 24.41 26.30 15.10
CA VAL CA 94 25.86 26.28 15.23
C VAL CA 94 26.44 25.44 14.09
N HIS CA 95 27.42 25.99 13.38
CA HIS CA 95 28.11 25.31 12.28
C HIS CA 95 29.60 25.18 12.58
N VAL CA 96 30.24 24.11 12.12
CA VAL CA 96 31.70 23.94 12.16
C VAL CA 96 32.30 23.83 10.77
N SER CA 97 33.53 24.28 10.62
CA SER CA 97 34.41 23.92 9.53
C SER CA 97 35.70 23.33 10.07
N PHE CA 98 36.09 22.15 9.59
CA PHE CA 98 37.42 21.58 9.77
C PHE CA 98 38.16 21.71 8.45
N ASP CA 99 39.26 22.45 8.40
CA ASP CA 99 40.07 22.67 7.21
C ASP CA 99 41.44 21.98 7.35
N LYS CA 100 41.82 21.14 6.38
CA LYS CA 100 43.15 20.50 6.34
C LYS CA 100 43.50 20.07 4.91
N GLN CA 101 44.68 20.44 4.39
CA GLN CA 101 45.17 20.03 3.06
C GLN CA 101 44.13 20.23 1.93
N GLY CA 102 43.57 21.43 1.84
CA GLY CA 102 42.57 21.78 0.84
C GLY CA 102 41.17 21.21 1.07
N ALA CA 103 41.04 20.10 1.78
CA ALA CA 103 39.76 19.55 2.17
C ALA CA 103 39.10 20.39 3.29
N ARG CA 104 37.78 20.50 3.24
CA ARG CA 104 36.96 21.24 4.20
C ARG CA 104 35.75 20.41 4.57
N TRP CA 105 35.74 19.79 5.74
CA TRP CA 105 34.50 19.26 6.31
C TRP CA 105 33.69 20.41 6.88
N THR CA 106 32.41 20.51 6.55
CA THR CA 106 31.48 21.48 7.13
C THR CA 106 30.14 20.84 7.43
N GLY CA 107 29.56 21.24 8.55
CA GLY CA 107 28.29 20.70 9.02
C GLY CA 107 27.68 21.51 10.15
N ARG CA 108 26.48 21.09 10.53
CA ARG CA 108 25.62 21.74 11.52
C ARG CA 108 25.43 20.88 12.77
N MET CA 109 25.40 21.50 13.94
CA MET CA 109 25.19 20.83 15.22
C MET CA 109 23.80 20.20 15.28
N ASP CA 110 23.77 18.90 15.56
CA ASP CA 110 22.53 18.17 15.84
C ASP CA 110 22.12 18.33 17.31
N HIS CA 111 23.05 18.08 18.23
CA HIS CA 111 22.84 18.19 19.67
C HIS CA 111 24.17 18.38 20.40
N TYR CA 112 24.11 18.78 21.67
CA TYR CA 112 25.24 18.72 22.58
C TYR CA 112 24.86 18.04 23.90
N ASP CA 113 25.80 17.28 24.44
CA ASP CA 113 25.73 16.65 25.76
C ASP CA 113 26.69 17.34 26.75
N ILE CA 114 26.21 17.65 27.95
CA ILE CA 114 27.07 17.97 29.09
C ILE CA 114 27.01 16.78 30.04
N VAL CA 115 28.13 16.09 30.20
CA VAL CA 115 28.19 14.82 30.93
C VAL CA 115 28.96 14.98 32.21
N ARG CA 116 28.41 14.56 33.34
CA ARG CA 116 29.16 14.36 34.58
C ARG CA 116 29.19 12.88 34.93
N THR CA 117 30.37 12.28 34.87
CA THR CA 117 30.58 10.85 35.14
C THR CA 117 30.70 10.58 36.64
N LYS CA 118 30.47 9.32 37.06
CA LYS CA 118 30.55 8.96 38.49
C LYS CA 118 31.92 9.08 39.12
N GLU CA 119 33.01 8.97 38.35
CA GLU CA 119 34.37 9.23 38.81
C GLU CA 119 34.77 10.72 38.83
N GLY CA 120 33.91 11.61 38.34
CA GLY CA 120 34.07 13.07 38.49
C GLY CA 120 34.50 13.85 37.26
N ASP CA 121 34.64 13.24 36.08
CA ASP CA 121 34.94 13.96 34.85
C ASP CA 121 33.70 14.72 34.37
N VAL CA 122 33.86 16.00 34.10
CA VAL CA 122 32.84 16.82 33.47
C VAL CA 122 33.33 17.30 32.12
N TYR CA 123 32.56 17.12 31.07
CA TYR CA 123 32.91 17.58 29.72
C TYR CA 123 31.66 17.85 28.88
N MET CA 124 31.85 18.53 27.77
CA MET CA 124 30.85 18.74 26.73
C MET CA 124 31.23 17.95 25.49
N GLU CA 125 30.27 17.25 24.90
CA GLU CA 125 30.40 16.64 23.58
C GLU CA 125 29.39 17.28 22.65
N VAL CA 126 29.85 17.77 21.50
CA VAL CA 126 29.01 18.38 20.47
C VAL CA 126 29.05 17.52 19.22
N VAL CA 127 27.90 17.15 18.69
CA VAL CA 127 27.78 16.26 17.54
C VAL CA 127 27.20 17.01 16.35
N PHE CA 128 27.82 16.85 15.19
CA PHE CA 128 27.48 17.56 13.96
C PHE CA 128 27.19 16.60 12.82
N LYS CA 129 26.26 16.96 11.96
CA LYS CA 129 25.98 16.29 10.68
C LYS CA 129 26.55 17.10 9.51
N HIS CA 130 27.17 16.40 8.58
CA HIS CA 130 27.76 16.97 7.36
C HIS CA 130 26.73 17.75 6.52
N ASP CA 131 27.17 18.73 5.75
CA ASP CA 131 26.33 19.50 4.83
C ASP CA 131 25.52 18.70 3.79
N TYR CA 132 25.92 17.47 3.46
CA TYR CA 132 25.14 16.56 2.64
C TYR CA 132 23.71 16.34 3.17
N GLU CA 133 23.49 16.45 4.48
CA GLU CA 133 22.20 16.25 5.12
C GLU CA 133 21.10 17.17 4.56
N GLU CA 134 21.42 18.34 4.03
CA GLU CA 134 20.48 19.23 3.34
C GLU CA 134 19.63 18.48 2.29
N LEU CA 135 20.23 17.60 1.49
CA LEU CA 135 19.53 16.85 0.45
C LEU CA 135 18.51 15.82 0.95
N LYS CA 136 18.52 15.48 2.24
CA LYS CA 136 17.50 14.67 2.89
C LYS CA 136 16.33 15.51 3.40
N HIS CA 137 16.51 16.81 3.57
CA HIS CA 137 15.48 17.80 3.95
C HIS CA 137 15.07 18.69 2.77
N ILE CA 138 15.25 18.21 1.53
CA ILE CA 138 14.77 18.80 0.28
C ILE CA 138 14.00 17.71 -0.45
N TYR CA 139 12.76 17.98 -0.85
CA TYR CA 139 11.91 17.05 -1.58
C TYR CA 139 11.74 17.47 -3.04
N VAL CA 140 11.78 16.50 -3.94
CA VAL CA 140 11.59 16.71 -5.38
C VAL CA 140 10.10 16.67 -5.71
N TRP CA 141 9.48 17.84 -5.77
CA TRP CA 141 8.05 17.97 -6.05
C TRP CA 141 7.73 17.44 -7.45
N ALA CA 142 6.51 16.92 -7.64
CA ALA CA 142 6.04 16.49 -8.94
C ALA CA 142 6.05 17.63 -9.98
N ASN CA 143 5.70 18.85 -9.55
CA ASN CA 143 5.91 20.08 -10.31
C ASN CA 143 6.34 21.21 -9.36
N PRO CA 144 7.64 21.58 -9.33
CA PRO CA 144 8.16 22.63 -8.46
C PRO CA 144 7.48 23.98 -8.64
N PHE CA 145 7.00 24.27 -9.84
CA PHE CA 145 6.45 25.57 -10.24
C PHE CA 145 4.99 25.79 -9.89
N LEU CA 146 4.30 24.80 -9.32
CA LEU CA 146 2.89 24.88 -8.95
C LEU CA 146 2.65 24.75 -7.45
N ARG CA 147 1.52 25.28 -6.99
CA ARG CA 147 0.98 25.10 -5.64
C ARG CA 147 0.95 23.62 -5.27
N PRO CA 148 1.20 23.24 -4.01
CA PRO CA 148 1.04 21.85 -3.61
C PRO CA 148 -0.42 21.39 -3.71
N GLU CA 149 -1.38 22.31 -3.70
CA GLU CA 149 -2.81 22.06 -3.92
C GLU CA 149 -3.14 21.52 -5.34
N PHE CA 150 -2.23 21.60 -6.30
CA PHE CA 150 -2.45 21.14 -7.67
C PHE CA 150 -1.14 20.67 -8.30
N GLN CA 151 -0.87 19.37 -8.32
CA GLN CA 151 0.42 18.83 -8.75
C GLN CA 151 0.29 18.00 -10.03
N PHE CA 152 0.42 18.67 -11.17
CA PHE CA 152 0.45 18.04 -12.50
C PHE CA 152 1.65 18.55 -13.31
N PRO CA 153 2.31 17.73 -14.13
CA PRO CA 153 2.14 16.27 -14.25
C PRO CA 153 2.48 15.53 -12.95
N LYS CA 154 1.98 14.30 -12.79
CA LYS CA 154 2.00 13.58 -11.50
C LYS CA 154 3.37 13.11 -11.03
N LEU CA 155 4.33 12.94 -11.93
CA LEU CA 155 5.71 12.65 -11.64
C LEU CA 155 6.59 13.74 -12.22
N TRP CA 156 7.62 14.13 -11.48
CA TRP CA 156 8.77 14.76 -12.08
C TRP CA 156 9.53 13.69 -12.84
N VAL CA 157 9.73 13.87 -14.14
CA VAL CA 157 10.48 12.94 -14.98
C VAL CA 157 11.38 13.73 -15.91
N MET CA 158 12.65 13.36 -15.99
CA MET CA 158 13.65 14.05 -16.78
C MET CA 158 14.61 13.06 -17.42
N PHE CA 159 14.88 13.24 -18.70
CA PHE CA 159 15.82 12.44 -19.47
C PHE CA 159 17.02 13.29 -19.88
N GLY CA 160 18.24 12.79 -19.71
CA GLY CA 160 19.44 13.51 -20.13
C GLY CA 160 20.73 12.90 -19.61
N PRO CA 161 21.88 13.52 -19.83
CA PRO CA 161 23.13 13.13 -19.20
C PRO CA 161 22.99 13.21 -17.67
N ALA CA 162 23.44 12.20 -16.94
CA ALA CA 162 23.19 12.03 -15.51
C ALA CA 162 23.56 13.24 -14.64
N LYS CA 163 24.68 13.91 -14.93
CA LYS CA 163 25.12 15.10 -14.21
C LYS CA 163 24.14 16.25 -14.41
N TRP CA 164 23.78 16.56 -15.65
CA TRP CA 164 22.74 17.54 -15.96
C TRP CA 164 21.37 17.19 -15.40
N ALA CA 165 20.89 15.96 -15.54
CA ALA CA 165 19.56 15.60 -15.09
C ALA CA 165 19.42 15.76 -13.56
N LEU CA 166 20.40 15.31 -12.79
CA LEU CA 166 20.39 15.48 -11.34
C LEU CA 166 20.55 16.93 -10.91
N LEU CA 167 21.57 17.64 -11.39
CA LEU CA 167 21.77 19.03 -11.01
C LEU CA 167 20.57 19.92 -11.39
N LEU CA 168 19.93 19.72 -12.54
CA LEU CA 168 18.74 20.48 -12.89
C LEU CA 168 17.58 20.16 -11.96
N THR CA 169 17.34 18.88 -11.68
CA THR CA 169 16.35 18.44 -10.68
C THR CA 169 16.61 19.06 -9.30
N LEU CA 170 17.85 19.29 -8.89
CA LEU CA 170 18.15 20.00 -7.66
C LEU CA 170 17.87 21.51 -7.79
N PHE CA 171 18.29 22.14 -8.88
CA PHE CA 171 18.14 23.56 -9.14
C PHE CA 171 16.69 24.03 -9.15
N VAL CA 172 15.77 23.29 -9.76
CA VAL CA 172 14.34 23.64 -9.73
C VAL CA 172 13.74 23.59 -8.34
N ASN CA 173 14.24 22.75 -7.43
CA ASN CA 173 13.83 22.76 -6.04
C ASN CA 173 14.57 23.83 -5.22
N ILE CA 174 15.82 24.18 -5.52
CA ILE CA 174 16.48 25.37 -4.94
C ILE CA 174 15.73 26.64 -5.35
N LEU CA 175 15.40 26.84 -6.62
CA LEU CA 175 14.53 27.94 -7.10
C LEU CA 175 13.21 28.02 -6.36
N ARG CA 176 12.58 26.88 -6.09
CA ARG CA 176 11.34 26.81 -5.31
C ARG CA 176 11.54 27.25 -3.86
N LEU CA 177 12.58 26.78 -3.20
CA LEU CA 177 12.87 27.07 -1.79
C LEU CA 177 13.36 28.50 -1.58
N GLU CA 178 14.09 29.07 -2.52
CA GLU CA 178 14.45 30.50 -2.53
C GLU CA 178 13.35 31.42 -3.09
N THR CA 179 12.14 30.90 -3.33
CA THR CA 179 10.91 31.61 -3.71
C THR CA 179 10.99 32.47 -4.98
N SER CA 180 11.93 32.12 -5.87
CA SER CA 180 12.23 32.86 -7.09
C SER CA 180 11.12 32.81 -8.14
N LEU CA 181 11.01 33.88 -8.94
CA LEU CA 181 10.04 34.03 -10.04
C LEU CA 181 10.71 34.10 -11.42
N TRP CA 182 11.91 33.55 -11.55
CA TRP CA 182 12.71 33.58 -12.77
C TRP CA 182 12.20 32.63 -13.85
N THR CA 183 12.04 33.13 -15.07
CA THR CA 183 11.67 32.33 -16.24
C THR CA 183 12.82 31.43 -16.64
N LEU CA 184 12.58 30.13 -16.81
CA LEU CA 184 13.64 29.21 -17.17
C LEU CA 184 14.16 29.49 -18.59
N PRO CA 185 15.47 29.58 -18.81
CA PRO CA 185 16.06 29.54 -20.15
C PRO CA 185 15.85 28.17 -20.82
N ASP CA 186 16.17 28.04 -22.10
CA ASP CA 186 16.14 26.75 -22.79
C ASP CA 186 17.08 25.69 -22.16
N ASN CA 187 18.28 26.08 -21.70
CA ASN CA 187 19.07 25.32 -20.75
C ASN CA 187 19.25 26.13 -19.46
N PRO CA 188 18.63 25.75 -18.33
CA PRO CA 188 18.76 26.50 -17.09
C PRO CA 188 20.10 26.40 -16.36
N LEU CA 189 21.00 25.48 -16.73
CA LEU CA 189 22.33 25.36 -16.12
C LEU CA 189 23.45 26.03 -16.92
N ASP CA 190 23.13 26.85 -17.93
CA ASP CA 190 24.13 27.62 -18.67
C ASP CA 190 24.36 28.99 -18.01
N ILE CA 191 25.58 29.23 -17.56
CA ILE CA 191 25.96 30.42 -16.82
C ILE CA 191 25.69 31.74 -17.56
N SER CA 192 25.71 31.73 -18.90
CA SER CA 192 25.45 32.93 -19.68
C SER CA 192 24.02 33.45 -19.52
N GLU CA 193 23.11 32.64 -18.99
CA GLU CA 193 21.72 33.00 -18.74
C GLU CA 193 21.49 33.62 -17.36
N TRP CA 194 22.47 33.54 -16.45
CA TRP CA 194 22.31 33.89 -15.03
C TRP CA 194 22.60 35.38 -14.72
N PHE CA 195 23.10 36.16 -15.67
CA PHE CA 195 23.49 37.57 -15.52
C PHE CA 195 23.30 38.35 -16.83
N PRO CA 196 23.28 39.69 -16.84
CA PRO CA 196 23.17 40.59 -15.70
C PRO CA 196 21.74 40.67 -15.17
N PHE CA 197 21.58 40.92 -13.86
CA PHE CA 197 20.29 41.16 -13.18
C PHE CA 197 19.17 40.17 -13.58
N SER CA 198 19.55 38.90 -13.79
CA SER CA 198 18.67 37.84 -14.28
C SER CA 198 18.24 36.94 -13.13
N LEU CA 199 19.12 36.08 -12.63
CA LEU CA 199 18.79 35.09 -11.62
C LEU CA 199 18.69 35.70 -10.20
N ASN CA 200 19.44 36.77 -9.93
CA ASN CA 200 19.60 37.42 -8.62
C ASN CA 200 19.89 36.46 -7.44
N PRO CA 201 20.95 35.65 -7.49
CA PRO CA 201 21.26 34.63 -6.51
C PRO CA 201 21.92 35.16 -5.22
N GLY CA 202 22.14 36.46 -5.08
CA GLY CA 202 22.98 37.03 -4.04
C GLY CA 202 22.60 36.67 -2.60
N ASN CA 203 21.32 36.46 -2.32
CA ASN CA 203 20.84 36.14 -0.98
C ASN CA 203 20.71 34.62 -0.70
N TRP CA 204 20.94 33.76 -1.69
CA TRP CA 204 20.62 32.34 -1.60
C TRP CA 204 21.55 31.54 -0.70
N ARG CA 205 20.99 30.53 -0.04
CA ARG CA 205 21.69 29.61 0.84
C ARG CA 205 22.37 28.48 0.07
N ASN CA 206 21.76 28.00 -1.00
CA ASN CA 206 22.21 26.89 -1.83
C ASN CA 206 22.26 27.31 -3.29
N ILE CA 207 23.20 26.79 -4.08
CA ILE CA 207 23.19 26.97 -5.54
C ILE CA 207 23.84 25.79 -6.25
N VAL CA 208 23.52 25.57 -7.52
CA VAL CA 208 24.19 24.58 -8.38
C VAL CA 208 25.34 25.23 -9.12
N LYS CA 209 26.45 24.54 -9.32
CA LYS CA 209 27.53 24.98 -10.19
C LYS CA 209 27.14 24.79 -11.66
N PRO CA 210 27.10 25.85 -12.49
CA PRO CA 210 26.75 25.74 -13.91
C PRO CA 210 27.91 25.22 -14.75
N PHE CA 211 27.61 24.67 -15.93
CA PHE CA 211 28.60 24.07 -16.85
C PHE CA 211 28.04 24.01 -18.28
N PRO CA 212 28.89 23.88 -19.31
CA PRO CA 212 28.42 23.78 -20.70
C PRO CA 212 27.85 22.38 -21.03
N PHE CA 213 26.63 22.31 -21.54
CA PHE CA 213 25.96 21.04 -21.86
C PHE CA 213 26.66 20.19 -22.92
N LEU CA 214 27.32 20.80 -23.90
CA LEU CA 214 28.08 20.10 -24.93
C LEU CA 214 29.28 19.32 -24.37
N ALA CA 215 29.80 19.68 -23.20
CA ALA CA 215 30.94 19.03 -22.57
C ALA CA 215 30.56 17.87 -21.63
N ASP CA 216 29.33 17.83 -21.11
CA ASP CA 216 28.86 16.76 -20.24
C ASP CA 216 28.76 15.42 -20.99
N ASN CA 217 29.56 14.46 -20.56
CA ASN CA 217 29.66 13.12 -21.15
C ASN CA 217 29.25 12.02 -20.14
N SER CA 218 28.60 12.39 -19.04
CA SER CA 218 27.97 11.43 -18.14
C SER CA 218 26.88 10.65 -18.87
N PRO CA 219 26.58 9.40 -18.49
CA PRO CA 219 25.71 8.54 -19.27
C PRO CA 219 24.26 9.05 -19.29
N LEU CA 220 23.55 8.84 -20.40
CA LEU CA 220 22.12 9.17 -20.51
C LEU CA 220 21.29 8.36 -19.53
N THR CA 221 20.33 8.98 -18.86
CA THR CA 221 19.58 8.37 -17.76
C THR CA 221 18.25 9.06 -17.48
N ILE CA 222 17.40 8.45 -16.66
CA ILE CA 222 16.11 8.99 -16.25
C ILE CA 222 16.18 9.34 -14.76
N VAL CA 223 15.93 10.59 -14.41
CA VAL CA 223 15.70 11.00 -13.02
C VAL CA 223 14.20 11.22 -12.84
N PHE CA 224 13.61 10.57 -11.85
CA PHE CA 224 12.19 10.66 -11.57
C PHE CA 224 11.88 10.65 -10.08
N SER CA 225 10.83 11.38 -9.72
CA SER CA 225 10.31 11.47 -8.37
C SER CA 225 8.83 11.83 -8.38
N ARG CA 226 8.10 11.35 -7.38
CA ARG CA 226 6.84 11.96 -6.92
C ARG CA 226 7.00 12.21 -5.44
N PHE CA 227 7.46 13.40 -5.07
CA PHE CA 227 7.73 13.81 -3.67
C PHE CA 227 8.69 12.89 -2.89
N LYS CA 228 9.68 12.27 -3.55
CA LYS CA 228 10.86 11.66 -2.88
C LYS CA 228 11.79 12.75 -2.34
N SER CA 229 12.63 12.45 -1.35
CA SER CA 229 13.75 13.33 -1.02
C SER CA 229 14.73 13.41 -2.19
N PHE CA 230 15.60 14.40 -2.26
CA PHE CA 230 16.58 14.43 -3.33
C PHE CA 230 17.59 13.29 -3.19
N HIS CA 231 17.98 12.94 -1.96
CA HIS CA 231 18.80 11.78 -1.65
C HIS CA 231 18.19 10.49 -2.22
N ASP CA 232 16.94 10.18 -1.89
CA ASP CA 232 16.24 9.00 -2.39
C ASP CA 232 16.04 9.00 -3.91
N THR CA 233 15.91 10.18 -4.52
CA THR CA 233 15.85 10.37 -5.97
C THR CA 233 17.19 10.05 -6.64
N ALA CA 234 18.28 10.63 -6.15
CA ALA CA 234 19.61 10.53 -6.72
C ALA CA 234 20.31 9.19 -6.44
N LYS CA 235 19.99 8.48 -5.35
CA LYS CA 235 20.68 7.28 -4.86
C LYS CA 235 21.04 6.26 -5.95
N ASN CA 236 20.04 5.71 -6.64
CA ASN CA 236 20.26 4.70 -7.67
C ASN CA 236 20.88 5.28 -8.95
N VAL CA 237 20.57 6.52 -9.30
CA VAL CA 237 21.18 7.21 -10.44
C VAL CA 237 22.68 7.38 -10.24
N LEU CA 238 23.12 7.84 -9.07
CA LEU CA 238 24.54 8.03 -8.76
C LEU CA 238 25.26 6.69 -8.67
N ALA CA 239 24.61 5.65 -8.16
CA ALA CA 239 25.18 4.32 -8.03
C ALA CA 239 25.37 3.62 -9.38
N ASP CA 240 24.35 3.53 -10.24
CA ASP CA 240 24.48 2.94 -11.58
C ASP CA 240 25.45 3.74 -12.46
N SER CA 241 25.36 5.07 -12.44
CA SER CA 241 26.27 5.94 -13.22
C SER CA 241 27.69 6.04 -12.67
N GLN CA 242 27.96 5.61 -11.44
CA GLN CA 242 29.22 5.80 -10.70
C GLN CA 242 29.66 7.26 -10.54
N LEU CA 243 28.81 8.11 -9.97
CA LEU CA 243 29.04 9.57 -9.83
C LEU CA 243 29.01 10.02 -8.36
N THR CA 244 29.67 11.13 -8.08
CA THR CA 244 29.75 11.69 -6.73
C THR CA 244 29.07 13.06 -6.69
N ILE CA 245 28.12 13.29 -5.79
CA ILE CA 245 27.76 14.66 -5.40
C ILE CA 245 28.85 15.23 -4.51
N VAL CA 246 29.30 16.44 -4.82
CA VAL CA 246 30.23 17.19 -3.99
C VAL CA 246 29.65 18.56 -3.72
N CYS CA 247 29.85 19.07 -2.52
CA CYS CA 247 29.40 20.38 -2.10
C CYS CA 247 30.50 21.10 -1.32
N ARG CA 248 30.59 22.41 -1.48
CA ARG CA 248 31.53 23.23 -0.74
C ARG CA 248 30.92 24.57 -0.42
N ARG CA 249 31.02 25.00 0.84
CA ARG CA 249 30.62 26.34 1.26
C ARG CA 249 31.64 27.37 0.84
N TYR CA 250 31.14 28.46 0.28
CA TYR CA 250 31.94 29.60 -0.11
C TYR CA 250 32.22 30.49 1.10
N PHE CA 251 33.48 30.63 1.50
CA PHE CA 251 33.88 31.54 2.57
C PHE CA 251 34.59 32.76 1.97
N HIS CA 252 34.05 33.94 2.22
CA HIS CA 252 34.59 35.20 1.72
C HIS CA 252 35.98 35.52 2.27
N GLY CA 253 36.85 36.05 1.42
CA GLY CA 253 38.19 36.52 1.77
C GLY CA 253 39.26 35.44 1.80
N GLU CA 254 38.89 34.17 1.70
CA GLU CA 254 39.82 33.05 1.66
C GLU CA 254 39.65 32.15 0.42
N ASP CA 255 38.43 31.88 -0.02
CA ASP CA 255 38.18 31.17 -1.27
C ASP CA 255 38.22 32.12 -2.49
N PRO CA 256 38.60 31.63 -3.69
CA PRO CA 256 38.26 32.28 -4.95
C PRO CA 256 36.75 32.14 -5.24
N HIS CA 257 36.16 33.00 -6.07
CA HIS CA 257 34.73 32.89 -6.39
C HIS CA 257 34.41 31.49 -6.97
N PRO CA 258 33.31 30.83 -6.57
CA PRO CA 258 33.06 29.44 -6.93
C PRO CA 258 32.93 29.17 -8.43
N PHE CA 259 32.56 30.16 -9.25
CA PHE CA 259 32.36 30.01 -10.69
C PHE CA 259 33.48 30.63 -11.54
N ALA CA 260 34.59 31.04 -10.94
CA ALA CA 260 35.73 31.59 -11.63
C ALA CA 260 36.58 30.48 -12.28
N GLU CA 261 36.81 30.59 -13.58
CA GLU CA 261 37.61 29.68 -14.39
C GLU CA 261 38.32 30.45 -15.51
N LEU CA 262 39.44 29.92 -16.00
CA LEU CA 262 40.25 30.51 -17.06
C LEU CA 262 40.07 29.80 -18.40
N SER CA 263 40.48 30.45 -19.50
CA SER CA 263 40.28 29.95 -20.86
C SER CA 263 41.36 30.36 -21.85
N GLY CA 264 41.49 29.58 -22.92
CA GLY CA 264 42.12 29.99 -24.17
C GLY CA 264 43.65 30.07 -24.14
N GLU CA 265 44.21 30.66 -25.20
CA GLU CA 265 45.65 30.74 -25.40
C GLU CA 265 46.36 31.55 -24.32
N LEU CA 266 45.77 32.66 -23.87
CA LEU CA 266 46.36 33.56 -22.87
C LEU CA 266 45.97 33.22 -21.44
N GLY CA 267 44.98 32.36 -21.21
CA GLY CA 267 44.48 32.08 -19.85
C GLY CA 267 43.77 33.28 -19.22
N LEU CA 268 42.88 33.93 -19.96
CA LEU CA 268 42.01 34.98 -19.42
C LEU CA 268 40.76 34.35 -18.77
N PRO CA 269 40.18 34.96 -17.74
CA PRO CA 269 38.87 34.57 -17.20
C PRO CA 269 37.78 34.45 -18.27
N LEU CA 270 36.82 33.53 -18.12
CA LEU CA 270 35.72 33.39 -19.07
C LEU CA 270 34.84 34.64 -19.08
N ILE CA 271 34.38 35.05 -17.89
CA ILE CA 271 33.63 36.27 -17.71
C ILE CA 271 34.41 37.17 -16.76
N GLU CA 272 34.71 38.39 -17.16
CA GLU CA 272 35.31 39.37 -16.25
C GLU CA 272 34.27 39.87 -15.25
N GLY CA 273 34.69 40.19 -14.02
CA GLY CA 273 33.79 40.67 -12.98
C GLY CA 273 32.80 39.62 -12.45
N ILE CA 274 33.16 38.34 -12.51
CA ILE CA 274 32.31 37.20 -12.07
C ILE CA 274 31.70 37.42 -10.68
N ALA CA 275 32.45 37.93 -9.71
CA ALA CA 275 31.96 38.19 -8.37
C ALA CA 275 30.96 39.36 -8.27
N SER CA 276 31.02 40.30 -9.19
CA SER CA 276 30.07 41.42 -9.27
C SER CA 276 28.81 41.05 -10.05
N LEU CA 277 28.93 40.20 -11.08
CA LEU CA 277 27.81 39.73 -11.90
C LEU CA 277 26.99 38.65 -11.22
N ILE CA 278 27.63 37.68 -10.59
CA ILE CA 278 26.99 36.59 -9.86
C ILE CA 278 27.41 36.69 -8.39
N PRO CA 279 26.82 37.61 -7.61
CA PRO CA 279 27.15 37.71 -6.20
C PRO CA 279 26.67 36.44 -5.49
N LEU CA 280 27.46 35.95 -4.56
CA LEU CA 280 27.11 34.84 -3.68
C LEU CA 280 27.45 35.22 -2.24
N ARG CA 281 26.52 35.05 -1.32
CA ARG CA 281 26.72 35.37 0.09
C ARG CA 281 27.78 34.48 0.73
N HIS CA 282 28.42 34.99 1.78
CA HIS CA 282 29.23 34.19 2.67
C HIS CA 282 28.44 33.00 3.23
N GLY CA 283 28.95 31.79 3.03
CA GLY CA 283 28.36 30.55 3.49
C GLY CA 283 27.53 29.80 2.46
N CYS CA 284 27.33 30.35 1.25
CA CYS CA 284 26.54 29.74 0.21
C CYS CA 284 27.04 28.32 -0.11
N LEU CA 285 26.18 27.32 -0.07
CA LEU CA 285 26.55 25.94 -0.33
C LEU CA 285 26.45 25.61 -1.82
N VAL CA 286 27.59 25.51 -2.48
CA VAL CA 286 27.64 25.27 -3.92
C VAL CA 286 27.65 23.77 -4.19
N TRP CA 287 26.67 23.27 -4.93
CA TRP CA 287 26.47 21.87 -5.29
C TRP CA 287 27.05 21.58 -6.68
N ASP CA 288 27.75 20.48 -6.83
CA ASP CA 288 28.30 19.98 -8.10
C ASP CA 288 28.22 18.45 -8.16
N ILE CA 289 28.33 17.87 -9.35
CA ILE CA 289 28.47 16.43 -9.53
C ILE CA 289 29.76 16.17 -10.29
N VAL CA 290 30.59 15.26 -9.79
CA VAL CA 290 31.90 14.94 -10.36
C VAL CA 290 32.02 13.48 -10.75
N ASP CA 291 32.77 13.26 -11.82
CA ASP CA 291 32.98 11.97 -12.46
C ASP CA 291 34.34 11.39 -12.07
N ASN CA 292 34.45 10.85 -10.85
CA ASN CA 292 35.70 10.24 -10.37
C ASN CA 292 35.83 8.75 -10.72
N SER CA 293 34.93 8.23 -11.55
CA SER CA 293 35.02 6.90 -12.11
C SER CA 293 34.88 6.98 -13.63
N GLY CA 294 36.01 7.04 -14.33
CA GLY CA 294 36.04 7.12 -15.79
C GLY CA 294 35.62 5.84 -16.52
N TRP CA 295 34.75 5.02 -15.93
CA TRP CA 295 34.44 3.66 -16.36
C TRP CA 295 33.98 3.59 -17.81
N GLY CA 296 33.16 4.54 -18.25
CA GLY CA 296 32.65 4.65 -19.61
C GLY CA 296 33.51 5.46 -20.58
N SER CA 297 34.76 5.78 -20.26
CA SER CA 297 35.64 6.57 -21.12
C SER CA 297 37.09 6.04 -21.17
N GLU CA 298 37.80 6.11 -20.06
CA GLU CA 298 39.08 5.45 -19.83
C GLU CA 298 39.36 5.44 -18.33
N THR CA 299 39.70 4.28 -17.80
CA THR CA 299 40.22 4.17 -16.44
C THR CA 299 41.01 2.87 -16.27
N ALA CA 300 41.30 2.45 -15.04
CA ALA CA 300 41.86 1.16 -14.73
C ALA CA 300 41.12 0.47 -13.58
N PHE CA 301 40.91 -0.84 -13.69
CA PHE CA 301 40.27 -1.70 -12.67
C PHE CA 301 41.27 -2.61 -11.92
N GLY CA 302 42.53 -2.62 -12.34
CA GLY CA 302 43.54 -3.48 -11.77
C GLY CA 302 44.85 -3.42 -12.54
N GLY CA 303 45.86 -4.12 -12.04
CA GLY CA 303 47.17 -4.15 -12.67
C GLY CA 303 48.20 -4.91 -11.87
N SER CA 304 49.47 -4.58 -12.07
CA SER CA 304 50.61 -5.18 -11.40
C SER CA 304 51.63 -4.13 -10.97
N LEU CA 305 52.27 -4.29 -9.82
CA LEU CA 305 53.43 -3.50 -9.41
C LEU CA 305 54.62 -3.66 -10.35
N LEU CA 306 54.70 -4.79 -11.08
CA LEU CA 306 55.79 -5.08 -12.01
C LEU CA 306 55.68 -4.34 -13.34
N THR CA 307 54.49 -4.27 -13.93
CA THR CA 307 54.26 -3.75 -15.29
C THR CA 307 53.28 -2.58 -15.37
N GLY CA 308 52.63 -2.19 -14.28
CA GLY CA 308 51.72 -1.04 -14.21
C GLY CA 308 50.23 -1.39 -14.21
N LEU CA 309 49.36 -0.39 -14.15
CA LEU CA 309 47.90 -0.55 -14.28
C LEU CA 309 47.48 -0.78 -15.72
N VAL CA 310 46.45 -1.60 -15.92
CA VAL CA 310 45.87 -1.88 -17.23
C VAL CA 310 44.72 -0.90 -17.50
N ARG CA 311 44.87 -0.03 -18.51
CA ARG CA 311 43.83 0.89 -18.95
C ARG CA 311 42.74 0.16 -19.73
N ALA CA 312 41.49 0.51 -19.46
CA ALA CA 312 40.33 -0.14 -20.00
C ALA CA 312 39.13 0.82 -20.14
N VAL CA 313 38.06 0.36 -20.77
CA VAL CA 313 36.77 1.03 -20.91
C VAL CA 313 35.67 0.00 -20.70
N MET CA 314 34.53 0.44 -20.22
CA MET CA 314 33.30 -0.33 -20.16
C MET CA 314 32.22 0.25 -21.05
N ASN CA 315 31.42 -0.62 -21.65
CA ASN CA 315 30.23 -0.29 -22.40
C ASN CA 315 29.10 -1.25 -22.06
N ILE CA 316 27.89 -0.74 -21.90
CA ILE CA 316 26.71 -1.57 -21.73
C ILE CA 316 26.28 -2.07 -23.12
N ALA CA 317 26.17 -3.38 -23.33
CA ALA CA 317 25.68 -3.92 -24.59
C ALA CA 317 24.14 -3.85 -24.70
N SER CA 318 23.58 -4.10 -25.87
CA SER CA 318 22.19 -3.73 -26.21
C SER CA 318 21.07 -4.31 -25.34
N ASP CA 319 21.32 -5.31 -24.48
CA ASP CA 319 20.34 -5.81 -23.52
C ASP CA 319 20.24 -4.97 -22.23
N GLY CA 320 21.17 -4.03 -22.01
CA GLY CA 320 21.23 -3.18 -20.83
C GLY CA 320 21.93 -3.81 -19.63
N MET CA 321 22.06 -5.12 -19.57
CA MET CA 321 22.60 -5.83 -18.41
C MET CA 321 24.07 -6.18 -18.57
N THR CA 322 24.49 -6.75 -19.70
CA THR CA 322 25.90 -7.13 -19.88
C THR CA 322 26.78 -5.91 -20.15
N GLU CA 323 27.88 -5.80 -19.43
CA GLU CA 323 28.91 -4.80 -19.70
C GLU CA 323 30.13 -5.46 -20.32
N GLY CA 324 30.54 -5.00 -21.49
CA GLY CA 324 31.80 -5.41 -22.11
C GLY CA 324 32.95 -4.58 -21.56
N ILE CA 325 34.13 -5.18 -21.38
CA ILE CA 325 35.37 -4.48 -21.04
C ILE CA 325 36.32 -4.54 -22.22
N ASP CA 326 36.73 -3.38 -22.73
CA ASP CA 326 37.72 -3.22 -23.77
C ASP CA 326 39.04 -2.72 -23.17
N ILE CA 327 40.17 -3.37 -23.47
CA ILE CA 327 41.49 -3.05 -22.92
C ILE CA 327 42.30 -2.25 -23.95
N TYR CA 328 42.83 -1.10 -23.54
CA TYR CA 328 43.69 -0.28 -24.40
C TYR CA 328 45.06 -0.94 -24.59
N THR CA 329 45.45 -1.17 -25.83
CA THR CA 329 46.75 -1.76 -26.19
C THR CA 329 47.87 -0.72 -26.27
N GLY CA 330 47.54 0.55 -26.35
CA GLY CA 330 48.51 1.65 -26.42
C GLY CA 330 49.25 1.93 -25.11
N LEU CA 331 50.36 2.63 -25.21
CA LEU CA 331 51.15 3.06 -24.05
C LEU CA 331 50.41 4.16 -23.26
N PRO CA 332 50.40 4.11 -21.92
CA PRO CA 332 49.62 5.05 -21.10
C PRO CA 332 49.94 6.53 -21.36
N THR CA 333 48.90 7.36 -21.49
CA THR CA 333 49.02 8.82 -21.49
C THR CA 333 48.50 9.42 -20.18
N TYR CA 334 48.85 10.67 -19.91
CA TYR CA 334 48.55 11.35 -18.65
C TYR CA 334 47.81 12.67 -18.88
N PRO CA 335 46.91 13.09 -17.97
CA PRO CA 335 46.26 14.38 -18.05
C PRO CA 335 47.27 15.52 -17.86
N GLY CA 336 47.04 16.69 -18.46
CA GLY CA 336 48.00 17.79 -18.46
C GLY CA 336 48.35 18.31 -17.07
N GLU CA 337 47.46 18.20 -16.08
CA GLU CA 337 47.78 18.56 -14.70
C GLU CA 337 48.97 17.79 -14.14
N TYR CA 338 49.24 16.56 -14.59
CA TYR CA 338 50.33 15.72 -14.09
C TYR CA 338 51.72 16.19 -14.53
N TYR CA 339 51.81 17.29 -15.28
CA TYR CA 339 53.08 17.94 -15.56
C TYR CA 339 53.27 19.24 -14.77
N THR CA 340 52.22 19.78 -14.17
CA THR CA 340 52.23 21.13 -13.60
C THR CA 340 52.94 21.20 -12.24
N PRO CA 341 53.84 22.18 -12.01
CA PRO CA 341 54.48 22.38 -10.72
C PRO CA 341 53.50 22.54 -9.57
N GLY CA 342 53.73 21.85 -8.46
CA GLY CA 342 52.92 21.94 -7.25
C GLY CA 342 51.59 21.18 -7.27
N PHE CA 343 51.16 20.61 -8.39
CA PHE CA 343 49.96 19.78 -8.41
C PHE CA 343 50.19 18.44 -7.70
N LEU CA 344 49.16 17.95 -7.02
CA LEU CA 344 49.00 16.60 -6.51
C LEU CA 344 47.53 16.24 -6.73
N GLY CA 345 47.20 15.00 -7.10
CA GLY CA 345 45.81 14.55 -7.13
C GLY CA 345 45.50 13.51 -8.20
N THR CA 346 44.37 12.84 -8.07
CA THR CA 346 43.99 11.78 -9.00
C THR CA 346 42.92 12.24 -9.98
N TYR CA 347 43.13 11.95 -11.26
CA TYR CA 347 42.08 11.88 -12.26
C TYR CA 347 41.85 10.43 -12.69
N PRO CA 348 40.61 10.01 -12.94
CA PRO CA 348 40.32 8.61 -13.17
C PRO CA 348 40.89 8.04 -14.45
N LYS CA 349 41.28 8.88 -15.41
CA LYS CA 349 42.06 8.48 -16.58
C LYS CA 349 43.37 7.78 -16.20
N ALA CA 350 44.01 8.27 -15.14
CA ALA CA 350 45.34 7.84 -14.72
C ALA CA 350 45.47 7.78 -13.19
N PRO CA 351 44.89 6.78 -12.51
CA PRO CA 351 45.14 6.56 -11.10
C PRO CA 351 46.59 6.11 -10.87
N HIS CA 352 47.19 6.50 -9.75
CA HIS CA 352 48.62 6.26 -9.45
C HIS CA 352 48.87 5.64 -8.08
N VAL CA 353 48.03 5.94 -7.10
CA VAL CA 353 48.19 5.54 -5.70
C VAL CA 353 48.16 4.02 -5.54
N VAL CA 354 49.18 3.44 -4.92
CA VAL CA 354 49.19 2.05 -4.45
C VAL CA 354 49.52 1.99 -2.97
N PHE CA 355 48.63 1.45 -2.17
CA PHE CA 355 48.94 1.04 -0.81
C PHE CA 355 49.50 -0.38 -0.82
N MET CA 356 50.82 -0.52 -0.73
CA MET CA 356 51.52 -1.80 -0.71
C MET CA 356 51.47 -2.46 0.69
N GLU CA 357 51.06 -3.73 0.78
CA GLU CA 357 51.18 -4.55 1.99
C GLU CA 357 52.32 -5.57 1.93
N SER CA 358 53.21 -5.40 0.96
CA SER CA 358 54.55 -5.98 0.89
C SER CA 358 55.45 -5.53 2.07
N PRO CA 359 56.62 -6.16 2.32
CA PRO CA 359 57.56 -5.77 3.35
C PRO CA 359 57.90 -4.26 3.38
N TYR CA 360 58.20 -3.74 4.57
CA TYR CA 360 58.27 -2.30 4.86
C TYR CA 360 56.93 -1.57 4.57
N THR CA 361 55.78 -2.19 4.86
CA THR CA 361 54.48 -1.47 4.85
C THR CA 361 54.32 -0.58 6.07
N GLY CA 362 53.63 0.54 5.92
CA GLY CA 362 53.31 1.49 7.00
C GLY CA 362 51.87 1.45 7.51
N ILE CA 363 51.02 0.60 6.95
CA ILE CA 363 49.59 0.53 7.29
C ILE CA 363 49.44 -0.17 8.63
N GLU CA 364 48.63 0.35 9.55
CA GLU CA 364 48.53 -0.21 10.89
C GLU CA 364 47.84 -1.57 10.88
N SER CA 365 46.63 -1.61 10.36
CA SER CA 365 45.81 -2.81 10.19
C SER CA 365 45.00 -2.71 8.89
N SER CA 366 44.57 -3.83 8.37
CA SER CA 366 43.66 -3.86 7.23
C SER CA 366 42.73 -5.07 7.20
N LYS CA 367 41.56 -4.89 6.60
CA LYS CA 367 40.66 -5.99 6.20
C LYS CA 367 40.37 -5.86 4.71
N PHE CA 368 40.63 -6.91 3.96
CA PHE CA 368 40.27 -7.03 2.56
C PHE CA 368 39.15 -8.04 2.45
N THR CA 369 38.03 -7.68 1.83
CA THR CA 369 36.87 -8.53 1.65
C THR CA 369 36.57 -8.72 0.17
N TYR CA 370 36.30 -9.93 -0.26
CA TYR CA 370 35.68 -10.23 -1.55
C TYR CA 370 34.28 -10.81 -1.33
N THR CA 371 33.26 -10.28 -1.99
CA THR CA 371 31.91 -10.85 -2.03
C THR CA 371 31.59 -11.34 -3.43
N GLU CA 372 31.13 -12.59 -3.57
CA GLU CA 372 30.77 -13.17 -4.87
C GLU CA 372 29.45 -12.60 -5.44
N ALA CA 373 29.24 -12.59 -6.75
CA ALA CA 373 27.91 -12.27 -7.27
C ALA CA 373 26.87 -13.32 -6.83
N THR CA 374 25.66 -12.90 -6.48
CA THR CA 374 24.61 -13.82 -6.00
C THR CA 374 23.64 -14.21 -7.12
N ASP CA 375 22.70 -13.33 -7.38
CA ASP CA 375 21.54 -13.53 -8.24
C ASP CA 375 21.87 -13.63 -9.75
N THR CA 376 21.16 -14.46 -10.54
CA THR CA 376 21.40 -14.61 -11.99
C THR CA 376 20.24 -14.20 -12.91
N SER CA 377 19.03 -13.97 -12.42
CA SER CA 377 17.98 -13.28 -13.16
C SER CA 377 17.12 -12.45 -12.22
N PHE CA 378 16.63 -11.31 -12.69
CA PHE CA 378 15.88 -10.37 -11.86
C PHE CA 378 14.40 -10.42 -12.22
N VAL CA 379 13.53 -10.52 -11.23
CA VAL CA 379 12.07 -10.49 -11.43
C VAL CA 379 11.54 -9.19 -10.88
N LEU CA 380 10.72 -8.50 -11.67
CA LEU CA 380 10.12 -7.19 -11.39
C LEU CA 380 8.61 -7.27 -11.45
N GLY CA 381 7.93 -6.34 -10.77
CA GLY CA 381 6.60 -5.93 -11.15
C GLY CA 381 5.62 -5.80 -9.99
N GLY CA 382 4.36 -6.14 -10.26
CA GLY CA 382 3.24 -6.13 -9.33
C GLY CA 382 1.97 -5.50 -9.93
N GLN CA 383 2.14 -4.41 -10.65
CA GLN CA 383 1.11 -3.63 -11.35
C GLN CA 383 1.35 -3.64 -12.85
N SER CA 384 0.30 -3.66 -13.66
CA SER CA 384 0.47 -3.53 -15.11
C SER CA 384 1.07 -2.17 -15.50
N MET CA 385 1.76 -2.14 -16.64
CA MET CA 385 2.31 -0.90 -17.19
C MET CA 385 1.24 0.18 -17.41
N PRO CA 386 1.59 1.48 -17.43
CA PRO CA 386 0.63 2.55 -17.62
C PRO CA 386 -0.24 2.37 -18.87
N GLY CA 387 -1.55 2.42 -18.70
CA GLY CA 387 -2.54 2.36 -19.78
C GLY CA 387 -3.09 0.97 -20.07
N VAL CA 388 -2.43 -0.12 -19.66
CA VAL CA 388 -2.87 -1.48 -19.97
C VAL CA 388 -4.21 -1.82 -19.32
N ASN CA 389 -4.41 -1.57 -18.02
CA ASN CA 389 -5.68 -1.74 -17.33
C ASN CA 389 -6.76 -0.84 -17.94
N GLU CA 390 -6.43 0.41 -18.27
CA GLU CA 390 -7.35 1.39 -18.84
C GLU CA 390 -7.88 0.95 -20.19
N VAL CA 391 -7.00 0.55 -21.12
CA VAL CA 391 -7.37 0.04 -22.45
C VAL CA 391 -8.32 -1.15 -22.37
N ILE CA 392 -8.16 -2.06 -21.42
CA ILE CA 392 -9.09 -3.17 -21.24
C ILE CA 392 -10.43 -2.66 -20.72
N SER CA 393 -10.42 -1.82 -19.69
CA SER CA 393 -11.64 -1.30 -19.08
C SER CA 393 -12.48 -0.48 -20.07
N ALA CA 394 -11.83 0.33 -20.89
CA ALA CA 394 -12.44 1.04 -21.99
C ALA CA 394 -13.12 0.10 -22.99
N GLY CA 395 -12.49 -1.01 -23.35
CA GLY CA 395 -13.06 -2.01 -24.24
C GLY CA 395 -14.31 -2.68 -23.67
N ILE CA 396 -14.35 -2.93 -22.37
CA ILE CA 396 -15.53 -3.48 -21.69
C ILE CA 396 -16.64 -2.45 -21.57
N ASN CA 397 -16.32 -1.19 -21.27
CA ASN CA 397 -17.29 -0.11 -21.31
C ASN CA 397 -17.88 0.03 -22.72
N MET CA 398 -17.05 0.13 -23.76
CA MET CA 398 -17.49 0.26 -25.14
C MET CA 398 -18.31 -0.94 -25.62
N GLY CA 399 -17.89 -2.16 -25.29
CA GLY CA 399 -18.59 -3.36 -25.69
C GLY CA 399 -19.97 -3.48 -25.06
N GLY CA 400 -20.10 -3.26 -23.75
CA GLY CA 400 -21.40 -3.38 -23.08
C GLY CA 400 -22.37 -2.25 -23.45
N ASP CA 401 -21.89 -1.02 -23.59
CA ASP CA 401 -22.71 0.13 -23.94
C ASP CA 401 -23.05 0.20 -25.42
N PHE CA 402 -22.16 -0.21 -26.33
CA PHE CA 402 -22.48 -0.31 -27.75
C PHE CA 402 -23.31 -1.54 -28.09
N LEU CA 403 -23.21 -2.65 -27.35
CA LEU CA 403 -24.06 -3.81 -27.60
C LEU CA 403 -25.52 -3.49 -27.30
N THR CA 404 -25.89 -3.03 -26.10
CA THR CA 404 -27.30 -2.72 -25.87
C THR CA 404 -27.78 -1.52 -26.68
N SER CA 405 -26.90 -0.60 -27.09
CA SER CA 405 -27.23 0.42 -28.09
C SER CA 405 -27.62 -0.21 -29.44
N LEU CA 406 -26.82 -1.14 -29.97
CA LEU CA 406 -27.10 -1.88 -31.20
C LEU CA 406 -28.40 -2.68 -31.08
N ILE CA 407 -28.62 -3.36 -29.95
CA ILE CA 407 -29.84 -4.16 -29.76
C ILE CA 407 -31.08 -3.26 -29.69
N ASN CA 408 -31.05 -2.19 -28.88
CA ASN CA 408 -32.16 -1.24 -28.73
C ASN CA 408 -32.48 -0.50 -30.04
N SER CA 409 -31.49 -0.31 -30.92
CA SER CA 409 -31.66 0.48 -32.13
C SER CA 409 -32.23 -0.29 -33.33
N GLN CA 410 -32.07 -1.61 -33.37
CA GLN CA 410 -32.42 -2.39 -34.57
C GLN CA 410 -33.08 -3.73 -34.29
N LEU CA 411 -32.72 -4.41 -33.20
CA LEU CA 411 -33.00 -5.84 -33.06
C LEU CA 411 -34.12 -6.20 -32.09
N ALA CA 412 -34.24 -5.53 -30.94
CA ALA CA 412 -35.08 -6.06 -29.87
C ALA CA 412 -35.51 -5.04 -28.81
N THR CA 413 -36.44 -5.46 -27.94
CA THR CA 413 -36.88 -4.74 -26.73
C THR CA 413 -37.35 -5.73 -25.67
N LEU CA 414 -37.48 -5.28 -24.43
CA LEU CA 414 -37.95 -6.10 -23.31
C LEU CA 414 -39.43 -5.80 -23.04
N GLY CA 415 -40.28 -6.82 -23.10
CA GLY CA 415 -41.70 -6.70 -22.83
C GLY CA 415 -41.97 -6.75 -21.34
N ALA CA 416 -42.11 -5.59 -20.71
CA ALA CA 416 -42.46 -5.48 -19.30
C ALA CA 416 -43.97 -5.35 -19.09
N PHE CA 417 -44.45 -5.40 -17.85
CA PHE CA 417 -45.88 -5.31 -17.54
C PHE CA 417 -46.56 -4.05 -18.12
N GLY CA 418 -45.84 -2.93 -18.19
CA GLY CA 418 -46.37 -1.64 -18.66
C GLY CA 418 -46.22 -1.38 -20.16
N GLY CA 419 -45.52 -2.24 -20.88
CA GLY CA 419 -45.14 -2.04 -22.29
C GLY CA 419 -43.67 -2.36 -22.55
N ALA CA 420 -43.10 -1.85 -23.62
CA ALA CA 420 -41.70 -2.04 -23.96
C ALA CA 420 -40.74 -1.28 -23.02
N ILE CA 421 -39.57 -1.83 -22.77
CA ILE CA 421 -38.47 -1.25 -22.01
C ILE CA 421 -37.17 -1.37 -22.80
N ASP CA 422 -36.41 -0.29 -22.86
CA ASP CA 422 -35.03 -0.33 -23.35
C ASP CA 422 -34.14 -1.14 -22.40
N LEU CA 423 -33.35 -2.08 -22.94
CA LEU CA 423 -32.30 -2.72 -22.18
C LEU CA 423 -31.29 -1.67 -21.71
N PRO CA 424 -30.80 -1.72 -20.46
CA PRO CA 424 -29.90 -0.72 -19.95
C PRO CA 424 -28.52 -0.82 -20.63
N PRO CA 425 -27.74 0.27 -20.66
CA PRO CA 425 -26.30 0.22 -20.93
C PRO CA 425 -25.61 -0.79 -20.01
N LEU CA 426 -24.76 -1.68 -20.55
CA LEU CA 426 -24.12 -2.74 -19.76
C LEU CA 426 -22.65 -2.47 -19.41
N GLY CA 427 -22.01 -1.48 -20.02
CA GLY CA 427 -20.57 -1.32 -19.97
C GLY CA 427 -20.02 -1.06 -18.58
N GLY CA 428 -20.80 -0.45 -17.69
CA GLY CA 428 -20.38 -0.13 -16.33
C GLY CA 428 -20.45 -1.34 -15.40
N ILE CA 429 -21.53 -2.10 -15.48
CA ILE CA 429 -21.69 -3.34 -14.72
C ILE CA 429 -20.80 -4.47 -15.21
N MET CA 430 -20.58 -4.67 -16.50
CA MET CA 430 -19.57 -5.64 -16.96
C MET CA 430 -18.18 -5.25 -16.45
N ASP CA 431 -17.80 -3.99 -16.54
CA ASP CA 431 -16.48 -3.48 -16.12
C ASP CA 431 -16.27 -3.70 -14.62
N ALA CA 432 -17.29 -3.42 -13.83
CA ALA CA 432 -17.35 -3.75 -12.44
C ALA CA 432 -17.11 -5.26 -12.22
N VAL CA 433 -17.95 -6.17 -12.75
CA VAL CA 433 -17.78 -7.60 -12.45
C VAL CA 433 -16.47 -8.17 -13.02
N ALA CA 434 -15.94 -7.59 -14.08
CA ALA CA 434 -14.70 -8.03 -14.71
C ALA CA 434 -13.43 -7.56 -14.00
N ARG CA 435 -13.43 -6.43 -13.29
CA ARG CA 435 -12.20 -5.82 -12.75
C ARG CA 435 -11.29 -6.76 -11.94
N PRO CA 436 -11.80 -7.57 -10.99
CA PRO CA 436 -10.99 -8.55 -10.28
C PRO CA 436 -10.30 -9.58 -11.17
N LEU CA 437 -10.82 -9.87 -12.37
CA LEU CA 437 -10.32 -10.90 -13.27
C LEU CA 437 -9.27 -10.41 -14.28
N TYR CA 438 -9.10 -9.12 -14.50
CA TYR CA 438 -8.13 -8.61 -15.47
C TYR CA 438 -7.16 -7.57 -14.93
N GLU CA 439 -7.49 -6.87 -13.85
CA GLU CA 439 -6.63 -5.84 -13.29
C GLU CA 439 -5.28 -6.43 -12.83
N ASN CA 440 -4.18 -5.90 -13.34
CA ASN CA 440 -2.81 -6.36 -13.08
C ASN CA 440 -2.53 -7.82 -13.50
N VAL CA 441 -3.15 -8.28 -14.60
CA VAL CA 441 -2.87 -9.56 -15.27
C VAL CA 441 -1.91 -9.42 -16.44
N VAL CA 442 -2.06 -8.37 -17.25
CA VAL CA 442 -1.34 -8.15 -18.52
C VAL CA 442 -0.18 -7.19 -18.28
N LEU CA 443 1.01 -7.48 -18.77
CA LEU CA 443 2.22 -6.65 -18.64
C LEU CA 443 2.49 -6.19 -17.19
N ALA CA 444 2.20 -7.03 -16.19
CA ALA CA 444 2.31 -6.73 -14.77
C ALA CA 444 3.61 -7.21 -14.10
N PHE CA 445 4.39 -8.04 -14.77
CA PHE CA 445 5.65 -8.60 -14.28
C PHE CA 445 6.66 -8.67 -15.41
N MET CA 446 7.95 -8.72 -15.08
CA MET CA 446 9.02 -8.93 -16.04
C MET CA 446 10.13 -9.80 -15.43
N GLU CA 447 10.74 -10.69 -16.21
CA GLU CA 447 11.99 -11.33 -15.86
C GLU CA 447 13.08 -10.82 -16.78
N ILE CA 448 14.19 -10.35 -16.23
CA ILE CA 448 15.37 -9.92 -16.97
C ILE CA 448 16.51 -10.91 -16.70
N PRO CA 449 17.05 -11.60 -17.72
CA PRO CA 449 18.17 -12.55 -17.57
C PRO CA 449 19.55 -11.88 -17.50
N THR CA 450 20.62 -12.65 -17.27
CA THR CA 450 22.02 -12.16 -17.22
C THR CA 450 23.00 -13.26 -17.63
N LEU CA 451 24.19 -12.91 -18.13
CA LEU CA 451 25.27 -13.87 -18.49
C LEU CA 451 26.12 -14.37 -17.31
N ARG CA 452 25.74 -14.08 -16.06
CA ARG CA 452 26.50 -14.41 -14.84
C ARG CA 452 26.86 -15.88 -14.71
N ALA CA 453 25.92 -16.78 -14.98
CA ALA CA 453 26.16 -18.21 -14.87
C ALA CA 453 27.19 -18.70 -15.90
N ALA CA 454 27.04 -18.29 -17.16
CA ALA CA 454 27.85 -18.77 -18.27
C ALA CA 454 29.24 -18.16 -18.28
N GLY CA 455 29.33 -16.83 -18.32
CA GLY CA 455 30.61 -16.17 -18.48
C GLY CA 455 30.52 -14.68 -18.80
N LEU CA 456 31.31 -13.89 -18.08
CA LEU CA 456 31.50 -12.46 -18.27
C LEU CA 456 32.96 -12.10 -18.03
N SER CA 457 33.38 -10.94 -18.49
CA SER CA 457 34.60 -10.28 -18.05
C SER CA 457 34.21 -9.23 -17.02
N LEU CA 458 34.91 -9.17 -15.89
CA LEU CA 458 34.49 -8.38 -14.74
C LEU CA 458 35.53 -7.32 -14.37
N PRO CA 459 35.12 -6.14 -13.89
CA PRO CA 459 36.01 -5.05 -13.51
C PRO CA 459 36.65 -5.29 -12.14
N ILE CA 460 37.40 -6.38 -12.05
CA ILE CA 460 38.14 -6.87 -10.89
C ILE CA 460 39.54 -7.23 -11.41
N ALA CA 461 40.60 -6.94 -10.66
CA ALA CA 461 41.97 -7.23 -11.06
C ALA CA 461 42.14 -8.72 -11.41
N GLY CA 462 42.46 -9.01 -12.67
CA GLY CA 462 42.68 -10.35 -13.18
C GLY CA 462 41.49 -10.94 -13.92
N LEU CA 463 40.29 -10.36 -13.80
CA LEU CA 463 39.08 -10.81 -14.49
C LEU CA 463 38.71 -9.94 -15.70
N GLU CA 464 39.50 -8.93 -16.06
CA GLU CA 464 39.17 -7.99 -17.14
C GLU CA 464 39.33 -8.58 -18.54
N ASP CA 465 40.34 -9.42 -18.77
CA ASP CA 465 40.62 -10.03 -20.07
C ASP CA 465 40.04 -11.44 -20.23
N ILE CA 466 39.96 -12.24 -19.18
CA ILE CA 466 39.36 -13.58 -19.22
C ILE CA 466 37.83 -13.56 -19.10
N VAL CA 467 37.18 -14.69 -19.40
CA VAL CA 467 35.76 -14.93 -19.21
C VAL CA 467 35.58 -15.98 -18.12
N THR CA 468 34.86 -15.66 -17.05
CA THR CA 468 34.53 -16.59 -15.97
C THR CA 468 33.05 -16.47 -15.65
N GLY CA 469 32.39 -17.57 -15.31
CA GLY CA 469 31.00 -17.55 -14.88
C GLY CA 469 30.87 -18.09 -13.47
N LEU CA 470 29.70 -17.96 -12.84
CA LEU CA 470 29.51 -18.51 -11.51
C LEU CA 470 29.67 -20.03 -11.44
N GLY CA 471 29.22 -20.74 -12.48
CA GLY CA 471 29.07 -22.20 -12.47
C GLY CA 471 27.63 -22.63 -12.65
N ASP CA 472 27.42 -23.90 -12.89
CA ASP CA 472 26.09 -24.47 -13.05
C ASP CA 472 25.23 -24.36 -11.79
N PHE CA 473 25.84 -24.26 -10.61
CA PHE CA 473 25.16 -24.08 -9.33
C PHE CA 473 25.30 -22.64 -8.82
N HIS CA 474 24.16 -21.97 -8.73
CA HIS CA 474 24.00 -20.57 -8.35
C HIS CA 474 22.57 -20.30 -7.85
N TYR CA 475 22.38 -19.22 -7.11
CA TYR CA 475 21.07 -18.71 -6.74
C TYR CA 475 20.30 -18.18 -7.95
N ASN CA 476 19.01 -18.46 -8.07
CA ASN CA 476 18.29 -18.30 -9.33
C ASN CA 476 17.66 -16.92 -9.56
N GLU CA 477 16.81 -16.47 -8.65
CA GLU CA 477 15.96 -15.30 -8.80
C GLU CA 477 16.13 -14.33 -7.63
N GLY CA 478 16.05 -13.04 -7.88
CA GLY CA 478 15.88 -12.03 -6.85
C GLY CA 478 14.90 -10.96 -7.26
N TRP CA 479 14.08 -10.53 -6.32
CA TRP CA 479 13.02 -9.58 -6.55
C TRP CA 479 13.56 -8.15 -6.55
N VAL CA 480 13.28 -7.38 -7.59
CA VAL CA 480 13.56 -5.95 -7.64
C VAL CA 480 12.46 -5.23 -6.87
N ASP CA 481 12.81 -4.48 -5.83
CA ASP CA 481 11.86 -3.72 -5.01
C ASP CA 481 11.12 -2.65 -5.82
N GLY CA 482 9.80 -2.53 -5.61
CA GLY CA 482 8.90 -1.78 -6.48
C GLY CA 482 8.15 -0.62 -5.83
N ALA CA 483 8.47 -0.22 -4.60
CA ALA CA 483 7.68 0.74 -3.82
C ALA CA 483 7.59 2.14 -4.44
N ASP CA 484 8.60 2.59 -5.17
CA ASP CA 484 8.55 3.84 -5.95
C ASP CA 484 8.10 3.67 -7.41
N LYS CA 485 7.68 2.47 -7.82
CA LYS CA 485 7.19 2.09 -9.16
C LYS CA 485 8.21 2.19 -10.29
N ALA CA 486 9.51 2.18 -10.02
CA ALA CA 486 10.57 2.39 -11.03
C ALA CA 486 10.42 1.54 -12.31
N PHE CA 487 9.95 0.29 -12.21
CA PHE CA 487 9.73 -0.58 -13.36
C PHE CA 487 8.73 -0.03 -14.38
N THR CA 488 7.81 0.85 -13.96
CA THR CA 488 6.86 1.54 -14.86
C THR CA 488 7.46 2.74 -15.60
N ILE CA 489 8.66 3.20 -15.23
CA ILE CA 489 9.44 4.20 -15.94
C ILE CA 489 10.48 3.51 -16.83
N SER CA 490 11.23 2.55 -16.30
CA SER CA 490 12.13 1.68 -17.07
C SER CA 490 12.47 0.44 -16.26
N ALA CA 491 12.01 -0.73 -16.72
CA ALA CA 491 12.30 -1.99 -16.05
C ALA CA 491 13.79 -2.36 -16.12
N ILE CA 492 14.45 -2.06 -17.25
CA ILE CA 492 15.89 -2.27 -17.37
C ILE CA 492 16.62 -1.47 -16.30
N MET CA 493 16.38 -0.16 -16.16
CA MET CA 493 17.06 0.62 -15.12
C MET CA 493 16.84 0.11 -13.70
N ALA CA 494 15.62 -0.34 -13.37
CA ALA CA 494 15.36 -0.89 -12.05
C ALA CA 494 16.18 -2.18 -11.82
N ALA CA 495 16.32 -3.03 -12.83
CA ALA CA 495 17.15 -4.22 -12.78
C ALA CA 495 18.65 -3.89 -12.80
N ARG CA 496 19.10 -2.80 -13.43
CA ARG CA 496 20.48 -2.30 -13.31
C ARG CA 496 20.84 -2.02 -11.87
N ALA CA 497 19.94 -1.37 -11.12
CA ALA CA 497 20.14 -1.13 -9.71
C ALA CA 497 20.23 -2.42 -8.90
N LYS CA 498 19.43 -3.46 -9.19
CA LYS CA 498 19.52 -4.74 -8.48
C LYS CA 498 20.74 -5.55 -8.90
N GLN CA 499 21.17 -5.45 -10.16
CA GLN CA 499 22.40 -6.04 -10.66
C GLN CA 499 23.61 -5.46 -9.91
N TRP CA 500 23.67 -4.14 -9.75
CA TRP CA 500 24.69 -3.42 -9.00
C TRP CA 500 24.72 -3.85 -7.54
N ALA CA 501 23.57 -3.92 -6.87
CA ALA CA 501 23.50 -4.38 -5.49
C ALA CA 501 23.97 -5.83 -5.30
N THR CA 502 23.84 -6.67 -6.33
CA THR CA 502 24.19 -8.10 -6.30
C THR CA 502 25.49 -8.45 -7.05
N ARG CA 503 26.29 -7.47 -7.48
CA ARG CA 503 27.60 -7.66 -8.19
C ARG CA 503 28.68 -8.37 -7.40
N ALA CA 504 29.63 -9.02 -8.06
CA ALA CA 504 30.90 -9.39 -7.44
C ALA CA 504 31.68 -8.12 -7.10
N LYS CA 505 32.18 -8.00 -5.88
CA LYS CA 505 32.90 -6.82 -5.41
C LYS CA 505 34.01 -7.15 -4.43
N HIS CA 506 35.00 -6.27 -4.36
CA HIS CA 506 36.02 -6.29 -3.33
C HIS CA 506 36.04 -4.95 -2.59
N SER CA 507 36.44 -4.97 -1.34
CA SER CA 507 36.72 -3.76 -0.59
C SER CA 507 37.89 -3.97 0.34
N HIS CA 508 38.59 -2.90 0.66
CA HIS CA 508 39.76 -2.91 1.52
C HIS CA 508 39.68 -1.74 2.48
N GLU CA 509 39.60 -2.01 3.76
CA GLU CA 509 39.64 -0.99 4.78
C GLU CA 509 41.02 -0.96 5.40
N ILE CA 510 41.63 0.22 5.44
CA ILE CA 510 43.00 0.42 5.91
C ILE CA 510 43.06 1.58 6.90
N GLN CA 511 43.90 1.47 7.92
CA GLN CA 511 44.20 2.51 8.89
C GLN CA 511 45.62 3.01 8.66
N VAL CA 512 45.82 4.28 8.35
CA VAL CA 512 47.14 4.81 7.96
C VAL CA 512 47.39 6.24 8.46
N SER CA 513 48.63 6.59 8.83
CA SER CA 513 48.99 7.97 9.15
C SER CA 513 49.18 8.81 7.88
N ASP CA 514 48.78 10.06 7.95
CA ASP CA 514 48.76 11.01 6.83
C ASP CA 514 50.17 11.28 6.28
N ALA CA 515 50.24 11.84 5.08
CA ALA CA 515 51.36 12.55 4.44
C ALA CA 515 52.74 11.85 4.40
N ALA CA 516 52.81 10.53 4.62
CA ALA CA 516 53.84 9.67 4.04
C ALA CA 516 53.37 8.19 3.94
N PRO CA 517 53.43 7.57 2.76
CA PRO CA 517 53.87 8.16 1.48
C PRO CA 517 52.94 9.25 0.95
N TYR CA 518 51.64 9.11 1.14
CA TYR CA 518 50.62 9.89 0.44
C TYR CA 518 49.99 10.98 1.32
N ILE CA 519 49.84 12.19 0.80
CA ILE CA 519 49.01 13.24 1.41
C ILE CA 519 47.54 13.00 1.09
N ILE CA 520 46.68 13.05 2.09
CA ILE CA 520 45.21 13.02 1.91
C ILE CA 520 44.68 14.46 1.94
N GLY CA 521 43.99 14.88 0.89
CA GLY CA 521 43.55 16.25 0.71
C GLY CA 521 42.88 16.45 -0.64
N GLU CA 522 42.21 17.56 -0.88
CA GLU CA 522 41.52 17.77 -2.17
C GLU CA 522 42.48 17.95 -3.35
N ARG CA 523 41.97 17.71 -4.56
CA ARG CA 523 42.69 17.76 -5.83
C ARG CA 523 43.43 19.09 -6.01
N GLY CA 524 44.73 19.02 -6.21
CA GLY CA 524 45.67 20.14 -6.15
C GLY CA 524 46.50 20.20 -4.87
N HIS CA 525 46.11 19.52 -3.79
CA HIS CA 525 46.74 19.58 -2.45
C HIS CA 525 47.08 18.21 -1.87
N GLY CA 526 46.35 17.16 -2.18
CA GLY CA 526 46.64 15.78 -1.76
C GLY CA 526 46.74 14.84 -2.95
N HIS CA 527 47.34 13.66 -2.78
CA HIS CA 527 47.47 12.66 -3.84
C HIS CA 527 46.12 12.02 -4.22
N PHE CA 528 45.19 11.89 -3.27
CA PHE CA 528 43.83 11.41 -3.51
C PHE CA 528 42.87 11.99 -2.48
N TRP CA 529 41.59 11.95 -2.82
CA TRP CA 529 40.46 12.36 -2.00
C TRP CA 529 39.29 11.38 -2.11
N LEU CA 530 38.26 11.58 -1.29
CA LEU CA 530 37.00 10.86 -1.34
C LEU CA 530 36.50 10.72 -2.79
N GLY CA 531 36.12 9.51 -3.18
CA GLY CA 531 35.65 9.15 -4.50
C GLY CA 531 36.74 8.79 -5.52
N ASP CA 532 38.02 9.06 -5.30
CA ASP CA 532 39.10 8.75 -6.25
C ASP CA 532 39.46 7.27 -6.32
N ARG CA 533 39.87 6.81 -7.52
CA ARG CA 533 40.42 5.48 -7.76
C ARG CA 533 41.82 5.32 -7.18
N VAL CA 534 41.97 4.42 -6.23
CA VAL CA 534 43.25 4.08 -5.61
C VAL CA 534 43.45 2.57 -5.66
N GLY CA 535 44.70 2.15 -5.73
CA GLY CA 535 45.11 0.76 -5.75
C GLY CA 535 45.65 0.28 -4.42
N THR CA 536 45.65 -1.02 -4.22
CA THR CA 536 46.29 -1.66 -3.08
C THR CA 536 46.60 -3.12 -3.36
N THR CA 537 47.57 -3.68 -2.64
CA THR CA 537 47.96 -5.09 -2.70
C THR CA 537 47.59 -5.77 -1.38
N VAL CA 538 47.31 -7.07 -1.39
CA VAL CA 538 46.87 -7.83 -0.21
C VAL CA 538 47.99 -8.79 0.24
N LEU CA 539 48.31 -8.83 1.55
CA LEU CA 539 49.58 -9.39 2.04
C LEU CA 539 49.83 -10.84 1.61
N GLY CA 540 48.88 -11.72 1.87
CA GLY CA 540 49.04 -13.15 1.61
C GLY CA 540 48.49 -13.62 0.26
N TYR CA 541 48.22 -12.72 -0.67
CA TYR CA 541 47.56 -13.06 -1.93
C TYR CA 541 48.43 -13.95 -2.84
N PRO CA 542 47.87 -14.95 -3.54
CA PRO CA 542 48.62 -15.90 -4.38
C PRO CA 542 49.52 -15.33 -5.48
N ASP CA 543 49.31 -14.08 -5.89
CA ASP CA 543 50.06 -13.39 -6.94
C ASP CA 543 50.54 -12.02 -6.40
N PRO CA 544 51.65 -11.98 -5.65
CA PRO CA 544 52.02 -10.91 -4.73
C PRO CA 544 52.13 -9.50 -5.32
N TYR CA 545 52.28 -9.36 -6.62
CA TYR CA 545 52.41 -8.06 -7.29
C TYR CA 545 51.09 -7.45 -7.77
N THR CA 546 49.96 -8.15 -7.64
CA THR CA 546 48.63 -7.73 -8.16
C THR CA 546 48.08 -6.49 -7.44
N ILE CA 547 47.68 -5.47 -8.19
CA ILE CA 547 47.05 -4.26 -7.65
C ILE CA 547 45.54 -4.32 -7.86
N PHE CA 548 44.76 -4.41 -6.80
CA PHE CA 548 43.31 -4.22 -6.84
C PHE CA 548 43.00 -2.72 -6.83
N VAL CA 549 42.21 -2.20 -7.77
CA VAL CA 549 41.84 -0.78 -7.85
C VAL CA 549 40.35 -0.60 -7.58
N GLU CA 550 39.99 0.30 -6.67
CA GLU CA 550 38.60 0.75 -6.50
C GLU CA 550 38.56 2.17 -5.90
N ARG CA 551 37.37 2.76 -5.76
CA ARG CA 551 37.20 4.16 -5.33
C ARG CA 551 37.13 4.31 -3.80
N VAL CA 552 37.67 5.37 -3.26
CA VAL CA 552 37.57 5.68 -1.82
C VAL CA 552 36.14 6.09 -1.46
N THR CA 553 35.44 5.28 -0.68
CA THR CA 553 34.02 5.50 -0.37
C THR CA 553 33.81 6.24 0.96
N LYS CA 554 34.73 6.14 1.92
CA LYS CA 554 34.66 6.74 3.25
C LYS CA 554 36.06 7.13 3.71
N LEU CA 555 36.19 8.30 4.33
CA LEU CA 555 37.38 8.76 5.03
C LEU CA 555 37.02 9.19 6.44
N THR CA 556 37.76 8.76 7.43
CA THR CA 556 37.57 9.19 8.82
C THR CA 556 38.89 9.71 9.38
N TYR CA 557 38.88 10.89 9.99
CA TYR CA 557 40.04 11.44 10.70
C TYR CA 557 39.75 11.57 12.18
N GLU CA 558 40.70 11.21 13.03
CA GLU CA 558 40.58 11.32 14.47
C GLU CA 558 41.80 11.99 15.11
N TRP CA 559 41.56 12.94 16.01
CA TRP CA 559 42.56 13.63 16.80
C TRP CA 559 42.22 13.55 18.28
N THR CA 560 43.24 13.30 19.09
CA THR CA 560 43.15 13.24 20.55
C THR CA 560 44.21 14.16 21.16
N SER CA 561 44.16 14.40 22.47
CA SER CA 561 45.21 15.10 23.21
C SER CA 561 46.60 14.41 23.18
N ASP CA 562 46.71 13.19 22.65
CA ASP CA 562 47.97 12.53 22.26
C ASP CA 562 48.43 12.79 20.80
N GLY CA 563 47.74 13.62 20.02
CA GLY CA 563 48.00 13.87 18.60
C GLY CA 563 47.06 13.10 17.65
N PRO CA 564 47.40 12.93 16.37
CA PRO CA 564 46.55 12.24 15.42
C PRO CA 564 46.51 10.74 15.61
N LYS CA 565 45.37 10.10 15.34
CA LYS CA 565 45.27 8.66 15.11
C LYS CA 565 45.40 8.29 13.64
N GLY CA 566 45.49 9.29 12.77
CA GLY CA 566 45.55 9.14 11.32
C GLY CA 566 44.19 8.93 10.69
N TRP CA 567 44.19 8.39 9.48
CA TRP CA 567 43.02 8.21 8.66
C TRP CA 567 42.57 6.75 8.61
N THR CA 568 41.27 6.52 8.71
CA THR CA 568 40.64 5.29 8.27
C THR CA 568 40.14 5.51 6.85
N ILE CA 569 40.61 4.72 5.91
CA ILE CA 569 40.23 4.77 4.51
C ILE CA 569 39.43 3.51 4.18
N THR CA 570 38.27 3.63 3.57
CA THR CA 570 37.58 2.50 2.97
C THR CA 570 37.70 2.58 1.45
N ILE CA 571 38.31 1.57 0.83
CA ILE CA 571 38.49 1.48 -0.62
C ILE CA 571 37.51 0.45 -1.15
N GLY CA 572 36.65 0.83 -2.08
CA GLY CA 572 35.50 0.04 -2.48
C GLY CA 572 34.36 0.13 -1.49
N TYR CA 573 33.25 -0.53 -1.79
CA TYR CA 573 32.02 -0.41 -1.01
C TYR CA 573 31.95 -1.53 0.02
N LYS CA 574 31.79 -1.15 1.28
CA LYS CA 574 31.84 -2.03 2.44
C LYS CA 574 30.63 -1.79 3.33
N GLU CA 575 30.01 -2.86 3.82
CA GLU CA 575 28.94 -2.77 4.81
C GLU CA 575 29.48 -2.27 6.17
N PRO CA 576 28.69 -1.53 6.98
CA PRO CA 576 29.12 -1.13 8.31
C PRO CA 576 29.65 -2.30 9.12
N GLU CA 577 30.82 -2.16 9.75
CA GLU CA 577 31.39 -3.28 10.51
C GLU CA 577 30.58 -3.58 11.77
N ASP CA 578 30.11 -2.56 12.48
CA ASP CA 578 29.19 -2.71 13.60
C ASP CA 578 27.81 -3.18 13.11
N PRO CA 579 27.31 -4.35 13.51
CA PRO CA 579 26.11 -4.93 12.94
C PRO CA 579 24.84 -4.15 13.28
N ILE CA 580 24.86 -3.42 14.38
CA ILE CA 580 23.86 -2.42 14.73
C ILE CA 580 23.75 -1.30 13.68
N LEU CA 581 24.85 -0.87 13.07
CA LEU CA 581 24.81 0.11 11.98
C LEU CA 581 24.29 -0.51 10.70
N LYS CA 582 24.49 -1.81 10.49
CA LYS CA 582 23.83 -2.53 9.40
C LYS CA 582 22.33 -2.68 9.64
N ALA CA 583 21.88 -2.81 10.89
CA ALA CA 583 20.47 -2.70 11.22
C ALA CA 583 19.91 -1.31 10.92
N PHE CA 584 20.60 -0.22 11.30
CA PHE CA 584 20.15 1.13 10.94
C PHE CA 584 20.10 1.35 9.43
N GLU CA 585 21.08 0.88 8.66
CA GLU CA 585 21.05 0.98 7.21
C GLU CA 585 19.82 0.29 6.58
N LEU CA 586 19.46 -0.93 6.98
CA LEU CA 586 18.22 -1.56 6.49
C LEU CA 586 16.97 -0.75 6.88
N ILE CA 587 16.90 -0.23 8.11
CA ILE CA 587 15.77 0.59 8.58
C ILE CA 587 15.63 1.91 7.81
N GLN CA 588 16.71 2.54 7.34
CA GLN CA 588 16.63 3.72 6.47
C GLN CA 588 16.00 3.41 5.11
N TYR CA 589 16.35 2.28 4.53
CA TYR CA 589 15.77 1.85 3.26
C TYR CA 589 14.28 1.54 3.39
N ILE CA 590 13.87 0.86 4.47
CA ILE CA 590 12.47 0.60 4.80
C ILE CA 590 11.68 1.89 4.95
N ASN CA 591 12.12 2.88 5.74
CA ASN CA 591 11.35 4.11 5.95
C ASN CA 591 11.14 4.91 4.66
N SER CA 592 12.11 4.85 3.74
CA SER CA 592 12.00 5.42 2.39
C SER CA 592 10.98 4.69 1.51
N ASN CA 593 10.98 3.36 1.48
CA ASN CA 593 9.99 2.56 0.76
C ASN CA 593 8.59 2.67 1.38
N LEU CA 594 8.50 2.73 2.70
CA LEU CA 594 7.26 2.88 3.45
C LEU CA 594 6.59 4.23 3.18
N GLY CA 595 7.38 5.29 2.97
CA GLY CA 595 6.91 6.61 2.59
C GLY CA 595 6.23 6.63 1.23
N GLN CA 596 6.86 6.08 0.19
CA GLN CA 596 6.27 5.95 -1.15
C GLN CA 596 5.06 5.02 -1.23
N LEU CA 597 5.03 3.90 -0.50
CA LEU CA 597 3.81 3.09 -0.40
C LEU CA 597 2.62 3.86 0.18
N GLY CA 598 2.86 4.90 0.98
CA GLY CA 598 1.82 5.78 1.49
C GLY CA 598 1.27 6.81 0.48
N ILE CA 599 1.92 6.99 -0.66
CA ILE CA 599 1.56 8.01 -1.67
C ILE CA 599 0.55 7.47 -2.67
N ALA DA 5 2.50 21.05 71.28
CA ALA DA 5 3.34 21.84 70.37
C ALA DA 5 4.44 22.56 71.15
N ALA DA 6 5.56 22.89 70.50
CA ALA DA 6 6.68 23.59 71.12
C ALA DA 6 6.36 25.05 71.51
N ASP DA 7 6.97 25.55 72.58
CA ASP DA 7 6.86 26.95 73.01
C ASP DA 7 7.83 27.86 72.24
N MET DA 8 7.35 28.65 71.30
CA MET DA 8 8.19 29.59 70.55
C MET DA 8 8.67 30.81 71.36
N THR DA 9 8.32 30.93 72.63
CA THR DA 9 8.74 32.02 73.52
C THR DA 9 10.12 31.81 74.12
N THR DA 10 10.61 30.56 74.20
CA THR DA 10 11.81 30.22 74.98
C THR DA 10 12.73 29.27 74.21
N LEU DA 11 14.04 29.33 74.47
CA LEU DA 11 15.02 28.50 73.77
C LEU DA 11 14.76 26.99 73.88
N ALA DA 12 14.21 26.52 75.00
CA ALA DA 12 13.87 25.12 75.18
C ALA DA 12 12.81 24.64 74.17
N GLY DA 13 11.90 25.51 73.76
CA GLY DA 13 10.93 25.18 72.72
C GLY DA 13 11.51 25.24 71.32
N HIS DA 14 12.47 26.12 71.06
CA HIS DA 14 13.23 26.09 69.80
C HIS DA 14 14.08 24.82 69.67
N GLN DA 15 14.60 24.30 70.78
CA GLN DA 15 15.28 23.03 70.82
C GLN DA 15 14.32 21.85 70.58
N GLN DA 16 13.13 21.86 71.16
CA GLN DA 16 12.08 20.86 70.89
C GLN DA 16 11.64 20.83 69.43
N LEU DA 17 11.52 21.99 68.78
CA LEU DA 17 11.22 22.10 67.36
C LEU DA 17 12.34 21.51 66.49
N TRP DA 18 13.59 21.86 66.77
CA TRP DA 18 14.74 21.27 66.11
C TRP DA 18 14.76 19.76 66.24
N ASP DA 19 14.63 19.23 67.46
CA ASP DA 19 14.60 17.78 67.74
C ASP DA 19 13.40 17.05 67.11
N THR DA 20 12.28 17.72 66.88
CA THR DA 20 11.16 17.16 66.10
C THR DA 20 11.49 17.05 64.61
N VAL DA 21 12.11 18.06 64.01
CA VAL DA 21 12.54 18.03 62.61
C VAL DA 21 13.65 17.02 62.39
N MET DA 22 14.64 16.94 63.28
CA MET DA 22 15.67 15.90 63.21
C MET DA 22 15.11 14.49 63.34
N LYS DA 23 14.02 14.28 64.09
CA LYS DA 23 13.33 12.99 64.16
C LYS DA 23 12.66 12.63 62.84
N ARG DA 24 11.98 13.57 62.20
CA ARG DA 24 11.41 13.40 60.86
C ARG DA 24 12.46 13.08 59.79
N ARG DA 25 13.65 13.67 59.85
CA ARG DA 25 14.77 13.32 58.94
C ARG DA 25 15.21 11.87 59.12
N GLN DA 26 15.24 11.38 60.35
CA GLN DA 26 15.57 9.99 60.66
C GLN DA 26 14.55 9.00 60.06
N LYS DA 27 13.24 9.26 60.17
CA LYS DA 27 12.23 8.40 59.53
C LYS DA 27 12.34 8.38 58.01
N ARG DA 28 12.65 9.51 57.37
CA ARG DA 28 12.90 9.57 55.92
C ARG DA 28 14.15 8.78 55.51
N GLU DA 29 15.23 8.87 56.28
CA GLU DA 29 16.42 8.01 56.15
C GLU DA 29 16.07 6.52 56.23
N ASP DA 30 15.30 6.07 57.23
CA ASP DA 30 14.92 4.66 57.34
C ASP DA 30 13.96 4.20 56.23
N GLU DA 31 13.03 5.03 55.78
CA GLU DA 31 12.16 4.70 54.65
C GLU DA 31 12.89 4.63 53.30
N ARG DA 32 14.01 5.34 53.09
CA ARG DA 32 14.73 5.27 51.80
C ARG DA 32 15.55 4.00 51.60
N ILE DA 33 16.00 3.34 52.67
CA ILE DA 33 16.70 2.05 52.58
C ILE DA 33 15.79 0.83 52.61
N ALA DA 34 14.50 1.00 52.89
CA ALA DA 34 13.52 -0.08 52.90
C ALA DA 34 13.16 -0.55 51.48
N PRO DA 35 13.12 -1.86 51.20
CA PRO DA 35 12.72 -2.38 49.91
C PRO DA 35 11.22 -2.16 49.66
N PRO DA 36 10.77 -2.13 48.41
CA PRO DA 36 9.37 -2.27 48.07
C PRO DA 36 8.71 -3.49 48.71
N LEU DA 37 7.43 -3.41 48.99
CA LEU DA 37 6.58 -4.57 49.28
C LEU DA 37 6.25 -5.25 47.95
N ILE DA 38 6.62 -6.51 47.77
CA ILE DA 38 6.36 -7.31 46.55
C ILE DA 38 5.29 -8.36 46.84
N ARG DA 39 4.23 -8.42 46.05
CA ARG DA 39 3.18 -9.44 46.15
C ARG DA 39 2.94 -10.10 44.81
N LEU DA 40 2.70 -11.41 44.85
CA LEU DA 40 2.38 -12.25 43.70
C LEU DA 40 0.90 -12.63 43.73
N TRP DA 41 0.28 -12.55 42.57
CA TRP DA 41 -1.15 -12.75 42.36
C TRP DA 41 -1.37 -13.73 41.20
N ASP DA 42 -2.41 -14.54 41.26
CA ASP DA 42 -2.75 -15.52 40.19
C ASP DA 42 -3.59 -14.93 39.05
N GLY DA 43 -3.99 -15.76 38.08
CA GLY DA 43 -4.71 -15.29 36.90
C GLY DA 43 -6.07 -14.64 37.16
N ASP DA 44 -6.71 -14.93 38.29
CA ASP DA 44 -7.96 -14.30 38.73
C ASP DA 44 -7.70 -13.26 39.84
N TYR DA 45 -6.44 -12.85 39.99
CA TYR DA 45 -5.95 -11.86 40.94
C TYR DA 45 -6.03 -12.27 42.42
N LYS DA 46 -6.11 -13.55 42.76
CA LYS DA 46 -6.00 -13.99 44.16
C LYS DA 46 -4.57 -13.80 44.65
N LEU DA 47 -4.38 -13.35 45.88
CA LEU DA 47 -3.06 -13.24 46.48
C LEU DA 47 -2.48 -14.63 46.73
N ARG DA 48 -1.28 -14.92 46.24
CA ARG DA 48 -0.51 -16.10 46.63
C ARG DA 48 0.36 -15.84 47.85
N GLY DA 49 1.05 -14.71 47.86
CA GLY DA 49 1.93 -14.35 48.97
C GLY DA 49 2.82 -13.17 48.66
N GLN DA 50 3.40 -12.61 49.71
CA GLN DA 50 4.44 -11.60 49.69
C GLN DA 50 5.80 -12.24 49.41
N LEU DA 51 6.54 -11.73 48.43
CA LEU DA 51 7.91 -12.17 48.16
C LEU DA 51 8.91 -11.36 48.99
N VAL DA 52 9.66 -12.04 49.84
CA VAL DA 52 10.88 -11.56 50.51
C VAL DA 52 11.97 -12.61 50.30
N GLY DA 53 13.21 -12.19 50.08
CA GLY DA 53 14.34 -13.10 49.83
C GLY DA 53 14.69 -13.30 48.36
N GLU DA 54 14.34 -12.40 47.46
CA GLU DA 54 14.86 -12.38 46.10
C GLU DA 54 16.34 -11.92 46.06
N ARG DA 55 17.10 -12.31 45.04
CA ARG DA 55 18.48 -11.83 44.87
C ARG DA 55 18.52 -10.35 44.46
N SER DA 56 17.64 -9.95 43.56
CA SER DA 56 17.52 -8.59 43.07
C SER DA 56 16.15 -8.36 42.44
N HIS DA 57 15.76 -7.11 42.28
CA HIS DA 57 14.63 -6.73 41.45
C HIS DA 57 14.83 -5.35 40.83
N LYS DA 58 14.21 -5.14 39.68
CA LYS DA 58 14.20 -3.90 38.91
C LYS DA 58 12.77 -3.66 38.47
N PHE DA 59 12.31 -2.42 38.46
CA PHE DA 59 11.08 -2.03 37.76
C PHE DA 59 11.19 -0.63 37.20
N GLU DA 60 10.55 -0.41 36.07
CA GLU DA 60 10.63 0.85 35.35
C GLU DA 60 9.24 1.37 34.99
N PHE DA 61 8.98 2.64 35.23
CA PHE DA 61 7.80 3.36 34.76
C PHE DA 61 8.20 4.24 33.60
N ILE DA 62 7.47 4.14 32.50
CA ILE DA 62 7.62 4.99 31.33
C ILE DA 62 6.28 5.70 31.08
N GLU DA 63 6.27 7.02 30.89
CA GLU DA 63 5.05 7.76 30.53
C GLU DA 63 4.51 7.28 29.19
N ASN DA 64 3.23 6.88 29.13
CA ASN DA 64 2.54 6.48 27.90
C ASN DA 64 3.30 5.41 27.08
N GLU DA 65 3.99 4.49 27.75
CA GLU DA 65 4.69 3.35 27.17
C GLU DA 65 4.77 2.21 28.19
N THR DA 66 4.94 0.98 27.72
CA THR DA 66 5.04 -0.20 28.59
C THR DA 66 6.37 -0.23 29.34
N GLY DA 67 6.36 -0.14 30.66
CA GLY DA 67 7.53 -0.47 31.47
C GLY DA 67 7.78 -1.96 31.59
N THR DA 68 8.96 -2.34 32.02
CA THR DA 68 9.35 -3.72 32.29
C THR DA 68 9.81 -3.87 33.73
N ALA DA 69 9.65 -5.04 34.28
CA ALA DA 69 10.18 -5.38 35.59
C ALA DA 69 10.82 -6.76 35.57
N SER DA 70 11.79 -6.97 36.43
CA SER DA 70 12.46 -8.24 36.57
C SER DA 70 12.64 -8.57 38.03
N ILE DA 71 12.52 -9.85 38.36
CA ILE DA 71 12.90 -10.42 39.65
C ILE DA 71 13.89 -11.54 39.41
N THR DA 72 15.00 -11.59 40.15
CA THR DA 72 15.89 -12.76 40.18
C THR DA 72 15.77 -13.47 41.52
N ILE DA 73 15.51 -14.78 41.51
CA ILE DA 73 15.13 -15.55 42.70
C ILE DA 73 15.77 -16.95 42.75
N SER DA 74 16.10 -17.43 43.95
CA SER DA 74 16.57 -18.81 44.15
C SER DA 74 15.47 -19.85 43.89
N LEU DA 75 15.82 -20.98 43.30
CA LEU DA 75 14.88 -22.06 42.98
C LEU DA 75 14.34 -22.78 44.22
N ASP DA 76 14.99 -22.64 45.36
CA ASP DA 76 14.48 -23.15 46.62
C ASP DA 76 13.52 -22.22 47.35
N HIS DA 77 13.19 -21.04 46.82
CA HIS DA 77 12.09 -20.22 47.34
C HIS DA 77 10.75 -20.87 47.02
N TYR DA 78 9.85 -20.96 47.99
CA TYR DA 78 8.54 -21.58 47.81
C TYR DA 78 7.69 -20.88 46.74
N LEU DA 79 7.89 -19.57 46.53
CA LEU DA 79 7.26 -18.82 45.45
C LEU DA 79 7.90 -19.06 44.09
N ALA DA 80 9.21 -19.30 44.00
CA ALA DA 80 9.82 -19.70 42.74
C ALA DA 80 9.31 -21.07 42.28
N LYS DA 81 9.11 -22.00 43.22
CA LYS DA 81 8.47 -23.29 42.95
C LYS DA 81 7.03 -23.12 42.48
N TRP DA 82 6.28 -22.17 43.04
CA TRP DA 82 4.93 -21.86 42.59
C TRP DA 82 4.87 -21.25 41.18
N ILE DA 83 5.82 -20.41 40.80
CA ILE DA 83 5.94 -19.89 39.43
C ILE DA 83 6.32 -21.01 38.45
N ALA DA 84 7.23 -21.91 38.81
CA ALA DA 84 7.61 -23.03 37.97
C ALA DA 84 6.48 -24.05 37.78
N SER DA 85 5.69 -24.37 38.81
CA SER DA 85 4.60 -25.36 38.74
C SER DA 85 3.34 -24.83 38.03
N HIS DA 86 3.32 -24.88 36.70
CA HIS DA 86 2.12 -24.58 35.92
C HIS DA 86 0.98 -25.58 36.12
N LYS DA 87 1.25 -26.81 36.61
CA LYS DA 87 0.23 -27.74 37.12
C LYS DA 87 -0.60 -27.14 38.27
N GLY DA 88 0.05 -26.44 39.19
CA GLY DA 88 -0.57 -25.94 40.42
C GLY DA 88 -1.50 -24.75 40.21
N ARG DA 89 -1.19 -23.88 39.26
CA ARG DA 89 -2.02 -22.72 38.90
C ARG DA 89 -3.16 -23.14 37.96
N ALA DA 90 -4.37 -23.28 38.47
CA ALA DA 90 -5.54 -23.48 37.62
C ALA DA 90 -5.81 -22.28 36.71
N ARG DA 91 -5.49 -21.08 37.20
CA ARG DA 91 -5.61 -19.79 36.50
C ARG DA 91 -4.21 -19.28 36.20
N ARG DA 92 -3.66 -19.58 35.03
CA ARG DA 92 -2.21 -19.64 34.80
C ARG DA 92 -1.45 -18.31 34.88
N ASN DA 93 -2.02 -17.17 34.51
CA ASN DA 93 -1.30 -15.90 34.53
C ASN DA 93 -0.73 -15.59 35.91
N VAL DA 94 0.46 -15.00 35.96
CA VAL DA 94 1.10 -14.49 37.17
C VAL DA 94 1.20 -12.97 37.09
N HIS DA 95 0.76 -12.27 38.13
CA HIS DA 95 0.95 -10.82 38.23
C HIS DA 95 1.77 -10.46 39.47
N VAL DA 96 2.51 -9.36 39.40
CA VAL DA 96 3.23 -8.76 40.53
C VAL DA 96 2.63 -7.41 40.84
N SER DA 97 2.68 -7.05 42.10
CA SER DA 97 2.72 -5.65 42.47
C SER DA 97 3.99 -5.35 43.26
N PHE DA 98 4.64 -4.24 42.96
CA PHE DA 98 5.61 -3.60 43.82
C PHE DA 98 4.96 -2.35 44.40
N ASP DA 99 4.80 -2.27 45.71
CA ASP DA 99 4.26 -1.11 46.42
C ASP DA 99 5.39 -0.39 47.13
N LYS DA 100 5.60 0.91 46.88
CA LYS DA 100 6.54 1.75 47.63
C LYS DA 100 6.09 3.20 47.63
N GLN DA 101 5.98 3.80 48.79
CA GLN DA 101 5.72 5.23 48.94
C GLN DA 101 4.43 5.71 48.23
N GLY DA 102 3.40 4.87 48.20
CA GLY DA 102 2.13 5.13 47.52
C GLY DA 102 2.13 4.88 46.01
N ALA DA 103 3.30 4.72 45.39
CA ALA DA 103 3.41 4.24 44.02
C ALA DA 103 3.22 2.72 43.96
N ARG DA 104 2.46 2.24 42.98
CA ARG DA 104 2.26 0.82 42.75
C ARG DA 104 2.65 0.46 41.33
N TRP DA 105 3.69 -0.34 41.14
CA TRP DA 105 4.02 -0.91 39.84
C TRP DA 105 3.34 -2.25 39.73
N THR DA 106 2.50 -2.44 38.73
CA THR DA 106 1.77 -3.68 38.51
C THR DA 106 1.90 -4.11 37.07
N GLY DA 107 2.10 -5.40 36.88
CA GLY DA 107 2.26 -6.00 35.58
C GLY DA 107 2.09 -7.50 35.61
N ARG DA 108 2.00 -8.06 34.42
CA ARG DA 108 1.82 -9.48 34.13
C ARG DA 108 3.13 -10.10 33.65
N MET DA 109 3.39 -11.34 34.06
CA MET DA 109 4.57 -12.08 33.65
C MET DA 109 4.57 -12.38 32.17
N ASP DA 110 5.68 -12.13 31.50
CA ASP DA 110 5.89 -12.38 30.08
C ASP DA 110 6.56 -13.73 29.81
N HIS DA 111 7.62 -14.04 30.53
CA HIS DA 111 8.31 -15.32 30.50
C HIS DA 111 9.07 -15.54 31.80
N TYR DA 112 9.59 -16.73 32.03
CA TYR DA 112 10.63 -16.97 33.02
C TYR DA 112 11.76 -17.83 32.44
N ASP DA 113 12.98 -17.61 32.93
CA ASP DA 113 14.17 -18.39 32.63
C ASP DA 113 14.66 -19.10 33.89
N ILE DA 114 14.94 -20.40 33.81
CA ILE DA 114 15.74 -21.13 34.79
C ILE DA 114 17.12 -21.37 34.16
N VAL DA 115 18.16 -20.83 34.77
CA VAL DA 115 19.52 -20.79 34.18
C VAL DA 115 20.47 -21.62 35.02
N ARG DA 116 21.23 -22.53 34.41
CA ARG DA 116 22.43 -23.09 35.00
C ARG DA 116 23.66 -22.57 34.25
N THR DA 117 24.47 -21.78 34.94
CA THR DA 117 25.72 -21.23 34.41
C THR DA 117 26.84 -22.27 34.39
N LYS DA 118 27.86 -22.06 33.58
CA LYS DA 118 29.06 -22.92 33.52
C LYS DA 118 29.82 -22.98 34.85
N GLU DA 119 29.83 -21.87 35.59
CA GLU DA 119 30.43 -21.72 36.92
C GLU DA 119 29.64 -22.37 38.07
N GLY DA 120 28.46 -22.95 37.80
CA GLY DA 120 27.68 -23.72 38.76
C GLY DA 120 26.51 -23.00 39.43
N ASP DA 121 26.31 -21.69 39.20
CA ASP DA 121 25.17 -20.97 39.74
C ASP DA 121 23.88 -21.36 39.04
N VAL DA 122 22.83 -21.62 39.81
CA VAL DA 122 21.47 -21.83 39.34
C VAL DA 122 20.56 -20.79 39.92
N TYR DA 123 19.66 -20.26 39.10
CA TYR DA 123 18.74 -19.20 39.49
C TYR DA 123 17.56 -19.13 38.52
N MET DA 124 16.54 -18.36 38.89
CA MET DA 124 15.41 -18.05 38.05
C MET DA 124 15.34 -16.53 37.83
N GLU DA 125 15.07 -16.10 36.61
CA GLU DA 125 14.70 -14.72 36.33
C GLU DA 125 13.31 -14.68 35.73
N VAL DA 126 12.41 -13.94 36.37
CA VAL DA 126 11.02 -13.76 35.96
C VAL DA 126 10.86 -12.32 35.44
N VAL DA 127 10.32 -12.18 34.23
CA VAL DA 127 10.19 -10.89 33.54
C VAL DA 127 8.73 -10.50 33.41
N PHE DA 128 8.37 -9.27 33.78
CA PHE DA 128 7.02 -8.73 33.76
C PHE DA 128 6.92 -7.52 32.85
N LYS DA 129 5.76 -7.35 32.21
CA LYS DA 129 5.40 -6.14 31.47
C LYS DA 129 4.30 -5.37 32.19
N HIS DA 130 4.47 -4.05 32.28
CA HIS DA 130 3.58 -3.12 32.98
C HIS DA 130 2.14 -3.18 32.48
N ASP DA 131 1.17 -2.85 33.32
CA ASP DA 131 -0.25 -2.82 33.00
C ASP DA 131 -0.63 -1.96 31.78
N TYR DA 132 0.18 -0.98 31.41
CA TYR DA 132 -0.01 -0.19 30.20
C TYR DA 132 -0.12 -1.03 28.93
N GLU DA 133 0.53 -2.19 28.89
CA GLU DA 133 0.54 -3.09 27.75
C GLU DA 133 -0.87 -3.55 27.33
N GLU DA 134 -1.86 -3.55 28.21
CA GLU DA 134 -3.24 -3.88 27.85
C GLU DA 134 -3.79 -2.98 26.72
N LEU DA 135 -3.38 -1.71 26.64
CA LEU DA 135 -3.77 -0.77 25.58
C LEU DA 135 -3.17 -1.10 24.21
N LYS DA 136 -2.15 -1.95 24.14
CA LYS DA 136 -1.58 -2.45 22.90
C LYS DA 136 -2.31 -3.70 22.40
N HIS DA 137 -3.06 -4.37 23.28
CA HIS DA 137 -3.92 -5.52 22.96
C HIS DA 137 -5.40 -5.17 22.98
N ILE DA 138 -5.75 -3.90 22.77
CA ILE DA 138 -7.10 -3.39 22.54
C ILE DA 138 -7.07 -2.59 21.25
N TYR DA 139 -7.96 -2.88 20.31
CA TYR DA 139 -8.08 -2.15 19.05
C TYR DA 139 -9.33 -1.29 19.03
N VAL DA 140 -9.22 -0.08 18.52
CA VAL DA 140 -10.35 0.86 18.38
C VAL DA 140 -11.11 0.56 17.08
N TRP DA 141 -12.18 -0.20 17.16
CA TRP DA 141 -13.00 -0.57 16.01
C TRP DA 141 -13.63 0.68 15.37
N ALA DA 142 -13.86 0.64 14.07
CA ALA DA 142 -14.52 1.71 13.34
C ALA DA 142 -15.96 1.96 13.83
N ASN DA 143 -16.73 0.90 14.10
CA ASN DA 143 -17.96 0.97 14.86
C ASN DA 143 -18.00 -0.13 15.93
N PRO DA 144 -17.70 0.20 17.20
CA PRO DA 144 -17.66 -0.74 18.31
C PRO DA 144 -18.97 -1.47 18.63
N PHE DA 145 -20.12 -1.01 18.12
CA PHE DA 145 -21.44 -1.59 18.36
C PHE DA 145 -21.94 -2.51 17.24
N LEU DA 146 -21.15 -2.71 16.18
CA LEU DA 146 -21.47 -3.59 15.06
C LEU DA 146 -20.47 -4.73 14.98
N ARG DA 147 -20.92 -5.91 14.53
CA ARG DA 147 -20.07 -7.07 14.29
C ARG DA 147 -18.98 -6.81 13.23
N PRO DA 148 -17.83 -7.49 13.26
CA PRO DA 148 -16.76 -7.31 12.28
C PRO DA 148 -17.21 -7.35 10.82
N GLU DA 149 -18.22 -8.16 10.51
CA GLU DA 149 -18.77 -8.35 9.15
C GLU DA 149 -19.37 -7.07 8.55
N PHE DA 150 -19.68 -6.04 9.34
CA PHE DA 150 -20.23 -4.79 8.85
C PHE DA 150 -19.74 -3.60 9.69
N GLN DA 151 -18.88 -2.76 9.14
CA GLN DA 151 -18.23 -1.67 9.88
C GLN DA 151 -18.48 -0.31 9.23
N PHE DA 152 -19.57 0.35 9.64
CA PHE DA 152 -19.92 1.70 9.20
C PHE DA 152 -20.26 2.59 10.40
N PRO DA 153 -19.89 3.87 10.41
CA PRO DA 153 -19.00 4.54 9.45
C PRO DA 153 -17.59 3.95 9.47
N LYS DA 154 -16.84 4.11 8.38
CA LYS DA 154 -15.56 3.41 8.13
C LYS DA 154 -14.41 3.82 9.04
N LEU DA 155 -14.54 4.93 9.73
CA LEU DA 155 -13.53 5.53 10.59
C LEU DA 155 -14.22 5.96 11.88
N TRP DA 156 -13.72 5.54 13.04
CA TRP DA 156 -14.13 6.11 14.31
C TRP DA 156 -13.55 7.51 14.41
N VAL DA 157 -14.38 8.54 14.54
CA VAL DA 157 -13.92 9.92 14.67
C VAL DA 157 -14.69 10.58 15.80
N MET DA 158 -13.98 11.26 16.68
CA MET DA 158 -14.55 12.00 17.78
C MET DA 158 -13.87 13.35 17.97
N PHE DA 159 -14.65 14.40 18.12
CA PHE DA 159 -14.17 15.73 18.42
C PHE DA 159 -14.59 16.11 19.85
N GLY DA 160 -13.68 16.62 20.65
CA GLY DA 160 -13.96 17.09 22.01
C GLY DA 160 -12.69 17.41 22.79
N PRO DA 161 -12.80 17.78 24.06
CA PRO DA 161 -11.65 17.89 24.96
C PRO DA 161 -10.86 16.58 24.97
N ALA DA 162 -9.54 16.64 24.91
CA ALA DA 162 -8.68 15.49 24.73
C ALA DA 162 -8.83 14.38 25.78
N LYS DA 163 -9.04 14.75 27.05
CA LYS DA 163 -9.26 13.79 28.14
C LYS DA 163 -10.55 13.01 27.90
N TRP DA 164 -11.65 13.69 27.64
CA TRP DA 164 -12.93 13.08 27.30
C TRP DA 164 -12.90 12.26 26.02
N ALA DA 165 -12.32 12.75 24.94
CA ALA DA 165 -12.32 12.00 23.67
C ALA DA 165 -11.56 10.66 23.79
N LEU DA 166 -10.35 10.65 24.36
CA LEU DA 166 -9.58 9.44 24.55
C LEU DA 166 -10.24 8.47 25.53
N LEU DA 167 -10.62 8.92 26.73
CA LEU DA 167 -11.31 8.07 27.68
C LEU DA 167 -12.63 7.51 27.15
N LEU DA 168 -13.40 8.25 26.35
CA LEU DA 168 -14.63 7.71 25.77
C LEU DA 168 -14.31 6.66 24.70
N THR DA 169 -13.35 6.93 23.83
CA THR DA 169 -12.84 5.98 22.84
C THR DA 169 -12.31 4.70 23.48
N LEU DA 170 -11.64 4.76 24.62
CA LEU DA 170 -11.29 3.59 25.40
C LEU DA 170 -12.53 2.89 25.99
N PHE DA 171 -13.44 3.64 26.60
CA PHE DA 171 -14.60 3.10 27.28
C PHE DA 171 -15.52 2.33 26.34
N VAL DA 172 -15.76 2.87 25.16
CA VAL DA 172 -16.58 2.24 24.14
C VAL DA 172 -16.00 0.89 23.72
N ASN DA 173 -14.68 0.73 23.70
CA ASN DA 173 -14.05 -0.56 23.43
C ASN DA 173 -13.96 -1.48 24.66
N ILE DA 174 -13.94 -0.96 25.89
CA ILE DA 174 -14.14 -1.75 27.12
C ILE DA 174 -15.55 -2.35 27.17
N LEU DA 175 -16.59 -1.57 26.87
CA LEU DA 175 -17.99 -2.05 26.74
C LEU DA 175 -18.12 -3.19 25.75
N ARG DA 176 -17.42 -3.09 24.61
CA ARG DA 176 -17.34 -4.13 23.58
C ARG DA 176 -16.69 -5.41 24.11
N LEU DA 177 -15.58 -5.30 24.83
CA LEU DA 177 -14.82 -6.43 25.36
C LEU DA 177 -15.49 -7.11 26.56
N GLU DA 178 -16.19 -6.38 27.41
CA GLU DA 178 -17.06 -6.93 28.44
C GLU DA 178 -18.46 -7.31 27.92
N THR DA 179 -18.69 -7.24 26.61
CA THR DA 179 -19.91 -7.66 25.89
C THR DA 179 -21.21 -7.04 26.43
N SER DA 180 -21.13 -5.80 26.91
CA SER DA 180 -22.24 -5.07 27.53
C SER DA 180 -23.34 -4.68 26.53
N LEU DA 181 -24.61 -4.75 26.96
CA LEU DA 181 -25.80 -4.36 26.21
C LEU DA 181 -26.32 -2.96 26.59
N TRP DA 182 -25.57 -2.17 27.34
CA TRP DA 182 -25.99 -0.89 27.91
C TRP DA 182 -26.22 0.20 26.86
N THR DA 183 -27.37 0.88 26.93
CA THR DA 183 -27.67 2.06 26.09
C THR DA 183 -26.82 3.24 26.51
N LEU DA 184 -26.15 3.91 25.58
CA LEU DA 184 -25.31 5.04 25.92
C LEU DA 184 -26.17 6.24 26.37
N PRO DA 185 -25.84 6.93 27.47
CA PRO DA 185 -26.37 8.24 27.80
C PRO DA 185 -25.92 9.32 26.80
N ASP DA 186 -26.44 10.54 26.91
CA ASP DA 186 -25.94 11.67 26.13
C ASP DA 186 -24.45 11.95 26.40
N ASN DA 187 -24.00 11.80 27.64
CA ASN DA 187 -22.60 11.73 28.03
C ASN DA 187 -22.33 10.43 28.79
N PRO DA 188 -21.69 9.41 28.18
CA PRO DA 188 -21.40 8.13 28.83
C PRO DA 188 -20.40 8.18 29.98
N LEU DA 189 -19.61 9.24 30.14
CA LEU DA 189 -18.61 9.33 31.21
C LEU DA 189 -19.08 10.16 32.40
N ASP DA 190 -20.37 10.49 32.47
CA ASP DA 190 -20.96 11.04 33.68
C ASP DA 190 -21.33 9.92 34.65
N ILE DA 191 -20.71 9.93 35.82
CA ILE DA 191 -20.96 8.96 36.86
C ILE DA 191 -22.44 8.88 37.27
N SER DA 192 -23.20 9.97 37.16
CA SER DA 192 -24.62 9.95 37.54
C SER DA 192 -25.45 8.97 36.72
N GLU DA 193 -24.98 8.58 35.54
CA GLU DA 193 -25.65 7.67 34.61
C GLU DA 193 -25.36 6.18 34.88
N TRP DA 194 -24.34 5.87 35.69
CA TRP DA 194 -23.82 4.51 35.86
C TRP DA 194 -24.57 3.67 36.88
N PHE DA 195 -25.41 4.28 37.71
CA PHE DA 195 -26.15 3.67 38.81
C PHE DA 195 -27.55 4.30 38.96
N PRO DA 196 -28.51 3.65 39.65
CA PRO DA 196 -28.46 2.29 40.16
C PRO DA 196 -28.75 1.25 39.07
N PHE DA 197 -28.17 0.06 39.19
CA PHE DA 197 -28.44 -1.13 38.37
C PHE DA 197 -28.49 -0.86 36.85
N SER DA 198 -27.57 0.00 36.39
CA SER DA 198 -27.52 0.54 35.04
C SER DA 198 -26.35 -0.05 34.26
N LEU DA 199 -25.12 0.35 34.55
CA LEU DA 199 -23.95 -0.12 33.82
C LEU DA 199 -23.54 -1.55 34.20
N ASN DA 200 -23.87 -1.97 35.43
CA ASN DA 200 -23.46 -3.23 36.07
C ASN DA 200 -21.96 -3.60 35.88
N PRO DA 201 -21.02 -2.77 36.35
CA PRO DA 201 -19.58 -2.97 36.12
C PRO DA 201 -18.90 -4.02 37.03
N GLY DA 202 -19.66 -4.73 37.87
CA GLY DA 202 -19.15 -5.51 39.00
C GLY DA 202 -18.22 -6.68 38.67
N ASN DA 203 -18.19 -7.14 37.42
CA ASN DA 203 -17.39 -8.29 37.01
C ASN DA 203 -16.21 -7.92 36.09
N TRP DA 204 -16.06 -6.64 35.74
CA TRP DA 204 -15.18 -6.18 34.68
C TRP DA 204 -13.70 -6.12 35.07
N ARG DA 205 -12.85 -6.42 34.11
CA ARG DA 205 -11.39 -6.38 34.24
C ARG DA 205 -10.85 -4.96 34.17
N ASN DA 206 -11.49 -4.10 33.40
CA ASN DA 206 -11.03 -2.76 33.04
C ASN DA 206 -12.18 -1.76 33.18
N ILE DA 207 -11.92 -0.52 33.61
CA ILE DA 207 -12.92 0.56 33.60
C ILE DA 207 -12.26 1.93 33.44
N VAL DA 208 -13.01 2.93 32.97
CA VAL DA 208 -12.58 4.32 32.90
C VAL DA 208 -13.01 5.08 34.15
N LYS DA 209 -12.20 6.01 34.64
CA LYS DA 209 -12.60 6.91 35.72
C LYS DA 209 -13.53 8.01 35.19
N PRO DA 210 -14.79 8.10 35.63
CA PRO DA 210 -15.73 9.10 35.17
C PRO DA 210 -15.45 10.47 35.79
N PHE DA 211 -15.86 11.56 35.13
CA PHE DA 211 -15.59 12.93 35.57
C PHE DA 211 -16.61 13.91 34.98
N PRO DA 212 -16.84 15.09 35.58
CA PRO DA 212 -17.80 16.06 35.06
C PRO DA 212 -17.26 16.81 33.83
N PHE DA 213 -18.01 16.80 32.74
CA PHE DA 213 -17.60 17.36 31.44
C PHE DA 213 -17.34 18.88 31.45
N LEU DA 214 -18.12 19.66 32.19
CA LEU DA 214 -17.95 21.11 32.26
C LEU DA 214 -16.65 21.57 32.96
N ALA DA 215 -15.98 20.68 33.70
CA ALA DA 215 -14.70 20.94 34.36
C ALA DA 215 -13.48 20.55 33.51
N ASP DA 216 -13.66 19.75 32.45
CA ASP DA 216 -12.57 19.33 31.56
C ASP DA 216 -12.07 20.48 30.70
N ASN DA 217 -10.85 20.92 30.95
CA ASN DA 217 -10.18 22.04 30.29
C ASN DA 217 -9.00 21.59 29.42
N SER DA 218 -8.90 20.29 29.13
CA SER DA 218 -7.96 19.75 28.17
C SER DA 218 -8.28 20.28 26.76
N PRO DA 219 -7.29 20.43 25.86
CA PRO DA 219 -7.51 21.10 24.57
C PRO DA 219 -8.47 20.34 23.67
N LEU DA 220 -9.29 21.04 22.89
CA LEU DA 220 -10.16 20.43 21.89
C LEU DA 220 -9.31 19.76 20.81
N THR DA 221 -9.69 18.56 20.37
CA THR DA 221 -8.86 17.72 19.50
C THR DA 221 -9.69 16.67 18.77
N ILE DA 222 -9.10 15.99 17.78
CA ILE DA 222 -9.73 14.88 17.07
C ILE DA 222 -9.03 13.56 17.41
N VAL DA 223 -9.78 12.59 17.87
CA VAL DA 223 -9.35 11.21 18.05
C VAL DA 223 -9.97 10.38 16.94
N PHE DA 224 -9.13 9.67 16.18
CA PHE DA 224 -9.58 8.85 15.07
C PHE DA 224 -8.85 7.52 14.95
N SER DA 225 -9.56 6.49 14.52
CA SER DA 225 -9.02 5.17 14.26
C SER DA 225 -9.85 4.41 13.22
N ARG DA 226 -9.20 3.65 12.35
CA ARG DA 226 -9.81 2.52 11.64
C ARG DA 226 -9.03 1.29 12.03
N PHE DA 227 -9.43 0.64 13.13
CA PHE DA 227 -8.75 -0.53 13.71
C PHE DA 227 -7.26 -0.34 14.02
N LYS DA 228 -6.85 0.85 14.49
CA LYS DA 228 -5.57 1.05 15.18
C LYS DA 228 -5.63 0.43 16.58
N SER DA 229 -4.48 0.09 17.17
CA SER DA 229 -4.42 -0.18 18.61
C SER DA 229 -4.81 1.08 19.40
N PHE DA 230 -5.23 0.97 20.66
CA PHE DA 230 -5.55 2.16 21.43
C PHE DA 230 -4.28 2.98 21.70
N HIS DA 231 -3.15 2.33 21.95
CA HIS DA 231 -1.85 2.99 22.04
C HIS DA 231 -1.51 3.83 20.80
N ASP DA 232 -1.60 3.27 19.60
CA ASP DA 232 -1.37 4.01 18.35
C ASP DA 232 -2.39 5.10 18.10
N THR DA 233 -3.63 4.92 18.53
CA THR DA 233 -4.68 5.94 18.50
C THR DA 233 -4.37 7.11 19.42
N ALA DA 234 -3.96 6.87 20.67
CA ALA DA 234 -3.71 7.91 21.66
C ALA DA 234 -2.37 8.64 21.47
N LYS DA 235 -1.35 7.98 20.91
CA LYS DA 235 0.06 8.40 20.88
C LYS DA 235 0.27 9.86 20.46
N ASN DA 236 -0.18 10.26 19.29
CA ASN DA 236 0.00 11.64 18.82
C ASN DA 236 -0.87 12.64 19.59
N VAL DA 237 -2.10 12.28 19.96
CA VAL DA 237 -2.98 13.13 20.76
C VAL DA 237 -2.38 13.41 22.13
N LEU DA 238 -1.88 12.40 22.84
CA LEU DA 238 -1.26 12.55 24.14
C LEU DA 238 -0.01 13.42 24.05
N ALA DA 239 0.82 13.23 23.01
CA ALA DA 239 2.02 14.03 22.80
C ALA DA 239 1.71 15.49 22.45
N ASP DA 240 0.73 15.76 21.59
CA ASP DA 240 0.28 17.13 21.27
C ASP DA 240 -0.38 17.83 22.45
N SER DA 241 -1.26 17.15 23.18
CA SER DA 241 -2.00 17.70 24.32
C SER DA 241 -1.17 17.80 25.60
N GLN DA 242 -0.02 17.12 25.67
CA GLN DA 242 0.85 16.96 26.85
C GLN DA 242 0.15 16.31 28.04
N LEU DA 243 -0.49 15.16 27.80
CA LEU DA 243 -1.30 14.44 28.77
C LEU DA 243 -0.70 13.08 29.11
N THR DA 244 -0.95 12.62 30.31
CA THR DA 244 -0.51 11.31 30.80
C THR DA 244 -1.73 10.40 30.95
N ILE DA 245 -1.72 9.21 30.37
CA ILE DA 245 -2.67 8.16 30.74
C ILE DA 245 -2.13 7.37 31.94
N VAL DA 246 -2.91 7.25 33.01
CA VAL DA 246 -2.51 6.57 34.25
C VAL DA 246 -3.51 5.47 34.56
N CYS DA 247 -3.01 4.36 35.05
CA CYS DA 247 -3.81 3.22 35.50
C CYS DA 247 -3.41 2.79 36.91
N ARG DA 248 -4.37 2.33 37.70
CA ARG DA 248 -4.15 1.71 39.01
C ARG DA 248 -5.11 0.55 39.20
N ARG DA 249 -4.65 -0.58 39.72
CA ARG DA 249 -5.50 -1.70 40.09
C ARG DA 249 -6.09 -1.52 41.47
N TYR DA 250 -7.39 -1.71 41.57
CA TYR DA 250 -8.09 -1.57 42.82
C TYR DA 250 -7.89 -2.82 43.68
N PHE DA 251 -7.20 -2.71 44.81
CA PHE DA 251 -7.02 -3.83 45.71
C PHE DA 251 -7.94 -3.68 46.91
N HIS DA 252 -8.85 -4.63 47.09
CA HIS DA 252 -9.76 -4.63 48.23
C HIS DA 252 -9.02 -4.69 49.56
N GLY DA 253 -9.62 -4.13 50.61
CA GLY DA 253 -9.05 -4.03 51.93
C GLY DA 253 -8.13 -2.83 52.10
N GLU DA 254 -7.14 -2.67 51.23
CA GLU DA 254 -6.13 -1.62 51.38
C GLU DA 254 -6.46 -0.31 50.67
N ASP DA 255 -7.01 -0.33 49.47
CA ASP DA 255 -7.37 0.90 48.75
C ASP DA 255 -8.78 1.41 49.16
N PRO DA 256 -9.04 2.73 49.13
CA PRO DA 256 -10.39 3.28 49.09
C PRO DA 256 -11.05 3.04 47.72
N HIS DA 257 -12.38 3.13 47.62
CA HIS DA 257 -13.06 2.92 46.33
C HIS DA 257 -12.56 3.95 45.29
N PRO DA 258 -12.26 3.56 44.04
CA PRO DA 258 -11.65 4.46 43.06
C PRO DA 258 -12.48 5.70 42.73
N PHE DA 259 -13.80 5.65 42.85
CA PHE DA 259 -14.73 6.72 42.48
C PHE DA 259 -15.23 7.51 43.70
N ALA DA 260 -14.68 7.30 44.89
CA ALA DA 260 -14.95 8.10 46.07
C ALA DA 260 -14.26 9.47 46.00
N GLU DA 261 -15.00 10.53 46.29
CA GLU DA 261 -14.51 11.89 46.47
C GLU DA 261 -15.46 12.69 47.37
N LEU DA 262 -14.95 13.73 48.03
CA LEU DA 262 -15.69 14.59 48.95
C LEU DA 262 -16.09 15.90 48.26
N SER DA 263 -17.10 16.61 48.77
CA SER DA 263 -17.54 17.88 48.19
C SER DA 263 -18.11 18.87 49.21
N GLY DA 264 -18.09 20.15 48.87
CA GLY DA 264 -18.88 21.19 49.52
C GLY DA 264 -18.36 21.63 50.88
N GLU DA 265 -19.14 22.49 51.55
CA GLU DA 265 -18.73 23.18 52.78
C GLU DA 265 -18.36 22.22 53.92
N LEU DA 266 -19.16 21.17 54.13
CA LEU DA 266 -18.97 20.23 55.24
C LEU DA 266 -18.11 19.02 54.85
N GLY DA 267 -17.80 18.84 53.57
CA GLY DA 267 -16.96 17.75 53.09
C GLY DA 267 -17.60 16.36 53.16
N LEU DA 268 -18.90 16.23 52.95
CA LEU DA 268 -19.55 14.93 52.82
C LEU DA 268 -19.08 14.21 51.55
N PRO DA 269 -19.12 12.87 51.51
CA PRO DA 269 -19.00 12.11 50.28
C PRO DA 269 -19.96 12.61 49.19
N LEU DA 270 -19.50 12.67 47.94
CA LEU DA 270 -20.31 13.23 46.85
C LEU DA 270 -21.50 12.34 46.50
N ILE DA 271 -21.26 11.03 46.39
CA ILE DA 271 -22.28 9.99 46.24
C ILE DA 271 -22.21 9.11 47.48
N GLU DA 272 -23.30 9.04 48.23
CA GLU DA 272 -23.41 8.15 49.40
C GLU DA 272 -23.48 6.68 48.93
N GLY DA 273 -22.87 5.76 49.67
CA GLY DA 273 -22.90 4.33 49.36
C GLY DA 273 -22.19 3.92 48.07
N ILE DA 274 -21.24 4.70 47.56
CA ILE DA 274 -20.60 4.52 46.25
C ILE DA 274 -20.09 3.09 45.99
N ALA DA 275 -19.48 2.45 46.99
CA ALA DA 275 -19.00 1.09 46.86
C ALA DA 275 -20.11 0.04 46.67
N SER DA 276 -21.32 0.31 47.16
CA SER DA 276 -22.49 -0.55 46.92
C SER DA 276 -23.18 -0.27 45.57
N LEU DA 277 -23.14 0.97 45.09
CA LEU DA 277 -23.78 1.39 43.85
C LEU DA 277 -22.97 1.07 42.61
N ILE DA 278 -21.65 1.23 42.69
CA ILE DA 278 -20.73 0.93 41.59
C ILE DA 278 -19.73 -0.11 42.10
N PRO DA 279 -20.12 -1.39 42.25
CA PRO DA 279 -19.21 -2.42 42.70
C PRO DA 279 -18.11 -2.65 41.67
N LEU DA 280 -16.88 -2.83 42.11
CA LEU DA 280 -15.73 -3.12 41.27
C LEU DA 280 -14.96 -4.29 41.86
N ARG DA 281 -14.61 -5.27 41.03
CA ARG DA 281 -13.90 -6.46 41.49
C ARG DA 281 -12.47 -6.13 41.91
N HIS DA 282 -11.90 -7.01 42.72
CA HIS DA 282 -10.52 -6.96 43.12
C HIS DA 282 -9.60 -7.12 41.90
N GLY DA 283 -8.66 -6.21 41.71
CA GLY DA 283 -7.74 -6.22 40.57
C GLY DA 283 -8.27 -5.49 39.33
N CYS DA 284 -9.46 -4.90 39.38
CA CYS DA 284 -10.02 -4.08 38.31
C CYS DA 284 -9.05 -2.94 37.97
N LEU DA 285 -8.67 -2.81 36.70
CA LEU DA 285 -7.75 -1.78 36.25
C LEU DA 285 -8.52 -0.52 35.91
N VAL DA 286 -8.27 0.59 36.62
CA VAL DA 286 -9.01 1.84 36.45
C VAL DA 286 -8.17 2.83 35.65
N TRP DA 287 -8.53 3.09 34.40
CA TRP DA 287 -7.87 4.05 33.52
C TRP DA 287 -8.32 5.49 33.77
N ASP DA 288 -7.40 6.42 33.74
CA ASP DA 288 -7.63 7.84 33.88
C ASP DA 288 -6.65 8.61 32.98
N ILE DA 289 -6.97 9.85 32.65
CA ILE DA 289 -6.05 10.75 31.95
C ILE DA 289 -5.86 11.99 32.79
N VAL DA 290 -4.61 12.32 33.09
CA VAL DA 290 -4.23 13.44 33.94
C VAL DA 290 -3.32 14.43 33.22
N ASP DA 291 -3.52 15.70 33.52
CA ASP DA 291 -2.74 16.83 32.99
C ASP DA 291 -1.64 17.19 33.98
N ASN DA 292 -0.47 16.57 33.87
CA ASN DA 292 0.71 16.91 34.68
C ASN DA 292 1.63 17.93 34.01
N SER DA 293 1.42 18.24 32.73
CA SER DA 293 1.82 19.53 32.20
C SER DA 293 0.80 20.57 32.65
N GLY DA 294 1.03 21.84 32.37
CA GLY DA 294 0.02 22.87 32.57
C GLY DA 294 0.07 23.94 31.49
N TRP DA 295 0.65 23.59 30.34
CA TRP DA 295 1.12 24.52 29.33
C TRP DA 295 0.03 25.49 28.88
N GLY DA 296 -1.18 25.00 28.65
CA GLY DA 296 -2.33 25.81 28.24
C GLY DA 296 -3.09 26.58 29.33
N SER DA 297 -2.62 26.67 30.57
CA SER DA 297 -3.31 27.44 31.63
C SER DA 297 -2.37 28.24 32.55
N GLU DA 298 -1.47 27.58 33.26
CA GLU DA 298 -0.39 28.19 34.04
C GLU DA 298 0.62 27.12 34.43
N THR DA 299 1.89 27.35 34.17
CA THR DA 299 2.98 26.51 34.63
C THR DA 299 4.30 27.27 34.60
N ALA DA 300 5.46 26.63 34.68
CA ALA DA 300 6.76 27.23 34.44
C ALA DA 300 7.64 26.38 33.54
N PHE DA 301 8.35 27.03 32.62
CA PHE DA 301 9.29 26.38 31.68
C PHE DA 301 10.77 26.57 32.06
N GLY DA 302 11.05 27.34 33.10
CA GLY DA 302 12.38 27.70 33.53
C GLY DA 302 12.36 28.70 34.66
N GLY DA 303 13.53 29.10 35.11
CA GLY DA 303 13.68 30.05 36.20
C GLY DA 303 15.12 30.23 36.65
N SER DA 304 15.27 30.75 37.86
CA SER DA 304 16.53 30.98 38.54
C SER DA 304 16.46 30.57 40.02
N LEU DA 305 17.53 30.01 40.57
CA LEU DA 305 17.65 29.72 41.99
C LEU DA 305 17.69 30.99 42.86
N LEU DA 306 18.07 32.13 42.26
CA LEU DA 306 18.10 33.42 42.94
C LEU DA 306 16.69 33.98 43.19
N THR DA 307 15.85 34.01 42.16
CA THR DA 307 14.57 34.76 42.15
C THR DA 307 13.33 33.89 41.92
N GLY DA 308 13.49 32.60 41.65
CA GLY DA 308 12.40 31.64 41.54
C GLY DA 308 12.02 31.28 40.11
N LEU DA 309 11.04 30.38 39.95
CA LEU DA 309 10.48 30.01 38.66
C LEU DA 309 9.64 31.11 38.04
N VAL DA 310 9.66 31.21 36.71
CA VAL DA 310 8.87 32.17 35.94
C VAL DA 310 7.54 31.52 35.53
N ARG DA 311 6.41 32.04 36.00
CA ARG DA 311 5.07 31.56 35.65
C ARG DA 311 4.67 32.01 34.25
N ALA DA 312 4.06 31.12 33.46
CA ALA DA 312 3.77 31.35 32.05
C ALA DA 312 2.56 30.54 31.54
N VAL DA 313 2.07 30.90 30.36
CA VAL DA 313 0.99 30.23 29.60
C VAL DA 313 1.41 30.10 28.15
N MET DA 314 1.05 29.02 27.48
CA MET DA 314 1.15 28.84 26.04
C MET DA 314 -0.22 28.84 25.37
N ASN DA 315 -0.32 29.48 24.21
CA ASN DA 315 -1.49 29.44 23.35
C ASN DA 315 -1.10 29.20 21.91
N ILE DA 316 -1.80 28.34 21.18
CA ILE DA 316 -1.61 28.16 19.75
C ILE DA 316 -2.25 29.35 19.03
N ALA DA 317 -1.49 30.10 18.23
CA ALA DA 317 -2.00 31.18 17.38
C ALA DA 317 -2.85 30.66 16.22
N SER DA 318 -3.54 31.53 15.50
CA SER DA 318 -4.59 31.12 14.53
C SER DA 318 -4.12 30.25 13.35
N ASP DA 319 -2.83 30.17 13.06
CA ASP DA 319 -2.29 29.25 12.05
C ASP DA 319 -2.16 27.80 12.54
N GLY DA 320 -2.31 27.52 13.83
CA GLY DA 320 -2.14 26.19 14.38
C GLY DA 320 -0.70 25.72 14.58
N MET DA 321 0.31 26.52 14.23
CA MET DA 321 1.72 26.14 14.26
C MET DA 321 2.59 26.99 15.18
N THR DA 322 2.30 28.27 15.40
CA THR DA 322 3.10 29.08 16.33
C THR DA 322 2.43 29.12 17.68
N GLU DA 323 3.18 28.84 18.74
CA GLU DA 323 2.72 29.05 20.11
C GLU DA 323 3.28 30.34 20.65
N GLY DA 324 2.41 31.23 21.12
CA GLY DA 324 2.80 32.36 21.95
C GLY DA 324 3.06 31.90 23.38
N ILE DA 325 3.97 32.56 24.09
CA ILE DA 325 4.14 32.38 25.54
C ILE DA 325 3.84 33.71 26.24
N ASP DA 326 2.84 33.75 27.10
CA ASP DA 326 2.60 34.90 27.98
C ASP DA 326 3.17 34.63 29.37
N ILE DA 327 4.00 35.54 29.89
CA ILE DA 327 4.55 35.51 31.24
C ILE DA 327 3.56 36.17 32.21
N TYR DA 328 3.23 35.50 33.32
CA TYR DA 328 2.46 36.11 34.40
C TYR DA 328 3.34 37.05 35.21
N THR DA 329 2.94 38.32 35.30
CA THR DA 329 3.71 39.37 35.98
C THR DA 329 3.40 39.47 37.48
N GLY DA 330 2.30 38.88 37.93
CA GLY DA 330 1.90 38.89 39.35
C GLY DA 330 2.81 38.05 40.23
N LEU DA 331 2.62 38.17 41.55
CA LEU DA 331 3.34 37.34 42.51
C LEU DA 331 2.82 35.89 42.50
N PRO DA 332 3.69 34.88 42.61
CA PRO DA 332 3.29 33.47 42.56
C PRO DA 332 2.19 33.09 43.58
N THR DA 333 1.25 32.27 43.13
CA THR DA 333 0.13 31.71 43.92
C THR DA 333 0.24 30.18 43.97
N TYR DA 334 -0.25 29.56 45.02
CA TYR DA 334 -0.10 28.13 45.27
C TYR DA 334 -1.43 27.37 45.31
N PRO DA 335 -1.47 26.12 44.85
CA PRO DA 335 -2.65 25.26 44.97
C PRO DA 335 -2.98 24.98 46.43
N GLY DA 336 -4.26 24.90 46.78
CA GLY DA 336 -4.69 24.75 48.17
C GLY DA 336 -4.41 23.38 48.77
N GLU DA 337 -3.91 22.42 48.00
CA GLU DA 337 -3.37 21.16 48.50
C GLU DA 337 -2.01 21.33 49.17
N TYR DA 338 -1.26 22.38 48.81
CA TYR DA 338 -0.19 22.90 49.67
C TYR DA 338 -0.87 23.49 50.92
N TYR DA 339 -0.15 23.97 51.93
CA TYR DA 339 -0.75 24.32 53.25
C TYR DA 339 -1.32 23.15 54.05
N THR DA 340 -1.83 22.10 53.43
CA THR DA 340 -2.44 20.97 54.15
C THR DA 340 -1.39 20.09 54.84
N PRO DA 341 -1.54 19.81 56.14
CA PRO DA 341 -0.62 18.93 56.87
C PRO DA 341 -0.43 17.56 56.22
N GLY DA 342 0.81 17.08 56.19
CA GLY DA 342 1.16 15.77 55.67
C GLY DA 342 1.15 15.63 54.15
N PHE DA 343 0.78 16.64 53.37
CA PHE DA 343 0.84 16.57 51.91
C PHE DA 343 2.27 16.70 51.40
N LEU DA 344 2.58 15.98 50.32
CA LEU DA 344 3.75 16.17 49.46
C LEU DA 344 3.29 15.94 48.03
N GLY DA 345 3.79 16.71 47.06
CA GLY DA 345 3.47 16.43 45.66
C GLY DA 345 3.60 17.62 44.74
N THR DA 346 3.54 17.39 43.44
CA THR DA 346 3.62 18.45 42.43
C THR DA 346 2.28 18.61 41.74
N TYR DA 347 1.80 19.84 41.65
CA TYR DA 347 0.83 20.24 40.63
C TYR DA 347 1.51 21.10 39.57
N PRO DA 348 1.08 21.06 38.31
CA PRO DA 348 1.74 21.77 37.23
C PRO DA 348 1.71 23.28 37.38
N LYS DA 349 0.73 23.85 38.07
CA LYS DA 349 0.63 25.28 38.38
C LYS DA 349 1.87 25.83 39.08
N ALA DA 350 2.53 25.00 39.87
CA ALA DA 350 3.55 25.39 40.81
C ALA DA 350 4.61 24.30 40.99
N PRO DA 351 5.52 24.08 40.03
CA PRO DA 351 6.65 23.20 40.24
C PRO DA 351 7.52 23.68 41.40
N HIS DA 352 8.13 22.78 42.16
CA HIS DA 352 8.98 23.13 43.31
C HIS DA 352 10.35 22.46 43.29
N VAL DA 353 10.41 21.18 42.91
CA VAL DA 353 11.59 20.35 42.87
C VAL DA 353 12.71 20.96 42.00
N VAL DA 354 13.89 21.18 42.56
CA VAL DA 354 15.11 21.48 41.82
C VAL DA 354 16.20 20.50 42.21
N PHE DA 355 16.73 19.78 41.24
CA PHE DA 355 17.98 19.03 41.42
C PHE DA 355 19.17 19.94 41.16
N MET DA 356 19.76 20.50 42.22
CA MET DA 356 20.96 21.33 42.14
C MET DA 356 22.21 20.50 41.85
N GLU DA 357 22.94 20.87 40.80
CA GLU DA 357 24.20 20.23 40.38
C GLU DA 357 25.43 21.05 40.83
N SER DA 358 25.21 22.11 41.59
CA SER DA 358 26.23 22.92 42.30
C SER DA 358 26.91 22.16 43.46
N PRO DA 359 27.94 22.71 44.13
CA PRO DA 359 28.67 22.05 45.21
C PRO DA 359 27.79 21.45 46.33
N TYR DA 360 28.23 20.32 46.86
CA TYR DA 360 27.48 19.42 47.76
C TYR DA 360 26.20 18.80 47.12
N THR DA 361 26.19 18.56 45.80
CA THR DA 361 24.99 18.16 45.03
C THR DA 361 24.22 16.92 45.54
N GLY DA 362 24.90 15.78 45.71
CA GLY DA 362 24.28 14.50 46.04
C GLY DA 362 23.89 13.58 44.89
N ILE DA 363 23.88 14.05 43.64
CA ILE DA 363 23.55 13.26 42.44
C ILE DA 363 24.74 12.41 42.00
N GLU DA 364 24.55 11.15 41.62
CA GLU DA 364 25.64 10.19 41.38
C GLU DA 364 26.33 10.38 40.03
N SER DA 365 25.56 10.58 38.97
CA SER DA 365 26.03 10.92 37.63
C SER DA 365 24.89 11.56 36.85
N SER DA 366 25.22 12.29 35.79
CA SER DA 366 24.22 12.96 34.97
C SER DA 366 24.65 13.13 33.52
N LYS DA 367 23.67 13.15 32.60
CA LYS DA 367 23.83 13.66 31.25
C LYS DA 367 22.71 14.64 30.93
N PHE DA 368 23.08 15.85 30.56
CA PHE DA 368 22.18 16.86 30.02
C PHE DA 368 22.38 16.88 28.52
N THR DA 369 21.32 16.72 27.74
CA THR DA 369 21.35 16.86 26.28
C THR DA 369 20.50 18.05 25.85
N TYR DA 370 21.00 18.90 24.96
CA TYR DA 370 20.20 19.85 24.19
C TYR DA 370 20.21 19.48 22.72
N THR DA 371 19.04 19.38 22.10
CA THR DA 371 18.86 19.06 20.68
C THR DA 371 18.19 20.24 20.00
N GLU DA 372 18.76 20.75 18.92
CA GLU DA 372 18.20 21.89 18.18
C GLU DA 372 16.98 21.50 17.33
N ALA DA 373 16.09 22.43 16.99
CA ALA DA 373 15.08 22.16 15.97
C ALA DA 373 15.71 22.01 14.58
N THR DA 374 15.23 21.08 13.76
CA THR DA 374 15.94 20.66 12.54
C THR DA 374 15.10 20.67 11.27
N ASP DA 375 14.12 21.56 11.15
CA ASP DA 375 13.11 21.43 10.10
C ASP DA 375 12.20 22.69 10.01
N THR DA 376 12.13 23.40 8.88
CA THR DA 376 11.47 24.71 8.81
C THR DA 376 10.06 24.72 8.21
N SER DA 377 9.76 23.93 7.20
CA SER DA 377 8.39 23.72 6.71
C SER DA 377 8.06 22.25 6.57
N PHE DA 378 6.79 21.89 6.70
CA PHE DA 378 6.31 20.53 6.61
C PHE DA 378 5.56 20.32 5.30
N VAL DA 379 5.85 19.23 4.61
CA VAL DA 379 5.13 18.80 3.41
C VAL DA 379 4.34 17.55 3.74
N LEU DA 380 3.09 17.49 3.32
CA LEU DA 380 2.12 16.45 3.65
C LEU DA 380 1.43 15.90 2.42
N GLY DA 381 0.87 14.70 2.55
CA GLY DA 381 -0.19 14.19 1.70
C GLY DA 381 0.15 12.93 0.95
N GLY DA 382 -0.34 12.82 -0.27
CA GLY DA 382 -0.08 11.72 -1.20
C GLY DA 382 -1.32 11.24 -1.96
N GLN DA 383 -2.49 11.52 -1.41
CA GLN DA 383 -3.81 11.12 -1.88
C GLN DA 383 -4.75 12.32 -1.76
N SER DA 384 -5.61 12.59 -2.74
CA SER DA 384 -6.54 13.72 -2.68
C SER DA 384 -7.42 13.69 -1.44
N MET DA 385 -7.80 14.85 -0.94
CA MET DA 385 -8.86 14.97 0.07
C MET DA 385 -10.13 14.24 -0.36
N PRO DA 386 -10.90 13.64 0.55
CA PRO DA 386 -12.03 12.79 0.20
C PRO DA 386 -13.16 13.60 -0.45
N GLY DA 387 -13.72 13.07 -1.54
CA GLY DA 387 -14.72 13.76 -2.37
C GLY DA 387 -14.15 14.40 -3.63
N VAL DA 388 -12.88 14.81 -3.65
CA VAL DA 388 -12.29 15.52 -4.79
C VAL DA 388 -12.18 14.62 -6.03
N ASN DA 389 -11.60 13.43 -5.91
CA ASN DA 389 -11.52 12.46 -6.98
C ASN DA 389 -12.92 12.05 -7.47
N GLU DA 390 -13.89 11.91 -6.57
CA GLU DA 390 -15.27 11.55 -6.87
C GLU DA 390 -16.02 12.65 -7.62
N VAL DA 391 -15.91 13.91 -7.22
CA VAL DA 391 -16.51 15.05 -7.94
C VAL DA 391 -16.04 15.12 -9.38
N ILE DA 392 -14.75 14.91 -9.65
CA ILE DA 392 -14.20 14.89 -11.01
C ILE DA 392 -14.77 13.70 -11.78
N SER DA 393 -14.74 12.50 -11.19
CA SER DA 393 -15.25 11.30 -11.83
C SER DA 393 -16.74 11.38 -12.15
N ALA DA 394 -17.54 11.94 -11.25
CA ALA DA 394 -18.95 12.18 -11.46
C ALA DA 394 -19.19 13.10 -12.66
N GLY DA 395 -18.48 14.22 -12.75
CA GLY DA 395 -18.58 15.17 -13.85
C GLY DA 395 -18.19 14.62 -15.21
N ILE DA 396 -17.23 13.70 -15.28
CA ILE DA 396 -16.86 13.02 -16.51
C ILE DA 396 -17.90 11.96 -16.89
N ASN DA 397 -18.44 11.22 -15.93
CA ASN DA 397 -19.56 10.32 -16.16
C ASN DA 397 -20.82 11.08 -16.68
N MET DA 398 -21.15 12.24 -16.13
CA MET DA 398 -22.21 13.10 -16.63
C MET DA 398 -21.94 13.68 -18.02
N GLY DA 399 -20.72 14.11 -18.31
CA GLY DA 399 -20.38 14.71 -19.59
C GLY DA 399 -20.60 13.77 -20.77
N GLY DA 400 -19.99 12.59 -20.78
CA GLY DA 400 -20.13 11.65 -21.90
C GLY DA 400 -21.55 11.09 -22.07
N ASP DA 401 -22.21 10.76 -20.96
CA ASP DA 401 -23.57 10.23 -20.97
C ASP DA 401 -24.60 11.29 -21.38
N PHE DA 402 -24.54 12.50 -20.84
CA PHE DA 402 -25.44 13.58 -21.25
C PHE DA 402 -25.13 14.10 -22.65
N LEU DA 403 -23.87 14.12 -23.10
CA LEU DA 403 -23.55 14.54 -24.48
C LEU DA 403 -24.18 13.59 -25.48
N THR DA 404 -23.95 12.30 -25.34
CA THR DA 404 -24.54 11.31 -26.25
C THR DA 404 -26.04 11.22 -26.13
N SER DA 405 -26.62 11.42 -24.95
CA SER DA 405 -28.07 11.57 -24.81
C SER DA 405 -28.60 12.78 -25.58
N LEU DA 406 -27.96 13.93 -25.48
CA LEU DA 406 -28.30 15.13 -26.25
C LEU DA 406 -28.18 14.88 -27.75
N ILE DA 407 -27.09 14.26 -28.21
CA ILE DA 407 -26.90 14.01 -29.64
C ILE DA 407 -27.93 13.02 -30.18
N ASN DA 408 -28.16 11.89 -29.50
CA ASN DA 408 -29.17 10.91 -29.89
C ASN DA 408 -30.60 11.46 -29.79
N SER DA 409 -30.87 12.40 -28.90
CA SER DA 409 -32.21 12.99 -28.77
C SER DA 409 -32.54 13.98 -29.89
N GLN DA 410 -31.58 14.76 -30.37
CA GLN DA 410 -31.90 15.92 -31.20
C GLN DA 410 -31.07 16.08 -32.47
N LEU DA 411 -29.82 15.61 -32.51
CA LEU DA 411 -28.86 16.08 -33.49
C LEU DA 411 -28.41 15.03 -34.52
N ALA DA 412 -28.21 13.77 -34.14
CA ALA DA 412 -27.58 12.81 -35.07
C ALA DA 412 -27.85 11.33 -34.77
N THR DA 413 -27.39 10.47 -35.67
CA THR DA 413 -27.32 9.01 -35.54
C THR DA 413 -26.11 8.44 -36.28
N LEU DA 414 -25.67 7.22 -35.98
CA LEU DA 414 -24.37 6.66 -36.39
C LEU DA 414 -24.39 5.95 -37.76
N GLY DA 415 -25.55 5.74 -38.38
CA GLY DA 415 -25.59 5.43 -39.82
C GLY DA 415 -24.88 4.13 -40.25
N ALA DA 416 -25.07 3.04 -39.52
CA ALA DA 416 -24.47 1.73 -39.80
C ALA DA 416 -24.99 1.03 -41.06
N PHE DA 417 -24.36 -0.08 -41.47
CA PHE DA 417 -24.71 -0.83 -42.69
C PHE DA 417 -26.20 -1.16 -42.82
N GLY DA 418 -26.80 -1.70 -41.77
CA GLY DA 418 -28.26 -1.79 -41.62
C GLY DA 418 -28.78 -0.59 -40.83
N GLY DA 419 -29.93 -0.04 -41.21
CA GLY DA 419 -30.67 0.96 -40.45
C GLY DA 419 -29.86 2.14 -39.90
N ALA DA 420 -29.96 2.33 -38.60
CA ALA DA 420 -29.35 3.42 -37.84
C ALA DA 420 -28.97 2.92 -36.44
N ILE DA 421 -28.04 3.61 -35.77
CA ILE DA 421 -27.47 3.22 -34.48
C ILE DA 421 -27.38 4.43 -33.56
N ASP DA 422 -27.75 4.28 -32.30
CA ASP DA 422 -27.45 5.30 -31.29
C ASP DA 422 -25.96 5.34 -30.96
N LEU DA 423 -25.39 6.52 -30.80
CA LEU DA 423 -24.06 6.64 -30.22
C LEU DA 423 -24.11 6.08 -28.80
N PRO DA 424 -23.18 5.20 -28.40
CA PRO DA 424 -23.21 4.60 -27.08
C PRO DA 424 -22.93 5.64 -26.00
N PRO DA 425 -23.48 5.51 -24.79
CA PRO DA 425 -23.06 6.30 -23.63
C PRO DA 425 -21.54 6.34 -23.46
N LEU DA 426 -20.96 7.53 -23.36
CA LEU DA 426 -19.51 7.73 -23.34
C LEU DA 426 -18.91 7.96 -21.95
N GLY DA 427 -19.71 8.18 -20.91
CA GLY DA 427 -19.21 8.60 -19.61
C GLY DA 427 -18.23 7.63 -18.98
N GLY DA 428 -18.55 6.33 -18.99
CA GLY DA 428 -17.74 5.31 -18.35
C GLY DA 428 -16.37 5.15 -19.02
N ILE DA 429 -16.35 5.12 -20.35
CA ILE DA 429 -15.12 5.05 -21.11
C ILE DA 429 -14.28 6.33 -20.99
N MET DA 430 -14.86 7.54 -21.01
CA MET DA 430 -14.11 8.75 -20.66
C MET DA 430 -13.50 8.64 -19.26
N ASP DA 431 -14.29 8.30 -18.24
CA ASP DA 431 -13.82 8.25 -16.86
C ASP DA 431 -12.67 7.27 -16.70
N ALA DA 432 -12.78 6.10 -17.34
CA ALA DA 432 -11.76 5.08 -17.36
C ALA DA 432 -10.44 5.55 -17.98
N VAL DA 433 -10.46 6.18 -19.16
CA VAL DA 433 -9.21 6.63 -19.78
C VAL DA 433 -8.66 7.90 -19.15
N ALA DA 434 -9.51 8.72 -18.52
CA ALA DA 434 -9.09 9.92 -17.80
C ALA DA 434 -8.46 9.63 -16.44
N ARG DA 435 -8.85 8.55 -15.75
CA ARG DA 435 -8.44 8.25 -14.36
C ARG DA 435 -6.94 8.40 -14.04
N PRO DA 436 -6.00 7.81 -14.77
CA PRO DA 436 -4.60 8.02 -14.47
C PRO DA 436 -4.15 9.48 -14.62
N LEU DA 437 -4.84 10.32 -15.40
CA LEU DA 437 -4.50 11.74 -15.52
C LEU DA 437 -5.04 12.62 -14.41
N TYR DA 438 -6.12 12.27 -13.71
CA TYR DA 438 -6.75 13.15 -12.74
C TYR DA 438 -6.68 12.65 -11.31
N GLU DA 439 -6.61 11.35 -11.05
CA GLU DA 439 -6.60 10.82 -9.69
C GLU DA 439 -5.36 11.30 -8.90
N ASN DA 440 -5.58 11.81 -7.71
CA ASN DA 440 -4.55 12.33 -6.81
C ASN DA 440 -3.73 13.49 -7.39
N VAL DA 441 -4.39 14.42 -8.07
CA VAL DA 441 -3.80 15.65 -8.64
C VAL DA 441 -4.24 16.89 -7.88
N VAL DA 442 -5.55 17.06 -7.70
CA VAL DA 442 -6.16 18.19 -7.00
C VAL DA 442 -6.18 17.90 -5.49
N LEU DA 443 -5.77 18.86 -4.66
CA LEU DA 443 -5.80 18.77 -3.19
C LEU DA 443 -5.12 17.51 -2.61
N ALA DA 444 -4.06 17.02 -3.24
CA ALA DA 444 -3.33 15.82 -2.83
C ALA DA 444 -2.10 16.06 -1.96
N PHE DA 445 -1.54 17.27 -1.97
CA PHE DA 445 -0.34 17.63 -1.20
C PHE DA 445 -0.56 18.98 -0.54
N MET DA 446 0.19 19.25 0.52
CA MET DA 446 0.13 20.50 1.26
C MET DA 446 1.52 20.88 1.77
N GLU DA 447 1.85 22.16 1.82
CA GLU DA 447 3.00 22.66 2.56
C GLU DA 447 2.50 23.57 3.68
N ILE DA 448 2.91 23.31 4.91
CA ILE DA 448 2.65 24.15 6.06
C ILE DA 448 3.96 24.84 6.47
N PRO DA 449 4.03 26.18 6.45
CA PRO DA 449 5.22 26.91 6.88
C PRO DA 449 5.29 27.06 8.41
N THR DA 450 6.43 27.49 8.93
CA THR DA 450 6.62 27.85 10.35
C THR DA 450 7.51 29.09 10.51
N LEU DA 451 7.48 29.70 11.69
CA LEU DA 451 8.33 30.85 12.02
C LEU DA 451 9.75 30.49 12.49
N ARG DA 452 10.14 29.21 12.53
CA ARG DA 452 11.41 28.74 13.10
C ARG DA 452 12.64 29.49 12.62
N ALA DA 453 12.75 29.78 11.33
CA ALA DA 453 13.88 30.50 10.78
C ALA DA 453 13.93 31.96 11.24
N ALA DA 454 12.80 32.64 11.23
CA ALA DA 454 12.70 34.05 11.58
C ALA DA 454 12.79 34.26 13.09
N GLY DA 455 11.88 33.64 13.85
CA GLY DA 455 12.00 33.56 15.30
C GLY DA 455 10.69 33.46 16.07
N LEU DA 456 10.76 32.82 17.24
CA LEU DA 456 9.70 32.63 18.22
C LEU DA 456 10.29 32.80 19.62
N SER DA 457 9.42 32.95 20.62
CA SER DA 457 9.75 32.55 21.98
C SER DA 457 9.58 31.04 22.14
N LEU DA 458 10.40 30.39 22.95
CA LEU DA 458 10.36 28.93 23.13
C LEU DA 458 10.23 28.54 24.61
N PRO DA 459 9.57 27.42 24.94
CA PRO DA 459 9.40 26.93 26.30
C PRO DA 459 10.67 26.24 26.80
N ILE DA 460 11.75 27.01 26.88
CA ILE DA 460 13.10 26.63 27.32
C ILE DA 460 13.63 27.77 28.18
N ALA DA 461 14.34 27.47 29.25
CA ALA DA 461 14.87 28.47 30.17
C ALA DA 461 15.75 29.49 29.43
N GLY DA 462 15.33 30.75 29.45
CA GLY DA 462 16.04 31.86 28.83
C GLY DA 462 15.58 32.20 27.41
N LEU DA 463 14.64 31.44 26.84
CA LEU DA 463 14.05 31.72 25.53
C LEU DA 463 12.56 32.11 25.63
N GLU DA 464 11.98 32.23 26.83
CA GLU DA 464 10.55 32.52 26.98
C GLU DA 464 10.21 33.99 26.72
N ASP DA 465 11.10 34.91 27.11
CA ASP DA 465 10.88 36.35 26.99
C ASP DA 465 11.47 36.93 25.70
N ILE DA 466 12.60 36.43 25.23
CA ILE DA 466 13.21 36.84 23.96
C ILE DA 466 12.64 36.10 22.75
N VAL DA 467 12.95 36.60 21.55
CA VAL DA 467 12.66 35.98 20.27
C VAL DA 467 13.98 35.53 19.64
N THR DA 468 14.13 34.25 19.34
CA THR DA 468 15.27 33.71 18.59
C THR DA 468 14.75 32.83 17.47
N GLY DA 469 15.50 32.70 16.39
CA GLY DA 469 15.19 31.77 15.32
C GLY DA 469 16.44 31.04 14.88
N LEU DA 470 16.29 30.00 14.07
CA LEU DA 470 17.41 29.15 13.67
C LEU DA 470 18.55 29.90 12.96
N GLY DA 471 18.21 30.93 12.18
CA GLY DA 471 19.14 31.57 11.25
C GLY DA 471 18.75 31.39 9.79
N ASP DA 472 19.40 32.10 8.90
CA ASP DA 472 19.18 32.01 7.46
C ASP DA 472 19.53 30.63 6.88
N PHE DA 473 20.51 29.94 7.45
CA PHE DA 473 20.94 28.60 7.07
C PHE DA 473 20.34 27.56 8.02
N HIS DA 474 19.45 26.73 7.49
CA HIS DA 474 18.65 25.74 8.20
C HIS DA 474 18.16 24.66 7.23
N TYR DA 475 17.75 23.51 7.75
CA TYR DA 475 17.12 22.44 6.96
C TYR DA 475 15.72 22.85 6.50
N ASN DA 476 15.39 22.61 5.24
CA ASN DA 476 14.21 23.22 4.63
C ASN DA 476 12.89 22.51 4.95
N GLU DA 477 12.76 21.24 4.58
CA GLU DA 477 11.49 20.53 4.48
C GLU DA 477 11.49 19.22 5.25
N GLY DA 478 10.36 18.88 5.88
CA GLY DA 478 10.15 17.57 6.48
C GLY DA 478 8.86 16.94 6.02
N TRP DA 479 8.93 15.68 5.63
CA TRP DA 479 7.75 14.95 5.21
C TRP DA 479 6.99 14.40 6.42
N VAL DA 480 5.69 14.69 6.51
CA VAL DA 480 4.80 14.12 7.53
C VAL DA 480 4.37 12.71 7.09
N ASP DA 481 4.56 11.69 7.90
CA ASP DA 481 4.20 10.31 7.58
C ASP DA 481 2.68 10.11 7.47
N GLY DA 482 2.23 9.51 6.37
CA GLY DA 482 0.83 9.49 5.95
C GLY DA 482 0.16 8.12 5.99
N ALA DA 483 0.80 7.09 6.55
CA ALA DA 483 0.33 5.71 6.50
C ALA DA 483 -1.03 5.46 7.15
N ASP DA 484 -1.46 6.29 8.11
CA ASP DA 484 -2.83 6.28 8.65
C ASP DA 484 -3.75 7.39 8.13
N LYS DA 485 -3.37 8.07 7.03
CA LYS DA 485 -4.15 9.10 6.32
C LYS DA 485 -4.49 10.35 7.12
N ALA DA 486 -3.78 10.66 8.20
CA ALA DA 486 -4.12 11.74 9.14
C ALA DA 486 -4.38 13.11 8.49
N PHE DA 487 -3.66 13.43 7.42
CA PHE DA 487 -3.83 14.66 6.65
C PHE DA 487 -5.24 14.81 6.06
N THR DA 488 -5.98 13.72 5.83
CA THR DA 488 -7.37 13.73 5.36
C THR DA 488 -8.41 14.03 6.43
N ILE DA 489 -8.03 13.97 7.72
CA ILE DA 489 -8.87 14.34 8.86
C ILE DA 489 -8.54 15.76 9.33
N SER DA 490 -7.26 16.08 9.53
CA SER DA 490 -6.76 17.44 9.71
C SER DA 490 -5.26 17.51 9.41
N ALA DA 491 -4.87 18.24 8.37
CA ALA DA 491 -3.47 18.40 8.00
C ALA DA 491 -2.68 19.24 9.00
N ILE DA 492 -3.30 20.26 9.59
CA ILE DA 492 -2.68 21.03 10.68
C ILE DA 492 -2.33 20.10 11.84
N MET DA 493 -3.23 19.21 12.27
CA MET DA 493 -2.93 18.29 13.37
C MET DA 493 -1.74 17.37 13.07
N ALA DA 494 -1.71 16.76 11.89
CA ALA DA 494 -0.60 15.93 11.44
C ALA DA 494 0.73 16.72 11.37
N ALA DA 495 0.71 17.94 10.87
CA ALA DA 495 1.87 18.80 10.83
C ALA DA 495 2.34 19.16 12.23
N ARG DA 496 1.46 19.45 13.18
CA ARG DA 496 1.91 19.78 14.54
C ARG DA 496 2.38 18.58 15.35
N ALA DA 497 1.93 17.37 15.03
CA ALA DA 497 2.56 16.15 15.49
C ALA DA 497 4.00 15.99 14.95
N LYS DA 498 4.26 16.32 13.69
CA LYS DA 498 5.61 16.35 13.11
C LYS DA 498 6.43 17.52 13.66
N GLN DA 499 5.82 18.65 13.95
CA GLN DA 499 6.46 19.79 14.60
C GLN DA 499 7.00 19.39 15.97
N TRP DA 500 6.20 18.69 16.77
CA TRP DA 500 6.57 18.17 18.08
C TRP DA 500 7.70 17.14 18.00
N ALA DA 501 7.71 16.27 16.99
CA ALA DA 501 8.83 15.36 16.74
C ALA DA 501 10.13 16.08 16.36
N THR DA 502 10.08 17.32 15.88
CA THR DA 502 11.25 18.07 15.38
C THR DA 502 11.57 19.34 16.18
N ARG DA 503 10.93 19.57 17.33
CA ARG DA 503 11.19 20.70 18.24
C ARG DA 503 12.60 20.78 18.83
N ALA DA 504 13.01 21.99 19.21
CA ALA DA 504 14.12 22.21 20.11
C ALA DA 504 13.75 21.73 21.51
N LYS DA 505 14.65 21.00 22.15
CA LYS DA 505 14.39 20.27 23.39
C LYS DA 505 15.64 20.09 24.22
N HIS DA 506 15.43 19.89 25.51
CA HIS DA 506 16.46 19.49 26.46
C HIS DA 506 15.98 18.31 27.29
N SER DA 507 16.91 17.49 27.74
CA SER DA 507 16.63 16.45 28.72
C SER DA 507 17.82 16.28 29.65
N HIS DA 508 17.55 15.70 30.81
CA HIS DA 508 18.53 15.48 31.87
C HIS DA 508 18.27 14.13 32.47
N GLU DA 509 19.16 13.17 32.26
CA GLU DA 509 19.07 11.88 32.93
C GLU DA 509 20.02 11.88 34.11
N ILE DA 510 19.48 11.67 35.30
CA ILE DA 510 20.20 11.73 36.57
C ILE DA 510 20.04 10.43 37.35
N GLN DA 511 21.07 10.04 38.09
CA GLN DA 511 21.07 8.89 38.97
C GLN DA 511 21.10 9.36 40.43
N VAL DA 512 20.11 9.00 41.26
CA VAL DA 512 20.00 9.55 42.61
C VAL DA 512 19.36 8.58 43.62
N SER DA 513 19.78 8.63 44.89
CA SER DA 513 19.09 7.94 45.98
C SER DA 513 17.81 8.66 46.41
N ASP DA 514 16.85 7.91 46.94
CA ASP DA 514 15.60 8.46 47.46
C ASP DA 514 15.83 9.35 48.69
N ALA DA 515 14.88 10.21 49.05
CA ALA DA 515 14.94 11.13 50.18
C ALA DA 515 16.23 11.98 50.28
N ALA DA 516 16.80 12.40 49.15
CA ALA DA 516 18.10 13.08 49.10
C ALA DA 516 18.11 14.38 48.28
N PRO DA 517 17.34 15.42 48.66
CA PRO DA 517 16.37 15.47 49.77
C PRO DA 517 14.97 15.00 49.42
N TYR DA 518 14.62 14.85 48.15
CA TYR DA 518 13.24 14.60 47.71
C TYR DA 518 12.83 13.14 47.83
N ILE DA 519 11.56 12.89 48.14
CA ILE DA 519 10.94 11.56 48.16
C ILE DA 519 10.24 11.31 46.84
N ILE DA 520 10.52 10.19 46.18
CA ILE DA 520 9.89 9.82 44.92
C ILE DA 520 8.67 8.95 45.20
N GLY DA 521 7.47 9.42 44.92
CA GLY DA 521 6.25 8.69 45.23
C GLY DA 521 5.00 9.42 44.78
N GLU DA 522 3.88 8.71 44.64
CA GLU DA 522 2.64 9.32 44.13
C GLU DA 522 2.13 10.50 44.97
N ARG DA 523 1.44 11.42 44.30
CA ARG DA 523 0.90 12.67 44.83
C ARG DA 523 0.16 12.45 46.15
N GLY DA 524 0.62 13.13 47.18
CA GLY DA 524 0.24 12.95 48.58
C GLY DA 524 1.28 12.22 49.43
N HIS DA 525 2.26 11.55 48.82
CA HIS DA 525 3.26 10.72 49.51
C HIS DA 525 4.70 11.04 49.11
N GLY DA 526 4.97 11.35 47.84
CA GLY DA 526 6.26 11.87 47.38
C GLY DA 526 6.21 13.33 46.96
N HIS DA 527 7.36 13.98 46.83
CA HIS DA 527 7.47 15.34 46.31
C HIS DA 527 7.11 15.41 44.82
N PHE DA 528 7.40 14.36 44.07
CA PHE DA 528 7.06 14.22 42.66
C PHE DA 528 6.92 12.76 42.26
N TRP DA 529 6.29 12.54 41.10
CA TRP DA 529 6.11 11.26 40.45
C TRP DA 529 6.23 11.39 38.92
N LEU DA 530 6.13 10.27 38.22
CA LEU DA 530 6.12 10.19 36.78
C LEU DA 530 5.14 11.20 36.16
N GLY DA 531 5.60 11.93 35.18
CA GLY DA 531 4.87 12.99 34.48
C GLY DA 531 4.95 14.37 35.11
N ASP DA 532 5.38 14.53 36.36
CA ASP DA 532 5.46 15.85 37.01
C ASP DA 532 6.60 16.72 36.47
N ARG DA 533 6.39 18.04 36.45
CA ARG DA 533 7.42 19.03 36.14
C ARG DA 533 8.44 19.17 37.25
N VAL DA 534 9.71 18.96 36.93
CA VAL DA 534 10.82 19.11 37.85
C VAL DA 534 11.90 20.00 37.24
N GLY DA 535 12.51 20.83 38.08
CA GLY DA 535 13.65 21.65 37.74
C GLY DA 535 14.96 20.92 37.93
N THR DA 536 15.97 21.36 37.21
CA THR DA 536 17.34 20.90 37.32
C THR DA 536 18.31 22.02 36.97
N THR DA 537 19.53 21.96 37.49
CA THR DA 537 20.64 22.87 37.18
C THR DA 537 21.76 22.06 36.51
N VAL DA 538 22.54 22.66 35.63
CA VAL DA 538 23.61 21.98 34.87
C VAL DA 538 24.97 22.45 35.38
N LEU DA 539 25.90 21.55 35.71
CA LEU DA 539 27.05 21.83 36.57
C LEU DA 539 27.87 23.05 36.17
N GLY DA 540 28.35 23.04 34.93
CA GLY DA 540 29.22 24.09 34.39
C GLY DA 540 28.54 24.95 33.34
N TYR DA 541 27.20 25.04 33.36
CA TYR DA 541 26.48 25.93 32.45
C TYR DA 541 26.86 27.41 32.70
N PRO DA 542 26.95 28.26 31.67
CA PRO DA 542 27.51 29.61 31.79
C PRO DA 542 26.83 30.55 32.77
N ASP DA 543 25.55 30.32 33.05
CA ASP DA 543 24.71 31.11 33.96
C ASP DA 543 24.26 30.18 35.10
N PRO DA 544 25.09 30.02 36.15
CA PRO DA 544 25.10 28.84 37.01
C PRO DA 544 23.88 28.70 37.92
N TYR DA 545 23.06 29.75 38.03
CA TYR DA 545 21.82 29.75 38.79
C TYR DA 545 20.58 29.33 37.99
N THR DA 546 20.71 29.07 36.68
CA THR DA 546 19.59 28.75 35.78
C THR DA 546 18.92 27.43 36.11
N ILE DA 547 17.60 27.40 36.11
CA ILE DA 547 16.80 26.19 36.30
C ILE DA 547 16.15 25.84 34.96
N PHE DA 548 16.34 24.60 34.50
CA PHE DA 548 15.65 24.04 33.36
C PHE DA 548 14.51 23.17 33.87
N VAL DA 549 13.28 23.38 33.41
CA VAL DA 549 12.10 22.64 33.87
C VAL DA 549 11.51 21.83 32.73
N GLU DA 550 11.31 20.54 32.91
CA GLU DA 550 10.27 19.79 32.21
C GLU DA 550 9.90 18.50 32.94
N ARG DA 551 9.16 17.60 32.30
CA ARG DA 551 8.46 16.49 32.95
C ARG DA 551 9.30 15.23 33.09
N VAL DA 552 9.12 14.52 34.18
CA VAL DA 552 9.71 13.21 34.38
C VAL DA 552 9.06 12.19 33.45
N THR DA 553 9.79 11.67 32.48
CA THR DA 553 9.25 10.74 31.47
C THR DA 553 9.52 9.27 31.78
N LYS DA 554 10.59 8.97 32.52
CA LYS DA 554 10.98 7.62 32.92
C LYS DA 554 11.52 7.62 34.36
N LEU DA 555 11.07 6.66 35.17
CA LEU DA 555 11.62 6.32 36.48
C LEU DA 555 12.00 4.85 36.54
N THR DA 556 13.25 4.53 36.79
CA THR DA 556 13.72 3.15 37.00
C THR DA 556 14.14 2.97 38.45
N TYR DA 557 13.76 1.88 39.09
CA TYR DA 557 14.24 1.47 40.41
C TYR DA 557 14.98 0.13 40.34
N GLU DA 558 16.08 0.00 41.05
CA GLU DA 558 16.89 -1.22 41.14
C GLU DA 558 17.23 -1.52 42.59
N TRP DA 559 17.09 -2.77 42.98
CA TRP DA 559 17.44 -3.31 44.28
C TRP DA 559 18.24 -4.58 44.10
N THR DA 560 19.27 -4.76 44.90
CA THR DA 560 20.12 -5.95 44.94
C THR DA 560 20.33 -6.45 46.36
N SER DA 561 21.01 -7.58 46.55
CA SER DA 561 21.30 -8.12 47.88
C SER DA 561 22.24 -7.25 48.73
N ASP DA 562 22.90 -6.25 48.14
CA ASP DA 562 23.57 -5.13 48.83
C ASP DA 562 22.66 -3.88 49.05
N GLY DA 563 21.33 -4.02 48.99
CA GLY DA 563 20.38 -2.93 49.20
C GLY DA 563 19.99 -2.18 47.90
N PRO DA 564 19.49 -0.95 47.98
CA PRO DA 564 19.05 -0.20 46.81
C PRO DA 564 20.21 0.38 45.99
N LYS DA 565 20.10 0.38 44.66
CA LYS DA 565 20.96 1.19 43.78
C LYS DA 565 20.43 2.61 43.56
N GLY DA 566 19.23 2.90 44.07
CA GLY DA 566 18.52 4.16 43.90
C GLY DA 566 17.68 4.23 42.62
N TRP DA 567 17.43 5.42 42.15
CA TRP DA 567 16.54 5.73 41.05
C TRP DA 567 17.30 6.29 39.86
N THR DA 568 16.94 5.86 38.66
CA THR DA 568 17.29 6.57 37.44
C THR DA 568 16.11 7.40 37.01
N ILE DA 569 16.29 8.71 36.92
CA ILE DA 569 15.22 9.66 36.57
C ILE DA 569 15.57 10.28 35.22
N THR DA 570 14.67 10.26 34.25
CA THR DA 570 14.82 11.05 33.02
C THR DA 570 13.87 12.23 33.04
N ILE DA 571 14.41 13.42 32.99
CA ILE DA 571 13.68 14.67 32.95
C ILE DA 571 13.68 15.10 31.47
N GLY DA 572 12.52 15.16 30.85
CA GLY DA 572 12.39 15.40 29.41
C GLY DA 572 12.47 14.14 28.59
N TYR DA 573 12.34 14.26 27.27
CA TYR DA 573 12.20 13.12 26.36
C TYR DA 573 13.55 12.73 25.71
N LYS DA 574 14.39 12.00 26.45
CA LYS DA 574 15.64 11.44 25.95
C LYS DA 574 15.40 10.24 25.02
N GLU DA 575 16.17 10.14 23.95
CA GLU DA 575 16.24 8.93 23.12
C GLU DA 575 17.02 7.80 23.83
N PRO DA 576 16.62 6.52 23.68
CA PRO DA 576 17.27 5.39 24.34
C PRO DA 576 18.80 5.39 24.24
N GLU DA 577 19.47 5.13 25.36
CA GLU DA 577 20.93 5.21 25.44
C GLU DA 577 21.61 4.11 24.63
N ASP DA 578 21.16 2.87 24.76
CA ASP DA 578 21.65 1.77 23.95
C ASP DA 578 21.15 1.93 22.51
N PRO DA 579 22.02 1.98 21.49
CA PRO DA 579 21.62 2.23 20.12
C PRO DA 579 20.65 1.17 19.60
N ILE DA 580 20.80 -0.06 20.05
CA ILE DA 580 19.90 -1.14 19.73
C ILE DA 580 18.45 -0.91 20.21
N LEU DA 581 18.24 -0.24 21.32
CA LEU DA 581 16.89 0.14 21.74
C LEU DA 581 16.31 1.25 20.88
N LYS DA 582 17.14 2.13 20.30
CA LYS DA 582 16.69 3.02 19.24
C LYS DA 582 16.33 2.25 17.96
N ALA DA 583 17.05 1.18 17.62
CA ALA DA 583 16.65 0.32 16.52
C ALA DA 583 15.29 -0.35 16.78
N PHE DA 584 15.05 -0.94 17.94
CA PHE DA 584 13.73 -1.47 18.30
C PHE DA 584 12.63 -0.39 18.31
N GLU DA 585 12.88 0.81 18.79
CA GLU DA 585 11.90 1.90 18.75
C GLU DA 585 11.47 2.27 17.33
N LEU DA 586 12.38 2.39 16.37
CA LEU DA 586 12.03 2.56 14.96
C LEU DA 586 11.27 1.36 14.37
N ILE DA 587 11.61 0.13 14.74
CA ILE DA 587 10.89 -1.06 14.29
C ILE DA 587 9.44 -1.09 14.80
N GLN DA 588 9.17 -0.62 16.02
CA GLN DA 588 7.78 -0.48 16.52
C GLN DA 588 7.01 0.50 15.65
N TYR DA 589 7.59 1.66 15.34
CA TYR DA 589 6.97 2.64 14.47
C TYR DA 589 6.64 2.10 13.07
N ILE DA 590 7.56 1.38 12.43
CA ILE DA 590 7.31 0.72 11.15
C ILE DA 590 6.17 -0.28 11.25
N ASN DA 591 6.18 -1.20 12.22
CA ASN DA 591 5.13 -2.22 12.31
C ASN DA 591 3.71 -1.65 12.48
N SER DA 592 3.55 -0.51 13.15
CA SER DA 592 2.24 0.16 13.21
C SER DA 592 1.86 0.81 11.87
N ASN DA 593 2.78 1.43 11.16
CA ASN DA 593 2.54 2.01 9.83
C ASN DA 593 2.24 0.91 8.80
N LEU DA 594 3.02 -0.17 8.79
CA LEU DA 594 2.86 -1.33 7.92
C LEU DA 594 1.52 -2.06 8.15
N GLY DA 595 0.97 -1.98 9.36
CA GLY DA 595 -0.37 -2.47 9.68
C GLY DA 595 -1.50 -1.63 9.09
N GLN DA 596 -1.44 -0.30 9.15
CA GLN DA 596 -2.42 0.59 8.52
C GLN DA 596 -2.34 0.60 6.99
N LEU DA 597 -1.17 0.45 6.39
CA LEU DA 597 -1.02 0.29 4.94
C LEU DA 597 -1.66 -0.98 4.40
N GLY DA 598 -1.73 -2.05 5.19
CA GLY DA 598 -2.46 -3.27 4.84
C GLY DA 598 -3.98 -3.15 4.92
N ILE DA 599 -4.51 -2.06 5.46
CA ILE DA 599 -5.94 -1.78 5.65
C ILE DA 599 -6.42 -0.71 4.67
N ASP EA 4 28.18 4.70 -25.20
CA ASP EA 4 28.05 3.24 -25.43
C ASP EA 4 26.70 2.91 -26.06
N GLN EA 5 26.55 1.69 -26.60
CA GLN EA 5 25.42 1.34 -27.48
C GLN EA 5 24.06 1.25 -26.78
N TRP EA 6 24.01 1.10 -25.46
CA TRP EA 6 22.74 1.02 -24.73
C TRP EA 6 22.39 2.32 -24.03
N VAL EA 7 21.13 2.72 -24.18
CA VAL EA 7 20.56 3.98 -23.75
C VAL EA 7 19.12 3.71 -23.34
N PRO EA 8 18.62 4.21 -22.21
CA PRO EA 8 17.23 3.99 -21.84
C PRO EA 8 16.25 4.66 -22.80
N ASP EA 9 15.08 4.07 -23.01
CA ASP EA 9 14.01 4.72 -23.79
C ASP EA 9 13.46 5.95 -23.05
N VAL EA 10 13.28 7.07 -23.75
CA VAL EA 10 12.71 8.29 -23.16
C VAL EA 10 11.26 8.04 -22.75
N PRO EA 11 10.88 8.16 -21.46
CA PRO EA 11 9.50 8.00 -21.03
C PRO EA 11 8.55 9.01 -21.67
N ASP EA 12 7.26 8.68 -21.75
CA ASP EA 12 6.27 9.62 -22.28
C ASP EA 12 6.22 10.90 -21.44
N GLY EA 13 6.29 12.06 -22.08
CA GLY EA 13 6.20 13.36 -21.42
C GLY EA 13 7.42 13.77 -20.60
N ALA EA 14 8.51 13.02 -20.59
CA ALA EA 14 9.71 13.35 -19.84
C ALA EA 14 10.39 14.62 -20.37
N PHE EA 15 10.88 15.48 -19.48
CA PHE EA 15 11.61 16.67 -19.85
C PHE EA 15 12.97 16.32 -20.44
N VAL EA 16 13.34 17.00 -21.51
CA VAL EA 16 14.59 16.85 -22.26
C VAL EA 16 15.18 18.24 -22.48
N ILE EA 17 16.45 18.37 -22.84
CA ILE EA 17 17.05 19.70 -22.98
C ILE EA 17 16.27 20.58 -23.96
N GLY EA 18 15.92 21.77 -23.50
CA GLY EA 18 14.98 22.69 -24.14
C GLY EA 18 13.62 22.77 -23.42
N GLY EA 19 13.30 21.81 -22.58
CA GLY EA 19 12.18 21.84 -21.66
C GLY EA 19 10.86 21.30 -22.20
N GLY EA 20 10.83 20.81 -23.44
CA GLY EA 20 9.59 20.38 -24.08
C GLY EA 20 8.61 21.54 -24.34
N ASP EA 21 7.32 21.24 -24.38
CA ASP EA 21 6.26 22.23 -24.55
C ASP EA 21 6.13 23.15 -23.35
N TYR EA 22 5.87 22.60 -22.16
CA TYR EA 22 5.55 23.38 -20.96
C TYR EA 22 6.78 23.90 -20.19
N ARG EA 23 7.95 23.96 -20.82
CA ARG EA 23 9.17 24.58 -20.32
C ARG EA 23 9.64 24.05 -18.96
N TYR EA 24 9.96 22.76 -18.92
CA TYR EA 24 10.27 22.00 -17.69
C TYR EA 24 9.13 22.03 -16.66
N GLY EA 25 7.91 22.29 -17.12
CA GLY EA 25 6.70 22.36 -16.31
C GLY EA 25 6.34 23.77 -15.82
N GLN EA 26 7.19 24.78 -16.03
CA GLN EA 26 6.92 26.14 -15.56
C GLN EA 26 5.73 26.80 -16.26
N ASP EA 27 5.43 26.41 -17.48
CA ASP EA 27 4.27 26.90 -18.24
C ASP EA 27 3.02 26.02 -18.10
N MET EA 28 3.05 24.95 -17.30
CA MET EA 28 1.84 24.18 -16.99
C MET EA 28 0.93 25.00 -16.06
N THR EA 29 -0.37 24.99 -16.31
CA THR EA 29 -1.35 25.64 -15.45
C THR EA 29 -2.55 24.73 -15.21
N GLU EA 30 -3.37 25.04 -14.21
CA GLU EA 30 -4.55 24.25 -13.87
C GLU EA 30 -5.57 24.21 -15.02
N ASP EA 31 -5.74 25.32 -15.75
CA ASP EA 31 -6.61 25.38 -16.93
C ASP EA 31 -6.19 24.40 -18.02
N ILE EA 32 -4.89 24.35 -18.34
CA ILE EA 32 -4.37 23.44 -19.35
C ILE EA 32 -4.51 21.99 -18.88
N ALA EA 33 -4.19 21.69 -17.61
CA ALA EA 33 -4.29 20.34 -17.07
C ALA EA 33 -5.74 19.82 -17.06
N ARG EA 34 -6.69 20.62 -16.57
CA ARG EA 34 -8.11 20.26 -16.56
C ARG EA 34 -8.68 20.03 -17.96
N SER EA 35 -8.18 20.73 -18.98
CA SER EA 35 -8.57 20.51 -20.38
C SER EA 35 -8.25 19.10 -20.90
N LEU EA 36 -7.34 18.36 -20.27
CA LEU EA 36 -7.00 16.99 -20.68
C LEU EA 36 -8.00 15.96 -20.16
N PHE EA 37 -8.38 16.04 -18.89
CA PHE EA 37 -9.27 15.05 -18.28
C PHE EA 37 -10.75 15.43 -18.24
N GLN EA 38 -11.12 16.72 -18.22
CA GLN EA 38 -12.54 17.12 -18.17
C GLN EA 38 -13.21 17.02 -19.54
N VAL EA 39 -14.51 16.70 -19.54
CA VAL EA 39 -15.36 16.82 -20.73
C VAL EA 39 -15.61 18.32 -21.01
N PRO EA 40 -15.45 18.85 -22.24
CA PRO EA 40 -15.66 20.25 -22.56
C PRO EA 40 -17.01 20.82 -22.12
N ASP EA 41 -17.10 22.13 -21.92
CA ASP EA 41 -18.40 22.78 -21.76
C ASP EA 41 -19.14 22.72 -23.10
N PHE EA 42 -20.30 22.05 -23.14
CA PHE EA 42 -21.02 21.76 -24.38
C PHE EA 42 -22.48 22.19 -24.30
N ASN EA 43 -23.05 22.43 -25.48
CA ASN EA 43 -24.40 22.91 -25.73
C ASN EA 43 -24.82 22.45 -27.13
N PRO EA 44 -26.11 22.51 -27.48
CA PRO EA 44 -26.61 22.00 -28.76
C PRO EA 44 -25.97 22.63 -30.01
N ALA EA 45 -25.39 23.83 -29.92
CA ALA EA 45 -24.68 24.44 -31.04
C ALA EA 45 -23.26 23.88 -31.25
N ASN EA 46 -22.66 23.27 -30.23
CA ASN EA 46 -21.26 22.82 -30.25
C ASN EA 46 -21.10 21.29 -30.25
N ALA EA 47 -22.16 20.54 -29.91
CA ALA EA 47 -22.07 19.13 -29.56
C ALA EA 47 -21.35 18.23 -30.57
N LEU EA 48 -21.60 18.36 -31.87
CA LEU EA 48 -20.93 17.53 -32.88
C LEU EA 48 -19.50 17.97 -33.18
N LEU EA 49 -19.07 19.17 -32.75
CA LEU EA 49 -17.65 19.53 -32.70
C LEU EA 49 -16.99 19.00 -31.42
N VAL EA 50 -17.74 18.89 -30.34
CA VAL EA 50 -17.27 18.34 -29.07
C VAL EA 50 -17.08 16.82 -29.16
N LEU EA 51 -18.00 16.08 -29.77
CA LEU EA 51 -17.92 14.62 -29.89
C LEU EA 51 -16.56 14.08 -30.40
N PRO EA 52 -15.98 14.54 -31.53
CA PRO EA 52 -14.70 14.00 -31.99
C PRO EA 52 -13.53 14.31 -31.04
N GLN EA 53 -13.60 15.38 -30.25
CA GLN EA 53 -12.61 15.66 -29.20
C GLN EA 53 -12.66 14.64 -28.05
N LEU EA 54 -13.82 14.04 -27.78
CA LEU EA 54 -13.91 12.91 -26.87
C LEU EA 54 -13.39 11.65 -27.54
N LEU EA 55 -13.77 11.39 -28.80
CA LEU EA 55 -13.37 10.15 -29.48
C LEU EA 55 -11.85 10.08 -29.66
N LEU EA 56 -11.16 11.20 -29.84
CA LEU EA 56 -9.69 11.26 -29.92
C LEU EA 56 -8.96 10.92 -28.62
N ARG EA 57 -9.62 10.93 -27.45
CA ARG EA 57 -9.03 10.44 -26.20
C ARG EA 57 -8.85 8.93 -26.22
N LEU EA 58 -9.68 8.22 -26.98
CA LEU EA 58 -9.89 6.80 -26.83
C LEU EA 58 -8.74 5.95 -27.39
N PRO EA 59 -8.47 4.79 -26.79
CA PRO EA 59 -7.51 3.85 -27.35
C PRO EA 59 -8.07 3.21 -28.61
N LEU EA 60 -7.20 2.85 -29.55
CA LEU EA 60 -7.61 2.39 -30.87
C LEU EA 60 -8.42 1.09 -30.80
N GLU EA 61 -8.05 0.16 -29.94
CA GLU EA 61 -8.78 -1.09 -29.73
C GLU EA 61 -10.17 -0.91 -29.09
N ALA EA 62 -10.50 0.26 -28.53
CA ALA EA 62 -11.91 0.60 -28.24
C ALA EA 62 -12.65 1.06 -29.51
N LEU EA 63 -12.07 1.97 -30.30
CA LEU EA 63 -12.71 2.51 -31.50
C LEU EA 63 -12.93 1.42 -32.57
N GLN EA 64 -12.05 0.42 -32.66
CA GLN EA 64 -12.16 -0.67 -33.62
C GLN EA 64 -13.41 -1.56 -33.43
N LYS EA 65 -14.20 -1.40 -32.37
CA LYS EA 65 -15.57 -1.97 -32.29
C LYS EA 65 -16.56 -1.36 -33.30
N PHE EA 66 -16.29 -0.19 -33.86
CA PHE EA 66 -17.10 0.46 -34.91
C PHE EA 66 -16.78 -0.02 -36.33
N LYS EA 67 -15.63 -0.64 -36.57
CA LYS EA 67 -15.14 -1.02 -37.90
C LYS EA 67 -16.13 -1.89 -38.69
N ASP EA 68 -16.82 -2.80 -38.03
CA ASP EA 68 -17.78 -3.71 -38.68
C ASP EA 68 -19.18 -3.10 -38.94
N PHE EA 69 -19.40 -1.84 -38.56
CA PHE EA 69 -20.70 -1.18 -38.60
C PHE EA 69 -20.75 -0.02 -39.61
N ILE EA 70 -19.66 0.72 -39.78
CA ILE EA 70 -19.59 1.83 -40.72
C ILE EA 70 -19.54 1.35 -42.19
N PRO EA 71 -20.41 1.84 -43.08
CA PRO EA 71 -20.37 1.49 -44.50
C PRO EA 71 -19.28 2.24 -45.25
N ASN EA 72 -18.67 1.60 -46.25
CA ASN EA 72 -17.69 2.20 -47.17
C ASN EA 72 -16.46 2.85 -46.49
N VAL EA 73 -15.90 2.21 -45.46
CA VAL EA 73 -14.68 2.67 -44.77
C VAL EA 73 -13.49 2.71 -45.71
N LEU EA 74 -12.68 3.77 -45.66
CA LEU EA 74 -11.47 3.91 -46.48
C LEU EA 74 -10.39 2.89 -46.10
N GLU EA 75 -9.58 2.45 -47.05
CA GLU EA 75 -8.63 1.36 -46.88
C GLU EA 75 -7.62 1.63 -45.76
N GLY EA 76 -7.63 0.80 -44.72
CA GLY EA 76 -6.73 0.93 -43.57
C GLY EA 76 -7.05 2.07 -42.60
N ALA EA 77 -8.22 2.72 -42.67
CA ALA EA 77 -8.51 3.89 -41.86
C ALA EA 77 -8.42 3.62 -40.35
N PHE EA 78 -8.82 2.43 -39.89
CA PHE EA 78 -8.75 2.03 -38.49
C PHE EA 78 -7.35 1.62 -38.00
N ASN EA 79 -6.30 1.81 -38.79
CA ASN EA 79 -4.93 1.57 -38.36
C ASN EA 79 -4.38 2.68 -37.44
N THR EA 80 -5.01 3.86 -37.37
CA THR EA 80 -4.64 4.93 -36.42
C THR EA 80 -5.89 5.61 -35.86
N VAL EA 81 -5.74 6.27 -34.71
CA VAL EA 81 -6.86 6.88 -33.97
C VAL EA 81 -7.49 8.03 -34.75
N ALA EA 82 -6.70 8.90 -35.38
CA ALA EA 82 -7.23 9.98 -36.18
C ALA EA 82 -8.02 9.46 -37.40
N GLY EA 83 -7.53 8.42 -38.07
CA GLY EA 83 -8.24 7.74 -39.15
C GLY EA 83 -9.53 7.05 -38.70
N ALA EA 84 -9.54 6.45 -37.51
CA ALA EA 84 -10.75 5.87 -36.94
C ALA EA 84 -11.81 6.94 -36.62
N VAL EA 85 -11.43 8.07 -36.02
CA VAL EA 85 -12.36 9.15 -35.70
C VAL EA 85 -12.90 9.79 -36.98
N ASP EA 86 -12.06 9.97 -38.00
CA ASP EA 86 -12.55 10.40 -39.31
C ASP EA 86 -13.55 9.40 -39.91
N ALA EA 87 -13.33 8.09 -39.79
CA ALA EA 87 -14.31 7.11 -40.25
C ALA EA 87 -15.63 7.19 -39.49
N ILE EA 88 -15.62 7.33 -38.16
CA ILE EA 88 -16.81 7.45 -37.33
C ILE EA 88 -17.60 8.73 -37.68
N MET EA 89 -16.96 9.90 -37.75
CA MET EA 89 -17.63 11.14 -38.16
C MET EA 89 -18.15 11.08 -39.60
N GLY EA 90 -17.53 10.29 -40.49
CA GLY EA 90 -18.06 10.03 -41.82
C GLY EA 90 -19.38 9.27 -41.84
N ALA EA 91 -19.70 8.55 -40.78
CA ALA EA 91 -20.93 7.78 -40.62
C ALA EA 91 -22.05 8.57 -39.92
N ILE EA 92 -21.78 9.70 -39.27
CA ILE EA 92 -22.82 10.52 -38.63
C ILE EA 92 -23.82 11.03 -39.68
N ARG EA 93 -25.11 10.86 -39.41
CA ARG EA 93 -26.23 11.50 -40.15
C ARG EA 93 -26.92 12.53 -39.27
N GLU EA 94 -27.25 13.69 -39.82
CA GLU EA 94 -27.65 14.89 -39.05
C GLU EA 94 -29.14 14.94 -38.67
N THR EA 95 -29.77 13.81 -38.42
CA THR EA 95 -31.11 13.69 -37.84
C THR EA 95 -31.14 12.59 -36.77
N PRO EA 96 -31.92 12.74 -35.69
CA PRO EA 96 -31.93 11.77 -34.61
C PRO EA 96 -32.60 10.47 -35.04
N ARG EA 97 -32.16 9.35 -34.44
CA ARG EA 97 -32.53 7.99 -34.84
C ARG EA 97 -34.04 7.77 -34.93
N VAL EA 98 -34.80 8.35 -33.99
CA VAL EA 98 -36.27 8.22 -33.95
C VAL EA 98 -36.94 8.87 -35.17
N LEU EA 99 -36.48 10.04 -35.61
CA LEU EA 99 -37.05 10.69 -36.79
C LEU EA 99 -36.80 9.87 -38.05
N GLU EA 100 -35.60 9.30 -38.20
CA GLU EA 100 -35.33 8.40 -39.32
C GLU EA 100 -36.28 7.20 -39.33
N GLN EA 101 -36.56 6.61 -38.18
CA GLN EA 101 -37.43 5.45 -38.13
C GLN EA 101 -38.92 5.79 -38.32
N ILE EA 102 -39.42 6.92 -37.82
CA ILE EA 102 -40.74 7.43 -38.19
C ILE EA 102 -40.83 7.64 -39.70
N LEU EA 103 -39.89 8.38 -40.30
CA LEU EA 103 -39.85 8.61 -41.75
C LEU EA 103 -39.77 7.31 -42.56
N SER EA 104 -39.21 6.23 -42.02
CA SER EA 104 -39.14 4.94 -42.71
C SER EA 104 -40.48 4.20 -42.73
N TYR EA 105 -41.34 4.43 -41.74
CA TYR EA 105 -42.66 3.82 -41.62
C TYR EA 105 -43.72 4.63 -42.38
N LEU EA 106 -43.59 5.94 -42.35
CA LEU EA 106 -44.55 6.89 -42.90
C LEU EA 106 -43.79 8.03 -43.60
N PRO EA 107 -43.41 7.86 -44.87
CA PRO EA 107 -42.60 8.81 -45.63
C PRO EA 107 -43.21 10.21 -45.79
N GLN EA 108 -42.38 11.22 -46.06
CA GLN EA 108 -42.86 12.59 -46.28
C GLN EA 108 -43.83 12.69 -47.45
N GLU EA 109 -43.55 12.02 -48.56
CA GLU EA 109 -44.41 12.04 -49.75
C GLU EA 109 -45.80 11.44 -49.49
N LEU EA 110 -45.95 10.60 -48.46
CA LEU EA 110 -47.24 10.15 -47.96
C LEU EA 110 -47.82 11.17 -46.99
N ARG EA 111 -47.03 11.60 -46.00
CA ARG EA 111 -47.43 12.55 -44.96
C ARG EA 111 -47.94 13.89 -45.49
N ASP EA 112 -47.40 14.39 -46.60
CA ASP EA 112 -47.83 15.61 -47.29
C ASP EA 112 -49.12 15.44 -48.11
N GLU EA 113 -49.52 14.21 -48.42
CA GLU EA 113 -50.82 13.90 -49.01
C GLU EA 113 -51.88 13.66 -47.93
N LEU EA 114 -51.53 12.86 -46.90
CA LEU EA 114 -52.42 12.65 -45.76
C LEU EA 114 -52.76 13.96 -45.06
N GLU EA 115 -51.88 14.97 -45.15
CA GLU EA 115 -52.11 16.33 -44.68
C GLU EA 115 -53.45 16.92 -45.12
N HIS EA 116 -53.96 16.57 -46.31
CA HIS EA 116 -55.23 17.10 -46.83
C HIS EA 116 -56.28 16.06 -47.19
N ALA EA 117 -56.01 14.77 -47.06
CA ALA EA 117 -56.95 13.73 -47.47
C ALA EA 117 -58.33 13.88 -46.82
N ALA EA 118 -58.39 14.10 -45.50
CA ALA EA 118 -59.65 14.26 -44.78
C ALA EA 118 -60.43 15.51 -45.22
N ALA EA 119 -59.75 16.62 -45.49
CA ALA EA 119 -60.36 17.85 -45.98
C ALA EA 119 -60.86 17.71 -47.42
N ARG EA 120 -60.10 17.06 -48.31
CA ARG EA 120 -60.50 16.84 -49.70
C ARG EA 120 -61.80 16.06 -49.83
N ILE EA 121 -62.13 15.14 -48.94
CA ILE EA 121 -63.41 14.43 -48.95
C ILE EA 121 -64.56 15.43 -48.69
N GLY EA 122 -64.37 16.36 -47.76
CA GLY EA 122 -65.31 17.42 -47.47
C GLY EA 122 -65.45 18.44 -48.60
N ALA EA 123 -64.34 18.78 -49.26
CA ALA EA 123 -64.32 19.59 -50.45
C ALA EA 123 -65.05 18.91 -51.62
N VAL EA 124 -64.92 17.60 -51.79
CA VAL EA 124 -65.68 16.84 -52.80
C VAL EA 124 -67.17 16.83 -52.44
N ILE EA 125 -67.56 16.59 -51.19
CA ILE EA 125 -68.97 16.71 -50.79
C ILE EA 125 -69.49 18.12 -51.07
N ASP EA 126 -68.78 19.17 -50.65
CA ASP EA 126 -69.19 20.54 -50.90
C ASP EA 126 -69.36 20.85 -52.39
N ALA EA 127 -68.46 20.36 -53.24
CA ALA EA 127 -68.54 20.51 -54.68
C ALA EA 127 -69.77 19.84 -55.28
N ILE EA 128 -70.12 18.63 -54.85
CA ILE EA 128 -71.28 17.91 -55.38
C ILE EA 128 -72.58 18.62 -55.02
N VAL EA 129 -72.76 19.01 -53.76
CA VAL EA 129 -73.96 19.67 -53.26
C VAL EA 129 -74.18 21.01 -53.95
N GLN EA 130 -73.13 21.80 -54.15
CA GLN EA 130 -73.25 23.06 -54.86
C GLN EA 130 -73.67 22.84 -56.31
N ALA EA 131 -73.09 21.90 -57.03
CA ALA EA 131 -73.44 21.67 -58.42
C ALA EA 131 -74.90 21.24 -58.58
N LEU EA 132 -75.38 20.34 -57.74
CA LEU EA 132 -76.70 19.71 -57.86
C LEU EA 132 -77.83 20.48 -57.18
N THR EA 133 -77.57 21.32 -56.17
CA THR EA 133 -78.60 22.14 -55.48
C THR EA 133 -78.39 23.63 -55.60
N GLY EA 134 -77.20 24.11 -55.95
CA GLY EA 134 -76.92 25.54 -56.04
C GLY EA 134 -76.71 26.25 -54.70
N THR EA 135 -76.31 25.56 -53.65
CA THR EA 135 -75.85 26.21 -52.40
C THR EA 135 -74.61 27.09 -52.61
N LEU EA 136 -74.34 27.97 -51.66
CA LEU EA 136 -73.16 28.87 -51.63
C LEU EA 136 -72.45 28.80 -50.26
N ASN EA 137 -72.60 27.67 -49.60
CA ASN EA 137 -72.11 27.35 -48.25
C ASN EA 137 -70.94 26.35 -48.33
N ILE EA 138 -70.35 26.02 -47.20
CA ILE EA 138 -69.29 25.02 -47.07
C ILE EA 138 -69.55 24.14 -45.84
N GLY EA 139 -68.93 22.96 -45.75
CA GLY EA 139 -69.11 22.05 -44.62
C GLY EA 139 -70.42 21.26 -44.66
N HIS EA 140 -70.86 20.83 -45.85
CA HIS EA 140 -72.01 19.96 -46.00
C HIS EA 140 -71.77 18.54 -45.47
N THR EA 141 -72.84 17.87 -45.07
CA THR EA 141 -72.80 16.48 -44.58
C THR EA 141 -73.13 15.47 -45.67
N ILE EA 142 -72.94 14.18 -45.38
CA ILE EA 142 -73.41 13.10 -46.27
C ILE EA 142 -74.94 13.06 -46.37
N GLU EA 143 -75.67 13.61 -45.39
CA GLU EA 143 -77.12 13.82 -45.51
C GLU EA 143 -77.46 14.87 -46.59
N ASP EA 144 -76.79 16.02 -46.57
CA ASP EA 144 -76.93 17.03 -47.64
C ASP EA 144 -76.57 16.45 -49.00
N LEU EA 145 -75.60 15.54 -49.04
CA LEU EA 145 -75.18 14.85 -50.24
C LEU EA 145 -76.26 13.92 -50.76
N ILE EA 146 -76.90 13.11 -49.91
CA ILE EA 146 -78.02 12.27 -50.31
C ILE EA 146 -79.19 13.13 -50.79
N PHE EA 147 -79.53 14.24 -50.12
CA PHE EA 147 -80.57 15.15 -50.58
C PHE EA 147 -80.25 15.68 -51.97
N SER EA 148 -79.01 16.14 -52.19
CA SER EA 148 -78.55 16.66 -53.46
C SER EA 148 -78.67 15.65 -54.60
N LEU EA 149 -78.22 14.42 -54.37
CA LEU EA 149 -78.22 13.38 -55.38
C LEU EA 149 -79.59 12.77 -55.63
N THR EA 150 -80.56 12.99 -54.75
CA THR EA 150 -81.96 12.60 -54.96
C THR EA 150 -82.87 13.74 -55.44
N ASN EA 151 -82.37 14.97 -55.54
CA ASN EA 151 -83.09 16.16 -56.01
C ASN EA 151 -82.25 16.97 -56.99
N ILE EA 152 -81.66 16.33 -57.99
CA ILE EA 152 -80.75 16.98 -58.95
C ILE EA 152 -81.50 18.06 -59.73
N ARG EA 153 -80.97 19.29 -59.80
CA ARG EA 153 -81.54 20.35 -60.65
C ARG EA 153 -81.70 19.87 -62.09
N PRO EA 154 -82.84 20.06 -62.77
CA PRO EA 154 -82.92 19.85 -64.21
C PRO EA 154 -82.04 20.81 -65.01
N GLY EA 155 -81.55 21.90 -64.42
CA GLY EA 155 -80.52 22.75 -65.02
C GLY EA 155 -79.13 22.13 -65.11
N ALA EA 156 -78.82 21.09 -64.33
CA ALA EA 156 -77.54 20.38 -64.35
C ALA EA 156 -77.44 19.31 -65.45
N VAL EA 157 -78.57 18.79 -65.92
CA VAL EA 157 -78.64 17.78 -66.98
C VAL EA 157 -78.71 18.47 -68.33
N GLY EA 158 -77.77 18.17 -69.23
CA GLY EA 158 -77.69 18.76 -70.56
C GLY EA 158 -78.89 18.39 -71.41
N GLY EA 159 -79.35 19.32 -72.25
CA GLY EA 159 -80.58 19.16 -73.02
C GLY EA 159 -80.41 18.43 -74.35
N VAL EA 160 -81.48 18.46 -75.15
CA VAL EA 160 -81.62 17.78 -76.44
C VAL EA 160 -82.28 18.73 -77.44
N LEU EA 161 -82.16 18.48 -78.74
CA LEU EA 161 -82.86 19.21 -79.81
C LEU EA 161 -82.69 20.74 -79.78
N GLY EA 162 -81.57 21.20 -79.24
CA GLY EA 162 -81.21 22.62 -79.10
C GLY EA 162 -81.16 23.13 -77.67
N GLY EA 163 -81.79 22.44 -76.71
CA GLY EA 163 -81.83 22.88 -75.32
C GLY EA 163 -80.48 22.76 -74.60
N GLY EA 164 -80.08 23.78 -73.86
CA GLY EA 164 -78.86 23.77 -73.06
C GLY EA 164 -78.96 22.84 -71.85
N SER EA 165 -80.16 22.71 -71.32
CA SER EA 165 -80.56 21.83 -70.23
C SER EA 165 -81.83 21.06 -70.55
N ILE EA 166 -82.16 20.04 -69.76
CA ILE EA 166 -83.41 19.30 -69.89
C ILE EA 166 -84.62 20.18 -69.55
N GLU EA 167 -84.46 21.17 -68.68
CA GLU EA 167 -85.49 22.18 -68.43
C GLU EA 167 -85.77 23.03 -69.68
N GLU EA 168 -84.75 23.48 -70.41
CA GLU EA 168 -84.97 24.16 -71.68
C GLU EA 168 -85.57 23.23 -72.73
N THR EA 169 -85.19 21.96 -72.74
CA THR EA 169 -85.68 21.00 -73.73
C THR EA 169 -87.19 20.79 -73.61
N ILE EA 170 -87.68 20.51 -72.41
CA ILE EA 170 -89.10 20.24 -72.15
C ILE EA 170 -89.93 21.50 -72.36
N LYS EA 171 -89.46 22.65 -71.89
CA LYS EA 171 -90.13 23.92 -72.11
C LYS EA 171 -90.25 24.22 -73.59
N ARG EA 172 -89.20 24.03 -74.39
CA ARG EA 172 -89.27 24.23 -75.84
C ARG EA 172 -90.27 23.31 -76.54
N ILE EA 173 -90.32 22.03 -76.18
CA ILE EA 173 -91.29 21.07 -76.72
C ILE EA 173 -92.71 21.52 -76.44
N VAL EA 174 -93.04 21.86 -75.19
CA VAL EA 174 -94.39 22.27 -74.80
C VAL EA 174 -94.75 23.63 -75.40
N ASP EA 175 -93.86 24.61 -75.36
CA ASP EA 175 -94.09 25.90 -75.97
C ASP EA 175 -94.26 25.79 -77.48
N ALA EA 176 -93.56 24.89 -78.17
CA ALA EA 176 -93.71 24.72 -79.62
C ALA EA 176 -95.06 24.13 -80.01
N ILE EA 177 -95.57 23.12 -79.29
CA ILE EA 177 -96.90 22.57 -79.57
C ILE EA 177 -97.96 23.65 -79.40
N VAL EA 178 -97.96 24.36 -78.28
CA VAL EA 178 -98.92 25.42 -78.01
C VAL EA 178 -98.80 26.57 -79.01
N SER EA 179 -97.58 26.92 -79.43
CA SER EA 179 -97.35 27.91 -80.47
C SER EA 179 -97.79 27.46 -81.86
N GLY EA 180 -97.80 26.17 -82.16
CA GLY EA 180 -98.40 25.67 -83.39
C GLY EA 180 -99.92 25.75 -83.36
N ILE EA 181 -100.54 25.47 -82.22
CA ILE EA 181 -102.00 25.51 -82.11
C ILE EA 181 -102.51 26.94 -82.13
N VAL EA 182 -101.91 27.84 -81.35
CA VAL EA 182 -102.30 29.26 -81.25
C VAL EA 182 -101.77 30.12 -82.40
N GLY EA 183 -100.71 29.68 -83.07
CA GLY EA 183 -100.18 30.30 -84.29
C GLY EA 183 -99.12 31.37 -84.05
N VAL EA 184 -99.31 32.25 -83.07
CA VAL EA 184 -98.26 33.20 -82.66
C VAL EA 184 -97.20 32.46 -81.85
N THR EA 185 -95.92 32.67 -82.17
CA THR EA 185 -94.84 32.08 -81.38
C THR EA 185 -94.84 32.66 -79.97
N GLY EA 186 -94.69 31.81 -78.95
CA GLY EA 186 -94.77 32.25 -77.57
C GLY EA 186 -94.03 31.36 -76.59
N ILE EA 187 -94.11 31.74 -75.32
CA ILE EA 187 -93.41 31.12 -74.18
C ILE EA 187 -94.32 31.11 -72.96
N GLY EA 188 -94.02 30.27 -71.98
CA GLY EA 188 -94.78 30.21 -70.72
C GLY EA 188 -96.08 29.40 -70.81
N ALA EA 189 -96.15 28.44 -71.73
CA ALA EA 189 -97.20 27.44 -71.75
C ALA EA 189 -97.08 26.47 -70.56
N GLY EA 190 -98.17 25.82 -70.18
CA GLY EA 190 -98.21 24.72 -69.23
C GLY EA 190 -98.92 23.48 -69.79
N ILE EA 191 -98.90 22.39 -69.04
CA ILE EA 191 -99.51 21.12 -69.42
C ILE EA 191 -101.05 21.18 -69.41
N SER EA 192 -101.64 22.11 -68.67
CA SER EA 192 -103.06 22.44 -68.75
C SER EA 192 -103.45 23.11 -70.08
N ASP EA 193 -102.60 23.98 -70.65
CA ASP EA 193 -102.78 24.52 -71.99
C ASP EA 193 -102.72 23.41 -73.03
N LEU EA 194 -101.74 22.53 -72.89
CA LEU EA 194 -101.51 21.42 -73.79
C LEU EA 194 -102.76 20.53 -73.91
N GLN EA 195 -103.40 20.15 -72.81
CA GLN EA 195 -104.65 19.40 -72.84
C GLN EA 195 -105.81 20.21 -73.42
N SER EA 196 -105.99 21.45 -72.98
CA SER EA 196 -107.08 22.34 -73.43
C SER EA 196 -107.08 22.56 -74.94
N LEU EA 197 -105.94 22.93 -75.50
CA LEU EA 197 -105.78 23.32 -76.88
C LEU EA 197 -105.78 22.12 -77.82
N ILE EA 198 -105.29 20.96 -77.40
CA ILE EA 198 -105.43 19.72 -78.15
C ILE EA 198 -106.87 19.22 -78.15
N GLU EA 199 -107.65 19.41 -77.09
CA GLU EA 199 -109.07 19.09 -77.11
C GLU EA 199 -109.87 19.93 -78.11
N GLN EA 200 -109.50 21.20 -78.29
CA GLN EA 200 -110.14 22.07 -79.28
C GLN EA 200 -109.85 21.64 -80.71
N ILE EA 201 -108.60 21.31 -81.06
CA ILE EA 201 -108.28 20.75 -82.38
C ILE EA 201 -109.02 19.43 -82.61
N SER EA 202 -109.02 18.52 -81.63
CA SER EA 202 -109.65 17.22 -81.77
C SER EA 202 -111.14 17.35 -82.09
N SER EA 203 -111.82 18.32 -81.49
CA SER EA 203 -113.23 18.59 -81.74
C SER EA 203 -113.50 19.17 -83.13
N ALA EA 204 -112.67 20.12 -83.57
CA ALA EA 204 -112.80 20.72 -84.88
C ALA EA 204 -112.46 19.74 -86.01
N ALA EA 205 -111.46 18.88 -85.80
CA ALA EA 205 -111.10 17.82 -86.72
C ALA EA 205 -112.22 16.78 -86.85
N ALA EA 206 -112.82 16.34 -85.75
CA ALA EA 206 -113.94 15.41 -85.77
C ALA EA 206 -115.16 15.98 -86.52
N ARG EA 207 -115.42 17.28 -86.37
CA ARG EA 207 -116.48 17.99 -87.11
C ARG EA 207 -116.16 18.14 -88.60
N GLY EA 208 -114.90 18.28 -88.96
CA GLY EA 208 -114.46 18.20 -90.36
C GLY EA 208 -114.73 16.83 -90.97
N GLY EA 209 -114.51 15.76 -90.22
CA GLY EA 209 -114.90 14.41 -90.60
C GLY EA 209 -116.40 14.28 -90.82
N PHE EA 210 -117.24 14.78 -89.91
CA PHE EA 210 -118.69 14.75 -90.11
C PHE EA 210 -119.12 15.60 -91.31
N ALA EA 211 -118.48 16.73 -91.57
CA ALA EA 211 -118.73 17.52 -92.76
C ALA EA 211 -118.43 16.75 -94.04
N TRP EA 212 -117.31 16.04 -94.08
CA TRP EA 212 -116.94 15.22 -95.24
C TRP EA 212 -117.92 14.06 -95.47
N ASP EA 213 -118.48 13.49 -94.41
CA ASP EA 213 -119.48 12.43 -94.51
C ASP EA 213 -120.78 12.94 -95.15
N ILE EA 214 -121.27 14.12 -94.75
CA ILE EA 214 -122.44 14.74 -95.37
C ILE EA 214 -122.21 15.02 -96.86
N LEU EA 215 -121.06 15.58 -97.23
CA LEU EA 215 -120.75 15.86 -98.63
C LEU EA 215 -120.60 14.57 -99.47
N GLY EA 216 -120.49 13.40 -98.82
CA GLY EA 216 -120.39 12.10 -99.44
C GLY EA 216 -121.72 11.37 -99.60
N ILE EA 217 -122.83 11.96 -99.16
CA ILE EA 217 -124.16 11.37 -99.35
C ILE EA 217 -124.56 11.49 -100.82
N GLN EA 218 -124.74 10.36 -101.49
CA GLN EA 218 -125.17 10.28 -102.90
C GLN EA 218 -126.69 10.10 -103.04
N ASN EA 219 -127.34 9.79 -101.93
CA ASN EA 219 -128.61 9.09 -101.81
C ASN EA 219 -129.70 9.96 -101.14
N ASN EA 220 -129.65 11.27 -101.35
CA ASN EA 220 -130.54 12.28 -100.79
C ASN EA 220 -131.15 13.24 -101.84
N LYS EA 221 -131.52 12.74 -103.02
CA LYS EA 221 -132.07 13.53 -104.11
C LYS EA 221 -133.59 13.35 -104.19
N LYS EA 222 -134.33 14.45 -104.33
CA LYS EA 222 -135.81 14.44 -104.27
C LYS EA 222 -136.42 13.63 -105.41
N PRO EA 223 -137.55 12.93 -105.22
CA PRO EA 223 -138.13 12.06 -106.24
C PRO EA 223 -138.59 12.81 -107.49
N LYS EA 224 -138.81 14.12 -107.37
CA LYS EA 224 -139.08 15.07 -108.46
C LYS EA 224 -137.93 15.20 -109.44
N SER EA 225 -136.73 14.74 -109.09
CA SER EA 225 -135.57 14.74 -109.97
C SER EA 225 -135.31 13.37 -110.62
N GLY EA 226 -136.09 12.36 -110.23
CA GLY EA 226 -135.93 10.96 -110.59
C GLY EA 226 -136.31 10.09 -109.40
N LEU EA 227 -137.11 9.05 -109.63
CA LEU EA 227 -137.71 8.27 -108.53
C LEU EA 227 -136.67 7.43 -107.77
N TYR EA 228 -135.61 7.00 -108.45
CA TYR EA 228 -134.47 6.32 -107.82
C TYR EA 228 -133.75 7.27 -106.86
N LYS EA 229 -133.34 6.77 -105.70
CA LYS EA 229 -132.91 7.64 -104.59
C LYS EA 229 -131.59 8.39 -104.82
N SER EA 230 -130.79 7.93 -105.78
CA SER EA 230 -129.57 8.59 -106.23
C SER EA 230 -129.74 9.45 -107.50
N GLU EA 231 -130.89 9.46 -108.18
CA GLU EA 231 -131.01 10.10 -109.49
C GLU EA 231 -131.07 11.64 -109.45
N ARG EA 232 -130.52 12.31 -110.47
CA ARG EA 232 -130.27 13.76 -110.49
C ARG EA 232 -130.82 14.42 -111.73
N GLY EA 233 -130.16 14.18 -112.86
CA GLY EA 233 -130.64 14.59 -114.19
C GLY EA 233 -130.51 16.07 -114.54
N ASN EA 234 -130.50 16.37 -115.84
CA ASN EA 234 -130.21 17.71 -116.37
C ASN EA 234 -131.34 18.72 -116.14
N PHE EA 235 -132.59 18.24 -116.02
CA PHE EA 235 -133.75 18.99 -115.56
C PHE EA 235 -134.50 18.20 -114.51
N ASP EA 236 -135.39 18.86 -113.78
CA ASP EA 236 -136.35 18.21 -112.89
C ASP EA 236 -137.57 17.70 -113.69
N LEU EA 237 -138.24 16.66 -113.22
CA LEU EA 237 -139.40 16.10 -113.92
C LEU EA 237 -140.59 17.06 -113.95
N ASP EA 238 -140.72 17.95 -112.97
CA ASP EA 238 -141.82 18.93 -112.89
C ASP EA 238 -141.66 20.11 -113.87
N THR EA 239 -140.63 20.14 -114.70
CA THR EA 239 -140.52 21.12 -115.80
C THR EA 239 -140.59 20.46 -117.18
N LEU EA 240 -140.90 19.17 -117.27
CA LEU EA 240 -141.12 18.50 -118.55
C LEU EA 240 -142.28 19.14 -119.31
N ASN EA 241 -142.06 19.52 -120.57
CA ASN EA 241 -143.13 19.77 -121.52
C ASN EA 241 -142.67 19.49 -122.95
N SER EA 242 -143.56 18.95 -123.77
CA SER EA 242 -143.22 18.59 -125.15
C SER EA 242 -142.08 17.57 -125.24
N THR EA 243 -141.60 17.31 -126.45
CA THR EA 243 -140.75 16.18 -126.78
C THR EA 243 -139.72 16.54 -127.83
N VAL EA 244 -138.71 15.69 -127.98
CA VAL EA 244 -137.78 15.73 -129.11
C VAL EA 244 -137.45 14.32 -129.53
N SER EA 245 -137.26 14.10 -130.83
CA SER EA 245 -137.21 12.75 -131.40
C SER EA 245 -135.81 12.39 -131.85
N VAL EA 246 -135.23 11.34 -131.27
CA VAL EA 246 -133.97 10.76 -131.73
C VAL EA 246 -134.28 10.04 -133.03
N ALA EA 247 -133.70 10.48 -134.14
CA ALA EA 247 -134.05 10.04 -135.48
C ALA EA 247 -132.80 9.88 -136.37
N PRO EA 248 -132.88 9.13 -137.49
CA PRO EA 248 -131.70 8.78 -138.28
C PRO EA 248 -130.96 10.01 -138.80
N GLY EA 249 -129.64 9.94 -138.85
CA GLY EA 249 -128.80 10.95 -139.47
C GLY EA 249 -128.62 12.27 -138.70
N THR EA 250 -129.39 12.52 -137.63
CA THR EA 250 -129.24 13.70 -136.78
C THR EA 250 -129.37 13.33 -135.31
N SER EA 251 -128.24 13.11 -134.64
CA SER EA 251 -128.21 12.80 -133.21
C SER EA 251 -128.39 14.06 -132.36
N ILE EA 252 -128.87 13.90 -131.13
CA ILE EA 252 -129.16 15.00 -130.20
C ILE EA 252 -128.36 14.89 -128.92
N ILE EA 253 -127.90 16.04 -128.44
CA ILE EA 253 -126.93 16.23 -127.37
C ILE EA 253 -127.58 16.99 -126.22
N ALA EA 254 -127.60 16.41 -125.02
CA ALA EA 254 -127.98 17.10 -123.79
C ALA EA 254 -126.72 17.37 -122.98
N PHE EA 255 -126.45 18.64 -122.65
CA PHE EA 255 -125.39 18.98 -121.73
C PHE EA 255 -125.86 18.92 -120.28
N ASP EA 256 -124.95 18.59 -119.36
CA ASP EA 256 -125.18 18.79 -117.94
C ASP EA 256 -123.88 19.11 -117.19
N VAL EA 257 -124.00 19.75 -116.03
CA VAL EA 257 -122.91 20.00 -115.08
C VAL EA 257 -123.10 19.15 -113.83
N ILE EA 258 -122.03 18.52 -113.37
CA ILE EA 258 -121.99 17.62 -112.22
C ILE EA 258 -121.86 18.44 -110.93
N GLU EA 259 -122.87 18.37 -110.07
CA GLU EA 259 -122.96 19.17 -108.83
C GLU EA 259 -121.96 18.73 -107.78
N GLN EA 260 -121.75 17.42 -107.69
CA GLN EA 260 -121.05 16.70 -106.64
C GLN EA 260 -120.30 15.52 -107.28
N SER EA 261 -119.04 15.26 -106.91
CA SER EA 261 -118.27 14.14 -107.45
C SER EA 261 -118.97 12.82 -107.14
N MET EA 262 -119.29 12.05 -108.16
CA MET EA 262 -120.02 10.79 -108.03
C MET EA 262 -119.72 9.84 -109.21
N PRO EA 263 -119.70 8.53 -108.99
CA PRO EA 263 -119.55 7.57 -110.07
C PRO EA 263 -120.88 7.41 -110.82
N ILE EA 264 -120.98 7.94 -112.04
CA ILE EA 264 -122.17 7.69 -112.87
C ILE EA 264 -122.18 6.21 -113.23
N GLY EA 265 -123.24 5.49 -112.88
CA GLY EA 265 -123.35 4.06 -113.14
C GLY EA 265 -124.68 3.66 -113.81
N LEU EA 266 -125.65 4.56 -113.83
CA LEU EA 266 -126.97 4.38 -114.41
C LEU EA 266 -127.39 5.66 -115.13
N ILE EA 267 -127.88 5.54 -116.36
CA ILE EA 267 -128.50 6.62 -117.13
C ILE EA 267 -129.98 6.28 -117.36
N THR EA 268 -130.88 7.26 -117.29
CA THR EA 268 -132.33 7.04 -117.38
C THR EA 268 -133.04 8.10 -118.22
N TRP EA 269 -134.20 7.74 -118.79
CA TRP EA 269 -135.06 8.66 -119.55
C TRP EA 269 -136.52 8.18 -119.59
N ILE EA 270 -137.43 9.12 -119.84
CA ILE EA 270 -138.82 8.79 -120.17
C ILE EA 270 -139.00 9.08 -121.65
N GLY EA 271 -139.46 8.07 -122.38
CA GLY EA 271 -139.70 8.19 -123.81
C GLY EA 271 -140.67 7.13 -124.30
N TRP EA 272 -140.82 7.04 -125.62
CA TRP EA 272 -141.70 6.08 -126.27
C TRP EA 272 -141.27 5.81 -127.70
N GLY EA 273 -141.79 4.73 -128.26
CA GLY EA 273 -141.52 4.30 -129.63
C GLY EA 273 -140.37 3.32 -129.73
N THR EA 274 -140.69 2.09 -130.16
CA THR EA 274 -139.72 1.02 -130.44
C THR EA 274 -139.78 0.52 -131.88
N SER EA 275 -140.94 0.62 -132.54
CA SER EA 275 -141.18 0.02 -133.86
C SER EA 275 -140.15 0.42 -134.91
N GLY EA 276 -139.59 -0.57 -135.59
CA GLY EA 276 -138.56 -0.42 -136.63
C GLY EA 276 -137.15 -0.11 -136.13
N ILE EA 277 -136.98 0.32 -134.88
CA ILE EA 277 -135.67 0.76 -134.37
C ILE EA 277 -134.70 -0.42 -134.27
N THR EA 278 -133.48 -0.20 -134.75
CA THR EA 278 -132.29 -1.01 -134.47
C THR EA 278 -131.13 -0.07 -134.13
N GLU EA 279 -130.05 -0.59 -133.56
CA GLU EA 279 -128.82 0.19 -133.39
C GLU EA 279 -128.99 1.48 -132.57
N PHE EA 280 -129.81 1.46 -131.51
CA PHE EA 280 -129.85 2.56 -130.55
C PHE EA 280 -128.55 2.63 -129.75
N TYR EA 281 -127.92 3.80 -129.68
CA TYR EA 281 -126.67 4.03 -128.97
C TYR EA 281 -126.74 5.29 -128.11
N ILE EA 282 -126.13 5.23 -126.94
CA ILE EA 282 -125.72 6.38 -126.14
C ILE EA 282 -124.19 6.47 -126.18
N ASN EA 283 -123.66 7.68 -126.32
CA ASN EA 283 -122.26 7.97 -126.07
C ASN EA 283 -122.14 9.23 -125.22
N VAL EA 284 -121.18 9.25 -124.31
CA VAL EA 284 -120.96 10.36 -123.35
C VAL EA 284 -119.60 10.96 -123.59
N TYR EA 285 -119.49 12.29 -123.55
CA TYR EA 285 -118.21 12.96 -123.74
C TYR EA 285 -118.05 14.17 -122.81
N ARG EA 286 -116.81 14.51 -122.49
CA ARG EA 286 -116.41 15.49 -121.47
C ARG EA 286 -115.98 16.79 -122.13
N CYS EA 287 -116.68 17.87 -121.82
CA CYS EA 287 -116.56 19.10 -122.59
C CYS EA 287 -115.35 19.94 -122.19
N VAL EA 288 -114.82 20.70 -123.15
CA VAL EA 288 -113.83 21.74 -122.91
C VAL EA 288 -114.50 22.93 -122.23
N ASP EA 289 -113.91 23.43 -121.15
CA ASP EA 289 -114.59 24.37 -120.26
C ASP EA 289 -114.49 25.85 -120.71
N ASP EA 290 -114.10 26.10 -121.95
CA ASP EA 290 -113.77 27.44 -122.49
C ASP EA 290 -114.36 27.65 -123.90
N ARG EA 291 -115.09 28.76 -124.08
CA ARG EA 291 -115.73 29.18 -125.33
C ARG EA 291 -114.73 29.38 -126.46
N SER EA 292 -113.58 29.98 -126.17
CA SER EA 292 -112.59 30.35 -127.18
C SER EA 292 -111.90 29.15 -127.85
N ASP EA 293 -111.90 27.98 -127.22
CA ASP EA 293 -111.14 26.83 -127.72
C ASP EA 293 -111.76 26.30 -129.02
N PRO EA 294 -110.99 25.92 -130.04
CA PRO EA 294 -111.57 25.29 -131.22
C PRO EA 294 -112.31 24.00 -130.89
N GLU EA 295 -111.89 23.26 -129.86
CA GLU EA 295 -112.50 22.00 -129.44
C GLU EA 295 -113.74 22.21 -128.57
N LEU EA 296 -114.62 21.22 -128.52
CA LEU EA 296 -115.85 21.22 -127.72
C LEU EA 296 -115.84 20.08 -126.71
N GLY EA 297 -115.27 18.91 -127.01
CA GLY EA 297 -115.12 17.85 -126.01
C GLY EA 297 -114.40 16.59 -126.47
N GLU EA 298 -114.04 15.74 -125.49
CA GLU EA 298 -113.36 14.46 -125.67
C GLU EA 298 -114.26 13.29 -125.28
N LEU EA 299 -114.37 12.24 -126.11
CA LEU EA 299 -115.18 11.07 -125.78
C LEU EA 299 -114.73 10.39 -124.50
N ILE EA 300 -115.72 9.93 -123.75
CA ILE EA 300 -115.53 9.17 -122.50
C ILE EA 300 -116.19 7.79 -122.56
N HIS EA 301 -117.40 7.66 -123.11
CA HIS EA 301 -118.14 6.40 -123.13
C HIS EA 301 -118.79 6.14 -124.48
N GLN EA 302 -118.72 4.89 -124.96
CA GLN EA 302 -119.52 4.37 -126.06
C GLN EA 302 -120.29 3.13 -125.62
N SER EA 303 -121.60 3.12 -125.77
CA SER EA 303 -122.39 1.89 -125.60
C SER EA 303 -122.23 0.91 -126.78
N GLU EA 304 -122.44 -0.38 -126.52
CA GLU EA 304 -122.93 -1.35 -127.51
C GLU EA 304 -124.42 -1.09 -127.84
N ASN EA 305 -125.08 -1.91 -128.66
CA ASN EA 305 -126.50 -1.72 -128.98
C ASN EA 305 -127.36 -1.67 -127.71
N ILE EA 306 -127.94 -0.52 -127.39
CA ILE EA 306 -128.93 -0.35 -126.33
C ILE EA 306 -130.33 -0.79 -126.81
N ALA EA 307 -130.48 -1.09 -128.10
CA ALA EA 307 -131.75 -1.31 -128.77
C ALA EA 307 -132.74 -2.22 -128.03
N GLY EA 308 -132.28 -3.27 -127.35
CA GLY EA 308 -133.15 -4.19 -126.62
C GLY EA 308 -133.84 -3.59 -125.39
N LEU EA 309 -133.33 -2.47 -124.86
CA LEU EA 309 -133.80 -1.86 -123.62
C LEU EA 309 -135.01 -0.94 -123.83
N LEU EA 310 -135.32 -0.56 -125.08
CA LEU EA 310 -136.36 0.42 -125.40
C LEU EA 310 -137.76 -0.08 -125.04
N ALA EA 311 -138.69 0.84 -124.77
CA ALA EA 311 -140.02 0.55 -124.23
C ALA EA 311 -141.10 0.34 -125.31
N GLY EA 312 -141.78 -0.80 -125.26
CA GLY EA 312 -142.73 -1.29 -126.29
C GLY EA 312 -144.10 -0.60 -126.33
N SER EA 313 -144.13 0.73 -126.25
CA SER EA 313 -145.37 1.54 -126.33
C SER EA 313 -145.12 2.91 -126.97
N ALA EA 314 -146.18 3.51 -127.50
CA ALA EA 314 -146.24 4.86 -128.08
C ALA EA 314 -147.10 5.85 -127.24
N SER EA 315 -147.57 5.45 -126.07
CA SER EA 315 -148.24 6.34 -125.11
C SER EA 315 -147.30 7.44 -124.58
N PRO EA 316 -147.80 8.50 -123.93
CA PRO EA 316 -147.01 9.62 -123.41
C PRO EA 316 -145.84 9.35 -122.45
N GLY EA 317 -145.60 8.12 -121.97
CA GLY EA 317 -144.31 7.81 -121.35
C GLY EA 317 -144.10 6.34 -120.98
N ALA EA 318 -142.84 5.91 -120.94
CA ALA EA 318 -142.36 4.71 -120.27
C ALA EA 318 -140.96 4.91 -119.68
N ASN EA 319 -140.66 4.32 -118.52
CA ASN EA 319 -139.38 4.43 -117.82
C ASN EA 319 -138.30 3.54 -118.46
N MET EA 320 -137.24 4.12 -119.01
CA MET EA 320 -136.08 3.40 -119.57
C MET EA 320 -134.81 3.72 -118.78
N ALA EA 321 -133.95 2.72 -118.68
CA ALA EA 321 -132.77 2.71 -117.83
C ALA EA 321 -131.63 1.97 -118.51
N TYR EA 322 -130.40 2.35 -118.23
CA TYR EA 322 -129.19 1.79 -118.82
C TYR EA 322 -128.04 1.78 -117.82
N GLU EA 323 -127.73 0.60 -117.27
CA GLU EA 323 -126.58 0.42 -116.38
C GLU EA 323 -125.27 0.35 -117.17
N LEU EA 324 -124.29 1.18 -116.82
CA LEU EA 324 -122.97 1.14 -117.46
C LEU EA 324 -122.22 -0.13 -117.01
N THR EA 325 -121.56 -0.83 -117.93
CA THR EA 325 -120.81 -2.06 -117.59
C THR EA 325 -119.66 -1.78 -116.63
N THR EA 326 -119.07 -0.59 -116.73
CA THR EA 326 -118.22 0.04 -115.70
C THR EA 326 -118.67 1.49 -115.52
N PRO EA 327 -118.75 2.01 -114.29
CA PRO EA 327 -119.06 3.43 -114.04
C PRO EA 327 -118.09 4.39 -114.73
N ILE EA 328 -118.47 5.65 -114.87
CA ILE EA 328 -117.58 6.75 -115.28
C ILE EA 328 -117.36 7.75 -114.16
N GLU EA 329 -116.11 8.16 -113.97
CA GLU EA 329 -115.70 9.04 -112.87
C GLU EA 329 -115.94 10.51 -113.23
N ALA EA 330 -117.18 10.94 -113.03
CA ALA EA 330 -117.56 12.34 -113.03
C ALA EA 330 -117.05 13.06 -111.76
N VAL EA 331 -116.69 14.33 -111.89
CA VAL EA 331 -116.12 15.15 -110.81
C VAL EA 331 -116.89 16.46 -110.66
N ALA EA 332 -116.96 17.03 -109.46
CA ALA EA 332 -117.67 18.27 -109.24
C ALA EA 332 -117.22 19.39 -110.19
N GLY EA 333 -118.17 20.13 -110.75
CA GLY EA 333 -117.91 21.19 -111.72
C GLY EA 333 -117.62 20.70 -113.14
N ASP EA 334 -117.58 19.39 -113.38
CA ASP EA 334 -117.40 18.84 -114.72
C ASP EA 334 -118.62 19.11 -115.60
N LEU EA 335 -118.40 19.36 -116.88
CA LEU EA 335 -119.42 19.59 -117.89
C LEU EA 335 -119.41 18.42 -118.87
N LEU EA 336 -120.51 17.69 -118.96
CA LEU EA 336 -120.64 16.48 -119.76
C LEU EA 336 -121.73 16.65 -120.81
N ALA EA 337 -121.55 15.99 -121.95
CA ALA EA 337 -122.55 15.88 -123.00
C ALA EA 337 -123.02 14.43 -123.15
N TYR EA 338 -124.32 14.21 -123.16
CA TYR EA 338 -124.95 12.93 -123.43
C TYR EA 338 -125.56 12.96 -124.82
N GLU EA 339 -125.07 12.10 -125.72
CA GLU EA 339 -125.55 11.99 -127.09
C GLU EA 339 -126.42 10.74 -127.28
N PHE EA 340 -127.54 10.91 -127.98
CA PHE EA 340 -128.45 9.83 -128.33
C PHE EA 340 -128.50 9.62 -129.85
N ILE EA 341 -128.38 8.36 -130.30
CA ILE EA 341 -128.35 7.92 -131.70
C ILE EA 341 -129.30 6.74 -131.90
N ALA EA 342 -129.96 6.64 -133.07
CA ALA EA 342 -130.84 5.53 -133.46
C ALA EA 342 -130.85 5.28 -134.98
N VAL EA 343 -131.21 4.07 -135.41
CA VAL EA 343 -131.47 3.71 -136.82
C VAL EA 343 -132.84 3.00 -136.95
N GLY EA 344 -133.51 3.14 -138.09
CA GLY EA 344 -134.72 2.36 -138.40
C GLY EA 344 -136.03 2.87 -137.79
N GLY EA 345 -135.99 3.90 -136.95
CA GLY EA 345 -137.18 4.53 -136.39
C GLY EA 345 -136.87 5.87 -135.72
N THR EA 346 -137.83 6.40 -134.97
CA THR EA 346 -137.80 7.76 -134.41
C THR EA 346 -138.23 7.74 -132.95
N HIS EA 347 -137.29 7.46 -132.04
CA HIS EA 347 -137.57 7.34 -130.61
C HIS EA 347 -137.95 8.70 -130.05
N THR EA 348 -139.05 8.80 -129.31
CA THR EA 348 -139.52 10.09 -128.80
C THR EA 348 -139.17 10.24 -127.33
N MET EA 349 -138.44 11.31 -126.98
CA MET EA 349 -137.99 11.59 -125.61
C MET EA 349 -138.85 12.71 -125.02
N ARG EA 350 -139.28 12.58 -123.77
CA ARG EA 350 -139.81 13.72 -123.00
C ARG EA 350 -138.68 14.75 -122.79
N GLY EA 351 -139.01 16.03 -122.85
CA GLY EA 351 -138.01 17.09 -122.83
C GLY EA 351 -138.56 18.43 -122.39
N ARG EA 352 -137.89 19.51 -122.77
CA ARG EA 352 -138.45 20.86 -122.73
C ARG EA 352 -138.04 21.67 -123.95
N ASP EA 353 -139.00 22.33 -124.57
CA ASP EA 353 -138.78 23.47 -125.46
C ASP EA 353 -138.64 24.72 -124.60
N PHE EA 354 -137.52 25.44 -124.70
CA PHE EA 354 -137.22 26.60 -123.85
C PHE EA 354 -137.61 27.97 -124.41
N ASN EA 355 -137.66 28.15 -125.74
CA ASN EA 355 -137.64 29.49 -126.36
C ASN EA 355 -136.46 30.35 -125.84
N LEU EA 356 -135.26 29.78 -125.79
CA LEU EA 356 -134.06 30.42 -125.26
C LEU EA 356 -133.15 30.90 -126.39
N PRO EA 357 -132.67 32.15 -126.36
CA PRO EA 357 -131.66 32.63 -127.30
C PRO EA 357 -130.27 32.04 -127.06
N ASP EA 358 -129.49 31.90 -128.13
CA ASP EA 358 -128.10 31.49 -128.05
C ASP EA 358 -127.27 32.54 -127.29
N ASN EA 359 -126.39 32.07 -126.43
CA ASN EA 359 -125.43 32.88 -125.69
C ASN EA 359 -124.07 32.72 -126.39
N ASP EA 360 -123.35 33.81 -126.62
CA ASP EA 360 -122.05 33.82 -127.29
C ASP EA 360 -120.85 33.78 -126.32
N GLY EA 361 -121.04 34.14 -125.05
CA GLY EA 361 -119.96 34.20 -124.04
C GLY EA 361 -119.79 32.92 -123.23
N ALA EA 362 -120.88 32.24 -122.91
CA ALA EA 362 -120.87 31.03 -122.09
C ALA EA 362 -120.20 29.85 -122.80
N PRO EA 363 -119.69 28.81 -122.10
CA PRO EA 363 -118.96 27.72 -122.74
C PRO EA 363 -119.86 26.78 -123.54
N ILE EA 364 -121.15 26.77 -123.21
CA ILE EA 364 -122.23 26.11 -123.95
C ILE EA 364 -123.10 27.19 -124.59
N GLY EA 365 -123.37 27.10 -125.90
CA GLY EA 365 -124.12 28.12 -126.62
C GLY EA 365 -125.60 28.18 -126.26
N ASN EA 366 -126.23 27.02 -126.04
CA ASN EA 366 -127.63 26.88 -125.67
C ASN EA 366 -127.82 25.51 -124.99
N VAL EA 367 -128.94 25.26 -124.34
CA VAL EA 367 -129.11 24.15 -123.38
C VAL EA 367 -128.85 22.74 -123.96
N GLY EA 368 -128.89 22.54 -125.27
CA GLY EA 368 -128.50 21.30 -125.95
C GLY EA 368 -127.86 21.53 -127.32
N ALA EA 369 -127.59 20.47 -128.08
CA ALA EA 369 -127.06 20.56 -129.44
C ALA EA 369 -127.42 19.35 -130.32
N THR EA 370 -127.07 19.34 -131.60
CA THR EA 370 -127.26 18.19 -132.51
C THR EA 370 -126.08 18.00 -133.46
N ARG EA 371 -125.87 16.77 -133.96
CA ARG EA 371 -124.84 16.45 -134.98
C ARG EA 371 -125.43 15.71 -136.18
N SER EA 372 -125.08 16.16 -137.38
CA SER EA 372 -125.48 15.54 -138.66
C SER EA 372 -124.61 14.33 -138.99
N LEU EA 373 -124.72 13.28 -138.16
CA LEU EA 373 -123.76 12.18 -138.08
C LEU EA 373 -123.49 11.45 -139.42
N SER EA 374 -122.21 11.10 -139.67
CA SER EA 374 -121.78 10.35 -140.86
C SER EA 374 -122.09 8.86 -140.77
N THR EA 375 -121.77 8.25 -139.63
CA THR EA 375 -121.80 6.79 -139.45
C THR EA 375 -122.10 6.47 -137.98
N PRO EA 376 -123.31 5.99 -137.64
CA PRO EA 376 -123.74 5.82 -136.24
C PRO EA 376 -122.97 4.75 -135.47
N SER EA 377 -122.26 3.88 -136.17
CA SER EA 377 -121.37 2.88 -135.59
C SER EA 377 -120.13 3.49 -134.91
N LEU EA 378 -119.74 4.73 -135.22
CA LEU EA 378 -118.44 5.27 -134.80
C LEU EA 378 -118.48 6.78 -134.46
N PRO EA 379 -118.55 7.16 -133.17
CA PRO EA 379 -118.46 8.55 -132.76
C PRO EA 379 -117.01 9.06 -132.78
N PRO EA 380 -116.76 10.33 -133.13
CA PRO EA 380 -115.42 10.88 -133.29
C PRO EA 380 -114.79 11.18 -131.92
N ALA EA 381 -113.55 10.77 -131.70
CA ALA EA 381 -112.86 10.89 -130.41
C ALA EA 381 -112.82 12.30 -129.82
N THR EA 382 -112.82 13.32 -130.68
CA THR EA 382 -112.92 14.74 -130.31
C THR EA 382 -113.98 15.44 -131.15
N LEU EA 383 -114.75 16.33 -130.53
CA LEU EA 383 -115.78 17.16 -131.18
C LEU EA 383 -115.39 18.63 -131.07
N ASP EA 384 -115.83 19.47 -131.99
CA ASP EA 384 -115.34 20.85 -132.11
C ASP EA 384 -116.48 21.87 -132.21
N LYS EA 385 -116.17 23.15 -132.01
CA LYS EA 385 -117.17 24.23 -131.94
C LYS EA 385 -117.98 24.43 -133.22
N ALA EA 386 -117.64 23.79 -134.34
CA ALA EA 386 -118.34 23.93 -135.62
C ALA EA 386 -119.02 22.62 -136.07
N ASP EA 387 -118.53 21.46 -135.67
CA ASP EA 387 -119.08 20.16 -136.10
C ASP EA 387 -120.48 19.83 -135.51
N VAL EA 388 -120.97 20.65 -134.57
CA VAL EA 388 -122.18 20.44 -133.75
C VAL EA 388 -122.93 21.77 -133.64
N THR EA 389 -124.27 21.77 -133.67
CA THR EA 389 -125.10 22.99 -133.66
C THR EA 389 -126.02 23.09 -132.44
N TRP EA 390 -126.08 24.26 -131.81
CA TRP EA 390 -126.85 24.49 -130.59
C TRP EA 390 -128.36 24.43 -130.79
N THR EA 391 -129.11 23.89 -129.83
CA THR EA 391 -130.58 23.85 -129.86
C THR EA 391 -131.18 24.03 -128.46
N ASP EA 392 -132.42 24.53 -128.41
CA ASP EA 392 -133.15 24.86 -127.19
C ASP EA 392 -134.41 24.00 -127.02
N ASN EA 393 -134.53 22.89 -127.74
CA ASN EA 393 -135.43 21.79 -127.39
C ASN EA 393 -134.57 20.56 -127.06
N VAL EA 394 -134.64 20.07 -125.82
CA VAL EA 394 -133.60 19.21 -125.24
C VAL EA 394 -134.23 18.05 -124.50
N PRO EA 395 -133.70 16.81 -124.58
CA PRO EA 395 -134.27 15.68 -123.86
C PRO EA 395 -133.88 15.72 -122.39
N ARG EA 396 -134.73 15.18 -121.51
CA ARG EA 396 -134.30 14.96 -120.12
C ARG EA 396 -133.50 13.66 -120.02
N VAL EA 397 -132.29 13.76 -119.52
CA VAL EA 397 -131.44 12.61 -119.18
C VAL EA 397 -131.19 12.60 -117.69
N GLY EA 398 -131.51 11.50 -117.03
CA GLY EA 398 -131.18 11.23 -115.64
C GLY EA 398 -129.84 10.51 -115.49
N ILE EA 399 -129.15 10.75 -114.38
CA ILE EA 399 -127.96 10.01 -113.96
C ILE EA 399 -128.10 9.59 -112.50
N ALA EA 400 -127.62 8.40 -112.16
CA ALA EA 400 -127.65 7.83 -110.82
C ALA EA 400 -126.45 6.89 -110.60
N VAL EA 401 -126.14 6.56 -109.35
CA VAL EA 401 -125.01 5.67 -109.01
C VAL EA 401 -125.34 4.21 -109.31
N ASP EA 402 -126.41 3.69 -108.72
CA ASP EA 402 -127.00 2.40 -109.05
C ASP EA 402 -128.46 2.36 -108.59
N THR EA 403 -129.22 1.36 -109.04
CA THR EA 403 -130.66 1.24 -108.77
C THR EA 403 -131.00 1.04 -107.30
N GLY EA 404 -130.04 0.60 -106.48
CA GLY EA 404 -130.22 0.29 -105.07
C GLY EA 404 -130.17 1.50 -104.15
N THR EA 405 -130.57 1.27 -102.90
CA THR EA 405 -130.53 2.28 -101.84
C THR EA 405 -129.37 1.95 -100.89
N GLY EA 406 -128.44 2.88 -100.75
CA GLY EA 406 -127.10 2.65 -100.22
C GLY EA 406 -126.09 3.44 -101.05
N SER EA 407 -124.88 2.90 -101.23
CA SER EA 407 -123.82 3.51 -102.05
C SER EA 407 -123.36 4.93 -101.67
N ASP EA 408 -123.74 5.42 -100.48
CA ASP EA 408 -123.08 6.55 -99.83
C ASP EA 408 -121.66 6.19 -99.44
N HIS EA 409 -120.69 7.05 -99.77
CA HIS EA 409 -119.30 6.83 -99.39
C HIS EA 409 -119.06 7.26 -97.94
N HIS EA 410 -118.32 6.45 -97.19
CA HIS EA 410 -118.10 6.66 -95.77
C HIS EA 410 -116.77 6.00 -95.38
N ASP EA 411 -115.69 6.76 -95.31
CA ASP EA 411 -114.37 6.20 -95.04
C ASP EA 411 -114.18 5.85 -93.54
N PRO EA 412 -113.26 4.93 -93.21
CA PRO EA 412 -113.34 4.12 -91.99
C PRO EA 412 -113.26 4.86 -90.66
N GLN EA 413 -113.94 4.31 -89.65
CA GLN EA 413 -113.88 4.71 -88.24
C GLN EA 413 -112.99 3.73 -87.50
N VAL EA 414 -112.08 4.21 -86.66
CA VAL EA 414 -111.04 3.41 -86.00
C VAL EA 414 -111.08 3.61 -84.50
N GLU EA 415 -111.01 2.54 -83.75
CA GLU EA 415 -111.02 2.55 -82.29
C GLU EA 415 -109.93 1.63 -81.72
N PHE EA 416 -109.36 2.01 -80.59
CA PHE EA 416 -108.29 1.26 -79.93
C PHE EA 416 -108.70 0.88 -78.52
N PHE EA 417 -108.40 -0.34 -78.08
CA PHE EA 417 -108.75 -0.85 -76.76
C PHE EA 417 -107.55 -1.47 -76.05
N GLU EA 418 -107.45 -1.29 -74.74
CA GLU EA 418 -106.71 -2.19 -73.85
C GLU EA 418 -107.54 -2.55 -72.61
N LYS EA 419 -108.17 -1.56 -71.98
CA LYS EA 419 -109.19 -1.75 -70.93
C LYS EA 419 -110.37 -2.56 -71.48
N PRO EA 420 -110.94 -3.54 -70.75
CA PRO EA 420 -112.11 -4.28 -71.20
C PRO EA 420 -113.32 -3.39 -71.51
N VAL EA 421 -113.97 -3.56 -72.65
CA VAL EA 421 -115.05 -2.67 -73.17
C VAL EA 421 -116.01 -3.40 -74.11
N ALA EA 422 -117.20 -2.85 -74.29
CA ALA EA 422 -118.17 -3.26 -75.31
C ALA EA 422 -118.73 -2.05 -76.05
N ILE EA 423 -118.90 -2.13 -77.37
CA ILE EA 423 -119.40 -1.04 -78.23
C ILE EA 423 -120.38 -1.55 -79.29
N PRO EA 424 -121.36 -0.75 -79.74
CA PRO EA 424 -122.25 -1.13 -80.81
C PRO EA 424 -121.53 -1.11 -82.17
N VAL EA 425 -121.79 -2.08 -83.03
CA VAL EA 425 -121.32 -2.05 -84.43
C VAL EA 425 -122.20 -1.08 -85.22
N PRO EA 426 -121.65 -0.06 -85.91
CA PRO EA 426 -122.44 0.91 -86.66
C PRO EA 426 -123.30 0.33 -87.79
N ALA EA 427 -124.38 1.03 -88.13
CA ALA EA 427 -125.31 0.60 -89.17
C ALA EA 427 -124.72 0.71 -90.58
N TRP EA 428 -123.84 1.67 -90.81
CA TRP EA 428 -123.39 2.05 -92.14
C TRP EA 428 -122.32 1.14 -92.72
N CYS EA 429 -121.65 0.31 -91.92
CA CYS EA 429 -120.48 -0.47 -92.33
C CYS EA 429 -120.84 -1.92 -92.64
N ASP EA 430 -120.37 -2.47 -93.76
CA ASP EA 430 -120.53 -3.89 -94.07
C ASP EA 430 -119.35 -4.75 -93.56
N ARG EA 431 -118.23 -4.15 -93.10
CA ARG EA 431 -117.03 -4.91 -92.69
C ARG EA 431 -116.39 -4.37 -91.42
N ILE EA 432 -115.92 -5.26 -90.55
CA ILE EA 432 -115.13 -4.95 -89.36
C ILE EA 432 -113.73 -5.56 -89.52
N ASP EA 433 -112.69 -4.76 -89.45
CA ASP EA 433 -111.29 -5.19 -89.54
C ASP EA 433 -110.61 -4.99 -88.18
N ALA EA 434 -109.90 -6.00 -87.67
CA ALA EA 434 -109.22 -5.89 -86.38
C ALA EA 434 -107.82 -6.49 -86.37
N ILE EA 435 -106.91 -5.86 -85.64
CA ILE EA 435 -105.58 -6.34 -85.23
C ILE EA 435 -105.60 -6.56 -83.71
N VAL EA 436 -105.18 -7.71 -83.22
CA VAL EA 436 -105.21 -8.08 -81.80
C VAL EA 436 -103.82 -8.52 -81.34
N THR EA 437 -103.42 -8.11 -80.13
CA THR EA 437 -102.12 -8.47 -79.55
C THR EA 437 -102.27 -9.20 -78.22
N GLY EA 438 -101.37 -10.14 -77.91
CA GLY EA 438 -101.27 -10.75 -76.59
C GLY EA 438 -100.47 -9.92 -75.58
N LYS EA 439 -100.49 -10.30 -74.31
CA LYS EA 439 -99.55 -9.80 -73.28
C LYS EA 439 -98.12 -10.01 -73.74
N GLY EA 440 -97.21 -9.12 -73.38
CA GLY EA 440 -95.79 -9.44 -73.37
C GLY EA 440 -95.43 -10.33 -72.19
N GLY EA 441 -94.27 -10.99 -72.26
CA GLY EA 441 -93.74 -11.75 -71.13
C GLY EA 441 -93.17 -10.87 -70.02
N GLU EA 442 -93.24 -11.32 -68.77
CA GLU EA 442 -92.54 -10.65 -67.65
C GLU EA 442 -91.03 -10.95 -67.75
N GLY EA 443 -90.14 -9.99 -67.52
CA GLY EA 443 -88.69 -10.21 -67.61
C GLY EA 443 -88.11 -10.93 -66.40
N ALA EA 444 -86.94 -11.56 -66.52
CA ALA EA 444 -86.28 -12.25 -65.42
C ALA EA 444 -85.46 -11.30 -64.53
N ASP EA 445 -85.26 -11.63 -63.25
CA ASP EA 445 -84.40 -10.85 -62.34
C ASP EA 445 -82.92 -11.17 -62.57
N GLY EA 446 -82.00 -10.23 -62.32
CA GLY EA 446 -80.55 -10.47 -62.38
C GLY EA 446 -79.96 -10.92 -61.05
N PHE EA 447 -78.72 -11.44 -61.06
CA PHE EA 447 -78.06 -12.00 -59.88
C PHE EA 447 -76.89 -11.16 -59.40
N LEU EA 448 -75.71 -11.36 -59.95
CA LEU EA 448 -74.46 -10.64 -59.69
C LEU EA 448 -73.50 -11.06 -60.79
N GLY EA 449 -73.25 -10.19 -61.76
CA GLY EA 449 -72.51 -10.57 -62.97
C GLY EA 449 -73.36 -11.29 -64.01
N PHE EA 450 -74.68 -11.34 -63.79
CA PHE EA 450 -75.68 -11.83 -64.73
C PHE EA 450 -76.88 -10.88 -64.80
N TYR EA 451 -77.29 -10.55 -66.00
CA TYR EA 451 -78.57 -9.91 -66.33
C TYR EA 451 -79.68 -10.96 -66.41
N GLY EA 452 -80.93 -10.59 -66.23
CA GLY EA 452 -82.05 -11.46 -66.58
C GLY EA 452 -82.34 -11.46 -68.08
N ASN EA 453 -82.89 -12.54 -68.62
CA ASN EA 453 -83.47 -12.55 -69.96
C ASN EA 453 -84.79 -11.75 -70.02
N PRO EA 454 -85.05 -10.95 -71.07
CA PRO EA 454 -86.32 -10.27 -71.21
C PRO EA 454 -87.44 -11.22 -71.62
N GLY EA 455 -88.67 -10.87 -71.31
CA GLY EA 455 -89.83 -11.59 -71.83
C GLY EA 455 -90.00 -11.37 -73.33
N GLN EA 456 -90.70 -12.27 -74.02
CA GLN EA 456 -90.96 -12.13 -75.45
C GLN EA 456 -92.16 -11.22 -75.71
N PRO EA 457 -92.22 -10.50 -76.84
CA PRO EA 457 -93.41 -9.74 -77.20
C PRO EA 457 -94.58 -10.66 -77.52
N GLY EA 458 -95.79 -10.17 -77.30
CA GLY EA 458 -97.02 -10.90 -77.59
C GLY EA 458 -97.18 -11.15 -79.08
N SER EA 459 -97.90 -12.21 -79.42
CA SER EA 459 -98.22 -12.53 -80.81
C SER EA 459 -99.24 -11.54 -81.38
N VAL EA 460 -99.32 -11.39 -82.70
CA VAL EA 460 -100.28 -10.50 -83.38
C VAL EA 460 -101.19 -11.29 -84.31
N ASN EA 461 -102.51 -11.16 -84.14
CA ASN EA 461 -103.51 -11.82 -84.97
C ASN EA 461 -104.44 -10.78 -85.63
N THR EA 462 -105.10 -11.14 -86.73
CA THR EA 462 -105.97 -10.24 -87.50
C THR EA 462 -107.20 -10.95 -88.05
N VAL EA 463 -108.31 -10.24 -88.26
CA VAL EA 463 -109.51 -10.77 -88.94
C VAL EA 463 -110.28 -9.67 -89.65
N THR EA 464 -111.01 -10.04 -90.71
CA THR EA 464 -112.13 -9.24 -91.21
C THR EA 464 -113.43 -10.02 -91.00
N TRP EA 465 -114.38 -9.45 -90.29
CA TRP EA 465 -115.75 -9.96 -90.20
C TRP EA 465 -116.66 -9.17 -91.14
N THR EA 466 -117.53 -9.86 -91.87
CA THR EA 466 -118.38 -9.28 -92.93
C THR EA 466 -119.86 -9.38 -92.56
N ARG EA 467 -120.62 -8.31 -92.79
CA ARG EA 467 -122.05 -8.22 -92.51
C ARG EA 467 -122.85 -9.21 -93.34
N GLY EA 468 -123.96 -9.68 -92.82
CA GLY EA 468 -124.79 -10.73 -93.41
C GLY EA 468 -124.21 -12.13 -93.21
N GLU EA 469 -122.90 -12.29 -93.38
CA GLU EA 469 -122.19 -13.55 -93.09
C GLU EA 469 -121.95 -13.75 -91.58
N HIS EA 470 -121.16 -12.89 -90.94
CA HIS EA 470 -120.74 -13.05 -89.53
C HIS EA 470 -121.62 -12.32 -88.51
N PHE EA 471 -122.29 -11.24 -88.91
CA PHE EA 471 -123.21 -10.47 -88.06
C PHE EA 471 -124.35 -9.88 -88.87
N SER EA 472 -125.53 -9.75 -88.28
CA SER EA 472 -126.68 -9.09 -88.91
C SER EA 472 -127.59 -8.43 -87.87
N GLY EA 473 -128.31 -7.39 -88.30
CA GLY EA 473 -129.27 -6.67 -87.47
C GLY EA 473 -128.65 -5.67 -86.49
N THR EA 474 -129.40 -4.65 -86.13
CA THR EA 474 -128.93 -3.47 -85.38
C THR EA 474 -128.64 -3.71 -83.90
N THR EA 475 -128.85 -4.94 -83.42
CA THR EA 475 -128.52 -5.35 -82.03
C THR EA 475 -127.01 -5.63 -81.85
N THR EA 476 -126.26 -5.76 -82.94
CA THR EA 476 -124.88 -6.28 -82.93
C THR EA 476 -123.94 -5.46 -82.04
N ILE EA 477 -123.27 -6.14 -81.12
CA ILE EA 477 -122.30 -5.59 -80.16
C ILE EA 477 -120.94 -6.26 -80.34
N LEU EA 478 -119.88 -5.49 -80.19
CA LEU EA 478 -118.48 -5.90 -80.29
C LEU EA 478 -117.85 -5.78 -78.89
N GLU EA 479 -117.29 -6.86 -78.39
CA GLU EA 479 -116.83 -6.96 -76.99
C GLU EA 479 -115.34 -7.35 -76.92
N TRP EA 480 -114.56 -6.57 -76.18
CA TRP EA 480 -113.15 -6.80 -75.89
C TRP EA 480 -112.97 -7.14 -74.42
N ASP EA 481 -112.48 -8.34 -74.13
CA ASP EA 481 -112.33 -8.86 -72.76
C ASP EA 481 -110.91 -8.69 -72.20
N GLY EA 482 -110.08 -7.83 -72.80
CA GLY EA 482 -108.69 -7.64 -72.39
C GLY EA 482 -107.72 -8.70 -72.89
N ALA EA 483 -108.21 -9.70 -73.64
CA ALA EA 483 -107.40 -10.76 -74.24
C ALA EA 483 -108.04 -11.40 -75.48
N GLU EA 484 -109.37 -11.44 -75.58
CA GLU EA 484 -110.08 -11.78 -76.81
C GLU EA 484 -111.02 -10.67 -77.26
N LEU EA 485 -111.09 -10.45 -78.58
CA LEU EA 485 -112.02 -9.58 -79.27
C LEU EA 485 -113.11 -10.45 -79.88
N SER EA 486 -114.38 -10.12 -79.69
CA SER EA 486 -115.48 -11.03 -80.01
C SER EA 486 -116.75 -10.31 -80.47
N ILE EA 487 -117.55 -11.03 -81.24
CA ILE EA 487 -118.92 -10.70 -81.66
C ILE EA 487 -119.78 -11.96 -81.48
N PRO EA 488 -121.12 -11.88 -81.42
CA PRO EA 488 -121.97 -13.06 -81.29
C PRO EA 488 -121.59 -14.19 -82.26
N GLY EA 489 -121.04 -15.28 -81.73
CA GLY EA 489 -120.62 -16.47 -82.49
C GLY EA 489 -119.19 -16.50 -83.04
N PHE EA 490 -118.35 -15.46 -82.86
CA PHE EA 490 -116.95 -15.48 -83.30
C PHE EA 490 -116.01 -14.75 -82.34
N GLU EA 491 -114.75 -15.19 -82.22
CA GLU EA 491 -113.74 -14.51 -81.40
C GLU EA 491 -112.31 -14.66 -81.93
N VAL EA 492 -111.45 -13.68 -81.62
CA VAL EA 492 -110.05 -13.63 -82.01
C VAL EA 492 -109.18 -13.24 -80.84
N SER EA 493 -108.07 -13.94 -80.68
CA SER EA 493 -107.04 -13.71 -79.67
C SER EA 493 -105.67 -14.04 -80.26
N ALA EA 494 -104.59 -13.59 -79.64
CA ALA EA 494 -103.21 -13.84 -80.06
C ALA EA 494 -102.40 -14.30 -78.85
N ALA EA 495 -101.49 -15.27 -79.01
CA ALA EA 495 -100.85 -15.89 -77.85
C ALA EA 495 -99.92 -14.95 -77.07
N ASN EA 496 -100.05 -14.96 -75.74
CA ASN EA 496 -99.20 -14.22 -74.81
C ASN EA 496 -97.72 -14.62 -74.93
N GLY EA 497 -96.83 -13.64 -74.91
CA GLY EA 497 -95.40 -13.84 -75.04
C GLY EA 497 -94.81 -14.58 -73.84
N SER EA 498 -93.88 -15.49 -74.07
CA SER EA 498 -93.24 -16.28 -73.03
C SER EA 498 -92.45 -15.41 -72.05
N ASN EA 499 -92.53 -15.72 -70.76
CA ASN EA 499 -91.76 -15.03 -69.73
C ASN EA 499 -90.25 -15.20 -69.93
N GLY EA 500 -89.47 -14.25 -69.44
CA GLY EA 500 -88.02 -14.39 -69.37
C GLY EA 500 -87.66 -15.52 -68.42
N SER EA 501 -86.96 -16.52 -68.93
CA SER EA 501 -86.43 -17.63 -68.14
C SER EA 501 -84.93 -17.53 -68.06
N GLY EA 502 -84.37 -17.64 -66.86
CA GLY EA 502 -82.93 -17.67 -66.66
C GLY EA 502 -82.23 -16.34 -66.93
N GLN EA 503 -80.92 -16.43 -67.08
CA GLN EA 503 -79.99 -15.30 -66.97
C GLN EA 503 -79.00 -15.29 -68.12
N ARG EA 504 -78.51 -14.09 -68.43
CA ARG EA 504 -77.51 -13.77 -69.43
C ARG EA 504 -76.23 -13.28 -68.74
N PRO EA 505 -75.05 -13.83 -69.04
CA PRO EA 505 -73.80 -13.29 -68.49
C PRO EA 505 -73.51 -11.91 -69.06
N VAL EA 506 -72.91 -11.02 -68.27
CA VAL EA 506 -72.64 -9.61 -68.63
C VAL EA 506 -71.95 -9.44 -69.98
N ALA EA 507 -71.02 -10.32 -70.32
CA ALA EA 507 -70.29 -10.25 -71.59
C ALA EA 507 -71.16 -10.35 -72.85
N LEU EA 508 -72.39 -10.86 -72.76
CA LEU EA 508 -73.36 -10.92 -73.85
C LEU EA 508 -74.12 -9.59 -74.06
N GLY EA 509 -73.92 -8.58 -73.21
CA GLY EA 509 -74.50 -7.23 -73.39
C GLY EA 509 -75.95 -7.06 -72.93
N LYS EA 510 -76.38 -5.82 -72.77
CA LYS EA 510 -77.68 -5.44 -72.18
C LYS EA 510 -78.85 -6.22 -72.78
N PRO EA 511 -79.79 -6.73 -71.96
CA PRO EA 511 -81.03 -7.29 -72.47
C PRO EA 511 -81.90 -6.19 -73.08
N VAL EA 512 -82.69 -6.51 -74.10
CA VAL EA 512 -83.64 -5.58 -74.73
C VAL EA 512 -85.05 -6.17 -74.69
N GLY EA 513 -86.01 -5.46 -74.10
CA GLY EA 513 -87.41 -5.87 -74.09
C GLY EA 513 -88.04 -5.54 -75.43
N LYS EA 514 -88.11 -6.51 -76.34
CA LYS EA 514 -88.51 -6.27 -77.72
C LYS EA 514 -89.99 -5.88 -77.81
N GLY EA 515 -90.32 -4.88 -78.61
CA GLY EA 515 -91.69 -4.44 -78.83
C GLY EA 515 -92.41 -5.18 -79.94
N ILE EA 516 -93.75 -5.08 -79.98
CA ILE EA 516 -94.53 -5.51 -81.14
C ILE EA 516 -94.30 -4.56 -82.31
N GLU EA 517 -93.88 -5.09 -83.45
CA GLU EA 517 -93.61 -4.31 -84.67
C GLU EA 517 -94.88 -3.75 -85.30
N GLU EA 518 -94.74 -2.72 -86.13
CA GLU EA 518 -95.88 -2.13 -86.85
C GLU EA 518 -96.54 -3.15 -87.78
N VAL EA 519 -97.86 -3.30 -87.67
CA VAL EA 519 -98.70 -4.10 -88.56
C VAL EA 519 -99.69 -3.21 -89.31
N GLU EA 520 -99.79 -3.39 -90.63
CA GLU EA 520 -100.79 -2.78 -91.50
C GLU EA 520 -101.81 -3.85 -91.91
N TYR EA 521 -103.11 -3.56 -91.86
CA TYR EA 521 -104.15 -4.51 -92.24
C TYR EA 521 -105.37 -3.76 -92.77
N ASN EA 522 -105.63 -3.86 -94.08
CA ASN EA 522 -106.74 -3.20 -94.76
C ASN EA 522 -106.85 -1.68 -94.48
N GLY EA 523 -105.72 -1.00 -94.27
CA GLY EA 523 -105.67 0.43 -93.97
C GLY EA 523 -105.75 0.78 -92.50
N LEU EA 524 -106.12 -0.16 -91.63
CA LEU EA 524 -105.83 -0.07 -90.21
C LEU EA 524 -104.32 -0.23 -90.01
N LYS EA 525 -103.71 0.52 -89.09
CA LYS EA 525 -102.36 0.25 -88.63
C LYS EA 525 -102.21 0.36 -87.13
N LEU EA 526 -101.52 -0.61 -86.56
CA LEU EA 526 -101.10 -0.67 -85.16
C LEU EA 526 -99.71 -0.04 -85.06
N ALA EA 527 -99.59 1.12 -84.41
CA ALA EA 527 -98.31 1.80 -84.25
C ALA EA 527 -97.33 0.91 -83.49
N ALA EA 528 -96.08 0.80 -83.97
CA ALA EA 528 -95.06 -0.03 -83.34
C ALA EA 528 -94.87 0.33 -81.87
N GLY EA 529 -94.98 -0.66 -80.98
CA GLY EA 529 -94.47 -0.49 -79.62
C GLY EA 529 -92.95 -0.46 -79.72
N GLY EA 530 -92.30 0.60 -79.21
CA GLY EA 530 -90.85 0.66 -79.20
C GLY EA 530 -90.23 -0.43 -78.32
N ASP EA 531 -88.96 -0.75 -78.55
CA ASP EA 531 -88.19 -1.63 -77.67
C ASP EA 531 -87.93 -0.95 -76.32
N GLN EA 532 -87.81 -1.71 -75.24
CA GLN EA 532 -87.50 -1.24 -73.89
C GLN EA 532 -86.02 -1.48 -73.59
N HIS EA 533 -85.27 -0.43 -73.30
CA HIS EA 533 -83.84 -0.48 -72.99
C HIS EA 533 -83.48 -0.24 -71.52
N ALA EA 534 -84.41 0.20 -70.67
CA ALA EA 534 -84.17 0.32 -69.24
C ALA EA 534 -84.14 -1.06 -68.58
N TYR EA 535 -83.19 -1.33 -67.69
CA TYR EA 535 -83.15 -2.60 -66.94
C TYR EA 535 -84.39 -2.74 -66.07
N GLY EA 536 -85.07 -3.87 -66.14
CA GLY EA 536 -86.30 -4.11 -65.39
C GLY EA 536 -87.46 -3.21 -65.81
N GLY EA 537 -87.34 -2.50 -66.93
CA GLY EA 537 -88.38 -1.62 -67.44
C GLY EA 537 -89.60 -2.40 -67.91
N ALA EA 538 -90.78 -1.84 -67.66
CA ALA EA 538 -92.03 -2.39 -68.12
C ALA EA 538 -92.05 -2.47 -69.65
N GLY EA 539 -92.62 -3.53 -70.20
CA GLY EA 539 -92.84 -3.66 -71.63
C GLY EA 539 -93.79 -2.60 -72.15
N THR EA 540 -93.53 -2.12 -73.35
CA THR EA 540 -94.32 -1.07 -74.01
C THR EA 540 -95.68 -1.59 -74.48
N LYS EA 541 -96.73 -0.78 -74.36
CA LYS EA 541 -98.01 -1.04 -75.03
C LYS EA 541 -97.83 -0.84 -76.53
N PRO EA 542 -98.31 -1.72 -77.42
CA PRO EA 542 -98.97 -2.99 -77.17
C PRO EA 542 -98.00 -4.15 -76.93
N GLY EA 543 -98.31 -5.01 -75.97
CA GLY EA 543 -97.75 -6.36 -75.84
C GLY EA 543 -96.23 -6.52 -75.83
N GLY EA 544 -95.43 -5.50 -75.55
CA GLY EA 544 -93.98 -5.59 -75.61
C GLY EA 544 -93.38 -6.44 -74.50
N GLY EA 545 -92.25 -7.08 -74.75
CA GLY EA 545 -91.58 -7.88 -73.73
C GLY EA 545 -91.06 -7.03 -72.58
N GLY EA 546 -91.33 -7.42 -71.34
CA GLY EA 546 -90.78 -6.75 -70.17
C GLY EA 546 -89.29 -7.00 -70.07
N ASN EA 547 -88.49 -5.96 -69.83
CA ASN EA 547 -87.04 -6.10 -69.91
C ASN EA 547 -86.48 -6.83 -68.69
N GLY EA 548 -85.33 -7.47 -68.88
CA GLY EA 548 -84.62 -8.20 -67.84
C GLY EA 548 -83.93 -7.28 -66.85
N GLY EA 549 -83.74 -7.77 -65.63
CA GLY EA 549 -83.12 -7.01 -64.55
C GLY EA 549 -81.60 -7.03 -64.56
N HIS EA 550 -81.03 -6.01 -63.90
CA HIS EA 550 -79.66 -5.93 -63.43
C HIS EA 550 -79.54 -6.56 -62.04
N TRP EA 551 -78.60 -6.13 -61.19
CA TRP EA 551 -78.48 -6.54 -59.80
C TRP EA 551 -78.31 -5.40 -58.79
N LEU EA 552 -78.24 -4.13 -59.20
CA LEU EA 552 -78.17 -3.02 -58.24
C LEU EA 552 -79.54 -2.34 -58.06
N GLY EA 553 -80.08 -2.45 -56.85
CA GLY EA 553 -81.16 -1.62 -56.35
C GLY EA 553 -82.47 -1.79 -57.10
N ILE EA 554 -83.10 -0.69 -57.50
CA ILE EA 554 -84.39 -0.72 -58.20
C ILE EA 554 -84.32 -1.44 -59.54
N TYR EA 555 -83.11 -1.62 -60.11
CA TYR EA 555 -82.89 -2.35 -61.35
C TYR EA 555 -82.85 -3.86 -61.19
N THR EA 556 -82.93 -4.40 -59.98
CA THR EA 556 -82.84 -5.85 -59.72
C THR EA 556 -83.98 -6.65 -60.33
N GLN EA 557 -85.23 -6.23 -60.13
CA GLN EA 557 -86.41 -6.96 -60.58
C GLN EA 557 -86.58 -6.89 -62.09
N GLY EA 558 -87.06 -7.95 -62.72
CA GLY EA 558 -87.48 -7.90 -64.12
C GLY EA 558 -88.77 -7.09 -64.28
N GLY EA 559 -88.98 -6.52 -65.46
CA GLY EA 559 -90.13 -5.65 -65.70
C GLY EA 559 -91.41 -6.40 -66.03
N PRO EA 560 -92.60 -5.84 -65.76
CA PRO EA 560 -93.85 -6.44 -66.17
C PRO EA 560 -94.01 -6.36 -67.69
N GLY EA 561 -94.64 -7.37 -68.28
CA GLY EA 561 -94.91 -7.42 -69.70
C GLY EA 561 -95.92 -6.37 -70.13
N GLY EA 562 -95.79 -5.86 -71.35
CA GLY EA 562 -96.68 -4.83 -71.88
C GLY EA 562 -98.12 -5.31 -72.01
N PRO EA 563 -99.12 -4.43 -71.83
CA PRO EA 563 -100.52 -4.80 -71.83
C PRO EA 563 -101.02 -5.18 -73.23
N ALA EA 564 -101.92 -6.16 -73.29
CA ALA EA 564 -102.60 -6.59 -74.50
C ALA EA 564 -103.55 -5.51 -75.02
N CYS EA 565 -103.58 -5.29 -76.34
CA CYS EA 565 -104.30 -4.19 -76.96
C CYS EA 565 -104.83 -4.60 -78.33
N ALA EA 566 -105.97 -4.03 -78.72
CA ALA EA 566 -106.62 -4.27 -79.99
C ALA EA 566 -106.87 -2.95 -80.72
N ALA EA 567 -106.67 -2.96 -82.02
CA ALA EA 567 -107.05 -1.89 -82.92
C ALA EA 567 -108.15 -2.42 -83.84
N VAL EA 568 -109.30 -1.75 -83.90
CA VAL EA 568 -110.45 -2.19 -84.67
C VAL EA 568 -110.97 -1.06 -85.56
N GLN EA 569 -111.47 -1.41 -86.74
CA GLN EA 569 -111.95 -0.49 -87.75
C GLN EA 569 -113.30 -0.93 -88.29
N PHE EA 570 -114.21 0.02 -88.45
CA PHE EA 570 -115.45 -0.15 -89.18
C PHE EA 570 -115.26 0.42 -90.57
N ARG EA 571 -115.55 -0.37 -91.59
CA ARG EA 571 -115.19 -0.09 -92.98
C ARG EA 571 -116.37 -0.39 -93.89
N LYS EA 572 -116.60 0.48 -94.86
CA LYS EA 572 -117.67 0.34 -95.86
C LYS EA 572 -117.09 0.06 -97.24
N GLY EA 573 -117.66 -0.91 -97.93
CA GLY EA 573 -117.24 -1.38 -99.25
C GLY EA 573 -116.17 -2.46 -99.21
N ALA EA 574 -116.16 -3.31 -100.23
CA ALA EA 574 -115.04 -4.21 -100.48
C ALA EA 574 -113.76 -3.43 -100.80
N LEU EA 575 -112.62 -4.06 -100.57
CA LEU EA 575 -111.31 -3.63 -101.06
C LEU EA 575 -110.95 -4.45 -102.31
N PRO EA 576 -109.91 -4.08 -103.08
CA PRO EA 576 -109.46 -4.81 -104.27
C PRO EA 576 -109.19 -6.32 -104.08
N GLY EA 577 -108.88 -6.79 -102.87
CA GLY EA 577 -108.95 -8.21 -102.52
C GLY EA 577 -110.25 -8.54 -101.79
N GLU EA 578 -111.17 -9.24 -102.44
CA GLU EA 578 -112.56 -9.33 -101.98
C GLU EA 578 -112.84 -10.40 -100.92
N VAL EA 579 -111.94 -11.39 -100.75
CA VAL EA 579 -112.29 -12.70 -100.19
C VAL EA 579 -112.88 -12.62 -98.78
N VAL EA 580 -114.11 -13.07 -98.61
CA VAL EA 580 -114.77 -13.19 -97.30
C VAL EA 580 -114.19 -14.38 -96.55
N GLY EA 581 -113.63 -14.15 -95.36
CA GLY EA 581 -113.01 -15.19 -94.53
C GLY EA 581 -114.01 -16.04 -93.76
N ASP EA 582 -113.50 -17.06 -93.07
CA ASP EA 582 -114.31 -17.93 -92.20
C ASP EA 582 -114.70 -17.27 -90.86
N GLY EA 583 -114.11 -16.13 -90.53
CA GLY EA 583 -114.38 -15.37 -89.31
C GLY EA 583 -113.55 -15.78 -88.10
N GLU EA 584 -112.60 -16.70 -88.25
CA GLU EA 584 -111.55 -16.93 -87.26
C GLU EA 584 -110.27 -16.17 -87.65
N GLY EA 585 -109.36 -15.98 -86.70
CA GLY EA 585 -108.00 -15.52 -87.01
C GLY EA 585 -107.17 -16.63 -87.67
N ASP EA 586 -105.86 -16.50 -87.73
CA ASP EA 586 -105.02 -17.67 -88.00
C ASP EA 586 -105.05 -18.63 -86.82
N VAL EA 587 -105.63 -19.80 -87.01
CA VAL EA 587 -105.66 -20.91 -86.03
C VAL EA 587 -104.66 -22.01 -86.39
N THR EA 588 -104.23 -22.07 -87.65
CA THR EA 588 -103.32 -23.09 -88.18
C THR EA 588 -101.84 -22.84 -87.86
N PRO EA 589 -101.16 -23.77 -87.15
CA PRO EA 589 -99.71 -23.83 -87.09
C PRO EA 589 -99.01 -23.87 -88.45
N PRO EA 590 -97.73 -23.45 -88.57
CA PRO EA 590 -96.98 -23.54 -89.82
C PRO EA 590 -96.90 -24.95 -90.40
N ASN EA 591 -96.82 -25.05 -91.73
CA ASN EA 591 -96.66 -26.33 -92.41
C ASN EA 591 -95.20 -26.84 -92.30
N VAL EA 592 -94.97 -27.85 -91.48
CA VAL EA 592 -93.65 -28.47 -91.24
C VAL EA 592 -93.39 -29.75 -92.05
N SER EA 593 -94.26 -30.10 -93.01
CA SER EA 593 -94.07 -31.29 -93.87
C SER EA 593 -92.84 -31.23 -94.78
N ALA EA 594 -92.15 -30.09 -94.85
CA ALA EA 594 -90.88 -29.89 -95.56
C ALA EA 594 -89.78 -29.27 -94.67
N LEU EA 595 -89.90 -29.37 -93.34
CA LEU EA 595 -88.91 -28.88 -92.37
C LEU EA 595 -87.56 -29.58 -92.56
N HIS EA 596 -86.49 -28.82 -92.71
CA HIS EA 596 -85.12 -29.31 -92.81
C HIS EA 596 -84.22 -28.62 -91.80
N VAL EA 597 -83.33 -29.37 -91.17
CA VAL EA 597 -82.53 -28.91 -90.04
C VAL EA 597 -81.08 -29.32 -90.25
N ASP EA 598 -80.22 -28.37 -90.57
CA ASP EA 598 -78.77 -28.60 -90.56
C ASP EA 598 -78.29 -28.74 -89.12
N VAL EA 599 -77.45 -29.74 -88.86
CA VAL EA 599 -76.85 -30.01 -87.56
C VAL EA 599 -75.33 -30.04 -87.68
N SER EA 600 -74.64 -29.48 -86.70
CA SER EA 600 -73.19 -29.46 -86.57
C SER EA 600 -72.80 -29.70 -85.11
N ALA EA 601 -71.55 -30.08 -84.84
CA ALA EA 601 -71.14 -30.60 -83.53
C ALA EA 601 -69.71 -30.21 -83.15
N THR EA 602 -69.46 -30.16 -81.84
CA THR EA 602 -68.14 -30.25 -81.21
C THR EA 602 -68.11 -31.49 -80.32
N SER EA 603 -67.15 -31.63 -79.41
CA SER EA 603 -67.21 -32.67 -78.38
C SER EA 603 -68.32 -32.43 -77.35
N THR EA 604 -68.66 -31.18 -77.03
CA THR EA 604 -69.55 -30.83 -75.90
C THR EA 604 -70.71 -29.92 -76.30
N SER EA 605 -70.96 -29.73 -77.59
CA SER EA 605 -72.08 -28.93 -78.08
C SER EA 605 -72.62 -29.42 -79.42
N ILE EA 606 -73.92 -29.18 -79.64
CA ILE EA 606 -74.61 -29.36 -80.90
C ILE EA 606 -75.11 -27.99 -81.36
N THR EA 607 -74.79 -27.60 -82.59
CA THR EA 607 -75.28 -26.36 -83.21
C THR EA 607 -76.33 -26.70 -84.25
N ILE EA 608 -77.46 -25.99 -84.24
CA ILE EA 608 -78.63 -26.31 -85.08
C ILE EA 608 -79.05 -25.09 -85.89
N THR EA 609 -79.35 -25.29 -87.17
CA THR EA 609 -79.81 -24.26 -88.11
C THR EA 609 -81.07 -24.77 -88.83
N PRO EA 610 -82.28 -24.45 -88.32
CA PRO EA 610 -83.53 -24.93 -88.89
C PRO EA 610 -83.96 -24.11 -90.12
N SER EA 611 -84.76 -24.71 -91.01
CA SER EA 611 -85.22 -24.06 -92.25
C SER EA 611 -86.49 -24.67 -92.88
N GLY EA 612 -87.20 -23.87 -93.68
CA GLY EA 612 -88.04 -24.34 -94.78
C GLY EA 612 -89.53 -24.60 -94.48
N ALA EA 613 -90.05 -24.27 -93.31
CA ALA EA 613 -91.44 -24.57 -92.93
C ALA EA 613 -92.46 -23.87 -93.83
N ASP FA 4 -7.68 28.48 24.02
CA ASP FA 4 -6.83 29.33 23.14
C ASP FA 4 -7.44 29.47 21.74
N GLN FA 5 -6.91 30.39 20.93
CA GLN FA 5 -7.58 30.84 19.71
C GLN FA 5 -7.59 29.85 18.54
N TRP FA 6 -6.77 28.79 18.56
CA TRP FA 6 -6.81 27.75 17.52
C TRP FA 6 -7.43 26.46 18.02
N VAL FA 7 -8.36 25.94 17.22
CA VAL FA 7 -9.15 24.73 17.40
C VAL FA 7 -9.25 24.09 16.02
N PRO FA 8 -9.09 22.77 15.85
CA PRO FA 8 -9.22 22.16 14.55
C PRO FA 8 -10.68 22.18 14.08
N ASP FA 9 -10.91 22.24 12.77
CA ASP FA 9 -12.27 22.13 12.23
C ASP FA 9 -12.84 20.73 12.53
N VAL FA 10 -14.11 20.64 12.95
CA VAL FA 10 -14.76 19.35 13.20
C VAL FA 10 -14.90 18.58 11.89
N PRO FA 11 -14.37 17.34 11.77
CA PRO FA 11 -14.54 16.53 10.57
C PRO FA 11 -16.01 16.21 10.28
N ASP FA 12 -16.35 15.95 9.02
CA ASP FA 12 -17.70 15.55 8.67
C ASP FA 12 -18.08 14.26 9.40
N GLY FA 13 -19.23 14.26 10.06
CA GLY FA 13 -19.75 13.09 10.78
C GLY FA 13 -19.00 12.68 12.06
N ALA FA 14 -18.08 13.48 12.58
CA ALA FA 14 -17.43 13.21 13.85
C ALA FA 14 -18.41 13.21 15.02
N PHE FA 15 -18.23 12.32 15.99
CA PHE FA 15 -19.00 12.31 17.22
C PHE FA 15 -18.59 13.48 18.10
N VAL FA 16 -19.56 14.13 18.72
CA VAL FA 16 -19.42 15.26 19.64
C VAL FA 16 -20.33 14.99 20.83
N ILE FA 17 -20.13 15.68 21.95
CA ILE FA 17 -20.92 15.41 23.15
C ILE FA 17 -22.43 15.48 22.90
N GLY FA 18 -23.13 14.43 23.32
CA GLY FA 18 -24.52 14.16 22.99
C GLY FA 18 -24.68 13.05 21.95
N GLY FA 19 -23.67 12.82 21.13
CA GLY FA 19 -23.50 11.61 20.31
C GLY FA 19 -23.94 11.69 18.87
N GLY FA 20 -24.37 12.86 18.38
CA GLY FA 20 -24.92 13.03 17.04
C GLY FA 20 -26.26 12.30 16.84
N ASP FA 21 -26.64 12.07 15.59
CA ASP FA 21 -27.86 11.34 15.26
C ASP FA 21 -27.81 9.91 15.80
N TYR FA 22 -26.75 9.18 15.48
CA TYR FA 22 -26.68 7.74 15.69
C TYR FA 22 -26.11 7.32 17.06
N ARG FA 23 -26.07 8.24 18.03
CA ARG FA 23 -25.73 7.98 19.44
C ARG FA 23 -24.36 7.31 19.63
N TYR FA 24 -23.32 8.00 19.19
CA TYR FA 24 -21.94 7.51 19.11
C TYR FA 24 -21.78 6.30 18.17
N GLY FA 25 -22.74 6.07 17.29
CA GLY FA 25 -22.78 4.96 16.35
C GLY FA 25 -23.53 3.73 16.82
N GLN FA 26 -24.05 3.73 18.05
CA GLN FA 26 -24.80 2.60 18.60
C GLN FA 26 -26.15 2.41 17.92
N ASP FA 27 -26.77 3.49 17.42
CA ASP FA 27 -28.01 3.44 16.66
C ASP FA 27 -27.80 3.25 15.15
N MET FA 28 -26.57 3.09 14.68
CA MET FA 28 -26.32 2.71 13.29
C MET FA 28 -26.78 1.27 13.06
N THR FA 29 -27.30 0.98 11.88
CA THR FA 29 -27.74 -0.36 11.47
C THR FA 29 -27.31 -0.60 10.03
N GLU FA 30 -27.26 -1.86 9.61
CA GLU FA 30 -27.01 -2.21 8.22
C GLU FA 30 -28.08 -1.64 7.28
N ASP FA 31 -29.34 -1.60 7.71
CA ASP FA 31 -30.44 -1.02 6.93
C ASP FA 31 -30.24 0.46 6.65
N ILE FA 32 -29.88 1.26 7.66
CA ILE FA 32 -29.63 2.69 7.48
C ILE FA 32 -28.40 2.89 6.60
N ALA FA 33 -27.31 2.16 6.86
CA ALA FA 33 -26.08 2.28 6.09
C ALA FA 33 -26.29 1.96 4.60
N ARG FA 34 -26.96 0.85 4.29
CA ARG FA 34 -27.27 0.47 2.90
C ARG FA 34 -28.13 1.49 2.19
N SER FA 35 -29.08 2.13 2.88
CA SER FA 35 -29.93 3.18 2.31
C SER FA 35 -29.15 4.39 1.79
N LEU FA 36 -27.91 4.62 2.24
CA LEU FA 36 -27.07 5.71 1.79
C LEU FA 36 -26.38 5.46 0.44
N PHE FA 37 -26.06 4.21 0.11
CA PHE FA 37 -25.29 3.86 -1.09
C PHE FA 37 -26.05 3.00 -2.10
N GLN FA 38 -27.05 2.22 -1.71
CA GLN FA 38 -27.86 1.45 -2.65
C GLN FA 38 -28.88 2.31 -3.38
N VAL FA 39 -29.24 1.90 -4.60
CA VAL FA 39 -30.40 2.44 -5.31
C VAL FA 39 -31.69 1.88 -4.67
N PRO FA 40 -32.72 2.68 -4.38
CA PRO FA 40 -33.97 2.20 -3.83
C PRO FA 40 -34.62 1.07 -4.64
N ASP FA 41 -35.42 0.22 -4.01
CA ASP FA 41 -36.27 -0.71 -4.75
C ASP FA 41 -37.33 0.10 -5.51
N PHE FA 42 -37.30 0.06 -6.85
CA PHE FA 42 -38.12 0.91 -7.71
C PHE FA 42 -38.97 0.12 -8.69
N ASN FA 43 -40.05 0.75 -9.13
CA ASN FA 43 -41.06 0.22 -10.02
C ASN FA 43 -41.74 1.39 -10.73
N PRO FA 44 -42.51 1.17 -11.81
CA PRO FA 44 -43.13 2.23 -12.59
C PRO FA 44 -44.06 3.17 -11.80
N ALA FA 45 -44.61 2.74 -10.67
CA ALA FA 45 -45.41 3.61 -9.81
C ALA FA 45 -44.57 4.55 -8.92
N ASN FA 46 -43.29 4.24 -8.68
CA ASN FA 46 -42.42 4.97 -7.75
C ASN FA 46 -41.30 5.74 -8.47
N ALA FA 47 -41.00 5.41 -9.73
CA ALA FA 47 -39.77 5.81 -10.41
C ALA FA 47 -39.48 7.33 -10.38
N LEU FA 48 -40.47 8.18 -10.63
CA LEU FA 48 -40.24 9.63 -10.63
C LEU FA 48 -40.15 10.24 -9.22
N LEU FA 49 -40.48 9.49 -8.17
CA LEU FA 49 -40.12 9.85 -6.79
C LEU FA 49 -38.72 9.36 -6.43
N VAL FA 50 -38.28 8.24 -7.00
CA VAL FA 50 -36.93 7.70 -6.81
C VAL FA 50 -35.88 8.57 -7.51
N LEU FA 51 -36.17 9.10 -8.69
CA LEU FA 51 -35.23 9.94 -9.45
C LEU FA 51 -34.68 11.16 -8.66
N PRO FA 52 -35.48 12.02 -8.00
CA PRO FA 52 -34.93 13.15 -7.26
C PRO FA 52 -34.11 12.74 -6.03
N GLN FA 53 -34.41 11.60 -5.40
CA GLN FA 53 -33.59 11.06 -4.31
C GLN FA 53 -32.19 10.71 -4.80
N LEU FA 54 -32.09 10.08 -5.96
CA LEU FA 54 -30.82 9.81 -6.62
C LEU FA 54 -30.07 11.09 -6.98
N LEU FA 55 -30.76 12.11 -7.52
CA LEU FA 55 -30.09 13.36 -7.90
C LEU FA 55 -29.56 14.13 -6.68
N LEU FA 56 -30.25 14.09 -5.55
CA LEU FA 56 -29.79 14.74 -4.32
C LEU FA 56 -28.48 14.18 -3.75
N ARG FA 57 -28.06 12.96 -4.11
CA ARG FA 57 -26.74 12.43 -3.74
C ARG FA 57 -25.60 13.07 -4.55
N LEU FA 58 -25.87 13.61 -5.74
CA LEU FA 58 -24.84 14.03 -6.69
C LEU FA 58 -24.15 15.34 -6.29
N PRO FA 59 -22.88 15.55 -6.67
CA PRO FA 59 -22.18 16.79 -6.39
C PRO FA 59 -22.73 17.93 -7.23
N LEU FA 60 -22.62 19.16 -6.73
CA LEU FA 60 -23.24 20.31 -7.37
C LEU FA 60 -22.69 20.56 -8.79
N GLU FA 61 -21.40 20.41 -9.00
CA GLU FA 61 -20.81 20.64 -10.32
C GLU FA 61 -21.07 19.51 -11.34
N ALA FA 62 -21.65 18.37 -10.94
CA ALA FA 62 -22.28 17.45 -11.87
C ALA FA 62 -23.67 17.95 -12.32
N LEU FA 63 -24.50 18.44 -11.40
CA LEU FA 63 -25.84 18.97 -11.74
C LEU FA 63 -25.78 20.29 -12.52
N GLN FA 64 -24.78 21.14 -12.30
CA GLN FA 64 -24.66 22.40 -13.03
C GLN FA 64 -24.47 22.23 -14.55
N LYS FA 65 -24.17 21.02 -15.05
CA LYS FA 65 -24.15 20.74 -16.49
C LYS FA 65 -25.54 20.72 -17.16
N PHE FA 66 -26.62 20.78 -16.38
CA PHE FA 66 -28.00 20.98 -16.87
C PHE FA 66 -28.44 22.45 -16.97
N LYS FA 67 -27.68 23.43 -16.45
CA LYS FA 67 -28.04 24.86 -16.49
C LYS FA 67 -28.43 25.35 -17.89
N ASP FA 68 -27.62 25.05 -18.90
CA ASP FA 68 -27.78 25.56 -20.26
C ASP FA 68 -28.83 24.82 -21.10
N PHE FA 69 -29.68 24.01 -20.47
CA PHE FA 69 -30.65 23.14 -21.12
C PHE FA 69 -32.07 23.34 -20.57
N ILE FA 70 -32.22 23.62 -19.28
CA ILE FA 70 -33.53 23.84 -18.64
C ILE FA 70 -34.10 25.24 -18.93
N PRO FA 71 -35.33 25.38 -19.43
CA PRO FA 71 -35.97 26.69 -19.60
C PRO FA 71 -36.49 27.24 -18.28
N ASN FA 72 -36.67 28.56 -18.21
CA ASN FA 72 -37.30 29.27 -17.09
C ASN FA 72 -36.64 29.03 -15.70
N VAL FA 73 -35.33 28.87 -15.63
CA VAL FA 73 -34.61 28.68 -14.36
C VAL FA 73 -34.74 29.89 -13.44
N LEU FA 74 -35.10 29.67 -12.17
CA LEU FA 74 -35.19 30.73 -11.16
C LEU FA 74 -33.81 31.28 -10.79
N GLU FA 75 -33.72 32.57 -10.45
CA GLU FA 75 -32.45 33.27 -10.26
C GLU FA 75 -31.59 32.63 -9.16
N GLY FA 76 -30.43 32.09 -9.53
CA GLY FA 76 -29.50 31.44 -8.61
C GLY FA 76 -29.90 30.02 -8.16
N ALA FA 77 -30.85 29.35 -8.81
CA ALA FA 77 -31.34 28.05 -8.35
C ALA FA 77 -30.25 26.99 -8.29
N PHE FA 78 -29.30 27.02 -9.21
CA PHE FA 78 -28.16 26.10 -9.27
C PHE FA 78 -27.03 26.43 -8.28
N ASN FA 79 -27.19 27.39 -7.39
CA ASN FA 79 -26.22 27.68 -6.34
C ASN FA 79 -26.19 26.60 -5.25
N THR FA 80 -27.23 25.78 -5.10
CA THR FA 80 -27.27 24.65 -4.15
C THR FA 80 -27.90 23.40 -4.77
N VAL FA 81 -27.63 22.24 -4.19
CA VAL FA 81 -28.04 20.93 -4.74
C VAL FA 81 -29.56 20.77 -4.71
N ALA FA 82 -30.20 21.14 -3.61
CA ALA FA 82 -31.67 21.08 -3.50
C ALA FA 82 -32.36 21.98 -4.54
N GLY FA 83 -31.86 23.20 -4.72
CA GLY FA 83 -32.35 24.12 -5.75
C GLY FA 83 -32.10 23.62 -7.17
N ALA FA 84 -30.97 22.99 -7.44
CA ALA FA 84 -30.68 22.38 -8.73
C ALA FA 84 -31.66 21.24 -9.03
N VAL FA 85 -31.92 20.34 -8.08
CA VAL FA 85 -32.85 19.22 -8.29
C VAL FA 85 -34.26 19.74 -8.50
N ASP FA 86 -34.70 20.79 -7.79
CA ASP FA 86 -35.97 21.44 -8.09
C ASP FA 86 -36.02 21.97 -9.53
N ALA FA 87 -34.95 22.58 -10.03
CA ALA FA 87 -34.91 23.05 -11.41
C ALA FA 87 -34.96 21.88 -12.42
N ILE FA 88 -34.28 20.77 -12.16
CA ILE FA 88 -34.30 19.59 -13.01
C ILE FA 88 -35.69 18.94 -13.02
N MET FA 89 -36.32 18.73 -11.86
CA MET FA 89 -37.67 18.21 -11.79
C MET FA 89 -38.72 19.13 -12.41
N GLY FA 90 -38.49 20.44 -12.46
CA GLY FA 90 -39.35 21.39 -13.16
C GLY FA 90 -39.37 21.20 -14.68
N ALA FA 91 -38.31 20.64 -15.26
CA ALA FA 91 -38.20 20.37 -16.68
C ALA FA 91 -38.75 19.00 -17.10
N ILE FA 92 -39.05 18.09 -16.18
CA ILE FA 92 -39.59 16.78 -16.52
C ILE FA 92 -41.00 16.91 -17.10
N ARG FA 93 -41.29 16.23 -18.22
CA ARG FA 93 -42.65 16.08 -18.77
C ARG FA 93 -43.07 14.62 -18.77
N GLU FA 94 -44.34 14.34 -18.51
CA GLU FA 94 -44.82 13.00 -18.19
C GLU FA 94 -45.28 12.17 -19.41
N THR FA 95 -44.50 12.21 -20.48
CA THR FA 95 -44.64 11.32 -21.65
C THR FA 95 -43.24 10.97 -22.20
N PRO FA 96 -43.05 9.77 -22.78
CA PRO FA 96 -41.79 9.41 -23.39
C PRO FA 96 -41.35 10.40 -24.47
N ARG FA 97 -40.04 10.56 -24.65
CA ARG FA 97 -39.45 11.38 -25.73
C ARG FA 97 -39.91 10.93 -27.11
N VAL FA 98 -40.08 9.62 -27.31
CA VAL FA 98 -40.56 9.04 -28.57
C VAL FA 98 -42.01 9.44 -28.86
N LEU FA 99 -42.90 9.39 -27.87
CA LEU FA 99 -44.31 9.75 -28.08
C LEU FA 99 -44.45 11.24 -28.39
N GLU FA 100 -43.67 12.09 -27.74
CA GLU FA 100 -43.59 13.51 -28.11
C GLU FA 100 -43.15 13.70 -29.56
N GLN FA 101 -42.11 12.99 -30.00
CA GLN FA 101 -41.58 13.20 -31.33
C GLN FA 101 -42.46 12.61 -32.42
N ILE FA 102 -43.16 11.50 -32.19
CA ILE FA 102 -44.24 11.02 -33.06
C ILE FA 102 -45.32 12.10 -33.17
N LEU FA 103 -45.83 12.61 -32.05
CA LEU FA 103 -46.83 13.69 -32.05
C LEU FA 103 -46.34 14.98 -32.72
N SER FA 104 -45.03 15.22 -32.79
CA SER FA 104 -44.48 16.40 -33.47
C SER FA 104 -44.55 16.29 -34.99
N TYR FA 105 -44.50 15.06 -35.52
CA TYR FA 105 -44.56 14.78 -36.96
C TYR FA 105 -46.01 14.65 -37.44
N LEU FA 106 -46.87 14.05 -36.60
CA LEU FA 106 -48.25 13.73 -36.93
C LEU FA 106 -49.15 14.01 -35.70
N PRO FA 107 -49.65 15.24 -35.54
CA PRO FA 107 -50.41 15.68 -34.36
C PRO FA 107 -51.69 14.90 -34.09
N GLN FA 108 -52.19 14.95 -32.86
CA GLN FA 108 -53.39 14.21 -32.47
C GLN FA 108 -54.63 14.62 -33.27
N GLU FA 109 -54.82 15.91 -33.52
CA GLU FA 109 -55.99 16.39 -34.28
C GLU FA 109 -55.99 15.86 -35.72
N LEU FA 110 -54.81 15.71 -36.33
CA LEU FA 110 -54.66 15.10 -37.65
C LEU FA 110 -54.88 13.60 -37.58
N ARG FA 111 -54.26 12.94 -36.59
CA ARG FA 111 -54.40 11.51 -36.30
C ARG FA 111 -55.85 11.09 -36.07
N ASP FA 112 -56.67 11.94 -35.45
CA ASP FA 112 -58.11 11.69 -35.28
C ASP FA 112 -58.85 11.77 -36.62
N GLU FA 113 -58.65 12.83 -37.41
CA GLU FA 113 -59.27 12.95 -38.73
C GLU FA 113 -58.85 11.84 -39.69
N LEU FA 114 -57.61 11.35 -39.61
CA LEU FA 114 -57.15 10.22 -40.41
C LEU FA 114 -57.78 8.89 -39.99
N GLU FA 115 -58.28 8.72 -38.77
CA GLU FA 115 -58.80 7.42 -38.33
C GLU FA 115 -60.01 6.97 -39.16
N HIS FA 116 -60.82 7.93 -39.65
CA HIS FA 116 -61.98 7.65 -40.49
C HIS FA 116 -61.82 8.01 -41.97
N ALA FA 117 -60.78 8.72 -42.39
CA ALA FA 117 -60.69 9.27 -43.75
C ALA FA 117 -60.85 8.20 -44.84
N ALA FA 118 -60.21 7.05 -44.70
CA ALA FA 118 -60.34 5.95 -45.65
C ALA FA 118 -61.77 5.38 -45.69
N ALA FA 119 -62.43 5.28 -44.54
CA ALA FA 119 -63.81 4.82 -44.44
C ALA FA 119 -64.82 5.82 -45.02
N ARG FA 120 -64.60 7.12 -44.83
CA ARG FA 120 -65.46 8.16 -45.41
C ARG FA 120 -65.53 8.11 -46.94
N ILE FA 121 -64.46 7.77 -47.63
CA ILE FA 121 -64.52 7.58 -49.09
C ILE FA 121 -65.50 6.46 -49.46
N GLY FA 122 -65.47 5.35 -48.73
CA GLY FA 122 -66.39 4.23 -48.92
C GLY FA 122 -67.85 4.59 -48.57
N ALA FA 123 -68.06 5.34 -47.50
CA ALA FA 123 -69.36 5.91 -47.16
C ALA FA 123 -69.90 6.85 -48.25
N VAL FA 124 -69.05 7.70 -48.83
CA VAL FA 124 -69.44 8.58 -49.94
C VAL FA 124 -69.76 7.77 -51.20
N ILE FA 125 -69.03 6.71 -51.53
CA ILE FA 125 -69.42 5.80 -52.61
C ILE FA 125 -70.77 5.13 -52.31
N ASP FA 126 -71.00 4.62 -51.10
CA ASP FA 126 -72.27 4.04 -50.71
C ASP FA 126 -73.43 5.03 -50.78
N ALA FA 127 -73.20 6.30 -50.42
CA ALA FA 127 -74.21 7.34 -50.54
C ALA FA 127 -74.59 7.61 -52.00
N ILE FA 128 -73.64 7.64 -52.92
CA ILE FA 128 -73.91 7.93 -54.34
C ILE FA 128 -74.69 6.79 -55.01
N VAL FA 129 -74.34 5.53 -54.77
CA VAL FA 129 -74.99 4.37 -55.38
C VAL FA 129 -76.42 4.21 -54.88
N GLN FA 130 -76.67 4.44 -53.59
CA GLN FA 130 -78.00 4.39 -53.03
C GLN FA 130 -78.89 5.50 -53.57
N ALA FA 131 -78.42 6.73 -53.65
CA ALA FA 131 -79.19 7.83 -54.20
C ALA FA 131 -79.52 7.61 -55.69
N LEU FA 132 -78.54 7.25 -56.51
CA LEU FA 132 -78.70 7.16 -57.96
C LEU FA 132 -79.34 5.86 -58.46
N THR FA 133 -79.27 4.75 -57.72
CA THR FA 133 -79.82 3.44 -58.14
C THR FA 133 -80.64 2.70 -57.09
N GLY FA 134 -80.77 3.23 -55.88
CA GLY FA 134 -81.70 2.72 -54.87
C GLY FA 134 -81.26 1.48 -54.10
N THR FA 135 -79.99 1.09 -54.15
CA THR FA 135 -79.46 -0.04 -53.36
C THR FA 135 -79.61 0.20 -51.85
N LEU FA 136 -79.80 -0.85 -51.07
CA LEU FA 136 -79.86 -0.82 -49.61
C LEU FA 136 -78.69 -1.60 -48.97
N ASN FA 137 -77.58 -1.66 -49.69
CA ASN FA 137 -76.35 -2.38 -49.34
C ASN FA 137 -75.25 -1.41 -48.89
N ILE FA 138 -74.11 -1.96 -48.49
CA ILE FA 138 -72.92 -1.21 -48.07
C ILE FA 138 -71.67 -1.85 -48.70
N GLY FA 139 -70.57 -1.12 -48.80
CA GLY FA 139 -69.31 -1.63 -49.35
C GLY FA 139 -69.26 -1.68 -50.88
N HIS FA 140 -69.90 -0.76 -51.57
CA HIS FA 140 -69.82 -0.65 -53.03
C HIS FA 140 -68.44 -0.28 -53.56
N THR FA 141 -68.13 -0.70 -54.78
CA THR FA 141 -66.85 -0.45 -55.45
C THR FA 141 -66.95 0.75 -56.39
N ILE FA 142 -65.85 1.36 -56.81
CA ILE FA 142 -65.88 2.42 -57.84
C ILE FA 142 -66.51 1.93 -59.16
N GLU FA 143 -66.48 0.63 -59.47
CA GLU FA 143 -67.28 0.03 -60.55
C GLU FA 143 -68.79 0.28 -60.40
N ASP FA 144 -69.35 0.13 -59.20
CA ASP FA 144 -70.75 0.42 -58.92
C ASP FA 144 -71.04 1.92 -59.01
N LEU FA 145 -70.05 2.75 -58.67
CA LEU FA 145 -70.12 4.20 -58.80
C LEU FA 145 -70.26 4.59 -60.27
N ILE FA 146 -69.47 3.99 -61.15
CA ILE FA 146 -69.56 4.20 -62.59
C ILE FA 146 -70.91 3.70 -63.12
N PHE FA 147 -71.34 2.48 -62.78
CA PHE FA 147 -72.66 2.00 -63.18
C PHE FA 147 -73.77 2.97 -62.74
N SER FA 148 -73.70 3.47 -61.53
CA SER FA 148 -74.69 4.38 -60.99
C SER FA 148 -74.72 5.70 -61.74
N LEU FA 149 -73.55 6.33 -61.90
CA LEU FA 149 -73.45 7.60 -62.59
C LEU FA 149 -73.69 7.51 -64.08
N THR FA 150 -73.90 6.33 -64.63
CA THR FA 150 -74.27 6.13 -66.04
C THR FA 150 -75.66 5.53 -66.21
N ASN FA 151 -76.37 5.25 -65.13
CA ASN FA 151 -77.75 4.77 -65.10
C ASN FA 151 -78.54 5.46 -63.98
N ILE FA 152 -78.52 6.79 -63.94
CA ILE FA 152 -79.19 7.58 -62.91
C ILE FA 152 -80.69 7.37 -63.00
N ARG FA 153 -81.38 7.13 -61.89
CA ARG FA 153 -82.85 7.08 -61.84
C ARG FA 153 -83.44 8.38 -62.42
N PRO FA 154 -84.41 8.36 -63.34
CA PRO FA 154 -85.14 9.58 -63.68
C PRO FA 154 -85.94 10.14 -62.50
N GLY FA 155 -86.24 9.32 -61.49
CA GLY FA 155 -86.78 9.76 -60.20
C GLY FA 155 -85.83 10.58 -59.31
N ALA FA 156 -84.53 10.62 -59.60
CA ALA FA 156 -83.53 11.43 -58.90
C ALA FA 156 -83.35 12.84 -59.48
N VAL FA 157 -83.88 13.12 -60.69
CA VAL FA 157 -83.75 14.40 -61.38
C VAL FA 157 -85.04 15.19 -61.21
N GLY FA 158 -84.92 16.43 -60.74
CA GLY FA 158 -86.05 17.31 -60.46
C GLY FA 158 -86.87 17.59 -61.70
N GLY FA 159 -88.19 17.68 -61.56
CA GLY FA 159 -89.10 17.85 -62.69
C GLY FA 159 -89.28 19.30 -63.14
N VAL FA 160 -90.21 19.48 -64.07
CA VAL FA 160 -90.56 20.78 -64.67
C VAL FA 160 -92.10 20.86 -64.79
N LEU FA 161 -92.67 22.06 -64.92
CA LEU FA 161 -94.10 22.29 -65.20
C LEU FA 161 -95.04 21.55 -64.23
N GLY FA 162 -94.65 21.51 -62.95
CA GLY FA 162 -95.40 20.85 -61.88
C GLY FA 162 -94.88 19.47 -61.49
N GLY FA 163 -94.08 18.80 -62.31
CA GLY FA 163 -93.52 17.49 -62.00
C GLY FA 163 -92.52 17.51 -60.84
N GLY FA 164 -92.60 16.56 -59.92
CA GLY FA 164 -91.61 16.39 -58.85
C GLY FA 164 -90.32 15.73 -59.31
N SER FA 165 -90.39 14.93 -60.37
CA SER FA 165 -89.27 14.30 -61.06
C SER FA 165 -89.43 14.41 -62.57
N ILE FA 166 -88.38 14.13 -63.32
CA ILE FA 166 -88.44 14.10 -64.78
C ILE FA 166 -89.28 12.93 -65.31
N GLU FA 167 -89.37 11.83 -64.56
CA GLU FA 167 -90.30 10.73 -64.85
C GLU FA 167 -91.76 11.20 -64.77
N GLU FA 168 -92.14 11.91 -63.72
CA GLU FA 168 -93.48 12.49 -63.62
C GLU FA 168 -93.71 13.57 -64.68
N THR FA 169 -92.71 14.41 -64.96
CA THR FA 169 -92.84 15.48 -65.96
C THR FA 169 -93.20 14.92 -67.33
N ILE FA 170 -92.47 13.93 -67.82
CA ILE FA 170 -92.70 13.37 -69.15
C ILE FA 170 -94.03 12.61 -69.21
N LYS FA 171 -94.38 11.90 -68.14
CA LYS FA 171 -95.68 11.23 -68.04
C LYS FA 171 -96.82 12.24 -68.05
N ARG FA 172 -96.68 13.39 -67.39
CA ARG FA 172 -97.69 14.45 -67.48
C ARG FA 172 -97.88 15.02 -68.89
N ILE FA 173 -96.82 15.18 -69.67
CA ILE FA 173 -96.90 15.64 -71.05
C ILE FA 173 -97.64 14.62 -71.91
N VAL FA 174 -97.19 13.38 -71.91
CA VAL FA 174 -97.77 12.33 -72.75
C VAL FA 174 -99.21 12.01 -72.34
N ASP FA 175 -99.51 11.93 -71.04
CA ASP FA 175 -100.90 11.74 -70.59
C ASP FA 175 -101.80 12.94 -70.94
N ALA FA 176 -101.30 14.18 -70.90
CA ALA FA 176 -102.11 15.36 -71.26
C ALA FA 176 -102.45 15.43 -72.75
N ILE FA 177 -101.51 15.12 -73.64
CA ILE FA 177 -101.79 15.06 -75.09
C ILE FA 177 -102.87 14.02 -75.37
N VAL FA 178 -102.68 12.79 -74.91
CA VAL FA 178 -103.64 11.70 -75.11
C VAL FA 178 -104.99 12.00 -74.45
N SER FA 179 -105.01 12.63 -73.28
CA SER FA 179 -106.24 13.05 -72.62
C SER FA 179 -106.98 14.16 -73.38
N GLY FA 180 -106.28 15.10 -74.00
CA GLY FA 180 -106.91 16.10 -74.85
C GLY FA 180 -107.54 15.49 -76.10
N ILE FA 181 -106.92 14.47 -76.70
CA ILE FA 181 -107.45 13.80 -77.88
C ILE FA 181 -108.66 12.92 -77.52
N VAL FA 182 -108.55 12.10 -76.49
CA VAL FA 182 -109.58 11.16 -76.05
C VAL FA 182 -110.74 11.85 -75.33
N GLY FA 183 -110.49 12.99 -74.69
CA GLY FA 183 -111.51 13.82 -74.05
C GLY FA 183 -111.90 13.41 -72.63
N VAL FA 184 -111.34 12.31 -72.12
CA VAL FA 184 -111.43 11.88 -70.73
C VAL FA 184 -110.04 11.97 -70.12
N THR FA 185 -109.89 12.69 -69.01
CA THR FA 185 -108.61 12.85 -68.33
C THR FA 185 -108.15 11.50 -67.80
N GLY FA 186 -107.05 10.99 -68.33
CA GLY FA 186 -106.52 9.67 -68.01
C GLY FA 186 -105.04 9.67 -67.63
N ILE FA 187 -104.56 8.47 -67.30
CA ILE FA 187 -103.21 8.18 -66.81
C ILE FA 187 -102.73 6.89 -67.47
N GLY FA 188 -101.45 6.76 -67.77
CA GLY FA 188 -100.86 5.50 -68.21
C GLY FA 188 -100.86 5.29 -69.73
N ALA FA 189 -100.83 6.35 -70.51
CA ALA FA 189 -100.60 6.30 -71.94
C ALA FA 189 -99.16 5.90 -72.28
N GLY FA 190 -98.91 5.57 -73.54
CA GLY FA 190 -97.56 5.34 -74.09
C GLY FA 190 -97.29 6.10 -75.40
N ILE FA 191 -96.09 5.96 -75.92
CA ILE FA 191 -95.65 6.64 -77.14
C ILE FA 191 -96.32 6.08 -78.40
N SER FA 192 -96.75 4.82 -78.37
CA SER FA 192 -97.62 4.23 -79.38
C SER FA 192 -99.02 4.87 -79.42
N ASP FA 193 -99.60 5.22 -78.27
CA ASP FA 193 -100.87 5.96 -78.21
C ASP FA 193 -100.71 7.36 -78.80
N LEU FA 194 -99.58 8.00 -78.50
CA LEU FA 194 -99.27 9.33 -78.99
C LEU FA 194 -99.24 9.36 -80.52
N GLN FA 195 -98.64 8.38 -81.17
CA GLN FA 195 -98.64 8.28 -82.62
C GLN FA 195 -100.01 7.92 -83.20
N SER FA 196 -100.67 6.87 -82.73
CA SER FA 196 -101.92 6.39 -83.34
C SER FA 196 -103.05 7.41 -83.24
N LEU FA 197 -103.18 8.11 -82.11
CA LEU FA 197 -104.22 9.11 -81.90
C LEU FA 197 -103.94 10.41 -82.65
N ILE FA 198 -102.68 10.82 -82.83
CA ILE FA 198 -102.34 11.98 -83.64
C ILE FA 198 -102.52 11.70 -85.14
N GLU FA 199 -102.31 10.47 -85.61
CA GLU FA 199 -102.67 10.09 -86.96
C GLU FA 199 -104.19 10.22 -87.23
N GLN FA 200 -105.04 9.91 -86.26
CA GLN FA 200 -106.49 10.07 -86.38
C GLN FA 200 -106.95 11.52 -86.44
N ILE FA 201 -106.31 12.44 -85.70
CA ILE FA 201 -106.53 13.88 -85.89
C ILE FA 201 -106.04 14.34 -87.27
N SER FA 202 -104.85 13.96 -87.70
CA SER FA 202 -104.31 14.36 -89.00
C SER FA 202 -105.20 13.91 -90.16
N SER FA 203 -105.82 12.73 -90.06
CA SER FA 203 -106.79 12.23 -91.02
C SER FA 203 -108.06 13.07 -91.06
N ALA FA 204 -108.67 13.31 -89.90
CA ALA FA 204 -109.91 14.06 -89.81
C ALA FA 204 -109.74 15.54 -90.18
N ALA FA 205 -108.61 16.15 -89.83
CA ALA FA 205 -108.31 17.52 -90.19
C ALA FA 205 -108.17 17.67 -91.71
N ALA FA 206 -107.51 16.73 -92.38
CA ALA FA 206 -107.36 16.74 -93.82
C ALA FA 206 -108.71 16.60 -94.54
N ARG FA 207 -109.59 15.73 -94.04
CA ARG FA 207 -110.97 15.60 -94.53
C ARG FA 207 -111.78 16.88 -94.35
N GLY FA 208 -111.61 17.57 -93.23
CA GLY FA 208 -112.22 18.88 -93.01
C GLY FA 208 -111.75 19.93 -94.01
N GLY FA 209 -110.48 19.89 -94.38
CA GLY FA 209 -109.94 20.70 -95.45
C GLY FA 209 -110.57 20.38 -96.80
N PHE FA 210 -110.64 19.11 -97.18
CA PHE FA 210 -111.29 18.75 -98.44
C PHE FA 210 -112.77 19.14 -98.45
N ALA FA 211 -113.46 19.02 -97.33
CA ALA FA 211 -114.83 19.47 -97.19
C ALA FA 211 -114.98 20.97 -97.43
N TRP FA 212 -114.10 21.79 -96.86
CA TRP FA 212 -114.13 23.23 -97.06
C TRP FA 212 -113.85 23.65 -98.50
N ASP FA 213 -113.06 22.87 -99.23
CA ASP FA 213 -112.75 23.14 -100.63
C ASP FA 213 -113.94 22.82 -101.54
N ILE FA 214 -114.69 21.75 -101.28
CA ILE FA 214 -115.93 21.42 -101.98
C ILE FA 214 -116.98 22.51 -101.76
N LEU FA 215 -117.13 23.00 -100.54
CA LEU FA 215 -118.02 24.13 -100.24
C LEU FA 215 -117.57 25.45 -100.88
N GLY FA 216 -116.36 25.53 -101.42
CA GLY FA 216 -115.80 26.69 -102.09
C GLY FA 216 -115.99 26.69 -103.60
N ILE FA 217 -116.53 25.61 -104.19
CA ILE FA 217 -116.74 25.51 -105.63
C ILE FA 217 -117.86 26.47 -106.06
N GLN FA 218 -117.53 27.41 -106.94
CA GLN FA 218 -118.44 28.37 -107.57
C GLN FA 218 -118.89 27.95 -108.97
N ASN FA 219 -118.30 26.91 -109.55
CA ASN FA 219 -118.48 26.51 -110.95
C ASN FA 219 -119.24 25.19 -111.14
N ASN FA 220 -120.03 24.75 -110.17
CA ASN FA 220 -120.79 23.51 -110.23
C ASN FA 220 -122.31 23.69 -110.51
N LYS FA 221 -122.74 24.75 -111.19
CA LYS FA 221 -124.16 25.09 -111.37
C LYS FA 221 -124.69 24.59 -112.71
N LYS FA 222 -125.88 23.97 -112.73
CA LYS FA 222 -126.43 23.27 -113.90
C LYS FA 222 -126.83 24.24 -115.02
N PRO FA 223 -126.72 23.88 -116.32
CA PRO FA 223 -127.04 24.76 -117.44
C PRO FA 223 -128.42 25.41 -117.36
N LYS FA 224 -129.43 24.68 -116.87
CA LYS FA 224 -130.78 25.19 -116.67
C LYS FA 224 -130.89 26.39 -115.73
N SER FA 225 -129.89 26.63 -114.90
CA SER FA 225 -129.89 27.75 -113.95
C SER FA 225 -129.23 29.00 -114.53
N GLY FA 226 -128.61 28.88 -115.70
CA GLY FA 226 -127.80 29.90 -116.36
C GLY FA 226 -126.66 29.23 -117.14
N LEU FA 227 -126.38 29.66 -118.37
CA LEU FA 227 -125.44 28.96 -119.24
C LEU FA 227 -123.97 29.16 -118.82
N TYR FA 228 -123.62 30.27 -118.16
CA TYR FA 228 -122.32 30.41 -117.51
C TYR FA 228 -122.17 29.45 -116.32
N LYS FA 229 -120.95 28.92 -116.08
CA LYS FA 229 -120.69 27.88 -115.08
C LYS FA 229 -121.00 28.28 -113.64
N SER FA 230 -121.05 29.57 -113.33
CA SER FA 230 -121.35 30.10 -112.00
C SER FA 230 -122.71 30.79 -111.85
N GLU FA 231 -123.52 30.84 -112.91
CA GLU FA 231 -124.75 31.64 -112.91
C GLU FA 231 -125.89 30.94 -112.16
N ARG FA 232 -126.17 31.44 -110.96
CA ARG FA 232 -127.38 31.21 -110.18
C ARG FA 232 -128.50 32.12 -110.67
N GLY FA 233 -129.72 31.95 -110.19
CA GLY FA 233 -130.79 32.93 -110.36
C GLY FA 233 -131.98 32.67 -109.46
N ASN FA 234 -132.88 33.65 -109.32
CA ASN FA 234 -134.02 33.60 -108.42
C ASN FA 234 -135.01 32.48 -108.76
N PHE FA 235 -135.07 32.08 -110.02
CA PHE FA 235 -135.66 30.84 -110.51
C PHE FA 235 -134.95 30.42 -111.80
N ASP FA 236 -135.16 29.19 -112.24
CA ASP FA 236 -134.43 28.58 -113.36
C ASP FA 236 -135.03 28.90 -114.74
N LEU FA 237 -134.29 28.67 -115.81
CA LEU FA 237 -134.77 28.94 -117.16
C LEU FA 237 -135.94 28.03 -117.55
N ASP FA 238 -135.99 26.80 -117.05
CA ASP FA 238 -137.07 25.85 -117.37
C ASP FA 238 -138.40 26.20 -116.66
N THR FA 239 -138.40 27.16 -115.74
CA THR FA 239 -139.61 27.73 -115.14
C THR FA 239 -140.33 28.73 -116.06
N LEU FA 240 -139.67 29.32 -117.05
CA LEU FA 240 -140.18 30.48 -117.76
C LEU FA 240 -141.56 30.28 -118.41
N ASN FA 241 -142.48 31.14 -118.00
CA ASN FA 241 -143.82 31.37 -118.52
C ASN FA 241 -144.12 32.86 -118.36
N SER FA 242 -144.72 33.51 -119.35
CA SER FA 242 -145.06 34.94 -119.31
C SER FA 242 -143.84 35.86 -119.18
N THR FA 243 -144.10 37.17 -119.12
CA THR FA 243 -143.13 38.27 -119.17
C THR FA 243 -143.54 39.42 -118.25
N VAL FA 244 -142.63 40.34 -117.99
CA VAL FA 244 -142.88 41.56 -117.21
C VAL FA 244 -142.16 42.75 -117.84
N SER FA 245 -142.68 43.96 -117.68
CA SER FA 245 -142.17 45.15 -118.36
C SER FA 245 -141.93 46.32 -117.40
N VAL FA 246 -140.80 47.00 -117.57
CA VAL FA 246 -140.41 48.15 -116.74
C VAL FA 246 -141.08 49.42 -117.26
N ALA FA 247 -142.34 49.62 -116.91
CA ALA FA 247 -143.05 50.86 -117.20
C ALA FA 247 -142.46 52.02 -116.37
N PRO FA 248 -142.12 53.18 -116.97
CA PRO FA 248 -141.44 54.26 -116.28
C PRO FA 248 -142.31 54.85 -115.17
N GLY FA 249 -141.68 55.44 -114.16
CA GLY FA 249 -142.38 55.87 -112.94
C GLY FA 249 -142.85 54.71 -112.03
N THR FA 250 -142.46 53.48 -112.36
CA THR FA 250 -142.54 52.31 -111.48
C THR FA 250 -141.26 51.48 -111.63
N SER FA 251 -140.96 50.64 -110.65
CA SER FA 251 -139.84 49.70 -110.74
C SER FA 251 -140.25 48.32 -110.24
N ILE FA 252 -139.77 47.27 -110.91
CA ILE FA 252 -139.98 45.89 -110.49
C ILE FA 252 -138.77 45.42 -109.67
N ILE FA 253 -139.04 44.76 -108.55
CA ILE FA 253 -138.06 44.36 -107.55
C ILE FA 253 -138.12 42.83 -107.40
N ALA FA 254 -137.06 42.15 -107.79
CA ALA FA 254 -136.97 40.70 -107.66
C ALA FA 254 -136.18 40.36 -106.40
N PHE FA 255 -136.78 39.62 -105.48
CA PHE FA 255 -136.07 39.14 -104.29
C PHE FA 255 -135.27 37.88 -104.59
N ASP FA 256 -134.21 37.66 -103.83
CA ASP FA 256 -133.32 36.52 -103.97
C ASP FA 256 -132.72 36.13 -102.61
N VAL FA 257 -132.27 34.88 -102.47
CA VAL FA 257 -131.54 34.40 -101.29
C VAL FA 257 -130.26 33.72 -101.73
N ILE FA 258 -129.18 34.07 -101.06
CA ILE FA 258 -127.82 33.61 -101.33
C ILE FA 258 -127.58 32.25 -100.68
N GLU FA 259 -127.63 31.16 -101.45
CA GLU FA 259 -127.49 29.79 -100.94
C GLU FA 259 -126.07 29.48 -100.45
N GLN FA 260 -125.07 30.07 -101.11
CA GLN FA 260 -123.65 29.90 -100.87
C GLN FA 260 -122.97 31.26 -100.94
N SER FA 261 -122.03 31.56 -100.04
CA SER FA 261 -121.31 32.83 -100.10
C SER FA 261 -120.57 32.98 -101.44
N MET FA 262 -120.64 34.14 -102.06
CA MET FA 262 -119.98 34.42 -103.34
C MET FA 262 -119.65 35.91 -103.50
N PRO FA 263 -118.62 36.27 -104.27
CA PRO FA 263 -118.48 37.63 -104.78
C PRO FA 263 -119.42 37.80 -105.98
N ILE FA 264 -120.56 38.49 -105.82
CA ILE FA 264 -121.44 38.74 -106.97
C ILE FA 264 -120.72 39.71 -107.91
N GLY FA 265 -120.63 39.38 -109.19
CA GLY FA 265 -119.81 40.13 -110.14
C GLY FA 265 -120.47 40.39 -111.48
N LEU FA 266 -121.38 39.53 -111.91
CA LEU FA 266 -122.08 39.66 -113.18
C LEU FA 266 -123.56 39.36 -112.94
N ILE FA 267 -124.44 40.26 -113.40
CA ILE FA 267 -125.91 40.15 -113.30
C ILE FA 267 -126.49 39.88 -114.69
N THR FA 268 -127.40 38.91 -114.84
CA THR FA 268 -127.95 38.51 -116.15
C THR FA 268 -129.48 38.63 -116.23
N TRP FA 269 -130.00 38.87 -117.43
CA TRP FA 269 -131.41 38.68 -117.76
C TRP FA 269 -131.60 38.27 -119.23
N ILE FA 270 -132.75 37.67 -119.55
CA ILE FA 270 -133.25 37.52 -120.92
C ILE FA 270 -134.37 38.54 -121.13
N GLY FA 271 -134.33 39.34 -122.18
CA GLY FA 271 -135.34 40.38 -122.42
C GLY FA 271 -135.35 40.97 -123.84
N TRP FA 272 -136.21 41.97 -124.08
CA TRP FA 272 -136.21 42.80 -125.29
C TRP FA 272 -136.79 44.18 -125.05
N GLY FA 273 -136.31 45.16 -125.82
CA GLY FA 273 -136.70 46.56 -125.78
C GLY FA 273 -135.51 47.48 -125.99
N THR FA 274 -135.50 48.28 -127.06
CA THR FA 274 -134.41 49.23 -127.37
C THR FA 274 -134.96 50.40 -128.18
N SER FA 275 -135.86 51.17 -127.58
CA SER FA 275 -136.34 52.45 -128.10
C SER FA 275 -136.69 53.38 -126.95
N GLY FA 276 -136.54 54.69 -127.16
CA GLY FA 276 -136.92 55.76 -126.23
C GLY FA 276 -136.07 55.88 -124.96
N ILE FA 277 -135.65 54.76 -124.38
CA ILE FA 277 -134.94 54.69 -123.11
C ILE FA 277 -133.64 55.52 -123.09
N THR FA 278 -133.58 56.53 -122.24
CA THR FA 278 -132.42 57.41 -122.04
C THR FA 278 -131.53 56.93 -120.91
N GLU FA 279 -132.11 56.28 -119.90
CA GLU FA 279 -131.36 55.62 -118.85
C GLU FA 279 -132.01 54.33 -118.38
N PHE FA 280 -131.17 53.38 -117.96
CA PHE FA 280 -131.57 52.19 -117.21
C PHE FA 280 -130.72 52.14 -115.95
N TYR FA 281 -131.31 51.91 -114.79
CA TYR FA 281 -130.58 51.68 -113.55
C TYR FA 281 -131.00 50.35 -112.91
N ILE FA 282 -130.02 49.55 -112.50
CA ILE FA 282 -130.19 48.41 -111.60
C ILE FA 282 -129.70 48.85 -110.22
N ASN FA 283 -130.48 48.59 -109.18
CA ASN FA 283 -130.07 48.80 -107.79
C ASN FA 283 -130.17 47.49 -107.00
N VAL FA 284 -129.24 47.25 -106.08
CA VAL FA 284 -129.25 46.08 -105.19
C VAL FA 284 -129.36 46.51 -103.75
N TYR FA 285 -130.28 45.92 -102.99
CA TYR FA 285 -130.48 46.18 -101.57
C TYR FA 285 -130.31 44.90 -100.73
N ARG FA 286 -129.86 45.06 -99.48
CA ARG FA 286 -129.76 44.00 -98.47
C ARG FA 286 -130.95 44.09 -97.52
N CYS FA 287 -131.78 43.08 -97.48
CA CYS FA 287 -133.06 43.18 -96.81
C CYS FA 287 -132.95 42.88 -95.30
N VAL FA 288 -133.85 43.45 -94.51
CA VAL FA 288 -134.06 43.05 -93.12
C VAL FA 288 -134.63 41.64 -93.08
N ASP FA 289 -134.19 40.82 -92.14
CA ASP FA 289 -134.52 39.41 -92.03
C ASP FA 289 -135.82 39.11 -91.24
N ASP FA 290 -136.72 40.10 -91.16
CA ASP FA 290 -137.95 40.06 -90.36
C ASP FA 290 -139.08 40.88 -91.02
N ARG FA 291 -140.34 40.55 -90.71
CA ARG FA 291 -141.53 41.27 -91.17
C ARG FA 291 -141.85 42.47 -90.30
N SER FA 292 -142.04 42.27 -89.00
CA SER FA 292 -142.80 43.20 -88.16
C SER FA 292 -142.11 44.52 -87.83
N ASP FA 293 -140.84 44.68 -88.17
CA ASP FA 293 -140.12 45.96 -88.08
C ASP FA 293 -140.48 46.87 -89.28
N PRO FA 294 -140.22 48.19 -89.22
CA PRO FA 294 -140.66 49.11 -90.26
C PRO FA 294 -139.84 49.08 -91.56
N GLU FA 295 -138.73 48.36 -91.66
CA GLU FA 295 -137.74 48.58 -92.73
C GLU FA 295 -137.66 47.40 -93.72
N LEU FA 296 -137.53 47.67 -95.02
CA LEU FA 296 -137.37 46.61 -96.01
C LEU FA 296 -135.91 46.24 -96.20
N GLY FA 297 -135.03 47.23 -96.39
CA GLY FA 297 -133.63 46.94 -96.70
C GLY FA 297 -132.75 48.15 -97.01
N GLU FA 298 -131.45 47.92 -96.97
CA GLU FA 298 -130.39 48.92 -97.09
C GLU FA 298 -129.73 48.86 -98.46
N LEU FA 299 -129.49 50.01 -99.07
CA LEU FA 299 -128.90 50.09 -100.40
C LEU FA 299 -127.46 49.61 -100.40
N ILE FA 300 -127.15 48.53 -101.14
CA ILE FA 300 -125.79 48.05 -101.34
C ILE FA 300 -125.18 48.79 -102.52
N HIS FA 301 -125.86 48.76 -103.66
CA HIS FA 301 -125.28 49.09 -104.95
C HIS FA 301 -126.21 49.93 -105.81
N GLN FA 302 -125.67 51.00 -106.36
CA GLN FA 302 -126.27 51.82 -107.42
C GLN FA 302 -125.48 51.59 -108.70
N SER FA 303 -126.14 51.24 -109.80
CA SER FA 303 -125.42 51.17 -111.09
C SER FA 303 -125.14 52.56 -111.67
N GLU FA 304 -124.12 52.66 -112.51
CA GLU FA 304 -124.04 53.70 -113.53
C GLU FA 304 -125.23 53.57 -114.51
N ASN FA 305 -125.41 54.51 -115.45
CA ASN FA 305 -126.43 54.34 -116.49
C ASN FA 305 -126.12 53.11 -117.36
N ILE FA 306 -126.99 52.10 -117.31
CA ILE FA 306 -126.87 50.82 -118.02
C ILE FA 306 -127.39 50.89 -119.46
N ALA FA 307 -127.88 52.04 -119.93
CA ALA FA 307 -128.53 52.15 -121.24
C ALA FA 307 -127.75 51.54 -122.43
N GLY FA 308 -126.42 51.54 -122.38
CA GLY FA 308 -125.60 50.95 -123.45
C GLY FA 308 -125.73 49.43 -123.61
N LEU FA 309 -126.24 48.71 -122.60
CA LEU FA 309 -126.25 47.24 -122.60
C LEU FA 309 -127.43 46.63 -123.36
N LEU FA 310 -128.54 47.35 -123.52
CA LEU FA 310 -129.83 46.75 -123.91
C LEU FA 310 -129.86 46.35 -125.39
N ALA FA 311 -130.63 45.31 -125.72
CA ALA FA 311 -130.81 44.75 -127.05
C ALA FA 311 -132.10 43.93 -127.14
N GLY FA 312 -132.44 43.43 -128.34
CA GLY FA 312 -133.54 42.50 -128.58
C GLY FA 312 -134.88 43.16 -128.89
N SER FA 313 -135.70 42.49 -129.71
CA SER FA 313 -136.91 43.08 -130.31
C SER FA 313 -138.13 42.14 -130.45
N ALA FA 314 -138.08 40.89 -130.00
CA ALA FA 314 -139.12 39.88 -130.22
C ALA FA 314 -139.18 38.79 -129.13
N SER FA 315 -140.25 38.00 -129.11
CA SER FA 315 -140.54 36.99 -128.08
C SER FA 315 -139.41 36.00 -127.77
N PRO FA 316 -138.71 35.39 -128.74
CA PRO FA 316 -137.43 34.74 -128.46
C PRO FA 316 -136.40 35.84 -128.17
N GLY FA 317 -136.08 36.05 -126.89
CA GLY FA 317 -135.44 37.27 -126.41
C GLY FA 317 -133.96 37.43 -126.75
N ALA FA 318 -133.26 38.31 -126.01
CA ALA FA 318 -131.81 38.47 -126.11
C ALA FA 318 -131.11 38.20 -124.78
N ASN FA 319 -129.94 37.54 -124.81
CA ASN FA 319 -129.02 37.43 -123.68
C ASN FA 319 -128.37 38.79 -123.39
N MET FA 320 -128.45 39.29 -122.16
CA MET FA 320 -127.73 40.51 -121.76
C MET FA 320 -127.28 40.46 -120.30
N ALA FA 321 -126.17 41.13 -120.01
CA ALA FA 321 -125.50 41.07 -118.71
C ALA FA 321 -124.79 42.38 -118.33
N TYR FA 322 -124.82 42.70 -117.04
CA TYR FA 322 -124.10 43.83 -116.45
C TYR FA 322 -123.02 43.34 -115.49
N GLU FA 323 -121.79 43.81 -115.66
CA GLU FA 323 -120.65 43.46 -114.84
C GLU FA 323 -120.40 44.55 -113.81
N LEU FA 324 -120.41 44.22 -112.52
CA LEU FA 324 -120.25 45.22 -111.47
C LEU FA 324 -118.84 45.81 -111.56
N THR FA 325 -118.72 47.13 -111.63
CA THR FA 325 -117.41 47.81 -111.76
C THR FA 325 -116.50 47.55 -110.57
N THR FA 326 -117.06 47.24 -109.40
CA THR FA 326 -116.41 46.46 -108.34
C THR FA 326 -117.42 45.44 -107.76
N PRO FA 327 -117.03 44.18 -107.50
CA PRO FA 327 -117.92 43.14 -106.95
C PRO FA 327 -118.60 43.52 -105.63
N ILE FA 328 -119.68 42.83 -105.28
CA ILE FA 328 -120.37 43.01 -103.99
C ILE FA 328 -120.47 41.72 -103.18
N GLU FA 329 -120.43 41.87 -101.85
CA GLU FA 329 -120.34 40.76 -100.92
C GLU FA 329 -121.71 40.18 -100.58
N ALA FA 330 -121.88 38.90 -100.88
CA ALA FA 330 -123.06 38.13 -100.59
C ALA FA 330 -122.70 36.97 -99.66
N VAL FA 331 -123.21 37.00 -98.42
CA VAL FA 331 -123.00 35.93 -97.44
C VAL FA 331 -124.10 34.88 -97.52
N ALA FA 332 -123.79 33.64 -97.19
CA ALA FA 332 -124.79 32.58 -97.17
C ALA FA 332 -125.96 32.94 -96.24
N GLY FA 333 -127.19 32.73 -96.71
CA GLY FA 333 -128.42 33.05 -96.00
C GLY FA 333 -128.88 34.50 -96.13
N ASP FA 334 -128.15 35.36 -96.85
CA ASP FA 334 -128.59 36.74 -97.06
C ASP FA 334 -129.77 36.84 -98.02
N LEU FA 335 -130.65 37.83 -97.82
CA LEU FA 335 -131.79 38.11 -98.69
C LEU FA 335 -131.56 39.43 -99.42
N LEU FA 336 -131.43 39.37 -100.73
CA LEU FA 336 -131.20 40.53 -101.59
C LEU FA 336 -132.47 40.92 -102.34
N ALA FA 337 -132.52 42.18 -102.77
CA ALA FA 337 -133.52 42.67 -103.69
C ALA FA 337 -132.84 43.34 -104.89
N TYR FA 338 -133.17 42.93 -106.11
CA TYR FA 338 -132.69 43.55 -107.34
C TYR FA 338 -133.82 44.39 -107.95
N GLU FA 339 -133.62 45.70 -108.04
CA GLU FA 339 -134.62 46.64 -108.55
C GLU FA 339 -134.23 47.18 -109.91
N PHE FA 340 -135.16 47.10 -110.86
CA PHE FA 340 -134.97 47.56 -112.24
C PHE FA 340 -135.78 48.82 -112.51
N ILE FA 341 -135.09 49.89 -112.97
CA ILE FA 341 -135.67 51.19 -113.31
C ILE FA 341 -135.28 51.55 -114.75
N ALA FA 342 -136.23 52.01 -115.55
CA ALA FA 342 -136.00 52.55 -116.89
C ALA FA 342 -136.72 53.88 -117.07
N VAL FA 343 -136.13 54.81 -117.84
CA VAL FA 343 -136.69 56.15 -118.08
C VAL FA 343 -136.50 56.52 -119.56
N GLY FA 344 -137.45 57.26 -120.14
CA GLY FA 344 -137.45 57.63 -121.56
C GLY FA 344 -138.22 56.65 -122.48
N GLY FA 345 -138.49 55.42 -122.01
CA GLY FA 345 -139.27 54.41 -122.72
C GLY FA 345 -139.68 53.26 -121.81
N THR FA 346 -139.89 52.07 -122.36
CA THR FA 346 -140.14 50.84 -121.59
C THR FA 346 -139.53 49.60 -122.25
N HIS FA 347 -139.30 48.55 -121.48
CA HIS FA 347 -138.49 47.37 -121.82
C HIS FA 347 -139.07 46.13 -121.15
N THR FA 348 -138.83 44.95 -121.71
CA THR FA 348 -139.46 43.70 -121.27
C THR FA 348 -138.44 42.63 -120.88
N MET FA 349 -138.81 41.81 -119.90
CA MET FA 349 -138.00 40.73 -119.33
C MET FA 349 -138.79 39.42 -119.32
N ARG FA 350 -138.12 38.30 -119.55
CA ARG FA 350 -138.72 36.96 -119.37
C ARG FA 350 -138.87 36.67 -117.88
N GLY FA 351 -140.03 36.20 -117.44
CA GLY FA 351 -140.25 35.97 -116.01
C GLY FA 351 -141.62 35.42 -115.64
N ARG FA 352 -141.60 34.41 -114.77
CA ARG FA 352 -142.74 33.66 -114.26
C ARG FA 352 -143.75 34.55 -113.54
N ASP FA 353 -145.01 34.41 -113.93
CA ASP FA 353 -146.13 34.77 -113.05
C ASP FA 353 -146.37 33.58 -112.13
N PHE FA 354 -146.06 33.72 -110.85
CA PHE FA 354 -146.20 32.61 -109.91
C PHE FA 354 -147.66 32.35 -109.49
N ASN FA 355 -148.58 33.31 -109.69
CA ASN FA 355 -149.98 33.26 -109.25
C ASN FA 355 -150.12 32.77 -107.79
N LEU FA 356 -149.72 33.59 -106.82
CA LEU FA 356 -149.64 33.23 -105.41
C LEU FA 356 -150.50 34.13 -104.54
N PRO FA 357 -151.05 33.62 -103.44
CA PRO FA 357 -151.62 34.47 -102.42
C PRO FA 357 -150.54 35.29 -101.73
N ASP FA 358 -150.89 36.52 -101.36
CA ASP FA 358 -150.04 37.42 -100.59
C ASP FA 358 -149.88 36.90 -99.15
N ASN FA 359 -148.68 36.49 -98.75
CA ASN FA 359 -148.40 35.87 -97.46
C ASN FA 359 -148.21 36.90 -96.34
N ASP FA 360 -148.74 36.66 -95.15
CA ASP FA 360 -148.70 37.56 -93.99
C ASP FA 360 -147.65 37.19 -92.90
N GLY FA 361 -147.02 36.01 -92.97
CA GLY FA 361 -146.08 35.52 -91.94
C GLY FA 361 -144.60 35.58 -92.35
N ALA FA 362 -144.29 35.31 -93.61
CA ALA FA 362 -142.93 35.31 -94.14
C ALA FA 362 -142.28 36.71 -94.13
N PRO FA 363 -140.94 36.83 -94.15
CA PRO FA 363 -140.26 38.13 -94.14
C PRO FA 363 -140.43 38.93 -95.44
N ILE FA 364 -140.97 38.30 -96.48
CA ILE FA 364 -141.29 38.87 -97.80
C ILE FA 364 -142.71 38.42 -98.17
N GLY FA 365 -143.55 39.32 -98.70
CA GLY FA 365 -144.98 39.03 -98.91
C GLY FA 365 -145.31 38.21 -100.15
N ASN FA 366 -144.49 38.30 -101.19
CA ASN FA 366 -144.63 37.54 -102.43
C ASN FA 366 -143.26 37.49 -103.12
N VAL FA 367 -143.08 36.68 -104.14
CA VAL FA 367 -141.78 36.46 -104.81
C VAL FA 367 -141.10 37.71 -105.35
N GLY FA 368 -141.79 38.85 -105.43
CA GLY FA 368 -141.21 40.15 -105.69
C GLY FA 368 -142.07 41.27 -105.16
N ALA FA 369 -141.68 42.50 -105.47
CA ALA FA 369 -142.47 43.68 -105.19
C ALA FA 369 -142.27 44.75 -106.26
N THR FA 370 -143.09 45.79 -106.26
CA THR FA 370 -142.98 46.95 -107.15
C THR FA 370 -143.07 48.23 -106.34
N ARG FA 371 -142.31 49.27 -106.69
CA ARG FA 371 -142.44 50.61 -106.10
C ARG FA 371 -142.97 51.61 -107.13
N SER FA 372 -144.03 52.34 -106.79
CA SER FA 372 -144.41 53.56 -107.49
C SER FA 372 -143.40 54.67 -107.16
N LEU FA 373 -142.80 55.26 -108.17
CA LEU FA 373 -141.49 55.88 -108.09
C LEU FA 373 -141.50 57.36 -108.48
N SER FA 374 -140.61 58.14 -107.86
CA SER FA 374 -140.24 59.49 -108.28
C SER FA 374 -138.72 59.68 -108.14
N THR FA 375 -138.15 60.63 -108.89
CA THR FA 375 -136.70 60.90 -108.93
C THR FA 375 -135.86 59.64 -109.24
N PRO FA 376 -135.96 59.05 -110.45
CA PRO FA 376 -135.32 57.77 -110.77
C PRO FA 376 -133.79 57.78 -110.65
N SER FA 377 -133.16 58.93 -110.81
CA SER FA 377 -131.71 59.11 -110.59
C SER FA 377 -131.26 58.82 -109.15
N LEU FA 378 -132.16 58.90 -108.15
CA LEU FA 378 -131.81 58.86 -106.73
C LEU FA 378 -132.59 57.77 -105.96
N PRO FA 379 -132.05 56.55 -105.82
CA PRO FA 379 -132.66 55.52 -104.99
C PRO FA 379 -132.52 55.81 -103.50
N PRO FA 380 -133.53 55.53 -102.66
CA PRO FA 380 -133.42 55.68 -101.22
C PRO FA 380 -132.31 54.82 -100.64
N ALA FA 381 -131.59 55.32 -99.65
CA ALA FA 381 -130.63 54.51 -98.88
C ALA FA 381 -131.32 53.43 -98.04
N THR FA 382 -132.63 53.52 -97.86
CA THR FA 382 -133.45 52.61 -97.04
C THR FA 382 -134.87 52.54 -97.59
N LEU FA 383 -135.29 51.37 -98.07
CA LEU FA 383 -136.70 51.07 -98.39
C LEU FA 383 -137.43 50.63 -97.12
N ASP FA 384 -138.75 50.71 -97.08
CA ASP FA 384 -139.53 50.43 -95.86
C ASP FA 384 -140.71 49.48 -96.15
N LYS FA 385 -141.30 48.87 -95.12
CA LYS FA 385 -142.34 47.84 -95.33
C LYS FA 385 -143.62 48.37 -96.01
N ALA FA 386 -143.75 49.68 -96.21
CA ALA FA 386 -144.95 50.33 -96.74
C ALA FA 386 -144.72 51.08 -98.05
N ASP FA 387 -143.49 51.49 -98.40
CA ASP FA 387 -143.21 52.23 -99.64
C ASP FA 387 -143.07 51.35 -100.89
N VAL FA 388 -143.57 50.11 -100.83
CA VAL FA 388 -143.51 49.09 -101.89
C VAL FA 388 -144.75 48.19 -101.83
N THR FA 389 -145.15 47.54 -102.91
CA THR FA 389 -146.30 46.60 -102.95
C THR FA 389 -145.92 45.27 -103.59
N TRP FA 390 -146.39 44.17 -103.01
CA TRP FA 390 -145.98 42.82 -103.39
C TRP FA 390 -146.51 42.39 -104.76
N THR FA 391 -145.75 41.57 -105.48
CA THR FA 391 -146.06 41.08 -106.83
C THR FA 391 -145.65 39.62 -107.01
N ASP FA 392 -146.49 38.82 -107.67
CA ASP FA 392 -146.17 37.46 -108.09
C ASP FA 392 -145.67 37.34 -109.54
N ASN FA 393 -145.80 38.38 -110.37
CA ASN FA 393 -145.22 38.41 -111.71
C ASN FA 393 -143.87 39.12 -111.69
N VAL FA 394 -142.78 38.37 -111.79
CA VAL FA 394 -141.43 38.85 -111.45
C VAL FA 394 -140.39 38.42 -112.48
N PRO FA 395 -139.32 39.20 -112.68
CA PRO FA 395 -138.36 38.89 -113.71
C PRO FA 395 -137.43 37.78 -113.26
N ARG FA 396 -136.83 37.05 -114.20
CA ARG FA 396 -135.59 36.34 -113.89
C ARG FA 396 -134.47 37.36 -113.76
N VAL FA 397 -133.72 37.26 -112.67
CA VAL FA 397 -132.42 37.91 -112.49
C VAL FA 397 -131.42 36.84 -112.12
N GLY FA 398 -130.36 36.68 -112.90
CA GLY FA 398 -129.28 35.76 -112.58
C GLY FA 398 -128.06 36.46 -111.97
N ILE FA 399 -127.27 35.73 -111.19
CA ILE FA 399 -126.04 36.22 -110.55
C ILE FA 399 -124.90 35.25 -110.78
N ALA FA 400 -123.73 35.77 -111.11
CA ALA FA 400 -122.52 35.01 -111.38
C ALA FA 400 -121.29 35.75 -110.85
N VAL FA 401 -120.18 35.03 -110.64
CA VAL FA 401 -118.96 35.64 -110.08
C VAL FA 401 -118.09 36.33 -111.13
N ASP FA 402 -118.05 35.78 -112.35
CA ASP FA 402 -117.17 36.14 -113.45
C ASP FA 402 -117.76 35.63 -114.76
N THR FA 403 -117.28 36.13 -115.89
CA THR FA 403 -117.68 35.70 -117.23
C THR FA 403 -117.17 34.29 -117.60
N GLY FA 404 -116.16 33.78 -116.91
CA GLY FA 404 -115.47 32.54 -117.30
C GLY FA 404 -115.10 31.62 -116.14
N THR FA 405 -114.77 30.38 -116.46
CA THR FA 405 -114.35 29.35 -115.50
C THR FA 405 -113.08 29.74 -114.73
N GLY FA 406 -112.83 29.10 -113.59
CA GLY FA 406 -111.88 29.54 -112.56
C GLY FA 406 -112.59 30.22 -111.39
N SER FA 407 -111.85 30.91 -110.54
CA SER FA 407 -112.35 31.65 -109.36
C SER FA 407 -113.18 30.84 -108.33
N ASP FA 408 -113.11 29.51 -108.35
CA ASP FA 408 -113.32 28.69 -107.16
C ASP FA 408 -112.22 29.00 -106.14
N HIS FA 409 -112.55 29.41 -104.92
CA HIS FA 409 -111.54 29.64 -103.88
C HIS FA 409 -110.88 28.34 -103.45
N HIS FA 410 -109.58 28.36 -103.20
CA HIS FA 410 -108.81 27.20 -102.78
C HIS FA 410 -107.70 27.65 -101.83
N ASP FA 411 -107.87 27.40 -100.53
CA ASP FA 411 -106.91 27.83 -99.51
C ASP FA 411 -105.58 27.05 -99.64
N PRO FA 412 -104.43 27.72 -99.47
CA PRO FA 412 -103.14 27.24 -99.97
C PRO FA 412 -102.62 25.96 -99.32
N GLN FA 413 -101.87 25.18 -100.09
CA GLN FA 413 -101.30 23.90 -99.67
C GLN FA 413 -99.80 24.07 -99.42
N VAL FA 414 -99.31 23.63 -98.26
CA VAL FA 414 -97.93 23.83 -97.83
C VAL FA 414 -97.21 22.49 -97.72
N GLU FA 415 -96.00 22.43 -98.22
CA GLU FA 415 -95.10 21.27 -98.07
C GLU FA 415 -93.77 21.71 -97.46
N PHE FA 416 -93.17 20.85 -96.64
CA PHE FA 416 -91.85 21.08 -96.06
C PHE FA 416 -90.86 20.02 -96.54
N PHE FA 417 -89.71 20.41 -97.07
CA PHE FA 417 -88.68 19.51 -97.60
C PHE FA 417 -87.37 19.64 -96.83
N GLU FA 418 -86.80 18.50 -96.43
CA GLU FA 418 -85.52 18.42 -95.67
C GLU FA 418 -84.63 17.26 -96.15
N LYS FA 419 -85.05 16.55 -97.19
CA LYS FA 419 -84.39 15.43 -97.86
C LYS FA 419 -84.74 15.51 -99.36
N PRO FA 420 -83.88 15.11 -100.30
CA PRO FA 420 -84.15 15.26 -101.73
C PRO FA 420 -85.47 14.62 -102.18
N VAL FA 421 -86.30 15.36 -102.91
CA VAL FA 421 -87.65 14.95 -103.38
C VAL FA 421 -88.08 15.73 -104.61
N ALA FA 422 -89.05 15.22 -105.35
CA ALA FA 422 -89.75 15.95 -106.39
C ALA FA 422 -91.25 15.61 -106.42
N ILE FA 423 -92.11 16.62 -106.62
CA ILE FA 423 -93.58 16.50 -106.58
C ILE FA 423 -94.25 17.31 -107.70
N PRO FA 424 -95.41 16.90 -108.22
CA PRO FA 424 -96.11 17.62 -109.26
C PRO FA 424 -96.79 18.88 -108.72
N VAL FA 425 -96.76 19.98 -109.47
CA VAL FA 425 -97.51 21.20 -109.15
C VAL FA 425 -99.01 20.96 -109.40
N PRO FA 426 -99.92 21.31 -108.47
CA PRO FA 426 -101.35 21.14 -108.67
C PRO FA 426 -101.92 21.91 -109.88
N ALA FA 427 -103.04 21.42 -110.40
CA ALA FA 427 -103.73 22.05 -111.53
C ALA FA 427 -104.29 23.44 -111.18
N TRP FA 428 -104.82 23.61 -109.98
CA TRP FA 428 -105.44 24.86 -109.53
C TRP FA 428 -104.43 25.98 -109.25
N CYS FA 429 -103.13 25.67 -109.25
CA CYS FA 429 -102.12 26.51 -108.66
C CYS FA 429 -101.67 27.62 -109.62
N ASP FA 430 -102.15 28.83 -109.41
CA ASP FA 430 -101.74 30.03 -110.14
C ASP FA 430 -100.30 30.46 -109.82
N ARG FA 431 -99.80 30.18 -108.62
CA ARG FA 431 -98.40 30.47 -108.24
C ARG FA 431 -97.89 29.64 -107.05
N ILE FA 432 -96.57 29.52 -106.97
CA ILE FA 432 -95.80 28.80 -105.96
C ILE FA 432 -94.96 29.80 -105.18
N ASP FA 433 -95.06 29.81 -103.85
CA ASP FA 433 -94.19 30.59 -102.96
C ASP FA 433 -93.21 29.66 -102.24
N ALA FA 434 -91.94 30.03 -102.12
CA ALA FA 434 -90.94 29.21 -101.45
C ALA FA 434 -89.98 30.02 -100.57
N ILE FA 435 -89.67 29.49 -99.38
CA ILE FA 435 -88.56 29.90 -98.52
C ILE FA 435 -87.52 28.78 -98.55
N VAL FA 436 -86.26 29.08 -98.81
CA VAL FA 436 -85.15 28.12 -98.93
C VAL FA 436 -84.01 28.52 -98.00
N THR FA 437 -83.44 27.57 -97.28
CA THR FA 437 -82.38 27.81 -96.29
C THR FA 437 -81.07 27.14 -96.69
N GLY FA 438 -79.94 27.79 -96.41
CA GLY FA 438 -78.64 27.14 -96.53
C GLY FA 438 -78.39 26.12 -95.41
N LYS FA 439 -77.40 25.24 -95.59
CA LYS FA 439 -76.84 24.42 -94.52
C LYS FA 439 -76.16 25.32 -93.49
N GLY FA 440 -76.18 24.95 -92.22
CA GLY FA 440 -75.39 25.63 -91.20
C GLY FA 440 -73.90 25.32 -91.31
N GLY FA 441 -73.06 26.10 -90.65
CA GLY FA 441 -71.64 25.79 -90.50
C GLY FA 441 -71.37 24.82 -89.37
N GLU FA 442 -70.29 24.05 -89.42
CA GLU FA 442 -69.84 23.21 -88.30
C GLU FA 442 -69.13 24.06 -87.26
N GLY FA 443 -69.30 23.76 -85.98
CA GLY FA 443 -68.60 24.48 -84.91
C GLY FA 443 -67.16 24.01 -84.77
N ALA FA 444 -66.27 24.85 -84.24
CA ALA FA 444 -64.89 24.46 -83.96
C ALA FA 444 -64.76 23.63 -82.68
N ASP FA 445 -63.71 22.84 -82.55
CA ASP FA 445 -63.38 22.12 -81.32
C ASP FA 445 -62.78 23.08 -80.29
N GLY FA 446 -63.02 22.86 -79.00
CA GLY FA 446 -62.30 23.57 -77.94
C GLY FA 446 -60.98 22.90 -77.63
N PHE FA 447 -60.23 23.42 -76.66
CA PHE FA 447 -58.85 23.00 -76.45
C PHE FA 447 -58.47 22.83 -74.98
N LEU FA 448 -58.27 23.92 -74.26
CA LEU FA 448 -58.06 23.98 -72.81
C LEU FA 448 -58.12 25.45 -72.40
N GLY FA 449 -59.15 25.87 -71.67
CA GLY FA 449 -59.36 27.28 -71.36
C GLY FA 449 -59.86 28.09 -72.56
N PHE FA 450 -60.11 27.41 -73.68
CA PHE FA 450 -60.67 27.93 -74.92
C PHE FA 450 -61.80 27.02 -75.40
N TYR FA 451 -62.96 27.60 -75.69
CA TYR FA 451 -64.05 26.99 -76.43
C TYR FA 451 -63.80 27.13 -77.92
N GLY FA 452 -64.46 26.35 -78.77
CA GLY FA 452 -64.50 26.63 -80.21
C GLY FA 452 -65.49 27.73 -80.55
N ASN FA 453 -65.28 28.45 -81.64
CA ASN FA 453 -66.30 29.30 -82.24
C ASN FA 453 -67.42 28.50 -82.91
N PRO FA 454 -68.71 28.87 -82.74
CA PRO FA 454 -69.81 28.18 -83.40
C PRO FA 454 -69.88 28.52 -84.89
N GLY FA 455 -70.40 27.61 -85.70
CA GLY FA 455 -70.67 27.88 -87.10
C GLY FA 455 -71.81 28.89 -87.28
N GLN FA 456 -71.87 29.57 -88.41
CA GLN FA 456 -72.92 30.55 -88.66
C GLN FA 456 -74.17 29.88 -89.26
N PRO FA 457 -75.37 30.45 -89.05
CA PRO FA 457 -76.59 29.93 -89.65
C PRO FA 457 -76.61 30.13 -91.16
N GLY FA 458 -77.27 29.21 -91.85
CA GLY FA 458 -77.50 29.28 -93.29
C GLY FA 458 -78.27 30.53 -93.67
N SER FA 459 -78.02 31.03 -94.87
CA SER FA 459 -78.75 32.15 -95.41
C SER FA 459 -80.20 31.77 -95.75
N VAL FA 460 -81.12 32.72 -95.87
CA VAL FA 460 -82.52 32.47 -96.25
C VAL FA 460 -82.91 33.25 -97.49
N ASN FA 461 -83.36 32.55 -98.54
CA ASN FA 461 -83.77 33.15 -99.80
C ASN FA 461 -85.25 32.83 -100.06
N THR FA 462 -85.97 33.71 -100.75
CA THR FA 462 -87.41 33.59 -100.99
C THR FA 462 -87.78 33.87 -102.45
N VAL FA 463 -88.71 33.12 -103.04
CA VAL FA 463 -89.16 33.31 -104.44
C VAL FA 463 -90.65 33.06 -104.62
N THR FA 464 -91.28 33.80 -105.55
CA THR FA 464 -92.60 33.44 -106.08
C THR FA 464 -92.52 33.16 -107.58
N TRP FA 465 -92.92 31.97 -108.00
CA TRP FA 465 -93.06 31.59 -109.40
C TRP FA 465 -94.53 31.59 -109.81
N THR FA 466 -94.86 32.25 -110.92
CA THR FA 466 -96.23 32.48 -111.41
C THR FA 466 -96.52 31.69 -112.68
N ARG FA 467 -97.69 31.03 -112.75
CA ARG FA 467 -98.13 30.24 -113.90
C ARG FA 467 -98.24 31.09 -115.15
N GLY FA 468 -97.99 30.50 -116.31
CA GLY FA 468 -97.91 31.18 -117.61
C GLY FA 468 -96.57 31.88 -117.81
N GLU FA 469 -96.13 32.67 -116.84
CA GLU FA 469 -94.85 33.39 -116.92
C GLU FA 469 -93.63 32.48 -116.70
N HIS FA 470 -93.72 31.52 -115.77
CA HIS FA 470 -92.59 30.65 -115.36
C HIS FA 470 -92.81 29.17 -115.63
N PHE FA 471 -94.04 28.68 -115.51
CA PHE FA 471 -94.41 27.29 -115.78
C PHE FA 471 -95.78 27.22 -116.44
N SER FA 472 -96.02 26.20 -117.25
CA SER FA 472 -97.28 26.01 -117.98
C SER FA 472 -97.58 24.54 -118.21
N GLY FA 473 -98.84 24.21 -118.54
CA GLY FA 473 -99.26 22.85 -118.82
C GLY FA 473 -99.30 21.96 -117.58
N THR FA 474 -99.35 20.64 -117.80
CA THR FA 474 -99.51 19.62 -116.76
C THR FA 474 -98.27 18.73 -116.57
N THR FA 475 -97.19 19.00 -117.31
CA THR FA 475 -95.96 18.19 -117.28
C THR FA 475 -95.01 18.63 -116.14
N THR FA 476 -95.28 19.76 -115.50
CA THR FA 476 -94.34 20.39 -114.55
C THR FA 476 -94.08 19.56 -113.28
N ILE FA 477 -92.89 19.69 -112.72
CA ILE FA 477 -92.48 19.07 -111.47
C ILE FA 477 -91.65 20.05 -110.64
N LEU FA 478 -91.88 20.10 -109.33
CA LEU FA 478 -91.11 20.90 -108.38
C LEU FA 478 -90.10 19.99 -107.71
N GLU FA 479 -88.81 20.27 -107.91
CA GLU FA 479 -87.71 19.37 -107.57
C GLU FA 479 -86.73 20.03 -106.59
N TRP FA 480 -86.52 19.42 -105.43
CA TRP FA 480 -85.60 19.85 -104.39
C TRP FA 480 -84.42 18.87 -104.32
N ASP FA 481 -83.21 19.31 -104.64
CA ASP FA 481 -82.05 18.41 -104.74
C ASP FA 481 -81.32 18.19 -103.41
N GLY FA 482 -81.79 18.82 -102.34
CA GLY FA 482 -81.17 18.83 -101.01
C GLY FA 482 -80.51 20.16 -100.66
N ALA FA 483 -80.29 21.06 -101.63
CA ALA FA 483 -79.72 22.39 -101.39
C ALA FA 483 -80.20 23.47 -102.39
N GLU FA 484 -80.88 23.09 -103.46
CA GLU FA 484 -81.50 23.98 -104.42
C GLU FA 484 -82.92 23.53 -104.77
N LEU FA 485 -83.86 24.47 -104.85
CA LEU FA 485 -85.24 24.26 -105.23
C LEU FA 485 -85.41 24.66 -106.69
N SER FA 486 -86.04 23.83 -107.52
CA SER FA 486 -86.03 24.00 -108.96
C SER FA 486 -87.33 23.58 -109.62
N ILE FA 487 -87.61 24.19 -110.77
CA ILE FA 487 -88.65 23.85 -111.74
C ILE FA 487 -88.01 23.91 -113.13
N PRO FA 488 -88.60 23.33 -114.19
CA PRO FA 488 -88.07 23.48 -115.53
C PRO FA 488 -87.79 24.96 -115.88
N GLY FA 489 -86.51 25.30 -116.05
CA GLY FA 489 -86.07 26.64 -116.43
C GLY FA 489 -85.77 27.65 -115.31
N PHE FA 490 -85.98 27.33 -114.03
CA PHE FA 490 -85.64 28.23 -112.91
C PHE FA 490 -85.16 27.48 -111.65
N GLU FA 491 -84.31 28.11 -110.85
CA GLU FA 491 -83.80 27.54 -109.60
C GLU FA 491 -83.46 28.60 -108.54
N VAL FA 492 -83.58 28.23 -107.26
CA VAL FA 492 -83.32 29.10 -106.10
C VAL FA 492 -82.58 28.35 -105.00
N SER FA 493 -81.53 28.96 -104.47
CA SER FA 493 -80.71 28.45 -103.37
C SER FA 493 -80.25 29.60 -102.47
N ALA FA 494 -79.76 29.28 -101.27
CA ALA FA 494 -79.27 30.24 -100.28
C ALA FA 494 -77.88 29.83 -99.76
N ALA FA 495 -76.98 30.78 -99.54
CA ALA FA 495 -75.59 30.44 -99.22
C ALA FA 495 -75.43 29.70 -97.87
N ASN FA 496 -74.63 28.64 -97.87
CA ASN FA 496 -74.30 27.88 -96.66
C ASN FA 496 -73.56 28.74 -95.63
N GLY FA 497 -73.87 28.56 -94.35
CA GLY FA 497 -73.24 29.31 -93.27
C GLY FA 497 -71.77 28.94 -93.09
N SER FA 498 -70.92 29.93 -92.86
CA SER FA 498 -69.49 29.70 -92.68
C SER FA 498 -69.18 28.81 -91.47
N ASN FA 499 -68.19 27.94 -91.60
CA ASN FA 499 -67.71 27.10 -90.49
C ASN FA 499 -67.07 27.92 -89.38
N GLY FA 500 -67.10 27.40 -88.16
CA GLY FA 500 -66.42 27.98 -87.01
C GLY FA 500 -64.91 27.98 -87.23
N SER FA 501 -64.29 29.15 -87.11
CA SER FA 501 -62.84 29.30 -87.25
C SER FA 501 -62.26 29.61 -85.88
N GLY FA 502 -61.34 28.79 -85.41
CA GLY FA 502 -60.59 29.07 -84.19
C GLY FA 502 -61.42 29.07 -82.92
N GLN FA 503 -60.90 29.76 -81.91
CA GLN FA 503 -61.22 29.53 -80.52
C GLN FA 503 -61.59 30.82 -79.80
N ARG FA 504 -62.36 30.66 -78.73
CA ARG FA 504 -62.93 31.69 -77.87
C ARG FA 504 -62.48 31.45 -76.43
N PRO FA 505 -61.80 32.37 -75.74
CA PRO FA 505 -61.39 32.16 -74.36
C PRO FA 505 -62.60 32.08 -73.42
N VAL FA 506 -62.50 31.30 -72.35
CA VAL FA 506 -63.57 31.03 -71.38
C VAL FA 506 -64.20 32.31 -70.83
N ALA FA 507 -63.41 33.35 -70.60
CA ALA FA 507 -63.88 34.61 -70.07
C ALA FA 507 -64.92 35.33 -70.96
N LEU FA 508 -64.94 35.07 -72.27
CA LEU FA 508 -65.95 35.58 -73.19
C LEU FA 508 -67.27 34.78 -73.20
N GLY FA 509 -67.40 33.74 -72.40
CA GLY FA 509 -68.66 33.01 -72.23
C GLY FA 509 -68.96 31.95 -73.28
N LYS FA 510 -69.82 31.02 -72.90
CA LYS FA 510 -70.19 29.80 -73.60
C LYS FA 510 -70.65 30.10 -75.02
N PRO FA 511 -70.20 29.37 -76.05
CA PRO FA 511 -70.63 29.60 -77.42
C PRO FA 511 -72.10 29.22 -77.57
N VAL FA 512 -72.84 29.97 -78.39
CA VAL FA 512 -74.23 29.68 -78.78
C VAL FA 512 -74.30 29.48 -80.28
N GLY FA 513 -74.84 28.35 -80.74
CA GLY FA 513 -75.07 28.08 -82.15
C GLY FA 513 -76.37 28.73 -82.60
N LYS FA 514 -76.30 29.83 -83.34
CA LYS FA 514 -77.48 30.61 -83.70
C LYS FA 514 -78.34 29.89 -84.74
N GLY FA 515 -79.64 29.90 -84.55
CA GLY FA 515 -80.62 29.35 -85.48
C GLY FA 515 -81.15 30.34 -86.51
N ILE FA 516 -81.90 29.87 -87.49
CA ILE FA 516 -82.61 30.73 -88.46
C ILE FA 516 -83.89 31.31 -87.84
N GLU FA 517 -84.15 32.59 -88.10
CA GLU FA 517 -85.26 33.35 -87.55
C GLU FA 517 -86.62 32.91 -88.09
N GLU FA 518 -87.71 33.40 -87.49
CA GLU FA 518 -89.08 33.21 -87.99
C GLU FA 518 -89.33 34.02 -89.27
N VAL FA 519 -88.78 33.57 -90.39
CA VAL FA 519 -89.03 34.14 -91.72
C VAL FA 519 -90.46 33.83 -92.19
N GLU FA 520 -91.15 34.83 -92.72
CA GLU FA 520 -92.51 34.71 -93.30
C GLU FA 520 -92.59 35.42 -94.67
N TYR FA 521 -93.32 34.81 -95.60
CA TYR FA 521 -93.38 35.24 -96.99
C TYR FA 521 -94.70 34.84 -97.64
N ASN FA 522 -95.48 35.81 -98.11
CA ASN FA 522 -96.77 35.60 -98.77
C ASN FA 522 -97.73 34.69 -97.97
N GLY FA 523 -97.71 34.79 -96.63
CA GLY FA 523 -98.59 34.00 -95.77
C GLY FA 523 -98.15 32.55 -95.57
N LEU FA 524 -96.98 32.15 -96.08
CA LEU FA 524 -96.26 30.95 -95.69
C LEU FA 524 -95.15 31.35 -94.71
N LYS FA 525 -95.03 30.64 -93.60
CA LYS FA 525 -94.01 30.90 -92.58
C LYS FA 525 -93.20 29.67 -92.22
N LEU FA 526 -91.91 29.88 -92.03
CA LEU FA 526 -90.94 28.86 -91.64
C LEU FA 526 -90.72 28.96 -90.13
N ALA FA 527 -90.93 27.88 -89.40
CA ALA FA 527 -90.72 27.88 -87.95
C ALA FA 527 -89.25 28.20 -87.63
N ALA FA 528 -89.02 29.09 -86.67
CA ALA FA 528 -87.66 29.43 -86.25
C ALA FA 528 -86.95 28.20 -85.68
N GLY FA 529 -85.80 27.85 -86.22
CA GLY FA 529 -84.92 26.90 -85.56
C GLY FA 529 -84.38 27.57 -84.31
N GLY FA 530 -84.56 26.97 -83.13
CA GLY FA 530 -84.05 27.56 -81.90
C GLY FA 530 -82.52 27.61 -81.89
N ASP FA 531 -81.93 28.42 -81.02
CA ASP FA 531 -80.48 28.40 -80.83
C ASP FA 531 -80.03 27.13 -80.10
N GLN FA 532 -78.86 26.60 -80.44
CA GLN FA 532 -78.22 25.45 -79.79
C GLN FA 532 -77.33 25.92 -78.64
N HIS FA 533 -77.69 25.57 -77.42
CA HIS FA 533 -76.92 25.88 -76.22
C HIS FA 533 -76.06 24.71 -75.70
N ALA FA 534 -76.23 23.48 -76.18
CA ALA FA 534 -75.40 22.36 -75.74
C ALA FA 534 -73.98 22.50 -76.30
N TYR FA 535 -72.94 22.22 -75.50
CA TYR FA 535 -71.56 22.22 -75.97
C TYR FA 535 -71.35 21.22 -77.09
N GLY FA 536 -70.85 21.66 -78.23
CA GLY FA 536 -70.67 20.79 -79.39
C GLY FA 536 -71.95 20.22 -79.97
N GLY FA 537 -73.13 20.71 -79.56
CA GLY FA 537 -74.41 20.21 -80.05
C GLY FA 537 -74.63 20.50 -81.53
N ALA FA 538 -75.28 19.58 -82.23
CA ALA FA 538 -75.60 19.73 -83.64
C ALA FA 538 -76.50 20.96 -83.89
N GLY FA 539 -76.35 21.61 -85.02
CA GLY FA 539 -77.20 22.73 -85.38
C GLY FA 539 -78.66 22.30 -85.56
N THR FA 540 -79.59 23.15 -85.13
CA THR FA 540 -81.02 22.89 -85.21
C THR FA 540 -81.56 22.98 -86.63
N LYS FA 541 -82.53 22.13 -86.98
CA LYS FA 541 -83.25 22.19 -88.25
C LYS FA 541 -84.17 23.42 -88.24
N PRO FA 542 -84.21 24.27 -89.27
CA PRO FA 542 -83.38 24.30 -90.47
C PRO FA 542 -82.09 25.12 -90.29
N GLY FA 543 -81.03 24.73 -90.98
CA GLY FA 543 -79.86 25.57 -91.24
C GLY FA 543 -79.12 26.20 -90.06
N GLY FA 544 -79.33 25.77 -88.81
CA GLY FA 544 -78.74 26.39 -87.63
C GLY FA 544 -77.23 26.16 -87.53
N GLY FA 545 -76.53 27.09 -86.93
CA GLY FA 545 -75.09 26.97 -86.69
C GLY FA 545 -74.78 25.86 -85.69
N GLY FA 546 -73.87 24.95 -86.03
CA GLY FA 546 -73.42 23.93 -85.09
C GLY FA 546 -72.65 24.59 -83.96
N ASN FA 547 -72.91 24.20 -82.71
CA ASN FA 547 -72.29 24.89 -81.59
C ASN FA 547 -70.81 24.55 -81.44
N GLY FA 548 -70.05 25.48 -80.87
CA GLY FA 548 -68.64 25.31 -80.57
C GLY FA 548 -68.42 24.33 -79.42
N GLY FA 549 -67.27 23.66 -79.42
CA GLY FA 549 -66.93 22.65 -78.41
C GLY FA 549 -66.31 23.20 -77.12
N HIS FA 550 -66.36 22.39 -76.09
CA HIS FA 550 -65.60 22.48 -74.85
C HIS FA 550 -64.27 21.70 -75.00
N TRP FA 551 -63.66 21.21 -73.92
CA TRP FA 551 -62.48 20.34 -73.96
C TRP FA 551 -62.56 19.06 -73.12
N LEU FA 552 -63.68 18.76 -72.45
CA LEU FA 552 -63.80 17.50 -71.71
C LEU FA 552 -64.71 16.50 -72.43
N GLY FA 553 -64.16 15.33 -72.75
CA GLY FA 553 -64.93 14.16 -73.16
C GLY FA 553 -65.73 14.35 -74.45
N ILE FA 554 -66.98 13.91 -74.46
CA ILE FA 554 -67.85 14.04 -75.63
C ILE FA 554 -68.17 15.50 -75.99
N TYR FA 555 -67.89 16.46 -75.12
CA TYR FA 555 -68.06 17.88 -75.40
C TYR FA 555 -66.90 18.50 -76.17
N THR FA 556 -65.82 17.76 -76.44
CA THR FA 556 -64.61 18.26 -77.13
C THR FA 556 -64.86 18.66 -78.57
N GLN FA 557 -65.53 17.83 -79.36
CA GLN FA 557 -65.76 18.07 -80.78
C GLN FA 557 -66.81 19.15 -81.01
N GLY FA 558 -66.66 19.95 -82.06
CA GLY FA 558 -67.70 20.86 -82.52
C GLY FA 558 -68.88 20.12 -83.13
N GLY FA 559 -70.05 20.74 -83.14
CA GLY FA 559 -71.25 20.12 -83.69
C GLY FA 559 -71.38 20.26 -85.21
N PRO FA 560 -72.01 19.30 -85.90
CA PRO FA 560 -72.33 19.42 -87.31
C PRO FA 560 -73.36 20.52 -87.55
N GLY FA 561 -73.38 21.10 -88.73
CA GLY FA 561 -74.32 22.17 -89.06
C GLY FA 561 -75.74 21.66 -89.24
N GLY FA 562 -76.74 22.52 -89.03
CA GLY FA 562 -78.12 22.15 -89.26
C GLY FA 562 -78.39 21.90 -90.75
N PRO FA 563 -79.20 20.91 -91.14
CA PRO FA 563 -79.42 20.59 -92.54
C PRO FA 563 -80.28 21.65 -93.24
N ALA FA 564 -80.09 21.80 -94.55
CA ALA FA 564 -80.85 22.71 -95.41
C ALA FA 564 -82.30 22.24 -95.59
N CYS FA 565 -83.25 23.17 -95.61
CA CYS FA 565 -84.67 22.89 -95.78
C CYS FA 565 -85.35 23.94 -96.67
N ALA FA 566 -86.43 23.53 -97.31
CA ALA FA 566 -87.36 24.41 -98.00
C ALA FA 566 -88.76 24.30 -97.41
N ALA FA 567 -89.50 25.40 -97.42
CA ALA FA 567 -90.93 25.43 -97.15
C ALA FA 567 -91.62 26.02 -98.38
N VAL FA 568 -92.56 25.30 -98.98
CA VAL FA 568 -93.17 25.67 -100.26
C VAL FA 568 -94.70 25.71 -100.15
N GLN FA 569 -95.34 26.68 -100.78
CA GLN FA 569 -96.77 26.93 -100.77
C GLN FA 569 -97.31 26.94 -102.19
N PHE FA 570 -98.25 26.06 -102.50
CA PHE FA 570 -99.07 26.12 -103.70
C PHE FA 570 -100.26 27.01 -103.40
N ARG FA 571 -100.44 28.08 -104.17
CA ARG FA 571 -101.40 29.14 -103.90
C ARG FA 571 -102.32 29.40 -105.10
N LYS FA 572 -103.50 29.94 -104.85
CA LYS FA 572 -104.43 30.41 -105.90
C LYS FA 572 -104.73 31.91 -105.75
N GLY FA 573 -104.82 32.62 -106.86
CA GLY FA 573 -105.12 34.05 -106.89
C GLY FA 573 -104.00 34.99 -106.42
N ALA FA 574 -104.10 36.24 -106.83
CA ALA FA 574 -103.18 37.30 -106.42
C ALA FA 574 -103.35 37.68 -104.94
N LEU FA 575 -102.30 38.21 -104.34
CA LEU FA 575 -102.34 38.89 -103.03
C LEU FA 575 -102.41 40.41 -103.22
N PRO FA 576 -102.88 41.16 -102.21
CA PRO FA 576 -102.90 42.61 -102.24
C PRO FA 576 -101.55 43.22 -102.64
N GLY FA 577 -101.52 43.91 -103.78
CA GLY FA 577 -100.35 44.63 -104.27
C GLY FA 577 -99.21 43.79 -104.84
N GLU FA 578 -99.42 42.50 -105.13
CA GLU FA 578 -98.37 41.66 -105.73
C GLU FA 578 -98.06 42.07 -107.18
N VAL FA 579 -96.79 42.01 -107.58
CA VAL FA 579 -96.35 42.17 -108.97
C VAL FA 579 -95.38 41.05 -109.32
N VAL FA 580 -95.55 40.41 -110.48
CA VAL FA 580 -94.77 39.23 -110.87
C VAL FA 580 -93.27 39.56 -111.00
N GLY FA 581 -92.44 38.74 -110.36
CA GLY FA 581 -90.99 38.94 -110.29
C GLY FA 581 -90.23 38.42 -111.50
N ASP FA 582 -88.91 38.56 -111.47
CA ASP FA 582 -88.02 38.07 -112.53
C ASP FA 582 -87.87 36.55 -112.56
N GLY FA 583 -88.37 35.85 -111.53
CA GLY FA 583 -88.32 34.39 -111.37
C GLY FA 583 -87.06 33.86 -110.69
N GLU FA 584 -86.03 34.66 -110.55
CA GLU FA 584 -84.91 34.36 -109.66
C GLU FA 584 -85.26 34.71 -108.21
N GLY FA 585 -84.56 34.13 -107.25
CA GLY FA 585 -84.56 34.63 -105.87
C GLY FA 585 -83.75 35.92 -105.79
N ASP FA 586 -83.31 36.33 -104.61
CA ASP FA 586 -82.35 37.42 -104.55
C ASP FA 586 -80.96 36.95 -105.00
N VAL FA 587 -80.44 37.54 -106.07
CA VAL FA 587 -79.10 37.30 -106.62
C VAL FA 587 -78.19 38.53 -106.45
N THR FA 588 -78.66 39.59 -105.79
CA THR FA 588 -78.00 40.90 -105.74
C THR FA 588 -77.31 41.17 -104.40
N PRO FA 589 -75.98 41.41 -104.40
CA PRO FA 589 -75.25 41.96 -103.27
C PRO FA 589 -75.80 43.31 -102.79
N PRO FA 590 -75.64 43.66 -101.50
CA PRO FA 590 -75.96 44.99 -101.00
C PRO FA 590 -75.21 46.11 -101.75
N ASN FA 591 -75.84 47.27 -101.92
CA ASN FA 591 -75.25 48.41 -102.63
C ASN FA 591 -74.19 49.12 -101.77
N VAL FA 592 -72.91 48.89 -102.05
CA VAL FA 592 -71.79 49.46 -101.27
C VAL FA 592 -71.32 50.84 -101.75
N SER FA 593 -71.92 51.41 -102.80
CA SER FA 593 -71.51 52.72 -103.34
C SER FA 593 -71.68 53.87 -102.34
N ALA FA 594 -72.52 53.70 -101.32
CA ALA FA 594 -72.72 54.65 -100.21
C ALA FA 594 -72.26 54.08 -98.84
N LEU FA 595 -71.49 52.99 -98.81
CA LEU FA 595 -71.01 52.38 -97.56
C LEU FA 595 -70.05 53.33 -96.84
N HIS FA 596 -70.22 53.49 -95.53
CA HIS FA 596 -69.45 54.41 -94.70
C HIS FA 596 -68.85 53.69 -93.50
N VAL FA 597 -67.66 54.08 -93.07
CA VAL FA 597 -66.98 53.49 -91.92
C VAL FA 597 -66.40 54.56 -91.00
N ASP FA 598 -66.61 54.38 -89.70
CA ASP FA 598 -65.90 55.12 -88.65
C ASP FA 598 -64.78 54.23 -88.12
N VAL FA 599 -63.60 54.80 -87.92
CA VAL FA 599 -62.42 54.09 -87.43
C VAL FA 599 -61.84 54.80 -86.22
N SER FA 600 -61.40 54.01 -85.24
CA SER FA 600 -60.73 54.44 -84.02
C SER FA 600 -59.56 53.49 -83.74
N ALA FA 601 -58.56 53.91 -82.96
CA ALA FA 601 -57.33 53.15 -82.80
C ALA FA 601 -56.69 53.32 -81.42
N THR FA 602 -55.81 52.38 -81.10
CA THR FA 602 -54.86 52.45 -79.99
C THR FA 602 -53.44 52.26 -80.54
N SER FA 603 -52.44 52.08 -79.68
CA SER FA 603 -51.10 51.71 -80.09
C SER FA 603 -50.98 50.27 -80.59
N THR FA 604 -51.99 49.41 -80.38
CA THR FA 604 -51.91 47.98 -80.76
C THR FA 604 -53.21 47.41 -81.33
N SER FA 605 -54.20 48.24 -81.62
CA SER FA 605 -55.49 47.80 -82.17
C SER FA 605 -56.19 48.87 -83.00
N ILE FA 606 -57.11 48.44 -83.87
CA ILE FA 606 -57.99 49.30 -84.66
C ILE FA 606 -59.43 48.81 -84.48
N THR FA 607 -60.36 49.70 -84.16
CA THR FA 607 -61.78 49.42 -84.03
C THR FA 607 -62.54 49.98 -85.24
N ILE FA 608 -63.30 49.12 -85.92
CA ILE FA 608 -64.06 49.45 -87.12
C ILE FA 608 -65.54 49.49 -86.78
N THR FA 609 -66.26 50.56 -87.14
CA THR FA 609 -67.72 50.62 -87.14
C THR FA 609 -68.24 50.89 -88.57
N PRO FA 610 -68.64 49.84 -89.31
CA PRO FA 610 -69.18 49.97 -90.65
C PRO FA 610 -70.68 50.30 -90.63
N SER FA 611 -71.18 50.95 -91.67
CA SER FA 611 -72.55 51.48 -91.71
C SER FA 611 -73.05 51.84 -93.12
N GLY FA 612 -74.36 52.02 -93.26
CA GLY FA 612 -74.97 52.83 -94.32
C GLY FA 612 -75.40 52.13 -95.61
N ALA FA 613 -75.15 50.83 -95.78
CA ALA FA 613 -75.55 50.09 -96.98
C ALA FA 613 -77.07 49.83 -96.99
N ASP GA 4 -8.30 -35.48 11.26
CA ASP GA 4 -9.08 -34.81 12.33
C ASP GA 4 -10.26 -34.03 11.73
N GLN GA 5 -11.18 -33.57 12.57
CA GLN GA 5 -12.50 -33.09 12.14
C GLN GA 5 -12.51 -31.71 11.46
N TRP GA 6 -11.44 -30.91 11.57
CA TRP GA 6 -11.37 -29.61 10.88
C TRP GA 6 -10.42 -29.65 9.69
N VAL GA 7 -10.95 -29.19 8.56
CA VAL GA 7 -10.30 -29.05 7.26
C VAL GA 7 -10.76 -27.71 6.68
N PRO GA 8 -9.89 -26.89 6.09
CA PRO GA 8 -10.31 -25.60 5.56
C PRO GA 8 -11.17 -25.76 4.30
N ASP GA 9 -11.94 -24.73 3.96
CA ASP GA 9 -12.70 -24.72 2.71
C ASP GA 9 -11.78 -24.60 1.49
N VAL GA 10 -11.97 -25.41 0.45
CA VAL GA 10 -11.20 -25.30 -0.79
C VAL GA 10 -11.48 -23.96 -1.47
N PRO GA 11 -10.50 -23.07 -1.68
CA PRO GA 11 -10.73 -21.78 -2.32
C PRO GA 11 -11.20 -21.90 -3.77
N ASP GA 12 -11.90 -20.89 -4.29
CA ASP GA 12 -12.39 -20.90 -5.67
C ASP GA 12 -11.23 -21.04 -6.66
N GLY GA 13 -11.33 -22.01 -7.56
CA GLY GA 13 -10.33 -22.25 -8.61
C GLY GA 13 -9.00 -22.84 -8.13
N ALA GA 14 -8.84 -23.19 -6.85
CA ALA GA 14 -7.61 -23.80 -6.35
C ALA GA 14 -7.31 -25.17 -6.99
N PHE GA 15 -6.03 -25.45 -7.26
CA PHE GA 15 -5.61 -26.75 -7.75
C PHE GA 15 -5.74 -27.82 -6.69
N VAL GA 16 -6.17 -28.99 -7.12
CA VAL GA 16 -6.37 -30.20 -6.32
C VAL GA 16 -5.78 -31.38 -7.08
N ILE GA 17 -5.56 -32.51 -6.43
CA ILE GA 17 -4.96 -33.68 -7.06
C ILE GA 17 -5.69 -34.08 -8.35
N GLY GA 18 -4.93 -34.20 -9.43
CA GLY GA 18 -5.45 -34.37 -10.79
C GLY GA 18 -5.41 -33.09 -11.64
N GLY GA 19 -5.32 -31.92 -11.02
CA GLY GA 19 -4.96 -30.66 -11.67
C GLY GA 19 -6.09 -29.74 -12.07
N GLY GA 20 -7.35 -30.11 -11.81
CA GLY GA 20 -8.52 -29.35 -12.24
C GLY GA 20 -8.71 -29.33 -13.77
N ASP GA 21 -9.43 -28.34 -14.28
CA ASP GA 21 -9.67 -28.20 -15.72
C ASP GA 21 -8.37 -27.93 -16.48
N TYR GA 22 -7.60 -26.94 -16.03
CA TYR GA 22 -6.48 -26.38 -16.76
C TYR GA 22 -5.13 -27.04 -16.45
N ARG GA 23 -5.12 -28.23 -15.85
CA ARG GA 23 -3.94 -29.08 -15.60
C ARG GA 23 -2.81 -28.39 -14.84
N TYR GA 24 -3.11 -27.96 -13.62
CA TYR GA 24 -2.24 -27.12 -12.78
C TYR GA 24 -1.88 -25.77 -13.42
N GLY GA 25 -2.72 -25.29 -14.33
CA GLY GA 25 -2.53 -24.04 -15.06
C GLY GA 25 -1.66 -24.15 -16.32
N GLN GA 26 -1.15 -25.33 -16.66
CA GLN GA 26 -0.34 -25.55 -17.85
C GLN GA 26 -1.15 -25.45 -19.14
N ASP GA 27 -2.44 -25.77 -19.11
CA ASP GA 27 -3.34 -25.62 -20.25
C ASP GA 27 -3.97 -24.21 -20.36
N MET GA 28 -3.71 -23.31 -19.42
CA MET GA 28 -4.13 -21.91 -19.51
C MET GA 28 -3.39 -21.19 -20.64
N THR GA 29 -4.09 -20.35 -21.38
CA THR GA 29 -3.54 -19.50 -22.44
C THR GA 29 -4.17 -18.12 -22.38
N GLU GA 30 -3.56 -17.11 -23.00
CA GLU GA 30 -4.12 -15.76 -23.07
C GLU GA 30 -5.49 -15.73 -23.74
N ASP GA 31 -5.72 -16.55 -24.77
CA ASP GA 31 -7.01 -16.66 -25.44
C ASP GA 31 -8.13 -17.13 -24.51
N ILE GA 32 -7.88 -18.15 -23.69
CA ILE GA 32 -8.86 -18.64 -22.72
C ILE GA 32 -9.10 -17.57 -21.66
N ALA GA 33 -8.04 -17.03 -21.06
CA ALA GA 33 -8.18 -16.04 -20.00
C ALA GA 33 -8.90 -14.76 -20.46
N ARG GA 34 -8.56 -14.24 -21.65
CA ARG GA 34 -9.25 -13.07 -22.22
C ARG GA 34 -10.73 -13.34 -22.50
N SER GA 35 -11.12 -14.55 -22.87
CA SER GA 35 -12.53 -14.89 -23.08
C SER GA 35 -13.39 -14.72 -21.83
N LEU GA 36 -12.79 -14.66 -20.63
CA LEU GA 36 -13.53 -14.48 -19.37
C LEU GA 36 -13.90 -13.02 -19.12
N PHE GA 37 -13.00 -12.06 -19.41
CA PHE GA 37 -13.24 -10.64 -19.16
C PHE GA 37 -13.51 -9.78 -20.40
N GLN GA 38 -13.04 -10.12 -21.60
CA GLN GA 38 -13.38 -9.37 -22.81
C GLN GA 38 -14.88 -9.52 -23.12
N VAL GA 39 -15.51 -8.47 -23.66
CA VAL GA 39 -16.82 -8.60 -24.32
C VAL GA 39 -16.61 -9.32 -25.66
N PRO GA 40 -17.41 -10.34 -26.05
CA PRO GA 40 -17.25 -11.01 -27.32
C PRO GA 40 -17.24 -10.08 -28.52
N ASP GA 41 -16.57 -10.46 -29.60
CA ASP GA 41 -16.70 -9.74 -30.88
C ASP GA 41 -18.13 -9.94 -31.39
N PHE GA 42 -18.85 -8.85 -31.62
CA PHE GA 42 -20.27 -8.89 -31.99
C PHE GA 42 -20.58 -8.04 -33.21
N ASN GA 43 -21.71 -8.36 -33.83
CA ASN GA 43 -22.24 -7.79 -35.05
C ASN GA 43 -23.77 -8.03 -35.06
N PRO GA 44 -24.54 -7.37 -35.93
CA PRO GA 44 -26.00 -7.48 -35.92
C PRO GA 44 -26.54 -8.92 -36.04
N ALA GA 45 -25.81 -9.84 -36.68
CA ALA GA 45 -26.21 -11.23 -36.83
C ALA GA 45 -26.00 -12.09 -35.57
N ASN GA 46 -25.21 -11.63 -34.60
CA ASN GA 46 -24.84 -12.41 -33.40
C ASN GA 46 -25.39 -11.84 -32.09
N ALA GA 47 -25.84 -10.60 -32.08
CA ALA GA 47 -25.99 -9.82 -30.85
C ALA GA 47 -26.94 -10.41 -29.80
N LEU GA 48 -28.08 -10.99 -30.17
CA LEU GA 48 -28.97 -11.62 -29.19
C LEU GA 48 -28.46 -12.98 -28.70
N LEU GA 49 -27.49 -13.62 -29.37
CA LEU GA 49 -26.75 -14.76 -28.81
C LEU GA 49 -25.63 -14.28 -27.88
N VAL GA 50 -25.04 -13.13 -28.16
CA VAL GA 50 -24.02 -12.51 -27.32
C VAL GA 50 -24.61 -12.01 -26.00
N LEU GA 51 -25.75 -11.31 -26.02
CA LEU GA 51 -26.37 -10.75 -24.81
C LEU GA 51 -26.49 -11.73 -23.62
N PRO GA 52 -27.02 -12.95 -23.73
CA PRO GA 52 -27.12 -13.85 -22.58
C PRO GA 52 -25.76 -14.27 -22.00
N GLN GA 53 -24.69 -14.31 -22.80
CA GLN GA 53 -23.33 -14.57 -22.31
C GLN GA 53 -22.81 -13.44 -21.43
N LEU GA 54 -23.25 -12.20 -21.64
CA LEU GA 54 -22.97 -11.10 -20.75
C LEU GA 54 -23.83 -11.20 -19.49
N LEU GA 55 -25.12 -11.54 -19.61
CA LEU GA 55 -26.00 -11.61 -18.45
C LEU GA 55 -25.56 -12.71 -17.47
N LEU GA 56 -25.03 -13.84 -17.97
CA LEU GA 56 -24.48 -14.91 -17.14
C LEU GA 56 -23.26 -14.49 -16.29
N ARG GA 57 -22.55 -13.41 -16.62
CA ARG GA 57 -21.46 -12.90 -15.77
C ARG GA 57 -21.99 -12.34 -14.44
N LEU GA 58 -23.21 -11.78 -14.48
CA LEU GA 58 -23.72 -10.91 -13.43
C LEU GA 58 -24.12 -11.68 -12.15
N PRO GA 59 -24.01 -11.04 -10.98
CA PRO GA 59 -24.54 -11.60 -9.74
C PRO GA 59 -26.06 -11.56 -9.69
N LEU GA 60 -26.68 -12.35 -8.82
CA LEU GA 60 -28.14 -12.33 -8.61
C LEU GA 60 -28.66 -10.98 -8.14
N GLU GA 61 -27.92 -10.26 -7.29
CA GLU GA 61 -28.30 -8.92 -6.84
C GLU GA 61 -28.51 -7.93 -8.00
N ALA GA 62 -27.77 -8.07 -9.09
CA ALA GA 62 -27.97 -7.28 -10.31
C ALA GA 62 -29.20 -7.77 -11.09
N LEU GA 63 -29.32 -9.06 -11.37
CA LEU GA 63 -30.38 -9.59 -12.21
C LEU GA 63 -31.76 -9.52 -11.54
N GLN GA 64 -31.86 -9.65 -10.22
CA GLN GA 64 -33.14 -9.58 -9.52
C GLN GA 64 -33.81 -8.19 -9.60
N LYS GA 65 -33.10 -7.13 -10.01
CA LYS GA 65 -33.73 -5.83 -10.30
C LYS GA 65 -34.53 -5.79 -11.61
N PHE GA 66 -34.49 -6.84 -12.43
CA PHE GA 66 -35.45 -7.07 -13.52
C PHE GA 66 -36.73 -7.83 -13.11
N LYS GA 67 -36.76 -8.51 -11.97
CA LYS GA 67 -37.86 -9.41 -11.56
C LYS GA 67 -39.24 -8.76 -11.52
N ASP GA 68 -39.34 -7.52 -11.07
CA ASP GA 68 -40.62 -6.81 -10.93
C ASP GA 68 -41.23 -6.32 -12.26
N PHE GA 69 -40.53 -6.50 -13.38
CA PHE GA 69 -40.88 -5.97 -14.69
C PHE GA 69 -41.31 -7.05 -15.67
N ILE GA 70 -40.73 -8.24 -15.61
CA ILE GA 70 -40.98 -9.34 -16.53
C ILE GA 70 -42.31 -10.05 -16.22
N PRO GA 71 -43.22 -10.21 -17.20
CA PRO GA 71 -44.48 -10.93 -17.01
C PRO GA 71 -44.28 -12.44 -17.11
N ASN GA 72 -45.22 -13.20 -16.56
CA ASN GA 72 -45.31 -14.66 -16.68
C ASN GA 72 -44.05 -15.44 -16.23
N VAL GA 73 -43.30 -14.94 -15.24
CA VAL GA 73 -42.13 -15.64 -14.68
C VAL GA 73 -42.49 -16.97 -14.01
N LEU GA 74 -41.64 -17.98 -14.18
CA LEU GA 74 -41.83 -19.29 -13.54
C LEU GA 74 -41.52 -19.23 -12.04
N GLU GA 75 -42.14 -20.12 -11.25
CA GLU GA 75 -42.06 -20.11 -9.79
C GLU GA 75 -40.63 -20.28 -9.29
N GLY GA 76 -40.10 -19.25 -8.62
CA GLY GA 76 -38.73 -19.26 -8.08
C GLY GA 76 -37.62 -19.13 -9.14
N ALA GA 77 -37.91 -18.70 -10.38
CA ALA GA 77 -36.92 -18.70 -11.46
C ALA GA 77 -35.69 -17.84 -11.17
N PHE GA 78 -35.85 -16.72 -10.47
CA PHE GA 78 -34.78 -15.79 -10.10
C PHE GA 78 -33.96 -16.24 -8.87
N ASN GA 79 -34.16 -17.45 -8.37
CA ASN GA 79 -33.34 -18.05 -7.33
C ASN GA 79 -31.93 -18.44 -7.82
N THR GA 80 -31.70 -18.60 -9.12
CA THR GA 80 -30.36 -18.87 -9.70
C THR GA 80 -30.08 -18.06 -10.97
N VAL GA 81 -28.80 -17.90 -11.32
CA VAL GA 81 -28.36 -17.02 -12.42
C VAL GA 81 -28.82 -17.53 -13.78
N ALA GA 82 -28.67 -18.82 -14.05
CA ALA GA 82 -29.15 -19.42 -15.30
C ALA GA 82 -30.67 -19.28 -15.46
N GLY GA 83 -31.43 -19.49 -14.38
CA GLY GA 83 -32.86 -19.28 -14.35
C GLY GA 83 -33.28 -17.83 -14.55
N ALA GA 84 -32.53 -16.86 -14.01
CA ALA GA 84 -32.78 -15.45 -14.24
C ALA GA 84 -32.54 -15.05 -15.70
N VAL GA 85 -31.44 -15.48 -16.30
CA VAL GA 85 -31.13 -15.18 -17.70
C VAL GA 85 -32.14 -15.82 -18.63
N ASP GA 86 -32.61 -17.03 -18.33
CA ASP GA 86 -33.70 -17.66 -19.07
C ASP GA 86 -35.00 -16.81 -18.99
N ALA GA 87 -35.32 -16.24 -17.83
CA ALA GA 87 -36.48 -15.36 -17.70
C ALA GA 87 -36.33 -14.02 -18.44
N ILE GA 88 -35.16 -13.38 -18.39
CA ILE GA 88 -34.89 -12.15 -19.12
C ILE GA 88 -34.94 -12.38 -20.64
N MET GA 89 -34.38 -13.47 -21.17
CA MET GA 89 -34.52 -13.81 -22.59
C MET GA 89 -35.95 -14.21 -22.99
N GLY GA 90 -36.78 -14.67 -22.06
CA GLY GA 90 -38.23 -14.84 -22.30
C GLY GA 90 -38.99 -13.53 -22.49
N ALA GA 91 -38.49 -12.43 -21.94
CA ALA GA 91 -39.09 -11.11 -22.08
C ALA GA 91 -38.68 -10.38 -23.36
N ILE GA 92 -37.64 -10.82 -24.07
CA ILE GA 92 -37.21 -10.22 -25.34
C ILE GA 92 -38.30 -10.35 -26.42
N ARG GA 93 -38.56 -9.27 -27.15
CA ARG GA 93 -39.35 -9.22 -28.38
C ARG GA 93 -38.46 -8.82 -29.55
N GLU GA 94 -38.75 -9.35 -30.74
CA GLU GA 94 -37.86 -9.30 -31.92
C GLU GA 94 -37.95 -8.00 -32.75
N THR GA 95 -38.42 -6.90 -32.16
CA THR GA 95 -38.50 -5.58 -32.80
C THR GA 95 -38.09 -4.47 -31.83
N PRO GA 96 -37.50 -3.36 -32.30
CA PRO GA 96 -36.99 -2.31 -31.43
C PRO GA 96 -38.13 -1.51 -30.80
N ARG GA 97 -37.84 -0.84 -29.69
CA ARG GA 97 -38.84 -0.16 -28.85
C ARG GA 97 -39.57 0.97 -29.57
N VAL GA 98 -38.87 1.68 -30.46
CA VAL GA 98 -39.45 2.74 -31.28
C VAL GA 98 -40.48 2.21 -32.27
N LEU GA 99 -40.24 1.07 -32.93
CA LEU GA 99 -41.21 0.49 -33.85
C LEU GA 99 -42.45 0.00 -33.10
N GLU GA 100 -42.30 -0.58 -31.91
CA GLU GA 100 -43.43 -0.88 -31.04
C GLU GA 100 -44.26 0.37 -30.74
N GLN GA 101 -43.61 1.46 -30.37
CA GLN GA 101 -44.32 2.67 -29.99
C GLN GA 101 -44.96 3.39 -31.18
N ILE GA 102 -44.34 3.44 -32.36
CA ILE GA 102 -44.98 3.95 -33.58
C ILE GA 102 -46.23 3.14 -33.91
N LEU GA 103 -46.14 1.82 -34.03
CA LEU GA 103 -47.29 0.99 -34.34
C LEU GA 103 -48.36 1.03 -33.25
N SER GA 104 -48.04 1.37 -32.00
CA SER GA 104 -49.03 1.55 -30.95
C SER GA 104 -49.88 2.81 -31.14
N TYR GA 105 -49.33 3.84 -31.78
CA TYR GA 105 -50.02 5.09 -32.09
C TYR GA 105 -50.76 5.01 -33.42
N LEU GA 106 -50.19 4.35 -34.41
CA LEU GA 106 -50.74 4.24 -35.76
C LEU GA 106 -50.62 2.78 -36.24
N PRO GA 107 -51.62 1.92 -35.98
CA PRO GA 107 -51.59 0.50 -36.30
C PRO GA 107 -51.37 0.15 -37.77
N GLN GA 108 -50.85 -1.03 -38.06
CA GLN GA 108 -50.58 -1.46 -39.44
C GLN GA 108 -51.85 -1.53 -40.28
N GLU GA 109 -52.94 -2.05 -39.72
CA GLU GA 109 -54.23 -2.15 -40.41
C GLU GA 109 -54.85 -0.78 -40.73
N LEU GA 110 -54.40 0.30 -40.07
CA LEU GA 110 -54.73 1.67 -40.44
C LEU GA 110 -53.74 2.21 -41.46
N ARG GA 111 -52.44 2.02 -41.24
CA ARG GA 111 -51.36 2.43 -42.14
C ARG GA 111 -51.52 1.88 -43.55
N ASP GA 112 -52.01 0.65 -43.70
CA ASP GA 112 -52.29 0.03 -44.99
C ASP GA 112 -53.48 0.67 -45.74
N GLU GA 113 -54.44 1.27 -45.04
CA GLU GA 113 -55.53 2.03 -45.67
C GLU GA 113 -55.07 3.43 -46.07
N LEU GA 114 -54.35 4.11 -45.19
CA LEU GA 114 -53.82 5.45 -45.46
C LEU GA 114 -52.87 5.47 -46.66
N GLU GA 115 -52.22 4.35 -46.96
CA GLU GA 115 -51.39 4.17 -48.14
C GLU GA 115 -52.08 4.60 -49.44
N HIS GA 116 -53.40 4.40 -49.55
CA HIS GA 116 -54.19 4.69 -50.75
C HIS GA 116 -55.28 5.75 -50.60
N ALA GA 117 -55.63 6.17 -49.38
CA ALA GA 117 -56.76 7.06 -49.16
C ALA GA 117 -56.71 8.33 -50.00
N ALA GA 118 -55.55 8.99 -50.08
CA ALA GA 118 -55.37 10.18 -50.91
C ALA GA 118 -55.58 9.90 -52.41
N ALA GA 119 -55.17 8.73 -52.89
CA ALA GA 119 -55.33 8.32 -54.28
C ALA GA 119 -56.76 7.89 -54.62
N ARG GA 120 -57.46 7.20 -53.72
CA ARG GA 120 -58.88 6.87 -53.88
C ARG GA 120 -59.77 8.10 -54.06
N ILE GA 121 -59.46 9.24 -53.44
CA ILE GA 121 -60.23 10.47 -53.70
C ILE GA 121 -60.05 10.94 -55.16
N GLY GA 122 -58.84 10.87 -55.70
CA GLY GA 122 -58.59 11.17 -57.11
C GLY GA 122 -59.24 10.19 -58.07
N ALA GA 123 -59.23 8.90 -57.73
CA ALA GA 123 -59.94 7.86 -58.46
C ALA GA 123 -61.45 8.07 -58.47
N VAL GA 124 -62.06 8.45 -57.34
CA VAL GA 124 -63.47 8.81 -57.27
C VAL GA 124 -63.77 10.06 -58.11
N ILE GA 125 -62.93 11.09 -58.10
CA ILE GA 125 -63.12 12.26 -58.98
C ILE GA 125 -63.04 11.84 -60.45
N ASP GA 126 -62.04 11.07 -60.86
CA ASP GA 126 -61.91 10.61 -62.23
C ASP GA 126 -63.08 9.72 -62.67
N ALA GA 127 -63.60 8.87 -61.78
CA ALA GA 127 -64.76 8.04 -62.02
C ALA GA 127 -66.02 8.86 -62.29
N ILE GA 128 -66.25 9.94 -61.57
CA ILE GA 128 -67.42 10.81 -61.78
C ILE GA 128 -67.32 11.55 -63.13
N VAL GA 129 -66.17 12.14 -63.44
CA VAL GA 129 -65.97 12.94 -64.65
C VAL GA 129 -66.09 12.10 -65.91
N GLN GA 130 -65.61 10.86 -65.87
CA GLN GA 130 -65.74 9.93 -66.97
C GLN GA 130 -67.18 9.50 -67.21
N ALA GA 131 -67.92 9.16 -66.17
CA ALA GA 131 -69.33 8.81 -66.27
C ALA GA 131 -70.18 9.95 -66.81
N LEU GA 132 -69.97 11.18 -66.35
CA LEU GA 132 -70.81 12.33 -66.69
C LEU GA 132 -70.37 13.09 -67.95
N THR GA 133 -69.09 13.09 -68.35
CA THR GA 133 -68.61 13.82 -69.54
C THR GA 133 -67.99 12.93 -70.61
N GLY GA 134 -67.58 11.71 -70.29
CA GLY GA 134 -66.97 10.80 -71.25
C GLY GA 134 -65.49 11.04 -71.55
N THR GA 135 -64.74 11.70 -70.66
CA THR GA 135 -63.28 11.79 -70.76
C THR GA 135 -62.64 10.41 -70.70
N LEU GA 136 -61.49 10.21 -71.33
CA LEU GA 136 -60.67 8.99 -71.26
C LEU GA 136 -59.32 9.25 -70.56
N ASN GA 137 -59.27 10.31 -69.76
CA ASN GA 137 -58.10 10.83 -69.07
C ASN GA 137 -58.11 10.41 -67.59
N ILE GA 138 -57.04 10.76 -66.88
CA ILE GA 138 -56.88 10.56 -65.45
C ILE GA 138 -56.30 11.85 -64.81
N GLY GA 139 -56.45 12.03 -63.51
CA GLY GA 139 -55.93 13.21 -62.81
C GLY GA 139 -56.77 14.48 -62.96
N HIS GA 140 -58.09 14.37 -63.09
CA HIS GA 140 -58.99 15.53 -63.07
C HIS GA 140 -59.02 16.25 -61.73
N THR GA 141 -59.56 17.45 -61.74
CA THR GA 141 -59.65 18.38 -60.62
C THR GA 141 -61.07 18.50 -60.09
N ILE GA 142 -61.23 19.16 -58.94
CA ILE GA 142 -62.56 19.51 -58.44
C ILE GA 142 -63.24 20.56 -59.34
N GLU GA 143 -62.49 21.37 -60.10
CA GLU GA 143 -63.06 22.21 -61.16
C GLU GA 143 -63.71 21.37 -62.27
N ASP GA 144 -63.08 20.29 -62.72
CA ASP GA 144 -63.67 19.36 -63.68
C ASP GA 144 -64.86 18.59 -63.11
N LEU GA 145 -64.82 18.31 -61.82
CA LEU GA 145 -65.94 17.71 -61.09
C LEU GA 145 -67.15 18.62 -61.10
N ILE GA 146 -66.96 19.91 -60.82
CA ILE GA 146 -68.02 20.90 -60.89
C ILE GA 146 -68.53 21.04 -62.32
N PHE GA 147 -67.66 21.09 -63.34
CA PHE GA 147 -68.11 21.13 -64.71
C PHE GA 147 -68.97 19.92 -65.06
N SER GA 148 -68.53 18.72 -64.69
CA SER GA 148 -69.23 17.48 -64.94
C SER GA 148 -70.63 17.49 -64.33
N LEU GA 149 -70.73 17.78 -63.04
CA LEU GA 149 -71.98 17.77 -62.30
C LEU GA 149 -72.92 18.94 -62.62
N THR GA 150 -72.48 19.90 -63.42
CA THR GA 150 -73.33 20.98 -63.95
C THR GA 150 -73.57 20.88 -65.45
N ASN GA 151 -73.01 19.89 -66.13
CA ASN GA 151 -73.19 19.61 -67.56
C ASN GA 151 -73.34 18.10 -67.81
N ILE GA 152 -74.20 17.42 -67.05
CA ILE GA 152 -74.37 15.97 -67.12
C ILE GA 152 -74.90 15.56 -68.49
N ARG GA 153 -74.31 14.56 -69.14
CA ARG GA 153 -74.85 13.91 -70.36
C ARG GA 153 -76.33 13.55 -70.17
N PRO GA 154 -77.24 13.85 -71.11
CA PRO GA 154 -78.55 13.21 -71.12
C PRO GA 154 -78.49 11.69 -71.40
N GLY GA 155 -77.37 11.16 -71.89
CA GLY GA 155 -77.15 9.73 -72.00
C GLY GA 155 -76.90 8.99 -70.68
N ALA GA 156 -76.52 9.68 -69.60
CA ALA GA 156 -76.27 9.11 -68.28
C ALA GA 156 -77.52 8.96 -67.40
N VAL GA 157 -78.63 9.60 -67.76
CA VAL GA 157 -79.90 9.55 -67.05
C VAL GA 157 -80.83 8.55 -67.70
N GLY GA 158 -81.36 7.62 -66.92
CA GLY GA 158 -82.22 6.52 -67.37
C GLY GA 158 -83.52 7.04 -67.97
N GLY GA 159 -84.03 6.38 -68.99
CA GLY GA 159 -85.18 6.86 -69.74
C GLY GA 159 -86.54 6.46 -69.18
N VAL GA 160 -87.59 6.74 -69.95
CA VAL GA 160 -88.99 6.51 -69.61
C VAL GA 160 -89.74 6.02 -70.86
N LEU GA 161 -90.91 5.38 -70.71
CA LEU GA 161 -91.79 4.96 -71.81
C LEU GA 161 -91.14 4.07 -72.89
N GLY GA 162 -90.06 3.38 -72.53
CA GLY GA 162 -89.27 2.52 -73.41
C GLY GA 162 -87.84 3.01 -73.65
N GLY GA 163 -87.54 4.28 -73.42
CA GLY GA 163 -86.19 4.81 -73.65
C GLY GA 163 -85.13 4.26 -72.69
N GLY GA 164 -83.93 3.99 -73.18
CA GLY GA 164 -82.79 3.61 -72.34
C GLY GA 164 -82.21 4.79 -71.57
N SER GA 165 -82.29 5.96 -72.18
CA SER GA 165 -81.86 7.25 -71.67
C SER GA 165 -82.95 8.32 -71.83
N ILE GA 166 -82.78 9.46 -71.17
CA ILE GA 166 -83.66 10.60 -71.34
C ILE GA 166 -83.50 11.26 -72.72
N GLU GA 167 -82.33 11.13 -73.36
CA GLU GA 167 -82.12 11.55 -74.74
C GLU GA 167 -83.00 10.76 -75.71
N GLU GA 168 -83.02 9.43 -75.58
CA GLU GA 168 -83.87 8.57 -76.38
C GLU GA 168 -85.36 8.79 -76.06
N THR GA 169 -85.71 9.02 -74.80
CA THR GA 169 -87.10 9.26 -74.39
C THR GA 169 -87.69 10.47 -75.11
N ILE GA 170 -87.00 11.62 -75.05
CA ILE GA 170 -87.49 12.85 -75.67
C ILE GA 170 -87.52 12.72 -77.19
N LYS GA 171 -86.51 12.10 -77.79
CA LYS GA 171 -86.48 11.86 -79.23
C LYS GA 171 -87.62 10.96 -79.68
N ARG GA 172 -87.97 9.90 -78.96
CA ARG GA 172 -89.13 9.08 -79.28
C ARG GA 172 -90.45 9.86 -79.21
N ILE GA 173 -90.63 10.74 -78.24
CA ILE GA 173 -91.83 11.58 -78.09
C ILE GA 173 -91.96 12.54 -79.27
N VAL GA 174 -90.91 13.28 -79.59
CA VAL GA 174 -90.93 14.20 -80.73
C VAL GA 174 -91.11 13.43 -82.03
N ASP GA 175 -90.40 12.33 -82.24
CA ASP GA 175 -90.55 11.52 -83.45
C ASP GA 175 -91.95 10.93 -83.60
N ALA GA 176 -92.62 10.52 -82.52
CA ALA GA 176 -93.95 9.93 -82.61
C ALA GA 176 -95.04 10.94 -82.99
N ILE GA 177 -94.96 12.18 -82.51
CA ILE GA 177 -95.89 13.23 -82.92
C ILE GA 177 -95.71 13.53 -84.41
N VAL GA 178 -94.47 13.75 -84.85
CA VAL GA 178 -94.14 14.04 -86.25
C VAL GA 178 -94.47 12.88 -87.19
N SER GA 179 -94.21 11.64 -86.78
CA SER GA 179 -94.57 10.44 -87.55
C SER GA 179 -96.08 10.28 -87.69
N GLY GA 180 -96.85 10.58 -86.64
CA GLY GA 180 -98.31 10.54 -86.69
C GLY GA 180 -98.91 11.60 -87.62
N ILE GA 181 -98.32 12.80 -87.67
CA ILE GA 181 -98.80 13.87 -88.56
C ILE GA 181 -98.45 13.57 -90.01
N VAL GA 182 -97.18 13.22 -90.31
CA VAL GA 182 -96.72 12.93 -91.68
C VAL GA 182 -97.19 11.57 -92.21
N GLY GA 183 -97.60 10.65 -91.34
CA GLY GA 183 -98.27 9.41 -91.72
C GLY GA 183 -97.34 8.25 -92.07
N VAL GA 184 -96.03 8.42 -91.93
CA VAL GA 184 -95.02 7.38 -92.06
C VAL GA 184 -94.04 7.45 -90.90
N THR GA 185 -93.65 6.30 -90.36
CA THR GA 185 -92.71 6.23 -89.24
C THR GA 185 -91.34 6.78 -89.64
N GLY GA 186 -90.74 7.63 -88.82
CA GLY GA 186 -89.48 8.29 -89.12
C GLY GA 186 -88.69 8.71 -87.88
N ILE GA 187 -87.52 9.30 -88.14
CA ILE GA 187 -86.48 9.67 -87.19
C ILE GA 187 -85.89 11.01 -87.64
N GLY GA 188 -85.33 11.81 -86.72
CA GLY GA 188 -84.52 12.98 -87.08
C GLY GA 188 -85.28 14.30 -87.22
N ALA GA 189 -86.50 14.35 -86.69
CA ALA GA 189 -87.29 15.56 -86.54
C ALA GA 189 -86.75 16.50 -85.46
N GLY GA 190 -87.09 17.78 -85.54
CA GLY GA 190 -86.82 18.79 -84.51
C GLY GA 190 -88.08 19.48 -83.96
N ILE GA 191 -87.86 20.41 -83.03
CA ILE GA 191 -88.92 21.21 -82.40
C ILE GA 191 -89.53 22.24 -83.37
N SER GA 192 -88.80 22.67 -84.37
CA SER GA 192 -89.32 23.47 -85.48
C SER GA 192 -90.29 22.69 -86.38
N ASP GA 193 -90.02 21.41 -86.65
CA ASP GA 193 -90.97 20.54 -87.34
C ASP GA 193 -92.25 20.37 -86.53
N LEU GA 194 -92.12 20.19 -85.22
CA LEU GA 194 -93.25 20.03 -84.31
C LEU GA 194 -94.19 21.24 -84.39
N GLN GA 195 -93.67 22.46 -84.34
CA GLN GA 195 -94.45 23.69 -84.51
C GLN GA 195 -95.06 23.81 -85.91
N SER GA 196 -94.29 23.57 -86.97
CA SER GA 196 -94.75 23.64 -88.36
C SER GA 196 -95.92 22.70 -88.63
N LEU GA 197 -95.76 21.44 -88.29
CA LEU GA 197 -96.71 20.38 -88.60
C LEU GA 197 -97.98 20.50 -87.77
N ILE GA 198 -97.90 20.94 -86.52
CA ILE GA 198 -99.08 21.25 -85.71
C ILE GA 198 -99.78 22.52 -86.20
N GLU GA 199 -99.06 23.54 -86.68
CA GLU GA 199 -99.69 24.71 -87.30
C GLU GA 199 -100.52 24.33 -88.55
N GLN GA 200 -100.02 23.41 -89.37
CA GLN GA 200 -100.73 22.96 -90.56
C GLN GA 200 -101.96 22.10 -90.24
N ILE GA 201 -101.91 21.23 -89.24
CA ILE GA 201 -103.06 20.44 -88.80
C ILE GA 201 -104.11 21.30 -88.09
N SER GA 202 -103.72 22.24 -87.24
CA SER GA 202 -104.62 23.19 -86.59
C SER GA 202 -105.39 24.04 -87.60
N SER GA 203 -104.72 24.48 -88.67
CA SER GA 203 -105.35 25.24 -89.74
C SER GA 203 -106.42 24.42 -90.47
N ALA GA 204 -106.12 23.18 -90.83
CA ALA GA 204 -107.07 22.31 -91.51
C ALA GA 204 -108.26 21.93 -90.60
N ALA GA 205 -108.02 21.73 -89.31
CA ALA GA 205 -109.08 21.49 -88.34
C ALA GA 205 -110.03 22.69 -88.22
N ALA GA 206 -109.52 23.92 -88.21
CA ALA GA 206 -110.36 25.12 -88.17
C ALA GA 206 -111.25 25.22 -89.41
N ARG GA 207 -110.71 24.94 -90.60
CA ARG GA 207 -111.48 24.89 -91.85
C ARG GA 207 -112.57 23.83 -91.82
N GLY GA 208 -112.31 22.67 -91.22
CA GLY GA 208 -113.34 21.65 -91.00
C GLY GA 208 -114.47 22.11 -90.08
N GLY GA 209 -114.16 22.84 -89.03
CA GLY GA 209 -115.15 23.47 -88.16
C GLY GA 209 -116.03 24.45 -88.92
N PHE GA 210 -115.46 25.30 -89.77
CA PHE GA 210 -116.24 26.16 -90.63
C PHE GA 210 -117.06 25.37 -91.66
N ALA GA 211 -116.52 24.32 -92.27
CA ALA GA 211 -117.27 23.48 -93.20
C ALA GA 211 -118.52 22.90 -92.56
N TRP GA 212 -118.42 22.41 -91.33
CA TRP GA 212 -119.55 21.88 -90.59
C TRP GA 212 -120.61 22.93 -90.25
N ASP GA 213 -120.22 24.18 -90.06
CA ASP GA 213 -121.16 25.28 -89.81
C ASP GA 213 -121.93 25.67 -91.06
N ILE GA 214 -121.30 25.74 -92.23
CA ILE GA 214 -121.99 25.98 -93.50
C ILE GA 214 -123.04 24.91 -93.77
N LEU GA 215 -122.74 23.64 -93.49
CA LEU GA 215 -123.70 22.54 -93.59
C LEU GA 215 -124.84 22.58 -92.57
N GLY GA 216 -124.78 23.47 -91.59
CA GLY GA 216 -125.79 23.69 -90.56
C GLY GA 216 -126.67 24.92 -90.78
N ILE GA 217 -126.46 25.67 -91.86
CA ILE GA 217 -127.34 26.79 -92.20
C ILE GA 217 -128.67 26.20 -92.69
N GLN GA 218 -129.77 26.53 -92.01
CA GLN GA 218 -131.14 26.16 -92.37
C GLN GA 218 -131.84 27.31 -93.11
N ASN GA 219 -131.48 28.55 -92.82
CA ASN GA 219 -132.05 29.79 -93.34
C ASN GA 219 -131.44 30.28 -94.66
N ASN GA 220 -131.12 29.40 -95.60
CA ASN GA 220 -130.58 29.78 -96.91
C ASN GA 220 -131.39 29.24 -98.10
N LYS GA 221 -132.72 29.14 -97.98
CA LYS GA 221 -133.59 28.56 -99.02
C LYS GA 221 -134.28 29.66 -99.82
N LYS GA 222 -134.30 29.54 -101.14
CA LYS GA 222 -134.77 30.59 -102.07
C LYS GA 222 -136.29 30.79 -102.02
N PRO GA 223 -136.81 32.02 -102.22
CA PRO GA 223 -138.24 32.33 -102.16
C PRO GA 223 -139.12 31.43 -103.02
N LYS GA 224 -138.64 31.00 -104.20
CA LYS GA 224 -139.35 30.07 -105.08
C LYS GA 224 -139.75 28.75 -104.42
N SER GA 225 -139.10 28.36 -103.34
CA SER GA 225 -139.36 27.11 -102.63
C SER GA 225 -140.31 27.27 -101.44
N GLY GA 226 -140.59 28.52 -101.08
CA GLY GA 226 -141.39 28.92 -99.92
C GLY GA 226 -140.92 30.30 -99.45
N LEU GA 227 -141.82 31.19 -99.07
CA LEU GA 227 -141.44 32.57 -98.74
C LEU GA 227 -140.77 32.68 -97.37
N TYR GA 228 -140.98 31.72 -96.46
CA TYR GA 228 -140.21 31.62 -95.22
C TYR GA 228 -138.73 31.31 -95.48
N LYS GA 229 -137.83 31.84 -94.65
CA LYS GA 229 -136.37 31.68 -94.81
C LYS GA 229 -135.88 30.24 -94.83
N SER GA 230 -136.55 29.33 -94.13
CA SER GA 230 -136.13 27.93 -93.98
C SER GA 230 -137.06 26.92 -94.64
N GLU GA 231 -138.08 27.34 -95.38
CA GLU GA 231 -139.03 26.42 -96.00
C GLU GA 231 -138.43 25.69 -97.21
N ARG GA 232 -138.47 24.37 -97.18
CA ARG GA 232 -138.25 23.46 -98.32
C ARG GA 232 -139.60 23.15 -98.94
N GLY GA 233 -139.61 22.75 -100.20
CA GLY GA 233 -140.76 22.12 -100.83
C GLY GA 233 -140.51 20.65 -101.11
N ASN GA 234 -141.57 19.86 -101.23
CA ASN GA 234 -141.50 18.61 -101.96
C ASN GA 234 -141.22 18.90 -103.44
N PHE GA 235 -141.81 19.95 -103.99
CA PHE GA 235 -141.37 20.68 -105.19
C PHE GA 235 -141.53 22.19 -104.97
N ASP GA 236 -140.92 22.98 -105.84
CA ASP GA 236 -140.95 24.44 -105.75
C ASP GA 236 -142.26 25.04 -106.27
N LEU GA 237 -142.59 26.26 -105.86
CA LEU GA 237 -143.81 26.95 -106.27
C LEU GA 237 -143.85 27.23 -107.77
N ASP GA 238 -142.69 27.36 -108.40
CA ASP GA 238 -142.57 27.73 -109.80
C ASP GA 238 -143.06 26.65 -110.78
N THR GA 239 -143.26 25.40 -110.35
CA THR GA 239 -143.82 24.34 -111.20
C THR GA 239 -145.32 24.07 -110.96
N LEU GA 240 -146.00 24.86 -110.15
CA LEU GA 240 -147.44 24.71 -109.91
C LEU GA 240 -148.25 24.68 -111.22
N ASN GA 241 -149.05 23.64 -111.37
CA ASN GA 241 -149.96 23.40 -112.49
C ASN GA 241 -151.13 22.60 -111.96
N SER GA 242 -152.28 23.26 -111.88
CA SER GA 242 -153.55 22.67 -111.47
C SER GA 242 -153.54 22.16 -110.03
N THR GA 243 -154.49 21.29 -109.68
CA THR GA 243 -155.01 21.15 -108.31
C THR GA 243 -155.28 19.71 -107.95
N VAL GA 244 -155.41 19.41 -106.66
CA VAL GA 244 -155.84 18.12 -106.15
C VAL GA 244 -156.80 18.33 -104.98
N SER GA 245 -157.71 17.39 -104.74
CA SER GA 245 -158.79 17.57 -103.77
C SER GA 245 -158.96 16.37 -102.83
N VAL GA 246 -159.19 16.66 -101.56
CA VAL GA 246 -159.28 15.68 -100.48
C VAL GA 246 -160.74 15.28 -100.29
N ALA GA 247 -161.17 14.28 -101.07
CA ALA GA 247 -162.52 13.74 -101.02
C ALA GA 247 -162.64 12.61 -99.98
N PRO GA 248 -163.60 12.66 -99.03
CA PRO GA 248 -163.72 11.69 -97.95
C PRO GA 248 -163.68 10.24 -98.40
N GLY GA 249 -163.10 9.37 -97.58
CA GLY GA 249 -162.88 7.97 -97.95
C GLY GA 249 -161.69 7.74 -98.89
N THR GA 250 -160.97 8.80 -99.23
CA THR GA 250 -159.65 8.75 -99.88
C THR GA 250 -158.74 9.79 -99.27
N SER GA 251 -157.43 9.54 -99.25
CA SER GA 251 -156.42 10.47 -98.76
C SER GA 251 -155.27 10.57 -99.75
N ILE GA 252 -154.68 11.75 -99.85
CA ILE GA 252 -153.60 12.05 -100.79
C ILE GA 252 -152.27 12.06 -100.05
N ILE GA 253 -151.30 11.32 -100.59
CA ILE GA 253 -150.00 11.05 -99.99
C ILE GA 253 -148.91 11.67 -100.87
N ALA GA 254 -148.09 12.55 -100.30
CA ALA GA 254 -146.99 13.17 -101.00
C ALA GA 254 -145.66 12.67 -100.43
N PHE GA 255 -144.81 12.08 -101.27
CA PHE GA 255 -143.45 11.71 -100.88
C PHE GA 255 -142.48 12.88 -100.99
N ASP GA 256 -141.47 12.90 -100.14
CA ASP GA 256 -140.29 13.76 -100.26
C ASP GA 256 -139.05 13.06 -99.68
N VAL GA 257 -137.85 13.48 -100.10
CA VAL GA 257 -136.58 13.08 -99.51
C VAL GA 257 -135.94 14.29 -98.85
N ILE GA 258 -135.62 14.19 -97.57
CA ILE GA 258 -134.97 15.26 -96.81
C ILE GA 258 -133.51 15.39 -97.26
N GLU GA 259 -133.12 16.55 -97.80
CA GLU GA 259 -131.78 16.76 -98.37
C GLU GA 259 -130.72 17.06 -97.31
N GLN GA 260 -131.13 17.71 -96.23
CA GLN GA 260 -130.29 18.19 -95.15
C GLN GA 260 -131.02 17.90 -93.84
N SER GA 261 -130.36 17.34 -92.83
CA SER GA 261 -131.00 17.01 -91.56
C SER GA 261 -131.63 18.24 -90.91
N MET GA 262 -132.87 18.15 -90.44
CA MET GA 262 -133.55 19.26 -89.76
C MET GA 262 -134.61 18.80 -88.76
N PRO GA 263 -134.89 19.61 -87.73
CA PRO GA 263 -136.12 19.51 -86.97
C PRO GA 263 -137.26 20.12 -87.79
N ILE GA 264 -138.17 19.29 -88.31
CA ILE GA 264 -139.36 19.78 -89.00
C ILE GA 264 -140.32 20.31 -87.94
N GLY GA 265 -140.70 21.57 -88.04
CA GLY GA 265 -141.50 22.24 -87.02
C GLY GA 265 -142.75 22.92 -87.56
N LEU GA 266 -142.79 23.20 -88.86
CA LEU GA 266 -143.85 23.96 -89.51
C LEU GA 266 -144.10 23.37 -90.90
N ILE GA 267 -145.21 22.66 -91.07
CA ILE GA 267 -145.69 22.18 -92.37
C ILE GA 267 -146.56 23.27 -93.01
N THR GA 268 -146.51 23.47 -94.33
CA THR GA 268 -147.28 24.50 -95.05
C THR GA 268 -147.83 24.04 -96.40
N TRP GA 269 -148.90 24.68 -96.88
CA TRP GA 269 -149.45 24.48 -98.23
C TRP GA 269 -150.34 25.65 -98.68
N ILE GA 270 -150.67 25.71 -99.98
CA ILE GA 270 -151.64 26.66 -100.53
C ILE GA 270 -152.90 25.90 -100.94
N GLY GA 271 -154.06 26.38 -100.52
CA GLY GA 271 -155.32 25.70 -100.83
C GLY GA 271 -156.57 26.54 -100.58
N TRP GA 272 -157.75 25.97 -100.84
CA TRP GA 272 -159.06 26.57 -100.58
C TRP GA 272 -160.11 25.51 -100.30
N GLY GA 273 -161.19 25.91 -99.62
CA GLY GA 273 -162.31 25.03 -99.32
C GLY GA 273 -162.64 24.93 -97.83
N THR GA 274 -162.60 26.04 -97.10
CA THR GA 274 -162.94 26.11 -95.66
C THR GA 274 -164.46 26.01 -95.39
N SER GA 275 -165.09 24.95 -95.90
CA SER GA 275 -166.53 24.71 -95.78
C SER GA 275 -166.83 23.21 -95.71
N GLY GA 276 -167.86 22.83 -94.96
CA GLY GA 276 -168.27 21.42 -94.75
C GLY GA 276 -167.32 20.61 -93.86
N ILE GA 277 -166.06 21.00 -93.73
CA ILE GA 277 -165.03 20.23 -93.02
C ILE GA 277 -165.23 20.15 -91.51
N THR GA 278 -165.15 18.93 -90.98
CA THR GA 278 -164.86 18.64 -89.58
C THR GA 278 -163.78 17.55 -89.49
N GLU GA 279 -162.94 17.59 -88.47
CA GLU GA 279 -161.85 16.62 -88.29
C GLU GA 279 -160.87 16.50 -89.48
N PHE GA 280 -160.35 17.63 -89.98
CA PHE GA 280 -159.19 17.62 -90.88
C PHE GA 280 -157.93 17.18 -90.12
N TYR GA 281 -157.16 16.26 -90.69
CA TYR GA 281 -155.95 15.68 -90.11
C TYR GA 281 -154.80 15.61 -91.11
N ILE GA 282 -153.58 15.90 -90.62
CA ILE GA 282 -152.31 15.58 -91.26
C ILE GA 282 -151.65 14.42 -90.52
N ASN GA 283 -151.10 13.47 -91.26
CA ASN GA 283 -150.34 12.33 -90.78
C ASN GA 283 -148.97 12.33 -91.49
N VAL GA 284 -147.89 11.97 -90.80
CA VAL GA 284 -146.56 11.83 -91.41
C VAL GA 284 -145.98 10.47 -91.07
N TYR GA 285 -145.38 9.81 -92.05
CA TYR GA 285 -144.76 8.51 -91.85
C TYR GA 285 -143.43 8.35 -92.61
N ARG GA 286 -142.57 7.46 -92.12
CA ARG GA 286 -141.16 7.29 -92.52
C ARG GA 286 -141.00 5.98 -93.28
N CYS GA 287 -140.53 6.03 -94.51
CA CYS GA 287 -140.68 4.92 -95.45
C CYS GA 287 -139.52 3.94 -95.45
N VAL GA 288 -139.80 2.73 -95.92
CA VAL GA 288 -138.80 1.68 -96.15
C VAL GA 288 -137.96 2.02 -97.38
N ASP GA 289 -136.66 1.78 -97.31
CA ASP GA 289 -135.68 2.12 -98.33
C ASP GA 289 -135.72 1.23 -99.59
N ASP GA 290 -136.47 0.13 -99.55
CA ASP GA 290 -136.50 -0.90 -100.58
C ASP GA 290 -137.92 -1.15 -101.07
N ARG GA 291 -138.08 -1.28 -102.39
CA ARG GA 291 -139.29 -1.75 -103.05
C ARG GA 291 -139.74 -3.12 -102.57
N SER GA 292 -138.82 -4.08 -102.51
CA SER GA 292 -139.18 -5.50 -102.34
C SER GA 292 -139.84 -5.83 -100.99
N ASP GA 293 -139.59 -5.02 -99.97
CA ASP GA 293 -140.13 -5.22 -98.62
C ASP GA 293 -141.65 -5.05 -98.63
N PRO GA 294 -142.46 -5.91 -97.98
CA PRO GA 294 -143.90 -5.75 -97.97
C PRO GA 294 -144.40 -4.50 -97.26
N GLU GA 295 -143.64 -3.89 -96.35
CA GLU GA 295 -144.03 -2.63 -95.73
C GLU GA 295 -143.63 -1.43 -96.61
N LEU GA 296 -144.47 -0.39 -96.63
CA LEU GA 296 -144.15 0.91 -97.21
C LEU GA 296 -143.55 1.87 -96.17
N GLY GA 297 -144.07 1.93 -94.95
CA GLY GA 297 -143.50 2.82 -93.93
C GLY GA 297 -144.16 2.77 -92.56
N GLU GA 298 -143.51 3.39 -91.58
CA GLU GA 298 -143.87 3.43 -90.16
C GLU GA 298 -144.31 4.84 -89.75
N LEU GA 299 -145.41 4.96 -89.00
CA LEU GA 299 -145.95 6.26 -88.59
C LEU GA 299 -145.01 7.02 -87.66
N ILE GA 300 -144.87 8.32 -87.89
CA ILE GA 300 -144.05 9.22 -87.10
C ILE GA 300 -144.89 10.26 -86.38
N HIS GA 301 -145.89 10.84 -87.05
CA HIS GA 301 -146.68 11.93 -86.49
C HIS GA 301 -148.17 11.78 -86.79
N GLN GA 302 -149.00 11.93 -85.76
CA GLN GA 302 -150.43 12.19 -85.87
C GLN GA 302 -150.72 13.62 -85.43
N SER GA 303 -151.42 14.40 -86.25
CA SER GA 303 -151.98 15.67 -85.78
C SER GA 303 -153.20 15.47 -84.87
N GLU GA 304 -153.43 16.40 -83.95
CA GLU GA 304 -154.78 16.69 -83.46
C GLU GA 304 -155.67 17.19 -84.62
N ASN GA 305 -156.99 17.31 -84.43
CA ASN GA 305 -157.86 17.92 -85.43
C ASN GA 305 -157.40 19.35 -85.73
N ILE GA 306 -157.05 19.64 -86.99
CA ILE GA 306 -156.60 20.97 -87.42
C ILE GA 306 -157.63 21.71 -88.26
N ALA GA 307 -158.90 21.28 -88.28
CA ALA GA 307 -159.92 21.83 -89.18
C ALA GA 307 -160.09 23.36 -89.10
N GLY GA 308 -159.80 23.96 -87.94
CA GLY GA 308 -159.92 25.40 -87.75
C GLY GA 308 -158.86 26.24 -88.46
N LEU GA 309 -157.76 25.63 -88.91
CA LEU GA 309 -156.64 26.37 -89.51
C LEU GA 309 -156.87 26.74 -90.98
N LEU GA 310 -157.90 26.17 -91.62
CA LEU GA 310 -158.07 26.22 -93.07
C LEU GA 310 -158.82 27.46 -93.55
N ALA GA 311 -158.49 27.92 -94.75
CA ALA GA 311 -158.97 29.18 -95.32
C ALA GA 311 -159.22 29.06 -96.84
N GLY GA 312 -159.53 30.18 -97.49
CA GLY GA 312 -159.55 30.29 -98.96
C GLY GA 312 -160.86 29.85 -99.61
N SER GA 313 -161.27 30.58 -100.65
CA SER GA 313 -162.57 30.42 -101.33
C SER GA 313 -162.52 30.62 -102.85
N ALA GA 314 -161.33 30.74 -103.44
CA ALA GA 314 -161.12 30.97 -104.87
C ALA GA 314 -159.78 30.41 -105.35
N SER GA 315 -159.56 30.39 -106.67
CA SER GA 315 -158.38 29.83 -107.34
C SER GA 315 -157.00 30.26 -106.80
N PRO GA 316 -156.74 31.51 -106.36
CA PRO GA 316 -155.45 31.85 -105.77
C PRO GA 316 -155.20 31.19 -104.41
N GLY GA 317 -156.23 30.69 -103.74
CA GLY GA 317 -156.12 30.02 -102.45
C GLY GA 317 -155.66 30.93 -101.32
N ALA GA 318 -155.23 30.33 -100.23
CA ALA GA 318 -154.64 31.00 -99.08
C ALA GA 318 -153.42 30.21 -98.58
N ASN GA 319 -152.41 30.90 -98.04
CA ASN GA 319 -151.32 30.23 -97.34
C ASN GA 319 -151.84 29.66 -96.01
N MET GA 320 -151.51 28.42 -95.70
CA MET GA 320 -151.87 27.81 -94.41
C MET GA 320 -150.79 26.88 -93.89
N ALA GA 321 -150.79 26.69 -92.58
CA ALA GA 321 -149.64 26.28 -91.80
C ALA GA 321 -150.05 25.40 -90.62
N TYR GA 322 -149.13 24.54 -90.16
CA TYR GA 322 -149.30 23.73 -88.97
C TYR GA 322 -147.98 23.61 -88.21
N GLU GA 323 -147.90 24.24 -87.03
CA GLU GA 323 -146.79 24.09 -86.11
C GLU GA 323 -146.88 22.77 -85.34
N LEU GA 324 -145.91 21.88 -85.48
CA LEU GA 324 -145.90 20.63 -84.73
C LEU GA 324 -145.63 20.93 -83.25
N THR GA 325 -146.50 20.50 -82.34
CA THR GA 325 -146.42 20.82 -80.91
C THR GA 325 -145.17 20.25 -80.25
N THR GA 326 -144.58 19.20 -80.84
CA THR GA 326 -143.15 18.90 -80.72
C THR GA 326 -142.59 18.60 -82.12
N PRO GA 327 -141.43 19.16 -82.52
CA PRO GA 327 -140.84 18.91 -83.84
C PRO GA 327 -140.59 17.43 -84.12
N ILE GA 328 -140.45 17.05 -85.38
CA ILE GA 328 -139.96 15.72 -85.77
C ILE GA 328 -138.55 15.80 -86.35
N GLU GA 329 -137.68 14.92 -85.88
CA GLU GA 329 -136.29 14.83 -86.29
C GLU GA 329 -136.19 13.98 -87.55
N ALA GA 330 -135.86 14.60 -88.68
CA ALA GA 330 -135.61 13.90 -89.92
C ALA GA 330 -134.15 14.04 -90.36
N VAL GA 331 -133.52 12.92 -90.69
CA VAL GA 331 -132.12 12.88 -91.14
C VAL GA 331 -132.00 13.05 -92.65
N ALA GA 332 -130.84 13.48 -93.13
CA ALA GA 332 -130.57 13.54 -94.56
C ALA GA 332 -130.74 12.14 -95.21
N GLY GA 333 -131.37 12.10 -96.38
CA GLY GA 333 -131.68 10.86 -97.09
C GLY GA 333 -132.96 10.16 -96.63
N ASP GA 334 -133.63 10.63 -95.59
CA ASP GA 334 -134.88 10.08 -95.11
C ASP GA 334 -136.03 10.35 -96.09
N LEU GA 335 -136.68 9.31 -96.59
CA LEU GA 335 -137.88 9.45 -97.42
C LEU GA 335 -139.12 9.48 -96.53
N LEU GA 336 -139.69 10.67 -96.35
CA LEU GA 336 -140.94 10.85 -95.64
C LEU GA 336 -142.15 10.82 -96.60
N ALA GA 337 -143.30 10.46 -96.06
CA ALA GA 337 -144.58 10.55 -96.72
C ALA GA 337 -145.55 11.39 -95.90
N TYR GA 338 -146.14 12.40 -96.53
CA TYR GA 338 -147.11 13.31 -95.92
C TYR GA 338 -148.52 12.96 -96.38
N GLU GA 339 -149.42 12.67 -95.46
CA GLU GA 339 -150.80 12.28 -95.73
C GLU GA 339 -151.80 13.37 -95.29
N PHE GA 340 -152.72 13.73 -96.18
CA PHE GA 340 -153.80 14.68 -95.90
C PHE GA 340 -155.18 13.98 -95.87
N ILE GA 341 -155.97 14.23 -94.82
CA ILE GA 341 -157.26 13.61 -94.52
C ILE GA 341 -158.29 14.68 -94.11
N ALA GA 342 -159.55 14.54 -94.56
CA ALA GA 342 -160.67 15.40 -94.17
C ALA GA 342 -162.01 14.64 -94.14
N VAL GA 343 -162.99 15.11 -93.37
CA VAL GA 343 -164.37 14.60 -93.37
C VAL GA 343 -165.38 15.76 -93.48
N GLY GA 344 -166.42 15.58 -94.29
CA GLY GA 344 -167.41 16.62 -94.61
C GLY GA 344 -166.89 17.62 -95.63
N GLY GA 345 -167.60 17.78 -96.75
CA GLY GA 345 -167.07 18.51 -97.91
C GLY GA 345 -165.77 17.92 -98.46
N THR GA 346 -165.09 18.65 -99.35
CA THR GA 346 -163.77 18.28 -99.89
C THR GA 346 -162.87 19.51 -99.90
N HIS GA 347 -161.62 19.41 -99.43
CA HIS GA 347 -160.65 20.51 -99.48
C HIS GA 347 -159.84 20.49 -100.76
N THR GA 348 -159.28 21.61 -101.21
CA THR GA 348 -158.44 21.63 -102.42
C THR GA 348 -157.06 22.24 -102.17
N MET GA 349 -156.04 21.70 -102.83
CA MET GA 349 -154.63 22.07 -102.64
C MET GA 349 -154.00 22.35 -104.00
N ARG GA 350 -153.25 23.44 -104.11
CA ARG GA 350 -152.43 23.70 -105.31
C ARG GA 350 -151.41 22.56 -105.48
N GLY GA 351 -151.18 22.13 -106.71
CA GLY GA 351 -150.35 20.96 -107.00
C GLY GA 351 -149.70 20.97 -108.38
N ARG GA 352 -149.29 19.79 -108.84
CA ARG GA 352 -148.72 19.56 -110.17
C ARG GA 352 -149.46 18.41 -110.83
N ASP GA 353 -150.04 18.62 -112.01
CA ASP GA 353 -150.46 17.55 -112.92
C ASP GA 353 -149.23 16.82 -113.46
N PHE GA 354 -148.67 15.96 -112.63
CA PHE GA 354 -147.31 15.44 -112.76
C PHE GA 354 -147.24 14.24 -113.70
N ASN GA 355 -147.62 14.42 -114.96
CA ASN GA 355 -147.79 13.32 -115.92
C ASN GA 355 -146.51 12.47 -116.06
N LEU GA 356 -146.53 11.24 -115.54
CA LEU GA 356 -145.39 10.34 -115.53
C LEU GA 356 -145.83 8.88 -115.63
N PRO GA 357 -145.00 7.99 -116.19
CA PRO GA 357 -145.21 6.55 -116.09
C PRO GA 357 -144.89 6.01 -114.70
N ASP GA 358 -145.66 5.03 -114.24
CA ASP GA 358 -145.35 4.25 -113.05
C ASP GA 358 -144.03 3.49 -113.24
N ASN GA 359 -143.24 3.40 -112.18
CA ASN GA 359 -141.92 2.78 -112.14
C ASN GA 359 -141.99 1.42 -111.42
N ASP GA 360 -141.36 0.40 -112.00
CA ASP GA 360 -141.35 -0.98 -111.49
C ASP GA 360 -140.12 -1.33 -110.63
N GLY GA 361 -139.13 -0.44 -110.49
CA GLY GA 361 -137.87 -0.74 -109.81
C GLY GA 361 -137.48 0.23 -108.68
N ALA GA 362 -137.72 1.53 -108.84
CA ALA GA 362 -137.36 2.55 -107.85
C ALA GA 362 -138.13 2.41 -106.52
N PRO GA 363 -137.63 2.97 -105.39
CA PRO GA 363 -138.20 2.78 -104.05
C PRO GA 363 -139.66 3.17 -103.92
N ILE GA 364 -140.11 4.11 -104.74
CA ILE GA 364 -141.45 4.68 -104.75
C ILE GA 364 -142.00 4.57 -106.19
N GLY GA 365 -143.23 4.10 -106.36
CA GLY GA 365 -143.75 3.72 -107.69
C GLY GA 365 -144.04 4.90 -108.61
N ASN GA 366 -144.40 6.05 -108.05
CA ASN GA 366 -144.71 7.29 -108.75
C ASN GA 366 -144.59 8.44 -107.75
N VAL GA 367 -144.56 9.67 -108.20
CA VAL GA 367 -144.22 10.86 -107.40
C VAL GA 367 -145.14 11.11 -106.20
N GLY GA 368 -146.32 10.50 -106.12
CA GLY GA 368 -147.14 10.43 -104.92
C GLY GA 368 -147.96 9.14 -104.84
N ALA GA 369 -148.84 9.06 -103.85
CA ALA GA 369 -149.81 7.97 -103.75
C ALA GA 369 -151.15 8.42 -103.15
N THR GA 370 -152.15 7.54 -103.16
CA THR GA 370 -153.47 7.76 -102.56
C THR GA 370 -153.95 6.49 -101.87
N ARG GA 371 -154.57 6.60 -100.69
CA ARG GA 371 -155.14 5.46 -99.96
C ARG GA 371 -156.66 5.57 -99.87
N SER GA 372 -157.37 4.50 -100.16
CA SER GA 372 -158.81 4.36 -99.93
C SER GA 372 -159.14 4.12 -98.45
N LEU GA 373 -158.73 5.05 -97.58
CA LEU GA 373 -158.84 4.90 -96.13
C LEU GA 373 -160.29 4.83 -95.64
N SER GA 374 -160.54 3.93 -94.70
CA SER GA 374 -161.85 3.70 -94.08
C SER GA 374 -162.06 4.45 -92.76
N THR GA 375 -160.98 4.83 -92.07
CA THR GA 375 -161.00 5.15 -90.63
C THR GA 375 -160.21 6.43 -90.35
N PRO GA 376 -160.74 7.61 -90.68
CA PRO GA 376 -159.97 8.87 -90.65
C PRO GA 376 -159.51 9.28 -89.25
N SER GA 377 -160.20 8.82 -88.21
CA SER GA 377 -159.83 9.04 -86.80
C SER GA 377 -158.63 8.22 -86.33
N LEU GA 378 -158.14 7.24 -87.11
CA LEU GA 378 -157.09 6.33 -86.65
C LEU GA 378 -156.17 5.90 -87.82
N PRO GA 379 -155.06 6.59 -88.07
CA PRO GA 379 -154.10 6.18 -89.08
C PRO GA 379 -153.34 4.92 -88.61
N PRO GA 380 -153.03 3.97 -89.50
CA PRO GA 380 -152.24 2.80 -89.16
C PRO GA 380 -150.88 3.15 -88.57
N ALA GA 381 -150.38 2.34 -87.64
CA ALA GA 381 -148.99 2.43 -87.21
C ALA GA 381 -148.01 2.10 -88.35
N THR GA 382 -148.45 1.31 -89.33
CA THR GA 382 -147.66 0.85 -90.47
C THR GA 382 -148.51 0.82 -91.73
N LEU GA 383 -147.95 1.15 -92.89
CA LEU GA 383 -148.60 1.06 -94.21
C LEU GA 383 -147.86 0.06 -95.10
N ASP GA 384 -148.56 -0.65 -95.97
CA ASP GA 384 -147.99 -1.71 -96.80
C ASP GA 384 -147.72 -1.23 -98.23
N LYS GA 385 -146.91 -1.95 -99.01
CA LYS GA 385 -146.81 -1.72 -100.45
C LYS GA 385 -148.14 -1.97 -101.16
N ALA GA 386 -149.01 -2.79 -100.58
CA ALA GA 386 -150.26 -3.23 -101.18
C ALA GA 386 -151.47 -2.32 -100.90
N ASP GA 387 -151.59 -1.71 -99.71
CA ASP GA 387 -152.81 -0.99 -99.31
C ASP GA 387 -152.81 0.52 -99.65
N VAL GA 388 -152.07 0.91 -100.69
CA VAL GA 388 -151.88 2.28 -101.19
C VAL GA 388 -151.74 2.24 -102.73
N THR GA 389 -152.22 3.24 -103.48
CA THR GA 389 -152.14 3.29 -104.96
C THR GA 389 -151.31 4.48 -105.46
N TRP GA 390 -150.30 4.23 -106.30
CA TRP GA 390 -149.40 5.25 -106.86
C TRP GA 390 -150.11 6.25 -107.77
N THR GA 391 -149.79 7.54 -107.71
CA THR GA 391 -150.55 8.58 -108.44
C THR GA 391 -149.71 9.78 -108.89
N ASP GA 392 -150.18 10.46 -109.94
CA ASP GA 392 -149.48 11.59 -110.58
C ASP GA 392 -149.80 12.92 -109.91
N ASN GA 393 -151.08 13.29 -109.80
CA ASN GA 393 -151.45 14.62 -109.37
C ASN GA 393 -151.23 14.77 -107.86
N VAL GA 394 -150.21 15.54 -107.47
CA VAL GA 394 -149.73 15.62 -106.10
C VAL GA 394 -149.79 17.04 -105.56
N PRO GA 395 -150.06 17.22 -104.25
CA PRO GA 395 -150.08 18.52 -103.65
C PRO GA 395 -148.66 18.99 -103.43
N ARG GA 396 -148.44 20.30 -103.45
CA ARG GA 396 -147.21 20.85 -102.90
C ARG GA 396 -147.28 20.82 -101.38
N VAL GA 397 -146.30 20.19 -100.75
CA VAL GA 397 -146.13 20.19 -99.30
C VAL GA 397 -144.85 20.92 -98.98
N GLY GA 398 -144.93 21.94 -98.13
CA GLY GA 398 -143.77 22.67 -97.63
C GLY GA 398 -143.40 22.26 -96.21
N ILE GA 399 -142.12 22.31 -95.86
CA ILE GA 399 -141.63 22.09 -94.49
C ILE GA 399 -140.60 23.15 -94.11
N ALA GA 400 -140.68 23.66 -92.89
CA ALA GA 400 -139.76 24.65 -92.35
C ALA GA 400 -139.35 24.29 -90.91
N VAL GA 401 -138.26 24.90 -90.43
CA VAL GA 401 -137.78 24.70 -89.05
C VAL GA 401 -138.72 25.42 -88.07
N ASP GA 402 -138.94 26.71 -88.28
CA ASP GA 402 -139.90 27.52 -87.56
C ASP GA 402 -140.23 28.80 -88.35
N THR GA 403 -141.18 29.58 -87.84
CA THR GA 403 -141.71 30.79 -88.48
C THR GA 403 -140.67 31.88 -88.75
N GLY GA 404 -139.51 31.89 -88.09
CA GLY GA 404 -138.61 33.05 -88.04
C GLY GA 404 -137.15 32.77 -88.39
N THR GA 405 -136.40 33.86 -88.56
CA THR GA 405 -134.94 33.81 -88.77
C THR GA 405 -134.23 33.46 -87.46
N GLY GA 406 -133.15 32.66 -87.55
CA GLY GA 406 -132.54 31.96 -86.41
C GLY GA 406 -132.72 30.46 -86.55
N SER GA 407 -132.34 29.67 -85.55
CA SER GA 407 -132.39 28.19 -85.61
C SER GA 407 -131.46 27.55 -86.67
N ASP GA 408 -130.48 28.29 -87.20
CA ASP GA 408 -129.24 27.70 -87.71
C ASP GA 408 -128.38 27.19 -86.54
N HIS GA 409 -127.86 25.96 -86.59
CA HIS GA 409 -126.98 25.47 -85.52
C HIS GA 409 -125.57 26.06 -85.67
N HIS GA 410 -124.96 26.42 -84.54
CA HIS GA 410 -123.62 26.99 -84.50
C HIS GA 410 -122.94 26.42 -83.26
N ASP GA 411 -122.06 25.44 -83.44
CA ASP GA 411 -121.48 24.71 -82.32
C ASP GA 411 -120.49 25.58 -81.53
N PRO GA 412 -120.43 25.47 -80.19
CA PRO GA 412 -119.86 26.50 -79.33
C PRO GA 412 -118.40 26.84 -79.59
N GLN GA 413 -118.02 28.11 -79.41
CA GLN GA 413 -116.65 28.60 -79.61
C GLN GA 413 -116.01 28.90 -78.27
N VAL GA 414 -114.87 28.30 -78.00
CA VAL GA 414 -114.16 28.39 -76.72
C VAL GA 414 -112.91 29.23 -76.88
N GLU GA 415 -112.68 30.14 -75.96
CA GLU GA 415 -111.48 30.94 -75.83
C GLU GA 415 -110.89 30.84 -74.42
N PHE GA 416 -109.56 30.92 -74.33
CA PHE GA 416 -108.82 30.89 -73.07
C PHE GA 416 -108.03 32.19 -72.89
N PHE GA 417 -108.14 32.85 -71.75
CA PHE GA 417 -107.47 34.12 -71.47
C PHE GA 417 -106.61 34.03 -70.21
N GLU GA 418 -105.48 34.74 -70.22
CA GLU GA 418 -104.50 34.74 -69.13
C GLU GA 418 -103.93 36.14 -68.96
N LYS GA 419 -103.12 36.59 -69.93
CA LYS GA 419 -102.78 38.01 -70.10
C LYS GA 419 -104.06 38.80 -70.40
N PRO GA 420 -104.17 40.07 -69.97
CA PRO GA 420 -105.36 40.88 -70.20
C PRO GA 420 -105.64 41.10 -71.68
N VAL GA 421 -106.92 41.08 -72.06
CA VAL GA 421 -107.42 41.10 -73.46
C VAL GA 421 -108.83 41.65 -73.55
N ALA GA 422 -109.22 42.05 -74.77
CA ALA GA 422 -110.58 42.41 -75.13
C ALA GA 422 -110.97 41.77 -76.47
N ILE GA 423 -112.16 41.19 -76.57
CA ILE GA 423 -112.65 40.45 -77.74
C ILE GA 423 -114.11 40.82 -78.06
N PRO GA 424 -114.50 40.99 -79.33
CA PRO GA 424 -115.88 41.27 -79.67
C PRO GA 424 -116.76 40.04 -79.49
N VAL GA 425 -117.91 40.19 -78.84
CA VAL GA 425 -118.92 39.11 -78.76
C VAL GA 425 -119.54 38.95 -80.14
N PRO GA 426 -119.56 37.74 -80.73
CA PRO GA 426 -120.05 37.55 -82.08
C PRO GA 426 -121.58 37.57 -82.19
N ALA GA 427 -122.09 37.80 -83.40
CA ALA GA 427 -123.52 38.02 -83.64
C ALA GA 427 -124.38 36.77 -83.43
N TRP GA 428 -123.84 35.59 -83.69
CA TRP GA 428 -124.55 34.31 -83.57
C TRP GA 428 -124.74 33.85 -82.13
N CYS GA 429 -123.94 34.37 -81.20
CA CYS GA 429 -123.95 33.98 -79.80
C CYS GA 429 -125.18 34.54 -79.08
N ASP GA 430 -125.89 33.71 -78.32
CA ASP GA 430 -127.01 34.18 -77.48
C ASP GA 430 -126.78 33.94 -75.99
N ARG GA 431 -125.79 33.15 -75.61
CA ARG GA 431 -125.32 32.94 -74.23
C ARG GA 431 -123.80 32.87 -74.16
N ILE GA 432 -123.19 33.47 -73.14
CA ILE GA 432 -121.75 33.43 -72.86
C ILE GA 432 -121.55 32.67 -71.56
N ASP GA 433 -120.81 31.58 -71.55
CA ASP GA 433 -120.44 30.82 -70.35
C ASP GA 433 -118.99 31.07 -69.98
N ALA GA 434 -118.67 31.29 -68.72
CA ALA GA 434 -117.31 31.57 -68.28
C ALA GA 434 -116.94 30.80 -67.01
N ILE GA 435 -115.70 30.31 -66.94
CA ILE GA 435 -115.05 29.79 -65.73
C ILE GA 435 -113.86 30.69 -65.44
N VAL GA 436 -113.76 31.24 -64.24
CA VAL GA 436 -112.76 32.23 -63.86
C VAL GA 436 -112.01 31.76 -62.62
N THR GA 437 -110.70 31.95 -62.57
CA THR GA 437 -109.85 31.54 -61.44
C THR GA 437 -109.15 32.72 -60.78
N GLY GA 438 -108.95 32.69 -59.47
CA GLY GA 438 -108.04 33.62 -58.79
C GLY GA 438 -106.57 33.22 -58.94
N LYS GA 439 -105.62 34.10 -58.63
CA LYS GA 439 -104.20 33.73 -58.51
C LYS GA 439 -104.03 32.64 -57.45
N GLY GA 440 -103.01 31.81 -57.59
CA GLY GA 440 -102.56 30.97 -56.48
C GLY GA 440 -101.80 31.79 -55.43
N GLY GA 441 -101.66 31.26 -54.22
CA GLY GA 441 -100.83 31.84 -53.17
C GLY GA 441 -99.35 31.50 -53.37
N GLU GA 442 -98.45 32.37 -52.93
CA GLU GA 442 -97.01 32.11 -52.90
C GLU GA 442 -96.63 31.18 -51.74
N GLY GA 443 -95.64 30.32 -51.89
CA GLY GA 443 -95.17 29.44 -50.82
C GLY GA 443 -94.28 30.15 -49.80
N ALA GA 444 -94.22 29.64 -48.57
CA ALA GA 444 -93.26 30.11 -47.58
C ALA GA 444 -91.84 29.57 -47.83
N ASP GA 445 -90.82 30.30 -47.39
CA ASP GA 445 -89.44 29.79 -47.36
C ASP GA 445 -89.25 28.81 -46.19
N GLY GA 446 -88.40 27.81 -46.36
CA GLY GA 446 -88.02 26.91 -45.27
C GLY GA 446 -86.77 27.38 -44.51
N PHE GA 447 -86.40 26.65 -43.48
CA PHE GA 447 -85.13 26.80 -42.75
C PHE GA 447 -84.68 25.43 -42.23
N LEU GA 448 -83.47 25.29 -41.69
CA LEU GA 448 -82.88 23.99 -41.39
C LEU GA 448 -83.82 23.10 -40.56
N GLY GA 449 -84.32 22.02 -41.16
CA GLY GA 449 -85.19 21.04 -40.53
C GLY GA 449 -86.69 21.31 -40.69
N PHE GA 450 -87.05 22.38 -41.40
CA PHE GA 450 -88.42 22.85 -41.63
C PHE GA 450 -88.65 23.18 -43.10
N TYR GA 451 -89.72 22.66 -43.69
CA TYR GA 451 -90.19 23.09 -45.00
C TYR GA 451 -91.11 24.32 -44.86
N GLY GA 452 -91.23 25.16 -45.87
CA GLY GA 452 -92.30 26.16 -45.88
C GLY GA 452 -93.67 25.54 -46.12
N ASN GA 453 -94.75 26.13 -45.60
CA ASN GA 453 -96.11 25.76 -46.01
C ASN GA 453 -96.41 26.21 -47.46
N PRO GA 454 -97.07 25.40 -48.29
CA PRO GA 454 -97.43 25.78 -49.65
C PRO GA 454 -98.56 26.82 -49.66
N GLY GA 455 -98.57 27.70 -50.65
CA GLY GA 455 -99.68 28.61 -50.91
C GLY GA 455 -100.95 27.86 -51.32
N GLN GA 456 -102.12 28.43 -51.05
CA GLN GA 456 -103.39 27.78 -51.41
C GLN GA 456 -103.77 28.07 -52.87
N PRO GA 457 -104.47 27.16 -53.56
CA PRO GA 457 -104.96 27.42 -54.90
C PRO GA 457 -106.07 28.47 -54.93
N GLY GA 458 -106.08 29.28 -55.99
CA GLY GA 458 -107.10 30.29 -56.22
C GLY GA 458 -108.48 29.67 -56.36
N SER GA 459 -109.51 30.39 -55.97
CA SER GA 459 -110.89 29.94 -56.09
C SER GA 459 -111.39 29.90 -57.54
N VAL GA 460 -112.49 29.18 -57.79
CA VAL GA 460 -113.14 29.07 -59.10
C VAL GA 460 -114.57 29.60 -59.06
N ASN GA 461 -114.89 30.57 -59.91
CA ASN GA 461 -116.21 31.15 -60.07
C ASN GA 461 -116.71 30.99 -61.51
N THR GA 462 -118.02 30.96 -61.72
CA THR GA 462 -118.63 30.68 -63.04
C THR GA 462 -119.89 31.52 -63.29
N VAL GA 463 -120.18 31.86 -64.54
CA VAL GA 463 -121.45 32.53 -64.93
C VAL GA 463 -121.92 32.18 -66.34
N THR GA 464 -123.23 32.24 -66.58
CA THR GA 464 -123.79 32.41 -67.92
C THR GA 464 -124.40 33.80 -68.06
N TRP GA 465 -123.88 34.62 -68.97
CA TRP GA 465 -124.56 35.84 -69.43
C TRP GA 465 -125.40 35.54 -70.67
N THR GA 466 -126.50 36.25 -70.89
CA THR GA 466 -127.51 35.94 -71.92
C THR GA 466 -127.88 37.18 -72.71
N ARG GA 467 -128.04 37.05 -74.03
CA ARG GA 467 -128.38 38.17 -74.92
C ARG GA 467 -129.75 38.74 -74.58
N GLY GA 468 -129.94 40.03 -74.77
CA GLY GA 468 -131.15 40.77 -74.40
C GLY GA 468 -131.21 41.12 -72.90
N GLU GA 469 -130.91 40.17 -72.01
CA GLU GA 469 -130.89 40.43 -70.57
C GLU GA 469 -129.60 41.16 -70.15
N HIS GA 470 -128.43 40.59 -70.44
CA HIS GA 470 -127.15 41.11 -69.98
C HIS GA 470 -126.39 41.92 -71.04
N PHE GA 471 -126.55 41.61 -72.32
CA PHE GA 471 -125.90 42.31 -73.42
C PHE GA 471 -126.80 42.38 -74.65
N SER GA 472 -126.69 43.46 -75.42
CA SER GA 472 -127.54 43.73 -76.60
C SER GA 472 -126.77 44.45 -77.69
N GLY GA 473 -127.22 44.34 -78.94
CA GLY GA 473 -126.63 45.03 -80.08
C GLY GA 473 -125.30 44.44 -80.54
N THR GA 474 -124.65 45.13 -81.48
CA THR GA 474 -123.47 44.66 -82.23
C THR GA 474 -122.14 45.13 -81.64
N THR GA 475 -122.15 46.16 -80.80
CA THR GA 475 -120.95 46.78 -80.23
C THR GA 475 -120.80 46.35 -78.77
N THR GA 476 -120.71 45.04 -78.55
CA THR GA 476 -120.42 44.45 -77.24
C THR GA 476 -118.99 43.93 -77.19
N ILE GA 477 -118.21 44.39 -76.23
CA ILE GA 477 -116.84 43.94 -75.96
C ILE GA 477 -116.81 43.13 -74.66
N LEU GA 478 -116.17 41.97 -74.70
CA LEU GA 478 -115.88 41.14 -73.54
C LEU GA 478 -114.43 41.39 -73.13
N GLU GA 479 -114.20 41.76 -71.89
CA GLU GA 479 -112.91 42.27 -71.40
C GLU GA 479 -112.42 41.52 -70.16
N TRP GA 480 -111.18 41.04 -70.21
CA TRP GA 480 -110.49 40.36 -69.13
C TRP GA 480 -109.34 41.24 -68.65
N ASP GA 481 -109.37 41.73 -67.41
CA ASP GA 481 -108.35 42.68 -66.91
C ASP GA 481 -107.15 41.99 -66.23
N GLY GA 482 -107.18 40.65 -66.16
CA GLY GA 482 -106.19 39.83 -65.46
C GLY GA 482 -106.72 39.24 -64.15
N ALA GA 483 -107.89 39.64 -63.66
CA ALA GA 483 -108.53 39.08 -62.48
C ALA GA 483 -110.07 39.19 -62.48
N GLU GA 484 -110.65 40.16 -63.17
CA GLU GA 484 -112.08 40.26 -63.47
C GLU GA 484 -112.34 40.00 -64.95
N LEU GA 485 -113.30 39.14 -65.25
CA LEU GA 485 -113.92 39.01 -66.56
C LEU GA 485 -115.17 39.88 -66.59
N SER GA 486 -115.38 40.65 -67.65
CA SER GA 486 -116.40 41.69 -67.66
C SER GA 486 -117.01 41.93 -69.03
N ILE GA 487 -118.25 42.41 -69.01
CA ILE GA 487 -119.03 42.95 -70.14
C ILE GA 487 -119.63 44.27 -69.65
N PRO GA 488 -120.07 45.20 -70.51
CA PRO GA 488 -120.65 46.45 -70.05
C PRO GA 488 -121.84 46.20 -69.12
N GLY GA 489 -121.68 46.53 -67.84
CA GLY GA 489 -122.67 46.36 -66.79
C GLY GA 489 -122.56 45.13 -65.88
N PHE GA 490 -121.63 44.20 -66.11
CA PHE GA 490 -121.45 43.02 -65.26
C PHE GA 490 -119.98 42.56 -65.17
N GLU GA 491 -119.59 41.97 -64.04
CA GLU GA 491 -118.24 41.42 -63.82
C GLU GA 491 -118.25 40.14 -62.98
N VAL GA 492 -117.27 39.26 -63.21
CA VAL GA 492 -117.03 38.04 -62.43
C VAL GA 492 -115.56 37.91 -62.06
N SER GA 493 -115.31 37.52 -60.82
CA SER GA 493 -113.99 37.22 -60.27
C SER GA 493 -114.08 36.13 -59.20
N ALA GA 494 -112.97 35.50 -58.86
CA ALA GA 494 -112.84 34.53 -57.78
C ALA GA 494 -111.70 34.92 -56.85
N ALA GA 495 -111.80 34.63 -55.56
CA ALA GA 495 -110.78 35.03 -54.59
C ALA GA 495 -109.39 34.46 -54.89
N ASN GA 496 -108.36 35.28 -54.72
CA ASN GA 496 -106.96 34.87 -54.78
C ASN GA 496 -106.62 33.94 -53.61
N GLY GA 497 -105.79 32.93 -53.86
CA GLY GA 497 -105.41 31.95 -52.86
C GLY GA 497 -104.51 32.54 -51.78
N SER GA 498 -104.72 32.17 -50.52
CA SER GA 498 -103.93 32.65 -49.39
C SER GA 498 -102.45 32.25 -49.52
N ASN GA 499 -101.53 33.12 -49.16
CA ASN GA 499 -100.10 32.78 -49.16
C ASN GA 499 -99.76 31.73 -48.09
N GLY GA 500 -98.69 30.98 -48.33
CA GLY GA 500 -98.04 30.17 -47.32
C GLY GA 500 -97.48 31.05 -46.21
N SER GA 501 -97.72 30.66 -44.97
CA SER GA 501 -97.14 31.28 -43.79
C SER GA 501 -96.82 30.19 -42.79
N GLY GA 502 -95.79 30.40 -42.00
CA GLY GA 502 -95.22 29.36 -41.14
C GLY GA 502 -94.56 28.23 -41.91
N GLN GA 503 -94.16 27.21 -41.16
CA GLN GA 503 -93.33 26.11 -41.64
C GLN GA 503 -93.86 24.77 -41.12
N ARG GA 504 -93.49 23.70 -41.81
CA ARG GA 504 -93.83 22.32 -41.54
C ARG GA 504 -92.56 21.55 -41.13
N PRO GA 505 -92.54 20.83 -39.99
CA PRO GA 505 -91.42 19.97 -39.65
C PRO GA 505 -91.18 18.89 -40.70
N VAL GA 506 -89.93 18.53 -40.98
CA VAL GA 506 -89.57 17.47 -41.95
C VAL GA 506 -90.35 16.17 -41.74
N ALA GA 507 -90.61 15.78 -40.49
CA ALA GA 507 -91.34 14.56 -40.16
C ALA GA 507 -92.79 14.52 -40.68
N LEU GA 508 -93.41 15.67 -40.98
CA LEU GA 508 -94.75 15.74 -41.56
C LEU GA 508 -94.76 15.52 -43.08
N GLY GA 509 -93.60 15.46 -43.73
CA GLY GA 509 -93.48 15.10 -45.14
C GLY GA 509 -93.55 16.27 -46.12
N LYS GA 510 -92.94 16.06 -47.29
CA LYS GA 510 -92.69 17.05 -48.33
C LYS GA 510 -93.95 17.85 -48.67
N PRO GA 511 -93.90 19.18 -48.76
CA PRO GA 511 -95.07 20.00 -49.08
C PRO GA 511 -95.48 19.84 -50.55
N VAL GA 512 -96.77 20.00 -50.83
CA VAL GA 512 -97.36 19.90 -52.16
C VAL GA 512 -98.17 21.14 -52.48
N GLY GA 513 -97.90 21.79 -53.61
CA GLY GA 513 -98.69 22.91 -54.11
C GLY GA 513 -99.92 22.40 -54.85
N LYS GA 514 -101.09 22.47 -54.25
CA LYS GA 514 -102.33 22.00 -54.88
C LYS GA 514 -102.69 22.83 -56.12
N GLY GA 515 -103.05 22.16 -57.20
CA GLY GA 515 -103.62 22.78 -58.39
C GLY GA 515 -105.14 22.96 -58.30
N ILE GA 516 -105.73 23.77 -59.18
CA ILE GA 516 -107.18 23.88 -59.32
C ILE GA 516 -107.73 22.61 -59.98
N GLU GA 517 -108.76 22.01 -59.40
CA GLU GA 517 -109.35 20.77 -59.92
C GLU GA 517 -110.05 20.97 -61.27
N GLU GA 518 -110.30 19.88 -62.00
CA GLU GA 518 -111.03 19.93 -63.27
C GLU GA 518 -112.47 20.42 -63.03
N VAL GA 519 -112.91 21.42 -63.80
CA VAL GA 519 -114.27 21.96 -63.77
C VAL GA 519 -114.92 21.81 -65.13
N GLU GA 520 -116.20 21.46 -65.16
CA GLU GA 520 -117.03 21.48 -66.37
C GLU GA 520 -118.31 22.28 -66.10
N TYR GA 521 -118.69 23.13 -67.05
CA TYR GA 521 -119.80 24.06 -66.91
C TYR GA 521 -120.47 24.29 -68.27
N ASN GA 522 -121.70 23.81 -68.44
CA ASN GA 522 -122.45 23.91 -69.68
C ASN GA 522 -121.69 23.40 -70.92
N GLY GA 523 -120.81 22.43 -70.75
CA GLY GA 523 -119.95 21.88 -71.80
C GLY GA 523 -118.61 22.59 -72.00
N LEU GA 524 -118.36 23.72 -71.36
CA LEU GA 524 -117.02 24.31 -71.25
C LEU GA 524 -116.21 23.59 -70.17
N LYS GA 525 -114.99 23.16 -70.47
CA LYS GA 525 -114.07 22.52 -69.52
C LYS GA 525 -112.90 23.42 -69.17
N LEU GA 526 -112.54 23.52 -67.90
CA LEU GA 526 -111.24 24.04 -67.45
C LEU GA 526 -110.36 22.84 -67.07
N ALA GA 527 -109.27 22.62 -67.79
CA ALA GA 527 -108.35 21.53 -67.48
C ALA GA 527 -107.67 21.76 -66.12
N ALA GA 528 -107.54 20.71 -65.32
CA ALA GA 528 -106.84 20.79 -64.05
C ALA GA 528 -105.38 21.17 -64.29
N GLY GA 529 -104.88 22.18 -63.59
CA GLY GA 529 -103.44 22.26 -63.35
C GLY GA 529 -103.11 21.15 -62.37
N GLY GA 530 -102.12 20.32 -62.68
CA GLY GA 530 -101.69 19.29 -61.74
C GLY GA 530 -101.13 19.91 -60.46
N ASP GA 531 -100.87 19.12 -59.43
CA ASP GA 531 -100.15 19.61 -58.26
C ASP GA 531 -98.68 19.90 -58.56
N GLN GA 532 -98.04 20.80 -57.82
CA GLN GA 532 -96.61 21.08 -57.90
C GLN GA 532 -95.90 20.36 -56.77
N HIS GA 533 -94.94 19.50 -57.12
CA HIS GA 533 -94.14 18.74 -56.16
C HIS GA 533 -92.69 19.19 -56.03
N ALA GA 534 -92.15 20.01 -56.91
CA ALA GA 534 -90.80 20.52 -56.74
C ALA GA 534 -90.74 21.48 -55.54
N TYR GA 535 -89.72 21.37 -54.69
CA TYR GA 535 -89.53 22.33 -53.61
C TYR GA 535 -89.36 23.74 -54.17
N GLY GA 536 -90.16 24.69 -53.70
CA GLY GA 536 -90.11 26.06 -54.17
C GLY GA 536 -90.57 26.27 -55.62
N GLY GA 537 -91.14 25.23 -56.26
CA GLY GA 537 -91.61 25.32 -57.63
C GLY GA 537 -92.80 26.25 -57.77
N ALA GA 538 -92.90 26.95 -58.89
CA ALA GA 538 -94.00 27.85 -59.19
C ALA GA 538 -95.32 27.08 -59.29
N GLY GA 539 -96.41 27.68 -58.84
CA GLY GA 539 -97.73 27.08 -58.92
C GLY GA 539 -98.15 26.85 -60.37
N THR GA 540 -98.77 25.71 -60.62
CA THR GA 540 -99.26 25.34 -61.94
C THR GA 540 -100.36 26.29 -62.41
N LYS GA 541 -100.33 26.64 -63.69
CA LYS GA 541 -101.35 27.46 -64.35
C LYS GA 541 -102.56 26.58 -64.64
N PRO GA 542 -103.81 26.96 -64.31
CA PRO GA 542 -104.25 28.18 -63.64
C PRO GA 542 -104.25 28.05 -62.11
N GLY GA 543 -103.97 29.16 -61.45
CA GLY GA 543 -104.25 29.39 -60.04
C GLY GA 543 -103.66 28.44 -59.00
N GLY GA 544 -102.72 27.56 -59.34
CA GLY GA 544 -102.15 26.60 -58.42
C GLY GA 544 -101.32 27.24 -57.31
N GLY GA 545 -101.30 26.60 -56.16
CA GLY GA 545 -100.49 27.03 -55.04
C GLY GA 545 -99.00 26.94 -55.31
N GLY GA 546 -98.27 28.01 -55.06
CA GLY GA 546 -96.82 27.98 -55.09
C GLY GA 546 -96.30 27.06 -54.00
N ASN GA 547 -95.40 26.15 -54.33
CA ASN GA 547 -94.98 25.15 -53.37
C ASN GA 547 -94.03 25.73 -52.32
N GLY GA 548 -94.04 25.13 -51.15
CA GLY GA 548 -93.17 25.47 -50.02
C GLY GA 548 -91.71 25.19 -50.32
N GLY GA 549 -90.82 25.93 -49.68
CA GLY GA 549 -89.38 25.79 -49.84
C GLY GA 549 -88.74 24.72 -48.96
N HIS GA 550 -87.51 24.36 -49.34
CA HIS GA 550 -86.54 23.61 -48.54
C HIS GA 550 -85.56 24.59 -47.86
N TRP GA 551 -84.30 24.22 -47.65
CA TRP GA 551 -83.25 25.07 -47.08
C TRP GA 551 -81.86 24.92 -47.74
N LEU GA 552 -81.69 24.12 -48.79
CA LEU GA 552 -80.44 24.02 -49.55
C LEU GA 552 -80.58 24.65 -50.95
N GLY GA 553 -79.79 25.69 -51.21
CA GLY GA 553 -79.57 26.22 -52.55
C GLY GA 553 -80.81 26.81 -53.21
N ILE GA 554 -81.02 26.55 -54.49
CA ILE GA 554 -82.16 27.07 -55.27
C ILE GA 554 -83.51 26.60 -54.72
N TYR GA 555 -83.54 25.56 -53.91
CA TYR GA 555 -84.74 25.08 -53.23
C TYR GA 555 -85.15 25.91 -52.01
N THR GA 556 -84.37 26.89 -51.59
CA THR GA 556 -84.63 27.70 -50.37
C THR GA 556 -85.91 28.53 -50.45
N GLN GA 557 -86.06 29.36 -51.48
CA GLN GA 557 -87.19 30.27 -51.64
C GLN GA 557 -88.48 29.51 -51.97
N GLY GA 558 -89.62 29.96 -51.43
CA GLY GA 558 -90.93 29.45 -51.82
C GLY GA 558 -91.30 29.88 -53.23
N GLY GA 559 -92.12 29.10 -53.93
CA GLY GA 559 -92.50 29.42 -55.31
C GLY GA 559 -93.61 30.46 -55.45
N PRO GA 560 -93.68 31.19 -56.57
CA PRO GA 560 -94.77 32.09 -56.87
C PRO GA 560 -96.08 31.33 -57.17
N GLY GA 561 -97.22 31.98 -56.97
CA GLY GA 561 -98.53 31.40 -57.27
C GLY GA 561 -98.79 31.30 -58.77
N GLY GA 562 -99.60 30.33 -59.18
CA GLY GA 562 -99.98 30.17 -60.59
C GLY GA 562 -100.85 31.31 -61.10
N PRO GA 563 -100.73 31.73 -62.38
CA PRO GA 563 -101.49 32.83 -62.96
C PRO GA 563 -103.00 32.71 -62.82
N ALA GA 564 -103.71 33.83 -62.68
CA ALA GA 564 -105.16 33.87 -62.81
C ALA GA 564 -105.55 33.72 -64.30
N CYS GA 565 -106.53 32.88 -64.59
CA CYS GA 565 -106.96 32.58 -65.96
C CYS GA 565 -108.48 32.47 -66.08
N ALA GA 566 -109.02 32.74 -67.27
CA ALA GA 566 -110.41 32.51 -67.63
C ALA GA 566 -110.54 31.56 -68.81
N ALA GA 567 -111.53 30.69 -68.78
CA ALA GA 567 -112.05 29.96 -69.94
C ALA GA 567 -113.42 30.53 -70.26
N VAL GA 568 -113.70 30.89 -71.52
CA VAL GA 568 -114.95 31.49 -71.94
C VAL GA 568 -115.50 30.81 -73.18
N GLN GA 569 -116.80 30.63 -73.26
CA GLN GA 569 -117.48 29.99 -74.38
C GLN GA 569 -118.63 30.85 -74.89
N PHE GA 570 -118.61 31.16 -76.18
CA PHE GA 570 -119.76 31.67 -76.90
C PHE GA 570 -120.63 30.50 -77.33
N ARG GA 571 -121.93 30.57 -77.02
CA ARG GA 571 -122.87 29.48 -77.24
C ARG GA 571 -124.11 29.98 -77.99
N LYS GA 572 -124.74 29.10 -78.76
CA LYS GA 572 -126.04 29.34 -79.40
C LYS GA 572 -127.08 28.33 -78.92
N GLY GA 573 -128.30 28.78 -78.71
CA GLY GA 573 -129.41 27.97 -78.22
C GLY GA 573 -129.36 27.71 -76.71
N ALA GA 574 -130.52 27.42 -76.13
CA ALA GA 574 -130.66 26.99 -74.74
C ALA GA 574 -130.07 25.58 -74.53
N LEU GA 575 -129.88 25.21 -73.27
CA LEU GA 575 -129.45 23.88 -72.82
C LEU GA 575 -130.56 23.28 -71.95
N PRO GA 576 -130.69 21.95 -71.88
CA PRO GA 576 -131.75 21.28 -71.13
C PRO GA 576 -131.91 21.81 -69.70
N GLY GA 577 -133.04 22.47 -69.42
CA GLY GA 577 -133.42 22.95 -68.10
C GLY GA 577 -132.73 24.23 -67.61
N GLU GA 578 -132.01 24.97 -68.47
CA GLU GA 578 -131.40 26.24 -68.05
C GLU GA 578 -132.47 27.32 -67.78
N VAL GA 579 -132.30 28.11 -66.73
CA VAL GA 579 -133.14 29.28 -66.42
C VAL GA 579 -132.23 30.48 -66.16
N VAL GA 580 -132.51 31.62 -66.81
CA VAL GA 580 -131.56 32.74 -66.89
C VAL GA 580 -131.26 33.33 -65.52
N GLY GA 581 -129.96 33.44 -65.21
CA GLY GA 581 -129.45 33.94 -63.94
C GLY GA 581 -129.41 35.47 -63.87
N ASP GA 582 -129.13 35.98 -62.67
CA ASP GA 582 -129.06 37.43 -62.39
C ASP GA 582 -127.84 38.14 -63.00
N GLY GA 583 -126.89 37.39 -63.58
CA GLY GA 583 -125.71 37.92 -64.26
C GLY GA 583 -124.49 38.17 -63.38
N GLU GA 584 -124.60 37.91 -62.08
CA GLU GA 584 -123.44 37.86 -61.19
C GLU GA 584 -122.92 36.43 -61.08
N GLY GA 585 -121.66 36.27 -60.70
CA GLY GA 585 -121.14 34.96 -60.30
C GLY GA 585 -121.74 34.53 -58.97
N ASP GA 586 -121.15 33.55 -58.30
CA ASP GA 586 -121.48 33.33 -56.90
C ASP GA 586 -120.94 34.48 -56.03
N VAL GA 587 -121.82 35.15 -55.28
CA VAL GA 587 -121.49 36.27 -54.39
C VAL GA 587 -121.90 36.01 -52.93
N THR GA 588 -122.50 34.85 -52.64
CA THR GA 588 -123.02 34.52 -51.30
C THR GA 588 -122.12 33.55 -50.55
N PRO GA 589 -121.63 33.90 -49.35
CA PRO GA 589 -121.02 32.97 -48.40
C PRO GA 589 -121.88 31.75 -48.09
N PRO GA 590 -121.30 30.60 -47.70
CA PRO GA 590 -122.05 29.42 -47.27
C PRO GA 590 -123.02 29.71 -46.13
N ASN GA 591 -124.14 28.97 -46.08
CA ASN GA 591 -125.18 29.18 -45.08
C ASN GA 591 -124.78 28.60 -43.71
N VAL GA 592 -124.27 29.44 -42.81
CA VAL GA 592 -123.80 29.08 -41.47
C VAL GA 592 -124.85 29.19 -40.38
N SER GA 593 -126.12 29.44 -40.72
CA SER GA 593 -127.22 29.47 -39.74
C SER GA 593 -127.45 28.13 -39.04
N ALA GA 594 -127.03 27.02 -39.67
CA ALA GA 594 -127.08 25.65 -39.16
C ALA GA 594 -125.69 25.01 -38.99
N LEU GA 595 -124.62 25.82 -38.91
CA LEU GA 595 -123.25 25.36 -38.64
C LEU GA 595 -123.18 24.60 -37.30
N HIS GA 596 -122.50 23.47 -37.28
CA HIS GA 596 -122.34 22.63 -36.09
C HIS GA 596 -120.89 22.18 -35.91
N VAL GA 597 -120.40 22.17 -34.67
CA VAL GA 597 -119.02 21.81 -34.35
C VAL GA 597 -118.99 20.80 -33.20
N ASP GA 598 -118.24 19.72 -33.37
CA ASP GA 598 -117.82 18.83 -32.28
C ASP GA 598 -116.44 19.26 -31.78
N VAL GA 599 -116.23 19.20 -30.46
CA VAL GA 599 -114.97 19.60 -29.81
C VAL GA 599 -114.47 18.50 -28.88
N SER GA 600 -113.17 18.29 -28.88
CA SER GA 600 -112.42 17.41 -27.97
C SER GA 600 -111.20 18.17 -27.44
N ALA GA 601 -110.64 17.78 -26.30
CA ALA GA 601 -109.59 18.58 -25.67
C ALA GA 601 -108.63 17.73 -24.82
N THR GA 602 -107.49 18.34 -24.47
CA THR GA 602 -106.50 17.82 -23.54
C THR GA 602 -106.00 18.96 -22.64
N SER GA 603 -105.00 18.72 -21.82
CA SER GA 603 -104.36 19.77 -21.02
C SER GA 603 -103.54 20.75 -21.86
N THR GA 604 -103.21 20.45 -23.13
CA THR GA 604 -102.35 21.31 -23.97
C THR GA 604 -102.89 21.58 -25.37
N SER GA 605 -104.06 21.04 -25.71
CA SER GA 605 -104.65 21.16 -27.04
C SER GA 605 -106.17 21.14 -27.02
N ILE GA 606 -106.76 21.68 -28.09
CA ILE GA 606 -108.19 21.58 -28.41
C ILE GA 606 -108.32 21.11 -29.87
N THR GA 607 -109.16 20.12 -30.10
CA THR GA 607 -109.40 19.51 -31.40
C THR GA 607 -110.82 19.84 -31.88
N ILE GA 608 -110.93 20.48 -33.04
CA ILE GA 608 -112.19 20.96 -33.62
C ILE GA 608 -112.58 20.10 -34.82
N THR GA 609 -113.84 19.68 -34.91
CA THR GA 609 -114.40 18.97 -36.06
C THR GA 609 -115.68 19.66 -36.54
N PRO GA 610 -115.59 20.57 -37.53
CA PRO GA 610 -116.72 21.37 -38.00
C PRO GA 610 -117.59 20.64 -39.04
N SER GA 611 -118.87 21.02 -39.16
CA SER GA 611 -119.82 20.39 -40.07
C SER GA 611 -121.08 21.23 -40.38
N GLY GA 612 -121.80 20.90 -41.45
CA GLY GA 612 -123.22 21.24 -41.65
C GLY GA 612 -123.56 22.55 -42.35
N ALA GA 613 -122.61 23.31 -42.92
CA ALA GA 613 -122.90 24.57 -43.57
C ALA GA 613 -123.77 24.41 -44.84
N PRO HA 38 -49.70 -53.13 -39.29
CA PRO HA 38 -48.87 -51.96 -39.65
C PRO HA 38 -47.73 -52.36 -40.57
N PHE HA 39 -47.17 -51.45 -41.38
CA PHE HA 39 -45.96 -51.72 -42.16
C PHE HA 39 -45.11 -50.49 -42.49
N THR HA 40 -43.86 -50.77 -42.83
CA THR HA 40 -42.84 -49.81 -43.21
C THR HA 40 -42.26 -50.20 -44.57
N ILE HA 41 -41.90 -49.21 -45.39
CA ILE HA 41 -41.21 -49.45 -46.67
C ILE HA 41 -40.10 -48.41 -46.88
N SER HA 42 -39.10 -48.78 -47.66
CA SER HA 42 -37.87 -48.02 -47.86
C SER HA 42 -37.17 -48.47 -49.14
N SER HA 43 -36.21 -47.67 -49.60
CA SER HA 43 -35.23 -48.08 -50.60
C SER HA 43 -34.08 -48.93 -50.04
N GLU HA 44 -34.01 -49.16 -48.73
CA GLU HA 44 -32.90 -49.89 -48.09
C GLU HA 44 -32.76 -51.37 -48.50
N ASP HA 45 -33.79 -51.98 -49.10
CA ASP HA 45 -33.80 -53.41 -49.43
C ASP HA 45 -34.36 -53.72 -50.84
N PRO HA 46 -34.02 -54.89 -51.43
CA PRO HA 46 -34.52 -55.31 -52.74
C PRO HA 46 -36.04 -55.35 -52.82
N GLY HA 47 -36.56 -55.16 -54.04
CA GLY HA 47 -38.00 -55.19 -54.34
C GLY HA 47 -38.72 -53.85 -54.21
N TYR HA 48 -38.00 -52.75 -53.92
CA TYR HA 48 -38.56 -51.40 -53.93
C TYR HA 48 -39.09 -51.00 -55.32
N GLU HA 49 -40.21 -50.31 -55.35
CA GLU HA 49 -40.80 -49.68 -56.52
C GLU HA 49 -41.46 -48.36 -56.10
N ASP HA 50 -41.52 -47.37 -56.99
CA ASP HA 50 -42.19 -46.09 -56.70
C ASP HA 50 -43.71 -46.29 -56.62
N LEU HA 51 -44.32 -46.03 -55.46
CA LEU HA 51 -45.75 -46.18 -55.26
C LEU HA 51 -46.48 -44.98 -55.87
N ILE HA 52 -47.33 -45.20 -56.87
CA ILE HA 52 -48.08 -44.13 -57.52
C ILE HA 52 -49.58 -44.31 -57.29
N ASP HA 53 -50.22 -43.25 -56.79
CA ASP HA 53 -51.66 -43.20 -56.44
C ASP HA 53 -52.12 -44.38 -55.56
N GLU HA 54 -51.23 -44.88 -54.71
CA GLU HA 54 -51.46 -46.07 -53.88
C GLU HA 54 -52.36 -45.72 -52.68
N GLN HA 55 -53.31 -46.59 -52.36
CA GLN HA 55 -54.19 -46.39 -51.21
C GLN HA 55 -53.38 -46.30 -49.92
N VAL HA 56 -53.72 -45.34 -49.05
CA VAL HA 56 -53.18 -45.35 -47.68
C VAL HA 56 -53.65 -46.64 -46.98
N PRO HA 57 -52.82 -47.31 -46.18
CA PRO HA 57 -53.19 -48.60 -45.59
C PRO HA 57 -54.48 -48.54 -44.77
N GLU HA 58 -55.30 -49.59 -44.86
CA GLU HA 58 -56.64 -49.62 -44.27
C GLU HA 58 -56.58 -49.40 -42.75
N GLY HA 59 -57.18 -48.30 -42.29
CA GLY HA 59 -57.26 -47.95 -40.86
C GLY HA 59 -55.96 -47.47 -40.22
N ALA HA 60 -54.88 -47.23 -40.99
CA ALA HA 60 -53.67 -46.62 -40.44
C ALA HA 60 -53.94 -45.19 -39.94
N SER HA 61 -53.37 -44.84 -38.78
CA SER HA 61 -53.57 -43.55 -38.11
C SER HA 61 -52.72 -42.41 -38.70
N GLY HA 62 -51.77 -42.74 -39.59
CA GLY HA 62 -50.82 -41.83 -40.22
C GLY HA 62 -49.50 -42.54 -40.50
N CYS HA 63 -48.43 -41.77 -40.73
CA CYS HA 63 -47.08 -42.32 -40.90
C CYS HA 63 -45.97 -41.36 -40.46
N TRP HA 64 -44.80 -41.90 -40.13
CA TRP HA 64 -43.55 -41.15 -40.19
C TRP HA 64 -42.91 -41.27 -41.57
N VAL HA 65 -42.23 -40.22 -42.03
CA VAL HA 65 -41.61 -40.16 -43.36
C VAL HA 65 -40.19 -39.62 -43.26
N THR HA 66 -39.28 -40.05 -44.12
CA THR HA 66 -37.93 -39.50 -44.28
C THR HA 66 -37.48 -39.67 -45.73
N LEU HA 67 -37.07 -38.58 -46.38
CA LEU HA 67 -36.79 -38.54 -47.83
C LEU HA 67 -35.46 -37.86 -48.10
N GLY HA 68 -34.69 -38.38 -49.05
CA GLY HA 68 -33.47 -37.75 -49.57
C GLY HA 68 -33.45 -37.73 -51.10
N GLY HA 69 -33.06 -36.60 -51.70
CA GLY HA 69 -32.88 -36.47 -53.15
C GLY HA 69 -31.58 -37.12 -53.64
N ALA HA 70 -31.46 -37.31 -54.95
CA ALA HA 70 -30.27 -37.87 -55.56
C ALA HA 70 -29.15 -36.83 -55.82
N GLY HA 71 -27.91 -37.29 -55.99
CA GLY HA 71 -26.78 -36.46 -56.38
C GLY HA 71 -26.72 -36.22 -57.89
N GLY HA 72 -26.13 -35.10 -58.30
CA GLY HA 72 -25.87 -34.80 -59.70
C GLY HA 72 -24.59 -35.45 -60.23
N GLY HA 73 -24.54 -35.71 -61.53
CA GLY HA 73 -23.32 -36.19 -62.19
C GLY HA 73 -22.28 -35.10 -62.37
N GLY HA 74 -21.01 -35.47 -62.32
CA GLY HA 74 -19.90 -34.56 -62.63
C GLY HA 74 -19.81 -34.24 -64.12
N GLY HA 75 -19.10 -33.17 -64.45
CA GLY HA 75 -18.74 -32.83 -65.85
C GLY HA 75 -17.34 -33.32 -66.21
N SER HA 76 -17.09 -33.58 -67.49
CA SER HA 76 -15.75 -33.95 -68.00
C SER HA 76 -14.95 -32.72 -68.49
N GLY HA 77 -13.62 -32.84 -68.58
CA GLY HA 77 -12.70 -31.77 -69.01
C GLY HA 77 -12.29 -31.85 -70.48
N ARG HA 78 -11.73 -30.76 -71.03
CA ARG HA 78 -11.25 -30.69 -72.43
C ARG HA 78 -10.03 -31.61 -72.64
N ARG HA 79 -9.93 -32.27 -73.81
CA ARG HA 79 -8.83 -33.20 -74.18
C ARG HA 79 -7.80 -32.58 -75.15
N ALA HA 80 -6.68 -33.27 -75.35
CA ALA HA 80 -5.46 -32.85 -76.07
C ALA HA 80 -4.57 -31.81 -75.38
N ASN HA 81 -3.25 -31.91 -75.56
CA ASN HA 81 -2.28 -31.08 -74.85
C ASN HA 81 -2.32 -29.58 -75.22
N SER HA 82 -2.64 -29.24 -76.47
CA SER HA 82 -2.33 -27.91 -77.05
C SER HA 82 -3.17 -26.76 -76.49
N GLY HA 83 -2.57 -25.90 -75.66
CA GLY HA 83 -3.23 -24.78 -74.98
C GLY HA 83 -4.01 -25.20 -73.72
N TYR HA 84 -4.64 -24.26 -73.02
CA TYR HA 84 -5.28 -24.51 -71.73
C TYR HA 84 -6.29 -25.66 -71.76
N ARG HA 85 -6.32 -26.47 -70.69
CA ARG HA 85 -7.26 -27.57 -70.47
C ARG HA 85 -7.78 -27.55 -69.05
N TYR HA 86 -8.81 -26.73 -68.83
CA TYR HA 86 -9.51 -26.62 -67.56
C TYR HA 86 -10.42 -27.86 -67.30
N GLY HA 87 -10.49 -28.31 -66.05
CA GLY HA 87 -11.25 -29.51 -65.67
C GLY HA 87 -12.76 -29.27 -65.54
N GLY HA 88 -13.55 -30.34 -65.62
CA GLY HA 88 -14.99 -30.29 -65.42
C GLY HA 88 -15.40 -30.17 -63.94
N GLY HA 89 -16.61 -29.67 -63.69
CA GLY HA 89 -17.11 -29.43 -62.34
C GLY HA 89 -17.58 -30.68 -61.61
N GLY HA 90 -17.56 -30.65 -60.27
CA GLY HA 90 -18.19 -31.66 -59.43
C GLY HA 90 -19.71 -31.46 -59.36
N GLY HA 91 -20.46 -32.55 -59.22
CA GLY HA 91 -21.92 -32.49 -59.06
C GLY HA 91 -22.35 -32.10 -57.65
N GLY HA 92 -23.54 -31.52 -57.54
CA GLY HA 92 -24.15 -31.16 -56.26
C GLY HA 92 -24.81 -32.33 -55.54
N GLY HA 93 -24.90 -32.27 -54.21
CA GLY HA 93 -25.57 -33.28 -53.39
C GLY HA 93 -27.09 -33.06 -53.27
N GLY HA 94 -27.84 -34.11 -52.97
CA GLY HA 94 -29.29 -34.05 -52.81
C GLY HA 94 -29.75 -33.45 -51.46
N GLY HA 95 -30.93 -32.83 -51.45
CA GLY HA 95 -31.57 -32.32 -50.22
C GLY HA 95 -32.22 -33.43 -49.39
N TYR HA 96 -32.69 -33.11 -48.19
CA TYR HA 96 -33.24 -34.10 -47.25
C TYR HA 96 -34.33 -33.51 -46.35
N ILE HA 97 -35.39 -34.28 -46.06
CA ILE HA 97 -36.40 -33.91 -45.05
C ILE HA 97 -36.28 -34.79 -43.82
N ASP HA 98 -36.33 -34.15 -42.66
CA ASP HA 98 -36.14 -34.75 -41.34
C ASP HA 98 -37.34 -35.62 -40.94
N ARG HA 99 -37.14 -36.60 -40.05
CA ARG HA 99 -38.16 -37.61 -39.74
C ARG HA 99 -39.38 -36.96 -39.11
N VAL HA 100 -40.49 -36.92 -39.83
CA VAL HA 100 -41.72 -36.21 -39.42
C VAL HA 100 -42.94 -37.10 -39.53
N TRP HA 101 -43.82 -37.01 -38.54
CA TRP HA 101 -45.14 -37.64 -38.55
C TRP HA 101 -46.15 -36.82 -39.35
N ILE HA 102 -47.03 -37.50 -40.08
CA ILE HA 102 -48.24 -36.92 -40.65
C ILE HA 102 -49.43 -37.80 -40.20
N PRO HA 103 -50.52 -37.22 -39.67
CA PRO HA 103 -51.72 -37.96 -39.30
C PRO HA 103 -52.63 -38.26 -40.51
N ARG HA 104 -53.42 -39.34 -40.44
CA ARG HA 104 -54.43 -39.71 -41.44
C ARG HA 104 -55.48 -38.61 -41.70
N ALA HA 105 -55.63 -37.68 -40.77
CA ALA HA 105 -56.46 -36.48 -40.96
C ALA HA 105 -55.96 -35.54 -42.07
N SER HA 106 -54.68 -35.62 -42.48
CA SER HA 106 -54.11 -34.76 -43.53
C SER HA 106 -53.39 -35.52 -44.65
N LEU HA 107 -53.15 -36.84 -44.52
CA LEU HA 107 -53.07 -37.68 -45.72
C LEU HA 107 -54.42 -37.68 -46.47
N GLY HA 108 -54.41 -37.96 -47.77
CA GLY HA 108 -55.59 -38.19 -48.58
C GLY HA 108 -56.04 -39.65 -48.58
N SER HA 109 -56.90 -40.02 -49.52
CA SER HA 109 -57.31 -41.43 -49.75
C SER HA 109 -56.16 -42.27 -50.34
N THR HA 110 -55.27 -41.61 -51.09
CA THR HA 110 -54.10 -42.22 -51.70
C THR HA 110 -52.85 -41.38 -51.46
N PHE HA 111 -51.69 -41.95 -51.76
CA PHE HA 111 -50.42 -41.26 -51.72
C PHE HA 111 -49.60 -41.59 -52.96
N THR HA 112 -48.62 -40.76 -53.26
CA THR HA 112 -47.58 -41.03 -54.24
C THR HA 112 -46.23 -40.80 -53.59
N LEU HA 113 -45.30 -41.70 -53.85
CA LEU HA 113 -43.98 -41.77 -53.25
C LEU HA 113 -43.02 -42.19 -54.36
N ILE HA 114 -42.02 -41.37 -54.63
CA ILE HA 114 -41.08 -41.61 -55.72
C ILE HA 114 -39.67 -41.26 -55.29
N ARG HA 115 -38.70 -42.11 -55.63
CA ARG HA 115 -37.30 -41.96 -55.25
C ARG HA 115 -36.45 -41.46 -56.40
N GLY HA 116 -35.68 -40.41 -56.15
CA GLY HA 116 -34.73 -39.88 -57.11
C GLY HA 116 -33.62 -40.88 -57.45
N LEU HA 117 -33.11 -40.80 -58.67
CA LEU HA 117 -32.00 -41.62 -59.16
C LEU HA 117 -30.77 -40.74 -59.42
N GLY HA 118 -29.59 -41.28 -59.17
CA GLY HA 118 -28.33 -40.59 -59.35
C GLY HA 118 -28.13 -40.10 -60.78
N GLY HA 119 -27.75 -38.84 -60.94
CA GLY HA 119 -27.53 -38.24 -62.26
C GLY HA 119 -26.29 -38.82 -62.95
N ALA HA 120 -26.40 -39.19 -64.22
CA ALA HA 120 -25.29 -39.72 -65.01
C ALA HA 120 -24.16 -38.70 -65.18
N GLY HA 121 -22.91 -39.13 -64.99
CA GLY HA 121 -21.73 -38.28 -65.21
C GLY HA 121 -21.47 -38.02 -66.70
N GLY HA 122 -20.90 -36.86 -67.03
CA GLY HA 122 -20.59 -36.48 -68.41
C GLY HA 122 -19.52 -37.38 -69.05
N ALA HA 123 -19.78 -37.83 -70.27
CA ALA HA 123 -18.92 -38.78 -70.98
C ALA HA 123 -17.57 -38.18 -71.45
N ARG HA 124 -16.57 -39.04 -71.65
CA ARG HA 124 -15.27 -38.71 -72.23
C ARG HA 124 -15.45 -38.07 -73.62
N ALA HA 125 -14.85 -36.91 -73.85
CA ALA HA 125 -14.91 -36.21 -75.13
C ALA HA 125 -14.12 -36.91 -76.24
N ALA HA 126 -14.30 -36.46 -77.49
CA ALA HA 126 -13.32 -36.72 -78.56
C ALA HA 126 -11.92 -36.20 -78.14
N GLY HA 127 -10.86 -36.84 -78.64
CA GLY HA 127 -9.49 -36.70 -78.13
C GLY HA 127 -8.86 -35.29 -78.18
N SER HA 128 -9.55 -34.32 -78.79
CA SER HA 128 -9.14 -32.91 -78.91
C SER HA 128 -10.38 -32.00 -78.95
N SER HA 129 -11.22 -32.04 -77.91
CA SER HA 129 -12.48 -31.27 -77.83
C SER HA 129 -12.91 -30.98 -76.39
N ASN HA 130 -13.85 -30.05 -76.22
CA ASN HA 130 -14.47 -29.69 -74.93
C ASN HA 130 -15.18 -30.87 -74.27
N GLY HA 131 -15.33 -30.83 -72.94
CA GLY HA 131 -16.02 -31.86 -72.18
C GLY HA 131 -17.54 -31.85 -72.33
N ASN HA 132 -18.20 -32.70 -71.53
CA ASN HA 132 -19.65 -32.85 -71.46
C ASN HA 132 -20.14 -32.58 -70.03
N ASN HA 133 -21.32 -31.97 -69.89
CA ASN HA 133 -22.00 -31.80 -68.60
C ASN HA 133 -22.49 -33.15 -68.06
N GLY HA 134 -22.70 -33.25 -66.75
CA GLY HA 134 -23.50 -34.32 -66.18
C GLY HA 134 -25.01 -34.12 -66.44
N ALA HA 135 -25.81 -35.14 -66.17
CA ALA HA 135 -27.24 -35.00 -65.95
C ALA HA 135 -27.52 -34.69 -64.46
N PRO HA 136 -28.59 -33.93 -64.14
CA PRO HA 136 -28.97 -33.66 -62.76
C PRO HA 136 -29.54 -34.90 -62.06
N GLY HA 137 -29.48 -34.91 -60.73
CA GLY HA 137 -30.06 -35.97 -59.91
C GLY HA 137 -31.58 -35.82 -59.81
N GLY HA 138 -32.31 -36.93 -59.78
CA GLY HA 138 -33.76 -36.92 -59.62
C GLY HA 138 -34.22 -36.43 -58.23
N SER HA 139 -35.37 -35.80 -58.18
CA SER HA 139 -36.04 -35.45 -56.92
C SER HA 139 -36.73 -36.66 -56.28
N THR HA 140 -36.81 -36.67 -54.95
CA THR HA 140 -37.62 -37.61 -54.18
C THR HA 140 -38.84 -36.89 -53.66
N VAL HA 141 -40.04 -37.42 -53.88
CA VAL HA 141 -41.31 -36.72 -53.61
C VAL HA 141 -42.25 -37.64 -52.86
N PHE HA 142 -42.91 -37.12 -51.83
CA PHE HA 142 -44.09 -37.70 -51.21
C PHE HA 142 -45.25 -36.71 -51.31
N SER HA 143 -46.38 -37.14 -51.82
CA SER HA 143 -47.59 -36.30 -51.86
C SER HA 143 -48.83 -37.11 -51.52
N SER HA 144 -49.72 -36.54 -50.72
CA SER HA 144 -50.98 -37.16 -50.33
C SER HA 144 -51.93 -36.13 -49.74
N GLY HA 145 -53.15 -36.05 -50.26
CA GLY HA 145 -54.15 -35.10 -49.79
C GLY HA 145 -53.62 -33.66 -49.84
N SER HA 146 -53.65 -32.97 -48.70
CA SER HA 146 -53.12 -31.60 -48.59
C SER HA 146 -51.59 -31.55 -48.56
N VAL HA 147 -50.92 -32.58 -48.06
CA VAL HA 147 -49.46 -32.61 -47.85
C VAL HA 147 -48.68 -32.84 -49.14
N SER HA 148 -47.57 -32.12 -49.29
CA SER HA 148 -46.51 -32.46 -50.24
C SER HA 148 -45.14 -32.21 -49.62
N LEU HA 149 -44.22 -33.14 -49.78
CA LEU HA 149 -42.83 -33.05 -49.32
C LEU HA 149 -41.91 -33.42 -50.47
N THR HA 150 -40.95 -32.55 -50.80
CA THR HA 150 -39.99 -32.76 -51.89
C THR HA 150 -38.57 -32.53 -51.41
N ALA HA 151 -37.72 -33.54 -51.56
CA ALA HA 151 -36.28 -33.45 -51.42
C ALA HA 151 -35.67 -33.45 -52.82
N SER HA 152 -35.25 -32.28 -53.31
CA SER HA 152 -34.77 -32.15 -54.69
C SER HA 152 -33.39 -32.77 -54.86
N GLY HA 153 -33.11 -33.27 -56.07
CA GLY HA 153 -31.77 -33.72 -56.41
C GLY HA 153 -30.81 -32.56 -56.66
N GLY HA 154 -29.51 -32.82 -56.56
CA GLY HA 154 -28.46 -31.86 -56.85
C GLY HA 154 -28.24 -31.66 -58.36
N ALA HA 155 -27.75 -30.49 -58.74
CA ALA HA 155 -27.48 -30.14 -60.13
C ALA HA 155 -26.16 -30.74 -60.64
N ALA HA 156 -26.03 -30.86 -61.95
CA ALA HA 156 -24.84 -31.39 -62.59
C ALA HA 156 -23.64 -30.44 -62.51
N GLY HA 157 -22.43 -31.01 -62.58
CA GLY HA 157 -21.22 -30.23 -62.86
C GLY HA 157 -21.10 -29.88 -64.34
N VAL HA 158 -20.65 -28.66 -64.64
CA VAL HA 158 -20.51 -28.15 -66.01
C VAL HA 158 -19.23 -28.70 -66.67
N LYS HA 159 -19.23 -28.81 -67.99
CA LYS HA 159 -18.06 -29.15 -68.81
C LYS HA 159 -16.87 -28.23 -68.57
N GLY HA 160 -15.66 -28.78 -68.68
CA GLY HA 160 -14.43 -28.01 -68.83
C GLY HA 160 -14.17 -27.68 -70.31
N THR HA 161 -13.63 -26.50 -70.57
CA THR HA 161 -13.38 -25.98 -71.93
C THR HA 161 -12.03 -25.27 -72.01
N SER HA 162 -11.78 -24.52 -73.07
CA SER HA 162 -10.65 -23.57 -73.15
C SER HA 162 -10.84 -22.32 -72.27
N SER HA 163 -11.99 -22.12 -71.63
CA SER HA 163 -12.29 -20.91 -70.85
C SER HA 163 -11.97 -21.08 -69.36
N SER HA 164 -11.29 -20.09 -68.78
CA SER HA 164 -10.87 -20.10 -67.37
C SER HA 164 -12.05 -20.09 -66.38
N ALA HA 165 -13.22 -19.64 -66.82
CA ALA HA 165 -14.48 -19.65 -66.08
C ALA HA 165 -15.35 -20.91 -66.28
N SER HA 166 -14.89 -21.89 -67.09
CA SER HA 166 -15.59 -23.16 -67.31
C SER HA 166 -15.55 -24.07 -66.08
N GLY HA 167 -16.25 -25.21 -66.13
CA GLY HA 167 -16.15 -26.25 -65.10
C GLY HA 167 -16.78 -25.88 -63.75
N SER HA 168 -17.81 -25.03 -63.75
CA SER HA 168 -18.53 -24.65 -62.53
C SER HA 168 -19.15 -25.86 -61.84
N GLY HA 169 -19.04 -25.92 -60.51
CA GLY HA 169 -19.65 -26.96 -59.69
C GLY HA 169 -21.18 -26.83 -59.60
N GLY HA 170 -21.87 -27.96 -59.45
CA GLY HA 170 -23.33 -28.00 -59.41
C GLY HA 170 -23.92 -27.53 -58.08
N ALA HA 171 -25.03 -26.79 -58.11
CA ALA HA 171 -25.76 -26.38 -56.92
C ALA HA 171 -26.36 -27.59 -56.17
N GLY HA 172 -26.42 -27.51 -54.83
CA GLY HA 172 -27.04 -28.53 -54.00
C GLY HA 172 -28.58 -28.50 -54.03
N GLY HA 173 -29.21 -29.65 -53.83
CA GLY HA 173 -30.67 -29.80 -53.95
C GLY HA 173 -31.46 -29.13 -52.83
N THR HA 174 -32.43 -28.31 -53.20
CA THR HA 174 -33.32 -27.58 -52.26
C THR HA 174 -34.50 -28.43 -51.77
N THR HA 175 -35.06 -28.09 -50.60
CA THR HA 175 -36.19 -28.80 -49.99
C THR HA 175 -37.46 -27.96 -50.04
N SER HA 176 -38.58 -28.57 -50.40
CA SER HA 176 -39.90 -27.92 -50.40
C SER HA 176 -40.88 -28.71 -49.54
N ILE HA 177 -41.67 -27.99 -48.75
CA ILE HA 177 -42.64 -28.54 -47.80
C ILE HA 177 -43.97 -27.80 -47.96
N SER HA 178 -45.08 -28.54 -47.93
CA SER HA 178 -46.43 -27.97 -47.93
C SER HA 178 -47.42 -28.84 -47.14
N GLY HA 179 -48.43 -28.22 -46.54
CA GLY HA 179 -49.54 -28.89 -45.84
C GLY HA 179 -49.23 -29.45 -44.45
N VAL HA 180 -47.96 -29.45 -44.01
CA VAL HA 180 -47.51 -29.90 -42.68
C VAL HA 180 -46.31 -29.09 -42.22
N SER HA 181 -46.14 -28.90 -40.91
CA SER HA 181 -45.04 -28.14 -40.30
C SER HA 181 -43.71 -28.92 -40.25
N ALA HA 182 -43.35 -29.62 -41.33
CA ALA HA 182 -42.11 -30.38 -41.44
C ALA HA 182 -40.86 -29.48 -41.52
N THR HA 183 -39.67 -30.08 -41.55
CA THR HA 183 -38.38 -29.37 -41.65
C THR HA 183 -37.37 -30.23 -42.41
N GLY HA 184 -36.40 -29.60 -43.09
CA GLY HA 184 -35.41 -30.28 -43.92
C GLY HA 184 -34.25 -29.37 -44.27
N TYR HA 185 -33.24 -29.92 -44.95
CA TYR HA 185 -31.95 -29.28 -45.16
C TYR HA 185 -31.46 -29.40 -46.61
N THR HA 186 -30.90 -28.31 -47.15
CA THR HA 186 -30.39 -28.17 -48.53
C THR HA 186 -29.06 -28.92 -48.72
N GLY HA 187 -28.89 -29.61 -49.85
CA GLY HA 187 -27.65 -30.35 -50.15
C GLY HA 187 -26.41 -29.46 -50.32
N GLY HA 188 -25.22 -30.08 -50.26
CA GLY HA 188 -23.94 -29.40 -50.45
C GLY HA 188 -23.63 -29.07 -51.91
N LYS HA 189 -22.96 -27.94 -52.15
CA LYS HA 189 -22.46 -27.53 -53.47
C LYS HA 189 -21.33 -28.44 -53.95
N GLY HA 190 -21.30 -28.70 -55.26
CA GLY HA 190 -20.17 -29.34 -55.92
C GLY HA 190 -18.97 -28.41 -56.04
N GLY HA 191 -17.76 -28.97 -56.10
CA GLY HA 191 -16.53 -28.22 -56.29
C GLY HA 191 -16.35 -27.74 -57.73
N ASN HA 192 -15.68 -26.60 -57.91
CA ASN HA 192 -15.31 -26.13 -59.25
C ASN HA 192 -14.14 -26.95 -59.80
N GLY HA 193 -14.10 -27.14 -61.12
CA GLY HA 193 -12.89 -27.48 -61.85
C GLY HA 193 -12.22 -26.19 -62.31
N GLY HA 194 -12.31 -25.90 -63.61
CA GLY HA 194 -11.99 -24.56 -64.13
C GLY HA 194 -10.52 -24.18 -63.93
N SER HA 195 -10.27 -22.88 -63.79
CA SER HA 195 -8.93 -22.30 -63.56
C SER HA 195 -8.46 -22.31 -62.10
N SER HA 196 -9.27 -22.83 -61.16
CA SER HA 196 -8.91 -22.96 -59.74
C SER HA 196 -9.76 -24.04 -59.06
N PRO HA 197 -9.47 -25.33 -59.28
CA PRO HA 197 -10.26 -26.44 -58.75
C PRO HA 197 -10.46 -26.41 -57.24
N SER HA 198 -11.59 -26.96 -56.79
CA SER HA 198 -11.95 -27.04 -55.36
C SER HA 198 -12.71 -28.32 -55.02
N SER HA 199 -12.63 -28.70 -53.74
CA SER HA 199 -13.33 -29.86 -53.18
C SER HA 199 -14.84 -29.60 -53.07
N GLY HA 200 -15.62 -30.67 -53.04
CA GLY HA 200 -17.07 -30.60 -52.78
C GLY HA 200 -17.42 -30.40 -51.31
N GLN HA 201 -18.57 -29.77 -51.04
CA GLN HA 201 -19.00 -29.40 -49.69
C GLN HA 201 -19.53 -30.59 -48.88
N SER HA 202 -18.86 -30.96 -47.78
CA SER HA 202 -19.31 -31.98 -46.82
C SER HA 202 -20.58 -31.56 -46.06
N ARG HA 203 -21.37 -32.54 -45.57
CA ARG HA 203 -22.64 -32.33 -44.83
C ARG HA 203 -22.86 -33.42 -43.77
N THR HA 204 -23.61 -33.14 -42.71
CA THR HA 204 -23.87 -34.10 -41.60
C THR HA 204 -25.31 -34.09 -41.08
N ASP HA 205 -26.20 -33.28 -41.66
CA ASP HA 205 -27.58 -33.06 -41.18
C ASP HA 205 -28.61 -34.07 -41.73
N GLY HA 206 -28.22 -34.88 -42.72
CA GLY HA 206 -29.11 -35.80 -43.46
C GLY HA 206 -29.07 -35.57 -44.97
N SER HA 207 -28.75 -34.36 -45.41
CA SER HA 207 -28.52 -34.04 -46.83
C SER HA 207 -27.18 -34.56 -47.34
N GLY HA 208 -27.04 -34.66 -48.68
CA GLY HA 208 -25.84 -35.18 -49.33
C GLY HA 208 -24.76 -34.12 -49.51
N ALA HA 209 -23.50 -34.55 -49.60
CA ALA HA 209 -22.36 -33.70 -49.93
C ALA HA 209 -22.11 -33.62 -51.44
N GLY HA 210 -21.40 -32.59 -51.88
CA GLY HA 210 -20.99 -32.41 -53.28
C GLY HA 210 -19.71 -33.18 -53.63
N GLY HA 211 -19.53 -33.46 -54.93
CA GLY HA 211 -18.29 -34.02 -55.47
C GLY HA 211 -17.23 -32.94 -55.74
N GLY HA 212 -15.97 -33.34 -55.88
CA GLY HA 212 -14.87 -32.43 -56.22
C GLY HA 212 -14.79 -32.14 -57.73
N GLY HA 213 -14.27 -30.97 -58.10
CA GLY HA 213 -14.02 -30.65 -59.51
C GLY HA 213 -12.66 -31.16 -59.99
N GLY HA 214 -12.55 -31.46 -61.27
CA GLY HA 214 -11.34 -32.04 -61.88
C GLY HA 214 -10.16 -31.08 -61.98
N GLY HA 215 -8.95 -31.62 -61.99
CA GLY HA 215 -7.70 -30.92 -62.30
C GLY HA 215 -7.59 -30.52 -63.79
N GLY HA 216 -6.40 -30.16 -64.26
CA GLY HA 216 -6.23 -29.74 -65.66
C GLY HA 216 -4.78 -29.52 -66.08
N VAL HA 217 -4.59 -28.86 -67.23
CA VAL HA 217 -3.26 -28.55 -67.81
C VAL HA 217 -3.22 -27.10 -68.29
N ARG HA 218 -2.13 -26.39 -67.97
CA ARG HA 218 -1.89 -25.00 -68.41
C ARG HA 218 -1.34 -24.94 -69.84
N SER HA 219 -1.31 -23.74 -70.44
CA SER HA 219 -0.71 -23.54 -71.78
C SER HA 219 0.81 -23.71 -71.81
N ASN HA 220 1.49 -23.71 -70.66
CA ASN HA 220 2.89 -24.12 -70.52
C ASN HA 220 3.04 -25.63 -70.20
N ASP HA 221 2.00 -26.42 -70.49
CA ASP HA 221 1.88 -27.86 -70.25
C ASP HA 221 1.98 -28.29 -68.77
N ASN HA 222 2.06 -27.37 -67.80
CA ASN HA 222 2.11 -27.74 -66.39
C ASN HA 222 0.71 -28.15 -65.90
N SER HA 223 0.56 -29.41 -65.48
CA SER HA 223 -0.69 -29.92 -64.91
C SER HA 223 -1.01 -29.33 -63.53
N PHE HA 224 -2.26 -29.45 -63.09
CA PHE HA 224 -2.73 -29.04 -61.76
C PHE HA 224 -3.83 -29.96 -61.24
N SER HA 225 -3.87 -30.17 -59.92
CA SER HA 225 -4.71 -31.18 -59.27
C SER HA 225 -6.17 -30.76 -59.11
N GLY HA 226 -7.06 -31.74 -59.06
CA GLY HA 226 -8.48 -31.55 -58.73
C GLY HA 226 -8.73 -31.46 -57.22
N GLY HA 227 -9.97 -31.14 -56.85
CA GLY HA 227 -10.43 -31.16 -55.46
C GLY HA 227 -10.82 -32.55 -54.95
N SER HA 228 -11.06 -32.65 -53.65
CA SER HA 228 -11.60 -33.86 -53.00
C SER HA 228 -13.12 -33.92 -53.05
N ASN HA 229 -13.70 -35.10 -52.96
CA ASN HA 229 -15.13 -35.25 -52.73
C ASN HA 229 -15.46 -34.94 -51.26
N GLY HA 230 -16.60 -34.32 -50.98
CA GLY HA 230 -17.08 -34.10 -49.62
C GLY HA 230 -17.73 -35.36 -49.02
N THR HA 231 -17.57 -35.57 -47.72
CA THR HA 231 -18.20 -36.69 -47.00
C THR HA 231 -19.61 -36.30 -46.53
N SER HA 232 -20.53 -37.27 -46.48
CA SER HA 232 -21.77 -37.11 -45.71
C SER HA 232 -22.25 -38.41 -45.09
N SER HA 233 -22.81 -38.30 -43.89
CA SER HA 233 -23.35 -39.43 -43.10
C SER HA 233 -24.85 -39.64 -43.31
N GLY HA 234 -25.54 -38.66 -43.88
CA GLY HA 234 -26.97 -38.75 -44.21
C GLY HA 234 -27.25 -39.70 -45.37
N PRO HA 235 -28.51 -40.13 -45.55
CA PRO HA 235 -28.86 -41.09 -46.58
C PRO HA 235 -29.05 -40.50 -47.99
N ALA HA 236 -29.18 -39.17 -48.12
CA ALA HA 236 -29.37 -38.49 -49.41
C ALA HA 236 -28.12 -38.62 -50.31
N GLY HA 237 -28.32 -38.52 -51.63
CA GLY HA 237 -27.31 -38.84 -52.63
C GLY HA 237 -26.15 -37.84 -52.69
N ASN HA 238 -24.92 -38.34 -52.63
CA ASN HA 238 -23.70 -37.56 -52.84
C ASN HA 238 -23.49 -37.25 -54.33
N GLY HA 239 -22.87 -36.12 -54.66
CA GLY HA 239 -22.50 -35.78 -56.03
C GLY HA 239 -21.27 -36.53 -56.55
N GLY HA 240 -21.11 -36.61 -57.88
CA GLY HA 240 -19.94 -37.23 -58.52
C GLY HA 240 -18.76 -36.26 -58.72
N ARG HA 241 -17.53 -36.80 -58.80
CA ARG HA 241 -16.31 -36.03 -59.13
C ARG HA 241 -16.28 -35.67 -60.62
N GLY HA 242 -15.86 -34.44 -60.94
CA GLY HA 242 -15.60 -34.02 -62.33
C GLY HA 242 -14.26 -34.56 -62.85
N THR HA 243 -14.17 -34.90 -64.13
CA THR HA 243 -12.91 -35.37 -64.74
C THR HA 243 -11.93 -34.23 -64.99
N ASP HA 244 -10.65 -34.50 -64.79
CA ASP HA 244 -9.54 -33.57 -65.02
C ASP HA 244 -9.31 -33.30 -66.52
N GLY HA 245 -8.97 -32.06 -66.90
CA GLY HA 245 -8.55 -31.73 -68.28
C GLY HA 245 -7.25 -32.44 -68.67
N SER HA 246 -7.07 -32.81 -69.95
CA SER HA 246 -6.10 -33.87 -70.29
C SER HA 246 -5.28 -33.67 -71.57
N ILE HA 247 -4.12 -34.35 -71.60
CA ILE HA 247 -3.40 -34.71 -72.82
C ILE HA 247 -4.28 -35.65 -73.69
N ASN HA 248 -3.95 -35.80 -74.98
CA ASN HA 248 -4.75 -36.53 -75.99
C ASN HA 248 -5.12 -37.96 -75.58
N THR HA 249 -4.20 -38.65 -74.88
CA THR HA 249 -4.35 -40.05 -74.42
C THR HA 249 -5.05 -40.18 -73.06
N GLY HA 250 -5.19 -39.08 -72.31
CA GLY HA 250 -5.93 -39.05 -71.04
C GLY HA 250 -7.41 -38.72 -71.21
N GLY HA 251 -8.11 -38.55 -70.09
CA GLY HA 251 -9.54 -38.20 -70.04
C GLY HA 251 -10.47 -39.40 -69.98
N SER HA 252 -11.63 -39.21 -69.34
CA SER HA 252 -12.57 -40.28 -68.98
C SER HA 252 -13.97 -39.73 -68.66
N ASN HA 253 -14.97 -40.61 -68.62
CA ASN HA 253 -16.28 -40.27 -68.09
C ASN HA 253 -16.16 -39.75 -66.66
N ALA HA 254 -16.90 -38.70 -66.32
CA ALA HA 254 -17.00 -38.19 -64.96
C ALA HA 254 -17.87 -39.09 -64.07
N GLY HA 255 -17.83 -38.88 -62.75
CA GLY HA 255 -18.59 -39.69 -61.81
C GLY HA 255 -20.09 -39.41 -61.89
N SER HA 256 -20.90 -40.47 -61.92
CA SER HA 256 -22.35 -40.35 -61.70
C SER HA 256 -22.65 -40.12 -60.23
N GLY HA 257 -23.73 -39.39 -59.92
CA GLY HA 257 -24.18 -39.14 -58.55
C GLY HA 257 -24.85 -40.37 -57.91
N GLY HA 258 -25.05 -40.33 -56.60
CA GLY HA 258 -25.77 -41.37 -55.86
C GLY HA 258 -27.29 -41.22 -55.95
N ASP HA 259 -28.03 -42.32 -55.83
CA ASP HA 259 -29.49 -42.28 -55.76
C ASP HA 259 -30.00 -41.60 -54.49
N GLY HA 260 -31.27 -41.20 -54.52
CA GLY HA 260 -32.00 -40.74 -53.34
C GLY HA 260 -32.43 -41.88 -52.42
N TYR HA 261 -33.14 -41.51 -51.35
CA TYR HA 261 -33.53 -42.38 -50.25
C TYR HA 261 -34.99 -42.19 -49.86
N VAL HA 262 -35.63 -43.27 -49.43
CA VAL HA 262 -36.94 -43.22 -48.76
C VAL HA 262 -36.92 -44.10 -47.52
N LEU HA 263 -37.58 -43.64 -46.46
CA LEU HA 263 -38.19 -44.46 -45.44
C LEU HA 263 -39.58 -43.91 -45.10
N ILE HA 264 -40.60 -44.78 -45.07
CA ILE HA 264 -41.96 -44.40 -44.64
C ILE HA 264 -42.56 -45.51 -43.76
N GLU HA 265 -43.20 -45.11 -42.67
CA GLU HA 265 -43.54 -45.97 -41.54
C GLU HA 265 -44.99 -45.73 -41.13
N TRP HA 266 -45.91 -46.59 -41.55
CA TRP HA 266 -47.33 -46.48 -41.17
C TRP HA 266 -47.60 -47.05 -39.78
N GLU HA 267 -48.48 -46.41 -39.00
CA GLU HA 267 -48.95 -46.88 -37.68
C GLU HA 267 -50.46 -47.12 -37.62
N PHE IA 39 -71.76 34.47 8.97
CA PHE IA 39 -72.20 33.49 10.00
C PHE IA 39 -71.99 32.05 9.51
N THR IA 40 -71.99 31.09 10.43
CA THR IA 40 -71.74 29.67 10.14
C THR IA 40 -72.88 28.82 10.65
N ILE IA 41 -73.20 27.74 9.95
CA ILE IA 41 -74.15 26.71 10.39
C ILE IA 41 -73.48 25.34 10.37
N SER IA 42 -73.75 24.53 11.37
CA SER IA 42 -73.22 23.17 11.47
C SER IA 42 -74.30 22.19 11.93
N SER IA 43 -74.15 20.91 11.59
CA SER IA 43 -74.88 19.84 12.28
C SER IA 43 -74.66 19.86 13.80
N GLU IA 44 -73.62 20.51 14.29
CA GLU IA 44 -73.34 20.63 15.73
C GLU IA 44 -74.35 21.53 16.47
N ASP IA 45 -75.04 22.43 15.76
CA ASP IA 45 -75.96 23.39 16.38
C ASP IA 45 -77.24 22.71 16.91
N PRO IA 46 -77.53 22.77 18.22
CA PRO IA 46 -78.76 22.23 18.78
C PRO IA 46 -79.99 22.82 18.09
N GLY IA 47 -80.96 21.97 17.75
CA GLY IA 47 -82.15 22.39 17.00
C GLY IA 47 -81.92 22.61 15.49
N TYR IA 48 -80.76 22.20 14.95
CA TYR IA 48 -80.52 22.12 13.50
C TYR IA 48 -81.61 21.30 12.79
N GLU IA 49 -81.91 21.65 11.54
CA GLU IA 49 -82.86 20.95 10.68
C GLU IA 49 -82.34 20.81 9.24
N ASP IA 50 -82.92 19.88 8.50
CA ASP IA 50 -82.65 19.64 7.08
C ASP IA 50 -83.11 20.83 6.22
N LEU IA 51 -82.21 21.44 5.43
CA LEU IA 51 -82.51 22.64 4.65
C LEU IA 51 -82.57 22.32 3.15
N ILE IA 52 -83.75 22.48 2.56
CA ILE IA 52 -84.00 22.35 1.12
C ILE IA 52 -84.48 23.68 0.54
N ASP IA 53 -83.79 24.18 -0.49
CA ASP IA 53 -84.10 25.45 -1.19
C ASP IA 53 -84.22 26.68 -0.28
N GLU IA 54 -83.46 26.72 0.82
CA GLU IA 54 -83.20 27.98 1.51
C GLU IA 54 -82.34 28.92 0.64
N GLN IA 55 -82.58 30.23 0.73
CA GLN IA 55 -81.87 31.21 -0.07
C GLN IA 55 -80.41 31.40 0.40
N VAL IA 56 -79.50 31.68 -0.52
CA VAL IA 56 -78.17 32.17 -0.13
C VAL IA 56 -78.32 33.52 0.57
N PRO IA 57 -77.59 33.77 1.67
CA PRO IA 57 -77.83 34.95 2.49
C PRO IA 57 -77.64 36.27 1.73
N GLU IA 58 -78.42 37.28 2.13
CA GLU IA 58 -78.47 38.57 1.42
C GLU IA 58 -77.11 39.29 1.45
N GLY IA 59 -76.55 39.55 0.28
CA GLY IA 59 -75.27 40.24 0.13
C GLY IA 59 -74.02 39.44 0.51
N ALA IA 60 -74.16 38.17 0.94
CA ALA IA 60 -73.02 37.34 1.31
C ALA IA 60 -72.15 37.02 0.09
N SER IA 61 -70.84 37.23 0.19
CA SER IA 61 -69.89 37.17 -0.93
C SER IA 61 -69.58 35.75 -1.41
N GLY IA 62 -69.92 34.75 -0.62
CA GLY IA 62 -69.77 33.33 -0.92
C GLY IA 62 -69.78 32.50 0.36
N CYS IA 63 -69.21 31.29 0.29
CA CYS IA 63 -69.16 30.38 1.43
C CYS IA 63 -67.98 29.41 1.40
N TRP IA 64 -67.65 28.83 2.55
CA TRP IA 64 -66.78 27.66 2.66
C TRP IA 64 -67.58 26.47 3.14
N VAL IA 65 -67.54 25.37 2.40
CA VAL IA 65 -68.36 24.18 2.66
C VAL IA 65 -67.50 23.05 3.20
N THR IA 66 -67.99 22.26 4.14
CA THR IA 66 -67.39 20.99 4.57
C THR IA 66 -68.47 19.94 4.82
N LEU IA 67 -68.25 18.70 4.37
CA LEU IA 67 -69.27 17.65 4.32
C LEU IA 67 -68.71 16.30 4.71
N GLY IA 68 -69.50 15.49 5.41
CA GLY IA 68 -69.20 14.09 5.68
C GLY IA 68 -70.43 13.19 5.52
N GLY IA 69 -70.28 12.06 4.83
CA GLY IA 69 -71.35 11.06 4.69
C GLY IA 69 -71.62 10.31 5.99
N ALA IA 70 -72.78 9.65 6.10
CA ALA IA 70 -73.07 8.76 7.22
C ALA IA 70 -72.42 7.37 7.06
N GLY IA 71 -72.24 6.67 8.17
CA GLY IA 71 -71.80 5.27 8.15
C GLY IA 71 -72.92 4.30 7.79
N GLY IA 72 -72.56 3.16 7.22
CA GLY IA 72 -73.48 2.05 7.00
C GLY IA 72 -73.69 1.22 8.26
N GLY IA 73 -74.87 0.62 8.42
CA GLY IA 73 -75.14 -0.34 9.47
C GLY IA 73 -74.48 -1.69 9.20
N GLY IA 74 -74.07 -2.41 10.24
CA GLY IA 74 -73.52 -3.76 10.11
C GLY IA 74 -74.61 -4.81 9.82
N GLY IA 75 -74.18 -6.00 9.41
CA GLY IA 75 -75.04 -7.17 9.23
C GLY IA 75 -74.88 -8.18 10.38
N SER IA 76 -75.80 -9.13 10.48
CA SER IA 76 -75.85 -10.12 11.56
C SER IA 76 -75.67 -11.55 11.07
N GLY IA 77 -75.11 -12.42 11.93
CA GLY IA 77 -74.75 -13.81 11.63
C GLY IA 77 -75.84 -14.85 11.91
N ARG IA 78 -75.66 -16.07 11.39
CA ARG IA 78 -76.57 -17.21 11.58
C ARG IA 78 -76.63 -17.64 13.05
N ARG IA 79 -77.83 -17.91 13.57
CA ARG IA 79 -78.02 -18.57 14.86
C ARG IA 79 -78.42 -20.03 14.66
N ALA IA 80 -77.75 -20.98 15.31
CA ALA IA 80 -78.15 -22.39 15.33
C ALA IA 80 -77.49 -23.20 16.46
N ASN IA 81 -78.05 -24.37 16.77
CA ASN IA 81 -77.40 -25.35 17.66
C ASN IA 81 -76.18 -26.02 17.03
N SER IA 82 -76.12 -26.09 15.70
CA SER IA 82 -75.22 -26.98 14.96
C SER IA 82 -74.87 -26.44 13.57
N GLY IA 83 -73.87 -27.04 12.94
CA GLY IA 83 -73.32 -26.62 11.65
C GLY IA 83 -72.45 -25.37 11.76
N TYR IA 84 -71.80 -25.02 10.65
CA TYR IA 84 -71.07 -23.76 10.57
C TYR IA 84 -72.01 -22.55 10.70
N ARG IA 85 -71.55 -21.51 11.40
CA ARG IA 85 -72.33 -20.32 11.79
C ARG IA 85 -71.44 -19.09 11.60
N TYR IA 86 -71.50 -18.47 10.43
CA TYR IA 86 -70.65 -17.33 10.09
C TYR IA 86 -71.25 -15.99 10.54
N GLY IA 87 -70.38 -15.02 10.83
CA GLY IA 87 -70.76 -13.67 11.28
C GLY IA 87 -71.08 -12.72 10.14
N GLY IA 88 -71.95 -11.73 10.40
CA GLY IA 88 -72.29 -10.69 9.44
C GLY IA 88 -71.18 -9.64 9.29
N GLY IA 89 -71.21 -8.89 8.19
CA GLY IA 89 -70.18 -7.91 7.86
C GLY IA 89 -70.32 -6.58 8.59
N GLY IA 90 -69.23 -5.82 8.67
CA GLY IA 90 -69.23 -4.43 9.13
C GLY IA 90 -69.65 -3.46 8.03
N GLY IA 91 -70.30 -2.36 8.41
CA GLY IA 91 -70.68 -1.30 7.48
C GLY IA 91 -69.48 -0.45 7.04
N GLY IA 92 -69.57 0.18 5.88
CA GLY IA 92 -68.57 1.13 5.40
C GLY IA 92 -68.66 2.48 6.10
N GLY IA 93 -67.56 3.23 6.10
CA GLY IA 93 -67.53 4.62 6.55
C GLY IA 93 -67.97 5.62 5.47
N GLY IA 94 -68.39 6.81 5.87
CA GLY IA 94 -68.77 7.88 4.93
C GLY IA 94 -67.59 8.57 4.25
N GLY IA 95 -67.81 9.15 3.06
CA GLY IA 95 -66.84 10.01 2.38
C GLY IA 95 -66.78 11.41 2.99
N TYR IA 96 -65.83 12.24 2.55
CA TYR IA 96 -65.64 13.61 3.08
C TYR IA 96 -65.14 14.59 2.03
N ILE IA 97 -65.66 15.80 2.00
CA ILE IA 97 -65.20 16.89 1.12
C ILE IA 97 -64.65 18.01 1.98
N ASP IA 98 -63.42 18.44 1.68
CA ASP IA 98 -62.68 19.36 2.54
C ASP IA 98 -63.17 20.82 2.47
N ARG IA 99 -62.72 21.65 3.41
CA ARG IA 99 -63.11 23.07 3.57
C ARG IA 99 -62.69 23.93 2.38
N VAL IA 100 -63.57 24.06 1.39
CA VAL IA 100 -63.32 24.75 0.11
C VAL IA 100 -64.31 25.88 -0.13
N TRP IA 101 -63.82 26.98 -0.70
CA TRP IA 101 -64.57 28.19 -1.02
C TRP IA 101 -65.43 28.06 -2.29
N ILE IA 102 -66.58 28.74 -2.29
CA ILE IA 102 -67.37 29.04 -3.49
C ILE IA 102 -67.74 30.52 -3.46
N PRO IA 103 -67.56 31.29 -4.55
CA PRO IA 103 -68.04 32.67 -4.64
C PRO IA 103 -69.53 32.75 -4.96
N ARG IA 104 -70.19 33.83 -4.52
CA ARG IA 104 -71.61 34.12 -4.79
C ARG IA 104 -71.95 34.16 -6.28
N ALA IA 105 -70.99 34.44 -7.15
CA ALA IA 105 -71.16 34.37 -8.60
C ALA IA 105 -71.31 32.94 -9.14
N SER IA 106 -70.80 31.93 -8.42
CA SER IA 106 -70.90 30.52 -8.80
C SER IA 106 -72.05 29.80 -8.09
N LEU IA 107 -72.39 30.24 -6.87
CA LEU IA 107 -73.64 29.85 -6.21
C LEU IA 107 -74.88 30.27 -7.01
N GLY IA 108 -76.00 29.58 -6.76
CA GLY IA 108 -77.34 29.99 -7.22
C GLY IA 108 -78.07 30.83 -6.18
N SER IA 109 -79.34 31.13 -6.42
CA SER IA 109 -80.20 31.86 -5.47
C SER IA 109 -80.60 31.06 -4.23
N THR IA 110 -80.61 29.73 -4.30
CA THR IA 110 -80.97 28.82 -3.21
C THR IA 110 -80.01 27.65 -3.11
N PHE IA 111 -80.06 26.91 -2.01
CA PHE IA 111 -79.17 25.79 -1.76
C PHE IA 111 -79.87 24.61 -1.08
N THR IA 112 -79.21 23.44 -1.09
CA THR IA 112 -79.53 22.27 -0.27
C THR IA 112 -78.32 21.90 0.60
N LEU IA 113 -78.57 21.34 1.79
CA LEU IA 113 -77.57 20.90 2.76
C LEU IA 113 -78.04 19.62 3.47
N ILE IA 114 -78.35 18.57 2.71
CA ILE IA 114 -78.83 17.32 3.30
C ILE IA 114 -77.69 16.66 4.08
N ARG IA 115 -77.97 16.25 5.32
CA ARG IA 115 -77.02 15.54 6.19
C ARG IA 115 -77.42 14.08 6.35
N GLY IA 116 -76.50 13.17 6.04
CA GLY IA 116 -76.76 11.74 6.15
C GLY IA 116 -77.14 11.31 7.57
N LEU IA 117 -78.20 10.51 7.68
CA LEU IA 117 -78.54 9.77 8.90
C LEU IA 117 -77.82 8.43 8.91
N GLY IA 118 -77.37 8.00 10.10
CA GLY IA 118 -76.68 6.73 10.29
C GLY IA 118 -77.49 5.51 9.87
N GLY IA 119 -76.89 4.58 9.13
CA GLY IA 119 -77.57 3.39 8.63
C GLY IA 119 -77.92 2.41 9.74
N ALA IA 120 -79.17 1.95 9.80
CA ALA IA 120 -79.63 1.02 10.83
C ALA IA 120 -78.92 -0.34 10.73
N GLY IA 121 -78.55 -0.92 11.88
CA GLY IA 121 -77.90 -2.23 11.95
C GLY IA 121 -78.88 -3.39 11.74
N GLY IA 122 -78.41 -4.49 11.16
CA GLY IA 122 -79.20 -5.71 10.93
C GLY IA 122 -79.66 -6.37 12.22
N ALA IA 123 -80.94 -6.74 12.27
CA ALA IA 123 -81.58 -7.30 13.47
C ALA IA 123 -81.19 -8.77 13.74
N ARG IA 124 -81.57 -9.29 14.92
CA ARG IA 124 -81.56 -10.72 15.28
C ARG IA 124 -82.17 -11.60 14.17
N ALA IA 125 -81.77 -12.86 14.11
CA ALA IA 125 -82.39 -13.87 13.23
C ALA IA 125 -83.86 -14.21 13.60
N ALA IA 126 -84.31 -13.83 14.81
CA ALA IA 126 -85.62 -14.15 15.38
C ALA IA 126 -85.92 -15.67 15.52
N GLY IA 127 -84.90 -16.52 15.38
CA GLY IA 127 -84.98 -17.97 15.44
C GLY IA 127 -83.62 -18.64 15.22
N SER IA 128 -83.63 -19.92 14.89
CA SER IA 128 -82.46 -20.73 14.52
C SER IA 128 -82.20 -20.66 13.00
N SER IA 129 -81.90 -19.47 12.47
CA SER IA 129 -81.75 -19.21 11.04
C SER IA 129 -80.71 -18.12 10.72
N ASN IA 130 -80.57 -17.77 9.43
CA ASN IA 130 -79.63 -16.75 8.95
C ASN IA 130 -79.99 -15.34 9.46
N GLY IA 131 -79.01 -14.42 9.45
CA GLY IA 131 -79.17 -13.06 9.98
C GLY IA 131 -79.86 -12.08 9.02
N ASN IA 132 -79.46 -10.80 9.09
CA ASN IA 132 -79.97 -9.70 8.27
C ASN IA 132 -78.84 -8.80 7.75
N ASN IA 133 -79.08 -8.12 6.63
CA ASN IA 133 -78.23 -7.01 6.19
C ASN IA 133 -78.45 -5.77 7.05
N GLY IA 134 -77.48 -4.87 7.10
CA GLY IA 134 -77.72 -3.50 7.55
C GLY IA 134 -78.48 -2.66 6.52
N ALA IA 135 -78.66 -1.38 6.82
CA ALA IA 135 -79.10 -0.36 5.87
C ALA IA 135 -77.93 0.59 5.56
N PRO IA 136 -77.83 1.12 4.33
CA PRO IA 136 -76.79 2.05 3.97
C PRO IA 136 -76.93 3.37 4.74
N GLY IA 137 -75.82 4.05 4.97
CA GLY IA 137 -75.84 5.40 5.52
C GLY IA 137 -76.45 6.39 4.54
N GLY IA 138 -77.14 7.42 5.05
CA GLY IA 138 -77.58 8.53 4.21
C GLY IA 138 -76.41 9.26 3.53
N SER IA 139 -76.57 9.60 2.27
CA SER IA 139 -75.67 10.49 1.55
C SER IA 139 -75.81 11.94 2.02
N THR IA 140 -74.71 12.68 2.11
CA THR IA 140 -74.68 14.10 2.47
C THR IA 140 -74.48 14.92 1.20
N VAL IA 141 -75.32 15.94 0.98
CA VAL IA 141 -75.36 16.70 -0.27
C VAL IA 141 -75.41 18.19 -0.01
N PHE IA 142 -74.52 18.94 -0.66
CA PHE IA 142 -74.65 20.36 -0.88
C PHE IA 142 -74.82 20.63 -2.38
N SER IA 143 -75.75 21.49 -2.75
CA SER IA 143 -75.73 22.06 -4.09
C SER IA 143 -76.39 23.43 -4.13
N SER IA 144 -75.97 24.24 -5.09
CA SER IA 144 -76.52 25.55 -5.36
C SER IA 144 -76.03 26.02 -6.73
N GLY IA 145 -76.96 26.39 -7.62
CA GLY IA 145 -76.62 26.86 -8.96
C GLY IA 145 -75.80 25.84 -9.74
N SER IA 146 -74.65 26.27 -10.25
CA SER IA 146 -73.73 25.42 -11.04
C SER IA 146 -72.95 24.41 -10.20
N VAL IA 147 -72.98 24.51 -8.86
CA VAL IA 147 -72.14 23.71 -7.95
C VAL IA 147 -72.93 22.59 -7.28
N SER IA 148 -72.36 21.39 -7.24
CA SER IA 148 -72.79 20.33 -6.32
C SER IA 148 -71.59 19.64 -5.69
N LEU IA 149 -71.70 19.34 -4.40
CA LEU IA 149 -70.70 18.65 -3.62
C LEU IA 149 -71.40 17.58 -2.80
N THR IA 150 -70.96 16.34 -2.91
CA THR IA 150 -71.65 15.20 -2.30
C THR IA 150 -70.66 14.28 -1.64
N ALA IA 151 -70.92 13.93 -0.38
CA ALA IA 151 -70.18 12.94 0.37
C ALA IA 151 -71.11 11.75 0.64
N SER IA 152 -70.94 10.67 -0.12
CA SER IA 152 -71.86 9.51 -0.06
C SER IA 152 -71.76 8.77 1.27
N GLY IA 153 -72.83 8.11 1.66
CA GLY IA 153 -72.84 7.23 2.82
C GLY IA 153 -72.12 5.90 2.55
N GLY IA 154 -71.63 5.25 3.60
CA GLY IA 154 -71.04 3.93 3.52
C GLY IA 154 -72.08 2.82 3.35
N ALA IA 155 -71.72 1.75 2.65
CA ALA IA 155 -72.63 0.65 2.33
C ALA IA 155 -72.85 -0.31 3.51
N ALA IA 156 -73.99 -1.00 3.50
CA ALA IA 156 -74.38 -1.93 4.56
C ALA IA 156 -73.46 -3.14 4.66
N GLY IA 157 -73.28 -3.66 5.86
CA GLY IA 157 -72.68 -4.97 6.10
C GLY IA 157 -73.67 -6.09 5.73
N VAL IA 158 -73.21 -7.11 5.02
CA VAL IA 158 -74.06 -8.17 4.48
C VAL IA 158 -74.38 -9.22 5.55
N LYS IA 159 -75.56 -9.82 5.45
CA LYS IA 159 -76.03 -10.98 6.23
C LYS IA 159 -75.00 -12.12 6.28
N GLY IA 160 -74.84 -12.75 7.44
CA GLY IA 160 -74.14 -14.04 7.60
C GLY IA 160 -75.10 -15.23 7.46
N THR IA 161 -74.63 -16.32 6.87
CA THR IA 161 -75.44 -17.51 6.55
C THR IA 161 -74.71 -18.81 6.96
N SER IA 162 -75.13 -19.97 6.45
CA SER IA 162 -74.37 -21.22 6.52
C SER IA 162 -73.15 -21.28 5.58
N SER IA 163 -72.93 -20.24 4.77
CA SER IA 163 -71.94 -20.22 3.67
C SER IA 163 -70.66 -19.47 4.02
N SER IA 164 -69.52 -20.07 3.70
CA SER IA 164 -68.18 -19.53 4.01
C SER IA 164 -67.87 -18.21 3.29
N ALA IA 165 -68.54 -17.94 2.17
CA ALA IA 165 -68.44 -16.71 1.39
C ALA IA 165 -69.38 -15.58 1.87
N SER IA 166 -70.26 -15.84 2.84
CA SER IA 166 -71.22 -14.85 3.36
C SER IA 166 -70.57 -13.76 4.22
N GLY IA 167 -71.36 -12.79 4.67
CA GLY IA 167 -70.91 -11.81 5.66
C GLY IA 167 -69.97 -10.72 5.12
N SER IA 168 -70.09 -10.37 3.84
CA SER IA 168 -69.24 -9.35 3.21
C SER IA 168 -69.37 -7.97 3.87
N GLY IA 169 -68.26 -7.27 4.03
CA GLY IA 169 -68.23 -5.90 4.54
C GLY IA 169 -68.61 -4.86 3.48
N GLY IA 170 -69.22 -3.76 3.90
CA GLY IA 170 -69.69 -2.72 2.98
C GLY IA 170 -68.56 -1.85 2.41
N ALA IA 171 -68.67 -1.44 1.14
CA ALA IA 171 -67.79 -0.45 0.53
C ALA IA 171 -67.90 0.93 1.24
N GLY IA 172 -66.80 1.68 1.30
CA GLY IA 172 -66.77 3.04 1.83
C GLY IA 172 -67.37 4.06 0.86
N GLY IA 173 -67.95 5.13 1.40
CA GLY IA 173 -68.67 6.14 0.60
C GLY IA 173 -67.76 6.99 -0.28
N THR IA 174 -68.09 7.12 -1.56
CA THR IA 174 -67.35 7.93 -2.54
C THR IA 174 -67.80 9.40 -2.54
N THR IA 175 -66.93 10.29 -3.02
CA THR IA 175 -67.17 11.73 -3.10
C THR IA 175 -67.40 12.17 -4.53
N SER IA 176 -68.40 13.03 -4.75
CA SER IA 176 -68.72 13.58 -6.07
C SER IA 176 -68.68 15.10 -6.01
N ILE IA 177 -68.07 15.72 -7.01
CA ILE IA 177 -67.76 17.15 -7.05
C ILE IA 177 -68.11 17.72 -8.43
N SER IA 178 -68.72 18.90 -8.46
CA SER IA 178 -69.08 19.63 -9.67
C SER IA 178 -68.98 21.14 -9.49
N GLY IA 179 -68.67 21.89 -10.55
CA GLY IA 179 -68.73 23.36 -10.58
C GLY IA 179 -67.58 24.10 -9.89
N VAL IA 180 -66.97 23.55 -8.83
CA VAL IA 180 -65.73 24.06 -8.22
C VAL IA 180 -64.68 22.96 -8.09
N SER IA 181 -63.40 23.33 -8.21
CA SER IA 181 -62.23 22.43 -8.16
C SER IA 181 -61.89 21.94 -6.75
N ALA IA 182 -62.89 21.53 -5.97
CA ALA IA 182 -62.73 21.02 -4.62
C ALA IA 182 -61.97 19.67 -4.58
N THR IA 183 -61.56 19.25 -3.39
CA THR IA 183 -60.90 17.96 -3.13
C THR IA 183 -61.59 17.24 -1.97
N GLY IA 184 -61.68 15.92 -2.05
CA GLY IA 184 -62.29 15.09 -1.01
C GLY IA 184 -61.75 13.67 -1.02
N TYR IA 185 -62.17 12.87 -0.05
CA TYR IA 185 -61.63 11.54 0.21
C TYR IA 185 -62.72 10.50 0.46
N THR IA 186 -62.50 9.31 -0.10
CA THR IA 186 -63.40 8.15 -0.01
C THR IA 186 -63.35 7.53 1.38
N GLY IA 187 -64.49 7.06 1.89
CA GLY IA 187 -64.58 6.38 3.19
C GLY IA 187 -63.86 5.03 3.24
N GLY IA 188 -63.62 4.53 4.46
CA GLY IA 188 -62.99 3.24 4.69
C GLY IA 188 -63.92 2.05 4.44
N LYS IA 189 -63.34 0.93 3.98
CA LYS IA 189 -64.03 -0.36 3.83
C LYS IA 189 -64.50 -0.89 5.18
N GLY IA 190 -65.73 -1.39 5.24
CA GLY IA 190 -66.21 -2.23 6.34
C GLY IA 190 -65.61 -3.63 6.26
N GLY IA 191 -65.38 -4.27 7.39
CA GLY IA 191 -64.72 -5.58 7.46
C GLY IA 191 -65.65 -6.74 7.10
N ASN IA 192 -65.15 -7.74 6.39
CA ASN IA 192 -65.85 -9.02 6.26
C ASN IA 192 -65.96 -9.72 7.61
N GLY IA 193 -67.12 -10.34 7.87
CA GLY IA 193 -67.27 -11.46 8.79
C GLY IA 193 -66.93 -12.75 8.05
N GLY IA 194 -67.90 -13.63 7.86
CA GLY IA 194 -67.73 -14.81 6.99
C GLY IA 194 -66.70 -15.80 7.53
N SER IA 195 -66.08 -16.56 6.63
CA SER IA 195 -65.05 -17.56 6.99
C SER IA 195 -63.67 -16.99 7.33
N SER IA 196 -63.51 -15.66 7.33
CA SER IA 196 -62.28 -14.99 7.77
C SER IA 196 -62.60 -13.59 8.30
N PRO IA 197 -63.15 -13.47 9.53
CA PRO IA 197 -63.51 -12.19 10.11
C PRO IA 197 -62.34 -11.21 10.15
N SER IA 198 -62.65 -9.92 10.07
CA SER IA 198 -61.65 -8.87 9.91
C SER IA 198 -62.06 -7.57 10.59
N SER IA 199 -61.08 -6.77 10.99
CA SER IA 199 -61.30 -5.42 11.50
C SER IA 199 -61.61 -4.45 10.35
N GLY IA 200 -62.35 -3.37 10.63
CA GLY IA 200 -62.64 -2.34 9.64
C GLY IA 200 -61.44 -1.44 9.34
N GLN IA 201 -61.40 -0.86 8.14
CA GLN IA 201 -60.31 0.03 7.74
C GLN IA 201 -60.37 1.37 8.50
N SER IA 202 -59.30 1.70 9.22
CA SER IA 202 -59.11 3.00 9.88
C SER IA 202 -58.89 4.14 8.87
N ARG IA 203 -59.30 5.36 9.22
CA ARG IA 203 -59.20 6.56 8.36
C ARG IA 203 -59.05 7.84 9.17
N THR IA 204 -57.86 8.44 9.12
CA THR IA 204 -57.58 9.79 9.63
C THR IA 204 -57.80 10.88 8.57
N ASP IA 205 -57.94 10.52 7.30
CA ASP IA 205 -57.82 11.41 6.14
C ASP IA 205 -59.11 12.20 5.82
N GLY IA 206 -59.80 12.70 6.85
CA GLY IA 206 -61.08 13.42 6.75
C GLY IA 206 -62.31 12.52 6.50
N SER IA 207 -62.17 11.43 5.77
CA SER IA 207 -63.23 10.42 5.58
C SER IA 207 -63.38 9.49 6.79
N GLY IA 208 -64.51 8.77 6.88
CA GLY IA 208 -64.86 7.94 8.03
C GLY IA 208 -64.29 6.52 7.95
N ALA IA 209 -64.09 5.87 9.09
CA ALA IA 209 -63.63 4.48 9.14
C ALA IA 209 -64.77 3.46 8.97
N GLY IA 210 -64.42 2.25 8.55
CA GLY IA 210 -65.36 1.12 8.51
C GLY IA 210 -65.49 0.39 9.84
N GLY IA 211 -66.60 -0.30 10.03
CA GLY IA 211 -66.82 -1.19 11.17
C GLY IA 211 -66.15 -2.56 10.99
N GLY IA 212 -65.90 -3.27 12.08
CA GLY IA 212 -65.39 -4.65 12.04
C GLY IA 212 -66.45 -5.69 11.68
N GLY IA 213 -66.03 -6.86 11.21
CA GLY IA 213 -66.91 -8.01 10.95
C GLY IA 213 -67.17 -8.87 12.19
N GLY IA 214 -68.30 -9.58 12.21
CA GLY IA 214 -68.67 -10.48 13.30
C GLY IA 214 -67.88 -11.79 13.33
N GLY IA 215 -67.72 -12.36 14.53
CA GLY IA 215 -67.16 -13.70 14.76
C GLY IA 215 -68.14 -14.82 14.36
N GLY IA 216 -67.84 -16.06 14.72
CA GLY IA 216 -68.70 -17.19 14.38
C GLY IA 216 -68.42 -18.46 15.17
N VAL IA 217 -69.07 -19.56 14.79
CA VAL IA 217 -68.85 -20.90 15.36
C VAL IA 217 -68.73 -21.93 14.23
N ARG IA 218 -67.84 -22.90 14.40
CA ARG IA 218 -67.66 -24.03 13.48
C ARG IA 218 -68.75 -25.09 13.67
N SER IA 219 -68.74 -26.14 12.86
CA SER IA 219 -69.64 -27.28 13.06
C SER IA 219 -69.20 -28.19 14.22
N ASN IA 220 -67.94 -28.63 14.21
CA ASN IA 220 -67.40 -29.62 15.16
C ASN IA 220 -66.49 -29.01 16.25
N ASP IA 221 -66.46 -27.68 16.39
CA ASP IA 221 -65.50 -26.97 17.23
C ASP IA 221 -66.07 -25.64 17.77
N ASN IA 222 -65.36 -25.04 18.73
CA ASN IA 222 -65.76 -23.82 19.42
C ASN IA 222 -65.71 -22.56 18.53
N SER IA 223 -66.14 -21.43 19.08
CA SER IA 223 -66.22 -20.12 18.42
C SER IA 223 -64.88 -19.56 17.92
N PHE IA 224 -64.96 -18.60 17.00
CA PHE IA 224 -63.85 -17.84 16.44
C PHE IA 224 -64.14 -16.34 16.41
N SER IA 225 -63.13 -15.52 16.68
CA SER IA 225 -63.28 -14.10 16.98
C SER IA 225 -63.64 -13.24 15.76
N GLY IA 226 -64.37 -12.15 16.02
CA GLY IA 226 -64.59 -11.06 15.07
C GLY IA 226 -63.40 -10.08 15.02
N GLY IA 227 -63.56 -8.98 14.27
CA GLY IA 227 -62.60 -7.88 14.22
C GLY IA 227 -63.10 -6.58 14.86
N SER IA 228 -62.21 -5.59 15.00
CA SER IA 228 -62.48 -4.30 15.63
C SER IA 228 -62.92 -3.22 14.63
N ASN IA 229 -63.56 -2.17 15.12
CA ASN IA 229 -63.82 -0.97 14.31
C ASN IA 229 -62.52 -0.19 14.10
N GLY IA 230 -62.35 0.44 12.94
CA GLY IA 230 -61.18 1.28 12.67
C GLY IA 230 -61.22 2.60 13.45
N THR IA 231 -60.05 3.10 13.84
CA THR IA 231 -59.91 4.46 14.39
C THR IA 231 -60.12 5.53 13.31
N SER IA 232 -60.61 6.71 13.70
CA SER IA 232 -60.82 7.82 12.77
C SER IA 232 -60.81 9.18 13.45
N SER IA 233 -60.65 10.22 12.64
CA SER IA 233 -60.78 11.63 13.07
C SER IA 233 -61.58 12.49 12.08
N GLY IA 234 -62.00 11.93 10.95
CA GLY IA 234 -62.93 12.58 10.03
C GLY IA 234 -64.31 12.79 10.65
N PRO IA 235 -65.01 13.90 10.34
CA PRO IA 235 -66.35 14.14 10.86
C PRO IA 235 -67.43 13.27 10.17
N ALA IA 236 -67.09 12.58 9.08
CA ALA IA 236 -67.96 11.58 8.45
C ALA IA 236 -68.19 10.38 9.39
N GLY IA 237 -69.39 9.79 9.34
CA GLY IA 237 -69.81 8.74 10.26
C GLY IA 237 -69.04 7.43 10.06
N ASN IA 238 -68.67 6.78 11.17
CA ASN IA 238 -68.05 5.46 11.15
C ASN IA 238 -69.09 4.37 10.88
N GLY IA 239 -68.69 3.31 10.16
CA GLY IA 239 -69.55 2.15 9.94
C GLY IA 239 -69.78 1.33 11.22
N GLY IA 240 -70.96 0.74 11.36
CA GLY IA 240 -71.29 -0.12 12.53
C GLY IA 240 -70.64 -1.50 12.44
N ARG IA 241 -70.28 -2.10 13.59
CA ARG IA 241 -69.75 -3.47 13.64
C ARG IA 241 -70.81 -4.47 13.21
N GLY IA 242 -70.42 -5.49 12.44
CA GLY IA 242 -71.24 -6.69 12.26
C GLY IA 242 -71.41 -7.46 13.58
N THR IA 243 -72.16 -8.55 13.57
CA THR IA 243 -72.36 -9.37 14.77
C THR IA 243 -72.32 -10.87 14.48
N ASP IA 244 -72.06 -11.64 15.53
CA ASP IA 244 -71.40 -12.93 15.44
C ASP IA 244 -72.37 -14.10 15.18
N GLY IA 245 -71.94 -15.05 14.34
CA GLY IA 245 -72.63 -16.34 14.23
C GLY IA 245 -72.58 -17.09 15.57
N SER IA 246 -73.68 -17.71 15.99
CA SER IA 246 -73.90 -17.97 17.42
C SER IA 246 -74.93 -19.09 17.72
N ILE IA 247 -74.98 -19.52 18.97
CA ILE IA 247 -75.93 -20.53 19.48
C ILE IA 247 -77.38 -20.09 19.15
N ASN IA 248 -78.32 -21.03 19.03
CA ASN IA 248 -79.71 -20.72 18.66
C ASN IA 248 -80.39 -19.70 19.60
N THR IA 249 -79.96 -19.62 20.85
CA THR IA 249 -80.43 -18.65 21.85
C THR IA 249 -79.65 -17.33 21.88
N GLY IA 250 -78.47 -17.26 21.26
CA GLY IA 250 -77.49 -16.18 21.43
C GLY IA 250 -77.62 -14.99 20.47
N GLY IA 251 -76.48 -14.38 20.15
CA GLY IA 251 -76.36 -13.26 19.20
C GLY IA 251 -76.83 -11.90 19.74
N SER IA 252 -76.88 -10.90 18.85
CA SER IA 252 -77.27 -9.51 19.13
C SER IA 252 -77.70 -8.80 17.84
N ASN IA 253 -78.19 -7.57 17.92
CA ASN IA 253 -78.30 -6.72 16.73
C ASN IA 253 -76.93 -6.19 16.33
N ALA IA 254 -76.69 -6.01 15.03
CA ALA IA 254 -75.48 -5.36 14.54
C ALA IA 254 -75.48 -3.86 14.88
N GLY IA 255 -74.31 -3.24 14.86
CA GLY IA 255 -74.19 -1.81 15.16
C GLY IA 255 -74.80 -0.93 14.07
N SER IA 256 -75.36 0.20 14.48
CA SER IA 256 -75.71 1.29 13.57
C SER IA 256 -74.45 1.94 13.02
N GLY IA 257 -74.52 2.49 11.80
CA GLY IA 257 -73.55 3.50 11.38
C GLY IA 257 -73.76 4.83 12.12
N GLY IA 258 -72.74 5.67 12.19
CA GLY IA 258 -72.84 7.02 12.73
C GLY IA 258 -73.48 8.01 11.76
N ASP IA 259 -74.08 9.08 12.27
CA ASP IA 259 -74.59 10.17 11.42
C ASP IA 259 -73.47 10.88 10.69
N GLY IA 260 -73.79 11.42 9.51
CA GLY IA 260 -72.91 12.31 8.75
C GLY IA 260 -72.87 13.73 9.31
N TYR IA 261 -72.22 14.63 8.58
CA TYR IA 261 -71.91 15.97 9.03
C TYR IA 261 -72.00 16.99 7.92
N VAL IA 262 -72.40 18.20 8.27
CA VAL IA 262 -72.43 19.37 7.41
C VAL IA 262 -71.89 20.54 8.21
N LEU IA 263 -71.07 21.37 7.59
CA LEU IA 263 -70.53 22.61 8.15
C LEU IA 263 -70.34 23.60 7.01
N ILE IA 264 -71.03 24.73 7.06
CA ILE IA 264 -70.89 25.74 6.02
C ILE IA 264 -70.81 27.13 6.63
N GLU IA 265 -69.81 27.86 6.19
CA GLU IA 265 -69.45 29.20 6.65
C GLU IA 265 -69.83 30.19 5.56
N TRP IA 266 -70.60 31.22 5.88
CA TRP IA 266 -70.98 32.29 4.94
C TRP IA 266 -70.20 33.58 5.21
N GLU IA 267 -69.66 34.21 4.16
CA GLU IA 267 -68.95 35.50 4.24
C GLU IA 267 -69.77 36.69 3.68
N PRO JA 38 -7.41 35.66 -72.27
CA PRO JA 38 -6.52 36.13 -71.18
C PRO JA 38 -6.57 37.65 -71.01
N PHE JA 39 -7.43 38.16 -70.13
CA PHE JA 39 -7.64 39.61 -69.89
C PHE JA 39 -8.17 39.87 -68.47
N THR JA 40 -8.04 41.08 -67.92
CA THR JA 40 -8.51 41.43 -66.56
C THR JA 40 -8.78 42.92 -66.43
N ILE JA 41 -9.71 43.29 -65.54
CA ILE JA 41 -9.94 44.68 -65.11
C ILE JA 41 -10.25 44.72 -63.61
N SER JA 42 -9.89 45.80 -62.95
CA SER JA 42 -10.23 46.06 -61.56
C SER JA 42 -10.45 47.53 -61.28
N SER JA 43 -11.29 47.85 -60.31
CA SER JA 43 -11.40 49.23 -59.78
C SER JA 43 -10.11 49.70 -59.11
N GLU JA 44 -9.14 48.83 -58.84
CA GLU JA 44 -7.78 49.25 -58.50
C GLU JA 44 -7.10 50.04 -59.63
N ASP JA 45 -7.48 49.77 -60.88
CA ASP JA 45 -6.82 50.36 -62.03
C ASP JA 45 -7.20 51.85 -62.23
N PRO JA 46 -6.23 52.74 -62.51
CA PRO JA 46 -6.53 54.09 -62.95
C PRO JA 46 -7.20 54.05 -64.32
N GLY JA 47 -8.19 54.90 -64.54
CA GLY JA 47 -9.01 54.85 -65.75
C GLY JA 47 -10.02 53.69 -65.77
N TYR JA 48 -10.33 53.08 -64.62
CA TYR JA 48 -11.51 52.23 -64.48
C TYR JA 48 -12.79 53.00 -64.82
N GLU JA 49 -13.81 52.33 -65.36
CA GLU JA 49 -15.19 52.81 -65.44
C GLU JA 49 -16.16 51.67 -65.17
N ASP JA 50 -17.31 51.96 -64.56
CA ASP JA 50 -18.37 50.96 -64.42
C ASP JA 50 -18.90 50.56 -65.80
N LEU JA 51 -19.12 49.26 -66.02
CA LEU JA 51 -19.43 48.72 -67.33
C LEU JA 51 -20.91 48.34 -67.39
N ILE JA 52 -21.64 48.97 -68.29
CA ILE JA 52 -23.04 48.67 -68.58
C ILE JA 52 -23.11 47.95 -69.92
N ASP JA 53 -23.64 46.73 -69.92
CA ASP JA 53 -23.79 45.88 -71.09
C ASP JA 53 -22.50 45.75 -71.93
N GLU JA 54 -21.35 45.55 -71.29
CA GLU JA 54 -20.15 45.12 -72.00
C GLU JA 54 -20.30 43.67 -72.47
N GLN JA 55 -19.76 43.36 -73.65
CA GLN JA 55 -19.86 42.02 -74.23
C GLN JA 55 -18.99 41.03 -73.46
N VAL JA 56 -19.38 39.75 -73.42
CA VAL JA 56 -18.46 38.70 -72.99
C VAL JA 56 -17.30 38.64 -74.00
N PRO JA 57 -16.02 38.73 -73.59
CA PRO JA 57 -14.92 38.76 -74.54
C PRO JA 57 -14.91 37.55 -75.47
N GLU JA 58 -14.63 37.77 -76.75
CA GLU JA 58 -14.74 36.73 -77.78
C GLU JA 58 -13.82 35.53 -77.48
N GLY JA 59 -14.41 34.33 -77.46
CA GLY JA 59 -13.70 33.09 -77.18
C GLY JA 59 -13.20 32.90 -75.73
N ALA JA 60 -13.45 33.83 -74.80
CA ALA JA 60 -13.04 33.65 -73.41
C ALA JA 60 -13.80 32.48 -72.75
N SER JA 61 -13.08 31.61 -72.04
CA SER JA 61 -13.62 30.34 -71.51
C SER JA 61 -14.55 30.49 -70.30
N GLY JA 62 -14.60 31.70 -69.73
CA GLY JA 62 -15.40 32.08 -68.57
C GLY JA 62 -14.71 33.23 -67.83
N CYS JA 63 -15.00 33.41 -66.55
CA CYS JA 63 -14.33 34.42 -65.74
C CYS JA 63 -14.19 34.04 -64.26
N TRP JA 64 -13.23 34.64 -63.60
CA TRP JA 64 -13.17 34.72 -62.14
C TRP JA 64 -13.60 36.12 -61.71
N VAL JA 65 -14.43 36.20 -60.68
CA VAL JA 65 -15.05 37.43 -60.17
C VAL JA 65 -14.64 37.67 -58.73
N THR JA 66 -14.54 38.92 -58.29
CA THR JA 66 -14.31 39.31 -56.89
C THR JA 66 -14.92 40.69 -56.66
N LEU JA 67 -15.85 40.81 -55.71
CA LEU JA 67 -16.69 42.00 -55.51
C LEU JA 67 -16.77 42.38 -54.04
N GLY JA 68 -16.75 43.68 -53.74
CA GLY JA 68 -17.04 44.22 -52.41
C GLY JA 68 -17.95 45.45 -52.47
N GLY JA 69 -18.94 45.52 -51.58
CA GLY JA 69 -19.83 46.68 -51.47
C GLY JA 69 -19.16 47.89 -50.84
N ALA JA 70 -19.75 49.07 -51.00
CA ALA JA 70 -19.27 50.28 -50.33
C ALA JA 70 -19.72 50.37 -48.87
N GLY JA 71 -19.03 51.18 -48.06
CA GLY JA 71 -19.46 51.51 -46.70
C GLY JA 71 -20.51 52.63 -46.67
N GLY JA 72 -21.30 52.67 -45.61
CA GLY JA 72 -22.23 53.77 -45.34
C GLY JA 72 -21.55 54.97 -44.67
N GLY JA 73 -22.12 56.16 -44.85
CA GLY JA 73 -21.68 57.36 -44.14
C GLY JA 73 -22.23 57.43 -42.72
N GLY JA 74 -21.54 58.17 -41.84
CA GLY JA 74 -22.01 58.41 -40.47
C GLY JA 74 -23.09 59.48 -40.41
N GLY JA 75 -23.90 59.46 -39.36
CA GLY JA 75 -24.78 60.57 -39.01
C GLY JA 75 -24.05 61.66 -38.25
N SER JA 76 -24.60 62.87 -38.18
CA SER JA 76 -24.10 63.92 -37.30
C SER JA 76 -24.84 63.96 -35.97
N GLY JA 77 -24.16 64.40 -34.91
CA GLY JA 77 -24.72 64.54 -33.56
C GLY JA 77 -25.52 65.83 -33.39
N ARG JA 78 -26.35 65.89 -32.35
CA ARG JA 78 -27.08 67.13 -31.97
C ARG JA 78 -26.08 68.22 -31.61
N ARG JA 79 -26.26 69.43 -32.13
CA ARG JA 79 -25.57 70.63 -31.63
C ARG JA 79 -26.53 71.47 -30.80
N ALA JA 80 -26.22 71.72 -29.53
CA ALA JA 80 -27.05 72.53 -28.65
C ALA JA 80 -26.30 73.00 -27.39
N ASN JA 81 -26.74 74.11 -26.81
CA ASN JA 81 -26.17 74.71 -25.60
C ASN JA 81 -26.72 74.11 -24.28
N SER JA 82 -27.59 73.10 -24.35
CA SER JA 82 -28.33 72.57 -23.18
C SER JA 82 -28.90 71.16 -23.42
N GLY JA 83 -29.29 70.47 -22.35
CA GLY JA 83 -29.88 69.14 -22.39
C GLY JA 83 -28.88 68.05 -22.76
N TYR JA 84 -29.35 66.89 -23.19
CA TYR JA 84 -28.48 65.86 -23.75
C TYR JA 84 -28.16 66.14 -25.23
N ARG JA 85 -26.90 65.92 -25.62
CA ARG JA 85 -26.34 66.11 -26.97
C ARG JA 85 -25.72 64.79 -27.42
N TYR JA 86 -26.50 63.87 -28.00
CA TYR JA 86 -25.96 62.58 -28.44
C TYR JA 86 -25.25 62.66 -29.80
N GLY JA 87 -24.20 61.86 -29.97
CA GLY JA 87 -23.44 61.72 -31.21
C GLY JA 87 -24.17 60.87 -32.25
N GLY JA 88 -23.94 61.19 -33.53
CA GLY JA 88 -24.53 60.44 -34.63
C GLY JA 88 -23.99 59.00 -34.71
N GLY JA 89 -24.75 58.12 -35.35
CA GLY JA 89 -24.34 56.73 -35.53
C GLY JA 89 -23.20 56.59 -36.55
N GLY JA 90 -22.40 55.53 -36.42
CA GLY JA 90 -21.43 55.11 -37.44
C GLY JA 90 -22.08 54.30 -38.56
N GLY JA 91 -21.52 54.37 -39.77
CA GLY JA 91 -22.04 53.64 -40.93
C GLY JA 91 -21.65 52.17 -40.94
N GLY JA 92 -22.43 51.35 -41.62
CA GLY JA 92 -22.15 49.92 -41.80
C GLY JA 92 -21.08 49.65 -42.86
N GLY JA 93 -20.38 48.53 -42.74
CA GLY JA 93 -19.41 48.06 -43.75
C GLY JA 93 -20.07 47.28 -44.90
N GLY JA 94 -19.48 47.32 -46.09
CA GLY JA 94 -20.01 46.60 -47.27
C GLY JA 94 -19.80 45.09 -47.20
N GLY JA 95 -20.64 44.34 -47.90
CA GLY JA 95 -20.47 42.89 -48.07
C GLY JA 95 -19.32 42.54 -49.02
N TYR JA 96 -18.99 41.26 -49.14
CA TYR JA 96 -17.92 40.77 -50.01
C TYR JA 96 -18.21 39.39 -50.59
N ILE JA 97 -17.77 39.12 -51.81
CA ILE JA 97 -17.94 37.84 -52.47
C ILE JA 97 -16.57 37.32 -52.90
N ASP JA 98 -16.25 36.09 -52.47
CA ASP JA 98 -14.96 35.41 -52.66
C ASP JA 98 -14.60 35.23 -54.16
N ARG JA 99 -13.31 35.03 -54.46
CA ARG JA 99 -12.84 34.80 -55.83
C ARG JA 99 -13.41 33.49 -56.38
N VAL JA 100 -14.35 33.59 -57.32
CA VAL JA 100 -15.17 32.46 -57.80
C VAL JA 100 -15.27 32.45 -59.31
N TRP JA 101 -15.20 31.25 -59.90
CA TRP JA 101 -15.31 31.01 -61.33
C TRP JA 101 -16.76 30.96 -61.81
N ILE JA 102 -16.99 31.49 -62.99
CA ILE JA 102 -18.21 31.32 -63.77
C ILE JA 102 -17.79 30.82 -65.17
N PRO JA 103 -18.28 29.67 -65.67
CA PRO JA 103 -17.96 29.20 -67.02
C PRO JA 103 -18.72 29.98 -68.08
N ARG JA 104 -18.16 30.11 -69.28
CA ARG JA 104 -18.79 30.76 -70.45
C ARG JA 104 -20.18 30.22 -70.77
N ALA JA 105 -20.49 28.98 -70.42
CA ALA JA 105 -21.82 28.40 -70.57
C ALA JA 105 -22.89 29.10 -69.71
N SER JA 106 -22.52 29.67 -68.55
CA SER JA 106 -23.46 30.34 -67.65
C SER JA 106 -23.57 31.84 -67.90
N LEU JA 107 -22.50 32.49 -68.39
CA LEU JA 107 -22.55 33.89 -68.81
C LEU JA 107 -23.54 34.08 -69.98
N GLY JA 108 -24.12 35.26 -70.07
CA GLY JA 108 -24.81 35.72 -71.27
C GLY JA 108 -23.84 36.26 -72.32
N SER JA 109 -24.35 36.75 -73.45
CA SER JA 109 -23.53 37.43 -74.46
C SER JA 109 -22.95 38.76 -73.96
N THR JA 110 -23.50 39.29 -72.86
CA THR JA 110 -23.09 40.55 -72.23
C THR JA 110 -23.18 40.45 -70.72
N PHE JA 111 -22.53 41.38 -70.03
CA PHE JA 111 -22.54 41.51 -68.59
C PHE JA 111 -22.67 42.98 -68.20
N THR JA 112 -23.02 43.22 -66.95
CA THR JA 112 -22.99 44.55 -66.33
C THR JA 112 -22.28 44.46 -64.98
N LEU JA 113 -21.47 45.46 -64.66
CA LEU JA 113 -20.55 45.47 -63.52
C LEU JA 113 -20.38 46.88 -63.00
N ILE JA 114 -20.92 47.15 -61.81
CA ILE JA 114 -20.95 48.48 -61.20
C ILE JA 114 -20.40 48.40 -59.78
N ARG JA 115 -19.46 49.28 -59.43
CA ARG JA 115 -18.96 49.43 -58.06
C ARG JA 115 -19.89 50.32 -57.24
N GLY JA 116 -20.02 50.02 -55.95
CA GLY JA 116 -20.61 50.96 -55.02
C GLY JA 116 -19.72 52.17 -54.80
N LEU JA 117 -20.29 53.38 -54.80
CA LEU JA 117 -19.63 54.57 -54.28
C LEU JA 117 -19.81 54.65 -52.76
N GLY JA 118 -18.82 55.20 -52.07
CA GLY JA 118 -18.88 55.42 -50.62
C GLY JA 118 -20.03 56.33 -50.21
N GLY JA 119 -20.79 55.92 -49.18
CA GLY JA 119 -21.90 56.72 -48.68
C GLY JA 119 -21.41 57.97 -47.96
N ALA JA 120 -21.96 59.13 -48.31
CA ALA JA 120 -21.59 60.42 -47.73
C ALA JA 120 -22.08 60.60 -46.28
N GLY JA 121 -21.29 61.29 -45.45
CA GLY JA 121 -21.66 61.62 -44.07
C GLY JA 121 -22.68 62.76 -43.96
N GLY JA 122 -23.46 62.77 -42.87
CA GLY JA 122 -24.41 63.84 -42.57
C GLY JA 122 -23.75 65.18 -42.25
N ALA JA 123 -24.33 66.27 -42.74
CA ALA JA 123 -23.80 67.62 -42.53
C ALA JA 123 -23.96 68.11 -41.07
N ARG JA 124 -23.13 69.08 -40.64
CA ARG JA 124 -23.22 69.71 -39.32
C ARG JA 124 -24.59 70.37 -39.07
N ALA JA 125 -25.15 70.19 -37.89
CA ALA JA 125 -26.43 70.78 -37.50
C ALA JA 125 -26.37 72.32 -37.40
N ALA JA 126 -27.36 73.02 -37.95
CA ALA JA 126 -27.45 74.48 -37.89
C ALA JA 126 -27.87 74.97 -36.50
N GLY JA 127 -27.14 75.93 -35.92
CA GLY JA 127 -27.43 76.52 -34.62
C GLY JA 127 -27.62 75.47 -33.50
N SER JA 128 -28.61 75.72 -32.64
CA SER JA 128 -29.12 74.71 -31.70
C SER JA 128 -30.14 73.80 -32.40
N SER JA 129 -29.75 72.61 -32.85
CA SER JA 129 -30.65 71.61 -33.44
C SER JA 129 -30.08 70.19 -33.44
N ASN JA 130 -30.97 69.21 -33.62
CA ASN JA 130 -30.64 67.80 -33.84
C ASN JA 130 -29.83 67.59 -35.13
N GLY JA 131 -29.11 66.46 -35.23
CA GLY JA 131 -28.22 66.17 -36.35
C GLY JA 131 -28.91 65.77 -37.67
N ASN JA 132 -28.14 65.17 -38.56
CA ASN JA 132 -28.58 64.62 -39.85
C ASN JA 132 -28.21 63.14 -39.97
N ASN JA 133 -29.04 62.35 -40.67
CA ASN JA 133 -28.67 60.99 -41.06
C ASN JA 133 -27.53 60.99 -42.09
N GLY JA 134 -26.75 59.92 -42.15
CA GLY JA 134 -25.83 59.69 -43.27
C GLY JA 134 -26.55 59.22 -44.54
N ALA JA 135 -25.78 58.97 -45.60
CA ALA JA 135 -26.25 58.33 -46.82
C ALA JA 135 -25.68 56.90 -46.94
N PRO JA 136 -26.47 55.92 -47.42
CA PRO JA 136 -26.01 54.54 -47.54
C PRO JA 136 -24.98 54.38 -48.65
N GLY JA 137 -24.12 53.36 -48.53
CA GLY JA 137 -23.17 53.00 -49.57
C GLY JA 137 -23.86 52.42 -50.81
N GLY JA 138 -23.26 52.57 -51.98
CA GLY JA 138 -23.72 51.87 -53.17
C GLY JA 138 -23.48 50.36 -53.08
N SER JA 139 -24.39 49.57 -53.63
CA SER JA 139 -24.19 48.14 -53.85
C SER JA 139 -23.28 47.90 -55.03
N THR JA 140 -22.38 46.91 -54.92
CA THR JA 140 -21.55 46.46 -56.04
C THR JA 140 -22.21 45.26 -56.67
N VAL JA 141 -22.41 45.29 -57.99
CA VAL JA 141 -23.25 44.34 -58.70
C VAL JA 141 -22.50 43.76 -59.88
N PHE JA 142 -22.61 42.45 -60.11
CA PHE JA 142 -22.28 41.80 -61.35
C PHE JA 142 -23.46 40.97 -61.83
N SER JA 143 -23.84 41.06 -63.10
CA SER JA 143 -24.74 40.09 -63.68
C SER JA 143 -24.47 39.83 -65.15
N SER JA 144 -24.77 38.61 -65.58
CA SER JA 144 -24.64 38.17 -66.96
C SER JA 144 -25.43 36.89 -67.19
N GLY JA 145 -26.34 36.90 -68.17
CA GLY JA 145 -27.13 35.73 -68.54
C GLY JA 145 -27.85 35.12 -67.34
N SER JA 146 -27.54 33.86 -67.04
CA SER JA 146 -28.17 33.10 -65.94
C SER JA 146 -27.71 33.49 -64.53
N VAL JA 147 -26.62 34.25 -64.40
CA VAL JA 147 -25.89 34.46 -63.14
C VAL JA 147 -25.93 35.93 -62.69
N SER JA 148 -26.04 36.14 -61.38
CA SER JA 148 -25.79 37.44 -60.78
C SER JA 148 -25.19 37.30 -59.38
N LEU JA 149 -24.34 38.25 -59.03
CA LEU JA 149 -23.71 38.36 -57.73
C LEU JA 149 -23.80 39.82 -57.28
N THR JA 150 -24.04 40.07 -55.99
CA THR JA 150 -24.15 41.43 -55.47
C THR JA 150 -23.64 41.51 -54.04
N ALA JA 151 -22.68 42.41 -53.82
CA ALA JA 151 -22.13 42.72 -52.52
C ALA JA 151 -22.70 44.08 -52.10
N SER JA 152 -23.68 44.05 -51.21
CA SER JA 152 -24.52 45.22 -50.92
C SER JA 152 -23.76 46.28 -50.13
N GLY JA 153 -24.17 47.53 -50.31
CA GLY JA 153 -23.63 48.65 -49.55
C GLY JA 153 -24.06 48.63 -48.08
N GLY JA 154 -23.20 49.11 -47.19
CA GLY JA 154 -23.50 49.26 -45.78
C GLY JA 154 -24.47 50.43 -45.52
N ALA JA 155 -25.30 50.30 -44.49
CA ALA JA 155 -26.34 51.28 -44.19
C ALA JA 155 -25.79 52.55 -43.53
N ALA JA 156 -26.50 53.66 -43.69
CA ALA JA 156 -26.16 54.93 -43.06
C ALA JA 156 -26.27 54.87 -41.53
N GLY JA 157 -25.44 55.63 -40.84
CA GLY JA 157 -25.61 55.90 -39.42
C GLY JA 157 -26.70 56.97 -39.19
N VAL JA 158 -27.51 56.80 -38.15
CA VAL JA 158 -28.67 57.65 -37.88
C VAL JA 158 -28.27 58.98 -37.23
N LYS JA 159 -29.08 60.01 -37.46
CA LYS JA 159 -29.13 61.29 -36.73
C LYS JA 159 -28.97 61.12 -35.22
N GLY JA 160 -28.20 62.00 -34.59
CA GLY JA 160 -28.21 62.17 -33.13
C GLY JA 160 -29.26 63.19 -32.70
N THR JA 161 -29.93 62.97 -31.58
CA THR JA 161 -30.93 63.90 -31.02
C THR JA 161 -30.69 64.15 -29.53
N SER JA 162 -31.68 64.62 -28.79
CA SER JA 162 -31.67 64.64 -27.32
C SER JA 162 -31.98 63.27 -26.70
N SER JA 163 -32.42 62.29 -27.50
CA SER JA 163 -32.87 60.99 -26.99
C SER JA 163 -31.76 59.97 -26.88
N SER JA 164 -31.73 59.24 -25.77
CA SER JA 164 -30.81 58.14 -25.49
C SER JA 164 -30.92 56.99 -26.50
N ALA JA 165 -32.03 56.87 -27.22
CA ALA JA 165 -32.23 55.89 -28.29
C ALA JA 165 -31.68 56.34 -29.67
N SER JA 166 -31.26 57.60 -29.82
CA SER JA 166 -30.80 58.16 -31.09
C SER JA 166 -29.40 57.67 -31.49
N GLY JA 167 -28.94 58.05 -32.69
CA GLY JA 167 -27.60 57.71 -33.16
C GLY JA 167 -27.40 56.22 -33.47
N SER JA 168 -28.45 55.48 -33.80
CA SER JA 168 -28.34 54.07 -34.16
C SER JA 168 -27.36 53.84 -35.32
N GLY JA 169 -26.51 52.83 -35.19
CA GLY JA 169 -25.47 52.49 -36.16
C GLY JA 169 -26.00 51.67 -37.34
N GLY JA 170 -25.41 51.85 -38.51
CA GLY JA 170 -25.87 51.20 -39.74
C GLY JA 170 -25.63 49.69 -39.76
N ALA JA 171 -26.62 48.92 -40.21
CA ALA JA 171 -26.44 47.49 -40.50
C ALA JA 171 -25.38 47.24 -41.60
N GLY JA 172 -24.67 46.12 -41.50
CA GLY JA 172 -23.68 45.72 -42.50
C GLY JA 172 -24.32 45.17 -43.78
N GLY JA 173 -23.63 45.30 -44.91
CA GLY JA 173 -24.16 44.94 -46.22
C GLY JA 173 -24.22 43.42 -46.43
N THR JA 174 -25.39 42.91 -46.81
CA THR JA 174 -25.62 41.51 -47.16
C THR JA 174 -25.08 41.14 -48.56
N THR JA 175 -24.95 39.84 -48.83
CA THR JA 175 -24.55 39.33 -50.15
C THR JA 175 -25.68 38.56 -50.81
N SER JA 176 -25.96 38.87 -52.07
CA SER JA 176 -26.93 38.14 -52.89
C SER JA 176 -26.18 37.36 -53.98
N ILE JA 177 -26.52 36.08 -54.13
CA ILE JA 177 -25.89 35.17 -55.10
C ILE JA 177 -26.96 34.38 -55.85
N SER JA 178 -26.80 34.21 -57.16
CA SER JA 178 -27.71 33.44 -58.01
C SER JA 178 -27.00 32.69 -59.14
N GLY JA 179 -27.54 31.56 -59.58
CA GLY JA 179 -27.10 30.80 -60.75
C GLY JA 179 -25.85 29.93 -60.54
N VAL JA 180 -24.80 30.46 -59.92
CA VAL JA 180 -23.62 29.70 -59.44
C VAL JA 180 -23.26 30.08 -58.01
N SER JA 181 -22.81 29.11 -57.21
CA SER JA 181 -22.53 29.30 -55.78
C SER JA 181 -21.23 30.08 -55.50
N ALA JA 182 -21.23 30.84 -54.40
CA ALA JA 182 -20.07 31.56 -53.88
C ALA JA 182 -20.18 31.73 -52.34
N THR JA 183 -19.04 31.80 -51.64
CA THR JA 183 -19.03 32.01 -50.18
C THR JA 183 -19.13 33.51 -49.89
N GLY JA 184 -20.36 34.02 -49.80
CA GLY JA 184 -20.63 35.43 -49.53
C GLY JA 184 -20.41 35.78 -48.06
N TYR JA 185 -19.77 36.92 -47.80
CA TYR JA 185 -19.56 37.44 -46.45
C TYR JA 185 -20.33 38.75 -46.24
N THR JA 186 -21.23 38.76 -45.24
CA THR JA 186 -22.01 39.93 -44.83
C THR JA 186 -21.14 40.89 -44.01
N GLY JA 187 -21.22 42.19 -44.31
CA GLY JA 187 -20.36 43.23 -43.70
C GLY JA 187 -20.58 43.46 -42.21
N GLY JA 188 -19.66 44.18 -41.58
CA GLY JA 188 -19.69 44.48 -40.14
C GLY JA 188 -20.66 45.60 -39.75
N LYS JA 189 -21.23 45.49 -38.54
CA LYS JA 189 -22.14 46.49 -37.95
C LYS JA 189 -21.43 47.81 -37.68
N GLY JA 190 -22.04 48.92 -38.08
CA GLY JA 190 -21.65 50.27 -37.69
C GLY JA 190 -22.00 50.55 -36.24
N GLY JA 191 -21.19 51.35 -35.55
CA GLY JA 191 -21.34 51.57 -34.11
C GLY JA 191 -22.55 52.43 -33.77
N ASN JA 192 -23.31 52.04 -32.75
CA ASN JA 192 -24.32 52.89 -32.15
C ASN JA 192 -23.66 54.07 -31.41
N GLY JA 193 -24.29 55.24 -31.50
CA GLY JA 193 -24.15 56.33 -30.55
C GLY JA 193 -25.16 56.19 -29.40
N GLY JA 194 -25.86 57.26 -29.05
CA GLY JA 194 -26.92 57.23 -28.05
C GLY JA 194 -26.38 56.97 -26.63
N SER JA 195 -27.14 56.23 -25.83
CA SER JA 195 -26.93 56.04 -24.39
C SER JA 195 -25.50 55.64 -24.01
N SER JA 196 -24.82 54.88 -24.86
CA SER JA 196 -23.37 54.61 -24.76
C SER JA 196 -22.75 54.45 -26.16
N PRO JA 197 -21.95 55.40 -26.64
CA PRO JA 197 -21.25 55.28 -27.91
C PRO JA 197 -20.35 54.06 -28.00
N SER JA 198 -20.15 53.56 -29.21
CA SER JA 198 -19.48 52.27 -29.44
C SER JA 198 -18.66 52.28 -30.73
N SER JA 199 -17.61 51.47 -30.76
CA SER JA 199 -16.79 51.26 -31.95
C SER JA 199 -17.51 50.39 -32.98
N GLY JA 200 -17.15 50.50 -34.25
CA GLY JA 200 -17.66 49.62 -35.30
C GLY JA 200 -17.04 48.22 -35.24
N GLN JA 201 -17.74 47.23 -35.80
CA GLN JA 201 -17.28 45.85 -35.84
C GLN JA 201 -16.10 45.68 -36.80
N SER JA 202 -14.98 45.16 -36.28
CA SER JA 202 -13.81 44.76 -37.07
C SER JA 202 -14.10 43.52 -37.94
N ARG JA 203 -13.51 43.43 -39.14
CA ARG JA 203 -13.73 42.32 -40.10
C ARG JA 203 -12.46 41.99 -40.89
N THR JA 204 -12.27 40.71 -41.22
CA THR JA 204 -11.07 40.19 -41.90
C THR JA 204 -11.35 39.20 -43.03
N ASP JA 205 -12.58 38.71 -43.15
CA ASP JA 205 -12.96 37.71 -44.17
C ASP JA 205 -12.94 38.24 -45.62
N GLY JA 206 -12.85 39.56 -45.79
CA GLY JA 206 -12.92 40.26 -47.07
C GLY JA 206 -13.99 41.35 -47.10
N SER JA 207 -15.01 41.22 -46.26
CA SER JA 207 -16.06 42.24 -46.05
C SER JA 207 -15.55 43.42 -45.23
N GLY JA 208 -16.27 44.54 -45.29
CA GLY JA 208 -15.88 45.79 -44.65
C GLY JA 208 -16.19 45.81 -43.15
N ALA JA 209 -15.39 46.54 -42.40
CA ALA JA 209 -15.66 46.87 -41.00
C ALA JA 209 -16.65 48.03 -40.86
N GLY JA 210 -17.34 48.11 -39.73
CA GLY JA 210 -18.22 49.24 -39.41
C GLY JA 210 -17.44 50.48 -38.92
N GLY JA 211 -18.06 51.66 -39.05
CA GLY JA 211 -17.53 52.91 -38.50
C GLY JA 211 -17.88 53.10 -37.03
N GLY JA 212 -17.23 54.05 -36.35
CA GLY JA 212 -17.49 54.37 -34.94
C GLY JA 212 -18.69 55.29 -34.71
N GLY JA 213 -19.40 55.12 -33.59
CA GLY JA 213 -20.42 56.08 -33.13
C GLY JA 213 -19.79 57.30 -32.46
N GLY JA 214 -20.37 58.48 -32.66
CA GLY JA 214 -19.85 59.73 -32.09
C GLY JA 214 -20.01 59.85 -30.57
N GLY JA 215 -19.14 60.64 -29.94
CA GLY JA 215 -19.26 61.06 -28.54
C GLY JA 215 -20.38 62.08 -28.34
N GLY JA 216 -20.47 62.70 -27.16
CA GLY JA 216 -21.55 63.64 -26.88
C GLY JA 216 -21.34 64.48 -25.62
N VAL JA 217 -22.38 65.22 -25.22
CA VAL JA 217 -22.40 65.96 -23.95
C VAL JA 217 -23.73 65.72 -23.24
N ARG JA 218 -23.68 65.36 -21.96
CA ARG JA 218 -24.87 65.15 -21.11
C ARG JA 218 -25.54 66.48 -20.77
N SER JA 219 -26.71 66.41 -20.13
CA SER JA 219 -27.20 67.55 -19.34
C SER JA 219 -26.18 67.95 -18.26
N ASN JA 220 -26.20 69.21 -17.82
CA ASN JA 220 -25.15 69.83 -16.98
C ASN JA 220 -23.73 69.73 -17.58
N ASP JA 221 -23.62 69.68 -18.91
CA ASP JA 221 -22.38 69.82 -19.70
C ASP JA 221 -21.26 68.78 -19.46
N ASN JA 222 -21.56 67.63 -18.85
CA ASN JA 222 -20.59 66.55 -18.72
C ASN JA 222 -20.36 65.82 -20.07
N SER JA 223 -19.22 66.05 -20.73
CA SER JA 223 -18.86 65.43 -22.02
C SER JA 223 -18.61 63.91 -21.91
N PHE JA 224 -18.67 63.21 -23.05
CA PHE JA 224 -18.33 61.78 -23.17
C PHE JA 224 -17.81 61.42 -24.57
N SER JA 225 -16.94 60.43 -24.67
CA SER JA 225 -16.20 60.07 -25.89
C SER JA 225 -16.96 59.11 -26.82
N GLY JA 226 -16.57 59.10 -28.09
CA GLY JA 226 -17.09 58.15 -29.10
C GLY JA 226 -16.30 56.83 -29.16
N GLY JA 227 -16.69 55.95 -30.09
CA GLY JA 227 -15.96 54.73 -30.42
C GLY JA 227 -15.08 54.85 -31.68
N SER JA 228 -14.27 53.82 -31.93
CA SER JA 228 -13.34 53.76 -33.06
C SER JA 228 -13.94 53.09 -34.29
N ASN JA 229 -13.32 53.25 -35.44
CA ASN JA 229 -13.63 52.41 -36.60
C ASN JA 229 -13.10 50.98 -36.37
N GLY JA 230 -13.83 49.97 -36.84
CA GLY JA 230 -13.35 48.58 -36.77
C GLY JA 230 -12.12 48.37 -37.66
N THR JA 231 -11.23 47.47 -37.26
CA THR JA 231 -10.04 47.12 -38.06
C THR JA 231 -10.41 46.18 -39.21
N SER JA 232 -9.73 46.32 -40.35
CA SER JA 232 -9.88 45.40 -41.48
C SER JA 232 -8.69 45.40 -42.43
N SER JA 233 -8.61 44.35 -43.25
CA SER JA 233 -7.65 44.19 -44.34
C SER JA 233 -8.31 43.67 -45.63
N GLY JA 234 -9.64 43.47 -45.62
CA GLY JA 234 -10.39 43.06 -46.81
C GLY JA 234 -10.57 44.20 -47.82
N PRO JA 235 -10.92 43.89 -49.08
CA PRO JA 235 -11.05 44.89 -50.13
C PRO JA 235 -12.34 45.73 -50.07
N ALA JA 236 -13.41 45.24 -49.45
CA ALA JA 236 -14.70 45.92 -49.39
C ALA JA 236 -14.66 47.22 -48.55
N GLY JA 237 -15.60 48.14 -48.78
CA GLY JA 237 -15.61 49.45 -48.15
C GLY JA 237 -15.97 49.43 -46.66
N ASN JA 238 -15.13 50.03 -45.82
CA ASN JA 238 -15.43 50.25 -44.40
C ASN JA 238 -16.44 51.41 -44.22
N GLY JA 239 -17.22 51.39 -43.14
CA GLY JA 239 -18.12 52.49 -42.78
C GLY JA 239 -17.41 53.72 -42.20
N GLY JA 240 -18.04 54.90 -42.26
CA GLY JA 240 -17.52 56.15 -41.68
C GLY JA 240 -17.95 56.41 -40.23
N ARG JA 241 -17.15 57.19 -39.47
CA ARG JA 241 -17.47 57.60 -38.09
C ARG JA 241 -18.56 58.68 -38.03
N GLY JA 242 -19.51 58.52 -37.12
CA GLY JA 242 -20.51 59.54 -36.79
C GLY JA 242 -19.92 60.62 -35.89
N THR JA 243 -20.22 61.90 -36.14
CA THR JA 243 -19.59 62.99 -35.37
C THR JA 243 -20.31 63.28 -34.05
N ASP JA 244 -19.58 63.88 -33.12
CA ASP JA 244 -19.96 64.00 -31.72
C ASP JA 244 -21.08 65.03 -31.49
N GLY JA 245 -21.99 64.73 -30.56
CA GLY JA 245 -22.92 65.71 -30.01
C GLY JA 245 -22.15 66.81 -29.27
N SER JA 246 -22.51 68.07 -29.48
CA SER JA 246 -21.58 69.19 -29.22
C SER JA 246 -22.28 70.54 -29.00
N ILE JA 247 -21.54 71.52 -28.49
CA ILE JA 247 -22.05 72.89 -28.27
C ILE JA 247 -22.12 73.62 -29.62
N ASN JA 248 -22.90 74.70 -29.70
CA ASN JA 248 -23.03 75.56 -30.88
C ASN JA 248 -21.68 76.08 -31.44
N THR JA 249 -20.61 76.07 -30.65
CA THR JA 249 -19.24 76.47 -31.04
C THR JA 249 -18.41 75.34 -31.65
N GLY JA 250 -18.83 74.08 -31.53
CA GLY JA 250 -18.09 72.88 -31.98
C GLY JA 250 -18.80 72.06 -33.06
N GLY JA 251 -18.36 70.82 -33.26
CA GLY JA 251 -18.95 69.85 -34.19
C GLY JA 251 -18.56 70.05 -35.66
N SER JA 252 -18.95 69.10 -36.51
CA SER JA 252 -18.46 68.95 -37.89
C SER JA 252 -19.46 68.25 -38.83
N ASN JA 253 -19.11 68.10 -40.11
CA ASN JA 253 -19.73 67.10 -40.97
C ASN JA 253 -19.19 65.70 -40.60
N ALA JA 254 -20.05 64.68 -40.62
CA ALA JA 254 -19.69 63.31 -40.28
C ALA JA 254 -18.83 62.63 -41.36
N GLY JA 255 -18.23 61.48 -41.03
CA GLY JA 255 -17.39 60.72 -41.94
C GLY JA 255 -18.17 60.00 -43.04
N SER JA 256 -17.48 59.58 -44.08
CA SER JA 256 -18.04 58.91 -45.25
C SER JA 256 -17.46 57.52 -45.41
N GLY JA 257 -18.25 56.57 -45.89
CA GLY JA 257 -17.80 55.19 -46.10
C GLY JA 257 -16.83 55.07 -47.27
N GLY JA 258 -16.01 54.02 -47.27
CA GLY JA 258 -15.14 53.70 -48.39
C GLY JA 258 -15.92 53.18 -49.60
N ASP JA 259 -15.39 53.40 -50.81
CA ASP JA 259 -15.97 52.82 -52.03
C ASP JA 259 -15.92 51.29 -52.03
N GLY JA 260 -16.77 50.68 -52.84
CA GLY JA 260 -16.70 49.26 -53.15
C GLY JA 260 -15.53 48.91 -54.06
N TYR JA 261 -15.40 47.61 -54.31
CA TYR JA 261 -14.26 47.00 -54.99
C TYR JA 261 -14.72 46.02 -56.08
N VAL JA 262 -14.01 46.02 -57.20
CA VAL JA 262 -14.23 45.11 -58.32
C VAL JA 262 -12.90 44.57 -58.80
N LEU JA 263 -12.85 43.27 -59.07
CA LEU JA 263 -11.78 42.59 -59.80
C LEU JA 263 -12.41 41.46 -60.61
N ILE JA 264 -12.25 41.48 -61.92
CA ILE JA 264 -12.79 40.45 -62.81
C ILE JA 264 -11.74 40.04 -63.85
N GLU JA 265 -11.63 38.74 -64.07
CA GLU JA 265 -10.55 38.10 -64.81
C GLU JA 265 -11.12 37.13 -65.83
N TRP JA 266 -10.58 37.11 -67.04
CA TRP JA 266 -11.00 36.28 -68.16
C TRP JA 266 -9.88 35.32 -68.59
N GLU JA 267 -10.16 34.01 -68.63
CA GLU JA 267 -9.27 32.97 -69.18
C GLU JA 267 -9.47 32.76 -70.69
N ILE KA 2 -80.92 -31.28 -9.84
CA ILE KA 2 -80.25 -32.33 -10.66
C ILE KA 2 -79.86 -31.76 -12.02
N ASP KA 3 -78.67 -32.12 -12.51
CA ASP KA 3 -78.21 -31.81 -13.87
C ASP KA 3 -78.49 -33.01 -14.79
N ALA KA 4 -79.22 -32.76 -15.86
CA ALA KA 4 -79.73 -33.77 -16.79
C ALA KA 4 -78.72 -34.23 -17.86
N ASP KA 5 -77.56 -33.59 -17.98
CA ASP KA 5 -76.46 -34.10 -18.80
C ASP KA 5 -75.54 -34.99 -17.98
N ASP KA 6 -75.34 -34.69 -16.71
CA ASP KA 6 -74.57 -35.53 -15.79
C ASP KA 6 -75.35 -36.75 -15.29
N TYR KA 7 -76.68 -36.72 -15.29
CA TYR KA 7 -77.54 -37.89 -15.02
C TYR KA 7 -78.68 -37.99 -16.02
N THR KA 8 -78.92 -39.18 -16.55
CA THR KA 8 -80.11 -39.48 -17.36
C THR KA 8 -81.08 -40.33 -16.55
N VAL KA 9 -82.34 -39.89 -16.45
CA VAL KA 9 -83.36 -40.58 -15.66
C VAL KA 9 -83.71 -41.91 -16.31
N ASN KA 10 -83.64 -42.99 -15.51
CA ASN KA 10 -84.22 -44.27 -15.87
C ASN KA 10 -85.24 -44.68 -14.83
N LEU KA 11 -86.50 -44.85 -15.23
CA LEU KA 11 -87.60 -44.96 -14.27
C LEU KA 11 -87.68 -46.34 -13.63
N THR KA 12 -87.21 -47.39 -14.31
CA THR KA 12 -87.28 -48.76 -13.81
C THR KA 12 -86.03 -49.21 -13.05
N SER KA 13 -84.82 -48.95 -13.56
CA SER KA 13 -83.60 -49.58 -13.05
C SER KA 13 -82.92 -48.86 -11.88
N HIS KA 14 -83.35 -47.63 -11.54
CA HIS KA 14 -82.84 -46.88 -10.39
C HIS KA 14 -83.81 -46.95 -9.23
N THR KA 15 -83.28 -47.10 -8.03
CA THR KA 15 -84.05 -47.41 -6.83
C THR KA 15 -83.64 -46.58 -5.64
N THR KA 16 -82.37 -46.17 -5.54
CA THR KA 16 -81.79 -45.62 -4.33
C THR KA 16 -80.77 -44.54 -4.64
N LEU KA 17 -80.47 -43.67 -3.68
CA LEU KA 17 -79.67 -42.48 -3.88
C LEU KA 17 -78.31 -42.76 -4.53
N ALA KA 18 -77.68 -43.88 -4.19
CA ALA KA 18 -76.41 -44.33 -4.77
C ALA KA 18 -76.44 -44.54 -6.29
N ASN KA 19 -77.61 -44.66 -6.93
CA ASN KA 19 -77.69 -44.72 -8.38
C ASN KA 19 -77.38 -43.37 -9.04
N ILE KA 20 -77.65 -42.23 -8.40
CA ILE KA 20 -77.39 -40.91 -9.01
C ILE KA 20 -75.90 -40.56 -8.86
N PRO KA 21 -75.16 -40.30 -9.95
CA PRO KA 21 -73.76 -39.94 -9.87
C PRO KA 21 -73.62 -38.57 -9.20
N SER KA 22 -72.68 -38.44 -8.27
CA SER KA 22 -72.59 -37.26 -7.39
C SER KA 22 -72.42 -35.94 -8.15
N GLY KA 23 -71.84 -35.95 -9.36
CA GLY KA 23 -71.69 -34.75 -10.18
C GLY KA 23 -73.03 -34.13 -10.61
N ALA KA 24 -74.08 -34.93 -10.74
CA ALA KA 24 -75.40 -34.45 -11.08
C ALA KA 24 -76.11 -33.70 -9.94
N ILE KA 25 -75.66 -33.81 -8.70
CA ILE KA 25 -76.22 -33.07 -7.57
C ILE KA 25 -75.69 -31.64 -7.60
N ILE KA 26 -76.61 -30.66 -7.73
CA ILE KA 26 -76.33 -29.23 -7.58
C ILE KA 26 -76.46 -28.79 -6.12
N ALA KA 27 -77.53 -29.21 -5.44
CA ALA KA 27 -77.83 -28.89 -4.05
C ALA KA 27 -78.78 -29.94 -3.45
N VAL KA 28 -78.92 -29.95 -2.11
CA VAL KA 28 -79.84 -30.82 -1.37
C VAL KA 28 -80.67 -29.98 -0.41
N SER KA 29 -81.98 -30.25 -0.33
CA SER KA 29 -82.89 -29.45 0.50
C SER KA 29 -82.87 -29.83 1.99
N GLU KA 30 -83.44 -28.96 2.83
CA GLU KA 30 -84.03 -29.40 4.10
C GLU KA 30 -85.21 -30.36 3.85
N SER KA 31 -85.68 -31.07 4.87
CA SER KA 31 -86.83 -31.96 4.75
C SER KA 31 -88.12 -31.19 4.45
N LEU KA 32 -89.08 -31.82 3.79
CA LEU KA 32 -90.37 -31.20 3.44
C LEU KA 32 -91.22 -30.90 4.69
N THR KA 33 -92.14 -29.95 4.57
CA THR KA 33 -93.05 -29.49 5.63
C THR KA 33 -94.45 -29.24 5.10
N GLY KA 34 -95.45 -29.20 5.96
CA GLY KA 34 -96.85 -29.13 5.54
C GLY KA 34 -97.30 -30.39 4.80
N LYS KA 35 -96.61 -31.52 5.00
CA LYS KA 35 -96.93 -32.82 4.41
C LYS KA 35 -98.38 -33.19 4.72
N SER KA 36 -99.21 -33.35 3.70
CA SER KA 36 -100.60 -33.80 3.85
C SER KA 36 -101.02 -34.67 2.68
N VAL KA 37 -102.15 -35.35 2.84
CA VAL KA 37 -102.73 -36.27 1.85
C VAL KA 37 -104.23 -36.05 1.71
N THR KA 38 -104.82 -36.51 0.63
CA THR KA 38 -106.26 -36.34 0.34
C THR KA 38 -106.87 -37.61 -0.25
N SER KA 39 -108.19 -37.75 -0.23
CA SER KA 39 -108.88 -38.96 -0.68
C SER KA 39 -108.68 -39.28 -2.17
N ALA KA 40 -108.29 -38.29 -2.97
CA ALA KA 40 -107.91 -38.47 -4.37
C ALA KA 40 -106.53 -39.15 -4.55
N GLY KA 41 -105.79 -39.36 -3.46
CA GLY KA 41 -104.48 -40.02 -3.44
C GLY KA 41 -103.29 -39.08 -3.65
N TRP KA 42 -103.53 -37.78 -3.84
CA TRP KA 42 -102.46 -36.79 -3.97
C TRP KA 42 -101.75 -36.52 -2.64
N VAL KA 43 -100.44 -36.34 -2.72
CA VAL KA 43 -99.57 -35.83 -1.67
C VAL KA 43 -99.32 -34.34 -1.88
N LYS KA 44 -99.39 -33.56 -0.81
CA LYS KA 44 -99.08 -32.13 -0.80
C LYS KA 44 -97.97 -31.80 0.19
N ALA KA 45 -97.19 -30.77 -0.10
CA ALA KA 45 -96.19 -30.19 0.80
C ALA KA 45 -95.99 -28.70 0.49
N ASP KA 46 -95.49 -27.93 1.45
CA ASP KA 46 -95.17 -26.51 1.27
C ASP KA 46 -93.92 -26.32 0.38
N PRO KA 47 -93.78 -25.17 -0.31
CA PRO KA 47 -92.64 -24.89 -1.19
C PRO KA 47 -91.27 -25.13 -0.57
N THR KA 48 -90.31 -25.58 -1.36
CA THR KA 48 -88.98 -25.99 -0.89
C THR KA 48 -87.89 -25.02 -1.34
N VAL KA 49 -87.05 -24.54 -0.42
CA VAL KA 49 -85.99 -23.56 -0.73
C VAL KA 49 -84.60 -24.19 -0.66
N PHE KA 50 -83.83 -24.10 -1.73
CA PHE KA 50 -82.40 -24.40 -1.76
C PHE KA 50 -81.64 -23.07 -1.62
N PRO KA 51 -80.95 -22.80 -0.51
CA PRO KA 51 -80.38 -21.49 -0.24
C PRO KA 51 -79.03 -21.29 -0.94
N GLU KA 52 -78.75 -20.07 -1.38
CA GLU KA 52 -77.42 -19.57 -1.79
C GLU KA 52 -76.67 -20.52 -2.77
N VAL KA 53 -77.35 -21.01 -3.80
CA VAL KA 53 -76.89 -22.10 -4.68
C VAL KA 53 -75.92 -21.61 -5.76
N THR KA 54 -74.82 -22.34 -5.98
CA THR KA 54 -73.75 -21.94 -6.93
C THR KA 54 -73.13 -23.13 -7.67
N GLY KA 55 -73.93 -24.13 -8.04
CA GLY KA 55 -73.51 -25.21 -8.96
C GLY KA 55 -73.53 -24.79 -10.43
N ASP KA 56 -73.40 -25.74 -11.36
CA ASP KA 56 -73.70 -25.53 -12.78
C ASP KA 56 -75.21 -25.53 -13.08
N THR KA 57 -75.61 -25.26 -14.32
CA THR KA 57 -77.02 -25.17 -14.74
C THR KA 57 -77.77 -26.47 -14.44
N GLY KA 58 -79.02 -26.38 -13.98
CA GLY KA 58 -79.83 -27.52 -13.55
C GLY KA 58 -81.18 -27.60 -14.25
N GLU KA 59 -81.66 -28.82 -14.53
CA GLU KA 59 -82.77 -29.06 -15.45
C GLU KA 59 -83.88 -29.97 -14.90
N ALA KA 60 -83.80 -30.45 -13.66
CA ALA KA 60 -84.78 -31.34 -13.04
C ALA KA 60 -84.69 -31.37 -11.51
N VAL KA 61 -85.73 -31.87 -10.84
CA VAL KA 61 -85.72 -32.19 -9.40
C VAL KA 61 -86.12 -33.63 -9.16
N ILE KA 62 -85.53 -34.27 -8.14
CA ILE KA 62 -85.88 -35.63 -7.70
C ILE KA 62 -86.22 -35.65 -6.22
N VAL KA 63 -87.28 -36.37 -5.86
CA VAL KA 63 -87.81 -36.50 -4.50
C VAL KA 63 -87.48 -37.89 -4.00
N TYR KA 64 -86.96 -38.02 -2.79
CA TYR KA 64 -86.49 -39.29 -2.24
C TYR KA 64 -86.68 -39.38 -0.73
N LYS KA 65 -86.90 -40.59 -0.20
CA LYS KA 65 -87.01 -40.84 1.24
C LYS KA 65 -85.59 -40.89 1.83
N HIS KA 66 -85.17 -39.82 2.47
CA HIS KA 66 -83.82 -39.71 3.03
C HIS KA 66 -83.66 -40.54 4.29
N THR KA 67 -83.13 -41.76 4.19
CA THR KA 67 -82.89 -42.63 5.35
C THR KA 67 -81.59 -42.30 6.08
N GLY KA 68 -80.78 -41.38 5.56
CA GLY KA 68 -79.45 -41.09 6.08
C GLY KA 68 -78.37 -42.07 5.60
N THR KA 69 -78.72 -43.09 4.82
CA THR KA 69 -77.75 -43.98 4.18
C THR KA 69 -78.10 -44.25 2.71
N ALA KA 70 -77.09 -44.14 1.86
CA ALA KA 70 -77.25 -44.19 0.40
C ALA KA 70 -77.64 -45.58 -0.13
N SER KA 71 -77.57 -46.63 0.67
CA SER KA 71 -78.09 -47.94 0.31
C SER KA 71 -79.63 -47.97 0.34
N THR KA 72 -80.28 -47.46 1.39
CA THR KA 72 -81.74 -47.58 1.55
C THR KA 72 -82.54 -46.31 1.24
N SER KA 73 -81.90 -45.18 0.97
CA SER KA 73 -82.56 -43.91 0.64
C SER KA 73 -83.31 -43.97 -0.69
N THR KA 74 -84.58 -44.37 -0.62
CA THR KA 74 -85.42 -44.80 -1.75
C THR KA 74 -85.90 -43.65 -2.60
N LEU KA 75 -85.76 -43.74 -3.93
CA LEU KA 75 -86.23 -42.70 -4.84
C LEU KA 75 -87.76 -42.75 -4.96
N LEU KA 76 -88.42 -41.58 -4.93
CA LEU KA 76 -89.88 -41.48 -4.97
C LEU KA 76 -90.41 -40.90 -6.29
N SER KA 77 -89.81 -39.83 -6.81
CA SER KA 77 -90.25 -39.23 -8.09
C SER KA 77 -89.19 -38.36 -8.76
N TYR KA 78 -89.21 -38.32 -10.09
CA TYR KA 78 -88.48 -37.36 -10.92
C TYR KA 78 -89.46 -36.36 -11.54
N HIS KA 79 -89.14 -35.08 -11.48
CA HIS KA 79 -89.92 -34.02 -12.10
C HIS KA 79 -89.09 -33.06 -12.94
N ASP KA 80 -89.69 -32.62 -14.05
CA ASP KA 80 -89.26 -31.50 -14.87
C ASP KA 80 -90.50 -30.77 -15.44
N SER KA 81 -90.34 -29.91 -16.45
CA SER KA 81 -91.46 -29.22 -17.08
C SER KA 81 -91.17 -28.85 -18.54
N PRO KA 82 -92.18 -28.78 -19.43
CA PRO KA 82 -92.01 -28.24 -20.78
C PRO KA 82 -91.54 -26.78 -20.81
N THR KA 83 -91.93 -25.97 -19.82
CA THR KA 83 -91.68 -24.51 -19.85
C THR KA 83 -90.67 -24.04 -18.81
N TYR KA 84 -90.71 -24.56 -17.59
CA TYR KA 84 -89.67 -24.38 -16.59
C TYR KA 84 -88.51 -25.36 -16.83
N GLN KA 85 -87.81 -25.17 -17.95
CA GLN KA 85 -86.82 -26.12 -18.47
C GLN KA 85 -85.48 -26.16 -17.75
N PHE KA 86 -85.03 -25.04 -17.17
CA PHE KA 86 -83.75 -24.96 -16.46
C PHE KA 86 -83.65 -23.76 -15.52
N VAL KA 87 -82.68 -23.83 -14.62
CA VAL KA 87 -82.27 -22.79 -13.68
C VAL KA 87 -80.76 -22.66 -13.77
N ILE KA 88 -80.23 -21.44 -13.78
CA ILE KA 88 -78.80 -21.16 -13.93
C ILE KA 88 -78.29 -20.59 -12.60
N PRO KA 89 -77.67 -21.38 -11.71
CA PRO KA 89 -77.26 -20.90 -10.40
C PRO KA 89 -76.26 -19.74 -10.47
N ASN KA 90 -76.34 -18.85 -9.49
CA ASN KA 90 -75.54 -17.62 -9.43
C ASN KA 90 -75.38 -17.05 -7.99
N GLY KA 91 -75.66 -17.84 -6.95
CA GLY KA 91 -75.73 -17.37 -5.57
C GLY KA 91 -77.13 -16.93 -5.11
N SER KA 92 -78.13 -16.96 -6.00
CA SER KA 92 -79.53 -16.86 -5.62
C SER KA 92 -79.99 -18.03 -4.74
N ASP KA 93 -81.06 -17.84 -4.00
CA ASP KA 93 -81.87 -18.96 -3.54
C ASP KA 93 -82.69 -19.53 -4.71
N ILE KA 94 -83.00 -20.82 -4.70
CA ILE KA 94 -83.95 -21.44 -5.62
C ILE KA 94 -85.17 -21.88 -4.83
N ARG KA 95 -86.39 -21.49 -5.22
CA ARG KA 95 -87.64 -22.03 -4.69
C ARG KA 95 -88.25 -23.02 -5.67
N VAL KA 96 -88.59 -24.21 -5.21
CA VAL KA 96 -89.45 -25.15 -5.93
C VAL KA 96 -90.87 -24.96 -5.41
N ILE KA 97 -91.73 -24.37 -6.23
CA ILE KA 97 -93.13 -24.11 -5.89
C ILE KA 97 -93.97 -25.25 -6.46
N TRP KA 98 -94.23 -26.25 -5.64
CA TRP KA 98 -94.94 -27.46 -6.03
C TRP KA 98 -96.37 -27.16 -6.52
N PRO KA 99 -96.88 -27.86 -7.55
CA PRO KA 99 -98.26 -27.74 -8.01
C PRO KA 99 -99.29 -27.76 -6.89
N THR KA 100 -100.27 -26.85 -6.95
CA THR KA 100 -101.16 -26.55 -5.81
C THR KA 100 -101.97 -27.74 -5.34
N ASP KA 101 -102.43 -28.57 -6.26
CA ASP KA 101 -103.36 -29.67 -5.98
C ASP KA 101 -102.63 -30.98 -5.62
N GLY KA 102 -101.31 -30.93 -5.45
CA GLY KA 102 -100.44 -32.07 -5.13
C GLY KA 102 -99.41 -32.34 -6.21
N PHE KA 103 -98.24 -32.84 -5.80
CA PHE KA 103 -97.12 -33.06 -6.72
C PHE KA 103 -96.88 -34.51 -7.10
N ILE KA 104 -97.22 -35.48 -6.25
CA ILE KA 104 -97.11 -36.93 -6.51
C ILE KA 104 -98.41 -37.62 -6.10
N ARG KA 105 -98.91 -38.58 -6.87
CA ARG KA 105 -100.11 -39.36 -6.57
C ARG KA 105 -99.80 -40.81 -6.21
N PHE KA 106 -100.45 -41.35 -5.18
CA PHE KA 106 -100.49 -42.78 -4.85
C PHE KA 106 -101.91 -43.36 -4.93
N ILE LA 2 -16.04 -8.65 -85.37
CA ILE LA 2 -15.53 -7.25 -85.46
C ILE LA 2 -16.58 -6.27 -84.95
N ASP LA 3 -16.16 -5.24 -84.23
CA ASP LA 3 -16.99 -4.15 -83.73
C ASP LA 3 -16.86 -2.94 -84.65
N ALA LA 4 -17.98 -2.48 -85.19
CA ALA LA 4 -18.02 -1.45 -86.22
C ALA LA 4 -17.86 -0.03 -85.70
N ASP LA 5 -18.01 0.22 -84.40
CA ASP LA 5 -17.65 1.53 -83.84
C ASP LA 5 -16.14 1.65 -83.70
N ASP LA 6 -15.45 0.54 -83.42
CA ASP LA 6 -14.00 0.48 -83.37
C ASP LA 6 -13.35 0.23 -84.74
N TYR LA 7 -14.12 0.12 -85.83
CA TYR LA 7 -13.57 -0.07 -87.18
C TYR LA 7 -14.51 0.48 -88.27
N THR LA 8 -14.28 1.72 -88.68
CA THR LA 8 -14.86 2.23 -89.92
C THR LA 8 -14.10 1.62 -91.10
N VAL LA 9 -14.76 0.77 -91.88
CA VAL LA 9 -14.12 0.00 -92.96
C VAL LA 9 -13.73 0.89 -94.14
N ASN LA 10 -12.56 0.63 -94.71
CA ASN LA 10 -12.07 1.26 -95.91
C ASN LA 10 -11.55 0.17 -96.85
N LEU LA 11 -12.31 -0.12 -97.90
CA LEU LA 11 -11.99 -1.23 -98.80
C LEU LA 11 -10.75 -0.98 -99.66
N THR LA 12 -10.19 0.24 -99.64
CA THR LA 12 -9.04 0.59 -100.47
C THR LA 12 -7.74 0.64 -99.69
N SER LA 13 -7.67 1.37 -98.57
CA SER LA 13 -6.40 1.65 -97.91
C SER LA 13 -5.88 0.51 -97.02
N HIS LA 14 -6.75 -0.30 -96.43
CA HIS LA 14 -6.35 -1.38 -95.50
C HIS LA 14 -5.89 -2.60 -96.28
N THR LA 15 -4.88 -3.29 -95.78
CA THR LA 15 -4.28 -4.45 -96.46
C THR LA 15 -3.98 -5.62 -95.53
N THR LA 16 -3.71 -5.40 -94.25
CA THR LA 16 -3.27 -6.47 -93.34
C THR LA 16 -3.90 -6.34 -91.96
N LEU LA 17 -3.85 -7.43 -91.18
CA LEU LA 17 -4.41 -7.49 -89.83
C LEU LA 17 -3.86 -6.37 -88.93
N ALA LA 18 -2.62 -5.94 -89.17
CA ALA LA 18 -2.02 -4.80 -88.49
C ALA LA 18 -2.76 -3.45 -88.69
N ASN LA 19 -3.60 -3.31 -89.73
CA ASN LA 19 -4.41 -2.12 -89.93
C ASN LA 19 -5.69 -2.11 -89.11
N ILE LA 20 -6.22 -3.27 -88.68
CA ILE LA 20 -7.47 -3.30 -87.90
C ILE LA 20 -7.14 -2.77 -86.50
N PRO LA 21 -7.81 -1.72 -85.99
CA PRO LA 21 -7.60 -1.24 -84.64
C PRO LA 21 -7.72 -2.39 -83.65
N SER LA 22 -6.66 -2.69 -82.93
CA SER LA 22 -6.48 -4.01 -82.30
C SER LA 22 -7.54 -4.34 -81.24
N GLY LA 23 -8.30 -3.36 -80.76
CA GLY LA 23 -9.42 -3.52 -79.85
C GLY LA 23 -10.76 -3.87 -80.50
N ALA LA 24 -10.90 -3.74 -81.82
CA ALA LA 24 -12.11 -4.07 -82.55
C ALA LA 24 -12.38 -5.57 -82.65
N ILE LA 25 -11.40 -6.42 -82.31
CA ILE LA 25 -11.46 -7.87 -82.50
C ILE LA 25 -12.11 -8.53 -81.28
N ILE LA 26 -13.43 -8.72 -81.35
CA ILE LA 26 -14.22 -9.40 -80.30
C ILE LA 26 -13.83 -10.88 -80.18
N ALA LA 27 -13.58 -11.56 -81.29
CA ALA LA 27 -13.16 -12.96 -81.29
C ALA LA 27 -12.33 -13.30 -82.54
N VAL LA 28 -11.48 -14.33 -82.46
CA VAL LA 28 -10.60 -14.78 -83.54
C VAL LA 28 -11.13 -16.08 -84.13
N SER LA 29 -11.31 -16.11 -85.44
CA SER LA 29 -11.78 -17.28 -86.19
C SER LA 29 -10.82 -18.45 -85.99
N GLU LA 30 -11.29 -19.62 -85.60
CA GLU LA 30 -10.53 -20.86 -85.84
C GLU LA 30 -10.44 -21.13 -87.36
N SER LA 31 -9.45 -21.90 -87.80
CA SER LA 31 -9.16 -22.06 -89.23
C SER LA 31 -10.32 -22.71 -90.00
N LEU LA 32 -10.60 -22.22 -91.20
CA LEU LA 32 -11.71 -22.66 -92.03
C LEU LA 32 -11.55 -24.13 -92.46
N THR LA 33 -12.65 -24.80 -92.81
CA THR LA 33 -12.67 -26.20 -93.24
C THR LA 33 -13.70 -26.46 -94.33
N GLY LA 34 -13.55 -27.54 -95.08
CA GLY LA 34 -14.37 -27.81 -96.26
C GLY LA 34 -14.16 -26.77 -97.37
N LYS LA 35 -12.98 -26.14 -97.41
CA LYS LA 35 -12.70 -25.03 -98.31
C LYS LA 35 -12.62 -25.54 -99.77
N SER LA 36 -13.56 -25.08 -100.60
CA SER LA 36 -13.81 -25.61 -101.94
C SER LA 36 -14.17 -24.49 -102.91
N VAL LA 37 -14.13 -24.77 -104.21
CA VAL LA 37 -14.32 -23.77 -105.27
C VAL LA 37 -15.23 -24.28 -106.38
N THR LA 38 -15.79 -23.39 -107.20
CA THR LA 38 -16.63 -23.75 -108.35
C THR LA 38 -16.16 -23.04 -109.61
N SER LA 39 -16.53 -23.56 -110.78
CA SER LA 39 -16.13 -22.99 -112.07
C SER LA 39 -16.62 -21.55 -112.30
N ALA LA 40 -17.61 -21.09 -111.55
CA ALA LA 40 -18.06 -19.70 -111.53
C ALA LA 40 -17.10 -18.76 -110.78
N GLY LA 41 -16.12 -19.29 -110.05
CA GLY LA 41 -15.19 -18.53 -109.23
C GLY LA 41 -15.67 -18.28 -107.80
N TRP LA 42 -16.74 -18.93 -107.35
CA TRP LA 42 -17.16 -18.86 -105.94
C TRP LA 42 -16.31 -19.75 -105.03
N VAL LA 43 -15.83 -19.20 -103.93
CA VAL LA 43 -15.30 -19.93 -102.79
C VAL LA 43 -16.41 -20.34 -101.82
N LYS LA 44 -16.31 -21.55 -101.28
CA LYS LA 44 -17.21 -22.06 -100.23
C LYS LA 44 -16.41 -22.63 -99.08
N ALA LA 45 -16.99 -22.66 -97.90
CA ALA LA 45 -16.45 -23.31 -96.70
C ALA LA 45 -17.59 -23.73 -95.75
N ASP LA 46 -17.31 -24.61 -94.79
CA ASP LA 46 -18.27 -24.98 -93.74
C ASP LA 46 -18.44 -23.86 -92.70
N PRO LA 47 -19.59 -23.74 -92.02
CA PRO LA 47 -19.82 -22.76 -90.95
C PRO LA 47 -18.76 -22.73 -89.86
N THR LA 48 -18.47 -21.53 -89.34
CA THR LA 48 -17.46 -21.31 -88.30
C THR LA 48 -18.10 -21.02 -86.93
N VAL LA 49 -17.59 -21.64 -85.86
CA VAL LA 49 -17.97 -21.33 -84.48
C VAL LA 49 -16.87 -20.55 -83.73
N PHE LA 50 -17.25 -19.47 -83.06
CA PHE LA 50 -16.48 -18.82 -82.01
C PHE LA 50 -17.03 -19.27 -80.64
N PRO LA 51 -16.24 -19.95 -79.80
CA PRO LA 51 -16.76 -20.53 -78.58
C PRO LA 51 -16.83 -19.51 -77.43
N GLU LA 52 -17.88 -19.59 -76.63
CA GLU LA 52 -18.03 -18.91 -75.33
C GLU LA 52 -17.65 -17.42 -75.31
N VAL LA 53 -18.07 -16.66 -76.32
CA VAL LA 53 -17.65 -15.27 -76.57
C VAL LA 53 -18.22 -14.29 -75.56
N THR LA 54 -17.36 -13.43 -75.02
CA THR LA 54 -17.73 -12.26 -74.21
C THR LA 54 -17.03 -11.01 -74.74
N GLY LA 55 -17.71 -9.87 -74.69
CA GLY LA 55 -17.25 -8.64 -75.32
C GLY LA 55 -18.36 -7.61 -75.48
N ASP LA 56 -18.14 -6.60 -76.31
CA ASP LA 56 -19.16 -5.61 -76.68
C ASP LA 56 -19.99 -6.05 -77.89
N THR LA 57 -21.04 -5.31 -78.26
CA THR LA 57 -21.86 -5.61 -79.45
C THR LA 57 -20.98 -5.68 -80.69
N GLY LA 58 -21.18 -6.68 -81.55
CA GLY LA 58 -20.40 -6.87 -82.77
C GLY LA 58 -21.28 -6.90 -84.02
N GLU LA 59 -20.80 -6.33 -85.12
CA GLU LA 59 -21.64 -6.00 -86.28
C GLU LA 59 -21.09 -6.48 -87.63
N ALA LA 60 -19.88 -7.01 -87.69
CA ALA LA 60 -19.27 -7.46 -88.94
C ALA LA 60 -18.32 -8.65 -88.77
N VAL LA 61 -18.06 -9.35 -89.88
CA VAL LA 61 -17.07 -10.43 -89.98
C VAL LA 61 -16.05 -10.07 -91.07
N ILE LA 62 -14.76 -10.33 -90.82
CA ILE LA 62 -13.64 -10.07 -91.74
C ILE LA 62 -12.88 -11.38 -91.98
N VAL LA 63 -12.50 -11.64 -93.22
CA VAL LA 63 -11.71 -12.82 -93.57
C VAL LA 63 -10.34 -12.39 -94.05
N TYR LA 64 -9.30 -13.09 -93.61
CA TYR LA 64 -7.90 -12.78 -93.91
C TYR LA 64 -7.07 -14.06 -93.94
N LYS LA 65 -5.94 -14.05 -94.66
CA LYS LA 65 -5.01 -15.18 -94.74
C LYS LA 65 -4.14 -15.21 -93.50
N HIS LA 66 -4.36 -16.14 -92.59
CA HIS LA 66 -3.56 -16.24 -91.37
C HIS LA 66 -2.15 -16.73 -91.68
N THR LA 67 -1.14 -15.96 -91.29
CA THR LA 67 0.28 -16.27 -91.55
C THR LA 67 1.17 -16.04 -90.33
N GLY LA 68 0.59 -16.03 -89.14
CA GLY LA 68 1.30 -15.83 -87.87
C GLY LA 68 1.70 -14.37 -87.62
N THR LA 69 2.51 -13.78 -88.51
CA THR LA 69 2.84 -12.36 -88.45
C THR LA 69 1.67 -11.49 -88.93
N ALA LA 70 1.15 -10.63 -88.05
CA ALA LA 70 0.03 -9.75 -88.37
C ALA LA 70 0.33 -8.78 -89.52
N SER LA 71 1.60 -8.36 -89.64
CA SER LA 71 2.11 -7.46 -90.66
C SER LA 71 2.17 -8.08 -92.07
N THR LA 72 2.01 -9.39 -92.22
CA THR LA 72 1.98 -10.05 -93.55
C THR LA 72 0.73 -10.89 -93.80
N SER LA 73 -0.25 -10.85 -92.88
CA SER LA 73 -1.55 -11.53 -93.00
C SER LA 73 -2.55 -10.68 -93.78
N THR LA 74 -2.68 -10.95 -95.08
CA THR LA 74 -3.46 -10.12 -96.03
C THR LA 74 -4.96 -10.24 -95.80
N LEU LA 75 -5.66 -9.11 -95.73
CA LEU LA 75 -7.11 -9.07 -95.66
C LEU LA 75 -7.71 -9.58 -96.96
N LEU LA 76 -8.83 -10.29 -96.93
CA LEU LA 76 -9.48 -10.76 -98.15
C LEU LA 76 -11.00 -10.49 -98.26
N SER LA 77 -11.72 -10.21 -97.18
CA SER LA 77 -13.08 -9.67 -97.28
C SER LA 77 -13.61 -9.02 -96.00
N TYR LA 78 -14.68 -8.24 -96.15
CA TYR LA 78 -15.52 -7.71 -95.08
C TYR LA 78 -16.97 -8.03 -95.40
N HIS LA 79 -17.73 -8.46 -94.39
CA HIS LA 79 -19.14 -8.84 -94.52
C HIS LA 79 -19.99 -8.28 -93.40
N ASP LA 80 -21.21 -7.88 -93.75
CA ASP LA 80 -22.32 -7.63 -92.84
C ASP LA 80 -23.65 -8.09 -93.49
N SER LA 81 -24.80 -7.65 -92.98
CA SER LA 81 -26.07 -7.85 -93.66
C SER LA 81 -27.03 -6.70 -93.37
N PRO LA 82 -27.93 -6.34 -94.29
CA PRO LA 82 -29.04 -5.42 -93.99
C PRO LA 82 -29.91 -5.86 -92.80
N THR LA 83 -30.02 -7.16 -92.53
CA THR LA 83 -30.96 -7.69 -91.51
C THR LA 83 -30.29 -8.41 -90.34
N TYR LA 84 -29.26 -9.24 -90.57
CA TYR LA 84 -28.35 -9.71 -89.51
C TYR LA 84 -27.34 -8.61 -89.16
N GLN LA 85 -27.83 -7.50 -88.64
CA GLN LA 85 -27.07 -6.27 -88.43
C GLN LA 85 -26.06 -6.32 -87.29
N PHE LA 86 -26.34 -7.08 -86.22
CA PHE LA 86 -25.47 -7.19 -85.06
C PHE LA 86 -25.71 -8.47 -84.26
N VAL LA 87 -24.77 -8.77 -83.37
CA VAL LA 87 -24.78 -9.84 -82.37
C VAL LA 87 -24.40 -9.25 -81.01
N ILE LA 88 -25.06 -9.69 -79.95
CA ILE LA 88 -24.75 -9.29 -78.56
C ILE LA 88 -24.03 -10.47 -77.89
N PRO LA 89 -22.69 -10.51 -77.83
CA PRO LA 89 -22.00 -11.60 -77.14
C PRO LA 89 -22.32 -11.56 -75.64
N ASN LA 90 -22.52 -12.73 -75.04
CA ASN LA 90 -23.08 -12.90 -73.69
C ASN LA 90 -22.61 -14.19 -73.01
N GLY LA 91 -21.50 -14.78 -73.45
CA GLY LA 91 -21.00 -16.09 -73.01
C GLY LA 91 -21.51 -17.26 -73.85
N SER LA 92 -22.44 -17.04 -74.77
CA SER LA 92 -22.85 -18.05 -75.75
C SER LA 92 -21.78 -18.30 -76.79
N ASP LA 93 -21.90 -19.39 -77.53
CA ASP LA 93 -21.18 -19.54 -78.79
C ASP LA 93 -21.79 -18.60 -79.85
N ILE LA 94 -20.97 -18.15 -80.78
CA ILE LA 94 -21.42 -17.48 -82.01
C ILE LA 94 -21.13 -18.42 -83.17
N ARG LA 95 -22.10 -18.65 -84.06
CA ARG LA 95 -21.95 -19.43 -85.28
C ARG LA 95 -22.14 -18.54 -86.50
N VAL LA 96 -21.15 -18.44 -87.36
CA VAL LA 96 -21.27 -17.78 -88.67
C VAL LA 96 -21.63 -18.83 -89.69
N ILE LA 97 -22.83 -18.75 -90.24
CA ILE LA 97 -23.32 -19.68 -91.25
C ILE LA 97 -23.22 -18.98 -92.60
N TRP LA 98 -22.36 -19.47 -93.48
CA TRP LA 98 -22.17 -18.92 -94.82
C TRP LA 98 -23.37 -19.20 -95.72
N PRO LA 99 -23.63 -18.36 -96.74
CA PRO LA 99 -24.56 -18.69 -97.81
C PRO LA 99 -24.13 -19.98 -98.51
N THR LA 100 -25.07 -20.92 -98.67
CA THR LA 100 -24.79 -22.32 -99.06
C THR LA 100 -24.10 -22.46 -100.41
N ASP LA 101 -24.29 -21.49 -101.28
CA ASP LA 101 -23.79 -21.48 -102.65
C ASP LA 101 -22.45 -20.74 -102.79
N GLY LA 102 -21.82 -20.34 -101.68
CA GLY LA 102 -20.51 -19.68 -101.62
C GLY LA 102 -20.57 -18.23 -101.19
N PHE LA 103 -19.47 -17.69 -100.66
CA PHE LA 103 -19.45 -16.40 -99.97
C PHE LA 103 -18.42 -15.37 -100.45
N ILE LA 104 -17.42 -15.73 -101.28
CA ILE LA 104 -16.54 -14.77 -101.99
C ILE LA 104 -16.40 -15.15 -103.47
N ARG LA 105 -16.48 -14.18 -104.38
CA ARG LA 105 -16.32 -14.31 -105.84
C ARG LA 105 -14.92 -13.93 -106.31
N PHE LA 106 -14.32 -14.73 -107.18
CA PHE LA 106 -13.05 -14.50 -107.88
C PHE LA 106 -13.25 -14.54 -109.43
N ILE MA 2 -52.25 65.63 -24.66
CA ILE MA 2 -53.11 65.10 -23.55
C ILE MA 2 -53.82 63.82 -23.98
N ASP MA 3 -53.66 62.76 -23.19
CA ASP MA 3 -54.43 61.52 -23.25
C ASP MA 3 -55.78 61.71 -22.55
N ALA MA 4 -56.87 61.65 -23.31
CA ALA MA 4 -58.20 61.92 -22.83
C ALA MA 4 -58.84 60.78 -22.04
N ASP MA 5 -58.24 59.59 -21.96
CA ASP MA 5 -58.67 58.61 -20.95
C ASP MA 5 -58.18 59.03 -19.56
N ASP MA 6 -57.08 59.79 -19.50
CA ASP MA 6 -56.44 60.24 -18.26
C ASP MA 6 -56.80 61.67 -17.89
N TYR MA 7 -57.76 62.30 -18.57
CA TYR MA 7 -58.18 63.68 -18.34
C TYR MA 7 -59.67 63.90 -18.63
N THR MA 8 -60.23 65.00 -18.13
CA THR MA 8 -61.52 65.52 -18.59
C THR MA 8 -61.45 67.04 -18.67
N VAL MA 9 -61.96 67.61 -19.76
CA VAL MA 9 -61.93 69.04 -20.02
C VAL MA 9 -63.00 69.76 -19.20
N ASN MA 10 -62.79 69.89 -17.91
CA ASN MA 10 -63.62 70.70 -17.04
C ASN MA 10 -63.25 72.18 -17.24
N LEU MA 11 -64.01 72.88 -18.07
CA LEU MA 11 -63.68 74.25 -18.48
C LEU MA 11 -63.86 75.27 -17.35
N THR MA 12 -64.66 74.97 -16.33
CA THR MA 12 -64.93 75.92 -15.23
C THR MA 12 -63.90 75.86 -14.11
N SER MA 13 -63.54 74.68 -13.60
CA SER MA 13 -62.81 74.56 -12.32
C SER MA 13 -61.30 74.40 -12.45
N HIS MA 14 -60.76 73.97 -13.58
CA HIS MA 14 -59.31 73.88 -13.78
C HIS MA 14 -58.74 75.24 -14.15
N THR MA 15 -57.56 75.55 -13.66
CA THR MA 15 -57.01 76.90 -13.71
C THR MA 15 -55.53 76.93 -14.04
N THR MA 16 -54.75 75.97 -13.53
CA THR MA 16 -53.29 75.99 -13.67
C THR MA 16 -52.74 74.60 -13.91
N LEU MA 17 -51.51 74.49 -14.43
CA LEU MA 17 -50.91 73.22 -14.86
C LEU MA 17 -50.96 72.12 -13.80
N ALA MA 18 -50.90 72.48 -12.51
CA ALA MA 18 -51.04 71.55 -11.39
C ALA MA 18 -52.38 70.76 -11.37
N ASN MA 19 -53.41 71.20 -12.11
CA ASN MA 19 -54.66 70.46 -12.27
C ASN MA 19 -54.57 69.29 -13.25
N ILE MA 20 -53.60 69.28 -14.16
CA ILE MA 20 -53.43 68.21 -15.16
C ILE MA 20 -52.71 67.02 -14.51
N PRO MA 21 -53.29 65.81 -14.48
CA PRO MA 21 -52.58 64.61 -14.05
C PRO MA 21 -51.35 64.39 -14.91
N SER MA 22 -50.18 64.17 -14.30
CA SER MA 22 -48.91 64.03 -15.03
C SER MA 22 -48.90 62.85 -16.00
N GLY MA 23 -49.74 61.82 -15.77
CA GLY MA 23 -49.90 60.69 -16.68
C GLY MA 23 -50.60 61.04 -18.00
N ALA MA 24 -51.45 62.07 -18.01
CA ALA MA 24 -52.15 62.50 -19.20
C ALA MA 24 -51.25 63.24 -20.18
N ILE MA 25 -50.17 63.86 -19.71
CA ILE MA 25 -49.18 64.53 -20.54
C ILE MA 25 -48.37 63.50 -21.33
N ILE MA 26 -48.18 63.74 -22.62
CA ILE MA 26 -47.40 62.86 -23.52
C ILE MA 26 -46.07 63.52 -23.87
N ALA MA 27 -46.09 64.80 -24.23
CA ALA MA 27 -44.91 65.64 -24.45
C ALA MA 27 -45.28 67.11 -24.27
N VAL MA 28 -44.29 67.97 -24.06
CA VAL MA 28 -44.45 69.43 -24.02
C VAL MA 28 -43.62 70.04 -25.13
N SER MA 29 -44.23 70.83 -26.03
CA SER MA 29 -43.50 71.53 -27.08
C SER MA 29 -42.97 72.86 -26.57
N GLU MA 30 -41.81 73.29 -27.07
CA GLU MA 30 -41.14 74.54 -26.71
C GLU MA 30 -41.96 75.77 -27.12
N SER MA 31 -41.52 76.96 -26.69
CA SER MA 31 -42.31 78.20 -26.87
C SER MA 31 -42.66 78.50 -28.33
N LEU MA 32 -43.83 79.09 -28.54
CA LEU MA 32 -44.35 79.44 -29.86
C LEU MA 32 -43.57 80.61 -30.51
N THR MA 33 -43.65 80.71 -31.83
CA THR MA 33 -43.08 81.80 -32.64
C THR MA 33 -44.12 82.39 -33.58
N GLY MA 34 -43.88 83.62 -34.04
CA GLY MA 34 -44.83 84.33 -34.91
C GLY MA 34 -46.11 84.77 -34.20
N LYS MA 35 -46.12 84.76 -32.86
CA LYS MA 35 -47.27 85.18 -32.04
C LYS MA 35 -47.75 86.56 -32.51
N SER MA 36 -48.99 86.65 -32.96
CA SER MA 36 -49.57 87.88 -33.50
C SER MA 36 -51.07 87.97 -33.21
N VAL MA 37 -51.60 89.19 -33.17
CA VAL MA 37 -53.00 89.49 -32.87
C VAL MA 37 -53.66 90.24 -34.03
N THR MA 38 -54.76 89.71 -34.52
CA THR MA 38 -55.58 90.36 -35.58
C THR MA 38 -56.48 91.43 -34.98
N SER MA 39 -56.98 92.34 -35.80
CA SER MA 39 -57.98 93.32 -35.36
C SER MA 39 -59.30 92.67 -34.92
N ALA MA 40 -59.57 91.44 -35.36
CA ALA MA 40 -60.74 90.65 -34.97
C ALA MA 40 -60.58 89.98 -33.58
N GLY MA 41 -59.41 90.07 -32.96
CA GLY MA 41 -59.11 89.46 -31.65
C GLY MA 41 -58.64 88.01 -31.71
N TRP MA 42 -58.49 87.42 -32.90
CA TRP MA 42 -57.82 86.14 -33.05
C TRP MA 42 -56.32 86.25 -32.80
N VAL MA 43 -55.78 85.34 -32.01
CA VAL MA 43 -54.35 85.06 -31.89
C VAL MA 43 -53.91 84.05 -32.96
N LYS MA 44 -52.74 84.27 -33.55
CA LYS MA 44 -52.08 83.34 -34.50
C LYS MA 44 -50.67 83.02 -34.06
N ALA MA 45 -50.15 81.87 -34.45
CA ALA MA 45 -48.75 81.47 -34.26
C ALA MA 45 -48.29 80.46 -35.33
N ASP MA 46 -46.99 80.30 -35.52
CA ASP MA 46 -46.40 79.33 -36.46
C ASP MA 46 -46.71 77.89 -36.06
N PRO MA 47 -46.67 76.91 -36.99
CA PRO MA 47 -46.86 75.50 -36.66
C PRO MA 47 -45.95 75.02 -35.53
N THR MA 48 -46.48 74.18 -34.66
CA THR MA 48 -45.85 73.71 -33.43
C THR MA 48 -45.42 72.26 -33.58
N VAL MA 49 -44.21 71.88 -33.15
CA VAL MA 49 -43.69 70.52 -33.34
C VAL MA 49 -43.26 69.88 -32.02
N PHE MA 50 -43.63 68.62 -31.80
CA PHE MA 50 -43.13 67.77 -30.73
C PHE MA 50 -42.16 66.75 -31.32
N PRO MA 51 -40.90 66.68 -30.89
CA PRO MA 51 -39.91 65.80 -31.48
C PRO MA 51 -40.01 64.36 -30.98
N GLU MA 52 -39.76 63.40 -31.87
CA GLU MA 52 -39.41 62.00 -31.56
C GLU MA 52 -40.35 61.31 -30.53
N VAL MA 53 -41.66 61.54 -30.63
CA VAL MA 53 -42.62 61.28 -29.54
C VAL MA 53 -42.93 59.80 -29.35
N THR MA 54 -42.93 59.35 -28.10
CA THR MA 54 -43.35 58.00 -27.67
C THR MA 54 -44.25 58.08 -26.45
N GLY MA 55 -45.28 57.22 -26.36
CA GLY MA 55 -46.25 57.24 -25.28
C GLY MA 55 -47.60 56.63 -25.65
N ASP MA 56 -48.59 56.85 -24.79
CA ASP MA 56 -49.99 56.44 -25.00
C ASP MA 56 -50.68 57.21 -26.13
N THR MA 57 -51.88 56.77 -26.54
CA THR MA 57 -52.68 57.48 -27.54
C THR MA 57 -53.08 58.86 -27.04
N GLY MA 58 -53.11 59.87 -27.90
CA GLY MA 58 -53.40 61.24 -27.53
C GLY MA 58 -54.50 61.88 -28.38
N GLU MA 59 -55.53 62.38 -27.73
CA GLU MA 59 -56.72 62.95 -28.37
C GLU MA 59 -56.73 64.49 -28.43
N ALA MA 60 -56.09 65.19 -27.50
CA ALA MA 60 -56.24 66.65 -27.37
C ALA MA 60 -54.95 67.42 -27.10
N VAL MA 61 -54.97 68.71 -27.43
CA VAL MA 61 -53.88 69.68 -27.22
C VAL MA 61 -54.35 70.80 -26.29
N ILE MA 62 -53.57 71.10 -25.25
CA ILE MA 62 -53.80 72.21 -24.31
C ILE MA 62 -52.73 73.28 -24.50
N VAL MA 63 -53.14 74.53 -24.48
CA VAL MA 63 -52.26 75.70 -24.52
C VAL MA 63 -52.22 76.34 -23.14
N TYR MA 64 -51.04 76.64 -22.62
CA TYR MA 64 -50.88 77.28 -21.32
C TYR MA 64 -49.75 78.30 -21.31
N LYS MA 65 -49.86 79.30 -20.43
CA LYS MA 65 -48.84 80.34 -20.25
C LYS MA 65 -47.76 79.79 -19.34
N HIS MA 66 -46.63 79.37 -19.90
CA HIS MA 66 -45.52 78.81 -19.11
C HIS MA 66 -44.89 79.86 -18.18
N THR MA 67 -44.66 79.50 -16.93
CA THR MA 67 -44.13 80.40 -15.88
C THR MA 67 -43.12 79.73 -14.96
N GLY MA 68 -42.69 78.51 -15.25
CA GLY MA 68 -41.93 77.68 -14.32
C GLY MA 68 -42.80 77.04 -13.24
N THR MA 69 -43.30 77.81 -12.28
CA THR MA 69 -44.06 77.25 -11.13
C THR MA 69 -45.46 76.79 -11.56
N ALA MA 70 -45.74 75.49 -11.38
CA ALA MA 70 -46.96 74.85 -11.90
C ALA MA 70 -48.27 75.43 -11.31
N SER MA 71 -48.20 76.08 -10.16
CA SER MA 71 -49.30 76.79 -9.51
C SER MA 71 -49.66 78.12 -10.18
N THR MA 72 -48.80 78.67 -11.05
CA THR MA 72 -49.06 79.94 -11.76
C THR MA 72 -49.19 79.79 -13.28
N SER MA 73 -48.88 78.61 -13.83
CA SER MA 73 -48.95 78.32 -15.27
C SER MA 73 -50.40 78.17 -15.75
N THR MA 74 -51.05 79.28 -16.09
CA THR MA 74 -52.49 79.35 -16.38
C THR MA 74 -52.88 78.68 -17.69
N LEU MA 75 -53.96 77.88 -17.67
CA LEU MA 75 -54.50 77.21 -18.85
C LEU MA 75 -55.26 78.21 -19.74
N LEU MA 76 -54.89 78.35 -21.02
CA LEU MA 76 -55.55 79.28 -21.93
C LEU MA 76 -56.65 78.61 -22.76
N SER MA 77 -56.43 77.39 -23.25
CA SER MA 77 -57.39 76.69 -24.11
C SER MA 77 -57.15 75.19 -24.19
N TYR MA 78 -58.18 74.44 -24.57
CA TYR MA 78 -58.17 73.02 -24.87
C TYR MA 78 -58.73 72.81 -26.27
N HIS MA 79 -58.09 71.98 -27.08
CA HIS MA 79 -58.51 71.69 -28.45
C HIS MA 79 -58.52 70.21 -28.78
N ASP MA 80 -59.61 69.75 -29.38
CA ASP MA 80 -59.72 68.48 -30.10
C ASP MA 80 -60.79 68.61 -31.20
N SER MA 81 -60.70 67.81 -32.25
CA SER MA 81 -61.53 67.95 -33.45
C SER MA 81 -62.21 66.63 -33.84
N PRO MA 82 -63.40 66.66 -34.47
CA PRO MA 82 -64.17 65.46 -34.78
C PRO MA 82 -63.59 64.62 -35.90
N THR MA 83 -62.70 65.17 -36.73
CA THR MA 83 -61.97 64.45 -37.78
C THR MA 83 -60.64 63.87 -37.26
N TYR MA 84 -59.72 64.72 -36.80
CA TYR MA 84 -58.41 64.30 -36.26
C TYR MA 84 -58.52 63.82 -34.80
N GLN MA 85 -59.34 62.80 -34.57
CA GLN MA 85 -59.79 62.40 -33.23
C GLN MA 85 -58.69 61.91 -32.29
N PHE MA 86 -57.58 61.40 -32.83
CA PHE MA 86 -56.43 60.94 -32.05
C PHE MA 86 -55.17 60.86 -32.91
N VAL MA 87 -54.03 60.79 -32.23
CA VAL MA 87 -52.70 60.51 -32.74
C VAL MA 87 -52.16 59.31 -31.96
N ILE MA 88 -51.39 58.45 -32.60
CA ILE MA 88 -50.81 57.24 -32.00
C ILE MA 88 -49.28 57.37 -32.02
N PRO MA 89 -48.62 57.76 -30.92
CA PRO MA 89 -47.18 57.89 -30.87
C PRO MA 89 -46.43 56.62 -31.21
N ASN MA 90 -45.29 56.75 -31.88
CA ASN MA 90 -44.52 55.63 -32.46
C ASN MA 90 -43.03 55.95 -32.69
N GLY MA 91 -42.54 57.09 -32.18
CA GLY MA 91 -41.21 57.62 -32.46
C GLY MA 91 -41.19 58.74 -33.50
N SER MA 92 -42.30 59.04 -34.17
CA SER MA 92 -42.37 60.15 -35.13
C SER MA 92 -42.43 61.50 -34.42
N ASP MA 93 -42.09 62.57 -35.13
CA ASP MA 93 -42.50 63.90 -34.70
C ASP MA 93 -44.02 64.04 -34.83
N ILE MA 94 -44.63 64.89 -34.00
CA ILE MA 94 -46.02 65.31 -34.15
C ILE MA 94 -46.03 66.80 -34.46
N ARG MA 95 -46.66 67.23 -35.57
CA ARG MA 95 -46.89 68.64 -35.89
C ARG MA 95 -48.32 69.01 -35.56
N VAL MA 96 -48.51 70.14 -34.89
CA VAL MA 96 -49.82 70.77 -34.75
C VAL MA 96 -49.84 71.94 -35.71
N ILE MA 97 -50.75 71.89 -36.67
CA ILE MA 97 -50.93 72.94 -37.67
C ILE MA 97 -52.21 73.69 -37.31
N TRP MA 98 -52.08 74.97 -37.00
CA TRP MA 98 -53.18 75.79 -36.52
C TRP MA 98 -54.03 76.29 -37.69
N PRO MA 99 -55.35 76.50 -37.54
CA PRO MA 99 -56.13 77.24 -38.51
C PRO MA 99 -55.45 78.57 -38.83
N THR MA 100 -55.14 78.83 -40.09
CA THR MA 100 -54.23 79.93 -40.47
C THR MA 100 -54.80 81.32 -40.15
N ASP MA 101 -56.11 81.45 -39.96
CA ASP MA 101 -56.74 82.70 -39.52
C ASP MA 101 -56.52 82.98 -38.01
N GLY MA 102 -56.10 81.98 -37.23
CA GLY MA 102 -55.88 82.05 -35.79
C GLY MA 102 -56.54 80.89 -35.02
N PHE MA 103 -56.08 80.61 -33.80
CA PHE MA 103 -56.51 79.42 -33.05
C PHE MA 103 -57.29 79.69 -31.76
N ILE MA 104 -57.16 80.87 -31.14
CA ILE MA 104 -57.93 81.29 -29.97
C ILE MA 104 -58.44 82.71 -30.19
N ARG MA 105 -59.69 83.01 -29.84
CA ARG MA 105 -60.23 84.38 -29.89
C ARG MA 105 -60.31 85.03 -28.51
N PHE MA 106 -59.69 86.20 -28.36
CA PHE MA 106 -59.81 87.07 -27.18
C PHE MA 106 -60.73 88.27 -27.48
N ILE NA 2 -8.58 -12.73 -132.54
CA ILE NA 2 -9.36 -13.98 -132.72
C ILE NA 2 -10.47 -13.77 -133.74
N ASP NA 3 -10.80 -14.78 -134.55
CA ASP NA 3 -11.91 -14.75 -135.51
C ASP NA 3 -13.25 -15.16 -134.87
N ALA NA 4 -14.16 -14.21 -134.70
CA ALA NA 4 -15.47 -14.46 -134.11
C ALA NA 4 -16.38 -15.37 -134.94
N ASP NA 5 -16.09 -15.57 -136.23
CA ASP NA 5 -16.91 -16.45 -137.07
C ASP NA 5 -16.77 -17.93 -136.67
N ASP NA 6 -15.75 -18.29 -135.88
CA ASP NA 6 -15.61 -19.64 -135.35
C ASP NA 6 -15.94 -19.70 -133.84
N TYR NA 7 -15.32 -18.83 -133.02
CA TYR NA 7 -15.59 -18.77 -131.58
C TYR NA 7 -16.89 -18.01 -131.29
N THR NA 8 -17.99 -18.74 -131.05
CA THR NA 8 -19.18 -18.14 -130.44
C THR NA 8 -18.85 -17.71 -129.01
N VAL NA 9 -19.18 -16.47 -128.66
CA VAL NA 9 -18.64 -15.81 -127.48
C VAL NA 9 -19.21 -16.41 -126.20
N ASN NA 10 -18.45 -17.31 -125.59
CA ASN NA 10 -18.72 -17.87 -124.28
C ASN NA 10 -17.39 -17.94 -123.52
N LEU NA 11 -17.41 -17.46 -122.27
CA LEU NA 11 -16.34 -17.71 -121.28
C LEU NA 11 -16.96 -18.30 -120.00
N THR NA 12 -18.23 -18.72 -120.06
CA THR NA 12 -18.98 -19.30 -118.95
C THR NA 12 -18.82 -20.81 -118.88
N SER NA 13 -18.44 -21.46 -119.96
CA SER NA 13 -18.09 -22.90 -120.01
C SER NA 13 -16.88 -23.24 -120.90
N HIS NA 14 -16.43 -22.37 -121.82
CA HIS NA 14 -15.06 -22.45 -122.37
C HIS NA 14 -14.05 -21.96 -121.34
N THR NA 15 -13.00 -22.72 -121.05
CA THR NA 15 -12.07 -22.44 -119.94
C THR NA 15 -10.60 -22.73 -120.23
N THR NA 16 -10.29 -23.61 -121.19
CA THR NA 16 -8.92 -23.95 -121.58
C THR NA 16 -8.67 -23.60 -123.06
N LEU NA 17 -7.41 -23.39 -123.45
CA LEU NA 17 -7.04 -23.01 -124.81
C LEU NA 17 -7.59 -23.99 -125.85
N ALA NA 18 -7.63 -25.28 -125.54
CA ALA NA 18 -8.21 -26.28 -126.43
C ALA NA 18 -9.68 -26.01 -126.80
N ASN NA 19 -10.42 -25.25 -125.99
CA ASN NA 19 -11.80 -24.83 -126.31
C ASN NA 19 -11.89 -23.74 -127.38
N ILE NA 20 -10.81 -23.00 -127.65
CA ILE NA 20 -10.78 -22.00 -128.72
C ILE NA 20 -10.54 -22.74 -130.05
N PRO NA 21 -11.39 -22.58 -131.07
CA PRO NA 21 -11.25 -23.33 -132.31
C PRO NA 21 -9.90 -23.13 -133.00
N SER NA 22 -9.29 -24.22 -133.47
CA SER NA 22 -8.00 -24.17 -134.17
C SER NA 22 -8.01 -23.28 -135.41
N GLY NA 23 -9.19 -23.05 -136.01
CA GLY NA 23 -9.38 -22.15 -137.14
C GLY NA 23 -9.57 -20.68 -136.79
N ALA NA 24 -9.62 -20.33 -135.49
CA ALA NA 24 -9.92 -18.97 -135.03
C ALA NA 24 -8.70 -18.08 -134.83
N ILE NA 25 -7.49 -18.63 -134.77
CA ILE NA 25 -6.28 -17.89 -134.41
C ILE NA 25 -5.68 -17.10 -135.58
N ILE NA 26 -6.26 -15.94 -135.89
CA ILE NA 26 -5.72 -15.00 -136.87
C ILE NA 26 -4.27 -14.63 -136.53
N ALA NA 27 -3.98 -14.36 -135.26
CA ALA NA 27 -2.63 -14.04 -134.79
C ALA NA 27 -2.40 -14.43 -133.32
N VAL NA 28 -1.13 -14.65 -132.99
CA VAL NA 28 -0.61 -15.02 -131.67
C VAL NA 28 0.64 -14.19 -131.45
N SER NA 29 0.95 -13.80 -130.22
CA SER NA 29 2.12 -12.95 -129.90
C SER NA 29 2.87 -13.43 -128.68
N GLU NA 30 4.14 -13.06 -128.60
CA GLU NA 30 5.04 -13.54 -127.55
C GLU NA 30 4.70 -12.94 -126.19
N SER NA 31 5.23 -13.55 -125.12
CA SER NA 31 4.96 -13.16 -123.73
C SER NA 31 5.09 -11.66 -123.48
N LEU NA 32 4.22 -11.12 -122.63
CA LEU NA 32 4.10 -9.69 -122.38
C LEU NA 32 5.35 -9.19 -121.65
N THR NA 33 6.15 -8.37 -122.34
CA THR NA 33 7.40 -7.80 -121.82
C THR NA 33 7.11 -6.62 -120.89
N GLY NA 34 7.43 -6.78 -119.61
CA GLY NA 34 7.13 -5.79 -118.57
C GLY NA 34 5.67 -5.86 -118.12
N LYS NA 35 5.47 -6.13 -116.83
CA LYS NA 35 4.17 -6.31 -116.18
C LYS NA 35 4.24 -5.79 -114.74
N SER NA 36 3.13 -5.31 -114.20
CA SER NA 36 2.96 -5.05 -112.77
C SER NA 36 1.49 -5.14 -112.37
N VAL NA 37 1.23 -5.19 -111.07
CA VAL NA 37 -0.13 -5.08 -110.53
C VAL NA 37 -0.14 -3.97 -109.51
N THR NA 38 -1.02 -2.98 -109.69
CA THR NA 38 -1.15 -1.87 -108.75
C THR NA 38 -1.79 -2.30 -107.44
N SER NA 39 -1.70 -1.48 -106.40
CA SER NA 39 -2.44 -1.73 -105.16
C SER NA 39 -3.95 -1.76 -105.38
N ALA NA 40 -4.46 -1.12 -106.43
CA ALA NA 40 -5.85 -1.16 -106.83
C ALA NA 40 -6.24 -2.45 -107.56
N GLY NA 41 -5.31 -3.39 -107.73
CA GLY NA 41 -5.53 -4.70 -108.34
C GLY NA 41 -5.59 -4.69 -109.86
N TRP NA 42 -5.39 -3.53 -110.48
CA TRP NA 42 -5.28 -3.45 -111.93
C TRP NA 42 -3.94 -3.99 -112.39
N VAL NA 43 -4.01 -4.99 -113.23
CA VAL NA 43 -2.88 -5.55 -113.97
C VAL NA 43 -2.53 -4.62 -115.12
N LYS NA 44 -1.23 -4.37 -115.32
CA LYS NA 44 -0.68 -3.51 -116.37
C LYS NA 44 0.40 -4.26 -117.13
N ALA NA 45 0.60 -3.92 -118.39
CA ALA NA 45 1.67 -4.41 -119.23
C ALA NA 45 2.04 -3.39 -120.31
N ASP NA 46 3.26 -3.46 -120.85
CA ASP NA 46 3.71 -2.61 -121.97
C ASP NA 46 3.34 -3.22 -123.34
N PRO NA 47 3.37 -2.46 -124.46
CA PRO NA 47 2.78 -2.86 -125.73
C PRO NA 47 3.32 -4.12 -126.36
N THR NA 48 2.53 -4.75 -127.21
CA THR NA 48 2.83 -6.02 -127.88
C THR NA 48 2.50 -5.95 -129.36
N VAL NA 49 3.09 -6.81 -130.19
CA VAL NA 49 2.92 -6.77 -131.66
C VAL NA 49 2.66 -8.18 -132.19
N PHE NA 50 1.78 -8.29 -133.18
CA PHE NA 50 1.54 -9.50 -133.96
C PHE NA 50 2.33 -9.43 -135.26
N PRO NA 51 3.15 -10.44 -135.60
CA PRO NA 51 4.07 -10.37 -136.72
C PRO NA 51 3.41 -10.73 -138.05
N GLU NA 52 3.69 -9.94 -139.09
CA GLU NA 52 3.44 -10.28 -140.50
C GLU NA 52 2.03 -10.83 -140.78
N VAL NA 53 1.01 -10.28 -140.13
CA VAL NA 53 -0.35 -10.83 -140.11
C VAL NA 53 -1.00 -10.78 -141.48
N THR NA 54 -1.58 -11.92 -141.90
CA THR NA 54 -2.49 -12.08 -143.05
C THR NA 54 -3.81 -12.73 -142.61
N GLY NA 55 -4.90 -12.45 -143.32
CA GLY NA 55 -6.27 -12.71 -142.86
C GLY NA 55 -6.89 -11.45 -142.23
N ASP NA 56 -8.20 -11.45 -141.99
CA ASP NA 56 -8.97 -10.24 -141.65
C ASP NA 56 -10.35 -10.50 -141.00
N THR NA 57 -10.95 -9.45 -140.43
CA THR NA 57 -12.37 -9.38 -139.99
C THR NA 57 -12.79 -10.28 -138.82
N GLY NA 58 -11.88 -10.55 -137.88
CA GLY NA 58 -12.17 -11.36 -136.70
C GLY NA 58 -12.92 -10.67 -135.55
N GLU NA 59 -12.67 -9.39 -135.33
CA GLU NA 59 -13.43 -8.50 -134.43
C GLU NA 59 -13.32 -8.76 -132.92
N ALA NA 60 -12.39 -9.57 -132.41
CA ALA NA 60 -12.18 -9.73 -130.96
C ALA NA 60 -10.73 -10.07 -130.56
N VAL NA 61 -10.35 -9.88 -129.29
CA VAL NA 61 -8.99 -10.15 -128.73
C VAL NA 61 -9.06 -10.94 -127.43
N ILE NA 62 -8.16 -11.90 -127.25
CA ILE NA 62 -8.13 -12.85 -126.11
C ILE NA 62 -6.75 -12.90 -125.45
N VAL NA 63 -6.70 -13.06 -124.12
CA VAL NA 63 -5.48 -13.19 -123.32
C VAL NA 63 -5.55 -14.46 -122.46
N TYR NA 64 -4.46 -15.24 -122.40
CA TYR NA 64 -4.41 -16.53 -121.71
C TYR NA 64 -3.07 -16.84 -121.05
N LYS NA 65 -3.13 -17.58 -119.94
CA LYS NA 65 -1.97 -18.15 -119.25
C LYS NA 65 -1.39 -19.26 -120.10
N HIS NA 66 -0.09 -19.22 -120.36
CA HIS NA 66 0.56 -20.09 -121.35
C HIS NA 66 1.42 -21.16 -120.69
N THR NA 67 1.19 -22.41 -121.04
CA THR NA 67 1.98 -23.58 -120.60
C THR NA 67 2.77 -24.22 -121.73
N GLY NA 68 2.60 -23.74 -122.96
CA GLY NA 68 3.09 -24.38 -124.19
C GLY NA 68 2.17 -25.49 -124.73
N THR NA 69 1.13 -25.89 -123.99
CA THR NA 69 0.23 -27.00 -124.38
C THR NA 69 -1.24 -26.65 -124.21
N ALA NA 70 -2.07 -27.05 -125.17
CA ALA NA 70 -3.44 -26.55 -125.30
C ALA NA 70 -4.39 -26.98 -124.16
N SER NA 71 -4.10 -28.08 -123.46
CA SER NA 71 -4.97 -28.59 -122.40
C SER NA 71 -4.85 -27.80 -121.11
N THR NA 72 -3.67 -27.26 -120.81
CA THR NA 72 -3.37 -26.62 -119.51
C THR NA 72 -3.12 -25.12 -119.59
N SER NA 73 -3.05 -24.53 -120.79
CA SER NA 73 -3.13 -23.07 -120.97
C SER NA 73 -4.59 -22.61 -120.77
N THR NA 74 -4.84 -21.58 -119.94
CA THR NA 74 -6.21 -21.20 -119.51
C THR NA 74 -6.54 -19.73 -119.73
N LEU NA 75 -7.80 -19.44 -119.99
CA LEU NA 75 -8.25 -18.12 -120.45
C LEU NA 75 -8.31 -17.11 -119.30
N LEU NA 76 -7.86 -15.88 -119.52
CA LEU NA 76 -7.87 -14.80 -118.53
C LEU NA 76 -8.84 -13.66 -118.86
N SER NA 77 -9.03 -13.31 -120.15
CA SER NA 77 -10.03 -12.34 -120.58
C SER NA 77 -10.45 -12.50 -122.05
N TYR NA 78 -11.58 -11.89 -122.40
CA TYR NA 78 -12.05 -11.62 -123.76
C TYR NA 78 -12.42 -10.14 -123.92
N HIS NA 79 -12.17 -9.56 -125.08
CA HIS NA 79 -12.37 -8.16 -125.43
C HIS NA 79 -13.11 -8.02 -126.77
N ASP NA 80 -13.88 -6.96 -126.98
CA ASP NA 80 -14.76 -6.84 -128.15
C ASP NA 80 -14.95 -5.41 -128.70
N SER NA 81 -14.10 -4.45 -128.33
CA SER NA 81 -14.19 -3.09 -128.83
C SER NA 81 -14.30 -3.01 -130.36
N PRO NA 82 -15.25 -2.23 -130.91
CA PRO NA 82 -15.54 -2.22 -132.35
C PRO NA 82 -14.39 -1.71 -133.21
N THR NA 83 -13.36 -1.07 -132.67
CA THR NA 83 -12.16 -0.73 -133.44
C THR NA 83 -11.48 -1.97 -134.02
N TYR NA 84 -11.70 -3.16 -133.44
CA TYR NA 84 -11.28 -4.44 -134.02
C TYR NA 84 -11.96 -4.76 -135.36
N GLN NA 85 -13.04 -4.08 -135.73
CA GLN NA 85 -13.66 -4.19 -137.06
C GLN NA 85 -12.84 -3.52 -138.17
N PHE NA 86 -11.86 -2.69 -137.83
CA PHE NA 86 -11.18 -1.79 -138.77
C PHE NA 86 -9.69 -2.09 -138.98
N VAL NA 87 -9.13 -3.08 -138.28
CA VAL NA 87 -7.92 -3.74 -138.77
C VAL NA 87 -8.25 -4.64 -139.95
N ILE NA 88 -7.57 -4.44 -141.08
CA ILE NA 88 -7.56 -5.36 -142.22
C ILE NA 88 -6.09 -5.62 -142.56
N PRO NA 89 -5.45 -6.62 -141.95
CA PRO NA 89 -4.00 -6.79 -141.99
C PRO NA 89 -3.37 -6.78 -143.38
N ASN NA 90 -2.37 -5.92 -143.56
CA ASN NA 90 -1.63 -5.73 -144.81
C ASN NA 90 -0.47 -6.73 -145.05
N GLY NA 91 -0.47 -7.91 -144.42
CA GLY NA 91 0.71 -8.78 -144.40
C GLY NA 91 1.82 -8.18 -143.54
N SER NA 92 1.44 -7.69 -142.35
CA SER NA 92 2.11 -6.59 -141.67
C SER NA 92 2.24 -6.83 -140.17
N ASP NA 93 3.15 -6.13 -139.51
CA ASP NA 93 3.03 -5.88 -138.08
C ASP NA 93 1.72 -5.13 -137.75
N ILE NA 94 1.04 -5.61 -136.72
CA ILE NA 94 -0.19 -5.04 -136.12
C ILE NA 94 0.07 -4.96 -134.62
N ARG NA 95 -0.22 -3.84 -133.95
CA ARG NA 95 0.26 -3.64 -132.56
C ARG NA 95 -0.82 -3.33 -131.55
N VAL NA 96 -0.70 -3.95 -130.39
CA VAL NA 96 -1.65 -4.01 -129.27
C VAL NA 96 -1.19 -3.03 -128.20
N ILE NA 97 -1.91 -1.91 -128.04
CA ILE NA 97 -1.59 -0.90 -127.03
C ILE NA 97 -2.68 -0.95 -125.97
N TRP NA 98 -2.28 -1.22 -124.74
CA TRP NA 98 -3.16 -1.28 -123.59
C TRP NA 98 -3.56 0.13 -123.16
N PRO NA 99 -4.71 0.32 -122.52
CA PRO NA 99 -4.92 1.49 -121.69
C PRO NA 99 -3.78 1.62 -120.68
N THR NA 100 -3.32 2.84 -120.41
CA THR NA 100 -2.11 3.09 -119.61
C THR NA 100 -2.19 2.58 -118.19
N ASP NA 101 -3.39 2.54 -117.62
CA ASP NA 101 -3.64 2.32 -116.20
C ASP NA 101 -4.05 0.89 -115.87
N GLY NA 102 -4.37 0.08 -116.89
CA GLY NA 102 -4.69 -1.35 -116.74
C GLY NA 102 -5.80 -1.84 -117.65
N PHE NA 103 -5.96 -3.16 -117.71
CA PHE NA 103 -6.97 -3.80 -118.55
C PHE NA 103 -7.76 -4.92 -117.87
N ILE NA 104 -7.28 -5.49 -116.76
CA ILE NA 104 -7.96 -6.48 -115.91
C ILE NA 104 -7.82 -6.05 -114.45
N ARG NA 105 -8.88 -6.11 -113.64
CA ARG NA 105 -8.76 -5.99 -112.16
C ARG NA 105 -8.93 -7.35 -111.51
N PHE NA 106 -7.96 -7.74 -110.69
CA PHE NA 106 -8.09 -8.84 -109.73
C PHE NA 106 -8.52 -8.36 -108.33
N ILE OA 2 -119.43 -59.64 -5.62
CA ILE OA 2 -120.44 -58.56 -5.66
C ILE OA 2 -121.53 -58.87 -6.69
N ASP OA 3 -122.79 -58.92 -6.25
CA ASP OA 3 -123.96 -58.77 -7.13
C ASP OA 3 -124.02 -57.34 -7.68
N ALA OA 4 -123.80 -57.14 -8.98
CA ALA OA 4 -123.70 -55.77 -9.48
C ALA OA 4 -125.06 -55.07 -9.53
N ASP OA 5 -126.17 -55.81 -9.53
CA ASP OA 5 -127.51 -55.22 -9.39
C ASP OA 5 -127.77 -54.69 -7.97
N ASP OA 6 -126.90 -55.00 -7.01
CA ASP OA 6 -126.94 -54.48 -5.64
C ASP OA 6 -125.78 -53.53 -5.33
N TYR OA 7 -125.07 -53.01 -6.34
CA TYR OA 7 -123.91 -52.16 -6.14
C TYR OA 7 -123.88 -50.96 -7.11
N THR OA 8 -123.09 -49.96 -6.76
CA THR OA 8 -122.68 -48.88 -7.67
C THR OA 8 -121.19 -48.65 -7.53
N VAL OA 9 -120.49 -48.40 -8.64
CA VAL OA 9 -119.01 -48.34 -8.64
C VAL OA 9 -118.49 -47.34 -7.59
N ASN OA 10 -118.99 -46.09 -7.64
CA ASN OA 10 -118.88 -45.07 -6.59
C ASN OA 10 -117.46 -44.74 -6.11
N LEU OA 11 -116.44 -45.11 -6.91
CA LEU OA 11 -115.06 -45.38 -6.49
C LEU OA 11 -114.33 -44.18 -5.87
N THR OA 12 -114.75 -42.97 -6.20
CA THR OA 12 -114.20 -41.73 -5.65
C THR OA 12 -114.81 -41.36 -4.29
N SER OA 13 -115.89 -42.02 -3.89
CA SER OA 13 -116.72 -41.64 -2.74
C SER OA 13 -117.06 -42.83 -1.84
N HIS OA 14 -116.25 -43.89 -1.89
CA HIS OA 14 -116.58 -45.20 -1.34
C HIS OA 14 -115.32 -45.93 -0.88
N THR OA 15 -114.95 -45.79 0.39
CA THR OA 15 -113.58 -46.01 0.87
C THR OA 15 -113.42 -46.98 2.04
N THR OA 16 -114.47 -47.69 2.45
CA THR OA 16 -114.43 -48.70 3.52
C THR OA 16 -115.33 -49.88 3.22
N LEU OA 17 -115.13 -51.03 3.86
CA LEU OA 17 -116.10 -52.13 3.77
C LEU OA 17 -117.49 -51.71 4.27
N ALA OA 18 -117.57 -50.81 5.26
CA ALA OA 18 -118.85 -50.32 5.75
C ALA OA 18 -119.64 -49.55 4.69
N ASN OA 19 -118.99 -49.02 3.65
CA ASN OA 19 -119.71 -48.43 2.52
C ASN OA 19 -120.29 -49.50 1.58
N ILE OA 20 -119.71 -50.71 1.52
CA ILE OA 20 -120.24 -51.80 0.69
C ILE OA 20 -121.58 -52.25 1.26
N PRO OA 21 -122.66 -52.31 0.47
CA PRO OA 21 -123.95 -52.77 0.97
C PRO OA 21 -123.88 -54.26 1.29
N SER OA 22 -124.30 -54.64 2.49
CA SER OA 22 -124.25 -56.01 2.99
C SER OA 22 -124.91 -57.03 2.07
N GLY OA 23 -125.99 -56.65 1.38
CA GLY OA 23 -126.71 -57.55 0.49
C GLY OA 23 -125.93 -58.01 -0.74
N ALA OA 24 -124.93 -57.24 -1.19
CA ALA OA 24 -124.26 -57.51 -2.46
C ALA OA 24 -123.21 -58.63 -2.38
N ILE OA 25 -122.79 -59.01 -1.17
CA ILE OA 25 -121.65 -59.89 -0.93
C ILE OA 25 -122.08 -61.35 -1.08
N ILE OA 26 -122.07 -61.86 -2.31
CA ILE OA 26 -122.37 -63.27 -2.63
C ILE OA 26 -121.35 -64.23 -2.02
N ALA OA 27 -120.08 -63.83 -1.96
CA ALA OA 27 -118.98 -64.69 -1.50
C ALA OA 27 -117.84 -63.94 -0.79
N VAL OA 28 -117.11 -64.66 0.04
CA VAL OA 28 -115.88 -64.23 0.71
C VAL OA 28 -114.95 -65.43 0.84
N SER OA 29 -113.64 -65.21 0.89
CA SER OA 29 -112.66 -66.28 1.14
C SER OA 29 -111.46 -65.77 1.94
N GLU OA 30 -110.73 -66.69 2.56
CA GLU OA 30 -109.66 -66.39 3.52
C GLU OA 30 -108.42 -65.76 2.87
N SER OA 31 -107.45 -65.35 3.68
CA SER OA 31 -106.27 -64.59 3.25
C SER OA 31 -105.51 -65.27 2.12
N LEU OA 32 -105.09 -64.49 1.13
CA LEU OA 32 -104.42 -65.01 -0.05
C LEU OA 32 -103.02 -65.51 0.31
N THR OA 33 -102.76 -66.80 0.06
CA THR OA 33 -101.43 -67.37 0.25
C THR OA 33 -100.45 -66.86 -0.80
N GLY OA 34 -99.15 -66.91 -0.50
CA GLY OA 34 -98.07 -66.63 -1.45
C GLY OA 34 -97.97 -65.18 -1.93
N LYS OA 35 -98.58 -64.23 -1.23
CA LYS OA 35 -98.53 -62.80 -1.53
C LYS OA 35 -97.08 -62.32 -1.68
N SER OA 36 -96.77 -61.54 -2.72
CA SER OA 36 -95.44 -60.96 -2.94
C SER OA 36 -95.52 -59.72 -3.83
N VAL OA 37 -94.42 -58.96 -3.90
CA VAL OA 37 -94.29 -57.75 -4.72
C VAL OA 37 -93.04 -57.84 -5.58
N THR OA 38 -93.16 -57.49 -6.84
CA THR OA 38 -92.04 -57.37 -7.78
C THR OA 38 -91.39 -55.97 -7.70
N SER OA 39 -90.12 -55.84 -8.07
CA SER OA 39 -89.49 -54.52 -8.22
C SER OA 39 -90.14 -53.69 -9.32
N ALA OA 40 -90.78 -54.34 -10.30
CA ALA OA 40 -91.65 -53.72 -11.29
C ALA OA 40 -92.97 -53.16 -10.70
N GLY OA 41 -93.15 -53.26 -9.38
CA GLY OA 41 -94.28 -52.70 -8.65
C GLY OA 41 -95.53 -53.57 -8.66
N TRP OA 42 -95.60 -54.60 -9.49
CA TRP OA 42 -96.74 -55.51 -9.50
C TRP OA 42 -96.75 -56.39 -8.26
N VAL OA 43 -97.83 -56.32 -7.50
CA VAL OA 43 -98.17 -57.31 -6.47
C VAL OA 43 -98.73 -58.58 -7.11
N LYS OA 44 -98.46 -59.75 -6.52
CA LYS OA 44 -98.84 -61.09 -6.99
C LYS OA 44 -99.35 -61.95 -5.82
N ALA OA 45 -100.17 -62.95 -6.09
CA ALA OA 45 -100.74 -63.83 -5.07
C ALA OA 45 -101.20 -65.19 -5.66
N ASP OA 46 -101.37 -66.20 -4.81
CA ASP OA 46 -101.80 -67.55 -5.21
C ASP OA 46 -103.28 -67.63 -5.59
N PRO OA 47 -103.69 -68.66 -6.34
CA PRO OA 47 -105.09 -69.04 -6.47
C PRO OA 47 -105.81 -69.19 -5.12
N THR OA 48 -107.13 -69.10 -5.15
CA THR OA 48 -108.00 -69.25 -3.97
C THR OA 48 -109.36 -69.76 -4.43
N VAL OA 49 -110.20 -70.24 -3.53
CA VAL OA 49 -111.53 -70.75 -3.89
C VAL OA 49 -112.58 -70.10 -2.98
N PHE OA 50 -113.72 -69.67 -3.54
CA PHE OA 50 -114.89 -69.29 -2.77
C PHE OA 50 -115.72 -70.54 -2.43
N PRO OA 51 -115.79 -70.99 -1.17
CA PRO OA 51 -116.44 -72.24 -0.81
C PRO OA 51 -117.96 -72.11 -0.76
N GLU OA 52 -118.66 -73.20 -1.09
CA GLU OA 52 -120.08 -73.41 -0.82
C GLU OA 52 -121.04 -72.34 -1.39
N VAL OA 53 -120.68 -71.66 -2.49
CA VAL OA 53 -121.46 -70.53 -3.02
C VAL OA 53 -122.77 -70.97 -3.70
N THR OA 54 -123.82 -70.17 -3.51
CA THR OA 54 -125.17 -70.32 -4.09
C THR OA 54 -125.84 -68.95 -4.27
N GLY OA 55 -126.78 -68.81 -5.21
CA GLY OA 55 -127.63 -67.63 -5.33
C GLY OA 55 -127.46 -66.83 -6.62
N ASP OA 56 -127.29 -65.52 -6.49
CA ASP OA 56 -127.34 -64.57 -7.61
C ASP OA 56 -126.12 -64.64 -8.53
N THR OA 57 -126.33 -64.37 -9.82
CA THR OA 57 -125.28 -64.29 -10.84
C THR OA 57 -124.56 -62.94 -10.78
N GLY OA 58 -123.79 -62.72 -9.72
CA GLY OA 58 -122.99 -61.50 -9.56
C GLY OA 58 -121.88 -61.34 -10.60
N GLU OA 59 -121.33 -60.14 -10.72
CA GLU OA 59 -120.54 -59.75 -11.89
C GLU OA 59 -119.26 -58.99 -11.56
N ALA OA 60 -119.03 -58.60 -10.32
CA ALA OA 60 -117.79 -57.93 -9.90
C ALA OA 60 -117.09 -58.63 -8.72
N VAL OA 61 -115.76 -58.56 -8.64
CA VAL OA 61 -114.96 -59.07 -7.51
C VAL OA 61 -113.99 -58.02 -6.99
N ILE OA 62 -113.78 -58.03 -5.68
CA ILE OA 62 -113.14 -56.97 -4.89
C ILE OA 62 -111.98 -57.49 -4.05
N VAL OA 63 -111.04 -56.61 -3.71
CA VAL OA 63 -109.96 -56.90 -2.76
C VAL OA 63 -109.95 -55.86 -1.65
N TYR OA 64 -109.88 -56.31 -0.41
CA TYR OA 64 -109.86 -55.49 0.81
C TYR OA 64 -109.09 -56.16 1.95
N LYS OA 65 -108.67 -55.39 2.95
CA LYS OA 65 -107.95 -55.92 4.12
C LYS OA 65 -108.90 -56.06 5.31
N HIS OA 66 -109.01 -57.26 5.86
CA HIS OA 66 -109.81 -57.55 7.04
C HIS OA 66 -109.17 -56.99 8.31
N THR OA 67 -109.94 -56.23 9.10
CA THR OA 67 -109.47 -55.52 10.31
C THR OA 67 -110.45 -55.69 11.49
N GLY OA 68 -111.38 -56.64 11.38
CA GLY OA 68 -112.56 -56.68 12.25
C GLY OA 68 -113.60 -55.67 11.77
N THR OA 69 -113.65 -54.49 12.38
CA THR OA 69 -114.73 -53.50 12.14
C THR OA 69 -114.76 -52.96 10.71
N ALA OA 70 -115.88 -53.13 10.01
CA ALA OA 70 -116.04 -52.77 8.60
C ALA OA 70 -115.82 -51.28 8.30
N SER OA 71 -115.97 -50.42 9.31
CA SER OA 71 -115.66 -48.99 9.24
C SER OA 71 -114.16 -48.69 9.17
N THR OA 72 -113.29 -49.62 9.61
CA THR OA 72 -111.82 -49.40 9.61
C THR OA 72 -111.10 -50.11 8.47
N SER OA 73 -111.67 -51.20 7.94
CA SER OA 73 -111.05 -51.95 6.85
C SER OA 73 -110.98 -51.16 5.55
N THR OA 74 -109.90 -51.35 4.81
CA THR OA 74 -109.56 -50.58 3.61
C THR OA 74 -109.89 -51.36 2.34
N LEU OA 75 -110.60 -50.75 1.39
CA LEU OA 75 -110.77 -51.31 0.05
C LEU OA 75 -109.51 -51.05 -0.77
N LEU OA 76 -109.04 -52.04 -1.53
CA LEU OA 76 -107.80 -51.97 -2.28
C LEU OA 76 -108.01 -52.00 -3.80
N SER OA 77 -108.93 -52.81 -4.33
CA SER OA 77 -109.24 -52.84 -5.77
C SER OA 77 -110.64 -53.38 -6.08
N TYR OA 78 -111.13 -53.09 -7.28
CA TYR OA 78 -112.40 -53.53 -7.83
C TYR OA 78 -112.21 -54.01 -9.28
N HIS OA 79 -112.84 -55.13 -9.62
CA HIS OA 79 -112.70 -55.81 -10.91
C HIS OA 79 -114.08 -56.22 -11.43
N ASP OA 80 -114.35 -56.07 -12.73
CA ASP OA 80 -115.68 -56.36 -13.30
C ASP OA 80 -115.65 -56.79 -14.77
N SER OA 81 -114.83 -57.80 -15.09
CA SER OA 81 -114.79 -58.37 -16.44
C SER OA 81 -116.11 -59.02 -16.86
N PRO OA 82 -116.56 -58.90 -18.13
CA PRO OA 82 -117.71 -59.62 -18.66
C PRO OA 82 -117.70 -61.14 -18.44
N THR OA 83 -116.53 -61.77 -18.27
CA THR OA 83 -116.42 -63.21 -18.05
C THR OA 83 -117.11 -63.70 -16.79
N TYR OA 84 -117.37 -62.80 -15.82
CA TYR OA 84 -118.05 -63.13 -14.58
C TYR OA 84 -119.54 -63.46 -14.77
N GLN OA 85 -120.18 -63.04 -15.87
CA GLN OA 85 -121.61 -63.25 -16.10
C GLN OA 85 -122.03 -64.73 -16.17
N PHE OA 86 -121.07 -65.64 -16.37
CA PHE OA 86 -121.33 -67.03 -16.74
C PHE OA 86 -120.95 -68.05 -15.64
N VAL OA 87 -120.41 -67.59 -14.52
CA VAL OA 87 -120.07 -68.45 -13.39
C VAL OA 87 -121.25 -68.50 -12.43
N ILE OA 88 -122.34 -69.10 -12.88
CA ILE OA 88 -123.60 -69.21 -12.14
C ILE OA 88 -123.37 -70.03 -10.87
N PRO OA 89 -123.60 -69.50 -9.66
CA PRO OA 89 -123.21 -70.19 -8.45
C PRO OA 89 -124.13 -71.38 -8.20
N ASN OA 90 -123.55 -72.56 -8.02
CA ASN OA 90 -124.24 -73.84 -8.14
C ASN OA 90 -123.89 -74.83 -7.01
N GLY OA 91 -123.51 -74.32 -5.84
CA GLY OA 91 -123.08 -75.11 -4.68
C GLY OA 91 -121.62 -75.57 -4.74
N SER OA 92 -121.02 -75.65 -5.92
CA SER OA 92 -119.59 -75.96 -6.05
C SER OA 92 -118.71 -74.83 -5.51
N ASP OA 93 -117.48 -75.18 -5.11
CA ASP OA 93 -116.50 -74.21 -4.65
C ASP OA 93 -115.84 -73.53 -5.86
N ILE OA 94 -116.12 -72.24 -6.11
CA ILE OA 94 -115.67 -71.52 -7.30
C ILE OA 94 -114.20 -71.11 -7.16
N ARG OA 95 -113.34 -71.59 -8.06
CA ARG OA 95 -111.90 -71.28 -8.07
C ARG OA 95 -111.69 -69.87 -8.62
N VAL OA 96 -110.72 -69.15 -8.07
CA VAL OA 96 -110.25 -67.83 -8.52
C VAL OA 96 -108.77 -67.95 -8.90
N ILE OA 97 -108.39 -67.52 -10.11
CA ILE OA 97 -107.01 -67.63 -10.60
C ILE OA 97 -106.54 -66.29 -11.17
N TRP OA 98 -105.38 -65.82 -10.73
CA TRP OA 98 -104.80 -64.53 -11.11
C TRP OA 98 -103.84 -64.69 -12.29
N PRO OA 99 -103.60 -63.64 -13.08
CA PRO OA 99 -102.49 -63.59 -14.02
C PRO OA 99 -101.13 -63.87 -13.35
N THR OA 100 -100.21 -64.51 -14.06
CA THR OA 100 -98.94 -64.99 -13.51
C THR OA 100 -98.08 -63.90 -12.90
N ASP OA 101 -98.24 -62.64 -13.33
CA ASP OA 101 -97.44 -61.50 -12.90
C ASP OA 101 -98.29 -60.29 -12.54
N GLY OA 102 -99.40 -60.57 -11.85
CA GLY OA 102 -100.00 -59.63 -10.91
C GLY OA 102 -101.21 -58.84 -11.42
N PHE OA 103 -101.84 -58.13 -10.49
CA PHE OA 103 -103.11 -57.48 -10.70
C PHE OA 103 -103.25 -56.05 -10.14
N ILE OA 104 -102.30 -55.56 -9.33
CA ILE OA 104 -102.24 -54.17 -8.86
C ILE OA 104 -100.80 -53.69 -8.93
N ARG OA 105 -100.53 -52.42 -9.25
CA ARG OA 105 -99.16 -51.85 -9.27
C ARG OA 105 -98.91 -50.84 -8.14
N PHE OA 106 -97.65 -50.71 -7.71
CA PHE OA 106 -97.12 -49.68 -6.78
C PHE OA 106 -95.70 -49.20 -7.16
N ILE PA 2 -74.38 107.98 -25.14
CA ILE PA 2 -74.20 108.22 -26.59
C ILE PA 2 -75.56 108.40 -27.27
N ASP PA 3 -75.70 109.37 -28.17
CA ASP PA 3 -76.87 109.50 -29.06
C ASP PA 3 -76.83 108.51 -30.22
N ALA PA 4 -77.91 107.72 -30.37
CA ALA PA 4 -78.04 106.75 -31.46
C ALA PA 4 -78.54 107.39 -32.76
N ASP PA 5 -79.16 108.58 -32.70
CA ASP PA 5 -79.37 109.45 -33.87
C ASP PA 5 -78.09 110.24 -34.22
N ASP PA 6 -76.92 109.66 -33.93
CA ASP PA 6 -75.63 110.21 -34.32
C ASP PA 6 -74.64 109.08 -34.63
N TYR PA 7 -74.34 108.22 -33.65
CA TYR PA 7 -73.40 107.10 -33.82
C TYR PA 7 -74.06 105.93 -34.56
N THR PA 8 -73.77 105.79 -35.85
CA THR PA 8 -74.20 104.62 -36.65
C THR PA 8 -73.30 103.44 -36.29
N VAL PA 9 -73.81 102.52 -35.47
CA VAL PA 9 -73.01 101.53 -34.73
C VAL PA 9 -72.17 100.60 -35.60
N ASN PA 10 -70.91 100.37 -35.20
CA ASN PA 10 -69.99 99.43 -35.82
C ASN PA 10 -68.85 99.06 -34.87
N LEU PA 11 -68.64 97.77 -34.61
CA LEU PA 11 -67.59 97.28 -33.72
C LEU PA 11 -66.36 96.69 -34.44
N THR PA 12 -66.39 96.52 -35.76
CA THR PA 12 -65.19 96.18 -36.52
C THR PA 12 -64.40 97.41 -36.95
N SER PA 13 -65.06 98.53 -37.25
CA SER PA 13 -64.40 99.75 -37.77
C SER PA 13 -63.84 100.69 -36.69
N HIS PA 14 -64.19 100.51 -35.42
CA HIS PA 14 -63.86 101.45 -34.35
C HIS PA 14 -63.08 100.79 -33.22
N THR PA 15 -62.14 101.53 -32.63
CA THR PA 15 -61.23 101.05 -31.60
C THR PA 15 -60.97 102.08 -30.50
N THR PA 16 -61.03 103.38 -30.77
CA THR PA 16 -60.65 104.41 -29.77
C THR PA 16 -61.57 105.62 -29.75
N LEU PA 17 -61.53 106.39 -28.66
CA LEU PA 17 -62.48 107.47 -28.39
C LEU PA 17 -62.56 108.51 -29.52
N ALA PA 18 -61.45 108.78 -30.21
CA ALA PA 18 -61.39 109.64 -31.39
C ALA PA 18 -62.34 109.21 -32.53
N ASN PA 19 -62.79 107.95 -32.56
CA ASN PA 19 -63.70 107.44 -33.57
C ASN PA 19 -65.18 107.83 -33.34
N ILE PA 20 -65.62 108.07 -32.11
CA ILE PA 20 -67.04 108.35 -31.81
C ILE PA 20 -67.38 109.79 -32.25
N PRO PA 21 -68.52 110.05 -32.93
CA PRO PA 21 -68.90 111.40 -33.31
C PRO PA 21 -68.94 112.34 -32.11
N SER PA 22 -68.24 113.48 -32.19
CA SER PA 22 -68.04 114.38 -31.04
C SER PA 22 -69.35 114.96 -30.49
N GLY PA 23 -70.38 115.07 -31.33
CA GLY PA 23 -71.72 115.50 -30.91
C GLY PA 23 -72.48 114.48 -30.06
N ALA PA 24 -72.11 113.20 -30.11
CA ALA PA 24 -72.91 112.12 -29.55
C ALA PA 24 -72.85 112.00 -28.02
N ILE PA 25 -71.87 112.63 -27.36
CA ILE PA 25 -71.56 112.39 -25.94
C ILE PA 25 -72.47 113.19 -24.99
N ILE PA 26 -73.74 112.80 -24.91
CA ILE PA 26 -74.76 113.38 -24.01
C ILE PA 26 -74.34 113.37 -22.54
N ALA PA 27 -73.53 112.41 -22.12
CA ALA PA 27 -73.04 112.30 -20.74
C ALA PA 27 -71.63 111.68 -20.67
N VAL PA 28 -70.93 111.88 -19.55
CA VAL PA 28 -69.63 111.27 -19.27
C VAL PA 28 -69.64 110.63 -17.90
N SER PA 29 -69.12 109.41 -17.80
CA SER PA 29 -69.06 108.65 -16.55
C SER PA 29 -67.96 109.14 -15.63
N GLU PA 30 -68.25 109.28 -14.34
CA GLU PA 30 -67.19 109.40 -13.33
C GLU PA 30 -66.47 108.05 -13.17
N SER PA 31 -65.16 108.07 -12.95
CA SER PA 31 -64.30 106.88 -13.03
C SER PA 31 -64.82 105.73 -12.17
N LEU PA 32 -65.13 104.59 -12.80
CA LEU PA 32 -65.81 103.47 -12.17
C LEU PA 32 -65.06 102.98 -10.93
N THR PA 33 -65.82 102.63 -9.88
CA THR PA 33 -65.29 102.27 -8.56
C THR PA 33 -65.77 100.89 -8.13
N GLY PA 34 -65.02 100.24 -7.25
CA GLY PA 34 -65.33 98.90 -6.78
C GLY PA 34 -65.18 97.81 -7.82
N LYS PA 35 -64.36 98.01 -8.87
CA LYS PA 35 -64.12 97.01 -9.91
C LYS PA 35 -63.63 95.71 -9.28
N SER PA 36 -64.15 94.57 -9.73
CA SER PA 36 -63.49 93.27 -9.54
C SER PA 36 -63.74 92.37 -10.74
N VAL PA 37 -62.87 91.40 -10.96
CA VAL PA 37 -63.10 90.32 -11.93
C VAL PA 37 -63.24 89.00 -11.20
N THR PA 38 -64.37 88.36 -11.37
CA THR PA 38 -64.70 87.05 -10.80
C THR PA 38 -63.89 85.93 -11.44
N SER PA 39 -63.74 84.79 -10.77
CA SER PA 39 -63.10 83.61 -11.37
C SER PA 39 -63.84 83.11 -12.61
N ALA PA 40 -65.16 83.35 -12.69
CA ALA PA 40 -66.00 83.08 -13.87
C ALA PA 40 -65.70 84.01 -15.07
N GLY PA 41 -64.80 84.98 -14.90
CA GLY PA 41 -64.37 85.93 -15.94
C GLY PA 41 -65.26 87.16 -16.09
N TRP PA 42 -66.36 87.26 -15.35
CA TRP PA 42 -67.20 88.45 -15.34
C TRP PA 42 -66.55 89.59 -14.56
N VAL PA 43 -66.50 90.78 -15.16
CA VAL PA 43 -66.17 92.03 -14.48
C VAL PA 43 -67.41 92.62 -13.81
N LYS PA 44 -67.30 93.06 -12.55
CA LYS PA 44 -68.32 93.71 -11.72
C LYS PA 44 -67.86 95.09 -11.29
N ALA PA 45 -68.77 96.03 -11.05
CA ALA PA 45 -68.46 97.39 -10.56
C ALA PA 45 -69.63 98.03 -9.81
N ASP PA 46 -69.39 99.09 -9.05
CA ASP PA 46 -70.42 99.84 -8.31
C ASP PA 46 -71.18 100.85 -9.17
N PRO PA 47 -72.39 101.28 -8.78
CA PRO PA 47 -73.15 102.30 -9.48
C PRO PA 47 -72.41 103.64 -9.60
N THR PA 48 -72.60 104.36 -10.70
CA THR PA 48 -71.97 105.66 -10.95
C THR PA 48 -72.95 106.69 -11.52
N VAL PA 49 -72.57 107.97 -11.50
CA VAL PA 49 -73.44 109.12 -11.76
C VAL PA 49 -73.08 109.80 -13.08
N PHE PA 50 -74.09 110.24 -13.82
CA PHE PA 50 -73.99 111.30 -14.82
C PHE PA 50 -74.56 112.59 -14.21
N PRO PA 51 -73.82 113.70 -14.16
CA PRO PA 51 -74.24 114.89 -13.41
C PRO PA 51 -75.20 115.78 -14.21
N GLU PA 52 -76.23 116.29 -13.56
CA GLU PA 52 -77.17 117.34 -14.05
C GLU PA 52 -77.68 117.16 -15.49
N VAL PA 53 -77.99 115.93 -15.90
CA VAL PA 53 -78.05 115.53 -17.31
C VAL PA 53 -79.08 116.32 -18.10
N THR PA 54 -78.58 117.14 -19.02
CA THR PA 54 -79.35 117.94 -19.98
C THR PA 54 -78.77 117.71 -21.38
N GLY PA 55 -79.61 117.43 -22.37
CA GLY PA 55 -79.18 116.98 -23.70
C GLY PA 55 -80.28 116.29 -24.50
N ASP PA 56 -79.90 115.48 -25.48
CA ASP PA 56 -80.85 114.76 -26.36
C ASP PA 56 -81.24 113.38 -25.81
N THR PA 57 -82.33 112.80 -26.32
CA THR PA 57 -82.79 111.46 -25.93
C THR PA 57 -81.99 110.38 -26.66
N GLY PA 58 -80.79 110.09 -26.17
CA GLY PA 58 -79.94 109.01 -26.65
C GLY PA 58 -80.44 107.61 -26.25
N GLU PA 59 -79.85 106.57 -26.81
CA GLU PA 59 -80.31 105.18 -26.66
C GLU PA 59 -79.17 104.18 -26.47
N ALA PA 60 -77.97 104.61 -26.07
CA ALA PA 60 -76.83 103.71 -25.86
C ALA PA 60 -75.83 104.19 -24.80
N VAL PA 61 -75.13 103.25 -24.18
CA VAL PA 61 -74.06 103.44 -23.19
C VAL PA 61 -72.78 102.76 -23.69
N ILE PA 62 -71.64 103.43 -23.62
CA ILE PA 62 -70.36 102.89 -24.10
C ILE PA 62 -69.31 102.99 -23.00
N VAL PA 63 -68.51 101.94 -22.81
CA VAL PA 63 -67.44 101.89 -21.81
C VAL PA 63 -66.07 101.85 -22.47
N TYR PA 64 -65.12 102.56 -21.87
CA TYR PA 64 -63.79 102.85 -22.39
C TYR PA 64 -62.81 103.24 -21.27
N LYS PA 65 -61.51 103.25 -21.55
CA LYS PA 65 -60.52 103.82 -20.62
C LYS PA 65 -59.96 105.14 -21.13
N HIS PA 66 -60.38 106.25 -20.54
CA HIS PA 66 -59.92 107.58 -20.90
C HIS PA 66 -58.56 107.94 -20.28
N THR PA 67 -57.51 107.26 -20.74
CA THR PA 67 -56.18 107.87 -20.74
C THR PA 67 -56.22 109.14 -21.61
N GLY PA 68 -55.35 110.12 -21.34
CA GLY PA 68 -55.53 111.51 -21.77
C GLY PA 68 -55.48 111.82 -23.28
N THR PA 69 -55.31 110.81 -24.15
CA THR PA 69 -55.31 110.97 -25.61
C THR PA 69 -56.49 110.24 -26.26
N ALA PA 70 -57.35 110.96 -26.97
CA ALA PA 70 -58.52 110.40 -27.64
C ALA PA 70 -58.15 109.35 -28.70
N SER PA 71 -57.01 109.51 -29.36
CA SER PA 71 -56.53 108.57 -30.40
C SER PA 71 -56.15 107.20 -29.86
N THR PA 72 -55.85 107.06 -28.56
CA THR PA 72 -55.27 105.84 -27.97
C THR PA 72 -56.08 105.29 -26.79
N SER PA 73 -56.97 106.07 -26.20
CA SER PA 73 -57.96 105.58 -25.23
C SER PA 73 -58.92 104.57 -25.89
N THR PA 74 -58.86 103.33 -25.42
CA THR PA 74 -59.53 102.16 -26.03
C THR PA 74 -61.02 102.09 -25.69
N LEU PA 75 -61.85 101.72 -26.67
CA LEU PA 75 -63.28 101.48 -26.53
C LEU PA 75 -63.52 99.98 -26.31
N LEU PA 76 -64.14 99.58 -25.19
CA LEU PA 76 -64.15 98.18 -24.72
C LEU PA 76 -65.51 97.47 -24.66
N SER PA 77 -66.65 98.17 -24.66
CA SER PA 77 -67.98 97.56 -24.89
C SER PA 77 -69.05 98.60 -25.22
N TYR PA 78 -70.14 98.16 -25.85
CA TYR PA 78 -71.31 98.96 -26.25
C TYR PA 78 -72.61 98.28 -25.79
N HIS PA 79 -73.53 99.05 -25.23
CA HIS PA 79 -74.77 98.60 -24.63
C HIS PA 79 -75.95 99.42 -25.15
N ASP PA 80 -77.07 98.79 -25.51
CA ASP PA 80 -78.17 99.46 -26.21
C ASP PA 80 -79.58 98.88 -25.95
N SER PA 81 -79.91 98.59 -24.69
CA SER PA 81 -81.23 98.09 -24.32
C SER PA 81 -82.33 99.09 -24.67
N PRO PA 82 -83.46 98.65 -25.25
CA PRO PA 82 -84.50 99.56 -25.74
C PRO PA 82 -85.16 100.37 -24.62
N THR PA 83 -85.04 99.90 -23.37
CA THR PA 83 -85.43 100.63 -22.16
C THR PA 83 -84.81 102.01 -22.04
N TYR PA 84 -83.70 102.29 -22.72
CA TYR PA 84 -83.06 103.60 -22.69
C TYR PA 84 -83.89 104.73 -23.34
N GLN PA 85 -84.98 104.43 -24.05
CA GLN PA 85 -85.96 105.44 -24.44
C GLN PA 85 -86.75 106.06 -23.28
N PHE PA 86 -86.79 105.41 -22.11
CA PHE PA 86 -87.77 105.71 -21.08
C PHE PA 86 -87.24 106.50 -19.87
N VAL PA 87 -85.95 106.85 -19.88
CA VAL PA 87 -85.39 107.90 -19.02
C VAL PA 87 -84.73 108.94 -19.91
N ILE PA 88 -85.17 110.19 -19.81
CA ILE PA 88 -84.76 111.28 -20.71
C ILE PA 88 -84.10 112.43 -19.92
N PRO PA 89 -83.18 113.20 -20.54
CA PRO PA 89 -82.51 114.30 -19.87
C PRO PA 89 -83.50 115.31 -19.29
N ASN PA 90 -83.23 115.76 -18.07
CA ASN PA 90 -84.16 116.59 -17.31
C ASN PA 90 -83.46 117.50 -16.27
N GLY PA 91 -82.14 117.60 -16.31
CA GLY PA 91 -81.34 118.39 -15.39
C GLY PA 91 -81.04 117.71 -14.03
N SER PA 92 -81.67 116.58 -13.71
CA SER PA 92 -81.30 115.79 -12.53
C SER PA 92 -79.98 115.05 -12.74
N ASP PA 93 -79.33 114.63 -11.67
CA ASP PA 93 -78.31 113.58 -11.76
C ASP PA 93 -78.99 112.26 -12.14
N ILE PA 94 -78.42 111.54 -13.11
CA ILE PA 94 -78.83 110.18 -13.50
C ILE PA 94 -77.82 109.19 -12.92
N ARG PA 95 -78.31 108.07 -12.38
CA ARG PA 95 -77.47 106.99 -11.86
C ARG PA 95 -77.57 105.79 -12.79
N VAL PA 96 -76.45 105.11 -13.04
CA VAL PA 96 -76.43 103.83 -13.76
C VAL PA 96 -76.23 102.66 -12.80
N ILE PA 97 -77.13 101.68 -12.87
CA ILE PA 97 -77.14 100.51 -12.00
C ILE PA 97 -76.73 99.30 -12.83
N TRP PA 98 -75.62 98.68 -12.47
CA TRP PA 98 -75.09 97.54 -13.18
C TRP PA 98 -75.80 96.26 -12.73
N PRO PA 99 -76.04 95.30 -13.60
CA PRO PA 99 -76.55 94.00 -13.19
C PRO PA 99 -75.54 93.28 -12.29
N THR PA 100 -76.02 92.72 -11.17
CA THR PA 100 -75.21 92.44 -9.97
C THR PA 100 -74.02 91.51 -10.19
N ASP PA 101 -74.13 90.57 -11.11
CA ASP PA 101 -73.19 89.46 -11.25
C ASP PA 101 -72.04 89.77 -12.23
N GLY PA 102 -72.11 90.92 -12.91
CA GLY PA 102 -71.10 91.44 -13.84
C GLY PA 102 -71.62 91.61 -15.26
N PHE PA 103 -71.07 92.59 -15.99
CA PHE PA 103 -71.68 93.08 -17.22
C PHE PA 103 -70.94 92.71 -18.52
N ILE PA 104 -69.64 92.38 -18.46
CA ILE PA 104 -68.85 91.86 -19.58
C ILE PA 104 -68.05 90.64 -19.11
N ARG PA 105 -67.87 89.61 -19.96
CA ARG PA 105 -66.87 88.54 -19.76
C ARG PA 105 -65.64 88.77 -20.64
N PHE PA 106 -64.46 88.71 -20.05
CA PHE PA 106 -63.15 88.69 -20.73
C PHE PA 106 -62.41 87.34 -20.52
N SER QA 3 -100.87 -15.60 -92.05
CA SER QA 3 -99.82 -14.90 -91.27
C SER QA 3 -98.46 -15.56 -91.43
N GLY QA 4 -97.40 -14.79 -91.21
CA GLY QA 4 -96.02 -15.22 -91.49
C GLY QA 4 -95.47 -16.25 -90.49
N LEU QA 5 -94.46 -16.99 -90.94
CA LEU QA 5 -93.57 -17.76 -90.08
C LEU QA 5 -92.70 -16.76 -89.30
N ARG QA 6 -92.88 -16.67 -87.98
CA ARG QA 6 -92.05 -15.83 -87.10
C ARG QA 6 -90.67 -16.42 -86.85
N GLY QA 7 -90.60 -17.74 -86.67
CA GLY QA 7 -89.33 -18.43 -86.54
C GLY QA 7 -89.48 -19.86 -86.01
N TYR QA 8 -88.41 -20.36 -85.40
CA TYR QA 8 -88.33 -21.70 -84.83
C TYR QA 8 -87.95 -21.65 -83.35
N ASN QA 9 -88.43 -22.62 -82.60
CA ASN QA 9 -87.99 -22.87 -81.24
C ASN QA 9 -87.37 -24.26 -81.19
N VAL QA 10 -86.34 -24.44 -80.37
CA VAL QA 10 -85.75 -25.76 -80.12
C VAL QA 10 -85.79 -26.05 -78.63
N TYR QA 11 -86.06 -27.31 -78.32
CA TYR QA 11 -86.22 -27.82 -76.97
C TYR QA 11 -85.28 -29.01 -76.79
N ARG QA 12 -84.75 -29.19 -75.59
CA ARG QA 12 -84.08 -30.41 -75.16
C ARG QA 12 -84.83 -30.96 -73.96
N ASN QA 13 -85.37 -32.17 -74.05
CA ASN QA 13 -86.22 -32.76 -73.00
C ASN QA 13 -87.38 -31.84 -72.54
N GLY QA 14 -87.92 -31.03 -73.45
CA GLY QA 14 -88.98 -30.05 -73.15
C GLY QA 14 -88.51 -28.70 -72.60
N VAL QA 15 -87.22 -28.52 -72.30
CA VAL QA 15 -86.65 -27.22 -71.89
C VAL QA 15 -86.28 -26.40 -73.11
N ARG QA 16 -86.91 -25.25 -73.31
CA ARG QA 16 -86.71 -24.35 -74.45
C ARG QA 16 -85.33 -23.69 -74.41
N GLN QA 17 -84.53 -23.88 -75.44
CA GLN QA 17 -83.10 -23.53 -75.45
C GLN QA 17 -82.84 -22.09 -75.91
N ASN QA 18 -83.47 -21.65 -76.98
CA ASN QA 18 -83.32 -20.29 -77.49
C ASN QA 18 -84.05 -19.25 -76.63
N THR QA 19 -83.67 -17.97 -76.75
CA THR QA 19 -84.43 -16.84 -76.17
C THR QA 19 -85.51 -16.36 -77.16
N SER QA 20 -85.18 -15.56 -78.16
CA SER QA 20 -86.07 -15.21 -79.28
C SER QA 20 -86.21 -16.37 -80.26
N PRO QA 21 -87.34 -16.55 -80.97
CA PRO QA 21 -87.46 -17.50 -82.07
C PRO QA 21 -86.33 -17.34 -83.08
N VAL QA 22 -85.63 -18.42 -83.44
CA VAL QA 22 -84.55 -18.36 -84.43
C VAL QA 22 -85.11 -18.27 -85.85
N THR QA 23 -84.37 -17.63 -86.75
CA THR QA 23 -84.79 -17.35 -88.12
C THR QA 23 -84.53 -18.53 -89.08
N GLU QA 24 -84.85 -18.36 -90.37
CA GLU QA 24 -84.68 -19.37 -91.43
C GLU QA 24 -83.20 -19.70 -91.78
N LEU QA 25 -82.25 -18.89 -91.32
CA LEU QA 25 -80.81 -19.07 -91.56
C LEU QA 25 -79.96 -18.88 -90.29
N GLY QA 26 -80.53 -18.35 -89.21
CA GLY QA 26 -79.88 -18.25 -87.90
C GLY QA 26 -79.70 -19.62 -87.23
N SER QA 27 -79.06 -19.63 -86.07
CA SER QA 27 -78.63 -20.86 -85.40
C SER QA 27 -78.74 -20.78 -83.88
N VAL QA 28 -78.82 -21.93 -83.23
CA VAL QA 28 -78.81 -22.06 -81.77
C VAL QA 28 -77.76 -23.09 -81.35
N THR QA 29 -77.09 -22.87 -80.22
CA THR QA 29 -76.15 -23.81 -79.60
C THR QA 29 -76.74 -24.46 -78.36
N ILE QA 30 -76.68 -25.78 -78.30
CA ILE QA 30 -77.00 -26.58 -77.11
C ILE QA 30 -75.66 -27.03 -76.54
N THR QA 31 -75.40 -26.73 -75.27
CA THR QA 31 -74.06 -26.79 -74.66
C THR QA 31 -74.05 -27.52 -73.32
N GLY QA 32 -72.91 -28.09 -72.94
CA GLY QA 32 -72.78 -28.94 -71.76
C GLY QA 32 -73.16 -30.41 -72.03
N LEU QA 33 -73.20 -30.82 -73.29
CA LEU QA 33 -73.47 -32.19 -73.70
C LEU QA 33 -72.25 -33.09 -73.42
N THR QA 34 -72.46 -34.40 -73.23
CA THR QA 34 -71.38 -35.34 -72.84
C THR QA 34 -70.80 -36.04 -74.06
N PRO QA 35 -69.49 -35.92 -74.35
CA PRO QA 35 -68.84 -36.42 -75.56
C PRO QA 35 -69.26 -37.83 -75.97
N GLY QA 36 -69.45 -38.05 -77.27
CA GLY QA 36 -69.86 -39.32 -77.85
C GLY QA 36 -71.34 -39.70 -77.67
N THR QA 37 -72.10 -38.98 -76.83
CA THR QA 37 -73.51 -39.32 -76.56
C THR QA 37 -74.43 -38.88 -77.72
N ASP QA 38 -75.44 -39.69 -78.03
CA ASP QA 38 -76.50 -39.34 -78.96
C ASP QA 38 -77.61 -38.51 -78.29
N TYR QA 39 -78.02 -37.43 -78.93
CA TYR QA 39 -79.07 -36.51 -78.52
C TYR QA 39 -80.17 -36.35 -79.59
N SER QA 40 -80.16 -37.16 -80.64
CA SER QA 40 -81.15 -37.14 -81.73
C SER QA 40 -82.58 -37.42 -81.26
N SER QA 41 -82.76 -38.15 -80.17
CA SER QA 41 -84.05 -38.35 -79.50
C SER QA 41 -84.36 -37.30 -78.44
N GLN QA 42 -83.38 -36.49 -78.05
CA GLN QA 42 -83.47 -35.53 -76.95
C GLN QA 42 -83.85 -34.14 -77.46
N ILE QA 43 -83.26 -33.67 -78.57
CA ILE QA 43 -83.64 -32.39 -79.17
C ILE QA 43 -84.95 -32.54 -79.94
N THR QA 44 -85.79 -31.53 -79.83
CA THR QA 44 -87.06 -31.36 -80.54
C THR QA 44 -87.17 -29.96 -81.16
N VAL QA 45 -87.72 -29.83 -82.37
CA VAL QA 45 -87.86 -28.57 -83.12
C VAL QA 45 -89.32 -28.27 -83.44
N THR QA 46 -89.71 -26.99 -83.39
CA THR QA 46 -91.03 -26.48 -83.80
C THR QA 46 -90.93 -25.18 -84.58
N ALA QA 47 -91.92 -24.91 -85.44
CA ALA QA 47 -92.11 -23.65 -86.15
C ALA QA 47 -93.27 -22.88 -85.49
N ILE QA 48 -93.09 -21.58 -85.28
CA ILE QA 48 -94.07 -20.69 -84.63
C ILE QA 48 -94.51 -19.59 -85.60
N ASP QA 49 -95.82 -19.39 -85.78
CA ASP QA 49 -96.32 -18.28 -86.61
C ASP QA 49 -96.43 -16.94 -85.86
N MET QA 50 -96.79 -15.89 -86.59
CA MET QA 50 -96.98 -14.54 -86.06
C MET QA 50 -98.17 -14.40 -85.08
N ALA QA 51 -99.18 -15.26 -85.19
CA ALA QA 51 -100.37 -15.26 -84.34
C ALA QA 51 -100.19 -16.05 -83.04
N GLY QA 52 -99.21 -16.95 -82.98
CA GLY QA 52 -98.84 -17.74 -81.81
C GLY QA 52 -98.99 -19.24 -81.98
N ASN QA 53 -99.28 -19.73 -83.18
CA ASN QA 53 -99.52 -21.14 -83.42
C ASN QA 53 -98.21 -21.91 -83.59
N GLU QA 54 -98.02 -22.97 -82.81
CA GLU QA 54 -96.82 -23.82 -82.81
C GLU QA 54 -97.09 -25.19 -83.43
N SER QA 55 -96.20 -25.67 -84.29
CA SER QA 55 -96.32 -26.95 -85.01
C SER QA 55 -96.32 -28.17 -84.10
N GLU QA 56 -96.63 -29.34 -84.67
CA GLU QA 56 -96.32 -30.62 -84.03
C GLU QA 56 -94.80 -30.70 -83.74
N PRO QA 57 -94.36 -30.87 -82.49
CA PRO QA 57 -92.95 -31.01 -82.16
C PRO QA 57 -92.34 -32.26 -82.81
N LYS QA 58 -91.28 -32.09 -83.60
CA LYS QA 58 -90.52 -33.20 -84.20
C LYS QA 58 -89.21 -33.41 -83.44
N THR QA 59 -88.94 -34.62 -82.97
CA THR QA 59 -87.60 -35.00 -82.52
C THR QA 59 -86.66 -35.05 -83.74
N LEU QA 60 -85.38 -34.76 -83.59
CA LEU QA 60 -84.49 -34.75 -84.77
C LEU QA 60 -84.46 -36.13 -85.46
N ALA QA 61 -84.66 -37.22 -84.70
CA ALA QA 61 -84.80 -38.57 -85.23
C ALA QA 61 -85.96 -38.75 -86.24
N GLU QA 62 -86.98 -37.88 -86.19
CA GLU QA 62 -88.08 -37.85 -87.16
C GLU QA 62 -87.75 -37.05 -88.44
N LEU QA 63 -86.58 -36.42 -88.53
CA LEU QA 63 -86.19 -35.58 -89.66
C LEU QA 63 -84.72 -35.75 -90.10
N GLU QA 64 -84.19 -36.97 -89.96
CA GLU QA 64 -82.83 -37.36 -90.38
C GLU QA 64 -81.72 -36.60 -89.63
N ALA QA 65 -81.66 -36.78 -88.31
CA ALA QA 65 -80.62 -36.22 -87.46
C ALA QA 65 -79.18 -36.65 -87.83
N GLU QA 66 -78.22 -35.84 -87.38
CA GLU QA 66 -76.83 -36.24 -87.10
C GLU QA 66 -76.40 -35.77 -85.68
N ALA QA 67 -77.37 -35.68 -84.76
CA ALA QA 67 -77.23 -35.04 -83.44
C ALA QA 67 -76.66 -35.98 -82.37
N ALA QA 68 -75.49 -36.55 -82.64
CA ALA QA 68 -74.61 -37.13 -81.64
C ALA QA 68 -73.34 -36.28 -81.52
N THR QA 69 -72.94 -35.96 -80.29
CA THR QA 69 -71.81 -35.06 -80.02
C THR QA 69 -70.49 -35.83 -80.17
N ASP QA 70 -69.41 -35.18 -80.57
CA ASP QA 70 -68.15 -35.88 -80.92
C ASP QA 70 -67.53 -36.62 -79.74
N GLU QA 71 -66.76 -37.67 -80.01
CA GLU QA 71 -65.92 -38.34 -79.00
C GLU QA 71 -64.68 -37.50 -78.67
N LEU QA 72 -64.16 -37.60 -77.45
CA LEU QA 72 -62.90 -36.95 -77.07
C LEU QA 72 -61.74 -37.61 -77.82
N SER QA 73 -60.92 -36.83 -78.51
CA SER QA 73 -59.73 -37.35 -79.20
C SER QA 73 -58.68 -37.81 -78.19
N PRO QA 74 -57.99 -38.95 -78.41
CA PRO QA 74 -57.05 -39.50 -77.44
C PRO QA 74 -55.77 -38.66 -77.39
N ALA QA 75 -55.52 -38.01 -76.26
CA ALA QA 75 -54.26 -37.32 -75.97
C ALA QA 75 -53.28 -38.30 -75.30
N ASP QA 76 -52.17 -38.62 -75.97
CA ASP QA 76 -51.17 -39.57 -75.46
C ASP QA 76 -50.53 -39.01 -74.18
N PRO QA 77 -50.71 -39.63 -73.00
CA PRO QA 77 -50.40 -38.99 -71.73
C PRO QA 77 -48.90 -38.93 -71.39
N LEU QA 78 -48.50 -37.98 -70.56
CA LEU QA 78 -47.19 -37.99 -69.90
C LEU QA 78 -47.08 -39.13 -68.87
N ALA QA 79 -45.87 -39.66 -68.71
CA ALA QA 79 -45.58 -40.74 -67.77
C ALA QA 79 -45.89 -40.38 -66.30
N PRO QA 80 -46.44 -41.29 -65.48
CA PRO QA 80 -46.89 -40.99 -64.12
C PRO QA 80 -45.85 -40.39 -63.18
N ALA QA 81 -44.58 -40.76 -63.30
CA ALA QA 81 -43.49 -40.21 -62.51
C ALA QA 81 -43.29 -38.71 -62.76
N VAL QA 82 -43.22 -38.30 -64.03
CA VAL QA 82 -43.03 -36.91 -64.47
C VAL QA 82 -44.20 -36.05 -64.01
N ARG QA 83 -45.40 -36.59 -64.15
CA ARG QA 83 -46.65 -35.98 -63.73
C ARG QA 83 -46.74 -35.78 -62.22
N ALA QA 84 -46.32 -36.75 -61.41
CA ALA QA 84 -46.29 -36.58 -59.97
C ALA QA 84 -45.29 -35.49 -59.54
N GLN QA 85 -44.17 -35.34 -60.26
CA GLN QA 85 -43.21 -34.27 -60.01
C GLN QA 85 -43.79 -32.91 -60.40
N ILE QA 86 -44.44 -32.77 -61.55
CA ILE QA 86 -45.13 -31.53 -61.95
C ILE QA 86 -46.16 -31.11 -60.90
N ASP QA 87 -46.98 -32.02 -60.41
CA ASP QA 87 -47.97 -31.69 -59.38
C ASP QA 87 -47.33 -31.16 -58.09
N ALA QA 88 -46.19 -31.70 -57.68
CA ALA QA 88 -45.45 -31.21 -56.53
C ALA QA 88 -44.81 -29.84 -56.77
N LEU QA 89 -44.38 -29.55 -57.99
CA LEU QA 89 -43.87 -28.23 -58.39
C LEU QA 89 -44.97 -27.17 -58.30
N VAL QA 90 -46.19 -27.44 -58.76
CA VAL QA 90 -47.30 -26.48 -58.64
C VAL QA 90 -47.74 -26.32 -57.19
N ALA QA 91 -47.75 -27.40 -56.40
CA ALA QA 91 -48.09 -27.34 -54.97
C ALA QA 91 -47.16 -26.42 -54.19
N ALA QA 92 -45.90 -26.27 -54.59
CA ALA QA 92 -44.94 -25.37 -53.98
C ALA QA 92 -45.18 -23.88 -54.28
N LYS QA 93 -46.04 -23.54 -55.25
CA LYS QA 93 -46.35 -22.15 -55.64
C LYS QA 93 -47.70 -21.65 -55.15
N MET QA 94 -48.65 -22.55 -54.89
CA MET QA 94 -50.01 -22.21 -54.45
C MET QA 94 -50.11 -21.82 -52.99
N LYS QA 95 -51.24 -21.20 -52.61
CA LYS QA 95 -51.53 -20.61 -51.29
C LYS QA 95 -51.33 -21.50 -50.05
N PRO QA 96 -51.57 -22.82 -50.05
CA PRO QA 96 -51.68 -23.57 -48.80
C PRO QA 96 -50.52 -23.47 -47.81
N THR QA 97 -49.28 -23.18 -48.21
CA THR QA 97 -48.14 -23.08 -47.28
C THR QA 97 -47.02 -22.16 -47.78
N SER QA 98 -46.29 -21.56 -46.83
CA SER QA 98 -45.03 -20.83 -46.99
C SER QA 98 -45.13 -19.45 -47.66
N GLY QA 99 -46.14 -18.68 -47.28
CA GLY QA 99 -46.26 -17.25 -47.62
C GLY QA 99 -46.61 -16.93 -49.08
N LYS QA 100 -46.83 -17.95 -49.90
CA LYS QA 100 -47.32 -17.82 -51.28
C LYS QA 100 -48.77 -17.35 -51.28
N GLU QA 101 -49.12 -16.44 -52.18
CA GLU QA 101 -50.46 -15.89 -52.32
C GLU QA 101 -50.98 -16.19 -53.72
N ALA QA 102 -51.56 -17.38 -53.90
CA ALA QA 102 -52.10 -17.87 -55.15
C ALA QA 102 -53.11 -19.01 -54.87
N ASP QA 103 -54.39 -18.69 -54.74
CA ASP QA 103 -55.43 -19.66 -54.39
C ASP QA 103 -55.57 -20.85 -55.35
N GLY QA 104 -55.13 -20.68 -56.59
CA GLY QA 104 -55.26 -21.71 -57.62
C GLY QA 104 -54.35 -21.46 -58.81
N ALA QA 105 -54.14 -22.50 -59.60
CA ALA QA 105 -53.21 -22.53 -60.72
C ALA QA 105 -53.74 -23.42 -61.83
N MET QA 106 -53.31 -23.19 -63.07
CA MET QA 106 -53.54 -24.12 -64.17
C MET QA 106 -52.23 -24.34 -64.94
N VAL QA 107 -52.02 -25.55 -65.42
CA VAL QA 107 -50.83 -25.98 -66.15
C VAL QA 107 -51.22 -26.68 -67.44
N GLY QA 108 -50.48 -26.43 -68.50
CA GLY QA 108 -50.66 -27.04 -69.81
C GLY QA 108 -49.31 -27.36 -70.41
N ILE QA 109 -49.07 -28.63 -70.71
CA ILE QA 109 -47.77 -29.13 -71.16
C ILE QA 109 -47.99 -30.02 -72.37
N GLU QA 110 -47.21 -29.80 -73.41
CA GLU QA 110 -47.20 -30.55 -74.65
C GLU QA 110 -45.76 -30.96 -74.94
N THR QA 111 -45.51 -32.23 -75.23
CA THR QA 111 -44.19 -32.74 -75.60
C THR QA 111 -44.32 -33.78 -76.71
N PRO QA 112 -43.26 -34.08 -77.49
CA PRO QA 112 -43.28 -35.21 -78.41
C PRO QA 112 -43.64 -36.54 -77.73
N THR QA 113 -43.25 -36.69 -76.47
CA THR QA 113 -43.49 -37.83 -75.58
C THR QA 113 -44.83 -37.79 -74.84
N GLY QA 114 -45.75 -36.86 -75.15
CA GLY QA 114 -47.10 -36.79 -74.57
C GLY QA 114 -47.46 -35.47 -73.89
N SER QA 115 -48.70 -35.36 -73.42
CA SER QA 115 -49.30 -34.10 -72.96
C SER QA 115 -50.04 -34.21 -71.63
N TYR QA 116 -50.11 -33.11 -70.89
CA TYR QA 116 -50.80 -33.02 -69.61
C TYR QA 116 -51.44 -31.65 -69.44
N TYR QA 117 -52.70 -31.62 -68.99
CA TYR QA 117 -53.41 -30.41 -68.63
C TYR QA 117 -54.02 -30.62 -67.25
N LYS QA 118 -53.85 -29.67 -66.35
CA LYS QA 118 -54.45 -29.78 -65.02
C LYS QA 118 -54.80 -28.41 -64.47
N ALA QA 119 -55.82 -28.37 -63.62
CA ALA QA 119 -56.14 -27.22 -62.81
C ALA QA 119 -56.02 -27.60 -61.33
N TYR QA 120 -55.54 -26.68 -60.51
CA TYR QA 120 -55.17 -26.90 -59.11
C TYR QA 120 -55.79 -25.83 -58.23
N GLY QA 121 -56.28 -26.22 -57.06
CA GLY QA 121 -56.92 -25.31 -56.12
C GLY QA 121 -58.24 -24.77 -56.65
N GLY QA 122 -58.50 -23.50 -56.38
CA GLY QA 122 -59.74 -22.83 -56.73
C GLY QA 122 -59.58 -21.32 -56.73
N ASP QA 123 -60.50 -20.62 -57.36
CA ASP QA 123 -60.80 -19.27 -56.93
C ASP QA 123 -61.76 -19.38 -55.72
N ARG QA 124 -62.18 -18.26 -55.14
CA ARG QA 124 -62.86 -18.28 -53.84
C ARG QA 124 -64.33 -18.69 -53.89
N THR QA 125 -64.79 -19.28 -54.99
CA THR QA 125 -66.14 -19.85 -55.10
C THR QA 125 -66.26 -21.08 -54.20
N LYS QA 126 -67.30 -21.14 -53.35
CA LYS QA 126 -67.34 -22.01 -52.17
C LYS QA 126 -67.22 -23.51 -52.42
N ASN QA 127 -67.87 -24.02 -53.46
CA ASN QA 127 -67.98 -25.43 -53.79
C ASN QA 127 -67.59 -25.70 -55.25
N GLN QA 128 -66.58 -24.98 -55.73
CA GLN QA 128 -66.15 -25.01 -57.13
C GLN QA 128 -64.62 -24.83 -57.21
N PRO QA 129 -63.84 -25.91 -57.16
CA PRO QA 129 -62.42 -25.85 -57.49
C PRO QA 129 -62.23 -25.50 -58.97
N LEU QA 130 -61.01 -25.14 -59.40
CA LEU QA 130 -60.78 -24.80 -60.79
C LEU QA 130 -61.06 -25.99 -61.72
N PHE QA 131 -61.41 -25.70 -62.96
CA PHE QA 131 -61.54 -26.68 -64.03
C PHE QA 131 -61.12 -26.09 -65.39
N LEU QA 132 -60.62 -26.93 -66.28
CA LEU QA 132 -59.97 -26.50 -67.51
C LEU QA 132 -60.90 -25.82 -68.54
N GLU QA 133 -62.21 -25.97 -68.44
CA GLU QA 133 -63.16 -25.25 -69.30
C GLU QA 133 -63.28 -23.75 -68.96
N GLN QA 134 -62.73 -23.29 -67.84
CA GLN QA 134 -62.70 -21.88 -67.47
C GLN QA 134 -61.76 -21.02 -68.33
N ASN QA 135 -62.21 -19.82 -68.66
CA ASN QA 135 -61.39 -18.79 -69.29
C ASN QA 135 -60.47 -18.09 -68.29
N PHE QA 136 -59.33 -17.59 -68.77
CA PHE QA 136 -58.45 -16.66 -68.04
C PHE QA 136 -57.89 -15.62 -68.99
N ARG QA 137 -57.40 -14.49 -68.46
CA ARG QA 137 -56.77 -13.45 -69.26
C ARG QA 137 -55.35 -13.81 -69.63
N TYR QA 138 -55.02 -13.79 -70.91
CA TYR QA 138 -53.70 -14.20 -71.42
C TYR QA 138 -52.63 -13.12 -71.21
N GLY QA 139 -53.03 -11.89 -70.94
CA GLY QA 139 -52.15 -10.77 -70.68
C GLY QA 139 -51.19 -10.53 -71.83
N SER QA 140 -49.97 -10.14 -71.49
CA SER QA 140 -48.88 -9.84 -72.42
C SER QA 140 -48.55 -10.91 -73.44
N CYS QA 141 -48.96 -12.18 -73.27
CA CYS QA 141 -48.82 -13.19 -74.31
C CYS QA 141 -49.56 -12.79 -75.61
N SER QA 142 -50.58 -11.95 -75.51
CA SER QA 142 -51.23 -11.29 -76.63
C SER QA 142 -50.27 -10.55 -77.57
N LYS QA 143 -49.10 -10.11 -77.09
CA LYS QA 143 -48.07 -9.46 -77.93
C LYS QA 143 -47.55 -10.39 -79.02
N MET QA 144 -47.51 -11.69 -78.78
CA MET QA 144 -47.10 -12.67 -79.78
C MET QA 144 -48.11 -12.80 -80.93
N ALA QA 145 -49.41 -12.61 -80.68
CA ALA QA 145 -50.42 -12.53 -81.72
C ALA QA 145 -50.24 -11.28 -82.61
N CYS QA 146 -50.04 -10.11 -82.03
CA CYS QA 146 -49.92 -8.85 -82.76
C CYS QA 146 -48.66 -8.75 -83.61
N ASN QA 147 -47.48 -9.07 -83.05
CA ASN QA 147 -46.23 -9.10 -83.79
C ASN QA 147 -46.30 -10.07 -84.97
N THR QA 148 -46.86 -11.26 -84.79
CA THR QA 148 -46.90 -12.29 -85.83
C THR QA 148 -47.68 -11.84 -87.06
N LEU QA 149 -48.85 -11.23 -86.90
CA LEU QA 149 -49.62 -10.71 -88.02
C LEU QA 149 -48.91 -9.54 -88.72
N LEU QA 150 -48.01 -8.83 -88.05
CA LEU QA 150 -47.20 -7.81 -88.70
C LEU QA 150 -46.11 -8.42 -89.58
N LEU QA 151 -45.45 -9.50 -89.12
CA LEU QA 151 -44.50 -10.25 -89.93
C LEU QA 151 -45.16 -10.90 -91.16
N ARG QA 152 -46.39 -11.41 -91.06
CA ARG QA 152 -47.22 -11.84 -92.20
C ARG QA 152 -47.32 -10.74 -93.25
N GLU QA 153 -47.49 -9.50 -92.83
CA GLU QA 153 -47.67 -8.39 -93.76
C GLU QA 153 -46.37 -7.84 -94.34
N ILE QA 154 -45.24 -8.00 -93.63
CA ILE QA 154 -43.92 -7.81 -94.22
C ILE QA 154 -43.63 -8.87 -95.29
N ASP QA 155 -43.94 -10.14 -95.03
CA ASP QA 155 -43.87 -11.19 -96.06
C ASP QA 155 -44.72 -10.88 -97.29
N ARG QA 156 -45.93 -10.35 -97.09
CA ARG QA 156 -46.82 -9.92 -98.18
C ARG QA 156 -46.43 -8.59 -98.85
N GLY QA 157 -45.40 -7.91 -98.37
CA GLY QA 157 -44.90 -6.67 -98.96
C GLY QA 157 -45.84 -5.48 -98.78
N HIS QA 158 -46.80 -5.55 -97.86
CA HIS QA 158 -47.70 -4.43 -97.54
C HIS QA 158 -47.03 -3.40 -96.63
N VAL QA 159 -45.93 -3.80 -95.97
CA VAL QA 159 -45.06 -3.00 -95.13
C VAL QA 159 -43.60 -3.45 -95.41
N ASP QA 160 -42.62 -2.56 -95.34
CA ASP QA 160 -41.18 -2.87 -95.42
C ASP QA 160 -40.43 -2.51 -94.12
N TRP QA 161 -39.32 -3.17 -93.82
CA TRP QA 161 -38.57 -3.04 -92.57
C TRP QA 161 -38.13 -1.62 -92.19
N ASP QA 162 -37.83 -0.78 -93.18
CA ASP QA 162 -37.37 0.59 -92.99
C ASP QA 162 -38.50 1.65 -92.97
N ASP QA 163 -39.76 1.25 -93.08
CA ASP QA 163 -40.88 2.20 -93.08
C ASP QA 163 -41.05 2.93 -91.76
N THR QA 164 -41.16 4.25 -91.81
CA THR QA 164 -41.30 5.10 -90.62
C THR QA 164 -42.74 5.16 -90.14
N LEU QA 165 -42.92 5.26 -88.82
CA LEU QA 165 -44.23 5.18 -88.18
C LEU QA 165 -45.22 6.24 -88.69
N ASP QA 166 -44.72 7.42 -89.05
CA ASP QA 166 -45.50 8.52 -89.62
C ASP QA 166 -46.28 8.18 -90.90
N GLN QA 167 -45.90 7.12 -91.63
CA GLN QA 167 -46.67 6.64 -92.78
C GLN QA 167 -48.04 6.09 -92.37
N PHE QA 168 -48.17 5.56 -91.15
CA PHE QA 168 -49.32 4.79 -90.71
C PHE QA 168 -50.21 5.53 -89.72
N ILE QA 169 -49.64 6.46 -88.95
CA ILE QA 169 -50.36 7.21 -87.91
C ILE QA 169 -49.78 8.62 -87.73
N ASP QA 170 -50.65 9.60 -87.47
CA ASP QA 170 -50.27 10.99 -87.24
C ASP QA 170 -49.85 11.25 -85.78
N GLY QA 171 -48.79 12.03 -85.58
CA GLY QA 171 -48.51 12.75 -84.33
C GLY QA 171 -47.74 12.00 -83.23
N ILE QA 172 -47.27 10.78 -83.46
CA ILE QA 172 -46.43 10.04 -82.49
C ILE QA 172 -45.06 10.71 -82.34
N PRO QA 173 -44.54 10.98 -81.13
CA PRO QA 173 -43.21 11.53 -80.91
C PRO QA 173 -42.08 10.69 -81.52
N ASN QA 174 -41.11 11.34 -82.16
CA ASN QA 174 -40.09 10.70 -83.00
C ASN QA 174 -40.66 9.74 -84.07
N GLY QA 175 -41.90 9.90 -84.49
CA GLY QA 175 -42.54 9.06 -85.52
C GLY QA 175 -41.92 9.18 -86.92
N ASP QA 176 -41.07 10.18 -87.13
CA ASP QA 176 -40.20 10.31 -88.31
C ASP QA 176 -38.89 9.50 -88.21
N LYS QA 177 -38.49 9.09 -87.01
CA LYS QA 177 -37.24 8.34 -86.72
C LYS QA 177 -37.48 6.88 -86.31
N ILE QA 178 -38.63 6.55 -85.72
CA ILE QA 178 -39.05 5.17 -85.44
C ILE QA 178 -39.37 4.45 -86.76
N THR QA 179 -39.02 3.18 -86.87
CA THR QA 179 -39.34 2.31 -88.01
C THR QA 179 -39.82 0.95 -87.55
N VAL QA 180 -40.45 0.17 -88.44
CA VAL QA 180 -41.08 -1.10 -88.10
C VAL QA 180 -40.17 -2.07 -87.37
N ARG QA 181 -38.91 -2.22 -87.80
CA ARG QA 181 -37.92 -3.06 -87.11
C ARG QA 181 -37.77 -2.65 -85.64
N TYR QA 182 -37.72 -1.36 -85.36
CA TYR QA 182 -37.57 -0.85 -84.00
C TYR QA 182 -38.81 -1.07 -83.15
N LEU QA 183 -40.01 -1.18 -83.73
CA LEU QA 183 -41.19 -1.63 -83.01
C LEU QA 183 -41.05 -3.10 -82.63
N LEU QA 184 -40.82 -3.96 -83.61
CA LEU QA 184 -40.73 -5.40 -83.44
C LEU QA 184 -39.67 -5.81 -82.41
N LEU QA 185 -38.57 -5.06 -82.32
CA LEU QA 185 -37.46 -5.33 -81.40
C LEU QA 185 -37.42 -4.41 -80.18
N PHE QA 186 -38.46 -3.63 -79.92
CA PHE QA 186 -38.52 -2.71 -78.78
C PHE QA 186 -37.36 -1.70 -78.72
N GLN QA 187 -36.80 -1.33 -79.87
CA GLN QA 187 -35.89 -0.21 -80.04
C GLN QA 187 -36.63 1.13 -80.21
N ASP QA 188 -37.96 1.07 -80.29
CA ASP QA 188 -38.93 2.11 -79.95
C ASP QA 188 -38.49 2.89 -78.70
N GLY QA 189 -38.32 4.20 -78.82
CA GLY QA 189 -37.87 5.04 -77.71
C GLY QA 189 -38.92 5.39 -76.65
N LEU QA 190 -40.18 5.01 -76.84
CA LEU QA 190 -41.32 5.61 -76.14
C LEU QA 190 -41.51 5.09 -74.71
N LYS QA 191 -42.04 5.97 -73.86
CA LYS QA 191 -42.36 5.72 -72.46
C LYS QA 191 -43.54 4.78 -72.31
N ASP QA 192 -43.57 4.00 -71.23
CA ASP QA 192 -44.63 3.04 -70.95
C ASP QA 192 -45.58 3.57 -69.88
N TRP QA 193 -46.89 3.51 -70.14
CA TRP QA 193 -47.88 4.01 -69.20
C TRP QA 193 -48.14 3.06 -68.04
N LEU QA 194 -48.10 1.74 -68.21
CA LEU QA 194 -48.22 0.81 -67.08
C LEU QA 194 -46.88 0.38 -66.51
N GLN QA 195 -45.83 0.26 -67.31
CA GLN QA 195 -44.51 -0.10 -66.80
C GLN QA 195 -43.64 1.11 -66.45
N GLY QA 196 -44.20 2.31 -66.38
CA GLY QA 196 -43.40 3.52 -66.22
C GLY QA 196 -44.11 4.80 -65.77
N ASP QA 197 -45.27 4.74 -65.11
CA ASP QA 197 -45.94 5.95 -64.60
C ASP QA 197 -46.74 5.73 -63.31
N PRO QA 198 -46.21 6.15 -62.15
CA PRO QA 198 -46.87 5.99 -60.85
C PRO QA 198 -48.31 6.48 -60.79
N ALA QA 199 -48.66 7.59 -61.41
CA ALA QA 199 -50.02 8.12 -61.38
C ALA QA 199 -50.98 7.22 -62.18
N VAL QA 200 -50.54 6.71 -63.33
CA VAL QA 200 -51.32 5.77 -64.13
C VAL QA 200 -51.46 4.46 -63.37
N GLN QA 201 -50.36 3.91 -62.86
CA GLN QA 201 -50.34 2.69 -62.07
C GLN QA 201 -51.30 2.74 -60.88
N GLN QA 202 -51.30 3.80 -60.09
CA GLN QA 202 -52.25 3.92 -58.99
C GLN QA 202 -53.69 3.89 -59.47
N THR QA 203 -54.00 4.65 -60.52
CA THR QA 203 -55.34 4.67 -61.09
C THR QA 203 -55.75 3.28 -61.59
N TYR QA 204 -54.84 2.53 -62.19
CA TYR QA 204 -55.08 1.17 -62.67
C TYR QA 204 -55.32 0.19 -61.52
N PHE QA 205 -54.61 0.31 -60.40
CA PHE QA 205 -54.80 -0.58 -59.26
C PHE QA 205 -56.08 -0.25 -58.50
N LEU QA 206 -56.35 1.03 -58.31
CA LEU QA 206 -57.48 1.52 -57.51
C LEU QA 206 -58.79 1.58 -58.29
N ASN QA 207 -58.73 1.68 -59.61
CA ASN QA 207 -59.87 1.87 -60.48
C ASN QA 207 -59.70 1.13 -61.82
N PRO QA 208 -59.59 -0.21 -61.81
CA PRO QA 208 -59.23 -0.96 -62.99
C PRO QA 208 -60.29 -0.95 -64.07
N THR QA 209 -61.54 -0.67 -63.74
CA THR QA 209 -62.63 -0.58 -64.72
C THR QA 209 -62.76 0.79 -65.36
N LEU QA 210 -61.94 1.78 -64.99
CA LEU QA 210 -61.89 3.05 -65.70
C LEU QA 210 -61.42 2.85 -67.14
N ASN QA 211 -61.89 3.69 -68.05
CA ASN QA 211 -61.47 3.67 -69.45
C ASN QA 211 -60.37 4.71 -69.73
N TYR QA 212 -59.42 4.34 -70.58
CA TYR QA 212 -58.18 5.09 -70.78
C TYR QA 212 -57.89 5.30 -72.27
N ASP QA 213 -57.33 6.45 -72.65
CA ASP QA 213 -56.72 6.63 -73.98
C ASP QA 213 -55.18 6.63 -73.91
N PRO QA 214 -54.52 5.46 -74.03
CA PRO QA 214 -53.07 5.38 -74.03
C PRO QA 214 -52.42 6.00 -75.28
N LEU QA 215 -53.15 6.17 -76.37
CA LEU QA 215 -52.61 6.82 -77.56
C LEU QA 215 -52.44 8.32 -77.31
N ALA QA 216 -53.38 8.93 -76.59
CA ALA QA 216 -53.26 10.32 -76.17
C ALA QA 216 -52.07 10.52 -75.23
N TYR QA 217 -51.75 9.54 -74.39
CA TYR QA 217 -50.54 9.54 -73.56
C TYR QA 217 -49.27 9.45 -74.41
N ILE QA 218 -49.24 8.61 -75.45
CA ILE QA 218 -48.09 8.55 -76.37
C ILE QA 218 -47.91 9.90 -77.07
N ARG QA 219 -49.00 10.52 -77.53
CA ARG QA 219 -48.98 11.85 -78.14
C ARG QA 219 -48.56 12.98 -77.19
N ALA QA 220 -48.51 12.75 -75.88
CA ALA QA 220 -47.97 13.68 -74.90
C ALA QA 220 -46.50 13.41 -74.54
N SER QA 221 -46.10 12.15 -74.34
CA SER QA 221 -44.86 11.84 -73.62
C SER QA 221 -43.59 12.28 -74.33
N THR QA 222 -42.59 12.76 -73.58
CA THR QA 222 -41.21 12.83 -74.09
C THR QA 222 -40.63 11.42 -74.25
N PRO QA 223 -39.93 11.11 -75.35
CA PRO QA 223 -39.17 9.87 -75.51
C PRO QA 223 -38.10 9.65 -74.44
N VAL QA 224 -37.83 8.39 -74.10
CA VAL QA 224 -36.78 8.03 -73.14
C VAL QA 224 -35.39 8.05 -73.80
N PHE QA 225 -35.29 7.65 -75.06
CA PHE QA 225 -34.05 7.59 -75.84
C PHE QA 225 -34.33 7.72 -77.34
N GLU QA 226 -33.33 8.08 -78.15
CA GLU QA 226 -33.48 8.11 -79.61
C GLU QA 226 -33.58 6.69 -80.18
N PRO QA 227 -34.48 6.40 -81.14
CA PRO QA 227 -34.70 5.07 -81.65
C PRO QA 227 -33.43 4.35 -82.13
N GLY QA 228 -33.39 3.04 -81.94
CA GLY QA 228 -32.26 2.20 -82.37
C GLY QA 228 -31.03 2.23 -81.46
N THR QA 229 -30.98 3.09 -80.43
CA THR QA 229 -29.83 3.18 -79.52
C THR QA 229 -29.80 2.14 -78.40
N ASP QA 230 -30.94 1.58 -78.00
CA ASP QA 230 -31.09 0.54 -76.97
C ASP QA 230 -32.44 -0.18 -77.16
N SER QA 231 -32.68 -1.32 -76.50
CA SER QA 231 -34.01 -1.92 -76.38
C SER QA 231 -34.52 -1.80 -74.96
N HIS QA 232 -35.75 -1.38 -74.78
CA HIS QA 232 -36.46 -1.40 -73.50
C HIS QA 232 -37.90 -1.85 -73.72
N TYR QA 233 -38.47 -2.65 -72.83
CA TYR QA 233 -39.84 -3.13 -72.94
C TYR QA 233 -40.84 -1.97 -73.12
N SER QA 234 -41.76 -2.08 -74.07
CA SER QA 234 -42.83 -1.10 -74.23
C SER QA 234 -44.18 -1.72 -74.58
N ASN QA 235 -45.24 -1.14 -74.04
CA ASN QA 235 -46.60 -1.33 -74.50
C ASN QA 235 -46.92 -0.42 -75.70
N ALA QA 236 -46.25 0.72 -75.82
CA ALA QA 236 -46.38 1.63 -76.93
C ALA QA 236 -46.11 0.95 -78.28
N ALA QA 237 -45.06 0.14 -78.41
CA ALA QA 237 -44.80 -0.60 -79.63
C ALA QA 237 -45.99 -1.48 -80.06
N THR QA 238 -46.57 -2.30 -79.18
CA THR QA 238 -47.65 -3.22 -79.56
C THR QA 238 -48.94 -2.48 -79.91
N LEU QA 239 -49.28 -1.42 -79.19
CA LEU QA 239 -50.34 -0.50 -79.55
C LEU QA 239 -50.09 0.08 -80.96
N LEU QA 240 -48.89 0.56 -81.24
CA LEU QA 240 -48.56 1.14 -82.55
C LEU QA 240 -48.53 0.11 -83.68
N MET QA 241 -48.16 -1.15 -83.41
CA MET QA 241 -48.37 -2.25 -84.35
C MET QA 241 -49.84 -2.47 -84.65
N GLY QA 242 -50.72 -2.41 -83.66
CA GLY QA 242 -52.16 -2.46 -83.89
C GLY QA 242 -52.63 -1.34 -84.84
N LYS QA 243 -52.05 -0.15 -84.73
CA LYS QA 243 -52.34 0.94 -85.67
C LYS QA 243 -51.84 0.65 -87.07
N ILE QA 244 -50.71 -0.03 -87.23
CA ILE QA 244 -50.22 -0.45 -88.56
C ILE QA 244 -51.13 -1.55 -89.14
N LEU QA 245 -51.59 -2.51 -88.34
CA LEU QA 245 -52.50 -3.55 -88.78
C LEU QA 245 -53.85 -2.96 -89.19
N GLU QA 246 -54.38 -1.98 -88.46
CA GLU QA 246 -55.56 -1.21 -88.87
C GLU QA 246 -55.34 -0.48 -90.20
N TRP QA 247 -54.17 0.12 -90.43
CA TRP QA 247 -53.85 0.77 -91.71
C TRP QA 247 -53.89 -0.24 -92.86
N CYS QA 248 -53.30 -1.41 -92.67
CA CYS QA 248 -53.23 -2.41 -93.70
C CYS QA 248 -54.60 -2.98 -94.06
N ASP QA 249 -55.48 -3.21 -93.08
CA ASP QA 249 -56.84 -3.65 -93.41
C ASP QA 249 -57.70 -2.55 -94.03
N ALA QA 250 -57.26 -1.30 -94.03
CA ALA QA 250 -57.90 -0.24 -94.79
C ALA QA 250 -57.34 -0.12 -96.22
N GLU QA 251 -56.04 -0.25 -96.41
CA GLU QA 251 -55.38 -0.10 -97.73
C GLU QA 251 -55.43 -1.37 -98.58
N PHE QA 252 -55.34 -2.54 -97.96
CA PHE QA 252 -55.59 -3.85 -98.53
C PHE QA 252 -56.75 -4.50 -97.75
N TYR QA 253 -57.09 -5.76 -98.01
CA TYR QA 253 -58.13 -6.49 -97.28
C TYR QA 253 -59.47 -5.71 -97.16
N THR QA 254 -60.15 -5.79 -96.01
CA THR QA 254 -61.40 -5.09 -95.69
C THR QA 254 -61.34 -4.54 -94.27
N GLY QA 255 -61.82 -3.31 -94.05
CA GLY QA 255 -61.58 -2.56 -92.83
C GLY QA 255 -62.09 -3.24 -91.56
N ARG QA 256 -61.19 -3.41 -90.59
CA ARG QA 256 -61.44 -3.98 -89.26
C ARG QA 256 -60.63 -3.22 -88.22
N SER QA 257 -61.15 -3.10 -87.00
CA SER QA 257 -60.35 -2.66 -85.85
C SER QA 257 -59.28 -3.69 -85.50
N ALA QA 258 -58.26 -3.32 -84.72
CA ALA QA 258 -57.29 -4.29 -84.21
C ALA QA 258 -57.95 -5.39 -83.36
N ARG QA 259 -58.99 -5.05 -82.60
CA ARG QA 259 -59.81 -5.98 -81.81
C ARG QA 259 -60.39 -7.08 -82.68
N GLU QA 260 -61.11 -6.71 -83.72
CA GLU QA 260 -61.73 -7.66 -84.64
C GLU QA 260 -60.68 -8.45 -85.39
N LEU QA 261 -59.66 -7.78 -85.91
CA LEU QA 261 -58.61 -8.33 -86.76
C LEU QA 261 -57.84 -9.43 -86.02
N ILE QA 262 -57.30 -9.14 -84.83
CA ILE QA 262 -56.47 -10.08 -84.08
C ILE QA 262 -57.30 -11.30 -83.64
N VAL QA 263 -58.53 -11.13 -83.15
CA VAL QA 263 -59.34 -12.27 -82.71
C VAL QA 263 -59.78 -13.14 -83.90
N GLU QA 264 -60.12 -12.56 -85.03
CA GLU QA 264 -60.64 -13.30 -86.18
C GLU QA 264 -59.59 -14.21 -86.82
N GLU QA 265 -58.38 -13.73 -87.09
CA GLU QA 265 -57.37 -14.51 -87.81
C GLU QA 265 -56.93 -15.74 -86.99
N TRP QA 266 -56.64 -15.55 -85.70
CA TRP QA 266 -56.20 -16.63 -84.82
C TRP QA 266 -57.32 -17.63 -84.53
N LYS QA 267 -58.56 -17.17 -84.28
CA LYS QA 267 -59.69 -18.08 -84.10
C LYS QA 267 -59.96 -18.89 -85.37
N ASN QA 268 -59.97 -18.28 -86.54
CA ASN QA 268 -60.27 -18.97 -87.79
C ASN QA 268 -59.15 -19.91 -88.23
N THR QA 269 -57.89 -19.56 -88.03
CA THR QA 269 -56.75 -20.36 -88.53
C THR QA 269 -56.33 -21.46 -87.57
N VAL QA 270 -56.22 -21.17 -86.27
CA VAL QA 270 -55.72 -22.14 -85.28
C VAL QA 270 -56.85 -22.96 -84.66
N GLY QA 271 -58.09 -22.49 -84.72
CA GLY QA 271 -59.24 -23.18 -84.12
C GLY QA 271 -59.40 -22.94 -82.63
N MET QA 272 -58.97 -21.78 -82.14
CA MET QA 272 -59.06 -21.39 -80.74
C MET QA 272 -60.46 -20.86 -80.40
N GLU QA 273 -61.41 -21.76 -80.23
CA GLU QA 273 -62.83 -21.40 -80.16
C GLU QA 273 -63.19 -20.50 -78.98
N SER QA 274 -62.41 -20.48 -77.90
CA SER QA 274 -62.64 -19.66 -76.72
C SER QA 274 -62.01 -18.26 -76.80
N LEU QA 275 -61.24 -17.99 -77.85
CA LEU QA 275 -60.46 -16.77 -77.97
C LEU QA 275 -61.38 -15.57 -78.10
N HIS QA 276 -61.21 -14.57 -77.24
CA HIS QA 276 -61.94 -13.32 -77.29
C HIS QA 276 -61.17 -12.14 -76.69
N TRP QA 277 -61.62 -10.94 -77.03
CA TRP QA 277 -61.11 -9.65 -76.56
C TRP QA 277 -62.29 -8.89 -75.98
N PRO QA 278 -62.47 -8.86 -74.65
CA PRO QA 278 -63.64 -8.28 -74.03
C PRO QA 278 -63.88 -6.80 -74.37
N THR QA 279 -65.13 -6.46 -74.71
CA THR QA 279 -65.62 -5.07 -74.75
C THR QA 279 -66.11 -4.62 -73.37
N THR QA 280 -66.75 -5.52 -72.63
CA THR QA 280 -67.14 -5.35 -71.23
C THR QA 280 -65.94 -5.42 -70.28
N ASN QA 281 -66.13 -5.11 -69.00
CA ASN QA 281 -65.11 -5.32 -67.98
C ASN QA 281 -64.86 -6.79 -67.63
N TYR QA 282 -65.75 -7.71 -68.04
CA TYR QA 282 -65.74 -9.14 -67.73
C TYR QA 282 -65.54 -9.98 -68.99
N MET QA 283 -64.88 -11.13 -68.85
CA MET QA 283 -64.70 -12.17 -69.87
C MET QA 283 -65.97 -13.00 -70.08
N ASN QA 284 -65.97 -13.85 -71.10
CA ASN QA 284 -67.00 -14.86 -71.30
C ASN QA 284 -67.03 -15.91 -70.18
N GLN QA 285 -68.22 -16.42 -69.88
CA GLN QA 285 -68.50 -17.42 -68.86
C GLN QA 285 -68.06 -18.83 -69.29
N PRO QA 286 -67.65 -19.73 -68.37
CA PRO QA 286 -67.16 -19.47 -67.02
C PRO QA 286 -65.71 -19.01 -67.04
N TYR QA 287 -65.30 -18.20 -66.07
CA TYR QA 287 -63.95 -17.68 -65.94
C TYR QA 287 -63.39 -17.94 -64.56
N VAL QA 288 -62.07 -17.95 -64.42
CA VAL QA 288 -61.41 -17.94 -63.12
C VAL QA 288 -61.50 -16.53 -62.53
N ARG QA 289 -61.76 -16.36 -61.24
CA ARG QA 289 -61.77 -15.04 -60.58
C ARG QA 289 -60.38 -14.67 -60.06
N GLY QA 290 -59.81 -13.57 -60.54
CA GLY QA 290 -58.48 -13.08 -60.14
C GLY QA 290 -58.44 -12.28 -58.84
N TRP QA 291 -57.26 -12.16 -58.22
CA TRP QA 291 -57.05 -11.54 -56.91
C TRP QA 291 -55.75 -10.78 -56.82
N THR QA 292 -55.67 -9.89 -55.84
CA THR QA 292 -54.43 -9.29 -55.37
C THR QA 292 -54.50 -9.12 -53.85
N PRO QA 293 -53.39 -9.17 -53.12
CA PRO QA 293 -53.37 -8.59 -51.81
C PRO QA 293 -53.43 -7.07 -51.94
N ASN QA 294 -53.95 -6.36 -50.94
CA ASN QA 294 -53.75 -4.91 -50.88
C ASN QA 294 -52.27 -4.64 -50.62
N MET QA 295 -51.69 -3.65 -51.31
CA MET QA 295 -50.24 -3.48 -51.43
C MET QA 295 -49.84 -2.02 -51.49
N ALA QA 296 -48.67 -1.67 -50.96
CA ALA QA 296 -48.10 -0.35 -51.09
C ALA QA 296 -47.71 -0.02 -52.54
N LEU QA 297 -47.68 1.26 -52.88
CA LEU QA 297 -47.31 1.71 -54.22
C LEU QA 297 -45.92 1.21 -54.65
N PRO QA 298 -44.85 1.29 -53.84
CA PRO QA 298 -43.56 0.70 -54.20
C PRO QA 298 -43.62 -0.79 -54.55
N GLN QA 299 -44.56 -1.54 -53.98
CA GLN QA 299 -44.75 -2.96 -54.28
C GLN QA 299 -45.50 -3.13 -55.60
N ILE QA 300 -46.50 -2.29 -55.88
CA ILE QA 300 -47.18 -2.26 -57.18
C ILE QA 300 -46.18 -1.90 -58.28
N GLN QA 301 -45.36 -0.87 -58.11
CA GLN QA 301 -44.31 -0.50 -59.07
C GLN QA 301 -43.33 -1.64 -59.32
N ALA QA 302 -42.95 -2.38 -58.28
CA ALA QA 302 -42.10 -3.55 -58.40
C ALA QA 302 -42.75 -4.67 -59.20
N ILE QA 303 -44.05 -4.96 -59.06
CA ILE QA 303 -44.73 -5.99 -59.87
C ILE QA 303 -44.97 -5.53 -61.31
N LEU QA 304 -45.25 -4.25 -61.57
CA LEU QA 304 -45.52 -3.77 -62.93
C LEU QA 304 -44.27 -3.38 -63.73
N GLY QA 305 -43.13 -3.18 -63.08
CA GLY QA 305 -41.86 -2.85 -63.76
C GLY QA 305 -41.37 -3.93 -64.75
N PRO QA 306 -40.48 -3.59 -65.68
CA PRO QA 306 -40.16 -4.46 -66.81
C PRO QA 306 -39.37 -5.71 -66.42
N PHE QA 307 -38.68 -5.69 -65.28
CA PHE QA 307 -37.86 -6.79 -64.76
C PHE QA 307 -38.55 -7.57 -63.63
N ALA QA 308 -39.86 -7.38 -63.43
CA ALA QA 308 -40.58 -7.84 -62.24
C ALA QA 308 -40.43 -9.33 -61.89
N PHE QA 309 -40.28 -10.20 -62.88
CA PHE QA 309 -40.17 -11.65 -62.65
C PHE QA 309 -38.88 -12.04 -61.91
N LEU QA 310 -37.85 -11.20 -61.95
CA LEU QA 310 -36.60 -11.42 -61.21
C LEU QA 310 -36.70 -11.06 -59.72
N ALA QA 311 -37.68 -10.25 -59.33
CA ALA QA 311 -37.92 -9.86 -57.94
C ALA QA 311 -38.62 -10.99 -57.17
N GLY QA 312 -37.88 -12.06 -56.86
CA GLY QA 312 -38.41 -13.32 -56.33
C GLY QA 312 -39.04 -13.29 -54.93
N LEU QA 313 -38.91 -12.17 -54.20
CA LEU QA 313 -39.47 -12.00 -52.85
C LEU QA 313 -39.81 -10.53 -52.59
N LEU QA 314 -41.10 -10.22 -52.40
CA LEU QA 314 -41.60 -8.92 -51.95
C LEU QA 314 -42.32 -8.99 -50.57
N GLY QA 315 -42.47 -10.19 -50.01
CA GLY QA 315 -42.93 -10.44 -48.62
C GLY QA 315 -44.45 -10.52 -48.44
N TYR QA 316 -45.21 -9.63 -49.09
CA TYR QA 316 -46.69 -9.57 -49.03
C TYR QA 316 -47.32 -9.69 -47.62
N PRO QA 317 -46.89 -8.89 -46.63
CA PRO QA 317 -47.28 -9.07 -45.22
C PRO QA 317 -48.69 -8.57 -44.86
N THR QA 318 -49.44 -8.00 -45.80
CA THR QA 318 -50.69 -7.26 -45.54
C THR QA 318 -51.88 -8.15 -45.20
N SER QA 319 -52.89 -7.59 -44.53
CA SER QA 319 -54.01 -8.35 -43.94
C SER QA 319 -55.22 -8.60 -44.85
N LYS QA 320 -55.35 -7.90 -45.99
CA LYS QA 320 -56.58 -7.86 -46.81
C LYS QA 320 -56.33 -8.12 -48.30
N ASP QA 321 -57.27 -8.77 -48.96
CA ASP QA 321 -57.25 -9.06 -50.40
C ASP QA 321 -58.41 -8.40 -51.16
N LEU QA 322 -58.19 -8.11 -52.44
CA LEU QA 322 -59.13 -7.46 -53.33
C LEU QA 322 -59.41 -8.37 -54.53
N GLU QA 323 -60.68 -8.57 -54.90
CA GLU QA 323 -60.99 -9.25 -56.14
C GLU QA 323 -60.58 -8.36 -57.32
N TRP QA 324 -59.93 -8.94 -58.33
CA TRP QA 324 -59.48 -8.24 -59.52
C TRP QA 324 -59.83 -8.99 -60.81
N THR QA 325 -61.06 -9.47 -60.89
CA THR QA 325 -61.68 -10.05 -62.07
C THR QA 325 -62.03 -9.01 -63.14
N ALA QA 326 -62.58 -7.86 -62.74
CA ALA QA 326 -63.08 -6.83 -63.64
C ALA QA 326 -61.96 -5.84 -64.01
N VAL QA 327 -61.63 -5.71 -65.29
CA VAL QA 327 -60.65 -4.74 -65.76
C VAL QA 327 -60.99 -4.26 -67.17
N SER QA 328 -60.76 -2.99 -67.47
CA SER QA 328 -60.92 -2.46 -68.82
C SER QA 328 -59.77 -2.87 -69.72
N THR QA 329 -60.06 -3.31 -70.92
CA THR QA 329 -59.05 -3.56 -71.94
C THR QA 329 -58.42 -2.27 -72.49
N THR QA 330 -59.04 -1.11 -72.30
CA THR QA 330 -58.47 0.19 -72.71
C THR QA 330 -57.15 0.53 -72.02
N TRP QA 331 -56.80 -0.09 -70.90
CA TRP QA 331 -55.48 0.01 -70.28
C TRP QA 331 -54.37 -0.70 -71.06
N SER QA 332 -54.73 -1.63 -71.93
CA SER QA 332 -53.83 -2.61 -72.53
C SER QA 332 -53.82 -2.55 -74.05
N ASP QA 333 -54.99 -2.43 -74.68
CA ASP QA 333 -55.17 -2.42 -76.13
C ASP QA 333 -54.63 -3.70 -76.82
N ALA QA 334 -53.75 -3.63 -77.83
CA ALA QA 334 -53.17 -4.80 -78.49
C ALA QA 334 -52.14 -5.56 -77.63
N ALA QA 335 -51.50 -4.89 -76.68
CA ALA QA 335 -50.92 -5.59 -75.54
C ALA QA 335 -52.04 -6.13 -74.64
N GLY QA 336 -51.82 -7.23 -73.94
CA GLY QA 336 -52.69 -7.64 -72.84
C GLY QA 336 -54.05 -8.28 -73.15
N SER QA 337 -54.82 -7.78 -74.11
CA SER QA 337 -56.30 -7.91 -74.03
C SER QA 337 -56.95 -9.25 -74.36
N LEU QA 338 -56.25 -10.26 -74.84
CA LEU QA 338 -56.85 -11.55 -75.20
C LEU QA 338 -57.16 -12.43 -73.98
N ALA QA 339 -58.15 -13.30 -74.12
CA ALA QA 339 -58.59 -14.25 -73.11
C ALA QA 339 -59.18 -15.51 -73.75
N GLY QA 340 -59.18 -16.60 -73.01
CA GLY QA 340 -59.58 -17.93 -73.47
C GLY QA 340 -59.15 -19.00 -72.48
N ASN QA 341 -59.19 -20.27 -72.85
CA ASN QA 341 -58.84 -21.38 -71.96
C ASN QA 341 -57.46 -22.02 -72.25
N MET QA 342 -57.04 -22.98 -71.42
CA MET QA 342 -55.70 -23.56 -71.47
C MET QA 342 -55.45 -24.38 -72.73
N GLU QA 343 -56.45 -25.07 -73.25
CA GLU QA 343 -56.31 -25.86 -74.48
C GLU QA 343 -56.04 -24.96 -75.67
N ASP QA 344 -56.72 -23.83 -75.76
CA ASP QA 344 -56.48 -22.85 -76.81
C ASP QA 344 -55.14 -22.12 -76.63
N PHE QA 345 -54.71 -21.89 -75.38
CA PHE QA 345 -53.44 -21.27 -75.06
C PHE QA 345 -52.26 -22.18 -75.41
N VAL QA 346 -52.38 -23.49 -75.21
CA VAL QA 346 -51.37 -24.45 -75.64
C VAL QA 346 -51.41 -24.64 -77.16
N LYS QA 347 -52.58 -24.59 -77.79
CA LYS QA 347 -52.70 -24.52 -79.25
C LYS QA 347 -52.01 -23.29 -79.82
N PHE QA 348 -52.15 -22.15 -79.16
CA PHE QA 348 -51.47 -20.91 -79.53
C PHE QA 348 -49.95 -21.08 -79.48
N GLY QA 349 -49.42 -21.74 -78.45
CA GLY QA 349 -47.99 -22.06 -78.38
C GLY QA 349 -47.52 -22.95 -79.53
N LYS QA 350 -48.27 -24.01 -79.86
CA LYS QA 350 -47.94 -24.88 -80.99
C LYS QA 350 -47.99 -24.12 -82.31
N ALA QA 351 -48.97 -23.24 -82.52
CA ALA QA 351 -49.05 -22.42 -83.71
C ALA QA 351 -47.86 -21.44 -83.85
N LEU QA 352 -47.37 -20.86 -82.76
CA LEU QA 352 -46.18 -20.01 -82.77
C LEU QA 352 -44.90 -20.80 -83.05
N TYR QA 353 -44.79 -22.06 -82.61
CA TYR QA 353 -43.68 -22.93 -82.99
C TYR QA 353 -43.72 -23.29 -84.47
N GLU QA 354 -44.86 -23.76 -84.97
CA GLU QA 354 -45.05 -24.15 -86.37
C GLU QA 354 -44.86 -22.97 -87.35
N GLY QA 355 -44.82 -21.73 -86.86
CA GLY QA 355 -44.65 -20.54 -87.67
C GLY QA 355 -45.90 -20.20 -88.47
N GLU QA 356 -47.08 -20.40 -87.89
CA GLU QA 356 -48.33 -20.10 -88.55
C GLU QA 356 -48.39 -18.62 -88.98
N PHE QA 357 -49.04 -18.35 -90.12
CA PHE QA 357 -49.00 -17.08 -90.85
C PHE QA 357 -47.68 -16.66 -91.53
N LEU QA 358 -46.56 -17.37 -91.39
CA LEU QA 358 -45.23 -16.90 -91.82
C LEU QA 358 -44.55 -17.82 -92.84
N SER QA 359 -43.77 -17.24 -93.74
CA SER QA 359 -42.97 -17.99 -94.71
C SER QA 359 -41.80 -18.72 -94.06
N GLU QA 360 -41.23 -19.72 -94.74
CA GLU QA 360 -40.07 -20.45 -94.23
C GLU QA 360 -38.85 -19.54 -93.98
N GLU QA 361 -38.65 -18.54 -94.82
CA GLU QA 361 -37.55 -17.57 -94.66
C GLU QA 361 -37.77 -16.62 -93.48
N MET QA 362 -38.98 -16.08 -93.31
CA MET QA 362 -39.33 -15.31 -92.12
C MET QA 362 -39.26 -16.14 -90.85
N ASN QA 363 -39.67 -17.41 -90.89
CA ASN QA 363 -39.62 -18.31 -89.74
C ASN QA 363 -38.19 -18.57 -89.25
N GLN QA 364 -37.22 -18.62 -90.16
CA GLN QA 364 -35.81 -18.67 -89.81
C GLN QA 364 -35.35 -17.38 -89.14
N LEU QA 365 -35.60 -16.21 -89.74
CA LEU QA 365 -35.16 -14.90 -89.24
C LEU QA 365 -35.67 -14.64 -87.81
N ARG QA 366 -36.94 -14.96 -87.59
CA ARG QA 366 -37.67 -14.84 -86.32
C ARG QA 366 -37.06 -15.63 -85.16
N LYS QA 367 -36.37 -16.74 -85.44
CA LYS QA 367 -35.65 -17.56 -84.45
C LYS QA 367 -34.20 -17.12 -84.22
N GLU QA 368 -33.72 -16.07 -84.88
CA GLU QA 368 -32.29 -15.75 -84.92
C GLU QA 368 -31.93 -14.30 -84.61
N ILE QA 369 -32.76 -13.32 -84.97
CA ILE QA 369 -32.56 -11.92 -84.61
C ILE QA 369 -33.08 -11.68 -83.19
N PHE QA 370 -32.28 -11.07 -82.32
CA PHE QA 370 -32.67 -10.71 -80.95
C PHE QA 370 -32.02 -9.41 -80.51
N THR QA 371 -32.62 -8.74 -79.53
CA THR QA 371 -32.03 -7.63 -78.78
C THR QA 371 -32.16 -7.85 -77.28
N ARG QA 372 -31.26 -7.26 -76.50
CA ARG QA 372 -31.15 -7.49 -75.05
C ARG QA 372 -32.40 -7.02 -74.31
N TYR QA 373 -32.92 -7.87 -73.42
CA TYR QA 373 -34.01 -7.55 -72.49
C TYR QA 373 -33.50 -7.41 -71.06
N VAL QA 374 -33.01 -8.50 -70.48
CA VAL QA 374 -32.31 -8.53 -69.19
C VAL QA 374 -31.04 -9.37 -69.28
N GLU QA 375 -30.00 -8.88 -68.62
CA GLU QA 375 -28.90 -9.71 -68.14
C GLU QA 375 -29.11 -9.87 -66.63
N TYR QA 376 -28.96 -11.08 -66.10
CA TYR QA 376 -29.18 -11.39 -64.69
C TYR QA 376 -28.24 -12.52 -64.23
N GLU QA 377 -27.91 -12.58 -62.95
CA GLU QA 377 -27.26 -13.74 -62.35
C GLU QA 377 -28.31 -14.81 -62.02
N PRO QA 378 -28.23 -16.05 -62.54
CA PRO QA 378 -29.18 -17.10 -62.21
C PRO QA 378 -29.25 -17.34 -60.71
N ALA QA 379 -30.42 -17.23 -60.10
CA ALA QA 379 -30.59 -17.38 -58.65
C ALA QA 379 -30.62 -18.84 -58.17
N GLY QA 380 -30.35 -19.80 -59.05
CA GLY QA 380 -30.47 -21.24 -58.80
C GLY QA 380 -30.11 -22.05 -60.04
N PRO QA 381 -30.16 -23.38 -59.98
CA PRO QA 381 -29.78 -24.23 -61.10
C PRO QA 381 -30.84 -24.29 -62.21
N HIS QA 382 -32.14 -24.14 -61.87
CA HIS QA 382 -33.25 -24.19 -62.82
C HIS QA 382 -33.44 -22.90 -63.61
N GLN QA 383 -33.06 -21.76 -63.05
CA GLN QA 383 -32.96 -20.52 -63.83
C GLN QA 383 -31.82 -20.68 -64.86
N GLY QA 384 -32.04 -20.22 -66.09
CA GLY QA 384 -31.33 -20.72 -67.25
C GLY QA 384 -30.02 -19.98 -67.55
N PRO QA 385 -29.76 -19.55 -68.80
CA PRO QA 385 -28.65 -18.67 -69.05
C PRO QA 385 -28.93 -17.33 -68.38
N GLY QA 386 -27.90 -16.60 -67.99
CA GLY QA 386 -28.05 -15.28 -67.36
C GLY QA 386 -28.48 -14.16 -68.31
N TRP QA 387 -29.11 -14.48 -69.44
CA TRP QA 387 -29.49 -13.51 -70.47
C TRP QA 387 -30.84 -13.85 -71.08
N MET QA 388 -31.66 -12.85 -71.37
CA MET QA 388 -32.89 -12.93 -72.14
C MET QA 388 -32.92 -11.80 -73.16
N GLY QA 389 -33.55 -12.01 -74.31
CA GLY QA 389 -33.68 -11.03 -75.36
C GLY QA 389 -35.03 -11.05 -76.07
N PHE QA 390 -35.48 -9.89 -76.54
CA PHE QA 390 -36.64 -9.74 -77.40
C PHE QA 390 -36.30 -10.17 -78.81
N GLY QA 391 -37.10 -11.03 -79.42
CA GLY QA 391 -37.05 -11.39 -80.83
C GLY QA 391 -38.16 -10.70 -81.61
N LEU QA 392 -38.26 -11.01 -82.89
CA LEU QA 392 -39.28 -10.42 -83.77
C LEU QA 392 -40.72 -10.82 -83.41
N ASN QA 393 -40.95 -11.90 -82.63
CA ASN QA 393 -42.28 -12.23 -82.11
C ASN QA 393 -42.32 -12.94 -80.74
N SER QA 394 -41.22 -13.00 -79.99
CA SER QA 394 -41.11 -13.77 -78.73
C SER QA 394 -39.96 -13.27 -77.85
N ILE QA 395 -39.92 -13.57 -76.56
CA ILE QA 395 -38.77 -13.39 -75.67
C ILE QA 395 -38.06 -14.72 -75.56
N CYS QA 396 -36.73 -14.73 -75.67
CA CYS QA 396 -35.94 -15.94 -75.56
C CYS QA 396 -35.39 -16.19 -74.15
N TRP QA 397 -35.32 -17.45 -73.77
CA TRP QA 397 -34.70 -17.94 -72.54
C TRP QA 397 -34.12 -19.31 -72.82
N GLY QA 398 -32.81 -19.38 -72.98
CA GLY QA 398 -32.18 -20.58 -73.51
C GLY QA 398 -32.78 -20.98 -74.83
N HIS QA 399 -33.04 -22.27 -75.02
CA HIS QA 399 -33.71 -22.81 -76.21
C HIS QA 399 -35.22 -22.58 -76.26
N TRP QA 400 -35.81 -21.89 -75.29
CA TRP QA 400 -37.24 -21.61 -75.24
C TRP QA 400 -37.56 -20.20 -75.74
N LEU QA 401 -38.67 -20.06 -76.48
CA LEU QA 401 -39.23 -18.80 -76.97
C LEU QA 401 -40.65 -18.62 -76.45
N GLY QA 402 -41.05 -17.42 -76.02
CA GLY QA 402 -42.36 -17.21 -75.42
C GLY QA 402 -42.57 -15.85 -74.78
N TRP QA 403 -43.59 -15.69 -73.96
CA TRP QA 403 -43.86 -14.46 -73.23
C TRP QA 403 -44.29 -14.73 -71.80
N VAL QA 404 -44.13 -13.71 -70.97
CA VAL QA 404 -44.55 -13.63 -69.57
C VAL QA 404 -45.51 -12.46 -69.41
N GLY QA 405 -46.70 -12.67 -68.86
CA GLY QA 405 -47.73 -11.64 -68.88
C GLY QA 405 -48.56 -11.50 -67.61
N ASN QA 406 -49.09 -10.31 -67.44
CA ASN QA 406 -49.96 -9.92 -66.33
C ASN QA 406 -51.08 -9.02 -66.87
N LEU QA 407 -52.32 -9.23 -66.45
CA LEU QA 407 -53.40 -8.26 -66.57
C LEU QA 407 -54.41 -8.49 -65.47
N GLY QA 408 -54.59 -7.54 -64.56
CA GLY QA 408 -55.42 -7.74 -63.38
C GLY QA 408 -54.86 -8.82 -62.46
N GLY QA 409 -55.72 -9.62 -61.83
CA GLY QA 409 -55.30 -10.70 -60.95
C GLY QA 409 -54.65 -11.88 -61.67
N TYR QA 410 -54.50 -11.85 -62.99
CA TYR QA 410 -54.10 -12.99 -63.80
C TYR QA 410 -52.67 -12.85 -64.24
N ILE QA 411 -51.89 -13.90 -64.02
CA ILE QA 411 -50.53 -14.03 -64.49
C ILE QA 411 -50.45 -15.29 -65.33
N ALA QA 412 -49.94 -15.16 -66.54
CA ALA QA 412 -49.95 -16.23 -67.53
C ALA QA 412 -48.62 -16.25 -68.31
N VAL QA 413 -48.10 -17.43 -68.55
CA VAL QA 413 -46.79 -17.65 -69.18
C VAL QA 413 -46.99 -18.67 -70.29
N LEU QA 414 -46.35 -18.49 -71.44
CA LEU QA 414 -46.40 -19.42 -72.56
C LEU QA 414 -45.07 -19.46 -73.26
N PHE QA 415 -44.35 -20.57 -73.13
CA PHE QA 415 -43.11 -20.82 -73.84
C PHE QA 415 -43.16 -22.13 -74.60
N TYR QA 416 -42.53 -22.14 -75.76
CA TYR QA 416 -42.31 -23.31 -76.58
C TYR QA 416 -40.81 -23.51 -76.85
N ASN QA 417 -40.38 -24.74 -77.00
CA ASN QA 417 -38.98 -25.08 -77.23
C ASN QA 417 -38.67 -24.99 -78.73
N GLN QA 418 -37.75 -24.11 -79.10
CA GLN QA 418 -37.36 -23.82 -80.47
C GLN QA 418 -36.90 -25.05 -81.25
N ASP QA 419 -36.24 -25.99 -80.58
CA ASP QA 419 -35.59 -27.12 -81.24
C ASP QA 419 -36.43 -28.39 -81.18
N ASP QA 420 -37.07 -28.66 -80.05
CA ASP QA 420 -37.82 -29.89 -79.79
C ASP QA 420 -39.33 -29.77 -80.14
N GLY QA 421 -39.93 -28.58 -80.01
CA GLY QA 421 -41.36 -28.34 -80.22
C GLY QA 421 -42.27 -28.44 -79.00
N SER QA 422 -41.81 -28.88 -77.83
CA SER QA 422 -42.60 -28.88 -76.58
C SER QA 422 -43.14 -27.51 -76.19
N VAL QA 423 -44.32 -27.46 -75.58
CA VAL QA 423 -44.99 -26.24 -75.09
C VAL QA 423 -45.24 -26.35 -73.60
N ILE QA 424 -44.94 -25.31 -72.84
CA ILE QA 424 -45.24 -25.18 -71.41
C ILE QA 424 -46.03 -23.88 -71.19
N ALA QA 425 -47.17 -24.01 -70.53
CA ALA QA 425 -48.03 -22.91 -70.17
C ALA QA 425 -48.36 -22.97 -68.68
N THR QA 426 -48.28 -21.85 -67.99
CA THR QA 426 -48.60 -21.77 -66.56
C THR QA 426 -49.49 -20.56 -66.35
N MET QA 427 -50.50 -20.68 -65.50
CA MET QA 427 -51.35 -19.56 -65.11
C MET QA 427 -51.53 -19.57 -63.60
N LEU QA 428 -51.25 -18.44 -62.95
CA LEU QA 428 -51.56 -18.22 -61.54
C LEU QA 428 -52.62 -17.14 -61.44
N ASN QA 429 -53.54 -17.35 -60.51
CA ASN QA 429 -54.73 -16.56 -60.32
C ASN QA 429 -54.57 -15.34 -59.40
N ASN QA 430 -53.35 -14.90 -59.13
CA ASN QA 430 -53.10 -13.78 -58.22
C ASN QA 430 -52.00 -12.84 -58.74
N PHE QA 431 -52.20 -11.53 -58.63
CA PHE QA 431 -51.26 -10.49 -59.04
C PHE QA 431 -49.92 -10.56 -58.30
N ALA QA 432 -49.89 -11.09 -57.08
CA ALA QA 432 -48.67 -11.35 -56.35
C ALA QA 432 -47.78 -12.43 -57.00
N GLY QA 433 -48.31 -13.24 -57.91
CA GLY QA 433 -47.65 -14.41 -58.49
C GLY QA 433 -46.67 -14.16 -59.63
N HIS QA 434 -46.24 -12.94 -59.90
CA HIS QA 434 -45.43 -12.63 -61.08
C HIS QA 434 -44.06 -13.31 -61.12
N ALA QA 435 -43.43 -13.56 -59.98
CA ALA QA 435 -42.23 -14.38 -59.94
C ALA QA 435 -42.59 -15.87 -60.01
N ASP QA 436 -43.52 -16.31 -59.17
CA ASP QA 436 -43.90 -17.71 -59.01
C ASP QA 436 -44.35 -18.39 -60.29
N ALA QA 437 -45.12 -17.72 -61.15
CA ALA QA 437 -45.58 -18.29 -62.41
C ALA QA 437 -44.44 -18.54 -63.41
N VAL QA 438 -43.45 -17.66 -63.41
CA VAL QA 438 -42.30 -17.73 -64.31
C VAL QA 438 -41.28 -18.73 -63.78
N ASP QA 439 -41.04 -18.72 -62.49
CA ASP QA 439 -40.17 -19.67 -61.82
C ASP QA 439 -40.73 -21.10 -61.94
N LEU QA 440 -42.04 -21.26 -61.95
CA LEU QA 440 -42.70 -22.53 -62.23
C LEU QA 440 -42.43 -23.02 -63.65
N PHE QA 441 -42.51 -22.16 -64.67
CA PHE QA 441 -42.09 -22.54 -66.01
C PHE QA 441 -40.62 -23.00 -66.03
N TYR QA 442 -39.71 -22.24 -65.44
CA TYR QA 442 -38.30 -22.59 -65.36
C TYR QA 442 -38.11 -23.97 -64.71
N GLN QA 443 -38.81 -24.26 -63.62
CA GLN QA 443 -38.75 -25.56 -62.97
C GLN QA 443 -39.32 -26.69 -63.84
N ILE QA 444 -40.44 -26.50 -64.52
CA ILE QA 444 -40.99 -27.51 -65.41
C ILE QA 444 -40.03 -27.74 -66.58
N ALA QA 445 -39.46 -26.70 -67.18
CA ALA QA 445 -38.52 -26.84 -68.26
C ALA QA 445 -37.25 -27.58 -67.83
N TYR QA 446 -36.71 -27.26 -66.67
CA TYR QA 446 -35.55 -27.95 -66.11
C TYR QA 446 -35.83 -29.41 -65.77
N LEU QA 447 -37.05 -29.74 -65.34
CA LEU QA 447 -37.51 -31.11 -65.15
C LEU QA 447 -37.63 -31.87 -66.48
N LEU QA 448 -38.21 -31.26 -67.51
CA LEU QA 448 -38.51 -31.93 -68.77
C LEU QA 448 -37.31 -32.05 -69.69
N ASN QA 449 -36.43 -31.05 -69.75
CA ASN QA 449 -35.21 -31.07 -70.55
C ASN QA 449 -34.16 -30.11 -69.96
N PRO QA 450 -33.25 -30.58 -69.10
CA PRO QA 450 -32.22 -29.75 -68.52
C PRO QA 450 -31.38 -28.98 -69.55
N GLU QA 451 -30.97 -29.64 -70.64
CA GLU QA 451 -30.06 -29.06 -71.63
C GLU QA 451 -30.65 -27.85 -72.35
N SER QA 452 -31.97 -27.82 -72.53
CA SER QA 452 -32.70 -26.69 -73.11
C SER QA 452 -32.55 -25.39 -72.30
N THR QA 453 -32.22 -25.49 -71.02
CA THR QA 453 -32.08 -24.33 -70.12
C THR QA 453 -30.68 -23.69 -70.15
N GLY QA 454 -29.76 -24.17 -70.99
CA GLY QA 454 -28.49 -23.50 -71.26
C GLY QA 454 -28.60 -22.35 -72.26
N HIS QA 455 -27.48 -21.71 -72.57
CA HIS QA 455 -27.37 -20.74 -73.67
C HIS QA 455 -27.73 -21.36 -75.02
N ARG QA 456 -28.04 -20.49 -75.98
CA ARG QA 456 -28.23 -20.85 -77.40
C ARG QA 456 -27.28 -20.04 -78.26
N ASP QA 457 -26.76 -20.65 -79.31
CA ASP QA 457 -25.83 -19.97 -80.19
C ASP QA 457 -26.50 -18.84 -80.97
N TRP QA 458 -25.80 -17.73 -81.11
CA TRP QA 458 -26.14 -16.70 -82.08
C TRP QA 458 -25.81 -17.19 -83.46
N ILE QA 459 -26.73 -17.04 -84.40
CA ILE QA 459 -26.48 -17.34 -85.80
C ILE QA 459 -26.28 -16.01 -86.52
N PHE QA 460 -25.09 -15.80 -87.07
CA PHE QA 460 -24.77 -14.66 -87.90
C PHE QA 460 -24.67 -15.10 -89.36
N ARG QA 461 -25.36 -14.40 -90.25
CA ARG QA 461 -25.47 -14.77 -91.66
C ARG QA 461 -25.00 -13.62 -92.55
N PRO QA 462 -23.75 -13.64 -93.01
CA PRO QA 462 -23.23 -12.59 -93.86
C PRO QA 462 -23.89 -12.65 -95.25
N ASP QA 463 -24.14 -11.50 -95.85
CA ASP QA 463 -24.36 -11.44 -97.29
C ASP QA 463 -23.05 -11.76 -98.03
N PRO QA 464 -23.09 -12.42 -99.20
CA PRO QA 464 -21.90 -12.80 -99.93
C PRO QA 464 -21.19 -11.58 -100.51
N ALA QA 465 -19.87 -11.66 -100.67
CA ALA QA 465 -19.05 -10.61 -101.26
C ALA QA 465 -18.73 -10.91 -102.73
N GLU QA 466 -19.05 -9.94 -103.58
CA GLU QA 466 -18.77 -9.94 -105.01
C GLU QA 466 -18.57 -8.50 -105.50
N ASP QA 467 -17.93 -8.34 -106.65
CA ASP QA 467 -17.77 -7.06 -107.32
C ASP QA 467 -17.83 -7.25 -108.84
N ALA QA 468 -18.11 -6.20 -109.57
CA ALA QA 468 -18.28 -6.27 -111.02
C ALA QA 468 -17.03 -6.78 -111.73
N ASP QA 469 -17.22 -7.43 -112.87
CA ASP QA 469 -16.15 -7.93 -113.75
C ASP QA 469 -15.46 -6.80 -114.54
N GLU QA 470 -14.98 -5.76 -113.86
CA GLU QA 470 -14.45 -4.56 -114.51
C GLU QA 470 -13.17 -4.84 -115.30
N VAL QA 471 -13.15 -4.39 -116.54
CA VAL QA 471 -12.17 -4.76 -117.56
C VAL QA 471 -12.09 -3.64 -118.60
N ARG QA 472 -11.00 -3.51 -119.34
CA ARG QA 472 -10.79 -2.47 -120.38
C ARG QA 472 -10.09 -3.06 -121.61
N ASP QA 473 -10.36 -2.56 -122.80
CA ASP QA 473 -9.95 -3.23 -124.04
C ASP QA 473 -8.70 -2.60 -124.65
N PRO QA 474 -7.72 -3.39 -125.11
CA PRO QA 474 -6.59 -2.86 -125.85
C PRO QA 474 -7.01 -2.39 -127.24
N THR QA 475 -6.27 -1.45 -127.79
CA THR QA 475 -6.51 -0.89 -129.12
C THR QA 475 -5.46 -1.39 -130.09
N LEU QA 476 -5.90 -1.90 -131.23
CA LEU QA 476 -5.01 -2.32 -132.31
C LEU QA 476 -4.66 -1.14 -133.22
N TYR QA 477 -3.44 -1.13 -133.73
CA TYR QA 477 -2.96 -0.18 -134.74
C TYR QA 477 -2.29 -0.92 -135.91
N LEU QA 478 -2.49 -0.43 -137.14
CA LEU QA 478 -1.78 -0.91 -138.32
C LEU QA 478 -0.42 -0.22 -138.46
N THR QA 479 0.66 -0.98 -138.65
CA THR QA 479 2.01 -0.41 -138.85
C THR QA 479 2.83 -1.25 -139.82
N SER RA 3 -120.42 28.20 -55.83
CA SER RA 3 -121.22 27.11 -55.24
C SER RA 3 -120.31 25.96 -54.88
N GLY RA 4 -120.76 25.11 -53.95
CA GLY RA 4 -119.95 24.06 -53.35
C GLY RA 4 -119.17 24.56 -52.13
N LEU RA 5 -119.29 23.86 -51.02
CA LEU RA 5 -118.47 24.13 -49.85
C LEU RA 5 -117.05 23.62 -50.10
N ARG RA 6 -116.06 24.50 -50.21
CA ARG RA 6 -114.64 24.12 -50.26
C ARG RA 6 -114.18 23.57 -48.91
N GLY RA 7 -114.74 24.07 -47.82
CA GLY RA 7 -114.52 23.54 -46.48
C GLY RA 7 -114.68 24.59 -45.40
N TYR RA 8 -113.91 24.45 -44.33
CA TYR RA 8 -113.94 25.32 -43.16
C TYR RA 8 -112.56 25.85 -42.80
N ASN RA 9 -112.52 26.98 -42.14
CA ASN RA 9 -111.34 27.53 -41.51
C ASN RA 9 -111.61 27.79 -40.03
N VAL RA 10 -110.60 27.50 -39.21
CA VAL RA 10 -110.57 27.80 -37.78
C VAL RA 10 -109.53 28.89 -37.56
N TYR RA 11 -109.93 29.95 -36.86
CA TYR RA 11 -109.04 31.03 -36.46
C TYR RA 11 -109.07 31.17 -34.93
N ARG RA 12 -107.91 31.44 -34.33
CA ARG RA 12 -107.76 31.74 -32.89
C ARG RA 12 -107.17 33.13 -32.74
N ASN RA 13 -107.81 34.01 -31.98
CA ASN RA 13 -107.38 35.41 -31.82
C ASN RA 13 -107.13 36.14 -33.17
N GLY RA 14 -107.84 35.75 -34.22
CA GLY RA 14 -107.73 36.32 -35.57
C GLY RA 14 -106.63 35.74 -36.47
N VAL RA 15 -105.81 34.81 -36.01
CA VAL RA 15 -104.84 34.09 -36.86
C VAL RA 15 -105.36 32.71 -37.27
N ARG RA 16 -105.22 32.36 -38.55
CA ARG RA 16 -105.73 31.13 -39.15
C ARG RA 16 -104.87 29.95 -38.70
N GLN RA 17 -105.35 29.19 -37.72
CA GLN RA 17 -104.63 28.04 -37.18
C GLN RA 17 -104.61 26.86 -38.17
N ASN RA 18 -105.60 26.81 -39.04
CA ASN RA 18 -105.72 25.84 -40.13
C ASN RA 18 -104.67 26.05 -41.24
N THR RA 19 -104.23 24.98 -41.90
CA THR RA 19 -103.23 25.02 -43.00
C THR RA 19 -103.85 25.02 -44.41
N SER RA 20 -104.98 24.36 -44.63
CA SER RA 20 -105.79 24.38 -45.86
C SER RA 20 -107.23 23.99 -45.51
N PRO RA 21 -108.27 24.39 -46.27
CA PRO RA 21 -109.66 24.21 -45.85
C PRO RA 21 -110.01 22.79 -45.41
N VAL RA 22 -110.52 22.61 -44.19
CA VAL RA 22 -110.90 21.28 -43.68
C VAL RA 22 -112.26 20.84 -44.17
N THR RA 23 -112.41 19.54 -44.40
CA THR RA 23 -113.62 18.90 -44.92
C THR RA 23 -114.68 18.67 -43.83
N GLU RA 24 -115.89 18.28 -44.23
CA GLU RA 24 -117.06 18.06 -43.34
C GLU RA 24 -116.85 17.02 -42.21
N LEU RA 25 -115.86 16.15 -42.31
CA LEU RA 25 -115.47 15.20 -41.24
C LEU RA 25 -113.99 15.34 -40.84
N GLY RA 26 -113.26 16.30 -41.41
CA GLY RA 26 -111.87 16.58 -41.07
C GLY RA 26 -111.74 17.32 -39.74
N SER RA 27 -110.51 17.56 -39.29
CA SER RA 27 -110.27 18.16 -37.99
C SER RA 27 -108.98 18.98 -37.90
N VAL RA 28 -109.01 20.04 -37.08
CA VAL RA 28 -107.87 20.89 -36.75
C VAL RA 28 -107.52 20.67 -35.29
N THR RA 29 -106.24 20.45 -34.98
CA THR RA 29 -105.75 20.46 -33.60
C THR RA 29 -105.03 21.78 -33.34
N ILE RA 30 -105.47 22.53 -32.33
CA ILE RA 30 -104.86 23.75 -31.85
C ILE RA 30 -104.02 23.39 -30.63
N THR RA 31 -102.77 23.85 -30.58
CA THR RA 31 -101.73 23.31 -29.69
C THR RA 31 -100.92 24.43 -29.01
N GLY RA 32 -100.22 24.08 -27.92
CA GLY RA 32 -99.52 25.06 -27.08
C GLY RA 32 -100.46 25.85 -26.17
N LEU RA 33 -101.69 25.38 -25.99
CA LEU RA 33 -102.64 25.95 -25.05
C LEU RA 33 -102.25 25.59 -23.61
N THR RA 34 -102.58 26.42 -22.62
CA THR RA 34 -102.33 26.08 -21.20
C THR RA 34 -103.46 25.22 -20.63
N PRO RA 35 -103.20 24.36 -19.62
CA PRO RA 35 -104.24 23.55 -18.99
C PRO RA 35 -105.39 24.37 -18.42
N GLY RA 36 -106.52 23.74 -18.12
CA GLY RA 36 -107.55 24.25 -17.23
C GLY RA 36 -108.17 25.59 -17.58
N THR RA 37 -108.14 26.02 -18.85
CA THR RA 37 -108.55 27.37 -19.26
C THR RA 37 -109.50 27.37 -20.45
N ASP RA 38 -110.32 28.43 -20.55
CA ASP RA 38 -111.41 28.52 -21.52
C ASP RA 38 -111.00 29.34 -22.74
N TYR RA 39 -111.14 28.74 -23.91
CA TYR RA 39 -110.83 29.32 -25.22
C TYR RA 39 -112.09 29.46 -26.09
N SER RA 40 -113.29 29.17 -25.57
CA SER RA 40 -114.57 29.28 -26.27
C SER RA 40 -114.89 30.68 -26.78
N SER RA 41 -114.29 31.71 -26.17
CA SER RA 41 -114.37 33.11 -26.60
C SER RA 41 -113.23 33.55 -27.53
N GLN RA 42 -112.29 32.65 -27.86
CA GLN RA 42 -111.07 32.94 -28.62
C GLN RA 42 -110.99 32.15 -29.94
N ILE RA 43 -111.51 30.91 -29.98
CA ILE RA 43 -111.67 30.13 -31.20
C ILE RA 43 -112.90 30.58 -32.00
N THR RA 44 -112.74 30.69 -33.31
CA THR RA 44 -113.81 31.05 -34.26
C THR RA 44 -113.74 30.18 -35.52
N VAL RA 45 -114.89 29.94 -36.16
CA VAL RA 45 -115.02 29.10 -37.37
C VAL RA 45 -115.68 29.87 -38.50
N THR RA 46 -115.21 29.66 -39.74
CA THR RA 46 -115.86 30.12 -40.97
C THR RA 46 -116.02 28.96 -41.96
N ALA RA 47 -117.01 29.09 -42.84
CA ALA RA 47 -117.21 28.21 -43.98
C ALA RA 47 -116.89 28.96 -45.27
N ILE RA 48 -116.22 28.31 -46.23
CA ILE RA 48 -115.70 28.90 -47.46
C ILE RA 48 -116.24 28.15 -48.69
N ASP RA 49 -116.73 28.88 -49.69
CA ASP RA 49 -117.22 28.35 -50.98
C ASP RA 49 -116.09 28.14 -52.00
N MET RA 50 -116.27 27.28 -53.01
CA MET RA 50 -115.35 27.15 -54.15
C MET RA 50 -115.04 28.49 -54.82
N ALA RA 51 -116.00 29.42 -54.86
CA ALA RA 51 -115.83 30.75 -55.42
C ALA RA 51 -114.98 31.69 -54.55
N GLY RA 52 -114.73 31.33 -53.29
CA GLY RA 52 -113.92 32.11 -52.35
C GLY RA 52 -114.73 32.97 -51.39
N ASN RA 53 -116.06 32.84 -51.40
CA ASN RA 53 -116.92 33.53 -50.46
C ASN RA 53 -116.86 32.88 -49.08
N GLU RA 54 -116.69 33.69 -48.03
CA GLU RA 54 -116.46 33.25 -46.66
C GLU RA 54 -117.48 33.88 -45.70
N SER RA 55 -117.98 33.12 -44.73
CA SER RA 55 -118.88 33.64 -43.69
C SER RA 55 -118.19 34.62 -42.75
N GLU RA 56 -118.96 35.29 -41.90
CA GLU RA 56 -118.43 35.89 -40.67
C GLU RA 56 -117.81 34.81 -39.76
N PRO RA 57 -116.80 35.15 -38.95
CA PRO RA 57 -116.18 34.22 -38.01
C PRO RA 57 -117.09 34.00 -36.78
N LYS RA 58 -117.92 32.95 -36.80
CA LYS RA 58 -118.73 32.56 -35.65
C LYS RA 58 -117.85 32.03 -34.52
N THR RA 59 -117.97 32.57 -33.32
CA THR RA 59 -117.20 32.19 -32.13
C THR RA 59 -117.73 30.89 -31.52
N LEU RA 60 -116.90 30.03 -30.93
CA LEU RA 60 -117.41 28.76 -30.38
C LEU RA 60 -118.44 28.95 -29.26
N ALA RA 61 -118.40 30.08 -28.53
CA ALA RA 61 -119.44 30.45 -27.60
C ALA RA 61 -120.82 30.56 -28.27
N GLU RA 62 -120.88 31.09 -29.49
CA GLU RA 62 -122.11 31.22 -30.29
C GLU RA 62 -122.60 29.86 -30.81
N LEU RA 63 -121.69 28.92 -31.01
CA LEU RA 63 -121.96 27.52 -31.35
C LEU RA 63 -122.22 26.65 -30.11
N GLU RA 64 -122.25 27.25 -28.91
CA GLU RA 64 -122.42 26.62 -27.60
C GLU RA 64 -121.46 25.43 -27.34
N ALA RA 65 -120.27 25.45 -27.94
CA ALA RA 65 -119.28 24.40 -27.81
C ALA RA 65 -118.31 24.67 -26.64
N GLU RA 66 -118.15 23.71 -25.73
CA GLU RA 66 -117.35 23.86 -24.51
C GLU RA 66 -115.84 23.69 -24.77
N ALA RA 67 -115.23 24.69 -25.39
CA ALA RA 67 -113.81 24.69 -25.73
C ALA RA 67 -112.94 25.20 -24.58
N ALA RA 68 -112.73 24.34 -23.60
CA ALA RA 68 -111.81 24.57 -22.48
C ALA RA 68 -110.85 23.38 -22.31
N THR RA 69 -109.57 23.66 -22.07
CA THR RA 69 -108.53 22.64 -21.84
C THR RA 69 -108.73 21.93 -20.50
N ASP RA 70 -108.30 20.67 -20.42
CA ASP RA 70 -108.35 19.91 -19.18
C ASP RA 70 -107.42 20.52 -18.12
N GLU RA 71 -107.85 20.52 -16.85
CA GLU RA 71 -107.00 20.94 -15.73
C GLU RA 71 -105.74 20.05 -15.63
N LEU RA 72 -104.61 20.64 -15.21
CA LEU RA 72 -103.35 19.91 -15.06
C LEU RA 72 -103.49 18.82 -14.01
N SER RA 73 -103.42 17.55 -14.43
CA SER RA 73 -103.68 16.40 -13.53
C SER RA 73 -102.64 16.32 -12.41
N PRO RA 74 -103.04 16.43 -11.12
CA PRO RA 74 -102.09 16.44 -10.02
C PRO RA 74 -101.54 15.04 -9.72
N ALA RA 75 -100.33 14.98 -9.17
CA ALA RA 75 -99.74 13.76 -8.61
C ALA RA 75 -98.88 14.08 -7.39
N ASP RA 76 -98.91 13.22 -6.37
CA ASP RA 76 -98.18 13.41 -5.12
C ASP RA 76 -96.67 13.21 -5.36
N PRO RA 77 -95.79 14.20 -5.14
CA PRO RA 77 -94.38 14.08 -5.48
C PRO RA 77 -93.58 13.24 -4.48
N LEU RA 78 -92.40 12.79 -4.91
CA LEU RA 78 -91.36 12.34 -3.97
C LEU RA 78 -91.03 13.44 -2.96
N ALA RA 79 -90.66 13.07 -1.73
CA ALA RA 79 -90.29 14.03 -0.69
C ALA RA 79 -89.08 14.91 -1.08
N PRO RA 80 -88.98 16.17 -0.59
CA PRO RA 80 -87.89 17.09 -0.92
C PRO RA 80 -86.47 16.55 -0.74
N ALA RA 81 -86.19 15.75 0.29
CA ALA RA 81 -84.84 15.21 0.51
C ALA RA 81 -84.41 14.25 -0.61
N VAL RA 82 -85.32 13.37 -1.03
CA VAL RA 82 -85.12 12.43 -2.14
C VAL RA 82 -84.86 13.20 -3.43
N ARG RA 83 -85.63 14.26 -3.66
CA ARG RA 83 -85.54 15.14 -4.83
C ARG RA 83 -84.10 15.60 -5.07
N ALA RA 84 -83.50 16.23 -4.07
CA ALA RA 84 -82.19 16.84 -4.21
C ALA RA 84 -81.07 15.81 -4.26
N GLN RA 85 -81.27 14.65 -3.64
CA GLN RA 85 -80.36 13.51 -3.81
C GLN RA 85 -80.40 13.00 -5.26
N ILE RA 86 -81.56 12.88 -5.90
CA ILE RA 86 -81.65 12.54 -7.32
C ILE RA 86 -80.97 13.60 -8.17
N ASP RA 87 -81.25 14.89 -7.95
CA ASP RA 87 -80.61 15.96 -8.70
C ASP RA 87 -79.09 15.94 -8.59
N ALA RA 88 -78.55 15.65 -7.41
CA ALA RA 88 -77.11 15.48 -7.21
C ALA RA 88 -76.55 14.26 -7.93
N LEU RA 89 -77.30 13.15 -7.99
CA LEU RA 89 -76.93 11.97 -8.77
C LEU RA 89 -76.88 12.29 -10.27
N VAL RA 90 -77.87 12.98 -10.82
CA VAL RA 90 -77.89 13.36 -12.23
C VAL RA 90 -76.76 14.33 -12.57
N ALA RA 91 -76.47 15.31 -11.69
CA ALA RA 91 -75.41 16.28 -11.91
C ALA RA 91 -74.02 15.64 -12.09
N ALA RA 92 -73.77 14.49 -11.47
CA ALA RA 92 -72.51 13.75 -11.58
C ALA RA 92 -72.32 12.98 -12.91
N LYS RA 93 -73.25 13.10 -13.87
CA LYS RA 93 -73.25 12.41 -15.18
C LYS RA 93 -73.22 13.38 -16.36
N MET RA 94 -72.93 14.65 -16.14
CA MET RA 94 -73.20 15.75 -17.08
C MET RA 94 -72.01 16.69 -17.30
N LYS RA 95 -72.08 17.47 -18.37
CA LYS RA 95 -70.99 18.22 -19.02
C LYS RA 95 -69.91 18.83 -18.12
N PRO RA 96 -70.20 19.57 -17.03
CA PRO RA 96 -69.14 20.23 -16.26
C PRO RA 96 -68.34 19.28 -15.38
N THR RA 97 -68.79 18.05 -15.07
CA THR RA 97 -68.03 17.13 -14.23
C THR RA 97 -67.00 16.35 -15.04
N SER RA 98 -65.74 16.76 -14.97
CA SER RA 98 -64.58 16.08 -15.53
C SER RA 98 -64.80 15.52 -16.96
N GLY RA 99 -64.78 14.21 -17.14
CA GLY RA 99 -64.89 13.54 -18.44
C GLY RA 99 -66.32 13.20 -18.87
N LYS RA 100 -67.34 13.62 -18.13
CA LYS RA 100 -68.73 13.23 -18.37
C LYS RA 100 -69.35 14.01 -19.53
N GLU RA 101 -69.03 13.59 -20.75
CA GLU RA 101 -69.54 14.20 -21.98
C GLU RA 101 -71.01 13.87 -22.23
N ALA RA 102 -71.90 14.63 -21.59
CA ALA RA 102 -73.33 14.66 -21.83
C ALA RA 102 -73.89 16.06 -21.50
N ASP RA 103 -74.37 16.78 -22.49
CA ASP RA 103 -74.85 18.15 -22.36
C ASP RA 103 -76.21 18.29 -21.65
N GLY RA 104 -76.89 17.19 -21.41
CA GLY RA 104 -78.23 17.17 -20.86
C GLY RA 104 -78.75 15.77 -20.56
N ALA RA 105 -79.74 15.69 -19.69
CA ALA RA 105 -80.30 14.46 -19.16
C ALA RA 105 -81.79 14.61 -18.88
N MET RA 106 -82.56 13.54 -18.92
CA MET RA 106 -83.90 13.49 -18.35
C MET RA 106 -84.03 12.32 -17.39
N VAL RA 107 -84.85 12.51 -16.36
CA VAL RA 107 -85.19 11.49 -15.38
C VAL RA 107 -86.69 11.45 -15.17
N GLY RA 108 -87.26 10.26 -15.10
CA GLY RA 108 -88.66 10.04 -14.81
C GLY RA 108 -88.78 8.91 -13.80
N ILE RA 109 -89.43 9.15 -12.68
CA ILE RA 109 -89.56 8.19 -11.58
C ILE RA 109 -91.01 8.13 -11.15
N GLU RA 110 -91.55 6.94 -10.99
CA GLU RA 110 -92.82 6.69 -10.32
C GLU RA 110 -92.56 5.65 -9.22
N THR RA 111 -93.14 5.83 -8.04
CA THR RA 111 -93.08 4.91 -6.92
C THR RA 111 -94.42 4.90 -6.21
N PRO RA 112 -94.75 3.88 -5.39
CA PRO RA 112 -95.91 3.92 -4.51
C PRO RA 112 -95.99 5.16 -3.59
N THR RA 113 -94.85 5.77 -3.25
CA THR RA 113 -94.76 6.95 -2.38
C THR RA 113 -94.64 8.28 -3.15
N GLY RA 114 -94.77 8.26 -4.48
CA GLY RA 114 -94.85 9.47 -5.33
C GLY RA 114 -94.03 9.41 -6.62
N SER RA 115 -94.15 10.43 -7.46
CA SER RA 115 -93.48 10.53 -8.76
C SER RA 115 -92.69 11.81 -8.96
N TYR RA 116 -91.63 11.77 -9.75
CA TYR RA 116 -90.78 12.91 -10.10
C TYR RA 116 -90.42 12.86 -11.59
N TYR RA 117 -90.48 13.98 -12.29
CA TYR RA 117 -90.05 14.12 -13.67
C TYR RA 117 -89.21 15.38 -13.80
N LYS RA 118 -88.03 15.30 -14.42
CA LYS RA 118 -87.15 16.45 -14.55
C LYS RA 118 -86.31 16.36 -15.81
N ALA RA 119 -85.93 17.51 -16.35
CA ALA RA 119 -84.96 17.62 -17.42
C ALA RA 119 -83.82 18.56 -17.01
N TYR RA 120 -82.58 18.21 -17.35
CA TYR RA 120 -81.36 18.88 -16.90
C TYR RA 120 -80.46 19.22 -18.08
N GLY RA 121 -79.80 20.36 -18.07
CA GLY RA 121 -78.90 20.77 -19.15
C GLY RA 121 -79.63 21.20 -20.43
N GLY RA 122 -79.01 20.98 -21.59
CA GLY RA 122 -79.51 21.48 -22.87
C GLY RA 122 -79.07 20.67 -24.10
N ASP RA 123 -79.66 21.01 -25.24
CA ASP RA 123 -79.46 20.35 -26.54
C ASP RA 123 -78.27 20.88 -27.35
N ARG RA 124 -77.45 21.74 -26.75
CA ARG RA 124 -76.55 22.71 -27.42
C ARG RA 124 -77.23 23.83 -28.23
N THR RA 125 -78.57 23.94 -28.21
CA THR RA 125 -79.28 25.13 -28.70
C THR RA 125 -79.03 26.35 -27.80
N LYS RA 126 -79.10 27.56 -28.35
CA LYS RA 126 -78.46 28.75 -27.75
C LYS RA 126 -79.09 29.28 -26.46
N ASN RA 127 -80.41 29.27 -26.36
CA ASN RA 127 -81.18 29.90 -25.28
C ASN RA 127 -82.41 29.04 -24.98
N GLN RA 128 -82.19 27.74 -24.84
CA GLN RA 128 -83.24 26.73 -24.72
C GLN RA 128 -82.70 25.50 -23.96
N PRO RA 129 -82.79 25.45 -22.62
CA PRO RA 129 -82.50 24.24 -21.86
C PRO RA 129 -83.55 23.15 -22.15
N LEU RA 130 -83.30 21.90 -21.76
CA LEU RA 130 -84.25 20.82 -21.98
C LEU RA 130 -85.57 21.08 -21.26
N PHE RA 131 -86.65 20.58 -21.82
CA PHE RA 131 -87.97 20.56 -21.21
C PHE RA 131 -88.71 19.25 -21.53
N LEU RA 132 -89.63 18.86 -20.65
CA LEU RA 132 -90.23 17.53 -20.64
C LEU RA 132 -91.19 17.22 -21.82
N GLU RA 133 -91.66 18.23 -22.55
CA GLU RA 133 -92.45 17.98 -23.78
C GLU RA 133 -91.62 17.40 -24.93
N GLN RA 134 -90.29 17.56 -24.92
CA GLN RA 134 -89.41 17.16 -26.03
C GLN RA 134 -89.26 15.63 -26.20
N ASN RA 135 -89.38 15.16 -27.44
CA ASN RA 135 -89.18 13.77 -27.84
C ASN RA 135 -87.71 13.32 -27.81
N PHE RA 136 -87.46 12.05 -27.58
CA PHE RA 136 -86.15 11.41 -27.75
C PHE RA 136 -86.29 9.99 -28.31
N ARG RA 137 -85.23 9.43 -28.88
CA ARG RA 137 -85.19 8.05 -29.35
C ARG RA 137 -85.24 7.10 -28.15
N TYR RA 138 -86.18 6.17 -28.10
CA TYR RA 138 -86.26 5.15 -27.04
C TYR RA 138 -85.25 4.01 -27.25
N GLY RA 139 -84.65 3.90 -28.43
CA GLY RA 139 -83.63 2.91 -28.73
C GLY RA 139 -84.12 1.49 -28.47
N SER RA 140 -83.24 0.65 -27.98
CA SER RA 140 -83.48 -0.77 -27.71
C SER RA 140 -84.62 -1.07 -26.73
N CYS RA 141 -85.13 -0.11 -25.97
CA CYS RA 141 -86.31 -0.32 -25.13
C CYS RA 141 -87.54 -0.73 -25.94
N SER RA 142 -87.56 -0.39 -27.23
CA SER RA 142 -88.53 -0.86 -28.21
C SER RA 142 -88.67 -2.39 -28.25
N LYS RA 143 -87.66 -3.17 -27.84
CA LYS RA 143 -87.74 -4.62 -27.74
C LYS RA 143 -88.83 -5.09 -26.78
N MET RA 144 -89.11 -4.37 -25.69
CA MET RA 144 -90.21 -4.65 -24.79
C MET RA 144 -91.59 -4.38 -25.42
N ALA RA 145 -91.69 -3.52 -26.43
CA ALA RA 145 -92.91 -3.33 -27.20
C ALA RA 145 -93.16 -4.50 -28.17
N CYS RA 146 -92.11 -4.99 -28.83
CA CYS RA 146 -92.18 -6.08 -29.80
C CYS RA 146 -92.42 -7.45 -29.16
N ASN RA 147 -91.57 -7.87 -28.20
CA ASN RA 147 -91.68 -9.18 -27.54
C ASN RA 147 -93.07 -9.38 -26.92
N THR RA 148 -93.61 -8.37 -26.25
CA THR RA 148 -94.90 -8.45 -25.55
C THR RA 148 -96.05 -8.79 -26.49
N LEU RA 149 -96.09 -8.23 -27.69
CA LEU RA 149 -97.15 -8.55 -28.64
C LEU RA 149 -97.00 -9.98 -29.13
N LEU RA 150 -95.79 -10.50 -29.27
CA LEU RA 150 -95.61 -11.90 -29.60
C LEU RA 150 -96.16 -12.80 -28.49
N LEU RA 151 -95.91 -12.49 -27.21
CA LEU RA 151 -96.53 -13.19 -26.09
C LEU RA 151 -98.06 -13.11 -26.09
N ARG RA 152 -98.66 -11.99 -26.48
CA ARG RA 152 -100.11 -11.91 -26.75
C ARG RA 152 -100.55 -12.92 -27.80
N GLU RA 153 -99.79 -13.10 -28.88
CA GLU RA 153 -100.16 -14.06 -29.91
C GLU RA 153 -99.98 -15.52 -29.48
N ILE RA 154 -99.00 -15.84 -28.63
CA ILE RA 154 -98.94 -17.15 -27.95
C ILE RA 154 -100.15 -17.32 -27.04
N ASP RA 155 -100.52 -16.32 -26.25
CA ASP RA 155 -101.72 -16.38 -25.41
C ASP RA 155 -103.01 -16.58 -26.21
N ARG RA 156 -103.11 -16.01 -27.40
CA ARG RA 156 -104.23 -16.23 -28.33
C ARG RA 156 -104.10 -17.51 -29.16
N GLY RA 157 -103.02 -18.26 -29.00
CA GLY RA 157 -102.78 -19.52 -29.71
C GLY RA 157 -102.57 -19.38 -31.21
N HIS RA 158 -102.32 -18.16 -31.70
CA HIS RA 158 -102.08 -17.90 -33.11
C HIS RA 158 -100.69 -18.37 -33.57
N VAL RA 159 -99.76 -18.52 -32.62
CA VAL RA 159 -98.47 -19.21 -32.74
C VAL RA 159 -98.19 -19.94 -31.42
N ASP RA 160 -97.25 -20.88 -31.39
CA ASP RA 160 -96.94 -21.68 -30.19
C ASP RA 160 -95.42 -21.90 -30.01
N TRP RA 161 -94.96 -22.22 -28.80
CA TRP RA 161 -93.56 -22.12 -28.35
C TRP RA 161 -92.53 -22.87 -29.21
N ASP RA 162 -92.92 -24.03 -29.76
CA ASP RA 162 -92.06 -24.90 -30.56
C ASP RA 162 -92.13 -24.62 -32.07
N ASP RA 163 -92.93 -23.65 -32.53
CA ASP RA 163 -93.01 -23.29 -33.95
C ASP RA 163 -91.70 -22.76 -34.48
N THR RA 164 -91.30 -23.21 -35.67
CA THR RA 164 -90.01 -22.88 -36.28
C THR RA 164 -90.11 -21.71 -37.22
N LEU RA 165 -89.05 -20.91 -37.28
CA LEU RA 165 -89.00 -19.64 -37.99
C LEU RA 165 -89.28 -19.79 -39.50
N ASP RA 166 -88.91 -20.93 -40.09
CA ASP RA 166 -89.17 -21.27 -41.49
C ASP RA 166 -90.67 -21.25 -41.87
N GLN RA 167 -91.59 -21.36 -40.91
CA GLN RA 167 -93.02 -21.25 -41.17
C GLN RA 167 -93.45 -19.81 -41.50
N PHE RA 168 -92.81 -18.82 -40.89
CA PHE RA 168 -93.23 -17.42 -40.96
C PHE RA 168 -92.50 -16.64 -42.04
N ILE RA 169 -91.25 -16.99 -42.33
CA ILE RA 169 -90.41 -16.30 -43.31
C ILE RA 169 -89.45 -17.27 -44.01
N ASP RA 170 -89.22 -17.05 -45.30
CA ASP RA 170 -88.30 -17.85 -46.11
C ASP RA 170 -86.83 -17.42 -45.96
N GLY RA 171 -85.92 -18.39 -46.00
CA GLY RA 171 -84.50 -18.18 -46.30
C GLY RA 171 -83.57 -17.85 -45.13
N ILE RA 172 -84.05 -17.84 -43.88
CA ILE RA 172 -83.21 -17.55 -42.71
C ILE RA 172 -82.25 -18.72 -42.42
N PRO RA 173 -80.93 -18.50 -42.22
CA PRO RA 173 -79.99 -19.54 -41.80
C PRO RA 173 -80.42 -20.22 -40.49
N ASN RA 174 -80.41 -21.55 -40.45
CA ASN RA 174 -80.97 -22.36 -39.34
C ASN RA 174 -82.44 -22.08 -39.00
N GLY RA 175 -83.24 -21.55 -39.94
CA GLY RA 175 -84.66 -21.30 -39.76
C GLY RA 175 -85.49 -22.56 -39.50
N ASP RA 176 -84.94 -23.75 -39.77
CA ASP RA 176 -85.50 -25.06 -39.45
C ASP RA 176 -85.29 -25.49 -37.99
N LYS RA 177 -84.37 -24.85 -37.25
CA LYS RA 177 -84.01 -25.17 -35.85
C LYS RA 177 -84.31 -24.04 -34.87
N ILE RA 178 -84.41 -22.79 -35.33
CA ILE RA 178 -84.79 -21.65 -34.50
C ILE RA 178 -86.29 -21.74 -34.20
N THR RA 179 -86.67 -21.82 -32.93
CA THR RA 179 -88.07 -21.81 -32.48
C THR RA 179 -88.48 -20.45 -31.92
N VAL RA 180 -89.78 -20.25 -31.74
CA VAL RA 180 -90.34 -19.06 -31.08
C VAL RA 180 -89.72 -18.81 -29.71
N ARG RA 181 -89.59 -19.84 -28.85
CA ARG RA 181 -88.94 -19.71 -27.54
C ARG RA 181 -87.51 -19.19 -27.68
N TYR RA 182 -86.73 -19.74 -28.61
CA TYR RA 182 -85.35 -19.35 -28.82
C TYR RA 182 -85.20 -17.93 -29.34
N LEU RA 183 -86.18 -17.39 -30.06
CA LEU RA 183 -86.19 -15.98 -30.43
C LEU RA 183 -86.43 -15.13 -29.19
N LEU RA 184 -87.50 -15.40 -28.45
CA LEU RA 184 -87.87 -14.64 -27.26
C LEU RA 184 -86.77 -14.63 -26.19
N LEU RA 185 -86.03 -15.73 -26.02
CA LEU RA 185 -84.97 -15.87 -25.03
C LEU RA 185 -83.54 -15.69 -25.58
N PHE RA 186 -83.38 -15.19 -26.80
CA PHE RA 186 -82.06 -14.93 -27.41
C PHE RA 186 -81.13 -16.14 -27.49
N GLN RA 187 -81.71 -17.32 -27.71
CA GLN RA 187 -81.00 -18.56 -28.01
C GLN RA 187 -80.87 -18.82 -29.52
N ASP RA 188 -81.51 -17.98 -30.32
CA ASP RA 188 -81.15 -17.60 -31.70
C ASP RA 188 -79.63 -17.50 -31.87
N GLY RA 189 -79.07 -18.20 -32.84
CA GLY RA 189 -77.62 -18.21 -33.10
C GLY RA 189 -77.11 -17.14 -34.06
N LEU RA 190 -77.95 -16.23 -34.55
CA LEU RA 190 -77.60 -15.35 -35.66
C LEU RA 190 -76.64 -14.22 -35.29
N LYS RA 191 -75.76 -13.84 -36.23
CA LYS RA 191 -74.83 -12.72 -36.09
C LYS RA 191 -75.58 -11.38 -36.02
N ASP RA 192 -75.05 -10.42 -35.29
CA ASP RA 192 -75.67 -9.09 -35.11
C ASP RA 192 -74.97 -8.03 -35.97
N TRP RA 193 -75.72 -7.28 -36.77
CA TRP RA 193 -75.14 -6.27 -37.64
C TRP RA 193 -74.69 -5.01 -36.92
N LEU RA 194 -75.33 -4.59 -35.83
CA LEU RA 194 -74.86 -3.43 -35.06
C LEU RA 194 -73.98 -3.82 -33.88
N GLN RA 195 -74.23 -4.97 -33.23
CA GLN RA 195 -73.42 -5.43 -32.11
C GLN RA 195 -72.29 -6.37 -32.50
N GLY RA 196 -72.04 -6.59 -33.79
CA GLY RA 196 -71.04 -7.56 -34.23
C GLY RA 196 -70.45 -7.40 -35.63
N ASP RA 197 -70.43 -6.21 -36.24
CA ASP RA 197 -69.81 -6.04 -37.57
C ASP RA 197 -69.11 -4.69 -37.79
N PRO RA 198 -67.76 -4.64 -37.77
CA PRO RA 198 -66.99 -3.42 -37.90
C PRO RA 198 -67.26 -2.63 -39.18
N ALA RA 199 -67.42 -3.32 -40.32
CA ALA RA 199 -67.65 -2.65 -41.59
C ALA RA 199 -69.01 -1.95 -41.60
N VAL RA 200 -70.00 -2.53 -40.93
CA VAL RA 200 -71.34 -1.95 -40.76
C VAL RA 200 -71.32 -0.81 -39.76
N GLN RA 201 -70.70 -1.01 -38.60
CA GLN RA 201 -70.60 0.00 -37.56
C GLN RA 201 -69.92 1.27 -38.06
N GLN RA 202 -68.90 1.18 -38.92
CA GLN RA 202 -68.27 2.35 -39.51
C GLN RA 202 -69.27 3.17 -40.31
N THR RA 203 -69.93 2.58 -41.29
CA THR RA 203 -70.92 3.31 -42.10
C THR RA 203 -72.13 3.77 -41.28
N TYR RA 204 -72.52 3.07 -40.21
CA TYR RA 204 -73.52 3.56 -39.27
C TYR RA 204 -73.07 4.84 -38.55
N PHE RA 205 -71.84 4.91 -38.06
CA PHE RA 205 -71.33 6.11 -37.38
C PHE RA 205 -71.06 7.25 -38.36
N LEU RA 206 -70.49 6.93 -39.52
CA LEU RA 206 -70.04 7.89 -40.53
C LEU RA 206 -71.14 8.33 -41.50
N ASN RA 207 -72.23 7.59 -41.61
CA ASN RA 207 -73.34 7.84 -42.51
C ASN RA 207 -74.67 7.30 -41.95
N PRO RA 208 -75.15 7.83 -40.82
CA PRO RA 208 -76.29 7.27 -40.10
C PRO RA 208 -77.63 7.38 -40.83
N THR RA 209 -77.72 8.25 -41.83
CA THR RA 209 -78.89 8.42 -42.69
C THR RA 209 -78.92 7.49 -43.88
N LEU RA 210 -77.89 6.68 -44.13
CA LEU RA 210 -77.93 5.67 -45.18
C LEU RA 210 -79.00 4.64 -44.83
N ASN RA 211 -79.79 4.23 -45.80
CA ASN RA 211 -80.79 3.18 -45.61
C ASN RA 211 -80.17 1.80 -45.76
N TYR RA 212 -80.76 0.82 -45.08
CA TYR RA 212 -80.17 -0.50 -44.89
C TYR RA 212 -81.24 -1.60 -44.99
N ASP RA 213 -80.84 -2.81 -45.36
CA ASP RA 213 -81.70 -3.99 -45.37
C ASP RA 213 -81.13 -5.11 -44.46
N PRO RA 214 -81.37 -5.07 -43.14
CA PRO RA 214 -80.83 -6.06 -42.23
C PRO RA 214 -81.39 -7.47 -42.42
N LEU RA 215 -82.57 -7.64 -42.99
CA LEU RA 215 -83.06 -8.95 -43.37
C LEU RA 215 -82.16 -9.59 -44.45
N ALA RA 216 -81.68 -8.79 -45.41
CA ALA RA 216 -80.73 -9.28 -46.40
C ALA RA 216 -79.41 -9.68 -45.74
N TYR RA 217 -78.97 -8.95 -44.71
CA TYR RA 217 -77.80 -9.34 -43.92
C TYR RA 217 -78.02 -10.69 -43.23
N ILE RA 218 -79.19 -10.93 -42.64
CA ILE RA 218 -79.50 -12.20 -42.00
C ILE RA 218 -79.43 -13.35 -43.01
N ARG RA 219 -80.04 -13.20 -44.19
CA ARG RA 219 -80.07 -14.23 -45.22
C ARG RA 219 -78.69 -14.55 -45.81
N ALA RA 220 -77.70 -13.68 -45.67
CA ALA RA 220 -76.31 -13.95 -46.02
C ALA RA 220 -75.47 -14.51 -44.87
N SER RA 221 -75.88 -14.31 -43.62
CA SER RA 221 -75.06 -14.55 -42.44
C SER RA 221 -74.74 -16.03 -42.22
N THR RA 222 -73.62 -16.30 -41.55
CA THR RA 222 -73.29 -17.62 -41.01
C THR RA 222 -73.62 -17.65 -39.52
N PRO RA 223 -74.41 -18.61 -39.03
CA PRO RA 223 -74.73 -18.75 -37.61
C PRO RA 223 -73.48 -18.80 -36.72
N VAL RA 224 -73.53 -18.13 -35.58
CA VAL RA 224 -72.43 -18.12 -34.60
C VAL RA 224 -72.39 -19.42 -33.79
N PHE RA 225 -73.55 -19.99 -33.48
CA PHE RA 225 -73.73 -21.22 -32.71
C PHE RA 225 -75.06 -21.90 -33.06
N GLU RA 226 -75.18 -23.19 -32.78
CA GLU RA 226 -76.40 -23.97 -32.99
C GLU RA 226 -77.51 -23.51 -32.02
N PRO RA 227 -78.74 -23.23 -32.49
CA PRO RA 227 -79.80 -22.70 -31.64
C PRO RA 227 -80.06 -23.48 -30.36
N GLY RA 228 -80.34 -22.79 -29.27
CA GLY RA 228 -80.65 -23.39 -27.97
C GLY RA 228 -79.44 -23.78 -27.10
N THR RA 229 -78.21 -23.71 -27.62
CA THR RA 229 -76.99 -24.13 -26.91
C THR RA 229 -76.32 -23.03 -26.08
N ASP RA 230 -76.66 -21.78 -26.30
CA ASP RA 230 -76.13 -20.60 -25.61
C ASP RA 230 -77.17 -19.47 -25.72
N SER RA 231 -76.97 -18.36 -25.01
CA SER RA 231 -77.75 -17.12 -25.18
C SER RA 231 -76.83 -15.95 -25.40
N HIS RA 232 -77.19 -15.06 -26.30
CA HIS RA 232 -76.38 -13.89 -26.67
C HIS RA 232 -77.27 -12.78 -27.19
N TYR RA 233 -76.97 -11.52 -26.90
CA TYR RA 233 -77.83 -10.40 -27.32
C TYR RA 233 -78.00 -10.37 -28.84
N SER RA 234 -79.23 -10.24 -29.34
CA SER RA 234 -79.53 -10.27 -30.76
C SER RA 234 -80.49 -9.17 -31.20
N ASN RA 235 -80.16 -8.46 -32.27
CA ASN RA 235 -81.08 -7.62 -33.04
C ASN RA 235 -81.86 -8.42 -34.08
N ALA RA 236 -81.27 -9.48 -34.62
CA ALA RA 236 -81.92 -10.36 -35.57
C ALA RA 236 -83.18 -10.99 -34.97
N ALA RA 237 -83.13 -11.44 -33.73
CA ALA RA 237 -84.28 -11.99 -33.03
C ALA RA 237 -85.50 -11.05 -33.06
N THR RA 238 -85.34 -9.78 -32.68
CA THR RA 238 -86.47 -8.85 -32.60
C THR RA 238 -86.98 -8.48 -33.99
N LEU RA 239 -86.08 -8.33 -34.97
CA LEU RA 239 -86.47 -8.21 -36.36
C LEU RA 239 -87.30 -9.41 -36.80
N LEU RA 240 -86.90 -10.64 -36.47
CA LEU RA 240 -87.61 -11.84 -36.87
C LEU RA 240 -88.94 -12.02 -36.11
N MET RA 241 -89.09 -11.54 -34.87
CA MET RA 241 -90.40 -11.38 -34.24
C MET RA 241 -91.29 -10.41 -34.99
N GLY RA 242 -90.74 -9.31 -35.50
CA GLY RA 242 -91.43 -8.42 -36.44
C GLY RA 242 -91.80 -9.04 -37.79
N LYS RA 243 -91.45 -10.31 -38.05
CA LYS RA 243 -91.90 -11.09 -39.21
C LYS RA 243 -92.88 -12.20 -38.84
N ILE RA 244 -93.04 -12.49 -37.55
CA ILE RA 244 -94.07 -13.38 -37.01
C ILE RA 244 -95.33 -12.57 -36.70
N LEU RA 245 -95.16 -11.38 -36.14
CA LEU RA 245 -96.09 -10.29 -36.34
C LEU RA 245 -96.01 -9.88 -37.82
N GLU RA 246 -96.94 -9.09 -38.35
CA GLU RA 246 -97.21 -9.03 -39.80
C GLU RA 246 -97.84 -10.33 -40.35
N TRP RA 247 -97.24 -11.50 -40.11
CA TRP RA 247 -97.83 -12.78 -40.49
C TRP RA 247 -99.15 -13.01 -39.76
N CYS RA 248 -99.18 -12.83 -38.44
CA CYS RA 248 -100.44 -12.87 -37.68
C CYS RA 248 -101.47 -11.86 -38.18
N ASP RA 249 -101.02 -10.67 -38.58
CA ASP RA 249 -101.90 -9.63 -39.08
C ASP RA 249 -102.45 -9.97 -40.47
N ALA RA 250 -101.72 -10.74 -41.27
CA ALA RA 250 -102.20 -11.22 -42.55
C ALA RA 250 -103.14 -12.43 -42.39
N GLU RA 251 -102.91 -13.27 -41.39
CA GLU RA 251 -103.71 -14.47 -41.14
C GLU RA 251 -104.99 -14.21 -40.31
N PHE RA 252 -104.93 -13.41 -39.25
CA PHE RA 252 -105.99 -13.34 -38.23
C PHE RA 252 -106.57 -11.95 -38.03
N TYR RA 253 -105.75 -10.90 -38.03
CA TYR RA 253 -106.19 -9.50 -38.03
C TYR RA 253 -106.30 -8.95 -39.46
N THR RA 254 -106.12 -7.64 -39.66
CA THR RA 254 -106.03 -6.99 -40.97
C THR RA 254 -104.60 -6.56 -41.24
N GLY RA 255 -104.01 -6.94 -42.38
CA GLY RA 255 -102.57 -6.82 -42.62
C GLY RA 255 -101.99 -5.43 -42.42
N ARG RA 256 -100.97 -5.34 -41.59
CA ARG RA 256 -100.18 -4.14 -41.24
C ARG RA 256 -98.71 -4.49 -41.28
N SER RA 257 -97.82 -3.52 -41.48
CA SER RA 257 -96.40 -3.72 -41.18
C SER RA 257 -96.13 -3.70 -39.68
N ALA RA 258 -94.95 -4.15 -39.26
CA ALA RA 258 -94.49 -3.99 -37.88
C ALA RA 258 -94.44 -2.51 -37.47
N ARG RA 259 -94.08 -1.61 -38.40
CA ARG RA 259 -94.09 -0.16 -38.17
C ARG RA 259 -95.46 0.33 -37.76
N GLU RA 260 -96.49 -0.13 -38.45
CA GLU RA 260 -97.86 0.24 -38.15
C GLU RA 260 -98.35 -0.43 -36.87
N LEU RA 261 -98.22 -1.76 -36.76
CA LEU RA 261 -98.91 -2.51 -35.72
C LEU RA 261 -98.36 -2.20 -34.32
N ILE RA 262 -97.05 -2.03 -34.17
CA ILE RA 262 -96.43 -1.81 -32.85
C ILE RA 262 -96.83 -0.44 -32.32
N VAL RA 263 -96.87 0.57 -33.18
CA VAL RA 263 -97.28 1.92 -32.76
C VAL RA 263 -98.79 1.99 -32.50
N GLU RA 264 -99.63 1.33 -33.29
CA GLU RA 264 -101.07 1.31 -33.07
C GLU RA 264 -101.46 0.67 -31.73
N GLU RA 265 -101.01 -0.54 -31.43
CA GLU RA 265 -101.45 -1.27 -30.25
C GLU RA 265 -101.06 -0.55 -28.95
N TRP RA 266 -99.81 -0.12 -28.85
CA TRP RA 266 -99.29 0.56 -27.67
C TRP RA 266 -99.85 1.95 -27.49
N LYS RA 267 -100.04 2.72 -28.57
CA LYS RA 267 -100.67 4.05 -28.50
C LYS RA 267 -102.15 3.95 -28.12
N ASN RA 268 -102.92 3.06 -28.74
CA ASN RA 268 -104.35 2.92 -28.43
C ASN RA 268 -104.62 2.28 -27.07
N THR RA 269 -103.82 1.32 -26.61
CA THR RA 269 -104.07 0.62 -25.35
C THR RA 269 -103.55 1.39 -24.14
N VAL RA 270 -102.31 1.92 -24.19
CA VAL RA 270 -101.69 2.60 -23.04
C VAL RA 270 -101.96 4.11 -23.04
N GLY RA 271 -102.28 4.71 -24.19
CA GLY RA 271 -102.47 6.16 -24.29
C GLY RA 271 -101.17 6.94 -24.42
N MET RA 272 -100.17 6.38 -25.12
CA MET RA 272 -98.90 7.05 -25.39
C MET RA 272 -98.99 7.96 -26.62
N GLU RA 273 -99.48 9.18 -26.47
CA GLU RA 273 -99.77 10.07 -27.59
C GLU RA 273 -98.54 10.55 -28.39
N SER RA 274 -97.34 10.53 -27.80
CA SER RA 274 -96.10 10.88 -28.50
C SER RA 274 -95.56 9.74 -29.35
N LEU RA 275 -96.10 8.53 -29.20
CA LEU RA 275 -95.45 7.32 -29.67
C LEU RA 275 -95.48 7.28 -31.19
N HIS RA 276 -94.30 7.21 -31.79
CA HIS RA 276 -94.14 7.08 -33.23
C HIS RA 276 -92.86 6.33 -33.61
N TRP RA 277 -92.87 5.73 -34.79
CA TRP RA 277 -91.73 5.12 -35.45
C TRP RA 277 -91.40 5.97 -36.66
N PRO RA 278 -90.36 6.82 -36.60
CA PRO RA 278 -90.07 7.76 -37.66
C PRO RA 278 -89.87 7.11 -39.02
N THR RA 279 -90.51 7.65 -40.05
CA THR RA 279 -90.28 7.27 -41.44
C THR RA 279 -89.19 8.12 -42.10
N THR RA 280 -89.08 9.39 -41.74
CA THR RA 280 -87.97 10.28 -42.05
C THR RA 280 -86.76 10.04 -41.14
N ASN RA 281 -85.62 10.65 -41.45
CA ASN RA 281 -84.45 10.65 -40.58
C ASN RA 281 -84.63 11.40 -39.24
N TYR RA 282 -85.71 12.16 -39.06
CA TYR RA 282 -85.99 12.99 -37.89
C TYR RA 282 -87.29 12.58 -37.19
N MET RA 283 -87.36 12.80 -35.89
CA MET RA 283 -88.54 12.65 -35.03
C MET RA 283 -89.56 13.79 -35.19
N ASN RA 284 -90.76 13.62 -34.64
CA ASN RA 284 -91.72 14.70 -34.46
C ASN RA 284 -91.13 15.82 -33.56
N GLN RA 285 -91.44 17.08 -33.85
CA GLN RA 285 -91.03 18.22 -33.01
C GLN RA 285 -91.90 18.37 -31.74
N PRO RA 286 -91.41 19.01 -30.68
CA PRO RA 286 -90.00 19.36 -30.45
C PRO RA 286 -89.22 18.12 -30.02
N TYR RA 287 -87.95 18.01 -30.39
CA TYR RA 287 -87.11 16.89 -29.99
C TYR RA 287 -85.81 17.32 -29.33
N VAL RA 288 -85.32 16.50 -28.41
CA VAL RA 288 -83.97 16.57 -27.83
C VAL RA 288 -82.96 16.30 -28.95
N ARG RA 289 -81.82 16.99 -29.03
CA ARG RA 289 -80.77 16.77 -30.04
C ARG RA 289 -79.70 15.80 -29.56
N GLY RA 290 -79.28 14.89 -30.41
CA GLY RA 290 -78.27 13.88 -30.08
C GLY RA 290 -76.87 14.33 -30.44
N TRP RA 291 -75.87 13.89 -29.67
CA TRP RA 291 -74.47 14.26 -29.87
C TRP RA 291 -73.52 13.08 -29.69
N THR RA 292 -72.34 13.16 -30.27
CA THR RA 292 -71.24 12.23 -29.98
C THR RA 292 -69.92 12.98 -30.11
N PRO RA 293 -68.88 12.66 -29.33
CA PRO RA 293 -67.53 13.01 -29.72
C PRO RA 293 -67.11 12.16 -30.90
N ASN RA 294 -66.19 12.64 -31.71
CA ASN RA 294 -65.50 11.81 -32.68
C ASN RA 294 -64.69 10.74 -31.89
N MET RA 295 -64.71 9.51 -32.36
CA MET RA 295 -64.14 8.35 -31.68
C MET RA 295 -63.47 7.43 -32.67
N ALA RA 296 -62.35 6.83 -32.29
CA ALA RA 296 -61.76 5.78 -33.10
C ALA RA 296 -62.68 4.55 -33.17
N LEU RA 297 -62.60 3.79 -34.26
CA LEU RA 297 -63.38 2.57 -34.46
C LEU RA 297 -63.26 1.58 -33.28
N PRO RA 298 -62.07 1.34 -32.69
CA PRO RA 298 -61.96 0.54 -31.47
C PRO RA 298 -62.82 1.02 -30.28
N GLN RA 299 -63.14 2.32 -30.19
CA GLN RA 299 -63.99 2.87 -29.15
C GLN RA 299 -65.47 2.80 -29.52
N ILE RA 300 -65.80 2.97 -30.80
CA ILE RA 300 -67.16 2.73 -31.31
C ILE RA 300 -67.56 1.28 -31.06
N GLN RA 301 -66.70 0.31 -31.41
CA GLN RA 301 -66.93 -1.11 -31.13
C GLN RA 301 -67.20 -1.38 -29.65
N ALA RA 302 -66.46 -0.73 -28.75
CA ALA RA 302 -66.68 -0.88 -27.31
C ALA RA 302 -68.04 -0.35 -26.84
N ILE RA 303 -68.60 0.70 -27.47
CA ILE RA 303 -69.91 1.26 -27.09
C ILE RA 303 -71.07 0.48 -27.71
N LEU RA 304 -70.94 -0.02 -28.95
CA LEU RA 304 -72.00 -0.79 -29.60
C LEU RA 304 -72.00 -2.28 -29.24
N GLY RA 305 -70.93 -2.83 -28.66
CA GLY RA 305 -70.86 -4.22 -28.20
C GLY RA 305 -71.86 -4.55 -27.08
N PRO RA 306 -72.15 -5.83 -26.84
CA PRO RA 306 -73.26 -6.25 -25.99
C PRO RA 306 -73.07 -5.98 -24.50
N PHE RA 307 -71.84 -5.74 -24.05
CA PHE RA 307 -71.49 -5.54 -22.63
C PHE RA 307 -71.03 -4.10 -22.31
N ALA RA 308 -71.31 -3.17 -23.22
CA ALA RA 308 -70.78 -1.80 -23.18
C ALA RA 308 -71.04 -1.03 -21.88
N PHE RA 309 -72.17 -1.28 -21.21
CA PHE RA 309 -72.54 -0.55 -20.00
C PHE RA 309 -71.63 -0.88 -18.81
N LEU RA 310 -71.02 -2.07 -18.78
CA LEU RA 310 -70.01 -2.44 -17.79
C LEU RA 310 -68.67 -1.76 -18.10
N ALA RA 311 -68.24 -1.87 -19.36
CA ALA RA 311 -66.90 -1.48 -19.82
C ALA RA 311 -66.75 0.04 -20.05
N GLY RA 312 -67.30 0.88 -19.17
CA GLY RA 312 -67.47 2.32 -19.41
C GLY RA 312 -66.21 3.20 -19.32
N LEU RA 313 -65.04 2.64 -18.99
CA LEU RA 313 -63.81 3.38 -18.67
C LEU RA 313 -63.05 3.94 -19.91
N LEU RA 314 -63.76 4.44 -20.92
CA LEU RA 314 -63.17 4.87 -22.20
C LEU RA 314 -62.36 6.17 -22.10
N GLY RA 315 -62.63 7.03 -21.11
CA GLY RA 315 -61.88 8.27 -20.81
C GLY RA 315 -62.07 9.43 -21.80
N TYR RA 316 -62.37 9.15 -23.07
CA TYR RA 316 -62.68 10.12 -24.14
C TYR RA 316 -61.65 11.26 -24.29
N PRO RA 317 -60.45 10.97 -24.82
CA PRO RA 317 -59.38 11.97 -24.99
C PRO RA 317 -59.54 12.89 -26.22
N THR RA 318 -60.50 12.62 -27.12
CA THR RA 318 -60.70 13.36 -28.38
C THR RA 318 -61.29 14.76 -28.16
N SER RA 319 -61.22 15.64 -29.17
CA SER RA 319 -61.45 17.09 -29.03
C SER RA 319 -62.43 17.73 -30.02
N LYS RA 320 -63.16 16.94 -30.83
CA LYS RA 320 -64.20 17.40 -31.78
C LYS RA 320 -65.48 16.59 -31.64
N ASP RA 321 -66.63 17.24 -31.78
CA ASP RA 321 -67.95 16.63 -31.61
C ASP RA 321 -68.80 16.70 -32.88
N LEU RA 322 -69.74 15.76 -33.02
CA LEU RA 322 -70.64 15.60 -34.15
C LEU RA 322 -72.09 15.58 -33.63
N GLU RA 323 -73.01 16.25 -34.31
CA GLU RA 323 -74.43 16.06 -34.05
C GLU RA 323 -74.85 14.70 -34.59
N TRP RA 324 -75.73 14.01 -33.86
CA TRP RA 324 -76.30 12.74 -34.26
C TRP RA 324 -77.82 12.67 -34.08
N THR RA 325 -78.51 13.77 -34.35
CA THR RA 325 -79.99 13.81 -34.38
C THR RA 325 -80.59 12.97 -35.52
N ALA RA 326 -80.01 13.04 -36.72
CA ALA RA 326 -80.54 12.42 -37.93
C ALA RA 326 -80.05 10.97 -38.07
N VAL RA 327 -80.96 10.00 -38.08
CA VAL RA 327 -80.62 8.59 -38.25
C VAL RA 327 -81.77 7.80 -38.90
N SER RA 328 -81.46 6.84 -39.75
CA SER RA 328 -82.46 5.99 -40.39
C SER RA 328 -82.92 4.87 -39.45
N THR RA 329 -84.20 4.61 -39.35
CA THR RA 329 -84.71 3.52 -38.50
C THR RA 329 -84.45 2.14 -39.09
N THR RA 330 -84.09 2.04 -40.37
CA THR RA 330 -83.73 0.77 -41.01
C THR RA 330 -82.48 0.10 -40.42
N TRP RA 331 -81.65 0.82 -39.67
CA TRP RA 331 -80.56 0.21 -38.91
C TRP RA 331 -81.06 -0.69 -37.78
N SER RA 332 -82.32 -0.56 -37.37
CA SER RA 332 -82.88 -1.25 -36.21
C SER RA 332 -84.15 -2.05 -36.48
N ASP RA 333 -85.03 -1.57 -37.37
CA ASP RA 333 -86.37 -2.12 -37.60
C ASP RA 333 -87.17 -2.31 -36.31
N ALA RA 334 -87.53 -3.52 -35.90
CA ALA RA 334 -88.35 -3.74 -34.72
C ALA RA 334 -87.57 -3.57 -33.40
N ALA RA 335 -86.25 -3.68 -33.43
CA ALA RA 335 -85.40 -3.11 -32.40
C ALA RA 335 -85.34 -1.58 -32.57
N GLY RA 336 -84.88 -0.85 -31.56
CA GLY RA 336 -84.35 0.52 -31.71
C GLY RA 336 -85.31 1.68 -32.05
N SER RA 337 -86.35 1.46 -32.83
CA SER RA 337 -86.93 2.50 -33.68
C SER RA 337 -87.99 3.42 -33.07
N LEU RA 338 -88.58 3.13 -31.91
CA LEU RA 338 -89.64 3.97 -31.36
C LEU RA 338 -89.09 5.26 -30.73
N ALA RA 339 -89.93 6.29 -30.70
CA ALA RA 339 -89.65 7.59 -30.12
C ALA RA 339 -90.92 8.19 -29.50
N GLY RA 340 -90.72 9.13 -28.60
CA GLY RA 340 -91.75 9.74 -27.77
C GLY RA 340 -91.09 10.55 -26.66
N ASN RA 341 -91.83 11.02 -25.66
CA ASN RA 341 -91.25 11.78 -24.54
C ASN RA 341 -91.33 11.04 -23.20
N MET RA 342 -90.85 11.66 -22.12
CA MET RA 342 -90.61 11.00 -20.85
C MET RA 342 -91.87 10.53 -20.14
N GLU RA 343 -92.96 11.28 -20.14
CA GLU RA 343 -94.22 10.84 -19.54
C GLU RA 343 -94.70 9.55 -20.19
N ASP RA 344 -94.69 9.49 -21.51
CA ASP RA 344 -95.09 8.30 -22.25
C ASP RA 344 -94.13 7.12 -22.04
N PHE RA 345 -92.84 7.40 -21.85
CA PHE RA 345 -91.83 6.40 -21.57
C PHE RA 345 -92.00 5.77 -20.19
N VAL RA 346 -92.38 6.56 -19.19
CA VAL RA 346 -92.71 6.06 -17.86
C VAL RA 346 -94.05 5.32 -17.88
N LYS RA 347 -95.02 5.79 -18.66
CA LYS RA 347 -96.29 5.08 -18.93
C LYS RA 347 -96.05 3.71 -19.56
N PHE RA 348 -95.09 3.60 -20.47
CA PHE RA 348 -94.68 2.34 -21.08
C PHE RA 348 -94.13 1.36 -20.02
N GLY RA 349 -93.25 1.81 -19.14
CA GLY RA 349 -92.74 0.99 -18.04
C GLY RA 349 -93.82 0.54 -17.08
N LYS RA 350 -94.79 1.40 -16.79
CA LYS RA 350 -95.92 1.08 -15.91
C LYS RA 350 -96.83 0.02 -16.54
N ALA RA 351 -97.11 0.12 -17.83
CA ALA RA 351 -97.84 -0.90 -18.56
C ALA RA 351 -97.10 -2.25 -18.63
N LEU RA 352 -95.77 -2.24 -18.73
CA LEU RA 352 -94.95 -3.45 -18.72
C LEU RA 352 -94.94 -4.12 -17.35
N TYR RA 353 -94.94 -3.34 -16.27
CA TYR RA 353 -95.13 -3.87 -14.93
C TYR RA 353 -96.52 -4.48 -14.79
N GLU RA 354 -97.58 -3.76 -15.17
CA GLU RA 354 -98.96 -4.23 -15.07
C GLU RA 354 -99.29 -5.43 -15.98
N GLY RA 355 -98.39 -5.80 -16.90
CA GLY RA 355 -98.56 -6.94 -17.79
C GLY RA 355 -99.68 -6.72 -18.80
N GLU RA 356 -99.81 -5.51 -19.32
CA GLU RA 356 -100.79 -5.21 -20.35
C GLU RA 356 -100.58 -6.12 -21.57
N PHE RA 357 -101.65 -6.45 -22.29
CA PHE RA 357 -101.71 -7.44 -23.36
C PHE RA 357 -101.65 -8.92 -22.95
N LEU RA 358 -101.48 -9.29 -21.66
CA LEU RA 358 -101.11 -10.65 -21.25
C LEU RA 358 -102.10 -11.30 -20.26
N SER RA 359 -102.21 -12.62 -20.30
CA SER RA 359 -102.95 -13.42 -19.32
C SER RA 359 -102.23 -13.46 -17.97
N GLU RA 360 -102.94 -13.78 -16.89
CA GLU RA 360 -102.31 -13.93 -15.57
C GLU RA 360 -101.27 -15.06 -15.55
N GLU RA 361 -101.54 -16.17 -16.25
CA GLU RA 361 -100.60 -17.27 -16.41
C GLU RA 361 -99.33 -16.86 -17.17
N MET RA 362 -99.46 -16.16 -18.29
CA MET RA 362 -98.31 -15.60 -19.02
C MET RA 362 -97.57 -14.53 -18.21
N ASN RA 363 -98.27 -13.70 -17.45
CA ASN RA 363 -97.65 -12.67 -16.64
C ASN RA 363 -96.83 -13.26 -15.48
N GLN RA 364 -97.21 -14.43 -14.97
CA GLN RA 364 -96.37 -15.17 -14.05
C GLN RA 364 -95.14 -15.74 -14.78
N LEU RA 365 -95.30 -16.35 -15.95
CA LEU RA 365 -94.21 -16.99 -16.68
C LEU RA 365 -93.08 -16.01 -17.06
N ARG RA 366 -93.42 -14.83 -17.58
CA ARG RA 366 -92.46 -13.81 -18.02
C ARG RA 366 -91.59 -13.21 -16.90
N LYS RA 367 -92.00 -13.37 -15.65
CA LYS RA 367 -91.23 -12.96 -14.46
C LYS RA 367 -90.25 -14.06 -13.98
N GLU RA 368 -90.19 -15.23 -14.62
CA GLU RA 368 -89.58 -16.43 -14.02
C GLU RA 368 -88.61 -17.19 -14.92
N ILE RA 369 -88.85 -17.27 -16.23
CA ILE RA 369 -87.93 -17.88 -17.19
C ILE RA 369 -86.85 -16.85 -17.55
N PHE RA 370 -85.57 -17.21 -17.44
CA PHE RA 370 -84.44 -16.36 -17.84
C PHE RA 370 -83.31 -17.16 -18.47
N THR RA 371 -82.51 -16.52 -19.31
CA THR RA 371 -81.23 -17.01 -19.83
C THR RA 371 -80.11 -16.01 -19.54
N ARG RA 372 -78.85 -16.45 -19.47
CA ARG RA 372 -77.72 -15.60 -19.05
C ARG RA 372 -77.42 -14.51 -20.05
N TYR RA 373 -77.45 -13.25 -19.62
CA TYR RA 373 -76.94 -12.12 -20.40
C TYR RA 373 -75.47 -11.86 -20.08
N VAL RA 374 -75.16 -11.49 -18.84
CA VAL RA 374 -73.80 -11.25 -18.35
C VAL RA 374 -73.67 -11.73 -16.92
N GLU RA 375 -72.47 -12.17 -16.58
CA GLU RA 375 -71.97 -12.26 -15.21
C GLU RA 375 -70.84 -11.25 -15.08
N TYR RA 376 -70.80 -10.49 -13.99
CA TYR RA 376 -69.81 -9.45 -13.76
C TYR RA 376 -69.51 -9.32 -12.26
N GLU RA 377 -68.30 -8.93 -11.90
CA GLU RA 377 -68.02 -8.48 -10.54
C GLU RA 377 -68.55 -7.05 -10.38
N PRO RA 378 -69.44 -6.76 -9.41
CA PRO RA 378 -70.01 -5.44 -9.25
C PRO RA 378 -68.93 -4.46 -8.79
N ALA RA 379 -68.69 -3.41 -9.56
CA ALA RA 379 -67.60 -2.46 -9.34
C ALA RA 379 -67.87 -1.40 -8.26
N GLY RA 380 -68.87 -1.62 -7.41
CA GLY RA 380 -69.28 -0.69 -6.36
C GLY RA 380 -70.45 -1.22 -5.53
N PRO RA 381 -70.94 -0.47 -4.54
CA PRO RA 381 -72.03 -0.90 -3.68
C PRO RA 381 -73.40 -0.83 -4.36
N HIS RA 382 -73.59 0.10 -5.31
CA HIS RA 382 -74.84 0.32 -6.03
C HIS RA 382 -75.01 -0.58 -7.25
N GLN RA 383 -73.92 -1.01 -7.90
CA GLN RA 383 -74.00 -2.10 -8.87
C GLN RA 383 -74.47 -3.36 -8.12
N GLY RA 384 -75.46 -4.06 -8.68
CA GLY RA 384 -76.32 -4.95 -7.93
C GLY RA 384 -75.80 -6.37 -7.81
N PRO RA 385 -76.60 -7.40 -8.11
CA PRO RA 385 -76.11 -8.75 -8.13
C PRO RA 385 -75.18 -8.90 -9.32
N GLY RA 386 -74.16 -9.74 -9.23
CA GLY RA 386 -73.20 -9.93 -10.31
C GLY RA 386 -73.74 -10.69 -11.54
N TRP RA 387 -75.05 -10.76 -11.74
CA TRP RA 387 -75.71 -11.53 -12.80
C TRP RA 387 -76.89 -10.76 -13.37
N MET RA 388 -77.06 -10.80 -14.68
CA MET RA 388 -78.22 -10.30 -15.40
C MET RA 388 -78.72 -11.36 -16.38
N GLY RA 389 -80.02 -11.46 -16.61
CA GLY RA 389 -80.59 -12.44 -17.52
C GLY RA 389 -81.68 -11.92 -18.45
N PHE RA 390 -81.71 -12.42 -19.68
CA PHE RA 390 -82.77 -12.17 -20.64
C PHE RA 390 -84.02 -12.94 -20.25
N GLY RA 391 -85.14 -12.27 -20.05
CA GLY RA 391 -86.45 -12.87 -19.85
C GLY RA 391 -87.29 -12.82 -21.10
N LEU RA 392 -88.50 -13.37 -21.04
CA LEU RA 392 -89.42 -13.42 -22.18
C LEU RA 392 -89.82 -12.02 -22.72
N ASN RA 393 -89.70 -10.94 -21.95
CA ASN RA 393 -89.79 -9.57 -22.47
C ASN RA 393 -88.97 -8.50 -21.71
N SER RA 394 -87.91 -8.83 -21.00
CA SER RA 394 -87.06 -7.84 -20.31
C SER RA 394 -85.67 -8.37 -19.91
N ILE RA 395 -84.70 -7.51 -19.66
CA ILE RA 395 -83.47 -7.84 -18.94
C ILE RA 395 -83.75 -7.76 -17.45
N CYS RA 396 -83.26 -8.68 -16.63
CA CYS RA 396 -83.39 -8.62 -15.18
C CYS RA 396 -82.09 -8.19 -14.48
N TRP RA 397 -82.22 -7.41 -13.42
CA TRP RA 397 -81.18 -6.96 -12.51
C TRP RA 397 -81.77 -6.88 -11.12
N GLY RA 398 -81.53 -7.90 -10.29
CA GLY RA 398 -82.21 -8.04 -9.01
C GLY RA 398 -83.72 -8.11 -9.16
N HIS RA 399 -84.44 -7.33 -8.36
CA HIS RA 399 -85.91 -7.24 -8.42
C HIS RA 399 -86.44 -6.33 -9.52
N TRP RA 400 -85.57 -5.79 -10.37
CA TRP RA 400 -85.91 -4.89 -11.46
C TRP RA 400 -85.88 -5.58 -12.82
N LEU RA 401 -86.92 -5.34 -13.62
CA LEU RA 401 -87.02 -5.77 -15.03
C LEU RA 401 -87.03 -4.53 -15.93
N GLY RA 402 -86.35 -4.58 -17.07
CA GLY RA 402 -86.25 -3.42 -17.96
C GLY RA 402 -85.38 -3.64 -19.18
N TRP RA 403 -84.90 -2.55 -19.78
CA TRP RA 403 -83.97 -2.58 -20.89
C TRP RA 403 -83.01 -1.39 -20.85
N VAL RA 404 -81.85 -1.58 -21.47
CA VAL RA 404 -80.81 -0.57 -21.70
C VAL RA 404 -80.62 -0.47 -23.19
N GLY RA 405 -80.63 0.73 -23.75
CA GLY RA 405 -80.55 0.88 -25.18
C GLY RA 405 -80.02 2.21 -25.65
N ASN RA 406 -79.73 2.26 -26.94
CA ASN RA 406 -79.33 3.47 -27.60
C ASN RA 406 -79.80 3.50 -29.04
N LEU RA 407 -79.88 4.70 -29.58
CA LEU RA 407 -79.81 4.99 -31.00
C LEU RA 407 -78.83 6.15 -31.15
N GLY RA 408 -78.52 6.54 -32.37
CA GLY RA 408 -77.50 7.55 -32.65
C GLY RA 408 -77.63 8.76 -31.73
N GLY RA 409 -76.67 8.95 -30.82
CA GLY RA 409 -76.61 10.04 -29.87
C GLY RA 409 -77.52 9.94 -28.64
N TYR RA 410 -78.50 9.07 -28.55
CA TYR RA 410 -79.41 8.99 -27.41
C TYR RA 410 -79.23 7.69 -26.66
N ILE RA 411 -79.02 7.76 -25.36
CA ILE RA 411 -79.02 6.61 -24.46
C ILE RA 411 -80.32 6.65 -23.70
N ALA RA 412 -81.03 5.54 -23.60
CA ALA RA 412 -82.29 5.48 -22.87
C ALA RA 412 -82.36 4.19 -22.07
N VAL RA 413 -82.81 4.29 -20.83
CA VAL RA 413 -82.87 3.19 -19.88
C VAL RA 413 -84.25 3.22 -19.27
N LEU RA 414 -84.90 2.06 -19.16
CA LEU RA 414 -86.22 1.94 -18.57
C LEU RA 414 -86.32 0.65 -17.78
N PHE RA 415 -86.52 0.75 -16.48
CA PHE RA 415 -86.66 -0.39 -15.58
C PHE RA 415 -87.77 -0.16 -14.58
N TYR RA 416 -88.39 -1.23 -14.14
CA TYR RA 416 -89.43 -1.23 -13.12
C TYR RA 416 -89.27 -2.40 -12.17
N ASN RA 417 -89.86 -2.31 -10.99
CA ASN RA 417 -89.66 -3.24 -9.89
C ASN RA 417 -90.83 -4.21 -9.76
N GLN RA 418 -90.59 -5.51 -9.74
CA GLN RA 418 -91.62 -6.53 -9.54
C GLN RA 418 -92.38 -6.44 -8.21
N ASP RA 419 -91.75 -5.98 -7.13
CA ASP RA 419 -92.38 -5.92 -5.81
C ASP RA 419 -93.16 -4.61 -5.60
N ASP RA 420 -92.51 -3.46 -5.77
CA ASP RA 420 -93.15 -2.16 -5.55
C ASP RA 420 -94.07 -1.72 -6.70
N GLY RA 421 -93.74 -2.09 -7.94
CA GLY RA 421 -94.29 -1.48 -9.15
C GLY RA 421 -93.69 -0.13 -9.53
N SER RA 422 -92.62 0.31 -8.86
CA SER RA 422 -91.89 1.54 -9.19
C SER RA 422 -91.24 1.49 -10.56
N VAL RA 423 -91.19 2.62 -11.27
CA VAL RA 423 -90.58 2.76 -12.59
C VAL RA 423 -89.49 3.82 -12.51
N ILE RA 424 -88.29 3.53 -13.01
CA ILE RA 424 -87.19 4.49 -13.17
C ILE RA 424 -86.82 4.57 -14.64
N ALA RA 425 -86.76 5.79 -15.18
CA ALA RA 425 -86.42 6.07 -16.55
C ALA RA 425 -85.29 7.10 -16.59
N THR RA 426 -84.26 6.85 -17.38
CA THR RA 426 -83.12 7.76 -17.54
C THR RA 426 -82.81 7.95 -19.02
N MET RA 427 -82.39 9.15 -19.40
CA MET RA 427 -82.08 9.49 -20.80
C MET RA 427 -80.91 10.47 -20.87
N LEU RA 428 -79.92 10.23 -21.73
CA LEU RA 428 -78.78 11.14 -21.96
C LEU RA 428 -78.62 11.53 -23.44
N ASN RA 429 -78.38 12.81 -23.72
CA ASN RA 429 -78.19 13.43 -25.04
C ASN RA 429 -76.98 12.94 -25.85
N ASN RA 430 -76.10 12.09 -25.31
CA ASN RA 430 -74.80 11.82 -25.90
C ASN RA 430 -74.44 10.34 -25.98
N PHE RA 431 -73.93 9.89 -27.13
CA PHE RA 431 -73.46 8.53 -27.38
C PHE RA 431 -72.37 8.08 -26.42
N ALA RA 432 -71.54 9.00 -25.94
CA ALA RA 432 -70.53 8.70 -24.93
C ALA RA 432 -71.12 8.26 -23.59
N GLY RA 433 -72.39 8.56 -23.31
CA GLY RA 433 -73.07 8.32 -22.04
C GLY RA 433 -73.59 6.91 -21.81
N HIS RA 434 -73.21 5.91 -22.61
CA HIS RA 434 -73.83 4.57 -22.55
C HIS RA 434 -73.69 3.88 -21.19
N ALA RA 435 -72.53 3.94 -20.54
CA ALA RA 435 -72.37 3.43 -19.18
C ALA RA 435 -73.04 4.33 -18.14
N ASP RA 436 -72.87 5.65 -18.27
CA ASP RA 436 -73.35 6.65 -17.31
C ASP RA 436 -74.87 6.62 -17.11
N ALA RA 437 -75.66 6.39 -18.16
CA ALA RA 437 -77.12 6.32 -18.03
C ALA RA 437 -77.59 5.12 -17.21
N VAL RA 438 -76.88 4.00 -17.33
CA VAL RA 438 -77.22 2.75 -16.64
C VAL RA 438 -76.71 2.81 -15.20
N ASP RA 439 -75.51 3.34 -15.00
CA ASP RA 439 -74.97 3.65 -13.67
C ASP RA 439 -75.88 4.61 -12.90
N LEU RA 440 -76.47 5.60 -13.57
CA LEU RA 440 -77.46 6.48 -12.97
C LEU RA 440 -78.73 5.73 -12.57
N PHE RA 441 -79.24 4.80 -13.38
CA PHE RA 441 -80.35 3.95 -12.96
C PHE RA 441 -79.99 3.15 -11.70
N TYR RA 442 -78.84 2.48 -11.67
CA TYR RA 442 -78.40 1.74 -10.51
C TYR RA 442 -78.34 2.62 -9.26
N GLN RA 443 -77.83 3.85 -9.38
CA GLN RA 443 -77.75 4.76 -8.25
C GLN RA 443 -79.12 5.23 -7.77
N ILE RA 444 -80.06 5.55 -8.65
CA ILE RA 444 -81.42 5.90 -8.23
C ILE RA 444 -82.12 4.70 -7.60
N ALA RA 445 -82.01 3.50 -8.16
CA ALA RA 445 -82.57 2.30 -7.55
C ALA RA 445 -82.01 2.05 -6.15
N TYR RA 446 -80.70 2.19 -5.95
CA TYR RA 446 -80.07 2.02 -4.66
C TYR RA 446 -80.45 3.12 -3.65
N LEU RA 447 -80.67 4.35 -4.10
CA LEU RA 447 -81.20 5.43 -3.28
C LEU RA 447 -82.63 5.13 -2.80
N LEU RA 448 -83.52 4.69 -3.68
CA LEU RA 448 -84.94 4.49 -3.37
C LEU RA 448 -85.21 3.21 -2.60
N ASN RA 449 -84.51 2.11 -2.89
CA ASN RA 449 -84.76 0.80 -2.30
C ASN RA 449 -83.47 -0.03 -2.37
N PRO RA 450 -82.54 0.09 -1.40
CA PRO RA 450 -81.33 -0.72 -1.38
C PRO RA 450 -81.60 -2.22 -1.56
N GLU RA 451 -82.60 -2.78 -0.89
CA GLU RA 451 -82.86 -4.23 -0.88
C GLU RA 451 -83.20 -4.80 -2.27
N SER RA 452 -83.86 -4.01 -3.12
CA SER RA 452 -84.22 -4.42 -4.48
C SER RA 452 -83.03 -4.71 -5.40
N THR RA 453 -81.84 -4.28 -5.00
CA THR RA 453 -80.59 -4.47 -5.74
C THR RA 453 -79.82 -5.74 -5.37
N GLY RA 454 -80.41 -6.62 -4.56
CA GLY RA 454 -79.89 -7.95 -4.28
C GLY RA 454 -80.22 -8.97 -5.37
N HIS RA 455 -79.90 -10.24 -5.16
CA HIS RA 455 -80.29 -11.34 -6.07
C HIS RA 455 -81.79 -11.56 -6.06
N ARG RA 456 -82.37 -11.91 -7.22
CA ARG RA 456 -83.71 -12.49 -7.30
C ARG RA 456 -83.67 -13.99 -7.03
N ASP RA 457 -84.70 -14.53 -6.41
CA ASP RA 457 -84.86 -15.98 -6.25
C ASP RA 457 -85.28 -16.60 -7.58
N TRP RA 458 -84.69 -17.73 -7.95
CA TRP RA 458 -85.18 -18.54 -9.05
C TRP RA 458 -86.43 -19.29 -8.62
N ILE RA 459 -87.46 -19.29 -9.44
CA ILE RA 459 -88.67 -20.06 -9.21
C ILE RA 459 -88.70 -21.21 -10.21
N PHE RA 460 -88.75 -22.45 -9.71
CA PHE RA 460 -88.94 -23.65 -10.50
C PHE RA 460 -90.29 -24.27 -10.17
N ARG RA 461 -91.12 -24.60 -11.17
CA ARG RA 461 -92.35 -25.36 -10.96
C ARG RA 461 -92.30 -26.68 -11.71
N PRO RA 462 -92.22 -27.81 -11.01
CA PRO RA 462 -92.27 -29.13 -11.64
C PRO RA 462 -93.70 -29.43 -12.07
N ASP RA 463 -93.89 -30.14 -13.18
CA ASP RA 463 -95.18 -30.75 -13.48
C ASP RA 463 -95.46 -31.91 -12.49
N PRO RA 464 -96.72 -32.20 -12.13
CA PRO RA 464 -97.05 -33.26 -11.20
C PRO RA 464 -96.84 -34.65 -11.80
N ALA RA 465 -96.57 -35.63 -10.94
CA ALA RA 465 -96.29 -37.01 -11.32
C ALA RA 465 -97.51 -37.94 -11.17
N GLU RA 466 -98.47 -37.83 -12.08
CA GLU RA 466 -99.52 -38.84 -12.28
C GLU RA 466 -98.93 -40.14 -12.83
N ASP RA 467 -99.63 -41.26 -12.64
CA ASP RA 467 -99.50 -42.45 -13.48
C ASP RA 467 -100.84 -43.17 -13.64
N ALA RA 468 -100.96 -44.04 -14.64
CA ALA RA 468 -102.20 -44.72 -14.96
C ALA RA 468 -102.67 -45.67 -13.86
N ASP RA 469 -103.99 -45.79 -13.68
CA ASP RA 469 -104.62 -46.75 -12.77
C ASP RA 469 -104.60 -48.19 -13.33
N GLU RA 470 -103.42 -48.69 -13.69
CA GLU RA 470 -103.24 -50.01 -14.31
C GLU RA 470 -103.53 -51.16 -13.34
N VAL RA 471 -104.46 -52.04 -13.70
CA VAL RA 471 -104.92 -53.19 -12.92
C VAL RA 471 -105.29 -54.35 -13.83
N ARG RA 472 -105.34 -55.58 -13.30
CA ARG RA 472 -105.82 -56.77 -14.02
C ARG RA 472 -106.87 -57.52 -13.22
N ASP RA 473 -107.77 -58.24 -13.89
CA ASP RA 473 -108.87 -58.93 -13.23
C ASP RA 473 -108.61 -60.44 -13.16
N PRO RA 474 -108.84 -61.10 -12.03
CA PRO RA 474 -108.74 -62.55 -11.94
C PRO RA 474 -109.88 -63.22 -12.69
N THR RA 475 -109.78 -64.52 -12.91
CA THR RA 475 -110.78 -65.33 -13.60
C THR RA 475 -111.44 -66.31 -12.62
N LEU RA 476 -112.77 -66.38 -12.65
CA LEU RA 476 -113.54 -67.36 -11.88
C LEU RA 476 -113.80 -68.64 -12.68
N TYR RA 477 -113.85 -69.77 -11.98
CA TYR RA 477 -114.09 -71.11 -12.53
C TYR RA 477 -115.12 -71.87 -11.68
N SER SA 3 -83.05 39.43 -99.73
CA SER SA 3 -83.35 40.84 -99.51
C SER SA 3 -83.24 41.17 -98.02
N GLY SA 4 -82.87 42.40 -97.67
CA GLY SA 4 -82.54 42.81 -96.31
C GLY SA 4 -81.07 42.61 -95.96
N LEU SA 5 -80.44 43.63 -95.38
CA LEU SA 5 -79.06 43.57 -94.92
C LEU SA 5 -78.93 42.66 -93.68
N ARG SA 6 -78.14 41.58 -93.74
CA ARG SA 6 -77.81 40.77 -92.56
C ARG SA 6 -76.73 41.46 -91.71
N GLY SA 7 -75.77 42.12 -92.35
CA GLY SA 7 -74.72 42.85 -91.65
C GLY SA 7 -73.44 42.95 -92.48
N TYR SA 8 -72.33 43.19 -91.80
CA TYR SA 8 -71.04 43.47 -92.41
C TYR SA 8 -69.95 42.50 -91.94
N ASN SA 9 -69.04 42.16 -92.83
CA ASN SA 9 -67.87 41.34 -92.56
C ASN SA 9 -66.62 42.15 -92.88
N VAL SA 10 -65.67 42.12 -91.94
CA VAL SA 10 -64.39 42.79 -92.03
C VAL SA 10 -63.32 41.73 -92.23
N TYR SA 11 -62.60 41.80 -93.33
CA TYR SA 11 -61.47 40.93 -93.65
C TYR SA 11 -60.18 41.75 -93.57
N ARG SA 12 -59.16 41.23 -92.90
CA ARG SA 12 -57.79 41.75 -92.96
C ARG SA 12 -56.90 40.75 -93.67
N ASN SA 13 -56.19 41.17 -94.72
CA ASN SA 13 -55.35 40.30 -95.55
C ASN SA 13 -56.07 38.98 -95.98
N GLY SA 14 -57.35 39.08 -96.31
CA GLY SA 14 -58.17 37.93 -96.74
C GLY SA 14 -58.69 37.02 -95.61
N VAL SA 15 -58.36 37.28 -94.35
CA VAL SA 15 -58.86 36.52 -93.20
C VAL SA 15 -59.94 37.32 -92.48
N ARG SA 16 -61.13 36.74 -92.33
CA ARG SA 16 -62.27 37.36 -91.67
C ARG SA 16 -61.98 37.57 -90.18
N GLN SA 17 -61.80 38.82 -89.77
CA GLN SA 17 -61.50 39.18 -88.38
C GLN SA 17 -62.75 39.07 -87.50
N ASN SA 18 -63.91 39.24 -88.12
CA ASN SA 18 -65.22 39.15 -87.53
C ASN SA 18 -65.63 37.69 -87.22
N THR SA 19 -66.33 37.43 -86.12
CA THR SA 19 -66.86 36.08 -85.78
C THR SA 19 -68.27 35.82 -86.31
N SER SA 20 -69.14 36.83 -86.32
CA SER SA 20 -70.53 36.80 -86.81
C SER SA 20 -70.94 38.20 -87.28
N PRO SA 21 -71.79 38.36 -88.31
CA PRO SA 21 -72.00 39.64 -89.00
C PRO SA 21 -72.17 40.87 -88.10
N VAL SA 22 -71.34 41.90 -88.29
CA VAL SA 22 -71.42 43.19 -87.57
C VAL SA 22 -72.71 43.92 -87.96
N THR SA 23 -73.37 44.58 -87.03
CA THR SA 23 -74.61 45.35 -87.27
C THR SA 23 -74.37 46.81 -87.73
N GLU SA 24 -75.41 47.53 -88.16
CA GLU SA 24 -75.33 48.85 -88.84
C GLU SA 24 -74.61 49.98 -88.09
N LEU SA 25 -74.49 49.90 -86.76
CA LEU SA 25 -73.68 50.78 -85.93
C LEU SA 25 -72.92 49.97 -84.86
N GLY SA 26 -72.67 48.69 -85.12
CA GLY SA 26 -71.87 47.81 -84.26
C GLY SA 26 -70.37 48.05 -84.43
N SER SA 27 -69.54 47.17 -83.89
CA SER SA 27 -68.10 47.30 -83.98
C SER SA 27 -67.37 45.96 -83.94
N VAL SA 28 -66.15 45.96 -84.47
CA VAL SA 28 -65.20 44.86 -84.37
C VAL SA 28 -63.82 45.45 -84.06
N THR SA 29 -63.02 44.74 -83.26
CA THR SA 29 -61.65 45.17 -82.90
C THR SA 29 -60.66 44.23 -83.55
N ILE SA 30 -59.71 44.80 -84.28
CA ILE SA 30 -58.59 44.10 -84.89
C ILE SA 30 -57.37 44.35 -84.00
N THR SA 31 -56.68 43.30 -83.59
CA THR SA 31 -55.82 43.28 -82.39
C THR SA 31 -54.46 42.65 -82.65
N GLY SA 32 -53.47 42.94 -81.80
CA GLY SA 32 -52.09 42.51 -82.00
C GLY SA 32 -51.38 43.24 -83.13
N LEU SA 33 -51.87 44.41 -83.52
CA LEU SA 33 -51.25 45.24 -84.55
C LEU SA 33 -49.96 45.90 -84.01
N THR SA 34 -48.90 45.98 -84.81
CA THR SA 34 -47.67 46.72 -84.46
C THR SA 34 -47.95 48.24 -84.46
N PRO SA 35 -47.49 49.01 -83.45
CA PRO SA 35 -47.67 50.46 -83.36
C PRO SA 35 -47.20 51.23 -84.60
N GLY SA 36 -47.76 52.42 -84.82
CA GLY SA 36 -47.34 53.38 -85.84
C GLY SA 36 -47.64 53.00 -87.30
N THR SA 37 -47.69 51.71 -87.61
CA THR SA 37 -47.89 51.18 -88.97
C THR SA 37 -49.28 51.50 -89.52
N ASP SA 38 -49.35 51.70 -90.84
CA ASP SA 38 -50.60 51.88 -91.58
C ASP SA 38 -51.17 50.53 -92.03
N TYR SA 39 -52.46 50.31 -91.80
CA TYR SA 39 -53.21 49.10 -92.12
C TYR SA 39 -54.40 49.40 -93.06
N SER SA 40 -54.54 50.63 -93.54
CA SER SA 40 -55.60 51.07 -94.46
C SER SA 40 -55.63 50.29 -95.77
N SER SA 41 -54.55 49.62 -96.15
CA SER SA 41 -54.44 48.73 -97.30
C SER SA 41 -54.64 47.26 -96.97
N GLN SA 42 -54.62 46.88 -95.69
CA GLN SA 42 -54.81 45.50 -95.24
C GLN SA 42 -56.26 45.21 -94.86
N ILE SA 43 -56.96 46.19 -94.29
CA ILE SA 43 -58.33 46.03 -93.79
C ILE SA 43 -59.32 46.34 -94.92
N THR SA 44 -60.33 45.48 -95.07
CA THR SA 44 -61.32 45.54 -96.15
C THR SA 44 -62.71 45.17 -95.63
N VAL SA 45 -63.78 45.75 -96.20
CA VAL SA 45 -65.15 45.65 -95.66
C VAL SA 45 -66.14 45.24 -96.73
N THR SA 46 -67.06 44.36 -96.36
CA THR SA 46 -68.10 43.80 -97.22
C THR SA 46 -69.44 43.71 -96.49
N ALA SA 47 -70.52 44.15 -97.13
CA ALA SA 47 -71.89 43.94 -96.69
C ALA SA 47 -72.45 42.61 -97.22
N ILE SA 48 -73.29 41.94 -96.43
CA ILE SA 48 -74.05 40.74 -96.84
C ILE SA 48 -75.55 40.90 -96.64
N ASP SA 49 -76.30 40.30 -97.55
CA ASP SA 49 -77.76 40.19 -97.52
C ASP SA 49 -78.23 38.94 -96.74
N MET SA 50 -79.45 38.93 -96.23
CA MET SA 50 -80.10 37.73 -95.66
C MET SA 50 -80.05 36.50 -96.57
N ALA SA 51 -80.05 36.69 -97.89
CA ALA SA 51 -79.96 35.62 -98.87
C ALA SA 51 -78.54 35.07 -99.04
N GLY SA 52 -77.52 35.73 -98.47
CA GLY SA 52 -76.13 35.28 -98.51
C GLY SA 52 -75.29 35.95 -99.58
N ASN SA 53 -75.86 36.86 -100.36
CA ASN SA 53 -75.15 37.62 -101.37
C ASN SA 53 -74.18 38.62 -100.72
N GLU SA 54 -73.01 38.76 -101.32
CA GLU SA 54 -71.83 39.37 -100.73
C GLU SA 54 -71.19 40.34 -101.73
N SER SA 55 -70.92 41.58 -101.34
CA SER SA 55 -70.17 42.51 -102.20
C SER SA 55 -68.69 42.14 -102.29
N GLU SA 56 -68.05 42.40 -103.43
CA GLU SA 56 -66.58 42.42 -103.48
C GLU SA 56 -66.03 43.41 -102.44
N PRO SA 57 -64.94 43.09 -101.72
CA PRO SA 57 -64.42 43.96 -100.66
C PRO SA 57 -64.03 45.36 -101.12
N LYS SA 58 -64.39 46.38 -100.33
CA LYS SA 58 -63.85 47.72 -100.45
C LYS SA 58 -62.73 47.89 -99.42
N THR SA 59 -61.53 48.26 -99.86
CA THR SA 59 -60.37 48.46 -98.99
C THR SA 59 -60.47 49.79 -98.26
N LEU SA 60 -60.01 49.89 -97.01
CA LEU SA 60 -60.24 51.13 -96.24
C LEU SA 60 -59.63 52.40 -96.86
N ALA SA 61 -58.58 52.28 -97.69
CA ALA SA 61 -58.10 53.38 -98.51
C ALA SA 61 -59.19 53.96 -99.42
N GLU SA 62 -60.02 53.11 -100.03
CA GLU SA 62 -61.15 53.50 -100.90
C GLU SA 62 -62.32 54.10 -100.12
N LEU SA 63 -62.43 53.81 -98.83
CA LEU SA 63 -63.31 54.48 -97.88
C LEU SA 63 -62.69 55.74 -97.24
N GLU SA 64 -61.46 56.10 -97.64
CA GLU SA 64 -60.65 57.21 -97.10
C GLU SA 64 -60.47 57.22 -95.56
N ALA SA 65 -60.57 56.05 -94.93
CA ALA SA 65 -60.46 55.89 -93.48
C ALA SA 65 -58.99 55.78 -93.03
N GLU SA 66 -58.58 56.58 -92.04
CA GLU SA 66 -57.22 56.62 -91.51
C GLU SA 66 -56.91 55.46 -90.53
N ALA SA 67 -56.98 54.23 -91.03
CA ALA SA 67 -56.60 53.02 -90.29
C ALA SA 67 -55.08 52.83 -90.20
N ALA SA 68 -54.41 53.78 -89.55
CA ALA SA 68 -53.05 53.65 -89.05
C ALA SA 68 -53.04 53.59 -87.53
N THR SA 69 -52.28 52.67 -86.97
CA THR SA 69 -52.17 52.45 -85.52
C THR SA 69 -51.36 53.57 -84.86
N ASP SA 70 -51.67 53.93 -83.63
CA ASP SA 70 -50.99 55.04 -82.95
C ASP SA 70 -49.48 54.80 -82.78
N GLU SA 71 -48.70 55.88 -82.76
CA GLU SA 71 -47.27 55.80 -82.46
C GLU SA 71 -47.04 55.33 -81.01
N LEU SA 72 -45.98 54.57 -80.77
CA LEU SA 72 -45.65 54.09 -79.42
C LEU SA 72 -45.32 55.27 -78.49
N SER SA 73 -45.84 55.25 -77.26
CA SER SA 73 -45.65 56.34 -76.31
C SER SA 73 -44.20 56.35 -75.78
N PRO SA 74 -43.45 57.46 -75.92
CA PRO SA 74 -42.03 57.51 -75.56
C PRO SA 74 -41.85 57.71 -74.04
N ALA SA 75 -41.84 56.62 -73.28
CA ALA SA 75 -41.53 56.66 -71.84
C ALA SA 75 -40.09 57.12 -71.59
N ASP SA 76 -39.89 58.10 -70.71
CA ASP SA 76 -38.57 58.63 -70.34
C ASP SA 76 -37.86 57.65 -69.38
N PRO SA 77 -36.77 56.98 -69.78
CA PRO SA 77 -36.25 55.84 -69.04
C PRO SA 77 -35.46 56.21 -67.77
N LEU SA 78 -35.47 55.33 -66.77
CA LEU SA 78 -34.47 55.36 -65.69
C LEU SA 78 -33.05 55.10 -66.21
N ALA SA 79 -32.05 55.59 -65.48
CA ALA SA 79 -30.63 55.41 -65.80
C ALA SA 79 -30.21 53.92 -65.70
N PRO SA 80 -29.30 53.43 -66.56
CA PRO SA 80 -28.96 52.00 -66.64
C PRO SA 80 -28.31 51.44 -65.36
N ALA SA 81 -27.59 52.26 -64.60
CA ALA SA 81 -27.04 51.84 -63.31
C ALA SA 81 -28.12 51.51 -62.27
N VAL SA 82 -29.29 52.15 -62.34
CA VAL SA 82 -30.43 51.85 -61.45
C VAL SA 82 -31.13 50.58 -61.92
N ARG SA 83 -31.35 50.43 -63.22
CA ARG SA 83 -31.96 49.24 -63.82
C ARG SA 83 -31.17 47.98 -63.52
N ALA SA 84 -29.85 48.02 -63.61
CA ALA SA 84 -29.01 46.89 -63.24
C ALA SA 84 -29.22 46.47 -61.78
N GLN SA 85 -29.37 47.44 -60.87
CA GLN SA 85 -29.61 47.17 -59.45
C GLN SA 85 -31.03 46.62 -59.21
N ILE SA 86 -32.06 47.14 -59.88
CA ILE SA 86 -33.41 46.58 -59.80
C ILE SA 86 -33.43 45.13 -60.30
N ASP SA 87 -32.78 44.85 -61.42
CA ASP SA 87 -32.72 43.50 -61.96
C ASP SA 87 -32.01 42.52 -61.01
N ALA SA 88 -30.95 42.96 -60.34
CA ALA SA 88 -30.32 42.19 -59.27
C ALA SA 88 -31.25 41.95 -58.07
N LEU SA 89 -32.06 42.94 -57.69
CA LEU SA 89 -33.05 42.82 -56.62
C LEU SA 89 -34.14 41.77 -56.96
N VAL SA 90 -34.68 41.78 -58.16
CA VAL SA 90 -35.68 40.79 -58.59
C VAL SA 90 -35.10 39.39 -58.68
N ALA SA 91 -33.89 39.23 -59.21
CA ALA SA 91 -33.23 37.94 -59.32
C ALA SA 91 -33.09 37.25 -57.95
N ALA SA 92 -32.80 38.01 -56.90
CA ALA SA 92 -32.72 37.52 -55.53
C ALA SA 92 -34.06 37.04 -54.93
N LYS SA 93 -35.19 37.17 -55.64
CA LYS SA 93 -36.52 36.67 -55.23
C LYS SA 93 -37.04 35.49 -56.06
N MET SA 94 -36.41 35.13 -57.18
CA MET SA 94 -36.95 34.15 -58.12
C MET SA 94 -36.29 32.76 -58.05
N LYS SA 95 -36.95 31.76 -58.62
CA LYS SA 95 -36.70 30.32 -58.42
C LYS SA 95 -35.26 29.82 -58.55
N PRO SA 96 -34.40 30.34 -59.45
CA PRO SA 96 -33.01 29.91 -59.50
C PRO SA 96 -32.22 30.16 -58.20
N THR SA 97 -32.67 31.07 -57.34
CA THR SA 97 -32.04 31.33 -56.04
C THR SA 97 -32.57 30.38 -54.97
N SER SA 98 -31.68 29.93 -54.08
CA SER SA 98 -31.98 28.91 -53.08
C SER SA 98 -33.15 29.29 -52.18
N GLY SA 99 -34.18 28.45 -52.14
CA GLY SA 99 -35.33 28.61 -51.23
C GLY SA 99 -36.37 29.63 -51.66
N LYS SA 100 -36.34 30.09 -52.92
CA LYS SA 100 -37.37 30.97 -53.51
C LYS SA 100 -38.23 30.18 -54.48
N GLU SA 101 -39.55 30.35 -54.43
CA GLU SA 101 -40.50 29.56 -55.24
C GLU SA 101 -41.09 30.31 -56.45
N ALA SA 102 -40.88 31.61 -56.60
CA ALA SA 102 -41.44 32.38 -57.71
C ALA SA 102 -40.78 32.06 -59.06
N ASP SA 103 -41.54 31.46 -59.99
CA ASP SA 103 -41.12 31.25 -61.37
C ASP SA 103 -40.95 32.53 -62.18
N GLY SA 104 -41.65 33.60 -61.82
CA GLY SA 104 -41.58 34.86 -62.54
C GLY SA 104 -42.10 36.03 -61.74
N ALA SA 105 -41.78 37.22 -62.21
CA ALA SA 105 -42.02 38.48 -61.53
C ALA SA 105 -42.33 39.56 -62.54
N MET SA 106 -43.09 40.56 -62.15
CA MET SA 106 -43.18 41.83 -62.87
C MET SA 106 -42.92 42.99 -61.93
N VAL SA 107 -42.25 44.01 -62.44
CA VAL SA 107 -41.94 45.23 -61.70
C VAL SA 107 -42.29 46.42 -62.55
N GLY SA 108 -43.00 47.38 -61.97
CA GLY SA 108 -43.44 48.59 -62.64
C GLY SA 108 -43.11 49.80 -61.81
N ILE SA 109 -42.10 50.55 -62.22
CA ILE SA 109 -41.58 51.71 -61.50
C ILE SA 109 -41.84 52.98 -62.29
N GLU SA 110 -42.30 54.01 -61.62
CA GLU SA 110 -42.45 55.34 -62.20
C GLU SA 110 -41.94 56.39 -61.23
N THR SA 111 -41.16 57.36 -61.70
CA THR SA 111 -40.57 58.44 -60.88
C THR SA 111 -40.49 59.74 -61.68
N PRO SA 112 -40.31 60.90 -61.02
CA PRO SA 112 -40.05 62.16 -61.72
C PRO SA 112 -38.80 62.14 -62.62
N THR SA 113 -37.83 61.27 -62.34
CA THR SA 113 -36.58 61.10 -63.09
C THR SA 113 -36.61 59.92 -64.08
N GLY SA 114 -37.80 59.36 -64.34
CA GLY SA 114 -38.05 58.33 -65.36
C GLY SA 114 -38.80 57.10 -64.86
N SER SA 115 -39.17 56.21 -65.77
CA SER SA 115 -39.93 54.99 -65.50
C SER SA 115 -39.28 53.75 -66.11
N TYR SA 116 -39.62 52.58 -65.56
CA TYR SA 116 -39.11 51.27 -65.97
C TYR SA 116 -40.16 50.21 -65.70
N TYR SA 117 -40.70 49.59 -66.74
CA TYR SA 117 -41.61 48.45 -66.64
C TYR SA 117 -40.91 47.22 -67.18
N LYS SA 118 -40.87 46.13 -66.41
CA LYS SA 118 -40.19 44.90 -66.80
C LYS SA 118 -40.94 43.67 -66.30
N ALA SA 119 -40.86 42.59 -67.07
CA ALA SA 119 -41.27 41.26 -66.69
C ALA SA 119 -40.06 40.32 -66.68
N TYR SA 120 -40.04 39.32 -65.80
CA TYR SA 120 -38.91 38.44 -65.54
C TYR SA 120 -39.39 37.00 -65.31
N GLY SA 121 -38.60 36.02 -65.72
CA GLY SA 121 -38.96 34.62 -65.56
C GLY SA 121 -40.13 34.16 -66.42
N GLY SA 122 -40.91 33.20 -65.94
CA GLY SA 122 -42.01 32.57 -66.65
C GLY SA 122 -43.15 32.09 -65.75
N ASP SA 123 -44.03 31.26 -66.29
CA ASP SA 123 -45.22 30.72 -65.63
C ASP SA 123 -45.46 29.24 -65.95
N ARG SA 124 -44.40 28.53 -66.35
CA ARG SA 124 -44.37 27.13 -66.75
C ARG SA 124 -45.00 26.79 -68.10
N THR SA 125 -45.43 27.77 -68.91
CA THR SA 125 -45.64 27.55 -70.35
C THR SA 125 -44.31 27.28 -71.06
N LYS SA 126 -44.32 26.44 -72.11
CA LYS SA 126 -43.12 25.74 -72.58
C LYS SA 126 -42.04 26.65 -73.18
N ASN SA 127 -42.45 27.56 -74.07
CA ASN SA 127 -41.58 28.44 -74.84
C ASN SA 127 -42.11 29.88 -74.82
N GLN SA 128 -42.47 30.35 -73.63
CA GLN SA 128 -43.14 31.63 -73.44
C GLN SA 128 -42.74 32.23 -72.07
N PRO SA 129 -41.66 33.03 -72.00
CA PRO SA 129 -41.35 33.80 -70.79
C PRO SA 129 -42.38 34.92 -70.59
N LEU SA 130 -42.44 35.53 -69.41
CA LEU SA 130 -43.45 36.56 -69.12
C LEU SA 130 -43.30 37.77 -70.04
N PHE SA 131 -44.41 38.40 -70.38
CA PHE SA 131 -44.46 39.61 -71.19
C PHE SA 131 -45.52 40.57 -70.64
N LEU SA 132 -45.22 41.87 -70.66
CA LEU SA 132 -46.02 42.91 -70.01
C LEU SA 132 -47.48 43.06 -70.50
N GLU SA 133 -47.84 42.54 -71.68
CA GLU SA 133 -49.24 42.52 -72.12
C GLU SA 133 -50.12 41.57 -71.29
N GLN SA 134 -49.56 40.62 -70.54
CA GLN SA 134 -50.29 39.65 -69.72
C GLN SA 134 -50.99 40.25 -68.50
N ASN SA 135 -52.21 39.80 -68.24
CA ASN SA 135 -52.99 40.11 -67.05
C ASN SA 135 -52.55 39.34 -65.80
N PHE SA 136 -52.76 39.92 -64.63
CA PHE SA 136 -52.60 39.29 -63.32
C PHE SA 136 -53.67 39.77 -62.33
N ARG SA 137 -53.89 39.01 -61.26
CA ARG SA 137 -54.77 39.38 -60.14
C ARG SA 137 -54.16 40.54 -59.35
N TYR SA 138 -54.92 41.60 -59.13
CA TYR SA 138 -54.50 42.73 -58.30
C TYR SA 138 -54.72 42.47 -56.80
N GLY SA 139 -55.49 41.45 -56.46
CA GLY SA 139 -55.79 41.09 -55.08
C GLY SA 139 -56.41 42.24 -54.31
N SER SA 140 -56.05 42.35 -53.04
CA SER SA 140 -56.58 43.36 -52.12
C SER SA 140 -56.13 44.80 -52.38
N CYS SA 141 -55.34 45.09 -53.40
CA CYS SA 141 -55.18 46.45 -53.92
C CYS SA 141 -56.49 47.04 -54.41
N SER SA 142 -57.46 46.19 -54.78
CA SER SA 142 -58.83 46.56 -55.03
C SER SA 142 -59.50 47.34 -53.90
N LYS SA 143 -59.02 47.21 -52.65
CA LYS SA 143 -59.53 47.96 -51.51
C LYS SA 143 -59.31 49.46 -51.67
N MET SA 144 -58.21 49.87 -52.30
CA MET SA 144 -57.97 51.28 -52.62
C MET SA 144 -58.97 51.83 -53.66
N ALA SA 145 -59.39 51.02 -54.63
CA ALA SA 145 -60.43 51.39 -55.59
C ALA SA 145 -61.82 51.51 -54.91
N CYS SA 146 -62.17 50.58 -54.02
CA CYS SA 146 -63.43 50.59 -53.29
C CYS SA 146 -63.54 51.74 -52.28
N ASN SA 147 -62.58 51.88 -51.36
CA ASN SA 147 -62.56 52.96 -50.36
C ASN SA 147 -62.63 54.34 -51.02
N THR SA 148 -61.93 54.56 -52.12
CA THR SA 148 -61.90 55.88 -52.78
C THR SA 148 -63.27 56.32 -53.24
N LEU SA 149 -64.09 55.43 -53.81
CA LEU SA 149 -65.42 55.79 -54.26
C LEU SA 149 -66.35 56.11 -53.08
N LEU SA 150 -66.13 55.48 -51.92
CA LEU SA 150 -66.83 55.87 -50.71
C LEU SA 150 -66.41 57.27 -50.23
N LEU SA 151 -65.14 57.63 -50.32
CA LEU SA 151 -64.68 58.98 -49.99
C LEU SA 151 -65.25 60.04 -50.94
N ARG SA 152 -65.34 59.78 -52.25
CA ARG SA 152 -66.08 60.64 -53.20
C ARG SA 152 -67.53 60.84 -52.77
N GLU SA 153 -68.13 59.79 -52.25
CA GLU SA 153 -69.54 59.78 -51.90
C GLU SA 153 -69.80 60.57 -50.61
N ILE SA 154 -68.87 60.51 -49.65
CA ILE SA 154 -68.82 61.41 -48.49
C ILE SA 154 -68.60 62.86 -48.94
N ASP SA 155 -67.73 63.14 -49.90
CA ASP SA 155 -67.56 64.49 -50.45
C ASP SA 155 -68.85 65.07 -51.03
N ARG SA 156 -69.70 64.23 -51.60
CA ARG SA 156 -71.02 64.61 -52.14
C ARG SA 156 -72.11 64.71 -51.10
N GLY SA 157 -71.83 64.40 -49.83
CA GLY SA 157 -72.80 64.43 -48.76
C GLY SA 157 -73.91 63.39 -48.91
N HIS SA 158 -73.70 62.36 -49.73
CA HIS SA 158 -74.63 61.24 -49.88
C HIS SA 158 -74.54 60.26 -48.69
N VAL SA 159 -73.41 60.28 -47.97
CA VAL SA 159 -73.17 59.67 -46.65
C VAL SA 159 -72.39 60.64 -45.77
N ASP SA 160 -72.70 60.70 -44.48
CA ASP SA 160 -71.87 61.38 -43.47
C ASP SA 160 -71.02 60.38 -42.66
N TRP SA 161 -69.94 60.85 -42.03
CA TRP SA 161 -68.97 60.02 -41.30
C TRP SA 161 -69.58 59.17 -40.18
N ASP SA 162 -70.58 59.70 -39.49
CA ASP SA 162 -71.24 59.08 -38.36
C ASP SA 162 -72.39 58.12 -38.74
N ASP SA 163 -72.78 58.01 -40.01
CA ASP SA 163 -73.85 57.09 -40.43
C ASP SA 163 -73.52 55.62 -40.21
N THR SA 164 -74.53 54.80 -39.92
CA THR SA 164 -74.38 53.41 -39.43
C THR SA 164 -74.93 52.36 -40.40
N LEU SA 165 -74.41 51.13 -40.35
CA LEU SA 165 -74.72 50.09 -41.33
C LEU SA 165 -76.22 49.81 -41.53
N ASP SA 166 -77.04 49.89 -40.48
CA ASP SA 166 -78.48 49.65 -40.57
C ASP SA 166 -79.19 50.57 -41.58
N GLN SA 167 -78.62 51.72 -41.94
CA GLN SA 167 -79.18 52.59 -42.97
C GLN SA 167 -79.05 52.01 -44.38
N PHE SA 168 -78.08 51.12 -44.60
CA PHE SA 168 -77.64 50.68 -45.93
C PHE SA 168 -77.90 49.20 -46.18
N ILE SA 169 -77.87 48.38 -45.14
CA ILE SA 169 -78.06 46.93 -45.22
C ILE SA 169 -78.68 46.36 -43.93
N ASP SA 170 -79.46 45.30 -44.04
CA ASP SA 170 -80.15 44.65 -42.92
C ASP SA 170 -79.38 43.43 -42.40
N GLY SA 171 -79.26 43.31 -41.07
CA GLY SA 171 -78.90 42.06 -40.38
C GLY SA 171 -77.41 41.82 -40.09
N ILE SA 172 -76.53 42.79 -40.35
CA ILE SA 172 -75.11 42.70 -39.99
C ILE SA 172 -74.94 42.76 -38.46
N PRO SA 173 -74.14 41.88 -37.82
CA PRO SA 173 -73.88 41.95 -36.38
C PRO SA 173 -73.26 43.30 -35.98
N ASN SA 174 -73.77 43.92 -34.92
CA ASN SA 174 -73.46 45.30 -34.54
C ASN SA 174 -73.70 46.37 -35.61
N GLY SA 175 -74.61 46.14 -36.57
CA GLY SA 175 -74.98 47.13 -37.59
C GLY SA 175 -75.61 48.41 -37.04
N ASP SA 176 -75.97 48.42 -35.76
CA ASP SA 176 -76.37 49.61 -35.01
C ASP SA 176 -75.19 50.48 -34.53
N LYS SA 177 -74.00 49.89 -34.35
CA LYS SA 177 -72.82 50.54 -33.74
C LYS SA 177 -71.62 50.71 -34.68
N ILE SA 178 -71.52 49.98 -35.79
CA ILE SA 178 -70.53 50.30 -36.84
C ILE SA 178 -70.99 51.59 -37.56
N THR SA 179 -70.14 52.62 -37.55
CA THR SA 179 -70.27 53.79 -38.42
C THR SA 179 -69.39 53.67 -39.66
N VAL SA 180 -69.61 54.49 -40.67
CA VAL SA 180 -68.81 54.49 -41.90
C VAL SA 180 -67.33 54.77 -41.65
N ARG SA 181 -67.01 55.67 -40.72
CA ARG SA 181 -65.62 55.92 -40.33
C ARG SA 181 -64.93 54.65 -39.83
N TYR SA 182 -65.63 53.83 -39.05
CA TYR SA 182 -65.09 52.57 -38.56
C TYR SA 182 -64.91 51.52 -39.66
N LEU SA 183 -65.67 51.55 -40.76
CA LEU SA 183 -65.39 50.71 -41.92
C LEU SA 183 -64.09 51.13 -42.59
N LEU SA 184 -63.99 52.41 -42.95
CA LEU SA 184 -62.85 52.96 -43.68
C LEU SA 184 -61.53 52.77 -42.92
N LEU SA 185 -61.54 52.90 -41.59
CA LEU SA 185 -60.37 52.77 -40.73
C LEU SA 185 -60.20 51.40 -40.09
N PHE SA 186 -60.98 50.38 -40.49
CA PHE SA 186 -60.91 49.01 -39.95
C PHE SA 186 -61.10 48.92 -38.43
N GLN SA 187 -62.00 49.71 -37.90
CA GLN SA 187 -62.47 49.67 -36.51
C GLN SA 187 -63.80 48.90 -36.34
N ASP SA 188 -64.30 48.26 -37.38
CA ASP SA 188 -65.34 47.22 -37.32
C ASP SA 188 -64.80 45.97 -36.62
N GLY SA 189 -65.57 45.38 -35.71
CA GLY SA 189 -65.14 44.23 -34.95
C GLY SA 189 -65.32 42.88 -35.63
N LEU SA 190 -65.68 42.85 -36.91
CA LEU SA 190 -66.16 41.66 -37.60
C LEU SA 190 -65.06 40.63 -37.86
N LYS SA 191 -65.38 39.35 -37.70
CA LYS SA 191 -64.51 38.22 -38.02
C LYS SA 191 -64.20 38.14 -39.51
N ASP SA 192 -62.99 37.73 -39.90
CA ASP SA 192 -62.56 37.61 -41.29
C ASP SA 192 -62.59 36.16 -41.78
N TRP SA 193 -63.17 35.91 -42.95
CA TRP SA 193 -63.35 34.55 -43.49
C TRP SA 193 -62.17 33.99 -44.27
N LEU SA 194 -61.19 34.81 -44.68
CA LEU SA 194 -59.94 34.34 -45.26
C LEU SA 194 -58.74 34.62 -44.37
N GLN SA 195 -58.73 35.73 -43.63
CA GLN SA 195 -57.71 36.00 -42.60
C GLN SA 195 -58.09 35.40 -41.24
N GLY SA 196 -59.00 34.45 -41.22
CA GLY SA 196 -59.41 33.63 -40.10
C GLY SA 196 -60.16 32.41 -40.62
N ASP SA 197 -60.63 31.57 -39.71
CA ASP SA 197 -61.46 30.39 -40.01
C ASP SA 197 -60.80 29.30 -40.88
N PRO SA 198 -59.99 28.40 -40.28
CA PRO SA 198 -59.26 27.39 -41.03
C PRO SA 198 -60.15 26.45 -41.85
N ALA SA 199 -61.39 26.20 -41.44
CA ALA SA 199 -62.33 25.42 -42.24
C ALA SA 199 -62.68 26.13 -43.55
N VAL SA 200 -62.81 27.45 -43.54
CA VAL SA 200 -62.99 28.25 -44.75
C VAL SA 200 -61.70 28.26 -45.56
N GLN SA 201 -60.56 28.54 -44.92
CA GLN SA 201 -59.27 28.60 -45.60
C GLN SA 201 -58.89 27.32 -46.32
N GLN SA 202 -59.11 26.15 -45.72
CA GLN SA 202 -58.83 24.91 -46.42
C GLN SA 202 -59.67 24.77 -47.67
N THR SA 203 -60.94 25.13 -47.61
CA THR SA 203 -61.82 25.11 -48.77
C THR SA 203 -61.33 26.05 -49.86
N TYR SA 204 -60.87 27.24 -49.52
CA TYR SA 204 -60.28 28.18 -50.48
C TYR SA 204 -59.03 27.58 -51.14
N PHE SA 205 -58.13 26.99 -50.38
CA PHE SA 205 -56.91 26.41 -50.92
C PHE SA 205 -57.16 25.14 -51.75
N LEU SA 206 -58.02 24.25 -51.26
CA LEU SA 206 -58.30 22.95 -51.86
C LEU SA 206 -59.33 23.01 -52.98
N ASN SA 207 -60.23 23.99 -52.96
CA ASN SA 207 -61.35 24.13 -53.88
C ASN SA 207 -61.61 25.60 -54.24
N PRO SA 208 -60.65 26.30 -54.84
CA PRO SA 208 -60.72 27.74 -55.05
C PRO SA 208 -61.80 28.17 -56.03
N THR SA 209 -62.27 27.26 -56.89
CA THR SA 209 -63.33 27.50 -57.86
C THR SA 209 -64.71 27.30 -57.27
N LEU SA 210 -64.84 26.95 -55.98
CA LEU SA 210 -66.13 26.91 -55.30
C LEU SA 210 -66.72 28.31 -55.22
N ASN SA 211 -68.04 28.43 -55.10
CA ASN SA 211 -68.70 29.70 -54.91
C ASN SA 211 -69.18 29.85 -53.47
N TYR SA 212 -69.11 31.07 -52.97
CA TYR SA 212 -69.23 31.38 -51.56
C TYR SA 212 -70.15 32.58 -51.33
N ASP SA 213 -70.91 32.58 -50.25
CA ASP SA 213 -71.62 33.76 -49.75
C ASP SA 213 -70.95 34.31 -48.47
N PRO SA 214 -69.95 35.21 -48.58
CA PRO SA 214 -69.32 35.80 -47.43
C PRO SA 214 -70.20 36.80 -46.67
N LEU SA 215 -71.24 37.35 -47.29
CA LEU SA 215 -72.23 38.17 -46.58
C LEU SA 215 -73.03 37.30 -45.59
N ALA SA 216 -73.40 36.09 -45.99
CA ALA SA 216 -74.08 35.17 -45.10
C ALA SA 216 -73.20 34.77 -43.91
N TYR SA 217 -71.90 34.56 -44.14
CA TYR SA 217 -70.94 34.36 -43.06
C TYR SA 217 -70.90 35.53 -42.08
N ILE SA 218 -70.89 36.77 -42.57
CA ILE SA 218 -70.95 37.96 -41.72
C ILE SA 218 -72.23 37.93 -40.87
N ARG SA 219 -73.39 37.70 -41.49
CA ARG SA 219 -74.70 37.65 -40.80
C ARG SA 219 -74.79 36.52 -39.77
N ALA SA 220 -73.97 35.48 -39.87
CA ALA SA 220 -73.85 34.42 -38.85
C ALA SA 220 -72.81 34.70 -37.75
N SER SA 221 -71.80 35.51 -38.03
CA SER SA 221 -70.60 35.65 -37.19
C SER SA 221 -70.85 36.31 -35.83
N THR SA 222 -69.94 36.07 -34.88
CA THR SA 222 -69.87 36.79 -33.59
C THR SA 222 -68.70 37.79 -33.62
N PRO SA 223 -68.92 39.10 -33.41
CA PRO SA 223 -67.87 40.11 -33.37
C PRO SA 223 -66.72 39.81 -32.42
N VAL SA 224 -65.49 40.11 -32.85
CA VAL SA 224 -64.26 39.96 -32.06
C VAL SA 224 -64.12 41.05 -31.00
N PHE SA 225 -64.55 42.28 -31.30
CA PHE SA 225 -64.51 43.43 -30.40
C PHE SA 225 -65.68 44.41 -30.67
N GLU SA 226 -65.99 45.32 -29.74
CA GLU SA 226 -66.99 46.38 -29.95
C GLU SA 226 -66.46 47.47 -30.89
N PRO SA 227 -67.25 48.01 -31.84
CA PRO SA 227 -66.74 48.96 -32.81
C PRO SA 227 -66.04 50.16 -32.19
N GLY SA 228 -64.90 50.54 -32.78
CA GLY SA 228 -64.09 51.67 -32.34
C GLY SA 228 -63.06 51.39 -31.23
N THR SA 229 -63.03 50.22 -30.58
CA THR SA 229 -62.09 49.97 -29.46
C THR SA 229 -60.70 49.51 -29.88
N ASP SA 230 -60.52 49.10 -31.13
CA ASP SA 230 -59.28 48.61 -31.72
C ASP SA 230 -59.36 48.79 -33.24
N SER SA 231 -58.24 48.67 -33.96
CA SER SA 231 -58.21 48.60 -35.41
C SER SA 231 -57.56 47.32 -35.86
N HIS SA 232 -58.27 46.47 -36.61
CA HIS SA 232 -57.75 45.21 -37.12
C HIS SA 232 -58.20 44.93 -38.54
N TYR SA 233 -57.33 44.36 -39.37
CA TYR SA 233 -57.58 44.16 -40.80
C TYR SA 233 -58.87 43.40 -41.09
N SER SA 234 -59.71 43.91 -42.00
CA SER SA 234 -61.03 43.32 -42.28
C SER SA 234 -61.32 43.19 -43.78
N ASN SA 235 -61.76 42.02 -44.24
CA ASN SA 235 -62.42 41.83 -45.52
C ASN SA 235 -63.91 42.19 -45.45
N ALA SA 236 -64.55 42.02 -44.30
CA ALA SA 236 -65.95 42.38 -44.10
C ALA SA 236 -66.18 43.87 -44.32
N ALA SA 237 -65.25 44.74 -43.90
CA ALA SA 237 -65.35 46.16 -44.13
C ALA SA 237 -65.53 46.51 -45.61
N THR SA 238 -64.61 46.10 -46.48
CA THR SA 238 -64.66 46.46 -47.90
C THR SA 238 -65.88 45.85 -48.59
N LEU SA 239 -66.29 44.65 -48.23
CA LEU SA 239 -67.55 44.07 -48.67
C LEU SA 239 -68.72 44.98 -48.29
N LEU SA 240 -68.79 45.47 -47.07
CA LEU SA 240 -69.88 46.33 -46.66
C LEU SA 240 -69.80 47.74 -47.25
N MET SA 241 -68.62 48.21 -47.64
CA MET SA 241 -68.49 49.39 -48.50
C MET SA 241 -69.09 49.15 -49.88
N GLY SA 242 -68.91 47.98 -50.47
CA GLY SA 242 -69.61 47.59 -51.68
C GLY SA 242 -71.13 47.66 -51.51
N LYS SA 243 -71.66 47.27 -50.36
CA LYS SA 243 -73.09 47.39 -50.06
C LYS SA 243 -73.54 48.84 -49.93
N ILE SA 244 -72.74 49.72 -49.32
CA ILE SA 244 -73.04 51.15 -49.25
C ILE SA 244 -73.02 51.79 -50.65
N LEU SA 245 -72.08 51.40 -51.52
CA LEU SA 245 -72.01 51.91 -52.88
C LEU SA 245 -73.16 51.37 -53.76
N GLU SA 246 -73.56 50.11 -53.62
CA GLU SA 246 -74.77 49.60 -54.26
C GLU SA 246 -76.02 50.36 -53.79
N TRP SA 247 -76.11 50.75 -52.52
CA TRP SA 247 -77.20 51.59 -52.02
C TRP SA 247 -77.19 52.98 -52.65
N CYS SA 248 -76.02 53.57 -52.85
CA CYS SA 248 -75.90 54.87 -53.49
C CYS SA 248 -76.43 54.84 -54.91
N ASP SA 249 -76.09 53.82 -55.68
CA ASP SA 249 -76.57 53.70 -57.05
C ASP SA 249 -78.08 53.41 -57.13
N ALA SA 250 -78.73 53.10 -56.01
CA ALA SA 250 -80.19 53.00 -55.95
C ALA SA 250 -80.84 54.34 -55.56
N GLU SA 251 -80.30 55.05 -54.58
CA GLU SA 251 -80.88 56.31 -54.08
C GLU SA 251 -80.50 57.55 -54.91
N PHE SA 252 -79.33 57.52 -55.52
CA PHE SA 252 -78.81 58.48 -56.49
C PHE SA 252 -78.40 57.70 -57.76
N TYR SA 253 -77.76 58.35 -58.74
CA TYR SA 253 -77.20 57.68 -59.92
C TYR SA 253 -78.20 56.73 -60.62
N THR SA 254 -77.74 55.58 -61.10
CA THR SA 254 -78.54 54.51 -61.72
C THR SA 254 -78.07 53.15 -61.21
N GLY SA 255 -78.99 52.24 -60.93
CA GLY SA 255 -78.68 51.00 -60.20
C GLY SA 255 -77.63 50.11 -60.87
N ARG SA 256 -76.61 49.72 -60.09
CA ARG SA 256 -75.56 48.79 -60.47
C ARG SA 256 -75.17 47.88 -59.30
N SER SA 257 -74.53 46.75 -59.60
CA SER SA 257 -73.75 46.00 -58.60
C SER SA 257 -72.41 46.67 -58.30
N ALA SA 258 -71.75 46.28 -57.22
CA ALA SA 258 -70.38 46.71 -56.93
C ALA SA 258 -69.40 46.29 -58.03
N ARG SA 259 -69.58 45.09 -58.61
CA ARG SA 259 -68.82 44.59 -59.75
C ARG SA 259 -68.84 45.54 -60.93
N GLU SA 260 -70.01 46.07 -61.24
CA GLU SA 260 -70.17 47.03 -62.32
C GLU SA 260 -69.62 48.40 -61.96
N LEU SA 261 -70.04 48.98 -60.82
CA LEU SA 261 -69.74 50.38 -60.51
C LEU SA 261 -68.25 50.65 -60.31
N ILE SA 262 -67.52 49.69 -59.72
CA ILE SA 262 -66.10 49.86 -59.43
C ILE SA 262 -65.28 49.76 -60.71
N VAL SA 263 -65.64 48.87 -61.64
CA VAL SA 263 -64.91 48.77 -62.91
C VAL SA 263 -65.25 49.93 -63.84
N GLU SA 264 -66.51 50.34 -63.98
CA GLU SA 264 -66.87 51.48 -64.82
C GLU SA 264 -66.13 52.77 -64.44
N GLU SA 265 -66.08 53.14 -63.17
CA GLU SA 265 -65.50 54.43 -62.81
C GLU SA 265 -64.00 54.51 -63.06
N TRP SA 266 -63.24 53.50 -62.63
CA TRP SA 266 -61.79 53.48 -62.78
C TRP SA 266 -61.35 53.25 -64.23
N LYS SA 267 -62.05 52.40 -64.98
CA LYS SA 267 -61.77 52.13 -66.40
C LYS SA 267 -62.03 53.35 -67.28
N ASN SA 268 -63.08 54.12 -67.01
CA ASN SA 268 -63.39 55.33 -67.77
C ASN SA 268 -62.55 56.54 -67.37
N THR SA 269 -62.31 56.75 -66.08
CA THR SA 269 -61.62 57.94 -65.59
C THR SA 269 -60.11 57.88 -65.75
N VAL SA 270 -59.49 56.74 -65.44
CA VAL SA 270 -58.03 56.58 -65.37
C VAL SA 270 -57.46 55.93 -66.64
N GLY SA 271 -58.31 55.57 -67.60
CA GLY SA 271 -57.89 55.00 -68.89
C GLY SA 271 -57.32 53.60 -68.78
N MET SA 272 -57.71 52.84 -67.75
CA MET SA 272 -57.23 51.49 -67.49
C MET SA 272 -57.89 50.46 -68.39
N GLU SA 273 -57.53 50.41 -69.67
CA GLU SA 273 -58.27 49.62 -70.65
C GLU SA 273 -58.36 48.12 -70.33
N SER SA 274 -57.40 47.55 -69.60
CA SER SA 274 -57.37 46.13 -69.23
C SER SA 274 -58.21 45.80 -67.99
N LEU SA 275 -58.65 46.80 -67.23
CA LEU SA 275 -59.27 46.59 -65.94
C LEU SA 275 -60.58 45.83 -66.09
N HIS SA 276 -60.73 44.77 -65.30
CA HIS SA 276 -61.94 43.98 -65.22
C HIS SA 276 -62.06 43.27 -63.87
N TRP SA 277 -63.26 42.80 -63.57
CA TRP SA 277 -63.60 41.96 -62.43
C TRP SA 277 -64.13 40.65 -62.99
N PRO SA 278 -63.38 39.55 -62.93
CA PRO SA 278 -63.80 38.29 -63.54
C PRO SA 278 -65.13 37.74 -62.97
N THR SA 279 -66.04 37.33 -63.85
CA THR SA 279 -67.25 36.57 -63.49
C THR SA 279 -67.08 35.07 -63.66
N THR SA 280 -66.26 34.62 -64.62
CA THR SA 280 -65.74 33.25 -64.69
C THR SA 280 -64.60 33.01 -63.69
N ASN SA 281 -64.20 31.77 -63.48
CA ASN SA 281 -63.01 31.44 -62.67
C ASN SA 281 -61.69 31.99 -63.24
N TYR SA 282 -61.58 32.09 -64.56
CA TYR SA 282 -60.44 32.66 -65.28
C TYR SA 282 -60.63 34.14 -65.61
N MET SA 283 -59.52 34.85 -65.80
CA MET SA 283 -59.47 36.24 -66.27
C MET SA 283 -59.16 36.37 -67.77
N ASN SA 284 -59.24 37.58 -68.34
CA ASN SA 284 -59.08 37.81 -69.77
C ASN SA 284 -57.69 37.41 -70.32
N GLN SA 285 -57.61 37.08 -71.60
CA GLN SA 285 -56.38 36.71 -72.31
C GLN SA 285 -55.50 37.91 -72.66
N PRO SA 286 -54.17 37.76 -72.76
CA PRO SA 286 -53.38 36.69 -72.17
C PRO SA 286 -53.18 36.94 -70.67
N TYR SA 287 -52.94 35.90 -69.90
CA TYR SA 287 -52.72 36.00 -68.46
C TYR SA 287 -51.48 35.26 -68.00
N VAL SA 288 -50.91 35.70 -66.90
CA VAL SA 288 -49.87 34.97 -66.16
C VAL SA 288 -50.53 33.79 -65.45
N ARG SA 289 -50.02 32.56 -65.58
CA ARG SA 289 -50.46 31.44 -64.72
C ARG SA 289 -49.91 31.57 -63.31
N GLY SA 290 -50.71 31.22 -62.31
CA GLY SA 290 -50.35 31.35 -60.89
C GLY SA 290 -50.07 30.01 -60.23
N TRP SA 291 -49.23 29.97 -59.21
CA TRP SA 291 -48.69 28.71 -58.68
C TRP SA 291 -48.62 28.71 -57.16
N THR SA 292 -48.58 27.52 -56.55
CA THR SA 292 -48.36 27.36 -55.12
C THR SA 292 -47.62 26.07 -54.84
N PRO SA 293 -46.75 25.98 -53.84
CA PRO SA 293 -46.32 24.70 -53.32
C PRO SA 293 -47.50 24.00 -52.65
N ASN SA 294 -47.56 22.68 -52.65
CA ASN SA 294 -48.44 21.97 -51.73
C ASN SA 294 -47.89 22.16 -50.31
N MET SA 295 -48.72 22.68 -49.40
CA MET SA 295 -48.34 23.14 -48.07
C MET SA 295 -49.29 22.62 -47.00
N ALA SA 296 -48.82 22.49 -45.76
CA ALA SA 296 -49.65 22.14 -44.62
C ALA SA 296 -50.64 23.25 -44.24
N LEU SA 297 -51.75 22.89 -43.58
CA LEU SA 297 -52.70 23.89 -43.08
C LEU SA 297 -52.02 24.93 -42.17
N PRO SA 298 -51.16 24.56 -41.21
CA PRO SA 298 -50.40 25.53 -40.42
C PRO SA 298 -49.57 26.54 -41.23
N GLN SA 299 -49.19 26.21 -42.47
CA GLN SA 299 -48.42 27.09 -43.34
C GLN SA 299 -49.34 27.96 -44.20
N ILE SA 300 -50.50 27.45 -44.64
CA ILE SA 300 -51.55 28.26 -45.28
C ILE SA 300 -52.04 29.36 -44.32
N GLN SA 301 -52.32 29.05 -43.06
CA GLN SA 301 -52.70 30.05 -42.07
C GLN SA 301 -51.66 31.16 -41.90
N ALA SA 302 -50.37 30.82 -41.94
CA ALA SA 302 -49.29 31.80 -41.87
C ALA SA 302 -49.29 32.76 -43.07
N ILE SA 303 -49.56 32.29 -44.29
CA ILE SA 303 -49.60 33.15 -45.48
C ILE SA 303 -50.89 33.98 -45.57
N LEU SA 304 -52.04 33.44 -45.18
CA LEU SA 304 -53.32 34.17 -45.21
C LEU SA 304 -53.57 35.07 -43.98
N GLY SA 305 -52.75 35.00 -42.94
CA GLY SA 305 -52.87 35.86 -41.76
C GLY SA 305 -52.63 37.36 -42.03
N PRO SA 306 -53.03 38.24 -41.11
CA PRO SA 306 -52.95 39.68 -41.32
C PRO SA 306 -51.52 40.24 -41.30
N PHE SA 307 -50.59 39.61 -40.58
CA PHE SA 307 -49.20 40.04 -40.43
C PHE SA 307 -48.22 39.22 -41.30
N ALA SA 308 -48.75 38.46 -42.27
CA ALA SA 308 -48.04 37.41 -42.99
C ALA SA 308 -46.76 37.85 -43.70
N PHE SA 309 -46.70 39.09 -44.21
CA PHE SA 309 -45.58 39.54 -45.02
C PHE SA 309 -44.29 39.73 -44.21
N LEU SA 310 -44.40 39.89 -42.88
CA LEU SA 310 -43.24 39.97 -41.98
C LEU SA 310 -42.56 38.60 -41.79
N ALA SA 311 -43.27 37.51 -42.02
CA ALA SA 311 -42.87 36.18 -41.57
C ALA SA 311 -41.67 35.59 -42.34
N GLY SA 312 -40.89 34.75 -41.66
CA GLY SA 312 -39.83 33.92 -42.25
C GLY SA 312 -40.40 32.68 -42.93
N LEU SA 313 -41.08 32.86 -44.06
CA LEU SA 313 -41.74 31.81 -44.87
C LEU SA 313 -40.74 30.90 -45.64
N LEU SA 314 -39.64 30.49 -44.98
CA LEU SA 314 -38.57 29.65 -45.53
C LEU SA 314 -38.84 28.13 -45.39
N GLY SA 315 -40.00 27.74 -44.86
CA GLY SA 315 -40.40 26.34 -44.65
C GLY SA 315 -40.85 25.63 -45.93
N TYR SA 316 -41.69 24.60 -45.76
CA TYR SA 316 -42.34 23.82 -46.84
C TYR SA 316 -41.40 23.40 -48.00
N PRO SA 317 -40.32 22.63 -47.73
CA PRO SA 317 -39.48 22.00 -48.75
C PRO SA 317 -40.22 20.81 -49.42
N THR SA 318 -41.35 21.12 -50.05
CA THR SA 318 -42.37 20.18 -50.52
C THR SA 318 -41.95 19.42 -51.77
N SER SA 319 -42.58 18.28 -52.04
CA SER SA 319 -42.32 17.48 -53.24
C SER SA 319 -42.88 18.11 -54.53
N LYS SA 320 -44.01 18.83 -54.47
CA LYS SA 320 -44.73 19.29 -55.68
C LYS SA 320 -45.63 20.50 -55.50
N ASP SA 321 -45.97 21.11 -56.62
CA ASP SA 321 -46.70 22.37 -56.74
C ASP SA 321 -48.05 22.17 -57.42
N LEU SA 322 -49.03 23.00 -57.08
CA LEU SA 322 -50.35 23.06 -57.68
C LEU SA 322 -50.49 24.34 -58.52
N GLU SA 323 -51.05 24.24 -59.71
CA GLU SA 323 -51.48 25.44 -60.43
C GLU SA 323 -52.65 26.09 -59.69
N TRP SA 324 -52.62 27.42 -59.54
CA TRP SA 324 -53.64 28.21 -58.89
C TRP SA 324 -54.05 29.43 -59.71
N THR SA 325 -54.29 29.23 -61.00
CA THR SA 325 -54.83 30.23 -61.93
C THR SA 325 -56.34 30.43 -61.77
N ALA SA 326 -57.11 29.37 -61.57
CA ALA SA 326 -58.57 29.44 -61.49
C ALA SA 326 -59.02 29.70 -60.06
N VAL SA 327 -59.74 30.78 -59.81
CA VAL SA 327 -60.31 31.08 -58.50
C VAL SA 327 -61.61 31.84 -58.66
N SER SA 328 -62.60 31.57 -57.82
CA SER SA 328 -63.84 32.33 -57.84
C SER SA 328 -63.66 33.68 -57.16
N THR SA 329 -64.08 34.76 -57.79
CA THR SA 329 -64.07 36.08 -57.17
C THR SA 329 -65.05 36.19 -56.01
N THR SA 330 -65.99 35.26 -55.84
CA THR SA 330 -66.88 35.26 -54.68
C THR SA 330 -66.13 35.08 -53.34
N TRP SA 331 -64.90 34.57 -53.35
CA TRP SA 331 -64.10 34.43 -52.15
C TRP SA 331 -63.67 35.77 -51.56
N SER SA 332 -63.77 36.85 -52.30
CA SER SA 332 -63.25 38.16 -51.92
C SER SA 332 -64.20 39.32 -52.22
N ASP SA 333 -65.01 39.24 -53.27
CA ASP SA 333 -66.03 40.24 -53.60
C ASP SA 333 -65.45 41.65 -53.82
N ALA SA 334 -65.80 42.68 -53.04
CA ALA SA 334 -65.21 44.01 -53.20
C ALA SA 334 -63.76 44.08 -52.71
N ALA SA 335 -63.31 43.13 -51.89
CA ALA SA 335 -61.89 42.86 -51.72
C ALA SA 335 -61.39 41.96 -52.87
N GLY SA 336 -60.09 41.91 -53.12
CA GLY SA 336 -59.46 40.86 -53.93
C GLY SA 336 -59.70 40.87 -55.46
N SER SA 337 -60.87 41.25 -55.95
CA SER SA 337 -61.36 40.71 -57.23
C SER SA 337 -60.88 41.37 -58.53
N LEU SA 338 -60.18 42.50 -58.53
CA LEU SA 338 -59.79 43.15 -59.78
C LEU SA 338 -58.58 42.49 -60.45
N ALA SA 339 -58.52 42.63 -61.76
CA ALA SA 339 -57.49 42.09 -62.62
C ALA SA 339 -57.24 43.05 -63.80
N GLY SA 340 -56.06 42.97 -64.36
CA GLY SA 340 -55.54 43.84 -65.40
C GLY SA 340 -54.04 43.64 -65.56
N ASN SA 341 -53.34 44.51 -66.27
CA ASN SA 341 -51.90 44.35 -66.53
C ASN SA 341 -51.03 45.38 -65.81
N MET SA 342 -49.70 45.31 -65.96
CA MET SA 342 -48.78 46.12 -65.16
C MET SA 342 -48.91 47.62 -65.45
N GLU SA 343 -49.07 48.01 -66.71
CA GLU SA 343 -49.21 49.42 -67.08
C GLU SA 343 -50.44 50.06 -66.44
N ASP SA 344 -51.56 49.34 -66.43
CA ASP SA 344 -52.78 49.82 -65.79
C ASP SA 344 -52.66 49.82 -64.27
N PHE SA 345 -51.94 48.86 -63.68
CA PHE SA 345 -51.67 48.83 -62.26
C PHE SA 345 -50.80 50.00 -61.78
N VAL SA 346 -49.83 50.44 -62.59
CA VAL SA 346 -49.06 51.66 -62.29
C VAL SA 346 -49.90 52.92 -62.50
N LYS SA 347 -50.78 52.96 -63.51
CA LYS SA 347 -51.76 54.06 -63.67
C LYS SA 347 -52.70 54.18 -62.48
N PHE SA 348 -53.12 53.06 -61.90
CA PHE SA 348 -53.92 53.03 -60.69
C PHE SA 348 -53.18 53.68 -59.51
N GLY SA 349 -51.90 53.39 -59.33
CA GLY SA 349 -51.04 54.07 -58.36
C GLY SA 349 -50.89 55.57 -58.62
N LYS SA 350 -50.72 56.01 -59.86
CA LYS SA 350 -50.68 57.43 -60.20
C LYS SA 350 -51.98 58.15 -59.86
N ALA SA 351 -53.13 57.57 -60.20
CA ALA SA 351 -54.41 58.14 -59.87
C ALA SA 351 -54.70 58.17 -58.37
N LEU SA 352 -54.18 57.22 -57.59
CA LEU SA 352 -54.26 57.27 -56.13
C LEU SA 352 -53.34 58.33 -55.54
N TYR SA 353 -52.18 58.60 -56.12
CA TYR SA 353 -51.34 59.73 -55.72
C TYR SA 353 -52.02 61.06 -56.02
N GLU SA 354 -52.49 61.26 -57.26
CA GLU SA 354 -53.15 62.49 -57.69
C GLU SA 354 -54.49 62.75 -56.98
N GLY SA 355 -55.03 61.78 -56.25
CA GLY SA 355 -56.29 61.93 -55.51
C GLY SA 355 -57.48 62.02 -56.44
N GLU SA 356 -57.48 61.25 -57.52
CA GLU SA 356 -58.61 61.20 -58.44
C GLU SA 356 -59.89 60.79 -57.69
N PHE SA 357 -61.04 61.27 -58.14
CA PHE SA 357 -62.33 61.19 -57.48
C PHE SA 357 -62.53 62.07 -56.24
N LEU SA 358 -61.52 62.77 -55.71
CA LEU SA 358 -61.59 63.42 -54.39
C LEU SA 358 -61.37 64.93 -54.42
N SER SA 359 -61.97 65.65 -53.47
CA SER SA 359 -61.74 67.09 -53.31
C SER SA 359 -60.36 67.38 -52.74
N GLU SA 360 -59.91 68.63 -52.85
CA GLU SA 360 -58.66 69.06 -52.23
C GLU SA 360 -58.65 68.87 -50.70
N GLU SA 361 -59.80 68.98 -50.04
CA GLU SA 361 -59.95 68.76 -48.59
C GLU SA 361 -59.85 67.28 -48.21
N MET SA 362 -60.56 66.39 -48.93
CA MET SA 362 -60.38 64.94 -48.73
C MET SA 362 -58.94 64.53 -49.03
N ASN SA 363 -58.32 65.03 -50.08
CA ASN SA 363 -56.98 64.59 -50.46
C ASN SA 363 -55.89 64.99 -49.46
N GLN SA 364 -56.14 66.01 -48.63
CA GLN SA 364 -55.36 66.31 -47.43
C GLN SA 364 -55.68 65.31 -46.31
N LEU SA 365 -56.95 65.18 -45.94
CA LEU SA 365 -57.42 64.36 -44.81
C LEU SA 365 -56.97 62.89 -44.93
N ARG SA 366 -57.05 62.37 -46.15
CA ARG SA 366 -56.69 61.01 -46.58
C ARG SA 366 -55.23 60.65 -46.36
N LYS SA 367 -54.33 61.63 -46.38
CA LYS SA 367 -52.89 61.45 -46.19
C LYS SA 367 -52.49 61.52 -44.70
N GLU SA 368 -53.41 61.76 -43.77
CA GLU SA 368 -53.07 62.18 -42.41
C GLU SA 368 -53.77 61.41 -41.29
N ILE SA 369 -55.03 60.99 -41.45
CA ILE SA 369 -55.71 60.12 -40.47
C ILE SA 369 -55.22 58.69 -40.61
N PHE SA 370 -54.81 58.04 -39.52
CA PHE SA 370 -54.40 56.64 -39.53
C PHE SA 370 -54.76 55.89 -38.25
N THR SA 371 -54.94 54.58 -38.36
CA THR SA 371 -55.09 53.64 -37.25
C THR SA 371 -54.05 52.52 -37.35
N ARG SA 372 -53.62 51.97 -36.22
CA ARG SA 372 -52.53 50.97 -36.17
C ARG SA 372 -52.88 49.71 -36.96
N TYR SA 373 -51.96 49.26 -37.81
CA TYR SA 373 -52.00 47.94 -38.43
C TYR SA 373 -51.09 46.98 -37.68
N VAL SA 374 -49.79 47.22 -37.68
CA VAL SA 374 -48.78 46.38 -37.03
C VAL SA 374 -47.54 47.17 -36.68
N GLU SA 375 -47.13 47.17 -35.41
CA GLU SA 375 -45.75 47.52 -35.02
C GLU SA 375 -44.83 46.31 -35.22
N TYR SA 376 -43.57 46.53 -35.57
CA TYR SA 376 -42.61 45.46 -35.80
C TYR SA 376 -41.18 45.95 -35.55
N GLU SA 377 -40.25 45.03 -35.38
CA GLU SA 377 -38.82 45.35 -35.35
C GLU SA 377 -38.22 45.11 -36.74
N PRO SA 378 -37.62 46.12 -37.39
CA PRO SA 378 -36.98 45.95 -38.68
C PRO SA 378 -35.95 44.82 -38.69
N ALA SA 379 -36.14 43.85 -39.58
CA ALA SA 379 -35.22 42.72 -39.76
C ALA SA 379 -33.97 43.07 -40.59
N GLY SA 380 -33.80 44.33 -40.98
CA GLY SA 380 -32.72 44.81 -41.84
C GLY SA 380 -32.82 46.32 -42.08
N PRO SA 381 -31.89 46.92 -42.84
CA PRO SA 381 -31.83 48.36 -43.03
C PRO SA 381 -32.87 48.91 -44.02
N HIS SA 382 -33.31 48.12 -44.99
CA HIS SA 382 -34.29 48.52 -46.01
C HIS SA 382 -35.72 48.47 -45.49
N GLN SA 383 -36.04 47.63 -44.52
CA GLN SA 383 -37.31 47.73 -43.80
C GLN SA 383 -37.36 49.05 -43.01
N GLY SA 384 -38.51 49.73 -43.07
CA GLY SA 384 -38.63 51.14 -42.70
C GLY SA 384 -38.83 51.40 -41.20
N PRO SA 385 -39.89 52.12 -40.79
CA PRO SA 385 -39.97 52.75 -39.47
C PRO SA 385 -40.26 51.79 -38.30
N GLY SA 386 -40.62 50.53 -38.57
CA GLY SA 386 -41.13 49.63 -37.54
C GLY SA 386 -42.61 49.87 -37.20
N TRP SA 387 -43.31 50.69 -37.98
CA TRP SA 387 -44.74 50.96 -37.82
C TRP SA 387 -45.45 51.04 -39.16
N MET SA 388 -46.63 50.43 -39.26
CA MET SA 388 -47.56 50.62 -40.38
C MET SA 388 -48.95 50.92 -39.87
N GLY SA 389 -49.73 51.69 -40.64
CA GLY SA 389 -51.10 52.05 -40.26
C GLY SA 389 -52.07 52.14 -41.43
N PHE SA 390 -53.32 51.77 -41.19
CA PHE SA 390 -54.44 51.91 -42.11
C PHE SA 390 -54.85 53.37 -42.20
N GLY SA 391 -54.92 53.94 -43.40
CA GLY SA 391 -55.54 55.21 -43.67
C GLY SA 391 -56.95 55.05 -44.20
N LEU SA 392 -57.59 56.16 -44.56
CA LEU SA 392 -58.91 56.15 -45.17
C LEU SA 392 -58.98 55.43 -46.53
N ASN SA 393 -57.88 55.34 -47.29
CA ASN SA 393 -57.82 54.55 -48.53
C ASN SA 393 -56.46 53.88 -48.85
N SER SA 394 -55.59 53.66 -47.88
CA SER SA 394 -54.25 53.10 -48.10
C SER SA 394 -53.62 52.54 -46.82
N ILE SA 395 -52.52 51.80 -46.91
CA ILE SA 395 -51.64 51.48 -45.77
C ILE SA 395 -50.38 52.31 -45.93
N CYS SA 396 -49.94 52.98 -44.87
CA CYS SA 396 -48.70 53.75 -44.89
C CYS SA 396 -47.50 52.93 -44.42
N TRP SA 397 -46.35 53.19 -45.02
CA TRP SA 397 -45.03 52.70 -44.64
C TRP SA 397 -44.05 53.83 -44.89
N GLY SA 398 -43.64 54.53 -43.83
CA GLY SA 398 -42.90 55.77 -43.96
C GLY SA 398 -43.63 56.79 -44.82
N HIS SA 399 -42.94 57.38 -45.80
CA HIS SA 399 -43.49 58.33 -46.77
C HIS SA 399 -44.26 57.68 -47.94
N TRP SA 400 -44.50 56.38 -47.90
CA TRP SA 400 -45.22 55.66 -48.94
C TRP SA 400 -46.62 55.28 -48.51
N LEU SA 401 -47.60 55.39 -49.41
CA LEU SA 401 -48.96 54.91 -49.24
C LEU SA 401 -49.28 53.81 -50.27
N GLY SA 402 -49.98 52.74 -49.90
CA GLY SA 402 -50.22 51.64 -50.82
C GLY SA 402 -50.91 50.43 -50.21
N TRP SA 403 -50.89 49.28 -50.88
CA TRP SA 403 -51.46 48.03 -50.38
C TRP SA 403 -50.58 46.84 -50.73
N VAL SA 404 -50.78 45.75 -50.01
CA VAL SA 404 -50.16 44.43 -50.20
C VAL SA 404 -51.27 43.42 -50.26
N GLY SA 405 -51.29 42.55 -51.27
CA GLY SA 405 -52.40 41.63 -51.45
C GLY SA 405 -52.10 40.38 -52.24
N ASN SA 406 -53.02 39.44 -52.16
CA ASN SA 406 -53.02 38.22 -52.94
C ASN SA 406 -54.44 37.71 -53.21
N LEU SA 407 -54.60 36.90 -54.25
CA LEU SA 407 -55.78 36.06 -54.46
C LEU SA 407 -55.36 34.87 -55.32
N GLY SA 408 -55.38 33.66 -54.78
CA GLY SA 408 -54.81 32.51 -55.43
C GLY SA 408 -53.30 32.60 -55.58
N GLY SA 409 -52.75 32.19 -56.71
CA GLY SA 409 -51.31 32.12 -56.93
C GLY SA 409 -50.56 33.45 -57.07
N TYR SA 410 -51.21 34.60 -56.95
CA TYR SA 410 -50.65 35.91 -57.30
C TYR SA 410 -50.49 36.80 -56.09
N ILE SA 411 -49.30 37.35 -55.87
CA ILE SA 411 -49.05 38.40 -54.90
C ILE SA 411 -48.80 39.67 -55.69
N ALA SA 412 -49.46 40.76 -55.32
CA ALA SA 412 -49.30 42.06 -55.94
C ALA SA 412 -49.18 43.15 -54.88
N VAL SA 413 -48.24 44.06 -55.09
CA VAL SA 413 -47.92 45.16 -54.18
C VAL SA 413 -47.96 46.43 -55.00
N LEU SA 414 -48.54 47.49 -54.46
CA LEU SA 414 -48.61 48.78 -55.13
C LEU SA 414 -48.50 49.90 -54.12
N PHE SA 415 -47.45 50.71 -54.23
CA PHE SA 415 -47.20 51.85 -53.36
C PHE SA 415 -46.75 53.08 -54.12
N TYR SA 416 -47.15 54.25 -53.65
CA TYR SA 416 -46.75 55.54 -54.18
C TYR SA 416 -46.20 56.43 -53.08
N ASN SA 417 -45.17 57.20 -53.40
CA ASN SA 417 -44.55 58.13 -52.50
C ASN SA 417 -45.41 59.39 -52.38
N GLN SA 418 -45.91 59.66 -51.20
CA GLN SA 418 -46.76 60.80 -50.90
C GLN SA 418 -46.13 62.15 -51.20
N ASP SA 419 -44.80 62.29 -51.08
CA ASP SA 419 -44.08 63.54 -51.34
C ASP SA 419 -43.59 63.65 -52.79
N ASP SA 420 -42.92 62.62 -53.28
CA ASP SA 420 -42.25 62.60 -54.58
C ASP SA 420 -43.20 62.29 -55.75
N GLY SA 421 -44.26 61.53 -55.53
CA GLY SA 421 -45.17 61.02 -56.55
C GLY SA 421 -44.70 59.76 -57.30
N SER SA 422 -43.55 59.17 -56.98
CA SER SA 422 -43.09 57.91 -57.57
C SER SA 422 -43.95 56.70 -57.17
N VAL SA 423 -44.21 55.80 -58.12
CA VAL SA 423 -45.00 54.58 -57.96
C VAL SA 423 -44.09 53.37 -58.10
N ILE SA 424 -44.17 52.41 -57.19
CA ILE SA 424 -43.55 51.09 -57.30
C ILE SA 424 -44.64 50.02 -57.25
N ALA SA 425 -44.71 49.20 -58.28
CA ALA SA 425 -45.52 48.00 -58.36
C ALA SA 425 -44.63 46.77 -58.45
N THR SA 426 -44.98 45.72 -57.73
CA THR SA 426 -44.30 44.43 -57.81
C THR SA 426 -45.32 43.31 -57.82
N MET SA 427 -45.01 42.21 -58.47
CA MET SA 427 -45.95 41.12 -58.70
C MET SA 427 -45.19 39.81 -58.78
N LEU SA 428 -45.51 38.83 -57.93
CA LEU SA 428 -44.96 37.47 -57.99
C LEU SA 428 -46.07 36.44 -58.23
N ASN SA 429 -45.85 35.53 -59.17
CA ASN SA 429 -46.84 34.52 -59.59
C ASN SA 429 -46.82 33.23 -58.77
N ASN SA 430 -46.33 33.27 -57.53
CA ASN SA 430 -46.40 32.15 -56.59
C ASN SA 430 -46.95 32.58 -55.23
N PHE SA 431 -47.90 31.84 -54.69
CA PHE SA 431 -48.51 32.07 -53.37
C PHE SA 431 -47.50 32.11 -52.22
N ALA SA 432 -46.42 31.34 -52.30
CA ALA SA 432 -45.33 31.37 -51.34
C ALA SA 432 -44.59 32.73 -51.27
N GLY SA 433 -44.76 33.59 -52.26
CA GLY SA 433 -44.05 34.86 -52.42
C GLY SA 433 -44.55 36.03 -51.57
N HIS SA 434 -45.44 35.83 -50.60
CA HIS SA 434 -46.09 36.94 -49.88
C HIS SA 434 -45.14 37.82 -49.06
N ALA SA 435 -44.04 37.27 -48.54
CA ALA SA 435 -42.98 38.09 -47.95
C ALA SA 435 -42.08 38.69 -49.03
N ASP SA 436 -41.66 37.89 -50.01
CA ASP SA 436 -40.70 38.27 -51.04
C ASP SA 436 -41.12 39.47 -51.88
N ALA SA 437 -42.39 39.60 -52.27
CA ALA SA 437 -42.82 40.73 -53.10
C ALA SA 437 -42.83 42.07 -52.35
N VAL SA 438 -43.11 42.00 -51.05
CA VAL SA 438 -43.16 43.15 -50.17
C VAL SA 438 -41.75 43.58 -49.77
N ASP SA 439 -40.90 42.61 -49.47
CA ASP SA 439 -39.47 42.82 -49.28
C ASP SA 439 -38.81 43.42 -50.53
N LEU SA 440 -39.16 42.94 -51.72
CA LEU SA 440 -38.73 43.53 -52.98
C LEU SA 440 -39.16 44.98 -53.13
N PHE SA 441 -40.40 45.31 -52.79
CA PHE SA 441 -40.86 46.70 -52.76
C PHE SA 441 -40.01 47.54 -51.82
N TYR SA 442 -39.75 47.09 -50.60
CA TYR SA 442 -38.91 47.82 -49.67
C TYR SA 442 -37.52 48.07 -50.23
N GLN SA 443 -36.94 47.08 -50.90
CA GLN SA 443 -35.62 47.21 -51.49
C GLN SA 443 -35.58 48.20 -52.65
N ILE SA 444 -36.58 48.23 -53.53
CA ILE SA 444 -36.66 49.24 -54.58
C ILE SA 444 -36.86 50.63 -53.97
N ALA SA 445 -37.72 50.76 -52.94
CA ALA SA 445 -37.93 52.05 -52.30
C ALA SA 445 -36.65 52.59 -51.65
N TYR SA 446 -35.90 51.73 -50.96
CA TYR SA 446 -34.65 52.07 -50.31
C TYR SA 446 -33.54 52.39 -51.31
N LEU SA 447 -33.50 51.72 -52.46
CA LEU SA 447 -32.61 52.06 -53.57
C LEU SA 447 -32.91 53.43 -54.17
N LEU SA 448 -34.17 53.73 -54.49
CA LEU SA 448 -34.53 54.96 -55.19
C LEU SA 448 -34.49 56.20 -54.30
N ASN SA 449 -34.86 56.10 -53.02
CA ASN SA 449 -34.89 57.22 -52.10
C ASN SA 449 -34.81 56.71 -50.64
N PRO SA 450 -33.62 56.53 -50.06
CA PRO SA 450 -33.49 56.00 -48.71
C PRO SA 450 -34.28 56.77 -47.67
N GLU SA 451 -34.28 58.10 -47.72
CA GLU SA 451 -34.92 58.96 -46.72
C GLU SA 451 -36.44 58.76 -46.63
N SER SA 452 -37.09 58.39 -47.73
CA SER SA 452 -38.54 58.11 -47.75
C SER SA 452 -38.96 56.95 -46.85
N THR SA 453 -38.04 56.06 -46.51
CA THR SA 453 -38.31 54.86 -45.71
C THR SA 453 -38.31 55.12 -44.21
N GLY SA 454 -37.95 56.33 -43.77
CA GLY SA 454 -38.04 56.76 -42.37
C GLY SA 454 -39.47 57.08 -41.93
N HIS SA 455 -39.64 57.46 -40.67
CA HIS SA 455 -40.93 57.84 -40.09
C HIS SA 455 -41.60 59.02 -40.82
N ARG SA 456 -42.92 59.09 -40.69
CA ARG SA 456 -43.79 60.16 -41.19
C ARG SA 456 -44.26 61.02 -40.02
N ASP SA 457 -44.15 62.33 -40.10
CA ASP SA 457 -44.66 63.19 -39.04
C ASP SA 457 -46.18 63.09 -38.96
N TRP SA 458 -46.73 62.87 -37.77
CA TRP SA 458 -48.17 62.97 -37.53
C TRP SA 458 -48.62 64.41 -37.68
N ILE SA 459 -49.74 64.62 -38.35
CA ILE SA 459 -50.36 65.94 -38.47
C ILE SA 459 -51.63 65.95 -37.65
N PHE SA 460 -51.71 66.85 -36.67
CA PHE SA 460 -52.91 67.10 -35.89
C PHE SA 460 -53.41 68.52 -36.17
N ARG SA 461 -54.71 68.68 -36.47
CA ARG SA 461 -55.32 70.00 -36.62
C ARG SA 461 -56.45 70.22 -35.60
N PRO SA 462 -56.29 71.16 -34.66
CA PRO SA 462 -57.32 71.54 -33.74
C PRO SA 462 -58.40 72.38 -34.43
N ASP SA 463 -59.63 72.34 -33.91
CA ASP SA 463 -60.63 73.35 -34.22
C ASP SA 463 -60.32 74.67 -33.48
N PRO SA 464 -60.64 75.83 -34.05
CA PRO SA 464 -60.38 77.11 -33.40
C PRO SA 464 -61.30 77.29 -32.19
N ALA SA 465 -60.77 77.88 -31.12
CA ALA SA 465 -61.53 78.16 -29.91
C ALA SA 465 -62.12 79.57 -29.93
N GLU SA 466 -63.44 79.66 -29.96
CA GLU SA 466 -64.22 80.91 -29.87
C GLU SA 466 -65.53 80.67 -29.13
N ASP SA 467 -66.11 81.72 -28.56
CA ASP SA 467 -67.33 81.66 -27.77
C ASP SA 467 -68.17 82.93 -27.94
N ALA SA 468 -69.44 82.85 -27.56
CA ALA SA 468 -70.39 83.93 -27.76
C ALA SA 468 -69.96 85.22 -27.05
N ASP SA 469 -70.32 86.35 -27.65
CA ASP SA 469 -70.08 87.70 -27.14
C ASP SA 469 -71.03 88.04 -25.96
N GLU SA 470 -70.95 87.27 -24.88
CA GLU SA 470 -71.81 87.41 -23.70
C GLU SA 470 -71.57 88.74 -22.97
N VAL SA 471 -72.51 89.66 -23.09
CA VAL SA 471 -72.54 90.94 -22.38
C VAL SA 471 -73.97 91.24 -21.96
N ARG SA 472 -74.13 92.07 -20.94
CA ARG SA 472 -75.45 92.48 -20.43
C ARG SA 472 -75.45 93.94 -20.01
N ASP SA 473 -76.59 94.60 -20.14
CA ASP SA 473 -76.64 96.07 -20.20
C ASP SA 473 -76.98 96.70 -18.85
N PRO SA 474 -76.36 97.81 -18.47
CA PRO SA 474 -76.75 98.55 -17.28
C PRO SA 474 -78.13 99.18 -17.46
N THR SA 475 -78.72 99.66 -16.37
CA THR SA 475 -80.01 100.36 -16.36
C THR SA 475 -79.83 101.79 -15.88
N LEU SA 476 -80.58 102.75 -16.44
CA LEU SA 476 -80.59 104.14 -15.99
C LEU SA 476 -81.63 104.37 -14.90
N TYR SA 477 -81.44 105.41 -14.08
CA TYR SA 477 -82.39 105.84 -13.04
C TYR SA 477 -82.38 107.37 -12.91
#